data_8XCH
#
_entry.id   8XCH
#
_cell.length_a   1.00
_cell.length_b   1.00
_cell.length_c   1.00
_cell.angle_alpha   90.00
_cell.angle_beta   90.00
_cell.angle_gamma   90.00
#
_symmetry.space_group_name_H-M   'P 1'
#
loop_
_entity.id
_entity.type
_entity.pdbx_description
1 polymer 'Replicase polyprotein 1ab'
2 polymer 'Non-structural protein 8'
3 polymer 'Non-structural protein 7'
4 polymer Helicase
5 polymer 'RNA (39-MER)'
6 polymer 'RNA (39-MER)'
7 non-polymer 'ZINC ION'
8 non-polymer "ADENOSINE-5'-DIPHOSPHATE"
9 non-polymer 'MAGNESIUM ION'
10 non-polymer 'PHOSPHATE ION'
#
loop_
_entity_poly.entity_id
_entity_poly.type
_entity_poly.pdbx_seq_one_letter_code
_entity_poly.pdbx_strand_id
1 'polypeptide(L)'
;SADAQSFLNRVCGVSAARLTPCGTGTSTDVVYRAFDIYNDKVAGFAKFLKTNCCRFQEKDEDDNLIDSYFVVKRHTFSNY
QHEETIYNLLKDCPAVAKHDFFKFRIDGDMVPHISRQRLTKYTMADLVYALRHFDEGNCDTLKEILVTYNCCDDDYFNKK
DWYDFVENPDILRVYANLGERVRQALLKTVQFCDAMRNAGIVGVLTLDNQDLNGNWYDFGDFIQTTPGSGVPVVDSYYSL
LMPILTLTRALTAESHVDTDLTKPYIKWDLLKYDFTEERLKLFDRYFKYWDQTYHPNCVNCLDDRCILHCANFNVLFSTV
FPPTSFGPLVRKIFVDGVPFVVSTGYHFRELGVVHNQDVNLHSSRLSFKELLVYAADPAMHAASGNLLLDKRTTCFSVAA
LTNNVAFQTVKPGNFNKDFYDFAVSKGFFKEGSSVELKHFFFAQDGNAAISDYDYYRYNLPTMCDIRQLLFVVEVVDKYF
DCYDGGCINANQVIVNNLDKSAGFPFNKWGKARLYYDSMSYEDQDALFAYTKRNVIPTITQMNLKYAISAKNRARTVAGV
SICSTMTNRQFHQKLLKSIAATRGATVVIGTSKFYGGWHNMLKTVYSDVENPHLMGWDYPKCDRAMPNMLRIMASLVLAR
KHTTCCSLSHRFYRLANECAQVLSEMVMCGGSLYVKPGGTSSGDATTAYANSVFNICQAVTANVNALLSTDGNKIADKYV
RNLQHRLYECLYRNRDVDTDFVNEFYAYLRKHFSMMILSDDAVVCFNSTYASQGLVASIKNFKSVLYYQNNVFMSEAKCW
TETDLTKGPHEFCSQHTMLVKQGDDYVYLPYPDPSRILGAGCFVDDIVKTDGTLMIERFVSLAIDAYPLTKHPNQEYADV
FHLYLQYIRKLHDELTGHMLDMYSVMLTNDNTSRYWEPEFYEAMYTPHTVLQHHHHHHHHHH
;
A,I,Q,Y
2 'polypeptide(L)'
;AIASEFSSLPSYAAFATAQEAYEQAVANGDSEVVLKKLKKSLNVAKSEFDRDAAMQRKLEKMADQAMTQMYKQARSEDKR
AKVTSAMQTMLFTMLRKLDNDALNNIINNARDGCVPLNIIPLTTAAKLMVVIPDYNTYKNTCDGTTFTYASALWEIQQVV
DADSKIVQLSEISMDNSPNLAWPLIVTALRANSAVKLQ
;
B,D,J,L,R,T,Z,b
3 'polypeptide(L)'
;SKMSDVKCTSVVLLSVLQQLRVESSSKLWAQCVQLHNDILLAKDTTEAFEKMVSLLSVLLSMQGAVDINKLCEEMLDNRA
TLQ
;
C,K,S,a
4 'polypeptide(L)'
;AVGACVLCNSQTSLRCGACIRRPFLCCKCCYDHVISTSHKLVLSVNPYVCNAPGCDVTDVTQLYLGGMSYYCKSHKPPIS
FPLCANGQVFGLYKNTCVGSDNVTDFNAIATCDWTNAGDYILANTCTERLKLFAAETLKATEETFKLSYGIATVREVLSD
RELHLSWEVGKPRPPLNRNYVFTGYRVTKNSKVQIGEYTFEKGDYGDAVVYRGTTTYKLNVGDYFVLTSHTVMPLSAPTL
VPQEHYVRITGLYPTLNISDEFSSNVANYQKVGMQKYSTLQGPPGTGKSHFAIGLALYYPSARIVYTACSHAAVDALCEK
ALKYLPIDKCSRIIPARARVECFDKFKVNSTLEQYVFCTVNALPETTADIVVFDEISMATNYDLSVVNARLRAKHYVYIG
DPAQLPAPRTLLTKGTLEPEYFNSVCRLMKTIGPDMFLGTCRRCPAEIVDTVSALVYDNKLKAHKDKSAQCFKMFYKGVI
THDVSSAINRPQIGVVREFLTRNPAWRKAVFISPYNSQNAVASKILGLPTQTVDSSQGSEYDYVIFTQTTETAHSCNVNR
FNVAITRAKVGILCIMSDRDLYDKLQFTSLEIPRRNVATLQ
;
E,F,M,N,U,V,c,d
5 'polyribonucleotide' CAUGGGAAAUGCUACGCGGUAGUAGCAUGCUAGGAGCAG G,O,W,e
6 'polyribonucleotide' CUGCUCCUAGCAUGCUACUACCGCGUAGCAUUUCCCAUG H,P,X,f
#
# COMPACT_ATOMS: atom_id res chain seq x y z
N ALA A 4 6.78 79.74 23.66
CA ALA A 4 7.57 80.24 24.78
C ALA A 4 6.98 79.77 26.11
N GLN A 5 6.65 80.74 26.97
CA GLN A 5 6.08 80.40 28.27
C GLN A 5 4.68 79.82 28.14
N SER A 6 3.99 80.13 27.04
CA SER A 6 2.68 79.53 26.81
C SER A 6 2.79 78.02 26.64
N PHE A 7 3.91 77.55 26.10
CA PHE A 7 4.14 76.11 26.01
C PHE A 7 4.17 75.48 27.39
N LEU A 8 4.88 76.12 28.32
CA LEU A 8 4.89 75.66 29.70
C LEU A 8 3.49 75.68 30.29
N ASN A 9 2.74 76.76 30.04
CA ASN A 9 1.40 76.87 30.62
C ASN A 9 0.48 75.77 30.09
N ARG A 10 0.54 75.49 28.80
CA ARG A 10 -0.29 74.44 28.24
C ARG A 10 0.11 73.07 28.74
N VAL A 11 1.42 72.82 28.89
CA VAL A 11 1.87 71.54 29.43
C VAL A 11 1.37 71.36 30.85
N CYS A 12 1.52 72.38 31.68
CA CYS A 12 1.02 72.33 33.05
C CYS A 12 -0.49 72.51 33.03
N GLY A 13 -1.24 71.42 32.90
CA GLY A 13 -2.66 71.53 32.64
C GLY A 13 -3.50 72.05 33.79
N VAL A 14 -3.68 71.24 34.84
CA VAL A 14 -4.53 71.66 35.95
C VAL A 14 -3.85 71.39 37.28
N SER A 15 -2.90 70.46 37.32
CA SER A 15 -2.30 70.05 38.57
C SER A 15 -1.16 70.99 38.97
N ALA A 16 -1.42 71.89 39.92
CA ALA A 16 -0.44 72.85 40.39
C ALA A 16 0.10 73.71 39.27
N ALA A 17 1.11 74.53 39.57
CA ALA A 17 1.79 75.31 38.53
C ALA A 17 3.30 75.40 38.79
N ARG A 18 3.83 74.52 39.64
CA ARG A 18 5.18 74.67 40.15
C ARG A 18 6.22 74.06 39.23
N LEU A 19 6.26 74.49 37.97
CA LEU A 19 7.19 73.94 37.01
C LEU A 19 8.40 74.85 36.82
N THR A 20 9.57 74.23 36.75
CA THR A 20 10.81 74.90 36.38
C THR A 20 11.51 74.05 35.31
N PRO A 21 11.75 74.60 34.13
CA PRO A 21 12.25 73.77 33.03
C PRO A 21 13.69 73.34 33.21
N CYS A 22 13.91 72.03 33.35
CA CYS A 22 15.28 71.52 33.40
C CYS A 22 15.95 71.56 32.03
N GLY A 23 15.15 71.54 30.97
CA GLY A 23 15.68 71.69 29.63
C GLY A 23 15.92 73.14 29.29
N THR A 24 15.53 73.56 28.09
CA THR A 24 15.62 74.96 27.70
C THR A 24 14.45 75.27 26.77
N GLY A 25 13.37 75.80 27.33
CA GLY A 25 12.19 76.13 26.56
C GLY A 25 11.67 74.94 25.77
N THR A 26 11.79 75.02 24.45
CA THR A 26 11.37 73.93 23.57
C THR A 26 12.51 72.99 23.23
N SER A 27 13.73 73.26 23.71
CA SER A 27 14.85 72.39 23.41
C SER A 27 14.76 71.10 24.20
N THR A 28 14.95 69.98 23.51
CA THR A 28 14.88 68.67 24.14
C THR A 28 16.16 68.41 24.92
N ASP A 29 16.03 68.15 26.22
CA ASP A 29 17.17 67.87 27.08
C ASP A 29 17.67 66.45 26.83
N VAL A 30 18.98 66.30 26.68
CA VAL A 30 19.58 64.99 26.43
C VAL A 30 20.20 64.47 27.71
N VAL A 31 20.10 63.15 27.91
CA VAL A 31 20.59 62.48 29.11
C VAL A 31 21.17 61.13 28.72
N TYR A 32 21.75 60.45 29.71
CA TYR A 32 22.42 59.17 29.52
C TYR A 32 21.67 58.15 30.37
N ARG A 33 20.87 57.30 29.72
CA ARG A 33 20.00 56.37 30.45
C ARG A 33 20.14 54.98 29.86
N ALA A 34 19.89 53.98 30.71
CA ALA A 34 20.06 52.59 30.34
C ALA A 34 18.79 52.03 29.72
N PHE A 35 18.95 51.28 28.64
CA PHE A 35 17.83 50.85 27.83
C PHE A 35 17.96 49.38 27.53
N ASP A 36 16.82 48.73 27.32
CA ASP A 36 16.78 47.35 26.83
C ASP A 36 15.95 47.33 25.57
N ILE A 37 16.58 46.97 24.46
CA ILE A 37 15.97 47.15 23.15
C ILE A 37 16.38 46.02 22.24
N TYR A 38 15.45 45.54 21.43
CA TYR A 38 15.72 44.48 20.46
C TYR A 38 14.83 44.71 19.25
N ASN A 39 15.42 45.20 18.16
CA ASN A 39 14.71 45.42 16.90
C ASN A 39 15.71 45.20 15.77
N ASP A 40 15.55 44.07 15.08
CA ASP A 40 16.38 43.60 13.97
C ASP A 40 17.80 44.13 13.93
N LYS A 41 17.97 45.45 13.83
CA LYS A 41 19.30 46.02 13.63
C LYS A 41 20.16 45.95 14.88
N VAL A 42 19.57 46.16 16.06
CA VAL A 42 20.34 46.17 17.31
C VAL A 42 19.63 45.25 18.31
N ALA A 43 20.40 44.80 19.30
CA ALA A 43 19.88 43.94 20.35
C ALA A 43 20.87 43.93 21.51
N GLY A 44 20.41 44.29 22.69
CA GLY A 44 21.28 44.31 23.85
C GLY A 44 20.59 44.99 25.02
N PHE A 45 21.38 45.18 26.08
CA PHE A 45 20.90 45.86 27.27
C PHE A 45 22.05 46.73 27.76
N ALA A 46 22.12 47.96 27.27
CA ALA A 46 23.26 48.81 27.55
C ALA A 46 22.79 50.24 27.71
N LYS A 47 23.70 51.11 28.13
CA LYS A 47 23.39 52.52 28.28
C LYS A 47 23.30 53.17 26.91
N PHE A 48 22.58 54.29 26.86
CA PHE A 48 22.34 54.98 25.61
C PHE A 48 22.13 56.46 25.90
N LEU A 49 21.88 57.22 24.85
CA LEU A 49 21.66 58.66 24.94
C LEU A 49 20.22 58.96 24.57
N LYS A 50 19.49 59.58 25.50
CA LYS A 50 18.10 59.97 25.26
C LYS A 50 18.07 61.38 24.68
N THR A 51 17.25 61.58 23.66
CA THR A 51 17.31 62.83 22.92
C THR A 51 16.04 63.66 23.06
N ASN A 52 14.90 63.11 22.68
CA ASN A 52 13.67 63.88 22.50
C ASN A 52 12.81 63.79 23.75
N CYS A 53 13.12 64.65 24.73
CA CYS A 53 12.37 64.65 25.98
C CYS A 53 12.56 66.02 26.64
N CYS A 54 11.48 66.79 26.70
CA CYS A 54 11.49 68.07 27.42
C CYS A 54 11.11 67.80 28.86
N ARG A 55 12.09 67.86 29.75
CA ARG A 55 11.89 67.50 31.15
C ARG A 55 11.57 68.73 31.97
N PHE A 56 10.45 68.68 32.68
CA PHE A 56 10.03 69.81 33.53
C PHE A 56 9.84 69.30 34.95
N GLN A 57 10.80 69.61 35.82
CA GLN A 57 10.70 69.18 37.21
C GLN A 57 9.74 70.07 37.96
N GLU A 58 8.69 69.47 38.51
CA GLU A 58 7.77 70.20 39.35
C GLU A 58 8.35 70.34 40.75
N LYS A 59 8.27 71.54 41.31
CA LYS A 59 8.70 71.76 42.67
C LYS A 59 7.49 71.74 43.61
N ASP A 60 7.70 72.09 44.86
CA ASP A 60 6.63 72.07 45.86
C ASP A 60 6.48 73.47 46.43
N GLU A 61 5.63 73.60 47.44
CA GLU A 61 5.56 74.83 48.21
C GLU A 61 6.90 75.09 48.88
N ASP A 62 7.28 76.36 48.95
CA ASP A 62 8.60 76.87 49.33
C ASP A 62 9.58 76.65 48.20
N ASP A 63 9.11 76.21 47.03
CA ASP A 63 9.91 76.08 45.82
C ASP A 63 11.06 75.10 45.99
N ASN A 64 11.00 74.24 47.00
CA ASN A 64 11.95 73.16 47.10
C ASN A 64 11.63 72.11 46.04
N LEU A 65 12.65 71.66 45.32
CA LEU A 65 12.43 70.68 44.28
C LEU A 65 11.96 69.36 44.88
N ILE A 66 11.24 68.59 44.07
CA ILE A 66 10.69 67.31 44.52
C ILE A 66 10.69 66.37 43.33
N ASP A 67 10.62 65.07 43.61
CA ASP A 67 10.73 64.04 42.57
C ASP A 67 9.41 63.95 41.81
N SER A 68 9.26 64.78 40.77
CA SER A 68 8.09 64.71 39.91
C SER A 68 8.39 65.40 38.59
N TYR A 69 8.49 64.62 37.50
CA TYR A 69 8.98 65.13 36.23
C TYR A 69 7.93 64.91 35.15
N PHE A 70 7.43 66.02 34.58
CA PHE A 70 6.39 65.95 33.55
C PHE A 70 7.06 65.83 32.19
N VAL A 71 7.46 64.61 31.83
CA VAL A 71 8.11 64.41 30.54
C VAL A 71 7.11 64.69 29.43
N VAL A 72 7.50 65.52 28.47
CA VAL A 72 6.70 65.78 27.28
C VAL A 72 7.55 65.51 26.05
N LYS A 73 6.97 64.80 25.08
CA LYS A 73 7.70 64.28 23.95
C LYS A 73 7.01 64.70 22.65
N ARG A 74 7.81 64.87 21.61
CA ARG A 74 7.32 65.14 20.27
C ARG A 74 7.60 63.94 19.37
N HIS A 75 6.63 63.61 18.52
CA HIS A 75 6.82 62.55 17.55
C HIS A 75 5.89 62.80 16.37
N THR A 76 5.71 61.79 15.53
CA THR A 76 4.98 61.95 14.27
C THR A 76 3.50 62.13 14.56
N PHE A 77 2.68 62.07 13.51
CA PHE A 77 1.24 62.25 13.69
C PHE A 77 0.50 60.92 13.86
N SER A 78 0.84 59.90 13.08
CA SER A 78 0.15 58.62 13.21
C SER A 78 0.39 58.00 14.58
N ASN A 79 1.62 58.10 15.08
CA ASN A 79 1.94 57.65 16.42
C ASN A 79 1.04 58.33 17.45
N TYR A 80 0.73 59.60 17.24
CA TYR A 80 -0.14 60.32 18.16
C TYR A 80 -1.50 59.64 18.26
N GLN A 81 -2.13 59.38 17.12
CA GLN A 81 -3.44 58.73 17.13
C GLN A 81 -3.36 57.34 17.75
N HIS A 82 -2.33 56.57 17.39
CA HIS A 82 -2.23 55.19 17.87
C HIS A 82 -2.12 55.16 19.39
N GLU A 83 -1.22 55.97 19.95
CA GLU A 83 -1.07 56.01 21.39
C GLU A 83 -2.33 56.55 22.07
N GLU A 84 -2.99 57.55 21.49
CA GLU A 84 -4.20 58.07 22.12
C GLU A 84 -5.29 56.99 22.16
N THR A 85 -5.44 56.24 21.07
CA THR A 85 -6.42 55.16 21.03
C THR A 85 -6.13 54.14 22.14
N ILE A 86 -4.90 53.63 22.18
CA ILE A 86 -4.63 52.56 23.13
C ILE A 86 -4.75 53.07 24.56
N TYR A 87 -4.26 54.28 24.84
CA TYR A 87 -4.44 54.81 26.19
C TYR A 87 -5.92 54.96 26.53
N ASN A 88 -6.75 55.27 25.54
CA ASN A 88 -8.19 55.34 25.82
C ASN A 88 -8.71 53.98 26.24
N LEU A 89 -8.22 52.91 25.63
CA LEU A 89 -8.68 51.58 26.02
C LEU A 89 -8.34 51.27 27.48
N LEU A 90 -7.13 51.60 27.92
CA LEU A 90 -6.61 51.11 29.19
C LEU A 90 -6.60 52.16 30.29
N LYS A 91 -7.39 53.21 30.17
CA LYS A 91 -7.31 54.31 31.14
C LYS A 91 -8.10 54.04 32.41
N ASP A 92 -8.01 52.83 32.97
CA ASP A 92 -8.74 52.55 34.20
C ASP A 92 -7.80 51.91 35.23
N CYS A 93 -6.90 51.07 34.76
CA CYS A 93 -6.02 50.33 35.65
C CYS A 93 -5.14 51.31 36.42
N PRO A 94 -5.07 51.21 37.74
CA PRO A 94 -4.26 52.15 38.51
C PRO A 94 -2.77 51.99 38.29
N ALA A 95 -2.38 51.13 37.37
CA ALA A 95 -0.98 50.91 37.06
C ALA A 95 -0.49 51.72 35.87
N VAL A 96 -1.31 52.59 35.29
CA VAL A 96 -0.91 53.39 34.14
C VAL A 96 -0.82 54.85 34.55
N ALA A 97 0.35 55.45 34.29
CA ALA A 97 0.56 56.84 34.65
C ALA A 97 -0.29 57.75 33.77
N LYS A 98 -0.83 58.80 34.39
CA LYS A 98 -1.77 59.67 33.71
C LYS A 98 -1.13 60.33 32.51
N HIS A 99 -1.80 60.27 31.37
CA HIS A 99 -1.30 60.81 30.12
C HIS A 99 -2.05 62.08 29.76
N ASP A 100 -1.56 62.77 28.73
CA ASP A 100 -2.21 63.97 28.25
C ASP A 100 -1.76 64.23 26.82
N PHE A 101 -2.70 64.62 25.98
CA PHE A 101 -2.47 64.76 24.55
C PHE A 101 -2.88 66.14 24.09
N PHE A 102 -2.05 66.77 23.26
CA PHE A 102 -2.39 68.06 22.66
C PHE A 102 -1.44 68.30 21.48
N LYS A 103 -1.71 69.35 20.72
CA LYS A 103 -0.86 69.76 19.62
C LYS A 103 -0.60 71.26 19.72
N PHE A 104 0.66 71.63 19.85
CA PHE A 104 1.06 73.00 20.10
C PHE A 104 1.64 73.62 18.84
N ARG A 105 1.69 74.96 18.83
CA ARG A 105 2.23 75.72 17.70
C ARG A 105 3.46 76.47 18.19
N ILE A 106 4.61 75.80 18.16
CA ILE A 106 5.88 76.49 18.41
C ILE A 106 6.12 77.53 17.31
N ASP A 107 5.84 77.14 16.07
CA ASP A 107 5.95 78.01 14.91
C ASP A 107 4.71 77.70 14.07
N GLY A 108 4.70 78.06 12.79
CA GLY A 108 3.58 77.65 11.96
C GLY A 108 3.60 76.17 11.68
N ASP A 109 3.38 75.35 12.71
CA ASP A 109 3.50 73.90 12.57
C ASP A 109 2.56 73.24 13.60
N MET A 110 1.77 72.28 13.13
CA MET A 110 0.90 71.49 14.01
C MET A 110 1.67 70.27 14.51
N VAL A 111 2.59 70.52 15.44
CA VAL A 111 3.42 69.45 16.00
C VAL A 111 2.68 68.79 17.16
N PRO A 112 2.46 67.48 17.11
CA PRO A 112 1.82 66.79 18.23
C PRO A 112 2.74 66.65 19.42
N HIS A 113 2.13 66.60 20.61
CA HIS A 113 2.85 66.45 21.86
C HIS A 113 2.14 65.42 22.72
N ILE A 114 2.90 64.77 23.61
CA ILE A 114 2.37 63.79 24.56
C ILE A 114 2.94 64.10 25.93
N SER A 115 2.07 64.17 26.93
CA SER A 115 2.48 64.56 28.28
C SER A 115 2.22 63.42 29.26
N ARG A 116 3.20 63.14 30.10
CA ARG A 116 3.10 62.14 31.17
C ARG A 116 3.42 62.83 32.48
N GLN A 117 2.62 62.56 33.51
CA GLN A 117 2.68 63.37 34.71
C GLN A 117 3.13 62.57 35.93
N ARG A 118 3.81 63.28 36.83
CA ARG A 118 4.28 62.75 38.10
C ARG A 118 5.05 61.44 37.93
N LEU A 119 6.06 61.50 37.07
CA LEU A 119 6.96 60.39 36.87
C LEU A 119 8.11 60.47 37.86
N THR A 120 9.07 59.57 37.72
CA THR A 120 10.25 59.53 38.59
C THR A 120 11.49 59.78 37.74
N LYS A 121 12.54 60.29 38.39
CA LYS A 121 13.74 60.66 37.65
C LYS A 121 14.38 59.45 36.99
N TYR A 122 14.43 58.31 37.67
CA TYR A 122 15.03 57.10 37.12
C TYR A 122 13.98 56.03 36.95
N THR A 123 14.08 55.26 35.88
CA THR A 123 13.17 54.15 35.65
C THR A 123 13.65 52.95 36.47
N MET A 124 13.12 51.77 36.17
CA MET A 124 13.61 50.57 36.84
C MET A 124 14.84 49.98 36.16
N ALA A 125 14.94 50.13 34.84
CA ALA A 125 16.12 49.61 34.15
C ALA A 125 17.39 50.25 34.69
N ASP A 126 17.32 51.52 35.10
CA ASP A 126 18.48 52.16 35.69
C ASP A 126 18.89 51.46 36.98
N LEU A 127 17.91 51.16 37.84
CA LEU A 127 18.22 50.50 39.10
C LEU A 127 18.79 49.11 38.87
N VAL A 128 18.22 48.36 37.93
CA VAL A 128 18.75 47.03 37.62
C VAL A 128 20.16 47.14 37.08
N TYR A 129 20.39 48.08 36.18
CA TYR A 129 21.69 48.19 35.54
C TYR A 129 22.76 48.67 36.52
N ALA A 130 22.38 49.45 37.52
CA ALA A 130 23.36 49.96 38.46
C ALA A 130 23.93 48.85 39.33
N LEU A 131 23.14 47.79 39.56
CA LEU A 131 23.57 46.73 40.48
C LEU A 131 24.20 45.56 39.74
N ARG A 132 23.89 45.39 38.47
CA ARG A 132 24.44 44.29 37.68
C ARG A 132 25.65 44.70 36.86
N HIS A 133 26.11 45.94 36.99
CA HIS A 133 27.32 46.37 36.31
C HIS A 133 28.11 47.30 37.23
N PHE A 134 28.26 46.91 38.49
CA PHE A 134 28.81 47.79 39.50
C PHE A 134 30.27 48.11 39.22
N ASP A 135 30.66 49.32 39.62
CA ASP A 135 32.03 49.78 39.50
C ASP A 135 32.30 50.93 40.46
N GLU A 136 33.12 50.69 41.48
CA GLU A 136 33.23 51.63 42.60
C GLU A 136 33.74 52.98 42.17
N GLY A 137 34.43 53.06 41.04
CA GLY A 137 34.91 54.36 40.57
C GLY A 137 33.80 55.24 40.04
N ASN A 138 32.73 54.63 39.54
CA ASN A 138 31.65 55.37 38.87
C ASN A 138 30.33 54.77 39.32
N CYS A 139 29.81 55.27 40.44
CA CYS A 139 28.54 54.81 40.96
C CYS A 139 27.73 56.02 41.44
N ASP A 140 27.70 57.08 40.64
CA ASP A 140 26.89 58.24 40.98
C ASP A 140 25.40 57.91 40.96
N THR A 141 24.95 57.16 39.96
CA THR A 141 23.53 56.85 39.88
C THR A 141 23.08 56.06 41.10
N LEU A 142 23.86 55.09 41.55
CA LEU A 142 23.48 54.31 42.70
C LEU A 142 23.46 55.15 43.97
N LYS A 143 24.45 56.02 44.13
CA LYS A 143 24.45 56.89 45.29
C LYS A 143 23.22 57.79 45.31
N GLU A 144 22.86 58.34 44.15
CA GLU A 144 21.69 59.20 44.08
C GLU A 144 20.42 58.43 44.41
N ILE A 145 20.28 57.23 43.87
CA ILE A 145 19.10 56.42 44.15
C ILE A 145 19.01 56.12 45.64
N LEU A 146 20.14 55.76 46.25
CA LEU A 146 20.10 55.38 47.65
C LEU A 146 19.83 56.58 48.55
N VAL A 147 20.32 57.76 48.19
CA VAL A 147 20.06 58.92 49.04
C VAL A 147 18.67 59.49 48.83
N THR A 148 18.08 59.31 47.64
CA THR A 148 16.77 59.91 47.38
C THR A 148 15.70 59.33 48.28
N TYR A 149 15.68 58.00 48.43
CA TYR A 149 14.59 57.33 49.14
C TYR A 149 14.94 56.99 50.59
N ASN A 150 15.76 57.81 51.24
CA ASN A 150 15.98 57.73 52.68
C ASN A 150 16.58 56.41 53.10
N CYS A 151 17.29 55.72 52.20
CA CYS A 151 17.98 54.50 52.60
C CYS A 151 19.14 54.81 53.55
N CYS A 152 19.95 55.81 53.23
CA CYS A 152 21.03 56.21 54.10
C CYS A 152 21.34 57.68 53.87
N ASP A 153 21.93 58.30 54.89
CA ASP A 153 22.38 59.67 54.78
C ASP A 153 23.59 59.75 53.86
N ASP A 154 23.81 60.92 53.27
CA ASP A 154 24.94 61.08 52.36
C ASP A 154 26.27 60.95 53.08
N ASP A 155 26.29 61.12 54.40
CA ASP A 155 27.55 60.92 55.13
C ASP A 155 27.98 59.46 55.10
N TYR A 156 27.07 58.55 54.76
CA TYR A 156 27.41 57.14 54.71
C TYR A 156 28.51 56.86 53.70
N PHE A 157 28.66 57.70 52.68
CA PHE A 157 29.63 57.46 51.62
C PHE A 157 31.00 58.04 51.94
N ASN A 158 31.31 58.26 53.21
CA ASN A 158 32.63 58.67 53.64
C ASN A 158 33.46 57.52 54.20
N LYS A 159 32.88 56.71 55.08
CA LYS A 159 33.55 55.52 55.56
C LYS A 159 33.92 54.63 54.39
N LYS A 160 35.20 54.30 54.28
CA LYS A 160 35.68 53.55 53.13
C LYS A 160 35.15 52.12 53.16
N ASP A 161 35.02 51.53 51.97
CA ASP A 161 34.44 50.21 51.76
C ASP A 161 32.99 50.15 52.20
N TRP A 162 32.23 51.21 51.96
CA TRP A 162 30.80 51.13 52.20
C TRP A 162 30.15 50.09 51.31
N TYR A 163 30.75 49.84 50.14
CA TYR A 163 30.19 48.96 49.12
C TYR A 163 30.62 47.52 49.27
N ASP A 164 31.51 47.21 50.20
CA ASP A 164 32.05 45.87 50.33
C ASP A 164 31.13 45.01 51.19
N PHE A 165 31.12 43.71 50.91
CA PHE A 165 30.31 42.78 51.70
C PHE A 165 31.11 42.17 52.85
N VAL A 166 32.32 41.71 52.56
CA VAL A 166 33.15 41.08 53.59
C VAL A 166 33.51 42.10 54.67
N GLU A 167 33.91 43.29 54.26
CA GLU A 167 34.06 44.42 55.16
C GLU A 167 32.80 45.25 55.11
N ASN A 168 32.44 45.87 56.23
CA ASN A 168 31.21 46.64 56.34
C ASN A 168 30.01 45.76 56.00
N PRO A 169 29.72 44.73 56.81
CA PRO A 169 28.58 43.87 56.50
C PRO A 169 27.25 44.55 56.70
N ASP A 170 27.23 45.78 57.23
CA ASP A 170 25.99 46.51 57.41
C ASP A 170 25.39 46.96 56.09
N ILE A 171 26.14 46.83 54.99
CA ILE A 171 25.64 47.25 53.69
C ILE A 171 24.34 46.55 53.36
N LEU A 172 24.19 45.31 53.82
CA LEU A 172 22.94 44.58 53.57
C LEU A 172 21.76 45.28 54.20
N ARG A 173 21.94 45.81 55.41
CA ARG A 173 20.86 46.54 56.06
C ARG A 173 20.50 47.81 55.32
N VAL A 174 21.35 48.29 54.42
CA VAL A 174 20.99 49.45 53.60
C VAL A 174 20.18 49.01 52.41
N TYR A 175 20.62 47.98 51.69
CA TYR A 175 19.87 47.53 50.53
C TYR A 175 18.50 47.00 50.92
N ALA A 176 18.32 46.61 52.18
CA ALA A 176 17.04 46.06 52.59
C ALA A 176 15.93 47.10 52.57
N ASN A 177 16.27 48.38 52.73
CA ASN A 177 15.25 49.42 52.63
C ASN A 177 14.95 49.79 51.20
N LEU A 178 14.79 48.78 50.35
CA LEU A 178 14.26 48.94 49.01
C LEU A 178 13.31 47.82 48.65
N GLY A 179 13.08 46.86 49.55
CA GLY A 179 12.28 45.71 49.23
C GLY A 179 10.84 46.06 48.93
N GLU A 180 10.25 46.92 49.76
CA GLU A 180 8.85 47.25 49.56
C GLU A 180 8.62 47.91 48.21
N ARG A 181 9.56 48.75 47.76
CA ARG A 181 9.41 49.36 46.43
C ARG A 181 9.34 48.29 45.36
N VAL A 182 10.22 47.30 45.43
CA VAL A 182 10.23 46.26 44.41
C VAL A 182 8.95 45.44 44.49
N ARG A 183 8.47 45.16 45.70
CA ARG A 183 7.25 44.38 45.81
C ARG A 183 6.05 45.14 45.24
N GLN A 184 5.97 46.45 45.50
CA GLN A 184 4.91 47.25 44.90
C GLN A 184 4.99 47.23 43.39
N ALA A 185 6.21 47.33 42.86
CA ALA A 185 6.37 47.27 41.42
C ALA A 185 5.85 45.96 40.85
N LEU A 186 6.15 44.84 41.52
CA LEU A 186 5.67 43.56 41.03
C LEU A 186 4.14 43.47 41.06
N LEU A 187 3.53 43.95 42.15
CA LEU A 187 2.08 43.92 42.23
C LEU A 187 1.45 44.72 41.10
N LYS A 188 1.96 45.93 40.87
CA LYS A 188 1.40 46.75 39.80
C LYS A 188 1.63 46.11 38.44
N THR A 189 2.75 45.41 38.26
CA THR A 189 2.96 44.71 37.01
C THR A 189 1.87 43.68 36.77
N VAL A 190 1.50 42.93 37.82
CA VAL A 190 0.46 41.91 37.64
C VAL A 190 -0.87 42.57 37.31
N GLN A 191 -1.20 43.66 38.01
CA GLN A 191 -2.44 44.37 37.69
C GLN A 191 -2.48 44.78 36.22
N PHE A 192 -1.37 45.36 35.75
CA PHE A 192 -1.31 45.84 34.37
C PHE A 192 -1.46 44.69 33.38
N CYS A 193 -0.78 43.58 33.64
CA CYS A 193 -0.91 42.44 32.73
C CYS A 193 -2.34 41.96 32.66
N ASP A 194 -3.02 41.91 33.80
CA ASP A 194 -4.42 41.47 33.81
C ASP A 194 -5.30 42.41 33.01
N ALA A 195 -5.14 43.72 33.20
CA ALA A 195 -5.95 44.68 32.46
C ALA A 195 -5.70 44.55 30.96
N MET A 196 -4.44 44.39 30.56
CA MET A 196 -4.12 44.27 29.15
C MET A 196 -4.77 43.03 28.55
N ARG A 197 -4.60 41.87 29.18
CA ARG A 197 -5.17 40.67 28.59
C ARG A 197 -6.69 40.71 28.62
N ASN A 198 -7.29 41.50 29.51
CA ASN A 198 -8.73 41.71 29.44
C ASN A 198 -9.11 42.50 28.20
N ALA A 199 -8.45 43.61 27.97
CA ALA A 199 -8.89 44.48 26.88
C ALA A 199 -8.37 44.06 25.53
N GLY A 200 -7.59 43.00 25.40
CA GLY A 200 -7.18 42.51 24.10
C GLY A 200 -6.04 43.29 23.48
N ILE A 201 -4.89 43.31 24.14
CA ILE A 201 -3.70 43.98 23.65
C ILE A 201 -2.57 42.97 23.60
N VAL A 202 -1.69 43.12 22.63
CA VAL A 202 -0.51 42.26 22.50
C VAL A 202 0.72 43.16 22.54
N GLY A 203 1.77 42.67 23.19
CA GLY A 203 3.00 43.43 23.25
C GLY A 203 4.01 42.75 24.16
N VAL A 204 5.07 43.50 24.46
CA VAL A 204 6.10 43.05 25.38
C VAL A 204 6.34 44.15 26.39
N LEU A 205 6.94 43.78 27.52
CA LEU A 205 7.21 44.71 28.59
C LEU A 205 8.71 44.70 28.87
N THR A 206 9.25 45.88 29.12
CA THR A 206 10.68 46.05 29.36
C THR A 206 10.89 46.94 30.56
N LEU A 207 11.98 46.70 31.29
CA LEU A 207 12.17 47.37 32.57
C LEU A 207 12.27 48.88 32.42
N ASP A 208 12.58 49.38 31.22
CA ASP A 208 12.85 50.80 31.08
C ASP A 208 11.59 51.65 31.11
N ASN A 209 10.42 51.09 30.76
CA ASN A 209 9.20 51.87 30.74
C ASN A 209 8.61 52.13 32.12
N GLN A 210 8.74 51.19 33.04
CA GLN A 210 8.19 51.34 34.37
C GLN A 210 9.01 52.32 35.17
N ASP A 211 8.34 53.22 35.88
CA ASP A 211 9.05 54.15 36.76
C ASP A 211 9.31 53.44 38.09
N LEU A 212 9.78 54.18 39.08
CA LEU A 212 10.09 53.60 40.37
C LEU A 212 8.91 53.61 41.33
N ASN A 213 7.69 53.79 40.83
CA ASN A 213 6.50 53.62 41.63
C ASN A 213 5.56 52.59 41.04
N GLY A 214 5.91 51.99 39.91
CA GLY A 214 5.14 50.95 39.28
C GLY A 214 4.42 51.38 38.02
N ASN A 215 4.16 52.67 37.84
CA ASN A 215 3.34 53.13 36.73
C ASN A 215 4.03 52.83 35.40
N TRP A 216 3.23 52.61 34.37
CA TRP A 216 3.73 52.25 33.05
C TRP A 216 3.41 53.34 32.04
N TYR A 217 4.04 53.24 30.86
CA TYR A 217 3.73 54.11 29.73
C TYR A 217 4.39 53.62 28.45
N ASP A 218 4.42 54.47 27.43
CA ASP A 218 5.03 54.18 26.14
C ASP A 218 4.40 52.99 25.42
N PHE A 219 3.13 53.12 25.03
CA PHE A 219 2.39 52.02 24.40
C PHE A 219 2.58 51.99 22.89
N GLY A 220 3.75 52.36 22.40
CA GLY A 220 3.92 52.52 20.97
C GLY A 220 3.68 51.27 20.16
N ASP A 221 4.27 50.14 20.60
CA ASP A 221 4.31 48.94 19.77
C ASP A 221 3.26 47.92 20.13
N PHE A 222 2.15 48.33 20.75
CA PHE A 222 1.07 47.43 21.10
C PHE A 222 0.05 47.40 19.97
N ILE A 223 -0.41 46.20 19.62
CA ILE A 223 -1.44 46.06 18.60
C ILE A 223 -2.72 45.60 19.27
N GLN A 224 -3.80 45.39 18.51
CA GLN A 224 -5.07 45.01 19.10
C GLN A 224 -5.57 43.68 18.56
N THR A 225 -6.37 43.01 19.37
CA THR A 225 -7.01 41.75 19.03
C THR A 225 -8.44 41.79 19.54
N THR A 226 -9.10 40.65 19.52
CA THR A 226 -10.41 40.54 20.14
C THR A 226 -10.27 40.73 21.64
N PRO A 227 -11.26 41.28 22.32
CA PRO A 227 -11.13 41.49 23.76
C PRO A 227 -10.95 40.17 24.50
N GLY A 228 -10.16 40.22 25.57
CA GLY A 228 -9.92 39.04 26.38
C GLY A 228 -9.18 37.92 25.67
N SER A 229 -8.27 38.25 24.78
CA SER A 229 -7.40 37.23 24.20
C SER A 229 -5.98 37.75 24.06
N GLY A 230 -5.73 38.97 24.52
CA GLY A 230 -4.41 39.54 24.42
C GLY A 230 -3.43 38.86 25.37
N VAL A 231 -2.19 38.70 24.89
CA VAL A 231 -1.18 38.01 25.67
C VAL A 231 0.05 38.90 25.85
N PRO A 232 0.47 39.18 27.08
CA PRO A 232 1.74 39.88 27.28
C PRO A 232 2.89 38.92 27.35
N VAL A 233 4.08 39.44 27.06
CA VAL A 233 5.32 38.66 27.08
C VAL A 233 6.24 39.28 28.11
N VAL A 234 6.71 38.48 29.07
CA VAL A 234 7.36 39.01 30.26
C VAL A 234 8.67 38.30 30.60
N ASP A 235 9.13 37.35 29.80
CA ASP A 235 10.27 36.54 30.24
C ASP A 235 11.52 37.40 30.43
N SER A 236 11.78 38.32 29.50
CA SER A 236 12.96 39.17 29.64
C SER A 236 12.85 40.03 30.89
N TYR A 237 11.67 40.60 31.14
CA TYR A 237 11.40 41.42 32.31
C TYR A 237 11.76 40.70 33.60
N TYR A 238 11.09 39.59 33.87
CA TYR A 238 11.34 38.87 35.11
C TYR A 238 12.78 38.38 35.18
N SER A 239 13.26 37.73 34.12
CA SER A 239 14.57 37.12 34.20
C SER A 239 15.66 38.14 34.44
N LEU A 240 15.59 39.31 33.80
CA LEU A 240 16.55 40.36 34.15
C LEU A 240 16.37 40.82 35.58
N LEU A 241 15.12 40.90 36.05
CA LEU A 241 14.89 41.47 37.37
C LEU A 241 15.34 40.56 38.50
N MET A 242 15.53 39.28 38.24
CA MET A 242 15.54 38.28 39.30
C MET A 242 16.58 38.50 40.40
N PRO A 243 17.87 38.69 40.10
CA PRO A 243 18.85 38.75 41.19
C PRO A 243 18.64 39.87 42.17
N ILE A 244 17.89 40.91 41.81
CA ILE A 244 17.64 42.00 42.74
C ILE A 244 16.65 41.58 43.83
N LEU A 245 15.86 40.54 43.56
CA LEU A 245 14.82 40.15 44.51
C LEU A 245 15.42 39.60 45.80
N THR A 246 16.43 38.73 45.69
CA THR A 246 17.05 38.20 46.90
C THR A 246 18.08 39.17 47.48
N LEU A 247 18.69 39.99 46.63
CA LEU A 247 19.68 40.95 47.13
C LEU A 247 19.06 41.99 48.03
N THR A 248 17.88 42.49 47.69
CA THR A 248 17.19 43.48 48.50
C THR A 248 16.16 42.86 49.44
N ARG A 249 16.01 41.54 49.42
CA ARG A 249 15.04 40.86 50.28
C ARG A 249 13.66 41.45 50.11
N ALA A 250 13.09 41.31 48.92
CA ALA A 250 11.81 41.93 48.62
C ALA A 250 10.67 41.29 49.38
N LEU A 251 10.77 40.00 49.68
CA LEU A 251 9.63 39.25 50.19
C LEU A 251 9.61 39.09 51.69
N THR A 252 10.31 39.93 52.45
CA THR A 252 10.26 39.80 53.91
C THR A 252 8.88 40.14 54.44
N ALA A 253 8.14 40.98 53.73
CA ALA A 253 6.82 41.38 54.21
C ALA A 253 5.83 40.23 54.19
N GLU A 254 6.16 39.12 53.53
CA GLU A 254 5.24 38.00 53.46
C GLU A 254 5.18 37.23 54.77
N SER A 255 6.17 37.39 55.63
CA SER A 255 6.20 36.64 56.88
C SER A 255 5.44 37.32 58.00
N HIS A 256 5.02 38.56 57.81
CA HIS A 256 4.28 39.26 58.83
C HIS A 256 2.82 38.82 58.82
N VAL A 257 2.07 39.27 59.82
CA VAL A 257 0.73 38.72 60.07
C VAL A 257 -0.18 38.95 58.88
N ASP A 258 -0.17 40.15 58.32
CA ASP A 258 -1.04 40.43 57.19
C ASP A 258 -0.31 41.21 56.10
N THR A 259 0.90 40.77 55.77
CA THR A 259 1.73 41.44 54.76
C THR A 259 1.89 42.92 55.08
N ASP A 260 1.96 43.24 56.37
CA ASP A 260 2.22 44.59 56.85
C ASP A 260 3.48 44.57 57.67
N LEU A 261 4.40 45.50 57.39
CA LEU A 261 5.61 45.58 58.18
C LEU A 261 5.32 45.98 59.62
N THR A 262 4.17 46.60 59.90
CA THR A 262 3.84 47.04 61.24
C THR A 262 2.91 46.06 61.94
N LYS A 263 3.36 44.83 62.15
CA LYS A 263 2.52 43.79 62.74
C LYS A 263 3.42 42.65 63.18
N PRO A 264 2.94 41.78 64.05
CA PRO A 264 3.78 40.67 64.53
C PRO A 264 4.06 39.63 63.45
N TYR A 265 4.83 38.61 63.79
CA TYR A 265 5.18 37.55 62.86
C TYR A 265 4.12 36.46 62.90
N ILE A 266 3.92 35.81 61.76
CA ILE A 266 2.97 34.71 61.69
C ILE A 266 3.47 33.59 62.58
N LYS A 267 2.62 33.09 63.46
CA LYS A 267 3.04 32.06 64.39
C LYS A 267 2.77 30.68 63.81
N TRP A 268 3.74 30.12 63.09
CA TRP A 268 3.53 28.82 62.46
C TRP A 268 3.42 27.73 63.50
N ASP A 269 2.73 26.66 63.14
CA ASP A 269 2.67 25.48 63.98
C ASP A 269 3.99 24.72 63.89
N LEU A 270 4.46 24.24 65.05
CA LEU A 270 5.81 23.66 65.11
C LEU A 270 5.94 22.42 64.25
N LEU A 271 4.93 21.55 64.27
CA LEU A 271 5.08 20.27 63.59
C LEU A 271 4.88 20.36 62.09
N LYS A 272 4.48 21.53 61.57
CA LYS A 272 4.22 21.65 60.15
C LYS A 272 5.52 21.59 59.35
N TYR A 273 5.51 20.77 58.31
CA TYR A 273 6.72 20.67 57.50
C TYR A 273 6.44 20.59 56.00
N ASP A 274 5.23 20.86 55.52
CA ASP A 274 4.94 20.66 54.11
C ASP A 274 5.02 21.93 53.28
N PHE A 275 4.21 22.94 53.60
CA PHE A 275 4.31 24.24 52.95
C PHE A 275 4.13 24.23 51.43
N THR A 276 3.55 23.16 50.85
CA THR A 276 3.37 23.16 49.41
C THR A 276 2.32 24.19 48.97
N GLU A 277 1.21 24.26 49.70
CA GLU A 277 0.15 25.18 49.32
C GLU A 277 0.63 26.62 49.37
N GLU A 278 1.43 26.98 50.37
CA GLU A 278 1.93 28.35 50.44
C GLU A 278 2.86 28.66 49.29
N ARG A 279 3.70 27.70 48.88
CA ARG A 279 4.54 27.94 47.73
C ARG A 279 3.70 28.21 46.50
N LEU A 280 2.66 27.41 46.28
CA LEU A 280 1.82 27.64 45.12
C LEU A 280 1.09 28.99 45.20
N LYS A 281 0.62 29.36 46.39
CA LYS A 281 -0.06 30.65 46.54
C LYS A 281 0.87 31.80 46.22
N LEU A 282 2.09 31.77 46.74
CA LEU A 282 3.04 32.85 46.46
C LEU A 282 3.35 32.94 44.98
N PHE A 283 3.68 31.80 44.36
CA PHE A 283 4.04 31.84 42.96
C PHE A 283 2.89 32.33 42.10
N ASP A 284 1.65 32.04 42.50
CA ASP A 284 0.53 32.53 41.73
C ASP A 284 0.27 34.01 41.99
N ARG A 285 0.61 34.48 43.18
CA ARG A 285 0.33 35.88 43.51
C ARG A 285 1.32 36.84 42.88
N TYR A 286 2.58 36.46 42.69
CA TYR A 286 3.54 37.42 42.14
C TYR A 286 3.96 37.14 40.71
N PHE A 287 3.95 35.89 40.25
CA PHE A 287 4.49 35.52 38.95
C PHE A 287 3.41 34.94 38.06
N LYS A 288 2.25 35.58 38.03
CA LYS A 288 1.06 34.93 37.49
C LYS A 288 1.22 34.51 36.03
N TYR A 289 2.00 35.26 35.24
CA TYR A 289 2.06 35.03 33.81
C TYR A 289 3.37 34.40 33.35
N TRP A 290 4.19 33.92 34.26
CA TRP A 290 5.39 33.20 33.85
C TRP A 290 4.99 31.89 33.20
N ASP A 291 5.00 31.85 31.87
CA ASP A 291 4.41 30.76 31.11
C ASP A 291 5.28 29.52 31.17
N GLN A 292 5.32 28.89 32.33
CA GLN A 292 5.96 27.58 32.41
C GLN A 292 5.47 26.85 33.65
N THR A 293 5.44 25.53 33.55
CA THR A 293 4.99 24.69 34.65
C THR A 293 5.98 24.76 35.79
N TYR A 294 5.48 24.90 37.02
CA TYR A 294 6.33 25.00 38.20
C TYR A 294 5.88 23.95 39.22
N HIS A 295 6.75 22.99 39.49
CA HIS A 295 6.53 21.90 40.44
C HIS A 295 7.13 22.26 41.78
N PRO A 296 6.34 22.44 42.82
CA PRO A 296 6.91 22.82 44.11
C PRO A 296 7.88 21.76 44.64
N ASN A 297 7.60 20.50 44.35
CA ASN A 297 8.43 19.39 44.79
C ASN A 297 9.14 18.82 43.57
N CYS A 298 10.46 18.98 43.52
CA CYS A 298 11.20 18.69 42.31
C CYS A 298 11.21 17.21 41.97
N VAL A 299 10.77 16.34 42.87
CA VAL A 299 10.75 14.91 42.58
C VAL A 299 9.82 14.58 41.43
N ASN A 300 8.92 15.49 41.06
CA ASN A 300 8.05 15.30 39.91
C ASN A 300 8.60 15.89 38.62
N CYS A 301 9.81 16.43 38.64
CA CYS A 301 10.33 17.12 37.47
C CYS A 301 10.70 16.12 36.37
N LEU A 302 10.79 16.64 35.14
CA LEU A 302 10.99 15.81 33.95
C LEU A 302 12.45 15.62 33.59
N ASP A 303 13.29 16.63 33.78
CA ASP A 303 14.69 16.54 33.37
C ASP A 303 15.46 17.70 34.00
N ASP A 304 16.79 17.64 33.89
CA ASP A 304 17.64 18.55 34.63
C ASP A 304 17.31 20.01 34.35
N ARG A 305 16.88 20.31 33.13
CA ARG A 305 16.42 21.66 32.83
C ARG A 305 15.28 22.06 33.75
N CYS A 306 14.28 21.18 33.89
CA CYS A 306 13.18 21.48 34.79
C CYS A 306 13.65 21.53 36.24
N ILE A 307 14.63 20.70 36.60
CA ILE A 307 15.11 20.71 37.97
C ILE A 307 15.72 22.06 38.32
N LEU A 308 16.56 22.58 37.42
CA LEU A 308 17.13 23.91 37.67
C LEU A 308 16.04 24.97 37.71
N HIS A 309 15.12 24.92 36.75
CA HIS A 309 14.11 25.97 36.69
C HIS A 309 13.27 26.01 37.94
N CYS A 310 12.87 24.86 38.48
CA CYS A 310 12.04 24.85 39.67
C CYS A 310 12.84 25.13 40.94
N ALA A 311 14.08 24.63 41.02
CA ALA A 311 14.88 24.85 42.21
C ALA A 311 15.20 26.32 42.41
N ASN A 312 15.30 27.09 41.32
CA ASN A 312 15.51 28.52 41.47
C ASN A 312 14.38 29.17 42.28
N PHE A 313 13.15 28.96 41.83
CA PHE A 313 12.02 29.52 42.55
C PHE A 313 12.00 29.02 43.98
N ASN A 314 12.21 27.72 44.19
CA ASN A 314 12.20 27.21 45.54
C ASN A 314 13.24 27.90 46.40
N VAL A 315 14.36 28.30 45.81
CA VAL A 315 15.35 29.05 46.56
C VAL A 315 14.78 30.39 47.00
N LEU A 316 14.00 31.04 46.14
CA LEU A 316 13.44 32.33 46.57
C LEU A 316 12.41 32.15 47.68
N PHE A 317 11.46 31.24 47.49
CA PHE A 317 10.28 31.21 48.35
C PHE A 317 10.63 30.75 49.75
N SER A 318 11.49 29.77 49.87
CA SER A 318 11.73 29.18 51.17
C SER A 318 12.49 30.07 52.09
N THR A 319 12.68 31.36 51.78
CA THR A 319 13.26 32.27 52.75
C THR A 319 12.21 32.86 53.67
N VAL A 320 10.96 32.43 53.55
CA VAL A 320 9.88 32.95 54.38
C VAL A 320 9.54 32.00 55.52
N PHE A 321 9.59 30.70 55.28
CA PHE A 321 9.16 29.73 56.26
C PHE A 321 10.17 29.61 57.38
N PRO A 322 9.76 29.14 58.57
CA PRO A 322 10.65 29.15 59.72
C PRO A 322 11.80 28.18 59.53
N PRO A 323 12.96 28.47 60.10
CA PRO A 323 14.15 27.67 59.83
C PRO A 323 14.16 26.32 60.51
N THR A 324 13.38 26.15 61.58
CA THR A 324 13.44 24.88 62.30
C THR A 324 12.72 23.76 61.57
N SER A 325 11.96 24.07 60.52
CA SER A 325 11.24 23.02 59.81
C SER A 325 11.99 22.58 58.55
N PHE A 326 13.30 22.40 58.66
CA PHE A 326 14.12 21.91 57.56
C PHE A 326 15.07 20.87 58.11
N GLY A 327 15.44 19.92 57.29
CA GLY A 327 16.33 18.87 57.72
C GLY A 327 15.62 17.53 57.75
N PRO A 328 16.25 16.52 58.33
CA PRO A 328 15.70 15.17 58.25
C PRO A 328 14.35 15.07 58.93
N LEU A 329 13.55 14.12 58.46
CA LEU A 329 12.24 13.85 59.02
C LEU A 329 12.30 12.52 59.75
N VAL A 330 12.07 12.55 61.05
CA VAL A 330 12.20 11.37 61.87
C VAL A 330 10.84 10.71 62.01
N ARG A 331 10.85 9.44 62.44
CA ARG A 331 9.64 8.66 62.62
C ARG A 331 9.95 7.45 63.49
N LYS A 332 9.22 7.27 64.58
CA LYS A 332 9.54 6.20 65.52
C LYS A 332 9.15 4.85 64.96
N ILE A 333 10.08 3.90 64.98
CA ILE A 333 9.83 2.54 64.55
C ILE A 333 10.23 1.59 65.66
N PHE A 334 9.74 0.36 65.56
CA PHE A 334 9.94 -0.66 66.58
C PHE A 334 10.68 -1.83 65.97
N VAL A 335 11.79 -2.22 66.59
CA VAL A 335 12.52 -3.42 66.20
C VAL A 335 12.52 -4.38 67.38
N ASP A 336 11.95 -5.57 67.17
CA ASP A 336 11.70 -6.59 68.19
C ASP A 336 11.29 -6.00 69.53
N GLY A 337 10.33 -5.08 69.51
CA GLY A 337 9.82 -4.53 70.75
C GLY A 337 10.69 -3.48 71.39
N VAL A 338 11.50 -2.77 70.62
CA VAL A 338 12.33 -1.70 71.15
C VAL A 338 12.06 -0.43 70.36
N PRO A 339 11.91 0.72 71.00
CA PRO A 339 11.60 1.96 70.27
C PRO A 339 12.85 2.58 69.66
N PHE A 340 12.78 2.87 68.37
CA PHE A 340 13.87 3.54 67.66
C PHE A 340 13.36 4.86 67.09
N VAL A 341 14.29 5.72 66.74
CA VAL A 341 14.00 6.94 65.98
C VAL A 341 14.93 6.92 64.77
N VAL A 342 14.36 6.82 63.57
CA VAL A 342 15.18 6.81 62.37
C VAL A 342 14.73 7.94 61.46
N SER A 343 15.35 8.05 60.29
CA SER A 343 15.03 9.11 59.34
C SER A 343 14.34 8.49 58.14
N THR A 344 13.26 9.12 57.68
CA THR A 344 12.55 8.60 56.53
C THR A 344 12.54 9.54 55.34
N GLY A 345 13.17 10.71 55.44
CA GLY A 345 13.12 11.63 54.32
C GLY A 345 13.94 12.86 54.62
N TYR A 346 13.72 13.89 53.81
CA TYR A 346 14.39 15.16 53.97
C TYR A 346 13.47 16.25 53.44
N HIS A 347 13.70 17.48 53.88
CA HIS A 347 12.96 18.63 53.41
C HIS A 347 13.98 19.70 53.06
N PHE A 348 14.47 19.67 51.82
CA PHE A 348 15.52 20.57 51.38
C PHE A 348 14.99 21.99 51.21
N ARG A 349 15.89 22.95 51.31
CA ARG A 349 15.52 24.33 51.04
C ARG A 349 15.22 24.60 49.58
N GLU A 350 15.75 23.79 48.66
CA GLU A 350 15.58 24.05 47.25
C GLU A 350 15.14 22.86 46.41
N LEU A 351 14.88 21.70 47.00
CA LEU A 351 14.34 20.57 46.25
C LEU A 351 12.99 20.11 46.76
N GLY A 352 12.45 20.74 47.78
CA GLY A 352 11.13 20.39 48.27
C GLY A 352 11.18 19.28 49.31
N VAL A 353 10.24 18.35 49.23
CA VAL A 353 10.08 17.27 50.20
C VAL A 353 10.35 15.95 49.51
N VAL A 354 11.19 15.13 50.11
CA VAL A 354 11.56 13.84 49.54
C VAL A 354 11.34 12.76 50.58
N HIS A 355 10.62 11.70 50.20
CA HIS A 355 10.33 10.59 51.09
C HIS A 355 11.10 9.35 50.68
N ASN A 356 11.64 8.63 51.67
CA ASN A 356 12.24 7.34 51.38
C ASN A 356 11.18 6.39 50.86
N GLN A 357 11.58 5.54 49.92
CA GLN A 357 10.61 4.62 49.34
C GLN A 357 10.43 3.38 50.18
N ASP A 358 11.48 2.60 50.40
CA ASP A 358 11.32 1.37 51.16
C ASP A 358 11.71 1.56 52.62
N VAL A 359 10.71 1.66 53.49
CA VAL A 359 10.90 1.80 54.93
C VAL A 359 10.26 0.60 55.61
N ASN A 360 11.02 -0.07 56.46
CA ASN A 360 10.56 -1.27 57.14
C ASN A 360 10.23 -0.93 58.59
N LEU A 361 8.94 -0.98 58.92
CA LEU A 361 8.47 -0.51 60.22
C LEU A 361 8.74 -1.49 61.35
N HIS A 362 8.47 -2.77 61.15
CA HIS A 362 8.66 -3.78 62.17
C HIS A 362 9.64 -4.82 61.67
N SER A 363 10.59 -5.21 62.52
CA SER A 363 11.62 -6.15 62.11
C SER A 363 12.07 -6.95 63.31
N SER A 364 12.64 -8.12 63.04
CA SER A 364 13.09 -9.00 64.11
C SER A 364 14.52 -8.72 64.51
N ARG A 365 15.43 -8.70 63.54
CA ARG A 365 16.84 -8.47 63.80
C ARG A 365 17.44 -7.72 62.62
N LEU A 366 18.57 -7.05 62.87
CA LEU A 366 19.18 -6.17 61.88
C LEU A 366 20.40 -6.83 61.25
N SER A 367 20.54 -6.61 59.95
CA SER A 367 21.68 -7.13 59.20
C SER A 367 22.87 -6.20 59.40
N PHE A 368 23.90 -6.35 58.58
CA PHE A 368 25.02 -5.42 58.65
C PHE A 368 24.66 -4.09 58.01
N LYS A 369 24.00 -4.13 56.86
CA LYS A 369 23.68 -2.89 56.15
C LYS A 369 22.79 -1.98 56.99
N GLU A 370 21.75 -2.54 57.62
CA GLU A 370 20.86 -1.71 58.42
C GLU A 370 21.57 -1.17 59.64
N LEU A 371 22.43 -1.98 60.26
CA LEU A 371 23.22 -1.47 61.37
C LEU A 371 24.05 -0.29 60.93
N LEU A 372 24.66 -0.38 59.75
CA LEU A 372 25.50 0.71 59.26
C LEU A 372 24.67 1.98 59.04
N VAL A 373 23.58 1.85 58.28
CA VAL A 373 22.83 3.05 57.92
C VAL A 373 22.06 3.61 59.10
N TYR A 374 21.89 2.83 60.17
CA TYR A 374 21.26 3.41 61.36
C TYR A 374 22.29 4.01 62.29
N ALA A 375 23.54 3.53 62.27
CA ALA A 375 24.56 4.17 63.06
C ALA A 375 25.03 5.48 62.43
N ALA A 376 24.92 5.61 61.11
CA ALA A 376 25.41 6.83 60.46
C ALA A 376 24.42 7.98 60.55
N ASP A 377 23.15 7.72 60.81
CA ASP A 377 22.16 8.79 60.83
C ASP A 377 22.41 9.72 62.02
N PRO A 378 22.09 11.01 61.89
CA PRO A 378 22.18 11.91 63.03
C PRO A 378 20.96 11.88 63.91
N ALA A 379 19.93 11.11 63.57
CA ALA A 379 18.68 11.15 64.33
C ALA A 379 18.88 10.62 65.74
N MET A 380 19.52 9.45 65.87
CA MET A 380 19.70 8.85 67.19
C MET A 380 20.53 9.77 68.09
N HIS A 381 21.68 10.22 67.59
CA HIS A 381 22.55 11.05 68.41
C HIS A 381 21.89 12.37 68.77
N ALA A 382 21.15 12.96 67.84
CA ALA A 382 20.49 14.22 68.14
C ALA A 382 19.41 14.04 69.18
N ALA A 383 18.60 12.98 69.07
CA ALA A 383 17.53 12.76 70.04
C ALA A 383 18.08 12.44 71.42
N SER A 384 19.17 11.67 71.48
CA SER A 384 19.68 11.22 72.78
C SER A 384 20.47 12.29 73.51
N GLY A 385 20.75 13.43 72.88
CA GLY A 385 21.56 14.46 73.50
C GLY A 385 20.76 15.52 74.22
N ASN A 386 21.48 16.48 74.77
CA ASN A 386 20.89 17.58 75.51
C ASN A 386 20.75 18.81 74.63
N LEU A 387 19.73 19.61 74.92
CA LEU A 387 19.53 20.84 74.18
C LEU A 387 20.71 21.78 74.39
N LEU A 388 21.01 22.56 73.37
CA LEU A 388 22.17 23.44 73.38
C LEU A 388 21.79 24.80 72.81
N LEU A 389 22.33 25.86 73.40
CA LEU A 389 22.15 27.22 72.89
C LEU A 389 23.50 27.91 72.93
N ASP A 390 24.07 28.17 71.76
CA ASP A 390 25.41 28.73 71.64
C ASP A 390 25.31 30.18 71.21
N LYS A 391 25.85 31.08 72.04
CA LYS A 391 25.81 32.50 71.74
C LYS A 391 27.09 32.99 71.07
N ARG A 392 28.13 32.17 71.01
CA ARG A 392 29.37 32.60 70.36
C ARG A 392 29.13 32.86 68.89
N THR A 393 28.46 31.93 68.21
CA THR A 393 28.23 32.04 66.79
C THR A 393 26.82 32.53 66.51
N THR A 394 26.46 32.54 65.22
CA THR A 394 25.11 32.87 64.79
C THR A 394 24.44 31.76 64.00
N CYS A 395 25.16 30.68 63.68
CA CYS A 395 24.58 29.58 62.95
C CYS A 395 23.59 28.82 63.83
N PHE A 396 22.78 27.98 63.21
CA PHE A 396 21.74 27.26 63.92
C PHE A 396 22.33 26.05 64.62
N SER A 397 22.45 26.11 65.94
CA SER A 397 22.89 24.97 66.71
C SER A 397 21.74 23.98 66.90
N VAL A 398 22.09 22.71 67.11
CA VAL A 398 21.08 21.67 67.18
C VAL A 398 21.09 20.97 68.53
N ALA A 399 22.21 20.38 68.89
CA ALA A 399 22.27 19.64 70.15
C ALA A 399 23.72 19.48 70.58
N ALA A 400 23.90 19.19 71.86
CA ALA A 400 25.17 18.75 72.39
C ALA A 400 25.15 17.24 72.49
N LEU A 401 26.30 16.67 72.81
CA LEU A 401 26.38 15.23 72.97
C LEU A 401 26.98 14.79 74.30
N THR A 402 27.99 15.50 74.78
CA THR A 402 28.58 15.23 76.07
C THR A 402 28.18 16.36 77.03
N ASN A 403 28.69 16.32 78.26
CA ASN A 403 28.30 17.26 79.29
C ASN A 403 29.30 18.40 79.41
N ASN A 404 30.14 18.59 78.41
CA ASN A 404 31.14 19.65 78.43
C ASN A 404 31.57 19.91 77.00
N VAL A 405 32.33 20.99 76.81
CA VAL A 405 32.70 21.45 75.49
C VAL A 405 34.22 21.46 75.40
N ALA A 406 34.76 20.78 74.40
CA ALA A 406 36.20 20.72 74.25
C ALA A 406 36.75 22.01 73.65
N PHE A 407 38.04 22.25 73.91
CA PHE A 407 38.71 23.46 73.43
C PHE A 407 40.04 23.00 72.83
N GLN A 408 40.09 22.94 71.50
CA GLN A 408 41.28 22.43 70.81
C GLN A 408 42.29 23.55 70.57
N THR A 409 43.56 23.22 70.70
CA THR A 409 44.66 24.15 70.51
C THR A 409 45.68 23.56 69.54
N VAL A 410 46.48 24.44 68.94
CA VAL A 410 47.51 24.04 67.98
C VAL A 410 48.84 24.53 68.52
N LYS A 411 49.74 23.59 68.83
CA LYS A 411 51.02 23.92 69.41
C LYS A 411 52.00 24.41 68.34
N PRO A 412 53.05 25.13 68.75
CA PRO A 412 54.00 25.67 67.77
C PRO A 412 54.89 24.60 67.16
N GLY A 413 55.75 25.00 66.23
CA GLY A 413 56.63 24.08 65.53
C GLY A 413 57.93 23.87 66.27
N ASN A 414 58.77 23.03 65.68
CA ASN A 414 60.06 22.68 66.27
C ASN A 414 61.19 23.27 65.44
N PHE A 415 62.21 23.75 66.13
CA PHE A 415 63.35 24.41 65.51
C PHE A 415 64.44 23.39 65.18
N ASN A 416 65.20 23.68 64.11
CA ASN A 416 66.27 22.80 63.63
C ASN A 416 67.56 23.60 63.61
N LYS A 417 68.23 23.67 64.76
CA LYS A 417 69.28 24.65 64.95
C LYS A 417 70.46 24.42 64.02
N ASP A 418 70.89 23.17 63.86
CA ASP A 418 72.14 22.92 63.16
C ASP A 418 72.08 23.39 61.71
N PHE A 419 70.93 23.21 61.07
CA PHE A 419 70.77 23.72 59.71
C PHE A 419 70.85 25.23 59.69
N TYR A 420 70.28 25.88 60.70
CA TYR A 420 70.36 27.34 60.76
C TYR A 420 71.80 27.82 60.89
N ASP A 421 72.58 27.15 61.75
CA ASP A 421 73.98 27.53 61.88
C ASP A 421 74.75 27.27 60.60
N PHE A 422 74.51 26.12 59.98
CA PHE A 422 75.19 25.81 58.73
C PHE A 422 74.83 26.81 57.65
N ALA A 423 73.62 27.36 57.69
CA ALA A 423 73.23 28.38 56.71
C ALA A 423 73.92 29.70 57.00
N VAL A 424 73.94 30.13 58.26
CA VAL A 424 74.55 31.42 58.56
C VAL A 424 76.07 31.37 58.40
N SER A 425 76.67 30.19 58.49
CA SER A 425 78.11 30.08 58.28
C SER A 425 78.47 30.42 56.84
N LYS A 426 77.63 29.99 55.90
CA LYS A 426 77.88 30.28 54.48
C LYS A 426 77.38 31.66 54.13
N GLY A 427 77.21 32.53 55.13
CA GLY A 427 76.85 33.90 54.88
C GLY A 427 75.45 34.06 54.33
N PHE A 428 74.44 33.82 55.15
CA PHE A 428 73.07 34.02 54.75
C PHE A 428 72.39 34.94 55.77
N PHE A 429 71.19 35.37 55.42
CA PHE A 429 70.34 36.16 56.31
C PHE A 429 70.98 37.47 56.72
N LYS A 430 71.91 38.00 55.94
CA LYS A 430 72.47 39.30 56.26
C LYS A 430 71.43 40.39 56.05
N GLU A 431 71.63 41.52 56.73
CA GLU A 431 70.70 42.63 56.61
C GLU A 431 70.65 43.13 55.17
N GLY A 432 69.44 43.33 54.67
CA GLY A 432 69.23 43.86 53.35
C GLY A 432 69.20 42.85 52.23
N SER A 433 69.55 41.59 52.49
CA SER A 433 69.49 40.58 51.45
C SER A 433 68.04 40.34 51.02
N SER A 434 67.86 40.08 49.73
CA SER A 434 66.52 39.82 49.20
C SER A 434 66.08 38.38 49.34
N VAL A 435 66.21 37.81 50.55
CA VAL A 435 65.69 36.49 50.86
C VAL A 435 65.66 36.36 52.37
N GLU A 436 64.53 35.93 52.93
CA GLU A 436 64.43 35.83 54.38
C GLU A 436 63.29 34.87 54.71
N LEU A 437 62.87 34.86 55.97
CA LEU A 437 61.89 33.91 56.47
C LEU A 437 60.52 34.57 56.50
N LYS A 438 59.55 33.97 55.80
CA LYS A 438 58.17 34.45 55.81
C LYS A 438 57.19 33.29 55.92
N HIS A 439 57.61 32.15 56.47
CA HIS A 439 56.74 30.99 56.54
C HIS A 439 57.04 30.25 57.83
N PHE A 440 56.06 30.20 58.73
CA PHE A 440 56.29 29.66 60.06
C PHE A 440 55.12 28.78 60.46
N PHE A 441 55.28 28.11 61.60
CA PHE A 441 54.25 27.29 62.22
C PHE A 441 53.56 28.16 63.26
N PHE A 442 52.45 28.77 62.87
CA PHE A 442 51.74 29.66 63.79
C PHE A 442 51.01 28.86 64.85
N ALA A 443 50.91 29.44 66.04
CA ALA A 443 50.22 28.81 67.15
C ALA A 443 48.79 29.30 67.21
N GLN A 444 47.93 28.51 67.86
CA GLN A 444 46.53 28.89 67.99
C GLN A 444 46.04 28.62 69.40
N ASP A 445 45.23 29.55 69.91
CA ASP A 445 44.68 29.55 71.25
C ASP A 445 43.49 28.61 71.32
N GLY A 446 42.59 28.87 72.25
CA GLY A 446 41.51 27.95 72.55
C GLY A 446 40.39 28.15 71.56
N ASN A 447 39.37 28.94 71.89
CA ASN A 447 38.21 28.99 71.01
C ASN A 447 38.58 29.64 69.68
N ALA A 448 39.35 28.93 68.87
CA ALA A 448 39.65 29.32 67.51
C ALA A 448 39.00 28.40 66.48
N ALA A 449 38.52 27.23 66.90
CA ALA A 449 37.74 26.39 66.00
C ALA A 449 36.40 27.04 65.68
N ILE A 450 35.70 27.51 66.70
CA ILE A 450 34.39 28.12 66.48
C ILE A 450 34.51 29.44 65.73
N SER A 451 35.45 30.29 66.14
CA SER A 451 35.59 31.57 65.46
C SER A 451 36.01 31.39 64.02
N ASP A 452 36.46 30.19 63.64
CA ASP A 452 36.69 29.89 62.24
C ASP A 452 35.44 29.32 61.57
N TYR A 453 34.73 28.44 62.27
CA TYR A 453 33.48 27.93 61.70
C TYR A 453 32.49 29.05 61.49
N ASP A 454 32.64 30.15 62.22
CA ASP A 454 31.70 31.25 62.14
C ASP A 454 31.75 31.96 60.79
N TYR A 455 32.77 31.67 59.97
CA TYR A 455 32.88 32.35 58.69
C TYR A 455 31.79 31.96 57.71
N TYR A 456 30.98 30.95 58.03
CA TYR A 456 29.92 30.58 57.11
C TYR A 456 28.84 31.64 56.99
N ARG A 457 28.87 32.67 57.84
CA ARG A 457 27.87 33.72 57.79
C ARG A 457 27.96 34.48 56.48
N TYR A 458 29.04 34.30 55.74
CA TYR A 458 29.22 34.95 54.44
C TYR A 458 28.43 34.27 53.34
N ASN A 459 27.76 33.16 53.62
CA ASN A 459 26.95 32.49 52.62
C ASN A 459 25.51 32.97 52.72
N LEU A 460 24.95 33.40 51.58
CA LEU A 460 23.64 34.03 51.56
C LEU A 460 22.75 33.37 50.52
N PRO A 461 21.44 33.43 50.69
CA PRO A 461 20.54 32.84 49.70
C PRO A 461 20.47 33.71 48.46
N THR A 462 20.77 33.11 47.32
CA THR A 462 20.90 33.88 46.10
C THR A 462 20.13 33.20 44.98
N MET A 463 19.29 33.96 44.31
CA MET A 463 18.66 33.54 43.07
C MET A 463 19.53 33.95 41.88
N CYS A 464 19.40 33.21 40.78
CA CYS A 464 20.18 33.51 39.59
C CYS A 464 19.27 33.72 38.41
N ASP A 465 19.71 34.58 37.49
CA ASP A 465 18.97 34.77 36.25
C ASP A 465 18.86 33.45 35.51
N ILE A 466 17.64 32.93 35.41
CA ILE A 466 17.49 31.53 35.02
C ILE A 466 17.83 31.32 33.55
N ARG A 467 17.47 32.27 32.68
CA ARG A 467 17.66 32.07 31.24
C ARG A 467 19.14 31.95 30.90
N GLN A 468 19.94 32.92 31.32
CA GLN A 468 21.35 32.85 30.97
C GLN A 468 22.03 31.71 31.70
N LEU A 469 21.50 31.30 32.86
CA LEU A 469 22.07 30.14 33.53
C LEU A 469 21.86 28.88 32.71
N LEU A 470 20.67 28.73 32.11
CA LEU A 470 20.44 27.56 31.27
C LEU A 470 21.37 27.58 30.05
N PHE A 471 21.52 28.75 29.42
CA PHE A 471 22.43 28.82 28.28
C PHE A 471 23.86 28.48 28.68
N VAL A 472 24.32 29.03 29.80
CA VAL A 472 25.69 28.82 30.24
C VAL A 472 25.93 27.36 30.56
N VAL A 473 24.96 26.70 31.21
CA VAL A 473 25.17 25.29 31.51
C VAL A 473 25.23 24.51 30.22
N GLU A 474 24.50 24.94 29.19
CA GLU A 474 24.60 24.21 27.92
C GLU A 474 26.01 24.31 27.35
N VAL A 475 26.58 25.52 27.33
CA VAL A 475 27.94 25.67 26.79
C VAL A 475 28.95 24.89 27.61
N VAL A 476 28.85 24.99 28.94
CA VAL A 476 29.83 24.32 29.80
C VAL A 476 29.74 22.82 29.64
N ASP A 477 28.53 22.29 29.49
CA ASP A 477 28.41 20.88 29.14
C ASP A 477 29.08 20.59 27.82
N LYS A 478 28.99 21.52 26.87
CA LYS A 478 29.66 21.31 25.59
C LYS A 478 31.17 21.20 25.77
N TYR A 479 31.73 21.84 26.79
CA TYR A 479 33.16 21.72 27.06
C TYR A 479 33.59 20.28 27.33
N PHE A 480 32.86 19.59 28.21
CA PHE A 480 33.28 18.27 28.66
C PHE A 480 32.77 17.18 27.75
N ASP A 481 33.32 17.07 26.53
CA ASP A 481 32.87 16.05 25.60
C ASP A 481 33.97 15.07 25.24
N CYS A 482 35.07 15.05 25.98
CA CYS A 482 36.21 14.21 25.68
C CYS A 482 36.45 13.20 26.79
N TYR A 483 35.38 12.79 27.47
CA TYR A 483 35.51 11.90 28.61
C TYR A 483 34.41 10.84 28.54
N ASP A 484 34.34 10.01 29.58
CA ASP A 484 33.40 8.89 29.60
C ASP A 484 33.21 8.44 31.04
N GLY A 485 31.94 8.33 31.46
CA GLY A 485 31.60 7.98 32.82
C GLY A 485 30.48 6.95 32.88
N GLY A 486 30.39 6.30 34.01
CA GLY A 486 29.38 5.28 34.22
C GLY A 486 29.58 4.58 35.54
N CYS A 487 28.55 3.83 35.93
CA CYS A 487 28.61 3.05 37.15
C CYS A 487 29.55 1.86 36.97
N ILE A 488 30.17 1.44 38.07
CA ILE A 488 31.04 0.28 38.05
C ILE A 488 30.60 -0.67 39.16
N ASN A 489 31.30 -1.78 39.33
CA ASN A 489 31.00 -2.74 40.38
C ASN A 489 32.05 -2.64 41.48
N ALA A 490 31.83 -3.41 42.55
CA ALA A 490 32.75 -3.36 43.68
C ALA A 490 34.15 -3.83 43.30
N ASN A 491 34.26 -4.70 42.30
CA ASN A 491 35.57 -5.25 41.96
C ASN A 491 36.42 -4.24 41.18
N GLN A 492 35.81 -3.45 40.30
CA GLN A 492 36.58 -2.49 39.52
C GLN A 492 37.09 -1.32 40.35
N VAL A 493 36.56 -1.11 41.55
CA VAL A 493 36.94 0.07 42.32
C VAL A 493 38.41 0.00 42.70
N ILE A 494 39.00 1.17 42.94
CA ILE A 494 40.40 1.28 43.33
C ILE A 494 40.52 2.23 44.50
N VAL A 495 41.10 1.76 45.60
CA VAL A 495 41.23 2.55 46.81
C VAL A 495 42.70 2.60 47.20
N ASN A 496 43.17 3.80 47.54
CA ASN A 496 44.56 4.02 47.92
C ASN A 496 44.60 4.68 49.28
N ASN A 497 45.62 4.35 50.06
CA ASN A 497 45.79 4.88 51.41
C ASN A 497 44.58 4.56 52.28
N LEU A 498 44.34 3.28 52.53
CA LEU A 498 43.22 2.85 53.34
C LEU A 498 43.38 3.16 54.82
N ASP A 499 44.56 3.51 55.28
CA ASP A 499 44.79 3.74 56.71
C ASP A 499 44.56 5.21 57.05
N LYS A 500 43.31 5.62 56.94
CA LYS A 500 42.91 6.98 57.26
C LYS A 500 41.50 6.97 57.85
N SER A 501 41.16 8.06 58.53
CA SER A 501 39.98 8.12 59.41
C SER A 501 38.72 7.96 58.59
N ALA A 502 37.71 7.32 59.20
CA ALA A 502 36.44 7.04 58.53
C ALA A 502 35.31 7.95 58.98
N GLY A 503 35.44 8.98 59.81
CA GLY A 503 34.27 9.84 60.11
C GLY A 503 33.76 10.12 61.50
N PHE A 504 32.47 10.42 61.74
CA PHE A 504 32.02 10.54 63.12
C PHE A 504 31.38 9.35 63.78
N PRO A 505 30.48 8.64 63.17
CA PRO A 505 30.60 7.77 64.34
C PRO A 505 31.63 6.71 64.22
N PHE A 506 32.13 6.39 63.05
CA PHE A 506 33.01 5.28 62.85
C PHE A 506 34.46 5.31 63.16
N ASN A 507 34.98 6.40 63.64
CA ASN A 507 36.39 6.49 63.99
C ASN A 507 36.68 5.94 65.37
N LYS A 508 35.65 5.64 66.17
CA LYS A 508 35.88 5.04 67.47
C LYS A 508 36.44 3.63 67.37
N TRP A 509 36.27 2.97 66.22
CA TRP A 509 36.68 1.57 66.05
C TRP A 509 37.39 1.43 64.71
N GLY A 510 38.68 1.70 64.68
CA GLY A 510 39.48 1.44 63.50
C GLY A 510 39.37 2.50 62.42
N LYS A 511 39.99 2.19 61.28
CA LYS A 511 40.08 3.08 60.13
C LYS A 511 39.45 2.42 58.91
N ALA A 512 39.53 3.11 57.77
CA ALA A 512 38.75 2.72 56.60
C ALA A 512 39.09 1.31 56.13
N ARG A 513 40.29 0.83 56.44
CA ARG A 513 40.66 -0.52 56.03
C ARG A 513 39.74 -1.55 56.66
N LEU A 514 39.42 -1.38 57.94
CA LEU A 514 38.60 -2.35 58.65
C LEU A 514 37.23 -2.48 58.00
N TYR A 515 36.57 -1.37 57.73
CA TYR A 515 35.24 -1.44 57.13
C TYR A 515 35.31 -1.89 55.68
N TYR A 516 36.39 -1.55 54.96
CA TYR A 516 36.50 -1.99 53.59
C TYR A 516 36.65 -3.50 53.49
N ASP A 517 37.42 -4.10 54.41
CA ASP A 517 37.61 -5.54 54.30
C ASP A 517 36.50 -6.33 54.99
N SER A 518 35.83 -5.74 55.98
CA SER A 518 34.82 -6.49 56.71
C SER A 518 33.53 -6.69 55.93
N MET A 519 33.39 -6.08 54.76
CA MET A 519 32.18 -6.20 53.96
C MET A 519 32.49 -6.92 52.66
N SER A 520 31.63 -7.87 52.30
CA SER A 520 31.78 -8.57 51.04
C SER A 520 31.46 -7.63 49.88
N TYR A 521 31.65 -8.12 48.66
CA TYR A 521 31.31 -7.31 47.50
C TYR A 521 29.80 -7.18 47.35
N GLU A 522 29.06 -8.21 47.74
CA GLU A 522 27.61 -8.13 47.68
C GLU A 522 27.06 -7.11 48.67
N ASP A 523 27.73 -6.93 49.81
CA ASP A 523 27.32 -5.88 50.73
C ASP A 523 27.46 -4.51 50.09
N GLN A 524 28.57 -4.25 49.40
CA GLN A 524 28.75 -2.96 48.75
C GLN A 524 27.73 -2.76 47.64
N ASP A 525 27.48 -3.80 46.84
CA ASP A 525 26.48 -3.64 45.79
C ASP A 525 25.10 -3.38 46.36
N ALA A 526 24.74 -4.06 47.44
CA ALA A 526 23.43 -3.82 48.06
C ALA A 526 23.35 -2.40 48.63
N LEU A 527 24.40 -1.96 49.32
CA LEU A 527 24.39 -0.60 49.85
C LEU A 527 24.27 0.42 48.74
N PHE A 528 25.01 0.26 47.66
CA PHE A 528 24.96 1.22 46.57
C PHE A 528 23.58 1.23 45.92
N ALA A 529 23.00 0.05 45.70
CA ALA A 529 21.67 0.02 45.12
C ALA A 529 20.63 0.54 46.08
N TYR A 530 20.96 0.61 47.38
CA TYR A 530 20.02 1.14 48.34
C TYR A 530 19.93 2.66 48.24
N THR A 531 21.06 3.34 48.07
CA THR A 531 21.04 4.80 48.02
C THR A 531 20.41 5.32 46.74
N LYS A 532 20.15 4.47 45.78
CA LYS A 532 19.46 4.96 44.62
C LYS A 532 17.98 4.97 44.81
N ARG A 533 17.53 4.66 46.03
CA ARG A 533 16.11 4.70 46.33
C ARG A 533 15.82 5.20 47.74
N ASN A 534 16.73 5.91 48.38
CA ASN A 534 16.55 6.40 49.74
C ASN A 534 17.36 7.68 49.91
N VAL A 535 17.43 8.19 51.12
CA VAL A 535 18.25 9.35 51.44
C VAL A 535 18.94 9.08 52.77
N ILE A 536 20.26 9.19 52.80
CA ILE A 536 21.00 8.87 54.01
C ILE A 536 21.80 10.07 54.48
N PRO A 537 21.25 10.91 55.36
CA PRO A 537 22.02 12.00 55.93
C PRO A 537 23.16 11.47 56.78
N THR A 538 24.25 12.24 56.85
CA THR A 538 25.43 11.83 57.61
C THR A 538 25.92 13.00 58.44
N ILE A 539 26.97 12.76 59.21
CA ILE A 539 27.63 13.79 60.01
C ILE A 539 29.01 14.02 59.43
N THR A 540 29.57 15.19 59.72
CA THR A 540 30.91 15.56 59.25
C THR A 540 31.72 16.00 60.45
N GLN A 541 32.88 15.41 60.62
CA GLN A 541 33.78 15.79 61.69
C GLN A 541 34.70 16.91 61.22
N MET A 542 35.02 17.85 62.11
CA MET A 542 35.87 18.98 61.75
C MET A 542 37.08 19.05 62.68
N ASN A 543 38.21 19.46 62.13
CA ASN A 543 39.49 19.36 62.82
C ASN A 543 40.38 20.53 62.42
N LEU A 544 41.40 20.77 63.22
CA LEU A 544 42.37 21.82 62.96
C LEU A 544 43.63 21.27 62.30
N LYS A 545 44.17 22.05 61.37
CA LYS A 545 45.34 21.65 60.60
C LYS A 545 46.60 21.93 61.40
N TYR A 546 47.71 21.32 60.98
CA TYR A 546 49.01 21.54 61.56
C TYR A 546 50.04 21.66 60.45
N ALA A 547 50.26 22.87 59.96
CA ALA A 547 51.10 23.05 58.78
C ALA A 547 51.82 24.38 58.80
N ILE A 548 52.40 24.77 57.68
CA ILE A 548 53.21 25.98 57.57
C ILE A 548 52.59 26.89 56.53
N SER A 549 52.46 28.17 56.88
CA SER A 549 51.90 29.16 55.97
C SER A 549 52.45 30.53 56.34
N ALA A 550 51.87 31.57 55.74
CA ALA A 550 52.39 32.92 55.89
C ALA A 550 51.38 33.89 56.50
N LYS A 551 50.29 33.38 57.06
CA LYS A 551 49.32 34.25 57.72
C LYS A 551 48.69 33.50 58.87
N ASN A 552 48.40 34.22 59.95
CA ASN A 552 48.05 33.59 61.22
C ASN A 552 46.60 33.12 61.30
N ARG A 553 45.86 33.10 60.20
CA ARG A 553 44.50 32.57 60.26
C ARG A 553 44.53 31.06 60.31
N ALA A 554 43.56 30.46 61.01
CA ALA A 554 43.55 29.03 61.20
C ALA A 554 43.11 28.33 59.91
N ARG A 555 43.40 27.04 59.82
CA ARG A 555 42.99 26.24 58.69
C ARG A 555 42.23 25.04 59.21
N THR A 556 41.37 24.47 58.37
CA THR A 556 40.44 23.45 58.84
C THR A 556 40.30 22.35 57.80
N VAL A 557 40.29 21.11 58.27
CA VAL A 557 39.97 19.96 57.45
C VAL A 557 38.69 19.35 57.96
N ALA A 558 38.06 18.53 57.12
CA ALA A 558 36.79 17.90 57.45
C ALA A 558 36.84 16.44 57.04
N GLY A 559 36.51 15.54 57.96
CA GLY A 559 36.43 14.12 57.64
C GLY A 559 35.00 13.70 57.42
N VAL A 560 34.78 12.90 56.37
CA VAL A 560 33.44 12.51 55.96
C VAL A 560 33.23 11.05 56.30
N SER A 561 31.98 10.70 56.63
CA SER A 561 31.66 9.35 57.04
C SER A 561 31.89 8.36 55.91
N ILE A 562 32.04 7.09 56.28
CA ILE A 562 32.54 6.09 55.34
C ILE A 562 31.52 5.78 54.25
N CYS A 563 30.23 5.73 54.59
CA CYS A 563 29.23 5.30 53.62
C CYS A 563 29.15 6.26 52.43
N SER A 564 29.24 7.56 52.71
CA SER A 564 29.25 8.53 51.64
C SER A 564 30.42 8.32 50.69
N THR A 565 31.62 8.15 51.26
CA THR A 565 32.80 7.98 50.40
C THR A 565 32.69 6.72 49.57
N MET A 566 32.21 5.63 50.17
CA MET A 566 32.11 4.37 49.44
C MET A 566 31.17 4.49 48.25
N THR A 567 29.96 5.01 48.48
CA THR A 567 29.02 5.12 47.37
C THR A 567 29.49 6.14 46.34
N ASN A 568 30.13 7.23 46.77
CA ASN A 568 30.65 8.19 45.80
C ASN A 568 31.73 7.57 44.92
N ARG A 569 32.63 6.79 45.51
CA ARG A 569 33.63 6.12 44.71
C ARG A 569 32.98 5.29 43.62
N GLN A 570 32.02 4.45 44.03
CA GLN A 570 31.38 3.59 43.05
C GLN A 570 30.69 4.39 41.96
N PHE A 571 30.08 5.52 42.31
CA PHE A 571 29.33 6.28 41.32
C PHE A 571 30.21 7.06 40.37
N HIS A 572 31.32 7.61 40.84
CA HIS A 572 32.05 8.61 40.08
C HIS A 572 33.43 8.19 39.60
N GLN A 573 33.97 7.07 40.08
CA GLN A 573 35.40 6.85 39.90
C GLN A 573 35.83 6.83 38.44
N LYS A 574 34.96 6.36 37.55
CA LYS A 574 35.38 6.20 36.16
C LYS A 574 35.63 7.55 35.50
N LEU A 575 34.68 8.48 35.64
CA LEU A 575 34.85 9.78 34.99
C LEU A 575 36.02 10.53 35.59
N LEU A 576 36.25 10.39 36.89
CA LEU A 576 37.40 11.06 37.51
C LEU A 576 38.70 10.55 36.92
N LYS A 577 38.81 9.23 36.74
CA LYS A 577 40.01 8.68 36.11
C LYS A 577 40.16 9.17 34.68
N SER A 578 39.06 9.23 33.93
CA SER A 578 39.14 9.68 32.54
C SER A 578 39.59 11.14 32.47
N ILE A 579 39.11 11.97 33.39
CA ILE A 579 39.58 13.36 33.42
C ILE A 579 41.05 13.43 33.79
N ALA A 580 41.48 12.62 34.76
CA ALA A 580 42.87 12.70 35.20
C ALA A 580 43.84 12.21 34.15
N ALA A 581 43.43 11.27 33.30
CA ALA A 581 44.36 10.66 32.36
C ALA A 581 44.54 11.50 31.09
N THR A 582 43.49 12.19 30.65
CA THR A 582 43.56 12.90 29.37
C THR A 582 44.57 14.04 29.43
N ARG A 583 45.38 14.14 28.37
CA ARG A 583 46.44 15.13 28.27
C ARG A 583 46.08 16.21 27.26
N GLY A 584 46.41 17.45 27.59
CA GLY A 584 46.21 18.55 26.67
C GLY A 584 44.77 18.94 26.41
N ALA A 585 44.10 19.47 27.42
CA ALA A 585 42.73 19.96 27.26
C ALA A 585 42.58 21.21 28.13
N THR A 586 41.33 21.61 28.38
CA THR A 586 41.10 22.81 29.16
C THR A 586 41.39 22.61 30.64
N VAL A 587 41.16 21.42 31.16
CA VAL A 587 41.40 21.11 32.57
C VAL A 587 42.71 20.35 32.67
N VAL A 588 43.59 20.78 33.56
CA VAL A 588 44.94 20.23 33.60
C VAL A 588 45.17 19.46 34.89
N ILE A 589 44.13 18.84 35.42
CA ILE A 589 44.26 18.00 36.60
C ILE A 589 44.91 16.70 36.19
N GLY A 590 46.00 16.35 36.83
CA GLY A 590 46.70 15.12 36.52
C GLY A 590 47.85 15.23 35.54
N THR A 591 48.35 16.44 35.29
CA THR A 591 49.49 16.63 34.39
C THR A 591 50.67 17.08 35.23
N SER A 592 51.71 16.25 35.28
CA SER A 592 52.86 16.55 36.11
C SER A 592 53.63 17.73 35.56
N LYS A 593 54.20 18.53 36.46
CA LYS A 593 55.01 19.65 36.04
C LYS A 593 56.43 19.24 35.66
N PHE A 594 56.81 17.99 35.91
CA PHE A 594 58.14 17.50 35.57
C PHE A 594 58.19 17.03 34.12
N TYR A 595 59.39 16.66 33.67
CA TYR A 595 59.60 16.08 32.35
C TYR A 595 58.98 16.96 31.27
N GLY A 596 59.19 18.26 31.40
CA GLY A 596 58.70 19.19 30.41
C GLY A 596 57.21 19.28 30.27
N GLY A 597 56.44 18.74 31.22
CA GLY A 597 55.01 18.91 31.17
C GLY A 597 54.60 20.37 31.31
N TRP A 598 55.32 21.12 32.14
CA TRP A 598 55.00 22.52 32.35
C TRP A 598 55.12 23.30 31.04
N HIS A 599 56.17 23.02 30.28
CA HIS A 599 56.34 23.66 28.99
C HIS A 599 55.21 23.30 28.04
N ASN A 600 54.82 22.03 28.01
CA ASN A 600 53.75 21.63 27.10
C ASN A 600 52.43 22.31 27.46
N MET A 601 52.15 22.43 28.76
CA MET A 601 50.94 23.15 29.16
C MET A 601 51.00 24.61 28.72
N LEU A 602 52.10 25.29 29.05
CA LEU A 602 52.22 26.69 28.71
C LEU A 602 52.21 26.93 27.21
N LYS A 603 52.57 25.91 26.42
CA LYS A 603 52.49 26.06 24.98
C LYS A 603 51.08 25.80 24.47
N THR A 604 50.39 24.83 25.06
CA THR A 604 49.04 24.51 24.59
C THR A 604 48.08 25.65 24.88
N VAL A 605 48.25 26.34 26.01
CA VAL A 605 47.40 27.50 26.25
C VAL A 605 47.72 28.59 25.23
N TYR A 606 48.98 28.72 24.84
CA TYR A 606 49.38 29.72 23.84
C TYR A 606 48.92 29.31 22.46
N SER A 607 47.62 29.20 22.24
CA SER A 607 47.16 28.81 20.92
C SER A 607 47.17 30.03 20.01
N ASP A 608 46.46 29.96 18.90
CA ASP A 608 46.40 31.04 17.92
C ASP A 608 45.64 32.21 18.55
N VAL A 609 46.38 33.26 18.92
CA VAL A 609 45.79 34.48 19.43
C VAL A 609 46.52 35.66 18.80
N GLU A 610 45.77 36.66 18.37
CA GLU A 610 46.31 37.69 17.49
C GLU A 610 47.12 38.72 18.25
N ASN A 611 46.57 39.25 19.33
CA ASN A 611 47.25 40.22 20.18
C ASN A 611 47.27 39.68 21.60
N PRO A 612 48.05 38.65 21.85
CA PRO A 612 47.94 37.92 23.11
C PRO A 612 48.28 38.79 24.31
N HIS A 613 47.55 38.56 25.39
CA HIS A 613 47.89 39.02 26.72
C HIS A 613 47.58 37.87 27.67
N LEU A 614 48.05 37.99 28.91
CA LEU A 614 47.74 37.02 29.94
C LEU A 614 47.00 37.71 31.07
N MET A 615 45.98 37.02 31.59
CA MET A 615 45.17 37.54 32.68
C MET A 615 44.90 36.42 33.68
N GLY A 616 45.01 36.75 34.96
CA GLY A 616 44.61 35.85 36.02
C GLY A 616 43.95 36.62 37.13
N TRP A 617 43.10 35.93 37.88
CA TRP A 617 42.28 36.60 38.88
C TRP A 617 42.24 35.74 40.14
N ASP A 618 41.32 36.10 41.04
CA ASP A 618 41.25 35.48 42.35
C ASP A 618 39.80 35.49 42.83
N TYR A 619 39.45 34.46 43.61
CA TYR A 619 38.13 34.33 44.22
C TYR A 619 38.27 34.54 45.71
N PRO A 620 37.83 35.66 46.27
CA PRO A 620 37.91 35.83 47.72
C PRO A 620 36.91 34.92 48.42
N LYS A 621 37.41 34.02 49.25
CA LYS A 621 36.59 33.10 50.03
C LYS A 621 35.70 32.25 49.12
N CYS A 622 36.36 31.44 48.29
CA CYS A 622 35.62 30.63 47.33
C CYS A 622 34.81 29.55 48.02
N ASP A 623 35.41 28.84 48.97
CA ASP A 623 34.74 27.68 49.55
C ASP A 623 33.70 28.07 50.58
N ARG A 624 33.84 29.22 51.21
CA ARG A 624 32.87 29.64 52.22
C ARG A 624 31.72 30.45 51.65
N ALA A 625 31.72 30.77 50.36
CA ALA A 625 30.72 31.71 49.86
C ALA A 625 30.13 31.34 48.50
N MET A 626 30.43 30.17 47.97
CA MET A 626 29.86 29.79 46.68
C MET A 626 28.36 29.57 46.84
N PRO A 627 27.52 30.25 46.05
CA PRO A 627 26.08 30.04 46.19
C PRO A 627 25.73 28.62 45.78
N ASN A 628 24.73 28.06 46.45
CA ASN A 628 24.47 26.63 46.30
C ASN A 628 23.71 26.29 45.02
N MET A 629 23.13 27.27 44.33
CA MET A 629 22.57 26.99 43.02
C MET A 629 23.64 26.51 42.06
N LEU A 630 24.79 27.19 42.06
CA LEU A 630 25.88 26.77 41.20
C LEU A 630 26.42 25.41 41.61
N ARG A 631 26.46 25.11 42.90
CA ARG A 631 26.91 23.79 43.32
C ARG A 631 25.97 22.70 42.82
N ILE A 632 24.66 22.94 42.89
CA ILE A 632 23.72 21.98 42.35
C ILE A 632 23.95 21.79 40.86
N MET A 633 24.13 22.89 40.13
CA MET A 633 24.31 22.76 38.69
C MET A 633 25.61 22.02 38.36
N ALA A 634 26.66 22.27 39.14
CA ALA A 634 27.92 21.56 38.93
C ALA A 634 27.75 20.08 39.15
N SER A 635 27.02 19.69 40.20
CA SER A 635 26.79 18.27 40.41
C SER A 635 25.88 17.68 39.33
N LEU A 636 25.08 18.52 38.68
CA LEU A 636 24.28 18.03 37.58
C LEU A 636 25.13 17.75 36.35
N VAL A 637 26.09 18.62 36.05
CA VAL A 637 26.88 18.47 34.83
C VAL A 637 27.67 17.17 34.85
N LEU A 638 28.27 16.84 35.99
CA LEU A 638 29.06 15.62 36.10
C LEU A 638 28.19 14.40 35.89
N ALA A 639 26.89 14.51 36.11
CA ALA A 639 26.01 13.35 36.02
C ALA A 639 25.41 13.17 34.64
N ARG A 640 25.75 14.04 33.68
CA ARG A 640 25.16 13.90 32.35
C ARG A 640 25.67 12.66 31.64
N LYS A 641 26.79 12.12 32.09
CA LYS A 641 27.39 10.96 31.43
C LYS A 641 26.57 9.70 31.66
N HIS A 642 25.77 9.68 32.72
CA HIS A 642 25.06 8.46 33.13
C HIS A 642 23.76 8.28 32.35
N THR A 643 23.81 8.40 31.03
CA THR A 643 22.58 8.34 30.26
C THR A 643 21.97 6.94 30.27
N THR A 644 22.82 5.91 30.24
CA THR A 644 22.33 4.54 30.11
C THR A 644 22.47 3.72 31.37
N CYS A 645 23.49 3.97 32.19
CA CYS A 645 23.70 3.16 33.38
C CYS A 645 22.65 3.40 34.45
N CYS A 646 21.83 4.45 34.35
CA CYS A 646 20.86 4.75 35.39
C CYS A 646 19.59 5.29 34.75
N SER A 647 18.49 5.12 35.46
CA SER A 647 17.19 5.61 35.04
C SER A 647 17.09 7.09 35.34
N LEU A 648 15.87 7.61 35.43
CA LEU A 648 15.69 9.01 35.79
C LEU A 648 15.60 9.19 37.31
N SER A 649 14.70 8.43 37.94
CA SER A 649 14.52 8.55 39.39
C SER A 649 15.80 8.20 40.12
N HIS A 650 16.57 7.23 39.61
CA HIS A 650 17.85 6.92 40.22
C HIS A 650 18.77 8.13 40.20
N ARG A 651 18.81 8.85 39.08
CA ARG A 651 19.63 10.05 39.02
C ARG A 651 19.17 11.07 40.05
N PHE A 652 17.85 11.27 40.15
CA PHE A 652 17.38 12.26 41.10
C PHE A 652 17.75 11.88 42.53
N TYR A 653 17.62 10.60 42.87
CA TYR A 653 17.91 10.21 44.24
C TYR A 653 19.40 10.27 44.53
N ARG A 654 20.25 10.01 43.55
CA ARG A 654 21.68 10.20 43.77
C ARG A 654 22.00 11.66 44.00
N LEU A 655 21.36 12.55 43.23
CA LEU A 655 21.58 13.98 43.45
C LEU A 655 21.11 14.41 44.84
N ALA A 656 19.96 13.90 45.28
CA ALA A 656 19.46 14.25 46.59
C ALA A 656 20.40 13.75 47.69
N ASN A 657 20.94 12.54 47.53
CA ASN A 657 21.91 12.05 48.49
C ASN A 657 23.13 12.95 48.54
N GLU A 658 23.58 13.39 47.37
CA GLU A 658 24.77 14.25 47.33
C GLU A 658 24.52 15.56 48.07
N CYS A 659 23.36 16.17 47.83
CA CYS A 659 23.04 17.41 48.54
C CYS A 659 22.88 17.20 50.03
N ALA A 660 22.34 16.06 50.44
CA ALA A 660 22.15 15.81 51.86
C ALA A 660 23.44 15.45 52.57
N GLN A 661 24.44 14.99 51.83
CA GLN A 661 25.66 14.52 52.47
C GLN A 661 26.78 15.54 52.43
N VAL A 662 26.93 16.30 51.35
CA VAL A 662 28.06 17.20 51.20
C VAL A 662 27.66 18.67 51.19
N LEU A 663 26.51 19.03 50.65
CA LEU A 663 26.18 20.45 50.46
C LEU A 663 25.74 21.10 51.76
N SER A 664 24.67 20.60 52.38
CA SER A 664 24.10 21.22 53.56
C SER A 664 23.71 20.15 54.55
N GLU A 665 24.51 19.94 55.57
CA GLU A 665 24.28 18.85 56.52
C GLU A 665 24.90 19.22 57.85
N MET A 666 25.00 18.24 58.75
CA MET A 666 25.28 18.48 60.15
C MET A 666 26.76 18.39 60.43
N VAL A 667 27.35 19.46 60.92
CA VAL A 667 28.78 19.54 61.17
C VAL A 667 29.01 19.35 62.66
N MET A 668 29.84 18.39 63.03
CA MET A 668 30.16 18.18 64.44
C MET A 668 31.45 18.92 64.73
N CYS A 669 31.35 20.06 65.40
CA CYS A 669 32.50 20.89 65.71
C CYS A 669 32.64 21.02 67.21
N GLY A 670 33.84 20.77 67.70
CA GLY A 670 34.02 20.70 69.14
C GLY A 670 33.38 19.45 69.70
N GLY A 671 32.26 19.62 70.40
CA GLY A 671 31.56 18.47 70.94
C GLY A 671 30.07 18.55 70.76
N SER A 672 29.62 19.22 69.70
CA SER A 672 28.20 19.46 69.47
C SER A 672 27.91 19.37 67.98
N LEU A 673 26.64 19.46 67.63
CA LEU A 673 26.22 19.47 66.24
C LEU A 673 25.88 20.90 65.82
N TYR A 674 25.95 21.15 64.52
CA TYR A 674 25.57 22.43 63.97
C TYR A 674 24.90 22.18 62.63
N VAL A 675 24.65 23.24 61.88
CA VAL A 675 24.06 23.13 60.56
C VAL A 675 24.91 23.93 59.59
N LYS A 676 25.36 23.28 58.53
CA LYS A 676 26.19 23.95 57.54
C LYS A 676 25.29 24.58 56.49
N PRO A 677 25.22 25.91 56.41
CA PRO A 677 24.30 26.53 55.45
C PRO A 677 24.59 26.18 54.00
N GLY A 678 25.86 26.03 53.63
CA GLY A 678 26.17 25.74 52.24
C GLY A 678 27.67 25.82 52.00
N GLY A 679 28.03 25.95 50.73
CA GLY A 679 29.43 25.97 50.36
C GLY A 679 30.08 24.61 50.45
N THR A 680 31.09 24.37 49.63
CA THR A 680 31.68 23.04 49.54
C THR A 680 32.47 22.69 50.80
N SER A 681 32.52 21.39 51.08
CA SER A 681 33.39 20.88 52.12
C SER A 681 34.77 20.66 51.52
N SER A 682 35.64 19.97 52.25
CA SER A 682 37.00 19.77 51.75
C SER A 682 37.40 18.31 51.77
N GLY A 683 36.75 17.50 52.60
CA GLY A 683 37.19 16.14 52.78
C GLY A 683 36.58 15.14 51.82
N ASP A 684 35.73 15.60 50.91
CA ASP A 684 35.16 14.69 49.94
C ASP A 684 36.05 14.57 48.71
N ALA A 685 35.63 13.77 47.73
CA ALA A 685 36.51 13.40 46.63
C ALA A 685 36.27 14.17 45.35
N THR A 686 35.16 14.88 45.23
CA THR A 686 34.84 15.59 44.00
C THR A 686 34.88 17.10 44.18
N THR A 687 35.64 17.61 45.14
CA THR A 687 35.72 19.06 45.33
C THR A 687 36.45 19.72 44.17
N ALA A 688 37.56 19.13 43.73
CA ALA A 688 38.37 19.79 42.70
C ALA A 688 37.60 19.92 41.40
N TYR A 689 36.94 18.86 40.96
CA TYR A 689 36.21 18.90 39.71
C TYR A 689 35.03 19.85 39.79
N ALA A 690 34.32 19.86 40.91
CA ALA A 690 33.22 20.80 41.08
C ALA A 690 33.71 22.24 41.03
N ASN A 691 34.83 22.54 41.71
CA ASN A 691 35.36 23.89 41.66
C ASN A 691 35.76 24.28 40.25
N SER A 692 36.36 23.36 39.50
CA SER A 692 36.75 23.68 38.13
C SER A 692 35.52 24.00 37.28
N VAL A 693 34.46 23.22 37.42
CA VAL A 693 33.26 23.50 36.64
C VAL A 693 32.68 24.86 37.01
N PHE A 694 32.64 25.17 38.30
CA PHE A 694 32.11 26.46 38.71
C PHE A 694 32.96 27.60 38.15
N ASN A 695 34.28 27.40 38.09
CA ASN A 695 35.16 28.41 37.51
C ASN A 695 34.85 28.65 36.04
N ILE A 696 34.70 27.57 35.28
CA ILE A 696 34.38 27.70 33.86
C ILE A 696 33.07 28.45 33.69
N CYS A 697 32.09 28.16 34.54
CA CYS A 697 30.80 28.83 34.43
C CYS A 697 30.93 30.32 34.69
N GLN A 698 31.71 30.71 35.71
CA GLN A 698 31.92 32.12 35.97
C GLN A 698 32.53 32.81 34.75
N ALA A 699 33.53 32.17 34.14
CA ALA A 699 34.20 32.79 33.00
C ALA A 699 33.24 32.97 31.83
N VAL A 700 32.49 31.92 31.48
CA VAL A 700 31.62 32.01 30.32
C VAL A 700 30.54 33.04 30.54
N THR A 701 29.98 33.11 31.75
CA THR A 701 28.95 34.11 31.98
C THR A 701 29.50 35.52 31.99
N ALA A 702 30.75 35.71 32.41
CA ALA A 702 31.34 37.04 32.28
C ALA A 702 31.47 37.43 30.81
N ASN A 703 31.87 36.48 29.96
CA ASN A 703 31.95 36.77 28.53
C ASN A 703 30.59 37.14 27.97
N VAL A 704 29.55 36.40 28.35
CA VAL A 704 28.21 36.69 27.82
C VAL A 704 27.74 38.06 28.28
N ASN A 705 27.97 38.40 29.54
CA ASN A 705 27.58 39.72 30.02
C ASN A 705 28.32 40.82 29.27
N ALA A 706 29.61 40.63 29.03
CA ALA A 706 30.39 41.68 28.36
C ALA A 706 29.92 41.91 26.93
N LEU A 707 29.62 40.83 26.21
CA LEU A 707 29.23 40.97 24.81
C LEU A 707 27.89 41.68 24.67
N LEU A 708 26.93 41.33 25.50
CA LEU A 708 25.59 41.90 25.35
C LEU A 708 25.45 43.24 25.92
N SER A 709 26.45 43.93 26.45
CA SER A 709 26.27 45.27 26.99
C SER A 709 27.07 46.28 26.20
N THR A 710 27.06 46.13 24.88
CA THR A 710 27.77 47.05 23.99
C THR A 710 26.84 47.48 22.87
N ASP A 711 26.84 48.77 22.57
CA ASP A 711 25.98 49.32 21.53
C ASP A 711 26.29 48.69 20.18
N GLY A 712 25.24 48.29 19.46
CA GLY A 712 25.41 47.69 18.17
C GLY A 712 25.61 48.65 17.02
N ASN A 713 25.58 49.96 17.27
CA ASN A 713 25.77 50.96 16.25
C ASN A 713 27.23 51.35 16.06
N LYS A 714 28.13 50.76 16.85
CA LYS A 714 29.56 51.01 16.61
C LYS A 714 30.39 49.73 16.68
N ILE A 715 29.89 48.62 16.17
CA ILE A 715 30.65 47.39 16.17
C ILE A 715 31.40 47.25 14.85
N ALA A 716 32.36 46.32 14.84
CA ALA A 716 33.19 46.01 13.68
C ALA A 716 32.41 45.17 12.69
N ASP A 717 33.13 44.47 11.81
CA ASP A 717 32.56 43.66 10.74
C ASP A 717 31.30 42.89 11.14
N LYS A 718 30.37 42.77 10.20
CA LYS A 718 29.03 42.24 10.43
C LYS A 718 29.00 40.95 11.23
N TYR A 719 30.07 40.17 11.22
CA TYR A 719 30.04 38.86 11.86
C TYR A 719 29.70 38.95 13.35
N VAL A 720 30.44 39.77 14.08
CA VAL A 720 30.25 39.83 15.53
C VAL A 720 28.91 40.44 15.88
N ARG A 721 28.50 41.47 15.14
CA ARG A 721 27.22 42.11 15.43
C ARG A 721 26.05 41.18 15.15
N ASN A 722 26.14 40.43 14.05
CA ASN A 722 25.16 39.40 13.77
C ASN A 722 25.13 38.36 14.88
N LEU A 723 26.31 37.99 15.38
CA LEU A 723 26.39 37.02 16.45
C LEU A 723 25.70 37.54 17.71
N GLN A 724 25.90 38.81 18.05
CA GLN A 724 25.26 39.39 19.22
C GLN A 724 23.74 39.37 19.08
N HIS A 725 23.25 39.74 17.92
CA HIS A 725 21.82 39.69 17.66
C HIS A 725 21.27 38.28 17.88
N ARG A 726 21.91 37.30 17.23
CA ARG A 726 21.45 35.93 17.34
C ARG A 726 21.54 35.44 18.78
N LEU A 727 22.53 35.94 19.53
CA LEU A 727 22.70 35.55 20.92
C LEU A 727 21.53 36.00 21.78
N TYR A 728 21.17 37.28 21.67
CA TYR A 728 20.03 37.76 22.43
C TYR A 728 18.77 37.00 22.07
N GLU A 729 18.60 36.71 20.78
CA GLU A 729 17.44 35.90 20.40
C GLU A 729 17.45 34.55 21.09
N CYS A 730 18.55 33.81 20.95
CA CYS A 730 18.64 32.46 21.50
C CYS A 730 18.64 32.43 23.01
N LEU A 731 18.86 33.58 23.65
CA LEU A 731 18.81 33.67 25.10
C LEU A 731 17.41 33.97 25.62
N TYR A 732 16.80 35.09 25.22
CA TYR A 732 15.56 35.51 25.84
C TYR A 732 14.33 35.35 24.97
N ARG A 733 14.43 34.77 23.78
CA ARG A 733 13.28 34.61 22.92
C ARG A 733 12.97 33.16 22.59
N ASN A 734 13.97 32.40 22.15
CA ASN A 734 13.76 30.98 21.94
C ASN A 734 13.57 30.28 23.28
N ARG A 735 12.77 29.22 23.27
CA ARG A 735 12.46 28.47 24.48
C ARG A 735 13.34 27.25 24.67
N ASP A 736 13.56 26.47 23.62
CA ASP A 736 14.34 25.24 23.72
C ASP A 736 15.78 25.49 23.26
N VAL A 737 16.57 24.42 23.17
CA VAL A 737 17.99 24.51 22.89
C VAL A 737 18.20 24.57 21.38
N ASP A 738 19.29 25.22 20.97
CA ASP A 738 19.66 25.37 19.57
C ASP A 738 21.12 24.95 19.43
N THR A 739 21.35 23.75 18.90
CA THR A 739 22.68 23.14 18.97
C THR A 739 23.72 23.93 18.18
N ASP A 740 23.38 24.28 16.94
CA ASP A 740 24.37 24.85 16.04
C ASP A 740 24.91 26.16 16.56
N PHE A 741 24.04 27.02 17.09
CA PHE A 741 24.53 28.28 17.64
C PHE A 741 25.42 28.04 18.83
N VAL A 742 25.14 26.99 19.62
CA VAL A 742 26.01 26.65 20.73
C VAL A 742 27.39 26.27 20.22
N ASN A 743 27.44 25.45 19.18
CA ASN A 743 28.74 25.10 18.59
C ASN A 743 29.47 26.34 18.09
N GLU A 744 28.74 27.24 17.45
CA GLU A 744 29.36 28.45 16.91
C GLU A 744 29.95 29.30 18.04
N PHE A 745 29.20 29.50 19.12
CA PHE A 745 29.72 30.30 20.21
C PHE A 745 30.88 29.63 20.90
N TYR A 746 30.82 28.30 21.04
CA TYR A 746 31.94 27.58 21.64
C TYR A 746 33.20 27.74 20.81
N ALA A 747 33.09 27.64 19.49
CA ALA A 747 34.23 27.83 18.62
C ALA A 747 34.76 29.26 18.72
N TYR A 748 33.86 30.25 18.78
CA TYR A 748 34.30 31.63 18.92
C TYR A 748 35.11 31.81 20.20
N LEU A 749 34.61 31.25 21.30
CA LEU A 749 35.35 31.37 22.56
C LEU A 749 36.70 30.68 22.48
N ARG A 750 36.75 29.49 21.88
CA ARG A 750 38.03 28.83 21.69
C ARG A 750 38.98 29.69 20.87
N LYS A 751 38.45 30.43 19.90
CA LYS A 751 39.31 31.24 19.05
C LYS A 751 39.89 32.42 19.82
N HIS A 752 39.07 33.13 20.59
CA HIS A 752 39.52 34.39 21.17
C HIS A 752 39.59 34.36 22.69
N PHE A 753 39.53 33.19 23.31
CA PHE A 753 39.60 33.09 24.76
C PHE A 753 40.09 31.70 25.13
N SER A 754 41.34 31.60 25.55
CA SER A 754 41.93 30.31 25.91
C SER A 754 42.17 30.28 27.42
N MET A 755 41.79 29.17 28.04
CA MET A 755 41.90 29.02 29.49
C MET A 755 42.68 27.78 29.84
N MET A 756 43.41 27.84 30.93
CA MET A 756 43.97 26.67 31.59
C MET A 756 43.45 26.65 33.01
N ILE A 757 42.75 25.58 33.38
CA ILE A 757 41.90 25.56 34.56
C ILE A 757 42.32 24.43 35.48
N LEU A 758 42.73 24.77 36.69
CA LEU A 758 42.78 23.84 37.81
C LEU A 758 41.62 24.15 38.74
N SER A 759 41.61 23.49 39.89
CA SER A 759 40.62 23.85 40.91
C SER A 759 40.81 25.30 41.32
N ASP A 760 39.83 26.13 40.96
CA ASP A 760 39.71 27.55 41.27
C ASP A 760 40.97 28.38 41.03
N ASP A 761 41.81 27.96 40.07
CA ASP A 761 42.99 28.74 39.70
C ASP A 761 43.13 28.71 38.18
N ALA A 762 43.17 29.88 37.57
CA ALA A 762 43.02 29.98 36.11
C ALA A 762 44.07 30.90 35.53
N VAL A 763 44.39 30.65 34.26
CA VAL A 763 45.23 31.52 33.44
C VAL A 763 44.56 31.65 32.07
N VAL A 764 44.39 32.89 31.61
CA VAL A 764 43.63 33.17 30.40
C VAL A 764 44.49 33.95 29.42
N CYS A 765 44.54 33.49 28.18
CA CYS A 765 45.20 34.19 27.08
C CYS A 765 44.15 34.66 26.10
N PHE A 766 44.12 35.96 25.83
CA PHE A 766 43.00 36.54 25.10
C PHE A 766 43.49 37.59 24.10
N ASN A 767 42.70 37.77 23.05
CA ASN A 767 43.02 38.74 22.02
C ASN A 767 42.79 40.15 22.53
N SER A 768 43.86 40.95 22.59
CA SER A 768 43.80 42.23 23.28
C SER A 768 42.91 43.26 22.58
N THR A 769 42.98 43.33 21.26
CA THR A 769 42.23 44.37 20.55
C THR A 769 40.73 44.17 20.69
N TYR A 770 40.28 42.92 20.74
CA TYR A 770 38.86 42.67 21.00
C TYR A 770 38.47 43.20 22.36
N ALA A 771 39.25 42.86 23.39
CA ALA A 771 38.95 43.34 24.73
C ALA A 771 39.03 44.85 24.82
N SER A 772 39.72 45.49 23.88
CA SER A 772 39.69 46.95 23.83
C SER A 772 38.28 47.46 23.55
N GLN A 773 37.58 46.83 22.61
CA GLN A 773 36.23 47.22 22.25
C GLN A 773 35.16 46.51 23.07
N GLY A 774 35.55 45.73 24.07
CA GLY A 774 34.58 45.04 24.88
C GLY A 774 33.77 43.98 24.16
N LEU A 775 34.43 43.13 23.38
CA LEU A 775 33.77 41.95 22.82
C LEU A 775 34.26 40.65 23.43
N VAL A 776 35.14 40.71 24.42
CA VAL A 776 35.47 39.57 25.26
C VAL A 776 35.62 40.07 26.69
N ALA A 777 35.88 39.17 27.61
CA ALA A 777 35.87 39.53 29.03
C ALA A 777 37.04 40.43 29.38
N SER A 778 36.90 41.13 30.49
CA SER A 778 37.96 41.94 31.06
C SER A 778 37.67 42.09 32.55
N ILE A 779 38.71 42.38 33.32
CA ILE A 779 38.62 42.22 34.78
C ILE A 779 37.47 43.03 35.37
N LYS A 780 37.05 44.11 34.70
CA LYS A 780 35.88 44.82 35.19
C LYS A 780 34.62 43.97 35.05
N ASN A 781 34.51 43.20 33.97
CA ASN A 781 33.37 42.28 33.86
C ASN A 781 33.41 41.23 34.96
N PHE A 782 34.59 40.71 35.28
CA PHE A 782 34.67 39.74 36.36
C PHE A 782 34.27 40.36 37.68
N LYS A 783 34.69 41.60 37.94
CA LYS A 783 34.27 42.25 39.17
C LYS A 783 32.75 42.35 39.23
N SER A 784 32.12 42.71 38.11
CA SER A 784 30.67 42.85 38.10
C SER A 784 29.97 41.52 38.35
N VAL A 785 30.39 40.47 37.66
CA VAL A 785 29.75 39.17 37.83
C VAL A 785 29.92 38.67 39.26
N LEU A 786 31.11 38.80 39.82
CA LEU A 786 31.28 38.37 41.20
C LEU A 786 30.40 39.18 42.13
N TYR A 787 30.29 40.48 41.90
CA TYR A 787 29.52 41.30 42.83
C TYR A 787 28.06 40.89 42.85
N TYR A 788 27.47 40.61 41.69
CA TYR A 788 26.05 40.28 41.74
C TYR A 788 25.76 38.78 41.79
N GLN A 789 26.77 37.91 41.77
CA GLN A 789 26.50 36.48 41.75
C GLN A 789 27.22 35.70 42.83
N ASN A 790 28.09 36.32 43.61
CA ASN A 790 28.68 35.65 44.76
C ASN A 790 28.58 36.46 46.04
N ASN A 791 28.11 37.70 45.96
CA ASN A 791 28.04 38.59 47.11
C ASN A 791 29.42 38.86 47.70
N VAL A 792 30.46 38.91 46.86
CA VAL A 792 31.79 39.33 47.28
C VAL A 792 32.29 40.36 46.29
N PHE A 793 33.14 41.26 46.78
CA PHE A 793 33.73 42.31 45.97
C PHE A 793 35.22 42.03 45.82
N MET A 794 35.63 41.61 44.63
CA MET A 794 37.03 41.29 44.40
C MET A 794 37.77 42.56 44.07
N SER A 795 38.71 42.94 44.93
CA SER A 795 39.47 44.17 44.71
C SER A 795 40.50 43.93 43.61
N GLU A 796 40.56 44.84 42.64
CA GLU A 796 41.39 44.63 41.48
C GLU A 796 42.88 44.80 41.76
N ALA A 797 43.25 45.11 43.00
CA ALA A 797 44.65 45.09 43.37
C ALA A 797 45.21 43.67 43.47
N LYS A 798 44.36 42.66 43.40
CA LYS A 798 44.78 41.28 43.58
C LYS A 798 45.04 40.57 42.25
N CYS A 799 44.32 40.93 41.20
CA CYS A 799 44.53 40.32 39.90
C CYS A 799 45.79 40.88 39.25
N TRP A 800 46.28 40.18 38.22
CA TRP A 800 47.45 40.62 37.49
C TRP A 800 47.19 40.44 36.00
N THR A 801 47.90 41.22 35.20
CA THR A 801 47.78 41.16 33.75
C THR A 801 49.15 41.30 33.13
N GLU A 802 49.45 40.46 32.14
CA GLU A 802 50.75 40.41 31.51
C GLU A 802 50.61 40.64 30.02
N THR A 803 51.42 41.57 29.49
CA THR A 803 51.39 41.92 28.07
C THR A 803 52.47 41.20 27.28
N ASP A 804 53.65 41.02 27.87
CA ASP A 804 54.70 40.24 27.23
C ASP A 804 54.35 38.75 27.27
N LEU A 805 54.99 37.99 26.40
CA LEU A 805 54.84 36.54 26.42
C LEU A 805 56.15 35.77 26.53
N THR A 806 57.30 36.44 26.54
CA THR A 806 58.55 35.74 26.82
C THR A 806 58.47 35.19 28.23
N LYS A 807 58.45 36.09 29.21
CA LYS A 807 58.09 35.67 30.56
C LYS A 807 56.64 35.25 30.57
N GLY A 808 56.36 34.17 31.31
CA GLY A 808 55.04 33.59 31.29
C GLY A 808 54.14 34.16 32.36
N PRO A 809 53.24 33.33 32.88
CA PRO A 809 52.30 33.80 33.89
C PRO A 809 53.04 34.31 35.13
N HIS A 810 52.52 35.38 35.70
CA HIS A 810 53.19 35.98 36.85
C HIS A 810 53.21 35.03 38.04
N GLU A 811 52.17 34.23 38.19
CA GLU A 811 52.11 33.25 39.28
C GLU A 811 50.96 32.29 39.09
N PHE A 812 51.24 30.99 39.15
CA PHE A 812 50.21 29.99 38.92
C PHE A 812 50.55 28.76 39.75
N CYS A 813 49.65 28.38 40.65
CA CYS A 813 49.92 27.33 41.63
C CYS A 813 51.17 27.66 42.43
N SER A 814 51.35 28.94 42.74
CA SER A 814 52.50 29.43 43.50
C SER A 814 53.82 29.10 42.84
N GLN A 815 53.83 28.97 41.51
CA GLN A 815 55.06 28.75 40.76
C GLN A 815 55.27 29.89 39.77
N HIS A 816 56.36 30.60 39.95
CA HIS A 816 56.78 31.62 39.01
C HIS A 816 57.40 30.93 37.80
N THR A 817 57.21 31.48 36.61
CA THR A 817 57.74 30.88 35.40
C THR A 817 58.87 31.73 34.84
N MET A 818 59.96 31.06 34.47
CA MET A 818 61.11 31.70 33.83
C MET A 818 61.41 30.94 32.55
N LEU A 819 62.00 31.62 31.58
CA LEU A 819 62.36 31.01 30.30
C LEU A 819 63.88 30.98 30.19
N VAL A 820 64.44 29.77 30.15
CA VAL A 820 65.89 29.60 30.15
C VAL A 820 66.30 28.64 29.04
N LYS A 821 67.56 28.76 28.64
CA LYS A 821 68.14 27.99 27.54
C LYS A 821 68.60 26.64 28.07
N GLN A 822 67.92 25.57 27.66
CA GLN A 822 68.31 24.22 27.99
C GLN A 822 68.65 23.47 26.71
N GLY A 823 69.78 22.78 26.73
CA GLY A 823 70.22 22.08 25.54
C GLY A 823 70.58 23.04 24.42
N ASP A 824 69.73 23.08 23.40
CA ASP A 824 69.97 23.91 22.22
C ASP A 824 68.94 25.01 22.03
N ASP A 825 67.89 25.06 22.83
CA ASP A 825 66.81 26.02 22.63
C ASP A 825 66.34 26.50 23.99
N TYR A 826 65.20 27.19 24.01
CA TYR A 826 64.66 27.80 25.22
C TYR A 826 63.34 27.15 25.60
N VAL A 827 63.21 26.81 26.89
CA VAL A 827 62.02 26.18 27.42
C VAL A 827 61.63 26.87 28.72
N TYR A 828 60.41 26.59 29.17
CA TYR A 828 59.85 27.19 30.37
C TYR A 828 60.08 26.29 31.57
N LEU A 829 60.59 26.87 32.65
CA LEU A 829 60.85 26.11 33.86
C LEU A 829 60.22 26.79 35.07
N PRO A 830 59.42 26.08 35.83
CA PRO A 830 58.74 26.69 36.98
C PRO A 830 59.61 26.71 38.22
N TYR A 831 59.74 27.86 38.85
CA TYR A 831 60.54 27.84 40.06
C TYR A 831 59.77 28.38 41.25
N PRO A 832 60.04 27.89 42.45
CA PRO A 832 59.29 28.31 43.63
C PRO A 832 59.93 29.49 44.34
N ASP A 833 59.18 30.05 45.27
CA ASP A 833 59.70 31.11 46.11
C ASP A 833 60.80 30.56 47.03
N PRO A 834 61.87 31.30 47.24
CA PRO A 834 62.99 30.79 48.04
C PRO A 834 62.69 30.71 49.52
N SER A 835 61.97 31.71 50.02
CA SER A 835 61.68 31.78 51.45
C SER A 835 60.93 30.53 51.90
N ARG A 836 60.03 30.03 51.05
CA ARG A 836 59.27 28.85 51.43
C ARG A 836 60.18 27.63 51.57
N ILE A 837 61.12 27.46 50.64
CA ILE A 837 62.03 26.33 50.73
C ILE A 837 62.89 26.42 51.98
N LEU A 838 63.42 27.61 52.26
CA LEU A 838 64.25 27.76 53.46
C LEU A 838 63.45 27.51 54.72
N GLY A 839 62.21 28.01 54.78
CA GLY A 839 61.38 27.78 55.95
C GLY A 839 61.08 26.30 56.14
N ALA A 840 60.79 25.60 55.04
CA ALA A 840 60.57 24.16 55.14
C ALA A 840 61.81 23.45 55.63
N GLY A 841 62.99 23.98 55.28
CA GLY A 841 64.21 23.39 55.81
C GLY A 841 64.36 23.62 57.31
N CYS A 842 64.02 24.81 57.79
CA CYS A 842 64.33 25.20 59.16
C CYS A 842 63.31 24.72 60.18
N PHE A 843 62.03 25.00 59.95
CA PHE A 843 61.00 24.65 60.92
C PHE A 843 60.33 23.34 60.54
N VAL A 844 60.31 22.39 61.47
CA VAL A 844 59.66 21.10 61.25
C VAL A 844 58.96 20.65 62.52
N ASP A 845 58.35 19.47 62.46
CA ASP A 845 57.82 18.80 63.65
C ASP A 845 59.00 18.17 64.39
N ASP A 846 58.77 17.32 65.38
CA ASP A 846 59.88 16.73 66.11
C ASP A 846 60.31 15.42 65.46
N ILE A 847 61.61 15.12 65.58
CA ILE A 847 62.29 13.96 65.01
C ILE A 847 62.14 13.88 63.50
N VAL A 848 61.05 14.44 62.94
CA VAL A 848 60.88 14.42 61.50
C VAL A 848 62.08 15.06 60.84
N LYS A 849 62.54 16.18 61.38
CA LYS A 849 63.84 16.70 60.96
C LYS A 849 64.60 17.38 62.09
N THR A 850 64.36 17.04 63.36
CA THR A 850 65.12 17.66 64.43
C THR A 850 66.60 17.29 64.32
N ASP A 851 66.89 16.10 63.81
CA ASP A 851 68.27 15.70 63.51
C ASP A 851 68.25 15.00 62.16
N GLY A 852 68.84 15.64 61.15
CA GLY A 852 68.70 15.15 59.79
C GLY A 852 69.35 13.82 59.52
N THR A 853 70.37 13.46 60.32
CA THR A 853 71.09 12.22 60.05
C THR A 853 70.16 11.01 60.05
N LEU A 854 69.06 11.09 60.79
CA LEU A 854 68.12 9.97 60.88
C LEU A 854 67.30 9.82 59.60
N MET A 855 67.20 10.86 58.79
CA MET A 855 66.39 10.84 57.57
C MET A 855 66.95 11.87 56.60
N ILE A 856 67.48 11.42 55.47
CA ILE A 856 68.10 12.32 54.51
C ILE A 856 67.18 12.55 53.30
N GLU A 857 66.24 11.64 53.06
CA GLU A 857 65.40 11.74 51.88
C GLU A 857 64.60 13.04 51.84
N ARG A 858 64.39 13.67 52.99
CA ARG A 858 63.76 14.98 53.02
C ARG A 858 64.52 15.98 52.17
N PHE A 859 65.84 16.07 52.39
CA PHE A 859 66.63 17.09 51.71
C PHE A 859 66.86 16.73 50.25
N VAL A 860 66.80 15.45 49.91
CA VAL A 860 66.81 15.07 48.50
C VAL A 860 65.54 15.58 47.84
N SER A 861 64.40 15.40 48.49
CA SER A 861 63.14 15.81 47.87
C SER A 861 63.01 17.32 47.80
N LEU A 862 63.53 18.03 48.80
CA LEU A 862 63.48 19.48 48.76
C LEU A 862 64.34 20.03 47.63
N ALA A 863 65.55 19.47 47.46
CA ALA A 863 66.47 20.04 46.48
C ALA A 863 65.95 19.87 45.06
N ILE A 864 65.14 18.83 44.82
CA ILE A 864 64.59 18.63 43.48
C ILE A 864 63.75 19.82 43.07
N ASP A 865 63.02 20.42 44.01
CA ASP A 865 62.20 21.58 43.72
C ASP A 865 62.98 22.88 43.72
N ALA A 866 64.19 22.90 44.25
CA ALA A 866 64.98 24.12 44.27
C ALA A 866 65.98 24.20 43.13
N TYR A 867 65.99 23.22 42.23
CA TYR A 867 66.97 23.25 41.13
C TYR A 867 66.79 24.45 40.20
N PRO A 868 65.60 24.75 39.69
CA PRO A 868 65.48 25.90 38.77
C PRO A 868 65.84 27.23 39.38
N LEU A 869 66.16 27.28 40.68
CA LEU A 869 66.72 28.51 41.21
C LEU A 869 68.15 28.75 40.73
N THR A 870 68.76 27.78 40.06
CA THR A 870 70.12 27.95 39.55
C THR A 870 70.16 28.93 38.39
N LYS A 871 69.25 28.79 37.43
CA LYS A 871 69.31 29.58 36.21
C LYS A 871 68.87 31.02 36.43
N HIS A 872 68.41 31.32 37.61
CA HIS A 872 67.87 32.67 37.86
C HIS A 872 68.98 33.71 37.77
N PRO A 873 68.70 34.88 37.17
CA PRO A 873 69.73 35.91 37.02
C PRO A 873 70.34 36.34 38.35
N ASN A 874 69.52 36.69 39.33
CA ASN A 874 70.04 37.00 40.64
C ASN A 874 70.75 35.78 41.20
N GLN A 875 71.89 36.01 41.85
CA GLN A 875 72.77 34.91 42.21
C GLN A 875 72.48 34.30 43.58
N GLU A 876 71.67 34.96 44.42
CA GLU A 876 71.37 34.36 45.72
C GLU A 876 70.72 33.00 45.58
N TYR A 877 69.90 32.81 44.56
CA TYR A 877 69.12 31.59 44.46
C TYR A 877 70.01 30.39 44.11
N ALA A 878 70.99 30.60 43.23
CA ALA A 878 72.00 29.56 43.03
C ALA A 878 72.71 29.25 44.34
N ASP A 879 72.92 30.27 45.17
CA ASP A 879 73.53 30.03 46.47
C ASP A 879 72.65 29.15 47.34
N VAL A 880 71.34 29.34 47.28
CA VAL A 880 70.43 28.49 48.04
C VAL A 880 70.55 27.04 47.59
N PHE A 881 70.54 26.83 46.27
CA PHE A 881 70.63 25.46 45.76
C PHE A 881 71.94 24.80 46.18
N HIS A 882 73.05 25.54 46.08
CA HIS A 882 74.33 24.97 46.47
C HIS A 882 74.40 24.74 47.97
N LEU A 883 73.74 25.56 48.77
CA LEU A 883 73.67 25.31 50.20
C LEU A 883 73.00 23.97 50.45
N TYR A 884 71.91 23.69 49.73
CA TYR A 884 71.25 22.41 49.90
C TYR A 884 72.17 21.25 49.53
N LEU A 885 72.90 21.37 48.42
CA LEU A 885 73.78 20.28 48.02
C LEU A 885 74.89 20.05 49.05
N GLN A 886 75.51 21.13 49.52
CA GLN A 886 76.56 20.98 50.53
C GLN A 886 76.01 20.35 51.80
N TYR A 887 74.79 20.73 52.19
CA TYR A 887 74.23 20.16 53.41
C TYR A 887 73.96 18.67 53.24
N ILE A 888 73.44 18.26 52.08
CA ILE A 888 73.25 16.83 51.85
C ILE A 888 74.57 16.10 51.97
N ARG A 889 75.61 16.65 51.35
CA ARG A 889 76.93 16.02 51.42
C ARG A 889 77.39 15.88 52.87
N LYS A 890 77.28 16.96 53.65
CA LYS A 890 77.78 16.93 55.01
C LYS A 890 77.02 15.92 55.85
N LEU A 891 75.69 15.92 55.74
CA LEU A 891 74.89 14.95 56.49
C LEU A 891 75.29 13.53 56.15
N HIS A 892 75.42 13.26 54.85
CA HIS A 892 75.71 11.90 54.42
C HIS A 892 77.05 11.44 54.98
N ASP A 893 78.08 12.27 54.85
CA ASP A 893 79.41 11.85 55.28
C ASP A 893 79.50 11.73 56.80
N GLU A 894 78.81 12.62 57.55
CA GLU A 894 78.88 12.48 58.99
C GLU A 894 78.15 11.22 59.46
N LEU A 895 77.07 10.83 58.77
CA LEU A 895 76.45 9.55 59.07
C LEU A 895 77.43 8.41 58.79
N THR A 896 78.13 8.49 57.67
CA THR A 896 79.10 7.45 57.32
C THR A 896 80.15 7.30 58.40
N GLY A 897 80.67 8.41 58.87
CA GLY A 897 81.68 8.34 59.92
C GLY A 897 81.13 7.77 61.22
N HIS A 898 79.96 8.26 61.64
CA HIS A 898 79.36 7.77 62.88
C HIS A 898 79.15 6.27 62.84
N MET A 899 78.69 5.75 61.71
CA MET A 899 78.46 4.31 61.64
C MET A 899 79.74 3.50 61.46
N LEU A 900 80.72 4.02 60.74
CA LEU A 900 81.94 3.23 60.52
C LEU A 900 82.83 3.20 61.74
N ASP A 901 82.87 4.27 62.54
CA ASP A 901 83.78 4.31 63.66
C ASP A 901 83.23 3.61 64.90
N MET A 902 82.12 4.13 65.44
CA MET A 902 81.64 3.60 66.73
C MET A 902 80.95 2.26 66.54
N TYR A 903 80.26 2.05 65.42
CA TYR A 903 79.90 0.71 64.99
C TYR A 903 80.98 0.25 64.02
N SER A 904 80.77 -0.88 63.34
CA SER A 904 81.88 -1.48 62.62
C SER A 904 81.72 -1.46 61.11
N VAL A 905 80.61 -1.99 60.59
CA VAL A 905 80.56 -2.26 59.16
C VAL A 905 79.56 -1.34 58.47
N MET A 906 80.04 -0.67 57.43
CA MET A 906 79.16 0.19 56.65
C MET A 906 79.15 -0.07 55.15
N LEU A 907 80.33 -0.13 54.55
CA LEU A 907 80.46 0.29 53.16
C LEU A 907 81.15 -0.78 52.32
N THR A 908 80.56 -1.08 51.20
CA THR A 908 81.17 -1.87 50.15
C THR A 908 81.09 -1.18 48.80
N ASN A 909 80.00 -0.47 48.51
CA ASN A 909 79.83 0.34 47.31
C ASN A 909 79.12 1.64 47.68
N ASP A 910 79.54 2.73 47.05
CA ASP A 910 78.97 4.01 47.43
C ASP A 910 77.63 4.25 46.75
N ASN A 911 77.63 4.43 45.43
CA ASN A 911 76.43 4.63 44.63
C ASN A 911 75.63 5.85 45.09
N THR A 912 76.12 6.56 46.11
CA THR A 912 75.42 7.72 46.64
C THR A 912 76.10 9.02 46.29
N SER A 913 77.09 9.00 45.40
CA SER A 913 77.67 10.25 44.94
C SER A 913 76.61 11.10 44.26
N ARG A 914 75.77 10.45 43.44
CA ARG A 914 74.79 11.10 42.57
C ARG A 914 73.97 12.17 43.28
N TYR A 915 73.85 12.08 44.61
CA TYR A 915 73.02 13.03 45.34
C TYR A 915 73.74 14.31 45.66
N TRP A 916 74.93 14.54 45.10
CA TRP A 916 75.53 15.86 45.22
C TRP A 916 76.15 16.33 43.91
N GLU A 917 75.60 15.90 42.78
CA GLU A 917 75.98 16.51 41.53
C GLU A 917 74.74 16.88 40.73
N PRO A 918 74.71 18.05 40.12
CA PRO A 918 73.50 18.52 39.45
C PRO A 918 73.10 17.70 38.24
N GLU A 919 73.88 16.69 37.89
CA GLU A 919 73.53 15.86 36.73
C GLU A 919 72.27 15.05 36.99
N PHE A 920 72.10 14.55 38.21
CA PHE A 920 70.91 13.75 38.51
C PHE A 920 69.66 14.61 38.58
N TYR A 921 69.75 15.78 39.23
CA TYR A 921 68.58 16.65 39.37
C TYR A 921 68.10 17.15 38.02
N GLU A 922 69.03 17.53 37.15
CA GLU A 922 68.66 18.12 35.87
C GLU A 922 67.95 17.12 34.98
N ALA A 923 68.09 15.82 35.23
CA ALA A 923 67.37 14.84 34.43
C ALA A 923 65.86 14.96 34.65
N MET A 924 65.44 15.54 35.77
CA MET A 924 64.04 15.65 36.10
C MET A 924 63.27 16.53 35.13
N TYR A 925 63.93 17.51 34.52
CA TYR A 925 63.28 18.44 33.60
C TYR A 925 63.60 18.13 32.15
N THR A 926 64.34 17.07 31.87
CA THR A 926 64.67 16.72 30.51
C THR A 926 63.46 16.04 29.86
N PRO A 927 62.91 16.60 28.80
CA PRO A 927 61.66 16.07 28.26
C PRO A 927 61.78 14.70 27.64
N HIS A 928 62.19 13.71 28.42
CA HIS A 928 62.18 12.32 27.96
C HIS A 928 62.12 11.40 29.17
N THR A 929 61.00 10.70 29.31
CA THR A 929 60.84 9.70 30.36
C THR A 929 59.73 8.74 30.00
N PHE B 6 65.32 -30.78 48.70
CA PHE B 6 64.95 -32.05 48.11
C PHE B 6 66.06 -33.08 48.29
N SER B 7 65.86 -33.99 49.24
CA SER B 7 66.86 -35.01 49.52
C SER B 7 66.25 -36.39 49.80
N SER B 8 64.93 -36.54 49.67
CA SER B 8 64.26 -37.79 49.95
C SER B 8 63.29 -38.12 48.81
N LEU B 9 63.78 -37.96 47.58
CA LEU B 9 62.99 -38.13 46.38
C LEU B 9 63.48 -39.35 45.62
N PRO B 10 62.61 -39.98 44.80
CA PRO B 10 63.08 -41.13 44.00
C PRO B 10 64.26 -40.77 43.11
N SER B 11 64.23 -39.58 42.52
CA SER B 11 65.35 -39.13 41.71
C SER B 11 66.62 -38.98 42.54
N TYR B 12 66.48 -38.59 43.81
CA TYR B 12 67.64 -38.52 44.68
C TYR B 12 68.33 -39.88 44.79
N ALA B 13 67.55 -40.93 45.05
CA ALA B 13 68.13 -42.26 45.18
C ALA B 13 68.70 -42.76 43.86
N ALA B 14 67.99 -42.53 42.76
CA ALA B 14 68.48 -43.01 41.47
C ALA B 14 69.76 -42.29 41.06
N PHE B 15 69.84 -40.98 41.30
CA PHE B 15 71.07 -40.25 41.06
C PHE B 15 72.18 -40.71 42.00
N ALA B 16 71.84 -41.05 43.24
CA ALA B 16 72.84 -41.55 44.17
C ALA B 16 73.44 -42.86 43.69
N THR B 17 72.61 -43.78 43.22
CA THR B 17 73.14 -45.05 42.73
C THR B 17 73.87 -44.88 41.40
N ALA B 18 73.42 -43.95 40.56
CA ALA B 18 74.17 -43.63 39.35
C ALA B 18 75.56 -43.10 39.69
N GLN B 19 75.65 -42.23 40.69
CA GLN B 19 76.95 -41.73 41.13
C GLN B 19 77.80 -42.83 41.74
N GLU B 20 77.18 -43.74 42.49
CA GLU B 20 77.92 -44.88 43.04
C GLU B 20 78.53 -45.71 41.92
N ALA B 21 77.73 -46.00 40.89
CA ALA B 21 78.24 -46.75 39.75
C ALA B 21 79.34 -45.99 39.02
N TYR B 22 79.15 -44.68 38.83
CA TYR B 22 80.14 -43.88 38.13
C TYR B 22 81.46 -43.86 38.87
N GLU B 23 81.43 -43.63 40.18
CA GLU B 23 82.66 -43.60 40.96
C GLU B 23 83.30 -44.98 41.05
N GLN B 24 82.48 -46.04 41.14
CA GLN B 24 83.03 -47.38 41.19
C GLN B 24 83.76 -47.72 39.90
N ALA B 25 83.16 -47.42 38.76
CA ALA B 25 83.81 -47.69 37.49
C ALA B 25 84.97 -46.74 37.21
N VAL B 26 84.96 -45.54 37.78
CA VAL B 26 86.11 -44.66 37.65
C VAL B 26 87.28 -45.18 38.46
N ALA B 27 87.02 -45.62 39.71
CA ALA B 27 88.08 -46.21 40.52
C ALA B 27 88.55 -47.53 39.92
N ASN B 28 87.68 -48.23 39.19
CA ASN B 28 88.10 -49.47 38.53
C ASN B 28 88.99 -49.18 37.32
N GLY B 29 88.77 -48.05 36.65
CA GLY B 29 89.54 -47.73 35.47
C GLY B 29 89.23 -48.63 34.30
N ASP B 30 87.97 -48.62 33.84
CA ASP B 30 87.54 -49.47 32.75
C ASP B 30 87.73 -48.78 31.40
N SER B 31 87.13 -49.33 30.36
CA SER B 31 87.28 -48.80 29.01
C SER B 31 86.62 -47.43 28.89
N GLU B 32 86.96 -46.73 27.80
CA GLU B 32 86.35 -45.43 27.54
C GLU B 32 84.86 -45.55 27.26
N VAL B 33 84.42 -46.68 26.73
CA VAL B 33 82.99 -46.89 26.54
C VAL B 33 82.28 -46.95 27.88
N VAL B 34 82.92 -47.55 28.89
CA VAL B 34 82.35 -47.53 30.23
C VAL B 34 82.26 -46.10 30.74
N LEU B 35 83.27 -45.28 30.44
CA LEU B 35 83.22 -43.87 30.83
C LEU B 35 82.06 -43.16 30.15
N LYS B 36 81.82 -43.46 28.87
CA LYS B 36 80.67 -42.87 28.17
C LYS B 36 79.36 -43.31 28.80
N LYS B 37 79.27 -44.59 29.19
CA LYS B 37 78.07 -45.07 29.87
C LYS B 37 77.88 -44.35 31.20
N LEU B 38 78.96 -44.14 31.95
CA LEU B 38 78.87 -43.40 33.20
C LEU B 38 78.40 -41.97 32.97
N LYS B 39 78.93 -41.32 31.93
CA LYS B 39 78.52 -39.96 31.62
C LYS B 39 77.05 -39.90 31.26
N LYS B 40 76.58 -40.85 30.45
CA LYS B 40 75.17 -40.89 30.09
C LYS B 40 74.29 -41.12 31.32
N SER B 41 74.69 -42.04 32.20
CA SER B 41 73.93 -42.29 33.42
C SER B 41 73.90 -41.05 34.30
N LEU B 42 75.04 -40.38 34.45
CA LEU B 42 75.11 -39.16 35.25
C LEU B 42 74.21 -38.08 34.67
N ASN B 43 74.17 -38.00 33.37
CA ASN B 43 73.42 -36.95 32.77
C ASN B 43 71.92 -37.19 32.84
N VAL B 44 71.50 -38.41 32.68
CA VAL B 44 70.08 -38.71 32.84
C VAL B 44 69.68 -38.62 34.30
N ALA B 45 70.59 -38.92 35.23
CA ALA B 45 70.30 -38.73 36.64
C ALA B 45 70.14 -37.26 36.97
N LYS B 46 70.95 -36.40 36.35
CA LYS B 46 70.78 -34.96 36.53
C LYS B 46 69.42 -34.50 36.02
N SER B 47 69.05 -34.89 34.81
CA SER B 47 67.75 -34.44 34.36
C SER B 47 66.62 -34.99 35.24
N GLU B 48 66.66 -36.27 35.62
CA GLU B 48 65.64 -36.79 36.51
C GLU B 48 65.60 -36.04 37.84
N PHE B 49 66.78 -35.63 38.33
CA PHE B 49 66.85 -34.88 39.57
C PHE B 49 66.34 -33.46 39.42
N ASP B 50 66.31 -32.95 38.19
CA ASP B 50 65.90 -31.56 37.98
C ASP B 50 64.47 -31.30 38.41
N ARG B 51 63.51 -31.93 37.73
CA ARG B 51 62.10 -31.67 38.02
C ARG B 51 61.74 -32.06 39.45
N ASP B 52 62.27 -33.19 39.92
CA ASP B 52 61.98 -33.62 41.29
C ASP B 52 62.61 -32.70 42.33
N ALA B 53 63.48 -31.79 41.93
CA ALA B 53 64.04 -30.78 42.83
C ALA B 53 63.68 -29.37 42.39
N ALA B 54 62.75 -29.23 41.44
CA ALA B 54 62.31 -27.92 41.01
C ALA B 54 60.81 -27.78 41.16
N MET B 55 60.08 -28.84 40.84
CA MET B 55 58.62 -28.77 40.89
C MET B 55 58.12 -28.66 42.32
N GLN B 56 58.70 -29.45 43.24
CA GLN B 56 58.26 -29.38 44.64
C GLN B 56 58.55 -28.01 45.23
N ARG B 57 59.70 -27.42 44.90
CA ARG B 57 59.99 -26.06 45.34
C ARG B 57 59.00 -25.07 44.76
N LYS B 58 58.59 -25.28 43.51
CA LYS B 58 57.60 -24.40 42.90
C LYS B 58 56.26 -24.50 43.61
N LEU B 59 55.89 -25.71 44.05
CA LEU B 59 54.62 -25.84 44.76
C LEU B 59 54.70 -25.32 46.18
N GLU B 60 55.90 -25.35 46.78
CA GLU B 60 56.04 -24.89 48.16
C GLU B 60 55.59 -23.45 48.32
N LYS B 61 56.04 -22.58 47.42
CA LYS B 61 55.74 -21.16 47.57
C LYS B 61 54.24 -20.90 47.43
N MET B 62 53.59 -21.57 46.48
CA MET B 62 52.16 -21.33 46.30
C MET B 62 51.37 -21.87 47.49
N ALA B 63 51.78 -23.01 48.05
CA ALA B 63 51.12 -23.51 49.25
C ALA B 63 51.27 -22.51 50.40
N ASP B 64 52.48 -21.99 50.59
CA ASP B 64 52.71 -21.05 51.69
C ASP B 64 51.90 -19.77 51.51
N GLN B 65 51.86 -19.23 50.29
CA GLN B 65 51.12 -18.00 50.10
C GLN B 65 49.62 -18.23 50.27
N ALA B 66 49.15 -19.41 49.88
CA ALA B 66 47.75 -19.74 50.12
C ALA B 66 47.46 -19.76 51.62
N MET B 67 48.37 -20.34 52.39
CA MET B 67 48.24 -20.30 53.85
C MET B 67 48.15 -18.87 54.36
N THR B 68 49.02 -17.99 53.86
CA THR B 68 49.02 -16.61 54.37
C THR B 68 47.73 -15.89 54.03
N GLN B 69 47.29 -15.98 52.77
CA GLN B 69 46.03 -15.35 52.37
C GLN B 69 44.86 -15.87 53.18
N MET B 70 44.84 -17.18 53.40
CA MET B 70 43.72 -17.79 54.10
C MET B 70 43.71 -17.43 55.60
N TYR B 71 44.88 -17.33 56.23
CA TYR B 71 44.93 -16.80 57.59
C TYR B 71 44.40 -15.38 57.64
N LYS B 72 44.79 -14.56 56.65
CA LYS B 72 44.30 -13.19 56.62
C LYS B 72 42.78 -13.15 56.54
N GLN B 73 42.19 -14.03 55.74
CA GLN B 73 40.74 -14.06 55.65
C GLN B 73 40.10 -14.40 56.98
N ALA B 74 40.65 -15.39 57.69
CA ALA B 74 40.10 -15.72 59.00
C ALA B 74 40.16 -14.53 59.95
N ARG B 75 41.28 -13.82 59.95
CA ARG B 75 41.42 -12.64 60.80
C ARG B 75 40.35 -11.60 60.45
N SER B 76 40.11 -11.42 59.16
CA SER B 76 39.09 -10.49 58.71
C SER B 76 37.73 -10.83 59.30
N GLU B 77 37.37 -12.12 59.27
CA GLU B 77 36.08 -12.52 59.82
C GLU B 77 35.99 -12.20 61.31
N ASP B 78 37.06 -12.48 62.06
CA ASP B 78 37.01 -12.18 63.49
C ASP B 78 36.80 -10.68 63.75
N LYS B 79 37.53 -9.84 63.02
CA LYS B 79 37.37 -8.39 63.23
C LYS B 79 35.95 -7.95 62.89
N ARG B 80 35.38 -8.51 61.83
CA ARG B 80 34.01 -8.18 61.47
C ARG B 80 33.05 -8.47 62.62
N ALA B 81 33.20 -9.65 63.22
CA ALA B 81 32.31 -10.00 64.34
C ALA B 81 32.45 -9.01 65.49
N LYS B 82 33.69 -8.66 65.83
CA LYS B 82 33.89 -7.75 66.95
C LYS B 82 33.21 -6.40 66.69
N VAL B 83 33.38 -5.85 65.50
CA VAL B 83 32.81 -4.53 65.24
C VAL B 83 31.29 -4.60 65.23
N THR B 84 30.71 -5.69 64.72
CA THR B 84 29.26 -5.79 64.72
C THR B 84 28.71 -5.79 66.13
N SER B 85 29.33 -6.57 67.02
CA SER B 85 28.86 -6.58 68.40
C SER B 85 28.97 -5.18 69.02
N ALA B 86 30.09 -4.50 68.76
CA ALA B 86 30.26 -3.17 69.35
C ALA B 86 29.19 -2.19 68.87
N MET B 87 28.90 -2.20 67.57
CA MET B 87 27.91 -1.27 67.04
C MET B 87 26.55 -1.52 67.66
N GLN B 88 26.12 -2.78 67.72
CA GLN B 88 24.77 -3.02 68.22
C GLN B 88 24.67 -2.73 69.71
N THR B 89 25.72 -3.03 70.48
CA THR B 89 25.64 -2.71 71.90
C THR B 89 25.62 -1.20 72.12
N MET B 90 26.31 -0.43 71.28
CA MET B 90 26.23 1.02 71.41
C MET B 90 24.83 1.52 71.12
N LEU B 91 24.20 1.00 70.06
CA LEU B 91 22.83 1.42 69.76
C LEU B 91 21.92 1.17 70.95
N PHE B 92 21.96 -0.06 71.49
CA PHE B 92 21.02 -0.41 72.54
C PHE B 92 21.31 0.34 73.82
N THR B 93 22.58 0.61 74.13
CA THR B 93 22.85 1.37 75.35
C THR B 93 22.54 2.84 75.18
N MET B 94 22.52 3.35 73.94
CA MET B 94 22.19 4.75 73.75
C MET B 94 20.70 5.02 73.78
N LEU B 95 19.89 4.11 73.23
CA LEU B 95 18.48 4.41 73.09
C LEU B 95 17.74 4.49 74.43
N ARG B 96 18.30 3.90 75.49
CA ARG B 96 17.51 3.70 76.70
C ARG B 96 17.57 4.89 77.65
N LYS B 97 17.93 6.07 77.13
CA LYS B 97 17.92 7.26 77.97
C LYS B 97 17.16 8.39 77.31
N LEU B 98 16.11 8.07 76.56
CA LEU B 98 15.35 9.11 75.87
C LEU B 98 13.85 9.00 76.07
N ASP B 99 13.30 7.81 76.32
CA ASP B 99 11.87 7.59 76.18
C ASP B 99 11.12 8.36 77.25
N ASN B 100 11.10 9.68 77.09
CA ASN B 100 10.15 10.49 77.81
C ASN B 100 8.79 10.37 77.13
N ASP B 101 7.73 10.40 77.92
CA ASP B 101 6.39 10.34 77.34
C ASP B 101 6.07 11.57 76.52
N ALA B 102 6.83 12.65 76.68
CA ALA B 102 6.67 13.79 75.80
C ALA B 102 6.93 13.41 74.35
N LEU B 103 7.84 12.46 74.12
CA LEU B 103 8.09 12.00 72.77
C LEU B 103 6.85 11.35 72.17
N ASN B 104 6.20 10.46 72.93
CA ASN B 104 4.97 9.85 72.44
C ASN B 104 3.89 10.91 72.22
N ASN B 105 3.81 11.88 73.13
CA ASN B 105 2.78 12.91 72.99
C ASN B 105 2.94 13.67 71.68
N ILE B 106 4.14 14.19 71.42
CA ILE B 106 4.32 14.98 70.22
C ILE B 106 4.37 14.13 68.96
N ILE B 107 4.66 12.84 69.07
CA ILE B 107 4.59 11.99 67.89
C ILE B 107 3.14 11.72 67.52
N ASN B 108 2.31 11.41 68.51
CA ASN B 108 0.90 11.14 68.23
C ASN B 108 0.18 12.37 67.73
N ASN B 109 0.48 13.53 68.32
CA ASN B 109 -0.21 14.75 67.90
C ASN B 109 0.10 15.09 66.44
N ALA B 110 1.20 14.58 65.92
CA ALA B 110 1.55 14.83 64.53
C ALA B 110 0.58 14.12 63.61
N ARG B 111 0.52 14.59 62.37
CA ARG B 111 -0.50 14.13 61.45
C ARG B 111 -0.24 12.73 60.90
N ASP B 112 1.01 12.33 60.73
CA ASP B 112 1.28 11.00 60.23
C ASP B 112 2.38 10.30 61.02
N GLY B 113 3.15 11.06 61.79
CA GLY B 113 4.26 10.49 62.51
C GLY B 113 5.56 11.20 62.20
N CYS B 114 5.77 11.57 60.93
CA CYS B 114 7.00 12.23 60.56
C CYS B 114 7.01 13.66 61.10
N VAL B 115 8.00 13.98 61.93
CA VAL B 115 8.18 15.34 62.43
C VAL B 115 9.61 15.78 62.15
N PRO B 116 9.90 17.05 61.97
CA PRO B 116 11.26 17.48 61.69
C PRO B 116 12.17 17.19 62.87
N LEU B 117 13.45 16.96 62.56
CA LEU B 117 14.37 16.56 63.62
C LEU B 117 14.68 17.72 64.56
N ASN B 118 14.75 18.94 64.04
CA ASN B 118 15.27 20.04 64.84
C ASN B 118 14.38 20.39 66.03
N ILE B 119 13.17 19.86 66.11
CA ILE B 119 12.31 20.19 67.23
C ILE B 119 12.33 19.17 68.36
N ILE B 120 12.82 17.95 68.11
CA ILE B 120 12.79 16.93 69.14
C ILE B 120 13.59 17.36 70.36
N PRO B 121 14.86 17.76 70.22
CA PRO B 121 15.55 18.29 71.39
C PRO B 121 15.02 19.63 71.82
N LEU B 122 14.17 20.26 71.02
CA LEU B 122 13.62 21.54 71.42
C LEU B 122 12.48 21.37 72.42
N THR B 123 11.77 20.26 72.39
CA THR B 123 10.64 20.04 73.27
C THR B 123 10.87 18.94 74.30
N THR B 124 11.45 17.81 73.91
CA THR B 124 11.57 16.71 74.85
C THR B 124 12.89 16.68 75.61
N ALA B 125 13.75 17.66 75.41
CA ALA B 125 15.04 17.64 76.10
C ALA B 125 14.85 17.85 77.59
N ALA B 126 15.74 17.24 78.37
CA ALA B 126 15.65 17.30 79.82
C ALA B 126 16.71 18.20 80.45
N LYS B 127 17.68 18.68 79.69
CA LYS B 127 18.73 19.52 80.22
C LYS B 127 19.23 20.47 79.14
N LEU B 128 19.52 21.70 79.53
CA LEU B 128 19.95 22.73 78.60
C LEU B 128 21.35 23.18 78.95
N MET B 129 22.19 23.40 77.94
CA MET B 129 23.53 23.91 78.11
C MET B 129 23.66 25.21 77.34
N VAL B 130 24.20 26.24 77.98
CA VAL B 130 24.31 27.56 77.38
C VAL B 130 25.76 28.00 77.47
N VAL B 131 26.31 28.44 76.35
CA VAL B 131 27.68 28.95 76.29
C VAL B 131 27.63 30.45 76.07
N ILE B 132 28.44 31.18 76.82
CA ILE B 132 28.32 32.64 76.86
C ILE B 132 29.65 33.31 76.58
N PRO B 133 29.70 34.30 75.69
CA PRO B 133 30.98 34.94 75.35
C PRO B 133 31.52 35.88 76.40
N ASP B 134 30.66 36.69 77.02
CA ASP B 134 31.14 37.69 77.97
C ASP B 134 30.05 38.04 78.98
N TYR B 135 30.30 39.05 79.80
CA TYR B 135 29.32 39.42 80.82
C TYR B 135 28.13 40.17 80.23
N ASN B 136 28.36 41.04 79.26
CA ASN B 136 27.27 41.85 78.73
C ASN B 136 26.17 40.96 78.15
N THR B 137 26.56 39.93 77.41
CA THR B 137 25.58 38.96 76.94
C THR B 137 24.95 38.20 78.09
N TYR B 138 25.71 37.96 79.15
CA TYR B 138 25.17 37.20 80.27
C TYR B 138 24.03 37.95 80.93
N LYS B 139 24.03 39.27 80.85
CA LYS B 139 23.00 40.07 81.49
C LYS B 139 21.62 39.80 80.91
N ASN B 140 21.43 40.16 79.65
CA ASN B 140 20.13 40.01 79.00
C ASN B 140 19.90 38.61 78.45
N THR B 141 20.09 37.59 79.29
CA THR B 141 19.81 36.22 78.92
C THR B 141 19.45 35.41 80.16
N CYS B 142 20.38 34.61 80.64
CA CYS B 142 20.15 33.78 81.83
C CYS B 142 20.54 34.59 83.07
N ASP B 143 19.64 35.48 83.47
CA ASP B 143 19.85 36.31 84.63
C ASP B 143 19.03 35.77 85.80
N GLY B 144 19.66 35.75 86.97
CA GLY B 144 19.02 35.23 88.16
C GLY B 144 19.10 33.72 88.24
N THR B 145 18.45 33.18 89.27
CA THR B 145 18.48 31.74 89.46
C THR B 145 17.68 30.99 88.40
N THR B 146 16.76 31.67 87.71
CA THR B 146 15.97 31.00 86.70
C THR B 146 15.66 31.97 85.57
N PHE B 147 15.31 31.42 84.41
CA PHE B 147 15.05 32.21 83.21
C PHE B 147 14.17 31.37 82.29
N THR B 148 13.82 31.95 81.14
CA THR B 148 12.97 31.26 80.19
C THR B 148 13.59 31.30 78.80
N TYR B 149 13.30 30.27 78.02
CA TYR B 149 13.80 30.14 76.66
C TYR B 149 13.06 29.00 75.99
N ALA B 150 12.60 29.23 74.76
CA ALA B 150 11.82 28.25 74.00
C ALA B 150 10.53 27.87 74.73
N SER B 151 9.89 28.84 75.37
CA SER B 151 8.56 28.68 75.99
C SER B 151 8.58 27.62 77.08
N ALA B 152 9.47 27.83 78.06
CA ALA B 152 9.56 26.95 79.22
C ALA B 152 10.36 27.68 80.28
N LEU B 153 10.38 27.12 81.47
CA LEU B 153 11.14 27.68 82.59
C LEU B 153 12.34 26.80 82.90
N TRP B 154 13.50 27.42 83.02
CA TRP B 154 14.75 26.74 83.32
C TRP B 154 15.34 27.38 84.57
N GLU B 155 15.82 26.56 85.50
CA GLU B 155 16.52 27.05 86.67
C GLU B 155 17.98 26.66 86.60
N ILE B 156 18.87 27.62 86.83
CA ILE B 156 20.31 27.39 86.77
C ILE B 156 20.68 26.39 87.85
N GLN B 157 21.53 25.44 87.51
CA GLN B 157 22.10 24.51 88.48
C GLN B 157 23.54 24.24 88.04
N GLN B 158 24.51 24.80 88.76
CA GLN B 158 25.93 24.65 88.51
C GLN B 158 26.39 25.48 87.32
N VAL B 159 27.51 26.18 87.48
CA VAL B 159 28.11 27.00 86.42
C VAL B 159 29.62 26.77 86.44
N VAL B 160 30.19 26.48 85.28
CA VAL B 160 31.62 26.21 85.17
C VAL B 160 32.24 27.21 84.21
N ASP B 161 33.55 27.32 84.27
CA ASP B 161 34.32 28.17 83.38
C ASP B 161 34.95 27.33 82.27
N ALA B 162 35.88 27.93 81.53
CA ALA B 162 36.56 27.20 80.47
C ALA B 162 37.33 26.01 81.04
N ASP B 163 38.08 26.22 82.12
CA ASP B 163 38.94 25.18 82.67
C ASP B 163 38.19 24.16 83.50
N SER B 164 36.86 24.19 83.50
CA SER B 164 36.02 23.26 84.24
C SER B 164 36.22 23.41 85.75
N LYS B 165 36.08 24.66 86.21
CA LYS B 165 36.08 24.97 87.62
C LYS B 165 34.76 25.64 87.97
N ILE B 166 34.15 25.19 89.06
CA ILE B 166 32.86 25.74 89.46
C ILE B 166 33.01 27.19 89.82
N VAL B 167 32.08 28.00 89.37
CA VAL B 167 32.07 29.44 89.62
C VAL B 167 30.77 29.80 90.33
N GLN B 168 30.88 30.55 91.42
CA GLN B 168 29.70 30.94 92.18
C GLN B 168 29.00 32.11 91.49
N LEU B 169 27.66 32.07 91.50
CA LEU B 169 26.88 33.08 90.80
C LEU B 169 27.17 34.47 91.32
N SER B 170 27.51 34.59 92.60
CA SER B 170 27.77 35.90 93.18
C SER B 170 29.04 36.53 92.62
N GLU B 171 29.92 35.72 92.03
CA GLU B 171 31.16 36.26 91.48
C GLU B 171 30.97 36.90 90.11
N ILE B 172 29.85 36.63 89.45
CA ILE B 172 29.60 37.15 88.11
C ILE B 172 29.12 38.59 88.21
N SER B 173 30.01 39.54 87.94
CA SER B 173 29.67 40.95 88.06
C SER B 173 30.49 41.80 87.10
N MET B 174 30.05 43.05 86.94
CA MET B 174 30.77 43.99 86.09
C MET B 174 32.21 44.14 86.55
N ASP B 175 32.44 44.39 87.83
CA ASP B 175 33.78 44.65 88.30
C ASP B 175 34.62 43.38 88.42
N ASN B 176 33.99 42.26 88.77
CA ASN B 176 34.73 41.01 88.88
C ASN B 176 34.91 40.31 87.55
N SER B 177 34.26 40.76 86.49
CA SER B 177 34.31 40.07 85.21
C SER B 177 35.73 39.88 84.67
N PRO B 178 36.63 40.89 84.67
CA PRO B 178 37.94 40.66 84.06
C PRO B 178 38.85 39.84 84.96
N ASN B 179 38.32 38.75 85.51
CA ASN B 179 39.12 37.82 86.29
C ASN B 179 38.73 36.38 86.02
N LEU B 180 37.99 36.11 84.95
CA LEU B 180 37.51 34.77 84.64
C LEU B 180 37.81 34.42 83.20
N ALA B 181 38.10 33.15 82.95
CA ALA B 181 38.07 32.64 81.58
C ALA B 181 36.65 32.80 81.04
N TRP B 182 36.51 33.24 79.81
CA TRP B 182 35.16 33.68 79.47
C TRP B 182 34.50 32.99 78.28
N PRO B 183 34.60 31.69 78.13
CA PRO B 183 33.46 30.94 77.59
C PRO B 183 32.65 30.30 78.70
N LEU B 184 31.89 31.06 79.48
CA LEU B 184 31.16 30.47 80.60
C LEU B 184 30.09 29.50 80.12
N ILE B 185 30.04 28.33 80.72
CA ILE B 185 29.05 27.32 80.40
C ILE B 185 28.05 27.22 81.53
N VAL B 186 26.77 27.37 81.22
CA VAL B 186 25.70 27.34 82.21
C VAL B 186 24.80 26.17 81.87
N THR B 187 24.66 25.24 82.81
CA THR B 187 23.80 24.09 82.64
C THR B 187 22.57 24.22 83.52
N ALA B 188 21.41 23.86 82.97
CA ALA B 188 20.14 24.13 83.64
C ALA B 188 19.20 22.97 83.39
N LEU B 189 18.17 22.88 84.22
CA LEU B 189 17.16 21.85 84.12
C LEU B 189 15.82 22.44 83.71
N ARG B 190 14.88 21.58 83.35
CA ARG B 190 13.57 22.01 82.90
C ARG B 190 12.61 22.16 84.06
N ALA B 191 12.14 23.38 84.32
CA ALA B 191 11.16 23.62 85.36
C ALA B 191 9.75 23.38 84.83
N ASN B 192 9.07 22.39 85.37
CA ASN B 192 7.70 22.11 84.97
C ASN B 192 6.71 22.87 85.84
N LYS C 2 70.48 38.87 65.82
CA LYS C 2 69.56 39.90 65.37
C LYS C 2 68.17 39.36 65.06
N MET C 3 67.48 40.02 64.12
CA MET C 3 66.05 39.84 63.95
C MET C 3 65.66 38.39 63.63
N SER C 4 66.41 37.72 62.76
CA SER C 4 66.15 36.31 62.52
C SER C 4 66.35 35.50 63.79
N ASP C 5 67.41 35.81 64.54
CA ASP C 5 67.60 35.15 65.83
C ASP C 5 66.46 35.48 66.77
N VAL C 6 65.91 36.69 66.67
CA VAL C 6 64.74 37.04 67.47
C VAL C 6 63.59 36.08 67.19
N LYS C 7 63.28 35.87 65.91
CA LYS C 7 62.17 34.98 65.58
C LYS C 7 62.43 33.56 66.05
N CYS C 8 63.64 33.06 65.81
CA CYS C 8 63.94 31.68 66.18
C CYS C 8 63.87 31.48 67.68
N THR C 9 64.40 32.43 68.45
CA THR C 9 64.34 32.28 69.90
C THR C 9 62.93 32.43 70.43
N SER C 10 62.08 33.22 69.76
CA SER C 10 60.68 33.26 70.17
C SER C 10 60.01 31.91 69.96
N VAL C 11 60.28 31.26 68.82
CA VAL C 11 59.72 29.94 68.56
C VAL C 11 60.15 28.96 69.65
N VAL C 12 61.45 28.95 69.96
CA VAL C 12 61.96 28.03 70.98
C VAL C 12 61.32 28.34 72.34
N LEU C 13 61.19 29.62 72.68
CA LEU C 13 60.63 29.98 73.98
C LEU C 13 59.20 29.50 74.11
N LEU C 14 58.38 29.75 73.10
CA LEU C 14 57.00 29.28 73.18
C LEU C 14 56.94 27.76 73.26
N SER C 15 57.79 27.07 72.48
CA SER C 15 57.74 25.62 72.49
C SER C 15 58.08 25.06 73.86
N VAL C 16 59.11 25.61 74.51
CA VAL C 16 59.47 25.09 75.83
C VAL C 16 58.40 25.47 76.85
N LEU C 17 57.73 26.61 76.65
CA LEU C 17 56.64 26.97 77.57
C LEU C 17 55.50 25.97 77.52
N GLN C 18 55.18 25.46 76.34
CA GLN C 18 53.98 24.65 76.16
C GLN C 18 54.03 23.39 77.01
N GLN C 19 55.18 22.72 77.06
CA GLN C 19 55.22 21.42 77.72
C GLN C 19 55.36 21.52 79.23
N LEU C 20 55.41 22.73 79.79
CA LEU C 20 55.24 22.89 81.23
C LEU C 20 53.77 22.97 81.64
N ARG C 21 52.86 22.55 80.77
CA ARG C 21 51.43 22.56 81.06
C ARG C 21 50.91 23.96 81.35
N VAL C 22 51.40 24.96 80.61
CA VAL C 22 50.91 26.31 80.81
C VAL C 22 49.62 26.56 80.04
N GLU C 23 49.25 25.65 79.14
CA GLU C 23 48.02 25.84 78.39
C GLU C 23 46.77 25.52 79.20
N SER C 24 46.91 24.98 80.42
CA SER C 24 45.75 24.76 81.26
C SER C 24 45.12 26.09 81.66
N SER C 25 45.94 27.08 82.00
CA SER C 25 45.43 28.41 82.30
C SER C 25 45.08 29.15 81.03
N SER C 26 43.79 29.25 80.72
CA SER C 26 43.34 29.69 79.41
C SER C 26 43.79 31.09 79.06
N LYS C 27 43.55 32.07 79.93
CA LYS C 27 43.91 33.44 79.59
C LYS C 27 45.41 33.62 79.47
N LEU C 28 46.18 32.94 80.32
CA LEU C 28 47.63 33.01 80.23
C LEU C 28 48.10 32.50 78.88
N TRP C 29 47.57 31.36 78.44
CA TRP C 29 47.99 30.80 77.17
C TRP C 29 47.52 31.66 76.01
N ALA C 30 46.37 32.31 76.15
CA ALA C 30 45.90 33.22 75.11
C ALA C 30 46.86 34.39 74.95
N GLN C 31 47.30 34.99 76.06
CA GLN C 31 48.26 36.08 75.97
C GLN C 31 49.58 35.60 75.37
N CYS C 32 50.04 34.42 75.79
CA CYS C 32 51.29 33.90 75.24
C CYS C 32 51.20 33.70 73.74
N VAL C 33 50.10 33.12 73.27
CA VAL C 33 49.93 32.89 71.84
C VAL C 33 49.87 34.21 71.09
N GLN C 34 49.16 35.19 71.64
CA GLN C 34 49.08 36.48 70.96
C GLN C 34 50.45 37.10 70.82
N LEU C 35 51.23 37.08 71.89
CA LEU C 35 52.59 37.62 71.82
C LEU C 35 53.43 36.86 70.80
N HIS C 36 53.35 35.54 70.80
CA HIS C 36 54.17 34.76 69.87
C HIS C 36 53.83 35.10 68.42
N ASN C 37 52.54 35.22 68.11
CA ASN C 37 52.18 35.56 66.74
C ASN C 37 52.58 36.98 66.39
N ASP C 38 52.54 37.89 67.37
CA ASP C 38 52.90 39.28 67.08
C ASP C 38 54.38 39.41 66.75
N ILE C 39 55.22 38.68 67.47
CA ILE C 39 56.67 38.77 67.24
C ILE C 39 56.99 38.36 65.81
N LEU C 40 56.40 37.26 65.35
CA LEU C 40 56.73 36.65 64.09
C LEU C 40 56.31 37.50 62.89
N LEU C 41 55.74 38.68 63.12
CA LEU C 41 55.35 39.58 62.04
C LEU C 41 55.93 40.98 62.23
N ALA C 42 56.90 41.13 63.12
CA ALA C 42 57.42 42.43 63.48
C ALA C 42 58.29 43.00 62.36
N LYS C 43 58.76 44.22 62.56
CA LYS C 43 59.59 44.90 61.57
C LYS C 43 60.91 45.40 62.14
N ASP C 44 60.92 45.94 63.34
CA ASP C 44 62.13 46.44 63.97
C ASP C 44 62.44 45.64 65.22
N THR C 45 63.69 45.71 65.66
CA THR C 45 64.11 44.93 66.82
C THR C 45 63.59 45.49 68.13
N THR C 46 63.17 46.75 68.16
CA THR C 46 62.72 47.34 69.42
C THR C 46 61.44 46.66 69.92
N GLU C 47 60.42 46.59 69.07
CA GLU C 47 59.17 45.99 69.49
C GLU C 47 59.33 44.49 69.70
N ALA C 48 60.15 43.84 68.89
CA ALA C 48 60.40 42.43 69.09
C ALA C 48 61.05 42.19 70.45
N PHE C 49 62.01 43.03 70.82
CA PHE C 49 62.69 42.86 72.10
C PHE C 49 61.74 43.09 73.26
N GLU C 50 60.93 44.15 73.20
CA GLU C 50 60.03 44.42 74.31
C GLU C 50 58.97 43.32 74.44
N LYS C 51 58.45 42.85 73.32
CA LYS C 51 57.46 41.78 73.38
C LYS C 51 58.10 40.49 73.91
N MET C 52 59.36 40.23 73.54
CA MET C 52 60.00 39.04 74.05
C MET C 52 60.28 39.13 75.54
N VAL C 53 60.65 40.30 76.06
CA VAL C 53 60.85 40.39 77.49
C VAL C 53 59.52 40.24 78.21
N SER C 54 58.45 40.81 77.65
CA SER C 54 57.13 40.61 78.23
C SER C 54 56.76 39.13 78.26
N LEU C 55 57.12 38.40 77.20
CA LEU C 55 56.81 36.98 77.14
C LEU C 55 57.64 36.20 78.15
N LEU C 56 58.94 36.49 78.23
CA LEU C 56 59.83 35.76 79.13
C LEU C 56 59.47 36.00 80.58
N SER C 57 58.81 37.12 80.87
CA SER C 57 58.28 37.30 82.22
C SER C 57 57.41 36.13 82.65
N VAL C 58 56.66 35.56 81.70
CA VAL C 58 55.78 34.44 82.03
C VAL C 58 56.58 33.25 82.54
N LEU C 59 57.64 32.90 81.82
CA LEU C 59 58.49 31.80 82.25
C LEU C 59 59.13 32.10 83.59
N LEU C 60 59.57 33.35 83.78
CA LEU C 60 60.27 33.69 85.01
C LEU C 60 59.34 33.62 86.22
N SER C 61 58.06 33.96 86.03
CA SER C 61 57.14 33.98 87.16
C SER C 61 56.93 32.59 87.74
N MET C 62 57.03 31.55 86.93
CA MET C 62 56.87 30.20 87.43
C MET C 62 58.14 29.75 88.16
N GLN C 63 58.08 28.54 88.71
CA GLN C 63 59.23 27.96 89.41
C GLN C 63 59.57 26.58 88.89
N GLY C 64 59.04 26.20 87.72
CA GLY C 64 59.28 24.89 87.17
C GLY C 64 60.72 24.63 86.79
N ALA C 65 61.37 25.64 86.22
CA ALA C 65 62.74 25.53 85.76
C ALA C 65 63.66 26.31 86.70
N VAL C 66 64.77 25.70 87.08
CA VAL C 66 65.74 26.37 87.95
C VAL C 66 66.71 27.17 87.10
N ASP C 67 66.86 28.45 87.46
CA ASP C 67 67.66 29.36 86.64
C ASP C 67 69.15 29.18 86.88
N ILE C 68 69.60 29.45 88.11
CA ILE C 68 71.03 29.54 88.38
C ILE C 68 71.71 28.18 88.19
N ASN C 69 71.04 27.09 88.58
CA ASN C 69 71.62 25.77 88.38
C ASN C 69 71.83 25.50 86.89
N LYS C 70 70.82 25.81 86.07
CA LYS C 70 70.95 25.67 84.64
C LYS C 70 71.96 26.64 84.04
N LEU C 71 72.08 27.84 84.61
CA LEU C 71 72.98 28.85 84.07
C LEU C 71 74.44 28.51 84.37
N CYS C 72 74.90 27.36 83.86
CA CYS C 72 76.26 26.92 84.12
C CYS C 72 77.29 27.69 83.30
N GLU C 73 76.85 28.41 82.26
CA GLU C 73 77.73 29.19 81.40
C GLU C 73 78.86 28.33 80.81
N PHE D 6 85.82 -11.32 48.72
CA PHE D 6 85.41 -12.70 48.93
C PHE D 6 86.47 -13.66 48.37
N SER D 7 87.57 -13.79 49.10
CA SER D 7 88.67 -14.65 48.67
C SER D 7 88.88 -15.86 49.56
N SER D 8 88.49 -15.79 50.84
CA SER D 8 88.66 -16.92 51.76
C SER D 8 87.46 -17.85 51.63
N LEU D 9 87.39 -18.52 50.47
CA LEU D 9 86.29 -19.41 50.16
C LEU D 9 86.83 -20.75 49.68
N PRO D 10 86.10 -21.84 49.92
CA PRO D 10 86.52 -23.15 49.40
C PRO D 10 86.47 -23.19 47.89
N SER D 11 85.37 -22.69 47.33
CA SER D 11 85.28 -22.59 45.87
C SER D 11 86.37 -21.69 45.32
N TYR D 12 86.85 -20.72 46.11
CA TYR D 12 88.01 -19.94 45.69
C TYR D 12 89.23 -20.83 45.53
N ALA D 13 89.45 -21.75 46.47
CA ALA D 13 90.57 -22.67 46.35
C ALA D 13 90.42 -23.58 45.15
N ALA D 14 89.20 -24.08 44.92
CA ALA D 14 88.97 -24.94 43.75
C ALA D 14 89.25 -24.19 42.46
N PHE D 15 88.77 -22.94 42.37
CA PHE D 15 89.02 -22.14 41.18
C PHE D 15 90.50 -21.83 41.01
N ALA D 16 91.21 -21.57 42.11
CA ALA D 16 92.65 -21.32 42.01
C ALA D 16 93.38 -22.54 41.48
N THR D 17 93.03 -23.73 41.98
CA THR D 17 93.66 -24.95 41.48
C THR D 17 93.36 -25.17 40.01
N ALA D 18 92.09 -24.98 39.61
CA ALA D 18 91.73 -25.16 38.20
C ALA D 18 92.46 -24.16 37.32
N GLN D 19 92.55 -22.91 37.76
CA GLN D 19 93.25 -21.88 36.98
C GLN D 19 94.73 -22.20 36.85
N GLU D 20 95.35 -22.67 37.93
CA GLU D 20 96.75 -23.06 37.86
C GLU D 20 96.97 -24.21 36.89
N ALA D 21 96.09 -25.22 36.96
CA ALA D 21 96.22 -26.36 36.05
C ALA D 21 96.07 -25.92 34.60
N TYR D 22 95.07 -25.08 34.33
CA TYR D 22 94.86 -24.62 32.96
C TYR D 22 96.01 -23.74 32.48
N GLU D 23 96.55 -22.89 33.35
CA GLU D 23 97.69 -22.06 32.98
C GLU D 23 98.90 -22.91 32.64
N GLN D 24 99.16 -23.93 33.46
CA GLN D 24 100.28 -24.83 33.16
C GLN D 24 100.07 -25.56 31.84
N ALA D 25 98.84 -26.01 31.59
CA ALA D 25 98.56 -26.74 30.36
C ALA D 25 98.72 -25.84 29.14
N VAL D 26 98.20 -24.62 29.19
CA VAL D 26 98.32 -23.72 28.05
C VAL D 26 99.76 -23.25 27.86
N ALA D 27 100.54 -23.16 28.94
CA ALA D 27 101.95 -22.86 28.82
C ALA D 27 102.75 -24.03 28.24
N ASN D 28 102.30 -25.26 28.45
CA ASN D 28 102.96 -26.42 27.88
C ASN D 28 102.32 -26.91 26.58
N GLY D 29 101.00 -26.76 26.43
CA GLY D 29 100.33 -27.20 25.23
C GLY D 29 100.33 -28.71 25.07
N ASP D 30 99.63 -29.41 25.97
CA ASP D 30 99.67 -30.87 25.98
C ASP D 30 98.77 -31.47 24.91
N SER D 31 97.46 -31.22 24.99
CA SER D 31 96.51 -31.78 24.05
C SER D 31 95.21 -31.01 24.07
N GLU D 32 94.46 -31.13 22.97
CA GLU D 32 93.15 -30.49 22.89
C GLU D 32 92.20 -31.06 23.93
N VAL D 33 92.24 -32.38 24.13
CA VAL D 33 91.36 -33.00 25.13
C VAL D 33 91.75 -32.59 26.54
N VAL D 34 93.04 -32.44 26.81
CA VAL D 34 93.49 -32.04 28.15
C VAL D 34 92.97 -30.65 28.47
N LEU D 35 93.16 -29.70 27.54
CA LEU D 35 92.66 -28.36 27.77
C LEU D 35 91.14 -28.30 27.73
N LYS D 36 90.48 -29.22 27.01
CA LYS D 36 89.03 -29.30 27.06
C LYS D 36 88.56 -29.70 28.46
N LYS D 37 89.21 -30.70 29.05
CA LYS D 37 88.89 -31.12 30.41
C LYS D 37 89.15 -29.98 31.39
N LEU D 38 90.27 -29.28 31.21
CA LEU D 38 90.59 -28.17 32.11
C LEU D 38 89.66 -27.00 31.92
N LYS D 39 89.16 -26.78 30.70
CA LYS D 39 88.17 -25.73 30.48
C LYS D 39 86.84 -26.10 31.11
N LYS D 40 86.54 -27.40 31.09
CA LYS D 40 85.32 -27.88 31.71
C LYS D 40 85.44 -27.61 33.19
N SER D 41 86.55 -28.01 33.77
CA SER D 41 86.82 -27.80 35.19
C SER D 41 86.82 -26.33 35.55
N LEU D 42 87.35 -25.47 34.67
CA LEU D 42 87.37 -24.04 34.92
C LEU D 42 85.95 -23.47 34.93
N ASN D 43 85.11 -23.92 34.02
CA ASN D 43 83.71 -23.49 34.03
C ASN D 43 83.04 -23.91 35.33
N VAL D 44 83.26 -25.16 35.75
CA VAL D 44 82.67 -25.64 37.00
C VAL D 44 83.16 -24.80 38.18
N ALA D 45 84.47 -24.57 38.24
CA ALA D 45 85.05 -23.83 39.36
C ALA D 45 84.56 -22.40 39.39
N LYS D 46 84.53 -21.73 38.23
CA LYS D 46 84.08 -20.35 38.20
C LYS D 46 82.60 -20.24 38.55
N SER D 47 81.79 -21.20 38.11
CA SER D 47 80.36 -21.11 38.39
C SER D 47 80.07 -21.33 39.88
N GLU D 48 80.62 -22.39 40.47
CA GLU D 48 80.47 -22.57 41.91
C GLU D 48 81.28 -21.60 42.74
N PHE D 49 82.16 -20.80 42.15
CA PHE D 49 82.84 -19.77 42.92
C PHE D 49 82.14 -18.42 42.81
N ASP D 50 81.42 -18.18 41.72
CA ASP D 50 80.62 -16.98 41.58
C ASP D 50 79.26 -17.08 42.28
N ARG D 51 78.64 -18.25 42.25
CA ARG D 51 77.31 -18.38 42.83
C ARG D 51 77.33 -18.08 44.33
N ASP D 52 78.29 -18.64 45.06
CA ASP D 52 78.36 -18.40 46.50
C ASP D 52 78.85 -16.99 46.82
N ALA D 53 79.76 -16.45 46.00
CA ALA D 53 80.16 -15.06 46.20
C ALA D 53 78.96 -14.13 46.08
N ALA D 54 78.08 -14.41 45.11
CA ALA D 54 76.92 -13.55 44.89
C ALA D 54 76.07 -13.45 46.15
N MET D 55 75.62 -14.58 46.69
CA MET D 55 74.67 -14.48 47.78
C MET D 55 75.38 -14.20 49.10
N GLN D 56 76.70 -14.42 49.18
CA GLN D 56 77.39 -13.98 50.39
C GLN D 56 77.50 -12.46 50.44
N ARG D 57 77.80 -11.83 49.30
CA ARG D 57 77.82 -10.36 49.31
C ARG D 57 76.42 -9.81 49.47
N LYS D 58 75.41 -10.50 48.91
CA LYS D 58 74.02 -10.14 49.17
C LYS D 58 73.73 -10.17 50.66
N LEU D 59 74.12 -11.25 51.34
CA LEU D 59 73.88 -11.35 52.77
C LEU D 59 74.62 -10.26 53.53
N GLU D 60 75.85 -9.94 53.12
CA GLU D 60 76.60 -8.91 53.82
C GLU D 60 75.88 -7.57 53.72
N LYS D 61 75.48 -7.17 52.50
CA LYS D 61 74.84 -5.87 52.35
C LYS D 61 73.47 -5.85 53.03
N MET D 62 72.74 -6.97 52.99
CA MET D 62 71.43 -7.03 53.60
C MET D 62 71.52 -6.96 55.12
N ALA D 63 72.53 -7.59 55.70
CA ALA D 63 72.75 -7.46 57.13
C ALA D 63 73.12 -6.03 57.49
N ASP D 64 73.95 -5.39 56.67
CA ASP D 64 74.29 -3.99 56.93
C ASP D 64 73.06 -3.10 56.86
N GLN D 65 72.16 -3.39 55.92
CA GLN D 65 70.94 -2.61 55.79
C GLN D 65 70.03 -2.78 57.00
N ALA D 66 69.85 -4.02 57.45
CA ALA D 66 69.04 -4.24 58.65
C ALA D 66 69.66 -3.55 59.85
N MET D 67 70.99 -3.62 59.96
CA MET D 67 71.69 -2.96 61.05
C MET D 67 71.43 -1.46 61.03
N THR D 68 71.53 -0.83 59.86
CA THR D 68 71.33 0.61 59.80
C THR D 68 69.88 0.99 60.12
N GLN D 69 68.92 0.19 59.65
CA GLN D 69 67.52 0.51 59.94
C GLN D 69 67.26 0.46 61.44
N MET D 70 67.72 -0.60 62.12
CA MET D 70 67.40 -0.69 63.53
C MET D 70 68.26 0.25 64.37
N TYR D 71 69.43 0.65 63.87
CA TYR D 71 70.18 1.71 64.55
C TYR D 71 69.41 3.01 64.49
N LYS D 72 68.83 3.33 63.34
CA LYS D 72 68.02 4.54 63.25
C LYS D 72 66.81 4.47 64.18
N GLN D 73 66.20 3.29 64.28
CA GLN D 73 65.10 3.12 65.23
C GLN D 73 65.53 3.46 66.64
N ALA D 74 66.65 2.90 67.08
CA ALA D 74 67.12 3.16 68.45
C ALA D 74 67.42 4.63 68.67
N ARG D 75 68.04 5.27 67.67
CA ARG D 75 68.34 6.69 67.80
C ARG D 75 67.06 7.50 67.93
N SER D 76 66.05 7.17 67.13
CA SER D 76 64.78 7.88 67.21
C SER D 76 64.19 7.78 68.60
N GLU D 77 64.17 6.57 69.16
CA GLU D 77 63.58 6.40 70.49
C GLU D 77 64.33 7.22 71.54
N ASP D 78 65.66 7.11 71.56
CA ASP D 78 66.40 7.81 72.61
C ASP D 78 66.30 9.32 72.44
N LYS D 79 66.25 9.80 71.20
CA LYS D 79 66.13 11.24 70.98
C LYS D 79 64.79 11.75 71.48
N ARG D 80 63.69 11.10 71.11
CA ARG D 80 62.42 11.65 71.55
C ARG D 80 62.16 11.35 73.03
N ALA D 81 62.96 10.49 73.65
CA ALA D 81 62.81 10.29 75.09
C ALA D 81 63.30 11.50 75.89
N LYS D 82 64.36 12.16 75.43
CA LYS D 82 64.98 13.25 76.18
C LYS D 82 64.57 14.64 75.69
N VAL D 83 63.34 14.82 75.24
CA VAL D 83 62.91 16.08 74.64
C VAL D 83 62.87 17.20 75.67
N THR D 84 62.49 16.88 76.91
CA THR D 84 62.16 17.90 77.89
C THR D 84 63.34 18.75 78.30
N SER D 85 64.59 18.36 78.13
CA SER D 85 65.71 19.18 78.59
C SER D 85 66.58 19.74 77.49
N ALA D 86 66.75 19.02 76.37
CA ALA D 86 67.49 19.58 75.24
C ALA D 86 66.88 20.89 74.78
N MET D 87 65.55 21.00 74.88
CA MET D 87 64.88 22.23 74.49
C MET D 87 65.34 23.38 75.37
N GLN D 88 65.40 23.16 76.68
CA GLN D 88 65.84 24.21 77.59
C GLN D 88 67.30 24.58 77.35
N THR D 89 68.15 23.58 77.12
CA THR D 89 69.56 23.88 76.87
C THR D 89 69.71 24.75 75.62
N MET D 90 69.00 24.39 74.56
CA MET D 90 69.03 25.19 73.34
C MET D 90 68.54 26.60 73.59
N LEU D 91 67.45 26.73 74.34
CA LEU D 91 66.90 28.05 74.64
C LEU D 91 67.92 28.93 75.34
N PHE D 92 68.56 28.41 76.39
CA PHE D 92 69.45 29.27 77.15
C PHE D 92 70.73 29.57 76.38
N THR D 93 71.21 28.63 75.57
CA THR D 93 72.36 28.95 74.71
C THR D 93 72.02 30.08 73.75
N MET D 94 70.83 30.03 73.15
CA MET D 94 70.46 31.09 72.21
C MET D 94 70.28 32.42 72.93
N LEU D 95 69.73 32.40 74.14
CA LEU D 95 69.61 33.64 74.90
C LEU D 95 70.98 34.24 75.20
N ARG D 96 71.92 33.41 75.67
CA ARG D 96 73.24 33.95 75.96
C ARG D 96 74.03 34.25 74.70
N LYS D 97 73.54 33.84 73.53
CA LYS D 97 74.16 34.32 72.30
C LYS D 97 73.57 35.66 71.86
N LEU D 98 72.28 35.89 72.14
CA LEU D 98 71.68 37.19 71.82
C LEU D 98 72.30 38.31 72.63
N ASP D 99 72.18 38.23 73.96
CA ASP D 99 72.74 39.22 74.88
C ASP D 99 72.23 40.63 74.63
N ASN D 100 70.94 40.86 74.87
CA ASN D 100 70.42 42.21 74.99
C ASN D 100 70.43 42.60 76.46
N ASP D 101 70.67 43.88 76.72
CA ASP D 101 70.87 44.37 78.08
C ASP D 101 69.71 44.01 78.99
N ALA D 102 68.48 44.30 78.55
CA ALA D 102 67.31 44.04 79.39
C ALA D 102 67.16 42.55 79.69
N LEU D 103 67.38 41.71 78.67
CA LEU D 103 67.20 40.28 78.84
C LEU D 103 68.17 39.73 79.87
N ASN D 104 69.47 40.02 79.71
CA ASN D 104 70.44 39.54 80.68
C ASN D 104 70.20 40.17 82.05
N ASN D 105 69.76 41.42 82.09
CA ASN D 105 69.46 42.06 83.36
C ASN D 105 68.41 41.27 84.13
N ILE D 106 67.29 40.99 83.49
CA ILE D 106 66.23 40.29 84.21
C ILE D 106 66.63 38.83 84.46
N ILE D 107 67.46 38.25 83.60
CA ILE D 107 67.92 36.89 83.83
C ILE D 107 68.76 36.82 85.10
N ASN D 108 69.68 37.77 85.26
CA ASN D 108 70.49 37.81 86.48
C ASN D 108 69.63 38.13 87.69
N ASN D 109 68.65 39.02 87.54
CA ASN D 109 67.74 39.30 88.64
C ASN D 109 67.01 38.02 89.07
N ALA D 110 66.59 37.21 88.12
CA ALA D 110 65.97 35.93 88.46
C ALA D 110 66.97 34.97 89.10
N ARG D 111 68.20 34.95 88.59
CA ARG D 111 69.21 34.04 89.13
C ARG D 111 69.57 34.39 90.57
N ASP D 112 69.42 35.64 90.98
CA ASP D 112 69.60 35.98 92.38
C ASP D 112 68.31 35.91 93.18
N GLY D 113 67.18 35.78 92.51
CA GLY D 113 65.91 35.63 93.21
C GLY D 113 65.01 36.86 93.15
N CYS D 114 65.04 37.58 92.03
CA CYS D 114 64.18 38.75 91.83
C CYS D 114 63.28 38.44 90.62
N VAL D 115 62.08 37.95 90.89
CA VAL D 115 61.17 37.53 89.83
C VAL D 115 59.80 38.17 90.05
N PRO D 116 59.07 38.51 89.00
CA PRO D 116 57.71 39.02 89.16
C PRO D 116 56.70 37.88 89.25
N LEU D 117 55.47 38.25 89.62
CA LEU D 117 54.37 37.30 89.72
C LEU D 117 53.28 37.57 88.69
N ASN D 118 53.60 38.33 87.65
CA ASN D 118 52.66 38.62 86.58
C ASN D 118 53.46 39.03 85.35
N ILE D 119 52.77 39.23 84.24
CA ILE D 119 53.45 39.59 83.00
C ILE D 119 53.85 41.05 83.05
N ILE D 120 55.07 41.34 82.60
CA ILE D 120 55.58 42.71 82.55
C ILE D 120 54.80 43.47 81.47
N PRO D 121 54.16 44.58 81.81
CA PRO D 121 53.38 45.31 80.83
C PRO D 121 54.22 46.23 79.97
N LEU D 122 53.58 47.01 79.11
CA LEU D 122 54.26 47.91 78.19
C LEU D 122 53.84 49.37 78.35
N THR D 123 52.59 49.63 78.72
CA THR D 123 52.11 51.00 78.83
C THR D 123 52.58 51.63 80.14
N THR D 124 52.54 52.97 80.17
CA THR D 124 52.89 53.71 81.38
C THR D 124 52.01 53.29 82.55
N ALA D 125 50.78 52.89 82.26
CA ALA D 125 49.83 52.34 83.24
C ALA D 125 50.14 50.88 83.51
N ALA D 126 49.17 50.14 84.03
CA ALA D 126 49.30 48.69 84.26
C ALA D 126 50.38 48.38 85.28
N LYS D 127 50.09 48.71 86.54
CA LYS D 127 50.98 48.42 87.66
C LYS D 127 51.64 47.05 87.55
N LEU D 128 52.94 47.03 87.83
CA LEU D 128 53.75 45.83 87.84
C LEU D 128 54.13 45.55 89.29
N MET D 129 54.10 44.27 89.69
CA MET D 129 54.54 43.88 91.02
C MET D 129 55.83 43.07 90.88
N VAL D 130 56.73 43.28 91.84
CA VAL D 130 58.04 42.64 91.83
C VAL D 130 58.32 42.09 93.21
N VAL D 131 58.92 40.90 93.27
CA VAL D 131 59.32 40.28 94.53
C VAL D 131 60.80 40.53 94.73
N ILE D 132 61.16 41.12 95.87
CA ILE D 132 62.53 41.34 96.28
C ILE D 132 62.76 40.61 97.59
N PRO D 133 63.73 39.69 97.66
CA PRO D 133 63.92 38.90 98.88
C PRO D 133 64.97 39.44 99.84
N ASP D 134 65.64 40.54 99.53
CA ASP D 134 66.71 41.03 100.38
C ASP D 134 66.70 42.56 100.34
N TYR D 135 67.72 43.17 100.96
CA TYR D 135 67.91 44.61 100.97
C TYR D 135 69.05 45.05 100.07
N ASN D 136 70.06 44.20 99.86
CA ASN D 136 71.18 44.58 99.00
C ASN D 136 70.70 44.83 97.58
N THR D 137 69.86 43.92 97.06
CA THR D 137 69.29 44.14 95.74
C THR D 137 68.38 45.35 95.71
N TYR D 138 67.75 45.67 96.84
CA TYR D 138 66.97 46.90 96.92
C TYR D 138 67.87 48.11 96.66
N LYS D 139 69.04 48.14 97.31
CA LYS D 139 69.99 49.21 97.06
C LYS D 139 70.47 49.20 95.61
N ASN D 140 70.66 48.00 95.05
CA ASN D 140 71.12 47.91 93.66
C ASN D 140 70.10 48.50 92.70
N THR D 141 68.81 48.25 92.95
CA THR D 141 67.76 48.64 92.02
C THR D 141 66.82 49.69 92.57
N CYS D 142 66.18 49.42 93.70
CA CYS D 142 65.11 50.30 94.21
C CYS D 142 65.75 51.44 94.99
N ASP D 143 65.86 52.59 94.35
CA ASP D 143 66.44 53.79 94.96
C ASP D 143 65.33 54.83 95.07
N GLY D 144 64.91 55.12 96.30
CA GLY D 144 63.75 55.98 96.47
C GLY D 144 62.53 55.36 95.84
N THR D 145 61.69 56.20 95.24
CA THR D 145 60.54 55.73 94.50
C THR D 145 60.91 55.20 93.11
N THR D 146 62.12 55.46 92.65
CA THR D 146 62.54 55.05 91.32
C THR D 146 62.98 53.60 91.34
N PHE D 147 62.47 52.81 90.39
CA PHE D 147 62.80 51.40 90.26
C PHE D 147 63.36 51.17 88.86
N THR D 148 64.58 50.66 88.78
CA THR D 148 65.25 50.35 87.52
C THR D 148 65.20 48.84 87.32
N TYR D 149 64.31 48.39 86.45
CA TYR D 149 64.11 46.97 86.19
C TYR D 149 63.90 46.77 84.70
N ALA D 150 64.55 45.76 84.14
CA ALA D 150 64.42 45.43 82.72
C ALA D 150 64.73 46.64 81.84
N SER D 151 65.72 47.43 82.25
CA SER D 151 66.09 48.67 81.57
C SER D 151 64.90 49.64 81.50
N ALA D 152 64.04 49.62 82.51
CA ALA D 152 62.90 50.51 82.56
C ALA D 152 62.81 51.13 83.94
N LEU D 153 62.33 52.37 83.99
CA LEU D 153 62.19 53.11 85.24
C LEU D 153 60.76 53.03 85.74
N TRP D 154 60.62 52.83 87.04
CA TRP D 154 59.31 52.61 87.65
C TRP D 154 59.20 53.43 88.92
N GLU D 155 58.03 54.02 89.14
CA GLU D 155 57.76 54.83 90.32
C GLU D 155 57.01 53.97 91.33
N ILE D 156 57.60 53.79 92.51
CA ILE D 156 57.05 52.88 93.50
C ILE D 156 55.86 53.55 94.19
N GLN D 157 54.76 52.82 94.32
CA GLN D 157 53.56 53.31 94.98
C GLN D 157 53.32 52.66 96.33
N GLN D 158 53.41 51.33 96.39
CA GLN D 158 53.11 50.59 97.62
C GLN D 158 54.19 49.55 97.85
N VAL D 159 54.51 49.29 99.11
CA VAL D 159 55.40 48.22 99.51
C VAL D 159 54.73 47.44 100.63
N VAL D 160 54.89 46.11 100.60
CA VAL D 160 54.31 45.25 101.62
C VAL D 160 55.21 44.04 101.80
N ASP D 161 55.23 43.53 103.02
CA ASP D 161 56.06 42.38 103.38
C ASP D 161 55.23 41.10 103.20
N ALA D 162 55.68 39.94 103.67
CA ALA D 162 54.97 38.68 103.51
C ALA D 162 53.64 38.63 104.26
N ASP D 163 53.60 39.15 105.48
CA ASP D 163 52.41 39.03 106.30
C ASP D 163 51.43 40.16 106.05
N SER D 164 51.49 40.75 104.86
CA SER D 164 50.56 41.79 104.40
C SER D 164 50.65 43.07 105.22
N LYS D 165 51.73 43.27 105.96
CA LYS D 165 51.88 44.50 106.72
C LYS D 165 52.37 45.61 105.81
N ILE D 166 51.62 46.71 105.73
CA ILE D 166 51.96 47.80 104.83
C ILE D 166 53.31 48.38 105.23
N VAL D 167 54.29 48.21 104.38
CA VAL D 167 55.64 48.71 104.60
C VAL D 167 55.76 50.08 103.95
N GLN D 168 56.37 51.01 104.65
CA GLN D 168 56.53 52.37 104.17
C GLN D 168 57.79 52.49 103.34
N LEU D 169 57.93 53.62 102.65
CA LEU D 169 59.08 53.85 101.78
C LEU D 169 60.33 54.18 102.60
N SER D 170 60.28 55.29 103.33
CA SER D 170 61.45 55.77 104.04
C SER D 170 61.85 54.88 105.21
N GLU D 171 60.91 54.11 105.77
CA GLU D 171 61.22 53.31 106.94
C GLU D 171 62.23 52.22 106.63
N ILE D 172 62.34 51.80 105.36
CA ILE D 172 63.23 50.71 105.02
C ILE D 172 64.67 51.14 105.19
N SER D 173 65.42 50.36 105.97
CA SER D 173 66.84 50.62 106.19
C SER D 173 67.46 49.38 106.82
N MET D 174 68.77 49.40 106.98
CA MET D 174 69.48 48.25 107.52
C MET D 174 69.05 47.99 108.96
N ASP D 175 68.84 49.04 109.75
CA ASP D 175 68.45 48.88 111.15
C ASP D 175 67.19 48.04 111.27
N ASN D 176 66.17 48.36 110.48
CA ASN D 176 64.91 47.64 110.49
C ASN D 176 64.86 46.52 109.47
N SER D 177 65.95 46.29 108.73
CA SER D 177 65.96 45.17 107.79
C SER D 177 65.71 43.82 108.45
N PRO D 178 66.29 43.51 109.62
CA PRO D 178 65.87 42.27 110.31
C PRO D 178 64.40 42.26 110.66
N ASN D 179 63.81 43.43 110.93
CA ASN D 179 62.40 43.54 111.28
C ASN D 179 61.54 43.71 110.02
N LEU D 180 61.71 42.75 109.11
CA LEU D 180 61.09 42.86 107.79
C LEU D 180 60.95 41.46 107.20
N ALA D 181 59.73 41.07 106.87
CA ALA D 181 59.51 39.81 106.17
C ALA D 181 60.14 39.91 104.79
N TRP D 182 61.24 39.20 104.58
CA TRP D 182 62.08 39.44 103.42
C TRP D 182 61.38 39.25 102.07
N PRO D 183 60.43 38.34 101.89
CA PRO D 183 59.71 38.33 100.61
C PRO D 183 58.89 39.58 100.43
N LEU D 184 59.56 40.70 100.13
CA LEU D 184 58.89 41.97 99.94
C LEU D 184 58.19 42.00 98.59
N ILE D 185 57.22 42.92 98.49
CA ILE D 185 56.42 43.10 97.29
C ILE D 185 56.40 44.58 96.95
N VAL D 186 56.86 44.92 95.75
CA VAL D 186 56.93 46.30 95.30
C VAL D 186 56.04 46.45 94.08
N THR D 187 55.08 47.36 94.15
CA THR D 187 54.16 47.62 93.05
C THR D 187 54.45 49.01 92.49
N ALA D 188 54.66 49.09 91.18
CA ALA D 188 55.08 50.33 90.55
C ALA D 188 54.44 50.43 89.18
N LEU D 189 54.62 51.59 88.55
CA LEU D 189 54.17 51.84 87.19
C LEU D 189 55.34 52.29 86.34
N ARG D 190 55.21 52.12 85.03
CA ARG D 190 56.26 52.57 84.12
C ARG D 190 56.42 54.08 84.21
N ALA D 191 57.67 54.53 84.13
CA ALA D 191 57.95 55.96 84.16
C ALA D 191 58.04 56.52 82.74
N ALA E 1 36.32 -17.70 63.67
CA ALA E 1 35.70 -18.96 64.12
C ALA E 1 36.68 -20.12 64.02
N VAL E 2 37.42 -20.35 65.11
CA VAL E 2 38.34 -21.49 65.25
C VAL E 2 38.17 -22.06 66.64
N GLY E 3 38.40 -23.36 66.78
CA GLY E 3 38.24 -24.04 68.06
C GLY E 3 39.13 -25.25 68.18
N ALA E 4 38.92 -26.00 69.25
CA ALA E 4 39.66 -27.22 69.46
C ALA E 4 39.01 -28.37 68.71
N CYS E 5 39.77 -29.47 68.56
CA CYS E 5 39.21 -30.69 68.01
C CYS E 5 38.39 -31.36 69.09
N VAL E 6 37.87 -32.56 68.84
CA VAL E 6 37.10 -33.30 69.83
C VAL E 6 37.82 -34.56 70.28
N LEU E 7 38.24 -35.41 69.34
CA LEU E 7 39.00 -36.60 69.70
C LEU E 7 40.35 -36.22 70.29
N CYS E 8 41.05 -35.28 69.66
CA CYS E 8 42.36 -34.85 70.14
C CYS E 8 42.36 -33.46 70.75
N ASN E 9 41.33 -32.66 70.49
CA ASN E 9 41.16 -31.36 71.13
C ASN E 9 42.30 -30.41 70.80
N SER E 10 42.96 -30.63 69.66
CA SER E 10 43.98 -29.72 69.18
C SER E 10 43.32 -28.52 68.51
N GLN E 11 44.05 -27.40 68.47
CA GLN E 11 43.53 -26.21 67.84
C GLN E 11 43.45 -26.37 66.33
N THR E 12 42.25 -26.15 65.78
CA THR E 12 41.99 -26.42 64.38
C THR E 12 40.72 -25.68 63.97
N SER E 13 40.45 -25.66 62.67
CA SER E 13 39.18 -25.09 62.22
C SER E 13 38.59 -25.84 61.03
N LEU E 14 38.48 -27.17 61.12
CA LEU E 14 37.82 -27.96 60.09
C LEU E 14 36.54 -28.57 60.64
N ARG E 15 35.54 -28.70 59.78
CA ARG E 15 34.27 -29.31 60.16
C ARG E 15 33.81 -30.29 59.09
N CYS E 16 33.03 -31.28 59.50
CA CYS E 16 32.51 -32.29 58.58
C CYS E 16 31.16 -31.88 58.01
N GLY E 17 30.92 -32.31 56.77
CA GLY E 17 29.68 -31.97 56.10
C GLY E 17 28.54 -32.92 56.42
N ALA E 18 28.76 -34.22 56.20
CA ALA E 18 27.70 -35.19 56.42
C ALA E 18 27.30 -35.28 57.88
N CYS E 19 28.23 -35.05 58.80
CA CYS E 19 27.89 -34.98 60.22
C CYS E 19 26.92 -33.83 60.43
N ILE E 20 25.76 -34.13 61.03
CA ILE E 20 24.67 -33.16 61.06
C ILE E 20 25.04 -31.94 61.89
N ARG E 21 25.72 -32.16 63.01
CA ARG E 21 26.04 -31.04 63.89
C ARG E 21 27.27 -30.26 63.45
N ARG E 22 28.04 -30.78 62.49
CA ARG E 22 29.16 -30.05 61.92
C ARG E 22 30.17 -29.68 63.00
N PRO E 23 30.91 -30.64 63.55
CA PRO E 23 31.80 -30.33 64.68
C PRO E 23 33.22 -30.00 64.24
N PHE E 24 33.97 -29.32 65.10
CA PHE E 24 35.35 -29.00 64.81
C PHE E 24 36.22 -30.24 64.85
N LEU E 25 37.04 -30.41 63.82
CA LEU E 25 37.97 -31.53 63.72
C LEU E 25 39.35 -31.02 63.34
N CYS E 26 40.37 -31.71 63.82
CA CYS E 26 41.74 -31.42 63.41
C CYS E 26 41.97 -32.02 62.03
N CYS E 27 43.23 -32.04 61.59
CA CYS E 27 43.53 -32.60 60.28
C CYS E 27 43.53 -34.11 60.30
N LYS E 28 44.35 -34.71 61.17
CA LYS E 28 44.43 -36.16 61.21
C LYS E 28 43.11 -36.79 61.64
N CYS E 29 42.44 -36.18 62.62
CA CYS E 29 41.15 -36.70 63.05
C CYS E 29 40.15 -36.69 61.92
N CYS E 30 40.08 -35.57 61.18
CA CYS E 30 39.15 -35.48 60.06
C CYS E 30 39.50 -36.48 58.97
N TYR E 31 40.79 -36.65 58.69
CA TYR E 31 41.20 -37.62 57.68
C TYR E 31 40.74 -39.02 58.07
N ASP E 32 40.94 -39.38 59.33
CA ASP E 32 40.50 -40.69 59.80
C ASP E 32 38.99 -40.83 59.66
N HIS E 33 38.25 -39.80 60.04
CA HIS E 33 36.79 -39.89 59.98
C HIS E 33 36.31 -40.06 58.56
N VAL E 34 36.90 -39.32 57.62
CA VAL E 34 36.45 -39.43 56.23
C VAL E 34 36.93 -40.71 55.57
N ILE E 35 38.04 -41.27 56.03
CA ILE E 35 38.47 -42.57 55.51
C ILE E 35 37.54 -43.66 55.99
N SER E 36 37.17 -43.64 57.28
CA SER E 36 36.32 -44.68 57.84
C SER E 36 34.89 -44.54 57.33
N THR E 37 34.22 -43.45 57.70
CA THR E 37 32.82 -43.28 57.36
C THR E 37 32.67 -42.93 55.88
N SER E 38 31.41 -42.80 55.46
CA SER E 38 31.09 -42.37 54.11
C SER E 38 30.98 -40.86 53.97
N HIS E 39 31.36 -40.11 55.01
CA HIS E 39 31.31 -38.65 54.95
C HIS E 39 32.32 -38.14 53.93
N LYS E 40 31.81 -37.56 52.85
CA LYS E 40 32.67 -37.09 51.77
C LYS E 40 32.49 -35.59 51.53
N LEU E 41 32.47 -34.81 52.61
CA LEU E 41 32.29 -33.37 52.48
C LEU E 41 32.92 -32.71 53.70
N VAL E 42 33.84 -31.77 53.46
CA VAL E 42 34.54 -31.08 54.53
C VAL E 42 34.32 -29.59 54.38
N LEU E 43 34.05 -28.93 55.50
CA LEU E 43 33.80 -27.50 55.53
C LEU E 43 34.99 -26.79 56.17
N SER E 44 35.32 -25.62 55.60
CA SER E 44 36.38 -24.77 56.08
C SER E 44 35.97 -23.33 55.78
N VAL E 45 36.93 -22.40 55.73
CA VAL E 45 36.65 -21.01 55.42
C VAL E 45 35.90 -20.90 54.09
N ASN E 46 35.86 -21.99 53.32
CA ASN E 46 35.06 -22.09 52.11
C ASN E 46 34.62 -23.54 51.90
N PRO E 47 33.55 -23.79 51.17
CA PRO E 47 33.16 -25.17 50.87
C PRO E 47 34.15 -25.81 49.90
N TYR E 48 34.09 -27.14 49.84
CA TYR E 48 35.01 -27.92 49.01
C TYR E 48 34.25 -28.48 47.81
N VAL E 49 34.40 -27.83 46.66
CA VAL E 49 33.79 -28.30 45.42
C VAL E 49 34.79 -28.09 44.28
N CYS E 50 34.61 -28.87 43.21
CA CYS E 50 35.41 -28.66 42.02
C CYS E 50 35.08 -27.29 41.45
N ASN E 51 36.01 -26.35 41.57
CA ASN E 51 35.72 -24.96 41.23
C ASN E 51 35.29 -24.81 39.79
N ALA E 52 35.73 -25.71 38.92
CA ALA E 52 35.29 -25.68 37.53
C ALA E 52 33.78 -25.87 37.49
N PRO E 53 33.05 -24.95 36.86
CA PRO E 53 31.59 -25.12 36.76
C PRO E 53 31.18 -26.35 35.97
N GLY E 54 32.08 -26.92 35.17
CA GLY E 54 31.77 -28.12 34.43
C GLY E 54 31.96 -29.37 35.26
N CYS E 55 32.16 -29.21 36.56
CA CYS E 55 32.27 -30.35 37.46
C CYS E 55 31.51 -30.04 38.74
N ASP E 56 31.08 -31.09 39.41
CA ASP E 56 30.34 -30.94 40.67
C ASP E 56 30.76 -31.98 41.68
N VAL E 57 32.07 -32.26 41.74
CA VAL E 57 32.61 -33.25 42.66
C VAL E 57 32.86 -32.58 44.00
N THR E 58 32.24 -33.12 45.06
CA THR E 58 32.44 -32.64 46.41
C THR E 58 33.25 -33.59 47.26
N ASP E 59 33.71 -34.71 46.69
CA ASP E 59 34.43 -35.71 47.46
C ASP E 59 35.81 -35.19 47.84
N VAL E 60 36.16 -35.35 49.12
CA VAL E 60 37.49 -34.96 49.58
C VAL E 60 38.54 -35.98 49.16
N THR E 61 38.12 -37.18 48.75
CA THR E 61 39.06 -38.20 48.31
C THR E 61 39.95 -37.68 47.19
N GLN E 62 39.35 -37.07 46.18
CA GLN E 62 40.12 -36.39 45.15
C GLN E 62 39.63 -34.96 45.01
N LEU E 63 40.56 -34.02 45.16
CA LEU E 63 40.30 -32.61 44.90
C LEU E 63 41.65 -31.93 44.72
N TYR E 64 41.79 -31.18 43.63
CA TYR E 64 43.07 -30.65 43.22
C TYR E 64 43.09 -29.13 43.32
N LEU E 65 44.15 -28.61 43.91
CA LEU E 65 44.30 -27.17 44.10
C LEU E 65 44.49 -26.48 42.75
N GLY E 66 43.45 -25.80 42.28
CA GLY E 66 43.52 -25.07 41.04
C GLY E 66 43.99 -23.64 41.23
N GLY E 67 45.24 -23.49 41.67
CA GLY E 67 45.78 -22.18 41.97
C GLY E 67 45.35 -21.69 43.33
N MET E 68 44.05 -21.50 43.53
CA MET E 68 43.54 -21.08 44.83
C MET E 68 42.32 -21.90 45.23
N SER E 69 41.73 -22.62 44.28
CA SER E 69 40.49 -23.34 44.53
C SER E 69 40.67 -24.81 44.17
N TYR E 70 39.58 -25.56 44.33
CA TYR E 70 39.61 -27.01 44.24
C TYR E 70 39.15 -27.47 42.86
N TYR E 71 39.76 -28.53 42.35
CA TYR E 71 39.46 -28.97 41.00
C TYR E 71 39.45 -30.48 40.93
N CYS E 72 38.78 -30.98 39.89
CA CYS E 72 38.80 -32.39 39.53
C CYS E 72 40.02 -32.70 38.67
N LYS E 73 40.23 -33.98 38.40
CA LYS E 73 41.35 -34.37 37.54
C LYS E 73 41.12 -33.90 36.10
N SER E 74 39.89 -33.96 35.62
CA SER E 74 39.58 -33.50 34.28
C SER E 74 39.70 -32.00 34.13
N HIS E 75 39.82 -31.26 35.23
CA HIS E 75 40.02 -29.82 35.18
C HIS E 75 41.26 -29.38 35.94
N LYS E 76 42.12 -30.30 36.34
CA LYS E 76 43.26 -29.96 37.18
C LYS E 76 44.27 -29.17 36.35
N PRO E 77 44.70 -27.99 36.79
CA PRO E 77 45.74 -27.26 36.07
C PRO E 77 47.06 -28.01 36.15
N PRO E 78 47.97 -27.78 35.21
CA PRO E 78 49.23 -28.56 35.18
C PRO E 78 50.04 -28.42 36.46
N ILE E 79 50.40 -27.20 36.83
CA ILE E 79 51.19 -26.97 38.03
C ILE E 79 50.24 -26.87 39.22
N SER E 80 49.94 -28.00 39.84
CA SER E 80 48.93 -28.02 40.88
C SER E 80 49.09 -29.25 41.77
N PHE E 81 48.66 -29.15 43.03
CA PHE E 81 48.88 -30.25 43.95
C PHE E 81 47.56 -30.71 44.59
N PRO E 82 47.32 -32.02 44.64
CA PRO E 82 46.18 -32.53 45.40
C PRO E 82 46.30 -32.17 46.86
N LEU E 83 45.16 -31.86 47.48
CA LEU E 83 45.14 -31.34 48.85
C LEU E 83 44.75 -32.41 49.86
N CYS E 84 44.77 -33.68 49.48
CA CYS E 84 44.74 -34.77 50.45
C CYS E 84 46.17 -34.97 50.95
N ALA E 85 46.40 -34.64 52.22
CA ALA E 85 47.76 -34.59 52.74
C ALA E 85 48.33 -35.99 52.90
N ASN E 86 49.53 -36.04 53.49
CA ASN E 86 50.19 -37.32 53.72
C ASN E 86 49.48 -38.05 54.85
N GLY E 87 48.34 -38.65 54.53
CA GLY E 87 47.51 -39.25 55.56
C GLY E 87 46.75 -38.26 56.39
N GLN E 88 46.56 -37.05 55.89
CA GLN E 88 45.74 -36.04 56.56
C GLN E 88 45.02 -35.24 55.48
N VAL E 89 44.39 -34.15 55.89
CA VAL E 89 43.73 -33.23 54.97
C VAL E 89 44.35 -31.85 55.14
N PHE E 90 44.75 -31.25 54.03
CA PHE E 90 45.48 -29.99 54.06
C PHE E 90 44.59 -28.85 54.54
N GLY E 91 45.15 -28.00 55.40
CA GLY E 91 44.40 -26.83 55.84
C GLY E 91 44.91 -26.10 57.06
N LEU E 92 43.99 -25.41 57.72
CA LEU E 92 44.28 -24.55 58.87
C LEU E 92 45.04 -25.32 59.95
N TYR E 93 46.30 -24.94 60.15
CA TYR E 93 47.16 -25.52 61.18
C TYR E 93 47.43 -27.00 60.95
N LYS E 94 48.69 -27.39 60.84
CA LYS E 94 49.02 -28.80 60.74
C LYS E 94 50.16 -29.14 61.71
N ASN E 95 50.89 -28.12 62.12
CA ASN E 95 52.06 -28.34 62.95
C ASN E 95 51.73 -28.57 64.41
N THR E 96 50.46 -28.45 64.80
CA THR E 96 50.08 -28.64 66.20
C THR E 96 48.90 -29.61 66.29
N CYS E 97 48.88 -30.62 65.43
CA CYS E 97 47.82 -31.63 65.45
C CYS E 97 48.26 -32.79 66.34
N VAL E 98 47.86 -32.74 67.60
CA VAL E 98 48.12 -33.85 68.50
C VAL E 98 47.31 -35.06 68.05
N GLY E 99 47.86 -36.25 68.27
CA GLY E 99 47.25 -37.48 67.79
C GLY E 99 46.38 -38.15 68.84
N SER E 100 45.25 -38.68 68.39
CA SER E 100 44.37 -39.48 69.21
C SER E 100 43.59 -40.40 68.28
N ASP E 101 43.30 -41.61 68.76
CA ASP E 101 42.83 -42.68 67.88
C ASP E 101 41.38 -43.09 68.10
N ASN E 102 40.75 -42.68 69.19
CA ASN E 102 39.40 -43.16 69.51
C ASN E 102 38.41 -42.48 68.57
N VAL E 103 38.44 -42.92 67.30
CA VAL E 103 37.60 -42.35 66.27
C VAL E 103 36.47 -43.31 65.96
N THR E 104 36.70 -44.60 66.21
CA THR E 104 35.74 -45.63 65.85
C THR E 104 34.41 -45.40 66.58
N ASP E 105 34.47 -45.10 67.87
CA ASP E 105 33.25 -44.77 68.60
C ASP E 105 32.61 -43.51 68.02
N PHE E 106 33.44 -42.50 67.71
CA PHE E 106 32.92 -41.28 67.12
C PHE E 106 32.30 -41.55 65.75
N ASN E 107 32.94 -42.42 64.96
CA ASN E 107 32.35 -42.80 63.68
C ASN E 107 30.99 -43.47 63.90
N ALA E 108 30.90 -44.34 64.90
CA ALA E 108 29.64 -45.03 65.18
C ALA E 108 28.56 -44.04 65.62
N ILE E 109 28.95 -42.99 66.34
CA ILE E 109 27.99 -41.97 66.77
C ILE E 109 27.35 -41.32 65.55
N ALA E 110 28.15 -41.05 64.52
CA ALA E 110 27.63 -40.46 63.30
C ALA E 110 27.15 -41.53 62.34
N THR E 111 26.95 -42.75 62.84
CA THR E 111 26.57 -43.85 61.96
C THR E 111 25.22 -44.45 62.35
N CYS E 112 25.02 -44.75 63.63
CA CYS E 112 23.90 -45.58 64.04
C CYS E 112 22.58 -44.81 63.96
N ASP E 113 21.49 -45.56 64.02
CA ASP E 113 20.15 -45.03 63.81
C ASP E 113 19.38 -44.75 65.10
N TRP E 114 19.95 -45.09 66.27
CA TRP E 114 19.29 -44.93 67.56
C TRP E 114 17.95 -45.67 67.59
N THR E 115 18.00 -46.91 67.09
CA THR E 115 16.85 -47.80 67.15
C THR E 115 17.22 -49.04 67.94
N ASN E 116 18.51 -49.21 68.20
CA ASN E 116 19.03 -50.33 68.93
C ASN E 116 19.59 -49.86 70.26
N ALA E 117 19.31 -50.63 71.32
CA ALA E 117 19.76 -50.24 72.65
C ALA E 117 21.27 -50.13 72.73
N GLY E 118 21.97 -50.87 71.86
CA GLY E 118 23.41 -50.75 71.80
C GLY E 118 23.88 -49.33 71.51
N ASP E 119 23.15 -48.64 70.63
CA ASP E 119 23.45 -47.23 70.35
C ASP E 119 23.38 -46.39 71.63
N TYR E 120 22.26 -46.50 72.34
CA TYR E 120 22.04 -45.64 73.50
C TYR E 120 23.02 -45.97 74.62
N ILE E 121 23.24 -47.25 74.89
CA ILE E 121 24.15 -47.63 75.97
C ILE E 121 25.58 -47.24 75.60
N LEU E 122 25.95 -47.40 74.33
CA LEU E 122 27.28 -47.00 73.89
C LEU E 122 27.43 -45.49 73.94
N ALA E 123 26.34 -44.76 73.72
CA ALA E 123 26.40 -43.31 73.75
C ALA E 123 26.78 -42.81 75.14
N ASN E 124 26.24 -43.43 76.18
CA ASN E 124 26.52 -43.01 77.54
C ASN E 124 27.80 -43.60 78.10
N THR E 125 28.71 -44.06 77.25
CA THR E 125 29.96 -44.66 77.70
C THR E 125 31.21 -43.93 77.21
N CYS E 126 31.07 -42.95 76.31
CA CYS E 126 32.22 -42.29 75.72
C CYS E 126 32.67 -41.08 76.52
N THR E 127 33.56 -40.27 75.93
CA THR E 127 34.08 -39.07 76.53
C THR E 127 32.97 -38.03 76.71
N GLU E 128 33.07 -37.28 77.80
CA GLU E 128 32.11 -36.23 78.15
C GLU E 128 31.67 -35.40 76.95
N ARG E 129 32.63 -34.81 76.24
CA ARG E 129 32.29 -34.01 75.07
C ARG E 129 31.62 -34.86 74.01
N LEU E 130 32.08 -36.09 73.81
CA LEU E 130 31.42 -37.00 72.88
C LEU E 130 30.00 -37.30 73.34
N LYS E 131 29.80 -37.43 74.66
CA LYS E 131 28.45 -37.62 75.17
C LYS E 131 27.56 -36.42 74.85
N LEU E 132 28.07 -35.21 75.04
CA LEU E 132 27.30 -34.01 74.74
C LEU E 132 26.94 -33.96 73.26
N PHE E 133 27.92 -34.26 72.41
CA PHE E 133 27.67 -34.24 70.97
C PHE E 133 26.65 -35.30 70.57
N ALA E 134 26.73 -36.48 71.17
CA ALA E 134 25.78 -37.53 70.87
C ALA E 134 24.37 -37.14 71.31
N ALA E 135 24.24 -36.55 72.50
CA ALA E 135 22.93 -36.09 72.95
C ALA E 135 22.39 -35.01 72.02
N GLU E 136 23.24 -34.09 71.60
CA GLU E 136 22.83 -33.02 70.70
C GLU E 136 22.33 -33.59 69.37
N THR E 137 23.10 -34.52 68.79
CA THR E 137 22.70 -35.07 67.50
C THR E 137 21.46 -35.96 67.64
N LEU E 138 21.30 -36.63 68.78
CA LEU E 138 20.07 -37.38 69.01
C LEU E 138 18.86 -36.45 69.07
N LYS E 139 19.00 -35.34 69.78
CA LYS E 139 17.91 -34.37 69.87
C LYS E 139 17.57 -33.82 68.49
N ALA E 140 18.61 -33.51 67.70
CA ALA E 140 18.39 -33.03 66.35
C ALA E 140 17.70 -34.08 65.49
N THR E 141 18.09 -35.34 65.64
CA THR E 141 17.44 -36.42 64.90
C THR E 141 15.97 -36.51 65.26
N GLU E 142 15.67 -36.40 66.55
CA GLU E 142 14.29 -36.42 67.00
C GLU E 142 13.50 -35.25 66.42
N GLU E 143 14.11 -34.06 66.41
CA GLU E 143 13.44 -32.89 65.86
C GLU E 143 13.17 -33.07 64.37
N THR E 144 14.13 -33.62 63.63
CA THR E 144 13.93 -33.88 62.22
C THR E 144 12.80 -34.87 62.00
N PHE E 145 12.77 -35.92 62.81
CA PHE E 145 11.73 -36.94 62.66
C PHE E 145 10.35 -36.36 62.94
N LYS E 146 10.20 -35.62 64.04
CA LYS E 146 8.90 -35.05 64.36
C LYS E 146 8.51 -33.96 63.38
N LEU E 147 9.49 -33.34 62.73
CA LEU E 147 9.18 -32.42 61.64
C LEU E 147 8.44 -33.13 60.52
N SER E 148 8.90 -34.33 60.17
CA SER E 148 8.27 -35.13 59.12
C SER E 148 7.07 -35.90 59.68
N TYR E 149 6.08 -35.14 60.13
CA TYR E 149 4.85 -35.69 60.69
C TYR E 149 3.66 -35.29 59.82
N GLY E 150 2.48 -35.77 60.23
CA GLY E 150 1.28 -35.66 59.43
C GLY E 150 0.91 -34.27 58.97
N ILE E 151 0.35 -34.18 57.76
CA ILE E 151 -0.12 -32.92 57.19
C ILE E 151 -1.63 -33.05 57.05
N ALA E 152 -2.37 -32.59 58.06
CA ALA E 152 -3.78 -32.93 58.17
C ALA E 152 -4.62 -32.25 57.10
N THR E 153 -4.87 -32.93 55.99
CA THR E 153 -5.74 -32.44 54.93
C THR E 153 -7.19 -32.60 55.40
N VAL E 154 -7.62 -31.67 56.25
CA VAL E 154 -8.94 -31.74 56.87
C VAL E 154 -10.01 -31.38 55.87
N ARG E 155 -11.27 -31.64 56.21
CA ARG E 155 -12.39 -31.31 55.33
C ARG E 155 -13.55 -30.60 56.03
N GLU E 156 -13.76 -30.78 57.32
CA GLU E 156 -14.94 -30.24 58.00
C GLU E 156 -14.54 -29.65 59.34
N VAL E 157 -15.37 -28.73 59.82
CA VAL E 157 -15.18 -28.09 61.12
C VAL E 157 -16.55 -28.02 61.80
N LEU E 158 -16.58 -28.37 63.09
CA LEU E 158 -17.86 -28.48 63.81
C LEU E 158 -18.28 -27.13 64.38
N SER E 159 -17.48 -26.56 65.28
CA SER E 159 -17.86 -25.37 66.02
C SER E 159 -16.68 -24.42 66.13
N ASP E 160 -16.84 -23.37 66.94
CA ASP E 160 -15.74 -22.48 67.27
C ASP E 160 -14.69 -23.16 68.12
N ARG E 161 -15.05 -24.25 68.80
CA ARG E 161 -14.11 -25.02 69.61
C ARG E 161 -13.85 -26.41 69.05
N GLU E 162 -14.73 -26.92 68.20
CA GLU E 162 -14.71 -28.30 67.75
C GLU E 162 -14.59 -28.34 66.23
N LEU E 163 -13.83 -29.31 65.72
CA LEU E 163 -13.60 -29.42 64.28
C LEU E 163 -13.46 -30.88 63.91
N HIS E 164 -13.43 -31.15 62.61
CA HIS E 164 -13.19 -32.48 62.07
C HIS E 164 -11.81 -32.52 61.42
N LEU E 165 -11.05 -33.57 61.73
CA LEU E 165 -9.68 -33.70 61.28
C LEU E 165 -9.55 -34.88 60.32
N SER E 166 -8.91 -34.64 59.18
CA SER E 166 -8.51 -35.70 58.27
C SER E 166 -7.10 -35.40 57.79
N TRP E 167 -6.39 -36.44 57.37
CA TRP E 167 -4.95 -36.35 57.15
C TRP E 167 -4.58 -36.79 55.75
N GLU E 168 -3.33 -36.47 55.39
CA GLU E 168 -2.74 -36.95 54.15
C GLU E 168 -2.37 -38.42 54.26
N VAL E 169 -1.77 -38.94 53.18
CA VAL E 169 -1.36 -40.33 53.10
C VAL E 169 0.15 -40.38 52.95
N GLY E 170 0.83 -41.03 53.90
CA GLY E 170 2.25 -41.27 53.75
C GLY E 170 3.10 -40.86 54.94
N LYS E 171 2.75 -39.75 55.59
CA LYS E 171 3.56 -39.28 56.70
C LYS E 171 2.85 -39.57 58.03
N PRO E 172 3.60 -39.72 59.12
CA PRO E 172 2.99 -40.09 60.40
C PRO E 172 2.07 -39.02 60.96
N ARG E 173 0.77 -39.27 60.92
CA ARG E 173 -0.21 -38.40 61.56
C ARG E 173 -0.03 -38.48 63.07
N PRO E 174 0.53 -37.45 63.69
CA PRO E 174 0.89 -37.54 65.11
C PRO E 174 -0.35 -37.56 65.98
N PRO E 175 -0.23 -38.06 67.21
CA PRO E 175 -1.36 -37.99 68.15
C PRO E 175 -1.72 -36.55 68.49
N LEU E 176 -2.85 -36.39 69.15
CA LEU E 176 -3.38 -35.08 69.53
C LEU E 176 -3.32 -34.93 71.04
N ASN E 177 -2.75 -33.82 71.50
CA ASN E 177 -2.67 -33.50 72.92
C ASN E 177 -2.31 -32.03 73.06
N ARG E 178 -2.48 -31.51 74.27
CA ARG E 178 -2.05 -30.14 74.55
C ARG E 178 -0.54 -29.99 74.53
N ASN E 179 0.20 -31.10 74.60
CA ASN E 179 1.66 -31.04 74.58
C ASN E 179 2.19 -30.61 73.22
N TYR E 180 1.54 -31.06 72.14
CA TYR E 180 2.03 -30.80 70.80
C TYR E 180 1.60 -29.42 70.33
N VAL E 181 2.26 -28.96 69.27
CA VAL E 181 2.05 -27.62 68.71
C VAL E 181 1.79 -27.75 67.22
N PHE E 182 0.72 -27.14 66.74
CA PHE E 182 0.34 -27.19 65.34
C PHE E 182 -0.11 -25.81 64.89
N THR E 183 -0.23 -25.64 63.58
CA THR E 183 -0.69 -24.39 63.00
C THR E 183 -1.16 -24.66 61.58
N GLY E 184 -2.32 -24.11 61.23
CA GLY E 184 -2.83 -24.21 59.88
C GLY E 184 -2.27 -23.11 58.98
N TYR E 185 -2.34 -23.36 57.68
CA TYR E 185 -1.74 -22.46 56.69
C TYR E 185 -2.73 -22.25 55.55
N ARG E 186 -3.17 -21.01 55.37
CA ARG E 186 -4.20 -20.68 54.39
C ARG E 186 -3.64 -20.82 52.99
N VAL E 187 -4.03 -21.87 52.28
CA VAL E 187 -3.64 -22.06 50.89
C VAL E 187 -4.69 -21.43 49.98
N THR E 188 -4.55 -20.13 49.73
CA THR E 188 -5.44 -19.39 48.82
C THR E 188 -4.71 -18.93 47.57
N LYS E 189 -3.86 -19.79 47.00
CA LYS E 189 -2.91 -19.46 45.94
C LYS E 189 -1.82 -18.50 46.42
N ASN E 190 -1.90 -18.06 47.68
CA ASN E 190 -0.98 -17.11 48.29
C ASN E 190 -1.33 -16.95 49.76
N SER E 191 -0.57 -16.14 50.48
CA SER E 191 -0.86 -15.82 51.88
C SER E 191 -0.92 -17.09 52.74
N LYS E 192 0.10 -17.92 52.62
CA LYS E 192 0.19 -19.13 53.44
C LYS E 192 0.68 -18.75 54.83
N VAL E 193 -0.06 -17.88 55.51
CA VAL E 193 0.35 -17.31 56.80
C VAL E 193 -0.08 -18.26 57.90
N GLN E 194 0.66 -18.23 59.01
CA GLN E 194 0.28 -18.99 60.19
C GLN E 194 -1.07 -18.51 60.70
N ILE E 195 -1.91 -19.48 61.10
CA ILE E 195 -3.20 -19.13 61.69
C ILE E 195 -3.14 -19.05 63.20
N GLY E 196 -1.96 -19.23 63.80
CA GLY E 196 -1.82 -19.16 65.24
C GLY E 196 -1.31 -20.46 65.82
N GLU E 197 -0.79 -20.41 67.05
CA GLU E 197 -0.33 -21.62 67.72
C GLU E 197 -1.55 -22.47 68.07
N TYR E 198 -1.79 -23.51 67.28
CA TYR E 198 -2.99 -24.34 67.41
C TYR E 198 -2.61 -25.64 68.12
N THR E 199 -3.23 -25.87 69.27
CA THR E 199 -3.16 -27.15 69.95
C THR E 199 -4.40 -27.96 69.63
N PHE E 200 -4.30 -29.28 69.81
CA PHE E 200 -5.38 -30.16 69.40
C PHE E 200 -5.47 -31.37 70.32
N GLU E 201 -6.70 -31.70 70.71
CA GLU E 201 -7.01 -32.92 71.42
C GLU E 201 -8.28 -33.52 70.83
N LYS E 202 -8.39 -34.84 70.92
CA LYS E 202 -9.54 -35.52 70.34
C LYS E 202 -10.82 -35.12 71.08
N GLY E 203 -11.91 -35.05 70.32
CA GLY E 203 -13.18 -34.63 70.87
C GLY E 203 -13.76 -35.64 71.83
N ASP E 204 -15.02 -35.40 72.19
CA ASP E 204 -15.69 -36.21 73.19
C ASP E 204 -16.14 -37.56 72.64
N TYR E 205 -16.84 -37.55 71.51
CA TYR E 205 -17.49 -38.74 71.00
C TYR E 205 -17.57 -38.66 69.48
N GLY E 206 -17.39 -39.81 68.82
CA GLY E 206 -17.52 -39.88 67.38
C GLY E 206 -16.37 -39.21 66.65
N ASP E 207 -16.62 -38.92 65.37
CA ASP E 207 -15.63 -38.25 64.53
C ASP E 207 -15.60 -36.76 64.85
N ALA E 208 -15.15 -36.42 66.05
CA ALA E 208 -15.13 -35.04 66.53
C ALA E 208 -13.79 -34.74 67.15
N VAL E 209 -13.25 -33.55 66.85
CA VAL E 209 -11.98 -33.09 67.41
C VAL E 209 -12.17 -31.67 67.93
N VAL E 210 -11.66 -31.40 69.12
CA VAL E 210 -11.72 -30.08 69.73
C VAL E 210 -10.44 -29.35 69.39
N TYR E 211 -10.58 -28.13 68.87
CA TYR E 211 -9.44 -27.33 68.43
C TYR E 211 -9.39 -26.02 69.20
N ARG E 212 -8.18 -25.62 69.60
CA ARG E 212 -7.95 -24.36 70.29
C ARG E 212 -6.64 -23.78 69.78
N GLY E 213 -6.68 -22.55 69.27
CA GLY E 213 -5.50 -21.90 68.76
C GLY E 213 -5.27 -20.57 69.45
N THR E 214 -4.07 -20.02 69.22
CA THR E 214 -3.75 -18.69 69.75
C THR E 214 -4.69 -17.65 69.17
N THR E 215 -4.93 -17.70 67.87
CA THR E 215 -6.12 -17.11 67.28
C THR E 215 -7.10 -18.22 66.97
N THR E 216 -8.39 -17.88 66.89
CA THR E 216 -9.41 -18.89 66.65
C THR E 216 -10.41 -18.32 65.66
N TYR E 217 -10.30 -18.75 64.40
CA TYR E 217 -11.30 -18.46 63.39
C TYR E 217 -12.32 -19.60 63.36
N LYS E 218 -13.14 -19.64 62.32
CA LYS E 218 -13.88 -20.85 61.98
C LYS E 218 -13.17 -21.45 60.76
N LEU E 219 -12.43 -22.52 61.00
CA LEU E 219 -11.47 -23.01 60.03
C LEU E 219 -12.16 -23.51 58.76
N ASN E 220 -11.48 -23.34 57.63
CA ASN E 220 -12.01 -23.74 56.33
C ASN E 220 -11.62 -25.17 56.00
N VAL E 221 -11.79 -25.56 54.73
CA VAL E 221 -11.61 -26.94 54.31
C VAL E 221 -10.18 -27.20 53.87
N GLY E 222 -9.60 -26.30 53.08
CA GLY E 222 -8.37 -26.60 52.37
C GLY E 222 -7.09 -26.55 53.18
N ASP E 223 -7.19 -26.23 54.48
CA ASP E 223 -5.99 -26.06 55.29
C ASP E 223 -5.35 -27.39 55.70
N TYR E 224 -4.27 -27.31 56.45
CA TYR E 224 -3.56 -28.47 56.97
C TYR E 224 -2.71 -28.04 58.14
N PHE E 225 -2.42 -28.99 59.03
CA PHE E 225 -1.73 -28.72 60.28
C PHE E 225 -0.45 -29.54 60.31
N VAL E 226 0.69 -28.87 60.15
CA VAL E 226 1.99 -29.53 60.06
C VAL E 226 2.77 -29.28 61.34
N LEU E 227 3.41 -30.31 61.85
CA LEU E 227 4.18 -30.23 63.07
C LEU E 227 5.58 -29.70 62.75
N THR E 228 5.90 -28.54 63.30
CA THR E 228 7.22 -27.92 63.14
C THR E 228 8.12 -28.31 64.30
N SER E 229 9.42 -28.12 64.09
CA SER E 229 10.44 -28.53 65.05
C SER E 229 11.21 -27.33 65.55
N HIS E 230 11.58 -27.37 66.82
CA HIS E 230 12.35 -26.31 67.45
C HIS E 230 13.84 -26.61 67.37
N THR E 231 14.65 -25.56 67.30
CA THR E 231 16.08 -25.73 67.16
C THR E 231 16.71 -26.23 68.45
N VAL E 232 17.93 -26.74 68.33
CA VAL E 232 18.70 -27.26 69.45
C VAL E 232 19.99 -26.45 69.56
N MET E 233 20.26 -25.94 70.76
CA MET E 233 21.43 -25.12 70.95
C MET E 233 22.59 -25.94 71.50
N PRO E 234 23.82 -25.63 71.09
CA PRO E 234 24.97 -26.36 71.63
C PRO E 234 25.27 -25.93 73.05
N LEU E 235 26.07 -26.75 73.74
CA LEU E 235 26.38 -26.53 75.14
C LEU E 235 27.86 -26.81 75.39
N SER E 236 28.37 -26.29 76.52
CA SER E 236 29.79 -26.44 76.84
C SER E 236 30.03 -26.98 78.25
N ALA E 237 29.14 -26.69 79.18
CA ALA E 237 29.38 -27.09 80.56
C ALA E 237 29.38 -28.60 80.69
N PRO E 238 30.11 -29.15 81.65
CA PRO E 238 30.09 -30.60 81.86
C PRO E 238 28.73 -31.06 82.37
N THR E 239 28.39 -32.31 82.05
CA THR E 239 27.19 -32.92 82.61
C THR E 239 27.30 -33.05 84.13
N LEU E 240 28.47 -33.48 84.61
CA LEU E 240 28.69 -33.74 86.03
C LEU E 240 29.90 -32.95 86.49
N VAL E 241 29.74 -32.20 87.58
CA VAL E 241 30.82 -31.44 88.19
C VAL E 241 31.65 -32.38 89.07
N PRO E 242 32.92 -32.10 89.30
CA PRO E 242 33.75 -32.99 90.12
C PRO E 242 33.38 -32.91 91.59
N GLN E 243 33.76 -33.95 92.32
CA GLN E 243 33.49 -34.04 93.75
C GLN E 243 34.70 -33.56 94.55
N GLU E 244 34.41 -32.90 95.67
CA GLU E 244 35.45 -32.42 96.57
C GLU E 244 35.01 -32.70 98.00
N HIS E 245 35.91 -33.23 98.81
CA HIS E 245 35.61 -33.49 100.21
C HIS E 245 36.07 -32.32 101.07
N TYR E 246 35.30 -32.08 102.14
CA TYR E 246 35.54 -30.95 103.03
C TYR E 246 35.74 -31.49 104.45
N VAL E 247 35.92 -30.56 105.38
CA VAL E 247 36.06 -30.90 106.80
C VAL E 247 34.93 -30.28 107.62
N ARG E 248 34.72 -28.98 107.49
CA ARG E 248 33.70 -28.26 108.23
C ARG E 248 32.57 -27.87 107.27
N ILE E 249 31.57 -27.17 107.83
CA ILE E 249 30.44 -26.73 107.03
C ILE E 249 30.91 -25.74 105.97
N THR E 250 30.19 -25.70 104.85
CA THR E 250 30.56 -24.87 103.70
C THR E 250 29.82 -23.54 103.69
N GLY E 251 29.53 -22.97 104.86
CA GLY E 251 28.91 -21.67 104.93
C GLY E 251 27.41 -21.69 104.73
N LEU E 252 26.69 -22.35 105.65
CA LEU E 252 25.24 -22.40 105.60
C LEU E 252 24.69 -22.01 106.97
N TYR E 253 23.53 -21.36 106.96
CA TYR E 253 22.94 -20.80 108.17
C TYR E 253 21.88 -21.74 108.73
N PRO E 254 22.07 -22.27 109.93
CA PRO E 254 21.12 -23.25 110.46
C PRO E 254 19.90 -22.61 111.10
N THR E 255 18.98 -23.46 111.58
CA THR E 255 17.82 -23.01 112.35
C THR E 255 17.66 -24.00 113.51
N LEU E 256 18.07 -23.57 114.70
CA LEU E 256 18.05 -24.46 115.85
C LEU E 256 16.62 -24.72 116.31
N ASN E 257 16.31 -25.98 116.56
CA ASN E 257 15.02 -26.40 117.13
C ASN E 257 13.85 -25.90 116.29
N ILE E 258 13.79 -26.40 115.06
CA ILE E 258 12.73 -26.04 114.12
C ILE E 258 11.72 -27.17 113.94
N SER E 259 12.20 -28.39 113.69
CA SER E 259 11.34 -29.55 113.51
C SER E 259 11.99 -30.74 114.19
N ASP E 260 11.43 -31.92 113.95
CA ASP E 260 11.91 -33.15 114.58
C ASP E 260 12.22 -34.26 113.60
N GLU E 261 11.45 -34.37 112.51
CA GLU E 261 11.66 -35.45 111.56
C GLU E 261 12.96 -35.32 110.81
N PHE E 262 13.61 -34.16 110.87
CA PHE E 262 14.79 -33.88 110.08
C PHE E 262 16.03 -33.64 110.93
N SER E 263 15.90 -33.62 112.25
CA SER E 263 17.08 -33.63 113.11
C SER E 263 17.86 -34.92 112.95
N SER E 264 17.16 -36.04 112.70
CA SER E 264 17.84 -37.28 112.36
C SER E 264 18.49 -37.22 111.00
N ASN E 265 17.95 -36.43 110.08
CA ASN E 265 18.54 -36.22 108.76
C ASN E 265 19.56 -35.10 108.74
N VAL E 266 19.79 -34.45 109.89
CA VAL E 266 20.81 -33.40 109.98
C VAL E 266 22.18 -33.96 109.64
N ALA E 267 22.46 -35.20 110.04
CA ALA E 267 23.73 -35.83 109.66
C ALA E 267 23.82 -35.95 108.15
N ASN E 268 22.74 -36.34 107.50
CA ASN E 268 22.73 -36.40 106.04
C ASN E 268 22.93 -35.03 105.43
N TYR E 269 22.32 -34.00 106.00
CA TYR E 269 22.47 -32.65 105.48
C TYR E 269 23.92 -32.19 105.60
N GLN E 270 24.57 -32.50 106.72
CA GLN E 270 25.98 -32.17 106.88
C GLN E 270 26.85 -32.97 105.92
N LYS E 271 26.48 -34.22 105.66
CA LYS E 271 27.19 -35.01 104.65
C LYS E 271 27.10 -34.33 103.29
N VAL E 272 25.93 -33.75 102.97
CA VAL E 272 25.83 -32.93 101.77
C VAL E 272 26.76 -31.72 101.86
N GLY E 273 26.80 -31.08 103.03
CA GLY E 273 27.62 -29.89 103.18
C GLY E 273 29.11 -30.16 103.00
N MET E 274 29.60 -31.25 103.60
CA MET E 274 31.01 -31.64 103.49
C MET E 274 31.44 -31.98 102.06
N GLN E 275 30.55 -32.01 101.07
CA GLN E 275 30.95 -32.23 99.69
C GLN E 275 30.34 -31.14 98.82
N LYS E 276 30.81 -31.09 97.57
CA LYS E 276 30.25 -30.13 96.61
C LYS E 276 28.78 -30.38 96.35
N TYR E 277 28.33 -31.63 96.47
CA TYR E 277 26.97 -31.99 96.11
C TYR E 277 26.61 -33.28 96.82
N SER E 278 25.42 -33.80 96.53
CA SER E 278 24.96 -35.10 97.01
C SER E 278 23.72 -35.48 96.21
N THR E 279 23.35 -36.76 96.29
CA THR E 279 22.23 -37.30 95.54
C THR E 279 21.33 -38.10 96.47
N LEU E 280 20.21 -38.57 95.93
CA LEU E 280 19.24 -39.36 96.69
C LEU E 280 18.77 -40.52 95.83
N GLN E 281 18.96 -41.73 96.34
CA GLN E 281 18.54 -42.97 95.66
C GLN E 281 17.69 -43.78 96.62
N GLY E 282 16.38 -43.80 96.37
CA GLY E 282 15.46 -44.53 97.21
C GLY E 282 14.16 -44.81 96.51
N PRO E 283 13.36 -45.71 97.07
CA PRO E 283 12.08 -46.07 96.46
C PRO E 283 11.11 -44.90 96.50
N PRO E 284 10.12 -44.89 95.61
CA PRO E 284 9.16 -43.78 95.58
C PRO E 284 8.23 -43.82 96.78
N GLY E 285 7.59 -42.71 97.07
CA GLY E 285 6.73 -42.69 98.25
C GLY E 285 7.41 -42.50 99.59
N THR E 286 8.73 -42.77 99.71
CA THR E 286 9.44 -42.72 101.05
C THR E 286 10.44 -41.60 101.18
N GLY E 287 10.05 -40.55 101.89
CA GLY E 287 10.86 -39.34 101.96
C GLY E 287 11.74 -38.99 100.80
N LYS E 288 11.14 -38.66 99.66
CA LYS E 288 11.95 -38.22 98.57
C LYS E 288 11.84 -36.72 98.49
N SER E 289 10.71 -36.23 98.02
CA SER E 289 10.52 -34.80 97.95
C SER E 289 10.27 -34.31 99.32
N HIS E 290 9.96 -35.23 100.22
CA HIS E 290 9.83 -34.82 101.60
C HIS E 290 11.14 -34.71 102.38
N PHE E 291 12.19 -35.34 101.91
CA PHE E 291 13.48 -35.19 102.53
C PHE E 291 13.95 -33.86 102.07
N ALA E 292 13.35 -33.34 101.01
CA ALA E 292 13.71 -32.00 100.62
C ALA E 292 13.32 -30.77 101.46
N ILE E 293 12.09 -30.57 101.87
CA ILE E 293 11.62 -29.37 102.53
C ILE E 293 12.24 -29.27 103.92
N GLY E 294 12.41 -30.39 104.61
CA GLY E 294 13.09 -30.37 105.89
C GLY E 294 14.56 -30.01 105.76
N LEU E 295 15.21 -30.48 104.71
CA LEU E 295 16.59 -30.05 104.44
C LEU E 295 16.64 -28.55 104.22
N ALA E 296 15.66 -28.00 103.51
CA ALA E 296 15.55 -26.55 103.39
C ALA E 296 15.36 -25.91 104.75
N LEU E 297 14.55 -26.53 105.61
CA LEU E 297 14.36 -26.06 106.98
C LEU E 297 15.68 -26.02 107.74
N TYR E 298 16.61 -26.92 107.41
CA TYR E 298 17.91 -26.91 108.07
C TYR E 298 18.68 -25.64 107.75
N TYR E 299 18.65 -25.20 106.49
CA TYR E 299 19.35 -23.98 106.07
C TYR E 299 18.40 -23.10 105.26
N PRO E 300 17.37 -22.54 105.90
CA PRO E 300 16.43 -21.68 105.16
C PRO E 300 16.83 -20.21 105.22
N SER E 301 18.01 -19.88 104.69
CA SER E 301 18.48 -18.50 104.72
C SER E 301 18.93 -17.97 103.37
N ALA E 302 19.51 -18.81 102.52
CA ALA E 302 20.05 -18.34 101.25
C ALA E 302 18.94 -18.18 100.22
N ARG E 303 19.23 -17.40 99.18
CA ARG E 303 18.30 -17.16 98.08
C ARG E 303 18.52 -18.25 97.05
N ILE E 304 17.50 -19.08 96.83
CA ILE E 304 17.65 -20.32 96.10
C ILE E 304 16.55 -20.43 95.03
N VAL E 305 16.82 -21.27 94.03
CA VAL E 305 15.89 -21.60 92.97
C VAL E 305 15.93 -23.10 92.76
N TYR E 306 14.76 -23.69 92.53
CA TYR E 306 14.64 -25.11 92.26
C TYR E 306 13.77 -25.30 91.02
N THR E 307 13.52 -26.56 90.67
CA THR E 307 12.71 -26.90 89.50
C THR E 307 12.34 -28.37 89.60
N ALA E 308 11.64 -28.86 88.58
CA ALA E 308 11.26 -30.26 88.49
C ALA E 308 11.07 -30.61 87.02
N CYS E 309 11.04 -31.92 86.75
CA CYS E 309 10.86 -32.41 85.39
C CYS E 309 9.50 -32.01 84.84
N SER E 310 8.44 -32.52 85.45
CA SER E 310 7.08 -32.30 84.99
C SER E 310 6.37 -31.31 85.93
N HIS E 311 5.14 -30.96 85.59
CA HIS E 311 4.40 -29.92 86.30
C HIS E 311 3.75 -30.42 87.57
N ALA E 312 3.23 -31.64 87.58
CA ALA E 312 2.56 -32.15 88.77
C ALA E 312 3.52 -32.24 89.95
N ALA E 313 4.75 -32.70 89.70
CA ALA E 313 5.72 -32.83 90.78
C ALA E 313 6.07 -31.48 91.37
N VAL E 314 6.30 -30.48 90.52
CA VAL E 314 6.67 -29.16 91.04
C VAL E 314 5.49 -28.50 91.74
N ASP E 315 4.27 -28.74 91.26
CA ASP E 315 3.10 -28.19 91.95
C ASP E 315 2.93 -28.82 93.33
N ALA E 316 3.11 -30.13 93.42
CA ALA E 316 3.07 -30.79 94.72
C ALA E 316 4.17 -30.28 95.64
N LEU E 317 5.36 -30.02 95.07
CA LEU E 317 6.44 -29.43 95.86
C LEU E 317 6.05 -28.04 96.36
N CYS E 318 5.40 -27.25 95.52
CA CYS E 318 4.95 -25.92 95.95
C CYS E 318 3.95 -26.04 97.09
N GLU E 319 3.01 -26.98 96.99
CA GLU E 319 2.04 -27.17 98.05
C GLU E 319 2.72 -27.60 99.34
N LYS E 320 3.68 -28.53 99.25
CA LYS E 320 4.39 -28.98 100.44
C LYS E 320 5.18 -27.84 101.08
N ALA E 321 5.85 -27.03 100.26
CA ALA E 321 6.60 -25.90 100.78
C ALA E 321 5.69 -24.88 101.45
N LEU E 322 4.52 -24.63 100.85
CA LEU E 322 3.53 -23.77 101.50
C LEU E 322 3.10 -24.35 102.84
N LYS E 323 2.93 -25.67 102.89
CA LYS E 323 2.55 -26.33 104.12
C LYS E 323 3.61 -26.15 105.21
N TYR E 324 4.89 -26.28 104.83
CA TYR E 324 5.97 -26.21 105.82
C TYR E 324 6.62 -24.83 105.87
N LEU E 325 7.19 -24.40 104.74
CA LEU E 325 7.96 -23.16 104.71
C LEU E 325 7.04 -21.95 104.55
N PRO E 326 7.47 -20.77 104.99
CA PRO E 326 6.69 -19.56 104.76
C PRO E 326 6.45 -19.31 103.27
N ILE E 327 5.28 -18.78 102.95
CA ILE E 327 4.84 -18.69 101.56
C ILE E 327 5.63 -17.63 100.80
N ASP E 328 5.85 -16.47 101.41
CA ASP E 328 6.28 -15.29 100.66
C ASP E 328 7.78 -15.27 100.43
N LYS E 329 8.44 -16.43 100.56
CA LYS E 329 9.85 -16.57 100.20
C LYS E 329 10.05 -17.57 99.07
N CYS E 330 8.96 -18.13 98.54
CA CYS E 330 9.02 -19.16 97.51
C CYS E 330 8.21 -18.72 96.31
N SER E 331 8.65 -19.11 95.12
CA SER E 331 7.96 -18.78 93.89
C SER E 331 8.04 -19.94 92.92
N ARG E 332 7.23 -19.87 91.87
CA ARG E 332 7.19 -20.89 90.84
C ARG E 332 7.15 -20.20 89.48
N ILE E 333 8.16 -20.46 88.66
CA ILE E 333 8.29 -19.81 87.36
C ILE E 333 7.45 -20.55 86.34
N ILE E 334 6.62 -19.82 85.61
CA ILE E 334 5.71 -20.42 84.64
C ILE E 334 6.19 -20.12 83.23
N PRO E 335 5.84 -20.95 82.23
CA PRO E 335 6.26 -20.66 80.86
C PRO E 335 5.31 -19.70 80.15
N ALA E 336 5.67 -19.29 78.93
CA ALA E 336 4.82 -18.38 78.17
C ALA E 336 3.57 -19.09 77.66
N ARG E 337 3.72 -20.30 77.13
CA ARG E 337 2.58 -21.06 76.64
C ARG E 337 1.63 -21.40 77.79
N ALA E 338 2.10 -22.18 78.76
CA ALA E 338 1.33 -22.53 79.94
C ALA E 338 0.00 -23.20 79.59
N ARG E 339 -0.03 -23.93 78.48
CA ARG E 339 -1.24 -24.65 78.09
C ARG E 339 -1.62 -25.73 79.10
N VAL E 340 -0.65 -26.30 79.79
CA VAL E 340 -0.90 -27.25 80.87
C VAL E 340 -0.86 -26.45 82.18
N GLU E 341 -1.90 -26.60 82.99
CA GLU E 341 -2.05 -25.75 84.15
C GLU E 341 -0.99 -26.07 85.20
N CYS E 342 -0.87 -25.16 86.19
CA CYS E 342 0.13 -25.26 87.24
C CYS E 342 -0.47 -24.83 88.56
N PHE E 343 0.37 -24.57 89.56
CA PHE E 343 -0.07 -24.10 90.88
C PHE E 343 -0.66 -22.71 90.70
N ASP E 344 -1.98 -22.65 90.50
CA ASP E 344 -2.66 -21.39 90.19
C ASP E 344 -3.14 -20.74 91.49
N LYS E 345 -2.20 -20.63 92.44
CA LYS E 345 -2.46 -19.91 93.67
C LYS E 345 -1.27 -19.05 94.03
N PHE E 346 -0.09 -19.42 93.53
CA PHE E 346 1.16 -18.78 93.94
C PHE E 346 1.54 -17.60 93.06
N LYS E 347 2.75 -17.10 93.27
CA LYS E 347 3.28 -15.97 92.50
C LYS E 347 3.40 -16.35 91.03
N VAL E 348 2.91 -15.48 90.15
CA VAL E 348 2.92 -15.73 88.72
C VAL E 348 4.30 -15.42 88.16
N ASN E 349 5.18 -16.41 88.15
CA ASN E 349 6.52 -16.29 87.59
C ASN E 349 7.31 -15.17 88.26
N SER E 350 7.55 -15.29 89.55
CA SER E 350 8.33 -14.32 90.32
C SER E 350 9.75 -14.83 90.43
N THR E 351 10.60 -14.46 89.46
CA THR E 351 12.00 -14.86 89.49
C THR E 351 12.73 -14.26 90.67
N LEU E 352 12.22 -13.15 91.22
CA LEU E 352 12.83 -12.48 92.36
C LEU E 352 12.25 -13.02 93.67
N GLU E 353 12.70 -14.22 94.04
CA GLU E 353 12.25 -14.88 95.26
C GLU E 353 13.40 -15.65 95.88
N GLN E 354 13.21 -16.06 97.13
CA GLN E 354 14.26 -16.72 97.89
C GLN E 354 14.35 -18.22 97.64
N TYR E 355 13.22 -18.88 97.38
CA TYR E 355 13.21 -20.33 97.09
C TYR E 355 12.31 -20.55 95.89
N VAL E 356 12.88 -20.50 94.70
CA VAL E 356 12.10 -20.42 93.47
C VAL E 356 11.93 -21.81 92.88
N PHE E 357 10.84 -22.00 92.15
CA PHE E 357 10.53 -23.23 91.44
C PHE E 357 10.20 -22.92 89.99
N CYS E 358 10.34 -23.92 89.13
CA CYS E 358 10.18 -23.75 87.68
C CYS E 358 10.11 -25.12 87.03
N THR E 359 10.06 -25.13 85.71
CA THR E 359 10.10 -26.35 84.91
C THR E 359 11.42 -26.43 84.15
N VAL E 360 11.68 -27.60 83.58
CA VAL E 360 13.00 -27.87 83.00
C VAL E 360 13.27 -26.97 81.81
N ASN E 361 12.31 -26.86 80.90
CA ASN E 361 12.52 -26.18 79.64
C ASN E 361 12.43 -24.66 79.72
N ALA E 362 11.93 -24.12 80.84
CA ALA E 362 11.77 -22.68 81.00
C ALA E 362 12.68 -22.10 82.06
N LEU E 363 13.76 -22.80 82.39
CA LEU E 363 14.67 -22.31 83.41
C LEU E 363 15.37 -21.03 82.95
N PRO E 364 15.60 -20.08 83.86
CA PRO E 364 16.40 -18.90 83.50
C PRO E 364 17.89 -19.22 83.47
N GLU E 365 18.72 -18.18 83.30
CA GLU E 365 20.16 -18.34 83.23
C GLU E 365 20.83 -17.58 84.36
N THR E 366 20.18 -17.52 85.51
CA THR E 366 20.71 -16.87 86.71
C THR E 366 21.43 -17.92 87.55
N THR E 367 21.78 -17.65 88.79
CA THR E 367 22.48 -18.63 89.64
C THR E 367 21.80 -18.65 91.00
N ALA E 368 22.26 -19.57 91.85
CA ALA E 368 21.76 -19.69 93.21
C ALA E 368 22.86 -20.20 94.13
N ASP E 369 22.50 -20.64 95.33
CA ASP E 369 23.47 -21.18 96.26
C ASP E 369 23.41 -22.70 96.29
N ILE E 370 22.22 -23.25 96.54
CA ILE E 370 22.02 -24.68 96.42
C ILE E 370 20.95 -24.92 95.38
N VAL E 371 20.64 -26.18 95.10
CA VAL E 371 19.58 -26.54 94.16
C VAL E 371 19.27 -28.02 94.29
N VAL E 372 18.04 -28.40 93.96
CA VAL E 372 17.65 -29.81 93.87
C VAL E 372 16.87 -30.02 92.59
N PHE E 373 17.10 -31.17 91.96
CA PHE E 373 16.41 -31.54 90.72
C PHE E 373 15.59 -32.80 90.96
N ASP E 374 14.49 -32.90 90.23
CA ASP E 374 13.50 -33.96 90.45
C ASP E 374 13.62 -35.03 89.37
N GLU E 375 13.64 -36.29 89.80
CA GLU E 375 13.43 -37.44 88.93
C GLU E 375 14.45 -37.52 87.79
N ILE E 376 15.71 -37.75 88.13
CA ILE E 376 16.75 -37.96 87.13
C ILE E 376 16.39 -39.04 86.12
N SER E 377 15.55 -40.01 86.50
CA SER E 377 15.13 -41.05 85.56
C SER E 377 14.33 -40.45 84.40
N MET E 378 13.46 -39.50 84.70
CA MET E 378 12.66 -38.86 83.66
C MET E 378 13.49 -37.94 82.78
N ALA E 379 14.73 -37.65 83.15
CA ALA E 379 15.55 -36.71 82.42
C ALA E 379 16.70 -37.41 81.71
N THR E 380 17.27 -36.72 80.72
CA THR E 380 18.38 -37.22 79.91
C THR E 380 19.69 -36.68 80.47
N ASN E 381 20.78 -36.89 79.74
CA ASN E 381 22.06 -36.27 80.07
C ASN E 381 22.24 -34.91 79.40
N TYR E 382 21.43 -34.61 78.39
CA TYR E 382 21.51 -33.31 77.72
C TYR E 382 21.10 -32.19 78.66
N ASP E 383 19.91 -32.32 79.26
CA ASP E 383 19.39 -31.26 80.11
C ASP E 383 20.22 -31.09 81.38
N LEU E 384 20.91 -32.13 81.81
CA LEU E 384 21.80 -32.00 82.97
C LEU E 384 22.87 -30.97 82.69
N SER E 385 23.60 -31.12 81.59
CA SER E 385 24.60 -30.14 81.24
C SER E 385 23.97 -28.81 80.86
N VAL E 386 22.73 -28.83 80.36
CA VAL E 386 22.05 -27.58 80.06
C VAL E 386 21.88 -26.74 81.31
N VAL E 387 21.35 -27.35 82.38
CA VAL E 387 21.18 -26.61 83.63
C VAL E 387 22.53 -26.32 84.26
N ASN E 388 23.53 -27.17 84.02
CA ASN E 388 24.88 -26.86 84.47
C ASN E 388 25.40 -25.59 83.83
N ALA E 389 25.13 -25.41 82.54
CA ALA E 389 25.59 -24.23 81.82
C ALA E 389 24.82 -22.99 82.27
N ARG E 390 23.49 -23.07 82.29
CA ARG E 390 22.71 -21.88 82.59
C ARG E 390 22.76 -21.52 84.08
N LEU E 391 22.83 -22.54 84.95
CA LEU E 391 22.81 -22.32 86.38
C LEU E 391 24.09 -22.89 86.99
N ARG E 392 24.71 -22.12 87.87
CA ARG E 392 25.94 -22.54 88.54
C ARG E 392 25.86 -22.13 90.00
N ALA E 393 25.68 -23.12 90.87
CA ALA E 393 25.57 -22.86 92.31
C ALA E 393 26.67 -23.58 93.08
N LYS E 394 26.74 -23.34 94.39
CA LYS E 394 27.79 -23.91 95.22
C LYS E 394 27.44 -25.27 95.81
N HIS E 395 26.19 -25.69 95.72
CA HIS E 395 25.79 -27.02 96.17
C HIS E 395 24.65 -27.51 95.30
N TYR E 396 24.68 -28.80 94.97
CA TYR E 396 23.68 -29.39 94.09
C TYR E 396 23.13 -30.65 94.73
N VAL E 397 21.82 -30.84 94.60
CA VAL E 397 21.13 -32.02 95.11
C VAL E 397 20.35 -32.64 93.97
N TYR E 398 20.39 -33.97 93.89
CA TYR E 398 19.70 -34.71 92.83
C TYR E 398 18.89 -35.83 93.45
N ILE E 399 17.67 -36.02 92.96
CA ILE E 399 16.81 -37.08 93.45
C ILE E 399 16.38 -37.94 92.27
N GLY E 400 16.04 -39.19 92.57
CA GLY E 400 15.62 -40.12 91.55
C GLY E 400 15.51 -41.54 92.06
N ASP E 401 14.87 -42.40 91.26
CA ASP E 401 14.73 -43.80 91.62
C ASP E 401 14.86 -44.66 90.37
N PRO E 402 15.80 -45.60 90.34
CA PRO E 402 15.98 -46.42 89.15
C PRO E 402 14.74 -47.23 88.76
N ALA E 403 13.90 -47.62 89.73
CA ALA E 403 12.71 -48.39 89.42
C ALA E 403 11.68 -47.58 88.64
N GLN E 404 11.82 -46.25 88.62
CA GLN E 404 10.88 -45.41 87.91
C GLN E 404 11.01 -45.62 86.40
N LEU E 405 10.00 -45.12 85.66
CA LEU E 405 10.14 -45.23 84.22
C LEU E 405 10.97 -44.08 83.67
N PRO E 406 11.77 -44.33 82.63
CA PRO E 406 12.64 -43.28 82.09
C PRO E 406 11.93 -42.38 81.09
N ALA E 407 12.72 -41.50 80.45
CA ALA E 407 12.20 -40.65 79.40
C ALA E 407 11.75 -41.49 78.22
N PRO E 408 10.82 -40.97 77.39
CA PRO E 408 10.26 -41.78 76.30
C PRO E 408 11.29 -42.43 75.39
N ARG E 409 12.15 -41.63 74.76
CA ARG E 409 13.17 -42.12 73.84
C ARG E 409 12.54 -43.01 72.77
N THR E 410 11.55 -42.44 72.07
CA THR E 410 10.69 -43.23 71.20
C THR E 410 11.46 -43.89 70.07
N LEU E 411 12.61 -43.33 69.68
CA LEU E 411 13.36 -43.91 68.58
C LEU E 411 13.93 -45.29 68.94
N LEU E 412 14.10 -45.57 70.23
CA LEU E 412 14.57 -46.88 70.67
C LEU E 412 13.37 -47.82 70.72
N THR E 413 13.12 -48.53 69.62
CA THR E 413 12.00 -49.45 69.54
C THR E 413 12.40 -50.91 69.76
N LYS E 414 13.65 -51.16 70.14
CA LYS E 414 14.15 -52.51 70.32
C LYS E 414 14.79 -52.67 71.70
N GLY E 415 14.39 -53.72 72.40
CA GLY E 415 15.00 -54.04 73.68
C GLY E 415 14.59 -53.12 74.81
N THR E 416 14.98 -53.47 76.03
CA THR E 416 14.75 -52.65 77.20
C THR E 416 16.06 -51.97 77.60
N LEU E 417 15.94 -50.86 78.31
CA LEU E 417 17.10 -50.08 78.73
C LEU E 417 17.31 -50.27 80.23
N GLU E 418 18.53 -50.65 80.60
CA GLU E 418 18.83 -50.88 82.00
C GLU E 418 18.71 -49.59 82.80
N PRO E 419 18.18 -49.64 84.02
CA PRO E 419 17.91 -48.40 84.75
C PRO E 419 19.13 -47.53 84.99
N GLU E 420 20.31 -48.13 85.17
CA GLU E 420 21.50 -47.32 85.35
C GLU E 420 21.80 -46.47 84.12
N TYR E 421 21.61 -47.02 82.93
CA TYR E 421 21.92 -46.31 81.70
C TYR E 421 20.81 -45.34 81.27
N PHE E 422 19.87 -45.04 82.16
CA PHE E 422 18.88 -44.01 81.86
C PHE E 422 19.55 -42.67 81.61
N ASN E 423 20.50 -42.30 82.47
CA ASN E 423 21.36 -41.16 82.25
C ASN E 423 22.70 -41.45 82.91
N SER E 424 23.62 -40.48 82.85
CA SER E 424 24.90 -40.66 83.52
C SER E 424 24.72 -40.77 85.03
N VAL E 425 23.80 -39.98 85.59
CA VAL E 425 23.60 -39.97 87.02
C VAL E 425 23.06 -41.32 87.51
N CYS E 426 22.18 -41.95 86.73
CA CYS E 426 21.66 -43.26 87.13
C CYS E 426 22.75 -44.32 87.09
N ARG E 427 23.62 -44.28 86.08
CA ARG E 427 24.74 -45.20 86.06
C ARG E 427 25.63 -45.00 87.27
N LEU E 428 25.92 -43.75 87.61
CA LEU E 428 26.74 -43.48 88.79
C LEU E 428 26.06 -43.96 90.06
N MET E 429 24.73 -43.77 90.14
CA MET E 429 23.99 -44.18 91.32
C MET E 429 24.01 -45.70 91.48
N LYS E 430 23.87 -46.42 90.38
CA LYS E 430 23.89 -47.88 90.45
C LYS E 430 25.30 -48.44 90.58
N THR E 431 26.33 -47.67 90.24
CA THR E 431 27.69 -48.18 90.35
C THR E 431 28.32 -47.87 91.70
N ILE E 432 28.22 -46.63 92.16
CA ILE E 432 28.84 -46.22 93.43
C ILE E 432 27.85 -46.21 94.59
N GLY E 433 26.57 -46.49 94.32
CA GLY E 433 25.57 -46.46 95.36
C GLY E 433 25.05 -45.06 95.59
N PRO E 434 24.09 -44.93 96.51
CA PRO E 434 23.50 -43.63 96.80
C PRO E 434 24.39 -42.78 97.70
N ASP E 435 24.01 -41.51 97.82
CA ASP E 435 24.61 -40.63 98.81
C ASP E 435 23.85 -40.69 100.13
N MET E 436 22.52 -40.72 100.06
CA MET E 436 21.68 -41.01 101.21
C MET E 436 20.41 -41.69 100.70
N PHE E 437 19.91 -42.64 101.48
CA PHE E 437 18.82 -43.49 101.03
C PHE E 437 17.75 -43.58 102.12
N LEU E 438 16.49 -43.55 101.71
CA LEU E 438 15.36 -43.71 102.61
C LEU E 438 14.43 -44.76 102.02
N GLY E 439 14.04 -45.74 102.84
CA GLY E 439 13.32 -46.89 102.34
C GLY E 439 12.00 -47.22 103.02
N THR E 440 11.21 -46.30 103.56
CA THR E 440 9.98 -46.77 104.27
C THR E 440 8.68 -46.18 103.81
N CYS E 441 8.35 -46.35 102.52
CA CYS E 441 7.13 -45.79 101.92
C CYS E 441 6.09 -45.33 102.90
N ARG E 442 6.06 -44.04 103.15
CA ARG E 442 5.17 -43.53 104.15
C ARG E 442 3.74 -43.25 103.83
N ARG E 443 3.36 -43.25 102.57
CA ARG E 443 1.98 -42.85 102.27
C ARG E 443 1.15 -44.07 102.14
N CYS E 444 1.76 -45.11 101.64
CA CYS E 444 1.04 -46.37 101.54
C CYS E 444 1.21 -47.20 102.80
N PRO E 445 0.14 -47.88 103.23
CA PRO E 445 0.24 -48.76 104.39
C PRO E 445 0.93 -50.09 104.08
N ALA E 446 0.96 -50.99 105.06
CA ALA E 446 1.85 -52.15 105.01
C ALA E 446 1.49 -53.12 103.89
N GLU E 447 0.21 -53.22 103.51
CA GLU E 447 -0.14 -54.20 102.48
C GLU E 447 0.45 -53.82 101.13
N ILE E 448 0.44 -52.54 100.78
CA ILE E 448 0.99 -52.10 99.51
C ILE E 448 2.50 -52.29 99.49
N VAL E 449 3.17 -51.93 100.57
CA VAL E 449 4.62 -52.09 100.62
C VAL E 449 4.99 -53.57 100.59
N ASP E 450 4.16 -54.42 101.20
CA ASP E 450 4.39 -55.85 101.13
C ASP E 450 4.26 -56.35 99.70
N THR E 451 3.21 -55.91 99.01
CA THR E 451 3.01 -56.37 97.63
C THR E 451 4.15 -55.91 96.72
N VAL E 452 4.61 -54.66 96.87
CA VAL E 452 5.65 -54.16 95.98
C VAL E 452 7.00 -54.78 96.30
N SER E 453 7.30 -54.99 97.60
CA SER E 453 8.59 -55.56 97.96
C SER E 453 8.64 -57.06 97.68
N ALA E 454 7.50 -57.74 97.71
CA ALA E 454 7.48 -59.17 97.46
C ALA E 454 7.59 -59.48 95.97
N LEU E 455 7.01 -58.66 95.11
CA LEU E 455 6.89 -59.01 93.70
C LEU E 455 8.02 -58.43 92.85
N VAL E 456 8.12 -57.10 92.80
CA VAL E 456 9.12 -56.49 91.91
C VAL E 456 10.34 -56.04 92.71
N TYR E 457 10.13 -55.39 93.84
CA TYR E 457 11.25 -54.88 94.61
C TYR E 457 11.93 -56.01 95.38
N ASP E 458 13.07 -55.67 95.98
CA ASP E 458 13.73 -56.57 96.90
C ASP E 458 12.95 -56.63 98.22
N ASN E 459 12.96 -57.79 98.86
CA ASN E 459 12.21 -57.96 100.10
C ASN E 459 12.90 -57.22 101.24
N LYS E 460 12.88 -55.89 101.19
CA LYS E 460 13.53 -55.07 102.19
C LYS E 460 12.61 -53.93 102.62
N LEU E 461 11.63 -53.62 101.79
CA LEU E 461 10.76 -52.47 102.03
C LEU E 461 9.83 -52.73 103.20
N LYS E 462 9.51 -51.65 103.92
CA LYS E 462 8.59 -51.68 105.04
C LYS E 462 7.78 -50.40 105.05
N ALA E 463 6.71 -50.39 105.84
CA ALA E 463 5.86 -49.20 105.96
C ALA E 463 5.65 -48.82 107.41
N HIS E 464 4.76 -47.85 107.65
CA HIS E 464 4.42 -47.43 109.00
C HIS E 464 2.97 -47.66 109.38
N LYS E 465 2.08 -47.97 108.43
CA LYS E 465 0.66 -48.12 108.69
C LYS E 465 0.19 -49.51 108.29
N ASP E 466 -0.79 -50.02 109.01
CA ASP E 466 -1.33 -51.34 108.78
C ASP E 466 -2.36 -51.32 107.65
N LYS E 467 -2.79 -52.51 107.25
CA LYS E 467 -3.66 -52.64 106.08
C LYS E 467 -4.95 -51.86 106.25
N SER E 468 -5.32 -51.11 105.21
CA SER E 468 -6.53 -50.31 105.20
C SER E 468 -7.76 -51.10 104.79
N ALA E 469 -7.60 -52.35 104.34
CA ALA E 469 -8.70 -53.21 103.91
C ALA E 469 -9.53 -52.56 102.81
N GLN E 470 -8.88 -51.90 101.87
CA GLN E 470 -9.52 -51.32 100.69
C GLN E 470 -8.89 -51.87 99.41
N CYS E 471 -8.60 -53.17 99.40
CA CYS E 471 -7.99 -53.82 98.26
C CYS E 471 -9.06 -54.67 97.56
N PHE E 472 -9.25 -54.42 96.27
CA PHE E 472 -10.19 -55.17 95.46
C PHE E 472 -9.63 -55.28 94.05
N LYS E 473 -10.22 -56.18 93.26
CA LYS E 473 -9.65 -56.54 91.97
C LYS E 473 -10.78 -56.82 90.99
N MET E 474 -10.40 -57.02 89.73
CA MET E 474 -11.34 -57.42 88.68
C MET E 474 -10.52 -57.94 87.49
N PHE E 475 -11.05 -58.92 86.77
CA PHE E 475 -10.25 -59.62 85.77
C PHE E 475 -10.89 -59.71 84.38
N TYR E 476 -12.22 -59.62 84.26
CA TYR E 476 -12.86 -59.90 82.98
C TYR E 476 -12.35 -58.93 81.91
N LYS E 477 -12.32 -59.44 80.68
CA LYS E 477 -11.50 -58.88 79.61
C LYS E 477 -12.06 -57.60 78.99
N GLY E 478 -13.22 -57.69 78.35
CA GLY E 478 -13.71 -56.58 77.57
C GLY E 478 -13.20 -56.65 76.14
N VAL E 479 -13.69 -55.75 75.29
CA VAL E 479 -13.33 -55.72 73.88
C VAL E 479 -12.82 -54.34 73.50
N ILE E 480 -11.89 -54.33 72.53
CA ILE E 480 -11.28 -53.10 72.04
C ILE E 480 -11.38 -53.06 70.52
N THR E 481 -10.80 -52.01 69.91
CA THR E 481 -10.86 -51.81 68.47
C THR E 481 -10.10 -52.88 67.69
N HIS E 482 -8.87 -53.20 68.10
CA HIS E 482 -7.99 -54.21 67.52
C HIS E 482 -7.39 -53.76 66.19
N ASP E 483 -7.84 -52.65 65.62
CA ASP E 483 -7.29 -52.12 64.37
C ASP E 483 -6.95 -50.65 64.61
N VAL E 484 -5.66 -50.39 64.87
CA VAL E 484 -5.15 -49.11 65.36
C VAL E 484 -6.10 -48.61 66.46
N SER E 485 -6.23 -47.28 66.62
CA SER E 485 -7.22 -46.74 67.54
C SER E 485 -6.97 -47.26 68.95
N SER E 486 -5.89 -46.80 69.58
CA SER E 486 -5.36 -47.38 70.82
C SER E 486 -6.46 -47.84 71.75
N ALA E 487 -6.25 -49.03 72.33
CA ALA E 487 -7.31 -49.82 72.94
C ALA E 487 -8.16 -48.99 73.90
N ILE E 488 -9.48 -49.20 73.82
CA ILE E 488 -10.44 -48.60 74.73
C ILE E 488 -11.38 -49.70 75.20
N ASN E 489 -11.42 -49.94 76.52
CA ASN E 489 -12.26 -50.98 77.08
C ASN E 489 -13.50 -50.31 77.67
N ARG E 490 -14.54 -50.22 76.85
CA ARG E 490 -15.80 -49.57 77.20
C ARG E 490 -16.66 -50.40 78.15
N PRO E 491 -16.75 -51.73 78.00
CA PRO E 491 -17.53 -52.50 78.99
C PRO E 491 -17.05 -52.32 80.42
N GLN E 492 -15.74 -52.17 80.62
CA GLN E 492 -15.24 -51.91 81.97
C GLN E 492 -15.72 -50.55 82.47
N ILE E 493 -15.76 -49.55 81.59
CA ILE E 493 -16.29 -48.24 81.97
C ILE E 493 -17.76 -48.36 82.36
N GLY E 494 -18.54 -49.12 81.57
CA GLY E 494 -19.95 -49.30 81.89
C GLY E 494 -20.16 -50.00 83.22
N VAL E 495 -19.37 -51.04 83.49
CA VAL E 495 -19.51 -51.77 84.75
C VAL E 495 -19.08 -50.89 85.93
N VAL E 496 -18.03 -50.10 85.76
CA VAL E 496 -17.63 -49.15 86.79
C VAL E 496 -18.75 -48.15 87.06
N ARG E 497 -19.35 -47.64 85.99
CA ARG E 497 -20.45 -46.68 86.13
C ARG E 497 -21.62 -47.31 86.89
N GLU E 498 -21.95 -48.56 86.57
CA GLU E 498 -23.07 -49.23 87.24
C GLU E 498 -22.75 -49.51 88.70
N PHE E 499 -21.48 -49.82 88.99
CA PHE E 499 -21.11 -50.30 90.32
C PHE E 499 -20.92 -49.16 91.32
N LEU E 500 -20.25 -48.10 90.90
CA LEU E 500 -19.66 -47.09 91.78
C LEU E 500 -20.52 -46.68 92.98
N THR E 501 -21.84 -46.61 92.79
CA THR E 501 -22.75 -46.19 93.84
C THR E 501 -22.53 -46.94 95.14
N ARG E 502 -22.28 -48.26 95.06
CA ARG E 502 -22.05 -49.05 96.26
C ARG E 502 -20.81 -48.58 97.02
N ASN E 503 -19.80 -48.08 96.31
CA ASN E 503 -18.57 -47.59 96.94
C ASN E 503 -18.75 -46.11 97.31
N PRO E 504 -18.99 -45.81 98.59
CA PRO E 504 -19.40 -44.44 98.96
C PRO E 504 -18.32 -43.39 98.77
N ALA E 505 -17.14 -43.60 99.34
CA ALA E 505 -16.06 -42.62 99.32
C ALA E 505 -15.17 -42.73 98.09
N TRP E 506 -15.63 -43.47 97.08
CA TRP E 506 -14.84 -43.68 95.87
C TRP E 506 -15.34 -42.83 94.72
N ARG E 507 -16.28 -41.92 94.96
CA ARG E 507 -16.77 -41.02 93.94
C ARG E 507 -15.70 -40.07 93.44
N LYS E 508 -14.72 -39.72 94.28
CA LYS E 508 -13.62 -38.85 93.90
C LYS E 508 -12.31 -39.62 93.75
N ALA E 509 -12.41 -40.93 93.52
CA ALA E 509 -11.21 -41.74 93.35
C ALA E 509 -10.52 -41.39 92.04
N VAL E 510 -9.21 -41.16 92.10
CA VAL E 510 -8.44 -40.69 90.97
C VAL E 510 -8.41 -41.76 89.88
N PHE E 511 -9.11 -41.50 88.78
CA PHE E 511 -9.11 -42.44 87.67
C PHE E 511 -7.77 -42.39 86.94
N ILE E 512 -7.27 -43.55 86.53
CA ILE E 512 -5.99 -43.65 85.86
C ILE E 512 -6.20 -44.27 84.48
N SER E 513 -5.65 -43.64 83.46
CA SER E 513 -5.59 -44.23 82.13
C SER E 513 -4.39 -43.67 81.38
N PRO E 514 -3.35 -44.47 81.17
CA PRO E 514 -2.20 -44.00 80.40
C PRO E 514 -2.56 -43.63 78.97
N TYR E 515 -3.57 -44.27 78.39
CA TYR E 515 -3.95 -44.02 77.00
C TYR E 515 -4.84 -42.78 76.92
N ASN E 516 -4.50 -41.88 75.99
CA ASN E 516 -5.17 -40.59 75.92
C ASN E 516 -6.66 -40.74 75.59
N SER E 517 -6.99 -41.65 74.65
CA SER E 517 -8.37 -41.81 74.25
C SER E 517 -9.24 -42.32 75.40
N GLN E 518 -8.77 -43.35 76.11
CA GLN E 518 -9.49 -43.85 77.28
C GLN E 518 -9.54 -42.78 78.37
N ASN E 519 -8.42 -42.06 78.54
CA ASN E 519 -8.36 -41.00 79.54
C ASN E 519 -9.43 -39.95 79.29
N ALA E 520 -9.66 -39.58 78.03
CA ALA E 520 -10.69 -38.60 77.71
C ALA E 520 -12.08 -39.20 77.84
N VAL E 521 -12.27 -40.42 77.34
CA VAL E 521 -13.62 -40.99 77.29
C VAL E 521 -14.14 -41.30 78.68
N ALA E 522 -13.27 -41.60 79.64
CA ALA E 522 -13.72 -41.86 81.00
C ALA E 522 -14.35 -40.61 81.62
N SER E 523 -13.67 -39.47 81.49
CA SER E 523 -14.27 -38.21 81.95
C SER E 523 -15.48 -37.84 81.12
N LYS E 524 -15.49 -38.22 79.84
CA LYS E 524 -16.64 -37.95 78.99
C LYS E 524 -17.87 -38.69 79.49
N ILE E 525 -17.69 -39.92 79.97
CA ILE E 525 -18.82 -40.73 80.41
C ILE E 525 -19.34 -40.25 81.76
N LEU E 526 -18.47 -40.25 82.78
CA LEU E 526 -18.87 -39.89 84.13
C LEU E 526 -18.18 -38.65 84.65
N GLY E 527 -16.87 -38.53 84.47
CA GLY E 527 -16.13 -37.41 84.99
C GLY E 527 -15.29 -37.71 86.22
N LEU E 528 -14.72 -38.90 86.32
CA LEU E 528 -13.88 -39.24 87.45
C LEU E 528 -12.60 -38.40 87.43
N PRO E 529 -11.90 -38.30 88.56
CA PRO E 529 -10.62 -37.58 88.55
C PRO E 529 -9.60 -38.30 87.70
N THR E 530 -9.74 -38.13 86.38
CA THR E 530 -8.91 -38.82 85.42
C THR E 530 -7.44 -38.39 85.54
N GLN E 531 -6.55 -39.30 85.16
CA GLN E 531 -5.12 -39.09 85.32
C GLN E 531 -4.40 -40.15 84.51
N THR E 532 -3.17 -39.86 84.10
CA THR E 532 -2.31 -40.85 83.48
C THR E 532 -1.11 -41.10 84.38
N VAL E 533 -0.41 -42.21 84.13
CA VAL E 533 0.74 -42.57 84.95
C VAL E 533 1.85 -41.55 84.80
N ASP E 534 2.08 -41.19 83.55
CA ASP E 534 3.16 -40.29 83.25
C ASP E 534 2.92 -39.11 84.05
N SER E 535 1.67 -38.73 84.16
CA SER E 535 1.44 -37.49 84.84
C SER E 535 1.13 -37.75 86.31
N SER E 536 1.25 -39.00 86.73
CA SER E 536 1.04 -39.29 88.14
C SER E 536 2.39 -39.43 88.74
N GLN E 537 3.42 -39.40 87.91
CA GLN E 537 4.77 -39.53 88.41
C GLN E 537 5.06 -38.51 89.50
N GLY E 538 5.27 -39.00 90.71
CA GLY E 538 5.55 -38.12 91.81
C GLY E 538 4.33 -37.44 92.37
N SER E 539 3.16 -38.07 92.26
CA SER E 539 1.98 -37.50 92.89
C SER E 539 1.53 -38.43 94.01
N GLU E 540 0.32 -38.24 94.57
CA GLU E 540 -0.20 -39.10 95.64
C GLU E 540 -1.67 -38.88 95.96
N TYR E 541 -2.45 -39.94 96.10
CA TYR E 541 -3.89 -39.77 96.35
C TYR E 541 -4.61 -40.75 97.30
N ASP E 542 -5.53 -40.27 98.14
CA ASP E 542 -6.32 -41.09 99.06
C ASP E 542 -7.11 -42.14 98.32
N TYR E 543 -7.79 -41.76 97.25
CA TYR E 543 -8.63 -42.66 96.48
C TYR E 543 -8.20 -42.61 95.02
N VAL E 544 -7.85 -43.77 94.47
CA VAL E 544 -7.34 -43.88 93.10
C VAL E 544 -8.13 -44.96 92.39
N ILE E 545 -8.35 -44.77 91.09
CA ILE E 545 -8.95 -45.78 90.23
C ILE E 545 -7.97 -46.04 89.10
N PHE E 546 -7.44 -47.26 89.02
CA PHE E 546 -6.63 -47.69 87.92
C PHE E 546 -7.44 -48.55 86.96
N THR E 547 -7.14 -48.42 85.68
CA THR E 547 -7.83 -49.17 84.64
C THR E 547 -6.83 -49.68 83.62
N GLN E 548 -6.73 -50.99 83.51
CA GLN E 548 -5.93 -51.62 82.46
C GLN E 548 -6.85 -51.92 81.27
N THR E 549 -6.42 -51.50 80.08
CA THR E 549 -7.27 -51.63 78.90
C THR E 549 -7.15 -53.03 78.31
N THR E 550 -5.93 -53.41 77.91
CA THR E 550 -5.64 -54.71 77.34
C THR E 550 -4.22 -55.11 77.73
N GLU E 551 -3.69 -56.11 77.04
CA GLU E 551 -2.32 -56.56 77.25
C GLU E 551 -1.45 -56.08 76.10
N THR E 552 -0.28 -55.55 76.44
CA THR E 552 0.70 -55.07 75.47
C THR E 552 1.98 -54.78 76.24
N ALA E 553 3.07 -54.61 75.48
CA ALA E 553 4.36 -54.31 76.11
C ALA E 553 4.28 -53.09 77.00
N HIS E 554 3.42 -52.13 76.66
CA HIS E 554 3.17 -50.97 77.49
C HIS E 554 2.42 -51.36 78.76
N SER E 555 1.27 -52.01 78.60
CA SER E 555 0.44 -52.37 79.74
C SER E 555 0.98 -53.53 80.55
N CYS E 556 1.86 -54.35 79.99
CA CYS E 556 2.47 -55.45 80.73
C CYS E 556 3.77 -55.05 81.40
N ASN E 557 4.13 -53.77 81.35
CA ASN E 557 5.37 -53.32 81.97
C ASN E 557 5.29 -53.42 83.48
N VAL E 558 6.30 -54.08 84.08
CA VAL E 558 6.36 -54.20 85.53
C VAL E 558 6.55 -52.84 86.18
N ASN E 559 7.46 -52.04 85.62
CA ASN E 559 7.75 -50.72 86.18
C ASN E 559 6.54 -49.81 86.13
N ARG E 560 5.78 -49.86 85.03
CA ARG E 560 4.59 -49.03 84.92
C ARG E 560 3.60 -49.32 86.03
N PHE E 561 3.30 -50.61 86.24
CA PHE E 561 2.33 -50.96 87.29
C PHE E 561 2.88 -50.64 88.68
N ASN E 562 4.15 -50.94 88.94
CA ASN E 562 4.67 -50.72 90.30
C ASN E 562 4.77 -49.24 90.62
N VAL E 563 5.05 -48.40 89.63
CA VAL E 563 5.00 -46.96 89.85
C VAL E 563 3.56 -46.47 89.89
N ALA E 564 2.61 -47.24 89.34
CA ALA E 564 1.21 -46.86 89.43
C ALA E 564 0.66 -47.13 90.83
N ILE E 565 1.11 -48.20 91.47
CA ILE E 565 0.56 -48.57 92.77
C ILE E 565 1.23 -47.85 93.92
N THR E 566 2.39 -47.22 93.70
CA THR E 566 3.09 -46.53 94.78
C THR E 566 2.37 -45.23 95.14
N ARG E 567 1.22 -44.99 94.50
CA ARG E 567 0.45 -43.77 94.71
C ARG E 567 -0.85 -44.03 95.47
N ALA E 568 -0.89 -45.12 96.23
CA ALA E 568 -2.07 -45.47 97.01
C ALA E 568 -1.90 -45.02 98.46
N LYS E 569 -2.95 -44.40 99.00
CA LYS E 569 -2.85 -43.86 100.36
C LYS E 569 -3.77 -44.59 101.33
N VAL E 570 -5.08 -44.58 101.06
CA VAL E 570 -6.04 -45.21 101.95
C VAL E 570 -6.98 -46.13 101.16
N GLY E 571 -7.11 -45.87 99.86
CA GLY E 571 -8.07 -46.62 99.06
C GLY E 571 -7.78 -46.62 97.56
N ILE E 572 -8.14 -47.71 96.89
CA ILE E 572 -7.89 -47.89 95.47
C ILE E 572 -8.73 -49.04 94.96
N LEU E 573 -9.09 -48.98 93.67
CA LEU E 573 -9.73 -50.10 93.00
C LEU E 573 -9.28 -50.08 91.54
N CYS E 574 -8.81 -51.23 91.07
CA CYS E 574 -8.18 -51.39 89.78
C CYS E 574 -8.51 -52.77 89.19
N ILE E 575 -8.37 -52.86 87.86
CA ILE E 575 -8.81 -53.99 87.03
C ILE E 575 -7.67 -54.39 86.10
N MET E 576 -7.71 -55.63 85.66
CA MET E 576 -6.69 -56.22 84.79
C MET E 576 -7.36 -56.80 83.56
N SER E 577 -6.57 -57.55 82.78
CA SER E 577 -7.10 -58.50 81.82
C SER E 577 -6.25 -59.77 81.83
N ASP E 578 -5.13 -59.72 82.54
CA ASP E 578 -4.11 -60.76 82.49
C ASP E 578 -4.22 -61.68 83.70
N ARG E 579 -4.16 -62.98 83.46
CA ARG E 579 -4.33 -64.00 84.48
C ARG E 579 -3.22 -64.02 85.53
N ASP E 580 -1.99 -64.32 85.09
CA ASP E 580 -0.88 -64.41 86.04
C ASP E 580 -0.61 -63.08 86.71
N LEU E 581 -0.80 -61.97 85.98
CA LEU E 581 -0.67 -60.66 86.60
C LEU E 581 -1.76 -60.42 87.64
N TYR E 582 -2.96 -60.93 87.39
CA TYR E 582 -4.01 -60.87 88.40
C TYR E 582 -3.67 -61.70 89.63
N ASP E 583 -2.98 -62.82 89.43
CA ASP E 583 -2.64 -63.71 90.53
C ASP E 583 -1.38 -63.27 91.27
N LYS E 584 -0.57 -62.39 90.67
CA LYS E 584 0.73 -62.06 91.25
C LYS E 584 0.60 -61.38 92.60
N LEU E 585 -0.29 -60.38 92.70
CA LEU E 585 -0.40 -59.62 93.94
C LEU E 585 -1.07 -60.45 95.02
N GLN E 586 -1.18 -59.86 96.22
CA GLN E 586 -1.62 -60.56 97.42
C GLN E 586 -2.78 -59.81 98.07
N PHE E 587 -3.75 -59.42 97.27
CA PHE E 587 -4.91 -58.69 97.74
C PHE E 587 -6.17 -59.53 97.52
N THR E 588 -7.30 -59.02 98.00
CA THR E 588 -8.58 -59.68 97.83
C THR E 588 -9.10 -59.48 96.41
N SER E 589 -9.74 -60.52 95.87
CA SER E 589 -10.12 -60.51 94.47
C SER E 589 -11.44 -59.78 94.22
N LEU E 590 -12.54 -60.29 94.76
CA LEU E 590 -13.88 -59.80 94.45
C LEU E 590 -14.12 -59.64 92.95
N ALA F 1 67.63 3.18 75.72
CA ALA F 1 67.20 1.84 75.33
C ALA F 1 68.39 0.90 75.27
N VAL F 2 69.60 1.45 75.33
CA VAL F 2 70.83 0.66 75.26
C VAL F 2 71.51 0.67 76.62
N GLY F 3 72.53 -0.17 76.78
CA GLY F 3 73.26 -0.21 78.04
C GLY F 3 74.51 -1.03 77.90
N ALA F 4 75.23 -1.15 79.02
CA ALA F 4 76.49 -1.88 79.08
C ALA F 4 76.24 -3.32 79.52
N CYS F 5 77.05 -4.23 78.98
CA CYS F 5 76.89 -5.65 79.27
C CYS F 5 76.97 -5.89 80.77
N VAL F 6 76.02 -6.66 81.31
CA VAL F 6 75.98 -6.89 82.75
C VAL F 6 77.20 -7.67 83.21
N LEU F 7 77.80 -8.46 82.32
CA LEU F 7 78.97 -9.26 82.66
C LEU F 7 80.24 -8.76 81.99
N CYS F 8 80.16 -7.66 81.23
CA CYS F 8 81.34 -7.16 80.54
C CYS F 8 81.47 -5.64 80.64
N ASN F 9 80.40 -4.97 81.07
CA ASN F 9 80.29 -3.51 80.98
C ASN F 9 80.50 -3.05 79.54
N SER F 10 80.10 -3.90 78.59
CA SER F 10 80.21 -3.61 77.18
C SER F 10 78.89 -3.09 76.65
N GLN F 11 78.94 -1.95 75.96
CA GLN F 11 77.72 -1.37 75.39
C GLN F 11 77.03 -2.37 74.47
N THR F 12 75.71 -2.47 74.60
CA THR F 12 74.95 -3.47 73.86
C THR F 12 73.48 -3.05 73.85
N SER F 13 72.72 -3.72 72.99
CA SER F 13 71.30 -3.47 72.84
C SER F 13 70.53 -4.78 72.94
N LEU F 14 70.96 -5.65 73.84
CA LEU F 14 70.35 -6.97 73.98
C LEU F 14 70.07 -7.25 75.44
N ARG F 15 68.89 -7.82 75.70
CA ARG F 15 68.52 -8.27 77.03
C ARG F 15 67.74 -9.58 76.89
N CYS F 16 68.04 -10.53 77.76
CA CYS F 16 67.45 -11.86 77.67
C CYS F 16 66.02 -11.82 78.17
N GLY F 17 65.06 -12.06 77.28
CA GLY F 17 63.66 -12.04 77.67
C GLY F 17 63.30 -13.12 78.67
N ALA F 18 63.81 -14.34 78.47
CA ALA F 18 63.47 -15.44 79.35
C ALA F 18 64.05 -15.27 80.75
N CYS F 19 65.05 -14.43 80.93
CA CYS F 19 65.55 -14.10 82.25
C CYS F 19 64.65 -13.06 82.90
N ILE F 20 64.74 -12.97 84.23
CA ILE F 20 63.83 -12.14 85.00
C ILE F 20 64.20 -10.66 84.86
N ARG F 21 65.41 -10.30 85.30
CA ARG F 21 65.80 -8.89 85.32
C ARG F 21 66.22 -8.36 83.97
N ARG F 22 66.47 -9.23 82.99
CA ARG F 22 66.87 -8.93 81.62
C ARG F 22 67.78 -7.71 81.54
N PRO F 23 69.00 -7.77 82.09
CA PRO F 23 69.93 -6.65 81.92
C PRO F 23 70.66 -6.74 80.59
N PHE F 24 71.54 -5.80 80.31
CA PHE F 24 72.25 -5.75 79.04
C PHE F 24 73.37 -6.79 79.01
N LEU F 25 73.56 -7.41 77.85
CA LEU F 25 74.54 -8.46 77.66
C LEU F 25 75.26 -8.26 76.34
N CYS F 26 76.57 -8.46 76.34
CA CYS F 26 77.33 -8.44 75.11
C CYS F 26 76.94 -9.65 74.24
N CYS F 27 77.34 -9.58 72.97
CA CYS F 27 76.98 -10.64 72.04
C CYS F 27 77.56 -11.99 72.47
N LYS F 28 78.81 -12.01 72.91
CA LYS F 28 79.41 -13.26 73.37
C LYS F 28 78.74 -13.74 74.64
N CYS F 29 78.52 -12.84 75.60
CA CYS F 29 77.86 -13.21 76.84
C CYS F 29 76.45 -13.72 76.59
N CYS F 30 75.71 -13.01 75.75
CA CYS F 30 74.34 -13.45 75.42
C CYS F 30 74.35 -14.79 74.70
N TYR F 31 75.31 -14.98 73.79
CA TYR F 31 75.42 -16.25 73.08
C TYR F 31 75.67 -17.39 74.05
N ASP F 32 76.59 -17.18 74.99
CA ASP F 32 76.88 -18.23 75.98
C ASP F 32 75.67 -18.51 76.86
N HIS F 33 74.97 -17.45 77.31
CA HIS F 33 73.83 -17.66 78.18
C HIS F 33 72.70 -18.39 77.45
N VAL F 34 72.45 -18.03 76.20
CA VAL F 34 71.37 -18.67 75.46
C VAL F 34 71.74 -20.10 75.07
N ILE F 35 73.02 -20.36 74.79
CA ILE F 35 73.42 -21.71 74.41
C ILE F 35 73.60 -22.62 75.61
N SER F 36 73.73 -22.07 76.82
CA SER F 36 73.86 -22.88 78.02
C SER F 36 72.51 -23.13 78.65
N THR F 37 71.82 -22.05 79.05
CA THR F 37 70.49 -22.19 79.60
C THR F 37 69.47 -22.28 78.48
N SER F 38 68.30 -22.83 78.79
CA SER F 38 67.17 -22.93 77.86
C SER F 38 66.48 -21.58 77.63
N HIS F 39 67.12 -20.48 78.01
CA HIS F 39 66.56 -19.14 77.84
C HIS F 39 66.67 -18.74 76.37
N LYS F 40 65.82 -19.35 75.55
CA LYS F 40 65.78 -19.03 74.12
C LYS F 40 64.84 -17.87 73.85
N LEU F 41 65.02 -16.78 74.59
CA LEU F 41 64.19 -15.59 74.45
C LEU F 41 65.03 -14.38 74.78
N VAL F 42 65.39 -13.62 73.75
CA VAL F 42 66.20 -12.41 73.90
C VAL F 42 65.36 -11.22 73.46
N LEU F 43 65.35 -10.18 74.29
CA LEU F 43 64.61 -8.96 74.00
C LEU F 43 65.58 -7.91 73.47
N SER F 44 65.63 -7.78 72.15
CA SER F 44 66.32 -6.68 71.51
C SER F 44 65.42 -5.46 71.46
N VAL F 45 65.79 -4.46 70.66
CA VAL F 45 64.90 -3.33 70.41
C VAL F 45 63.51 -3.80 70.03
N ASN F 46 63.40 -4.98 69.42
CA ASN F 46 62.14 -5.65 69.18
C ASN F 46 62.26 -7.11 69.59
N PRO F 47 61.15 -7.80 69.84
CA PRO F 47 61.23 -9.26 70.02
C PRO F 47 61.73 -9.96 68.77
N TYR F 48 62.09 -11.23 68.88
CA TYR F 48 62.80 -11.92 67.80
C TYR F 48 61.98 -12.95 67.05
N VAL F 49 60.81 -13.35 67.56
CA VAL F 49 60.06 -14.48 67.01
C VAL F 49 59.60 -14.20 65.58
N CYS F 50 59.17 -15.25 64.89
CA CYS F 50 58.91 -15.17 63.46
C CYS F 50 57.86 -14.11 63.15
N ASN F 51 58.07 -13.37 62.07
CA ASN F 51 57.17 -12.32 61.63
C ASN F 51 56.12 -12.81 60.64
N ALA F 52 56.12 -14.10 60.32
CA ALA F 52 55.10 -14.63 59.43
C ALA F 52 53.75 -14.69 60.14
N PRO F 53 52.65 -14.48 59.41
CA PRO F 53 51.32 -14.46 60.06
C PRO F 53 50.90 -15.83 60.57
N GLY F 54 50.74 -15.95 61.90
CA GLY F 54 50.32 -17.18 62.53
C GLY F 54 51.46 -18.06 63.00
N CYS F 55 52.67 -17.79 62.53
CA CYS F 55 53.83 -18.58 62.91
C CYS F 55 54.33 -18.12 64.28
N ASP F 56 54.55 -19.09 65.18
CA ASP F 56 54.99 -18.81 66.54
C ASP F 56 56.35 -19.45 66.84
N VAL F 57 57.27 -19.41 65.88
CA VAL F 57 58.59 -19.95 66.11
C VAL F 57 59.33 -19.02 67.06
N THR F 58 59.85 -19.59 68.16
CA THR F 58 60.41 -18.80 69.25
C THR F 58 61.93 -18.86 69.32
N ASP F 59 62.52 -20.04 69.14
CA ASP F 59 63.96 -20.20 69.34
C ASP F 59 64.73 -19.31 68.37
N VAL F 60 65.70 -18.56 68.90
CA VAL F 60 66.54 -17.70 68.07
C VAL F 60 67.29 -18.54 67.05
N THR F 61 67.73 -19.72 67.47
CA THR F 61 68.47 -20.60 66.57
C THR F 61 67.62 -20.97 65.35
N GLN F 62 66.34 -21.27 65.58
CA GLN F 62 65.44 -21.58 64.48
C GLN F 62 65.12 -20.35 63.65
N LEU F 63 65.34 -19.15 64.18
CA LEU F 63 64.95 -17.92 63.52
C LEU F 63 66.00 -17.46 62.54
N TYR F 64 65.55 -16.99 61.38
CA TYR F 64 66.43 -16.46 60.34
C TYR F 64 65.91 -15.09 59.94
N LEU F 65 66.81 -14.11 59.89
CA LEU F 65 66.37 -12.79 59.52
C LEU F 65 66.36 -12.63 58.00
N GLY F 66 65.33 -11.98 57.50
CA GLY F 66 65.10 -11.86 56.06
C GLY F 66 64.79 -10.44 55.67
N GLY F 67 63.65 -10.24 55.02
CA GLY F 67 63.32 -8.97 54.43
C GLY F 67 63.00 -7.90 55.46
N MET F 68 64.04 -7.47 56.18
CA MET F 68 63.95 -6.48 57.24
C MET F 68 63.08 -6.98 58.39
N SER F 69 62.98 -8.29 58.52
CA SER F 69 62.16 -8.90 59.56
C SER F 69 62.66 -10.32 59.78
N TYR F 70 62.33 -10.86 60.95
CA TYR F 70 62.74 -12.21 61.28
C TYR F 70 61.74 -13.22 60.72
N TYR F 71 62.19 -14.46 60.59
CA TYR F 71 61.36 -15.48 59.97
C TYR F 71 61.66 -16.83 60.61
N CYS F 72 60.72 -17.75 60.44
CA CYS F 72 60.97 -19.15 60.72
C CYS F 72 61.81 -19.72 59.57
N LYS F 73 62.26 -20.96 59.73
CA LYS F 73 63.02 -21.57 58.65
C LYS F 73 62.15 -21.82 57.43
N SER F 74 60.85 -22.10 57.63
CA SER F 74 59.98 -22.37 56.51
C SER F 74 59.68 -21.11 55.70
N HIS F 75 59.40 -20.00 56.40
CA HIS F 75 59.04 -18.76 55.72
C HIS F 75 60.29 -17.98 55.30
N LYS F 76 61.42 -18.65 55.21
CA LYS F 76 62.67 -17.96 54.95
C LYS F 76 62.61 -17.31 53.56
N PRO F 77 63.06 -16.07 53.41
CA PRO F 77 63.14 -15.46 52.09
C PRO F 77 64.25 -16.11 51.28
N PRO F 78 64.29 -15.89 49.97
CA PRO F 78 65.34 -16.51 49.15
C PRO F 78 66.75 -16.21 49.63
N ILE F 79 66.95 -15.09 50.33
CA ILE F 79 68.25 -14.75 50.90
C ILE F 79 68.09 -14.83 52.41
N SER F 80 68.32 -16.02 52.98
CA SER F 80 68.11 -16.27 54.39
C SER F 80 69.45 -16.31 55.12
N PHE F 81 69.38 -16.18 56.44
CA PHE F 81 70.57 -16.10 57.26
C PHE F 81 70.25 -16.37 58.73
N PRO F 82 70.91 -17.35 59.35
CA PRO F 82 70.62 -17.65 60.76
C PRO F 82 71.15 -16.56 61.67
N LEU F 83 70.53 -16.44 62.83
CA LEU F 83 70.93 -15.41 63.79
C LEU F 83 72.09 -15.89 64.65
N CYS F 84 71.88 -16.95 65.43
CA CYS F 84 72.90 -17.42 66.35
C CYS F 84 73.99 -18.19 65.62
N ALA F 85 75.13 -17.54 65.42
CA ALA F 85 76.26 -18.17 64.74
C ALA F 85 77.53 -17.45 65.13
N ASN F 86 78.66 -18.12 64.87
CA ASN F 86 79.98 -17.53 65.07
C ASN F 86 80.20 -17.12 66.53
N GLY F 87 79.60 -17.88 67.44
CA GLY F 87 79.80 -17.65 68.85
C GLY F 87 79.16 -16.38 69.37
N GLN F 88 78.31 -15.76 68.55
CA GLN F 88 77.65 -14.51 68.92
C GLN F 88 76.22 -14.52 68.42
N VAL F 89 75.47 -13.50 68.82
CA VAL F 89 74.09 -13.31 68.42
C VAL F 89 73.99 -11.94 67.75
N PHE F 90 73.26 -11.89 66.64
CA PHE F 90 73.23 -10.68 65.82
C PHE F 90 72.63 -9.52 66.60
N GLY F 91 73.20 -8.33 66.38
CA GLY F 91 72.67 -7.14 67.02
C GLY F 91 73.65 -6.00 66.88
N LEU F 92 73.35 -4.89 67.56
CA LEU F 92 74.22 -3.74 67.60
C LEU F 92 75.42 -4.04 68.48
N TYR F 93 76.50 -3.27 68.29
CA TYR F 93 77.74 -3.46 69.04
C TYR F 93 78.32 -4.86 68.86
N LYS F 94 77.91 -5.55 67.80
CA LYS F 94 78.28 -6.95 67.64
C LYS F 94 79.78 -7.12 67.54
N ASN F 95 80.42 -6.35 66.67
CA ASN F 95 81.85 -6.55 66.44
C ASN F 95 82.68 -6.02 67.61
N THR F 96 82.16 -5.06 68.36
CA THR F 96 82.91 -4.40 69.42
C THR F 96 82.62 -4.97 70.80
N CYS F 97 81.83 -6.03 70.90
CA CYS F 97 81.63 -6.68 72.19
C CYS F 97 82.90 -7.40 72.63
N VAL F 98 83.17 -7.35 73.93
CA VAL F 98 84.42 -7.86 74.49
C VAL F 98 84.31 -9.33 74.89
N GLY F 99 83.33 -9.67 75.71
CA GLY F 99 83.21 -11.03 76.20
C GLY F 99 84.01 -11.29 77.46
N SER F 100 83.41 -12.02 78.40
CA SER F 100 84.10 -12.41 79.63
C SER F 100 83.76 -13.85 79.99
N ASP F 101 84.11 -14.28 81.20
CA ASP F 101 83.77 -15.62 81.69
C ASP F 101 82.98 -15.49 82.97
N ASN F 102 81.66 -15.39 82.85
CA ASN F 102 80.74 -15.47 83.97
C ASN F 102 79.44 -16.14 83.56
N VAL F 103 79.51 -17.05 82.58
CA VAL F 103 78.31 -17.68 82.06
C VAL F 103 77.69 -18.62 83.09
N THR F 104 78.53 -19.37 83.81
CA THR F 104 78.01 -20.41 84.69
C THR F 104 77.22 -19.82 85.85
N ASP F 105 77.79 -18.83 86.55
CA ASP F 105 77.09 -18.27 87.69
C ASP F 105 75.86 -17.47 87.26
N PHE F 106 75.94 -16.78 86.13
CA PHE F 106 74.76 -16.09 85.61
C PHE F 106 73.65 -17.08 85.31
N ASN F 107 73.98 -18.20 84.67
CA ASN F 107 72.97 -19.23 84.41
C ASN F 107 72.40 -19.76 85.71
N ALA F 108 73.25 -20.01 86.69
CA ALA F 108 72.78 -20.56 87.96
C ALA F 108 71.81 -19.60 88.64
N ILE F 109 72.16 -18.32 88.71
CA ILE F 109 71.28 -17.36 89.36
C ILE F 109 69.98 -17.19 88.56
N ALA F 110 70.07 -17.20 87.23
CA ALA F 110 68.88 -17.10 86.40
C ALA F 110 68.00 -18.34 86.49
N THR F 111 68.55 -19.46 86.93
CA THR F 111 67.79 -20.71 87.05
C THR F 111 67.65 -21.20 88.49
N CYS F 112 68.26 -20.54 89.47
CA CYS F 112 68.12 -20.97 90.85
C CYS F 112 66.72 -20.65 91.36
N ASP F 113 66.37 -21.27 92.48
CA ASP F 113 65.06 -21.10 93.09
C ASP F 113 65.11 -20.34 94.41
N TRP F 114 66.30 -19.94 94.86
CA TRP F 114 66.50 -19.15 96.07
C TRP F 114 66.10 -19.90 97.34
N THR F 115 65.63 -21.14 97.21
CA THR F 115 65.22 -21.90 98.38
C THR F 115 66.40 -22.43 99.17
N ASN F 116 67.49 -22.78 98.49
CA ASN F 116 68.67 -23.35 99.13
C ASN F 116 69.65 -22.25 99.50
N ALA F 117 70.46 -22.51 100.53
CA ALA F 117 71.40 -21.51 101.03
C ALA F 117 72.51 -21.19 100.05
N GLY F 118 72.67 -21.97 98.98
CA GLY F 118 73.71 -21.69 98.00
C GLY F 118 73.54 -20.33 97.34
N ASP F 119 72.29 -19.93 97.11
CA ASP F 119 72.04 -18.65 96.44
C ASP F 119 72.56 -17.48 97.29
N TYR F 120 72.39 -17.56 98.61
CA TYR F 120 72.79 -16.45 99.47
C TYR F 120 74.31 -16.32 99.53
N ILE F 121 75.00 -17.44 99.75
CA ILE F 121 76.46 -17.39 99.82
C ILE F 121 77.04 -17.00 98.45
N LEU F 122 76.43 -17.49 97.37
CA LEU F 122 76.86 -17.06 96.05
C LEU F 122 76.69 -15.56 95.88
N ALA F 123 75.52 -15.03 96.25
CA ALA F 123 75.31 -13.59 96.20
C ALA F 123 76.16 -12.86 97.24
N ASN F 124 76.68 -13.57 98.23
CA ASN F 124 77.52 -12.98 99.26
C ASN F 124 78.99 -12.97 98.89
N THR F 125 79.36 -13.52 97.74
CA THR F 125 80.76 -13.63 97.36
C THR F 125 80.99 -13.21 95.91
N CYS F 126 79.93 -13.09 95.12
CA CYS F 126 80.06 -12.93 93.69
C CYS F 126 80.46 -11.50 93.35
N THR F 127 80.47 -11.18 92.05
CA THR F 127 80.90 -9.88 91.57
C THR F 127 79.96 -8.78 92.04
N GLU F 128 80.50 -7.56 92.14
CA GLU F 128 79.73 -6.43 92.64
C GLU F 128 78.46 -6.22 91.81
N ARG F 129 78.61 -6.13 90.49
CA ARG F 129 77.44 -6.05 89.62
C ARG F 129 76.59 -7.31 89.73
N LEU F 130 77.24 -8.47 89.81
CA LEU F 130 76.53 -9.72 90.02
C LEU F 130 75.83 -9.73 91.38
N LYS F 131 76.48 -9.16 92.40
CA LYS F 131 75.82 -9.04 93.71
C LYS F 131 74.56 -8.20 93.60
N LEU F 132 74.64 -7.06 92.90
CA LEU F 132 73.47 -6.21 92.75
C LEU F 132 72.36 -6.93 92.01
N PHE F 133 72.70 -7.61 90.91
CA PHE F 133 71.68 -8.33 90.14
C PHE F 133 71.06 -9.45 90.97
N ALA F 134 71.88 -10.18 91.72
CA ALA F 134 71.37 -11.27 92.54
C ALA F 134 70.44 -10.75 93.64
N ALA F 135 70.81 -9.64 94.27
CA ALA F 135 69.94 -9.05 95.29
C ALA F 135 68.62 -8.59 94.68
N GLU F 136 68.69 -7.95 93.51
CA GLU F 136 67.47 -7.48 92.84
C GLU F 136 66.55 -8.65 92.51
N THR F 137 67.08 -9.67 91.85
CA THR F 137 66.25 -10.81 91.48
C THR F 137 65.81 -11.62 92.70
N LEU F 138 66.59 -11.59 93.79
CA LEU F 138 66.17 -12.24 95.02
C LEU F 138 64.94 -11.57 95.60
N LYS F 139 64.96 -10.23 95.69
CA LYS F 139 63.76 -9.54 96.16
C LYS F 139 62.61 -9.72 95.19
N ALA F 140 62.89 -9.78 93.89
CA ALA F 140 61.83 -10.00 92.90
C ALA F 140 61.16 -11.35 93.12
N THR F 141 61.96 -12.40 93.34
CA THR F 141 61.41 -13.71 93.63
C THR F 141 60.63 -13.70 94.93
N GLU F 142 61.12 -12.98 95.94
CA GLU F 142 60.40 -12.87 97.21
C GLU F 142 59.02 -12.25 96.98
N GLU F 143 58.96 -11.19 96.17
CA GLU F 143 57.68 -10.54 95.91
C GLU F 143 56.76 -11.45 95.12
N THR F 144 57.29 -12.15 94.11
CA THR F 144 56.45 -13.04 93.31
C THR F 144 55.89 -14.20 94.14
N PHE F 145 56.70 -14.77 95.03
CA PHE F 145 56.24 -15.87 95.86
C PHE F 145 55.10 -15.43 96.77
N LYS F 146 55.21 -14.24 97.36
CA LYS F 146 54.13 -13.71 98.19
C LYS F 146 52.88 -13.45 97.35
N LEU F 147 53.06 -13.14 96.07
CA LEU F 147 51.95 -12.87 95.16
C LEU F 147 51.31 -14.14 94.61
N SER F 148 51.54 -15.30 95.24
CA SER F 148 50.94 -16.55 94.79
C SER F 148 50.02 -17.15 95.85
N TYR F 149 49.63 -16.38 96.85
CA TYR F 149 48.80 -16.88 97.94
C TYR F 149 47.32 -16.86 97.51
N GLY F 150 46.43 -17.21 98.44
CA GLY F 150 45.02 -17.29 98.15
C GLY F 150 44.26 -16.03 98.48
N ILE F 151 43.10 -15.88 97.84
CA ILE F 151 42.25 -14.70 97.99
C ILE F 151 41.29 -14.93 99.15
N ALA F 152 41.11 -13.90 99.97
CA ALA F 152 40.25 -13.96 101.14
C ALA F 152 38.89 -13.36 100.80
N THR F 153 37.84 -14.15 100.98
CA THR F 153 36.46 -13.77 100.73
C THR F 153 35.69 -13.79 102.05
N VAL F 154 34.37 -13.68 101.98
CA VAL F 154 33.51 -13.59 103.16
C VAL F 154 32.59 -14.80 103.21
N ARG F 155 32.26 -15.25 104.41
CA ARG F 155 31.19 -16.21 104.61
C ARG F 155 29.94 -15.56 105.18
N GLU F 156 30.12 -14.58 106.06
CA GLU F 156 29.03 -13.76 106.59
C GLU F 156 29.64 -12.53 107.25
N VAL F 157 28.82 -11.49 107.38
CA VAL F 157 29.25 -10.22 107.94
C VAL F 157 28.71 -10.09 109.35
N LEU F 158 29.54 -9.58 110.26
CA LEU F 158 29.18 -9.41 111.66
C LEU F 158 28.99 -7.95 112.06
N SER F 159 30.00 -7.12 111.83
CA SER F 159 29.95 -5.72 112.22
C SER F 159 31.03 -4.97 111.44
N ASP F 160 31.25 -3.70 111.82
CA ASP F 160 32.24 -2.88 111.13
C ASP F 160 33.66 -3.40 111.30
N ARG F 161 33.93 -4.14 112.38
CA ARG F 161 35.27 -4.67 112.60
C ARG F 161 35.26 -6.17 112.88
N GLU F 162 34.15 -6.85 112.57
CA GLU F 162 34.06 -8.30 112.73
C GLU F 162 33.49 -8.90 111.46
N LEU F 163 34.07 -10.02 111.04
CA LEU F 163 33.71 -10.63 109.76
C LEU F 163 34.26 -12.04 109.63
N HIS F 164 33.44 -12.95 109.12
CA HIS F 164 33.86 -14.33 108.89
C HIS F 164 34.55 -14.45 107.54
N LEU F 165 35.73 -15.06 107.53
CA LEU F 165 36.51 -15.24 106.31
C LEU F 165 36.18 -16.58 105.67
N SER F 166 36.03 -16.58 104.34
CA SER F 166 35.76 -17.79 103.57
C SER F 166 36.89 -17.94 102.56
N TRP F 167 37.99 -18.54 102.99
CA TRP F 167 39.13 -18.76 102.10
C TRP F 167 38.77 -19.79 101.04
N GLU F 168 39.44 -19.69 99.90
CA GLU F 168 39.28 -20.67 98.84
C GLU F 168 39.93 -21.99 99.27
N VAL F 169 39.16 -23.07 99.24
CA VAL F 169 39.66 -24.37 99.67
C VAL F 169 40.79 -24.78 98.74
N GLY F 170 41.94 -25.13 99.33
CA GLY F 170 43.11 -25.54 98.58
C GLY F 170 44.14 -24.46 98.34
N LYS F 171 43.94 -23.26 98.87
CA LYS F 171 44.90 -22.18 98.67
C LYS F 171 45.63 -21.86 99.96
N PRO F 172 46.91 -21.50 99.90
CA PRO F 172 47.64 -21.13 101.11
C PRO F 172 47.11 -19.84 101.73
N ARG F 173 46.52 -19.93 102.91
CA ARG F 173 45.96 -18.77 103.58
C ARG F 173 47.09 -17.87 104.08
N PRO F 174 47.16 -16.61 103.64
CA PRO F 174 48.17 -15.70 104.19
C PRO F 174 47.94 -15.48 105.68
N PRO F 175 49.00 -15.36 106.47
CA PRO F 175 48.83 -15.09 107.90
C PRO F 175 48.08 -13.78 108.12
N LEU F 176 47.15 -13.79 109.07
CA LEU F 176 46.34 -12.62 109.36
C LEU F 176 47.13 -11.62 110.19
N ASN F 177 48.20 -11.09 109.63
CA ASN F 177 49.07 -10.18 110.35
C ASN F 177 48.71 -8.72 110.06
N ARG F 178 49.40 -7.81 110.72
CA ARG F 178 49.17 -6.38 110.48
C ARG F 178 49.71 -5.96 109.12
N ASN F 179 50.85 -6.50 108.71
CA ASN F 179 51.48 -6.15 107.44
C ASN F 179 50.86 -6.88 106.25
N TYR F 180 49.66 -7.44 106.41
CA TYR F 180 48.98 -8.17 105.34
C TYR F 180 47.71 -7.41 104.99
N VAL F 181 47.84 -6.45 104.06
CA VAL F 181 46.72 -5.67 103.57
C VAL F 181 46.29 -6.23 102.22
N PHE F 182 44.98 -6.39 102.04
CA PHE F 182 44.43 -6.89 100.79
C PHE F 182 43.33 -5.93 100.32
N THR F 183 43.43 -5.50 99.08
CA THR F 183 42.47 -4.55 98.52
C THR F 183 41.09 -5.20 98.43
N GLY F 184 40.07 -4.48 98.85
CA GLY F 184 38.73 -5.02 98.85
C GLY F 184 38.00 -4.79 97.54
N TYR F 185 37.70 -5.87 96.83
CA TYR F 185 36.98 -5.81 95.57
C TYR F 185 35.56 -6.32 95.77
N ARG F 186 34.57 -5.47 95.49
CA ARG F 186 33.16 -5.87 95.48
C ARG F 186 32.69 -5.86 94.04
N VAL F 187 31.95 -6.89 93.66
CA VAL F 187 31.44 -7.01 92.29
C VAL F 187 29.93 -7.01 92.31
N THR F 188 29.30 -6.15 91.52
CA THR F 188 27.86 -6.03 91.56
C THR F 188 27.36 -6.28 90.18
N LYS F 189 27.03 -5.22 89.47
CA LYS F 189 26.68 -5.40 88.08
C LYS F 189 28.01 -4.90 87.65
N ASN F 190 28.99 -5.80 87.52
CA ASN F 190 30.36 -5.42 87.24
C ASN F 190 30.72 -4.53 88.40
N SER F 191 30.73 -3.21 88.20
CA SER F 191 31.07 -2.26 89.27
C SER F 191 32.17 -2.88 90.05
N LYS F 192 33.09 -3.51 89.33
CA LYS F 192 34.27 -4.10 89.96
C LYS F 192 35.16 -3.00 90.55
N VAL F 193 34.64 -2.37 91.59
CA VAL F 193 35.27 -1.20 92.21
C VAL F 193 35.94 -1.63 93.51
N GLN F 194 37.20 -1.25 93.66
CA GLN F 194 37.93 -1.50 94.88
C GLN F 194 37.32 -0.70 96.04
N ILE F 195 37.38 -1.28 97.23
CA ILE F 195 36.80 -0.63 98.41
C ILE F 195 37.92 -0.28 99.39
N GLY F 196 39.16 -0.52 99.00
CA GLY F 196 40.31 -0.20 99.82
C GLY F 196 40.99 -1.45 100.39
N GLU F 197 42.15 -1.22 100.99
CA GLU F 197 42.94 -2.29 101.56
C GLU F 197 42.45 -2.63 102.96
N TYR F 198 42.52 -3.92 103.29
CA TYR F 198 42.08 -4.40 104.59
C TYR F 198 43.12 -5.34 105.17
N THR F 199 43.53 -5.08 106.40
CA THR F 199 44.40 -5.97 107.16
C THR F 199 43.59 -6.67 108.24
N PHE F 200 43.99 -7.90 108.57
CA PHE F 200 43.24 -8.75 109.47
C PHE F 200 44.06 -9.05 110.72
N GLU F 201 43.34 -9.39 111.79
CA GLU F 201 43.96 -9.76 113.06
C GLU F 201 43.09 -10.81 113.73
N LYS F 202 43.64 -11.99 113.97
CA LYS F 202 42.90 -13.06 114.63
C LYS F 202 42.64 -12.67 116.08
N GLY F 203 41.38 -12.47 116.45
CA GLY F 203 41.06 -12.04 117.80
C GLY F 203 41.07 -13.26 118.67
N ASP F 204 40.59 -13.10 119.89
CA ASP F 204 40.55 -14.23 120.81
C ASP F 204 39.49 -15.26 120.43
N TYR F 205 38.95 -15.16 119.22
CA TYR F 205 37.89 -16.08 118.81
C TYR F 205 37.89 -16.62 117.37
N GLY F 206 36.74 -17.05 116.86
CA GLY F 206 36.65 -17.69 115.53
C GLY F 206 36.87 -16.84 114.27
N ASP F 207 36.30 -17.34 113.18
CA ASP F 207 36.72 -16.85 111.87
C ASP F 207 36.41 -15.38 111.85
N ALA F 208 35.41 -14.97 112.62
CA ALA F 208 35.19 -13.56 112.67
C ALA F 208 36.38 -12.91 113.32
N VAL F 209 37.17 -12.22 112.52
CA VAL F 209 38.34 -11.59 113.05
C VAL F 209 38.19 -10.09 113.08
N VAL F 210 38.97 -9.45 113.92
CA VAL F 210 38.99 -7.99 113.94
C VAL F 210 39.94 -7.51 112.86
N TYR F 211 39.47 -6.58 112.04
CA TYR F 211 40.23 -6.11 110.88
C TYR F 211 40.26 -4.59 110.86
N ARG F 212 41.32 -4.04 110.29
CA ARG F 212 41.46 -2.61 110.06
C ARG F 212 41.48 -2.37 108.56
N GLY F 213 40.59 -1.50 108.09
CA GLY F 213 40.49 -1.16 106.69
C GLY F 213 40.85 0.29 106.46
N THR F 214 41.44 0.58 105.30
CA THR F 214 41.78 1.95 104.96
C THR F 214 40.54 2.82 104.82
N THR F 215 39.45 2.25 104.31
CA THR F 215 38.18 2.95 104.16
C THR F 215 37.12 2.31 105.05
N THR F 216 36.13 3.12 105.45
CA THR F 216 35.07 2.69 106.33
C THR F 216 33.83 2.21 105.57
N TYR F 217 34.00 1.68 104.38
CA TYR F 217 32.86 1.19 103.60
C TYR F 217 32.19 0.00 104.28
N LYS F 218 30.89 -0.13 104.02
CA LYS F 218 30.13 -1.26 104.56
C LYS F 218 30.68 -2.57 104.01
N LEU F 219 30.82 -3.55 104.90
CA LEU F 219 31.32 -4.87 104.50
C LEU F 219 30.17 -5.68 103.93
N ASN F 220 30.17 -5.86 102.61
CA ASN F 220 29.11 -6.59 101.93
C ASN F 220 29.54 -8.02 101.64
N VAL F 221 28.56 -8.91 101.51
CA VAL F 221 28.84 -10.30 101.20
C VAL F 221 29.43 -10.46 99.81
N GLY F 222 29.10 -9.57 98.88
CA GLY F 222 29.63 -9.65 97.54
C GLY F 222 30.95 -8.93 97.38
N ASP F 223 31.82 -9.02 98.39
CA ASP F 223 33.11 -8.37 98.37
C ASP F 223 34.17 -9.33 98.89
N TYR F 224 35.36 -9.29 98.28
CA TYR F 224 36.50 -10.07 98.72
C TYR F 224 37.72 -9.16 98.77
N PHE F 225 38.84 -9.71 99.24
CA PHE F 225 40.05 -8.93 99.49
C PHE F 225 41.22 -9.62 98.79
N VAL F 226 41.57 -9.13 97.60
CA VAL F 226 42.66 -9.71 96.82
C VAL F 226 43.99 -9.15 97.34
N LEU F 227 45.04 -9.97 97.28
CA LEU F 227 46.34 -9.58 97.80
C LEU F 227 46.86 -8.34 97.10
N THR F 228 47.48 -7.46 97.89
CA THR F 228 48.08 -6.23 97.36
C THR F 228 49.48 -6.53 96.86
N SER F 229 49.74 -6.18 95.60
CA SER F 229 51.01 -6.51 94.95
C SER F 229 52.11 -5.53 95.37
N HIS F 230 53.34 -5.91 95.03
CA HIS F 230 54.50 -5.06 95.27
C HIS F 230 55.45 -5.16 94.08
N THR F 231 56.28 -4.14 93.91
CA THR F 231 57.23 -4.07 92.82
C THR F 231 58.64 -3.88 93.37
N VAL F 232 59.63 -4.18 92.54
CA VAL F 232 61.04 -4.04 92.89
C VAL F 232 61.68 -3.05 91.95
N MET F 233 62.34 -2.03 92.51
CA MET F 233 63.04 -1.05 91.69
C MET F 233 64.50 -1.46 91.51
N PRO F 234 65.08 -1.17 90.35
CA PRO F 234 66.48 -1.56 90.11
C PRO F 234 67.45 -0.78 90.98
N LEU F 235 68.52 -1.45 91.38
CA LEU F 235 69.57 -0.84 92.20
C LEU F 235 70.89 -0.86 91.46
N SER F 236 71.55 0.29 91.41
CA SER F 236 72.81 0.46 90.69
C SER F 236 73.99 0.72 91.61
N ALA F 237 73.79 1.47 92.69
CA ALA F 237 74.89 1.78 93.59
C ALA F 237 75.36 0.51 94.31
N PRO F 238 76.66 0.40 94.59
CA PRO F 238 77.19 -0.81 95.23
C PRO F 238 76.65 -1.03 96.63
N THR F 239 76.88 -2.22 97.18
CA THR F 239 76.39 -2.55 98.50
C THR F 239 77.29 -1.98 99.59
N LEU F 240 78.56 -2.37 99.60
CA LEU F 240 79.51 -1.99 100.64
C LEU F 240 80.37 -0.83 100.17
N VAL F 241 80.46 0.20 101.00
CA VAL F 241 81.37 1.32 100.73
C VAL F 241 82.81 0.82 100.83
N PRO F 242 83.68 1.15 99.87
CA PRO F 242 85.06 0.66 99.93
C PRO F 242 85.80 1.18 101.16
N GLN F 243 86.75 0.38 101.63
CA GLN F 243 87.51 0.69 102.84
C GLN F 243 88.62 1.66 102.50
N GLU F 244 88.64 2.80 103.18
CA GLU F 244 89.68 3.80 103.03
C GLU F 244 90.19 4.20 104.42
N HIS F 245 91.36 4.83 104.44
CA HIS F 245 91.94 5.32 105.68
C HIS F 245 92.54 6.70 105.42
N TYR F 246 92.64 7.50 106.48
CA TYR F 246 93.15 8.85 106.38
C TYR F 246 94.17 9.09 107.49
N VAL F 247 95.27 9.77 107.15
CA VAL F 247 96.31 10.06 108.14
C VAL F 247 95.80 11.04 109.18
N ARG F 248 95.01 12.03 108.78
CA ARG F 248 94.44 13.00 109.69
C ARG F 248 92.93 12.80 109.78
N ILE F 249 92.34 13.31 110.86
CA ILE F 249 90.89 13.21 111.04
C ILE F 249 90.22 14.18 110.07
N THR F 250 89.61 13.64 109.02
CA THR F 250 89.04 14.46 107.97
C THR F 250 87.52 14.35 107.96
N GLY F 251 86.86 15.47 107.66
CA GLY F 251 85.42 15.52 107.58
C GLY F 251 84.74 15.48 108.94
N LEU F 252 85.55 15.51 110.00
CA LEU F 252 85.02 15.42 111.37
C LEU F 252 85.84 16.35 112.26
N TYR F 253 85.15 17.09 113.13
CA TYR F 253 85.79 18.03 114.03
C TYR F 253 85.76 17.47 115.44
N PRO F 254 86.89 16.99 115.98
CA PRO F 254 86.88 16.41 117.33
C PRO F 254 86.55 17.44 118.39
N THR F 255 85.89 16.98 119.45
CA THR F 255 85.66 17.78 120.64
C THR F 255 86.76 17.47 121.65
N LEU F 256 86.88 18.27 122.71
CA LEU F 256 88.06 18.14 123.56
C LEU F 256 87.93 17.04 124.60
N ASN F 257 87.06 17.21 125.60
CA ASN F 257 86.94 16.22 126.67
C ASN F 257 85.49 16.08 127.15
N ILE F 258 84.54 16.20 126.24
CA ILE F 258 83.12 16.19 126.61
C ILE F 258 82.59 14.78 126.48
N SER F 259 81.60 14.45 127.33
CA SER F 259 81.00 13.12 127.41
C SER F 259 82.05 12.06 127.75
N ASP F 260 82.64 12.18 128.95
CA ASP F 260 83.62 11.20 129.40
C ASP F 260 82.99 9.86 129.79
N GLU F 261 81.66 9.80 129.92
CA GLU F 261 81.01 8.53 130.23
C GLU F 261 81.20 7.50 129.11
N PHE F 262 81.55 7.93 127.91
CA PHE F 262 81.95 7.05 126.83
C PHE F 262 83.41 7.24 126.44
N SER F 263 84.26 7.60 127.41
CA SER F 263 85.68 7.77 127.15
C SER F 263 86.37 6.46 126.81
N SER F 264 85.70 5.33 127.02
CA SER F 264 86.22 4.04 126.57
C SER F 264 86.17 3.90 125.05
N ASN F 265 85.50 4.83 124.35
CA ASN F 265 85.35 4.76 122.91
C ASN F 265 85.76 6.03 122.18
N VAL F 266 86.29 7.03 122.87
CA VAL F 266 86.66 8.27 122.18
C VAL F 266 87.81 8.03 121.21
N ALA F 267 88.82 7.29 121.64
CA ALA F 267 89.87 6.87 120.71
C ALA F 267 89.31 6.06 119.56
N ASN F 268 88.22 5.33 119.80
CA ASN F 268 87.51 4.63 118.75
C ASN F 268 86.72 5.58 117.86
N TYR F 269 86.17 6.65 118.45
CA TYR F 269 85.47 7.66 117.65
C TYR F 269 86.42 8.34 116.68
N GLN F 270 87.64 8.65 117.12
CA GLN F 270 88.61 9.27 116.22
C GLN F 270 89.06 8.29 115.13
N LYS F 271 89.29 7.03 115.50
CA LYS F 271 89.75 6.05 114.52
C LYS F 271 88.69 5.72 113.50
N VAL F 272 87.40 5.81 113.86
CA VAL F 272 86.33 5.66 112.88
C VAL F 272 86.43 6.76 111.84
N GLY F 273 86.68 7.99 112.28
CA GLY F 273 86.85 9.09 111.35
C GLY F 273 88.09 8.95 110.49
N MET F 274 89.17 8.41 111.03
CA MET F 274 90.40 8.28 110.24
C MET F 274 90.31 7.13 109.24
N GLN F 275 89.34 6.22 109.39
CA GLN F 275 89.00 5.27 108.34
C GLN F 275 87.83 5.83 107.53
N LYS F 276 87.46 5.08 106.48
CA LYS F 276 86.26 5.40 105.72
C LYS F 276 85.03 4.84 106.42
N TYR F 277 84.96 3.52 106.52
CA TYR F 277 83.87 2.85 107.21
C TYR F 277 84.45 1.90 108.24
N SER F 278 83.81 1.86 109.42
CA SER F 278 84.28 1.05 110.53
C SER F 278 83.06 0.39 111.18
N THR F 279 82.82 -0.87 110.84
CA THR F 279 81.76 -1.64 111.47
C THR F 279 82.11 -1.90 112.93
N LEU F 280 81.10 -2.25 113.72
CA LEU F 280 81.32 -2.50 115.14
C LEU F 280 80.46 -3.68 115.57
N GLN F 281 81.09 -4.65 116.24
CA GLN F 281 80.38 -5.82 116.74
C GLN F 281 80.17 -5.67 118.24
N GLY F 282 78.92 -5.77 118.66
CA GLY F 282 78.58 -5.72 120.07
C GLY F 282 77.60 -6.81 120.44
N PRO F 283 77.96 -7.61 121.45
CA PRO F 283 77.08 -8.71 121.88
C PRO F 283 75.72 -8.19 122.27
N PRO F 284 74.67 -9.02 122.17
CA PRO F 284 73.32 -8.55 122.48
C PRO F 284 73.21 -7.96 123.87
N GLY F 285 72.60 -6.78 123.95
CA GLY F 285 72.44 -6.10 125.23
C GLY F 285 73.66 -5.38 125.73
N THR F 286 74.71 -5.26 124.90
CA THR F 286 75.92 -4.57 125.31
C THR F 286 75.77 -3.06 125.14
N GLY F 287 76.87 -2.32 125.30
CA GLY F 287 76.82 -0.87 125.21
C GLY F 287 76.61 -0.39 123.80
N LYS F 288 75.74 -1.08 123.06
CA LYS F 288 75.34 -0.65 121.74
C LYS F 288 74.47 0.60 121.83
N SER F 289 74.64 1.49 120.86
CA SER F 289 73.97 2.78 120.80
C SER F 289 74.54 3.71 121.86
N HIS F 290 75.38 3.18 122.76
CA HIS F 290 76.14 4.03 123.67
C HIS F 290 77.41 4.53 122.99
N PHE F 291 78.06 3.64 122.23
CA PHE F 291 79.11 4.08 121.31
C PHE F 291 78.56 5.12 120.35
N ALA F 292 77.36 4.88 119.83
CA ALA F 292 76.77 5.80 118.86
C ALA F 292 76.52 7.17 119.46
N ILE F 293 75.93 7.23 120.66
CA ILE F 293 75.63 8.53 121.26
C ILE F 293 76.93 9.21 121.67
N GLY F 294 77.91 8.45 122.14
CA GLY F 294 79.20 9.04 122.45
C GLY F 294 79.88 9.65 121.23
N LEU F 295 79.84 8.94 120.10
CA LEU F 295 80.41 9.49 118.87
C LEU F 295 79.63 10.71 118.41
N ALA F 296 78.30 10.67 118.51
CA ALA F 296 77.49 11.80 118.10
C ALA F 296 77.77 13.04 118.95
N LEU F 297 77.93 12.86 120.26
CA LEU F 297 78.28 13.97 121.12
C LEU F 297 79.71 14.44 120.86
N TYR F 298 80.60 13.51 120.50
CA TYR F 298 81.97 13.87 120.17
C TYR F 298 82.05 14.74 118.92
N TYR F 299 81.05 14.65 118.03
CA TYR F 299 81.00 15.45 116.82
C TYR F 299 79.63 16.12 116.74
N PRO F 300 79.43 17.21 117.51
CA PRO F 300 78.12 17.86 117.49
C PRO F 300 77.86 18.66 116.22
N SER F 301 78.90 19.28 115.66
CA SER F 301 78.72 20.08 114.45
C SER F 301 78.49 19.21 113.21
N ALA F 302 79.07 18.01 113.18
CA ALA F 302 78.91 17.13 112.03
C ALA F 302 77.48 16.60 111.95
N ARG F 303 76.96 16.49 110.73
CA ARG F 303 75.63 15.94 110.52
C ARG F 303 75.69 14.41 110.55
N ILE F 304 74.83 13.80 111.35
CA ILE F 304 74.88 12.37 111.62
C ILE F 304 73.51 11.76 111.37
N VAL F 305 73.51 10.52 110.90
CA VAL F 305 72.29 9.80 110.56
C VAL F 305 72.34 8.41 111.20
N TYR F 306 71.26 8.04 111.89
CA TYR F 306 71.11 6.69 112.40
C TYR F 306 70.38 5.82 111.39
N THR F 307 70.69 4.53 111.42
CA THR F 307 70.06 3.58 110.50
C THR F 307 69.92 2.24 111.19
N ALA F 308 68.72 1.67 111.15
CA ALA F 308 68.46 0.36 111.72
C ALA F 308 67.52 -0.42 110.82
N CYS F 309 67.73 -1.73 110.75
CA CYS F 309 66.88 -2.56 109.89
C CYS F 309 65.47 -2.66 110.41
N SER F 310 65.28 -2.64 111.73
CA SER F 310 63.98 -2.79 112.34
C SER F 310 63.43 -1.45 112.78
N HIS F 311 62.11 -1.28 112.64
CA HIS F 311 61.46 -0.07 113.12
C HIS F 311 61.56 0.05 114.64
N ALA F 312 61.42 -1.08 115.34
CA ALA F 312 61.61 -1.06 116.79
C ALA F 312 63.04 -0.68 117.15
N ALA F 313 64.02 -1.19 116.40
CA ALA F 313 65.42 -0.88 116.69
C ALA F 313 65.71 0.60 116.49
N VAL F 314 65.24 1.18 115.38
CA VAL F 314 65.48 2.59 115.14
C VAL F 314 64.69 3.44 116.13
N ASP F 315 63.53 2.96 116.58
CA ASP F 315 62.80 3.65 117.64
C ASP F 315 63.61 3.65 118.94
N ALA F 316 64.24 2.52 119.26
CA ALA F 316 65.10 2.46 120.44
C ALA F 316 66.29 3.41 120.32
N LEU F 317 66.90 3.44 119.13
CA LEU F 317 68.03 4.35 118.91
C LEU F 317 67.61 5.81 119.05
N CYS F 318 66.45 6.17 118.49
CA CYS F 318 65.99 7.54 118.58
C CYS F 318 65.60 7.91 120.01
N GLU F 319 65.04 6.96 120.76
CA GLU F 319 64.75 7.22 122.18
C GLU F 319 66.03 7.43 122.98
N LYS F 320 67.07 6.62 122.70
CA LYS F 320 68.36 6.83 123.34
C LYS F 320 68.94 8.20 122.99
N ALA F 321 68.82 8.61 121.73
CA ALA F 321 69.29 9.93 121.34
C ALA F 321 68.51 11.03 122.04
N LEU F 322 67.19 10.87 122.13
CA LEU F 322 66.36 11.86 122.84
C LEU F 322 66.79 11.98 124.29
N LYS F 323 67.07 10.84 124.94
CA LYS F 323 67.52 10.87 126.32
C LYS F 323 68.91 11.48 126.45
N TYR F 324 69.77 11.27 125.45
CA TYR F 324 71.18 11.64 125.55
C TYR F 324 71.59 12.77 124.61
N LEU F 325 71.34 12.63 123.30
CA LEU F 325 71.77 13.65 122.36
C LEU F 325 70.96 14.94 122.56
N PRO F 326 71.59 16.12 122.33
CA PRO F 326 70.71 17.28 122.61
C PRO F 326 69.65 17.35 121.54
N ILE F 327 68.52 17.93 121.87
CA ILE F 327 67.47 18.09 120.89
C ILE F 327 67.74 19.38 120.12
N ASP F 328 68.85 19.41 119.40
CA ASP F 328 68.90 19.36 117.96
C ASP F 328 68.65 17.98 117.42
N LYS F 329 67.48 17.42 117.65
CA LYS F 329 67.26 16.05 117.25
C LYS F 329 65.90 15.71 116.71
N CYS F 330 65.85 14.82 115.73
CA CYS F 330 64.60 14.31 115.18
C CYS F 330 64.85 12.89 114.69
N SER F 331 63.77 12.16 114.47
CA SER F 331 63.83 10.82 113.89
C SER F 331 62.84 10.74 112.74
N ARG F 332 63.29 11.14 111.55
CA ARG F 332 62.44 11.14 110.37
C ARG F 332 62.30 9.73 109.81
N ILE F 333 61.54 8.88 110.48
CA ILE F 333 61.52 7.46 110.16
C ILE F 333 60.35 7.09 109.26
N ILE F 334 59.13 7.29 109.75
CA ILE F 334 57.95 6.78 109.07
C ILE F 334 56.78 7.76 109.20
N PRO F 335 56.22 8.24 108.08
CA PRO F 335 55.06 9.15 108.18
C PRO F 335 53.77 8.48 108.64
N ALA F 336 53.33 7.43 107.94
CA ALA F 336 52.07 6.78 108.26
C ALA F 336 52.15 5.26 108.09
N ARG F 337 53.30 4.76 107.64
CA ARG F 337 53.51 3.35 107.38
C ARG F 337 53.92 2.63 108.67
N ALA F 338 54.46 1.42 108.53
CA ALA F 338 55.04 0.73 109.69
C ALA F 338 54.00 0.49 110.77
N ARG F 339 53.05 -0.43 110.51
CA ARG F 339 52.01 -0.78 111.48
C ARG F 339 52.54 -0.85 112.90
N VAL F 340 53.76 -1.34 113.09
CA VAL F 340 54.41 -1.27 114.39
C VAL F 340 54.77 0.18 114.68
N GLU F 341 54.14 0.74 115.71
CA GLU F 341 54.18 2.18 115.92
C GLU F 341 55.61 2.65 116.21
N CYS F 342 56.17 3.39 115.26
CA CYS F 342 57.51 3.95 115.37
C CYS F 342 57.41 5.34 116.01
N PHE F 343 58.45 6.17 115.94
CA PHE F 343 58.50 7.50 116.57
C PHE F 343 57.22 8.29 116.33
N ASP F 344 56.95 9.21 117.26
CA ASP F 344 55.91 10.20 117.10
C ASP F 344 56.44 11.55 117.56
N LYS F 345 57.74 11.79 117.31
CA LYS F 345 58.46 12.91 117.92
C LYS F 345 58.46 14.16 117.06
N PHE F 346 59.00 14.07 115.85
CA PHE F 346 59.26 15.24 115.02
C PHE F 346 58.92 15.00 113.56
N LYS F 347 59.45 15.86 112.69
CA LYS F 347 59.19 15.80 111.27
C LYS F 347 59.55 14.44 110.69
N VAL F 348 58.95 14.12 109.54
CA VAL F 348 59.33 12.96 108.75
C VAL F 348 60.15 13.33 107.53
N ASN F 349 59.94 14.52 106.96
CA ASN F 349 60.72 14.99 105.82
C ASN F 349 60.88 16.50 105.91
N SER F 350 61.99 16.96 106.48
CA SER F 350 62.30 18.38 106.47
C SER F 350 63.73 18.61 105.99
N THR F 351 64.62 17.67 106.29
CA THR F 351 66.03 17.71 105.87
C THR F 351 66.69 19.02 106.29
N LEU F 352 66.35 19.48 107.49
CA LEU F 352 67.00 20.65 108.06
C LEU F 352 67.56 20.30 109.43
N GLU F 353 66.97 19.30 110.07
CA GLU F 353 67.49 18.80 111.33
C GLU F 353 68.80 18.05 111.12
N GLN F 354 69.65 18.07 112.14
CA GLN F 354 71.01 17.52 112.01
C GLN F 354 71.02 16.00 112.17
N TYR F 355 70.64 15.51 113.34
CA TYR F 355 70.70 14.08 113.65
C TYR F 355 69.45 13.40 113.08
N VAL F 356 69.39 13.33 111.75
CA VAL F 356 68.25 12.73 111.08
C VAL F 356 68.31 11.21 111.21
N PHE F 357 67.27 10.63 111.82
CA PHE F 357 67.18 9.20 112.02
C PHE F 357 66.06 8.65 111.16
N CYS F 358 66.32 7.55 110.45
CA CYS F 358 65.37 7.04 109.49
C CYS F 358 65.53 5.53 109.37
N THR F 359 64.78 4.95 108.43
CA THR F 359 64.78 3.53 108.16
C THR F 359 64.70 3.31 106.65
N VAL F 360 65.04 2.10 106.22
CA VAL F 360 65.19 1.81 104.80
C VAL F 360 63.89 2.06 104.03
N ASN F 361 62.75 1.76 104.65
CA ASN F 361 61.48 1.84 103.95
C ASN F 361 61.10 3.27 103.57
N ALA F 362 61.70 4.28 104.20
CA ALA F 362 61.39 5.67 103.89
C ALA F 362 62.66 6.51 103.86
N LEU F 363 63.75 5.94 103.38
CA LEU F 363 65.01 6.67 103.36
C LEU F 363 64.95 7.84 102.38
N PRO F 364 65.29 9.05 102.82
CA PRO F 364 65.40 10.17 101.86
C PRO F 364 66.77 10.17 101.19
N GLU F 365 66.79 10.37 99.87
CA GLU F 365 68.06 10.37 99.14
C GLU F 365 68.80 11.69 99.36
N THR F 366 69.35 11.87 100.55
CA THR F 366 70.10 13.06 100.92
C THR F 366 71.51 12.66 101.34
N THR F 367 72.26 13.64 101.82
CA THR F 367 73.63 13.45 102.24
C THR F 367 73.86 14.04 103.62
N ALA F 368 74.78 13.44 104.36
CA ALA F 368 75.17 13.90 105.69
C ALA F 368 76.69 13.74 105.81
N ASP F 369 77.23 14.21 106.93
CA ASP F 369 78.67 14.08 107.14
C ASP F 369 79.05 12.65 107.49
N ILE F 370 78.29 12.00 108.36
CA ILE F 370 78.49 10.61 108.73
C ILE F 370 77.13 9.95 108.88
N VAL F 371 77.14 8.63 109.00
CA VAL F 371 75.91 7.87 109.20
C VAL F 371 76.27 6.55 109.86
N VAL F 372 75.48 6.15 110.84
CA VAL F 372 75.67 4.91 111.59
C VAL F 372 74.53 3.96 111.25
N PHE F 373 74.86 2.73 110.88
CA PHE F 373 73.88 1.72 110.49
C PHE F 373 73.89 0.62 111.55
N ASP F 374 72.76 0.47 112.24
CA ASP F 374 72.62 -0.53 113.28
C ASP F 374 71.76 -1.70 112.80
N GLU F 375 71.87 -2.82 113.50
CA GLU F 375 71.14 -4.05 113.19
C GLU F 375 71.46 -4.51 111.76
N ILE F 376 72.74 -4.85 111.59
CA ILE F 376 73.29 -5.17 110.28
C ILE F 376 73.24 -6.66 109.96
N SER F 377 72.58 -7.47 110.78
CA SER F 377 72.47 -8.90 110.55
C SER F 377 71.09 -9.30 110.03
N MET F 378 70.05 -8.54 110.37
CA MET F 378 68.69 -8.89 109.97
C MET F 378 68.32 -8.24 108.65
N ALA F 379 69.32 -7.90 107.84
CA ALA F 379 69.11 -7.28 106.54
C ALA F 379 69.85 -8.06 105.47
N THR F 380 69.42 -7.87 104.23
CA THR F 380 70.02 -8.54 103.07
C THR F 380 70.86 -7.56 102.28
N ASN F 381 71.64 -8.11 101.34
CA ASN F 381 72.48 -7.28 100.47
C ASN F 381 71.65 -6.31 99.65
N TYR F 382 70.40 -6.67 99.34
CA TYR F 382 69.53 -5.76 98.60
C TYR F 382 69.32 -4.46 99.37
N ASP F 383 68.92 -4.57 100.63
CA ASP F 383 68.70 -3.38 101.44
C ASP F 383 69.99 -2.63 101.72
N LEU F 384 71.12 -3.32 101.83
CA LEU F 384 72.40 -2.63 101.98
C LEU F 384 72.71 -1.79 100.76
N SER F 385 72.53 -2.36 99.56
CA SER F 385 72.73 -1.59 98.34
C SER F 385 71.74 -0.42 98.29
N VAL F 386 70.51 -0.65 98.73
CA VAL F 386 69.50 0.41 98.74
C VAL F 386 69.96 1.57 99.62
N VAL F 387 70.38 1.26 100.86
CA VAL F 387 70.77 2.33 101.78
C VAL F 387 72.03 3.01 101.31
N ASN F 388 72.94 2.27 100.68
CA ASN F 388 74.14 2.89 100.12
C ASN F 388 73.79 3.82 98.96
N ALA F 389 72.74 3.49 98.21
CA ALA F 389 72.29 4.37 97.13
C ALA F 389 71.62 5.62 97.68
N ARG F 390 70.77 5.47 98.70
CA ARG F 390 70.01 6.59 99.24
C ARG F 390 70.95 7.66 99.81
N LEU F 391 71.70 7.30 100.84
CA LEU F 391 72.56 8.23 101.54
C LEU F 391 74.01 8.04 101.14
N ARG F 392 74.81 9.08 101.38
CA ARG F 392 76.23 9.07 101.03
C ARG F 392 76.94 10.10 101.89
N ALA F 393 77.79 9.63 102.80
CA ALA F 393 78.44 10.46 103.80
C ALA F 393 79.96 10.38 103.64
N LYS F 394 80.68 11.02 104.57
CA LYS F 394 82.13 10.96 104.56
C LYS F 394 82.68 9.78 105.34
N HIS F 395 81.96 9.32 106.38
CA HIS F 395 82.37 8.17 107.14
C HIS F 395 81.14 7.37 107.53
N TYR F 396 81.28 6.05 107.57
CA TYR F 396 80.16 5.14 107.75
C TYR F 396 80.44 4.20 108.91
N VAL F 397 79.39 3.91 109.68
CA VAL F 397 79.47 2.99 110.80
C VAL F 397 78.36 1.95 110.64
N TYR F 398 78.73 0.68 110.72
CA TYR F 398 77.79 -0.43 110.61
C TYR F 398 77.89 -1.25 111.88
N ILE F 399 77.10 -0.88 112.88
CA ILE F 399 77.14 -1.56 114.18
C ILE F 399 76.13 -2.71 114.16
N GLY F 400 76.60 -3.90 114.55
CA GLY F 400 75.71 -5.05 114.61
C GLY F 400 76.38 -6.30 115.14
N ASP F 401 75.58 -7.25 115.61
CA ASP F 401 76.09 -8.51 116.13
C ASP F 401 75.74 -9.65 115.18
N PRO F 402 76.71 -10.44 114.73
CA PRO F 402 76.38 -11.63 113.93
C PRO F 402 75.49 -12.61 114.67
N ALA F 403 75.62 -12.72 115.99
CA ALA F 403 74.79 -13.62 116.79
C ALA F 403 73.42 -13.03 117.11
N GLN F 404 72.71 -12.57 116.07
CA GLN F 404 71.35 -12.06 116.24
C GLN F 404 70.44 -12.73 115.22
N LEU F 405 69.18 -12.34 115.20
CA LEU F 405 68.23 -12.92 114.25
C LEU F 405 68.42 -12.31 112.88
N PRO F 406 68.66 -13.11 111.85
CA PRO F 406 68.88 -12.55 110.51
C PRO F 406 67.59 -12.14 109.81
N ALA F 407 67.70 -11.78 108.53
CA ALA F 407 66.52 -11.50 107.74
C ALA F 407 65.63 -12.74 107.66
N PRO F 408 64.31 -12.56 107.62
CA PRO F 408 63.41 -13.72 107.65
C PRO F 408 63.69 -14.75 106.56
N ARG F 409 63.68 -14.32 105.30
CA ARG F 409 63.93 -15.21 104.16
C ARG F 409 63.01 -16.43 104.22
N THR F 410 61.71 -16.15 104.08
CA THR F 410 60.69 -17.17 104.24
C THR F 410 60.81 -18.31 103.24
N LEU F 411 61.56 -18.12 102.14
CA LEU F 411 61.81 -19.20 101.19
C LEU F 411 63.04 -20.01 101.53
N LEU F 412 63.79 -19.62 102.56
CA LEU F 412 64.98 -20.36 102.98
C LEU F 412 64.52 -21.63 103.70
N THR F 413 64.09 -22.61 102.91
CA THR F 413 63.57 -23.87 103.43
C THR F 413 64.61 -24.97 103.47
N LYS F 414 65.74 -24.81 102.79
CA LYS F 414 66.81 -25.81 102.78
C LYS F 414 68.01 -25.25 103.53
N GLY F 415 68.34 -25.87 104.66
CA GLY F 415 69.42 -25.37 105.47
C GLY F 415 69.10 -24.00 106.05
N THR F 416 70.15 -23.24 106.32
CA THR F 416 70.00 -21.90 106.87
C THR F 416 71.20 -21.07 106.41
N LEU F 417 71.35 -19.89 107.00
CA LEU F 417 72.46 -19.00 106.69
C LEU F 417 73.35 -18.85 107.92
N GLU F 418 74.65 -18.85 107.67
CA GLU F 418 75.59 -18.61 108.74
C GLU F 418 75.61 -17.13 109.10
N PRO F 419 76.03 -16.77 110.31
CA PRO F 419 76.17 -15.34 110.66
C PRO F 419 77.09 -14.58 109.73
N GLU F 420 78.01 -15.26 109.04
CA GLU F 420 78.83 -14.65 108.02
C GLU F 420 78.11 -14.48 106.68
N TYR F 421 77.06 -15.27 106.43
CA TYR F 421 76.38 -15.29 105.14
C TYR F 421 75.12 -14.43 105.11
N PHE F 422 74.78 -13.77 106.22
CA PHE F 422 73.52 -13.03 106.28
C PHE F 422 73.48 -11.90 105.27
N ASN F 423 74.57 -11.14 105.16
CA ASN F 423 74.70 -10.08 104.17
C ASN F 423 76.19 -9.78 104.02
N SER F 424 76.53 -8.98 103.01
CA SER F 424 77.94 -8.69 102.75
C SER F 424 78.56 -7.88 103.87
N VAL F 425 77.77 -7.09 104.60
CA VAL F 425 78.27 -6.44 105.80
C VAL F 425 78.67 -7.48 106.83
N CYS F 426 77.81 -8.49 107.04
CA CYS F 426 78.15 -9.57 107.96
C CYS F 426 79.38 -10.33 107.50
N ARG F 427 79.49 -10.55 106.18
CA ARG F 427 80.68 -11.21 105.64
C ARG F 427 81.93 -10.40 105.97
N LEU F 428 81.93 -9.12 105.63
CA LEU F 428 83.10 -8.28 105.90
C LEU F 428 83.43 -8.25 107.38
N MET F 429 82.41 -8.25 108.24
CA MET F 429 82.64 -8.29 109.68
C MET F 429 83.23 -9.63 110.11
N LYS F 430 82.92 -10.71 109.40
CA LYS F 430 83.28 -12.05 109.85
C LYS F 430 84.37 -12.71 109.03
N THR F 431 84.87 -12.06 107.97
CA THR F 431 86.04 -12.59 107.27
C THR F 431 87.32 -12.18 107.98
N ILE F 432 87.59 -10.88 108.04
CA ILE F 432 88.83 -10.40 108.64
C ILE F 432 88.58 -9.93 110.07
N GLY F 433 87.34 -9.55 110.38
CA GLY F 433 87.01 -9.01 111.67
C GLY F 433 86.24 -7.72 111.53
N PRO F 434 85.47 -7.35 112.55
CA PRO F 434 84.69 -6.11 112.50
C PRO F 434 85.51 -4.84 112.67
N ASP F 435 86.85 -4.94 112.64
CA ASP F 435 87.78 -3.83 112.83
C ASP F 435 87.42 -2.96 114.02
N MET F 436 86.75 -3.55 115.01
CA MET F 436 86.30 -2.87 116.22
C MET F 436 85.67 -3.89 117.16
N PHE F 437 85.58 -3.55 118.45
CA PHE F 437 84.94 -4.45 119.40
C PHE F 437 84.45 -3.65 120.59
N LEU F 438 83.25 -3.99 121.06
CA LEU F 438 82.70 -3.37 122.27
C LEU F 438 81.81 -4.42 122.93
N GLY F 439 82.39 -5.18 123.86
CA GLY F 439 81.62 -6.14 124.62
C GLY F 439 81.56 -5.83 126.10
N THR F 440 80.40 -5.39 126.57
CA THR F 440 80.13 -5.18 127.99
C THR F 440 78.61 -5.14 128.14
N CYS F 441 78.03 -6.25 128.56
CA CYS F 441 76.57 -6.36 128.66
C CYS F 441 76.07 -5.95 130.04
N ARG F 442 76.50 -4.77 130.49
CA ARG F 442 76.23 -4.34 131.86
C ARG F 442 74.75 -4.05 132.11
N ARG F 443 73.98 -3.75 131.06
CA ARG F 443 72.56 -3.47 131.23
C ARG F 443 71.73 -4.72 131.50
N CYS F 444 72.33 -5.90 131.43
CA CYS F 444 71.65 -7.16 131.66
C CYS F 444 72.23 -7.87 132.88
N PRO F 445 71.48 -8.78 133.50
CA PRO F 445 72.00 -9.47 134.69
C PRO F 445 73.30 -10.21 134.39
N ALA F 446 74.27 -10.07 135.28
CA ALA F 446 75.55 -10.74 135.10
C ALA F 446 75.43 -12.25 135.19
N GLU F 447 74.43 -12.75 135.91
CA GLU F 447 74.21 -14.20 135.96
C GLU F 447 73.78 -14.74 134.60
N ILE F 448 72.76 -14.10 133.99
CA ILE F 448 72.33 -14.53 132.68
C ILE F 448 73.40 -14.23 131.64
N VAL F 449 74.17 -13.17 131.84
CA VAL F 449 75.27 -12.86 130.93
C VAL F 449 76.33 -13.96 130.98
N ASP F 450 76.65 -14.45 132.18
CA ASP F 450 77.57 -15.57 132.31
C ASP F 450 77.01 -16.85 131.71
N THR F 451 75.73 -17.13 131.91
CA THR F 451 75.12 -18.33 131.33
C THR F 451 75.17 -18.28 129.81
N VAL F 452 74.87 -17.12 129.24
CA VAL F 452 75.01 -16.94 127.79
C VAL F 452 76.47 -17.10 127.39
N SER F 453 77.39 -16.60 128.22
CA SER F 453 78.82 -16.77 127.97
C SER F 453 79.22 -18.23 128.02
N ALA F 454 78.48 -19.05 128.77
CA ALA F 454 78.70 -20.49 128.79
C ALA F 454 77.82 -21.24 127.80
N LEU F 455 76.93 -20.54 127.09
CA LEU F 455 76.02 -21.19 126.16
C LEU F 455 76.68 -21.42 124.80
N VAL F 456 77.02 -20.34 124.09
CA VAL F 456 77.64 -20.46 122.78
C VAL F 456 78.85 -19.54 122.67
N TYR F 457 79.07 -18.71 123.68
CA TYR F 457 80.17 -17.76 123.70
C TYR F 457 81.38 -18.34 124.44
N ASP F 458 82.46 -17.57 124.46
CA ASP F 458 83.72 -17.98 125.04
C ASP F 458 84.00 -17.31 126.38
N ASN F 459 82.96 -16.99 127.15
CA ASN F 459 83.10 -16.41 128.50
C ASN F 459 83.88 -15.09 128.46
N LYS F 460 83.63 -14.29 127.43
CA LYS F 460 84.23 -12.97 127.30
C LYS F 460 83.23 -11.87 127.63
N LEU F 461 82.04 -12.22 128.11
CA LEU F 461 80.99 -11.26 128.41
C LEU F 461 80.91 -11.09 129.92
N LYS F 462 81.12 -9.87 130.39
CA LYS F 462 80.99 -9.54 131.80
C LYS F 462 79.90 -8.48 131.98
N ALA F 463 79.29 -8.48 133.16
CA ALA F 463 78.17 -7.59 133.42
C ALA F 463 78.06 -7.37 134.93
N HIS F 464 76.94 -6.79 135.35
CA HIS F 464 76.63 -6.59 136.76
C HIS F 464 75.15 -6.94 136.95
N LYS F 465 74.56 -6.52 138.08
CA LYS F 465 73.13 -6.72 138.37
C LYS F 465 72.63 -8.16 138.38
N ASP F 466 73.29 -9.03 139.13
CA ASP F 466 72.96 -10.47 139.12
C ASP F 466 71.63 -11.00 139.67
N LYS F 467 71.33 -12.27 139.38
CA LYS F 467 70.16 -12.96 139.95
C LYS F 467 68.76 -12.42 140.00
N SER F 468 68.33 -11.96 141.17
CA SER F 468 66.95 -11.53 141.42
C SER F 468 66.10 -12.79 141.39
N ALA F 469 64.93 -12.70 140.83
CA ALA F 469 64.06 -13.85 140.70
C ALA F 469 64.31 -14.51 139.37
N GLN F 470 65.57 -14.77 139.00
CA GLN F 470 65.70 -15.35 137.67
C GLN F 470 65.36 -16.84 137.76
N CYS F 471 64.57 -17.32 136.81
CA CYS F 471 64.10 -18.70 136.84
C CYS F 471 63.66 -19.11 135.44
N PHE F 472 63.25 -20.37 135.33
CA PHE F 472 62.69 -20.92 134.09
C PHE F 472 61.71 -22.02 134.50
N LYS F 473 60.42 -21.67 134.52
CA LYS F 473 59.41 -22.63 134.96
C LYS F 473 59.28 -23.75 133.95
N MET F 474 59.69 -24.96 134.34
CA MET F 474 59.70 -26.10 133.44
C MET F 474 58.33 -26.74 133.30
N PHE F 475 57.48 -26.14 132.48
CA PHE F 475 56.15 -26.66 132.21
C PHE F 475 56.12 -27.27 130.81
N TYR F 476 55.65 -28.51 130.73
CA TYR F 476 55.58 -29.21 129.46
C TYR F 476 54.60 -28.53 128.51
N LYS F 477 54.91 -28.58 127.22
CA LYS F 477 54.05 -27.95 126.21
C LYS F 477 52.75 -28.73 126.10
N GLY F 478 51.63 -27.99 126.10
CA GLY F 478 50.33 -28.62 126.01
C GLY F 478 49.82 -28.75 124.59
N VAL F 479 48.58 -28.36 124.35
CA VAL F 479 47.96 -28.43 123.04
C VAL F 479 48.33 -27.18 122.26
N ILE F 480 48.67 -27.37 120.99
CA ILE F 480 49.10 -26.29 120.10
C ILE F 480 47.93 -25.95 119.19
N THR F 481 47.28 -24.82 119.47
CA THR F 481 46.14 -24.37 118.68
C THR F 481 46.58 -23.38 117.61
N HIS F 482 47.48 -23.86 116.75
CA HIS F 482 48.07 -23.02 115.70
C HIS F 482 47.04 -22.79 114.60
N ASP F 483 46.31 -21.68 114.70
CA ASP F 483 45.35 -21.33 113.64
C ASP F 483 46.06 -20.82 112.39
N VAL F 484 47.25 -20.22 112.57
CA VAL F 484 48.08 -19.76 111.47
C VAL F 484 49.35 -20.60 111.45
N SER F 485 50.24 -20.30 110.49
CA SER F 485 51.49 -21.07 110.38
C SER F 485 52.28 -21.04 111.68
N SER F 486 52.34 -19.88 112.33
CA SER F 486 52.98 -19.80 113.65
C SER F 486 52.17 -20.57 114.68
N ALA F 487 52.87 -21.10 115.69
CA ALA F 487 52.26 -21.98 116.68
C ALA F 487 51.74 -21.17 117.87
N ILE F 488 50.48 -21.36 118.20
CA ILE F 488 49.88 -20.76 119.39
C ILE F 488 49.97 -21.76 120.54
N ASN F 489 50.49 -21.31 121.69
CA ASN F 489 50.65 -22.17 122.86
C ASN F 489 50.01 -21.46 124.06
N ARG F 490 48.70 -21.62 124.19
CA ARG F 490 47.97 -21.06 125.33
C ARG F 490 48.17 -21.82 126.65
N PRO F 491 48.38 -23.15 126.65
CA PRO F 491 48.65 -23.81 127.94
C PRO F 491 49.91 -23.30 128.63
N GLN F 492 50.86 -22.75 127.87
CA GLN F 492 52.01 -22.09 128.50
C GLN F 492 51.56 -20.87 129.30
N ILE F 493 50.62 -20.08 128.77
CA ILE F 493 49.96 -19.06 129.57
C ILE F 493 49.12 -19.67 130.68
N GLY F 494 48.72 -20.94 130.53
CA GLY F 494 48.01 -21.63 131.60
C GLY F 494 48.78 -21.67 132.91
N VAL F 495 50.10 -21.56 132.87
CA VAL F 495 50.88 -21.33 134.07
C VAL F 495 51.21 -19.85 134.27
N VAL F 496 51.14 -19.03 133.21
CA VAL F 496 51.25 -17.58 133.38
C VAL F 496 50.00 -17.02 134.05
N ARG F 497 48.87 -17.71 133.97
CA ARG F 497 47.69 -17.28 134.71
C ARG F 497 47.95 -17.23 136.20
N GLU F 498 48.91 -18.02 136.68
CA GLU F 498 49.39 -17.96 138.06
C GLU F 498 50.59 -17.05 138.22
N PHE F 499 51.05 -16.42 137.14
CA PHE F 499 52.10 -15.41 137.20
C PHE F 499 51.55 -14.01 136.96
N LEU F 500 50.23 -13.85 136.91
CA LEU F 500 49.58 -12.57 136.70
C LEU F 500 49.03 -11.98 137.99
N THR F 501 48.32 -12.78 138.78
CA THR F 501 47.75 -12.33 140.05
C THR F 501 48.61 -12.70 141.25
N ARG F 502 49.75 -13.34 141.05
CA ARG F 502 50.64 -13.72 142.13
C ARG F 502 51.78 -12.75 142.32
N ASN F 503 52.32 -12.20 141.23
CA ASN F 503 53.49 -11.35 141.32
C ASN F 503 53.11 -9.99 141.87
N PRO F 504 53.71 -9.55 142.98
CA PRO F 504 53.41 -8.21 143.49
C PRO F 504 54.23 -7.14 142.80
N ALA F 505 55.36 -7.54 142.20
CA ALA F 505 56.26 -6.59 141.57
C ALA F 505 56.56 -6.91 140.11
N TRP F 506 56.21 -8.10 139.62
CA TRP F 506 56.48 -8.47 138.23
C TRP F 506 55.32 -8.08 137.32
N ARG F 507 54.91 -6.82 137.31
CA ARG F 507 53.84 -6.36 136.44
C ARG F 507 54.35 -5.63 135.21
N LYS F 508 55.36 -4.78 135.38
CA LYS F 508 55.94 -4.02 134.26
C LYS F 508 56.96 -4.91 133.55
N ALA F 509 56.43 -5.93 132.87
CA ALA F 509 57.23 -6.87 132.12
C ALA F 509 56.87 -6.80 130.64
N VAL F 510 57.80 -7.24 129.81
CA VAL F 510 57.61 -7.31 128.36
C VAL F 510 57.75 -8.76 127.97
N PHE F 511 56.64 -9.43 127.71
CA PHE F 511 56.64 -10.86 127.40
C PHE F 511 57.19 -11.08 126.01
N ILE F 512 58.39 -11.64 125.93
CA ILE F 512 59.01 -12.03 124.66
C ILE F 512 58.68 -13.50 124.42
N SER F 513 58.60 -13.88 123.15
CA SER F 513 58.24 -15.25 122.80
C SER F 513 58.85 -15.59 121.46
N PRO F 514 59.14 -16.88 121.21
CA PRO F 514 59.66 -17.27 119.89
C PRO F 514 58.72 -16.95 118.74
N TYR F 515 57.52 -17.50 118.80
CA TYR F 515 56.58 -17.40 117.70
C TYR F 515 55.73 -16.13 117.80
N ASN F 516 55.32 -15.63 116.63
CA ASN F 516 54.52 -14.42 116.58
C ASN F 516 53.09 -14.68 117.05
N SER F 517 52.52 -15.83 116.70
CA SER F 517 51.13 -16.11 117.06
C SER F 517 50.99 -16.48 118.53
N GLN F 518 52.04 -17.03 119.14
CA GLN F 518 52.01 -17.22 120.59
C GLN F 518 52.23 -15.90 121.33
N ASN F 519 52.74 -14.88 120.65
CA ASN F 519 52.62 -13.52 121.16
C ASN F 519 51.21 -12.97 120.93
N ALA F 520 50.57 -13.37 119.83
CA ALA F 520 49.19 -12.98 119.58
C ALA F 520 48.22 -13.58 120.58
N VAL F 521 48.50 -14.78 121.09
CA VAL F 521 47.63 -15.37 122.11
C VAL F 521 47.82 -14.68 123.46
N ALA F 522 49.01 -14.14 123.74
CA ALA F 522 49.15 -13.24 124.88
C ALA F 522 48.46 -11.91 124.65
N SER F 523 48.43 -11.43 123.41
CA SER F 523 47.62 -10.28 123.05
C SER F 523 46.13 -10.56 123.14
N LYS F 524 45.72 -11.84 123.10
CA LYS F 524 44.32 -12.18 123.29
C LYS F 524 43.90 -11.95 124.74
N ILE F 525 44.68 -12.43 125.70
CA ILE F 525 44.47 -12.19 127.11
C ILE F 525 45.69 -11.45 127.63
N LEU F 526 45.60 -10.12 127.66
CA LEU F 526 46.76 -9.27 127.89
C LEU F 526 47.02 -9.17 129.39
N GLY F 527 47.94 -9.99 129.89
CA GLY F 527 48.46 -9.78 131.22
C GLY F 527 49.45 -8.63 131.30
N LEU F 528 50.01 -8.23 130.16
CA LEU F 528 50.97 -7.14 130.03
C LEU F 528 51.23 -6.91 128.54
N PRO F 529 51.62 -5.70 128.13
CA PRO F 529 51.95 -5.47 126.72
C PRO F 529 53.16 -6.29 126.32
N THR F 530 52.98 -7.18 125.36
CA THR F 530 54.01 -8.11 124.94
C THR F 530 54.66 -7.67 123.63
N GLN F 531 55.85 -8.20 123.39
CA GLN F 531 56.58 -7.95 122.16
C GLN F 531 57.12 -9.27 121.62
N THR F 532 57.17 -9.38 120.30
CA THR F 532 57.76 -10.54 119.67
C THR F 532 59.29 -10.46 119.72
N VAL F 533 59.93 -11.60 119.46
CA VAL F 533 61.38 -11.65 119.49
C VAL F 533 61.98 -10.77 118.40
N ASP F 534 61.20 -10.47 117.35
CA ASP F 534 61.68 -9.60 116.28
C ASP F 534 61.76 -8.15 116.69
N SER F 535 60.94 -7.72 117.65
CA SER F 535 61.01 -6.35 118.15
C SER F 535 62.09 -6.15 119.21
N SER F 536 62.83 -7.21 119.56
CA SER F 536 63.91 -7.16 120.52
C SER F 536 65.17 -6.59 119.87
N GLN F 537 66.33 -6.80 120.52
CA GLN F 537 67.62 -6.35 120.00
C GLN F 537 67.72 -4.84 119.87
N GLY F 538 67.75 -4.14 121.00
CA GLY F 538 67.96 -2.70 120.98
C GLY F 538 67.28 -1.92 122.08
N SER F 539 66.27 -2.50 122.73
CA SER F 539 65.62 -1.87 123.88
C SER F 539 65.39 -2.92 124.95
N GLU F 540 65.90 -2.67 126.15
CA GLU F 540 65.84 -3.64 127.24
C GLU F 540 64.77 -3.23 128.24
N TYR F 541 64.41 -4.20 129.10
CA TYR F 541 63.42 -3.99 130.13
C TYR F 541 63.83 -4.75 131.38
N ASP F 542 63.26 -4.35 132.53
CA ASP F 542 63.58 -4.98 133.79
C ASP F 542 63.13 -6.44 133.81
N TYR F 543 61.84 -6.69 133.68
CA TYR F 543 61.30 -8.04 133.67
C TYR F 543 60.86 -8.42 132.26
N VAL F 544 61.03 -9.70 131.94
CA VAL F 544 60.66 -10.24 130.64
C VAL F 544 60.02 -11.62 130.86
N ILE F 545 58.75 -11.75 130.49
CA ILE F 545 58.11 -13.05 130.47
C ILE F 545 58.52 -13.78 129.20
N PHE F 546 58.60 -15.11 129.27
CA PHE F 546 59.11 -15.89 128.14
C PHE F 546 58.42 -17.24 128.14
N THR F 547 57.51 -17.45 127.19
CA THR F 547 56.87 -18.75 126.99
C THR F 547 57.15 -19.20 125.57
N GLN F 548 57.66 -20.42 125.43
CA GLN F 548 58.02 -20.96 124.13
C GLN F 548 56.92 -21.89 123.64
N THR F 549 57.20 -22.61 122.55
CA THR F 549 56.29 -23.55 121.96
C THR F 549 56.89 -24.95 122.04
N THR F 550 56.26 -25.91 121.37
CA THR F 550 56.78 -27.26 121.32
C THR F 550 58.19 -27.27 120.74
N GLU F 551 58.86 -28.43 120.87
CA GLU F 551 60.27 -28.52 120.51
C GLU F 551 60.47 -28.47 119.01
N THR F 552 60.18 -27.32 118.40
CA THR F 552 60.42 -27.08 116.99
C THR F 552 61.78 -26.44 116.79
N ALA F 553 62.21 -26.40 115.53
CA ALA F 553 63.50 -25.79 115.20
C ALA F 553 63.49 -24.27 115.34
N HIS F 554 62.33 -23.66 115.51
CA HIS F 554 62.22 -22.20 115.61
C HIS F 554 62.46 -21.71 117.04
N SER F 555 61.73 -22.27 118.01
CA SER F 555 61.86 -21.81 119.39
C SER F 555 63.21 -22.20 119.98
N CYS F 556 63.76 -23.34 119.56
CA CYS F 556 65.01 -23.85 120.12
C CYS F 556 66.23 -23.10 119.63
N ASN F 557 66.10 -21.97 118.95
CA ASN F 557 67.25 -21.22 118.47
C ASN F 557 68.00 -20.60 119.65
N VAL F 558 69.31 -20.88 119.72
CA VAL F 558 70.12 -20.35 120.81
C VAL F 558 70.26 -18.83 120.69
N ASN F 559 70.40 -18.32 119.46
CA ASN F 559 70.45 -16.88 119.26
C ASN F 559 69.12 -16.22 119.60
N ARG F 560 68.01 -16.92 119.35
CA ARG F 560 66.71 -16.41 119.76
C ARG F 560 66.63 -16.27 121.27
N PHE F 561 67.13 -17.28 122.00
CA PHE F 561 67.16 -17.20 123.45
C PHE F 561 68.07 -16.08 123.92
N ASN F 562 69.20 -15.88 123.23
CA ASN F 562 70.13 -14.82 123.60
C ASN F 562 69.48 -13.45 123.43
N VAL F 563 68.90 -13.19 122.25
CA VAL F 563 68.29 -11.88 121.99
C VAL F 563 66.99 -11.72 122.76
N ALA F 564 66.41 -12.81 123.27
CA ALA F 564 65.17 -12.70 124.02
C ALA F 564 65.44 -12.35 125.48
N ILE F 565 66.46 -12.95 126.09
CA ILE F 565 66.75 -12.68 127.50
C ILE F 565 67.65 -11.47 127.68
N THR F 566 68.35 -11.03 126.62
CA THR F 566 69.16 -9.83 126.74
C THR F 566 68.31 -8.57 126.82
N ARG F 567 67.01 -8.67 126.64
CA ARG F 567 66.11 -7.56 126.92
C ARG F 567 65.66 -7.54 128.37
N ALA F 568 66.12 -8.50 129.18
CA ALA F 568 65.88 -8.50 130.62
C ALA F 568 67.02 -7.81 131.33
N LYS F 569 66.69 -7.10 132.42
CA LYS F 569 67.66 -6.33 133.18
C LYS F 569 67.89 -6.82 134.60
N VAL F 570 66.87 -7.32 135.29
CA VAL F 570 67.05 -7.77 136.67
C VAL F 570 66.68 -9.23 136.81
N GLY F 571 65.52 -9.62 136.29
CA GLY F 571 65.04 -10.98 136.44
C GLY F 571 64.54 -11.55 135.12
N ILE F 572 64.31 -12.86 135.14
CA ILE F 572 63.80 -13.56 133.96
C ILE F 572 63.06 -14.81 134.40
N LEU F 573 61.93 -15.07 133.73
CA LEU F 573 61.22 -16.33 133.84
C LEU F 573 60.83 -16.83 132.46
N CYS F 574 61.12 -18.10 132.20
CA CYS F 574 60.92 -18.71 130.90
C CYS F 574 60.04 -19.93 131.08
N ILE F 575 59.10 -20.16 130.17
CA ILE F 575 58.24 -21.35 130.19
C ILE F 575 58.59 -22.16 128.94
N MET F 576 59.35 -23.23 129.13
CA MET F 576 59.66 -24.19 128.08
C MET F 576 59.51 -25.60 128.64
N SER F 577 59.20 -26.54 127.74
CA SER F 577 59.32 -27.96 128.07
C SER F 577 60.69 -28.28 128.63
N ASP F 578 61.71 -27.62 128.09
CA ASP F 578 63.07 -27.62 128.63
C ASP F 578 63.64 -29.02 128.73
N ARG F 579 63.83 -29.68 127.59
CA ARG F 579 64.42 -31.00 127.54
C ARG F 579 65.94 -30.98 127.72
N ASP F 580 66.63 -29.94 127.24
CA ASP F 580 68.08 -29.90 127.34
C ASP F 580 68.61 -28.57 127.86
N LEU F 581 67.87 -27.48 127.64
CA LEU F 581 68.38 -26.15 127.98
C LEU F 581 68.28 -25.83 129.47
N TYR F 582 67.53 -26.62 130.25
CA TYR F 582 67.34 -26.33 131.66
C TYR F 582 68.61 -26.53 132.49
N ASP F 583 69.65 -27.14 131.92
CA ASP F 583 70.90 -27.36 132.64
C ASP F 583 71.98 -26.36 132.31
N LYS F 584 71.93 -25.72 131.14
CA LYS F 584 72.93 -24.74 130.77
C LYS F 584 72.62 -23.34 131.30
N LEU F 585 71.34 -23.04 131.49
CA LEU F 585 70.92 -21.75 132.04
C LEU F 585 70.92 -21.87 133.56
N GLN F 586 71.86 -21.18 134.20
CA GLN F 586 72.05 -21.29 135.64
C GLN F 586 71.09 -20.36 136.38
N PHE F 587 69.81 -20.68 136.37
CA PHE F 587 68.79 -19.96 137.12
C PHE F 587 68.10 -20.92 138.08
N THR F 588 67.44 -20.36 139.09
CA THR F 588 66.73 -21.13 140.10
C THR F 588 65.31 -21.37 139.61
N SER F 589 65.12 -22.45 138.86
CA SER F 589 63.84 -22.74 138.24
C SER F 589 62.77 -23.06 139.26
N LEU F 590 61.52 -22.80 138.90
CA LEU F 590 60.35 -23.05 139.74
C LEU F 590 59.42 -24.05 139.06
N GLU F 591 58.26 -24.26 139.67
CA GLU F 591 57.24 -25.15 139.12
C GLU F 591 55.89 -24.47 139.06
N ILE F 592 54.85 -25.22 138.70
CA ILE F 592 53.49 -24.71 138.62
C ILE F 592 52.99 -24.24 139.99
N PRO F 593 53.08 -25.05 141.06
CA PRO F 593 52.55 -24.62 142.35
C PRO F 593 53.56 -23.87 143.22
N ARG F 594 54.85 -23.88 142.86
CA ARG F 594 55.89 -23.24 143.65
C ARG F 594 56.25 -21.92 142.99
N ARG F 595 55.68 -20.83 143.52
CA ARG F 595 55.99 -19.48 143.05
C ARG F 595 56.33 -18.51 144.16
N ASN F 596 56.01 -18.83 145.41
CA ASN F 596 56.30 -17.95 146.53
C ASN F 596 57.79 -17.84 146.79
N ALA I 4 -18.93 -7.70 106.86
CA ALA I 4 -20.00 -6.76 107.18
C ALA I 4 -19.59 -5.34 106.79
N GLN I 5 -19.53 -4.46 107.78
CA GLN I 5 -19.12 -3.09 107.52
C GLN I 5 -17.61 -2.99 107.25
N SER I 6 -16.84 -3.98 107.69
CA SER I 6 -15.43 -4.00 107.35
C SER I 6 -15.21 -4.14 105.86
N PHE I 7 -16.13 -4.83 105.17
CA PHE I 7 -16.07 -4.92 103.71
C PHE I 7 -16.20 -3.55 103.09
N LEU I 8 -17.16 -2.76 103.58
CA LEU I 8 -17.31 -1.39 103.09
C LEU I 8 -16.07 -0.56 103.40
N ASN I 9 -15.49 -0.76 104.58
CA ASN I 9 -14.30 0.01 104.95
C ASN I 9 -13.13 -0.32 104.05
N ARG I 10 -12.92 -1.59 103.75
CA ARG I 10 -11.79 -1.97 102.90
C ARG I 10 -12.00 -1.53 101.46
N VAL I 11 -13.24 -1.63 100.96
CA VAL I 11 -13.51 -1.19 99.59
C VAL I 11 -13.22 0.29 99.45
N CYS I 12 -13.70 1.10 100.40
CA CYS I 12 -13.37 2.52 100.38
C CYS I 12 -11.93 2.71 100.81
N GLY I 13 -11.01 2.74 99.84
CA GLY I 13 -9.61 2.71 100.19
C GLY I 13 -9.08 3.97 100.84
N VAL I 14 -8.92 5.05 100.08
CA VAL I 14 -8.40 6.29 100.65
C VAL I 14 -9.25 7.48 100.22
N SER I 15 -9.94 7.33 99.09
CA SER I 15 -10.65 8.46 98.49
C SER I 15 -11.98 8.72 99.18
N ALA I 16 -12.03 9.72 100.06
CA ALA I 16 -13.23 10.08 100.80
C ALA I 16 -13.76 8.89 101.60
N ALA I 17 -14.94 9.05 102.21
CA ALA I 17 -15.56 7.93 102.88
C ALA I 17 -17.08 7.94 102.71
N ARG I 18 -17.60 8.78 101.83
CA ARG I 18 -19.02 9.02 101.77
C ARG I 18 -19.76 7.95 101.00
N LEU I 19 -19.72 6.70 101.48
CA LEU I 19 -20.36 5.60 100.79
C LEU I 19 -21.64 5.17 101.50
N THR I 20 -22.64 4.79 100.71
CA THR I 20 -23.89 4.21 101.20
C THR I 20 -24.23 3.00 100.33
N PRO I 21 -24.40 1.82 100.92
CA PRO I 21 -24.60 0.62 100.10
C PRO I 21 -25.95 0.60 99.42
N CYS I 22 -25.97 0.82 98.10
CA CYS I 22 -27.20 0.59 97.33
C CYS I 22 -27.49 -0.89 97.20
N GLY I 23 -26.47 -1.74 97.37
CA GLY I 23 -26.67 -3.17 97.40
C GLY I 23 -27.21 -3.63 98.73
N THR I 24 -26.75 -4.78 99.21
CA THR I 24 -27.15 -5.25 100.54
C THR I 24 -25.94 -5.97 101.15
N GLY I 25 -25.10 -5.23 101.85
CA GLY I 25 -23.91 -5.79 102.46
C GLY I 25 -23.02 -6.46 101.44
N THR I 26 -22.95 -7.79 101.51
CA THR I 26 -22.18 -8.58 100.56
C THR I 26 -23.03 -9.11 99.41
N SER I 27 -24.32 -8.84 99.40
CA SER I 27 -25.19 -9.34 98.34
C SER I 27 -24.99 -8.51 97.07
N THR I 28 -24.86 -9.19 95.95
CA THR I 28 -24.70 -8.50 94.67
C THR I 28 -26.06 -8.01 94.19
N ASP I 29 -26.19 -6.69 94.07
CA ASP I 29 -27.40 -6.08 93.55
C ASP I 29 -27.55 -6.39 92.06
N VAL I 30 -28.78 -6.63 91.62
CA VAL I 30 -29.06 -6.95 90.21
C VAL I 30 -29.85 -5.83 89.58
N VAL I 31 -29.53 -5.53 88.32
CA VAL I 31 -30.14 -4.43 87.58
C VAL I 31 -30.42 -4.88 86.15
N TYR I 32 -30.92 -3.96 85.34
CA TYR I 32 -31.38 -4.22 83.98
C TYR I 32 -30.68 -3.24 83.05
N ARG I 33 -29.72 -3.74 82.26
CA ARG I 33 -28.86 -2.86 81.48
C ARG I 33 -28.72 -3.40 80.06
N ALA I 34 -28.19 -2.54 79.18
CA ALA I 34 -27.99 -2.89 77.78
C ALA I 34 -26.58 -3.43 77.54
N PHE I 35 -26.49 -4.46 76.71
CA PHE I 35 -25.23 -5.13 76.47
C PHE I 35 -25.06 -5.41 74.99
N ASP I 36 -23.81 -5.38 74.54
CA ASP I 36 -23.45 -5.81 73.20
C ASP I 36 -22.43 -6.93 73.31
N ILE I 37 -22.85 -8.15 72.98
CA ILE I 37 -22.08 -9.33 73.33
C ILE I 37 -22.11 -10.28 72.15
N TYR I 38 -20.97 -10.92 71.90
CA TYR I 38 -20.87 -11.91 70.82
C TYR I 38 -19.85 -12.97 71.24
N ASN I 39 -20.35 -14.12 71.69
CA ASN I 39 -19.51 -15.27 72.03
C ASN I 39 -20.25 -16.52 71.59
N ASP I 40 -19.74 -17.16 70.53
CA ASP I 40 -20.26 -18.38 69.91
C ASP I 40 -21.75 -18.67 70.12
N LYS I 41 -22.17 -18.86 71.37
CA LYS I 41 -23.53 -19.35 71.61
C LYS I 41 -24.59 -18.26 71.48
N VAL I 42 -24.27 -17.01 71.80
CA VAL I 42 -25.22 -15.91 71.69
C VAL I 42 -24.55 -14.78 70.91
N ALA I 43 -25.37 -13.89 70.37
CA ALA I 43 -24.89 -12.74 69.63
C ALA I 43 -26.04 -11.77 69.45
N GLY I 44 -25.82 -10.51 69.76
CA GLY I 44 -26.85 -9.51 69.61
C GLY I 44 -26.47 -8.23 70.32
N PHE I 45 -27.44 -7.34 70.40
CA PHE I 45 -27.27 -6.07 71.09
C PHE I 45 -28.58 -5.78 71.80
N ALA I 46 -28.73 -6.29 73.01
CA ALA I 46 -30.03 -6.32 73.67
C ALA I 46 -29.86 -5.99 75.14
N LYS I 47 -30.98 -5.89 75.84
CA LYS I 47 -31.00 -5.71 77.28
C LYS I 47 -30.79 -7.05 77.98
N PHE I 48 -30.18 -7.00 79.16
CA PHE I 48 -29.88 -8.20 79.91
C PHE I 48 -30.02 -7.89 81.40
N LEU I 49 -29.58 -8.84 82.21
CA LEU I 49 -29.66 -8.73 83.66
C LEU I 49 -28.25 -8.77 84.23
N LYS I 50 -27.85 -7.68 84.89
CA LYS I 50 -26.54 -7.61 85.52
C LYS I 50 -26.62 -8.22 86.91
N THR I 51 -25.73 -9.16 87.20
CA THR I 51 -25.87 -9.97 88.41
C THR I 51 -24.84 -9.62 89.48
N ASN I 52 -23.55 -9.77 89.14
CA ASN I 52 -22.48 -9.73 90.13
C ASN I 52 -21.84 -8.34 90.16
N CYS I 53 -22.48 -7.43 90.89
CA CYS I 53 -21.98 -6.05 90.98
C CYS I 53 -22.54 -5.42 92.25
N CYS I 54 -21.67 -5.16 93.21
CA CYS I 54 -22.07 -4.49 94.44
C CYS I 54 -21.88 -3.00 94.24
N ARG I 55 -22.97 -2.26 94.16
CA ARG I 55 -22.92 -0.85 93.81
C ARG I 55 -23.01 0.03 95.05
N PHE I 56 -21.98 0.83 95.27
CA PHE I 56 -21.89 1.69 96.46
C PHE I 56 -21.89 3.13 95.97
N GLN I 57 -23.04 3.78 96.01
CA GLN I 57 -23.13 5.15 95.53
C GLN I 57 -22.48 6.09 96.52
N GLU I 58 -21.39 6.73 96.12
CA GLU I 58 -20.74 7.71 96.98
C GLU I 58 -21.58 8.98 97.04
N LYS I 59 -21.68 9.55 98.24
CA LYS I 59 -22.39 10.79 98.42
C LYS I 59 -21.39 11.94 98.61
N ASP I 60 -21.90 13.12 98.92
CA ASP I 60 -21.07 14.31 99.08
C ASP I 60 -21.31 14.87 100.48
N GLU I 61 -20.64 15.97 100.78
CA GLU I 61 -20.92 16.69 102.02
C GLU I 61 -22.37 17.15 102.03
N ASP I 62 -22.98 17.11 103.21
CA ASP I 62 -24.41 17.26 103.46
C ASP I 62 -25.14 15.97 103.12
N ASP I 63 -24.41 14.91 102.75
CA ASP I 63 -24.96 13.59 102.49
C ASP I 63 -25.95 13.58 101.32
N ASN I 64 -25.95 14.65 100.53
CA ASN I 64 -26.72 14.63 99.30
C ASN I 64 -26.01 13.74 98.27
N LEU I 65 -26.76 12.81 97.70
CA LEU I 65 -26.15 11.84 96.81
C LEU I 65 -25.58 12.53 95.57
N ILE I 66 -24.61 11.86 94.95
CA ILE I 66 -23.98 12.38 93.74
C ILE I 66 -23.65 11.21 92.84
N ASP I 67 -23.45 11.50 91.56
CA ASP I 67 -23.22 10.46 90.56
C ASP I 67 -21.77 10.01 90.60
N SER I 68 -21.47 9.04 91.47
CA SER I 68 -20.15 8.42 91.49
C SER I 68 -20.24 7.09 92.21
N TYR I 69 -20.10 5.99 91.48
CA TYR I 69 -20.46 4.67 91.97
C TYR I 69 -19.24 3.78 91.96
N PHE I 70 -19.00 3.07 93.05
CA PHE I 70 -17.82 2.22 93.18
C PHE I 70 -18.23 0.78 92.90
N VAL I 71 -18.40 0.46 91.63
CA VAL I 71 -18.77 -0.91 91.27
C VAL I 71 -17.64 -1.85 91.67
N VAL I 72 -17.96 -2.89 92.41
CA VAL I 72 -16.99 -3.91 92.80
C VAL I 72 -17.52 -5.26 92.38
N LYS I 73 -16.65 -6.09 91.81
CA LYS I 73 -17.05 -7.33 91.17
C LYS I 73 -16.21 -8.48 91.68
N ARG I 74 -16.86 -9.62 91.93
CA ARG I 74 -16.18 -10.84 92.32
C ARG I 74 -16.13 -11.80 91.14
N HIS I 75 -14.99 -12.48 90.99
CA HIS I 75 -14.87 -13.50 89.97
C HIS I 75 -13.76 -14.47 90.39
N THR I 76 -13.31 -15.30 89.46
CA THR I 76 -12.41 -16.40 89.79
C THR I 76 -11.04 -15.83 90.16
N PHE I 77 -10.06 -16.72 90.33
CA PHE I 77 -8.73 -16.30 90.73
C PHE I 77 -7.80 -16.04 89.56
N SER I 78 -7.85 -16.88 88.52
CA SER I 78 -6.98 -16.68 87.37
C SER I 78 -7.27 -15.34 86.70
N ASN I 79 -8.56 -15.05 86.52
CA ASN I 79 -8.97 -13.78 85.94
C ASN I 79 -8.43 -12.62 86.75
N TYR I 80 -8.34 -12.79 88.06
CA TYR I 80 -7.79 -11.74 88.92
C TYR I 80 -6.36 -11.40 88.51
N GLN I 81 -5.51 -12.42 88.38
CA GLN I 81 -4.13 -12.18 87.97
C GLN I 81 -4.07 -11.57 86.58
N HIS I 82 -4.86 -12.08 85.64
CA HIS I 82 -4.79 -11.59 84.28
C HIS I 82 -5.14 -10.11 84.22
N GLU I 83 -6.25 -9.73 84.86
CA GLU I 83 -6.65 -8.33 84.85
C GLU I 83 -5.64 -7.47 85.59
N GLU I 84 -5.08 -7.97 86.68
CA GLU I 84 -4.08 -7.18 87.40
C GLU I 84 -2.87 -6.89 86.52
N THR I 85 -2.38 -7.90 85.81
CA THR I 85 -1.24 -7.70 84.91
C THR I 85 -1.55 -6.66 83.85
N ILE I 86 -2.67 -6.86 83.14
CA ILE I 86 -2.95 -5.97 82.01
C ILE I 86 -3.17 -4.54 82.51
N TYR I 87 -3.89 -4.37 83.61
CA TYR I 87 -4.05 -3.02 84.14
C TYR I 87 -2.71 -2.41 84.52
N ASN I 88 -1.79 -3.23 85.03
CA ASN I 88 -0.46 -2.69 85.33
C ASN I 88 0.23 -2.21 84.06
N LEU I 89 -0.07 -2.83 82.93
CA LEU I 89 0.52 -2.35 81.68
C LEU I 89 0.01 -0.96 81.30
N LEU I 90 -1.29 -0.71 81.45
CA LEU I 90 -1.92 0.46 80.86
C LEU I 90 -2.23 1.56 81.86
N LYS I 91 -1.59 1.58 83.02
CA LYS I 91 -1.99 2.54 84.05
C LYS I 91 -1.39 3.92 83.84
N ASP I 92 -1.43 4.45 82.62
CA ASP I 92 -0.82 5.75 82.37
C ASP I 92 -1.74 6.69 81.61
N CYS I 93 -2.45 6.16 80.62
CA CYS I 93 -3.30 7.00 79.79
C CYS I 93 -4.47 7.52 80.61
N PRO I 94 -4.82 8.78 80.47
CA PRO I 94 -5.93 9.34 81.26
C PRO I 94 -7.29 8.82 80.82
N ALA I 95 -7.33 7.83 79.94
CA ALA I 95 -8.59 7.26 79.49
C ALA I 95 -9.01 6.03 80.27
N VAL I 96 -8.27 5.63 81.30
CA VAL I 96 -8.57 4.42 82.06
C VAL I 96 -8.99 4.81 83.46
N ALA I 97 -10.11 4.27 83.92
CA ALA I 97 -10.61 4.58 85.25
C ALA I 97 -9.84 3.79 86.30
N LYS I 98 -9.52 4.47 87.40
CA LYS I 98 -8.66 3.91 88.42
C LYS I 98 -9.26 2.64 89.00
N HIS I 99 -8.45 1.59 89.08
CA HIS I 99 -8.89 0.29 89.54
C HIS I 99 -8.34 0.02 90.92
N ASP I 100 -8.72 -1.13 91.48
CA ASP I 100 -8.23 -1.55 92.79
C ASP I 100 -8.44 -3.04 92.94
N PHE I 101 -7.44 -3.72 93.50
CA PHE I 101 -7.41 -5.16 93.60
C PHE I 101 -7.13 -5.58 95.03
N PHE I 102 -7.96 -6.43 95.59
CA PHE I 102 -7.72 -6.96 96.93
C PHE I 102 -8.53 -8.24 97.11
N LYS I 103 -8.22 -8.97 98.18
CA LYS I 103 -8.92 -10.21 98.51
C LYS I 103 -9.45 -10.09 99.93
N PHE I 104 -10.76 -10.23 100.08
CA PHE I 104 -11.43 -10.08 101.36
C PHE I 104 -11.86 -11.43 101.89
N ARG I 105 -12.15 -11.48 103.19
CA ARG I 105 -12.61 -12.69 103.86
C ARG I 105 -14.04 -12.47 104.31
N ILE I 106 -14.99 -12.74 103.40
CA ILE I 106 -16.40 -12.76 103.80
C ILE I 106 -16.64 -13.88 104.79
N ASP I 107 -16.06 -15.05 104.50
CA ASP I 107 -16.14 -16.24 105.36
C ASP I 107 -14.74 -16.82 105.35
N GLY I 108 -14.56 -18.07 105.72
CA GLY I 108 -13.25 -18.66 105.56
C GLY I 108 -12.93 -18.90 104.10
N ASP I 109 -12.81 -17.82 103.33
CA ASP I 109 -12.64 -17.92 101.87
C ASP I 109 -11.82 -16.73 101.40
N MET I 110 -10.81 -17.00 100.56
CA MET I 110 -10.02 -15.96 99.92
C MET I 110 -10.67 -15.55 98.60
N VAL I 111 -11.78 -14.83 98.72
CA VAL I 111 -12.51 -14.37 97.54
C VAL I 111 -11.88 -13.10 97.00
N PRO I 112 -11.44 -13.09 95.74
CA PRO I 112 -10.86 -11.87 95.17
C PRO I 112 -11.92 -10.81 94.90
N HIS I 113 -11.50 -9.55 94.92
CA HIS I 113 -12.38 -8.44 94.65
C HIS I 113 -11.68 -7.42 93.77
N ILE I 114 -12.42 -6.82 92.85
CA ILE I 114 -11.91 -5.79 91.95
C ILE I 114 -12.79 -4.56 92.11
N SER I 115 -12.18 -3.41 92.36
CA SER I 115 -12.92 -2.19 92.62
C SER I 115 -12.65 -1.18 91.52
N ARG I 116 -13.72 -0.64 90.94
CA ARG I 116 -13.63 0.43 89.95
C ARG I 116 -14.23 1.68 90.56
N GLN I 117 -13.46 2.77 90.55
CA GLN I 117 -13.83 3.94 91.32
C GLN I 117 -14.26 5.09 90.42
N ARG I 118 -15.23 5.86 90.91
CA ARG I 118 -15.68 7.09 90.28
C ARG I 118 -16.22 6.83 88.88
N LEU I 119 -17.14 5.89 88.79
CA LEU I 119 -17.80 5.60 87.53
C LEU I 119 -19.08 6.43 87.43
N THR I 120 -19.90 6.09 86.45
CA THR I 120 -21.17 6.77 86.22
C THR I 120 -22.29 5.75 86.21
N LYS I 121 -23.50 6.22 86.54
CA LYS I 121 -24.62 5.31 86.69
C LYS I 121 -24.94 4.58 85.38
N TYR I 122 -24.82 5.26 84.25
CA TYR I 122 -25.16 4.70 82.95
C TYR I 122 -23.96 4.68 82.04
N THR I 123 -23.80 3.60 81.30
CA THR I 123 -22.69 3.48 80.35
C THR I 123 -23.02 4.27 79.09
N MET I 124 -22.22 4.11 78.05
CA MET I 124 -22.59 4.66 76.76
C MET I 124 -23.63 3.82 76.05
N ALA I 125 -23.54 2.49 76.21
CA ALA I 125 -24.49 1.63 75.51
C ALA I 125 -25.92 1.93 75.92
N ASP I 126 -26.14 2.36 77.16
CA ASP I 126 -27.48 2.75 77.56
C ASP I 126 -27.95 3.98 76.78
N LEU I 127 -27.05 4.96 76.60
CA LEU I 127 -27.44 6.14 75.84
C LEU I 127 -27.74 5.78 74.39
N VAL I 128 -26.93 4.93 73.78
CA VAL I 128 -27.17 4.56 72.39
C VAL I 128 -28.45 3.76 72.25
N TYR I 129 -28.61 2.73 73.08
CA TYR I 129 -29.79 1.88 72.98
C TYR I 129 -31.06 2.63 73.34
N ALA I 130 -30.95 3.70 74.12
CA ALA I 130 -32.14 4.45 74.49
C ALA I 130 -32.68 5.25 73.30
N LEU I 131 -31.80 5.63 72.37
CA LEU I 131 -32.23 6.44 71.24
C LEU I 131 -32.54 5.61 70.00
N ARG I 132 -31.94 4.43 69.90
CA ARG I 132 -32.17 3.55 68.76
C ARG I 132 -33.29 2.56 69.00
N HIS I 133 -33.97 2.66 70.12
CA HIS I 133 -35.13 1.81 70.39
C HIS I 133 -36.18 2.61 71.16
N PHE I 134 -36.49 3.81 70.67
CA PHE I 134 -37.33 4.73 71.40
C PHE I 134 -38.77 4.22 71.47
N ASP I 135 -39.44 4.57 72.56
CA ASP I 135 -40.86 4.26 72.77
C ASP I 135 -41.45 5.14 73.86
N GLU I 136 -42.48 5.90 73.52
CA GLU I 136 -42.97 6.93 74.45
C GLU I 136 -43.60 6.32 75.70
N GLY I 137 -43.97 5.04 75.64
CA GLY I 137 -44.54 4.40 76.82
C GLY I 137 -43.51 4.02 77.88
N ASN I 138 -42.27 3.79 77.48
CA ASN I 138 -41.22 3.34 78.38
C ASN I 138 -39.94 4.08 78.00
N CYS I 139 -39.78 5.28 78.54
CA CYS I 139 -38.64 6.13 78.24
C CYS I 139 -38.14 6.72 79.56
N ASP I 140 -38.03 5.88 80.58
CA ASP I 140 -37.54 6.32 81.88
C ASP I 140 -36.06 6.67 81.82
N THR I 141 -35.26 5.79 81.24
CA THR I 141 -33.82 5.99 81.22
C THR I 141 -33.45 7.24 80.43
N LEU I 142 -34.13 7.51 79.33
CA LEU I 142 -33.85 8.71 78.57
C LEU I 142 -34.14 9.96 79.38
N LYS I 143 -35.27 9.99 80.09
CA LYS I 143 -35.59 11.14 80.92
C LYS I 143 -34.55 11.32 82.02
N GLU I 144 -34.13 10.21 82.63
CA GLU I 144 -33.15 10.31 83.72
C GLU I 144 -31.82 10.83 83.21
N ILE I 145 -31.38 10.36 82.03
CA ILE I 145 -30.14 10.87 81.46
C ILE I 145 -30.26 12.35 81.17
N LEU I 146 -31.40 12.76 80.60
CA LEU I 146 -31.55 14.16 80.24
C LEU I 146 -31.54 15.06 81.47
N VAL I 147 -32.21 14.65 82.55
CA VAL I 147 -32.28 15.52 83.72
C VAL I 147 -31.01 15.46 84.55
N THR I 148 -30.24 14.38 84.45
CA THR I 148 -29.03 14.27 85.26
C THR I 148 -28.00 15.32 84.87
N TYR I 149 -27.75 15.47 83.57
CA TYR I 149 -26.71 16.37 83.08
C TYR I 149 -27.24 17.74 82.70
N ASN I 150 -28.36 18.16 83.30
CA ASN I 150 -28.87 19.53 83.18
C ASN I 150 -29.22 19.88 81.73
N CYS I 151 -29.67 18.91 80.95
CA CYS I 151 -30.20 19.23 79.63
C CYS I 151 -31.51 19.98 79.74
N CYS I 152 -32.42 19.54 80.61
CA CYS I 152 -33.71 20.18 80.76
C CYS I 152 -34.24 19.92 82.15
N ASP I 153 -35.16 20.78 82.59
CA ASP I 153 -35.84 20.61 83.86
C ASP I 153 -36.87 19.49 83.74
N ASP I 154 -37.17 18.85 84.88
CA ASP I 154 -38.12 17.75 84.86
C ASP I 154 -39.52 18.21 84.51
N ASP I 155 -39.81 19.50 84.64
CA ASP I 155 -41.13 19.99 84.25
C ASP I 155 -41.32 19.92 82.74
N TYR I 156 -40.22 19.81 81.99
CA TYR I 156 -40.31 19.75 80.54
C TYR I 156 -41.12 18.55 80.07
N PHE I 157 -41.23 17.51 80.88
CA PHE I 157 -41.90 16.28 80.48
C PHE I 157 -43.40 16.31 80.76
N ASN I 158 -43.94 17.49 81.04
CA ASN I 158 -45.39 17.66 81.14
C ASN I 158 -46.01 18.16 79.85
N LYS I 159 -45.40 19.15 79.20
CA LYS I 159 -45.87 19.59 77.90
C LYS I 159 -45.87 18.43 76.94
N LYS I 160 -47.06 17.99 76.54
CA LYS I 160 -47.18 16.80 75.71
C LYS I 160 -46.52 17.01 74.35
N ASP I 161 -46.16 15.90 73.73
CA ASP I 161 -45.40 15.87 72.50
C ASP I 161 -44.05 16.54 72.66
N TRP I 162 -43.42 16.36 73.82
CA TRP I 162 -42.05 16.83 73.98
C TRP I 162 -41.10 16.06 73.08
N TYR I 163 -41.34 14.77 72.91
CA TYR I 163 -40.49 13.88 72.16
C TYR I 163 -40.66 13.97 70.66
N ASP I 164 -41.71 14.64 70.19
CA ASP I 164 -41.99 14.72 68.76
C ASP I 164 -41.07 15.74 68.11
N PHE I 165 -40.77 15.50 66.83
CA PHE I 165 -39.94 16.43 66.08
C PHE I 165 -40.79 17.50 65.39
N VAL I 166 -41.83 17.07 64.68
CA VAL I 166 -42.67 18.00 63.93
C VAL I 166 -43.38 18.96 64.87
N GLU I 167 -43.98 18.45 65.93
CA GLU I 167 -44.51 19.26 67.00
C GLU I 167 -43.43 19.43 68.06
N ASN I 168 -43.38 20.59 68.67
CA ASN I 168 -42.33 20.93 69.63
C ASN I 168 -40.96 20.76 68.97
N PRO I 169 -40.66 21.56 67.94
CA PRO I 169 -39.35 21.42 67.27
C PRO I 169 -38.21 21.84 68.16
N ASP I 170 -38.49 22.43 69.32
CA ASP I 170 -37.44 22.83 70.25
C ASP I 170 -36.72 21.62 70.82
N ILE I 171 -37.26 20.42 70.66
CA ILE I 171 -36.60 19.22 71.19
C ILE I 171 -35.20 19.08 70.60
N LEU I 172 -34.99 19.63 69.41
CA LEU I 172 -33.65 19.62 68.82
C LEU I 172 -32.66 20.36 69.69
N ARG I 173 -33.08 21.50 70.26
CA ARG I 173 -32.21 22.23 71.17
C ARG I 173 -31.95 21.49 72.47
N VAL I 174 -32.87 20.64 72.91
CA VAL I 174 -32.63 19.89 74.14
C VAL I 174 -31.51 18.87 73.92
N TYR I 175 -31.57 18.13 72.83
CA TYR I 175 -30.53 17.14 72.53
C TYR I 175 -29.17 17.78 72.30
N ALA I 176 -29.14 19.03 71.82
CA ALA I 176 -27.87 19.64 71.49
C ALA I 176 -26.98 19.84 72.70
N ASN I 177 -27.56 19.89 73.91
CA ASN I 177 -26.73 19.94 75.10
C ASN I 177 -26.27 18.56 75.54
N LEU I 178 -25.82 17.77 74.57
CA LEU I 178 -25.10 16.54 74.85
C LEU I 178 -23.93 16.35 73.91
N GLY I 179 -23.70 17.28 72.99
CA GLY I 179 -22.66 17.12 72.00
C GLY I 179 -21.29 17.02 72.62
N GLU I 180 -21.02 17.88 73.60
CA GLU I 180 -19.67 17.90 74.17
C GLU I 180 -19.34 16.59 74.89
N ARG I 181 -20.33 15.98 75.55
CA ARG I 181 -20.07 14.70 76.20
C ARG I 181 -19.63 13.66 75.17
N VAL I 182 -20.34 13.60 74.04
CA VAL I 182 -20.00 12.64 73.00
C VAL I 182 -18.63 12.94 72.42
N ARG I 183 -18.31 14.22 72.24
CA ARG I 183 -17.02 14.55 71.66
C ARG I 183 -15.88 14.16 72.60
N GLN I 184 -16.05 14.42 73.90
CA GLN I 184 -15.04 13.97 74.85
C GLN I 184 -14.89 12.47 74.84
N ALA I 185 -16.00 11.75 74.71
CA ALA I 185 -15.92 10.30 74.61
C ALA I 185 -15.09 9.87 73.42
N LEU I 186 -15.29 10.53 72.27
CA LEU I 186 -14.52 10.17 71.09
C LEU I 186 -13.03 10.42 71.29
N LEU I 187 -12.68 11.56 71.86
CA LEU I 187 -11.27 11.88 72.08
C LEU I 187 -10.62 10.86 73.02
N LYS I 188 -11.32 10.50 74.09
CA LYS I 188 -10.75 9.51 75.00
C LYS I 188 -10.62 8.16 74.33
N THR I 189 -11.54 7.80 73.44
CA THR I 189 -11.39 6.54 72.73
C THR I 189 -10.11 6.54 71.90
N VAL I 190 -9.81 7.66 71.23
CA VAL I 190 -8.59 7.70 70.42
C VAL I 190 -7.36 7.57 71.31
N GLN I 191 -7.33 8.27 72.44
CA GLN I 191 -6.20 8.15 73.35
C GLN I 191 -5.99 6.71 73.78
N PHE I 192 -7.08 6.06 74.18
CA PHE I 192 -6.98 4.70 74.67
C PHE I 192 -6.50 3.74 73.59
N CYS I 193 -6.99 3.91 72.36
CA CYS I 193 -6.51 3.06 71.28
C CYS I 193 -5.02 3.22 71.06
N ASP I 194 -4.53 4.46 71.14
CA ASP I 194 -3.11 4.70 70.97
C ASP I 194 -2.31 3.97 72.05
N ALA I 195 -2.75 4.07 73.30
CA ALA I 195 -2.04 3.38 74.37
C ALA I 195 -2.05 1.87 74.16
N MET I 196 -3.18 1.34 73.69
CA MET I 196 -3.28 -0.09 73.46
C MET I 196 -2.28 -0.54 72.42
N ARG I 197 -2.18 0.17 71.31
CA ARG I 197 -1.27 -0.31 70.27
C ARG I 197 0.18 0.00 70.60
N ASN I 198 0.45 0.97 71.48
CA ASN I 198 1.82 1.19 71.91
C ASN I 198 2.29 0.09 72.85
N ALA I 199 1.45 -0.29 73.81
CA ALA I 199 1.87 -1.27 74.80
C ALA I 199 1.69 -2.69 74.34
N GLY I 200 1.19 -2.91 73.13
CA GLY I 200 1.09 -4.24 72.59
C GLY I 200 -0.01 -5.08 73.17
N ILE I 201 -1.25 -4.63 73.02
CA ILE I 201 -2.43 -5.38 73.46
C ILE I 201 -3.32 -5.60 72.25
N VAL I 202 -3.99 -6.74 72.24
CA VAL I 202 -4.93 -7.06 71.18
C VAL I 202 -6.29 -7.31 71.82
N GLY I 203 -7.33 -6.80 71.19
CA GLY I 203 -8.66 -7.01 71.71
C GLY I 203 -9.69 -6.19 70.96
N VAL I 204 -10.90 -6.14 71.53
CA VAL I 204 -12.01 -5.43 70.93
C VAL I 204 -12.60 -4.48 71.95
N LEU I 205 -13.23 -3.42 71.44
CA LEU I 205 -13.87 -2.42 72.27
C LEU I 205 -15.35 -2.42 71.96
N THR I 206 -16.15 -2.21 73.00
CA THR I 206 -17.60 -2.19 72.86
C THR I 206 -18.15 -1.02 73.68
N LEU I 207 -19.34 -0.55 73.32
CA LEU I 207 -19.90 0.62 73.97
C LEU I 207 -20.09 0.40 75.46
N ASP I 208 -20.49 -0.80 75.86
CA ASP I 208 -20.96 -1.01 77.23
C ASP I 208 -19.86 -0.87 78.26
N ASN I 209 -18.59 -0.77 77.85
CA ASN I 209 -17.52 -0.61 78.81
C ASN I 209 -17.24 0.84 79.18
N GLN I 210 -17.47 1.78 78.27
CA GLN I 210 -17.15 3.18 78.54
C GLN I 210 -18.24 3.81 79.38
N ASP I 211 -17.84 4.55 80.40
CA ASP I 211 -18.83 5.31 81.17
C ASP I 211 -19.13 6.60 80.43
N LEU I 212 -19.97 7.45 81.00
CA LEU I 212 -20.39 8.68 80.34
C LEU I 212 -19.42 9.83 80.55
N ASN I 213 -18.16 9.54 80.86
CA ASN I 213 -17.12 10.55 80.89
C ASN I 213 -15.94 10.16 80.03
N GLY I 214 -15.91 8.95 79.50
CA GLY I 214 -14.88 8.49 78.61
C GLY I 214 -14.03 7.37 79.16
N ASN I 215 -13.98 7.20 80.47
CA ASN I 215 -13.08 6.23 81.07
C ASN I 215 -13.50 4.81 80.72
N TRP I 216 -12.52 3.91 80.73
CA TRP I 216 -12.73 2.54 80.30
C TRP I 216 -12.46 1.56 81.44
N TYR I 217 -12.84 0.31 81.22
CA TYR I 217 -12.56 -0.79 82.13
C TYR I 217 -12.87 -2.13 81.49
N ASP I 218 -12.92 -3.19 82.31
CA ASP I 218 -13.21 -4.54 81.84
C ASP I 218 -12.20 -5.06 80.84
N PHE I 219 -10.96 -5.27 81.27
CA PHE I 219 -9.91 -5.81 80.41
C PHE I 219 -9.85 -7.33 80.45
N GLY I 220 -10.99 -8.00 80.58
CA GLY I 220 -10.97 -9.44 80.74
C GLY I 220 -10.38 -10.20 79.58
N ASP I 221 -10.76 -9.86 78.35
CA ASP I 221 -10.45 -10.68 77.19
C ASP I 221 -9.35 -10.10 76.31
N PHE I 222 -8.42 -9.36 76.88
CA PHE I 222 -7.31 -8.81 76.12
C PHE I 222 -6.12 -9.74 76.21
N ILE I 223 -5.43 -9.93 75.09
CA ILE I 223 -4.22 -10.74 75.08
C ILE I 223 -3.02 -9.85 74.81
N GLN I 224 -1.81 -10.40 74.88
CA GLN I 224 -0.59 -9.62 74.76
C GLN I 224 0.22 -10.10 73.56
N THR I 225 1.01 -9.17 73.01
CA THR I 225 1.93 -9.47 71.92
C THR I 225 3.19 -8.64 72.12
N THR I 226 4.03 -8.61 71.10
CA THR I 226 5.24 -7.79 71.13
C THR I 226 4.84 -6.33 71.21
N PRO I 227 5.47 -5.53 72.06
CA PRO I 227 5.05 -4.14 72.22
C PRO I 227 5.14 -3.37 70.91
N GLY I 228 4.20 -2.46 70.72
CA GLY I 228 4.16 -1.67 69.51
C GLY I 228 3.60 -2.41 68.31
N SER I 229 2.87 -3.50 68.55
CA SER I 229 2.26 -4.21 67.44
C SER I 229 0.83 -4.59 67.74
N GLY I 230 0.33 -4.17 68.89
CA GLY I 230 -1.05 -4.47 69.23
C GLY I 230 -2.02 -3.74 68.33
N VAL I 231 -3.20 -4.32 68.16
CA VAL I 231 -4.20 -3.74 67.29
C VAL I 231 -5.57 -3.76 67.97
N PRO I 232 -6.25 -2.64 68.07
CA PRO I 232 -7.64 -2.65 68.53
C PRO I 232 -8.60 -2.83 67.36
N VAL I 233 -9.82 -3.24 67.70
CA VAL I 233 -10.88 -3.47 66.73
C VAL I 233 -12.07 -2.61 67.13
N VAL I 234 -12.54 -1.75 66.22
CA VAL I 234 -13.47 -0.69 66.58
C VAL I 234 -14.65 -0.57 65.64
N ASP I 235 -14.82 -1.44 64.65
CA ASP I 235 -15.88 -1.21 63.67
C ASP I 235 -17.26 -1.27 64.31
N SER I 236 -17.47 -2.22 65.22
CA SER I 236 -18.78 -2.30 65.88
C SER I 236 -19.04 -1.06 66.72
N TYR I 237 -18.03 -0.60 67.46
CA TYR I 237 -18.15 0.60 68.29
C TYR I 237 -18.61 1.80 67.47
N TYR I 238 -17.79 2.21 66.50
CA TYR I 238 -18.13 3.38 65.71
C TYR I 238 -19.45 3.20 64.99
N SER I 239 -19.62 2.06 64.31
CA SER I 239 -20.83 1.92 63.50
C SER I 239 -22.08 1.97 64.36
N LEU I 240 -22.08 1.35 65.54
CA LEU I 240 -23.23 1.50 66.40
C LEU I 240 -23.41 2.93 66.86
N LEU I 241 -22.33 3.68 67.04
CA LEU I 241 -22.47 5.04 67.53
C LEU I 241 -22.92 6.04 66.47
N MET I 242 -22.74 5.72 65.19
CA MET I 242 -22.82 6.72 64.12
C MET I 242 -24.09 7.57 64.13
N PRO I 243 -25.30 7.02 64.22
CA PRO I 243 -26.50 7.88 64.12
C PRO I 243 -26.58 8.94 65.19
N ILE I 244 -25.93 8.75 66.34
CA ILE I 244 -26.06 9.72 67.43
C ILE I 244 -25.21 10.96 67.18
N LEU I 245 -24.21 10.87 66.32
CA LEU I 245 -23.30 11.99 66.12
C LEU I 245 -24.02 13.19 65.53
N THR I 246 -24.90 12.95 64.56
CA THR I 246 -25.62 14.08 63.96
C THR I 246 -26.97 14.31 64.64
N LEU I 247 -27.45 13.35 65.41
CA LEU I 247 -28.68 13.58 66.17
C LEU I 247 -28.45 14.59 67.28
N THR I 248 -27.28 14.55 67.92
CA THR I 248 -26.94 15.48 68.98
C THR I 248 -25.98 16.57 68.53
N ARG I 249 -25.63 16.62 67.24
CA ARG I 249 -24.76 17.65 66.70
C ARG I 249 -23.47 17.75 67.51
N ALA I 250 -22.67 16.69 67.51
CA ALA I 250 -21.52 16.61 68.40
C ALA I 250 -20.38 17.49 67.94
N LEU I 251 -20.31 17.81 66.66
CA LEU I 251 -19.13 18.47 66.12
C LEU I 251 -19.31 19.97 65.93
N THR I 252 -20.25 20.62 66.62
CA THR I 252 -20.41 22.05 66.44
C THR I 252 -19.21 22.81 66.97
N ALA I 253 -18.52 22.24 67.96
CA ALA I 253 -17.38 22.93 68.54
C ALA I 253 -16.25 23.11 67.54
N GLU I 254 -16.27 22.40 66.41
CA GLU I 254 -15.19 22.51 65.47
C GLU I 254 -15.24 23.83 64.69
N SER I 255 -16.38 24.51 64.71
CA SER I 255 -16.49 25.74 63.95
C SER I 255 -16.02 26.96 64.72
N HIS I 256 -15.78 26.83 66.02
CA HIS I 256 -15.37 27.98 66.80
C HIS I 256 -13.87 28.23 66.62
N VAL I 257 -13.39 29.31 67.24
CA VAL I 257 -12.05 29.81 66.94
C VAL I 257 -11.00 28.78 67.29
N ASP I 258 -11.11 28.17 68.46
CA ASP I 258 -10.10 27.22 68.89
C ASP I 258 -10.72 25.96 69.48
N THR I 259 -11.77 25.45 68.85
CA THR I 259 -12.58 24.38 69.44
C THR I 259 -13.02 24.74 70.85
N ASP I 260 -13.28 26.03 71.04
CA ASP I 260 -13.72 26.60 72.31
C ASP I 260 -15.13 27.12 72.12
N LEU I 261 -16.08 26.60 72.88
CA LEU I 261 -17.44 27.10 72.78
C LEU I 261 -17.55 28.56 73.19
N THR I 262 -16.65 29.05 74.03
CA THR I 262 -16.69 30.44 74.46
C THR I 262 -15.74 31.31 73.65
N LYS I 263 -16.00 31.46 72.36
CA LYS I 263 -15.14 32.22 71.47
C LYS I 263 -15.92 32.52 70.20
N PRO I 264 -15.45 33.45 69.38
CA PRO I 264 -16.19 33.76 68.16
C PRO I 264 -16.15 32.64 67.14
N TYR I 265 -16.77 32.83 65.99
CA TYR I 265 -16.72 31.85 64.92
C TYR I 265 -15.47 32.06 64.08
N ILE I 266 -14.98 30.97 63.48
CA ILE I 266 -13.88 31.07 62.54
C ILE I 266 -14.36 31.86 61.34
N LYS I 267 -13.63 32.91 60.97
CA LYS I 267 -14.01 33.69 59.80
C LYS I 267 -13.40 33.11 58.54
N TRP I 268 -14.14 32.28 57.82
CA TRP I 268 -13.61 31.69 56.61
C TRP I 268 -13.49 32.74 55.51
N ASP I 269 -12.54 32.51 54.60
CA ASP I 269 -12.42 33.33 53.42
C ASP I 269 -13.57 33.05 52.46
N LEU I 270 -14.11 34.12 51.87
CA LEU I 270 -15.33 33.99 51.09
C LEU I 270 -15.13 33.12 49.86
N LEU I 271 -14.02 33.29 49.16
CA LEU I 271 -13.86 32.61 47.88
C LEU I 271 -13.41 31.17 48.02
N LYS I 272 -13.12 30.70 49.23
CA LYS I 272 -12.63 29.34 49.38
C LYS I 272 -13.74 28.34 49.11
N TYR I 273 -13.41 27.33 48.30
CA TYR I 273 -14.44 26.33 47.99
C TYR I 273 -13.92 24.89 47.99
N ASP I 274 -12.74 24.59 48.53
CA ASP I 274 -12.21 23.25 48.43
C ASP I 274 -12.33 22.43 49.71
N PHE I 275 -11.73 22.89 50.81
CA PHE I 275 -11.90 22.24 52.10
C PHE I 275 -11.48 20.77 52.13
N THR I 276 -10.66 20.31 51.19
CA THR I 276 -10.21 18.93 51.23
C THR I 276 -9.35 18.66 52.46
N GLU I 277 -8.35 19.51 52.68
CA GLU I 277 -7.42 19.28 53.77
C GLU I 277 -8.11 19.29 55.12
N GLU I 278 -9.13 20.14 55.30
CA GLU I 278 -9.84 20.15 56.56
C GLU I 278 -10.63 18.87 56.78
N ARG I 279 -11.22 18.32 55.71
CA ARG I 279 -11.89 17.04 55.85
C ARG I 279 -10.90 15.98 56.29
N LEU I 280 -9.72 15.96 55.67
CA LEU I 280 -8.74 14.96 56.06
C LEU I 280 -8.30 15.15 57.50
N LYS I 281 -8.10 16.40 57.94
CA LYS I 281 -7.72 16.64 59.33
C LYS I 281 -8.77 16.15 60.30
N LEU I 282 -10.04 16.45 60.03
CA LEU I 282 -11.10 16.02 60.93
C LEU I 282 -11.17 14.50 61.00
N PHE I 283 -11.15 13.85 59.84
CA PHE I 283 -11.24 12.40 59.84
C PHE I 283 -10.09 11.77 60.58
N ASP I 284 -8.89 12.30 60.41
CA ASP I 284 -7.75 11.74 61.12
C ASP I 284 -7.83 12.02 62.61
N ARG I 285 -8.45 13.13 63.01
CA ARG I 285 -8.49 13.45 64.43
C ARG I 285 -9.50 12.63 65.19
N TYR I 286 -10.66 12.33 64.61
CA TYR I 286 -11.67 11.62 65.39
C TYR I 286 -11.80 10.14 65.08
N PHE I 287 -11.52 9.69 63.86
CA PHE I 287 -11.76 8.32 63.44
C PHE I 287 -10.45 7.66 63.04
N LYS I 288 -9.42 7.81 63.86
CA LYS I 288 -8.07 7.45 63.42
C LYS I 288 -7.96 5.99 63.03
N TYR I 289 -8.58 5.09 63.78
CA TYR I 289 -8.37 3.67 63.60
C TYR I 289 -9.46 3.00 62.77
N TRP I 290 -10.30 3.78 62.12
CA TRP I 290 -11.25 3.21 61.17
C TRP I 290 -10.47 2.68 59.98
N ASP I 291 -10.34 1.36 59.88
CA ASP I 291 -9.44 0.74 58.90
C ASP I 291 -10.14 0.61 57.55
N GLN I 292 -10.23 1.72 56.84
CA GLN I 292 -10.64 1.69 55.44
C GLN I 292 -10.31 3.04 54.83
N THR I 293 -10.00 3.03 53.54
CA THR I 293 -9.61 4.24 52.85
C THR I 293 -10.80 5.20 52.81
N TYR I 294 -10.53 6.49 52.91
CA TYR I 294 -11.57 7.51 52.83
C TYR I 294 -11.13 8.60 51.87
N HIS I 295 -11.71 8.60 50.66
CA HIS I 295 -11.41 9.62 49.66
C HIS I 295 -12.36 10.79 49.83
N PRO I 296 -11.88 11.98 50.15
CA PRO I 296 -12.80 13.11 50.37
C PRO I 296 -13.62 13.44 49.14
N ASN I 297 -13.05 13.24 47.97
CA ASN I 297 -13.70 13.56 46.70
C ASN I 297 -14.14 12.25 46.06
N CYS I 298 -15.44 12.03 45.97
CA CYS I 298 -15.93 10.72 45.56
C CYS I 298 -15.60 10.39 44.12
N VAL I 299 -15.14 11.36 43.33
CA VAL I 299 -14.81 11.09 41.94
C VAL I 299 -13.64 10.13 41.80
N ASN I 300 -12.94 9.83 42.90
CA ASN I 300 -11.87 8.84 42.88
C ASN I 300 -12.28 7.49 43.44
N CYS I 301 -13.54 7.29 43.77
CA CYS I 301 -13.95 6.03 44.38
C CYS I 301 -13.91 4.90 43.37
N LEU I 302 -13.92 3.67 43.89
CA LEU I 302 -13.77 2.47 43.08
C LEU I 302 -15.08 1.89 42.59
N ASP I 303 -16.12 1.88 43.43
CA ASP I 303 -17.40 1.32 43.06
C ASP I 303 -18.43 1.75 44.10
N ASP I 304 -19.69 1.43 43.81
CA ASP I 304 -20.80 2.00 44.57
C ASP I 304 -20.66 1.74 46.06
N ARG I 305 -20.06 0.61 46.44
CA ARG I 305 -19.78 0.36 47.84
C ARG I 305 -18.91 1.46 48.44
N CYS I 306 -17.81 1.81 47.76
CA CYS I 306 -16.97 2.88 48.26
C CYS I 306 -17.68 4.21 48.19
N ILE I 307 -18.54 4.42 47.20
CA ILE I 307 -19.25 5.69 47.09
C ILE I 307 -20.12 5.89 48.32
N LEU I 308 -20.86 4.87 48.72
CA LEU I 308 -21.69 5.00 49.93
C LEU I 308 -20.82 5.21 51.15
N HIS I 309 -19.76 4.40 51.29
CA HIS I 309 -18.96 4.49 52.51
C HIS I 309 -18.32 5.85 52.67
N CYS I 310 -17.96 6.52 51.57
CA CYS I 310 -17.36 7.83 51.69
C CYS I 310 -18.40 8.95 51.79
N ALA I 311 -19.52 8.82 51.07
CA ALA I 311 -20.56 9.84 51.14
C ALA I 311 -21.12 9.97 52.53
N ASN I 312 -21.14 8.88 53.30
CA ASN I 312 -21.57 9.00 54.68
C ASN I 312 -20.74 10.01 55.46
N PHE I 313 -19.42 9.82 55.45
CA PHE I 313 -18.57 10.74 56.18
C PHE I 313 -18.70 12.15 55.65
N ASN I 314 -18.74 12.31 54.33
CA ASN I 314 -18.88 13.65 53.79
C ASN I 314 -20.14 14.31 54.28
N VAL I 315 -21.20 13.53 54.52
CA VAL I 315 -22.40 14.11 55.12
C VAL I 315 -22.11 14.59 56.52
N LEU I 316 -21.32 13.84 57.29
CA LEU I 316 -21.04 14.31 58.65
C LEU I 316 -20.22 15.59 58.66
N PHE I 317 -19.11 15.61 57.93
CA PHE I 317 -18.14 16.69 58.10
C PHE I 317 -18.68 18.01 57.57
N SER I 318 -19.37 17.97 56.45
CA SER I 318 -19.75 19.20 55.79
C SER I 318 -20.80 19.96 56.52
N THR I 319 -21.14 19.68 57.77
CA THR I 319 -22.01 20.57 58.52
C THR I 319 -21.24 21.63 59.28
N VAL I 320 -19.92 21.69 59.13
CA VAL I 320 -19.11 22.70 59.80
C VAL I 320 -18.84 23.88 58.88
N PHE I 321 -18.61 23.62 57.61
CA PHE I 321 -18.16 24.63 56.68
C PHE I 321 -19.28 25.61 56.35
N PRO I 322 -18.93 26.83 55.92
CA PRO I 322 -19.96 27.84 55.72
C PRO I 322 -20.90 27.44 54.59
N PRO I 323 -22.16 27.81 54.68
CA PRO I 323 -23.14 27.31 53.71
C PRO I 323 -23.12 28.04 52.38
N THR I 324 -22.50 29.21 52.33
CA THR I 324 -22.51 29.97 51.07
C THR I 324 -21.56 29.39 50.05
N SER I 325 -20.70 28.45 50.42
CA SER I 325 -19.67 27.96 49.50
C SER I 325 -20.04 26.62 48.88
N PHE I 326 -21.33 26.32 48.81
CA PHE I 326 -21.82 25.08 48.21
C PHE I 326 -22.66 25.46 47.01
N GLY I 327 -22.58 24.66 45.96
CA GLY I 327 -23.35 24.93 44.77
C GLY I 327 -22.48 25.04 43.54
N PRO I 328 -22.99 25.64 42.48
CA PRO I 328 -22.28 25.66 41.22
C PRO I 328 -21.02 26.51 41.28
N LEU I 329 -20.10 26.23 40.38
CA LEU I 329 -18.84 26.96 40.27
C LEU I 329 -18.82 27.68 38.93
N VAL I 330 -18.76 28.99 38.97
CA VAL I 330 -18.84 29.80 37.78
C VAL I 330 -17.44 30.21 37.35
N ARG I 331 -17.32 30.62 36.09
CA ARG I 331 -16.04 31.02 35.52
C ARG I 331 -16.27 31.84 34.27
N LYS I 332 -15.73 33.06 34.22
CA LYS I 332 -16.05 33.98 33.13
C LYS I 332 -15.32 33.58 31.87
N ILE I 333 -16.06 33.22 30.82
CA ILE I 333 -15.50 32.86 29.53
C ILE I 333 -15.98 33.86 28.49
N PHE I 334 -15.28 33.87 27.37
CA PHE I 334 -15.50 34.83 26.30
C PHE I 334 -15.92 34.09 25.04
N VAL I 335 -16.97 34.56 24.39
CA VAL I 335 -17.37 34.06 23.08
C VAL I 335 -17.37 35.24 22.11
N ASP I 336 -16.58 35.12 21.05
CA ASP I 336 -16.32 36.17 20.07
C ASP I 336 -16.25 37.56 20.71
N GLY I 337 -15.49 37.68 21.80
CA GLY I 337 -15.33 38.98 22.42
C GLY I 337 -16.50 39.46 23.24
N VAL I 338 -17.30 38.54 23.77
CA VAL I 338 -18.39 38.93 24.66
C VAL I 338 -18.20 38.20 25.99
N PRO I 339 -18.31 38.89 27.13
CA PRO I 339 -18.09 38.22 28.42
C PRO I 339 -19.28 37.38 28.84
N PHE I 340 -19.02 36.12 29.18
CA PHE I 340 -20.03 35.20 29.65
C PHE I 340 -19.67 34.69 31.03
N VAL I 341 -20.69 34.23 31.75
CA VAL I 341 -20.53 33.56 33.03
C VAL I 341 -21.19 32.19 32.87
N VAL I 342 -20.44 31.12 33.03
CA VAL I 342 -21.00 29.79 32.88
C VAL I 342 -20.58 28.92 34.04
N SER I 343 -21.07 27.67 34.08
CA SER I 343 -20.80 26.76 35.18
C SER I 343 -19.85 25.68 34.69
N THR I 344 -18.78 25.43 35.45
CA THR I 344 -17.81 24.41 35.08
C THR I 344 -17.77 23.23 36.04
N GLY I 345 -18.59 23.21 37.07
CA GLY I 345 -18.54 22.12 38.03
C GLY I 345 -19.59 22.29 39.10
N TYR I 346 -19.43 21.53 40.17
CA TYR I 346 -20.33 21.59 41.30
C TYR I 346 -19.55 21.22 42.55
N HIS I 347 -20.08 21.62 43.70
CA HIS I 347 -19.48 21.28 44.99
C HIS I 347 -20.60 20.78 45.90
N PHE I 348 -20.83 19.47 45.87
CA PHE I 348 -21.94 18.89 46.60
C PHE I 348 -21.64 18.83 48.09
N ARG I 349 -22.69 18.61 48.86
CA ARG I 349 -22.53 18.42 50.29
C ARG I 349 -21.93 17.08 50.65
N GLU I 350 -22.15 16.04 49.85
CA GLU I 350 -21.60 14.73 50.16
C GLU I 350 -20.76 14.12 49.07
N LEU I 351 -20.80 14.61 47.85
CA LEU I 351 -19.96 14.06 46.79
C LEU I 351 -18.69 14.86 46.57
N GLY I 352 -18.41 15.85 47.39
CA GLY I 352 -17.18 16.59 47.26
C GLY I 352 -17.22 17.52 46.06
N VAL I 353 -16.12 17.56 45.30
CA VAL I 353 -15.92 18.55 44.24
C VAL I 353 -15.85 17.82 42.92
N VAL I 354 -16.56 18.34 41.92
CA VAL I 354 -16.61 17.74 40.59
C VAL I 354 -16.32 18.82 39.56
N HIS I 355 -15.38 18.55 38.66
CA HIS I 355 -15.04 19.46 37.58
C HIS I 355 -15.47 18.89 36.24
N ASN I 356 -16.13 19.72 35.43
CA ASN I 356 -16.46 19.30 34.08
C ASN I 356 -15.19 18.99 33.31
N GLN I 357 -15.26 17.98 32.45
CA GLN I 357 -14.06 17.58 31.73
C GLN I 357 -13.83 18.43 30.50
N ASP I 358 -14.81 18.53 29.61
CA ASP I 358 -14.59 19.30 28.38
C ASP I 358 -15.23 20.67 28.46
N VAL I 359 -14.40 21.70 28.61
CA VAL I 359 -14.83 23.09 28.68
C VAL I 359 -14.02 23.88 27.66
N ASN I 360 -14.70 24.66 26.84
CA ASN I 360 -14.04 25.44 25.80
C ASN I 360 -14.06 26.92 26.20
N LEU I 361 -12.87 27.48 26.41
CA LEU I 361 -12.73 28.84 26.92
C LEU I 361 -13.08 29.92 25.89
N HIS I 362 -12.65 29.73 24.65
CA HIS I 362 -12.87 30.71 23.59
C HIS I 362 -13.60 30.05 22.44
N SER I 363 -14.59 30.75 21.90
CA SER I 363 -15.38 30.21 20.81
C SER I 363 -15.90 31.36 19.96
N SER I 364 -16.18 31.05 18.70
CA SER I 364 -16.65 32.07 17.76
C SER I 364 -18.17 32.16 17.77
N ARG I 365 -18.85 31.04 17.56
CA ARG I 365 -20.29 31.02 17.50
C ARG I 365 -20.80 29.74 18.16
N LEU I 366 -22.04 29.80 18.64
CA LEU I 366 -22.64 28.71 19.39
C LEU I 366 -23.57 27.90 18.49
N SER I 367 -23.72 26.63 18.82
CA SER I 367 -24.63 25.76 18.09
C SER I 367 -26.01 25.81 18.74
N PHE I 368 -26.88 24.87 18.40
CA PHE I 368 -28.15 24.75 19.12
C PHE I 368 -27.94 24.16 20.51
N LYS I 369 -27.16 23.08 20.60
CA LYS I 369 -26.99 22.40 21.87
C LYS I 369 -26.36 23.32 22.91
N GLU I 370 -25.31 24.06 22.54
CA GLU I 370 -24.67 24.95 23.48
C GLU I 370 -25.60 26.07 23.91
N LEU I 371 -26.40 26.59 22.97
CA LEU I 371 -27.39 27.58 23.34
C LEU I 371 -28.35 27.02 24.38
N LEU I 372 -28.78 25.78 24.19
CA LEU I 372 -29.69 25.16 25.14
C LEU I 372 -29.07 25.08 26.53
N VAL I 373 -27.86 24.50 26.60
CA VAL I 373 -27.29 24.25 27.92
C VAL I 373 -26.83 25.55 28.58
N TYR I 374 -26.62 26.61 27.80
CA TYR I 374 -26.31 27.89 28.43
C TYR I 374 -27.55 28.63 28.89
N ALA I 375 -28.68 28.42 28.22
CA ALA I 375 -29.91 29.02 28.71
C ALA I 375 -30.46 28.30 29.92
N ALA I 376 -30.19 26.99 30.05
CA ALA I 376 -30.74 26.23 31.17
C ALA I 376 -30.02 26.49 32.48
N ASP I 377 -28.75 26.89 32.44
CA ASP I 377 -27.98 27.06 33.67
C ASP I 377 -28.56 28.18 34.52
N PRO I 378 -28.40 28.10 35.84
CA PRO I 378 -28.82 29.20 36.70
C PRO I 378 -27.77 30.27 36.90
N ALA I 379 -26.58 30.10 36.34
CA ALA I 379 -25.50 31.06 36.57
C ALA I 379 -25.83 32.42 35.97
N MET I 380 -26.35 32.43 34.74
CA MET I 380 -26.67 33.70 34.10
C MET I 380 -27.78 34.43 34.85
N HIS I 381 -28.87 33.74 35.15
CA HIS I 381 -30.00 34.37 35.80
C HIS I 381 -29.64 34.85 37.19
N ALA I 382 -28.80 34.10 37.91
CA ALA I 382 -28.38 34.53 39.22
C ALA I 382 -27.45 35.73 39.14
N ALA I 383 -26.53 35.73 38.18
CA ALA I 383 -25.59 36.84 38.08
C ALA I 383 -26.30 38.14 37.70
N SER I 384 -27.26 38.08 36.78
CA SER I 384 -27.89 39.30 36.30
C SER I 384 -28.88 39.89 37.30
N GLY I 385 -29.38 39.10 38.25
CA GLY I 385 -30.40 39.57 39.15
C GLY I 385 -29.86 40.40 40.29
N ASN I 386 -30.77 40.77 41.19
CA ASN I 386 -30.46 41.59 42.34
C ASN I 386 -30.34 40.74 43.60
N LEU I 387 -29.64 41.28 44.59
CA LEU I 387 -29.56 40.62 45.89
C LEU I 387 -30.93 40.63 46.54
N LEU I 388 -31.20 39.58 47.34
CA LEU I 388 -32.49 39.42 47.99
C LEU I 388 -32.29 38.93 49.41
N LEU I 389 -33.06 39.48 50.34
CA LEU I 389 -33.06 39.04 51.73
C LEU I 389 -34.51 38.83 52.13
N ASP I 390 -34.91 37.58 52.30
CA ASP I 390 -36.28 37.21 52.61
C ASP I 390 -36.38 36.77 54.06
N LYS I 391 -37.20 37.47 54.83
CA LYS I 391 -37.35 37.16 56.24
C LYS I 391 -38.59 36.32 56.52
N ARG I 392 -39.37 35.98 55.51
CA ARG I 392 -40.53 35.13 55.72
C ARG I 392 -40.11 33.70 56.01
N THR I 393 -39.19 33.17 55.21
CA THR I 393 -38.77 31.79 55.34
C THR I 393 -37.42 31.70 56.05
N THR I 394 -36.95 30.46 56.24
CA THR I 394 -35.66 30.22 56.85
C THR I 394 -34.65 29.60 55.89
N CYS I 395 -35.07 29.16 54.72
CA CYS I 395 -34.14 28.57 53.76
C CYS I 395 -33.27 29.66 53.14
N PHE I 396 -32.20 29.23 52.50
CA PHE I 396 -31.19 30.14 51.99
C PHE I 396 -31.66 30.73 50.67
N SER I 397 -31.99 32.02 50.66
CA SER I 397 -32.34 32.69 49.42
C SER I 397 -31.09 33.03 48.62
N VAL I 398 -31.25 33.24 47.32
CA VAL I 398 -30.10 33.46 46.46
C VAL I 398 -30.19 34.80 45.74
N ALA I 399 -31.23 34.98 44.94
CA ALA I 399 -31.35 36.18 44.14
C ALA I 399 -32.80 36.38 43.74
N ALA I 400 -33.12 37.60 43.35
CA ALA I 400 -34.40 37.91 42.73
C ALA I 400 -34.18 38.10 41.22
N LEU I 401 -35.27 38.18 40.49
CA LEU I 401 -35.18 38.32 39.04
C LEU I 401 -35.89 39.55 38.51
N THR I 402 -37.09 39.84 39.01
CA THR I 402 -37.85 41.00 38.63
C THR I 402 -37.70 42.08 39.70
N ASN I 403 -38.46 43.15 39.57
CA ASN I 403 -38.41 44.24 40.53
C ASN I 403 -39.62 44.23 41.46
N ASN I 404 -40.31 43.10 41.54
CA ASN I 404 -41.45 42.97 42.43
C ASN I 404 -41.59 41.48 42.78
N VAL I 405 -42.62 41.16 43.53
CA VAL I 405 -42.86 39.80 44.01
C VAL I 405 -44.28 39.40 43.66
N ALA I 406 -44.42 38.24 43.00
CA ALA I 406 -45.73 37.75 42.66
C ALA I 406 -46.42 37.14 43.87
N PHE I 407 -47.75 37.06 43.79
CA PHE I 407 -48.55 36.50 44.89
C PHE I 407 -49.67 35.67 44.25
N GLN I 408 -49.47 34.36 44.22
CA GLN I 408 -50.41 33.47 43.56
C GLN I 408 -51.56 33.10 44.49
N THR I 409 -52.77 33.00 43.92
CA THR I 409 -53.97 32.66 44.65
C THR I 409 -54.70 31.53 43.94
N VAL I 410 -55.53 30.81 44.68
CA VAL I 410 -56.30 29.69 44.16
C VAL I 410 -57.78 29.99 44.40
N LYS I 411 -58.53 30.15 43.31
CA LYS I 411 -59.93 30.51 43.39
C LYS I 411 -60.79 29.28 43.68
N PRO I 412 -62.00 29.48 44.19
CA PRO I 412 -62.87 28.33 44.53
C PRO I 412 -63.45 27.65 43.30
N GLY I 413 -64.12 26.52 43.51
CA GLY I 413 -64.70 25.76 42.43
C GLY I 413 -66.11 26.23 42.09
N ASN I 414 -66.71 25.56 41.12
CA ASN I 414 -68.02 25.94 40.61
C ASN I 414 -69.06 24.91 41.00
N PHE I 415 -70.19 25.38 41.49
CA PHE I 415 -71.29 24.53 41.92
C PHE I 415 -72.06 24.03 40.70
N ASN I 416 -72.76 22.91 40.87
CA ASN I 416 -73.56 22.31 39.80
C ASN I 416 -74.96 22.07 40.34
N LYS I 417 -75.83 23.07 40.18
CA LYS I 417 -77.08 23.10 40.94
C LYS I 417 -78.03 21.99 40.55
N ASP I 418 -78.11 21.69 39.25
CA ASP I 418 -79.14 20.76 38.79
C ASP I 418 -78.94 19.37 39.37
N PHE I 419 -77.69 18.91 39.45
CA PHE I 419 -77.43 17.60 40.02
C PHE I 419 -77.77 17.58 41.50
N TYR I 420 -77.48 18.65 42.22
CA TYR I 420 -77.84 18.71 43.63
C TYR I 420 -79.34 18.62 43.80
N ASP I 421 -80.10 19.33 42.97
CA ASP I 421 -81.55 19.26 43.04
C ASP I 421 -82.04 17.86 42.72
N PHE I 422 -81.50 17.24 41.68
CA PHE I 422 -81.90 15.90 41.30
C PHE I 422 -81.55 14.89 42.39
N ALA I 423 -80.50 15.16 43.16
CA ALA I 423 -80.16 14.28 44.27
C ALA I 423 -81.13 14.46 45.42
N VAL I 424 -81.45 15.71 45.78
CA VAL I 424 -82.35 15.91 46.91
C VAL I 424 -83.76 15.46 46.58
N SER I 425 -84.13 15.40 45.30
CA SER I 425 -85.44 14.87 44.95
C SER I 425 -85.56 13.40 45.30
N LYS I 426 -84.49 12.64 45.09
CA LYS I 426 -84.53 11.20 45.35
C LYS I 426 -84.20 10.90 46.80
N GLY I 427 -84.40 11.89 47.68
CA GLY I 427 -84.22 11.67 49.09
C GLY I 427 -82.79 11.40 49.50
N PHE I 428 -81.94 12.41 49.40
CA PHE I 428 -80.56 12.29 49.82
C PHE I 428 -80.26 13.41 50.81
N PHE I 429 -79.10 13.29 51.46
CA PHE I 429 -78.61 14.32 52.38
C PHE I 429 -79.57 14.61 53.52
N LYS I 430 -80.32 13.62 53.98
CA LYS I 430 -81.14 13.82 55.15
C LYS I 430 -80.30 13.70 56.42
N GLU I 431 -80.73 14.41 57.46
CA GLU I 431 -79.99 14.43 58.71
C GLU I 431 -79.88 13.02 59.30
N GLY I 432 -78.70 12.68 59.78
CA GLY I 432 -78.46 11.38 60.37
C GLY I 432 -78.02 10.31 59.40
N SER I 433 -78.17 10.53 58.10
CA SER I 433 -77.75 9.53 57.12
C SER I 433 -76.23 9.39 57.14
N SER I 434 -75.77 8.15 56.96
CA SER I 434 -74.34 7.88 56.95
C SER I 434 -73.70 8.13 55.59
N VAL I 435 -73.95 9.30 55.00
CA VAL I 435 -73.30 9.72 53.76
C VAL I 435 -73.50 11.21 53.62
N GLU I 436 -72.42 11.95 53.39
CA GLU I 436 -72.51 13.40 53.35
C GLU I 436 -71.32 13.93 52.56
N LEU I 437 -71.07 15.24 52.66
CA LEU I 437 -70.06 15.91 51.87
C LEU I 437 -68.84 16.19 52.76
N LYS I 438 -67.67 15.75 52.30
CA LYS I 438 -66.43 16.06 53.00
C LYS I 438 -65.32 16.40 52.01
N HIS I 439 -65.66 16.60 50.75
CA HIS I 439 -64.67 16.88 49.72
C HIS I 439 -65.10 18.13 48.96
N PHE I 440 -64.33 19.19 49.08
CA PHE I 440 -64.67 20.45 48.43
C PHE I 440 -63.44 21.02 47.75
N PHE I 441 -63.60 22.18 47.15
CA PHE I 441 -62.52 22.93 46.53
C PHE I 441 -62.17 24.06 47.48
N PHE I 442 -61.13 23.87 48.27
CA PHE I 442 -60.72 24.89 49.22
C PHE I 442 -59.99 26.01 48.49
N ALA I 443 -60.23 27.24 48.93
CA ALA I 443 -59.59 28.41 48.36
C ALA I 443 -58.36 28.78 49.15
N GLN I 444 -57.44 29.50 48.51
CA GLN I 444 -56.21 29.88 49.17
C GLN I 444 -55.93 31.36 48.96
N ASP I 445 -55.41 31.99 50.00
CA ASP I 445 -55.08 33.41 50.03
C ASP I 445 -53.77 33.66 49.30
N GLY I 446 -53.09 34.74 49.66
CA GLY I 446 -51.96 35.21 48.91
C GLY I 446 -50.72 34.44 49.30
N ASN I 447 -49.93 34.95 50.24
CA ASN I 447 -48.66 34.30 50.54
C ASN I 447 -48.88 32.94 51.18
N ALA I 448 -49.35 31.98 50.38
CA ALA I 448 -49.42 30.59 50.79
C ALA I 448 -48.39 29.72 50.10
N ALA I 449 -47.89 30.16 48.94
CA ALA I 449 -46.85 29.40 48.26
C ALA I 449 -45.58 29.31 49.11
N ILE I 450 -45.17 30.43 49.70
CA ILE I 450 -43.99 30.41 50.55
C ILE I 450 -44.25 29.65 51.84
N SER I 451 -45.40 29.88 52.45
CA SER I 451 -45.70 29.16 53.68
C SER I 451 -45.83 27.66 53.43
N ASP I 452 -45.91 27.24 52.17
CA ASP I 452 -45.84 25.83 51.84
C ASP I 452 -44.41 25.40 51.56
N TYR I 453 -43.67 26.20 50.80
CA TYR I 453 -42.27 25.86 50.53
C TYR I 453 -41.48 25.80 51.82
N ASP I 454 -41.92 26.51 52.84
CA ASP I 454 -41.16 26.59 54.08
C ASP I 454 -41.12 25.27 54.84
N TYR I 455 -41.94 24.29 54.44
CA TYR I 455 -41.97 23.02 55.14
C TYR I 455 -40.69 22.23 54.96
N TYR I 456 -39.78 22.64 54.07
CA TYR I 456 -38.54 21.93 53.91
C TYR I 456 -37.65 22.02 55.14
N ARG I 457 -38.03 22.81 56.14
CA ARG I 457 -37.24 22.95 57.35
C ARG I 457 -37.25 21.67 58.18
N TYR I 458 -38.07 20.70 57.76
CA TYR I 458 -38.11 19.40 58.40
C TYR I 458 -37.07 18.44 57.85
N ASN I 459 -36.27 18.87 56.89
CA ASN I 459 -35.24 18.02 56.31
C ASN I 459 -33.89 18.35 56.93
N LEU I 460 -33.30 17.38 57.62
CA LEU I 460 -32.12 17.60 58.43
C LEU I 460 -30.98 16.72 57.95
N PRO I 461 -29.74 17.12 58.18
CA PRO I 461 -28.61 16.22 57.89
C PRO I 461 -28.72 14.98 58.74
N THR I 462 -28.52 13.81 58.12
CA THR I 462 -28.64 12.57 58.86
C THR I 462 -27.60 11.58 58.36
N MET I 463 -26.86 11.01 59.31
CA MET I 463 -25.84 10.02 59.05
C MET I 463 -26.35 8.64 59.43
N CYS I 464 -26.10 7.67 58.56
CA CYS I 464 -26.70 6.35 58.72
C CYS I 464 -25.63 5.34 59.08
N ASP I 465 -25.97 4.44 60.00
CA ASP I 465 -25.08 3.35 60.38
C ASP I 465 -24.65 2.58 59.15
N ILE I 466 -23.36 2.65 58.83
CA ILE I 466 -22.93 2.28 57.48
C ILE I 466 -23.01 0.78 57.26
N ARG I 467 -22.65 -0.02 58.27
CA ARG I 467 -22.55 -1.46 58.06
C ARG I 467 -23.89 -2.07 57.71
N GLN I 468 -24.90 -1.80 58.54
CA GLN I 468 -26.20 -2.38 58.25
C GLN I 468 -26.80 -1.79 57.00
N LEU I 469 -26.43 -0.55 56.65
CA LEU I 469 -26.90 0.03 55.41
C LEU I 469 -26.35 -0.73 54.21
N LEU I 470 -25.07 -1.10 54.23
CA LEU I 470 -24.52 -1.87 53.12
C LEU I 470 -25.19 -3.23 53.01
N PHE I 471 -25.41 -3.89 54.14
CA PHE I 471 -26.11 -5.17 54.08
C PHE I 471 -27.52 -5.02 53.50
N VAL I 472 -28.24 -4.00 53.95
CA VAL I 472 -29.62 -3.79 53.51
C VAL I 472 -29.67 -3.51 52.03
N VAL I 473 -28.76 -2.66 51.52
CA VAL I 473 -28.77 -2.42 50.09
C VAL I 473 -28.49 -3.70 49.35
N GLU I 474 -27.70 -4.59 49.92
CA GLU I 474 -27.44 -5.85 49.23
C GLU I 474 -28.71 -6.67 49.08
N VAL I 475 -29.45 -6.84 50.17
CA VAL I 475 -30.69 -7.62 50.09
C VAL I 475 -31.69 -6.95 49.14
N VAL I 476 -31.83 -5.63 49.23
CA VAL I 476 -32.82 -4.95 48.41
C VAL I 476 -32.48 -5.09 46.94
N ASP I 477 -31.20 -4.99 46.58
CA ASP I 477 -30.83 -5.29 45.20
C ASP I 477 -31.19 -6.72 44.86
N LYS I 478 -31.10 -7.63 45.84
CA LYS I 478 -31.49 -9.00 45.55
C LYS I 478 -32.97 -9.10 45.20
N TYR I 479 -33.79 -8.18 45.70
CA TYR I 479 -35.20 -8.18 45.32
C TYR I 479 -35.41 -7.93 43.84
N PHE I 480 -34.65 -7.01 43.25
CA PHE I 480 -34.86 -6.59 41.87
C PHE I 480 -33.99 -7.34 40.88
N ASP I 481 -34.25 -8.63 40.67
CA ASP I 481 -33.51 -9.39 39.68
C ASP I 481 -34.39 -9.98 38.59
N CYS I 482 -35.57 -9.41 38.38
CA CYS I 482 -36.51 -9.92 37.41
C CYS I 482 -36.76 -8.92 36.29
N TYR I 483 -35.77 -8.05 36.04
CA TYR I 483 -35.95 -6.97 35.09
C TYR I 483 -34.70 -6.86 34.24
N ASP I 484 -34.65 -5.83 33.40
CA ASP I 484 -33.50 -5.65 32.51
C ASP I 484 -33.46 -4.19 32.09
N GLY I 485 -32.25 -3.61 32.09
CA GLY I 485 -32.06 -2.21 31.78
C GLY I 485 -30.89 -1.99 30.84
N GLY I 486 -30.72 -0.74 30.44
CA GLY I 486 -29.65 -0.35 29.56
C GLY I 486 -29.99 0.94 28.85
N CYS I 487 -28.97 1.53 28.24
CA CYS I 487 -29.19 2.74 27.48
C CYS I 487 -29.87 2.42 26.16
N ILE I 488 -30.65 3.38 25.67
CA ILE I 488 -31.32 3.23 24.38
C ILE I 488 -30.96 4.42 23.50
N ASN I 489 -31.46 4.44 22.27
CA ASN I 489 -31.15 5.50 21.32
C ASN I 489 -32.35 6.41 21.18
N ALA I 490 -32.12 7.55 20.51
CA ALA I 490 -33.17 8.56 20.40
C ALA I 490 -34.39 8.04 19.65
N ASN I 491 -34.21 7.06 18.75
CA ASN I 491 -35.34 6.58 17.98
C ASN I 491 -36.24 5.66 18.79
N GLN I 492 -35.66 4.85 19.69
CA GLN I 492 -36.47 3.91 20.44
C GLN I 492 -37.27 4.55 21.56
N VAL I 493 -37.04 5.83 21.87
CA VAL I 493 -37.73 6.45 22.99
C VAL I 493 -39.22 6.54 22.70
N ILE I 494 -40.02 6.54 23.76
CA ILE I 494 -41.47 6.65 23.66
C ILE I 494 -41.90 7.82 24.52
N VAL I 495 -42.63 8.76 23.93
CA VAL I 495 -43.09 9.95 24.64
C VAL I 495 -44.60 10.04 24.50
N ASN I 496 -45.27 10.33 25.62
CA ASN I 496 -46.72 10.47 25.65
C ASN I 496 -47.05 11.85 26.22
N ASN I 497 -48.14 12.44 25.72
CA ASN I 497 -48.59 13.75 26.16
C ASN I 497 -47.50 14.79 25.96
N LEU I 498 -47.14 15.06 24.71
CA LEU I 498 -46.12 16.05 24.40
C LEU I 498 -46.55 17.48 24.66
N ASP I 499 -47.82 17.72 24.95
CA ASP I 499 -48.30 19.08 25.15
C ASP I 499 -48.38 19.40 26.64
N LYS I 500 -47.20 19.52 27.24
CA LYS I 500 -47.08 19.92 28.63
C LYS I 500 -45.86 20.83 28.79
N SER I 501 -45.85 21.57 29.90
CA SER I 501 -44.87 22.62 30.11
C SER I 501 -43.47 22.06 30.15
N ALA I 502 -42.51 22.81 29.64
CA ALA I 502 -41.12 22.36 29.57
C ALA I 502 -40.25 22.93 30.68
N GLY I 503 -40.55 24.04 31.34
CA GLY I 503 -39.56 24.57 32.32
C GLY I 503 -39.36 26.00 32.74
N PHE I 504 -38.17 26.45 33.19
CA PHE I 504 -38.03 27.90 33.47
C PHE I 504 -37.50 28.84 32.47
N PRO I 505 -36.36 28.58 31.92
CA PRO I 505 -36.04 29.60 30.96
C PRO I 505 -36.72 29.31 29.67
N PHE I 506 -37.54 28.28 29.48
CA PHE I 506 -38.08 27.93 28.20
C PHE I 506 -39.55 27.87 28.16
N ASN I 507 -40.23 28.29 29.20
CA ASN I 507 -41.66 28.10 29.25
C ASN I 507 -42.25 29.22 28.61
N LYS I 508 -41.44 30.11 28.17
CA LYS I 508 -41.83 31.35 27.53
C LYS I 508 -42.15 31.17 26.05
N TRP I 509 -41.69 30.09 25.44
CA TRP I 509 -41.87 29.88 24.00
C TRP I 509 -42.26 28.43 23.76
N GLY I 510 -43.56 28.16 23.78
CA GLY I 510 -44.05 26.85 23.43
C GLY I 510 -43.98 25.83 24.55
N LYS I 511 -44.31 24.59 24.20
CA LYS I 511 -44.31 23.46 25.12
C LYS I 511 -43.40 22.36 24.61
N ALA I 512 -43.40 21.23 25.31
CA ALA I 512 -42.40 20.20 25.08
C ALA I 512 -42.42 19.69 23.65
N ARG I 513 -43.55 19.81 22.97
CA ARG I 513 -43.64 19.35 21.59
C ARG I 513 -42.66 20.11 20.71
N LEU I 514 -42.59 21.43 20.90
CA LEU I 514 -41.71 22.26 20.07
C LEU I 514 -40.25 21.84 20.22
N TYR I 515 -39.80 21.65 21.46
CA TYR I 515 -38.40 21.26 21.67
C TYR I 515 -38.14 19.82 21.27
N TYR I 516 -39.18 18.98 21.28
CA TYR I 516 -38.97 17.60 20.85
C TYR I 516 -38.85 17.49 19.34
N ASP I 517 -39.61 18.29 18.60
CA ASP I 517 -39.52 18.18 17.15
C ASP I 517 -38.40 19.05 16.59
N SER I 518 -38.01 20.11 17.29
CA SER I 518 -37.04 21.05 16.75
C SER I 518 -35.63 20.47 16.65
N MET I 519 -35.33 19.37 17.33
CA MET I 519 -34.00 18.80 17.32
C MET I 519 -33.99 17.48 16.58
N SER I 520 -32.94 17.24 15.82
CA SER I 520 -32.76 15.98 15.11
C SER I 520 -32.48 14.87 16.12
N TYR I 521 -32.28 13.66 15.61
CA TYR I 521 -31.89 12.57 16.50
C TYR I 521 -30.45 12.71 16.92
N GLU I 522 -29.60 13.21 16.02
CA GLU I 522 -28.19 13.41 16.37
C GLU I 522 -28.05 14.44 17.48
N ASP I 523 -28.94 15.43 17.52
CA ASP I 523 -28.90 16.41 18.60
C ASP I 523 -29.15 15.75 19.95
N GLN I 524 -30.18 14.89 20.04
CA GLN I 524 -30.42 14.19 21.28
C GLN I 524 -29.26 13.29 21.66
N ASP I 525 -28.71 12.57 20.68
CA ASP I 525 -27.61 11.66 21.01
C ASP I 525 -26.40 12.42 21.52
N ALA I 526 -26.08 13.55 20.87
CA ALA I 526 -24.96 14.36 21.35
C ALA I 526 -25.23 14.92 22.73
N LEU I 527 -26.45 15.39 22.98
CA LEU I 527 -26.78 15.91 24.30
C LEU I 527 -26.62 14.84 25.37
N PHE I 528 -27.12 13.64 25.10
CA PHE I 528 -27.01 12.56 26.08
C PHE I 528 -25.55 12.21 26.33
N ALA I 529 -24.76 12.07 25.26
CA ALA I 529 -23.36 11.74 25.46
C ALA I 529 -22.59 12.88 26.11
N TYR I 530 -23.14 14.09 26.10
CA TYR I 530 -22.47 15.21 26.76
C TYR I 530 -22.65 15.16 28.27
N THR I 531 -23.83 14.74 28.75
CA THR I 531 -24.05 14.69 30.18
C THR I 531 -23.41 13.46 30.81
N LYS I 532 -22.79 12.62 30.03
CA LYS I 532 -22.02 11.56 30.63
C LYS I 532 -20.62 11.99 30.91
N ARG I 533 -20.35 13.28 30.71
CA ARG I 533 -19.02 13.81 31.01
C ARG I 533 -19.06 15.23 31.59
N ASN I 534 -20.21 15.71 32.04
CA ASN I 534 -20.33 17.07 32.54
C ASN I 534 -21.44 17.11 33.58
N VAL I 535 -21.70 18.30 34.11
CA VAL I 535 -22.77 18.49 35.09
C VAL I 535 -23.58 19.70 34.66
N ILE I 536 -24.90 19.54 34.56
CA ILE I 536 -25.78 20.63 34.17
C ILE I 536 -26.79 20.92 35.28
N PRO I 537 -26.57 21.93 36.11
CA PRO I 537 -27.62 22.36 37.02
C PRO I 537 -28.79 22.96 36.27
N THR I 538 -29.97 22.90 36.86
CA THR I 538 -31.18 23.44 36.24
C THR I 538 -31.99 24.17 37.30
N ILE I 539 -33.14 24.71 36.86
CA ILE I 539 -34.07 25.42 37.73
C ILE I 539 -35.41 24.71 37.68
N THR I 540 -36.06 24.63 38.83
CA THR I 540 -37.36 23.96 38.96
C THR I 540 -38.41 24.99 39.29
N GLN I 541 -39.46 25.04 38.48
CA GLN I 541 -40.56 25.97 38.72
C GLN I 541 -41.59 25.32 39.63
N MET I 542 -42.23 26.12 40.48
CA MET I 542 -43.22 25.62 41.42
C MET I 542 -44.57 26.31 41.22
N ASN I 543 -45.64 25.57 41.46
CA ASN I 543 -46.98 26.03 41.14
C ASN I 543 -47.96 25.46 42.14
N LEU I 544 -49.14 26.05 42.20
CA LEU I 544 -50.20 25.55 43.08
C LEU I 544 -51.19 24.70 42.31
N LYS I 545 -51.65 23.64 42.96
CA LYS I 545 -52.56 22.67 42.36
C LYS I 545 -53.98 23.23 42.35
N TYR I 546 -54.86 22.57 41.61
CA TYR I 546 -56.27 22.92 41.60
C TYR I 546 -57.10 21.65 41.58
N ALA I 547 -57.39 21.11 42.76
CA ALA I 547 -58.10 19.84 42.84
C ALA I 547 -58.99 19.79 44.07
N ILE I 548 -59.50 18.62 44.40
CA ILE I 548 -60.50 18.46 45.46
C ILE I 548 -59.94 17.54 46.53
N SER I 549 -60.06 17.94 47.78
CA SER I 549 -59.49 17.19 48.89
C SER I 549 -60.32 17.43 50.14
N ALA I 550 -59.89 16.87 51.26
CA ALA I 550 -60.64 16.93 52.50
C ALA I 550 -59.89 17.67 53.61
N LYS I 551 -58.85 18.42 53.26
CA LYS I 551 -58.12 19.21 54.25
C LYS I 551 -57.58 20.44 53.55
N ASN I 552 -57.58 21.57 54.26
CA ASN I 552 -57.30 22.85 53.63
C ASN I 552 -55.83 23.10 53.36
N ARG I 553 -54.94 22.19 53.75
CA ARG I 553 -53.52 22.36 53.46
C ARG I 553 -53.31 22.40 51.94
N ALA I 554 -52.41 23.28 51.50
CA ALA I 554 -52.20 23.51 50.08
C ALA I 554 -51.47 22.33 49.44
N ARG I 555 -51.54 22.25 48.12
CA ARG I 555 -50.82 21.23 47.36
C ARG I 555 -49.96 21.94 46.33
N THR I 556 -49.02 21.20 45.74
CA THR I 556 -48.01 21.82 44.90
C THR I 556 -47.53 20.85 43.84
N VAL I 557 -47.23 21.38 42.65
CA VAL I 557 -46.57 20.61 41.60
C VAL I 557 -45.33 21.36 41.16
N ALA I 558 -44.38 20.62 40.59
CA ALA I 558 -43.09 21.18 40.20
C ALA I 558 -42.76 20.74 38.79
N GLY I 559 -42.55 21.69 37.89
CA GLY I 559 -42.11 21.38 36.54
C GLY I 559 -40.59 21.39 36.45
N VAL I 560 -40.06 20.51 35.63
CA VAL I 560 -38.61 20.34 35.50
C VAL I 560 -38.20 20.74 34.09
N SER I 561 -36.98 21.25 33.98
CA SER I 561 -36.46 21.70 32.69
C SER I 561 -36.44 20.54 31.69
N ILE I 562 -36.33 20.89 30.41
CA ILE I 562 -36.55 19.90 29.37
C ILE I 562 -35.33 18.99 29.19
N CYS I 563 -34.12 19.53 29.35
CA CYS I 563 -32.93 18.72 29.12
C CYS I 563 -32.85 17.57 30.12
N SER I 564 -33.23 17.84 31.37
CA SER I 564 -33.26 16.79 32.37
C SER I 564 -34.22 15.68 31.98
N THR I 565 -35.42 16.04 31.52
CA THR I 565 -36.39 15.03 31.14
C THR I 565 -35.89 14.21 29.96
N MET I 566 -35.32 14.87 28.94
CA MET I 566 -34.82 14.14 27.79
C MET I 566 -33.78 13.10 28.21
N THR I 567 -32.76 13.54 28.94
CA THR I 567 -31.68 12.62 29.28
C THR I 567 -32.16 11.53 30.22
N ASN I 568 -33.03 11.86 31.17
CA ASN I 568 -33.53 10.83 32.07
C ASN I 568 -34.36 9.79 31.33
N ARG I 569 -35.19 10.22 30.40
CA ARG I 569 -35.95 9.25 29.60
C ARG I 569 -35.00 8.29 28.93
N GLN I 570 -33.99 8.85 28.25
CA GLN I 570 -33.07 7.99 27.51
C GLN I 570 -32.35 7.02 28.44
N PHE I 571 -31.95 7.48 29.62
CA PHE I 571 -31.18 6.62 30.52
C PHE I 571 -32.02 5.54 31.17
N HIS I 572 -33.25 5.85 31.58
CA HIS I 572 -33.99 4.97 32.47
C HIS I 572 -35.18 4.26 31.85
N GLN I 573 -35.57 4.59 30.61
CA GLN I 573 -36.90 4.17 30.18
C GLN I 573 -37.06 2.66 30.12
N LYS I 574 -36.03 1.94 29.66
CA LYS I 574 -36.21 0.51 29.42
C LYS I 574 -36.53 -0.23 30.71
N LEU I 575 -35.82 0.08 31.79
CA LEU I 575 -36.08 -0.57 33.06
C LEU I 575 -37.46 -0.23 33.59
N LEU I 576 -37.89 1.02 33.40
CA LEU I 576 -39.21 1.42 33.90
C LEU I 576 -40.31 0.64 33.18
N LYS I 577 -40.19 0.49 31.86
CA LYS I 577 -41.15 -0.31 31.12
C LYS I 577 -41.12 -1.76 31.58
N SER I 578 -39.92 -2.32 31.79
CA SER I 578 -39.84 -3.70 32.22
C SER I 578 -40.50 -3.90 33.57
N ILE I 579 -40.33 -2.95 34.49
CA ILE I 579 -41.01 -3.05 35.78
C ILE I 579 -42.51 -2.97 35.59
N ALA I 580 -42.98 -2.05 34.75
CA ALA I 580 -44.41 -1.85 34.62
C ALA I 580 -45.09 -3.01 33.89
N ALA I 581 -44.33 -3.83 33.16
CA ALA I 581 -44.94 -4.91 32.42
C ALA I 581 -45.09 -6.18 33.27
N THR I 582 -44.11 -6.46 34.13
CA THR I 582 -44.11 -7.72 34.87
C THR I 582 -45.31 -7.82 35.79
N ARG I 583 -45.90 -9.01 35.85
CA ARG I 583 -47.05 -9.29 36.68
C ARG I 583 -46.68 -10.25 37.80
N GLY I 584 -47.32 -10.06 38.96
CA GLY I 584 -47.11 -10.95 40.08
C GLY I 584 -45.74 -10.88 40.70
N ALA I 585 -45.41 -9.75 41.32
CA ALA I 585 -44.13 -9.57 41.99
C ALA I 585 -44.35 -8.71 43.22
N THR I 586 -43.26 -8.22 43.81
CA THR I 586 -43.38 -7.41 45.00
C THR I 586 -43.83 -5.98 44.70
N VAL I 587 -43.44 -5.43 43.56
CA VAL I 587 -43.83 -4.09 43.16
C VAL I 587 -44.98 -4.20 42.19
N VAL I 588 -46.07 -3.49 42.46
CA VAL I 588 -47.31 -3.66 41.71
C VAL I 588 -47.62 -2.42 40.90
N ILE I 589 -46.59 -1.75 40.40
CA ILE I 589 -46.76 -0.58 39.55
C ILE I 589 -47.09 -1.06 38.14
N GLY I 590 -48.26 -0.67 37.64
CA GLY I 590 -48.69 -1.07 36.33
C GLY I 590 -49.62 -2.25 36.28
N THR I 591 -50.31 -2.57 37.37
CA THR I 591 -51.25 -3.69 37.40
C THR I 591 -52.64 -3.12 37.61
N SER I 592 -53.52 -3.34 36.63
CA SER I 592 -54.86 -2.78 36.69
C SER I 592 -55.66 -3.39 37.83
N LYS I 593 -56.56 -2.58 38.40
CA LYS I 593 -57.48 -3.12 39.38
C LYS I 593 -58.77 -3.63 38.76
N PHE I 594 -58.89 -3.59 37.44
CA PHE I 594 -60.06 -4.08 36.73
C PHE I 594 -59.83 -5.49 36.23
N TYR I 595 -60.92 -6.13 35.80
CA TYR I 595 -60.88 -7.47 35.23
C TYR I 595 -60.22 -8.46 36.18
N GLY I 596 -60.54 -8.34 37.45
CA GLY I 596 -60.06 -9.29 38.43
C GLY I 596 -58.60 -9.17 38.77
N GLY I 597 -57.92 -8.11 38.34
CA GLY I 597 -56.54 -7.92 38.74
C GLY I 597 -56.39 -7.72 40.24
N TRP I 598 -57.35 -7.02 40.84
CA TRP I 598 -57.30 -6.79 42.27
C TRP I 598 -57.30 -8.10 43.03
N HIS I 599 -58.13 -9.04 42.60
CA HIS I 599 -58.16 -10.34 43.24
C HIS I 599 -56.83 -11.06 43.09
N ASN I 600 -56.21 -10.99 41.93
CA ASN I 600 -54.94 -11.67 41.75
C ASN I 600 -53.86 -11.08 42.64
N MET I 601 -53.82 -9.76 42.79
CA MET I 601 -52.85 -9.17 43.70
C MET I 601 -53.09 -9.65 45.12
N LEU I 602 -54.34 -9.56 45.58
CA LEU I 602 -54.64 -9.96 46.94
C LEU I 602 -54.41 -11.45 47.18
N LYS I 603 -54.41 -12.26 46.11
CA LYS I 603 -54.08 -13.66 46.27
C LYS I 603 -52.58 -13.89 46.28
N THR I 604 -51.84 -13.11 45.48
CA THR I 604 -50.39 -13.29 45.44
C THR I 604 -49.75 -12.88 46.76
N VAL I 605 -50.25 -11.81 47.39
CA VAL I 605 -49.69 -11.45 48.69
C VAL I 605 -50.03 -12.52 49.73
N TYR I 606 -51.21 -13.12 49.63
CA TYR I 606 -51.62 -14.15 50.57
C TYR I 606 -50.92 -15.46 50.27
N SER I 607 -49.60 -15.47 50.23
CA SER I 607 -48.92 -16.73 49.96
C SER I 607 -48.99 -17.60 51.20
N ASP I 608 -48.17 -18.64 51.24
CA ASP I 608 -48.18 -19.60 52.35
C ASP I 608 -47.60 -18.97 53.61
N VAL I 609 -48.48 -18.43 54.45
CA VAL I 609 -48.10 -17.87 55.74
C VAL I 609 -48.95 -18.55 56.80
N GLU I 610 -48.29 -19.06 57.85
CA GLU I 610 -48.93 -20.04 58.74
C GLU I 610 -50.03 -19.41 59.59
N ASN I 611 -49.76 -18.27 60.22
CA ASN I 611 -50.72 -17.60 61.08
C ASN I 611 -50.90 -16.17 60.63
N PRO I 612 -51.42 -15.97 59.42
CA PRO I 612 -51.34 -14.65 58.80
C PRO I 612 -52.10 -13.58 59.55
N HIS I 613 -51.58 -12.36 59.47
CA HIS I 613 -52.27 -11.15 59.84
C HIS I 613 -51.94 -10.09 58.80
N LEU I 614 -52.66 -8.98 58.86
CA LEU I 614 -52.46 -7.90 57.91
C LEU I 614 -52.05 -6.63 58.64
N MET I 615 -51.07 -5.93 58.07
CA MET I 615 -50.36 -4.84 58.70
C MET I 615 -50.09 -3.75 57.67
N GLY I 616 -50.31 -2.50 58.04
CA GLY I 616 -49.98 -1.38 57.16
C GLY I 616 -49.65 -0.14 57.96
N TRP I 617 -48.80 0.71 57.39
CA TRP I 617 -48.26 1.85 58.11
C TRP I 617 -48.29 3.08 57.21
N ASP I 618 -47.83 4.21 57.75
CA ASP I 618 -47.95 5.50 57.10
C ASP I 618 -46.73 6.36 57.44
N TYR I 619 -46.20 7.01 56.43
CA TYR I 619 -44.98 7.82 56.56
C TYR I 619 -45.40 9.28 56.68
N PRO I 620 -45.17 9.94 57.80
CA PRO I 620 -45.51 11.36 57.91
C PRO I 620 -44.52 12.21 57.13
N LYS I 621 -45.03 12.96 56.14
CA LYS I 621 -44.22 13.87 55.34
C LYS I 621 -43.07 13.12 54.67
N CYS I 622 -43.45 12.19 53.79
CA CYS I 622 -42.46 11.34 53.15
C CYS I 622 -41.59 12.13 52.17
N ASP I 623 -42.20 13.03 51.41
CA ASP I 623 -41.44 13.75 50.39
C ASP I 623 -40.59 14.86 50.96
N ARG I 624 -41.04 15.49 52.04
CA ARG I 624 -40.31 16.61 52.61
C ARG I 624 -39.20 16.20 53.56
N ALA I 625 -39.16 14.94 53.99
CA ALA I 625 -38.25 14.58 55.08
C ALA I 625 -37.41 13.34 54.81
N MET I 626 -37.32 12.86 53.58
CA MET I 626 -36.50 11.71 53.29
C MET I 626 -35.02 12.11 53.34
N PRO I 627 -34.19 11.46 54.15
CA PRO I 627 -32.79 11.87 54.24
C PRO I 627 -32.04 11.50 52.97
N ASN I 628 -31.23 12.44 52.48
CA ASN I 628 -30.71 12.33 51.13
C ASN I 628 -29.77 11.13 50.96
N MET I 629 -29.26 10.55 52.03
CA MET I 629 -28.46 9.34 51.89
C MET I 629 -29.30 8.21 51.27
N LEU I 630 -30.53 8.06 51.74
CA LEU I 630 -31.39 7.02 51.18
C LEU I 630 -31.75 7.33 49.73
N ARG I 631 -31.88 8.61 49.37
CA ARG I 631 -32.15 8.92 47.97
C ARG I 631 -30.97 8.57 47.09
N ILE I 632 -29.75 8.82 47.56
CA ILE I 632 -28.57 8.43 46.80
C ILE I 632 -28.53 6.92 46.63
N MET I 633 -28.80 6.19 47.70
CA MET I 633 -28.78 4.74 47.60
C MET I 633 -29.85 4.22 46.66
N ALA I 634 -31.04 4.85 46.68
CA ALA I 634 -32.10 4.45 45.76
C ALA I 634 -31.69 4.67 44.33
N SER I 635 -31.03 5.80 44.04
CA SER I 635 -30.60 6.04 42.67
C SER I 635 -29.44 5.12 42.30
N LEU I 636 -28.73 4.60 43.29
CA LEU I 636 -27.66 3.65 43.00
C LEU I 636 -28.21 2.29 42.59
N VAL I 637 -29.27 1.84 43.26
CA VAL I 637 -29.83 0.52 42.96
C VAL I 637 -30.36 0.48 41.52
N LEU I 638 -31.06 1.53 41.10
CA LEU I 638 -31.64 1.54 39.76
C LEU I 638 -30.57 1.51 38.68
N ALA I 639 -29.34 1.92 39.02
CA ALA I 639 -28.31 2.01 38.00
C ALA I 639 -27.45 0.75 37.93
N ARG I 640 -27.74 -0.26 38.76
CA ARG I 640 -26.91 -1.45 38.75
C ARG I 640 -27.07 -2.25 37.46
N LYS I 641 -28.14 -1.97 36.72
CA LYS I 641 -28.41 -2.72 35.50
C LYS I 641 -27.41 -2.40 34.41
N HIS I 642 -26.75 -1.25 34.49
CA HIS I 642 -25.91 -0.74 33.43
C HIS I 642 -24.49 -1.29 33.50
N THR I 643 -24.33 -2.60 33.50
CA THR I 643 -23.00 -3.17 33.66
C THR I 643 -22.17 -3.00 32.39
N THR I 644 -22.81 -3.13 31.23
CA THR I 644 -22.10 -3.09 29.96
C THR I 644 -22.36 -1.84 29.15
N CYS I 645 -23.57 -1.29 29.20
CA CYS I 645 -23.90 -0.12 28.40
C CYS I 645 -23.14 1.13 28.83
N CYS I 646 -22.47 1.12 29.98
CA CYS I 646 -21.75 2.28 30.46
C CYS I 646 -20.52 1.82 31.22
N SER I 647 -19.53 2.72 31.29
CA SER I 647 -18.31 2.46 32.02
C SER I 647 -18.48 2.94 33.47
N LEU I 648 -17.38 3.14 34.18
CA LEU I 648 -17.48 3.59 35.56
C LEU I 648 -17.67 5.10 35.65
N SER I 649 -16.81 5.86 34.99
CA SER I 649 -16.89 7.31 35.06
C SER I 649 -18.22 7.81 34.51
N HIS I 650 -18.74 7.17 33.47
CA HIS I 650 -20.05 7.54 32.97
C HIS I 650 -21.12 7.35 34.03
N ARG I 651 -21.06 6.24 34.76
CA ARG I 651 -22.03 6.02 35.82
C ARG I 651 -21.93 7.10 36.87
N PHE I 652 -20.72 7.45 37.28
CA PHE I 652 -20.59 8.46 38.31
C PHE I 652 -21.13 9.79 37.84
N TYR I 653 -20.85 10.17 36.60
CA TYR I 653 -21.33 11.47 36.15
C TYR I 653 -22.83 11.49 35.97
N ARG I 654 -23.43 10.35 35.61
CA ARG I 654 -24.89 10.29 35.56
C ARG I 654 -25.48 10.48 36.96
N LEU I 655 -24.87 9.86 37.96
CA LEU I 655 -25.34 10.06 39.32
C LEU I 655 -25.17 11.52 39.76
N ALA I 656 -24.06 12.14 39.38
CA ALA I 656 -23.84 13.53 39.75
C ALA I 656 -24.88 14.44 39.11
N ASN I 657 -25.21 14.20 37.84
CA ASN I 657 -26.23 15.01 37.19
C ASN I 657 -27.58 14.82 37.87
N GLU I 658 -27.90 13.58 38.25
CA GLU I 658 -29.17 13.35 38.92
C GLU I 658 -29.25 14.12 40.23
N CYS I 659 -28.17 14.09 41.02
CA CYS I 659 -28.16 14.83 42.28
C CYS I 659 -28.19 16.33 42.06
N ALA I 660 -27.61 16.81 40.96
CA ALA I 660 -27.63 18.25 40.70
C ALA I 660 -28.97 18.72 40.17
N GLN I 661 -29.74 17.83 39.54
CA GLN I 661 -30.96 18.27 38.90
C GLN I 661 -32.21 18.03 39.75
N VAL I 662 -32.27 16.93 40.50
CA VAL I 662 -33.50 16.59 41.21
C VAL I 662 -33.34 16.61 42.73
N LEU I 663 -32.16 16.26 43.26
CA LEU I 663 -32.04 16.13 44.70
C LEU I 663 -31.97 17.48 45.41
N SER I 664 -30.93 18.27 45.14
CA SER I 664 -30.74 19.55 45.79
C SER I 664 -30.28 20.57 44.75
N GLU I 665 -31.14 21.52 44.42
CA GLU I 665 -30.86 22.49 43.37
C GLU I 665 -31.77 23.68 43.58
N MET I 666 -31.78 24.59 42.61
CA MET I 666 -32.39 25.90 42.77
C MET I 666 -33.85 25.84 42.38
N VAL I 667 -34.73 26.25 43.29
CA VAL I 667 -36.16 26.17 43.09
C VAL I 667 -36.70 27.59 42.92
N MET I 668 -37.40 27.84 41.83
CA MET I 668 -37.91 29.17 41.54
C MET I 668 -39.36 29.24 42.00
N CYS I 669 -39.57 29.77 43.20
CA CYS I 669 -40.90 29.90 43.75
C CYS I 669 -41.27 31.38 43.82
N GLY I 670 -42.51 31.69 43.44
CA GLY I 670 -42.90 33.08 43.36
C GLY I 670 -42.20 33.77 42.22
N GLY I 671 -41.25 34.64 42.53
CA GLY I 671 -40.49 35.31 41.48
C GLY I 671 -39.01 35.34 41.73
N SER I 672 -38.52 34.51 42.64
CA SER I 672 -37.12 34.53 43.06
C SER I 672 -36.57 33.11 43.02
N LEU I 673 -35.30 32.97 43.36
CA LEU I 673 -34.64 31.69 43.43
C LEU I 673 -34.33 31.34 44.88
N TYR I 674 -34.46 30.07 45.22
CA TYR I 674 -34.13 29.58 46.54
C TYR I 674 -33.25 28.35 46.37
N VAL I 675 -32.91 27.70 47.48
CA VAL I 675 -32.10 26.49 47.46
C VAL I 675 -32.84 25.39 48.17
N LYS I 676 -33.04 24.27 47.50
CA LYS I 676 -33.79 23.16 48.06
C LYS I 676 -32.85 22.28 48.87
N PRO I 677 -33.04 22.17 50.19
CA PRO I 677 -32.10 21.38 50.99
C PRO I 677 -32.09 19.90 50.64
N GLY I 678 -33.23 19.32 50.28
CA GLY I 678 -33.25 17.90 49.94
C GLY I 678 -34.67 17.40 49.78
N GLY I 679 -34.80 16.09 49.70
CA GLY I 679 -36.10 15.48 49.52
C GLY I 679 -36.52 15.40 48.07
N THR I 680 -37.40 14.46 47.75
CA THR I 680 -37.81 14.26 46.37
C THR I 680 -38.70 15.40 45.88
N SER I 681 -38.56 15.71 44.60
CA SER I 681 -39.50 16.60 43.94
C SER I 681 -40.71 15.78 43.52
N SER I 682 -41.56 16.34 42.67
CA SER I 682 -42.77 15.62 42.28
C SER I 682 -42.91 15.48 40.77
N GLY I 683 -42.28 16.38 40.02
CA GLY I 683 -42.51 16.43 38.59
C GLY I 683 -41.50 15.68 37.74
N ASP I 684 -40.71 14.81 38.35
CA ASP I 684 -39.78 14.02 37.55
C ASP I 684 -40.43 12.69 37.18
N ALA I 685 -39.67 11.79 36.56
CA ALA I 685 -40.24 10.57 36.02
C ALA I 685 -39.98 9.33 36.86
N THR I 686 -39.03 9.36 37.78
CA THR I 686 -38.66 8.18 38.54
C THR I 686 -39.00 8.30 40.02
N THR I 687 -39.98 9.10 40.38
CA THR I 687 -40.30 9.28 41.79
C THR I 687 -40.96 8.03 42.38
N ALA I 688 -41.90 7.44 41.65
CA ALA I 688 -42.63 6.30 42.21
C ALA I 688 -41.69 5.13 42.49
N TYR I 689 -40.80 4.83 41.55
CA TYR I 689 -39.87 3.72 41.75
C TYR I 689 -38.89 4.01 42.88
N ALA I 690 -38.39 5.24 42.98
CA ALA I 690 -37.49 5.58 44.07
C ALA I 690 -38.17 5.42 45.42
N ASN I 691 -39.44 5.87 45.51
CA ASN I 691 -40.15 5.70 46.77
C ASN I 691 -40.37 4.23 47.08
N SER I 692 -40.64 3.41 46.08
CA SER I 692 -40.82 1.99 46.35
C SER I 692 -39.55 1.37 46.91
N VAL I 693 -38.40 1.70 46.31
CA VAL I 693 -37.14 1.15 46.81
C VAL I 693 -36.89 1.61 48.24
N PHE I 694 -37.14 2.88 48.52
CA PHE I 694 -36.95 3.39 49.87
C PHE I 694 -37.84 2.66 50.86
N ASN I 695 -39.08 2.37 50.46
CA ASN I 695 -39.99 1.63 51.33
C ASN I 695 -39.46 0.25 51.66
N ILE I 696 -38.97 -0.46 50.65
CA ILE I 696 -38.44 -1.80 50.88
C ILE I 696 -37.26 -1.74 51.84
N CYS I 697 -36.39 -0.73 51.67
CA CYS I 697 -35.24 -0.61 52.56
C CYS I 697 -35.67 -0.39 54.00
N GLN I 698 -36.67 0.46 54.22
CA GLN I 698 -37.15 0.68 55.58
C GLN I 698 -37.65 -0.62 56.19
N ALA I 699 -38.44 -1.38 55.43
CA ALA I 699 -38.99 -2.62 55.96
C ALA I 699 -37.88 -3.62 56.32
N VAL I 700 -36.91 -3.80 55.42
CA VAL I 700 -35.86 -4.77 55.68
C VAL I 700 -35.04 -4.37 56.89
N THR I 701 -34.71 -3.08 57.02
CA THR I 701 -33.91 -2.69 58.17
C THR I 701 -34.70 -2.80 59.48
N ALA I 702 -36.02 -2.62 59.43
CA ALA I 702 -36.80 -2.88 60.63
C ALA I 702 -36.72 -4.34 61.02
N ASN I 703 -36.78 -5.24 60.03
CA ASN I 703 -36.67 -6.66 60.35
C ASN I 703 -35.32 -7.00 60.94
N VAL I 704 -34.24 -6.44 60.38
CA VAL I 704 -32.90 -6.72 60.90
C VAL I 704 -32.77 -6.22 62.32
N ASN I 705 -33.27 -5.01 62.60
CA ASN I 705 -33.17 -4.48 63.95
C ASN I 705 -33.98 -5.31 64.93
N ALA I 706 -35.16 -5.78 64.52
CA ALA I 706 -36.00 -6.55 65.43
C ALA I 706 -35.36 -7.87 65.78
N LEU I 707 -34.71 -8.52 64.82
CA LEU I 707 -34.14 -9.85 65.06
C LEU I 707 -32.95 -9.79 66.00
N LEU I 708 -32.11 -8.78 65.85
CA LEU I 708 -30.87 -8.70 66.63
C LEU I 708 -31.06 -8.16 67.99
N SER I 709 -32.24 -7.80 68.49
CA SER I 709 -32.37 -7.29 69.84
C SER I 709 -33.23 -8.23 70.68
N THR I 710 -33.04 -9.52 70.48
CA THR I 710 -33.76 -10.54 71.22
C THR I 710 -32.74 -11.42 71.93
N ASP I 711 -32.95 -11.69 73.21
CA ASP I 711 -32.04 -12.55 73.94
C ASP I 711 -31.98 -13.93 73.30
N GLY I 712 -30.78 -14.42 73.05
CA GLY I 712 -30.61 -15.69 72.41
C GLY I 712 -30.74 -16.90 73.30
N ASN I 713 -31.05 -16.69 74.59
CA ASN I 713 -31.17 -17.78 75.54
C ASN I 713 -32.57 -18.36 75.60
N LYS I 714 -33.53 -17.76 74.87
CA LYS I 714 -34.89 -18.29 74.91
C LYS I 714 -35.51 -18.40 73.52
N ILE I 715 -34.73 -18.64 72.48
CA ILE I 715 -35.26 -18.73 71.14
C ILE I 715 -35.82 -20.13 70.90
N ALA I 716 -36.51 -20.28 69.77
CA ALA I 716 -37.12 -21.53 69.35
C ALA I 716 -36.06 -22.48 68.82
N ASP I 717 -36.49 -23.47 68.05
CA ASP I 717 -35.58 -24.43 67.44
C ASP I 717 -34.31 -23.77 66.90
N LYS I 718 -33.20 -24.51 66.97
CA LYS I 718 -31.87 -23.98 66.70
C LYS I 718 -31.82 -23.08 65.46
N TYR I 719 -32.54 -23.46 64.40
CA TYR I 719 -32.40 -22.82 63.11
C TYR I 719 -32.33 -21.30 63.20
N VAL I 720 -33.32 -20.68 63.84
CA VAL I 720 -33.39 -19.23 63.86
C VAL I 720 -32.27 -18.64 64.70
N ARG I 721 -31.90 -19.30 65.80
CA ARG I 721 -30.85 -18.76 66.66
C ARG I 721 -29.50 -18.83 65.98
N ASN I 722 -29.24 -19.93 65.28
CA ASN I 722 -28.06 -20.02 64.42
C ASN I 722 -28.08 -18.93 63.36
N LEU I 723 -29.27 -18.65 62.81
CA LEU I 723 -29.39 -17.59 61.82
C LEU I 723 -29.01 -16.24 62.41
N GLN I 724 -29.45 -15.97 63.64
CA GLN I 724 -29.11 -14.71 64.28
C GLN I 724 -27.60 -14.58 64.47
N HIS I 725 -26.97 -15.66 64.90
CA HIS I 725 -25.51 -15.63 65.08
C HIS I 725 -24.80 -15.34 63.76
N ARG I 726 -25.17 -16.08 62.72
CA ARG I 726 -24.56 -15.88 61.42
C ARG I 726 -24.81 -14.46 60.92
N LEU I 727 -25.99 -13.91 61.24
CA LEU I 727 -26.33 -12.56 60.81
C LEU I 727 -25.41 -11.53 61.43
N TYR I 728 -25.22 -11.60 62.75
CA TYR I 728 -24.32 -10.65 63.39
C TYR I 728 -22.92 -10.75 62.81
N GLU I 729 -22.46 -11.98 62.58
CA GLU I 729 -21.13 -12.12 62.00
C GLU I 729 -21.05 -11.45 60.64
N CYS I 730 -21.97 -11.77 59.73
CA CYS I 730 -21.95 -11.21 58.39
C CYS I 730 -22.19 -9.72 58.37
N LEU I 731 -22.74 -9.16 59.44
CA LEU I 731 -22.97 -7.72 59.51
C LEU I 731 -21.74 -6.96 59.97
N TYR I 732 -21.16 -7.33 61.11
CA TYR I 732 -20.12 -6.51 61.72
C TYR I 732 -18.72 -7.08 61.66
N ARG I 733 -18.55 -8.37 61.38
CA ARG I 733 -17.22 -8.98 61.39
C ARG I 733 -16.66 -9.16 59.99
N ASN I 734 -17.36 -9.91 59.15
CA ASN I 734 -16.88 -10.12 57.78
C ASN I 734 -16.88 -8.80 57.02
N ARG I 735 -15.86 -8.61 56.19
CA ARG I 735 -15.67 -7.35 55.49
C ARG I 735 -16.40 -7.30 54.16
N ASP I 736 -16.21 -8.30 53.30
CA ASP I 736 -16.80 -8.28 51.98
C ASP I 736 -18.15 -9.00 52.01
N VAL I 737 -18.80 -9.11 50.86
CA VAL I 737 -20.15 -9.64 50.75
C VAL I 737 -20.11 -11.15 50.81
N ASP I 738 -21.21 -11.75 51.26
CA ASP I 738 -21.36 -13.20 51.38
C ASP I 738 -22.68 -13.58 50.71
N THR I 739 -22.59 -14.24 49.55
CA THR I 739 -23.77 -14.40 48.71
C THR I 739 -24.78 -15.38 49.32
N ASP I 740 -24.29 -16.53 49.79
CA ASP I 740 -25.21 -17.59 50.20
C ASP I 740 -26.10 -17.15 51.34
N PHE I 741 -25.53 -16.48 52.34
CA PHE I 741 -26.34 -16.04 53.46
C PHE I 741 -27.34 -14.98 53.05
N VAL I 742 -26.97 -14.15 52.06
CA VAL I 742 -27.92 -13.19 51.52
C VAL I 742 -29.12 -13.92 50.93
N ASN I 743 -28.86 -14.97 50.12
CA ASN I 743 -29.95 -15.74 49.56
C ASN I 743 -30.81 -16.37 50.66
N GLU I 744 -30.16 -16.91 51.68
CA GLU I 744 -30.89 -17.56 52.76
C GLU I 744 -31.80 -16.59 53.50
N PHE I 745 -31.28 -15.40 53.83
CA PHE I 745 -32.09 -14.42 54.53
C PHE I 745 -33.23 -13.91 53.66
N TYR I 746 -32.98 -13.71 52.37
CA TYR I 746 -34.04 -13.29 51.47
C TYR I 746 -35.14 -14.34 51.41
N ALA I 747 -34.77 -15.61 51.36
CA ALA I 747 -35.77 -16.68 51.36
C ALA I 747 -36.56 -16.69 52.66
N TYR I 748 -35.89 -16.49 53.79
CA TYR I 748 -36.59 -16.45 55.07
C TYR I 748 -37.62 -15.32 55.10
N LEU I 749 -37.22 -14.14 54.61
CA LEU I 749 -38.16 -13.02 54.55
C LEU I 749 -39.34 -13.34 53.65
N ARG I 750 -39.07 -13.93 52.48
CA ARG I 750 -40.17 -14.32 51.60
C ARG I 750 -41.10 -15.32 52.30
N LYS I 751 -40.55 -16.16 53.15
CA LYS I 751 -41.37 -17.17 53.82
C LYS I 751 -42.29 -16.54 54.85
N HIS I 752 -41.78 -15.60 55.65
CA HIS I 752 -42.55 -15.13 56.79
C HIS I 752 -42.85 -13.64 56.76
N PHE I 753 -42.63 -12.97 55.64
CA PHE I 753 -42.91 -11.53 55.53
C PHE I 753 -43.12 -11.20 54.07
N SER I 754 -44.37 -11.12 53.65
CA SER I 754 -44.70 -10.88 52.24
C SER I 754 -45.23 -9.46 52.09
N MET I 755 -44.76 -8.78 51.05
CA MET I 755 -45.08 -7.37 50.84
C MET I 755 -45.66 -7.16 49.45
N MET I 756 -46.66 -6.30 49.35
CA MET I 756 -47.05 -5.67 48.11
C MET I 756 -46.79 -4.17 48.26
N ILE I 757 -46.18 -3.57 47.26
CA ILE I 757 -45.59 -2.25 47.41
C ILE I 757 -45.97 -1.38 46.22
N LEU I 758 -46.61 -0.25 46.49
CA LEU I 758 -46.66 0.89 45.59
C LEU I 758 -45.71 1.95 46.11
N SER I 759 -45.69 3.11 45.46
CA SER I 759 -44.91 4.20 46.01
C SER I 759 -45.44 4.54 47.40
N ASP I 760 -44.58 4.33 48.40
CA ASP I 760 -44.80 4.61 49.83
C ASP I 760 -46.16 4.17 50.37
N ASP I 761 -46.74 3.13 49.81
CA ASP I 761 -47.96 2.53 50.35
C ASP I 761 -47.80 1.02 50.36
N ALA I 762 -47.94 0.41 51.52
CA ALA I 762 -47.56 -0.99 51.69
C ALA I 762 -48.63 -1.77 52.44
N VAL I 763 -48.72 -3.06 52.11
CA VAL I 763 -49.53 -4.02 52.83
C VAL I 763 -48.68 -5.25 53.07
N VAL I 764 -48.69 -5.75 54.30
CA VAL I 764 -47.78 -6.81 54.73
C VAL I 764 -48.60 -7.93 55.37
N CYS I 765 -48.39 -9.15 54.90
CA CYS I 765 -49.00 -10.35 55.47
C CYS I 765 -47.90 -11.13 56.18
N PHE I 766 -47.98 -11.22 57.50
CA PHE I 766 -46.85 -11.72 58.26
C PHE I 766 -47.30 -12.77 59.26
N ASN I 767 -46.42 -13.73 59.50
CA ASN I 767 -46.69 -14.80 60.46
C ASN I 767 -46.77 -14.21 61.86
N SER I 768 -47.84 -14.53 62.58
CA SER I 768 -48.11 -13.86 63.84
C SER I 768 -47.38 -14.49 65.02
N THR I 769 -47.25 -15.81 65.05
CA THR I 769 -46.61 -16.44 66.19
C THR I 769 -45.13 -16.10 66.27
N TYR I 770 -44.47 -15.94 65.12
CA TYR I 770 -43.09 -15.46 65.11
C TYR I 770 -43.02 -14.05 65.68
N ALA I 771 -43.86 -13.15 65.17
CA ALA I 771 -43.85 -11.78 65.66
C ALA I 771 -44.23 -11.70 67.12
N SER I 772 -44.83 -12.74 67.67
CA SER I 772 -45.11 -12.75 69.10
C SER I 772 -43.82 -12.76 69.91
N GLN I 773 -42.83 -13.53 69.50
CA GLN I 773 -41.56 -13.59 70.19
C GLN I 773 -40.54 -12.58 69.67
N GLY I 774 -40.94 -11.70 68.76
CA GLY I 774 -40.00 -10.75 68.22
C GLY I 774 -38.93 -11.38 67.34
N LEU I 775 -39.34 -12.20 66.39
CA LEU I 775 -38.45 -12.71 65.36
C LEU I 775 -38.73 -12.09 64.00
N VAL I 776 -39.80 -11.30 63.87
CA VAL I 776 -40.03 -10.48 62.70
C VAL I 776 -40.57 -9.14 63.16
N ALA I 777 -40.87 -8.26 62.22
CA ALA I 777 -41.16 -6.87 62.54
C ALA I 777 -42.51 -6.73 63.23
N SER I 778 -42.72 -5.55 63.80
CA SER I 778 -44.02 -5.10 64.33
C SER I 778 -44.00 -3.60 64.34
N ILE I 779 -45.12 -3.01 64.74
CA ILE I 779 -45.28 -1.57 64.54
C ILE I 779 -44.33 -0.80 65.43
N LYS I 780 -43.96 -1.37 66.58
CA LYS I 780 -43.00 -0.69 67.45
C LYS I 780 -41.62 -0.62 66.80
N ASN I 781 -41.21 -1.68 66.10
CA ASN I 781 -39.93 -1.62 65.40
C ASN I 781 -39.95 -0.53 64.33
N PHE I 782 -41.06 -0.40 63.60
CA PHE I 782 -41.13 0.63 62.58
C PHE I 782 -41.07 2.01 63.23
N LYS I 783 -41.77 2.19 64.34
CA LYS I 783 -41.72 3.49 65.00
C LYS I 783 -40.30 3.84 65.38
N SER I 784 -39.57 2.89 65.95
CA SER I 784 -38.19 3.17 66.35
C SER I 784 -37.30 3.48 65.15
N VAL I 785 -37.44 2.69 64.07
CA VAL I 785 -36.61 2.91 62.89
C VAL I 785 -36.86 4.29 62.32
N LEU I 786 -38.14 4.68 62.19
CA LEU I 786 -38.42 6.00 61.66
C LEU I 786 -37.90 7.09 62.58
N TYR I 787 -38.00 6.89 63.88
CA TYR I 787 -37.55 7.93 64.80
C TYR I 787 -36.05 8.17 64.67
N TYR I 788 -35.26 7.11 64.52
CA TYR I 788 -33.82 7.37 64.46
C TYR I 788 -33.26 7.47 63.04
N GLN I 789 -34.05 7.22 62.01
CA GLN I 789 -33.53 7.28 60.65
C GLN I 789 -34.21 8.31 59.77
N ASN I 790 -35.33 8.89 60.21
CA ASN I 790 -36.01 9.89 59.41
C ASN I 790 -36.33 11.16 60.18
N ASN I 791 -36.11 11.18 61.49
CA ASN I 791 -36.41 12.35 62.30
C ASN I 791 -37.88 12.72 62.30
N VAL I 792 -38.76 11.72 62.20
CA VAL I 792 -40.19 11.94 62.39
C VAL I 792 -40.72 10.85 63.30
N PHE I 793 -41.83 11.14 63.98
CA PHE I 793 -42.39 10.25 64.97
C PHE I 793 -43.74 9.73 64.48
N MET I 794 -43.76 8.48 64.02
CA MET I 794 -45.00 7.86 63.58
C MET I 794 -45.89 7.63 64.79
N SER I 795 -47.08 8.20 64.77
CA SER I 795 -48.05 7.96 65.84
C SER I 795 -48.84 6.70 65.53
N GLU I 796 -48.89 5.77 66.48
CA GLU I 796 -49.46 4.46 66.20
C GLU I 796 -50.97 4.51 65.96
N ALA I 797 -51.63 5.63 66.24
CA ALA I 797 -53.05 5.74 65.95
C ALA I 797 -53.35 5.79 64.45
N LYS I 798 -52.33 5.93 63.62
CA LYS I 798 -52.51 6.03 62.18
C LYS I 798 -52.44 4.69 61.47
N CYS I 799 -51.65 3.75 61.99
CA CYS I 799 -51.53 2.44 61.38
C CYS I 799 -52.74 1.57 61.75
N TRP I 800 -52.86 0.42 61.09
CA TRP I 800 -53.95 -0.50 61.34
C TRP I 800 -53.44 -1.93 61.32
N THR I 801 -54.09 -2.78 62.10
CA THR I 801 -53.72 -4.19 62.21
C THR I 801 -54.97 -5.03 62.07
N GLU I 802 -54.94 -5.98 61.14
CA GLU I 802 -56.11 -6.78 60.83
C GLU I 802 -55.81 -8.25 61.11
N THR I 803 -56.69 -8.88 61.90
CA THR I 803 -56.50 -10.26 62.31
C THR I 803 -57.20 -11.25 61.38
N ASP I 804 -58.35 -10.88 60.84
CA ASP I 804 -59.09 -11.76 59.95
C ASP I 804 -58.54 -11.66 58.53
N LEU I 805 -58.78 -12.71 57.74
CA LEU I 805 -58.40 -12.71 56.34
C LEU I 805 -59.55 -12.78 55.36
N THR I 806 -60.78 -13.01 55.81
CA THR I 806 -61.91 -12.97 54.89
C THR I 806 -61.96 -11.58 54.28
N LYS I 807 -62.30 -10.58 55.08
CA LYS I 807 -62.16 -9.21 54.65
C LYS I 807 -60.69 -8.91 54.43
N GLY I 808 -60.39 -8.16 53.37
CA GLY I 808 -59.03 -7.92 52.98
C GLY I 808 -58.40 -6.79 53.75
N PRO I 809 -57.50 -6.07 53.10
CA PRO I 809 -56.85 -4.94 53.75
C PRO I 809 -57.87 -3.88 54.14
N HIS I 810 -57.64 -3.25 55.29
CA HIS I 810 -58.55 -2.22 55.76
C HIS I 810 -58.63 -1.05 54.79
N GLU I 811 -57.52 -0.69 54.17
CA GLU I 811 -57.48 0.41 53.21
C GLU I 811 -56.17 0.43 52.45
N PHE I 812 -56.23 0.56 51.13
CA PHE I 812 -55.02 0.52 50.31
C PHE I 812 -55.30 1.26 49.03
N CYS I 813 -54.52 2.30 48.74
CA CYS I 813 -54.77 3.20 47.62
C CYS I 813 -56.14 3.83 47.72
N SER I 814 -56.53 4.18 48.94
CA SER I 814 -57.82 4.82 49.22
C SER I 814 -58.99 3.97 48.74
N GLN I 815 -58.85 2.66 48.78
CA GLN I 815 -59.92 1.73 48.47
C GLN I 815 -60.17 0.81 49.65
N HIS I 816 -61.43 0.55 49.93
CA HIS I 816 -61.83 -0.48 50.87
C HIS I 816 -62.10 -1.75 50.08
N THR I 817 -61.79 -2.90 50.68
CA THR I 817 -61.99 -4.16 49.99
C THR I 817 -63.09 -4.97 50.64
N MET I 818 -63.92 -5.62 49.82
CA MET I 818 -65.04 -6.43 50.26
C MET I 818 -65.03 -7.73 49.49
N LEU I 819 -65.64 -8.77 50.06
CA LEU I 819 -65.70 -10.10 49.45
C LEU I 819 -67.15 -10.43 49.15
N VAL I 820 -67.45 -10.67 47.87
CA VAL I 820 -68.82 -10.94 47.44
C VAL I 820 -68.83 -12.14 46.51
N LYS I 821 -70.02 -12.73 46.37
CA LYS I 821 -70.25 -13.88 45.51
C LYS I 821 -70.48 -13.41 44.08
N GLN I 822 -69.53 -13.74 43.20
CA GLN I 822 -69.64 -13.40 41.80
C GLN I 822 -69.64 -14.68 40.97
N GLY I 823 -70.61 -14.81 40.08
CA GLY I 823 -70.77 -16.03 39.32
C GLY I 823 -71.07 -17.22 40.20
N ASP I 824 -70.09 -18.11 40.35
CA ASP I 824 -70.24 -19.30 41.17
C ASP I 824 -69.40 -19.33 42.44
N ASP I 825 -68.53 -18.35 42.65
CA ASP I 825 -67.60 -18.36 43.76
C ASP I 825 -67.51 -16.96 44.34
N TYR I 826 -66.53 -16.74 45.21
CA TYR I 826 -66.36 -15.47 45.91
C TYR I 826 -65.07 -14.80 45.48
N VAL I 827 -65.13 -13.49 45.26
CA VAL I 827 -63.98 -12.72 44.82
C VAL I 827 -63.94 -11.41 45.60
N TYR I 828 -62.80 -10.73 45.51
CA TYR I 828 -62.58 -9.47 46.18
C TYR I 828 -62.84 -8.30 45.25
N LEU I 829 -63.63 -7.35 45.72
CA LEU I 829 -64.01 -6.19 44.92
C LEU I 829 -63.62 -4.90 45.63
N PRO I 830 -62.83 -4.06 44.99
CA PRO I 830 -62.44 -2.80 45.63
C PRO I 830 -63.50 -1.74 45.48
N TYR I 831 -63.94 -1.15 46.58
CA TYR I 831 -64.92 -0.11 46.38
C TYR I 831 -64.46 1.19 47.04
N PRO I 832 -64.80 2.33 46.47
CA PRO I 832 -64.33 3.61 47.00
C PRO I 832 -65.26 4.19 48.04
N ASP I 833 -64.77 5.23 48.71
CA ASP I 833 -65.59 5.97 49.64
C ASP I 833 -66.71 6.67 48.87
N PRO I 834 -67.92 6.71 49.41
CA PRO I 834 -69.05 7.28 48.66
C PRO I 834 -69.01 8.79 48.57
N SER I 835 -68.66 9.42 49.70
CA SER I 835 -68.66 10.88 49.76
C SER I 835 -67.79 11.49 48.69
N ARG I 836 -66.67 10.84 48.38
CA ARG I 836 -65.79 11.37 47.35
C ARG I 836 -66.46 11.36 45.98
N ILE I 837 -67.17 10.28 45.66
CA ILE I 837 -67.86 10.21 44.38
C ILE I 837 -68.96 11.28 44.30
N LEU I 838 -69.74 11.43 45.37
CA LEU I 838 -70.77 12.46 45.36
C LEU I 838 -70.16 13.86 45.19
N GLY I 839 -69.07 14.13 45.90
CA GLY I 839 -68.43 15.42 45.77
C GLY I 839 -67.91 15.67 44.38
N ALA I 840 -67.31 14.65 43.76
CA ALA I 840 -66.88 14.80 42.37
C ALA I 840 -68.05 15.07 41.46
N GLY I 841 -69.22 14.53 41.80
CA GLY I 841 -70.41 14.83 41.01
C GLY I 841 -70.84 16.28 41.14
N CYS I 842 -70.87 16.80 42.36
CA CYS I 842 -71.44 18.13 42.57
C CYS I 842 -70.50 19.26 42.16
N PHE I 843 -69.33 19.36 42.78
CA PHE I 843 -68.44 20.49 42.55
C PHE I 843 -67.48 20.23 41.40
N VAL I 844 -67.36 21.20 40.50
CA VAL I 844 -66.42 21.12 39.39
C VAL I 844 -65.87 22.48 39.02
N ASP I 845 -65.01 22.51 38.01
CA ASP I 845 -64.58 23.74 37.36
C ASP I 845 -65.71 24.23 36.47
N ASP I 846 -65.54 25.32 35.73
CA ASP I 846 -66.63 25.81 34.90
C ASP I 846 -66.69 25.05 33.60
N ILE I 847 -67.90 25.05 33.01
CA ILE I 847 -68.25 24.45 31.72
C ILE I 847 -67.86 22.99 31.59
N VAL I 848 -66.89 22.53 32.38
CA VAL I 848 -66.58 21.09 32.40
C VAL I 848 -67.82 20.33 32.83
N LYS I 849 -68.48 20.81 33.88
CA LYS I 849 -69.76 20.23 34.26
C LYS I 849 -70.75 21.26 34.77
N THR I 850 -70.63 22.53 34.37
CA THR I 850 -71.66 23.48 34.75
C THR I 850 -73.00 23.09 34.16
N ASP I 851 -72.98 22.37 33.05
CA ASP I 851 -74.19 21.84 32.41
C ASP I 851 -73.80 20.51 31.77
N GLY I 852 -74.32 19.41 32.32
CA GLY I 852 -73.83 18.10 31.97
C GLY I 852 -74.13 17.65 30.54
N THR I 853 -75.13 18.26 29.90
CA THR I 853 -75.57 17.78 28.59
C THR I 853 -74.45 17.84 27.56
N LEU I 854 -73.48 18.72 27.76
CA LEU I 854 -72.36 18.84 26.83
C LEU I 854 -71.38 17.69 27.00
N MET I 855 -71.23 17.18 28.22
CA MET I 855 -70.20 16.20 28.53
C MET I 855 -70.86 15.10 29.37
N ILE I 856 -71.12 13.95 28.75
CA ILE I 856 -71.81 12.87 29.44
C ILE I 856 -70.82 11.78 29.86
N GLU I 857 -69.70 11.67 29.16
CA GLU I 857 -68.72 10.65 29.48
C GLU I 857 -68.17 10.80 30.89
N ARG I 858 -68.27 12.00 31.45
CA ARG I 858 -67.94 12.19 32.85
C ARG I 858 -68.74 11.26 33.75
N PHE I 859 -70.06 11.23 33.55
CA PHE I 859 -70.91 10.45 34.43
C PHE I 859 -70.81 8.96 34.12
N VAL I 860 -70.48 8.59 32.88
CA VAL I 860 -70.20 7.19 32.59
C VAL I 860 -68.96 6.75 33.35
N SER I 861 -67.91 7.59 33.34
CA SER I 861 -66.67 7.21 33.99
C SER I 861 -66.82 7.21 35.51
N LEU I 862 -67.60 8.13 36.05
CA LEU I 862 -67.82 8.14 37.50
C LEU I 862 -68.57 6.89 37.95
N ALA I 863 -69.61 6.51 37.21
CA ALA I 863 -70.48 5.43 37.67
C ALA I 863 -69.76 4.09 37.63
N ILE I 864 -68.75 3.94 36.77
CA ILE I 864 -67.99 2.70 36.76
C ILE I 864 -67.34 2.47 38.10
N ASP I 865 -66.76 3.51 38.68
CA ASP I 865 -66.06 3.40 39.95
C ASP I 865 -67.00 3.22 41.13
N ALA I 866 -68.28 3.53 40.96
CA ALA I 866 -69.24 3.37 42.03
C ALA I 866 -70.04 2.08 41.94
N TYR I 867 -69.75 1.22 40.96
CA TYR I 867 -70.50 -0.02 40.85
C TYR I 867 -70.33 -0.94 42.05
N PRO I 868 -69.12 -1.23 42.55
CA PRO I 868 -69.01 -2.16 43.67
C PRO I 868 -69.76 -1.73 44.90
N LEU I 869 -70.21 -0.49 44.97
CA LEU I 869 -71.07 -0.07 46.07
C LEU I 869 -72.40 -0.79 46.06
N THR I 870 -72.77 -1.44 44.96
CA THR I 870 -74.05 -2.12 44.89
C THR I 870 -74.13 -3.30 45.85
N LYS I 871 -73.07 -4.11 45.90
CA LYS I 871 -73.11 -5.35 46.67
C LYS I 871 -72.95 -5.10 48.17
N HIS I 872 -72.74 -3.86 48.55
CA HIS I 872 -72.47 -3.57 49.95
C HIS I 872 -73.69 -3.92 50.81
N PRO I 873 -73.47 -4.40 52.02
CA PRO I 873 -74.60 -4.72 52.90
C PRO I 873 -75.48 -3.51 53.19
N ASN I 874 -74.88 -2.42 53.66
CA ASN I 874 -75.65 -1.19 53.79
C ASN I 874 -76.15 -0.76 52.42
N GLN I 875 -77.43 -0.37 52.36
CA GLN I 875 -78.10 -0.20 51.08
C GLN I 875 -77.99 1.21 50.51
N GLU I 876 -77.57 2.19 51.30
CA GLU I 876 -77.45 3.55 50.77
C GLU I 876 -76.53 3.60 49.56
N TYR I 877 -75.50 2.77 49.55
CA TYR I 877 -74.55 2.80 48.45
C TYR I 877 -75.18 2.28 47.16
N ALA I 878 -76.08 1.31 47.30
CA ALA I 878 -76.91 0.95 46.15
C ALA I 878 -77.69 2.15 45.65
N ASP I 879 -78.16 2.99 46.57
CA ASP I 879 -78.88 4.20 46.15
C ASP I 879 -77.95 5.14 45.41
N VAL I 880 -76.69 5.24 45.81
CA VAL I 880 -75.75 6.08 45.09
C VAL I 880 -75.61 5.61 43.65
N PHE I 881 -75.38 4.31 43.47
CA PHE I 881 -75.23 3.78 42.12
C PHE I 881 -76.48 4.00 41.29
N HIS I 882 -77.65 3.74 41.87
CA HIS I 882 -78.89 3.94 41.13
C HIS I 882 -79.11 5.40 40.78
N LEU I 883 -78.73 6.32 41.67
CA LEU I 883 -78.86 7.73 41.36
C LEU I 883 -78.03 8.09 40.15
N TYR I 884 -76.81 7.57 40.08
CA TYR I 884 -75.98 7.88 38.92
C TYR I 884 -76.59 7.32 37.64
N LEU I 885 -77.15 6.11 37.70
CA LEU I 885 -77.78 5.54 36.51
C LEU I 885 -78.96 6.38 36.05
N GLN I 886 -79.83 6.77 36.99
CA GLN I 886 -80.98 7.58 36.61
C GLN I 886 -80.56 8.91 36.04
N TYR I 887 -79.50 9.52 36.59
CA TYR I 887 -79.06 10.79 36.04
C TYR I 887 -78.54 10.63 34.63
N ILE I 888 -77.80 9.55 34.35
CA ILE I 888 -77.35 9.32 32.98
C ILE I 888 -78.55 9.19 32.05
N ARG I 889 -79.56 8.43 32.48
CA ARG I 889 -80.74 8.26 31.65
C ARG I 889 -81.40 9.60 31.34
N LYS I 890 -81.61 10.42 32.38
CA LYS I 890 -82.29 11.69 32.18
C LYS I 890 -81.49 12.60 31.26
N LEU I 891 -80.18 12.67 31.47
CA LEU I 891 -79.35 13.52 30.62
C LEU I 891 -79.43 13.09 29.17
N HIS I 892 -79.31 11.79 28.92
CA HIS I 892 -79.29 11.32 27.54
C HIS I 892 -80.63 11.58 26.86
N ASP I 893 -81.74 11.27 27.55
CA ASP I 893 -83.04 11.50 26.94
C ASP I 893 -83.28 12.98 26.68
N GLU I 894 -82.92 13.84 27.63
CA GLU I 894 -83.16 15.26 27.41
C GLU I 894 -82.28 15.79 26.30
N LEU I 895 -81.04 15.32 26.17
CA LEU I 895 -80.22 15.75 25.05
C LEU I 895 -80.85 15.38 23.72
N THR I 896 -81.30 14.12 23.60
CA THR I 896 -81.92 13.71 22.35
C THR I 896 -83.17 14.52 22.06
N GLY I 897 -84.01 14.77 23.07
CA GLY I 897 -85.21 15.55 22.84
C GLY I 897 -84.90 16.98 22.42
N HIS I 898 -83.99 17.62 23.15
CA HIS I 898 -83.62 18.99 22.84
C HIS I 898 -83.04 19.11 21.44
N MET I 899 -82.15 18.20 21.08
CA MET I 899 -81.49 18.27 19.78
C MET I 899 -82.38 17.74 18.67
N LEU I 900 -83.46 17.03 19.00
CA LEU I 900 -84.39 16.57 17.99
C LEU I 900 -85.52 17.57 17.75
N ASP I 901 -85.77 18.45 18.71
CA ASP I 901 -86.79 19.47 18.52
C ASP I 901 -86.18 20.76 17.95
N MET I 902 -85.21 21.34 18.66
CA MET I 902 -84.57 22.54 18.14
C MET I 902 -83.89 22.29 16.81
N TYR I 903 -83.26 21.13 16.62
CA TYR I 903 -82.76 20.77 15.31
C TYR I 903 -83.60 19.58 14.85
N SER I 904 -83.27 18.98 13.69
CA SER I 904 -84.21 18.13 12.99
C SER I 904 -84.09 16.63 13.26
N VAL I 905 -82.97 16.01 12.89
CA VAL I 905 -82.90 14.56 12.82
C VAL I 905 -81.58 14.03 13.39
N MET I 906 -81.70 13.21 14.43
CA MET I 906 -80.55 12.50 14.99
C MET I 906 -80.78 11.01 14.91
N LEU I 907 -81.97 10.57 15.31
CA LEU I 907 -82.19 9.22 15.80
C LEU I 907 -82.50 8.27 14.65
N THR I 908 -81.60 7.34 14.40
CA THR I 908 -81.74 6.25 13.46
C THR I 908 -81.37 4.91 14.08
N ASN I 909 -80.42 4.89 15.00
CA ASN I 909 -80.05 3.73 15.80
C ASN I 909 -79.66 4.19 17.19
N ASP I 910 -80.09 3.43 18.21
CA ASP I 910 -79.86 3.89 19.57
C ASP I 910 -78.45 3.60 20.06
N ASN I 911 -78.14 2.31 20.27
CA ASN I 911 -76.83 1.85 20.69
C ASN I 911 -76.40 2.49 22.01
N THR I 912 -77.27 3.31 22.61
CA THR I 912 -76.95 3.96 23.86
C THR I 912 -77.86 3.54 24.99
N SER I 913 -78.66 2.49 24.80
CA SER I 913 -79.39 1.93 25.93
C SER I 913 -78.42 1.42 26.99
N ARG I 914 -77.37 0.74 26.54
CA ARG I 914 -76.41 0.05 27.39
C ARG I 914 -75.94 0.88 28.58
N TYR I 915 -75.96 2.21 28.44
CA TYR I 915 -75.47 3.07 29.51
C TYR I 915 -76.49 3.24 30.62
N TRP I 916 -77.56 2.45 30.64
CA TRP I 916 -78.43 2.46 31.80
C TRP I 916 -78.90 1.06 32.17
N GLU I 917 -78.06 0.06 31.94
CA GLU I 917 -78.30 -1.26 32.51
C GLU I 917 -77.00 -1.80 33.08
N PRO I 918 -77.04 -2.43 34.24
CA PRO I 918 -75.81 -2.85 34.91
C PRO I 918 -75.04 -3.93 34.17
N GLU I 919 -75.56 -4.42 33.05
CA GLU I 919 -74.86 -5.45 32.29
C GLU I 919 -73.53 -4.94 31.76
N PHE I 920 -73.49 -3.69 31.30
CA PHE I 920 -72.24 -3.14 30.78
C PHE I 920 -71.22 -2.89 31.88
N TYR I 921 -71.68 -2.40 33.03
CA TYR I 921 -70.77 -2.09 34.13
C TYR I 921 -70.17 -3.36 34.71
N GLU I 922 -71.00 -4.38 34.92
CA GLU I 922 -70.53 -5.60 35.58
C GLU I 922 -69.49 -6.33 34.75
N ALA I 923 -69.41 -6.07 33.45
CA ALA I 923 -68.37 -6.68 32.64
C ALA I 923 -66.99 -6.19 33.04
N MET I 924 -66.93 -5.05 33.74
CA MET I 924 -65.65 -4.48 34.11
C MET I 924 -64.93 -5.35 35.13
N TYR I 925 -65.65 -6.18 35.87
CA TYR I 925 -65.07 -6.97 36.95
C TYR I 925 -65.11 -8.46 36.70
N THR I 926 -65.53 -8.90 35.52
CA THR I 926 -65.48 -10.31 35.19
C THR I 926 -64.13 -10.67 34.61
N PRO I 927 -63.42 -11.64 35.16
CA PRO I 927 -62.04 -11.87 34.74
C PRO I 927 -61.88 -12.44 33.35
N HIS I 928 -62.20 -11.65 32.32
CA HIS I 928 -61.88 -12.05 30.95
C HIS I 928 -61.96 -10.83 30.06
N THR I 929 -60.85 -10.51 29.39
CA THR I 929 -60.83 -9.44 28.41
C THR I 929 -59.68 -9.63 27.43
N PHE J 6 -61.96 10.04 -11.64
CA PHE J 6 -61.55 9.39 -12.87
C PHE J 6 -62.62 9.54 -13.95
N SER J 7 -62.41 10.47 -14.88
CA SER J 7 -63.39 10.72 -15.93
C SER J 7 -62.76 10.69 -17.32
N SER J 8 -61.49 11.08 -17.42
CA SER J 8 -60.80 11.20 -18.70
C SER J 8 -59.59 10.26 -18.68
N LEU J 9 -59.82 9.01 -19.06
CA LEU J 9 -58.81 7.97 -19.05
C LEU J 9 -58.94 7.15 -20.32
N PRO J 10 -57.85 6.52 -20.78
CA PRO J 10 -57.96 5.65 -21.96
C PRO J 10 -58.97 4.52 -21.78
N SER J 11 -59.01 3.91 -20.60
CA SER J 11 -60.00 2.87 -20.35
C SER J 11 -61.41 3.44 -20.40
N TYR J 12 -61.58 4.71 -20.02
CA TYR J 12 -62.90 5.32 -20.10
C TYR J 12 -63.38 5.40 -21.54
N ALA J 13 -62.54 5.89 -22.45
CA ALA J 13 -62.93 5.96 -23.84
C ALA J 13 -63.14 4.57 -24.44
N ALA J 14 -62.28 3.62 -24.08
CA ALA J 14 -62.43 2.25 -24.58
C ALA J 14 -63.77 1.66 -24.16
N PHE J 15 -64.11 1.81 -22.89
CA PHE J 15 -65.40 1.31 -22.40
C PHE J 15 -66.57 2.06 -23.01
N ALA J 16 -66.42 3.36 -23.26
CA ALA J 16 -67.51 4.13 -23.88
C ALA J 16 -67.80 3.63 -25.28
N THR J 17 -66.76 3.46 -26.10
CA THR J 17 -67.00 2.96 -27.45
C THR J 17 -67.45 1.50 -27.45
N ALA J 18 -66.95 0.70 -26.50
CA ALA J 18 -67.43 -0.67 -26.38
C ALA J 18 -68.91 -0.72 -26.06
N GLN J 19 -69.37 0.15 -25.16
CA GLN J 19 -70.78 0.17 -24.82
C GLN J 19 -71.62 0.73 -25.97
N GLU J 20 -71.08 1.68 -26.73
CA GLU J 20 -71.79 2.14 -27.92
C GLU J 20 -71.98 0.99 -28.92
N ALA J 21 -70.92 0.21 -29.16
CA ALA J 21 -71.04 -0.92 -30.06
C ALA J 21 -71.99 -1.98 -29.49
N TYR J 22 -71.93 -2.22 -28.18
CA TYR J 22 -72.80 -3.21 -27.57
C TYR J 22 -74.26 -2.83 -27.70
N GLU J 23 -74.60 -1.57 -27.44
CA GLU J 23 -75.98 -1.13 -27.59
C GLU J 23 -76.40 -1.14 -29.06
N GLN J 24 -75.50 -0.79 -29.98
CA GLN J 24 -75.84 -0.81 -31.40
C GLN J 24 -76.19 -2.22 -31.85
N ALA J 25 -75.32 -3.19 -31.53
CA ALA J 25 -75.57 -4.56 -31.95
C ALA J 25 -76.66 -5.25 -31.13
N VAL J 26 -76.98 -4.74 -29.94
CA VAL J 26 -78.13 -5.25 -29.20
C VAL J 26 -79.42 -4.77 -29.83
N ALA J 27 -79.47 -3.49 -30.21
CA ALA J 27 -80.63 -2.97 -30.91
C ALA J 27 -80.81 -3.66 -32.26
N ASN J 28 -79.71 -3.90 -32.98
CA ASN J 28 -79.78 -4.66 -34.22
C ASN J 28 -80.14 -6.12 -33.97
N GLY J 29 -79.66 -6.68 -32.86
CA GLY J 29 -79.93 -8.07 -32.53
C GLY J 29 -79.32 -9.05 -33.52
N ASP J 30 -78.03 -8.88 -33.80
CA ASP J 30 -77.35 -9.67 -34.81
C ASP J 30 -77.41 -11.16 -34.49
N SER J 31 -76.80 -11.58 -33.38
CA SER J 31 -76.77 -12.99 -33.01
C SER J 31 -76.51 -13.12 -31.52
N GLU J 32 -76.78 -14.31 -31.00
CA GLU J 32 -76.41 -14.63 -29.63
C GLU J 32 -74.89 -14.65 -29.47
N VAL J 33 -74.17 -15.14 -30.49
CA VAL J 33 -72.72 -15.08 -30.46
C VAL J 33 -72.23 -13.65 -30.58
N VAL J 34 -72.92 -12.81 -31.34
CA VAL J 34 -72.57 -11.39 -31.40
C VAL J 34 -72.81 -10.73 -30.04
N LEU J 35 -73.90 -11.08 -29.37
CA LEU J 35 -74.14 -10.58 -28.03
C LEU J 35 -73.05 -11.06 -27.07
N LYS J 36 -72.58 -12.30 -27.25
CA LYS J 36 -71.46 -12.78 -26.46
C LYS J 36 -70.17 -12.00 -26.76
N LYS J 37 -69.98 -11.62 -28.03
CA LYS J 37 -68.82 -10.78 -28.37
C LYS J 37 -68.91 -9.42 -27.70
N LEU J 38 -70.11 -8.82 -27.68
CA LEU J 38 -70.30 -7.57 -26.96
C LEU J 38 -70.04 -7.76 -25.47
N LYS J 39 -70.48 -8.90 -24.92
CA LYS J 39 -70.22 -9.18 -23.51
C LYS J 39 -68.73 -9.31 -23.24
N LYS J 40 -68.00 -9.95 -24.15
CA LYS J 40 -66.55 -10.08 -23.97
C LYS J 40 -65.85 -8.73 -24.09
N SER J 41 -66.29 -7.90 -25.03
CA SER J 41 -65.73 -6.56 -25.15
C SER J 41 -66.00 -5.73 -23.89
N LEU J 42 -67.22 -5.82 -23.38
CA LEU J 42 -67.55 -5.18 -22.11
C LEU J 42 -66.66 -5.71 -21.00
N ASN J 43 -66.38 -7.00 -21.05
CA ASN J 43 -65.57 -7.60 -19.99
C ASN J 43 -64.22 -7.02 -19.99
N VAL J 44 -63.59 -7.06 -21.14
CA VAL J 44 -62.20 -6.63 -21.22
C VAL J 44 -62.08 -5.13 -20.92
N ALA J 45 -63.03 -4.34 -21.43
CA ALA J 45 -63.01 -2.91 -21.12
C ALA J 45 -63.17 -2.67 -19.62
N LYS J 46 -64.06 -3.41 -18.98
CA LYS J 46 -64.21 -3.30 -17.54
C LYS J 46 -62.97 -3.78 -16.80
N SER J 47 -62.33 -4.81 -17.34
CA SER J 47 -61.11 -5.33 -16.72
C SER J 47 -60.01 -4.28 -16.72
N GLU J 48 -59.89 -3.51 -17.78
CA GLU J 48 -58.91 -2.43 -17.83
C GLU J 48 -59.35 -1.25 -16.98
N PHE J 49 -60.64 -0.89 -17.05
CA PHE J 49 -61.16 0.25 -16.31
C PHE J 49 -61.08 0.02 -14.81
N ASP J 50 -61.06 -1.25 -14.38
CA ASP J 50 -60.87 -1.54 -12.96
C ASP J 50 -59.52 -1.02 -12.48
N ARG J 51 -58.43 -1.58 -13.00
CA ARG J 51 -57.11 -1.13 -12.57
C ARG J 51 -56.90 0.35 -12.86
N ASP J 52 -57.37 0.81 -14.01
CA ASP J 52 -57.15 2.21 -14.35
C ASP J 52 -57.87 3.16 -13.40
N ALA J 53 -58.92 2.69 -12.70
CA ALA J 53 -59.64 3.58 -11.79
C ALA J 53 -59.54 3.10 -10.36
N ALA J 54 -58.48 2.37 -10.03
CA ALA J 54 -58.30 1.92 -8.66
C ALA J 54 -56.93 2.31 -8.15
N MET J 55 -55.93 2.12 -9.00
CA MET J 55 -54.57 2.46 -8.65
C MET J 55 -54.36 3.97 -8.64
N GLN J 56 -55.06 4.69 -9.52
CA GLN J 56 -54.93 6.15 -9.52
C GLN J 56 -55.42 6.74 -8.22
N ARG J 57 -56.48 6.16 -7.65
CA ARG J 57 -56.94 6.60 -6.33
C ARG J 57 -55.86 6.36 -5.28
N LYS J 58 -55.15 5.23 -5.38
CA LYS J 58 -54.08 4.95 -4.45
C LYS J 58 -52.97 6.00 -4.55
N LEU J 59 -52.61 6.38 -5.78
CA LEU J 59 -51.65 7.46 -5.96
C LEU J 59 -52.15 8.77 -5.36
N GLU J 60 -53.44 9.06 -5.55
CA GLU J 60 -53.99 10.29 -4.98
C GLU J 60 -53.82 10.29 -3.47
N LYS J 61 -54.20 9.19 -2.82
CA LYS J 61 -54.12 9.12 -1.36
C LYS J 61 -52.69 9.30 -0.89
N MET J 62 -51.76 8.56 -1.48
CA MET J 62 -50.38 8.60 -1.01
C MET J 62 -49.73 9.96 -1.29
N ALA J 63 -49.99 10.54 -2.46
CA ALA J 63 -49.47 11.86 -2.77
C ALA J 63 -50.01 12.90 -1.79
N ASP J 64 -51.30 12.81 -1.47
CA ASP J 64 -51.89 13.78 -0.55
C ASP J 64 -51.24 13.69 0.83
N GLN J 65 -51.04 12.47 1.35
CA GLN J 65 -50.41 12.38 2.66
C GLN J 65 -48.96 12.85 2.63
N ALA J 66 -48.23 12.57 1.54
CA ALA J 66 -46.88 13.10 1.41
C ALA J 66 -46.88 14.61 1.45
N MET J 67 -47.82 15.23 0.74
CA MET J 67 -47.93 16.68 0.72
C MET J 67 -48.15 17.22 2.14
N THR J 68 -49.07 16.60 2.87
CA THR J 68 -49.37 17.06 4.22
C THR J 68 -48.14 16.97 5.12
N GLN J 69 -47.43 15.84 5.05
CA GLN J 69 -46.30 15.68 5.96
C GLN J 69 -45.18 16.66 5.63
N MET J 70 -44.97 16.96 4.35
CA MET J 70 -43.92 17.92 4.04
C MET J 70 -44.31 19.34 4.43
N TYR J 71 -45.60 19.67 4.35
CA TYR J 71 -46.06 20.94 4.92
C TYR J 71 -45.72 21.01 6.40
N LYS J 72 -46.00 19.93 7.12
CA LYS J 72 -45.70 19.91 8.55
C LYS J 72 -44.22 20.10 8.82
N GLN J 73 -43.39 19.45 8.00
CA GLN J 73 -41.94 19.58 8.18
C GLN J 73 -41.47 21.01 7.97
N ALA J 74 -42.01 21.69 6.96
CA ALA J 74 -41.65 23.09 6.74
C ALA J 74 -42.04 23.94 7.95
N ARG J 75 -43.23 23.71 8.50
CA ARG J 75 -43.63 24.46 9.69
C ARG J 75 -42.65 24.24 10.83
N SER J 76 -42.25 22.98 11.03
CA SER J 76 -41.32 22.65 12.11
C SER J 76 -40.02 23.44 11.97
N GLU J 77 -39.46 23.46 10.76
CA GLU J 77 -38.20 24.16 10.57
C GLU J 77 -38.33 25.67 10.80
N ASP J 78 -39.45 26.27 10.37
CA ASP J 78 -39.63 27.68 10.63
C ASP J 78 -39.66 27.98 12.12
N LYS J 79 -40.42 27.18 12.88
CA LYS J 79 -40.49 27.42 14.32
C LYS J 79 -39.13 27.24 14.98
N ARG J 80 -38.34 26.26 14.50
CA ARG J 80 -37.01 26.06 15.04
C ARG J 80 -36.16 27.31 14.87
N ALA J 81 -36.18 27.88 13.67
CA ALA J 81 -35.40 29.10 13.45
C ALA J 81 -35.85 30.23 14.37
N LYS J 82 -37.17 30.40 14.51
CA LYS J 82 -37.65 31.49 15.37
C LYS J 82 -37.18 31.32 16.81
N VAL J 83 -37.27 30.10 17.34
CA VAL J 83 -36.89 29.91 18.73
C VAL J 83 -35.40 30.08 18.92
N THR J 84 -34.58 29.67 17.94
CA THR J 84 -33.14 29.92 18.04
C THR J 84 -32.86 31.41 18.15
N SER J 85 -33.53 32.20 17.30
CA SER J 85 -33.32 33.65 17.37
C SER J 85 -33.74 34.19 18.73
N ALA J 86 -34.88 33.74 19.25
CA ALA J 86 -35.35 34.28 20.53
C ALA J 86 -34.40 33.94 21.67
N MET J 87 -33.90 32.70 21.70
CA MET J 87 -32.98 32.33 22.77
C MET J 87 -31.72 33.17 22.72
N GLN J 88 -31.13 33.34 21.53
CA GLN J 88 -29.86 34.05 21.49
C GLN J 88 -30.05 35.54 21.78
N THR J 89 -31.17 36.12 21.36
CA THR J 89 -31.36 37.52 21.69
C THR J 89 -31.59 37.72 23.18
N MET J 90 -32.28 36.78 23.85
CA MET J 90 -32.41 36.90 25.30
C MET J 90 -31.05 36.78 25.98
N LEU J 91 -30.24 35.82 25.53
CA LEU J 91 -28.92 35.65 26.11
C LEU J 91 -28.10 36.93 26.02
N PHE J 92 -28.08 37.55 24.84
CA PHE J 92 -27.26 38.74 24.68
C PHE J 92 -27.83 39.92 25.46
N THR J 93 -29.15 40.10 25.43
CA THR J 93 -29.73 41.27 26.10
C THR J 93 -29.63 41.16 27.61
N MET J 94 -29.51 39.94 28.16
CA MET J 94 -29.56 39.82 29.61
C MET J 94 -28.23 40.20 30.26
N LEU J 95 -27.16 40.32 29.48
CA LEU J 95 -25.84 40.50 30.08
C LEU J 95 -25.38 41.94 30.03
N ARG J 96 -26.06 42.81 29.29
CA ARG J 96 -25.63 44.20 29.17
C ARG J 96 -25.85 44.99 30.45
N LYS J 97 -26.24 44.32 31.53
CA LYS J 97 -26.51 44.98 32.80
C LYS J 97 -25.67 44.46 33.95
N LEU J 98 -24.69 43.59 33.68
CA LEU J 98 -23.97 42.95 34.77
C LEU J 98 -22.53 43.42 34.91
N ASP J 99 -21.85 43.75 33.80
CA ASP J 99 -20.39 43.84 33.86
C ASP J 99 -19.93 45.05 34.64
N ASN J 100 -20.23 45.06 35.93
CA ASN J 100 -19.57 45.97 36.84
C ASN J 100 -18.10 45.57 36.89
N ASP J 101 -17.21 46.50 37.20
CA ASP J 101 -15.81 46.15 37.35
C ASP J 101 -15.55 45.35 38.62
N ALA J 102 -16.51 45.34 39.55
CA ALA J 102 -16.37 44.50 40.74
C ALA J 102 -16.26 43.03 40.36
N LEU J 103 -16.91 42.64 39.26
CA LEU J 103 -16.85 41.24 38.84
C LEU J 103 -15.43 40.84 38.49
N ASN J 104 -14.77 41.62 37.63
CA ASN J 104 -13.36 41.33 37.32
C ASN J 104 -12.50 41.46 38.56
N ASN J 105 -12.80 42.44 39.41
CA ASN J 105 -12.00 42.67 40.60
C ASN J 105 -11.98 41.42 41.49
N ILE J 106 -13.15 40.80 41.69
CA ILE J 106 -13.16 39.65 42.57
C ILE J 106 -12.79 38.35 41.85
N ILE J 107 -12.98 38.27 40.54
CA ILE J 107 -12.55 37.06 39.86
C ILE J 107 -11.04 36.99 39.78
N ASN J 108 -10.37 38.13 39.62
CA ASN J 108 -8.92 38.13 39.54
C ASN J 108 -8.29 37.58 40.81
N ASN J 109 -8.89 37.85 41.97
CA ASN J 109 -8.32 37.37 43.22
C ASN J 109 -8.48 35.86 43.39
N ALA J 110 -9.37 35.23 42.63
CA ALA J 110 -9.56 33.79 42.75
C ALA J 110 -8.33 33.05 42.28
N ARG J 111 -8.12 31.86 42.85
CA ARG J 111 -6.93 31.08 42.51
C ARG J 111 -6.88 30.67 41.06
N ASP J 112 -8.01 30.26 40.48
CA ASP J 112 -8.02 29.85 39.08
C ASP J 112 -9.16 30.56 38.35
N GLY J 113 -10.05 31.19 39.10
CA GLY J 113 -11.18 31.86 38.50
C GLY J 113 -12.50 31.33 38.99
N CYS J 114 -12.58 30.03 39.22
CA CYS J 114 -13.82 29.42 39.65
C CYS J 114 -14.17 29.86 41.06
N VAL J 115 -15.30 30.53 41.21
CA VAL J 115 -15.77 31.00 42.51
C VAL J 115 -17.19 30.50 42.71
N PRO J 116 -17.63 30.30 43.96
CA PRO J 116 -18.98 29.78 44.17
C PRO J 116 -20.02 30.75 43.64
N LEU J 117 -21.12 30.21 43.14
CA LEU J 117 -22.17 31.05 42.58
C LEU J 117 -22.85 31.89 43.65
N ASN J 118 -22.96 31.35 44.87
CA ASN J 118 -23.81 31.97 45.87
C ASN J 118 -23.25 33.29 46.38
N ILE J 119 -22.03 33.66 46.01
CA ILE J 119 -21.49 34.93 46.47
C ILE J 119 -21.52 36.03 45.42
N ILE J 120 -21.70 35.69 44.15
CA ILE J 120 -21.63 36.70 43.09
C ILE J 120 -22.67 37.80 43.32
N PRO J 121 -23.95 37.49 43.57
CA PRO J 121 -24.87 38.56 43.94
C PRO J 121 -24.63 39.13 45.31
N LEU J 122 -23.80 38.50 46.13
CA LEU J 122 -23.54 39.01 47.47
C LEU J 122 -22.51 40.12 47.49
N THR J 123 -21.74 40.29 46.42
CA THR J 123 -20.69 41.30 46.39
C THR J 123 -20.80 42.28 45.24
N THR J 124 -21.35 41.88 44.11
CA THR J 124 -21.38 42.74 42.93
C THR J 124 -22.74 43.33 42.64
N ALA J 125 -23.82 42.77 43.19
CA ALA J 125 -25.15 43.28 42.90
C ALA J 125 -25.32 44.70 43.43
N ALA J 126 -26.09 45.50 42.69
CA ALA J 126 -26.25 46.90 43.05
C ALA J 126 -27.45 47.12 43.95
N LYS J 127 -28.61 46.58 43.57
CA LYS J 127 -29.84 46.82 44.29
C LYS J 127 -30.09 45.70 45.30
N LEU J 128 -30.90 45.98 46.31
CA LEU J 128 -31.24 44.99 47.32
C LEU J 128 -32.73 45.07 47.61
N MET J 129 -33.39 43.92 47.70
CA MET J 129 -34.80 43.87 48.07
C MET J 129 -34.95 43.12 49.38
N VAL J 130 -35.87 43.58 50.22
CA VAL J 130 -36.11 42.98 51.52
C VAL J 130 -37.61 42.78 51.69
N VAL J 131 -38.00 41.62 52.18
CA VAL J 131 -39.39 41.28 52.42
C VAL J 131 -39.60 41.05 53.90
N ILE J 132 -40.56 41.74 54.48
CA ILE J 132 -40.73 41.77 55.93
C ILE J 132 -42.11 41.27 56.32
N PRO J 133 -42.21 40.36 57.28
CA PRO J 133 -43.51 39.79 57.62
C PRO J 133 -44.39 40.66 58.49
N ASP J 134 -43.81 41.38 59.44
CA ASP J 134 -44.60 42.19 60.36
C ASP J 134 -43.76 43.35 60.88
N TYR J 135 -44.31 44.08 61.84
CA TYR J 135 -43.65 45.29 62.31
C TYR J 135 -42.44 44.96 63.18
N ASN J 136 -42.58 43.99 64.08
CA ASN J 136 -41.50 43.70 65.02
C ASN J 136 -40.23 43.30 64.29
N THR J 137 -40.36 42.47 63.25
CA THR J 137 -39.18 42.10 62.47
C THR J 137 -38.58 43.32 61.78
N TYR J 138 -39.43 44.21 61.27
CA TYR J 138 -38.93 45.41 60.62
C TYR J 138 -38.16 46.27 61.59
N LYS J 139 -38.55 46.25 62.86
CA LYS J 139 -37.98 47.14 63.87
C LYS J 139 -36.49 46.93 64.04
N ASN J 140 -36.06 45.68 64.18
CA ASN J 140 -34.66 45.39 64.49
C ASN J 140 -33.84 45.01 63.28
N THR J 141 -34.38 45.16 62.07
CA THR J 141 -33.63 44.79 60.88
C THR J 141 -33.36 45.99 60.00
N CYS J 142 -34.40 46.76 59.69
CA CYS J 142 -34.28 47.88 58.77
C CYS J 142 -34.66 49.21 59.41
N ASP J 143 -34.21 49.46 60.63
CA ASP J 143 -34.54 50.71 61.31
C ASP J 143 -33.76 51.87 60.70
N GLY J 144 -34.41 53.02 60.64
CA GLY J 144 -33.78 54.23 60.15
C GLY J 144 -33.76 54.29 58.63
N THR J 145 -33.27 55.43 58.12
CA THR J 145 -33.22 55.63 56.68
C THR J 145 -32.08 54.87 56.02
N THR J 146 -31.15 54.33 56.80
CA THR J 146 -30.09 53.50 56.25
C THR J 146 -29.75 52.42 57.25
N PHE J 147 -29.13 51.35 56.77
CA PHE J 147 -28.77 50.23 57.61
C PHE J 147 -27.61 49.50 56.95
N THR J 148 -27.18 48.40 57.56
CA THR J 148 -26.08 47.61 57.04
C THR J 148 -26.46 46.13 57.02
N TYR J 149 -25.94 45.42 56.03
CA TYR J 149 -26.16 43.99 55.92
C TYR J 149 -25.14 43.43 54.95
N ALA J 150 -24.57 42.28 55.29
CA ALA J 150 -23.53 41.64 54.49
C ALA J 150 -22.33 42.55 54.28
N SER J 151 -21.95 43.28 55.32
CA SER J 151 -20.73 44.09 55.34
C SER J 151 -20.74 45.17 54.26
N ALA J 152 -21.78 46.00 54.31
CA ALA J 152 -21.88 47.12 53.39
C ALA J 152 -22.92 48.09 53.95
N LEU J 153 -22.99 49.26 53.35
CA LEU J 153 -23.98 50.25 53.74
C LEU J 153 -25.04 50.36 52.66
N TRP J 154 -26.30 50.26 53.07
CA TRP J 154 -27.44 50.33 52.17
C TRP J 154 -28.33 51.49 52.57
N GLU J 155 -28.88 52.17 51.57
CA GLU J 155 -29.73 53.33 51.78
C GLU J 155 -31.13 53.01 51.26
N ILE J 156 -32.15 53.42 52.01
CA ILE J 156 -33.52 53.06 51.70
C ILE J 156 -34.07 53.97 50.61
N GLN J 157 -34.56 53.37 49.54
CA GLN J 157 -35.16 54.10 48.43
C GLN J 157 -36.50 53.47 48.10
N GLN J 158 -37.59 54.09 48.57
CA GLN J 158 -38.96 53.70 48.28
C GLN J 158 -39.37 52.42 49.01
N VAL J 159 -40.59 52.40 49.54
CA VAL J 159 -41.15 51.26 50.24
C VAL J 159 -42.54 51.03 49.65
N VAL J 160 -42.83 49.80 49.25
CA VAL J 160 -44.13 49.46 48.69
C VAL J 160 -44.82 48.46 49.62
N ASP J 161 -46.03 48.08 49.25
CA ASP J 161 -46.81 47.09 49.98
C ASP J 161 -47.17 45.94 49.04
N ALA J 162 -48.02 45.05 49.53
CA ALA J 162 -48.42 43.88 48.74
C ALA J 162 -49.16 44.29 47.47
N ASP J 163 -49.97 45.35 47.55
CA ASP J 163 -50.80 45.77 46.44
C ASP J 163 -50.15 46.82 45.55
N SER J 164 -48.83 47.01 45.66
CA SER J 164 -48.08 47.96 44.84
C SER J 164 -48.58 49.40 45.06
N LYS J 165 -48.49 49.82 46.32
CA LYS J 165 -48.81 51.18 46.71
C LYS J 165 -47.65 51.72 47.53
N ILE J 166 -47.12 52.87 47.13
CA ILE J 166 -45.99 53.43 47.84
C ILE J 166 -46.41 53.86 49.23
N VAL J 167 -45.57 53.56 50.21
CA VAL J 167 -45.85 53.88 51.61
C VAL J 167 -44.73 54.77 52.13
N GLN J 168 -45.12 55.76 52.93
CA GLN J 168 -44.17 56.69 53.53
C GLN J 168 -43.65 56.11 54.84
N LEU J 169 -42.34 56.29 55.08
CA LEU J 169 -41.72 55.70 56.26
C LEU J 169 -42.34 56.22 57.54
N SER J 170 -42.97 57.39 57.50
CA SER J 170 -43.61 57.94 58.69
C SER J 170 -44.72 57.03 59.18
N GLU J 171 -45.49 56.46 58.26
CA GLU J 171 -46.64 55.66 58.64
C GLU J 171 -46.26 54.37 59.33
N ILE J 172 -44.99 53.97 59.26
CA ILE J 172 -44.56 52.69 59.84
C ILE J 172 -44.36 52.87 61.33
N SER J 173 -45.35 52.47 62.11
CA SER J 173 -45.32 52.66 63.56
C SER J 173 -46.09 51.55 64.26
N MET J 174 -45.91 51.47 65.57
CA MET J 174 -46.61 50.46 66.36
C MET J 174 -48.13 50.58 66.23
N ASP J 175 -48.65 51.79 66.40
CA ASP J 175 -50.10 51.98 66.38
C ASP J 175 -50.67 51.86 64.96
N ASN J 176 -49.94 52.36 63.98
CA ASN J 176 -50.44 52.37 62.61
C ASN J 176 -50.23 51.04 61.88
N SER J 177 -49.55 50.08 62.50
CA SER J 177 -49.25 48.81 61.84
C SER J 177 -50.48 48.05 61.37
N PRO J 178 -51.54 47.86 62.17
CA PRO J 178 -52.66 47.04 61.68
C PRO J 178 -53.54 47.79 60.69
N ASN J 179 -52.91 48.42 59.70
CA ASN J 179 -53.66 49.06 58.63
C ASN J 179 -52.98 48.90 57.28
N LEU J 180 -51.97 48.05 57.15
CA LEU J 180 -51.24 47.86 55.91
C LEU J 180 -51.12 46.37 55.59
N ALA J 181 -51.16 46.05 54.31
CA ALA J 181 -50.82 44.71 53.87
C ALA J 181 -49.39 44.39 54.29
N TRP J 182 -49.18 43.19 54.83
CA TRP J 182 -47.91 43.04 55.51
C TRP J 182 -46.97 41.97 54.99
N PRO J 183 -46.82 41.77 53.69
CA PRO J 183 -45.50 41.42 53.18
C PRO J 183 -44.77 42.65 52.66
N LEU J 184 -44.42 43.58 53.53
CA LEU J 184 -43.85 44.84 53.08
C LEU J 184 -42.54 44.61 52.33
N ILE J 185 -42.43 45.18 51.14
CA ILE J 185 -41.23 45.07 50.33
C ILE J 185 -40.46 46.38 50.43
N VAL J 186 -39.19 46.28 50.80
CA VAL J 186 -38.31 47.43 50.96
C VAL J 186 -37.14 47.24 50.01
N THR J 187 -37.02 48.10 49.01
CA THR J 187 -35.86 48.05 48.15
C THR J 187 -34.86 49.12 48.56
N ALA J 188 -33.60 48.91 48.17
CA ALA J 188 -32.52 49.76 48.65
C ALA J 188 -31.42 49.80 47.60
N LEU J 189 -30.41 50.62 47.88
CA LEU J 189 -29.29 50.81 46.98
C LEU J 189 -27.97 50.67 47.73
N ARG J 190 -26.93 50.31 46.98
CA ARG J 190 -25.61 50.11 47.56
C ARG J 190 -24.97 51.45 47.91
N ALA J 191 -25.20 51.91 49.13
CA ALA J 191 -24.58 53.14 49.58
C ALA J 191 -23.08 52.95 49.73
N ASN J 192 -22.34 54.03 49.53
CA ASN J 192 -20.89 53.97 49.61
C ASN J 192 -20.31 55.31 50.01
N LYS K 2 -80.64 23.45 55.30
CA LYS K 2 -79.81 22.94 56.37
C LYS K 2 -78.33 23.02 56.01
N MET K 3 -77.53 22.13 56.60
CA MET K 3 -76.08 22.23 56.51
C MET K 3 -75.56 22.23 55.08
N SER K 4 -75.99 21.26 54.28
CA SER K 4 -75.46 21.17 52.93
C SER K 4 -75.79 22.41 52.12
N ASP K 5 -76.98 22.96 52.31
CA ASP K 5 -77.34 24.19 51.64
C ASP K 5 -76.43 25.33 52.05
N VAL K 6 -76.09 25.41 53.34
CA VAL K 6 -75.18 26.46 53.78
C VAL K 6 -73.84 26.32 53.10
N LYS K 7 -73.31 25.10 53.03
CA LYS K 7 -72.01 24.90 52.39
C LYS K 7 -72.05 25.30 50.93
N CYS K 8 -73.08 24.84 50.20
CA CYS K 8 -73.16 25.13 48.77
C CYS K 8 -73.33 26.62 48.52
N THR K 9 -74.18 27.29 49.29
CA THR K 9 -74.37 28.71 49.08
C THR K 9 -73.13 29.50 49.46
N SER K 10 -72.35 29.02 50.43
CA SER K 10 -71.06 29.66 50.71
C SER K 10 -70.12 29.54 49.53
N VAL K 11 -70.08 28.37 48.90
CA VAL K 11 -69.24 28.20 47.72
C VAL K 11 -69.63 29.19 46.63
N VAL K 12 -70.93 29.28 46.36
CA VAL K 12 -71.39 30.18 45.30
C VAL K 12 -71.08 31.63 45.67
N LEU K 13 -71.26 31.99 46.94
CA LEU K 13 -71.01 33.36 47.36
C LEU K 13 -69.56 33.74 47.16
N LEU K 14 -68.63 32.87 47.56
CA LEU K 14 -67.23 33.20 47.34
C LEU K 14 -66.92 33.26 45.85
N SER K 15 -67.50 32.37 45.06
CA SER K 15 -67.22 32.39 43.62
C SER K 15 -67.67 33.69 42.99
N VAL K 16 -68.85 34.19 43.36
CA VAL K 16 -69.32 35.43 42.76
C VAL K 16 -68.50 36.61 43.28
N LEU K 17 -68.04 36.53 44.54
CA LEU K 17 -67.19 37.61 45.05
C LEU K 17 -65.87 37.69 44.31
N GLN K 18 -65.40 36.59 43.76
CA GLN K 18 -64.06 36.56 43.16
C GLN K 18 -64.00 37.40 41.90
N GLN K 19 -64.98 37.27 41.03
CA GLN K 19 -64.90 37.97 39.74
C GLN K 19 -65.41 39.40 39.81
N LEU K 20 -65.70 39.92 41.00
CA LEU K 20 -65.83 41.35 41.20
C LEU K 20 -64.50 42.03 41.50
N ARG K 21 -63.39 41.33 41.28
CA ARG K 21 -62.04 41.85 41.55
C ARG K 21 -61.87 42.27 43.00
N VAL K 22 -62.44 41.50 43.93
CA VAL K 22 -62.20 41.80 45.34
C VAL K 22 -60.81 41.33 45.78
N GLU K 23 -60.14 40.51 44.97
CA GLU K 23 -58.85 39.99 45.38
C GLU K 23 -57.72 41.00 45.19
N SER K 24 -58.00 42.17 44.61
CA SER K 24 -56.99 43.21 44.56
C SER K 24 -56.62 43.68 45.97
N SER K 25 -57.62 43.87 46.82
CA SER K 25 -57.36 44.24 48.20
C SER K 25 -56.92 43.02 49.00
N SER K 26 -55.68 43.02 49.48
CA SER K 26 -55.09 41.86 50.10
C SER K 26 -55.85 41.38 51.33
N LYS K 27 -55.87 42.20 52.39
CA LYS K 27 -56.43 41.76 53.66
C LYS K 27 -57.89 41.38 53.53
N LEU K 28 -58.64 42.09 52.70
CA LEU K 28 -60.04 41.75 52.49
C LEU K 28 -60.17 40.34 51.93
N TRP K 29 -59.36 40.02 50.93
CA TRP K 29 -59.42 38.70 50.34
C TRP K 29 -58.95 37.64 51.31
N ALA K 30 -57.97 37.96 52.15
CA ALA K 30 -57.52 37.00 53.16
C ALA K 30 -58.64 36.67 54.13
N GLN K 31 -59.36 37.69 54.61
CA GLN K 31 -60.47 37.44 55.51
C GLN K 31 -61.57 36.64 54.84
N CYS K 32 -61.87 36.96 53.59
CA CYS K 32 -62.91 36.22 52.87
C CYS K 32 -62.53 34.75 52.73
N VAL K 33 -61.27 34.49 52.37
CA VAL K 33 -60.82 33.10 52.23
C VAL K 33 -60.90 32.38 53.57
N GLN K 34 -60.51 33.06 54.64
CA GLN K 34 -60.57 32.44 55.95
C GLN K 34 -62.00 32.05 56.31
N LEU K 35 -62.94 32.96 56.08
CA LEU K 35 -64.33 32.65 56.39
C LEU K 35 -64.86 31.51 55.53
N HIS K 36 -64.52 31.50 54.24
CA HIS K 36 -64.99 30.44 53.36
C HIS K 36 -64.47 29.08 53.80
N ASN K 37 -63.19 29.02 54.20
CA ASN K 37 -62.66 27.73 54.65
C ASN K 37 -63.24 27.30 55.98
N ASP K 38 -63.51 28.26 56.89
CA ASP K 38 -64.05 27.88 58.18
C ASP K 38 -65.44 27.28 58.05
N ILE K 39 -66.27 27.85 57.19
CA ILE K 39 -67.64 27.35 57.03
C ILE K 39 -67.62 25.90 56.55
N LEU K 40 -66.73 25.58 55.63
CA LEU K 40 -66.74 24.29 54.96
C LEU K 40 -66.36 23.17 55.90
N LEU K 41 -65.87 23.51 57.10
CA LEU K 41 -65.53 22.51 58.11
C LEU K 41 -66.40 22.64 59.36
N ALA K 42 -67.50 23.37 59.27
CA ALA K 42 -68.34 23.60 60.44
C ALA K 42 -69.13 22.34 60.79
N LYS K 43 -69.76 22.37 61.95
CA LYS K 43 -70.54 21.23 62.43
C LYS K 43 -71.98 21.56 62.73
N ASP K 44 -72.27 22.76 63.25
CA ASP K 44 -73.64 23.16 63.56
C ASP K 44 -74.02 24.37 62.72
N THR K 45 -75.32 24.57 62.57
CA THR K 45 -75.83 25.61 61.68
C THR K 45 -75.63 27.02 62.23
N THR K 46 -75.51 27.19 63.54
CA THR K 46 -75.46 28.54 64.09
C THR K 46 -74.15 29.24 63.76
N GLU K 47 -73.02 28.57 63.98
CA GLU K 47 -71.74 29.19 63.64
C GLU K 47 -71.61 29.39 62.14
N ALA K 48 -72.13 28.44 61.36
CA ALA K 48 -72.15 28.62 59.92
C ALA K 48 -72.94 29.85 59.54
N PHE K 49 -74.10 30.05 60.16
CA PHE K 49 -74.94 31.19 59.82
C PHE K 49 -74.26 32.50 60.18
N GLU K 50 -73.66 32.59 61.37
CA GLU K 50 -73.04 33.85 61.76
C GLU K 50 -71.83 34.15 60.88
N LYS K 51 -71.00 33.14 60.60
CA LYS K 51 -69.87 33.38 59.70
C LYS K 51 -70.34 33.77 58.31
N MET K 52 -71.43 33.15 57.84
CA MET K 52 -71.93 33.49 56.51
C MET K 52 -72.50 34.89 56.46
N VAL K 53 -73.19 35.34 57.51
CA VAL K 53 -73.71 36.70 57.48
C VAL K 53 -72.56 37.69 57.53
N SER K 54 -71.51 37.37 58.30
CA SER K 54 -70.34 38.23 58.29
C SER K 54 -69.72 38.30 56.91
N LEU K 55 -69.68 37.16 56.21
CA LEU K 55 -69.14 37.14 54.85
C LEU K 55 -69.99 37.97 53.90
N LEU K 56 -71.31 37.79 53.95
CA LEU K 56 -72.21 38.50 53.06
C LEU K 56 -72.16 39.99 53.27
N SER K 57 -71.82 40.42 54.49
CA SER K 57 -71.64 41.84 54.74
C SER K 57 -70.63 42.44 53.78
N VAL K 58 -69.61 41.67 53.40
CA VAL K 58 -68.60 42.17 52.48
C VAL K 58 -69.22 42.50 51.12
N LEU K 59 -70.07 41.62 50.62
CA LEU K 59 -70.75 41.89 49.36
C LEU K 59 -71.68 43.09 49.50
N LEU K 60 -72.38 43.19 50.63
CA LEU K 60 -73.31 44.29 50.81
C LEU K 60 -72.59 45.64 50.85
N SER K 61 -71.38 45.67 51.41
CA SER K 61 -70.66 46.94 51.54
C SER K 61 -70.35 47.55 50.19
N MET K 62 -69.94 46.74 49.21
CA MET K 62 -69.67 47.26 47.87
C MET K 62 -70.98 47.62 47.17
N GLN K 63 -70.84 48.30 46.03
CA GLN K 63 -72.00 48.70 45.23
C GLN K 63 -71.96 48.09 43.84
N GLY K 64 -71.14 47.07 43.62
CA GLY K 64 -71.02 46.45 42.32
C GLY K 64 -72.30 45.79 41.85
N ALA K 65 -72.99 45.11 42.75
CA ALA K 65 -74.22 44.41 42.42
C ALA K 65 -75.41 45.19 42.97
N VAL K 66 -76.37 45.50 42.10
CA VAL K 66 -77.60 46.17 42.53
C VAL K 66 -78.56 45.12 43.07
N ASP K 67 -79.05 45.33 44.29
CA ASP K 67 -79.83 44.32 44.96
C ASP K 67 -81.31 44.37 44.59
N ILE K 68 -81.94 45.54 44.79
CA ILE K 68 -83.39 45.63 44.67
C ILE K 68 -83.83 45.39 43.23
N ASN K 69 -83.06 45.88 42.26
CA ASN K 69 -83.40 45.66 40.87
C ASN K 69 -83.41 44.16 40.57
N LYS K 70 -82.37 43.46 40.99
CA LYS K 70 -82.26 42.04 40.71
C LYS K 70 -83.18 41.21 41.60
N LEU K 71 -83.62 41.76 42.72
CA LEU K 71 -84.58 41.06 43.58
C LEU K 71 -85.98 41.12 42.99
N CYS K 72 -86.14 40.53 41.79
CA CYS K 72 -87.45 40.50 41.14
C CYS K 72 -88.36 39.43 41.72
N GLU K 73 -87.83 38.56 42.57
CA GLU K 73 -88.61 37.48 43.19
C GLU K 73 -89.27 36.58 42.15
N PHE L 6 -83.49 4.84 3.51
CA PHE L 6 -83.24 5.16 2.11
C PHE L 6 -84.26 4.49 1.20
N SER L 7 -85.34 5.19 0.92
CA SER L 7 -86.42 4.67 0.10
C SER L 7 -86.58 5.43 -1.21
N SER L 8 -86.75 6.75 -1.16
CA SER L 8 -86.99 7.53 -2.37
C SER L 8 -85.74 7.62 -3.22
N LEU L 9 -85.37 6.51 -3.86
CA LEU L 9 -84.18 6.43 -4.69
C LEU L 9 -84.52 5.80 -6.04
N PRO L 10 -83.80 6.19 -7.09
CA PRO L 10 -84.05 5.58 -8.41
C PRO L 10 -83.62 4.12 -8.45
N SER L 11 -82.48 3.83 -7.82
CA SER L 11 -82.04 2.45 -7.72
C SER L 11 -83.05 1.60 -6.97
N TYR L 12 -83.80 2.20 -6.04
CA TYR L 12 -84.88 1.46 -5.39
C TYR L 12 -85.95 1.08 -6.40
N ALA L 13 -86.29 1.99 -7.32
CA ALA L 13 -87.26 1.67 -8.36
C ALA L 13 -86.75 0.56 -9.28
N ALA L 14 -85.47 0.60 -9.65
CA ALA L 14 -84.91 -0.46 -10.49
C ALA L 14 -84.96 -1.80 -9.76
N PHE L 15 -84.59 -1.80 -8.47
CA PHE L 15 -84.64 -3.04 -7.69
C PHE L 15 -86.07 -3.55 -7.54
N ALA L 16 -87.04 -2.65 -7.37
CA ALA L 16 -88.42 -3.06 -7.28
C ALA L 16 -88.93 -3.65 -8.59
N THR L 17 -88.51 -3.07 -9.72
CA THR L 17 -88.89 -3.64 -11.02
C THR L 17 -88.31 -5.03 -11.19
N ALA L 18 -87.03 -5.20 -10.82
CA ALA L 18 -86.42 -6.53 -10.90
C ALA L 18 -87.13 -7.52 -9.98
N GLN L 19 -87.50 -7.07 -8.78
CA GLN L 19 -88.23 -7.93 -7.86
C GLN L 19 -89.58 -8.34 -8.42
N GLU L 20 -90.31 -7.39 -9.03
CA GLU L 20 -91.61 -7.70 -9.60
C GLU L 20 -91.49 -8.67 -10.76
N ALA L 21 -90.49 -8.45 -11.63
CA ALA L 21 -90.27 -9.37 -12.74
C ALA L 21 -89.91 -10.77 -12.25
N TYR L 22 -89.05 -10.85 -11.24
CA TYR L 22 -88.68 -12.15 -10.69
C TYR L 22 -89.86 -12.84 -10.03
N GLU L 23 -90.70 -12.08 -9.32
CA GLU L 23 -91.90 -12.65 -8.71
C GLU L 23 -92.85 -13.18 -9.78
N GLN L 24 -93.05 -12.43 -10.86
CA GLN L 24 -93.87 -12.91 -11.96
C GLN L 24 -93.29 -14.17 -12.57
N ALA L 25 -91.96 -14.21 -12.74
CA ALA L 25 -91.32 -15.38 -13.33
C ALA L 25 -91.49 -16.61 -12.44
N VAL L 26 -91.26 -16.46 -11.14
CA VAL L 26 -91.39 -17.61 -10.24
C VAL L 26 -92.85 -18.00 -10.06
N ALA L 27 -93.79 -17.08 -10.29
CA ALA L 27 -95.20 -17.45 -10.28
C ALA L 27 -95.58 -18.19 -11.56
N ASN L 28 -94.95 -17.85 -12.69
CA ASN L 28 -95.23 -18.52 -13.95
C ASN L 28 -94.31 -19.69 -14.22
N GLY L 29 -93.01 -19.54 -13.93
CA GLY L 29 -92.05 -20.61 -14.16
C GLY L 29 -91.85 -20.92 -15.62
N ASP L 30 -91.27 -19.96 -16.37
CA ASP L 30 -91.07 -20.13 -17.80
C ASP L 30 -89.87 -21.02 -18.08
N SER L 31 -88.68 -20.60 -17.64
CA SER L 31 -87.46 -21.34 -17.92
C SER L 31 -86.44 -21.09 -16.81
N GLU L 32 -85.30 -21.80 -16.91
CA GLU L 32 -84.22 -21.64 -15.95
C GLU L 32 -83.41 -20.39 -16.25
N VAL L 33 -83.01 -20.20 -17.51
CA VAL L 33 -82.26 -19.02 -17.91
C VAL L 33 -83.04 -17.74 -17.69
N VAL L 34 -84.38 -17.79 -17.72
CA VAL L 34 -85.16 -16.59 -17.47
C VAL L 34 -84.95 -16.10 -16.05
N LEU L 35 -85.09 -17.00 -15.08
CA LEU L 35 -84.83 -16.61 -13.70
C LEU L 35 -83.36 -16.34 -13.45
N LYS L 36 -82.45 -16.99 -14.19
CA LYS L 36 -81.04 -16.62 -14.10
C LYS L 36 -80.82 -15.18 -14.54
N LYS L 37 -81.46 -14.76 -15.63
CA LYS L 37 -81.36 -13.38 -16.09
C LYS L 37 -81.95 -12.41 -15.07
N LEU L 38 -83.17 -12.68 -14.63
CA LEU L 38 -83.83 -11.81 -13.67
C LEU L 38 -83.26 -11.91 -12.28
N LYS L 39 -82.33 -12.83 -12.05
CA LYS L 39 -81.57 -12.89 -10.81
C LYS L 39 -80.24 -12.17 -10.92
N LYS L 40 -79.57 -12.27 -12.06
CA LYS L 40 -78.39 -11.45 -12.30
C LYS L 40 -78.76 -9.98 -12.31
N SER L 41 -79.84 -9.63 -13.02
CA SER L 41 -80.32 -8.26 -13.02
C SER L 41 -80.84 -7.86 -11.65
N LEU L 42 -81.44 -8.81 -10.92
CA LEU L 42 -81.86 -8.52 -9.55
C LEU L 42 -80.67 -8.17 -8.68
N ASN L 43 -79.57 -8.91 -8.82
CA ASN L 43 -78.36 -8.59 -8.08
C ASN L 43 -77.78 -7.26 -8.53
N VAL L 44 -77.86 -6.95 -9.83
CA VAL L 44 -77.36 -5.68 -10.32
C VAL L 44 -78.13 -4.53 -9.67
N ALA L 45 -79.46 -4.61 -9.71
CA ALA L 45 -80.30 -3.56 -9.13
C ALA L 45 -80.14 -3.50 -7.62
N LYS L 46 -79.98 -4.66 -6.96
CA LYS L 46 -79.80 -4.66 -5.52
C LYS L 46 -78.44 -4.08 -5.13
N SER L 47 -77.41 -4.31 -5.94
CA SER L 47 -76.12 -3.67 -5.69
C SER L 47 -76.25 -2.16 -5.84
N GLU L 48 -76.92 -1.72 -6.91
CA GLU L 48 -77.08 -0.29 -7.14
C GLU L 48 -77.87 0.35 -6.01
N PHE L 49 -78.90 -0.32 -5.51
CA PHE L 49 -79.70 0.22 -4.43
C PHE L 49 -79.02 0.09 -3.07
N ASP L 50 -78.09 -0.85 -2.91
CA ASP L 50 -77.49 -1.07 -1.60
C ASP L 50 -76.25 -0.23 -1.37
N ARG L 51 -75.31 -0.22 -2.31
CA ARG L 51 -74.08 0.51 -2.07
C ARG L 51 -74.35 2.01 -1.94
N ASP L 52 -75.21 2.54 -2.80
CA ASP L 52 -75.50 3.97 -2.73
C ASP L 52 -76.32 4.31 -1.49
N ALA L 53 -77.22 3.41 -1.07
CA ALA L 53 -77.94 3.65 0.17
C ALA L 53 -76.99 3.65 1.35
N ALA L 54 -76.03 2.73 1.36
CA ALA L 54 -75.02 2.71 2.43
C ALA L 54 -74.22 4.00 2.44
N MET L 55 -73.79 4.46 1.25
CA MET L 55 -72.97 5.65 1.21
C MET L 55 -73.77 6.89 1.60
N GLN L 56 -75.04 6.95 1.22
CA GLN L 56 -75.84 8.11 1.58
C GLN L 56 -76.17 8.12 3.06
N ARG L 57 -76.42 6.96 3.68
CA ARG L 57 -76.65 6.97 5.11
C ARG L 57 -75.36 7.26 5.87
N LYS L 58 -74.22 6.84 5.34
CA LYS L 58 -72.95 7.24 5.92
C LYS L 58 -72.76 8.75 5.87
N LEU L 59 -73.10 9.35 4.73
CA LEU L 59 -72.99 10.80 4.64
C LEU L 59 -73.97 11.48 5.59
N GLU L 60 -75.18 10.94 5.72
CA GLU L 60 -76.15 11.52 6.64
C GLU L 60 -75.62 11.48 8.07
N LYS L 61 -75.03 10.35 8.47
CA LYS L 61 -74.54 10.27 9.84
C LYS L 61 -73.31 11.14 10.06
N MET L 62 -72.44 11.28 9.06
CA MET L 62 -71.27 12.13 9.25
C MET L 62 -71.68 13.60 9.32
N ALA L 63 -72.67 13.99 8.52
CA ALA L 63 -73.20 15.35 8.62
C ALA L 63 -73.85 15.59 9.98
N ASP L 64 -74.59 14.60 10.49
CA ASP L 64 -75.17 14.72 11.81
C ASP L 64 -74.08 14.85 12.88
N GLN L 65 -72.98 14.12 12.71
CA GLN L 65 -71.84 14.24 13.61
C GLN L 65 -71.26 15.65 13.60
N ALA L 66 -71.07 16.22 12.41
CA ALA L 66 -70.56 17.59 12.32
C ALA L 66 -71.53 18.57 12.98
N MET L 67 -72.83 18.37 12.76
CA MET L 67 -73.83 19.21 13.37
C MET L 67 -73.76 19.17 14.88
N THR L 68 -73.68 17.96 15.46
CA THR L 68 -73.66 17.86 16.91
C THR L 68 -72.38 18.45 17.49
N GLN L 69 -71.25 18.27 16.80
CA GLN L 69 -70.00 18.89 17.24
C GLN L 69 -70.12 20.41 17.29
N MET L 70 -70.65 21.00 16.23
CA MET L 70 -70.79 22.46 16.21
C MET L 70 -71.81 22.94 17.23
N TYR L 71 -72.88 22.17 17.46
CA TYR L 71 -73.85 22.55 18.48
C TYR L 71 -73.18 22.62 19.85
N LYS L 72 -72.35 21.60 20.16
CA LYS L 72 -71.66 21.60 21.43
C LYS L 72 -70.72 22.80 21.55
N GLN L 73 -70.01 23.12 20.47
CA GLN L 73 -69.13 24.28 20.50
C GLN L 73 -69.90 25.57 20.80
N ALA L 74 -71.01 25.77 20.09
CA ALA L 74 -71.78 27.00 20.27
C ALA L 74 -72.36 27.09 21.68
N ARG L 75 -72.87 25.97 22.20
CA ARG L 75 -73.39 25.98 23.55
C ARG L 75 -72.30 26.30 24.56
N SER L 76 -71.12 25.72 24.36
CA SER L 76 -69.99 26.03 25.25
C SER L 76 -69.70 27.52 25.28
N GLU L 77 -69.56 28.12 24.09
CA GLU L 77 -69.23 29.53 24.03
C GLU L 77 -70.30 30.39 24.71
N ASP L 78 -71.57 30.16 24.37
CA ASP L 78 -72.60 31.02 24.92
C ASP L 78 -72.78 30.82 26.41
N LYS L 79 -72.51 29.60 26.91
CA LYS L 79 -72.62 29.38 28.34
C LYS L 79 -71.50 30.09 29.09
N ARG L 80 -70.28 30.03 28.58
CA ARG L 80 -69.24 30.74 29.32
C ARG L 80 -69.23 32.23 29.05
N ALA L 81 -70.04 32.71 28.11
CA ALA L 81 -70.15 34.15 27.90
C ALA L 81 -71.00 34.82 28.99
N LYS L 82 -72.02 34.13 29.49
CA LYS L 82 -72.96 34.74 30.43
C LYS L 82 -72.69 34.36 31.88
N VAL L 83 -71.46 34.11 32.28
CA VAL L 83 -71.17 33.69 33.64
C VAL L 83 -71.50 34.80 34.64
N THR L 84 -71.24 36.04 34.26
CA THR L 84 -71.31 37.15 35.22
C THR L 84 -72.72 37.49 35.67
N SER L 85 -73.74 36.73 35.25
CA SER L 85 -75.10 36.96 35.71
C SER L 85 -75.73 35.73 36.34
N ALA L 86 -75.50 34.55 35.74
CA ALA L 86 -76.07 33.33 36.27
C ALA L 86 -75.65 33.12 37.72
N MET L 87 -74.44 33.55 38.07
CA MET L 87 -73.99 33.43 39.45
C MET L 87 -74.89 34.24 40.39
N GLN L 88 -75.18 35.49 40.04
CA GLN L 88 -76.04 36.30 40.91
C GLN L 88 -77.44 35.71 40.99
N THR L 89 -77.99 35.27 39.86
CA THR L 89 -79.34 34.70 39.89
C THR L 89 -79.38 33.46 40.78
N MET L 90 -78.43 32.55 40.61
CA MET L 90 -78.38 31.36 41.43
C MET L 90 -78.21 31.70 42.89
N LEU L 91 -77.32 32.65 43.19
CA LEU L 91 -77.06 33.02 44.57
C LEU L 91 -78.32 33.55 45.23
N PHE L 92 -79.06 34.41 44.54
CA PHE L 92 -80.21 35.03 45.16
C PHE L 92 -81.37 34.04 45.28
N THR L 93 -81.53 33.16 44.30
CA THR L 93 -82.53 32.11 44.43
C THR L 93 -82.25 31.24 45.65
N MET L 94 -80.99 30.84 45.82
CA MET L 94 -80.68 29.98 46.94
C MET L 94 -80.76 30.72 48.27
N LEU L 95 -80.45 32.02 48.29
CA LEU L 95 -80.63 32.78 49.51
C LEU L 95 -82.10 32.86 49.89
N ARG L 96 -82.97 33.18 48.93
CA ARG L 96 -84.39 33.23 49.27
C ARG L 96 -84.96 31.85 49.49
N LYS L 97 -84.22 30.79 49.15
CA LYS L 97 -84.66 29.46 49.54
C LYS L 97 -84.17 29.09 50.94
N LEU L 98 -83.10 29.72 51.41
CA LEU L 98 -82.61 29.45 52.76
C LEU L 98 -83.54 30.01 53.82
N ASP L 99 -83.73 31.33 53.80
CA ASP L 99 -84.60 32.03 54.74
C ASP L 99 -84.22 31.85 56.20
N ASN L 100 -83.08 32.45 56.58
CA ASN L 100 -82.74 32.66 57.97
C ASN L 100 -83.14 34.08 58.37
N ASP L 101 -83.63 34.22 59.60
CA ASP L 101 -84.14 35.48 60.12
C ASP L 101 -83.19 36.65 59.87
N ALA L 102 -81.96 36.55 60.39
CA ALA L 102 -81.02 37.65 60.27
C ALA L 102 -80.65 37.91 58.81
N LEU L 103 -80.52 36.87 58.01
CA LEU L 103 -80.17 37.01 56.61
C LEU L 103 -81.20 37.87 55.90
N ASN L 104 -82.48 37.51 56.03
CA ASN L 104 -83.54 38.30 55.41
C ASN L 104 -83.62 39.69 56.02
N ASN L 105 -83.39 39.81 57.33
CA ASN L 105 -83.33 41.11 57.98
C ASN L 105 -82.38 42.03 57.23
N ILE L 106 -81.11 41.60 57.13
CA ILE L 106 -80.10 42.46 56.54
C ILE L 106 -80.27 42.63 55.05
N ILE L 107 -80.75 41.63 54.32
CA ILE L 107 -80.92 41.80 52.88
C ILE L 107 -82.03 42.80 52.61
N ASN L 108 -83.12 42.77 53.40
CA ASN L 108 -84.13 43.81 53.26
C ASN L 108 -83.58 45.17 53.65
N ASN L 109 -82.84 45.25 54.75
CA ASN L 109 -82.27 46.54 55.15
C ASN L 109 -81.39 47.10 54.05
N ALA L 110 -80.64 46.24 53.37
CA ALA L 110 -79.84 46.69 52.23
C ALA L 110 -80.71 47.07 51.05
N ARG L 111 -81.81 46.34 50.84
CA ARG L 111 -82.68 46.61 49.70
C ARG L 111 -83.35 47.96 49.83
N ASP L 112 -83.57 48.42 51.07
CA ASP L 112 -84.11 49.77 51.25
C ASP L 112 -83.02 50.79 51.49
N GLY L 113 -81.76 50.36 51.62
CA GLY L 113 -80.66 51.30 51.74
C GLY L 113 -80.02 51.41 53.10
N CYS L 114 -79.89 50.30 53.82
CA CYS L 114 -79.14 50.25 55.09
C CYS L 114 -77.95 49.32 54.86
N VAL L 115 -76.77 49.90 54.70
CA VAL L 115 -75.57 49.14 54.38
C VAL L 115 -74.49 49.43 55.41
N PRO L 116 -73.63 48.46 55.74
CA PRO L 116 -72.46 48.74 56.57
C PRO L 116 -71.23 49.06 55.73
N LEU L 117 -70.25 49.66 56.40
CA LEU L 117 -69.02 50.07 55.72
C LEU L 117 -67.81 49.25 56.11
N ASN L 118 -67.99 48.14 56.82
CA ASN L 118 -66.90 47.22 57.13
C ASN L 118 -67.50 45.85 57.36
N ILE L 119 -66.70 44.93 57.89
CA ILE L 119 -67.16 43.57 58.17
C ILE L 119 -67.84 43.55 59.52
N ILE L 120 -69.00 42.91 59.59
CA ILE L 120 -69.72 42.77 60.85
C ILE L 120 -68.94 41.86 61.78
N PRO L 121 -68.53 42.33 62.95
CA PRO L 121 -67.80 41.47 63.89
C PRO L 121 -68.76 40.56 64.64
N LEU L 122 -68.18 39.62 65.39
CA LEU L 122 -68.96 38.64 66.13
C LEU L 122 -68.81 38.76 67.65
N THR L 123 -67.71 39.29 68.15
CA THR L 123 -67.50 39.40 69.58
C THR L 123 -68.35 40.52 70.17
N THR L 124 -68.56 40.45 71.48
CA THR L 124 -69.29 41.51 72.18
C THR L 124 -68.60 42.85 72.01
N ALA L 125 -67.26 42.85 71.96
CA ALA L 125 -66.49 44.04 71.67
C ALA L 125 -66.44 44.28 70.16
N ALA L 126 -65.51 45.14 69.73
CA ALA L 126 -65.25 45.43 68.32
C ALA L 126 -66.34 46.31 67.72
N LYS L 127 -65.94 47.24 66.85
CA LYS L 127 -66.80 48.33 66.41
C LYS L 127 -67.42 48.04 65.06
N LEU L 128 -68.73 48.25 64.97
CA LEU L 128 -69.48 48.21 63.72
C LEU L 128 -70.00 49.60 63.41
N MET L 129 -69.88 50.02 62.16
CA MET L 129 -70.44 51.28 61.72
C MET L 129 -71.44 51.02 60.59
N VAL L 130 -72.57 51.74 60.64
CA VAL L 130 -73.68 51.54 59.74
C VAL L 130 -74.09 52.89 59.16
N VAL L 131 -74.75 52.85 58.01
CA VAL L 131 -75.27 54.05 57.35
C VAL L 131 -76.79 53.97 57.28
N ILE L 132 -77.46 54.98 57.82
CA ILE L 132 -78.91 55.09 57.80
C ILE L 132 -79.26 56.42 57.15
N PRO L 133 -79.90 56.45 55.99
CA PRO L 133 -80.17 57.71 55.28
C PRO L 133 -81.54 58.33 55.53
N ASP L 134 -82.38 57.76 56.39
CA ASP L 134 -83.71 58.30 56.62
C ASP L 134 -83.98 58.33 58.13
N TYR L 135 -85.21 58.63 58.50
CA TYR L 135 -85.60 58.77 59.91
C TYR L 135 -86.35 57.56 60.45
N ASN L 136 -87.25 56.96 59.65
CA ASN L 136 -88.07 55.88 60.17
C ASN L 136 -87.22 54.70 60.62
N THR L 137 -86.18 54.38 59.85
CA THR L 137 -85.30 53.28 60.19
C THR L 137 -84.66 53.48 61.56
N TYR L 138 -84.53 54.73 62.00
CA TYR L 138 -84.01 54.99 63.34
C TYR L 138 -84.89 54.31 64.38
N LYS L 139 -86.16 54.71 64.48
CA LYS L 139 -87.05 54.08 65.43
C LYS L 139 -87.20 52.60 65.13
N ASN L 140 -87.06 52.21 63.86
CA ASN L 140 -87.13 50.79 63.52
C ASN L 140 -86.03 50.00 64.22
N THR L 141 -84.82 50.53 64.26
CA THR L 141 -83.70 49.81 64.88
C THR L 141 -83.08 50.57 66.04
N CYS L 142 -82.73 51.83 65.81
CA CYS L 142 -81.98 52.62 66.78
C CYS L 142 -82.93 53.25 67.78
N ASP L 143 -83.04 52.65 68.96
CA ASP L 143 -83.89 53.17 70.03
C ASP L 143 -82.99 53.59 71.19
N GLY L 144 -82.79 54.89 71.35
CA GLY L 144 -81.89 55.39 72.37
C GLY L 144 -80.46 54.93 72.12
N THR L 145 -79.91 54.18 73.07
CA THR L 145 -78.61 53.55 72.90
C THR L 145 -78.72 52.10 72.44
N THR L 146 -79.92 51.63 72.14
CA THR L 146 -80.14 50.24 71.74
C THR L 146 -80.32 50.17 70.23
N PHE L 147 -79.55 49.31 69.59
CA PHE L 147 -79.55 49.18 68.13
C PHE L 147 -79.72 47.71 67.80
N THR L 148 -80.94 47.32 67.43
CA THR L 148 -81.28 45.94 67.12
C THR L 148 -81.05 45.72 65.63
N TYR L 149 -79.91 45.13 65.29
CA TYR L 149 -79.52 44.93 63.90
C TYR L 149 -79.06 43.50 63.71
N ALA L 150 -79.52 42.88 62.62
CA ALA L 150 -79.16 41.50 62.28
C ALA L 150 -79.46 40.57 63.44
N SER L 151 -80.61 40.79 64.09
CA SER L 151 -81.03 40.01 65.25
C SER L 151 -79.98 40.06 66.36
N ALA L 152 -79.35 41.23 66.52
CA ALA L 152 -78.36 41.44 67.57
C ALA L 152 -78.54 42.82 68.16
N LEU L 153 -78.30 42.94 69.45
CA LEU L 153 -78.41 44.21 70.16
C LEU L 153 -77.07 44.93 70.12
N TRP L 154 -77.10 46.18 69.68
CA TRP L 154 -75.90 46.99 69.55
C TRP L 154 -76.05 48.23 70.42
N GLU L 155 -75.08 48.45 71.31
CA GLU L 155 -75.09 49.62 72.18
C GLU L 155 -74.54 50.80 71.40
N ILE L 156 -75.41 51.75 71.07
CA ILE L 156 -75.01 52.91 70.27
C ILE L 156 -74.01 53.75 71.07
N GLN L 157 -72.82 53.92 70.52
CA GLN L 157 -71.74 54.60 71.21
C GLN L 157 -71.42 55.96 70.62
N GLN L 158 -71.85 56.22 69.39
CA GLN L 158 -71.49 57.45 68.69
C GLN L 158 -72.39 57.61 67.47
N VAL L 159 -73.00 58.78 67.34
CA VAL L 159 -73.84 59.11 66.20
C VAL L 159 -73.29 60.38 65.58
N VAL L 160 -72.96 60.31 64.30
CA VAL L 160 -72.42 61.45 63.57
C VAL L 160 -73.14 61.55 62.23
N ASP L 161 -73.14 62.75 61.67
CA ASP L 161 -73.80 63.02 60.41
C ASP L 161 -72.78 62.98 59.27
N ALA L 162 -73.22 63.37 58.07
CA ALA L 162 -72.34 63.31 56.89
C ALA L 162 -71.15 64.24 57.03
N ASP L 163 -71.38 65.46 57.53
CA ASP L 163 -70.32 66.45 57.61
C ASP L 163 -69.54 66.36 58.91
N SER L 164 -69.53 65.19 59.53
CA SER L 164 -68.70 64.86 60.69
C SER L 164 -69.03 65.72 61.91
N LYS L 165 -70.21 66.32 61.97
CA LYS L 165 -70.62 67.05 63.17
C LYS L 165 -71.20 66.05 64.16
N ILE L 166 -70.76 66.14 65.41
CA ILE L 166 -71.22 65.23 66.45
C ILE L 166 -72.68 65.51 66.75
N VAL L 167 -73.56 64.61 66.31
CA VAL L 167 -74.97 64.72 66.65
C VAL L 167 -75.24 64.01 67.96
N GLN L 168 -76.32 64.41 68.63
CA GLN L 168 -76.66 63.87 69.94
C GLN L 168 -77.87 62.95 69.84
N LEU L 169 -77.87 61.93 70.71
CA LEU L 169 -78.95 60.95 70.72
C LEU L 169 -80.28 61.60 71.05
N SER L 170 -80.28 62.51 72.01
CA SER L 170 -81.50 63.24 72.33
C SER L 170 -81.83 64.26 71.25
N GLU L 171 -80.82 64.73 70.53
CA GLU L 171 -81.06 65.79 69.54
C GLU L 171 -81.96 65.29 68.42
N ILE L 172 -81.71 64.07 67.92
CA ILE L 172 -82.42 63.58 66.75
C ILE L 172 -83.91 63.45 67.08
N SER L 173 -84.75 64.10 66.27
CA SER L 173 -86.19 64.03 66.44
C SER L 173 -86.87 64.49 65.16
N MET L 174 -88.20 64.41 65.17
CA MET L 174 -88.98 64.84 64.01
C MET L 174 -88.76 66.30 63.70
N ASP L 175 -88.70 67.15 64.73
CA ASP L 175 -88.56 68.58 64.51
C ASP L 175 -87.24 68.91 63.81
N ASN L 176 -86.16 68.27 64.23
CA ASN L 176 -84.84 68.54 63.68
C ASN L 176 -84.48 67.59 62.54
N SER L 177 -85.39 66.70 62.16
CA SER L 177 -85.11 65.80 61.05
C SER L 177 -84.77 66.53 59.75
N PRO L 178 -85.46 67.61 59.34
CA PRO L 178 -85.03 68.35 58.16
C PRO L 178 -83.84 69.25 58.38
N ASN L 179 -83.18 69.17 59.54
CA ASN L 179 -82.03 70.00 59.88
C ASN L 179 -80.85 69.13 60.25
N LEU L 180 -80.62 68.07 59.47
CA LEU L 180 -79.55 67.14 59.78
C LEU L 180 -79.15 66.41 58.51
N ALA L 181 -77.85 66.17 58.34
CA ALA L 181 -77.34 65.41 57.20
C ALA L 181 -77.82 63.98 57.31
N TRP L 182 -78.54 63.51 56.29
CA TRP L 182 -79.21 62.22 56.38
C TRP L 182 -78.26 61.02 56.29
N PRO L 183 -77.21 61.04 55.45
CA PRO L 183 -76.28 59.91 55.47
C PRO L 183 -75.53 59.83 56.79
N LEU L 184 -76.24 59.39 57.83
CA LEU L 184 -75.69 59.30 59.17
C LEU L 184 -74.81 58.07 59.34
N ILE L 185 -73.97 58.10 60.36
CA ILE L 185 -73.09 56.99 60.70
C ILE L 185 -73.28 56.69 62.18
N VAL L 186 -73.61 55.44 62.48
CA VAL L 186 -73.81 54.99 63.86
C VAL L 186 -72.80 53.90 64.16
N THR L 187 -71.99 54.12 65.18
CA THR L 187 -71.00 53.14 65.62
C THR L 187 -71.47 52.52 66.92
N ALA L 188 -71.43 51.20 67.00
CA ALA L 188 -71.98 50.49 68.14
C ALA L 188 -71.22 49.19 68.36
N LEU L 189 -71.41 48.61 69.54
CA LEU L 189 -70.83 47.33 69.89
C LEU L 189 -71.92 46.34 70.25
N ARG L 190 -71.61 45.06 70.09
CA ARG L 190 -72.57 44.01 70.40
C ARG L 190 -72.86 43.98 71.90
N ALA L 191 -74.08 43.54 72.23
CA ALA L 191 -74.50 43.42 73.62
C ALA L 191 -74.29 42.00 74.13
N VAL M 2 -37.92 28.64 1.07
CA VAL M 2 -39.37 28.76 1.09
C VAL M 2 -39.78 30.20 0.83
N GLY M 3 -39.63 30.66 -0.41
CA GLY M 3 -40.00 32.00 -0.77
C GLY M 3 -40.58 32.10 -2.17
N ALA M 4 -40.47 33.27 -2.79
CA ALA M 4 -40.98 33.48 -4.13
C ALA M 4 -39.93 33.16 -5.16
N CYS M 5 -40.34 32.52 -6.26
CA CYS M 5 -39.39 32.12 -7.28
C CYS M 5 -38.89 33.34 -8.04
N VAL M 6 -37.62 33.27 -8.45
CA VAL M 6 -36.96 34.41 -9.09
C VAL M 6 -37.45 34.67 -10.51
N LEU M 7 -38.24 33.76 -11.08
CA LEU M 7 -38.75 33.94 -12.43
C LEU M 7 -40.24 34.24 -12.48
N CYS M 8 -41.00 33.82 -11.47
CA CYS M 8 -42.45 33.98 -11.47
C CYS M 8 -42.99 34.68 -10.25
N ASN M 9 -42.18 34.94 -9.24
CA ASN M 9 -42.58 35.56 -7.97
C ASN M 9 -43.61 34.73 -7.22
N SER M 10 -43.80 33.47 -7.59
CA SER M 10 -44.75 32.61 -6.90
C SER M 10 -44.08 31.93 -5.72
N GLN M 11 -44.81 31.81 -4.61
CA GLN M 11 -44.29 31.23 -3.38
C GLN M 11 -43.94 29.76 -3.59
N THR M 12 -42.66 29.44 -3.63
CA THR M 12 -42.21 28.10 -3.95
C THR M 12 -41.38 27.51 -2.81
N SER M 13 -40.88 26.29 -3.01
CA SER M 13 -40.11 25.61 -2.00
C SER M 13 -38.94 24.84 -2.60
N LEU M 14 -38.45 25.27 -3.76
CA LEU M 14 -37.42 24.51 -4.47
C LEU M 14 -36.29 25.45 -4.89
N ARG M 15 -35.08 24.88 -4.90
CA ARG M 15 -33.91 25.58 -5.43
C ARG M 15 -33.15 24.61 -6.33
N CYS M 16 -32.42 25.17 -7.29
CA CYS M 16 -31.66 24.34 -8.22
C CYS M 16 -30.42 23.82 -7.53
N GLY M 17 -30.24 22.50 -7.54
CA GLY M 17 -29.08 21.90 -6.92
C GLY M 17 -27.79 22.04 -7.70
N ALA M 18 -27.89 22.44 -8.97
CA ALA M 18 -26.70 22.64 -9.80
C ALA M 18 -26.26 24.09 -9.86
N CYS M 19 -27.19 25.03 -9.85
CA CYS M 19 -26.83 26.44 -9.81
C CYS M 19 -26.07 26.75 -8.52
N ILE M 20 -25.07 27.62 -8.63
CA ILE M 20 -24.20 27.88 -7.49
C ILE M 20 -24.93 28.62 -6.38
N ARG M 21 -25.82 29.55 -6.74
CA ARG M 21 -26.42 30.45 -5.75
C ARG M 21 -27.73 29.91 -5.16
N ARG M 22 -28.23 28.78 -5.64
CA ARG M 22 -29.45 28.17 -5.12
C ARG M 22 -30.63 29.14 -5.15
N PRO M 23 -31.21 29.42 -6.31
CA PRO M 23 -32.34 30.35 -6.36
C PRO M 23 -33.69 29.65 -6.25
N PHE M 24 -34.70 30.39 -5.78
CA PHE M 24 -36.05 29.85 -5.66
C PHE M 24 -36.70 29.70 -7.03
N LEU M 25 -37.33 28.56 -7.26
CA LEU M 25 -37.99 28.28 -8.54
C LEU M 25 -39.31 27.57 -8.28
N CYS M 26 -40.39 28.08 -8.88
CA CYS M 26 -41.67 27.40 -8.74
C CYS M 26 -41.71 26.20 -9.68
N CYS M 27 -42.71 25.34 -9.46
CA CYS M 27 -42.75 24.06 -10.15
C CYS M 27 -42.69 24.22 -11.66
N LYS M 28 -43.46 25.17 -12.20
CA LYS M 28 -43.43 25.39 -13.65
C LYS M 28 -42.06 25.88 -14.11
N CYS M 29 -41.55 26.94 -13.48
CA CYS M 29 -40.28 27.49 -13.91
C CYS M 29 -39.12 26.56 -13.58
N CYS M 30 -39.19 25.84 -12.47
CA CYS M 30 -38.17 24.84 -12.16
C CYS M 30 -38.18 23.73 -13.19
N TYR M 31 -39.36 23.28 -13.60
CA TYR M 31 -39.45 22.27 -14.66
C TYR M 31 -38.81 22.78 -15.94
N ASP M 32 -39.09 24.03 -16.31
CA ASP M 32 -38.53 24.60 -17.53
C ASP M 32 -37.01 24.64 -17.47
N HIS M 33 -36.47 25.13 -16.35
CA HIS M 33 -35.02 25.23 -16.23
C HIS M 33 -34.36 23.86 -16.18
N VAL M 34 -35.01 22.88 -15.55
CA VAL M 34 -34.47 21.54 -15.51
C VAL M 34 -34.36 20.97 -16.91
N ILE M 35 -35.46 21.05 -17.67
CA ILE M 35 -35.48 20.46 -19.01
C ILE M 35 -34.67 21.26 -20.02
N SER M 36 -34.34 22.52 -19.71
CA SER M 36 -33.66 23.38 -20.68
C SER M 36 -32.14 23.24 -20.65
N THR M 37 -31.55 22.79 -19.55
CA THR M 37 -30.10 22.71 -19.42
C THR M 37 -29.76 21.38 -18.75
N SER M 38 -28.55 21.29 -18.20
CA SER M 38 -28.11 20.08 -17.53
C SER M 38 -28.36 20.09 -16.04
N HIS M 39 -29.03 21.11 -15.50
CA HIS M 39 -29.39 21.15 -14.08
C HIS M 39 -30.41 20.05 -13.82
N LYS M 40 -29.95 18.95 -13.20
CA LYS M 40 -30.81 17.82 -12.87
C LYS M 40 -30.89 17.56 -11.38
N LEU M 41 -30.37 18.49 -10.57
CA LEU M 41 -30.45 18.39 -9.11
C LEU M 41 -31.31 19.52 -8.61
N VAL M 42 -32.33 19.17 -7.82
CA VAL M 42 -33.26 20.16 -7.26
C VAL M 42 -33.39 19.88 -5.78
N LEU M 43 -33.29 20.93 -4.96
CA LEU M 43 -33.34 20.79 -3.51
C LEU M 43 -34.61 21.41 -2.99
N SER M 44 -35.56 20.56 -2.60
CA SER M 44 -36.78 20.97 -1.93
C SER M 44 -36.53 20.89 -0.42
N VAL M 45 -37.56 20.87 0.44
CA VAL M 45 -37.36 20.65 1.87
C VAL M 45 -36.39 19.51 2.13
N ASN M 46 -36.41 18.50 1.27
CA ASN M 46 -35.44 17.42 1.28
C ASN M 46 -34.82 17.28 -0.10
N PRO M 47 -33.60 16.76 -0.20
CA PRO M 47 -32.98 16.57 -1.51
C PRO M 47 -33.73 15.52 -2.33
N TYR M 48 -33.87 15.79 -3.63
CA TYR M 48 -34.54 14.88 -4.56
C TYR M 48 -33.53 13.85 -5.07
N VAL M 49 -33.19 12.91 -4.20
CA VAL M 49 -32.26 11.84 -4.56
C VAL M 49 -32.87 10.51 -4.12
N CYS M 50 -32.45 9.44 -4.78
CA CYS M 50 -32.94 8.11 -4.46
C CYS M 50 -32.33 7.67 -3.14
N ASN M 51 -33.13 7.71 -2.08
CA ASN M 51 -32.65 7.38 -0.74
C ASN M 51 -32.51 5.87 -0.57
N ALA M 52 -32.62 5.13 -1.66
CA ALA M 52 -32.43 3.69 -1.59
C ALA M 52 -30.99 3.39 -1.13
N PRO M 53 -30.80 2.31 -0.37
CA PRO M 53 -29.46 2.01 0.16
C PRO M 53 -28.44 1.76 -0.94
N GLY M 54 -27.43 2.61 -1.02
CA GLY M 54 -26.38 2.46 -2.00
C GLY M 54 -26.69 2.99 -3.37
N CYS M 55 -27.88 3.53 -3.60
CA CYS M 55 -28.18 4.08 -4.90
C CYS M 55 -27.52 5.42 -5.11
N ASP M 56 -27.39 5.82 -6.37
CA ASP M 56 -26.65 7.03 -6.72
C ASP M 56 -27.29 7.86 -7.82
N VAL M 57 -28.47 7.50 -8.32
CA VAL M 57 -29.11 8.30 -9.36
C VAL M 57 -29.51 9.66 -8.79
N THR M 58 -29.46 10.69 -9.62
CA THR M 58 -29.68 12.05 -9.16
C THR M 58 -30.72 12.84 -9.96
N ASP M 59 -31.01 12.48 -11.20
CA ASP M 59 -31.95 13.25 -12.00
C ASP M 59 -33.36 13.18 -11.42
N VAL M 60 -34.08 14.29 -11.54
CA VAL M 60 -35.46 14.32 -11.09
C VAL M 60 -36.35 13.48 -12.00
N THR M 61 -36.01 13.41 -13.30
CA THR M 61 -36.87 12.75 -14.26
C THR M 61 -37.01 11.27 -13.96
N GLN M 62 -35.90 10.61 -13.63
CA GLN M 62 -35.89 9.17 -13.45
C GLN M 62 -36.20 8.73 -12.03
N LEU M 63 -36.59 9.66 -11.15
CA LEU M 63 -36.89 9.33 -9.76
C LEU M 63 -38.39 9.27 -9.54
N TYR M 64 -38.80 8.35 -8.67
CA TYR M 64 -40.20 8.09 -8.41
C TYR M 64 -40.48 8.16 -6.92
N LEU M 65 -41.72 8.49 -6.58
CA LEU M 65 -42.12 8.74 -5.20
C LEU M 65 -42.57 7.41 -4.61
N GLY M 66 -41.61 6.55 -4.28
CA GLY M 66 -41.93 5.22 -3.82
C GLY M 66 -42.22 5.17 -2.33
N GLY M 67 -43.50 5.16 -1.99
CA GLY M 67 -43.87 5.26 -0.58
C GLY M 67 -43.36 6.55 0.02
N MET M 68 -42.79 6.45 1.21
CA MET M 68 -42.12 7.59 1.82
C MET M 68 -40.63 7.60 1.49
N SER M 69 -40.31 7.48 0.20
CA SER M 69 -38.93 7.41 -0.23
C SER M 69 -38.86 7.66 -1.73
N TYR M 70 -37.99 8.58 -2.13
CA TYR M 70 -37.73 8.76 -3.56
C TYR M 70 -36.99 7.54 -4.10
N TYR M 71 -37.44 7.07 -5.26
CA TYR M 71 -36.91 5.83 -5.79
C TYR M 71 -36.72 5.95 -7.30
N CYS M 72 -35.69 5.27 -7.80
CA CYS M 72 -35.53 5.11 -9.24
C CYS M 72 -36.20 3.82 -9.67
N LYS M 73 -36.07 3.45 -10.93
CA LYS M 73 -36.59 2.19 -11.41
C LYS M 73 -35.94 0.98 -10.76
N SER M 74 -34.64 1.02 -10.52
CA SER M 74 -33.96 -0.10 -9.91
C SER M 74 -34.45 -0.39 -8.50
N HIS M 75 -35.07 0.60 -7.83
CA HIS M 75 -35.49 0.45 -6.45
C HIS M 75 -36.93 0.88 -6.21
N LYS M 76 -37.71 1.07 -7.26
CA LYS M 76 -39.08 1.52 -7.03
C LYS M 76 -39.97 0.37 -6.60
N PRO M 77 -40.97 0.65 -5.78
CA PRO M 77 -41.97 -0.36 -5.44
C PRO M 77 -42.96 -0.53 -6.57
N PRO M 78 -43.82 -1.56 -6.52
CA PRO M 78 -44.80 -1.76 -7.60
C PRO M 78 -45.66 -0.53 -7.86
N ILE M 79 -46.05 0.17 -6.80
CA ILE M 79 -46.77 1.43 -6.98
C ILE M 79 -45.82 2.60 -6.77
N SER M 80 -45.78 3.50 -7.74
CA SER M 80 -44.83 4.60 -7.72
C SER M 80 -45.43 5.74 -8.54
N PHE M 81 -44.68 6.84 -8.63
CA PHE M 81 -45.23 8.03 -9.28
C PHE M 81 -44.09 8.94 -9.71
N PRO M 82 -44.03 9.34 -10.98
CA PRO M 82 -42.90 10.14 -11.46
C PRO M 82 -42.96 11.57 -10.95
N LEU M 83 -41.87 12.00 -10.30
CA LEU M 83 -41.83 13.36 -9.75
C LEU M 83 -41.87 14.41 -10.85
N CYS M 84 -41.10 14.19 -11.92
CA CYS M 84 -40.98 15.15 -13.01
C CYS M 84 -41.97 14.78 -14.10
N ALA M 85 -43.07 15.54 -14.18
CA ALA M 85 -44.10 15.28 -15.20
C ALA M 85 -45.02 16.49 -15.27
N ASN M 86 -45.80 16.54 -16.36
CA ASN M 86 -46.90 17.47 -16.53
C ASN M 86 -46.42 18.93 -16.56
N GLY M 87 -45.16 19.14 -16.91
CA GLY M 87 -44.65 20.50 -17.04
C GLY M 87 -44.39 21.23 -15.74
N GLN M 88 -44.50 20.55 -14.61
CA GLN M 88 -44.18 21.16 -13.32
C GLN M 88 -43.84 20.06 -12.33
N VAL M 89 -42.65 20.13 -11.74
CA VAL M 89 -42.21 19.10 -10.83
C VAL M 89 -43.06 19.14 -9.57
N PHE M 90 -43.25 17.98 -8.95
CA PHE M 90 -44.09 17.89 -7.77
C PHE M 90 -43.44 18.59 -6.59
N GLY M 91 -44.19 19.47 -5.94
CA GLY M 91 -43.64 20.25 -4.85
C GLY M 91 -44.71 21.06 -4.18
N LEU M 92 -44.28 21.94 -3.28
CA LEU M 92 -45.22 22.75 -2.51
C LEU M 92 -45.97 23.71 -3.42
N TYR M 93 -47.27 23.85 -3.16
CA TYR M 93 -48.14 24.72 -3.94
C TYR M 93 -48.11 24.36 -5.42
N LYS M 94 -48.21 23.07 -5.72
CA LYS M 94 -48.11 22.56 -7.07
C LYS M 94 -49.25 23.07 -7.96
N ASN M 95 -50.29 23.61 -7.33
CA ASN M 95 -51.43 24.11 -8.10
C ASN M 95 -51.12 25.47 -8.73
N THR M 96 -50.76 26.45 -7.90
CA THR M 96 -50.66 27.85 -8.34
C THR M 96 -49.22 28.20 -8.69
N CYS M 97 -48.73 27.58 -9.76
CA CYS M 97 -47.41 27.87 -10.31
C CYS M 97 -47.65 28.55 -11.66
N VAL M 98 -47.68 29.88 -11.65
CA VAL M 98 -48.07 30.64 -12.83
C VAL M 98 -47.08 30.47 -13.98
N GLY M 99 -45.81 30.20 -13.69
CA GLY M 99 -44.83 30.07 -14.74
C GLY M 99 -44.48 31.42 -15.36
N SER M 100 -43.64 31.36 -16.39
CA SER M 100 -43.14 32.55 -17.05
C SER M 100 -42.69 32.19 -18.45
N ASP M 101 -42.25 33.20 -19.20
CA ASP M 101 -41.74 33.03 -20.56
C ASP M 101 -40.26 33.25 -20.66
N ASN M 102 -39.71 34.27 -20.00
CA ASN M 102 -38.29 34.59 -20.07
C ASN M 102 -37.52 33.59 -19.20
N VAL M 103 -37.36 32.39 -19.74
CA VAL M 103 -36.73 31.28 -19.03
C VAL M 103 -35.34 31.00 -19.57
N THR M 104 -35.19 30.95 -20.90
CA THR M 104 -33.91 30.57 -21.50
C THR M 104 -32.81 31.59 -21.19
N ASP M 105 -33.16 32.86 -21.03
CA ASP M 105 -32.16 33.85 -20.65
C ASP M 105 -31.57 33.53 -19.29
N PHE M 106 -32.41 33.13 -18.34
CA PHE M 106 -31.92 32.71 -17.04
C PHE M 106 -31.06 31.45 -17.18
N ASN M 107 -31.44 30.55 -18.09
CA ASN M 107 -30.59 29.39 -18.36
C ASN M 107 -29.21 29.82 -18.82
N ALA M 108 -29.15 30.82 -19.71
CA ALA M 108 -27.88 31.31 -20.20
C ALA M 108 -27.05 31.91 -19.07
N ILE M 109 -27.70 32.74 -18.23
CA ILE M 109 -26.97 33.36 -17.12
C ILE M 109 -26.42 32.30 -16.19
N ALA M 110 -27.22 31.27 -15.90
CA ALA M 110 -26.76 30.21 -15.01
C ALA M 110 -25.63 29.41 -15.65
N THR M 111 -25.66 29.25 -16.97
CA THR M 111 -24.68 28.42 -17.67
C THR M 111 -23.49 29.20 -18.20
N CYS M 112 -23.47 30.53 -18.04
CA CYS M 112 -22.38 31.35 -18.56
C CYS M 112 -21.28 31.49 -17.52
N ASP M 113 -20.03 31.44 -17.97
CA ASP M 113 -18.88 31.56 -17.09
C ASP M 113 -18.29 32.96 -17.07
N TRP M 114 -18.97 33.93 -17.66
CA TRP M 114 -18.57 35.34 -17.61
C TRP M 114 -17.20 35.56 -18.24
N THR M 115 -17.05 35.17 -19.51
CA THR M 115 -15.81 35.39 -20.24
C THR M 115 -16.08 36.24 -21.47
N ASN M 116 -17.23 36.02 -22.11
CA ASN M 116 -17.64 36.84 -23.24
C ASN M 116 -18.18 38.17 -22.76
N ALA M 117 -17.97 39.22 -23.56
CA ALA M 117 -18.54 40.52 -23.23
C ALA M 117 -20.07 40.45 -23.24
N GLY M 118 -20.64 39.61 -24.09
CA GLY M 118 -22.09 39.44 -24.12
C GLY M 118 -22.65 38.97 -22.79
N ASP M 119 -21.85 38.25 -22.01
CA ASP M 119 -22.31 37.85 -20.68
C ASP M 119 -22.62 39.07 -19.82
N TYR M 120 -21.69 40.02 -19.77
CA TYR M 120 -21.92 41.25 -19.01
C TYR M 120 -22.98 42.11 -19.67
N ILE M 121 -23.09 42.04 -21.00
CA ILE M 121 -24.17 42.73 -21.69
C ILE M 121 -25.52 42.24 -21.15
N LEU M 122 -25.70 40.92 -21.10
CA LEU M 122 -26.92 40.35 -20.57
C LEU M 122 -27.07 40.70 -19.09
N ALA M 123 -25.96 40.73 -18.36
CA ALA M 123 -26.02 41.06 -16.94
C ALA M 123 -26.59 42.45 -16.71
N ASN M 124 -26.25 43.41 -17.58
CA ASN M 124 -26.81 44.75 -17.45
C ASN M 124 -28.05 44.95 -18.31
N THR M 125 -28.46 43.95 -19.08
CA THR M 125 -29.63 44.10 -19.95
C THR M 125 -30.64 42.98 -19.74
N CYS M 126 -30.94 42.68 -18.48
CA CYS M 126 -31.98 41.71 -18.14
C CYS M 126 -32.97 42.39 -17.21
N THR M 127 -33.95 41.62 -16.73
CA THR M 127 -34.93 42.16 -15.82
C THR M 127 -34.29 42.40 -14.45
N GLU M 128 -35.02 43.10 -13.59
CA GLU M 128 -34.48 43.55 -12.30
C GLU M 128 -33.91 42.41 -11.47
N ARG M 129 -34.76 41.49 -11.03
CA ARG M 129 -34.26 40.42 -10.17
C ARG M 129 -33.32 39.50 -10.93
N LEU M 130 -33.51 39.36 -12.24
CA LEU M 130 -32.55 38.63 -13.05
C LEU M 130 -31.19 39.32 -13.02
N LYS M 131 -31.17 40.65 -13.11
CA LYS M 131 -29.91 41.39 -13.01
C LYS M 131 -29.27 41.19 -11.65
N LEU M 132 -30.08 41.23 -10.59
CA LEU M 132 -29.55 41.04 -9.25
C LEU M 132 -28.94 39.65 -9.11
N PHE M 133 -29.64 38.64 -9.60
CA PHE M 133 -29.12 37.27 -9.55
C PHE M 133 -27.83 37.15 -10.34
N ALA M 134 -27.78 37.78 -11.51
CA ALA M 134 -26.56 37.71 -12.33
C ALA M 134 -25.39 38.37 -11.62
N ALA M 135 -25.62 39.53 -10.99
CA ALA M 135 -24.55 40.20 -10.26
C ALA M 135 -24.07 39.34 -9.09
N GLU M 136 -25.02 38.75 -8.36
CA GLU M 136 -24.66 37.86 -7.26
C GLU M 136 -23.80 36.71 -7.75
N THR M 137 -24.22 36.08 -8.85
CA THR M 137 -23.48 34.94 -9.37
C THR M 137 -22.09 35.35 -9.83
N LEU M 138 -21.99 36.53 -10.47
CA LEU M 138 -20.69 37.02 -10.91
C LEU M 138 -19.76 37.24 -9.73
N LYS M 139 -20.26 37.90 -8.69
CA LYS M 139 -19.42 38.16 -7.52
C LYS M 139 -18.98 36.85 -6.88
N ALA M 140 -19.90 35.89 -6.76
CA ALA M 140 -19.54 34.61 -6.17
C ALA M 140 -18.47 33.89 -7.00
N THR M 141 -18.62 33.90 -8.32
CA THR M 141 -17.66 33.23 -9.18
C THR M 141 -16.28 33.87 -9.07
N GLU M 142 -16.23 35.21 -9.07
CA GLU M 142 -14.93 35.86 -8.99
C GLU M 142 -14.30 35.71 -7.61
N GLU M 143 -15.11 35.60 -6.56
CA GLU M 143 -14.57 35.35 -5.23
C GLU M 143 -14.01 33.94 -5.11
N THR M 144 -14.77 32.95 -5.57
CA THR M 144 -14.28 31.57 -5.49
C THR M 144 -13.13 31.31 -6.43
N PHE M 145 -12.95 32.13 -7.46
CA PHE M 145 -11.81 31.95 -8.35
C PHE M 145 -10.52 32.44 -7.70
N LYS M 146 -10.61 33.48 -6.88
CA LYS M 146 -9.42 34.14 -6.32
C LYS M 146 -8.86 33.42 -5.10
N LEU M 147 -8.68 32.10 -5.19
CA LEU M 147 -8.25 31.32 -4.03
C LEU M 147 -7.22 30.28 -4.46
N SER M 148 -6.45 30.60 -5.49
CA SER M 148 -5.51 29.64 -6.06
C SER M 148 -4.14 30.27 -6.28
N TYR M 149 -3.65 31.01 -5.29
CA TYR M 149 -2.38 31.70 -5.40
C TYR M 149 -1.57 31.43 -4.14
N GLY M 150 -0.41 32.07 -4.04
CA GLY M 150 0.54 31.81 -2.98
C GLY M 150 0.40 32.78 -1.82
N ILE M 151 0.82 32.32 -0.64
CA ILE M 151 0.81 33.15 0.56
C ILE M 151 2.05 34.03 0.52
N ALA M 152 1.86 35.35 0.51
CA ALA M 152 2.97 36.27 0.41
C ALA M 152 3.74 36.35 1.72
N THR M 153 4.79 35.55 1.84
CA THR M 153 5.63 35.54 3.04
C THR M 153 6.57 36.74 2.98
N VAL M 154 6.58 37.54 4.04
CA VAL M 154 7.41 38.73 4.10
C VAL M 154 8.79 38.34 4.61
N ARG M 155 9.82 38.63 3.83
CA ARG M 155 11.21 38.39 4.18
C ARG M 155 12.02 39.57 3.69
N GLU M 156 13.10 39.89 4.42
CA GLU M 156 14.02 40.94 4.02
C GLU M 156 13.33 42.29 3.90
N VAL M 157 12.81 42.81 5.01
CA VAL M 157 12.14 44.11 4.99
C VAL M 157 13.17 45.20 4.74
N LEU M 158 12.87 46.09 3.80
CA LEU M 158 13.78 47.13 3.36
C LEU M 158 13.15 48.49 3.56
N SER M 159 13.76 49.32 4.41
CA SER M 159 13.30 50.68 4.68
C SER M 159 11.89 50.61 5.25
N ASP M 160 11.01 51.55 4.91
CA ASP M 160 9.63 51.54 5.40
C ASP M 160 8.62 51.34 4.28
N ARG M 161 9.09 50.95 3.09
CA ARG M 161 8.16 50.85 1.96
C ARG M 161 8.28 49.58 1.15
N GLU M 162 9.42 48.88 1.17
CA GLU M 162 9.60 47.69 0.35
C GLU M 162 9.98 46.52 1.24
N LEU M 163 9.17 45.46 1.20
CA LEU M 163 9.36 44.31 2.06
C LEU M 163 9.90 43.10 1.31
N HIS M 164 10.35 43.27 0.07
CA HIS M 164 10.99 42.21 -0.69
C HIS M 164 10.06 41.03 -0.92
N LEU M 165 9.61 40.40 0.18
CA LEU M 165 8.63 39.31 0.14
C LEU M 165 9.20 38.03 -0.46
N SER M 166 8.40 36.98 -0.43
CA SER M 166 8.74 35.70 -1.04
C SER M 166 7.43 35.00 -1.36
N TRP M 167 7.53 33.80 -1.92
CA TRP M 167 6.35 33.07 -2.36
C TRP M 167 6.54 31.58 -2.12
N GLU M 168 5.43 30.86 -2.07
CA GLU M 168 5.43 29.42 -1.80
C GLU M 168 5.68 28.57 -3.04
N VAL M 169 6.25 29.17 -4.09
CA VAL M 169 6.79 28.44 -5.23
C VAL M 169 5.71 27.74 -6.03
N GLY M 170 5.17 26.64 -5.49
CA GLY M 170 4.25 25.81 -6.25
C GLY M 170 2.79 26.17 -6.10
N LYS M 171 2.46 27.43 -6.40
CA LYS M 171 1.14 28.01 -6.17
C LYS M 171 1.07 29.50 -6.53
N PRO M 172 2.08 30.31 -6.19
CA PRO M 172 1.94 31.77 -6.37
C PRO M 172 1.75 32.16 -7.83
N ARG M 173 0.62 32.83 -8.09
CA ARG M 173 0.40 33.58 -9.32
C ARG M 173 0.06 35.00 -8.90
N PRO M 174 1.01 35.71 -8.30
CA PRO M 174 0.68 36.90 -7.52
C PRO M 174 0.32 38.06 -8.42
N PRO M 175 -0.92 38.54 -8.35
CA PRO M 175 -1.30 39.76 -9.07
C PRO M 175 -0.89 41.00 -8.29
N LEU M 176 0.39 41.37 -8.40
CA LEU M 176 0.91 42.50 -7.66
C LEU M 176 0.45 43.84 -8.21
N ASN M 177 -0.21 43.85 -9.37
CA ASN M 177 -0.61 45.09 -10.00
C ASN M 177 -1.78 45.72 -9.25
N ARG M 178 -1.96 47.03 -9.48
CA ARG M 178 -3.06 47.86 -9.00
C ARG M 178 -3.56 47.48 -7.60
N ASN M 179 -4.88 47.38 -7.45
CA ASN M 179 -5.51 47.08 -6.18
C ASN M 179 -5.85 45.60 -6.11
N TYR M 180 -5.02 44.85 -5.40
CA TYR M 180 -5.30 43.47 -4.97
C TYR M 180 -5.06 43.47 -3.46
N VAL M 181 -6.15 43.57 -2.69
CA VAL M 181 -6.03 43.76 -1.25
C VAL M 181 -5.44 42.51 -0.61
N PHE M 182 -4.39 42.70 0.18
CA PHE M 182 -3.75 41.62 0.92
C PHE M 182 -3.82 41.95 2.41
N THR M 183 -4.14 40.95 3.22
CA THR M 183 -4.22 41.13 4.65
C THR M 183 -2.98 40.57 5.35
N GLY M 184 -2.70 41.11 6.54
CA GLY M 184 -1.47 40.78 7.23
C GLY M 184 -1.62 40.05 8.55
N TYR M 185 -1.10 38.83 8.61
CA TYR M 185 -1.07 38.03 9.82
C TYR M 185 0.35 37.97 10.35
N ARG M 186 0.50 38.14 11.68
CA ARG M 186 1.78 38.00 12.34
C ARG M 186 1.65 36.98 13.45
N VAL M 187 2.52 35.98 13.44
CA VAL M 187 2.39 34.85 14.36
C VAL M 187 3.04 35.19 15.69
N THR M 188 2.38 34.78 16.78
CA THR M 188 2.91 34.99 18.12
C THR M 188 2.59 33.77 18.96
N LYS M 189 3.62 33.21 19.62
CA LYS M 189 3.47 32.02 20.45
C LYS M 189 2.81 30.90 19.68
N ASN M 190 1.53 30.65 19.94
CA ASN M 190 0.74 29.71 19.17
C ASN M 190 -0.51 30.38 18.62
N SER M 191 -0.44 31.67 18.36
CA SER M 191 -1.58 32.44 17.88
C SER M 191 -1.15 33.34 16.73
N LYS M 192 -2.12 33.74 15.93
CA LYS M 192 -1.92 34.71 14.87
C LYS M 192 -3.00 35.77 14.94
N VAL M 193 -2.62 37.01 14.68
CA VAL M 193 -3.51 38.16 14.72
C VAL M 193 -3.44 38.91 13.40
N GLN M 194 -4.59 39.25 12.85
CA GLN M 194 -4.61 40.07 11.66
C GLN M 194 -4.18 41.49 11.99
N ILE M 195 -3.23 42.02 11.21
CA ILE M 195 -2.81 43.39 11.40
C ILE M 195 -3.73 44.34 10.66
N GLY M 196 -3.83 44.18 9.34
CA GLY M 196 -4.69 45.03 8.54
C GLY M 196 -4.73 44.52 7.12
N GLU M 197 -5.11 45.41 6.20
CA GLU M 197 -5.13 45.09 4.79
C GLU M 197 -4.33 46.13 4.02
N TYR M 198 -3.56 45.63 3.05
CA TYR M 198 -2.64 46.47 2.30
C TYR M 198 -2.82 46.19 0.80
N THR M 199 -2.44 47.18 -0.01
CA THR M 199 -2.73 47.17 -1.43
C THR M 199 -1.61 46.58 -2.28
N PHE M 200 -0.35 46.86 -1.94
CA PHE M 200 0.81 46.45 -2.73
C PHE M 200 0.86 47.12 -4.10
N GLU M 201 2.02 47.06 -4.76
CA GLU M 201 2.18 47.62 -6.10
C GLU M 201 3.24 46.73 -6.71
N LYS M 202 3.97 47.22 -7.71
CA LYS M 202 5.08 46.45 -8.29
C LYS M 202 6.39 47.09 -7.89
N GLY M 203 6.38 48.41 -7.73
CA GLY M 203 7.53 49.14 -7.22
C GLY M 203 8.92 49.22 -7.78
N ASP M 204 9.73 50.05 -7.13
CA ASP M 204 11.12 50.25 -7.58
C ASP M 204 11.93 48.97 -7.65
N TYR M 205 13.01 48.96 -8.42
CA TYR M 205 13.91 47.80 -8.45
C TYR M 205 13.20 46.54 -8.91
N GLY M 206 13.70 45.38 -8.45
CA GLY M 206 13.10 44.13 -8.84
C GLY M 206 12.09 43.70 -7.80
N ASP M 207 12.56 42.97 -6.80
CA ASP M 207 11.65 42.48 -5.78
C ASP M 207 11.32 43.51 -4.71
N ALA M 208 11.90 44.70 -4.78
CA ALA M 208 11.58 45.74 -3.82
C ALA M 208 10.20 46.31 -4.11
N VAL M 209 9.17 45.59 -3.69
CA VAL M 209 7.79 45.97 -4.01
C VAL M 209 7.28 46.94 -2.95
N VAL M 210 6.71 48.04 -3.40
CA VAL M 210 6.11 49.03 -2.50
C VAL M 210 4.68 48.63 -2.18
N TYR M 211 4.25 48.91 -0.96
CA TYR M 211 2.91 48.61 -0.49
C TYR M 211 2.19 49.89 -0.10
N ARG M 212 0.93 49.73 0.28
CA ARG M 212 0.15 50.82 0.87
C ARG M 212 -1.11 50.22 1.47
N GLY M 213 -1.51 50.74 2.62
CA GLY M 213 -2.71 50.24 3.27
C GLY M 213 -2.98 50.97 4.57
N THR M 214 -4.06 50.56 5.22
CA THR M 214 -4.48 51.14 6.48
C THR M 214 -3.66 50.51 7.61
N THR M 215 -4.16 50.66 8.85
CA THR M 215 -3.50 50.09 10.03
C THR M 215 -2.10 50.67 10.20
N THR M 216 -2.01 51.93 10.58
CA THR M 216 -0.74 52.64 10.71
C THR M 216 0.06 52.12 11.89
N TYR M 217 0.52 50.87 11.78
CA TYR M 217 1.45 50.27 12.71
C TYR M 217 2.77 50.03 11.99
N LYS M 218 3.77 49.60 12.74
CA LYS M 218 5.03 49.22 12.13
C LYS M 218 4.88 47.85 11.47
N LEU M 219 5.92 47.44 10.76
CA LEU M 219 5.95 46.12 10.14
C LEU M 219 7.16 45.36 10.65
N ASN M 220 7.19 44.07 10.32
CA ASN M 220 8.28 43.21 10.74
C ASN M 220 8.37 42.03 9.79
N VAL M 221 9.49 41.32 9.86
CA VAL M 221 9.66 40.13 9.04
C VAL M 221 8.73 39.02 9.53
N GLY M 222 8.37 38.13 8.61
CA GLY M 222 7.52 37.01 8.92
C GLY M 222 6.03 37.28 8.83
N ASP M 223 5.63 38.53 8.63
CA ASP M 223 4.22 38.89 8.58
C ASP M 223 3.66 38.48 7.22
N TYR M 224 3.38 37.19 7.08
CA TYR M 224 2.94 36.66 5.79
C TYR M 224 1.61 37.26 5.39
N PHE M 225 1.46 37.54 4.09
CA PHE M 225 0.26 38.16 3.56
C PHE M 225 -0.56 37.13 2.79
N VAL M 226 -1.88 37.26 2.91
CA VAL M 226 -2.82 36.36 2.25
C VAL M 226 -3.84 37.21 1.50
N LEU M 227 -4.20 36.76 0.30
CA LEU M 227 -5.23 37.44 -0.48
C LEU M 227 -6.57 37.32 0.24
N THR M 228 -7.26 38.45 0.40
CA THR M 228 -8.47 38.50 1.21
C THR M 228 -9.66 37.95 0.42
N SER M 229 -10.36 36.99 1.01
CA SER M 229 -11.60 36.47 0.47
C SER M 229 -12.76 36.83 1.39
N HIS M 230 -13.97 36.79 0.83
CA HIS M 230 -15.17 37.15 1.56
C HIS M 230 -16.28 36.17 1.18
N THR M 231 -17.51 36.52 1.53
CA THR M 231 -18.69 35.73 1.19
C THR M 231 -19.73 36.63 0.57
N VAL M 232 -20.56 36.04 -0.27
CA VAL M 232 -21.60 36.80 -0.97
C VAL M 232 -22.86 36.82 -0.12
N MET M 233 -23.48 37.99 -0.02
CA MET M 233 -24.70 38.15 0.74
C MET M 233 -25.88 38.30 -0.20
N PRO M 234 -27.07 37.83 0.18
CA PRO M 234 -28.23 37.95 -0.71
C PRO M 234 -28.71 39.38 -0.83
N LEU M 235 -28.82 39.85 -2.08
CA LEU M 235 -29.26 41.21 -2.32
C LEU M 235 -30.78 41.32 -2.17
N SER M 236 -31.23 42.52 -1.78
CA SER M 236 -32.65 42.79 -1.60
C SER M 236 -33.16 43.91 -2.48
N ALA M 237 -32.46 45.03 -2.51
CA ALA M 237 -32.93 46.25 -3.18
C ALA M 237 -32.50 46.28 -4.63
N PRO M 238 -33.21 47.04 -5.47
CA PRO M 238 -32.83 47.14 -6.89
C PRO M 238 -31.59 47.99 -7.11
N THR M 239 -31.14 48.09 -8.36
CA THR M 239 -29.94 48.85 -8.66
C THR M 239 -30.14 50.34 -8.42
N LEU M 240 -31.39 50.81 -8.43
CA LEU M 240 -31.65 52.22 -8.20
C LEU M 240 -33.09 52.39 -7.71
N VAL M 241 -33.27 53.33 -6.78
CA VAL M 241 -34.62 53.65 -6.33
C VAL M 241 -35.40 54.27 -7.49
N PRO M 242 -36.68 53.97 -7.66
CA PRO M 242 -37.44 54.58 -8.77
C PRO M 242 -37.44 56.10 -8.68
N GLN M 243 -37.34 56.73 -9.85
CA GLN M 243 -37.20 58.18 -9.94
C GLN M 243 -38.56 58.86 -10.00
N GLU M 244 -38.69 59.95 -9.25
CA GLU M 244 -39.87 60.80 -9.35
C GLU M 244 -39.43 62.25 -9.11
N HIS M 245 -39.98 63.17 -9.89
CA HIS M 245 -39.64 64.58 -9.81
C HIS M 245 -40.76 65.30 -9.05
N TYR M 246 -40.40 65.94 -7.94
CA TYR M 246 -41.38 66.67 -7.15
C TYR M 246 -41.60 68.05 -7.75
N VAL M 247 -42.58 68.76 -7.21
CA VAL M 247 -42.80 70.16 -7.54
C VAL M 247 -42.19 71.07 -6.48
N ARG M 248 -41.39 70.51 -5.58
CA ARG M 248 -40.86 71.24 -4.44
C ARG M 248 -39.65 70.48 -3.92
N ILE M 249 -38.77 71.19 -3.23
CA ILE M 249 -37.66 70.53 -2.55
C ILE M 249 -38.22 69.94 -1.26
N THR M 250 -38.68 68.70 -1.35
CA THR M 250 -39.45 68.09 -0.28
C THR M 250 -38.51 67.56 0.81
N GLY M 251 -38.69 68.04 2.03
CA GLY M 251 -37.88 67.61 3.15
C GLY M 251 -36.60 68.39 3.34
N LEU M 252 -36.29 69.32 2.45
CA LEU M 252 -35.09 70.14 2.55
C LEU M 252 -35.50 71.62 2.58
N TYR M 253 -34.51 72.48 2.84
CA TYR M 253 -34.75 73.91 2.88
C TYR M 253 -33.62 74.64 2.16
N PRO M 254 -33.94 75.63 1.33
CA PRO M 254 -32.90 76.32 0.56
C PRO M 254 -31.87 77.03 1.42
N THR M 255 -30.83 77.56 0.79
CA THR M 255 -29.70 78.15 1.49
C THR M 255 -29.85 79.66 1.59
N LEU M 256 -29.14 80.24 2.55
CA LEU M 256 -29.14 81.67 2.76
C LEU M 256 -28.03 82.38 1.99
N ASN M 257 -26.87 81.74 1.85
CA ASN M 257 -25.74 82.31 1.14
C ASN M 257 -25.26 81.36 0.04
N ILE M 258 -24.69 81.93 -1.01
CA ILE M 258 -24.20 81.18 -2.15
C ILE M 258 -22.73 81.49 -2.33
N SER M 259 -21.87 80.48 -2.25
CA SER M 259 -20.46 80.67 -2.46
C SER M 259 -20.15 80.71 -3.95
N ASP M 260 -19.25 81.61 -4.35
CA ASP M 260 -18.91 81.76 -5.76
C ASP M 260 -18.29 80.50 -6.33
N GLU M 261 -17.37 79.88 -5.57
CA GLU M 261 -16.73 78.64 -6.02
C GLU M 261 -17.76 77.55 -6.29
N PHE M 262 -18.90 77.57 -5.58
CA PHE M 262 -19.96 76.61 -5.78
C PHE M 262 -21.19 77.21 -6.45
N SER M 263 -21.12 78.48 -6.87
CA SER M 263 -22.28 79.13 -7.47
C SER M 263 -22.68 78.45 -8.77
N SER M 264 -21.70 78.07 -9.60
CA SER M 264 -22.01 77.28 -10.78
C SER M 264 -22.67 75.96 -10.42
N ASN M 265 -22.25 75.37 -9.30
CA ASN M 265 -22.94 74.20 -8.77
C ASN M 265 -24.26 74.57 -8.11
N VAL M 266 -24.38 75.80 -7.61
CA VAL M 266 -25.63 76.22 -6.97
C VAL M 266 -26.78 76.20 -7.96
N ALA M 267 -26.53 76.59 -9.21
CA ALA M 267 -27.55 76.41 -10.23
C ALA M 267 -27.93 74.95 -10.41
N ASN M 268 -27.06 74.04 -9.97
CA ASN M 268 -27.34 72.62 -9.95
C ASN M 268 -27.81 72.12 -8.59
N TYR M 269 -27.93 73.01 -7.60
CA TYR M 269 -28.30 72.61 -6.25
C TYR M 269 -29.81 72.66 -5.99
N GLN M 270 -30.63 72.91 -7.01
CA GLN M 270 -32.07 72.90 -6.84
C GLN M 270 -32.76 71.78 -7.59
N LYS M 271 -32.05 71.01 -8.42
CA LYS M 271 -32.63 69.89 -9.16
C LYS M 271 -32.32 68.55 -8.50
N VAL M 272 -31.82 68.56 -7.28
CA VAL M 272 -31.56 67.32 -6.55
C VAL M 272 -32.74 67.01 -5.64
N GLY M 273 -33.08 67.96 -4.77
CA GLY M 273 -34.21 67.79 -3.89
C GLY M 273 -35.55 67.81 -4.61
N MET M 274 -35.58 68.37 -5.82
CA MET M 274 -36.79 68.37 -6.62
C MET M 274 -37.07 67.02 -7.26
N GLN M 275 -36.07 66.16 -7.40
CA GLN M 275 -36.23 64.84 -7.99
C GLN M 275 -35.84 63.78 -6.96
N LYS M 276 -36.05 62.52 -7.33
CA LYS M 276 -35.61 61.43 -6.47
C LYS M 276 -34.09 61.39 -6.37
N TYR M 277 -33.39 61.70 -7.46
CA TYR M 277 -31.94 61.72 -7.43
C TYR M 277 -31.45 62.58 -8.59
N SER M 278 -30.14 62.58 -8.82
CA SER M 278 -29.54 63.39 -9.87
C SER M 278 -28.30 62.68 -10.37
N THR M 279 -28.27 62.39 -11.66
CA THR M 279 -27.13 61.73 -12.29
C THR M 279 -26.27 62.77 -13.00
N LEU M 280 -24.98 62.79 -12.68
CA LEU M 280 -24.05 63.79 -13.19
C LEU M 280 -22.94 63.11 -13.96
N GLN M 281 -22.64 63.64 -15.14
CA GLN M 281 -21.50 63.19 -15.94
C GLN M 281 -20.27 64.06 -15.62
N GLY M 282 -19.92 64.07 -14.33
CA GLY M 282 -18.82 64.87 -13.86
C GLY M 282 -17.50 64.49 -14.49
N PRO M 283 -16.78 65.48 -15.02
CA PRO M 283 -15.43 65.23 -15.52
C PRO M 283 -14.51 64.86 -14.38
N PRO M 284 -13.41 64.16 -14.65
CA PRO M 284 -12.63 63.57 -13.56
C PRO M 284 -11.97 64.61 -12.67
N GLY M 285 -12.51 64.76 -11.46
CA GLY M 285 -11.94 65.64 -10.45
C GLY M 285 -12.15 67.11 -10.67
N THR M 286 -12.91 67.51 -11.69
CA THR M 286 -13.06 68.92 -12.00
C THR M 286 -14.03 69.59 -11.04
N GLY M 287 -13.67 69.68 -9.77
CA GLY M 287 -14.52 70.30 -8.79
C GLY M 287 -15.70 69.45 -8.35
N LYS M 288 -15.69 68.16 -8.65
CA LYS M 288 -16.73 67.28 -8.12
C LYS M 288 -16.69 67.23 -6.60
N SER M 289 -15.48 67.19 -6.02
CA SER M 289 -15.35 67.38 -4.59
C SER M 289 -15.85 68.76 -4.18
N HIS M 290 -15.52 69.77 -4.97
CA HIS M 290 -16.06 71.11 -4.75
C HIS M 290 -17.58 71.09 -4.86
N PHE M 291 -18.11 70.35 -5.82
CA PHE M 291 -19.56 70.19 -5.94
C PHE M 291 -20.16 69.63 -4.66
N ALA M 292 -19.54 68.58 -4.12
CA ALA M 292 -20.07 67.92 -2.93
C ALA M 292 -20.03 68.85 -1.72
N ILE M 293 -18.90 69.52 -1.51
CA ILE M 293 -18.80 70.40 -0.34
C ILE M 293 -19.72 71.61 -0.48
N GLY M 294 -19.85 72.14 -1.70
CA GLY M 294 -20.79 73.23 -1.92
C GLY M 294 -22.23 72.83 -1.70
N LEU M 295 -22.58 71.59 -2.06
CA LEU M 295 -23.92 71.09 -1.76
C LEU M 295 -24.11 70.92 -0.26
N ALA M 296 -23.09 70.42 0.43
CA ALA M 296 -23.19 70.25 1.87
C ALA M 296 -23.43 71.59 2.56
N LEU M 297 -22.69 72.63 2.14
CA LEU M 297 -22.98 73.97 2.65
C LEU M 297 -24.34 74.46 2.18
N TYR M 298 -24.78 74.03 0.99
CA TYR M 298 -26.03 74.50 0.43
C TYR M 298 -27.22 73.99 1.24
N TYR M 299 -27.09 72.80 1.83
CA TYR M 299 -28.15 72.20 2.63
C TYR M 299 -27.53 71.86 3.99
N PRO M 300 -27.40 72.85 4.89
CA PRO M 300 -26.78 72.59 6.19
C PRO M 300 -27.63 71.77 7.14
N SER M 301 -28.89 71.49 6.81
CA SER M 301 -29.77 70.73 7.69
C SER M 301 -29.96 69.29 7.26
N ALA M 302 -29.81 68.98 5.98
CA ALA M 302 -30.08 67.65 5.47
C ALA M 302 -29.03 66.66 5.97
N ARG M 303 -29.35 65.37 5.84
CA ARG M 303 -28.43 64.31 6.21
C ARG M 303 -27.63 63.90 4.97
N ILE M 304 -26.37 64.32 4.94
CA ILE M 304 -25.48 64.09 3.80
C ILE M 304 -24.52 62.97 4.13
N VAL M 305 -24.37 62.03 3.20
CA VAL M 305 -23.47 60.89 3.37
C VAL M 305 -22.49 60.89 2.21
N TYR M 306 -21.20 60.88 2.52
CA TYR M 306 -20.18 60.66 1.50
C TYR M 306 -19.77 59.19 1.52
N THR M 307 -19.55 58.61 0.34
CA THR M 307 -19.06 57.25 0.27
C THR M 307 -18.39 57.03 -1.08
N ALA M 308 -17.62 55.95 -1.15
CA ALA M 308 -16.95 55.55 -2.39
C ALA M 308 -16.60 54.08 -2.27
N CYS M 309 -16.10 53.52 -3.36
CA CYS M 309 -15.75 52.11 -3.41
C CYS M 309 -14.64 51.79 -2.40
N SER M 310 -13.46 52.37 -2.61
CA SER M 310 -12.33 52.11 -1.74
C SER M 310 -12.12 53.28 -0.77
N HIS M 311 -11.02 53.24 -0.03
CA HIS M 311 -10.73 54.26 0.96
C HIS M 311 -9.90 55.41 0.40
N ALA M 312 -9.01 55.13 -0.56
CA ALA M 312 -8.27 56.20 -1.21
C ALA M 312 -9.19 57.17 -1.94
N ALA M 313 -10.37 56.71 -2.34
CA ALA M 313 -11.33 57.61 -2.99
C ALA M 313 -11.97 58.55 -1.97
N VAL M 314 -12.37 58.01 -0.82
CA VAL M 314 -12.92 58.83 0.24
C VAL M 314 -11.84 59.69 0.90
N ASP M 315 -10.58 59.40 0.61
CA ASP M 315 -9.49 60.25 1.10
C ASP M 315 -9.67 61.69 0.62
N ALA M 316 -9.95 61.87 -0.67
CA ALA M 316 -10.18 63.20 -1.20
C ALA M 316 -11.44 63.84 -0.60
N LEU M 317 -12.48 63.04 -0.37
CA LEU M 317 -13.69 63.57 0.24
C LEU M 317 -13.42 64.12 1.63
N CYS M 318 -12.74 63.33 2.47
CA CYS M 318 -12.40 63.82 3.81
C CYS M 318 -11.40 64.97 3.74
N GLU M 319 -10.56 65.02 2.71
CA GLU M 319 -9.65 66.14 2.54
C GLU M 319 -10.43 67.44 2.31
N LYS M 320 -11.33 67.42 1.32
CA LYS M 320 -12.17 68.59 1.09
C LYS M 320 -13.06 68.91 2.28
N ALA M 321 -13.40 67.90 3.07
CA ALA M 321 -14.15 68.15 4.30
C ALA M 321 -13.30 68.94 5.30
N LEU M 322 -12.07 68.50 5.54
CA LEU M 322 -11.20 69.22 6.47
C LEU M 322 -10.89 70.60 5.93
N LYS M 323 -10.98 70.80 4.62
CA LYS M 323 -10.79 72.13 4.05
C LYS M 323 -11.83 73.10 4.58
N TYR M 324 -13.11 72.85 4.28
CA TYR M 324 -14.18 73.78 4.62
C TYR M 324 -15.21 73.20 5.57
N LEU M 325 -15.56 71.94 5.42
CA LEU M 325 -16.63 71.34 6.23
C LEU M 325 -16.22 71.37 7.71
N PRO M 326 -17.11 71.79 8.61
CA PRO M 326 -16.78 71.74 10.04
C PRO M 326 -16.55 70.30 10.48
N ILE M 327 -15.53 70.11 11.31
CA ILE M 327 -15.16 68.77 11.74
C ILE M 327 -16.19 68.15 12.68
N ASP M 328 -16.97 68.98 13.37
CA ASP M 328 -17.90 68.47 14.39
C ASP M 328 -18.98 67.61 13.76
N LYS M 329 -19.64 68.11 12.71
CA LYS M 329 -20.75 67.39 12.09
C LYS M 329 -20.30 66.51 10.92
N CYS M 330 -19.29 65.69 11.12
CA CYS M 330 -18.83 64.73 10.12
C CYS M 330 -18.48 63.42 10.79
N SER M 331 -18.73 62.32 10.09
CA SER M 331 -18.38 61.00 10.59
C SER M 331 -17.54 60.27 9.55
N ARG M 332 -16.50 59.58 10.03
CA ARG M 332 -15.56 58.85 9.17
C ARG M 332 -15.49 57.42 9.68
N ILE M 333 -16.31 56.55 9.10
CA ILE M 333 -16.40 55.16 9.54
C ILE M 333 -15.28 54.36 8.86
N ILE M 334 -14.44 53.70 9.67
CA ILE M 334 -13.40 52.82 9.18
C ILE M 334 -13.51 51.50 9.93
N PRO M 335 -13.64 50.36 9.26
CA PRO M 335 -13.79 49.09 9.97
C PRO M 335 -12.47 48.56 10.49
N ALA M 336 -12.50 47.41 11.16
CA ALA M 336 -11.31 46.80 11.71
C ALA M 336 -10.40 46.30 10.60
N CYS M 342 -6.97 54.10 6.78
CA CYS M 342 -7.53 55.22 6.04
C CYS M 342 -7.73 56.44 6.94
N PHE M 343 -8.41 57.45 6.41
CA PHE M 343 -8.70 58.65 7.19
C PHE M 343 -9.62 58.32 8.37
N ASP M 344 -9.33 58.92 9.52
CA ASP M 344 -10.09 58.68 10.72
C ASP M 344 -10.27 59.94 11.57
N LYS M 345 -10.11 61.12 10.95
CA LYS M 345 -10.21 62.36 11.71
C LYS M 345 -11.62 62.62 12.23
N PHE M 346 -12.64 62.14 11.54
CA PHE M 346 -14.01 62.28 12.00
C PHE M 346 -14.41 61.03 12.81
N LYS M 347 -15.63 61.02 13.33
CA LYS M 347 -16.08 59.95 14.21
C LYS M 347 -16.32 58.69 13.40
N VAL M 348 -16.08 57.54 14.03
CA VAL M 348 -16.14 56.24 13.38
C VAL M 348 -17.37 55.49 13.89
N ASN M 349 -18.09 54.84 12.99
CA ASN M 349 -19.25 54.01 13.31
C ASN M 349 -20.35 54.82 13.99
N SER M 350 -20.85 55.81 13.27
CA SER M 350 -21.93 56.68 13.77
C SER M 350 -22.76 57.13 12.58
N THR M 351 -23.85 56.40 12.31
CA THR M 351 -24.78 56.79 11.25
C THR M 351 -25.57 58.04 11.61
N LEU M 352 -25.57 58.44 12.88
CA LEU M 352 -26.28 59.65 13.33
C LEU M 352 -25.31 60.81 13.22
N GLU M 353 -25.27 61.42 12.03
CA GLU M 353 -24.35 62.53 11.79
C GLU M 353 -24.82 63.31 10.58
N GLN M 354 -24.58 64.62 10.61
CA GLN M 354 -24.94 65.47 9.49
C GLN M 354 -24.22 65.05 8.22
N TYR M 355 -22.90 64.94 8.30
CA TYR M 355 -22.08 64.45 7.20
C TYR M 355 -21.52 63.08 7.56
N VAL M 356 -21.69 62.12 6.67
CA VAL M 356 -21.28 60.73 6.91
C VAL M 356 -20.28 60.35 5.83
N PHE M 357 -19.06 60.00 6.25
CA PHE M 357 -18.02 59.54 5.34
C PHE M 357 -17.69 58.10 5.69
N CYS M 358 -17.77 57.21 4.70
CA CYS M 358 -17.52 55.80 4.92
C CYS M 358 -17.24 55.13 3.59
N THR M 359 -16.99 53.83 3.62
CA THR M 359 -16.84 53.03 2.42
C THR M 359 -18.09 52.17 2.23
N VAL M 360 -18.11 51.47 1.10
CA VAL M 360 -19.27 50.63 0.76
C VAL M 360 -19.38 49.43 1.69
N ASN M 361 -18.30 49.04 2.36
CA ASN M 361 -18.29 47.82 3.13
C ASN M 361 -18.71 48.04 4.58
N ALA M 362 -18.13 49.03 5.24
CA ALA M 362 -18.37 49.21 6.67
C ALA M 362 -19.75 49.80 6.96
N LEU M 363 -20.29 50.58 6.04
CA LEU M 363 -21.53 51.29 6.31
C LEU M 363 -22.69 50.30 6.45
N PRO M 364 -23.45 50.35 7.55
CA PRO M 364 -24.62 49.49 7.67
C PRO M 364 -25.80 50.03 6.90
N GLU M 365 -26.97 49.39 7.01
CA GLU M 365 -28.17 49.95 6.44
C GLU M 365 -28.55 51.25 7.15
N THR M 366 -28.89 52.27 6.37
CA THR M 366 -29.19 53.57 6.92
C THR M 366 -30.25 54.27 6.06
N THR M 367 -30.87 55.28 6.64
CA THR M 367 -31.85 56.10 5.94
C THR M 367 -31.49 57.56 6.20
N ALA M 368 -31.53 58.36 5.14
CA ALA M 368 -31.05 59.74 5.20
C ALA M 368 -31.85 60.64 4.28
N ASP M 369 -31.31 61.81 3.98
CA ASP M 369 -31.94 62.72 3.02
C ASP M 369 -31.23 62.73 1.68
N ILE M 370 -29.90 62.89 1.66
CA ILE M 370 -29.14 62.93 0.41
C ILE M 370 -27.79 62.28 0.67
N VAL M 371 -27.34 61.46 -0.28
CA VAL M 371 -26.07 60.77 -0.18
C VAL M 371 -25.34 60.89 -1.50
N VAL M 372 -24.05 61.22 -1.44
CA VAL M 372 -23.18 61.28 -2.61
C VAL M 372 -22.40 59.98 -2.68
N PHE M 373 -22.06 59.56 -3.89
CA PHE M 373 -21.26 58.37 -4.11
C PHE M 373 -20.43 58.58 -5.37
N ASP M 374 -19.12 58.59 -5.22
CA ASP M 374 -18.23 58.86 -6.35
C ASP M 374 -17.68 57.56 -6.90
N GLU M 375 -16.95 57.68 -8.01
CA GLU M 375 -16.40 56.54 -8.72
C GLU M 375 -17.49 55.55 -9.10
N ILE M 376 -18.67 56.09 -9.44
CA ILE M 376 -19.75 55.26 -9.96
C ILE M 376 -19.33 54.55 -11.23
N SER M 377 -18.31 55.07 -11.91
CA SER M 377 -17.67 54.30 -12.98
C SER M 377 -16.94 53.10 -12.42
N MET M 378 -16.33 53.26 -11.25
CA MET M 378 -15.56 52.19 -10.62
C MET M 378 -16.45 51.13 -9.99
N ALA M 379 -17.69 51.47 -9.66
CA ALA M 379 -18.58 50.58 -8.94
C ALA M 379 -19.21 49.55 -9.87
N THR M 380 -19.87 48.57 -9.26
CA THR M 380 -20.56 47.52 -9.99
C THR M 380 -22.04 47.52 -9.67
N ASN M 381 -22.82 46.88 -10.54
CA ASN M 381 -24.26 46.76 -10.31
C ASN M 381 -24.54 46.07 -8.99
N TYR M 382 -23.73 45.07 -8.63
CA TYR M 382 -23.87 44.40 -7.35
C TYR M 382 -23.77 45.40 -6.21
N ASP M 383 -22.71 46.21 -6.21
CA ASP M 383 -22.59 47.26 -5.21
C ASP M 383 -23.61 48.36 -5.41
N LEU M 384 -24.00 48.62 -6.66
CA LEU M 384 -25.02 49.61 -6.93
C LEU M 384 -26.34 49.24 -6.25
N SER M 385 -26.59 47.95 -6.07
CA SER M 385 -27.74 47.50 -5.29
C SER M 385 -27.42 47.38 -3.81
N VAL M 386 -26.18 47.05 -3.47
CA VAL M 386 -25.78 46.93 -2.08
C VAL M 386 -25.99 48.25 -1.36
N VAL M 387 -25.62 49.36 -2.00
CA VAL M 387 -25.88 50.67 -1.42
C VAL M 387 -27.39 50.89 -1.27
N ASN M 388 -28.15 50.53 -2.29
CA ASN M 388 -29.61 50.61 -2.18
C ASN M 388 -30.13 49.72 -1.07
N ALA M 389 -29.56 48.53 -0.92
CA ALA M 389 -29.94 47.61 0.14
C ALA M 389 -29.54 48.12 1.51
N ARG M 390 -28.76 49.20 1.58
CA ARG M 390 -28.33 49.78 2.84
C ARG M 390 -28.66 51.26 2.98
N LEU M 391 -29.04 51.94 1.91
CA LEU M 391 -29.27 53.38 1.97
C LEU M 391 -30.64 53.70 1.40
N ARG M 392 -31.42 54.50 2.13
CA ARG M 392 -32.77 54.91 1.74
C ARG M 392 -32.91 56.42 1.85
N ALA M 393 -31.93 57.15 1.33
CA ALA M 393 -31.94 58.60 1.44
C ALA M 393 -33.09 59.20 0.63
N LYS M 394 -33.57 60.36 1.10
CA LYS M 394 -34.65 61.05 0.41
C LYS M 394 -34.25 61.42 -1.02
N HIS M 395 -32.95 61.66 -1.24
CA HIS M 395 -32.44 61.88 -2.58
C HIS M 395 -31.07 61.24 -2.70
N TYR M 396 -30.71 60.86 -3.92
CA TYR M 396 -29.41 60.29 -4.22
C TYR M 396 -28.67 61.20 -5.19
N VAL M 397 -27.37 60.90 -5.36
CA VAL M 397 -26.59 61.51 -6.42
C VAL M 397 -25.37 60.64 -6.70
N TYR M 398 -25.12 60.38 -7.98
CA TYR M 398 -24.04 59.49 -8.42
C TYR M 398 -23.06 60.32 -9.23
N ILE M 399 -21.86 60.47 -8.71
CA ILE M 399 -20.86 61.34 -9.33
C ILE M 399 -19.80 60.49 -10.03
N GLY M 400 -19.60 60.76 -11.31
CA GLY M 400 -18.63 60.03 -12.10
C GLY M 400 -18.96 60.16 -13.58
N ASP M 401 -18.29 59.31 -14.36
CA ASP M 401 -18.50 59.30 -15.80
C ASP M 401 -18.06 57.98 -16.39
N PRO M 402 -18.94 57.25 -17.08
CA PRO M 402 -18.52 56.01 -17.76
C PRO M 402 -17.44 56.24 -18.79
N ALA M 403 -17.15 57.49 -19.16
CA ALA M 403 -16.09 57.79 -20.10
C ALA M 403 -14.76 57.97 -19.37
N GLN M 404 -14.62 57.36 -18.19
CA GLN M 404 -13.34 57.43 -17.50
C GLN M 404 -12.68 56.07 -17.39
N LEU M 405 -13.33 55.12 -16.71
CA LEU M 405 -12.76 53.80 -16.46
C LEU M 405 -13.78 52.85 -15.87
N PRO M 406 -13.82 51.60 -16.33
CA PRO M 406 -14.67 50.60 -15.69
C PRO M 406 -13.99 49.86 -14.56
N ALA M 407 -14.70 48.91 -13.96
CA ALA M 407 -14.07 48.00 -13.03
C ALA M 407 -13.14 47.04 -13.77
N PRO M 408 -12.06 46.62 -13.13
CA PRO M 408 -11.15 45.68 -13.79
C PRO M 408 -11.71 44.28 -13.82
N ARG M 409 -12.59 44.00 -14.78
CA ARG M 409 -13.29 42.72 -14.88
C ARG M 409 -12.28 41.67 -15.32
N THR M 410 -11.57 41.12 -14.34
CA THR M 410 -10.49 40.17 -14.62
C THR M 410 -10.98 38.93 -15.35
N LEU M 411 -12.26 38.58 -15.23
CA LEU M 411 -12.80 37.45 -15.96
C LEU M 411 -13.29 37.82 -17.35
N LEU M 412 -13.38 39.12 -17.66
CA LEU M 412 -13.76 39.57 -18.99
C LEU M 412 -12.56 39.42 -19.92
N THR M 413 -12.60 38.41 -20.77
CA THR M 413 -11.51 38.09 -21.68
C THR M 413 -11.87 38.28 -23.15
N LYS M 414 -13.06 37.81 -23.55
CA LYS M 414 -13.49 37.90 -24.94
C LYS M 414 -14.24 39.21 -25.14
N GLY M 415 -13.61 40.15 -25.82
CA GLY M 415 -14.25 41.42 -26.13
C GLY M 415 -14.18 42.43 -25.02
N THR M 416 -14.52 43.67 -25.32
CA THR M 416 -14.54 44.73 -24.33
C THR M 416 -15.97 45.22 -24.08
N LEU M 417 -16.22 45.69 -22.87
CA LEU M 417 -17.52 46.20 -22.50
C LEU M 417 -17.65 47.67 -22.88
N GLU M 418 -18.88 48.16 -22.86
CA GLU M 418 -19.11 49.54 -23.24
C GLU M 418 -19.36 50.39 -21.99
N PRO M 419 -19.09 51.69 -22.08
CA PRO M 419 -19.26 52.55 -20.89
C PRO M 419 -20.64 52.47 -20.25
N GLU M 420 -21.68 52.37 -21.07
CA GLU M 420 -23.03 52.21 -20.53
C GLU M 420 -23.15 50.94 -19.70
N TYR M 421 -22.58 49.85 -20.19
CA TYR M 421 -22.77 48.54 -19.57
C TYR M 421 -21.91 48.33 -18.33
N PHE M 422 -21.24 49.38 -17.84
CA PHE M 422 -20.49 49.25 -16.61
C PHE M 422 -21.41 48.92 -15.45
N ASN M 423 -22.55 49.60 -15.38
CA ASN M 423 -23.63 49.25 -14.47
C ASN M 423 -24.89 49.91 -15.02
N SER M 424 -26.02 49.64 -14.36
CA SER M 424 -27.28 50.20 -14.83
C SER M 424 -27.25 51.72 -14.86
N VAL M 425 -26.59 52.33 -13.87
CA VAL M 425 -26.55 53.78 -13.83
C VAL M 425 -25.71 54.34 -14.97
N CYS M 426 -24.61 53.67 -15.32
CA CYS M 426 -23.86 54.07 -16.50
C CYS M 426 -24.69 53.88 -17.76
N ARG M 427 -25.47 52.80 -17.80
CA ARG M 427 -26.37 52.57 -18.92
C ARG M 427 -27.32 53.74 -19.09
N LEU M 428 -27.82 54.30 -17.99
CA LEU M 428 -28.72 55.44 -18.13
C LEU M 428 -27.96 56.73 -18.44
N MET M 429 -26.73 56.91 -17.94
CA MET M 429 -25.99 58.10 -18.35
C MET M 429 -25.61 58.07 -19.83
N LYS M 430 -25.62 56.89 -20.45
CA LYS M 430 -25.47 56.87 -21.91
C LYS M 430 -26.77 57.14 -22.64
N THR M 431 -27.91 56.68 -22.12
CA THR M 431 -29.18 56.89 -22.82
C THR M 431 -29.72 58.28 -22.56
N ILE M 432 -30.12 58.55 -21.32
CA ILE M 432 -30.70 59.84 -20.99
C ILE M 432 -29.64 60.88 -20.66
N GLY M 433 -28.37 60.50 -20.72
CA GLY M 433 -27.29 61.41 -20.41
C GLY M 433 -27.30 61.79 -18.94
N PRO M 434 -26.61 62.86 -18.61
CA PRO M 434 -26.68 63.42 -17.27
C PRO M 434 -27.84 64.40 -17.14
N ASP M 435 -28.44 64.41 -15.95
CA ASP M 435 -29.37 65.45 -15.59
C ASP M 435 -28.68 66.77 -15.30
N MET M 436 -27.39 66.69 -14.95
CA MET M 436 -26.66 67.78 -14.34
C MET M 436 -25.19 67.62 -14.73
N PHE M 437 -24.46 68.72 -14.82
CA PHE M 437 -23.10 68.63 -15.33
C PHE M 437 -22.23 69.74 -14.76
N LEU M 438 -20.93 69.45 -14.63
CA LEU M 438 -19.94 70.41 -14.15
C LEU M 438 -19.38 71.19 -15.33
N GLY M 439 -19.91 72.40 -15.56
CA GLY M 439 -19.49 73.17 -16.71
C GLY M 439 -18.04 73.57 -16.67
N THR M 440 -17.57 74.07 -15.54
CA THR M 440 -16.19 74.52 -15.41
C THR M 440 -15.25 73.33 -15.24
N CYS M 441 -14.03 73.49 -15.75
CA CYS M 441 -12.99 72.45 -15.68
C CYS M 441 -11.88 72.95 -14.75
N ARG M 442 -11.95 72.53 -13.49
CA ARG M 442 -11.08 73.06 -12.46
C ARG M 442 -9.73 72.35 -12.42
N ARG M 443 -9.49 71.42 -13.34
CA ARG M 443 -8.26 70.65 -13.33
C ARG M 443 -7.38 70.91 -14.55
N CYS M 444 -7.92 70.74 -15.75
CA CYS M 444 -7.09 70.68 -16.94
C CYS M 444 -7.09 72.01 -17.68
N PRO M 445 -6.00 72.32 -18.39
CA PRO M 445 -5.96 73.53 -19.21
C PRO M 445 -6.61 73.32 -20.58
N ALA M 446 -6.64 74.38 -21.39
CA ALA M 446 -7.30 74.31 -22.69
C ALA M 446 -6.68 73.24 -23.58
N GLU M 447 -5.37 73.01 -23.45
CA GLU M 447 -4.70 72.00 -24.28
C GLU M 447 -5.36 70.64 -24.12
N ILE M 448 -5.56 70.21 -22.89
CA ILE M 448 -6.21 68.92 -22.66
C ILE M 448 -7.72 69.05 -22.78
N VAL M 449 -8.29 70.14 -22.26
CA VAL M 449 -9.74 70.27 -22.17
C VAL M 449 -10.37 70.25 -23.56
N ASP M 450 -9.87 71.10 -24.47
CA ASP M 450 -10.47 71.17 -25.79
C ASP M 450 -10.27 69.87 -26.58
N THR M 451 -9.07 69.28 -26.48
CA THR M 451 -8.81 68.04 -27.20
C THR M 451 -9.70 66.92 -26.73
N VAL M 452 -9.89 66.77 -25.42
CA VAL M 452 -10.75 65.71 -24.92
C VAL M 452 -12.23 66.03 -25.10
N SER M 453 -12.59 67.31 -25.16
CA SER M 453 -13.96 67.69 -25.47
C SER M 453 -14.31 67.28 -26.89
N ALA M 454 -13.40 67.54 -27.83
CA ALA M 454 -13.59 67.07 -29.20
C ALA M 454 -13.47 65.56 -29.30
N LEU M 455 -12.74 64.92 -28.39
CA LEU M 455 -12.50 63.49 -28.48
C LEU M 455 -13.65 62.68 -27.89
N VAL M 456 -13.92 62.84 -26.60
CA VAL M 456 -14.89 61.99 -25.92
C VAL M 456 -16.00 62.80 -25.26
N TYR M 457 -15.66 63.96 -24.70
CA TYR M 457 -16.58 64.66 -23.82
C TYR M 457 -17.57 65.55 -24.57
N ASP M 458 -17.79 65.27 -25.84
CA ASP M 458 -18.87 65.87 -26.63
C ASP M 458 -18.74 67.38 -26.75
N ASN M 459 -17.54 67.92 -26.62
CA ASN M 459 -17.25 69.35 -26.71
C ASN M 459 -18.00 70.18 -25.67
N LYS M 460 -18.60 69.54 -24.67
CA LYS M 460 -19.19 70.29 -23.56
C LYS M 460 -18.13 70.79 -22.60
N LEU M 461 -16.92 70.22 -22.65
CA LEU M 461 -15.82 70.63 -21.78
C LEU M 461 -15.25 71.93 -22.32
N LYS M 462 -15.69 73.04 -21.75
CA LYS M 462 -15.22 74.36 -22.16
C LYS M 462 -13.78 74.57 -21.71
N ALA M 463 -12.99 75.20 -22.57
CA ALA M 463 -11.60 75.50 -22.24
C ALA M 463 -11.55 76.41 -21.02
N HIS M 464 -10.83 75.98 -19.99
CA HIS M 464 -10.76 76.70 -18.71
C HIS M 464 -9.47 77.49 -18.55
N LYS M 465 -8.33 76.80 -18.58
CA LYS M 465 -7.02 77.44 -18.51
C LYS M 465 -6.53 77.69 -19.95
N ASP M 466 -5.27 78.04 -20.17
CA ASP M 466 -4.76 78.36 -21.50
C ASP M 466 -4.21 77.10 -22.17
N LYS M 467 -3.73 77.28 -23.40
CA LYS M 467 -3.09 76.20 -24.15
C LYS M 467 -1.72 75.92 -23.54
N SER M 468 -1.51 74.68 -23.07
CA SER M 468 -0.29 74.35 -22.35
C SER M 468 0.93 74.41 -23.26
N ALA M 469 0.87 73.75 -24.43
CA ALA M 469 1.98 73.65 -25.37
C ALA M 469 3.14 72.85 -24.81
N GLN M 470 3.03 72.37 -23.56
CA GLN M 470 4.01 71.47 -22.98
C GLN M 470 3.54 70.02 -22.96
N CYS M 471 2.40 69.73 -23.55
CA CYS M 471 1.88 68.36 -23.64
C CYS M 471 2.39 67.74 -24.93
N PHE M 472 3.34 66.83 -24.83
CA PHE M 472 4.04 66.27 -25.98
C PHE M 472 3.55 64.86 -26.28
N LYS M 473 3.20 64.62 -27.54
CA LYS M 473 2.90 63.29 -28.04
C LYS M 473 4.05 62.87 -28.93
N MET M 474 4.57 61.67 -28.70
N MET M 474 4.59 61.67 -28.70
CA MET M 474 5.77 61.18 -29.38
CA MET M 474 5.77 61.19 -29.39
C MET M 474 5.39 60.14 -30.42
C MET M 474 5.40 60.13 -30.42
N PHE M 475 6.00 60.23 -31.60
CA PHE M 475 5.74 59.30 -32.69
C PHE M 475 6.63 58.07 -32.51
N TYR M 476 6.09 57.05 -31.85
CA TYR M 476 6.80 55.79 -31.67
C TYR M 476 5.99 54.64 -32.27
N LYS M 477 6.70 53.65 -32.80
CA LYS M 477 6.08 52.55 -33.49
C LYS M 477 5.76 51.40 -32.53
N GLY M 478 6.79 50.87 -31.87
CA GLY M 478 6.60 49.87 -30.84
C GLY M 478 7.53 48.68 -30.95
N VAL M 479 8.29 48.41 -29.89
CA VAL M 479 9.12 47.21 -29.75
C VAL M 479 9.03 46.76 -28.30
N ILE M 480 8.13 45.82 -28.00
CA ILE M 480 7.79 45.50 -26.62
C ILE M 480 8.06 44.03 -26.35
N THR M 481 8.39 43.74 -25.09
CA THR M 481 8.58 42.37 -24.60
C THR M 481 7.75 42.19 -23.35
N HIS M 482 6.92 41.15 -23.33
CA HIS M 482 6.15 40.76 -22.15
C HIS M 482 6.51 39.34 -21.77
N ASP M 483 7.07 39.18 -20.57
CA ASP M 483 7.60 37.88 -20.15
C ASP M 483 6.52 36.95 -19.62
N VAL M 484 5.88 37.32 -18.51
CA VAL M 484 4.85 36.47 -17.91
C VAL M 484 3.54 37.26 -17.87
N SER M 485 3.54 38.36 -17.12
CA SER M 485 2.42 39.29 -17.07
C SER M 485 2.91 40.72 -17.00
N SER M 486 4.22 40.92 -17.18
CA SER M 486 4.86 42.21 -17.06
C SER M 486 5.04 42.84 -18.44
N ALA M 487 5.11 44.17 -18.45
CA ALA M 487 5.45 44.92 -19.66
C ALA M 487 6.89 45.41 -19.53
N ILE M 488 7.71 45.11 -20.53
CA ILE M 488 9.11 45.49 -20.52
C ILE M 488 9.42 46.09 -21.88
N ASN M 489 9.33 47.41 -21.99
CA ASN M 489 9.60 48.12 -23.24
C ASN M 489 11.00 48.72 -23.18
N ARG M 490 12.01 47.86 -23.36
CA ARG M 490 13.39 48.33 -23.29
C ARG M 490 13.71 49.39 -24.33
N PRO M 491 13.38 49.23 -25.62
CA PRO M 491 13.61 50.35 -26.55
C PRO M 491 12.88 51.61 -26.15
N GLN M 492 11.65 51.47 -25.65
CA GLN M 492 10.92 52.63 -25.16
C GLN M 492 11.58 53.24 -23.93
N ILE M 493 12.12 52.41 -23.04
CA ILE M 493 12.81 52.94 -21.87
C ILE M 493 14.04 53.75 -22.30
N GLY M 494 14.81 53.22 -23.25
CA GLY M 494 15.94 53.97 -23.76
C GLY M 494 15.53 55.27 -24.45
N VAL M 495 14.46 55.21 -25.24
CA VAL M 495 13.98 56.40 -25.94
C VAL M 495 13.54 57.47 -24.95
N VAL M 496 12.78 57.07 -23.92
CA VAL M 496 12.29 58.05 -22.96
C VAL M 496 13.43 58.57 -22.09
N ARG M 497 14.45 57.75 -21.82
CA ARG M 497 15.64 58.26 -21.15
C ARG M 497 16.28 59.36 -22.00
N GLU M 498 16.44 59.10 -23.30
CA GLU M 498 17.02 60.10 -24.20
C GLU M 498 16.18 61.37 -24.23
N PHE M 499 14.86 61.24 -24.29
CA PHE M 499 13.98 62.40 -24.36
C PHE M 499 13.97 63.18 -23.06
N LEU M 500 14.01 62.51 -21.91
CA LEU M 500 14.03 63.20 -20.63
C LEU M 500 15.37 63.90 -20.41
N THR M 501 16.47 63.32 -20.91
CA THR M 501 17.77 63.97 -20.77
C THR M 501 17.87 65.27 -21.56
N ARG M 502 16.99 65.48 -22.55
CA ARG M 502 17.01 66.75 -23.29
C ARG M 502 16.66 67.92 -22.39
N ASN M 503 15.65 67.75 -21.53
CA ASN M 503 15.24 68.77 -20.57
C ASN M 503 15.11 68.12 -19.20
N PRO M 504 16.11 68.29 -18.33
CA PRO M 504 16.07 67.63 -17.02
C PRO M 504 14.95 68.11 -16.12
N ALA M 505 14.30 69.24 -16.44
CA ALA M 505 13.19 69.71 -15.61
C ALA M 505 12.01 68.75 -15.62
N TRP M 506 11.96 67.82 -16.56
CA TRP M 506 10.92 66.81 -16.64
C TRP M 506 11.16 65.65 -15.69
N ARG M 507 12.20 65.71 -14.88
CA ARG M 507 12.52 64.69 -13.89
C ARG M 507 11.48 64.61 -12.77
N LYS M 508 10.58 65.59 -12.68
CA LYS M 508 9.49 65.55 -11.72
C LYS M 508 8.26 64.82 -12.25
N ALA M 509 8.24 64.48 -13.53
CA ALA M 509 7.07 63.86 -14.15
C ALA M 509 6.93 62.43 -13.64
N VAL M 510 5.85 62.16 -12.90
CA VAL M 510 5.61 60.80 -12.46
C VAL M 510 5.41 59.90 -13.66
N PHE M 511 5.83 58.64 -13.53
CA PHE M 511 5.69 57.67 -14.61
C PHE M 511 4.42 56.87 -14.37
N ILE M 512 3.51 56.94 -15.32
CA ILE M 512 2.33 56.08 -15.35
C ILE M 512 2.57 54.99 -16.38
N SER M 513 2.15 53.77 -16.08
CA SER M 513 2.32 52.67 -17.00
C SER M 513 1.02 51.91 -17.16
N PRO M 514 0.76 51.39 -18.37
CA PRO M 514 -0.43 50.54 -18.54
C PRO M 514 -0.41 49.33 -17.63
N TYR M 515 0.78 48.76 -17.42
CA TYR M 515 0.98 47.71 -16.43
C TYR M 515 2.17 48.11 -15.58
N ASN M 516 1.99 48.09 -14.26
CA ASN M 516 2.92 48.75 -13.35
C ASN M 516 4.28 48.07 -13.30
N SER M 517 4.45 46.95 -13.99
CA SER M 517 5.80 46.40 -14.14
C SER M 517 6.60 47.16 -15.17
N GLN M 518 5.94 47.73 -16.19
CA GLN M 518 6.61 48.69 -17.05
C GLN M 518 7.06 49.90 -16.24
N ASN M 519 6.21 50.36 -15.31
CA ASN M 519 6.61 51.41 -14.39
C ASN M 519 7.73 50.96 -13.47
N ALA M 520 7.76 49.68 -13.11
CA ALA M 520 8.82 49.16 -12.27
C ALA M 520 10.17 49.21 -12.99
N VAL M 521 10.20 48.74 -14.24
CA VAL M 521 11.44 48.79 -15.00
C VAL M 521 11.83 50.24 -15.30
N ALA M 522 10.83 51.12 -15.48
CA ALA M 522 11.13 52.53 -15.65
C ALA M 522 11.79 53.11 -14.40
N SER M 523 11.17 52.91 -13.23
CA SER M 523 11.76 53.36 -11.97
C SER M 523 13.13 52.76 -11.75
N LYS M 524 13.37 51.56 -12.26
CA LYS M 524 14.72 50.99 -12.25
C LYS M 524 15.67 51.77 -13.14
N ILE M 525 15.18 52.26 -14.28
CA ILE M 525 16.03 53.05 -15.19
C ILE M 525 15.77 54.54 -15.01
N LEU M 526 14.53 54.97 -15.27
CA LEU M 526 14.18 56.38 -15.17
C LEU M 526 14.32 56.89 -13.74
N GLY M 527 13.83 56.10 -12.78
CA GLY M 527 13.78 56.52 -11.39
C GLY M 527 12.49 57.22 -11.00
N LEU M 528 11.58 57.44 -11.94
CA LEU M 528 10.34 58.15 -11.68
C LEU M 528 9.35 57.27 -10.92
N PRO M 529 8.47 57.86 -10.12
CA PRO M 529 7.55 57.06 -9.31
C PRO M 529 6.54 56.32 -10.17
N THR M 530 5.90 55.32 -9.57
CA THR M 530 4.98 54.44 -10.27
C THR M 530 3.53 54.84 -9.98
N GLN M 531 2.68 54.67 -10.99
CA GLN M 531 1.25 54.91 -10.85
C GLN M 531 0.53 54.14 -11.94
N THR M 532 -0.47 53.36 -11.56
CA THR M 532 -1.27 52.64 -12.54
C THR M 532 -2.19 53.61 -13.26
N VAL M 533 -2.43 53.34 -14.55
CA VAL M 533 -3.48 54.07 -15.26
C VAL M 533 -4.82 53.84 -14.60
N ASP M 534 -5.09 52.58 -14.22
CA ASP M 534 -6.33 52.27 -13.50
C ASP M 534 -6.37 52.95 -12.14
N SER M 535 -5.23 52.95 -11.43
CA SER M 535 -5.12 53.62 -10.14
C SER M 535 -4.49 55.00 -10.32
N SER M 536 -5.20 55.88 -11.01
CA SER M 536 -4.72 57.23 -11.30
C SER M 536 -5.68 58.33 -10.87
N GLN M 537 -6.96 58.05 -10.69
CA GLN M 537 -7.93 59.08 -10.35
C GLN M 537 -7.61 59.72 -9.01
N GLY M 538 -7.91 61.02 -8.91
CA GLY M 538 -7.64 61.77 -7.70
C GLY M 538 -6.29 62.46 -7.75
N SER M 539 -5.24 61.71 -8.07
CA SER M 539 -3.93 62.29 -8.25
C SER M 539 -3.92 63.23 -9.45
N GLU M 540 -3.11 64.28 -9.36
CA GLU M 540 -3.04 65.28 -10.43
C GLU M 540 -1.73 66.05 -10.29
N TYR M 541 -0.90 66.01 -11.33
CA TYR M 541 0.40 66.65 -11.32
C TYR M 541 0.56 67.53 -12.56
N ASP M 542 1.31 68.61 -12.39
CA ASP M 542 1.58 69.52 -13.52
C ASP M 542 2.39 68.83 -14.60
N TYR M 543 3.39 68.03 -14.21
CA TYR M 543 4.22 67.30 -15.15
C TYR M 543 4.03 65.81 -14.90
N VAL M 544 3.71 65.07 -15.97
CA VAL M 544 3.54 63.63 -15.92
C VAL M 544 4.12 63.03 -17.20
N ILE M 545 4.61 61.81 -17.10
CA ILE M 545 5.13 61.07 -18.25
C ILE M 545 4.46 59.70 -18.28
N PHE M 546 3.99 59.30 -19.45
CA PHE M 546 3.27 58.04 -19.62
C PHE M 546 3.63 57.46 -20.98
N THR M 547 4.28 56.30 -20.97
CA THR M 547 4.60 55.58 -22.18
C THR M 547 3.51 54.54 -22.43
N GLN M 548 2.93 54.57 -23.64
CA GLN M 548 1.78 53.71 -23.92
C GLN M 548 2.13 52.23 -23.87
N THR M 549 3.40 51.88 -24.12
CA THR M 549 3.86 50.50 -24.08
C THR M 549 3.14 49.65 -25.12
N THR M 550 1.86 49.37 -24.86
CA THR M 550 1.03 48.59 -25.77
C THR M 550 -0.05 49.48 -26.37
N GLU M 551 -0.34 49.27 -27.65
CA GLU M 551 -1.36 50.02 -28.37
C GLU M 551 -2.69 49.26 -28.43
N THR M 552 -2.83 48.20 -27.66
CA THR M 552 -4.07 47.42 -27.67
C THR M 552 -5.21 48.24 -27.08
N ALA M 553 -6.41 47.67 -27.12
CA ALA M 553 -7.60 48.37 -26.65
C ALA M 553 -7.51 48.67 -25.16
N HIS M 554 -6.74 47.88 -24.40
CA HIS M 554 -6.63 48.13 -22.97
C HIS M 554 -5.69 49.27 -22.64
N SER M 555 -5.00 49.84 -23.62
CA SER M 555 -4.18 51.03 -23.40
C SER M 555 -4.37 52.13 -24.43
N CYS M 556 -5.04 51.87 -25.55
CA CYS M 556 -5.35 52.89 -26.53
C CYS M 556 -6.80 53.36 -26.47
N ASN M 557 -7.57 52.87 -25.51
CA ASN M 557 -8.98 53.26 -25.42
C ASN M 557 -9.10 54.74 -25.05
N VAL M 558 -10.11 55.38 -25.64
CA VAL M 558 -10.25 56.83 -25.55
C VAL M 558 -10.66 57.28 -24.14
N ASN M 559 -11.56 56.56 -23.48
CA ASN M 559 -12.01 56.96 -22.15
C ASN M 559 -10.91 56.77 -21.10
N ARG M 560 -10.20 55.64 -21.18
CA ARG M 560 -9.08 55.42 -20.27
C ARG M 560 -7.96 56.43 -20.52
N PHE M 561 -7.70 56.75 -21.78
CA PHE M 561 -6.70 57.77 -22.07
C PHE M 561 -7.16 59.14 -21.61
N ASN M 562 -8.46 59.40 -21.62
CA ASN M 562 -8.98 60.66 -21.09
C ASN M 562 -8.76 60.74 -19.58
N VAL M 563 -9.14 59.69 -18.86
CA VAL M 563 -8.99 59.72 -17.41
C VAL M 563 -7.51 59.72 -17.02
N ALA M 564 -6.64 59.16 -17.84
CA ALA M 564 -5.20 59.25 -17.60
C ALA M 564 -4.62 60.57 -18.08
N ILE M 565 -5.36 61.32 -18.90
CA ILE M 565 -4.90 62.62 -19.39
C ILE M 565 -5.62 63.77 -18.69
N THR M 566 -6.76 63.53 -18.04
CA THR M 566 -7.37 64.54 -17.19
C THR M 566 -6.56 64.79 -15.94
N ARG M 567 -5.60 63.93 -15.63
CA ARG M 567 -4.69 64.11 -14.50
C ARG M 567 -3.53 65.04 -14.83
N ALA M 568 -3.35 65.42 -16.09
CA ALA M 568 -2.29 66.32 -16.49
C ALA M 568 -2.74 67.75 -16.22
N LYS M 569 -2.12 68.40 -15.23
CA LYS M 569 -2.49 69.76 -14.86
C LYS M 569 -1.82 70.81 -15.74
N VAL M 570 -0.54 70.59 -16.09
CA VAL M 570 0.16 71.52 -16.97
C VAL M 570 0.69 70.75 -18.19
N GLY M 571 1.56 69.76 -17.95
CA GLY M 571 2.18 69.04 -19.04
C GLY M 571 2.15 67.54 -18.89
N ILE M 572 2.00 66.83 -20.01
CA ILE M 572 2.00 65.37 -20.04
C ILE M 572 2.93 64.91 -21.15
N LEU M 573 3.76 63.91 -20.83
CA LEU M 573 4.69 63.32 -21.78
C LEU M 573 4.15 61.95 -22.17
N CYS M 574 3.27 61.91 -23.17
CA CYS M 574 2.67 60.67 -23.64
C CYS M 574 3.49 60.17 -24.82
N ILE M 575 4.20 59.06 -24.62
CA ILE M 575 4.98 58.44 -25.68
C ILE M 575 4.03 57.54 -26.46
N MET M 576 3.43 58.12 -27.51
CA MET M 576 2.28 57.53 -28.18
C MET M 576 2.71 56.37 -29.06
N SER M 577 2.02 55.25 -28.91
CA SER M 577 2.41 53.98 -29.55
C SER M 577 1.45 53.56 -30.65
N ASP M 578 0.70 54.48 -31.25
CA ASP M 578 -0.21 54.14 -32.34
C ASP M 578 -0.30 55.34 -33.27
N ARG M 579 -1.30 55.34 -34.15
CA ARG M 579 -1.43 56.44 -35.11
C ARG M 579 -2.80 57.11 -35.01
N ASP M 580 -3.80 56.37 -34.53
CA ASP M 580 -5.17 56.89 -34.45
C ASP M 580 -5.26 58.10 -33.54
N LEU M 581 -4.95 57.92 -32.26
CA LEU M 581 -5.01 59.04 -31.32
C LEU M 581 -3.95 60.09 -31.65
N TYR M 582 -2.78 59.66 -32.13
CA TYR M 582 -1.72 60.58 -32.52
C TYR M 582 -2.22 61.61 -33.53
N ASP M 583 -2.84 61.13 -34.62
CA ASP M 583 -3.42 62.03 -35.59
C ASP M 583 -4.62 62.78 -35.01
N LYS M 584 -5.45 62.09 -34.22
CA LYS M 584 -6.60 62.75 -33.60
C LYS M 584 -6.16 63.80 -32.60
N LEU M 585 -5.03 63.59 -31.92
CA LEU M 585 -4.57 64.54 -30.92
C LEU M 585 -4.13 65.85 -31.58
N GLN M 586 -4.40 66.95 -30.88
CA GLN M 586 -3.98 68.28 -31.33
C GLN M 586 -2.80 68.81 -30.52
N PHE M 587 -2.08 67.94 -29.83
CA PHE M 587 -0.99 68.35 -28.96
C PHE M 587 0.24 68.73 -29.78
N THR M 588 1.33 69.02 -29.07
CA THR M 588 2.60 69.33 -29.70
C THR M 588 3.26 68.04 -30.15
N SER M 589 3.10 67.69 -31.43
CA SER M 589 3.65 66.46 -31.96
C SER M 589 5.18 66.50 -31.96
N LEU M 590 5.78 65.35 -31.71
CA LEU M 590 7.24 65.24 -31.71
C LEU M 590 7.64 63.95 -32.41
N GLU M 591 8.86 63.96 -32.94
CA GLU M 591 9.42 62.80 -33.62
C GLU M 591 9.98 61.82 -32.61
N ILE M 592 10.68 60.80 -33.08
CA ILE M 592 11.26 59.77 -32.24
C ILE M 592 12.74 60.08 -32.03
N PRO M 593 13.15 60.33 -30.78
CA PRO M 593 14.57 60.57 -30.48
C PRO M 593 15.42 59.31 -30.66
N ALA N 1 -71.85 32.84 19.34
CA ALA N 1 -73.22 33.00 19.81
C ALA N 1 -74.20 32.52 18.74
N VAL N 2 -75.48 32.53 19.08
CA VAL N 2 -76.55 32.28 18.13
C VAL N 2 -77.59 33.38 18.28
N GLY N 3 -78.31 33.66 17.20
CA GLY N 3 -79.24 34.76 17.16
C GLY N 3 -80.61 34.32 16.68
N ALA N 4 -81.32 35.27 16.06
CA ALA N 4 -82.64 35.03 15.51
C ALA N 4 -82.69 35.57 14.09
N CYS N 5 -83.37 34.84 13.22
CA CYS N 5 -83.46 35.21 11.80
C CYS N 5 -84.04 36.61 11.67
N VAL N 6 -83.38 37.45 10.88
CA VAL N 6 -83.74 38.85 10.76
C VAL N 6 -85.10 38.99 10.09
N LEU N 7 -85.62 37.89 9.55
CA LEU N 7 -86.95 37.85 8.96
C LEU N 7 -87.86 36.86 9.66
N CYS N 8 -87.40 35.62 9.84
CA CYS N 8 -88.23 34.56 10.39
C CYS N 8 -88.24 34.52 11.90
N ASN N 9 -87.33 35.26 12.56
CA ASN N 9 -87.21 35.27 14.01
C ASN N 9 -86.88 33.88 14.55
N SER N 10 -86.53 32.96 13.64
CA SER N 10 -86.09 31.63 14.06
C SER N 10 -84.64 31.67 14.51
N GLN N 11 -84.28 30.75 15.40
CA GLN N 11 -82.93 30.72 15.94
C GLN N 11 -81.91 30.59 14.81
N THR N 12 -80.82 31.34 14.94
CA THR N 12 -79.95 31.54 13.79
C THR N 12 -78.49 31.35 14.19
N SER N 13 -77.72 30.75 13.29
CA SER N 13 -76.29 30.52 13.48
C SER N 13 -75.51 30.89 12.23
N LEU N 14 -76.05 31.81 11.43
CA LEU N 14 -75.43 32.22 10.18
C LEU N 14 -75.61 33.71 9.98
N ARG N 15 -74.54 34.37 9.53
CA ARG N 15 -74.59 35.79 9.27
C ARG N 15 -73.77 36.09 8.02
N CYS N 16 -74.30 36.99 7.20
CA CYS N 16 -73.66 37.33 5.93
C CYS N 16 -72.34 38.05 6.21
N GLY N 17 -71.23 37.36 5.96
CA GLY N 17 -69.93 37.95 6.25
C GLY N 17 -69.61 39.15 5.38
N ALA N 18 -69.96 39.09 4.09
CA ALA N 18 -69.59 40.14 3.16
C ALA N 18 -70.39 41.43 3.34
N CYS N 19 -71.61 41.35 3.87
CA CYS N 19 -72.34 42.57 4.21
C CYS N 19 -71.71 43.25 5.41
N ILE N 20 -72.32 44.34 5.86
CA ILE N 20 -71.70 45.26 6.81
C ILE N 20 -72.02 44.90 8.26
N ARG N 21 -73.30 44.84 8.61
CA ARG N 21 -73.69 44.64 10.00
C ARG N 21 -73.80 43.18 10.41
N ARG N 22 -73.59 42.25 9.50
CA ARG N 22 -73.68 40.81 9.78
C ARG N 22 -74.98 40.45 10.50
N PRO N 23 -76.13 40.67 9.88
CA PRO N 23 -77.39 40.27 10.52
C PRO N 23 -77.52 38.76 10.58
N PHE N 24 -78.25 38.29 11.58
CA PHE N 24 -78.53 36.87 11.72
C PHE N 24 -79.55 36.46 10.67
N LEU N 25 -79.15 35.58 9.77
CA LEU N 25 -79.96 35.20 8.62
C LEU N 25 -80.44 33.75 8.76
N CYS N 26 -81.75 33.57 8.65
CA CYS N 26 -82.34 32.26 8.45
C CYS N 26 -81.58 31.50 7.37
N CYS N 27 -81.53 30.17 7.51
CA CYS N 27 -80.79 29.37 6.54
C CYS N 27 -81.36 29.53 5.14
N LYS N 28 -82.69 29.48 4.99
CA LYS N 28 -83.29 29.66 3.68
C LYS N 28 -83.20 31.11 3.21
N CYS N 29 -83.42 32.06 4.14
CA CYS N 29 -83.25 33.46 3.79
C CYS N 29 -81.84 33.74 3.32
N CYS N 30 -80.84 33.20 4.04
CA CYS N 30 -79.46 33.43 3.61
C CYS N 30 -79.16 32.70 2.31
N TYR N 31 -79.82 31.57 2.06
CA TYR N 31 -79.64 30.92 0.77
C TYR N 31 -80.10 31.82 -0.37
N ASP N 32 -81.29 32.42 -0.21
CA ASP N 32 -81.76 33.35 -1.24
C ASP N 32 -80.82 34.53 -1.37
N HIS N 33 -80.38 35.07 -0.22
CA HIS N 33 -79.53 36.24 -0.17
C HIS N 33 -78.17 36.02 -0.80
N VAL N 34 -77.66 34.79 -0.73
CA VAL N 34 -76.38 34.53 -1.40
C VAL N 34 -76.62 34.18 -2.86
N ILE N 35 -77.73 33.51 -3.16
CA ILE N 35 -77.94 33.01 -4.51
C ILE N 35 -78.36 34.13 -5.46
N SER N 36 -78.86 35.24 -4.94
CA SER N 36 -79.25 36.37 -5.77
C SER N 36 -78.21 37.47 -5.86
N THR N 37 -77.65 37.88 -4.74
CA THR N 37 -76.73 39.01 -4.76
C THR N 37 -75.31 38.53 -5.00
N SER N 38 -74.33 39.36 -4.66
CA SER N 38 -72.93 39.06 -4.94
C SER N 38 -72.10 38.73 -3.71
N HIS N 39 -72.62 38.91 -2.48
CA HIS N 39 -71.87 38.43 -1.33
C HIS N 39 -71.79 36.91 -1.35
N LYS N 40 -70.59 36.37 -1.21
CA LYS N 40 -70.34 34.95 -1.17
C LYS N 40 -69.60 34.58 0.10
N LEU N 41 -69.90 35.30 1.18
CA LEU N 41 -69.21 35.12 2.45
C LEU N 41 -70.23 34.87 3.54
N VAL N 42 -70.17 33.70 4.16
CA VAL N 42 -71.10 33.32 5.22
C VAL N 42 -70.31 33.03 6.49
N LEU N 43 -70.75 33.59 7.60
CA LEU N 43 -70.10 33.41 8.88
C LEU N 43 -70.95 32.55 9.79
N SER N 44 -70.28 31.60 10.46
CA SER N 44 -70.89 30.70 11.41
C SER N 44 -69.93 30.54 12.58
N VAL N 45 -70.10 29.50 13.39
CA VAL N 45 -69.18 29.28 14.50
C VAL N 45 -67.73 29.25 14.02
N ASN N 46 -67.50 28.86 12.78
CA ASN N 46 -66.21 29.03 12.12
C ASN N 46 -66.44 29.64 10.75
N PRO N 47 -65.47 30.40 10.24
CA PRO N 47 -65.59 30.93 8.88
C PRO N 47 -65.53 29.82 7.85
N TYR N 48 -66.12 30.10 6.68
CA TYR N 48 -66.23 29.14 5.59
C TYR N 48 -65.20 29.52 4.53
N VAL N 49 -63.97 29.01 4.68
CA VAL N 49 -62.92 29.22 3.71
C VAL N 49 -62.22 27.89 3.48
N CYS N 50 -61.47 27.81 2.39
CA CYS N 50 -60.74 26.59 2.07
C CYS N 50 -59.63 26.41 3.10
N ASN N 51 -59.78 25.42 3.97
CA ASN N 51 -58.79 25.19 5.01
C ASN N 51 -57.47 24.66 4.48
N ALA N 52 -57.40 24.26 3.22
CA ALA N 52 -56.13 23.85 2.64
C ALA N 52 -55.17 25.03 2.63
N PRO N 53 -53.93 24.83 3.05
CA PRO N 53 -52.99 25.97 3.15
C PRO N 53 -52.56 26.48 1.79
N GLY N 54 -52.84 27.75 1.52
CA GLY N 54 -52.51 28.40 0.27
C GLY N 54 -53.72 28.73 -0.58
N CYS N 55 -54.68 27.82 -0.67
CA CYS N 55 -55.89 28.08 -1.43
C CYS N 55 -56.67 29.22 -0.77
N ASP N 56 -57.39 29.98 -1.60
CA ASP N 56 -58.05 31.18 -1.13
C ASP N 56 -59.49 31.25 -1.58
N VAL N 57 -60.09 30.09 -1.86
CA VAL N 57 -61.49 30.07 -2.27
C VAL N 57 -62.35 30.46 -1.09
N THR N 58 -63.06 31.58 -1.21
CA THR N 58 -63.91 32.06 -0.13
C THR N 58 -65.39 32.01 -0.45
N ASP N 59 -65.77 31.70 -1.68
CA ASP N 59 -67.18 31.55 -2.01
C ASP N 59 -67.72 30.26 -1.41
N VAL N 60 -69.01 30.30 -1.05
CA VAL N 60 -69.67 29.15 -0.44
C VAL N 60 -70.27 28.20 -1.46
N THR N 61 -70.04 28.43 -2.75
CA THR N 61 -70.63 27.59 -3.79
C THR N 61 -69.65 26.56 -4.34
N GLN N 62 -68.49 26.41 -3.71
CA GLN N 62 -67.51 25.42 -4.14
C GLN N 62 -66.95 24.60 -2.99
N LEU N 63 -67.54 24.69 -1.80
CA LEU N 63 -66.97 24.07 -0.62
C LEU N 63 -67.73 22.80 -0.27
N TYR N 64 -67.01 21.82 0.24
CA TYR N 64 -67.59 20.54 0.63
C TYR N 64 -67.19 20.22 2.06
N LEU N 65 -68.19 19.92 2.88
CA LEU N 65 -67.94 19.56 4.29
C LEU N 65 -67.24 18.20 4.28
N GLY N 66 -65.92 18.24 4.25
CA GLY N 66 -65.12 17.04 4.18
C GLY N 66 -64.91 16.39 5.53
N GLY N 67 -63.66 16.11 5.87
CA GLY N 67 -63.34 15.44 7.11
C GLY N 67 -63.36 16.34 8.32
N MET N 68 -64.57 16.67 8.79
CA MET N 68 -64.79 17.59 9.91
C MET N 68 -64.34 19.00 9.54
N SER N 69 -63.80 19.16 8.34
CA SER N 69 -63.37 20.44 7.82
C SER N 69 -63.66 20.48 6.33
N TYR N 70 -63.83 21.68 5.81
CA TYR N 70 -64.22 21.92 4.44
C TYR N 70 -63.09 22.56 3.64
N TYR N 71 -62.96 22.13 2.39
CA TYR N 71 -61.88 22.55 1.52
C TYR N 71 -62.46 22.96 0.18
N CYS N 72 -61.56 23.31 -0.74
CA CYS N 72 -61.95 23.56 -2.12
C CYS N 72 -62.18 22.21 -2.80
N LYS N 73 -62.62 22.25 -4.06
CA LYS N 73 -62.86 21.00 -4.78
C LYS N 73 -61.55 20.26 -5.04
N SER N 74 -60.48 21.00 -5.35
CA SER N 74 -59.19 20.36 -5.60
C SER N 74 -58.65 19.68 -4.35
N HIS N 75 -59.12 20.07 -3.18
CA HIS N 75 -58.62 19.55 -1.92
C HIS N 75 -59.71 18.81 -1.16
N LYS N 76 -60.83 18.55 -1.80
CA LYS N 76 -61.96 17.97 -1.07
C LYS N 76 -61.72 16.48 -0.83
N PRO N 77 -62.21 15.94 0.28
CA PRO N 77 -62.25 14.50 0.47
C PRO N 77 -63.37 13.91 -0.36
N PRO N 78 -63.18 12.70 -0.89
CA PRO N 78 -64.22 12.08 -1.73
C PRO N 78 -65.58 12.04 -1.04
N ILE N 79 -65.66 11.40 0.10
CA ILE N 79 -66.93 11.27 0.82
C ILE N 79 -67.25 12.62 1.44
N SER N 80 -68.05 13.43 0.76
CA SER N 80 -68.30 14.77 1.26
C SER N 80 -69.61 15.32 0.71
N PHE N 81 -70.39 15.90 1.61
CA PHE N 81 -71.61 16.60 1.24
C PHE N 81 -71.28 17.96 0.60
N PRO N 82 -72.07 18.38 -0.37
CA PRO N 82 -71.95 19.76 -0.86
C PRO N 82 -72.49 20.73 0.17
N LEU N 83 -72.25 22.01 -0.02
CA LEU N 83 -72.58 23.00 1.00
C LEU N 83 -73.90 23.71 0.75
N CYS N 84 -74.07 24.32 -0.42
CA CYS N 84 -75.32 25.00 -0.75
C CYS N 84 -76.22 24.13 -1.61
N ALA N 85 -76.75 23.06 -1.05
CA ALA N 85 -77.58 22.13 -1.81
C ALA N 85 -79.02 22.21 -1.34
N ASN N 86 -79.92 21.71 -2.20
CA ASN N 86 -81.33 21.57 -1.86
C ASN N 86 -81.97 22.91 -1.52
N GLY N 87 -81.44 23.98 -2.10
CA GLY N 87 -82.02 25.30 -1.91
C GLY N 87 -81.87 25.86 -0.51
N GLN N 88 -80.86 25.41 0.23
CA GLN N 88 -80.58 25.96 1.54
C GLN N 88 -79.10 25.78 1.84
N VAL N 89 -78.64 26.48 2.86
CA VAL N 89 -77.24 26.46 3.26
C VAL N 89 -77.10 25.65 4.54
N PHE N 90 -76.00 24.90 4.63
CA PHE N 90 -75.78 23.98 5.73
C PHE N 90 -75.59 24.74 7.05
N GLY N 91 -76.23 24.24 8.09
CA GLY N 91 -76.15 24.90 9.38
C GLY N 91 -76.99 24.21 10.41
N LEU N 92 -77.03 24.76 11.63
CA LEU N 92 -77.85 24.23 12.70
C LEU N 92 -79.32 24.44 12.37
N TYR N 93 -80.21 24.00 13.28
CA TYR N 93 -81.66 24.14 13.19
C TYR N 93 -82.14 23.96 11.75
N LYS N 94 -81.61 22.95 11.07
CA LYS N 94 -81.62 22.88 9.62
C LYS N 94 -83.01 22.98 9.01
N ASN N 95 -83.89 22.02 9.30
CA ASN N 95 -85.21 22.06 8.67
C ASN N 95 -86.30 22.45 9.66
N THR N 96 -85.92 22.83 10.88
CA THR N 96 -86.93 23.35 11.79
C THR N 96 -87.12 24.84 11.57
N CYS N 97 -86.60 25.35 10.46
CA CYS N 97 -86.67 26.76 10.13
C CYS N 97 -87.73 26.99 9.06
N VAL N 98 -88.57 28.00 9.29
CA VAL N 98 -89.76 28.18 8.46
C VAL N 98 -89.43 28.79 7.10
N GLY N 99 -88.57 29.80 7.05
CA GLY N 99 -88.29 30.48 5.80
C GLY N 99 -89.22 31.65 5.56
N SER N 100 -88.70 32.71 4.94
CA SER N 100 -89.45 33.94 4.74
C SER N 100 -89.75 34.12 3.24
N ASP N 101 -90.33 35.28 2.90
CA ASP N 101 -90.78 35.54 1.55
C ASP N 101 -90.26 36.87 1.00
N ASN N 102 -89.87 37.77 1.89
CA ASN N 102 -89.40 39.10 1.52
C ASN N 102 -87.89 39.05 1.43
N VAL N 103 -87.38 38.70 0.25
CA VAL N 103 -85.95 38.62 0.00
C VAL N 103 -85.48 39.71 -0.94
N THR N 104 -86.26 40.01 -1.97
CA THR N 104 -85.87 41.02 -2.95
C THR N 104 -85.71 42.39 -2.29
N ASP N 105 -86.66 42.76 -1.43
CA ASP N 105 -86.55 44.03 -0.73
C ASP N 105 -85.31 44.06 0.15
N PHE N 106 -85.08 42.98 0.89
CA PHE N 106 -84.00 42.97 1.87
C PHE N 106 -82.64 43.00 1.18
N ASN N 107 -82.43 42.12 0.19
CA ASN N 107 -81.14 42.12 -0.47
C ASN N 107 -80.96 43.37 -1.33
N ALA N 108 -82.05 43.96 -1.79
CA ALA N 108 -81.97 45.26 -2.45
C ALA N 108 -81.46 46.33 -1.49
N ILE N 109 -81.99 46.34 -0.25
CA ILE N 109 -81.51 47.28 0.75
C ILE N 109 -80.05 47.01 1.07
N ALA N 110 -79.67 45.73 1.14
CA ALA N 110 -78.29 45.39 1.44
C ALA N 110 -77.34 45.87 0.36
N THR N 111 -77.75 45.75 -0.91
CA THR N 111 -76.88 46.17 -2.01
C THR N 111 -76.93 47.66 -2.28
N CYS N 112 -77.92 48.37 -1.74
CA CYS N 112 -78.06 49.79 -2.02
C CYS N 112 -77.00 50.61 -1.27
N ASP N 113 -76.69 51.79 -1.82
CA ASP N 113 -75.74 52.70 -1.21
C ASP N 113 -76.33 54.08 -0.96
N TRP N 114 -77.63 54.26 -1.15
CA TRP N 114 -78.35 55.47 -0.75
C TRP N 114 -77.83 56.71 -1.47
N THR N 115 -77.57 56.58 -2.77
CA THR N 115 -77.30 57.75 -3.59
C THR N 115 -78.56 58.37 -4.17
N ASN N 116 -79.67 57.63 -4.16
CA ASN N 116 -80.93 58.10 -4.70
C ASN N 116 -82.03 57.85 -3.67
N ALA N 117 -83.10 58.63 -3.77
CA ALA N 117 -84.17 58.55 -2.77
C ALA N 117 -84.99 57.27 -2.87
N GLY N 118 -84.79 56.45 -3.90
CA GLY N 118 -85.61 55.26 -4.06
C GLY N 118 -85.49 54.31 -2.88
N ASP N 119 -84.27 54.03 -2.44
CA ASP N 119 -84.11 53.18 -1.27
C ASP N 119 -84.47 53.91 0.02
N TYR N 120 -84.38 55.25 0.03
CA TYR N 120 -84.81 56.01 1.19
C TYR N 120 -86.30 55.81 1.44
N ILE N 121 -87.12 55.97 0.40
CA ILE N 121 -88.54 55.70 0.55
C ILE N 121 -88.78 54.21 0.77
N LEU N 122 -88.01 53.36 0.10
CA LEU N 122 -88.07 51.93 0.38
C LEU N 122 -87.69 51.60 1.81
N ALA N 123 -86.84 52.43 2.43
CA ALA N 123 -86.46 52.18 3.82
C ALA N 123 -87.66 52.28 4.75
N ASN N 124 -88.47 53.32 4.56
CA ASN N 124 -89.63 53.54 5.44
C ASN N 124 -90.91 52.94 4.89
N THR N 125 -90.88 51.67 4.46
CA THR N 125 -92.10 51.00 4.04
C THR N 125 -92.12 49.54 4.47
N CYS N 126 -91.04 49.07 5.09
CA CYS N 126 -90.90 47.66 5.41
C CYS N 126 -91.27 47.36 6.86
N THR N 127 -90.96 46.14 7.32
CA THR N 127 -91.18 45.73 8.70
C THR N 127 -90.34 46.60 9.63
N GLU N 128 -90.90 46.91 10.80
CA GLU N 128 -90.23 47.71 11.81
C GLU N 128 -88.84 47.17 12.11
N ARG N 129 -88.70 45.85 12.21
CA ARG N 129 -87.39 45.24 12.33
C ARG N 129 -86.50 45.59 11.15
N LEU N 130 -87.04 45.43 9.94
CA LEU N 130 -86.27 45.77 8.74
C LEU N 130 -85.99 47.25 8.68
N LYS N 131 -86.93 48.09 9.13
CA LYS N 131 -86.68 49.52 9.19
C LYS N 131 -85.51 49.84 10.11
N LEU N 132 -85.49 49.20 11.29
CA LEU N 132 -84.39 49.42 12.22
C LEU N 132 -83.06 48.96 11.63
N PHE N 133 -83.07 47.81 10.95
CA PHE N 133 -81.86 47.32 10.31
C PHE N 133 -81.38 48.30 9.24
N ALA N 134 -82.30 48.83 8.45
CA ALA N 134 -81.93 49.81 7.43
C ALA N 134 -81.34 51.06 8.06
N ALA N 135 -81.94 51.52 9.16
CA ALA N 135 -81.40 52.69 9.86
C ALA N 135 -79.97 52.41 10.34
N GLU N 136 -79.76 51.25 10.94
CA GLU N 136 -78.43 50.90 11.43
C GLU N 136 -77.41 50.88 10.31
N THR N 137 -77.74 50.20 9.20
CA THR N 137 -76.77 50.09 8.12
C THR N 137 -76.52 51.44 7.45
N LEU N 138 -77.56 52.27 7.34
CA LEU N 138 -77.34 53.59 6.75
C LEU N 138 -76.44 54.45 7.61
N LYS N 139 -76.68 54.45 8.93
CA LYS N 139 -75.83 55.23 9.81
C LYS N 139 -74.40 54.71 9.80
N ALA N 140 -74.23 53.39 9.81
CA ALA N 140 -72.89 52.82 9.76
C ALA N 140 -72.19 53.18 8.47
N THR N 141 -72.91 53.15 7.35
CA THR N 141 -72.33 53.54 6.07
C THR N 141 -71.90 55.00 6.11
N GLU N 142 -72.73 55.86 6.71
CA GLU N 142 -72.36 57.26 6.84
C GLU N 142 -71.08 57.41 7.65
N GLU N 143 -70.99 56.70 8.77
CA GLU N 143 -69.82 56.83 9.63
C GLU N 143 -68.57 56.32 8.94
N THR N 144 -68.67 55.20 8.21
CA THR N 144 -67.51 54.66 7.51
C THR N 144 -67.05 55.61 6.41
N PHE N 145 -68.00 56.30 5.77
CA PHE N 145 -67.65 57.27 4.74
C PHE N 145 -66.78 58.38 5.32
N LYS N 146 -66.93 58.67 6.61
CA LYS N 146 -66.11 59.71 7.24
C LYS N 146 -64.63 59.33 7.23
N LEU N 147 -64.33 58.03 7.15
CA LEU N 147 -62.95 57.59 7.05
C LEU N 147 -62.26 58.06 5.78
N SER N 148 -63.02 58.52 4.78
CA SER N 148 -62.41 58.98 3.54
C SER N 148 -61.50 60.17 3.79
N TYR N 149 -61.90 61.08 4.67
CA TYR N 149 -61.06 62.23 5.00
C TYR N 149 -59.69 61.78 5.50
N GLY N 150 -58.65 62.42 4.99
CA GLY N 150 -57.29 61.94 5.24
C GLY N 150 -56.60 62.52 6.45
N ILE N 151 -55.36 62.96 6.28
CA ILE N 151 -54.50 63.36 7.38
C ILE N 151 -54.11 64.82 7.22
N ALA N 152 -54.10 65.54 8.33
CA ALA N 152 -53.67 66.93 8.36
C ALA N 152 -52.33 67.02 9.09
N THR N 153 -51.33 67.53 8.39
CA THR N 153 -49.97 67.62 8.90
C THR N 153 -49.61 69.08 9.12
N VAL N 154 -48.45 69.31 9.70
CA VAL N 154 -48.00 70.66 10.03
C VAL N 154 -46.89 71.06 9.06
N ARG N 155 -46.92 72.33 8.66
CA ARG N 155 -45.84 72.92 7.87
C ARG N 155 -44.85 73.69 8.72
N GLU N 156 -45.33 74.45 9.69
CA GLU N 156 -44.47 75.19 10.61
C GLU N 156 -45.29 75.60 11.82
N VAL N 157 -44.65 75.69 12.98
CA VAL N 157 -45.30 76.15 14.19
C VAL N 157 -44.87 77.58 14.46
N LEU N 158 -45.84 78.49 14.51
CA LEU N 158 -45.54 79.91 14.63
C LEU N 158 -45.71 80.41 16.06
N SER N 159 -46.91 80.25 16.62
CA SER N 159 -47.21 80.80 17.93
C SER N 159 -48.24 79.97 18.67
N ASP N 160 -48.88 80.57 19.68
CA ASP N 160 -49.87 79.86 20.48
C ASP N 160 -51.01 79.33 19.60
N ARG N 161 -51.53 80.17 18.71
CA ARG N 161 -52.64 79.82 17.84
C ARG N 161 -52.36 80.23 16.41
N GLU N 162 -51.11 80.05 15.97
CA GLU N 162 -50.74 80.25 14.58
C GLU N 162 -50.02 79.00 14.10
N LEU N 163 -50.50 78.43 13.01
CA LEU N 163 -49.95 77.18 12.50
C LEU N 163 -50.16 77.13 11.00
N HIS N 164 -49.36 76.30 10.33
CA HIS N 164 -49.55 76.03 8.92
C HIS N 164 -49.70 74.54 8.70
N LEU N 165 -50.68 74.17 7.88
CA LEU N 165 -51.12 72.79 7.76
C LEU N 165 -50.89 72.29 6.34
N SER N 166 -50.27 71.12 6.23
CA SER N 166 -50.16 70.43 4.95
C SER N 166 -51.20 69.32 4.87
N TRP N 167 -51.90 69.27 3.74
CA TRP N 167 -52.94 68.28 3.51
C TRP N 167 -52.35 67.05 2.83
N GLU N 168 -53.21 66.05 2.65
CA GLU N 168 -52.83 64.86 1.89
C GLU N 168 -53.14 65.10 0.41
N VAL N 169 -52.14 64.83 -0.45
CA VAL N 169 -52.31 65.08 -1.87
C VAL N 169 -53.36 64.13 -2.43
N GLY N 170 -54.31 64.69 -3.18
CA GLY N 170 -55.36 63.89 -3.78
C GLY N 170 -56.25 63.18 -2.79
N LYS N 171 -56.62 63.84 -1.70
CA LYS N 171 -57.48 63.26 -0.68
C LYS N 171 -58.58 64.25 -0.31
N PRO N 172 -59.75 63.73 0.07
CA PRO N 172 -60.81 64.62 0.56
C PRO N 172 -60.38 65.31 1.84
N ARG N 173 -60.66 66.61 1.92
CA ARG N 173 -60.19 67.42 3.03
C ARG N 173 -61.34 67.73 3.96
N PRO N 174 -61.28 67.32 5.22
CA PRO N 174 -62.38 67.58 6.14
C PRO N 174 -62.61 69.07 6.29
N PRO N 175 -63.86 69.51 6.31
CA PRO N 175 -64.14 70.93 6.62
C PRO N 175 -63.70 71.26 8.04
N LEU N 176 -63.39 72.53 8.25
CA LEU N 176 -62.87 72.99 9.53
C LEU N 176 -64.03 73.52 10.38
N ASN N 177 -64.25 72.90 11.53
CA ASN N 177 -65.34 73.28 12.42
C ASN N 177 -65.03 72.74 13.81
N ARG N 178 -65.74 73.29 14.80
CA ARG N 178 -65.50 72.91 16.19
C ARG N 178 -65.88 71.46 16.45
N ASN N 179 -66.92 70.96 15.77
CA ASN N 179 -67.35 69.58 15.98
C ASN N 179 -66.35 68.56 15.44
N TYR N 180 -65.39 69.00 14.64
CA TYR N 180 -64.37 68.11 14.08
C TYR N 180 -63.17 68.12 15.02
N VAL N 181 -63.19 67.24 16.00
CA VAL N 181 -62.07 67.08 16.91
C VAL N 181 -61.06 66.13 16.28
N PHE N 182 -59.78 66.43 16.47
CA PHE N 182 -58.73 65.63 15.84
C PHE N 182 -57.69 65.24 16.88
N THR N 183 -57.11 64.07 16.69
CA THR N 183 -56.08 63.56 17.56
C THR N 183 -54.73 63.60 16.84
N GLY N 184 -53.68 63.91 17.59
CA GLY N 184 -52.34 63.98 17.04
C GLY N 184 -51.42 62.97 17.69
N TYR N 185 -50.39 62.56 16.95
CA TYR N 185 -49.41 61.62 17.45
C TYR N 185 -48.02 62.11 17.10
N ARG N 186 -47.04 61.72 17.90
CA ARG N 186 -45.63 61.93 17.62
C ARG N 186 -44.94 60.57 17.50
N VAL N 187 -43.81 60.53 16.83
CA VAL N 187 -43.06 59.29 16.80
C VAL N 187 -41.82 59.49 17.62
N THR N 188 -41.79 58.92 18.82
CA THR N 188 -40.58 58.99 19.60
C THR N 188 -39.60 58.15 18.85
N LYS N 189 -39.81 56.85 18.83
CA LYS N 189 -38.95 55.97 18.04
C LYS N 189 -39.69 55.38 16.86
N ASN N 190 -40.31 54.24 17.08
CA ASN N 190 -41.64 54.00 16.57
C ASN N 190 -42.64 53.98 17.69
N SER N 191 -42.32 54.64 18.80
CA SER N 191 -43.29 54.76 19.86
C SER N 191 -44.16 55.92 19.45
N LYS N 192 -45.20 55.61 18.69
CA LYS N 192 -46.09 56.63 18.23
C LYS N 192 -47.03 56.99 19.34
N VAL N 193 -46.58 57.78 20.31
CA VAL N 193 -47.54 58.04 21.36
C VAL N 193 -48.42 59.21 20.96
N GLN N 194 -49.70 59.13 21.35
CA GLN N 194 -50.65 60.19 21.07
C GLN N 194 -50.27 61.45 21.83
N ILE N 195 -50.44 62.61 21.20
CA ILE N 195 -50.04 63.86 21.82
C ILE N 195 -51.21 64.59 22.48
N GLY N 196 -52.43 64.39 22.00
CA GLY N 196 -53.58 65.04 22.59
C GLY N 196 -54.67 65.23 21.55
N GLU N 197 -55.81 65.74 22.03
CA GLU N 197 -56.96 66.01 21.18
C GLU N 197 -57.14 67.50 21.02
N TYR N 198 -57.33 67.94 19.77
CA TYR N 198 -57.40 69.36 19.48
C TYR N 198 -58.46 69.61 18.42
N THR N 199 -59.03 70.81 18.46
CA THR N 199 -59.95 71.29 17.44
C THR N 199 -59.38 72.55 16.82
N PHE N 200 -59.53 72.69 15.52
CA PHE N 200 -58.86 73.74 14.76
C PHE N 200 -59.88 74.73 14.18
N GLU N 201 -59.36 75.90 13.81
CA GLU N 201 -60.17 76.94 13.18
C GLU N 201 -59.25 77.85 12.38
N LYS N 202 -59.80 78.43 11.31
CA LYS N 202 -59.00 79.28 10.44
C LYS N 202 -58.54 80.53 11.16
N GLY N 203 -57.29 80.93 10.89
CA GLY N 203 -56.74 82.16 11.44
C GLY N 203 -57.18 83.38 10.65
N ASP N 204 -56.24 84.30 10.40
CA ASP N 204 -56.55 85.53 9.69
C ASP N 204 -56.35 85.42 8.18
N TYR N 205 -55.47 84.53 7.74
CA TYR N 205 -55.17 84.41 6.32
C TYR N 205 -54.60 83.05 5.85
N GLY N 206 -54.58 82.88 4.52
CA GLY N 206 -53.89 81.82 3.73
C GLY N 206 -53.73 80.44 4.32
N ASP N 207 -52.83 80.29 5.28
CA ASP N 207 -52.70 79.00 5.93
C ASP N 207 -52.52 79.17 7.44
N ALA N 208 -52.24 80.38 7.93
CA ALA N 208 -52.18 80.52 9.37
C ALA N 208 -53.55 80.19 9.98
N VAL N 209 -53.55 79.31 10.97
CA VAL N 209 -54.79 78.81 11.56
C VAL N 209 -54.69 78.85 13.07
N VAL N 210 -55.83 78.91 13.74
CA VAL N 210 -55.90 78.84 15.19
C VAL N 210 -56.41 77.46 15.57
N TYR N 211 -56.36 77.14 16.86
CA TYR N 211 -56.83 75.82 17.29
C TYR N 211 -57.19 75.91 18.78
N ARG N 212 -57.35 74.75 19.42
CA ARG N 212 -57.58 74.71 20.85
C ARG N 212 -56.79 73.54 21.42
N GLY N 213 -56.12 73.78 22.55
CA GLY N 213 -55.21 72.83 23.14
C GLY N 213 -55.80 72.19 24.38
N THR N 214 -55.77 70.86 24.41
CA THR N 214 -56.12 70.09 25.59
C THR N 214 -54.87 69.57 26.32
N THR N 215 -53.89 69.09 25.57
CA THR N 215 -52.60 68.72 26.14
C THR N 215 -51.55 69.76 25.75
N THR N 216 -50.88 70.30 26.76
CA THR N 216 -49.97 71.42 26.58
C THR N 216 -48.55 70.90 26.34
N TYR N 217 -48.30 70.45 25.13
CA TYR N 217 -46.96 70.07 24.71
C TYR N 217 -46.26 71.32 24.18
N LYS N 218 -45.01 71.17 23.73
CA LYS N 218 -44.35 72.21 22.93
C LYS N 218 -44.39 71.72 21.49
N LEU N 219 -45.37 72.24 20.74
CA LEU N 219 -45.64 71.74 19.40
C LEU N 219 -44.51 72.09 18.45
N ASN N 220 -43.75 71.09 18.04
CA ASN N 220 -42.74 71.22 17.00
C ASN N 220 -43.39 70.97 15.64
N VAL N 221 -42.58 71.09 14.59
CA VAL N 221 -43.09 70.76 13.27
C VAL N 221 -42.81 69.27 13.02
N GLY N 222 -43.61 68.42 13.63
CA GLY N 222 -43.58 66.99 13.38
C GLY N 222 -44.95 66.36 13.57
N ASP N 223 -45.98 67.20 13.64
CA ASP N 223 -47.28 66.81 14.16
C ASP N 223 -48.27 66.61 13.02
N TYR N 224 -48.89 65.45 12.99
CA TYR N 224 -50.01 65.15 12.11
C TYR N 224 -51.27 64.97 12.94
N PHE N 225 -52.41 64.99 12.25
CA PHE N 225 -53.69 64.88 12.93
C PHE N 225 -54.64 64.02 12.11
N VAL N 226 -55.44 63.23 12.79
CA VAL N 226 -56.47 62.39 12.17
C VAL N 226 -57.76 62.55 12.95
N LEU N 227 -58.87 62.21 12.29
CA LEU N 227 -60.18 62.34 12.94
C LEU N 227 -60.33 61.31 14.05
N THR N 228 -61.14 61.65 15.04
CA THR N 228 -61.47 60.75 16.12
C THR N 228 -62.68 59.91 15.72
N SER N 229 -62.53 58.59 15.75
CA SER N 229 -63.61 57.70 15.36
C SER N 229 -64.72 57.67 16.40
N HIS N 230 -65.92 57.31 15.95
CA HIS N 230 -67.09 57.21 16.83
C HIS N 230 -67.92 56.02 16.34
N THR N 231 -67.73 54.87 16.99
CA THR N 231 -68.47 53.68 16.61
C THR N 231 -69.94 53.81 17.00
N VAL N 232 -70.75 52.92 16.44
CA VAL N 232 -72.19 52.94 16.64
C VAL N 232 -72.61 51.65 17.32
N MET N 233 -73.76 51.69 17.98
CA MET N 233 -74.30 50.52 18.66
C MET N 233 -75.61 50.07 18.01
N PRO N 234 -75.84 48.76 17.91
CA PRO N 234 -77.10 48.29 17.34
C PRO N 234 -78.28 48.61 18.25
N LEU N 235 -79.46 48.66 17.63
CA LEU N 235 -80.69 48.96 18.35
C LEU N 235 -81.58 47.73 18.40
N SER N 236 -82.36 47.62 19.47
CA SER N 236 -83.24 46.48 19.67
C SER N 236 -84.71 46.90 19.69
N ALA N 237 -85.05 47.85 20.55
CA ALA N 237 -86.45 48.24 20.70
C ALA N 237 -86.91 49.06 19.50
N PRO N 238 -88.19 48.96 19.14
CA PRO N 238 -88.69 49.71 17.97
C PRO N 238 -88.77 51.21 18.23
N THR N 239 -89.28 51.93 17.24
CA THR N 239 -89.44 53.38 17.33
C THR N 239 -90.81 53.82 17.81
N LEU N 240 -91.85 53.02 17.57
CA LEU N 240 -93.21 53.40 17.90
C LEU N 240 -93.90 52.26 18.64
N VAL N 241 -94.28 52.50 19.88
CA VAL N 241 -95.12 51.54 20.61
C VAL N 241 -96.51 51.56 19.98
N PRO N 242 -97.23 50.44 19.92
CA PRO N 242 -98.61 50.48 19.43
C PRO N 242 -99.49 51.40 20.27
N GLN N 243 -100.39 52.10 19.59
CA GLN N 243 -101.24 53.10 20.23
C GLN N 243 -102.21 52.44 21.21
N GLU N 244 -102.43 53.10 22.33
CA GLU N 244 -103.39 52.66 23.34
C GLU N 244 -104.38 53.77 23.64
N HIS N 245 -105.66 53.42 23.70
CA HIS N 245 -106.74 54.36 23.99
C HIS N 245 -107.36 54.06 25.33
N TYR N 246 -107.65 55.12 26.09
CA TYR N 246 -108.29 55.01 27.39
C TYR N 246 -109.53 55.90 27.38
N VAL N 247 -110.26 55.88 28.50
CA VAL N 247 -111.33 56.84 28.72
C VAL N 247 -111.15 57.44 30.11
N ARG N 248 -110.42 56.75 30.98
CA ARG N 248 -110.20 57.20 32.35
C ARG N 248 -108.80 57.75 32.53
N ILE N 249 -108.59 58.45 33.64
CA ILE N 249 -107.29 59.05 33.90
C ILE N 249 -106.25 57.96 34.11
N THR N 250 -105.02 58.21 33.68
CA THR N 250 -103.91 57.26 33.80
C THR N 250 -102.90 57.83 34.79
N GLY N 251 -103.11 57.51 36.07
CA GLY N 251 -102.12 57.73 37.11
C GLY N 251 -101.88 59.19 37.49
N LEU N 252 -102.18 60.10 36.58
CA LEU N 252 -101.85 61.51 36.75
C LEU N 252 -102.97 62.25 37.44
N TYR N 253 -102.66 63.46 37.88
CA TYR N 253 -103.65 64.36 38.48
C TYR N 253 -103.29 65.80 38.15
N PRO N 254 -104.16 66.48 37.40
CA PRO N 254 -103.83 67.84 36.94
C PRO N 254 -104.13 68.91 37.97
N THR N 255 -103.92 70.16 37.57
CA THR N 255 -104.25 71.31 38.41
C THR N 255 -105.76 71.55 38.33
N LEU N 256 -106.21 72.68 38.88
CA LEU N 256 -107.63 72.99 38.87
C LEU N 256 -107.96 74.20 37.99
N ASN N 257 -107.48 75.37 38.38
CA ASN N 257 -107.81 76.60 37.68
C ASN N 257 -106.57 77.47 37.44
N ILE N 258 -105.47 76.85 37.05
CA ILE N 258 -104.24 77.57 36.79
C ILE N 258 -104.04 77.68 35.28
N SER N 259 -103.18 78.62 34.88
CA SER N 259 -102.78 78.80 33.49
C SER N 259 -103.99 79.14 32.60
N ASP N 260 -104.67 80.22 32.97
CA ASP N 260 -105.77 80.71 32.16
C ASP N 260 -105.30 81.22 30.81
N GLU N 261 -104.06 81.72 30.75
CA GLU N 261 -103.49 82.15 29.47
C GLU N 261 -103.27 80.96 28.54
N PHE N 262 -103.06 79.77 29.09
CA PHE N 262 -102.90 78.54 28.33
C PHE N 262 -103.99 77.54 28.70
N SER N 263 -105.19 78.04 28.96
CA SER N 263 -106.35 77.21 29.24
C SER N 263 -107.18 76.94 28.00
N SER N 264 -106.76 77.44 26.84
CA SER N 264 -107.46 77.17 25.59
C SER N 264 -107.24 75.75 25.10
N ASN N 265 -106.28 75.03 25.67
CA ASN N 265 -105.96 73.67 25.26
C ASN N 265 -105.97 72.69 26.44
N VAL N 266 -106.66 73.05 27.53
CA VAL N 266 -106.75 72.14 28.66
C VAL N 266 -107.51 70.88 28.26
N ALA N 267 -108.48 70.99 27.36
CA ALA N 267 -109.14 69.80 26.83
C ALA N 267 -108.14 68.91 26.12
N ASN N 268 -107.23 69.50 25.35
CA ASN N 268 -106.16 68.72 24.73
C ASN N 268 -105.25 68.11 25.79
N TYR N 269 -104.99 68.83 26.88
CA TYR N 269 -104.16 68.28 27.95
C TYR N 269 -104.81 67.03 28.55
N GLN N 270 -106.12 67.10 28.79
CA GLN N 270 -106.83 65.93 29.30
C GLN N 270 -106.81 64.80 28.27
N LYS N 271 -107.04 65.14 26.99
CA LYS N 271 -107.00 64.11 25.94
C LYS N 271 -105.67 63.39 25.94
N VAL N 272 -104.58 64.13 26.09
CA VAL N 272 -103.28 63.52 26.31
C VAL N 272 -103.32 62.65 27.56
N GLY N 273 -104.10 63.06 28.57
CA GLY N 273 -104.14 62.32 29.82
C GLY N 273 -104.53 60.86 29.68
N MET N 274 -105.57 60.58 28.90
CA MET N 274 -105.90 59.19 28.63
C MET N 274 -105.55 58.77 27.20
N GLN N 275 -104.54 59.41 26.60
CA GLN N 275 -103.99 58.96 25.33
C GLN N 275 -102.56 58.47 25.55
N LYS N 276 -102.26 57.30 25.01
CA LYS N 276 -100.91 56.75 25.14
C LYS N 276 -99.88 57.66 24.50
N TYR N 277 -100.17 58.15 23.30
CA TYR N 277 -99.30 59.12 22.63
C TYR N 277 -100.05 59.72 21.46
N SER N 278 -99.73 60.97 21.16
CA SER N 278 -100.31 61.66 20.01
C SER N 278 -99.30 62.68 19.52
N THR N 279 -99.71 63.49 18.54
CA THR N 279 -98.83 64.47 17.92
C THR N 279 -99.60 65.76 17.71
N LEU N 280 -98.90 66.76 17.17
CA LEU N 280 -99.47 68.07 16.87
C LEU N 280 -98.64 68.71 15.77
N GLN N 281 -99.32 69.35 14.82
CA GLN N 281 -98.66 70.07 13.73
C GLN N 281 -99.13 71.52 13.73
N GLY N 282 -98.19 72.45 13.65
CA GLY N 282 -98.51 73.85 13.71
C GLY N 282 -97.42 74.75 13.14
N PRO N 283 -97.69 76.05 13.13
CA PRO N 283 -96.74 77.02 12.57
C PRO N 283 -95.47 77.10 13.42
N PRO N 284 -94.37 77.60 12.86
CA PRO N 284 -93.10 77.58 13.59
C PRO N 284 -93.15 78.49 14.81
N GLY N 285 -92.95 77.89 15.98
CA GLY N 285 -92.81 78.65 17.22
C GLY N 285 -94.03 79.48 17.57
N THR N 286 -95.22 78.96 17.30
CA THR N 286 -96.45 79.68 17.62
C THR N 286 -97.16 78.90 18.71
N GLY N 287 -97.49 77.63 18.48
CA GLY N 287 -97.89 76.77 19.57
C GLY N 287 -96.72 75.98 20.13
N LYS N 288 -95.60 76.00 19.40
CA LYS N 288 -94.41 75.26 19.81
C LYS N 288 -93.89 75.77 21.14
N SER N 289 -93.77 74.85 22.08
CA SER N 289 -93.29 75.07 23.45
C SER N 289 -94.31 75.86 24.26
N HIS N 290 -95.30 76.45 23.60
CA HIS N 290 -96.39 77.11 24.31
C HIS N 290 -97.37 76.08 24.83
N PHE N 291 -97.82 75.19 23.96
CA PHE N 291 -98.59 74.03 24.40
C PHE N 291 -97.81 73.24 25.44
N ALA N 292 -96.48 73.16 25.27
CA ALA N 292 -95.65 72.38 26.19
C ALA N 292 -95.64 72.98 27.59
N ILE N 293 -95.38 74.29 27.70
CA ILE N 293 -95.38 74.91 29.02
C ILE N 293 -96.77 74.91 29.61
N GLY N 294 -97.81 75.08 28.79
CA GLY N 294 -99.16 75.01 29.31
C GLY N 294 -99.47 73.65 29.93
N LEU N 295 -99.09 72.57 29.23
CA LEU N 295 -99.31 71.24 29.78
C LEU N 295 -98.45 70.98 31.01
N ALA N 296 -97.20 71.47 31.00
CA ALA N 296 -96.32 71.27 32.14
C ALA N 296 -96.88 71.94 33.40
N LEU N 297 -97.38 73.16 33.25
CA LEU N 297 -98.03 73.82 34.36
C LEU N 297 -99.34 73.15 34.73
N TYR N 298 -100.02 72.57 33.73
CA TYR N 298 -101.28 71.86 33.97
C TYR N 298 -101.06 70.57 34.74
N TYR N 299 -99.87 69.97 34.62
CA TYR N 299 -99.50 68.73 35.31
C TYR N 299 -98.19 68.97 36.04
N PRO N 300 -98.21 69.68 37.17
CA PRO N 300 -96.95 69.94 37.89
C PRO N 300 -96.45 68.72 38.64
N SER N 301 -97.36 67.86 39.10
CA SER N 301 -96.95 66.66 39.83
C SER N 301 -96.26 65.64 38.95
N ALA N 302 -96.53 65.67 37.64
CA ALA N 302 -95.94 64.71 36.72
C ALA N 302 -94.47 65.02 36.45
N ARG N 303 -93.73 63.99 36.07
CA ARG N 303 -92.33 64.14 35.67
C ARG N 303 -92.28 64.18 34.15
N ILE N 304 -91.97 65.35 33.60
CA ILE N 304 -92.02 65.60 32.16
C ILE N 304 -90.62 65.95 31.69
N VAL N 305 -90.16 65.28 30.64
CA VAL N 305 -88.80 65.41 30.15
C VAL N 305 -88.84 65.82 28.67
N TYR N 306 -88.07 66.84 28.32
CA TYR N 306 -87.88 67.26 26.94
C TYR N 306 -86.42 67.03 26.55
N THR N 307 -86.20 66.76 25.27
CA THR N 307 -84.85 66.62 24.75
C THR N 307 -84.85 66.73 23.23
N ALA N 308 -84.04 67.62 22.68
CA ALA N 308 -83.96 67.82 21.24
C ALA N 308 -82.56 67.47 20.75
N CYS N 309 -82.33 67.68 19.45
CA CYS N 309 -81.05 67.34 18.84
C CYS N 309 -80.08 68.52 18.86
N SER N 310 -80.47 69.64 18.25
CA SER N 310 -79.62 70.81 18.24
C SER N 310 -79.56 71.43 19.63
N HIS N 311 -78.35 71.74 20.08
CA HIS N 311 -78.19 72.28 21.43
C HIS N 311 -78.81 73.67 21.56
N ALA N 312 -78.69 74.50 20.51
CA ALA N 312 -79.25 75.84 20.58
C ALA N 312 -80.76 75.81 20.73
N ALA N 313 -81.43 74.94 19.95
CA ALA N 313 -82.89 74.87 20.02
C ALA N 313 -83.36 74.38 21.38
N VAL N 314 -82.75 73.31 21.90
CA VAL N 314 -83.18 72.79 23.19
C VAL N 314 -82.87 73.78 24.30
N ASP N 315 -81.75 74.50 24.20
CA ASP N 315 -81.44 75.51 25.21
C ASP N 315 -82.44 76.66 25.19
N ALA N 316 -82.83 77.10 24.00
CA ALA N 316 -83.82 78.16 23.90
C ALA N 316 -85.17 77.70 24.44
N LEU N 317 -85.56 76.46 24.14
CA LEU N 317 -86.81 75.94 24.68
C LEU N 317 -86.75 75.81 26.20
N CYS N 318 -85.60 75.42 26.73
CA CYS N 318 -85.42 75.40 28.19
C CYS N 318 -85.57 76.78 28.78
N GLU N 319 -84.95 77.79 28.14
CA GLU N 319 -85.07 79.16 28.61
C GLU N 319 -86.52 79.63 28.60
N LYS N 320 -87.26 79.27 27.54
CA LYS N 320 -88.69 79.58 27.52
C LYS N 320 -89.41 78.87 28.66
N ALA N 321 -89.04 77.63 28.95
CA ALA N 321 -89.63 76.91 30.08
C ALA N 321 -89.27 77.58 31.41
N LEU N 322 -88.01 77.96 31.57
CA LEU N 322 -87.56 78.58 32.82
C LEU N 322 -88.30 79.90 33.08
N LYS N 323 -88.91 80.47 32.04
CA LYS N 323 -89.64 81.72 32.21
C LYS N 323 -90.82 81.55 33.16
N TYR N 324 -91.49 80.39 33.12
CA TYR N 324 -92.66 80.13 33.94
C TYR N 324 -92.46 78.93 34.85
N LEU N 325 -91.20 78.66 35.24
CA LEU N 325 -90.91 77.42 35.99
C LEU N 325 -90.34 77.49 37.37
N PRO N 326 -90.82 76.61 38.26
CA PRO N 326 -90.21 76.55 39.57
C PRO N 326 -88.82 76.00 39.41
N ILE N 327 -87.83 76.75 39.86
CA ILE N 327 -86.45 76.30 39.78
C ILE N 327 -85.86 76.07 41.18
N ASP N 328 -85.49 74.82 41.49
CA ASP N 328 -86.39 73.72 41.88
C ASP N 328 -86.45 72.91 40.63
N LYS N 329 -85.39 73.04 39.85
CA LYS N 329 -85.37 72.38 38.59
C LYS N 329 -83.92 72.16 38.23
N CYS N 330 -83.64 71.32 37.25
CA CYS N 330 -82.33 71.14 36.67
C CYS N 330 -82.51 70.56 35.27
N SER N 331 -81.67 71.03 34.34
CA SER N 331 -81.66 70.51 32.98
C SER N 331 -80.30 69.81 32.79
N ARG N 332 -80.29 68.51 33.07
CA ARG N 332 -79.06 67.72 32.99
C ARG N 332 -78.69 67.49 31.53
N ILE N 333 -77.99 68.46 30.92
CA ILE N 333 -77.85 68.46 29.46
C ILE N 333 -76.53 67.86 28.99
N ILE N 334 -75.41 68.49 29.37
CA ILE N 334 -74.16 68.22 28.65
C ILE N 334 -73.17 67.44 29.50
N PRO N 335 -72.64 66.33 28.97
CA PRO N 335 -71.50 65.66 29.61
C PRO N 335 -70.21 66.40 29.35
N ALA N 336 -69.07 65.79 29.69
CA ALA N 336 -67.79 66.46 29.57
C ALA N 336 -67.36 66.57 28.11
N ARG N 337 -68.15 67.27 27.30
CA ARG N 337 -67.73 67.69 25.97
C ARG N 337 -67.70 69.21 25.94
N ALA N 338 -68.84 69.83 26.26
CA ALA N 338 -68.94 71.28 26.46
C ALA N 338 -68.44 72.09 25.26
N ARG N 339 -68.51 71.52 24.06
CA ARG N 339 -68.05 72.25 22.88
C ARG N 339 -69.02 73.36 22.51
N VAL N 340 -70.33 73.06 22.51
CA VAL N 340 -71.37 74.05 22.30
C VAL N 340 -72.02 74.36 23.64
N GLU N 341 -72.10 75.63 23.97
CA GLU N 341 -72.57 76.07 25.27
C GLU N 341 -74.10 76.11 25.30
N CYS N 342 -74.63 76.19 26.53
CA CYS N 342 -76.06 76.08 26.78
C CYS N 342 -76.47 76.92 27.98
N PHE N 343 -77.62 76.58 28.56
CA PHE N 343 -78.14 77.23 29.76
C PHE N 343 -77.05 77.41 30.83
N ASP N 344 -77.25 78.42 31.67
CA ASP N 344 -76.35 78.72 32.77
C ASP N 344 -77.12 78.76 34.08
N LYS N 345 -77.92 77.71 34.32
CA LYS N 345 -78.80 77.67 35.48
C LYS N 345 -78.45 76.57 36.47
N PHE N 346 -78.10 75.37 35.99
CA PHE N 346 -77.96 74.22 36.89
C PHE N 346 -76.83 73.29 36.49
N LYS N 347 -76.83 72.09 37.07
CA LYS N 347 -75.71 71.16 37.02
C LYS N 347 -75.81 70.25 35.79
N VAL N 348 -74.97 69.22 35.76
CA VAL N 348 -74.79 68.36 34.60
C VAL N 348 -75.68 67.14 34.68
N ASN N 349 -75.90 66.63 35.89
CA ASN N 349 -76.71 65.43 36.06
C ASN N 349 -77.36 65.46 37.44
N SER N 350 -78.67 65.18 37.47
CA SER N 350 -79.39 65.01 38.72
C SER N 350 -80.07 63.64 38.75
N THR N 351 -80.68 63.26 37.62
CA THR N 351 -81.43 62.00 37.50
C THR N 351 -82.53 61.91 38.56
N LEU N 352 -82.87 63.06 39.14
CA LEU N 352 -83.92 63.12 40.16
C LEU N 352 -84.93 64.24 39.93
N GLU N 353 -84.59 65.27 39.17
CA GLU N 353 -85.51 66.38 38.97
C GLU N 353 -86.53 66.06 37.88
N GLN N 354 -87.78 66.47 38.11
CA GLN N 354 -88.88 66.06 37.25
C GLN N 354 -88.76 66.56 35.82
N TYR N 355 -88.08 67.67 35.59
CA TYR N 355 -88.10 68.34 34.29
C TYR N 355 -86.68 68.50 33.76
N VAL N 356 -85.90 67.44 33.84
CA VAL N 356 -84.55 67.44 33.30
C VAL N 356 -84.60 67.37 31.78
N PHE N 357 -83.70 68.11 31.14
CA PHE N 357 -83.59 68.10 29.70
C PHE N 357 -82.13 67.81 29.33
N CYS N 358 -81.95 67.25 28.13
CA CYS N 358 -80.62 66.80 27.74
C CYS N 358 -80.54 66.78 26.21
N THR N 359 -79.50 66.13 25.69
CA THR N 359 -79.30 65.94 24.26
C THR N 359 -79.49 64.46 23.93
N VAL N 360 -80.08 64.19 22.77
CA VAL N 360 -80.42 62.82 22.39
C VAL N 360 -79.17 61.95 22.37
N ASN N 361 -78.09 62.44 21.76
CA ASN N 361 -76.86 61.66 21.66
C ASN N 361 -76.18 61.45 23.01
N ALA N 362 -76.58 62.21 24.04
CA ALA N 362 -76.04 62.03 25.38
C ALA N 362 -77.14 61.85 26.42
N LEU N 363 -78.30 61.34 26.01
CA LEU N 363 -79.39 61.15 26.94
C LEU N 363 -79.02 60.07 27.96
N PRO N 364 -79.45 60.21 29.21
CA PRO N 364 -79.29 59.11 30.17
C PRO N 364 -80.27 57.99 29.90
N GLU N 365 -80.21 56.91 30.69
CA GLU N 365 -81.10 55.77 30.50
C GLU N 365 -81.90 55.61 31.79
N THR N 366 -83.07 56.24 31.82
CA THR N 366 -83.93 56.24 33.00
C THR N 366 -85.38 56.21 32.58
N THR N 367 -86.23 55.77 33.49
CA THR N 367 -87.67 55.69 33.28
C THR N 367 -88.34 57.01 33.69
N ALA N 368 -89.49 57.27 33.08
CA ALA N 368 -90.20 58.52 33.33
C ALA N 368 -91.70 58.34 33.21
N ASP N 369 -92.44 59.44 33.10
CA ASP N 369 -93.88 59.40 32.90
C ASP N 369 -94.28 59.97 31.56
N ILE N 370 -93.85 61.20 31.27
CA ILE N 370 -94.18 61.90 30.04
C ILE N 370 -92.90 62.45 29.44
N VAL N 371 -92.71 62.21 28.13
CA VAL N 371 -91.60 62.77 27.38
C VAL N 371 -92.17 63.45 26.14
N VAL N 372 -91.75 64.68 25.89
CA VAL N 372 -92.23 65.45 24.74
C VAL N 372 -91.04 65.96 23.96
N PHE N 373 -91.07 65.75 22.64
CA PHE N 373 -90.03 66.21 21.74
C PHE N 373 -90.67 67.00 20.62
N ASP N 374 -89.98 68.03 20.15
CA ASP N 374 -90.52 68.95 19.15
C ASP N 374 -89.61 68.99 17.93
N GLU N 375 -90.19 69.42 16.81
CA GLU N 375 -89.47 69.59 15.54
C GLU N 375 -88.87 68.26 15.07
N ILE N 376 -89.78 67.33 14.81
CA ILE N 376 -89.40 65.99 14.37
C ILE N 376 -88.82 65.95 12.96
N SER N 377 -88.99 67.02 12.18
CA SER N 377 -88.50 67.03 10.80
C SER N 377 -86.98 66.91 10.77
N MET N 378 -86.29 67.60 11.65
CA MET N 378 -84.84 67.50 11.73
C MET N 378 -84.37 66.20 12.35
N ALA N 379 -85.27 65.25 12.59
CA ALA N 379 -84.92 63.98 13.23
C ALA N 379 -85.10 62.82 12.25
N THR N 380 -84.20 61.85 12.35
CA THR N 380 -84.24 60.66 11.52
C THR N 380 -85.20 59.64 12.16
N ASN N 381 -85.17 58.40 11.69
CA ASN N 381 -85.88 57.31 12.36
C ASN N 381 -85.00 56.55 13.34
N TYR N 382 -83.68 56.65 13.19
CA TYR N 382 -82.76 56.00 14.10
C TYR N 382 -82.91 56.54 15.52
N ASP N 383 -82.83 57.86 15.65
CA ASP N 383 -82.86 58.48 16.97
C ASP N 383 -84.18 58.26 17.69
N LEU N 384 -85.27 58.10 16.95
CA LEU N 384 -86.56 57.85 17.59
C LEU N 384 -86.55 56.53 18.35
N SER N 385 -86.15 55.46 17.68
CA SER N 385 -86.02 54.18 18.37
C SER N 385 -84.94 54.23 19.42
N VAL N 386 -83.88 55.02 19.19
CA VAL N 386 -82.81 55.13 20.15
C VAL N 386 -83.35 55.68 21.48
N VAL N 387 -84.10 56.77 21.41
CA VAL N 387 -84.61 57.38 22.64
C VAL N 387 -85.75 56.55 23.21
N ASN N 388 -86.49 55.84 22.36
CA ASN N 388 -87.56 54.97 22.85
C ASN N 388 -86.99 53.79 23.63
N ALA N 389 -85.80 53.33 23.25
CA ALA N 389 -85.17 52.22 23.96
C ALA N 389 -84.42 52.70 25.20
N ARG N 390 -83.69 53.81 25.08
CA ARG N 390 -82.87 54.27 26.20
C ARG N 390 -83.73 54.66 27.40
N LEU N 391 -84.84 55.33 27.15
CA LEU N 391 -85.74 55.77 28.21
C LEU N 391 -87.08 55.06 28.09
N ARG N 392 -87.95 55.32 29.06
CA ARG N 392 -89.25 54.67 29.14
C ARG N 392 -90.19 55.57 29.94
N ALA N 393 -91.42 55.68 29.48
CA ALA N 393 -92.39 56.56 30.12
C ALA N 393 -93.80 56.10 29.77
N LYS N 394 -94.79 56.77 30.33
CA LYS N 394 -96.19 56.43 30.05
C LYS N 394 -96.65 57.03 28.74
N HIS N 395 -96.59 58.35 28.63
CA HIS N 395 -97.13 59.07 27.49
C HIS N 395 -96.04 59.85 26.78
N TYR N 396 -96.19 59.98 25.47
CA TYR N 396 -95.23 60.70 24.63
C TYR N 396 -95.98 61.63 23.69
N VAL N 397 -95.44 62.83 23.50
CA VAL N 397 -96.02 63.83 22.61
C VAL N 397 -94.93 64.35 21.69
N TYR N 398 -95.25 64.49 20.40
CA TYR N 398 -94.30 64.97 19.43
C TYR N 398 -94.95 66.06 18.58
N ILE N 399 -94.16 67.06 18.23
CA ILE N 399 -94.61 68.19 17.43
C ILE N 399 -93.64 68.40 16.28
N GLY N 400 -94.19 68.59 15.08
CA GLY N 400 -93.36 68.80 13.92
C GLY N 400 -94.12 69.53 12.83
N ASP N 401 -93.42 69.80 11.73
CA ASP N 401 -94.00 70.50 10.60
C ASP N 401 -93.25 70.12 9.33
N PRO N 402 -93.98 69.78 8.26
CA PRO N 402 -93.30 69.38 7.01
C PRO N 402 -92.41 70.44 6.42
N ALA N 403 -92.74 71.72 6.62
CA ALA N 403 -91.97 72.81 6.03
C ALA N 403 -90.72 73.16 6.83
N GLN N 404 -90.30 72.30 7.76
CA GLN N 404 -89.11 72.55 8.55
C GLN N 404 -87.90 72.02 7.80
N LEU N 405 -86.74 71.98 8.47
CA LEU N 405 -85.50 71.52 7.88
C LEU N 405 -85.22 70.08 8.29
N PRO N 406 -84.94 69.19 7.35
CA PRO N 406 -84.71 67.78 7.67
C PRO N 406 -83.26 67.54 8.08
N ALA N 407 -82.94 66.25 8.28
CA ALA N 407 -81.58 65.85 8.55
C ALA N 407 -80.70 66.09 7.33
N PRO N 408 -79.42 66.38 7.54
CA PRO N 408 -78.51 66.63 6.42
C PRO N 408 -78.49 65.52 5.38
N ARG N 409 -78.17 64.29 5.80
CA ARG N 409 -78.15 63.14 4.90
C ARG N 409 -77.24 63.39 3.70
N THR N 410 -75.94 63.55 3.99
CA THR N 410 -74.98 63.86 2.94
C THR N 410 -74.81 62.72 1.95
N LEU N 411 -75.22 61.50 2.30
CA LEU N 411 -75.14 60.40 1.34
C LEU N 411 -76.07 60.63 0.16
N LEU N 412 -77.29 61.11 0.42
CA LEU N 412 -78.22 61.38 -0.67
C LEU N 412 -77.76 62.60 -1.45
N THR N 413 -77.61 62.43 -2.76
CA THR N 413 -77.20 63.52 -3.64
C THR N 413 -78.04 63.66 -4.89
N LYS N 414 -78.82 62.66 -5.26
CA LYS N 414 -79.63 62.69 -6.48
C LYS N 414 -81.10 62.64 -6.10
N GLY N 415 -81.90 63.52 -6.70
CA GLY N 415 -83.30 63.60 -6.36
C GLY N 415 -83.51 64.33 -5.04
N THR N 416 -84.70 64.13 -4.48
CA THR N 416 -85.04 64.72 -3.19
C THR N 416 -86.10 63.88 -2.51
N LEU N 417 -86.20 64.03 -1.20
CA LEU N 417 -87.14 63.27 -0.39
C LEU N 417 -88.27 64.18 0.08
N GLU N 418 -89.41 63.59 0.27
CA GLU N 418 -90.54 64.38 0.71
C GLU N 418 -90.46 64.65 2.21
N PRO N 419 -91.08 65.73 2.67
CA PRO N 419 -91.21 65.93 4.13
C PRO N 419 -91.93 64.78 4.80
N GLU N 420 -92.81 64.11 4.06
CA GLU N 420 -93.47 62.91 4.58
C GLU N 420 -92.45 61.84 4.95
N TYR N 421 -91.34 61.76 4.22
CA TYR N 421 -90.33 60.73 4.43
C TYR N 421 -89.08 61.25 5.12
N PHE N 422 -89.18 62.38 5.82
CA PHE N 422 -88.09 62.79 6.69
C PHE N 422 -87.86 61.77 7.79
N ASN N 423 -88.92 61.12 8.25
CA ASN N 423 -88.87 60.04 9.22
C ASN N 423 -90.24 59.37 9.23
N SER N 424 -90.40 58.34 10.07
CA SER N 424 -91.66 57.61 10.09
C SER N 424 -92.78 58.44 10.71
N VAL N 425 -92.47 59.21 11.76
CA VAL N 425 -93.50 60.03 12.39
C VAL N 425 -93.98 61.11 11.42
N CYS N 426 -93.11 61.58 10.54
CA CYS N 426 -93.57 62.49 9.48
C CYS N 426 -94.58 61.82 8.58
N ARG N 427 -94.33 60.56 8.22
CA ARG N 427 -95.31 59.82 7.42
C ARG N 427 -96.63 59.67 8.16
N LEU N 428 -96.55 59.39 9.46
CA LEU N 428 -97.77 59.30 10.26
C LEU N 428 -98.51 60.63 10.28
N MET N 429 -97.77 61.73 10.40
CA MET N 429 -98.37 63.06 10.33
C MET N 429 -98.99 63.31 8.96
N LYS N 430 -98.48 62.64 7.93
CA LYS N 430 -99.02 62.81 6.58
C LYS N 430 -100.06 61.76 6.21
N THR N 431 -99.89 60.51 6.62
CA THR N 431 -100.79 59.44 6.22
C THR N 431 -102.18 59.61 6.82
N ILE N 432 -102.27 59.61 8.15
CA ILE N 432 -103.56 59.78 8.81
C ILE N 432 -103.73 61.19 9.35
N GLY N 433 -102.65 61.95 9.49
CA GLY N 433 -102.72 63.28 10.02
C GLY N 433 -102.03 63.40 11.36
N PRO N 434 -101.93 64.62 11.86
CA PRO N 434 -101.28 64.84 13.17
C PRO N 434 -102.21 64.56 14.32
N ASP N 435 -103.44 64.13 13.99
CA ASP N 435 -104.55 63.87 14.91
C ASP N 435 -104.82 65.08 15.81
N MET N 436 -104.25 66.23 15.46
CA MET N 436 -104.44 67.47 16.19
C MET N 436 -103.82 68.60 15.38
N PHE N 437 -104.54 69.72 15.24
CA PHE N 437 -104.04 70.85 14.47
C PHE N 437 -104.23 72.12 15.29
N LEU N 438 -103.25 73.01 15.22
CA LEU N 438 -103.28 74.25 15.98
C LEU N 438 -102.44 75.28 15.25
N GLY N 439 -103.05 76.42 14.91
CA GLY N 439 -102.33 77.50 14.28
C GLY N 439 -102.72 78.87 14.77
N THR N 440 -101.74 79.64 15.25
CA THR N 440 -101.97 81.02 15.66
C THR N 440 -100.61 81.70 15.74
N CYS N 441 -100.22 82.43 14.70
CA CYS N 441 -98.87 82.97 14.60
C CYS N 441 -98.74 84.29 15.35
N ARG N 442 -99.05 84.26 16.65
CA ARG N 442 -98.97 85.46 17.47
C ARG N 442 -97.54 85.93 17.70
N ARG N 443 -96.55 85.09 17.41
CA ARG N 443 -95.15 85.37 17.68
C ARG N 443 -94.37 85.77 16.43
N CYS N 444 -95.02 86.38 15.45
CA CYS N 444 -94.37 86.77 14.22
C CYS N 444 -95.13 87.93 13.59
N PRO N 445 -94.46 88.74 12.77
CA PRO N 445 -95.17 89.81 12.05
C PRO N 445 -96.20 89.23 11.10
N ALA N 446 -97.30 89.96 10.92
CA ALA N 446 -98.38 89.45 10.07
C ALA N 446 -98.06 89.59 8.59
N GLU N 447 -97.24 90.57 8.21
CA GLU N 447 -96.91 90.75 6.80
C GLU N 447 -96.07 89.58 6.29
N ILE N 448 -95.01 89.23 7.01
CA ILE N 448 -94.20 88.08 6.63
C ILE N 448 -95.04 86.81 6.74
N VAL N 449 -96.00 86.78 7.67
CA VAL N 449 -96.89 85.64 7.78
C VAL N 449 -97.72 85.48 6.52
N ASP N 450 -98.25 86.59 6.01
CA ASP N 450 -99.03 86.53 4.77
C ASP N 450 -98.15 86.12 3.59
N THR N 451 -96.92 86.62 3.54
CA THR N 451 -96.02 86.23 2.45
C THR N 451 -95.74 84.74 2.49
N VAL N 452 -95.48 84.19 3.68
CA VAL N 452 -95.20 82.76 3.82
C VAL N 452 -96.45 81.95 3.51
N SER N 453 -97.63 82.44 3.93
CA SER N 453 -98.87 81.72 3.66
C SER N 453 -99.14 81.65 2.17
N ALA N 454 -98.87 82.73 1.44
CA ALA N 454 -99.03 82.71 0.00
C ALA N 454 -97.95 81.86 -0.67
N LEU N 455 -96.76 81.82 -0.10
CA LEU N 455 -95.64 81.14 -0.75
C LEU N 455 -95.65 79.63 -0.53
N VAL N 456 -95.53 79.20 0.73
CA VAL N 456 -95.33 77.78 1.04
C VAL N 456 -96.40 77.27 1.98
N TYR N 457 -97.60 77.85 1.91
CA TYR N 457 -98.72 77.41 2.71
C TYR N 457 -100.00 77.55 1.90
N ASP N 458 -101.14 77.34 2.58
CA ASP N 458 -102.46 77.46 1.96
C ASP N 458 -103.17 78.74 2.34
N ASN N 459 -102.43 79.82 2.61
CA ASN N 459 -103.00 81.12 2.95
C ASN N 459 -103.90 81.03 4.18
N LYS N 460 -103.48 80.22 5.16
CA LYS N 460 -104.26 79.99 6.39
C LYS N 460 -103.33 80.20 7.58
N LEU N 461 -103.25 81.45 8.05
CA LEU N 461 -102.44 81.75 9.22
C LEU N 461 -102.88 83.08 9.80
N LYS N 462 -102.92 83.16 11.13
CA LYS N 462 -103.33 84.36 11.85
C LYS N 462 -102.14 84.94 12.61
N ALA N 463 -101.91 86.23 12.45
CA ALA N 463 -100.78 86.90 13.07
C ALA N 463 -101.13 88.37 13.29
N HIS N 464 -100.16 89.14 13.75
CA HIS N 464 -100.34 90.56 14.04
C HIS N 464 -99.02 91.27 13.76
N LYS N 465 -98.79 92.38 14.47
CA LYS N 465 -97.46 93.03 14.41
C LYS N 465 -96.80 93.21 13.06
N ASP N 466 -97.53 93.76 12.11
CA ASP N 466 -96.97 94.03 10.80
C ASP N 466 -95.56 94.59 10.85
N LYS N 467 -95.38 95.65 11.62
CA LYS N 467 -94.09 96.35 11.67
C LYS N 467 -92.82 95.53 11.87
N SER N 468 -91.74 95.92 11.18
CA SER N 468 -91.00 97.17 11.44
C SER N 468 -89.83 97.36 10.50
N ALA N 469 -89.79 98.50 9.80
CA ALA N 469 -88.73 98.78 8.82
C ALA N 469 -88.22 97.53 8.17
N GLN N 470 -89.12 96.83 7.50
CA GLN N 470 -88.79 95.57 6.89
C GLN N 470 -88.11 95.84 5.57
N CYS N 471 -86.98 95.21 5.33
CA CYS N 471 -86.14 95.47 4.16
C CYS N 471 -85.82 94.17 3.46
N PHE N 472 -85.54 94.27 2.16
CA PHE N 472 -85.02 93.16 1.38
C PHE N 472 -84.36 93.72 0.12
N LYS N 473 -83.10 93.39 -0.08
CA LYS N 473 -82.26 94.04 -1.08
C LYS N 473 -82.04 93.10 -2.25
N MET N 474 -82.16 93.62 -3.47
CA MET N 474 -81.79 92.86 -4.66
C MET N 474 -80.36 93.10 -5.09
N PHE N 475 -79.52 93.61 -4.19
CA PHE N 475 -78.13 93.86 -4.51
C PHE N 475 -77.45 92.56 -4.91
N TYR N 476 -76.72 92.60 -6.02
CA TYR N 476 -76.09 91.40 -6.55
C TYR N 476 -75.01 90.90 -5.61
N LYS N 477 -74.98 89.57 -5.42
CA LYS N 477 -73.94 88.96 -4.60
C LYS N 477 -72.59 89.12 -5.29
N GLY N 478 -71.61 89.61 -4.56
CA GLY N 478 -70.29 89.84 -5.13
C GLY N 478 -69.51 88.56 -5.33
N VAL N 479 -68.19 88.65 -5.37
CA VAL N 479 -67.36 87.46 -5.55
C VAL N 479 -67.54 86.54 -4.35
N ILE N 480 -67.38 85.24 -4.59
CA ILE N 480 -67.58 84.22 -3.57
C ILE N 480 -66.21 83.72 -3.14
N THR N 481 -65.73 84.21 -2.01
CA THR N 481 -64.49 83.72 -1.42
C THR N 481 -64.77 82.51 -0.53
N HIS N 482 -65.20 81.44 -1.20
CA HIS N 482 -65.69 80.25 -0.51
C HIS N 482 -64.59 79.57 0.30
N ASP N 483 -65.02 78.88 1.35
CA ASP N 483 -64.11 78.10 2.19
C ASP N 483 -63.77 76.78 1.51
N VAL N 484 -63.18 75.85 2.26
CA VAL N 484 -62.73 74.58 1.67
C VAL N 484 -63.89 73.88 1.00
N SER N 485 -65.03 73.81 1.67
CA SER N 485 -66.24 73.25 1.08
C SER N 485 -67.44 74.18 1.09
N SER N 486 -67.58 75.04 2.10
CA SER N 486 -68.69 75.98 2.18
C SER N 486 -68.32 77.29 1.48
N ALA N 487 -69.29 78.20 1.44
CA ALA N 487 -69.16 79.44 0.70
C ALA N 487 -69.14 80.64 1.66
N ILE N 488 -68.28 81.61 1.35
CA ILE N 488 -68.18 82.87 2.09
C ILE N 488 -68.33 84.00 1.08
N ASN N 489 -69.19 84.97 1.39
CA ASN N 489 -69.43 86.13 0.53
C ASN N 489 -68.94 87.38 1.27
N ARG N 490 -67.68 87.72 1.06
CA ARG N 490 -67.07 88.90 1.66
C ARG N 490 -67.59 90.19 1.03
N PRO N 491 -67.83 90.24 -0.29
CA PRO N 491 -68.50 91.43 -0.83
C PRO N 491 -69.85 91.71 -0.21
N GLN N 492 -70.54 90.68 0.28
CA GLN N 492 -71.74 90.93 1.08
C GLN N 492 -71.38 91.65 2.38
N ILE N 493 -70.26 91.28 3.00
CA ILE N 493 -69.77 92.07 4.12
C ILE N 493 -69.44 93.48 3.68
N GLY N 494 -69.15 93.67 2.39
CA GLY N 494 -68.90 95.01 1.87
C GLY N 494 -70.09 95.94 2.02
N VAL N 495 -71.30 95.41 1.86
CA VAL N 495 -72.51 96.19 2.12
C VAL N 495 -72.96 96.08 3.58
N VAL N 496 -72.59 95.00 4.27
CA VAL N 496 -72.87 94.90 5.70
C VAL N 496 -72.18 96.03 6.45
N ARG N 497 -70.90 96.27 6.14
CA ARG N 497 -70.18 97.35 6.79
C ARG N 497 -70.76 98.71 6.43
N GLU N 498 -71.28 98.86 5.20
CA GLU N 498 -71.94 100.10 4.82
C GLU N 498 -73.18 100.33 5.66
N PHE N 499 -74.02 99.31 5.80
CA PHE N 499 -75.22 99.43 6.61
C PHE N 499 -74.93 99.47 8.11
N LEU N 500 -73.70 99.12 8.52
CA LEU N 500 -73.37 99.08 9.93
C LEU N 500 -73.60 100.43 10.60
N THR N 501 -73.22 101.52 9.93
CA THR N 501 -73.45 102.86 10.44
C THR N 501 -74.78 103.44 9.99
N ARG N 502 -75.45 102.82 9.01
CA ARG N 502 -76.73 103.35 8.54
C ARG N 502 -77.85 103.08 9.53
N ASN N 503 -77.64 102.20 10.50
CA ASN N 503 -78.65 101.84 11.49
C ASN N 503 -78.08 102.04 12.89
N PRO N 504 -77.92 103.29 13.33
CA PRO N 504 -77.35 103.54 14.66
C PRO N 504 -78.15 102.91 15.78
N ALA N 505 -79.47 102.86 15.66
CA ALA N 505 -80.29 102.21 16.67
C ALA N 505 -80.16 100.69 16.60
N TRP N 506 -80.09 100.14 15.39
CA TRP N 506 -80.03 98.69 15.20
C TRP N 506 -78.61 98.21 15.44
N ARG N 507 -78.26 98.07 16.72
CA ARG N 507 -77.00 97.49 17.12
C ARG N 507 -77.17 96.24 17.97
N LYS N 508 -78.41 95.85 18.27
CA LYS N 508 -78.70 94.65 19.02
C LYS N 508 -79.16 93.50 18.13
N ALA N 509 -78.99 93.64 16.82
CA ALA N 509 -79.52 92.67 15.88
C ALA N 509 -78.74 91.36 15.96
N VAL N 510 -79.35 90.29 15.44
CA VAL N 510 -78.74 88.98 15.37
C VAL N 510 -78.71 88.55 13.91
N PHE N 511 -77.52 88.25 13.40
CA PHE N 511 -77.34 87.83 12.02
C PHE N 511 -77.55 86.33 11.90
N ILE N 512 -78.14 85.92 10.79
CA ILE N 512 -78.37 84.52 10.48
C ILE N 512 -77.74 84.23 9.11
N SER N 513 -77.02 83.12 9.01
CA SER N 513 -76.29 82.80 7.80
C SER N 513 -76.61 81.39 7.32
N PRO N 514 -76.77 81.18 6.01
CA PRO N 514 -77.02 79.83 5.51
C PRO N 514 -75.89 78.85 5.79
N TYR N 515 -74.65 79.30 5.88
CA TYR N 515 -73.51 78.41 5.97
C TYR N 515 -72.72 78.66 7.24
N ASN N 516 -71.99 77.62 7.65
CA ASN N 516 -71.07 77.76 8.79
C ASN N 516 -69.94 78.72 8.47
N SER N 517 -69.43 78.66 7.23
CA SER N 517 -68.28 79.46 6.86
C SER N 517 -68.60 80.95 6.83
N GLN N 518 -69.77 81.32 6.29
CA GLN N 518 -70.13 82.73 6.31
C GLN N 518 -70.43 83.21 7.72
N ASN N 519 -70.94 82.33 8.58
CA ASN N 519 -71.05 82.65 9.99
C ASN N 519 -69.68 82.95 10.58
N ALA N 520 -68.68 82.13 10.25
CA ALA N 520 -67.34 82.34 10.75
C ALA N 520 -66.76 83.66 10.25
N VAL N 521 -66.98 83.98 8.97
CA VAL N 521 -66.42 85.21 8.43
C VAL N 521 -67.15 86.44 8.97
N ALA N 522 -68.45 86.32 9.26
CA ALA N 522 -69.15 87.41 9.93
C ALA N 522 -68.69 87.58 11.37
N SER N 523 -68.32 86.49 12.04
CA SER N 523 -67.75 86.56 13.37
C SER N 523 -66.32 87.10 13.37
N LYS N 524 -65.59 86.92 12.26
CA LYS N 524 -64.25 87.47 12.14
C LYS N 524 -64.30 88.99 12.22
N ILE N 525 -64.94 89.62 11.25
CA ILE N 525 -65.25 91.04 11.32
C ILE N 525 -66.63 91.17 11.95
N LEU N 526 -66.69 91.16 13.28
CA LEU N 526 -67.96 91.09 13.97
C LEU N 526 -68.43 92.48 14.40
N GLY N 527 -69.69 92.78 14.09
CA GLY N 527 -70.38 93.88 14.73
C GLY N 527 -71.41 93.30 15.69
N LEU N 528 -71.64 92.01 15.55
CA LEU N 528 -72.62 91.28 16.35
C LEU N 528 -72.46 89.79 16.06
N PRO N 529 -72.76 88.93 17.03
CA PRO N 529 -72.64 87.49 16.80
C PRO N 529 -73.70 86.97 15.83
N THR N 530 -73.37 85.88 15.15
CA THR N 530 -74.23 85.31 14.12
C THR N 530 -74.51 83.84 14.38
N GLN N 531 -75.60 83.38 13.79
CA GLN N 531 -76.06 82.00 13.91
C GLN N 531 -76.31 81.44 12.52
N THR N 532 -76.44 80.11 12.44
CA THR N 532 -76.73 79.41 11.21
C THR N 532 -78.21 79.06 11.15
N VAL N 533 -78.70 78.86 9.92
CA VAL N 533 -80.13 78.60 9.73
C VAL N 533 -80.56 77.33 10.44
N ASP N 534 -79.67 76.34 10.53
CA ASP N 534 -80.02 75.14 11.28
C ASP N 534 -80.00 75.40 12.78
N SER N 535 -79.22 76.39 13.23
CA SER N 535 -79.24 76.84 14.63
C SER N 535 -80.45 77.71 14.95
N SER N 536 -81.25 78.04 13.94
CA SER N 536 -82.55 78.69 14.12
C SER N 536 -83.57 77.62 14.48
N GLN N 537 -84.85 77.88 14.26
CA GLN N 537 -85.90 76.92 14.58
C GLN N 537 -86.00 76.74 16.10
N GLY N 538 -86.65 77.70 16.75
CA GLY N 538 -86.86 77.64 18.18
C GLY N 538 -86.43 78.88 18.94
N SER N 539 -86.44 80.02 18.27
CA SER N 539 -86.21 81.29 18.95
C SER N 539 -86.90 82.43 18.21
N GLU N 540 -86.98 83.60 18.83
CA GLU N 540 -87.51 84.79 18.20
C GLU N 540 -86.58 85.95 18.50
N TYR N 541 -86.48 86.88 17.55
CA TYR N 541 -85.57 88.01 17.70
C TYR N 541 -86.23 89.27 17.18
N ASP N 542 -85.97 90.40 17.85
CA ASP N 542 -86.52 91.68 17.42
C ASP N 542 -85.99 92.06 16.04
N TYR N 543 -84.67 92.03 15.87
CA TYR N 543 -84.03 92.31 14.59
C TYR N 543 -83.37 91.05 14.06
N VAL N 544 -83.53 90.80 12.78
CA VAL N 544 -82.94 89.64 12.11
C VAL N 544 -82.18 90.12 10.88
N ILE N 545 -80.92 89.73 10.78
CA ILE N 545 -80.07 90.04 9.64
C ILE N 545 -79.76 88.73 8.93
N PHE N 546 -79.98 88.71 7.61
CA PHE N 546 -79.79 87.52 6.80
C PHE N 546 -78.99 87.89 5.55
N THR N 547 -78.03 87.05 5.18
CA THR N 547 -77.25 87.29 3.97
C THR N 547 -76.90 85.95 3.33
N GLN N 548 -77.32 85.77 2.08
CA GLN N 548 -77.12 84.50 1.40
C GLN N 548 -75.80 84.48 0.65
N THR N 549 -75.63 83.46 -0.19
CA THR N 549 -74.48 83.33 -1.08
C THR N 549 -74.99 82.95 -2.45
N THR N 550 -74.12 82.45 -3.32
CA THR N 550 -74.56 81.96 -4.62
C THR N 550 -75.75 81.03 -4.48
N GLU N 551 -76.65 81.10 -5.47
CA GLU N 551 -77.95 80.43 -5.40
C GLU N 551 -77.85 78.94 -5.63
N THR N 552 -77.16 78.21 -4.76
CA THR N 552 -77.10 76.77 -4.86
C THR N 552 -78.41 76.16 -4.36
N ALA N 553 -78.48 74.83 -4.41
CA ALA N 553 -79.67 74.12 -3.94
C ALA N 553 -79.92 74.40 -2.46
N HIS N 554 -78.85 74.46 -1.67
CA HIS N 554 -79.00 74.77 -0.25
C HIS N 554 -79.53 76.18 -0.04
N SER N 555 -78.91 77.16 -0.69
CA SER N 555 -79.31 78.55 -0.50
C SER N 555 -80.71 78.81 -1.08
N CYS N 556 -81.05 78.11 -2.15
CA CYS N 556 -82.34 78.31 -2.80
C CYS N 556 -83.48 77.56 -2.13
N ASN N 557 -83.21 76.88 -1.01
CA ASN N 557 -84.26 76.13 -0.33
C ASN N 557 -85.32 77.08 0.21
N VAL N 558 -86.58 76.81 -0.12
CA VAL N 558 -87.68 77.64 0.33
C VAL N 558 -87.90 77.47 1.83
N ASN N 559 -87.83 76.23 2.32
CA ASN N 559 -88.01 75.98 3.75
C ASN N 559 -86.91 76.63 4.57
N ARG N 560 -85.71 76.77 3.98
CA ARG N 560 -84.62 77.44 4.67
C ARG N 560 -84.99 78.88 5.00
N PHE N 561 -85.43 79.63 3.99
CA PHE N 561 -85.86 81.00 4.22
C PHE N 561 -87.09 81.05 5.13
N ASN N 562 -87.99 80.07 4.97
CA ASN N 562 -89.21 80.04 5.77
C ASN N 562 -88.89 79.94 7.26
N VAL N 563 -87.97 79.04 7.62
CA VAL N 563 -87.59 78.94 9.02
C VAL N 563 -86.63 80.04 9.45
N ALA N 564 -85.95 80.69 8.49
CA ALA N 564 -85.08 81.79 8.85
C ALA N 564 -85.87 83.05 9.20
N ILE N 565 -87.02 83.25 8.57
CA ILE N 565 -87.81 84.45 8.79
C ILE N 565 -88.85 84.29 9.89
N THR N 566 -89.21 83.07 10.27
CA THR N 566 -90.15 82.87 11.36
C THR N 566 -89.54 83.09 12.73
N ARG N 567 -88.28 83.55 12.80
CA ARG N 567 -87.58 83.79 14.05
C ARG N 567 -87.44 85.28 14.35
N ALA N 568 -88.22 86.12 13.67
CA ALA N 568 -88.13 87.56 13.81
C ALA N 568 -89.35 88.10 14.56
N LYS N 569 -89.16 89.25 15.20
CA LYS N 569 -90.26 89.90 15.94
C LYS N 569 -90.67 91.21 15.25
N VAL N 570 -89.76 92.18 15.14
CA VAL N 570 -90.14 93.49 14.62
C VAL N 570 -89.27 93.88 13.42
N GLY N 571 -87.96 93.80 13.57
CA GLY N 571 -87.08 94.19 12.49
C GLY N 571 -86.64 92.99 11.66
N ILE N 572 -86.54 93.21 10.35
CA ILE N 572 -86.18 92.13 9.44
C ILE N 572 -85.61 92.75 8.17
N LEU N 573 -84.47 92.23 7.74
CA LEU N 573 -83.85 92.69 6.51
C LEU N 573 -82.99 91.58 5.94
N CYS N 574 -82.77 91.63 4.64
CA CYS N 574 -81.84 90.69 4.04
C CYS N 574 -81.33 91.30 2.74
N ILE N 575 -80.18 90.81 2.30
CA ILE N 575 -79.60 91.15 1.01
C ILE N 575 -79.47 89.86 0.21
N MET N 576 -80.01 89.87 -1.01
CA MET N 576 -80.07 88.66 -1.82
C MET N 576 -80.03 89.04 -3.29
N SER N 577 -79.31 88.24 -4.08
CA SER N 577 -79.36 88.44 -5.53
C SER N 577 -80.78 88.17 -6.04
N ASP N 578 -81.18 86.90 -6.01
CA ASP N 578 -82.57 86.45 -6.05
C ASP N 578 -83.48 87.30 -6.93
N ARG N 579 -83.26 87.27 -8.25
CA ARG N 579 -84.03 88.07 -9.18
C ARG N 579 -85.48 87.60 -9.31
N ASP N 580 -85.86 86.52 -8.63
CA ASP N 580 -87.18 85.95 -8.84
C ASP N 580 -88.02 85.76 -7.58
N LEU N 581 -87.42 85.25 -6.50
CA LEU N 581 -88.23 84.83 -5.36
C LEU N 581 -88.67 86.00 -4.51
N TYR N 582 -88.02 87.17 -4.68
CA TYR N 582 -88.38 88.32 -3.86
C TYR N 582 -89.75 88.87 -4.21
N ASP N 583 -90.34 88.40 -5.32
CA ASP N 583 -91.64 88.91 -5.75
C ASP N 583 -92.77 88.51 -4.81
N LYS N 584 -92.53 87.59 -3.88
CA LYS N 584 -93.55 87.14 -2.93
C LYS N 584 -93.39 87.80 -1.57
N LEU N 585 -92.79 88.99 -1.54
CA LEU N 585 -92.58 89.74 -0.32
C LEU N 585 -93.25 91.10 -0.44
N GLN N 586 -93.74 91.61 0.69
CA GLN N 586 -94.48 92.87 0.70
C GLN N 586 -93.84 93.87 1.66
N PHE N 587 -92.52 94.00 1.59
CA PHE N 587 -91.78 94.92 2.46
C PHE N 587 -91.17 96.03 1.62
N THR N 588 -90.36 96.86 2.28
CA THR N 588 -89.73 98.02 1.64
C THR N 588 -88.35 97.61 1.15
N SER N 589 -88.18 97.52 -0.16
CA SER N 589 -86.90 97.16 -0.76
C SER N 589 -86.03 98.40 -0.88
N LEU N 590 -85.05 98.53 0.01
CA LEU N 590 -84.17 99.69 0.02
C LEU N 590 -82.91 99.41 -0.79
N GLU N 591 -82.41 100.46 -1.45
CA GLU N 591 -81.13 100.41 -2.16
C GLU N 591 -80.26 101.57 -1.69
N ILE N 592 -78.95 101.35 -1.73
CA ILE N 592 -77.99 102.30 -1.17
C ILE N 592 -76.56 102.12 -1.70
N PRO N 593 -76.02 100.88 -1.82
CA PRO N 593 -74.55 100.78 -1.99
C PRO N 593 -74.06 101.17 -3.38
N ARG N 594 -73.91 102.47 -3.61
CA ARG N 594 -73.31 103.00 -4.83
C ARG N 594 -71.88 103.39 -4.50
N ARG N 595 -70.97 102.43 -4.65
CA ARG N 595 -69.57 102.61 -4.27
C ARG N 595 -68.84 103.36 -5.39
N ASN N 596 -68.38 104.56 -5.08
CA ASN N 596 -67.62 105.36 -6.05
C ASN N 596 -66.64 106.30 -5.34
N ALA Q 4 64.99 6.10 -48.71
CA ALA Q 4 64.61 6.69 -49.98
C ALA Q 4 64.09 5.62 -50.95
N GLN Q 5 64.97 5.12 -51.80
CA GLN Q 5 64.56 4.09 -52.75
C GLN Q 5 64.37 2.74 -52.06
N SER Q 6 65.15 2.47 -50.99
CA SER Q 6 64.97 1.22 -50.25
C SER Q 6 63.59 1.18 -49.59
N PHE Q 7 63.06 2.33 -49.19
CA PHE Q 7 61.69 2.39 -48.70
C PHE Q 7 60.70 1.95 -49.77
N LEU Q 8 60.91 2.42 -51.01
CA LEU Q 8 60.06 1.99 -52.11
C LEU Q 8 60.18 0.49 -52.34
N ASN Q 9 61.40 -0.05 -52.28
CA ASN Q 9 61.60 -1.47 -52.51
C ASN Q 9 60.94 -2.31 -51.42
N ARG Q 10 61.02 -1.86 -50.17
CA ARG Q 10 60.37 -2.58 -49.07
C ARG Q 10 58.86 -2.52 -49.20
N VAL Q 11 58.31 -1.36 -49.56
CA VAL Q 11 56.87 -1.25 -49.75
C VAL Q 11 56.40 -2.17 -50.86
N CYS Q 12 57.10 -2.16 -51.98
CA CYS Q 12 56.77 -3.07 -53.08
C CYS Q 12 57.21 -4.48 -52.72
N GLY Q 13 56.36 -5.22 -52.02
CA GLY Q 13 56.78 -6.47 -51.42
C GLY Q 13 57.10 -7.61 -52.36
N VAL Q 14 56.08 -8.19 -52.99
CA VAL Q 14 56.29 -9.36 -53.84
C VAL Q 14 55.62 -9.20 -55.20
N SER Q 15 54.57 -8.37 -55.26
CA SER Q 15 53.78 -8.27 -56.47
C SER Q 15 54.40 -7.30 -57.47
N ALA Q 16 55.15 -7.84 -58.43
CA ALA Q 16 55.77 -7.04 -59.48
C ALA Q 16 56.67 -5.96 -58.91
N ALA Q 17 57.12 -5.04 -59.78
CA ALA Q 17 57.91 -3.91 -59.34
C ALA Q 17 57.53 -2.63 -60.08
N ARG Q 18 56.31 -2.55 -60.61
CA ARG Q 18 55.93 -1.46 -61.51
C ARG Q 18 55.39 -0.26 -60.73
N LEU Q 19 56.19 0.32 -59.86
CA LEU Q 19 55.76 1.47 -59.06
C LEU Q 19 56.47 2.74 -59.49
N THR Q 20 55.71 3.83 -59.50
CA THR Q 20 56.23 5.19 -59.69
C THR Q 20 55.69 6.06 -58.57
N PRO Q 21 56.55 6.72 -57.80
CA PRO Q 21 56.05 7.45 -56.63
C PRO Q 21 55.27 8.69 -56.99
N CYS Q 22 53.95 8.65 -56.83
CA CYS Q 22 53.14 9.85 -57.02
C CYS Q 22 53.41 10.88 -55.93
N GLY Q 23 53.78 10.42 -54.73
CA GLY Q 23 54.17 11.34 -53.68
C GLY Q 23 55.59 11.84 -53.90
N THR Q 24 56.30 12.11 -52.81
CA THR Q 24 57.68 12.57 -52.92
C THR Q 24 58.50 11.80 -51.89
N GLY Q 25 59.04 10.65 -52.30
CA GLY Q 25 59.84 9.85 -51.42
C GLY Q 25 59.11 9.47 -50.14
N THR Q 26 59.50 10.10 -49.03
CA THR Q 26 58.87 9.88 -47.74
C THR Q 26 57.76 10.88 -47.46
N SER Q 27 57.53 11.83 -48.35
CA SER Q 27 56.51 12.85 -48.10
C SER Q 27 55.12 12.30 -48.37
N THR Q 28 54.21 12.54 -47.43
CA THR Q 28 52.83 12.12 -47.60
C THR Q 28 52.11 13.10 -48.51
N ASP Q 29 51.68 12.62 -49.67
CA ASP Q 29 50.97 13.47 -50.62
C ASP Q 29 49.57 13.78 -50.10
N VAL Q 30 49.15 15.02 -50.25
CA VAL Q 30 47.84 15.45 -49.79
C VAL Q 30 46.86 15.39 -50.95
N VAL Q 31 45.61 15.05 -50.64
CA VAL Q 31 44.55 14.94 -51.63
C VAL Q 31 43.27 15.53 -51.05
N TYR Q 32 42.31 15.80 -51.93
CA TYR Q 32 41.01 16.35 -51.55
C TYR Q 32 39.96 15.30 -51.84
N ARG Q 33 39.37 14.73 -50.78
CA ARG Q 33 38.48 13.59 -50.91
C ARG Q 33 37.26 13.79 -50.02
N ALA Q 34 36.19 13.09 -50.38
CA ALA Q 34 34.96 13.10 -49.59
C ALA Q 34 35.07 12.13 -48.43
N PHE Q 35 34.43 12.48 -47.32
CA PHE Q 35 34.56 11.70 -46.10
C PHE Q 35 33.27 11.79 -45.30
N ASP Q 36 32.97 10.71 -44.58
CA ASP Q 36 31.90 10.68 -43.60
C ASP Q 36 32.50 10.32 -42.25
N ILE Q 37 32.24 11.16 -41.25
CA ILE Q 37 32.86 10.98 -39.94
C ILE Q 37 31.94 11.59 -38.90
N TYR Q 38 31.85 10.92 -37.75
CA TYR Q 38 31.05 11.39 -36.63
C TYR Q 38 31.77 11.00 -35.35
N ASN Q 39 32.44 11.95 -34.72
CA ASN Q 39 33.15 11.73 -33.46
C ASN Q 39 32.96 12.98 -32.61
N ASP Q 40 32.09 12.86 -31.60
CA ASP Q 40 31.75 13.90 -30.62
C ASP Q 40 32.00 15.34 -31.07
N LYS Q 41 33.26 15.68 -31.39
CA LYS Q 41 33.58 17.06 -31.73
C LYS Q 41 33.01 17.48 -33.08
N VAL Q 42 33.01 16.59 -34.07
CA VAL Q 42 32.53 16.91 -35.41
C VAL Q 42 31.58 15.81 -35.88
N ALA Q 43 30.76 16.16 -36.85
CA ALA Q 43 29.80 15.22 -37.42
C ALA Q 43 29.31 15.77 -38.75
N GLY Q 44 29.40 14.98 -39.80
CA GLY Q 44 28.87 15.37 -41.09
C GLY Q 44 29.46 14.52 -42.20
N PHE Q 45 28.98 14.81 -43.42
CA PHE Q 45 29.44 14.10 -44.60
C PHE Q 45 29.74 15.15 -45.66
N ALA Q 46 31.01 15.50 -45.82
CA ALA Q 46 31.42 16.49 -46.79
C ALA Q 46 32.88 16.24 -47.15
N LYS Q 47 33.40 17.06 -48.05
CA LYS Q 47 34.77 16.89 -48.53
C LYS Q 47 35.77 17.28 -47.46
N PHE Q 48 36.96 16.73 -47.57
CA PHE Q 48 38.03 16.99 -46.62
C PHE Q 48 39.36 16.84 -47.34
N LEU Q 49 40.44 17.11 -46.62
CA LEU Q 49 41.81 17.01 -47.14
C LEU Q 49 42.51 15.86 -46.45
N LYS Q 50 42.84 14.82 -47.21
CA LYS Q 50 43.61 13.70 -46.69
C LYS Q 50 45.10 14.01 -46.78
N THR Q 51 45.83 13.68 -45.72
CA THR Q 51 47.23 14.09 -45.63
C THR Q 51 48.20 12.92 -45.64
N ASN Q 52 48.09 12.02 -44.66
CA ASN Q 52 49.10 10.99 -44.44
C ASN Q 52 48.79 9.78 -45.32
N CYS Q 53 49.12 9.92 -46.61
CA CYS Q 53 48.89 8.84 -47.57
C CYS Q 53 49.94 8.97 -48.68
N CYS Q 54 51.02 8.20 -48.56
CA CYS Q 54 52.03 8.14 -49.60
C CYS Q 54 51.49 7.26 -50.72
N ARG Q 55 51.13 7.88 -51.83
CA ARG Q 55 50.48 7.16 -52.92
C ARG Q 55 51.49 6.75 -53.97
N PHE Q 56 51.44 5.48 -54.36
CA PHE Q 56 52.38 4.93 -55.35
C PHE Q 56 51.54 4.21 -56.40
N GLN Q 57 51.29 4.87 -57.52
CA GLN Q 57 50.47 4.28 -58.56
C GLN Q 57 51.25 3.22 -59.31
N GLU Q 58 50.83 1.97 -59.17
CA GLU Q 58 51.46 0.89 -59.92
C GLU Q 58 51.11 1.00 -61.39
N LYS Q 59 52.13 0.90 -62.24
CA LYS Q 59 51.93 0.94 -63.67
C LYS Q 59 51.85 -0.49 -64.22
N ASP Q 60 51.86 -0.64 -65.53
CA ASP Q 60 51.82 -1.95 -66.16
C ASP Q 60 52.99 -2.05 -67.12
N GLU Q 61 53.06 -3.19 -67.83
CA GLU Q 61 54.08 -3.36 -68.85
C GLU Q 61 53.89 -2.33 -69.96
N ASP Q 62 55.01 -1.82 -70.47
CA ASP Q 62 55.15 -0.68 -71.39
C ASP Q 62 54.96 0.65 -70.65
N ASP Q 63 55.15 0.69 -69.33
CA ASP Q 63 55.20 1.94 -68.57
C ASP Q 63 53.87 2.68 -68.55
N ASN Q 64 52.79 2.01 -68.97
CA ASN Q 64 51.49 2.64 -68.95
C ASN Q 64 50.85 2.53 -67.57
N LEU Q 65 50.20 3.59 -67.13
CA LEU Q 65 49.59 3.62 -65.82
C LEU Q 65 48.28 2.83 -65.81
N ILE Q 66 47.87 2.43 -64.61
CA ILE Q 66 46.63 1.68 -64.42
C ILE Q 66 46.14 1.92 -63.01
N ASP Q 67 44.87 1.60 -62.77
CA ASP Q 67 44.23 1.87 -61.49
C ASP Q 67 44.70 0.85 -60.46
N SER Q 68 45.86 1.10 -59.86
CA SER Q 68 46.39 0.23 -58.83
C SER Q 68 47.35 1.00 -57.93
N TYR Q 69 46.88 1.40 -56.75
CA TYR Q 69 47.58 2.39 -55.94
C TYR Q 69 47.98 1.77 -54.62
N PHE Q 70 49.28 1.58 -54.42
CA PHE Q 70 49.80 0.97 -53.20
C PHE Q 70 49.87 2.04 -52.12
N VAL Q 71 48.72 2.35 -51.53
CA VAL Q 71 48.67 3.36 -50.48
C VAL Q 71 49.39 2.82 -49.26
N VAL Q 72 50.31 3.61 -48.71
CA VAL Q 72 51.04 3.26 -47.49
C VAL Q 72 50.88 4.38 -46.48
N LYS Q 73 50.57 4.01 -45.24
CA LYS Q 73 50.25 4.97 -44.21
C LYS Q 73 51.10 4.73 -42.97
N ARG Q 74 51.54 5.81 -42.36
CA ARG Q 74 52.26 5.77 -41.09
C ARG Q 74 51.39 6.30 -39.97
N HIS Q 75 51.48 5.68 -38.81
CA HIS Q 75 50.72 6.10 -37.64
C HIS Q 75 51.48 5.65 -36.39
N THR Q 76 50.81 5.70 -35.24
CA THR Q 76 51.43 5.38 -33.97
C THR Q 76 51.74 3.88 -33.92
N PHE Q 77 52.25 3.42 -32.78
CA PHE Q 77 52.61 2.03 -32.61
C PHE Q 77 51.46 1.16 -32.11
N SER Q 78 50.64 1.68 -31.19
CA SER Q 78 49.51 0.93 -30.69
C SER Q 78 48.55 0.56 -31.81
N ASN Q 79 48.28 1.54 -32.69
CA ASN Q 79 47.44 1.28 -33.85
C ASN Q 79 48.03 0.19 -34.73
N TYR Q 80 49.35 0.16 -34.85
CA TYR Q 80 49.99 -0.86 -35.68
C TYR Q 80 49.65 -2.26 -35.18
N GLN Q 81 49.86 -2.51 -33.89
CA GLN Q 81 49.55 -3.83 -33.33
C GLN Q 81 48.06 -4.12 -33.39
N HIS Q 82 47.22 -3.13 -33.08
CA HIS Q 82 45.78 -3.37 -33.07
C HIS Q 82 45.27 -3.76 -34.44
N GLU Q 83 45.64 -2.99 -35.47
CA GLU Q 83 45.25 -3.32 -36.83
C GLU Q 83 45.84 -4.64 -37.28
N GLU Q 84 47.08 -4.95 -36.91
CA GLU Q 84 47.66 -6.22 -37.33
C GLU Q 84 46.89 -7.39 -36.74
N THR Q 85 46.55 -7.31 -35.45
CA THR Q 85 45.75 -8.37 -34.83
C THR Q 85 44.41 -8.53 -35.53
N ILE Q 86 43.68 -7.43 -35.71
CA ILE Q 86 42.35 -7.54 -36.28
C ILE Q 86 42.40 -8.06 -37.70
N TYR Q 87 43.33 -7.56 -38.52
CA TYR Q 87 43.47 -8.09 -39.87
C TYR Q 87 43.88 -9.55 -39.86
N ASN Q 88 44.63 -9.98 -38.85
CA ASN Q 88 44.96 -11.39 -38.74
C ASN Q 88 43.70 -12.22 -38.49
N LEU Q 89 42.76 -11.68 -37.72
CA LEU Q 89 41.52 -12.41 -37.47
C LEU Q 89 40.71 -12.60 -38.76
N LEU Q 90 40.61 -11.56 -39.58
CA LEU Q 90 39.66 -11.52 -40.67
C LEU Q 90 40.30 -11.74 -42.04
N LYS Q 91 41.50 -12.30 -42.09
CA LYS Q 91 42.20 -12.43 -43.38
C LYS Q 91 41.76 -13.66 -44.16
N ASP Q 92 40.45 -13.87 -44.30
CA ASP Q 92 39.97 -15.03 -45.05
C ASP Q 92 38.88 -14.65 -46.06
N CYS Q 93 38.01 -13.73 -45.67
CA CYS Q 93 36.90 -13.33 -46.52
C CYS Q 93 37.42 -12.60 -47.76
N PRO Q 94 36.92 -12.93 -48.94
CA PRO Q 94 37.43 -12.30 -50.17
C PRO Q 94 37.09 -10.82 -50.28
N ALA Q 95 36.38 -10.29 -49.29
CA ALA Q 95 35.99 -8.89 -49.29
C ALA Q 95 37.04 -7.97 -48.69
N VAL Q 96 38.19 -8.49 -48.26
CA VAL Q 96 39.22 -7.70 -47.60
C VAL Q 96 40.38 -7.51 -48.55
N ALA Q 97 40.78 -6.26 -48.74
CA ALA Q 97 41.95 -5.95 -49.55
C ALA Q 97 43.22 -6.42 -48.85
N LYS Q 98 44.19 -6.84 -49.66
CA LYS Q 98 45.43 -7.38 -49.11
C LYS Q 98 46.15 -6.32 -48.30
N HIS Q 99 46.59 -6.68 -47.10
CA HIS Q 99 47.29 -5.79 -46.20
C HIS Q 99 48.73 -6.24 -46.02
N ASP Q 100 49.51 -5.40 -45.34
CA ASP Q 100 50.90 -5.71 -45.06
C ASP Q 100 51.37 -4.82 -43.91
N PHE Q 101 52.28 -5.35 -43.11
CA PHE Q 101 52.75 -4.65 -41.92
C PHE Q 101 54.27 -4.75 -41.83
N PHE Q 102 54.91 -3.60 -41.61
CA PHE Q 102 56.35 -3.56 -41.34
C PHE Q 102 56.68 -2.22 -40.70
N LYS Q 103 57.93 -2.06 -40.27
CA LYS Q 103 58.41 -0.83 -39.64
C LYS Q 103 59.70 -0.42 -40.32
N PHE Q 104 59.70 0.75 -40.94
CA PHE Q 104 60.87 1.23 -41.68
C PHE Q 104 61.64 2.26 -40.87
N ARG Q 105 62.90 2.44 -41.25
CA ARG Q 105 63.80 3.39 -40.60
C ARG Q 105 64.16 4.46 -41.64
N ILE Q 106 63.29 5.47 -41.77
CA ILE Q 106 63.64 6.63 -42.58
C ILE Q 106 64.84 7.34 -41.97
N ASP Q 107 64.84 7.46 -40.64
CA ASP Q 107 65.92 8.08 -39.87
C ASP Q 107 66.11 7.19 -38.65
N GLY Q 108 66.78 7.67 -37.61
CA GLY Q 108 66.85 6.89 -36.39
C GLY Q 108 65.51 6.84 -35.68
N ASP Q 109 64.47 6.34 -36.38
CA ASP Q 109 63.12 6.31 -35.83
C ASP Q 109 62.46 5.01 -36.31
N MET Q 110 62.00 4.20 -35.34
CA MET Q 110 61.30 2.96 -35.64
C MET Q 110 59.81 3.26 -35.82
N VAL Q 111 59.50 3.92 -36.94
CA VAL Q 111 58.12 4.30 -37.22
C VAL Q 111 57.43 3.14 -37.97
N PRO Q 112 56.22 2.77 -37.57
CA PRO Q 112 55.52 1.68 -38.26
C PRO Q 112 54.94 2.12 -39.59
N HIS Q 113 54.64 1.14 -40.44
CA HIS Q 113 54.03 1.37 -41.73
C HIS Q 113 52.93 0.35 -41.95
N ILE Q 114 51.92 0.73 -42.74
CA ILE Q 114 50.83 -0.16 -43.12
C ILE Q 114 50.62 -0.02 -44.62
N SER Q 115 50.59 -1.14 -45.33
CA SER Q 115 50.54 -1.15 -46.79
C SER Q 115 49.23 -1.78 -47.26
N ARG Q 116 48.52 -1.05 -48.12
CA ARG Q 116 47.33 -1.56 -48.79
C ARG Q 116 47.62 -1.60 -50.28
N GLN Q 117 47.39 -2.73 -50.91
CA GLN Q 117 47.86 -2.97 -52.26
C GLN Q 117 46.70 -3.16 -53.22
N ARG Q 118 46.89 -2.71 -54.45
CA ARG Q 118 45.92 -2.84 -55.54
C ARG Q 118 44.57 -2.27 -55.12
N LEU Q 119 44.57 -0.97 -54.87
CA LEU Q 119 43.34 -0.27 -54.53
C LEU Q 119 42.79 0.45 -55.75
N THR Q 120 41.78 1.28 -55.51
CA THR Q 120 41.16 2.10 -56.54
C THR Q 120 41.38 3.57 -56.24
N LYS Q 121 41.52 4.37 -57.30
CA LYS Q 121 41.86 5.77 -57.12
C LYS Q 121 40.80 6.52 -56.35
N TYR Q 122 39.53 6.10 -56.46
CA TYR Q 122 38.43 6.74 -55.77
C TYR Q 122 37.68 5.72 -54.94
N THR Q 123 37.19 6.15 -53.79
CA THR Q 123 36.39 5.30 -52.93
C THR Q 123 34.91 5.45 -53.31
N MET Q 124 34.05 4.68 -52.66
CA MET Q 124 32.62 4.80 -52.89
C MET Q 124 32.09 6.17 -52.53
N ALA Q 125 32.53 6.71 -51.38
CA ALA Q 125 32.00 7.99 -50.92
C ALA Q 125 32.20 9.08 -51.97
N ASP Q 126 33.28 9.01 -52.74
CA ASP Q 126 33.48 9.98 -53.82
C ASP Q 126 32.38 9.86 -54.87
N LEU Q 127 32.02 8.63 -55.24
CA LEU Q 127 30.98 8.44 -56.24
C LEU Q 127 29.62 8.91 -55.72
N VAL Q 128 29.33 8.60 -54.45
CA VAL Q 128 28.06 9.02 -53.88
C VAL Q 128 27.99 10.55 -53.81
N TYR Q 129 29.06 11.17 -53.36
CA TYR Q 129 29.06 12.63 -53.20
C TYR Q 129 29.11 13.32 -54.55
N ALA Q 130 29.58 12.63 -55.59
CA ALA Q 130 29.65 13.22 -56.92
C ALA Q 130 28.26 13.40 -57.52
N LEU Q 131 27.32 12.51 -57.18
CA LEU Q 131 25.99 12.60 -57.76
C LEU Q 131 25.01 13.30 -56.84
N ARG Q 132 25.11 13.10 -55.54
CA ARG Q 132 24.24 13.76 -54.58
C ARG Q 132 24.62 15.22 -54.37
N HIS Q 133 25.66 15.70 -55.05
CA HIS Q 133 26.03 17.10 -54.98
C HIS Q 133 26.51 17.56 -56.35
N PHE Q 134 25.75 17.24 -57.39
CA PHE Q 134 26.16 17.59 -58.74
C PHE Q 134 26.14 19.10 -58.94
N ASP Q 135 27.12 19.57 -59.70
CA ASP Q 135 27.18 20.96 -60.14
C ASP Q 135 27.97 21.03 -61.44
N GLU Q 136 27.32 21.47 -62.51
CA GLU Q 136 27.93 21.39 -63.83
C GLU Q 136 29.22 22.20 -63.92
N GLY Q 137 29.40 23.15 -63.01
CA GLY Q 137 30.62 23.95 -63.01
C GLY Q 137 31.85 23.20 -62.56
N ASN Q 138 31.69 22.18 -61.71
CA ASN Q 138 32.81 21.43 -61.16
C ASN Q 138 32.40 19.96 -61.11
N CYS Q 139 32.63 19.24 -62.21
CA CYS Q 139 32.27 17.85 -62.32
C CYS Q 139 33.43 17.08 -62.97
N ASP Q 140 34.65 17.38 -62.53
CA ASP Q 140 35.82 16.67 -63.04
C ASP Q 140 35.86 15.24 -62.53
N THR Q 141 35.55 15.04 -61.25
CA THR Q 141 35.63 13.71 -60.66
C THR Q 141 34.68 12.74 -61.37
N LEU Q 142 33.46 13.17 -61.62
CA LEU Q 142 32.49 12.32 -62.29
C LEU Q 142 32.94 11.99 -63.71
N LYS Q 143 33.46 12.98 -64.43
CA LYS Q 143 33.96 12.72 -65.78
C LYS Q 143 35.08 11.70 -65.76
N GLU Q 144 35.99 11.83 -64.79
CA GLU Q 144 37.09 10.88 -64.69
C GLU Q 144 36.59 9.48 -64.38
N ILE Q 145 35.65 9.36 -63.44
CA ILE Q 145 35.12 8.05 -63.10
C ILE Q 145 34.45 7.42 -64.31
N LEU Q 146 33.67 8.22 -65.05
CA LEU Q 146 32.96 7.69 -66.20
C LEU Q 146 33.93 7.24 -67.29
N VAL Q 147 34.97 8.02 -67.56
CA VAL Q 147 35.87 7.65 -68.64
C VAL Q 147 36.81 6.52 -68.22
N THR Q 148 37.01 6.32 -66.91
CA THR Q 148 37.94 5.29 -66.46
C THR Q 148 37.42 3.89 -66.81
N TYR Q 149 36.17 3.61 -66.49
CA TYR Q 149 35.60 2.28 -66.65
C TYR Q 149 34.90 2.11 -67.99
N ASN Q 150 35.30 2.90 -68.99
CA ASN Q 150 34.79 2.77 -70.36
C ASN Q 150 33.29 2.98 -70.44
N CYS Q 151 32.74 3.80 -69.54
CA CYS Q 151 31.32 4.14 -69.63
C CYS Q 151 31.03 4.91 -70.91
N CYS Q 152 31.90 5.86 -71.25
CA CYS Q 152 31.71 6.68 -72.45
C CYS Q 152 33.07 7.23 -72.86
N ASP Q 153 33.14 7.65 -74.12
CA ASP Q 153 34.33 8.32 -74.63
C ASP Q 153 34.37 9.75 -74.13
N ASP Q 154 35.59 10.29 -74.00
CA ASP Q 154 35.74 11.66 -73.50
C ASP Q 154 35.10 12.68 -74.44
N ASP Q 155 34.98 12.34 -75.74
CA ASP Q 155 34.37 13.27 -76.67
C ASP Q 155 32.91 13.52 -76.34
N TYR Q 156 32.30 12.64 -75.56
CA TYR Q 156 30.91 12.79 -75.19
C TYR Q 156 30.65 14.06 -74.39
N PHE Q 157 31.70 14.62 -73.76
CA PHE Q 157 31.55 15.80 -72.93
C PHE Q 157 31.65 17.10 -73.72
N ASN Q 158 31.58 17.02 -75.05
CA ASN Q 158 31.52 18.21 -75.91
C ASN Q 158 30.10 18.61 -76.27
N LYS Q 159 29.27 17.64 -76.64
CA LYS Q 159 27.85 17.92 -76.86
C LYS Q 159 27.24 18.44 -75.56
N LYS Q 160 26.72 19.66 -75.62
CA LYS Q 160 26.25 20.30 -74.39
C LYS Q 160 24.99 19.63 -73.87
N ASP Q 161 24.73 19.86 -72.58
CA ASP Q 161 23.58 19.30 -71.88
C ASP Q 161 23.63 17.78 -71.83
N TRP Q 162 24.83 17.20 -71.97
CA TRP Q 162 24.99 15.77 -71.76
C TRP Q 162 24.56 15.37 -70.36
N TYR Q 163 24.72 16.26 -69.39
CA TYR Q 163 24.36 16.01 -68.02
C TYR Q 163 22.89 16.28 -67.73
N ASP Q 164 22.13 16.76 -68.72
CA ASP Q 164 20.72 17.02 -68.54
C ASP Q 164 19.90 15.78 -68.84
N PHE Q 165 18.80 15.62 -68.10
CA PHE Q 165 17.90 14.48 -68.30
C PHE Q 165 16.88 14.75 -69.40
N VAL Q 166 16.19 15.88 -69.30
CA VAL Q 166 15.12 16.20 -70.25
C VAL Q 166 15.69 16.30 -71.66
N GLU Q 167 16.78 17.04 -71.82
CA GLU Q 167 17.51 17.09 -73.07
C GLU Q 167 18.59 16.02 -73.06
N ASN Q 168 18.76 15.35 -74.19
CA ASN Q 168 19.70 14.24 -74.32
C ASN Q 168 19.35 13.13 -73.32
N PRO Q 169 18.26 12.40 -73.55
CA PRO Q 169 17.90 11.31 -72.62
C PRO Q 169 18.88 10.16 -72.65
N ASP Q 170 19.85 10.18 -73.56
CA ASP Q 170 20.83 9.10 -73.66
C ASP Q 170 21.69 9.01 -72.41
N ILE Q 171 21.69 10.06 -71.57
CA ILE Q 171 22.48 10.05 -70.35
C ILE Q 171 22.11 8.85 -69.48
N LEU Q 172 20.85 8.42 -69.54
CA LEU Q 172 20.44 7.23 -68.80
C LEU Q 172 21.20 6.00 -69.28
N ARG Q 173 21.32 5.83 -70.59
CA ARG Q 173 22.04 4.68 -71.13
C ARG Q 173 23.52 4.73 -70.82
N VAL Q 174 24.05 5.89 -70.41
CA VAL Q 174 25.42 5.95 -69.94
C VAL Q 174 25.51 5.53 -68.48
N TYR Q 175 24.58 6.00 -67.66
CA TYR Q 175 24.54 5.57 -66.27
C TYR Q 175 24.18 4.10 -66.13
N ALA Q 176 23.70 3.48 -67.22
CA ALA Q 176 23.41 2.05 -67.16
C ALA Q 176 24.67 1.24 -66.88
N ASN Q 177 25.77 1.58 -67.52
CA ASN Q 177 27.00 0.81 -67.33
C ASN Q 177 27.76 1.20 -66.06
N LEU Q 178 27.05 1.26 -64.94
CA LEU Q 178 27.66 1.32 -63.62
C LEU Q 178 26.93 0.48 -62.60
N GLY Q 179 25.81 -0.15 -62.96
CA GLY Q 179 25.03 -0.89 -62.00
C GLY Q 179 25.74 -2.13 -61.50
N GLU Q 180 26.39 -2.86 -62.40
CA GLU Q 180 27.02 -4.11 -62.00
C GLU Q 180 28.09 -3.88 -60.93
N ARG Q 181 28.84 -2.78 -61.03
CA ARG Q 181 29.82 -2.48 -59.99
C ARG Q 181 29.16 -2.29 -58.64
N VAL Q 182 28.02 -1.60 -58.61
CA VAL Q 182 27.32 -1.36 -57.34
C VAL Q 182 26.76 -2.67 -56.80
N ARG Q 183 26.24 -3.52 -57.68
CA ARG Q 183 25.75 -4.81 -57.23
C ARG Q 183 26.88 -5.66 -56.64
N GLN Q 184 28.04 -5.67 -57.29
CA GLN Q 184 29.19 -6.39 -56.75
C GLN Q 184 29.60 -5.82 -55.39
N ALA Q 185 29.59 -4.50 -55.27
CA ALA Q 185 29.92 -3.89 -53.99
C ALA Q 185 28.95 -4.35 -52.90
N LEU Q 186 27.66 -4.42 -53.23
CA LEU Q 186 26.68 -4.87 -52.25
C LEU Q 186 26.93 -6.32 -51.83
N LEU Q 187 27.22 -7.18 -52.81
CA LEU Q 187 27.50 -8.58 -52.50
C LEU Q 187 28.70 -8.71 -51.57
N LYS Q 188 29.77 -7.97 -51.88
CA LYS Q 188 30.96 -8.04 -51.04
C LYS Q 188 30.72 -7.44 -49.67
N THR Q 189 29.89 -6.41 -49.58
CA THR Q 189 29.54 -5.87 -48.27
C THR Q 189 28.83 -6.91 -47.43
N VAL Q 190 27.91 -7.67 -48.05
CA VAL Q 190 27.21 -8.72 -47.30
C VAL Q 190 28.20 -9.78 -46.82
N GLN Q 191 29.11 -10.20 -47.71
CA GLN Q 191 30.12 -11.18 -47.31
C GLN Q 191 30.93 -10.68 -46.12
N PHE Q 192 31.38 -9.44 -46.20
CA PHE Q 192 32.21 -8.88 -45.14
C PHE Q 192 31.46 -8.78 -43.83
N CYS Q 193 30.19 -8.36 -43.89
CA CYS Q 193 29.39 -8.27 -42.67
C CYS Q 193 29.23 -9.65 -42.04
N ASP Q 194 29.00 -10.66 -42.88
CA ASP Q 194 28.93 -12.03 -42.36
C ASP Q 194 30.22 -12.42 -41.67
N ALA Q 195 31.36 -12.04 -42.26
CA ALA Q 195 32.64 -12.40 -41.65
C ALA Q 195 32.81 -11.74 -40.29
N MET Q 196 32.48 -10.45 -40.17
CA MET Q 196 32.63 -9.79 -38.88
C MET Q 196 31.71 -10.41 -37.84
N ARG Q 197 30.46 -10.70 -38.22
CA ARG Q 197 29.58 -11.33 -37.24
C ARG Q 197 30.06 -12.73 -36.88
N ASN Q 198 30.75 -13.40 -37.79
CA ASN Q 198 31.30 -14.72 -37.48
C ASN Q 198 32.41 -14.62 -36.44
N ALA Q 199 33.37 -13.72 -36.68
CA ALA Q 199 34.55 -13.65 -35.81
C ALA Q 199 34.36 -12.78 -34.58
N GLY Q 200 33.24 -12.09 -34.40
CA GLY Q 200 33.01 -11.32 -33.20
C GLY Q 200 33.61 -9.93 -33.21
N ILE Q 201 33.23 -9.13 -34.20
CA ILE Q 201 33.72 -7.75 -34.34
C ILE Q 201 32.54 -6.80 -34.14
N VAL Q 202 32.79 -5.71 -33.43
CA VAL Q 202 31.80 -4.67 -33.26
C VAL Q 202 32.34 -3.36 -33.83
N GLY Q 203 31.53 -2.73 -34.67
CA GLY Q 203 31.96 -1.50 -35.31
C GLY Q 203 30.93 -1.02 -36.31
N VAL Q 204 31.33 -0.01 -37.08
CA VAL Q 204 30.47 0.61 -38.08
C VAL Q 204 31.23 0.69 -39.40
N LEU Q 205 30.49 0.88 -40.48
CA LEU Q 205 31.06 0.91 -41.82
C LEU Q 205 30.62 2.19 -42.52
N THR Q 206 31.45 2.65 -43.45
CA THR Q 206 31.19 3.87 -44.20
C THR Q 206 31.65 3.70 -45.64
N LEU Q 207 31.07 4.50 -46.54
CA LEU Q 207 31.35 4.34 -47.97
C LEU Q 207 32.81 4.69 -48.30
N ASP Q 208 33.43 5.53 -47.48
CA ASP Q 208 34.77 6.01 -47.79
C ASP Q 208 35.83 4.92 -47.63
N ASN Q 209 35.54 3.86 -46.86
CA ASN Q 209 36.50 2.80 -46.63
C ASN Q 209 36.53 1.77 -47.75
N GLN Q 210 35.44 1.61 -48.48
CA GLN Q 210 35.36 0.61 -49.54
C GLN Q 210 35.87 1.20 -50.84
N ASP Q 211 36.65 0.41 -51.57
CA ASP Q 211 37.14 0.83 -52.88
C ASP Q 211 36.00 0.72 -53.90
N LEU Q 212 36.31 0.97 -55.17
CA LEU Q 212 35.34 0.79 -56.25
C LEU Q 212 35.36 -0.61 -56.83
N ASN Q 213 35.87 -1.59 -56.07
CA ASN Q 213 35.75 -3.00 -56.43
C ASN Q 213 35.18 -3.82 -55.30
N GLY Q 214 34.90 -3.21 -54.15
CA GLY Q 214 34.27 -3.87 -53.04
C GLY Q 214 35.20 -4.20 -51.88
N ASN Q 215 36.52 -4.16 -52.10
CA ASN Q 215 37.46 -4.49 -51.04
C ASN Q 215 37.39 -3.47 -49.92
N TRP Q 216 37.73 -3.91 -48.71
CA TRP Q 216 37.64 -3.08 -47.51
C TRP Q 216 39.00 -2.93 -46.84
N TYR Q 217 39.08 -1.96 -45.94
CA TYR Q 217 40.27 -1.72 -45.12
C TYR Q 217 39.93 -0.76 -43.98
N ASP Q 218 40.96 -0.22 -43.33
CA ASP Q 218 40.79 0.76 -42.26
C ASP Q 218 40.01 0.18 -41.08
N PHE Q 219 40.60 -0.79 -40.39
CA PHE Q 219 39.97 -1.46 -39.25
C PHE Q 219 40.34 -0.80 -37.92
N GLY Q 220 40.53 0.52 -37.92
CA GLY Q 220 41.06 1.17 -36.73
C GLY Q 220 40.17 1.08 -35.51
N ASP Q 221 38.87 1.33 -35.68
CA ASP Q 221 37.97 1.47 -34.55
C ASP Q 221 37.09 0.23 -34.31
N PHE Q 222 37.63 -0.96 -34.57
CA PHE Q 222 36.91 -2.20 -34.34
C PHE Q 222 37.33 -2.80 -33.01
N ILE Q 223 36.36 -3.26 -32.22
CA ILE Q 223 36.66 -3.91 -30.95
C ILE Q 223 36.33 -5.38 -31.07
N GLN Q 224 36.62 -6.16 -30.02
CA GLN Q 224 36.43 -7.60 -30.06
C GLN Q 224 35.42 -8.04 -29.01
N THR Q 225 34.74 -9.15 -29.33
CA THR Q 225 33.75 -9.76 -28.45
C THR Q 225 33.99 -11.27 -28.46
N THR Q 226 33.06 -12.00 -27.87
CA THR Q 226 33.07 -13.45 -28.02
C THR Q 226 32.76 -13.78 -29.47
N PRO Q 227 33.52 -14.68 -30.10
CA PRO Q 227 33.34 -14.92 -31.54
C PRO Q 227 31.94 -15.45 -31.83
N GLY Q 228 31.45 -15.12 -33.03
CA GLY Q 228 30.10 -15.49 -33.39
C GLY Q 228 29.04 -14.66 -32.71
N SER Q 229 29.40 -13.46 -32.24
CA SER Q 229 28.42 -12.58 -31.65
C SER Q 229 28.67 -11.13 -32.07
N GLY Q 230 29.56 -10.94 -33.04
CA GLY Q 230 29.84 -9.60 -33.53
C GLY Q 230 28.64 -9.02 -34.25
N VAL Q 231 28.37 -7.75 -33.98
CA VAL Q 231 27.22 -7.08 -34.57
C VAL Q 231 27.66 -5.85 -35.36
N PRO Q 232 27.51 -5.86 -36.68
CA PRO Q 232 27.82 -4.65 -37.46
C PRO Q 232 26.69 -3.65 -37.38
N VAL Q 233 26.98 -2.42 -37.79
CA VAL Q 233 25.98 -1.39 -37.98
C VAL Q 233 26.14 -0.86 -39.41
N VAL Q 234 25.04 -0.83 -40.16
CA VAL Q 234 25.09 -0.50 -41.58
C VAL Q 234 24.04 0.52 -41.99
N ASP Q 235 23.31 1.12 -41.04
CA ASP Q 235 22.22 2.01 -41.41
C ASP Q 235 22.72 3.20 -42.22
N SER Q 236 23.79 3.83 -41.79
CA SER Q 236 24.31 4.99 -42.51
C SER Q 236 24.75 4.59 -43.91
N TYR Q 237 25.45 3.47 -44.04
CA TYR Q 237 25.92 2.97 -45.32
C TYR Q 237 24.77 2.88 -46.32
N TYR Q 238 23.78 2.05 -46.00
CA TYR Q 238 22.69 1.80 -46.93
C TYR Q 238 21.89 3.05 -47.19
N SER Q 239 21.57 3.80 -46.13
CA SER Q 239 20.75 4.99 -46.32
C SER Q 239 21.43 5.99 -47.23
N LEU Q 240 22.73 6.22 -47.06
CA LEU Q 240 23.44 7.13 -47.96
C LEU Q 240 23.49 6.58 -49.37
N LEU Q 241 23.77 5.29 -49.54
CA LEU Q 241 23.93 4.73 -50.87
C LEU Q 241 22.60 4.60 -51.61
N MET Q 242 21.49 4.69 -50.89
CA MET Q 242 20.20 4.24 -51.41
C MET Q 242 19.77 4.91 -52.70
N PRO Q 243 19.79 6.24 -52.84
CA PRO Q 243 19.25 6.85 -54.07
C PRO Q 243 20.00 6.48 -55.33
N ILE Q 244 21.25 6.00 -55.23
CA ILE Q 244 22.03 5.69 -56.42
C ILE Q 244 21.44 4.50 -57.16
N LEU Q 245 20.81 3.58 -56.43
CA LEU Q 245 20.50 2.27 -57.00
C LEU Q 245 19.55 2.37 -58.18
N THR Q 246 18.45 3.11 -58.02
CA THR Q 246 17.55 3.29 -59.15
C THR Q 246 18.18 4.15 -60.23
N LEU Q 247 18.96 5.15 -59.84
CA LEU Q 247 19.56 6.06 -60.80
C LEU Q 247 20.48 5.34 -61.76
N THR Q 248 21.32 4.43 -61.26
CA THR Q 248 22.21 3.65 -62.09
C THR Q 248 21.60 2.36 -62.58
N ARG Q 249 20.40 2.00 -62.10
CA ARG Q 249 19.74 0.75 -62.45
C ARG Q 249 20.61 -0.43 -62.11
N ALA Q 250 20.82 -0.67 -60.82
CA ALA Q 250 21.72 -1.72 -60.38
C ALA Q 250 21.18 -3.11 -60.68
N LEU Q 251 19.90 -3.35 -60.41
CA LEU Q 251 19.38 -4.70 -60.34
C LEU Q 251 18.85 -5.23 -61.67
N THR Q 252 19.32 -4.69 -62.80
CA THR Q 252 18.79 -5.13 -64.08
C THR Q 252 19.17 -6.58 -64.39
N ALA Q 253 20.25 -7.07 -63.79
CA ALA Q 253 20.67 -8.44 -64.03
C ALA Q 253 19.71 -9.44 -63.41
N GLU Q 254 18.95 -9.05 -62.38
CA GLU Q 254 18.11 -10.00 -61.67
C GLU Q 254 17.02 -10.56 -62.56
N SER Q 255 16.68 -9.88 -63.65
CA SER Q 255 15.64 -10.36 -64.53
C SER Q 255 16.16 -11.35 -65.56
N HIS Q 256 17.47 -11.53 -65.66
CA HIS Q 256 18.00 -12.47 -66.63
C HIS Q 256 17.90 -13.90 -66.09
N VAL Q 257 18.21 -14.86 -66.95
CA VAL Q 257 17.93 -16.28 -66.66
C VAL Q 257 18.60 -16.70 -65.36
N ASP Q 258 19.88 -16.39 -65.20
CA ASP Q 258 20.61 -16.80 -64.01
C ASP Q 258 21.48 -15.68 -63.48
N THR Q 259 20.93 -14.47 -63.40
CA THR Q 259 21.70 -13.28 -63.02
C THR Q 259 22.94 -13.12 -63.87
N ASP Q 260 22.83 -13.55 -65.13
CA ASP Q 260 23.93 -13.46 -66.09
C ASP Q 260 23.53 -12.49 -67.18
N LEU Q 261 24.33 -11.46 -67.38
CA LEU Q 261 24.04 -10.48 -68.42
C LEU Q 261 24.06 -11.10 -69.81
N THR Q 262 24.81 -12.17 -70.03
CA THR Q 262 24.79 -12.87 -71.31
C THR Q 262 23.86 -14.07 -71.25
N LYS Q 263 22.58 -13.83 -71.00
CA LYS Q 263 21.59 -14.90 -70.90
C LYS Q 263 20.22 -14.29 -71.13
N PRO Q 264 19.25 -15.10 -71.56
CA PRO Q 264 17.94 -14.55 -71.90
C PRO Q 264 17.14 -14.09 -70.68
N TYR Q 265 15.91 -13.69 -70.91
CA TYR Q 265 15.03 -13.20 -69.85
C TYR Q 265 14.31 -14.37 -69.20
N ILE Q 266 14.10 -14.28 -67.89
CA ILE Q 266 13.31 -15.28 -67.18
C ILE Q 266 11.89 -15.23 -67.72
N LYS Q 267 11.44 -16.32 -68.31
CA LYS Q 267 10.11 -16.36 -68.90
C LYS Q 267 9.06 -16.58 -67.83
N TRP Q 268 8.46 -15.49 -67.34
CA TRP Q 268 7.43 -15.60 -66.32
C TRP Q 268 6.13 -16.11 -66.90
N ASP Q 269 5.35 -16.78 -66.06
CA ASP Q 269 4.02 -17.21 -66.45
C ASP Q 269 3.08 -16.01 -66.47
N LEU Q 270 2.14 -16.03 -67.40
CA LEU Q 270 1.25 -14.89 -67.60
C LEU Q 270 0.38 -14.63 -66.38
N LEU Q 271 -0.17 -15.69 -65.79
CA LEU Q 271 -1.21 -15.49 -64.78
C LEU Q 271 -0.65 -15.23 -63.39
N LYS Q 272 0.65 -15.31 -63.19
CA LYS Q 272 1.21 -15.10 -61.85
C LYS Q 272 1.04 -13.64 -61.44
N TYR Q 273 0.62 -13.43 -60.19
CA TYR Q 273 0.43 -12.04 -59.75
C TYR Q 273 0.85 -11.78 -58.32
N ASP Q 274 1.64 -12.63 -57.66
CA ASP Q 274 1.95 -12.43 -56.25
C ASP Q 274 3.40 -12.03 -56.00
N PHE Q 275 4.35 -12.84 -56.43
CA PHE Q 275 5.77 -12.51 -56.37
C PHE Q 275 6.30 -12.20 -54.97
N THR Q 276 5.52 -12.45 -53.92
CA THR Q 276 5.95 -12.08 -52.58
C THR Q 276 7.24 -12.79 -52.20
N GLU Q 277 7.35 -14.06 -52.54
CA GLU Q 277 8.54 -14.83 -52.19
C GLU Q 277 9.78 -14.27 -52.86
N GLU Q 278 9.66 -13.81 -54.11
CA GLU Q 278 10.83 -13.23 -54.77
C GLU Q 278 11.26 -11.92 -54.12
N ARG Q 279 10.29 -11.11 -53.68
CA ARG Q 279 10.65 -9.90 -52.95
C ARG Q 279 11.42 -10.25 -51.69
N LEU Q 280 10.92 -11.24 -50.94
CA LEU Q 280 11.62 -11.62 -49.71
C LEU Q 280 13.01 -12.17 -50.01
N LYS Q 281 13.13 -12.97 -51.06
CA LYS Q 281 14.44 -13.52 -51.42
C LYS Q 281 15.43 -12.42 -51.78
N LEU Q 282 15.00 -11.44 -52.58
CA LEU Q 282 15.90 -10.37 -52.95
C LEU Q 282 16.31 -9.55 -51.74
N PHE Q 283 15.34 -9.17 -50.91
CA PHE Q 283 15.65 -8.35 -49.75
C PHE Q 283 16.55 -9.08 -48.77
N ASP Q 284 16.47 -10.41 -48.72
CA ASP Q 284 17.43 -11.13 -47.89
C ASP Q 284 18.79 -11.22 -48.55
N ARG Q 285 18.82 -11.35 -49.88
CA ARG Q 285 20.09 -11.56 -50.56
C ARG Q 285 20.92 -10.28 -50.65
N TYR Q 286 20.30 -9.11 -50.54
CA TYR Q 286 21.06 -7.88 -50.69
C TYR Q 286 21.07 -6.98 -49.46
N PHE Q 287 20.09 -7.06 -48.58
CA PHE Q 287 19.97 -6.16 -47.44
C PHE Q 287 19.89 -6.95 -46.15
N LYS Q 288 20.71 -7.99 -46.02
CA LYS Q 288 20.50 -9.00 -44.99
C LYS Q 288 20.46 -8.40 -43.60
N TYR Q 289 21.27 -7.38 -43.32
CA TYR Q 289 21.44 -6.88 -41.97
C TYR Q 289 20.66 -5.60 -41.70
N TRP Q 290 19.78 -5.19 -42.61
CA TRP Q 290 18.98 -4.01 -42.35
C TRP Q 290 17.97 -4.27 -41.25
N ASP Q 291 18.25 -3.77 -40.05
CA ASP Q 291 17.48 -4.13 -38.86
C ASP Q 291 16.15 -3.39 -38.85
N GLN Q 292 15.22 -3.86 -39.67
CA GLN Q 292 13.84 -3.40 -39.59
C GLN Q 292 12.95 -4.38 -40.33
N THR Q 293 11.81 -4.70 -39.72
CA THR Q 293 10.87 -5.64 -40.32
C THR Q 293 10.33 -5.07 -41.61
N TYR Q 294 10.29 -5.89 -42.65
CA TYR Q 294 9.93 -5.45 -44.00
C TYR Q 294 8.79 -6.31 -44.50
N HIS Q 295 7.58 -5.76 -44.50
CA HIS Q 295 6.43 -6.50 -44.99
C HIS Q 295 6.26 -6.27 -46.48
N PRO Q 296 6.31 -7.30 -47.30
CA PRO Q 296 6.14 -7.11 -48.74
C PRO Q 296 4.79 -6.51 -49.08
N ASN Q 297 3.78 -6.80 -48.27
CA ASN Q 297 2.42 -6.31 -48.50
C ASN Q 297 2.08 -5.31 -47.40
N CYS Q 298 1.94 -4.04 -47.79
CA CYS Q 298 1.85 -2.96 -46.83
C CYS Q 298 0.57 -2.99 -46.01
N VAL Q 299 -0.40 -3.82 -46.37
CA VAL Q 299 -1.64 -3.90 -45.61
C VAL Q 299 -1.41 -4.42 -44.20
N ASN Q 300 -0.30 -5.12 -43.96
CA ASN Q 300 0.03 -5.62 -42.63
C ASN Q 300 0.83 -4.62 -41.82
N CYS Q 301 1.13 -3.44 -42.37
CA CYS Q 301 2.01 -2.51 -41.68
C CYS Q 301 1.32 -1.95 -40.45
N LEU Q 302 2.14 -1.45 -39.52
CA LEU Q 302 1.65 -0.99 -38.24
C LEU Q 302 1.28 0.48 -38.24
N ASP Q 303 1.98 1.31 -39.00
CA ASP Q 303 1.71 2.74 -39.02
C ASP Q 303 2.31 3.34 -40.29
N ASP Q 304 2.07 4.64 -40.46
CA ASP Q 304 2.52 5.35 -41.65
C ASP Q 304 4.04 5.30 -41.80
N ARG Q 305 4.75 5.35 -40.68
CA ARG Q 305 6.21 5.21 -40.73
C ARG Q 305 6.60 3.91 -41.41
N CYS Q 306 6.02 2.79 -40.95
CA CYS Q 306 6.29 1.52 -41.58
C CYS Q 306 5.82 1.51 -43.03
N ILE Q 307 4.74 2.23 -43.32
CA ILE Q 307 4.24 2.29 -44.70
C ILE Q 307 5.29 2.89 -45.61
N LEU Q 308 5.88 4.01 -45.19
CA LEU Q 308 6.92 4.63 -46.00
C LEU Q 308 8.13 3.71 -46.12
N HIS Q 309 8.55 3.13 -45.00
CA HIS Q 309 9.78 2.35 -45.02
C HIS Q 309 9.65 1.14 -45.94
N CYS Q 310 8.49 0.49 -45.96
CA CYS Q 310 8.28 -0.66 -46.83
C CYS Q 310 7.99 -0.25 -48.27
N ALA Q 311 7.27 0.85 -48.47
CA ALA Q 311 6.96 1.30 -49.82
C ALA Q 311 8.22 1.69 -50.57
N ASN Q 312 9.22 2.19 -49.86
CA ASN Q 312 10.50 2.50 -50.50
C ASN Q 312 11.08 1.26 -51.17
N PHE Q 313 11.22 0.18 -50.39
CA PHE Q 313 11.79 -1.05 -50.93
C PHE Q 313 10.93 -1.59 -52.07
N ASN Q 314 9.61 -1.57 -51.89
CA ASN Q 314 8.74 -2.08 -52.95
C ASN Q 314 8.92 -1.28 -54.23
N VAL Q 315 9.17 0.02 -54.11
CA VAL Q 315 9.49 0.82 -55.28
C VAL Q 315 10.76 0.34 -55.93
N LEU Q 316 11.74 -0.07 -55.13
CA LEU Q 316 12.98 -0.59 -55.70
C LEU Q 316 12.75 -1.92 -56.42
N PHE Q 317 12.10 -2.87 -55.76
CA PHE Q 317 12.11 -4.25 -56.24
C PHE Q 317 11.26 -4.41 -57.49
N SER Q 318 10.10 -3.78 -57.51
CA SER Q 318 9.09 -3.99 -58.54
C SER Q 318 9.55 -3.65 -59.92
N THR Q 319 10.78 -3.18 -60.09
CA THR Q 319 11.30 -2.90 -61.42
C THR Q 319 11.74 -4.17 -62.14
N VAL Q 320 11.86 -5.29 -61.44
CA VAL Q 320 12.34 -6.53 -62.05
C VAL Q 320 11.20 -7.35 -62.62
N PHE Q 321 10.05 -7.31 -61.98
CA PHE Q 321 8.91 -8.13 -62.36
C PHE Q 321 8.28 -7.59 -63.64
N PRO Q 322 7.61 -8.45 -64.41
CA PRO Q 322 7.11 -8.02 -65.71
C PRO Q 322 6.05 -6.95 -65.55
N PRO Q 323 5.86 -6.10 -66.56
CA PRO Q 323 4.95 -4.96 -66.41
C PRO Q 323 3.49 -5.35 -66.48
N THR Q 324 3.17 -6.38 -67.26
CA THR Q 324 1.77 -6.70 -67.54
C THR Q 324 1.03 -7.20 -66.31
N SER Q 325 1.73 -7.62 -65.27
CA SER Q 325 1.05 -8.17 -64.09
C SER Q 325 0.86 -7.11 -63.01
N PHE Q 326 0.38 -5.94 -63.40
CA PHE Q 326 0.11 -4.87 -62.46
C PHE Q 326 -1.24 -4.26 -62.79
N GLY Q 327 -1.95 -3.81 -61.76
CA GLY Q 327 -3.23 -3.19 -61.96
C GLY Q 327 -4.35 -3.89 -61.22
N PRO Q 328 -5.57 -3.80 -61.74
CA PRO Q 328 -6.71 -4.42 -61.07
C PRO Q 328 -6.71 -5.93 -61.24
N LEU Q 329 -7.43 -6.58 -60.33
CA LEU Q 329 -7.57 -8.03 -60.34
C LEU Q 329 -9.02 -8.37 -60.61
N VAL Q 330 -9.27 -9.02 -61.74
CA VAL Q 330 -10.62 -9.32 -62.18
C VAL Q 330 -11.01 -10.71 -61.71
N ARG Q 331 -12.30 -10.99 -61.73
CA ARG Q 331 -12.84 -12.26 -61.29
C ARG Q 331 -14.26 -12.41 -61.81
N LYS Q 332 -14.54 -13.49 -62.55
CA LYS Q 332 -15.86 -13.63 -63.15
C LYS Q 332 -16.89 -14.00 -62.09
N ILE Q 333 -17.94 -13.20 -61.98
CA ILE Q 333 -19.04 -13.49 -61.07
C ILE Q 333 -20.32 -13.60 -61.88
N PHE Q 334 -21.32 -14.20 -61.27
CA PHE Q 334 -22.61 -14.44 -61.90
C PHE Q 334 -23.69 -13.71 -61.11
N VAL Q 335 -24.47 -12.90 -61.80
CA VAL Q 335 -25.63 -12.22 -61.21
C VAL Q 335 -26.87 -12.71 -61.94
N ASP Q 336 -27.80 -13.29 -61.18
CA ASP Q 336 -29.00 -13.96 -61.70
C ASP Q 336 -28.70 -14.73 -62.98
N GLY Q 337 -27.65 -15.53 -62.96
CA GLY Q 337 -27.29 -16.33 -64.11
C GLY Q 337 -26.80 -15.54 -65.31
N VAL Q 338 -26.07 -14.45 -65.07
CA VAL Q 338 -25.45 -13.70 -66.16
C VAL Q 338 -23.97 -13.56 -65.83
N PRO Q 339 -23.06 -13.76 -66.79
CA PRO Q 339 -21.63 -13.66 -66.50
C PRO Q 339 -21.17 -12.21 -66.46
N PHE Q 340 -20.46 -11.85 -65.39
CA PHE Q 340 -19.89 -10.52 -65.23
C PHE Q 340 -18.40 -10.64 -64.99
N VAL Q 341 -17.70 -9.52 -65.24
CA VAL Q 341 -16.28 -9.40 -64.95
C VAL Q 341 -16.13 -8.15 -64.09
N VAL Q 342 -15.83 -8.32 -62.81
CA VAL Q 342 -15.67 -7.18 -61.92
C VAL Q 342 -14.28 -7.20 -61.32
N SER Q 343 -13.98 -6.22 -60.48
CA SER Q 343 -12.66 -6.08 -59.87
C SER Q 343 -12.77 -6.37 -58.39
N THR Q 344 -11.86 -7.19 -57.87
CA THR Q 344 -11.88 -7.53 -56.46
C THR Q 344 -10.65 -7.03 -55.70
N GLY Q 345 -9.69 -6.44 -56.38
CA GLY Q 345 -8.50 -5.98 -55.69
C GLY Q 345 -7.54 -5.34 -56.67
N TYR Q 346 -6.42 -4.89 -56.12
CA TYR Q 346 -5.43 -4.17 -56.90
C TYR Q 346 -4.05 -4.65 -56.51
N HIS Q 347 -3.10 -4.48 -57.43
CA HIS Q 347 -1.72 -4.89 -57.23
C HIS Q 347 -0.85 -3.68 -57.51
N PHE Q 348 -0.52 -2.92 -56.46
CA PHE Q 348 0.25 -1.70 -56.62
C PHE Q 348 1.73 -2.00 -56.79
N ARG Q 349 2.41 -1.11 -57.50
CA ARG Q 349 3.85 -1.21 -57.66
C ARG Q 349 4.61 -0.97 -56.37
N GLU Q 350 3.98 -0.32 -55.39
CA GLU Q 350 4.67 -0.02 -54.14
C GLU Q 350 3.89 -0.38 -52.89
N LEU Q 351 2.61 -0.71 -52.97
CA LEU Q 351 1.85 -1.09 -51.79
C LEU Q 351 1.59 -2.60 -51.72
N GLY Q 352 1.96 -3.34 -52.73
CA GLY Q 352 1.82 -4.79 -52.69
C GLY Q 352 0.51 -5.24 -53.32
N VAL Q 353 -0.20 -6.14 -52.64
CA VAL Q 353 -1.45 -6.70 -53.12
C VAL Q 353 -2.53 -6.41 -52.09
N VAL Q 354 -3.66 -5.89 -52.55
CA VAL Q 354 -4.78 -5.54 -51.68
C VAL Q 354 -6.04 -6.15 -52.24
N HIS Q 355 -6.78 -6.87 -51.39
CA HIS Q 355 -8.02 -7.53 -51.77
C HIS Q 355 -9.22 -6.83 -51.13
N ASN Q 356 -10.32 -6.76 -51.88
CA ASN Q 356 -11.56 -6.29 -51.30
C ASN Q 356 -12.01 -7.21 -50.18
N GLN Q 357 -12.69 -6.64 -49.20
CA GLN Q 357 -13.18 -7.45 -48.08
C GLN Q 357 -14.56 -8.01 -48.39
N ASP Q 358 -15.52 -7.16 -48.74
CA ASP Q 358 -16.87 -7.62 -49.00
C ASP Q 358 -17.15 -7.79 -50.48
N VAL Q 359 -17.08 -9.03 -50.97
CA VAL Q 359 -17.30 -9.35 -52.37
C VAL Q 359 -18.47 -10.31 -52.46
N ASN Q 360 -19.48 -9.96 -53.24
CA ASN Q 360 -20.65 -10.80 -53.44
C ASN Q 360 -20.54 -11.53 -54.77
N LEU Q 361 -20.46 -12.86 -54.71
CA LEU Q 361 -20.29 -13.66 -55.91
C LEU Q 361 -21.60 -13.85 -56.67
N HIS Q 362 -22.69 -14.16 -55.96
CA HIS Q 362 -23.98 -14.45 -56.57
C HIS Q 362 -25.01 -13.47 -56.04
N SER Q 363 -25.84 -12.94 -56.94
CA SER Q 363 -26.89 -12.01 -56.56
C SER Q 363 -28.00 -12.08 -57.58
N SER Q 364 -29.19 -11.63 -57.17
CA SER Q 364 -30.35 -11.67 -58.05
C SER Q 364 -30.51 -10.36 -58.83
N ARG Q 365 -30.58 -9.24 -58.12
CA ARG Q 365 -30.74 -7.94 -58.74
C ARG Q 365 -29.86 -6.94 -58.03
N LEU Q 366 -29.48 -5.89 -58.76
CA LEU Q 366 -28.52 -4.90 -58.28
C LEU Q 366 -29.24 -3.66 -57.79
N SER Q 367 -28.64 -2.97 -56.82
CA SER Q 367 -29.18 -1.73 -56.32
C SER Q 367 -28.61 -0.56 -57.13
N PHE Q 368 -28.84 0.67 -56.67
CA PHE Q 368 -28.27 1.82 -57.37
C PHE Q 368 -26.76 1.89 -57.16
N LYS Q 369 -26.31 1.74 -55.91
CA LYS Q 369 -24.88 1.88 -55.61
C LYS Q 369 -24.07 0.83 -56.36
N GLU Q 370 -24.54 -0.42 -56.37
CA GLU Q 370 -23.82 -1.47 -57.08
C GLU Q 370 -23.78 -1.20 -58.58
N LEU Q 371 -24.90 -0.71 -59.13
CA LEU Q 371 -24.89 -0.32 -60.53
C LEU Q 371 -23.84 0.74 -60.80
N LEU Q 372 -23.74 1.72 -59.91
CA LEU Q 372 -22.77 2.79 -60.10
C LEU Q 372 -21.35 2.26 -60.06
N VAL Q 373 -21.02 1.46 -59.05
CA VAL Q 373 -19.65 1.00 -58.92
C VAL Q 373 -19.28 0.04 -60.03
N TYR Q 374 -20.25 -0.72 -60.56
CA TYR Q 374 -19.92 -1.62 -61.67
C TYR Q 374 -19.81 -0.88 -62.99
N ALA Q 375 -20.51 0.24 -63.15
CA ALA Q 375 -20.31 1.02 -64.37
C ALA Q 375 -19.02 1.81 -64.33
N ALA Q 376 -18.59 2.27 -63.16
CA ALA Q 376 -17.40 3.10 -63.08
C ALA Q 376 -16.11 2.32 -63.28
N ASP Q 377 -16.12 1.01 -63.03
CA ASP Q 377 -14.90 0.22 -63.13
C ASP Q 377 -14.47 0.11 -64.59
N PRO Q 378 -13.16 -0.03 -64.84
CA PRO Q 378 -12.68 -0.21 -66.21
C PRO Q 378 -12.72 -1.64 -66.70
N ALA Q 379 -13.11 -2.59 -65.85
CA ALA Q 379 -13.02 -4.00 -66.21
C ALA Q 379 -13.92 -4.33 -67.40
N MET Q 380 -15.19 -3.91 -67.31
CA MET Q 380 -16.14 -4.24 -68.38
C MET Q 380 -15.71 -3.62 -69.70
N HIS Q 381 -15.34 -2.35 -69.68
CA HIS Q 381 -14.96 -1.67 -70.92
C HIS Q 381 -13.71 -2.29 -71.52
N ALA Q 382 -12.73 -2.64 -70.68
CA ALA Q 382 -11.53 -3.28 -71.19
C ALA Q 382 -11.83 -4.65 -71.80
N ALA Q 383 -12.67 -5.44 -71.11
CA ALA Q 383 -12.98 -6.78 -71.61
C ALA Q 383 -13.74 -6.72 -72.93
N SER Q 384 -14.71 -5.83 -73.04
CA SER Q 384 -15.54 -5.78 -74.24
C SER Q 384 -14.79 -5.22 -75.45
N GLY Q 385 -13.65 -4.57 -75.23
CA GLY Q 385 -12.94 -3.91 -76.32
C GLY Q 385 -12.08 -4.86 -77.13
N ASN Q 386 -11.26 -4.26 -77.99
CA ASN Q 386 -10.33 -4.98 -78.84
C ASN Q 386 -8.90 -4.72 -78.41
N LEU Q 387 -8.01 -5.63 -78.81
CA LEU Q 387 -6.60 -5.43 -78.55
C LEU Q 387 -6.07 -4.26 -79.36
N LEU Q 388 -5.19 -3.48 -78.73
CA LEU Q 388 -4.64 -2.28 -79.35
C LEU Q 388 -3.13 -2.30 -79.23
N LEU Q 389 -2.45 -2.04 -80.35
CA LEU Q 389 -1.01 -1.89 -80.36
C LEU Q 389 -0.70 -0.52 -80.94
N ASP Q 390 -0.07 0.34 -80.14
CA ASP Q 390 0.23 1.71 -80.54
C ASP Q 390 1.73 1.88 -80.68
N LYS Q 391 2.15 2.38 -81.84
CA LYS Q 391 3.56 2.62 -82.11
C LYS Q 391 3.93 4.10 -82.02
N ARG Q 392 2.97 4.97 -81.76
CA ARG Q 392 3.23 6.39 -81.62
C ARG Q 392 3.92 6.68 -80.29
N THR Q 393 3.28 6.30 -79.20
CA THR Q 393 3.83 6.54 -77.88
C THR Q 393 4.60 5.31 -77.41
N THR Q 394 5.22 5.42 -76.23
CA THR Q 394 5.93 4.31 -75.61
C THR Q 394 5.28 3.82 -74.34
N CYS Q 395 4.21 4.45 -73.87
CA CYS Q 395 3.53 3.99 -72.68
C CYS Q 395 2.73 2.72 -72.97
N PHE Q 396 2.34 2.04 -71.91
CA PHE Q 396 1.71 0.73 -72.02
C PHE Q 396 0.25 0.91 -72.42
N SER Q 397 -0.11 0.50 -73.63
CA SER Q 397 -1.49 0.52 -74.05
C SER Q 397 -2.25 -0.63 -73.40
N VAL Q 398 -3.58 -0.52 -73.41
CA VAL Q 398 -4.40 -1.57 -72.83
C VAL Q 398 -5.42 -2.07 -73.85
N ALA Q 399 -6.31 -1.21 -74.30
CA ALA Q 399 -7.33 -1.65 -75.23
C ALA Q 399 -7.96 -0.44 -75.92
N ALA Q 400 -8.61 -0.71 -77.04
CA ALA Q 400 -9.43 0.27 -77.74
C ALA Q 400 -10.88 0.02 -77.42
N LEU Q 401 -11.74 0.95 -77.83
CA LEU Q 401 -13.15 0.84 -77.55
C LEU Q 401 -14.02 0.96 -78.80
N THR Q 402 -13.62 1.80 -79.74
CA THR Q 402 -14.35 2.00 -80.99
C THR Q 402 -13.58 1.34 -82.14
N ASN Q 403 -14.06 1.54 -83.36
CA ASN Q 403 -13.48 0.93 -84.54
C ASN Q 403 -12.72 1.96 -85.37
N ASN Q 404 -12.25 3.03 -84.73
CA ASN Q 404 -11.52 4.10 -85.37
C ASN Q 404 -10.80 4.88 -84.28
N VAL Q 405 -10.10 5.93 -84.68
CA VAL Q 405 -9.36 6.77 -83.76
C VAL Q 405 -9.76 8.22 -83.99
N ALA Q 406 -10.14 8.92 -82.92
CA ALA Q 406 -10.49 10.32 -83.04
C ALA Q 406 -9.24 11.19 -83.18
N PHE Q 407 -9.45 12.38 -83.74
CA PHE Q 407 -8.34 13.32 -83.95
C PHE Q 407 -8.86 14.72 -83.59
N GLN Q 408 -8.58 15.13 -82.36
CA GLN Q 408 -9.07 16.42 -81.86
C GLN Q 408 -8.12 17.54 -82.27
N THR Q 409 -8.70 18.68 -82.64
CA THR Q 409 -7.96 19.85 -83.08
C THR Q 409 -8.39 21.07 -82.29
N VAL Q 410 -7.58 22.12 -82.37
CA VAL Q 410 -7.83 23.38 -81.66
C VAL Q 410 -7.88 24.49 -82.70
N LYS Q 411 -9.07 24.97 -83.02
CA LYS Q 411 -9.25 26.03 -83.99
C LYS Q 411 -8.77 27.36 -83.42
N PRO Q 412 -8.46 28.34 -84.28
CA PRO Q 412 -7.92 29.61 -83.77
C PRO Q 412 -8.96 30.46 -83.06
N GLY Q 413 -8.55 31.61 -82.54
CA GLY Q 413 -9.45 32.54 -81.91
C GLY Q 413 -10.15 33.43 -82.93
N ASN Q 414 -10.86 34.43 -82.41
CA ASN Q 414 -11.59 35.38 -83.24
C ASN Q 414 -11.08 36.78 -82.98
N PHE Q 415 -11.09 37.61 -84.02
CA PHE Q 415 -10.51 38.94 -83.95
C PHE Q 415 -11.58 39.98 -83.65
N ASN Q 416 -11.15 41.05 -82.96
CA ASN Q 416 -12.04 42.12 -82.51
C ASN Q 416 -11.50 43.42 -83.12
N LYS Q 417 -11.93 43.71 -84.35
CA LYS Q 417 -11.25 44.72 -85.16
C LYS Q 417 -11.46 46.13 -84.61
N ASP Q 418 -12.68 46.43 -84.16
CA ASP Q 418 -13.00 47.81 -83.78
C ASP Q 418 -12.15 48.27 -82.60
N PHE Q 419 -11.90 47.39 -81.63
CA PHE Q 419 -11.02 47.76 -80.54
C PHE Q 419 -9.60 48.02 -81.01
N TYR Q 420 -9.12 47.22 -81.96
CA TYR Q 420 -7.78 47.43 -82.49
C TYR Q 420 -7.68 48.79 -83.17
N ASP Q 421 -8.70 49.16 -83.95
CA ASP Q 421 -8.70 50.46 -84.60
C ASP Q 421 -8.75 51.59 -83.56
N PHE Q 422 -9.59 51.45 -82.54
CA PHE Q 422 -9.64 52.48 -81.50
C PHE Q 422 -8.31 52.59 -80.77
N ALA Q 423 -7.61 51.48 -80.59
CA ALA Q 423 -6.34 51.51 -79.87
C ALA Q 423 -5.25 52.18 -80.71
N VAL Q 424 -5.21 51.88 -82.01
CA VAL Q 424 -4.22 52.54 -82.85
C VAL Q 424 -4.58 53.99 -83.12
N SER Q 425 -5.85 54.37 -82.91
CA SER Q 425 -6.23 55.77 -83.06
C SER Q 425 -5.54 56.65 -82.03
N LYS Q 426 -5.48 56.18 -80.78
CA LYS Q 426 -4.85 56.95 -79.71
C LYS Q 426 -3.34 56.73 -79.70
N GLY Q 427 -2.79 56.31 -80.83
CA GLY Q 427 -1.36 56.16 -80.95
C GLY Q 427 -0.81 55.02 -80.14
N PHE Q 428 -1.14 53.78 -80.52
CA PHE Q 428 -0.59 52.62 -79.87
C PHE Q 428 0.04 51.70 -80.92
N PHE Q 429 0.90 50.81 -80.45
CA PHE Q 429 1.58 49.82 -81.30
C PHE Q 429 2.48 50.46 -82.35
N LYS Q 430 3.11 51.59 -82.02
CA LYS Q 430 4.07 52.18 -82.93
C LYS Q 430 5.43 51.52 -82.74
N GLU Q 431 6.23 51.55 -83.79
CA GLU Q 431 7.55 50.92 -83.74
C GLU Q 431 8.42 51.63 -82.70
N GLY Q 432 9.06 50.82 -81.85
CA GLY Q 432 9.88 51.33 -80.78
C GLY Q 432 9.18 51.45 -79.44
N SER Q 433 7.86 51.45 -79.39
CA SER Q 433 7.15 51.55 -78.13
C SER Q 433 7.32 50.24 -77.34
N SER Q 434 7.53 50.38 -76.04
CA SER Q 434 7.75 49.23 -75.17
C SER Q 434 6.45 48.57 -74.69
N VAL Q 435 5.57 48.22 -75.62
CA VAL Q 435 4.35 47.47 -75.32
C VAL Q 435 3.81 46.89 -76.61
N GLU Q 436 3.59 45.58 -76.64
CA GLU Q 436 3.20 44.91 -77.88
C GLU Q 436 2.50 43.60 -77.52
N LEU Q 437 2.30 42.74 -78.52
CA LEU Q 437 1.50 41.54 -78.39
C LEU Q 437 2.41 40.33 -78.23
N LYS Q 438 2.25 39.61 -77.13
CA LYS Q 438 2.98 38.37 -76.90
C LYS Q 438 2.05 37.26 -76.39
N HIS Q 439 0.74 37.43 -76.59
CA HIS Q 439 -0.23 36.46 -76.09
C HIS Q 439 -1.28 36.28 -77.17
N PHE Q 440 -1.40 35.06 -77.68
CA PHE Q 440 -2.30 34.81 -78.81
C PHE Q 440 -3.01 33.50 -78.59
N PHE Q 441 -3.83 33.14 -79.58
CA PHE Q 441 -4.58 31.89 -79.57
C PHE Q 441 -3.91 30.95 -80.57
N PHE Q 442 -2.97 30.15 -80.06
CA PHE Q 442 -2.24 29.23 -80.91
C PHE Q 442 -3.16 28.11 -81.39
N ALA Q 443 -3.10 27.84 -82.69
CA ALA Q 443 -3.90 26.79 -83.29
C ALA Q 443 -3.14 25.47 -83.22
N GLN Q 444 -3.88 24.37 -83.09
CA GLN Q 444 -3.28 23.06 -82.98
C GLN Q 444 -3.78 22.13 -84.06
N ASP Q 445 -2.87 21.30 -84.55
CA ASP Q 445 -3.11 20.33 -85.60
C ASP Q 445 -3.83 19.11 -85.05
N GLY Q 446 -3.67 17.97 -85.70
CA GLY Q 446 -4.41 16.77 -85.38
C GLY Q 446 -3.73 16.03 -84.25
N ASN Q 447 -2.88 15.06 -84.57
CA ASN Q 447 -2.32 14.21 -83.53
C ASN Q 447 -1.39 15.01 -82.63
N ALA Q 448 -1.98 15.90 -81.82
CA ALA Q 448 -1.25 16.70 -80.85
C ALA Q 448 -1.56 16.31 -79.42
N ALA Q 449 -2.73 15.72 -79.17
CA ALA Q 449 -3.03 15.21 -77.84
C ALA Q 449 -2.10 14.07 -77.48
N ILE Q 450 -1.86 13.15 -78.41
CA ILE Q 450 -1.02 12.00 -78.13
C ILE Q 450 0.41 12.43 -77.83
N SER Q 451 0.97 13.29 -78.67
CA SER Q 451 2.32 13.78 -78.42
C SER Q 451 2.39 14.59 -77.14
N ASP Q 452 1.25 15.04 -76.62
CA ASP Q 452 1.23 15.64 -75.30
C ASP Q 452 1.22 14.57 -74.22
N TYR Q 453 0.43 13.51 -74.42
CA TYR Q 453 0.38 12.47 -73.41
C TYR Q 453 1.70 11.71 -73.32
N ASP Q 454 2.48 11.70 -74.40
CA ASP Q 454 3.76 11.02 -74.39
C ASP Q 454 4.73 11.61 -73.38
N TYR Q 455 4.47 12.82 -72.91
CA TYR Q 455 5.41 13.48 -72.00
C TYR Q 455 5.50 12.81 -70.64
N TYR Q 456 4.80 11.70 -70.43
CA TYR Q 456 4.95 11.00 -69.16
C TYR Q 456 6.23 10.17 -69.13
N ARG Q 457 6.95 10.09 -70.24
CA ARG Q 457 8.20 9.33 -70.30
C ARG Q 457 9.25 9.97 -69.40
N TYR Q 458 9.00 11.19 -68.95
CA TYR Q 458 9.91 11.84 -68.02
C TYR Q 458 9.69 11.43 -66.58
N ASN Q 459 8.70 10.56 -66.33
CA ASN Q 459 8.47 10.04 -65.00
C ASN Q 459 9.18 8.72 -64.84
N LEU Q 460 10.08 8.63 -63.87
CA LEU Q 460 10.96 7.49 -63.73
C LEU Q 460 10.93 6.97 -62.30
N PRO Q 461 11.12 5.66 -62.12
CA PRO Q 461 11.15 5.12 -60.77
C PRO Q 461 12.34 5.68 -60.02
N THR Q 462 12.10 6.10 -58.79
CA THR Q 462 13.16 6.77 -58.02
C THR Q 462 12.98 6.45 -56.55
N MET Q 463 14.07 6.07 -55.90
CA MET Q 463 14.05 5.83 -54.48
C MET Q 463 14.29 7.15 -53.75
N CYS Q 464 14.17 7.13 -52.42
CA CYS Q 464 14.52 8.25 -51.57
C CYS Q 464 15.16 7.73 -50.30
N ASP Q 465 16.18 8.44 -49.82
CA ASP Q 465 16.80 8.06 -48.56
C ASP Q 465 15.76 8.06 -47.44
N ILE Q 466 15.62 6.92 -46.77
CA ILE Q 466 14.51 6.74 -45.86
C ILE Q 466 14.67 7.57 -44.59
N ARG Q 467 15.87 7.60 -44.01
CA ARG Q 467 16.05 8.24 -42.71
C ARG Q 467 15.73 9.73 -42.79
N GLN Q 468 16.38 10.42 -43.74
CA GLN Q 468 16.15 11.84 -43.87
C GLN Q 468 14.74 12.12 -44.35
N LEU Q 469 14.14 11.20 -45.11
CA LEU Q 469 12.76 11.41 -45.52
C LEU Q 469 11.82 11.36 -44.33
N LEU Q 470 12.06 10.44 -43.40
CA LEU Q 470 11.24 10.38 -42.20
C LEU Q 470 11.40 11.64 -41.36
N PHE Q 471 12.65 12.10 -41.20
CA PHE Q 471 12.86 13.33 -40.44
C PHE Q 471 12.18 14.52 -41.11
N VAL Q 472 12.32 14.62 -42.43
CA VAL Q 472 11.72 15.71 -43.18
C VAL Q 472 10.20 15.69 -43.03
N VAL Q 473 9.60 14.51 -43.13
CA VAL Q 473 8.14 14.45 -43.03
C VAL Q 473 7.71 14.78 -41.61
N GLU Q 474 8.52 14.45 -40.61
CA GLU Q 474 8.19 14.86 -39.24
C GLU Q 474 8.16 16.38 -39.13
N VAL Q 475 9.18 17.05 -39.68
CA VAL Q 475 9.21 18.51 -39.63
C VAL Q 475 8.01 19.10 -40.37
N VAL Q 476 7.73 18.57 -41.56
CA VAL Q 476 6.65 19.11 -42.37
C VAL Q 476 5.31 18.91 -41.68
N ASP Q 477 5.15 17.80 -40.97
CA ASP Q 477 3.96 17.63 -40.14
C ASP Q 477 3.93 18.69 -39.05
N LYS Q 478 5.08 19.01 -38.47
CA LYS Q 478 5.13 20.06 -37.47
C LYS Q 478 4.68 21.40 -38.05
N TYR Q 479 4.86 21.59 -39.36
CA TYR Q 479 4.40 22.82 -40.00
C TYR Q 479 2.89 22.99 -39.90
N PHE Q 480 2.13 21.97 -40.31
CA PHE Q 480 0.68 22.08 -40.35
C PHE Q 480 0.05 21.76 -39.00
N ASP Q 481 0.14 22.69 -38.05
CA ASP Q 481 -0.46 22.46 -36.74
C ASP Q 481 -1.50 23.51 -36.38
N CYS Q 482 -2.09 24.17 -37.36
CA CYS Q 482 -3.06 25.23 -37.13
C CYS Q 482 -4.36 24.96 -37.90
N TYR Q 483 -4.76 23.69 -37.99
CA TYR Q 483 -5.95 23.33 -38.73
C TYR Q 483 -6.64 22.20 -38.00
N ASP Q 484 -7.76 21.72 -38.55
CA ASP Q 484 -8.53 20.66 -37.92
C ASP Q 484 -9.26 19.88 -39.00
N GLY Q 485 -9.06 18.56 -39.03
CA GLY Q 485 -9.64 17.70 -40.02
C GLY Q 485 -10.52 16.64 -39.38
N GLY Q 486 -11.40 16.07 -40.21
CA GLY Q 486 -12.34 15.07 -39.76
C GLY Q 486 -13.40 14.82 -40.78
N CYS Q 487 -14.02 13.65 -40.68
CA CYS Q 487 -15.06 13.28 -41.62
C CYS Q 487 -16.33 14.07 -41.35
N ILE Q 488 -17.13 14.26 -42.40
CA ILE Q 488 -18.42 14.92 -42.27
C ILE Q 488 -19.49 14.04 -42.88
N ASN Q 489 -20.73 14.53 -42.91
CA ASN Q 489 -21.85 13.78 -43.44
C ASN Q 489 -22.28 14.41 -44.76
N ALA Q 490 -23.17 13.71 -45.47
CA ALA Q 490 -23.55 14.16 -46.80
C ALA Q 490 -24.24 15.51 -46.77
N ASN Q 491 -24.96 15.81 -45.69
CA ASN Q 491 -25.69 17.08 -45.63
C ASN Q 491 -24.75 18.27 -45.50
N GLN Q 492 -23.68 18.13 -44.71
CA GLN Q 492 -22.76 19.23 -44.49
C GLN Q 492 -21.84 19.50 -45.67
N VAL Q 493 -21.87 18.66 -46.71
CA VAL Q 493 -21.02 18.88 -47.87
C VAL Q 493 -21.51 20.10 -48.64
N ILE Q 494 -20.55 20.86 -49.16
CA ILE Q 494 -20.83 22.06 -49.94
C ILE Q 494 -20.35 21.82 -51.36
N VAL Q 495 -21.22 22.07 -52.33
CA VAL Q 495 -20.91 21.86 -53.74
C VAL Q 495 -21.12 23.17 -54.48
N ASN Q 496 -20.23 23.46 -55.43
CA ASN Q 496 -20.29 24.66 -56.23
C ASN Q 496 -20.19 24.29 -57.70
N ASN Q 497 -20.94 24.99 -58.55
CA ASN Q 497 -20.93 24.77 -59.99
C ASN Q 497 -21.26 23.32 -60.33
N LEU Q 498 -22.48 22.89 -60.03
CA LEU Q 498 -22.92 21.53 -60.29
C LEU Q 498 -23.08 21.22 -61.77
N ASP Q 499 -23.10 22.22 -62.64
CA ASP Q 499 -23.34 21.98 -64.07
C ASP Q 499 -22.02 21.80 -64.80
N LYS Q 500 -21.41 20.64 -64.56
CA LYS Q 500 -20.16 20.26 -65.20
C LYS Q 500 -20.12 18.75 -65.34
N SER Q 501 -19.28 18.27 -66.27
CA SER Q 501 -19.21 16.85 -66.60
C SER Q 501 -18.65 16.07 -65.41
N ALA Q 502 -19.14 14.85 -65.23
CA ALA Q 502 -18.76 14.02 -64.10
C ALA Q 502 -17.73 12.96 -64.46
N GLY Q 503 -17.35 12.69 -65.72
CA GLY Q 503 -16.42 11.54 -66.01
C GLY Q 503 -16.41 10.67 -67.28
N PHE Q 504 -16.01 9.38 -67.24
CA PHE Q 504 -16.11 8.49 -68.44
C PHE Q 504 -17.27 7.52 -68.68
N PRO Q 505 -17.64 6.69 -67.73
CA PRO Q 505 -18.83 6.25 -68.45
C PRO Q 505 -19.99 7.18 -68.31
N PHE Q 506 -20.06 8.01 -67.28
CA PHE Q 506 -21.20 8.86 -67.01
C PHE Q 506 -21.55 10.11 -67.82
N ASN Q 507 -20.62 10.89 -68.35
CA ASN Q 507 -20.92 12.11 -69.08
C ASN Q 507 -21.93 11.89 -70.20
N LYS Q 508 -22.22 10.64 -70.55
CA LYS Q 508 -23.17 10.38 -71.62
C LYS Q 508 -24.59 10.80 -71.25
N TRP Q 509 -24.89 10.91 -69.95
CA TRP Q 509 -26.25 11.21 -69.50
C TRP Q 509 -26.16 12.27 -68.39
N GLY Q 510 -26.37 13.52 -68.76
CA GLY Q 510 -26.41 14.60 -67.79
C GLY Q 510 -25.06 15.07 -67.32
N LYS Q 511 -25.08 15.86 -66.26
CA LYS Q 511 -23.89 16.42 -65.63
C LYS Q 511 -23.93 16.10 -64.14
N ALA Q 512 -23.02 16.71 -63.39
CA ALA Q 512 -22.89 16.38 -61.97
C ALA Q 512 -24.18 16.64 -61.21
N ARG Q 513 -25.02 17.54 -61.71
CA ARG Q 513 -26.27 17.84 -61.02
C ARG Q 513 -27.19 16.62 -60.97
N LEU Q 514 -27.28 15.88 -62.08
CA LEU Q 514 -28.18 14.74 -62.13
C LEU Q 514 -27.78 13.67 -61.11
N TYR Q 515 -26.49 13.35 -61.06
CA TYR Q 515 -26.03 12.35 -60.10
C TYR Q 515 -26.07 12.87 -58.68
N TYR Q 516 -25.98 14.18 -58.48
CA TYR Q 516 -26.07 14.72 -57.13
C TYR Q 516 -27.50 14.70 -56.60
N ASP Q 517 -28.47 15.01 -57.46
CA ASP Q 517 -29.85 14.99 -56.98
C ASP Q 517 -30.44 13.60 -56.94
N SER Q 518 -30.03 12.72 -57.86
CA SER Q 518 -30.69 11.42 -57.99
C SER Q 518 -30.43 10.49 -56.82
N MET Q 519 -29.49 10.79 -55.94
CA MET Q 519 -29.19 9.94 -54.81
C MET Q 519 -29.60 10.62 -53.52
N SER Q 520 -30.13 9.82 -52.58
CA SER Q 520 -30.44 10.33 -51.25
C SER Q 520 -29.15 10.49 -50.46
N TYR Q 521 -29.28 11.01 -49.24
CA TYR Q 521 -28.10 11.19 -48.41
C TYR Q 521 -27.56 9.86 -47.93
N GLU Q 522 -28.45 8.89 -47.68
CA GLU Q 522 -28.01 7.57 -47.26
C GLU Q 522 -27.23 6.87 -48.35
N ASP Q 523 -27.56 7.12 -49.62
CA ASP Q 523 -26.75 6.57 -50.71
C ASP Q 523 -25.32 7.07 -50.61
N GLN Q 524 -25.14 8.37 -50.39
CA GLN Q 524 -23.79 8.90 -50.25
C GLN Q 524 -23.09 8.33 -49.04
N ASP Q 525 -23.81 8.20 -47.92
CA ASP Q 525 -23.19 7.65 -46.72
C ASP Q 525 -22.73 6.21 -46.95
N ALA Q 526 -23.58 5.40 -47.59
CA ALA Q 526 -23.21 4.02 -47.87
C ALA Q 526 -22.03 3.96 -48.83
N LEU Q 527 -22.02 4.82 -49.85
CA LEU Q 527 -20.91 4.82 -50.79
C LEU Q 527 -19.61 5.19 -50.09
N PHE Q 528 -19.65 6.20 -49.22
CA PHE Q 528 -18.46 6.57 -48.48
C PHE Q 528 -17.99 5.45 -47.58
N ALA Q 529 -18.90 4.82 -46.85
CA ALA Q 529 -18.51 3.73 -45.97
C ALA Q 529 -17.95 2.55 -46.74
N TYR Q 530 -18.42 2.34 -47.97
CA TYR Q 530 -17.96 1.21 -48.77
C TYR Q 530 -16.50 1.37 -49.14
N THR Q 531 -16.11 2.57 -49.56
CA THR Q 531 -14.73 2.79 -50.00
C THR Q 531 -13.75 2.73 -48.84
N LYS Q 532 -14.22 2.72 -47.62
CA LYS Q 532 -13.31 2.52 -46.50
C LYS Q 532 -12.99 1.07 -46.28
N ARG Q 533 -13.53 0.21 -47.14
CA ARG Q 533 -13.26 -1.22 -47.02
C ARG Q 533 -13.06 -1.90 -48.38
N ASN Q 534 -12.79 -1.14 -49.44
CA ASN Q 534 -12.64 -1.73 -50.77
C ASN Q 534 -11.69 -0.85 -51.59
N VAL Q 535 -11.62 -1.14 -52.89
CA VAL Q 535 -10.81 -0.37 -53.83
C VAL Q 535 -11.60 -0.23 -55.12
N ILE Q 536 -11.73 1.00 -55.61
CA ILE Q 536 -12.54 1.26 -56.80
C ILE Q 536 -11.70 1.95 -57.87
N PRO Q 537 -11.14 1.21 -58.82
CA PRO Q 537 -10.44 1.86 -59.94
C PRO Q 537 -11.41 2.64 -60.79
N THR Q 538 -10.92 3.72 -61.39
CA THR Q 538 -11.74 4.63 -62.17
C THR Q 538 -11.00 5.03 -63.44
N ILE Q 539 -11.72 5.61 -64.38
CA ILE Q 539 -11.17 6.07 -65.64
C ILE Q 539 -11.19 7.59 -65.64
N THR Q 540 -10.18 8.18 -66.27
CA THR Q 540 -10.02 9.63 -66.33
C THR Q 540 -10.00 10.09 -67.78
N GLN Q 541 -10.92 10.97 -68.14
CA GLN Q 541 -11.00 11.48 -69.49
C GLN Q 541 -9.97 12.58 -69.68
N MET Q 542 -9.44 12.70 -70.90
CA MET Q 542 -8.46 13.74 -71.21
C MET Q 542 -8.93 14.60 -72.38
N ASN Q 543 -8.73 15.92 -72.23
CA ASN Q 543 -9.27 16.89 -73.16
C ASN Q 543 -8.25 18.01 -73.37
N LEU Q 544 -8.41 18.72 -74.49
CA LEU Q 544 -7.54 19.83 -74.85
C LEU Q 544 -8.14 21.16 -74.40
N LYS Q 545 -7.26 22.06 -73.96
CA LYS Q 545 -7.66 23.36 -73.45
C LYS Q 545 -7.94 24.31 -74.59
N TYR Q 546 -8.58 25.44 -74.29
CA TYR Q 546 -8.81 26.49 -75.27
C TYR Q 546 -8.64 27.85 -74.61
N ALA Q 547 -7.43 28.39 -74.64
CA ALA Q 547 -7.12 29.60 -73.88
C ALA Q 547 -6.08 30.44 -74.61
N ILE Q 548 -5.48 31.38 -73.88
CA ILE Q 548 -4.49 32.30 -74.44
C ILE Q 548 -3.20 32.14 -73.65
N SER Q 549 -2.09 32.02 -74.35
CA SER Q 549 -0.80 31.81 -73.70
C SER Q 549 0.29 32.41 -74.57
N ALA Q 550 1.55 32.22 -74.14
CA ALA Q 550 2.68 32.83 -74.81
C ALA Q 550 3.61 31.80 -75.44
N LYS Q 551 3.12 30.58 -75.67
CA LYS Q 551 3.94 29.54 -76.28
C LYS Q 551 3.04 28.48 -76.87
N ASN Q 552 3.45 27.91 -78.00
CA ASN Q 552 2.63 27.02 -78.80
C ASN Q 552 2.42 25.65 -78.17
N ARG Q 553 3.10 25.34 -77.07
CA ARG Q 553 2.91 24.05 -76.41
C ARG Q 553 1.48 23.92 -75.93
N ALA Q 554 0.86 22.77 -76.21
CA ALA Q 554 -0.57 22.58 -75.95
C ALA Q 554 -0.82 22.43 -74.46
N ARG Q 555 -2.10 22.44 -74.08
CA ARG Q 555 -2.52 22.31 -72.70
C ARG Q 555 -3.57 21.21 -72.61
N THR Q 556 -3.82 20.75 -71.39
CA THR Q 556 -4.68 19.59 -71.19
C THR Q 556 -5.36 19.65 -69.83
N VAL Q 557 -6.65 19.34 -69.80
CA VAL Q 557 -7.40 19.18 -68.57
C VAL Q 557 -7.97 17.76 -68.52
N ALA Q 558 -8.07 17.22 -67.31
CA ALA Q 558 -8.45 15.83 -67.12
C ALA Q 558 -9.71 15.78 -66.27
N GLY Q 559 -10.84 15.43 -66.88
CA GLY Q 559 -12.07 15.23 -66.13
C GLY Q 559 -12.02 13.90 -65.38
N VAL Q 560 -12.52 13.91 -64.15
CA VAL Q 560 -12.40 12.77 -63.26
C VAL Q 560 -13.79 12.18 -63.02
N SER Q 561 -13.83 10.88 -62.73
CA SER Q 561 -15.08 10.21 -62.47
C SER Q 561 -15.72 10.76 -61.19
N ILE Q 562 -17.05 10.66 -61.14
CA ILE Q 562 -17.82 11.36 -60.11
C ILE Q 562 -17.60 10.74 -58.74
N CYS Q 563 -17.48 9.42 -58.65
CA CYS Q 563 -17.40 8.75 -57.35
C CYS Q 563 -16.17 9.20 -56.58
N SER Q 564 -15.04 9.34 -57.26
CA SER Q 564 -13.84 9.85 -56.62
C SER Q 564 -14.07 11.24 -56.06
N THR Q 565 -14.72 12.10 -56.84
CA THR Q 565 -15.01 13.45 -56.38
C THR Q 565 -15.86 13.42 -55.11
N MET Q 566 -16.92 12.63 -55.11
CA MET Q 566 -17.82 12.61 -53.95
C MET Q 566 -17.09 12.13 -52.71
N THR Q 567 -16.36 11.02 -52.82
CA THR Q 567 -15.67 10.49 -51.66
C THR Q 567 -14.61 11.46 -51.16
N ASN Q 568 -13.84 12.07 -52.06
CA ASN Q 568 -12.82 13.00 -51.63
C ASN Q 568 -13.42 14.23 -50.97
N ARG Q 569 -14.53 14.74 -51.49
CA ARG Q 569 -15.21 15.85 -50.84
C ARG Q 569 -15.55 15.48 -49.41
N GLN Q 570 -16.22 14.34 -49.24
CA GLN Q 570 -16.67 13.93 -47.91
C GLN Q 570 -15.50 13.72 -46.98
N PHE Q 571 -14.36 13.29 -47.50
CA PHE Q 571 -13.21 12.99 -46.65
C PHE Q 571 -12.42 14.23 -46.27
N HIS Q 572 -12.27 15.20 -47.18
CA HIS Q 572 -11.32 16.27 -47.01
C HIS Q 572 -11.91 17.65 -46.77
N GLN Q 573 -13.19 17.88 -47.08
CA GLN Q 573 -13.67 19.24 -47.25
C GLN Q 573 -13.41 20.12 -46.03
N LYS Q 574 -13.47 19.54 -44.83
CA LYS Q 574 -13.28 20.35 -43.63
C LYS Q 574 -11.88 20.92 -43.56
N LEU Q 575 -10.86 20.09 -43.79
CA LEU Q 575 -9.49 20.57 -43.70
C LEU Q 575 -9.20 21.60 -44.77
N LEU Q 576 -9.74 21.41 -45.97
CA LEU Q 576 -9.49 22.36 -47.05
C LEU Q 576 -10.04 23.73 -46.71
N LYS Q 577 -11.27 23.78 -46.19
CA LYS Q 577 -11.84 25.07 -45.79
C LYS Q 577 -11.05 25.67 -44.63
N SER Q 578 -10.61 24.85 -43.69
CA SER Q 578 -9.81 25.36 -42.58
C SER Q 578 -8.52 25.99 -43.07
N ILE Q 579 -7.88 25.38 -44.05
CA ILE Q 579 -6.67 25.95 -44.63
C ILE Q 579 -6.99 27.25 -45.37
N ALA Q 580 -8.04 27.24 -46.18
CA ALA Q 580 -8.30 28.39 -47.05
C ALA Q 580 -8.82 29.59 -46.27
N ALA Q 581 -9.39 29.38 -45.09
CA ALA Q 581 -9.96 30.50 -44.34
C ALA Q 581 -8.93 31.17 -43.44
N THR Q 582 -7.91 30.43 -43.02
CA THR Q 582 -6.92 30.98 -42.11
C THR Q 582 -6.05 32.02 -42.81
N ARG Q 583 -5.74 33.10 -42.09
CA ARG Q 583 -4.96 34.21 -42.61
C ARG Q 583 -3.63 34.34 -41.88
N GLY Q 584 -2.61 34.79 -42.61
CA GLY Q 584 -1.31 35.01 -42.02
C GLY Q 584 -0.59 33.74 -41.65
N ALA Q 585 -0.18 32.95 -42.64
CA ALA Q 585 0.55 31.72 -42.40
C ALA Q 585 1.48 31.47 -43.58
N THR Q 586 2.19 30.35 -43.53
CA THR Q 586 3.13 30.00 -44.61
C THR Q 586 2.39 29.68 -45.91
N VAL Q 587 1.21 29.10 -45.82
CA VAL Q 587 0.39 28.79 -46.98
C VAL Q 587 -0.57 29.95 -47.20
N VAL Q 588 -0.63 30.44 -48.44
CA VAL Q 588 -1.37 31.67 -48.70
C VAL Q 588 -2.48 31.42 -49.71
N ILE Q 589 -3.05 30.22 -49.69
CA ILE Q 589 -4.16 29.89 -50.59
C ILE Q 589 -5.45 30.36 -49.95
N GLY Q 590 -6.25 31.10 -50.71
CA GLY Q 590 -7.48 31.66 -50.22
C GLY Q 590 -7.40 33.08 -49.73
N THR Q 591 -6.28 33.76 -49.94
CA THR Q 591 -6.10 35.15 -49.52
C THR Q 591 -6.15 36.03 -50.76
N SER Q 592 -7.14 36.92 -50.80
CA SER Q 592 -7.29 37.81 -51.95
C SER Q 592 -6.22 38.89 -51.94
N LYS Q 593 -5.74 39.25 -53.12
CA LYS Q 593 -4.72 40.29 -53.24
C LYS Q 593 -5.30 41.69 -53.13
N PHE Q 594 -6.62 41.84 -53.21
CA PHE Q 594 -7.26 43.13 -53.13
C PHE Q 594 -7.37 43.59 -51.67
N TYR Q 595 -7.81 44.83 -51.49
CA TYR Q 595 -8.00 45.42 -50.17
C TYR Q 595 -6.74 45.32 -49.33
N GLY Q 596 -5.60 45.54 -49.98
CA GLY Q 596 -4.34 45.55 -49.27
C GLY Q 596 -3.89 44.21 -48.74
N GLY Q 597 -4.57 43.12 -49.09
CA GLY Q 597 -4.11 41.81 -48.68
C GLY Q 597 -2.75 41.49 -49.24
N TRP Q 598 -2.46 41.94 -50.45
CA TRP Q 598 -1.14 41.76 -51.04
C TRP Q 598 -0.08 42.40 -50.16
N HIS Q 599 -0.35 43.60 -49.68
CA HIS Q 599 0.55 44.26 -48.74
C HIS Q 599 0.69 43.46 -47.46
N ASN Q 600 -0.43 42.90 -46.96
CA ASN Q 600 -0.36 42.13 -45.73
C ASN Q 600 0.55 40.92 -45.89
N MET Q 601 0.41 40.19 -46.99
CA MET Q 601 1.26 39.02 -47.22
C MET Q 601 2.72 39.44 -47.36
N LEU Q 602 2.98 40.50 -48.13
CA LEU Q 602 4.36 40.93 -48.32
C LEU Q 602 4.97 41.44 -47.03
N LYS Q 603 4.16 41.93 -46.10
CA LYS Q 603 4.68 42.30 -44.79
C LYS Q 603 4.92 41.07 -43.93
N THR Q 604 4.05 40.07 -44.04
CA THR Q 604 4.17 38.91 -43.17
C THR Q 604 5.38 38.06 -43.56
N VAL Q 605 5.70 38.00 -44.85
CA VAL Q 605 6.93 37.30 -45.24
C VAL Q 605 8.15 38.05 -44.71
N TYR Q 606 8.09 39.37 -44.71
CA TYR Q 606 9.21 40.18 -44.24
C TYR Q 606 9.31 40.13 -42.73
N SER Q 607 9.75 38.97 -42.22
CA SER Q 607 9.89 38.81 -40.77
C SER Q 607 11.24 39.36 -40.33
N ASP Q 608 11.63 39.04 -39.10
CA ASP Q 608 12.85 39.57 -38.50
C ASP Q 608 14.04 38.82 -39.09
N VAL Q 609 14.49 39.27 -40.25
CA VAL Q 609 15.60 38.65 -40.97
C VAL Q 609 16.75 39.63 -40.98
N GLU Q 610 17.92 39.19 -40.54
CA GLU Q 610 19.01 40.11 -40.22
C GLU Q 610 19.62 40.73 -41.47
N ASN Q 611 19.84 39.94 -42.51
CA ASN Q 611 20.35 40.43 -43.79
C ASN Q 611 19.45 39.95 -44.91
N PRO Q 612 18.20 40.40 -44.93
CA PRO Q 612 17.20 39.78 -45.80
C PRO Q 612 17.55 39.89 -47.27
N HIS Q 613 17.26 38.83 -48.00
CA HIS Q 613 17.31 38.78 -49.45
C HIS Q 613 16.08 38.02 -49.94
N LEU Q 614 15.70 38.26 -51.18
CA LEU Q 614 14.52 37.64 -51.73
C LEU Q 614 14.90 36.66 -52.83
N MET Q 615 14.38 35.44 -52.75
CA MET Q 615 14.77 34.36 -53.64
C MET Q 615 13.53 33.69 -54.20
N GLY Q 616 13.60 33.29 -55.46
CA GLY Q 616 12.56 32.47 -56.05
C GLY Q 616 13.13 31.55 -57.10
N TRP Q 617 12.52 30.39 -57.25
CA TRP Q 617 13.04 29.37 -58.15
C TRP Q 617 11.89 28.80 -58.98
N ASP Q 618 12.22 27.83 -59.83
CA ASP Q 618 11.25 27.26 -60.76
C ASP Q 618 11.44 25.75 -60.83
N TYR Q 619 10.34 25.05 -61.05
CA TYR Q 619 10.33 23.59 -61.18
C TYR Q 619 10.10 23.22 -62.64
N PRO Q 620 11.06 22.59 -63.31
CA PRO Q 620 10.83 22.14 -64.68
C PRO Q 620 9.94 20.90 -64.69
N LYS Q 621 8.74 21.05 -65.27
CA LYS Q 621 7.79 19.96 -65.44
C LYS Q 621 7.44 19.33 -64.09
N CYS Q 622 6.82 20.14 -63.24
CA CYS Q 622 6.48 19.70 -61.90
C CYS Q 622 5.39 18.63 -61.93
N ASP Q 623 4.40 18.79 -62.81
CA ASP Q 623 3.29 17.84 -62.83
C ASP Q 623 3.68 16.53 -63.49
N ARG Q 624 4.56 16.57 -64.50
CA ARG Q 624 4.87 15.37 -65.26
C ARG Q 624 6.08 14.61 -64.74
N ALA Q 625 6.70 15.05 -63.64
CA ALA Q 625 7.93 14.41 -63.21
C ALA Q 625 8.01 14.14 -61.72
N MET Q 626 7.01 14.56 -60.95
CA MET Q 626 7.10 14.38 -59.50
C MET Q 626 7.05 12.90 -59.15
N PRO Q 627 8.02 12.38 -58.40
CA PRO Q 627 8.03 10.94 -58.11
C PRO Q 627 6.87 10.57 -57.22
N ASN Q 628 6.32 9.38 -57.44
CA ASN Q 628 5.11 8.96 -56.75
C ASN Q 628 5.33 8.75 -55.26
N MET Q 629 6.57 8.52 -54.81
CA MET Q 629 6.83 8.40 -53.38
C MET Q 629 6.47 9.69 -52.66
N LEU Q 630 6.84 10.83 -53.23
CA LEU Q 630 6.49 12.10 -52.61
C LEU Q 630 4.99 12.34 -52.64
N ARG Q 631 4.31 11.93 -53.71
CA ARG Q 631 2.85 12.04 -53.71
C ARG Q 631 2.24 11.22 -52.58
N ILE Q 632 2.77 10.02 -52.34
CA ILE Q 632 2.26 9.18 -51.24
C ILE Q 632 2.47 9.87 -49.90
N MET Q 633 3.69 10.35 -49.65
CA MET Q 633 3.97 11.00 -48.37
C MET Q 633 3.08 12.22 -48.17
N ALA Q 634 2.82 12.97 -49.26
CA ALA Q 634 1.94 14.13 -49.19
C ALA Q 634 0.53 13.71 -48.80
N SER Q 635 0.01 12.66 -49.43
CA SER Q 635 -1.32 12.17 -49.06
C SER Q 635 -1.31 11.65 -47.62
N LEU Q 636 -0.18 11.12 -47.17
CA LEU Q 636 -0.08 10.66 -45.79
C LEU Q 636 -0.22 11.83 -44.82
N VAL Q 637 0.47 12.93 -45.10
CA VAL Q 637 0.47 14.06 -44.18
C VAL Q 637 -0.94 14.63 -44.04
N LEU Q 638 -1.66 14.75 -45.16
CA LEU Q 638 -2.98 15.37 -45.13
C LEU Q 638 -3.95 14.57 -44.28
N ALA Q 639 -3.76 13.25 -44.19
CA ALA Q 639 -4.70 12.42 -43.46
C ALA Q 639 -4.37 12.31 -41.97
N ARG Q 640 -3.27 12.93 -41.53
CA ARG Q 640 -2.86 12.79 -40.14
C ARG Q 640 -3.88 13.40 -39.18
N LYS Q 641 -4.73 14.30 -39.68
CA LYS Q 641 -5.75 14.88 -38.82
C LYS Q 641 -6.82 13.87 -38.47
N HIS Q 642 -6.98 12.84 -39.29
CA HIS Q 642 -7.99 11.81 -39.08
C HIS Q 642 -7.52 10.81 -38.03
N THR Q 643 -7.53 11.20 -36.76
CA THR Q 643 -7.11 10.29 -35.71
C THR Q 643 -8.30 9.52 -35.14
N THR Q 644 -9.36 10.23 -34.77
CA THR Q 644 -10.52 9.60 -34.14
C THR Q 644 -11.66 9.33 -35.11
N CYS Q 645 -11.78 10.12 -36.18
CA CYS Q 645 -12.85 9.90 -37.14
C CYS Q 645 -12.69 8.60 -37.92
N CYS Q 646 -11.51 8.01 -37.93
CA CYS Q 646 -11.26 6.79 -38.69
C CYS Q 646 -10.28 5.90 -37.95
N SER Q 647 -10.33 4.62 -38.27
CA SER Q 647 -9.44 3.62 -37.68
C SER Q 647 -8.20 3.47 -38.55
N LEU Q 648 -7.39 2.45 -38.26
CA LEU Q 648 -6.17 2.24 -39.05
C LEU Q 648 -6.49 1.63 -40.41
N SER Q 649 -7.25 0.54 -40.42
CA SER Q 649 -7.59 -0.12 -41.68
C SER Q 649 -8.36 0.82 -42.60
N HIS Q 650 -9.25 1.63 -42.02
CA HIS Q 650 -9.97 2.61 -42.81
C HIS Q 650 -9.00 3.58 -43.47
N ARG Q 651 -8.01 4.04 -42.72
CA ARG Q 651 -7.03 4.97 -43.27
C ARG Q 651 -6.26 4.33 -44.42
N PHE Q 652 -5.82 3.09 -44.23
CA PHE Q 652 -5.06 2.43 -45.29
C PHE Q 652 -5.91 2.26 -46.54
N TYR Q 653 -7.17 1.90 -46.38
CA TYR Q 653 -8.02 1.72 -47.55
C TYR Q 653 -8.32 3.05 -48.22
N ARG Q 654 -8.43 4.13 -47.45
CA ARG Q 654 -8.59 5.45 -48.06
C ARG Q 654 -7.38 5.81 -48.90
N LEU Q 655 -6.19 5.56 -48.36
CA LEU Q 655 -4.97 5.85 -49.11
C LEU Q 655 -4.88 5.00 -50.37
N ALA Q 656 -5.27 3.72 -50.28
CA ALA Q 656 -5.26 2.87 -51.45
C ALA Q 656 -6.24 3.36 -52.51
N ASN Q 657 -7.43 3.79 -52.08
CA ASN Q 657 -8.39 4.34 -53.02
C ASN Q 657 -7.80 5.56 -53.72
N GLU Q 658 -7.18 6.45 -52.95
CA GLU Q 658 -6.62 7.66 -53.53
C GLU Q 658 -5.55 7.34 -54.57
N CYS Q 659 -4.65 6.42 -54.23
CA CYS Q 659 -3.58 6.07 -55.17
C CYS Q 659 -4.11 5.34 -56.38
N ALA Q 660 -5.19 4.58 -56.23
CA ALA Q 660 -5.77 3.88 -57.38
C ALA Q 660 -6.56 4.81 -58.28
N GLN Q 661 -7.10 5.90 -57.72
CA GLN Q 661 -7.98 6.77 -58.48
C GLN Q 661 -7.25 7.94 -59.13
N VAL Q 662 -6.26 8.53 -58.46
CA VAL Q 662 -5.64 9.74 -58.95
C VAL Q 662 -4.16 9.58 -59.31
N LEU Q 663 -3.40 8.79 -58.57
CA LEU Q 663 -1.96 8.75 -58.79
C LEU Q 663 -1.62 8.06 -60.10
N SER Q 664 -1.91 6.77 -60.21
CA SER Q 664 -1.54 5.98 -61.39
C SER Q 664 -2.71 5.08 -61.75
N GLU Q 665 -3.38 5.39 -62.85
CA GLU Q 665 -4.59 4.67 -63.22
C GLU Q 665 -4.85 4.92 -64.70
N MET Q 666 -5.96 4.38 -65.19
CA MET Q 666 -6.21 4.29 -66.62
C MET Q 666 -6.69 5.63 -67.13
N VAL Q 667 -6.01 6.14 -68.15
CA VAL Q 667 -6.32 7.43 -68.75
C VAL Q 667 -6.95 7.18 -70.11
N MET Q 668 -8.22 7.51 -70.24
CA MET Q 668 -8.89 7.44 -71.53
C MET Q 668 -8.44 8.63 -72.35
N CYS Q 669 -7.73 8.37 -73.43
CA CYS Q 669 -7.23 9.42 -74.31
C CYS Q 669 -7.62 9.08 -75.74
N GLY Q 670 -8.06 10.09 -76.48
CA GLY Q 670 -8.52 9.85 -77.83
C GLY Q 670 -9.71 8.91 -77.85
N GLY Q 671 -9.48 7.69 -78.32
CA GLY Q 671 -10.53 6.69 -78.34
C GLY Q 671 -10.07 5.35 -77.79
N SER Q 672 -9.13 5.36 -76.85
CA SER Q 672 -8.52 4.15 -76.32
C SER Q 672 -8.14 4.37 -74.86
N LEU Q 673 -7.70 3.29 -74.21
CA LEU Q 673 -7.23 3.36 -72.84
C LEU Q 673 -5.72 3.18 -72.79
N TYR Q 674 -5.09 3.88 -71.86
CA TYR Q 674 -3.65 3.77 -71.65
C TYR Q 674 -3.43 3.61 -70.15
N VAL Q 675 -2.17 3.67 -69.73
CA VAL Q 675 -1.84 3.58 -68.32
C VAL Q 675 -0.94 4.74 -67.96
N LYS Q 676 -1.30 5.45 -66.90
CA LYS Q 676 -0.51 6.58 -66.42
C LYS Q 676 0.55 6.09 -65.44
N PRO Q 677 1.82 6.15 -65.79
CA PRO Q 677 2.86 5.66 -64.86
C PRO Q 677 2.90 6.42 -63.56
N GLY Q 678 2.56 7.70 -63.55
CA GLY Q 678 2.59 8.46 -62.31
C GLY Q 678 2.35 9.93 -62.58
N GLY Q 679 2.73 10.76 -61.61
CA GLY Q 679 2.55 12.19 -61.75
C GLY Q 679 1.12 12.64 -61.58
N THR Q 680 0.93 13.80 -60.96
CA THR Q 680 -0.41 14.21 -60.56
C THR Q 680 -1.27 14.60 -61.75
N SER Q 681 -2.57 14.47 -61.56
CA SER Q 681 -3.56 14.91 -62.53
C SER Q 681 -3.84 16.39 -62.32
N SER Q 682 -4.86 16.90 -63.00
CA SER Q 682 -5.18 18.32 -62.87
C SER Q 682 -6.61 18.52 -62.40
N GLY Q 683 -7.51 17.63 -62.81
CA GLY Q 683 -8.92 17.84 -62.55
C GLY Q 683 -9.39 17.34 -61.21
N ASP Q 684 -8.47 17.03 -60.31
CA ASP Q 684 -8.86 16.63 -58.97
C ASP Q 684 -9.01 17.86 -58.07
N ALA Q 685 -9.23 17.64 -56.78
CA ALA Q 685 -9.55 18.74 -55.88
C ALA Q 685 -8.49 19.03 -54.82
N THR Q 686 -7.41 18.26 -54.77
CA THR Q 686 -6.36 18.50 -53.79
C THR Q 686 -4.99 18.61 -54.42
N THR Q 687 -4.90 18.96 -55.70
CA THR Q 687 -3.60 19.11 -56.34
C THR Q 687 -2.81 20.24 -55.71
N ALA Q 688 -3.46 21.37 -55.44
CA ALA Q 688 -2.74 22.54 -54.94
C ALA Q 688 -2.10 22.28 -53.59
N TYR Q 689 -2.86 21.71 -52.66
CA TYR Q 689 -2.31 21.42 -51.34
C TYR Q 689 -1.18 20.40 -51.41
N ALA Q 690 -1.34 19.37 -52.25
CA ALA Q 690 -0.29 18.37 -52.39
C ALA Q 690 0.98 19.00 -52.94
N ASN Q 691 0.86 19.84 -53.95
CA ASN Q 691 2.04 20.51 -54.50
C ASN Q 691 2.69 21.41 -53.47
N SER Q 692 1.88 22.11 -52.67
CA SER Q 692 2.44 22.98 -51.64
C SER Q 692 3.26 22.17 -50.64
N VAL Q 693 2.72 21.04 -50.18
CA VAL Q 693 3.44 20.23 -49.21
C VAL Q 693 4.71 19.67 -49.84
N PHE Q 694 4.63 19.28 -51.10
CA PHE Q 694 5.81 18.77 -51.80
C PHE Q 694 6.89 19.85 -51.88
N ASN Q 695 6.49 21.09 -52.13
CA ASN Q 695 7.44 22.20 -52.19
C ASN Q 695 8.10 22.42 -50.83
N ILE Q 696 7.31 22.39 -49.76
CA ILE Q 696 7.87 22.57 -48.43
C ILE Q 696 8.87 21.46 -48.12
N CYS Q 697 8.54 20.23 -48.48
CA CYS Q 697 9.46 19.12 -48.26
C CYS Q 697 10.76 19.32 -49.02
N GLN Q 698 10.66 19.77 -50.26
CA GLN Q 698 11.87 20.04 -51.05
C GLN Q 698 12.75 21.09 -50.37
N ALA Q 699 12.13 22.17 -49.90
CA ALA Q 699 12.90 23.22 -49.25
C ALA Q 699 13.59 22.70 -47.99
N VAL Q 700 12.85 21.95 -47.16
CA VAL Q 700 13.42 21.51 -45.90
C VAL Q 700 14.53 20.50 -46.14
N THR Q 701 14.37 19.63 -47.13
CA THR Q 701 15.44 18.67 -47.41
C THR Q 701 16.66 19.38 -48.00
N ALA Q 702 16.47 20.44 -48.77
CA ALA Q 702 17.62 21.19 -49.25
C ALA Q 702 18.35 21.86 -48.09
N ASN Q 703 17.61 22.41 -47.13
CA ASN Q 703 18.26 22.99 -45.95
C ASN Q 703 19.04 21.94 -45.17
N VAL Q 704 18.45 20.77 -44.95
CA VAL Q 704 19.13 19.73 -44.18
C VAL Q 704 20.36 19.25 -44.93
N ASN Q 705 20.26 19.12 -46.24
CA ASN Q 705 21.40 18.72 -47.05
C ASN Q 705 22.52 19.75 -46.96
N ALA Q 706 22.18 21.03 -46.97
CA ALA Q 706 23.21 22.07 -46.96
C ALA Q 706 23.98 22.09 -45.66
N LEU Q 707 23.27 22.08 -44.52
CA LEU Q 707 23.94 22.20 -43.22
C LEU Q 707 24.89 21.03 -42.98
N LEU Q 708 24.47 19.84 -43.33
CA LEU Q 708 25.29 18.67 -43.00
C LEU Q 708 26.46 18.47 -43.95
N SER Q 709 26.70 19.38 -44.88
CA SER Q 709 27.80 19.25 -45.84
C SER Q 709 28.85 20.33 -45.61
N THR Q 710 29.08 20.67 -44.33
CA THR Q 710 30.00 21.74 -43.97
C THR Q 710 30.92 21.24 -42.88
N ASP Q 711 32.22 21.51 -43.02
CA ASP Q 711 33.19 21.15 -42.00
C ASP Q 711 32.91 21.88 -40.69
N GLY Q 712 32.95 21.15 -39.59
CA GLY Q 712 32.69 21.72 -38.29
C GLY Q 712 33.86 22.41 -37.63
N ASN Q 713 35.03 22.41 -38.26
CA ASN Q 713 36.22 23.04 -37.70
C ASN Q 713 36.31 24.52 -38.07
N LYS Q 714 35.40 25.01 -38.90
CA LYS Q 714 35.39 26.44 -39.23
C LYS Q 714 34.03 27.08 -38.96
N ILE Q 715 33.29 26.61 -37.97
CA ILE Q 715 31.95 27.12 -37.72
C ILE Q 715 32.00 28.20 -36.64
N ALA Q 716 31.02 29.10 -36.68
CA ALA Q 716 30.88 30.20 -35.74
C ALA Q 716 30.33 29.70 -34.41
N ASP Q 717 29.77 30.60 -33.61
CA ASP Q 717 29.32 30.35 -32.25
C ASP Q 717 28.75 28.95 -32.07
N LYS Q 718 29.22 28.27 -31.02
CA LYS Q 718 28.97 26.86 -30.75
C LYS Q 718 27.56 26.39 -31.08
N TYR Q 719 26.56 27.23 -30.83
CA TYR Q 719 25.16 26.87 -31.02
C TYR Q 719 24.92 26.08 -32.30
N VAL Q 720 25.34 26.64 -33.45
CA VAL Q 720 25.05 25.99 -34.73
C VAL Q 720 25.81 24.68 -34.87
N ARG Q 721 27.06 24.63 -34.39
CA ARG Q 721 27.85 23.42 -34.55
C ARG Q 721 27.30 22.28 -33.70
N ASN Q 722 26.92 22.59 -32.46
CA ASN Q 722 26.23 21.61 -31.61
C ASN Q 722 24.91 21.20 -32.24
N LEU Q 723 24.22 22.14 -32.88
CA LEU Q 723 22.98 21.81 -33.57
C LEU Q 723 23.24 20.81 -34.69
N GLN Q 724 24.31 21.02 -35.45
CA GLN Q 724 24.65 20.09 -36.54
C GLN Q 724 24.98 18.70 -36.00
N HIS Q 725 25.76 18.66 -34.92
CA HIS Q 725 26.10 17.37 -34.31
C HIS Q 725 24.86 16.63 -33.84
N ARG Q 726 23.98 17.34 -33.14
CA ARG Q 726 22.74 16.75 -32.65
C ARG Q 726 21.85 16.30 -33.82
N LEU Q 727 21.90 17.06 -34.92
CA LEU Q 727 21.13 16.71 -36.10
C LEU Q 727 21.61 15.39 -36.69
N TYR Q 728 22.92 15.25 -36.86
CA TYR Q 728 23.45 13.98 -37.39
C TYR Q 728 23.10 12.82 -36.48
N GLU Q 729 23.21 13.04 -35.16
CA GLU Q 729 22.85 11.96 -34.25
C GLU Q 729 21.38 11.57 -34.40
N CYS Q 730 20.48 12.53 -34.32
CA CYS Q 730 19.05 12.26 -34.44
C CYS Q 730 18.65 11.79 -35.82
N LEU Q 731 19.54 11.92 -36.81
CA LEU Q 731 19.26 11.44 -38.15
C LEU Q 731 19.69 9.99 -38.36
N TYR Q 732 20.96 9.67 -38.13
CA TYR Q 732 21.45 8.34 -38.47
C TYR Q 732 21.76 7.45 -37.27
N ARG Q 733 21.44 7.87 -36.04
CA ARG Q 733 21.71 7.03 -34.88
C ARG Q 733 20.44 6.70 -34.09
N ASN Q 734 19.64 7.71 -33.76
CA ASN Q 734 18.38 7.43 -33.08
C ASN Q 734 17.43 6.72 -34.03
N ARG Q 735 16.63 5.82 -33.48
CA ARG Q 735 15.68 5.05 -34.27
C ARG Q 735 14.29 5.64 -34.27
N ASP Q 736 13.80 6.09 -33.12
CA ASP Q 736 12.47 6.67 -33.01
C ASP Q 736 12.54 8.19 -33.16
N VAL Q 737 11.43 8.87 -32.93
CA VAL Q 737 11.33 10.31 -33.15
C VAL Q 737 11.73 11.03 -31.86
N ASP Q 738 12.23 12.25 -32.03
CA ASP Q 738 12.66 13.11 -30.91
C ASP Q 738 11.95 14.45 -31.08
N THR Q 739 10.94 14.70 -30.25
CA THR Q 739 10.06 15.84 -30.49
C THR Q 739 10.77 17.17 -30.25
N ASP Q 740 11.49 17.28 -29.13
CA ASP Q 740 12.04 18.57 -28.73
C ASP Q 740 13.03 19.09 -29.75
N PHE Q 741 13.88 18.22 -30.29
CA PHE Q 741 14.81 18.64 -31.32
C PHE Q 741 14.09 19.09 -32.57
N VAL Q 742 12.96 18.45 -32.89
CA VAL Q 742 12.15 18.90 -34.02
C VAL Q 742 11.63 20.30 -33.78
N ASN Q 743 11.15 20.57 -32.55
CA ASN Q 743 10.71 21.93 -32.23
C ASN Q 743 11.85 22.93 -32.36
N GLU Q 744 13.03 22.55 -31.88
CA GLU Q 744 14.18 23.43 -31.95
C GLU Q 744 14.55 23.76 -33.40
N PHE Q 745 14.61 22.74 -34.25
CA PHE Q 745 14.96 22.97 -35.64
C PHE Q 745 13.89 23.79 -36.35
N TYR Q 746 12.62 23.55 -36.01
CA TYR Q 746 11.56 24.35 -36.61
C TYR Q 746 11.67 25.81 -36.20
N ALA Q 747 11.98 26.07 -34.94
CA ALA Q 747 12.18 27.45 -34.49
C ALA Q 747 13.36 28.09 -35.20
N TYR Q 748 14.46 27.35 -35.34
CA TYR Q 748 15.62 27.87 -36.06
C TYR Q 748 15.24 28.25 -37.49
N LEU Q 749 14.54 27.37 -38.20
CA LEU Q 749 14.16 27.64 -39.57
C LEU Q 749 13.24 28.86 -39.65
N ARG Q 750 12.27 28.95 -38.74
CA ARG Q 750 11.41 30.12 -38.70
C ARG Q 750 12.20 31.39 -38.46
N LYS Q 751 13.26 31.30 -37.65
CA LYS Q 751 14.08 32.47 -37.37
C LYS Q 751 14.86 32.92 -38.60
N HIS Q 752 15.44 31.98 -39.34
CA HIS Q 752 16.38 32.34 -40.40
C HIS Q 752 15.96 31.84 -41.78
N PHE Q 753 14.68 31.56 -41.99
CA PHE Q 753 14.18 31.14 -43.31
C PHE Q 753 12.68 31.33 -43.31
N SER Q 754 12.18 32.20 -44.18
CA SER Q 754 10.75 32.46 -44.25
C SER Q 754 10.25 32.13 -45.65
N MET Q 755 9.11 31.43 -45.71
CA MET Q 755 8.49 31.05 -46.96
C MET Q 755 7.04 31.53 -46.97
N MET Q 756 6.59 31.96 -48.14
CA MET Q 756 5.19 32.15 -48.43
C MET Q 756 4.86 31.34 -49.68
N ILE Q 757 3.88 30.44 -49.56
CA ILE Q 757 3.82 29.26 -50.40
C ILE Q 757 2.50 29.23 -51.16
N LEU Q 758 2.57 29.10 -52.48
CA LEU Q 758 1.46 28.68 -53.30
C LEU Q 758 1.79 27.34 -53.95
N SER Q 759 0.87 26.86 -54.77
CA SER Q 759 1.11 25.62 -55.50
C SER Q 759 2.33 25.77 -56.39
N ASP Q 760 3.37 24.98 -56.08
CA ASP Q 760 4.65 24.93 -56.78
C ASP Q 760 5.23 26.30 -57.12
N ASP Q 761 4.88 27.31 -56.32
CA ASP Q 761 5.42 28.65 -56.48
C ASP Q 761 5.67 29.23 -55.09
N ALA Q 762 6.87 29.75 -54.87
CA ALA Q 762 7.27 30.18 -53.55
C ALA Q 762 8.19 31.37 -53.63
N VAL Q 763 8.21 32.16 -52.56
CA VAL Q 763 9.12 33.26 -52.39
C VAL Q 763 9.78 33.12 -51.01
N VAL Q 764 11.10 33.21 -50.97
CA VAL Q 764 11.87 32.96 -49.76
C VAL Q 764 12.63 34.21 -49.38
N CYS Q 765 12.44 34.66 -48.13
CA CYS Q 765 13.25 35.71 -47.53
C CYS Q 765 14.23 35.07 -46.58
N PHE Q 766 15.52 35.26 -46.84
CA PHE Q 766 16.53 34.55 -46.07
C PHE Q 766 17.68 35.45 -45.70
N ASN Q 767 18.29 35.16 -44.56
CA ASN Q 767 19.44 35.91 -44.07
C ASN Q 767 20.65 35.60 -44.94
N SER Q 768 21.42 36.64 -45.27
CA SER Q 768 22.48 36.52 -46.25
C SER Q 768 23.77 35.99 -45.67
N THR Q 769 24.08 36.38 -44.43
CA THR Q 769 25.40 36.09 -43.89
C THR Q 769 25.57 34.60 -43.58
N TYR Q 770 24.54 33.96 -43.02
CA TYR Q 770 24.54 32.50 -42.95
C TYR Q 770 24.70 31.89 -44.33
N ALA Q 771 23.94 32.39 -45.31
CA ALA Q 771 24.03 31.83 -46.65
C ALA Q 771 25.43 31.96 -47.22
N SER Q 772 26.19 32.96 -46.79
CA SER Q 772 27.59 33.05 -47.17
C SER Q 772 28.38 31.86 -46.64
N GLN Q 773 28.14 31.47 -45.40
CA GLN Q 773 28.79 30.31 -44.81
C GLN Q 773 28.09 29.02 -45.15
N GLY Q 774 26.97 29.07 -45.86
CA GLY Q 774 26.25 27.88 -46.24
C GLY Q 774 25.61 27.15 -45.07
N LEU Q 775 25.10 27.90 -44.09
CA LEU Q 775 24.30 27.32 -43.02
C LEU Q 775 22.81 27.40 -43.31
N VAL Q 776 22.41 27.98 -44.43
CA VAL Q 776 21.04 27.90 -44.91
C VAL Q 776 21.08 27.58 -46.39
N ALA Q 777 19.92 27.49 -47.02
CA ALA Q 777 19.81 27.02 -48.38
C ALA Q 777 20.44 28.02 -49.35
N SER Q 778 20.64 27.56 -50.58
CA SER Q 778 21.15 28.38 -51.67
C SER Q 778 20.71 27.74 -52.98
N ILE Q 779 21.01 28.41 -54.08
CA ILE Q 779 20.59 27.91 -55.39
C ILE Q 779 21.39 26.66 -55.79
N LYS Q 780 22.63 26.54 -55.34
CA LYS Q 780 23.41 25.32 -55.61
C LYS Q 780 22.80 24.11 -54.92
N ASN Q 781 22.39 24.27 -53.66
CA ASN Q 781 21.75 23.17 -52.95
C ASN Q 781 20.45 22.76 -53.64
N PHE Q 782 19.66 23.75 -54.07
CA PHE Q 782 18.41 23.42 -54.73
C PHE Q 782 18.65 22.67 -56.03
N LYS Q 783 19.65 23.10 -56.82
CA LYS Q 783 19.94 22.39 -58.05
C LYS Q 783 20.34 20.95 -57.77
N SER Q 784 21.20 20.74 -56.76
CA SER Q 784 21.63 19.38 -56.45
C SER Q 784 20.47 18.51 -55.99
N VAL Q 785 19.64 19.04 -55.10
CA VAL Q 785 18.51 18.27 -54.58
C VAL Q 785 17.55 17.90 -55.70
N LEU Q 786 17.22 18.86 -56.56
CA LEU Q 786 16.32 18.53 -57.66
C LEU Q 786 16.94 17.53 -58.59
N TYR Q 787 18.25 17.62 -58.85
CA TYR Q 787 18.89 16.70 -59.77
C TYR Q 787 18.82 15.27 -59.24
N TYR Q 788 19.11 15.07 -57.96
CA TYR Q 788 19.17 13.69 -57.46
C TYR Q 788 17.86 13.20 -56.88
N GLN Q 789 16.82 14.03 -56.79
CA GLN Q 789 15.55 13.59 -56.23
C GLN Q 789 14.36 13.80 -57.15
N ASN Q 790 14.53 14.40 -58.32
CA ASN Q 790 13.42 14.52 -59.26
C ASN Q 790 13.82 14.15 -60.67
N ASN Q 791 15.08 13.81 -60.92
CA ASN Q 791 15.56 13.45 -62.26
C ASN Q 791 15.35 14.58 -63.27
N VAL Q 792 15.46 15.83 -62.80
CA VAL Q 792 15.40 17.00 -63.66
C VAL Q 792 16.54 17.92 -63.31
N PHE Q 793 16.94 18.75 -64.26
CA PHE Q 793 18.07 19.68 -64.10
C PHE Q 793 17.53 21.10 -64.26
N MET Q 794 17.41 21.82 -63.15
CA MET Q 794 16.87 23.17 -63.17
C MET Q 794 17.99 24.14 -63.48
N SER Q 795 17.88 24.83 -64.61
CA SER Q 795 18.88 25.82 -64.98
C SER Q 795 18.69 27.07 -64.11
N GLU Q 796 19.79 27.57 -63.55
CA GLU Q 796 19.69 28.65 -62.60
C GLU Q 796 19.42 30.00 -63.26
N ALA Q 797 19.56 30.09 -64.58
CA ALA Q 797 19.20 31.32 -65.28
C ALA Q 797 17.71 31.60 -65.25
N LYS Q 798 16.89 30.60 -64.94
CA LYS Q 798 15.44 30.79 -64.88
C LYS Q 798 15.02 31.39 -63.54
N CYS Q 799 15.78 31.14 -62.49
CA CYS Q 799 15.47 31.67 -61.17
C CYS Q 799 15.95 33.13 -61.07
N TRP Q 800 15.67 33.74 -59.92
CA TRP Q 800 16.09 35.10 -59.66
C TRP Q 800 16.47 35.25 -58.19
N THR Q 801 17.32 36.23 -57.91
CA THR Q 801 17.76 36.53 -56.56
C THR Q 801 17.72 38.04 -56.36
N GLU Q 802 17.20 38.48 -55.22
CA GLU Q 802 17.06 39.90 -54.98
C GLU Q 802 17.65 40.26 -53.62
N THR Q 803 18.40 41.36 -53.58
CA THR Q 803 19.00 41.87 -52.35
C THR Q 803 18.25 43.08 -51.79
N ASP Q 804 17.68 43.92 -52.65
CA ASP Q 804 16.91 45.07 -52.21
C ASP Q 804 15.59 44.61 -51.59
N LEU Q 805 15.12 45.39 -50.60
CA LEU Q 805 13.82 45.16 -50.01
C LEU Q 805 12.82 46.28 -50.25
N THR Q 806 13.23 47.39 -50.85
CA THR Q 806 12.26 48.42 -51.22
C THR Q 806 11.27 47.84 -52.23
N LYS Q 807 11.75 47.53 -53.43
CA LYS Q 807 10.92 46.82 -54.38
C LYS Q 807 10.73 45.38 -53.90
N GLY Q 808 9.59 44.81 -54.26
CA GLY Q 808 9.23 43.50 -53.79
C GLY Q 808 9.87 42.38 -54.60
N PRO Q 809 9.27 41.20 -54.54
CA PRO Q 809 9.78 40.07 -55.33
C PRO Q 809 9.70 40.38 -56.82
N HIS Q 810 10.67 39.86 -57.56
CA HIS Q 810 10.75 40.15 -58.99
C HIS Q 810 9.51 39.68 -59.73
N GLU Q 811 9.00 38.49 -59.40
CA GLU Q 811 7.79 37.98 -60.02
C GLU Q 811 7.16 36.89 -59.16
N PHE Q 812 5.87 37.00 -58.92
CA PHE Q 812 5.15 35.98 -58.15
C PHE Q 812 3.73 35.92 -58.67
N CYS Q 813 3.31 34.74 -59.13
CA CYS Q 813 1.99 34.54 -59.73
C CYS Q 813 1.78 35.48 -60.90
N SER Q 814 2.84 35.71 -61.67
CA SER Q 814 2.82 36.62 -62.82
C SER Q 814 2.37 38.03 -62.44
N GLN Q 815 2.70 38.46 -61.22
CA GLN Q 815 2.46 39.82 -60.77
C GLN Q 815 3.78 40.47 -60.37
N HIS Q 816 4.05 41.63 -60.94
CA HIS Q 816 5.21 42.43 -60.59
C HIS Q 816 4.81 43.37 -59.46
N THR Q 817 5.63 43.40 -58.41
CA THR Q 817 5.33 44.21 -57.24
C THR Q 817 5.92 45.61 -57.41
N MET Q 818 5.09 46.62 -57.18
CA MET Q 818 5.50 48.02 -57.26
C MET Q 818 5.16 48.71 -55.94
N LEU Q 819 6.06 49.57 -55.49
CA LEU Q 819 5.86 50.34 -54.27
C LEU Q 819 5.55 51.79 -54.64
N VAL Q 820 4.40 52.29 -54.19
CA VAL Q 820 3.98 53.66 -54.45
C VAL Q 820 3.34 54.22 -53.18
N LYS Q 821 3.01 55.50 -53.24
CA LYS Q 821 2.44 56.23 -52.11
C LYS Q 821 0.92 56.23 -52.24
N GLN Q 822 0.25 55.62 -51.27
CA GLN Q 822 -1.21 55.61 -51.22
C GLN Q 822 -1.67 56.20 -49.89
N GLY Q 823 -2.58 57.16 -49.96
CA GLY Q 823 -3.06 57.83 -48.77
C GLY Q 823 -2.00 58.69 -48.10
N ASP Q 824 -1.56 58.28 -46.92
CA ASP Q 824 -0.57 59.02 -46.15
C ASP Q 824 0.79 58.35 -46.09
N ASP Q 825 0.93 57.13 -46.59
CA ASP Q 825 2.20 56.42 -46.52
C ASP Q 825 2.32 55.55 -47.77
N TYR Q 826 3.30 54.64 -47.76
CA TYR Q 826 3.65 53.84 -48.92
C TYR Q 826 3.23 52.40 -48.72
N VAL Q 827 2.64 51.80 -49.76
CA VAL Q 827 2.24 50.40 -49.75
C VAL Q 827 2.60 49.80 -51.10
N TYR Q 828 2.58 48.46 -51.14
CA TYR Q 828 2.94 47.70 -52.33
C TYR Q 828 1.70 47.46 -53.18
N LEU Q 829 1.86 47.55 -54.50
CA LEU Q 829 0.77 47.24 -55.40
C LEU Q 829 1.23 46.27 -56.48
N PRO Q 830 0.56 45.14 -56.63
CA PRO Q 830 0.95 44.18 -57.66
C PRO Q 830 0.38 44.54 -59.02
N TYR Q 831 1.24 44.75 -59.99
CA TYR Q 831 0.72 45.13 -61.28
C TYR Q 831 1.05 44.08 -62.34
N PRO Q 832 0.14 43.82 -63.25
CA PRO Q 832 0.34 42.77 -64.25
C PRO Q 832 1.18 43.25 -65.42
N ASP Q 833 1.54 42.30 -66.27
CA ASP Q 833 2.17 42.65 -67.53
C ASP Q 833 1.15 43.36 -68.43
N PRO Q 834 1.60 44.31 -69.25
CA PRO Q 834 0.67 45.03 -70.13
C PRO Q 834 0.27 44.24 -71.35
N SER Q 835 1.23 43.49 -71.90
CA SER Q 835 0.97 42.75 -73.14
C SER Q 835 -0.17 41.76 -72.95
N ARG Q 836 -0.22 41.11 -71.79
CA ARG Q 836 -1.28 40.15 -71.52
C ARG Q 836 -2.64 40.84 -71.53
N ILE Q 837 -2.74 42.00 -70.89
CA ILE Q 837 -4.02 42.71 -70.85
C ILE Q 837 -4.45 43.13 -72.25
N LEU Q 838 -3.51 43.66 -73.04
CA LEU Q 838 -3.87 44.09 -74.40
C LEU Q 838 -4.26 42.90 -75.26
N GLY Q 839 -3.56 41.78 -75.12
CA GLY Q 839 -3.93 40.59 -75.89
C GLY Q 839 -5.32 40.09 -75.51
N ALA Q 840 -5.62 40.07 -74.21
CA ALA Q 840 -6.95 39.67 -73.78
C ALA Q 840 -8.01 40.60 -74.33
N GLY Q 841 -7.70 41.90 -74.44
CA GLY Q 841 -8.63 42.82 -75.05
C GLY Q 841 -8.84 42.54 -76.53
N CYS Q 842 -7.76 42.22 -77.24
CA CYS Q 842 -7.82 42.10 -78.69
C CYS Q 842 -8.47 40.81 -79.16
N PHE Q 843 -7.91 39.66 -78.76
CA PHE Q 843 -8.36 38.37 -79.28
C PHE Q 843 -9.33 37.70 -78.32
N VAL Q 844 -10.47 37.26 -78.85
CA VAL Q 844 -11.46 36.55 -78.06
C VAL Q 844 -12.10 35.45 -78.89
N ASP Q 845 -13.05 34.73 -78.28
CA ASP Q 845 -13.90 33.78 -78.99
C ASP Q 845 -14.96 34.56 -79.78
N ASP Q 846 -15.95 33.88 -80.33
CA ASP Q 846 -17.01 34.58 -81.05
C ASP Q 846 -18.12 35.00 -80.09
N ILE Q 847 -18.69 36.18 -80.36
CA ILE Q 847 -19.83 36.74 -79.63
C ILE Q 847 -19.51 37.02 -78.17
N VAL Q 848 -18.53 36.30 -77.60
CA VAL Q 848 -18.11 36.60 -76.24
C VAL Q 848 -17.61 38.03 -76.15
N LYS Q 849 -16.80 38.44 -77.13
CA LYS Q 849 -16.48 39.86 -77.24
C LYS Q 849 -16.39 40.32 -78.69
N THR Q 850 -17.09 39.66 -79.62
CA THR Q 850 -17.06 40.10 -81.00
C THR Q 850 -17.65 41.49 -81.15
N ASP Q 851 -18.62 41.84 -80.31
CA ASP Q 851 -19.20 43.18 -80.27
C ASP Q 851 -19.40 43.57 -78.81
N GLY Q 852 -18.55 44.46 -78.31
CA GLY Q 852 -18.61 44.82 -76.90
C GLY Q 852 -19.89 45.52 -76.49
N THR Q 853 -20.66 46.03 -77.46
CA THR Q 853 -21.93 46.67 -77.10
C THR Q 853 -22.86 45.69 -76.43
N LEU Q 854 -22.80 44.41 -76.82
CA LEU Q 854 -23.58 43.38 -76.17
C LEU Q 854 -23.15 43.18 -74.72
N MET Q 855 -21.85 43.27 -74.45
CA MET Q 855 -21.33 42.84 -73.15
C MET Q 855 -20.25 43.83 -72.74
N ILE Q 856 -20.48 44.55 -71.64
CA ILE Q 856 -19.58 45.63 -71.26
C ILE Q 856 -18.79 45.28 -70.01
N GLU Q 857 -19.32 44.38 -69.18
CA GLU Q 857 -18.67 44.05 -67.93
C GLU Q 857 -17.30 43.42 -68.14
N ARG Q 858 -17.01 42.94 -69.36
CA ARG Q 858 -15.69 42.40 -69.66
C ARG Q 858 -14.62 43.45 -69.40
N PHE Q 859 -14.78 44.63 -70.02
CA PHE Q 859 -13.76 45.66 -69.92
C PHE Q 859 -13.76 46.31 -68.54
N VAL Q 860 -14.91 46.33 -67.88
CA VAL Q 860 -14.96 46.78 -66.49
C VAL Q 860 -14.06 45.90 -65.63
N SER Q 861 -14.21 44.58 -65.79
CA SER Q 861 -13.38 43.66 -65.02
C SER Q 861 -11.91 43.79 -65.42
N LEU Q 862 -11.64 43.96 -66.72
CA LEU Q 862 -10.27 44.08 -67.18
C LEU Q 862 -9.59 45.29 -66.57
N ALA Q 863 -10.31 46.41 -66.51
CA ALA Q 863 -9.69 47.65 -66.03
C ALA Q 863 -9.28 47.55 -64.57
N ILE Q 864 -10.04 46.81 -63.77
CA ILE Q 864 -9.75 46.71 -62.34
C ILE Q 864 -8.35 46.19 -62.11
N ASP Q 865 -7.92 45.21 -62.91
CA ASP Q 865 -6.59 44.67 -62.81
C ASP Q 865 -5.54 45.52 -63.50
N ALA Q 866 -5.95 46.49 -64.32
CA ALA Q 866 -5.03 47.38 -64.99
C ALA Q 866 -4.81 48.70 -64.24
N TYR Q 867 -5.51 48.90 -63.11
CA TYR Q 867 -5.39 50.16 -62.38
C TYR Q 867 -3.98 50.41 -61.85
N PRO Q 868 -3.30 49.48 -61.18
CA PRO Q 868 -1.96 49.79 -60.66
C PRO Q 868 -0.94 50.12 -61.73
N LEU Q 869 -1.30 50.02 -63.01
CA LEU Q 869 -0.41 50.51 -64.05
C LEU Q 869 -0.32 52.02 -64.09
N THR Q 870 -1.30 52.72 -63.50
CA THR Q 870 -1.28 54.18 -63.53
C THR Q 870 -0.09 54.74 -62.76
N LYS Q 871 0.20 54.19 -61.59
CA LYS Q 871 1.28 54.71 -60.75
C LYS Q 871 2.65 54.28 -61.24
N HIS Q 872 2.72 53.72 -62.44
CA HIS Q 872 4.01 53.26 -62.93
C HIS Q 872 4.86 54.45 -63.37
N PRO Q 873 6.18 54.39 -63.20
CA PRO Q 873 7.05 55.47 -63.68
C PRO Q 873 6.89 55.76 -65.17
N ASN Q 874 7.12 54.77 -66.02
CA ASN Q 874 6.83 54.94 -67.43
C ASN Q 874 5.34 55.17 -67.63
N GLN Q 875 5.00 56.05 -68.57
CA GLN Q 875 3.63 56.52 -68.72
C GLN Q 875 2.79 55.69 -69.68
N GLU Q 876 3.40 54.82 -70.50
CA GLU Q 876 2.64 54.04 -71.45
C GLU Q 876 1.56 53.21 -70.76
N TYR Q 877 1.84 52.73 -69.56
CA TYR Q 877 0.88 51.89 -68.86
C TYR Q 877 -0.31 52.70 -68.39
N ALA Q 878 -0.06 53.92 -67.90
CA ALA Q 878 -1.16 54.84 -67.64
C ALA Q 878 -1.96 55.11 -68.90
N ASP Q 879 -1.27 55.17 -70.06
CA ASP Q 879 -1.98 55.34 -71.32
C ASP Q 879 -2.89 54.16 -71.60
N VAL Q 880 -2.43 52.95 -71.31
CA VAL Q 880 -3.28 51.77 -71.49
C VAL Q 880 -4.51 51.87 -70.61
N PHE Q 881 -4.31 52.25 -69.34
CA PHE Q 881 -5.44 52.36 -68.42
C PHE Q 881 -6.45 53.39 -68.92
N HIS Q 882 -5.97 54.55 -69.36
CA HIS Q 882 -6.87 55.57 -69.86
C HIS Q 882 -7.55 55.14 -71.15
N LEU Q 883 -6.86 54.35 -71.98
CA LEU Q 883 -7.48 53.83 -73.19
C LEU Q 883 -8.65 52.92 -72.85
N TYR Q 884 -8.47 52.08 -71.84
CA TYR Q 884 -9.59 51.25 -71.39
C TYR Q 884 -10.75 52.11 -70.89
N LEU Q 885 -10.44 53.15 -70.13
CA LEU Q 885 -11.50 54.03 -69.64
C LEU Q 885 -12.26 54.67 -70.80
N GLN Q 886 -11.52 55.18 -71.78
CA GLN Q 886 -12.15 55.83 -72.93
C GLN Q 886 -13.01 54.86 -73.73
N TYR Q 887 -12.52 53.62 -73.90
CA TYR Q 887 -13.32 52.65 -74.64
C TYR Q 887 -14.58 52.28 -73.90
N ILE Q 888 -14.49 52.14 -72.57
CA ILE Q 888 -15.70 51.88 -71.79
C ILE Q 888 -16.71 52.99 -72.01
N ARG Q 889 -16.24 54.25 -71.92
CA ARG Q 889 -17.13 55.39 -72.11
C ARG Q 889 -17.77 55.37 -73.49
N LYS Q 890 -16.97 55.14 -74.53
CA LYS Q 890 -17.51 55.18 -75.89
C LYS Q 890 -18.51 54.07 -76.10
N LEU Q 891 -18.21 52.86 -75.61
CA LEU Q 891 -19.16 51.77 -75.70
C LEU Q 891 -20.46 52.13 -75.04
N HIS Q 892 -20.38 52.68 -73.82
CA HIS Q 892 -21.60 52.97 -73.07
C HIS Q 892 -22.44 54.00 -73.79
N ASP Q 893 -21.82 55.07 -74.31
CA ASP Q 893 -22.61 56.12 -74.94
C ASP Q 893 -23.18 55.65 -76.28
N GLU Q 894 -22.43 54.88 -77.05
CA GLU Q 894 -22.99 54.39 -78.31
C GLU Q 894 -24.08 53.37 -78.08
N LEU Q 895 -23.97 52.56 -77.01
CA LEU Q 895 -25.08 51.71 -76.63
C LEU Q 895 -26.29 52.56 -76.29
N THR Q 896 -26.07 53.66 -75.58
CA THR Q 896 -27.20 54.53 -75.25
C THR Q 896 -27.88 55.08 -76.49
N GLY Q 897 -27.09 55.53 -77.48
CA GLY Q 897 -27.70 56.03 -78.71
C GLY Q 897 -28.50 54.97 -79.44
N HIS Q 898 -27.87 53.80 -79.65
CA HIS Q 898 -28.54 52.70 -80.34
C HIS Q 898 -29.83 52.33 -79.65
N MET Q 899 -29.83 52.29 -78.32
CA MET Q 899 -31.01 51.84 -77.63
C MET Q 899 -32.09 52.92 -77.61
N LEU Q 900 -31.70 54.18 -77.41
CA LEU Q 900 -32.70 55.24 -77.25
C LEU Q 900 -33.37 55.61 -78.56
N ASP Q 901 -32.61 55.67 -79.65
CA ASP Q 901 -33.17 56.23 -80.88
C ASP Q 901 -34.17 55.28 -81.54
N MET Q 902 -33.71 54.12 -81.99
CA MET Q 902 -34.56 53.26 -82.82
C MET Q 902 -35.47 52.35 -81.99
N TYR Q 903 -35.21 52.20 -80.70
CA TYR Q 903 -36.27 51.78 -79.78
C TYR Q 903 -36.94 52.99 -79.15
N SER Q 904 -37.76 52.77 -78.13
CA SER Q 904 -38.48 53.87 -77.50
C SER Q 904 -37.74 54.51 -76.34
N VAL Q 905 -37.39 53.77 -75.31
CA VAL Q 905 -37.03 54.43 -74.05
C VAL Q 905 -35.89 53.73 -73.34
N MET Q 906 -35.04 54.51 -72.71
CA MET Q 906 -33.99 53.93 -71.89
C MET Q 906 -33.95 54.45 -70.46
N LEU Q 907 -33.94 55.77 -70.29
CA LEU Q 907 -33.24 56.39 -69.17
C LEU Q 907 -34.19 57.19 -68.28
N THR Q 908 -34.10 56.91 -66.97
CA THR Q 908 -34.68 57.70 -65.87
C THR Q 908 -33.64 58.08 -64.84
N ASN Q 909 -32.66 57.23 -64.59
CA ASN Q 909 -31.48 57.52 -63.79
C ASN Q 909 -30.27 56.91 -64.47
N ASP Q 910 -29.13 57.60 -64.39
CA ASP Q 910 -27.93 57.12 -65.06
C ASP Q 910 -27.23 56.02 -64.27
N ASN Q 911 -26.70 56.38 -63.10
CA ASN Q 911 -26.04 55.43 -62.19
C ASN Q 911 -24.84 54.75 -62.84
N THR Q 912 -24.52 55.13 -64.08
CA THR Q 912 -23.43 54.50 -64.81
C THR Q 912 -22.24 55.42 -65.01
N SER Q 913 -22.24 56.60 -64.40
CA SER Q 913 -21.10 57.49 -64.53
C SER Q 913 -19.85 56.86 -63.94
N ARG Q 914 -20.00 56.23 -62.78
CA ARG Q 914 -18.89 55.73 -61.96
C ARG Q 914 -17.86 54.91 -62.72
N TYR Q 915 -18.24 54.33 -63.86
CA TYR Q 915 -17.36 53.39 -64.55
C TYR Q 915 -16.38 54.06 -65.49
N TRP Q 916 -16.20 55.38 -65.37
CA TRP Q 916 -15.14 56.03 -66.14
C TRP Q 916 -14.40 57.06 -65.31
N GLU Q 917 -14.35 56.87 -63.99
CA GLU Q 917 -13.55 57.74 -63.13
C GLU Q 917 -12.71 56.87 -62.20
N PRO Q 918 -11.45 57.24 -61.98
CA PRO Q 918 -10.56 56.36 -61.19
C PRO Q 918 -10.92 56.24 -59.72
N GLU Q 919 -11.97 56.95 -59.28
CA GLU Q 919 -12.39 56.84 -57.89
C GLU Q 919 -12.91 55.45 -57.57
N PHE Q 920 -13.72 54.89 -58.47
CA PHE Q 920 -14.27 53.56 -58.23
C PHE Q 920 -13.19 52.49 -58.27
N TYR Q 921 -12.23 52.61 -59.19
CA TYR Q 921 -11.17 51.60 -59.30
C TYR Q 921 -10.25 51.64 -58.09
N GLU Q 922 -9.90 52.84 -57.62
CA GLU Q 922 -8.99 52.95 -56.50
C GLU Q 922 -9.56 52.36 -55.23
N ALA Q 923 -10.88 52.35 -55.09
CA ALA Q 923 -11.48 51.77 -53.89
C ALA Q 923 -11.17 50.29 -53.78
N MET Q 924 -10.81 49.64 -54.90
CA MET Q 924 -10.52 48.22 -54.90
C MET Q 924 -9.32 47.88 -54.03
N TYR Q 925 -8.43 48.84 -53.80
CA TYR Q 925 -7.21 48.60 -53.03
C TYR Q 925 -7.20 49.36 -51.72
N THR Q 926 -8.33 49.88 -51.29
CA THR Q 926 -8.41 50.59 -50.02
C THR Q 926 -8.46 49.58 -48.88
N PRO Q 927 -7.56 49.67 -47.91
CA PRO Q 927 -7.54 48.67 -46.83
C PRO Q 927 -8.72 48.78 -45.89
N HIS Q 928 -9.93 48.70 -46.43
CA HIS Q 928 -11.14 48.67 -45.61
C HIS Q 928 -12.30 48.21 -46.49
N THR Q 929 -12.98 47.16 -46.06
CA THR Q 929 -14.16 46.68 -46.77
C THR Q 929 -15.02 45.82 -45.85
N PHE R 6 -57.26 40.36 -52.12
CA PHE R 6 -58.10 40.28 -50.93
C PHE R 6 -59.36 41.11 -51.11
N SER R 7 -60.40 40.50 -51.64
CA SER R 7 -61.66 41.18 -51.86
C SER R 7 -62.83 40.57 -51.10
N SER R 8 -62.91 39.25 -51.07
CA SER R 8 -64.02 38.56 -50.38
C SER R 8 -63.56 38.07 -49.01
N LEU R 9 -63.50 39.00 -48.06
CA LEU R 9 -63.06 38.70 -46.71
C LEU R 9 -64.07 39.24 -45.71
N PRO R 10 -64.20 38.58 -44.54
CA PRO R 10 -65.07 39.15 -43.50
C PRO R 10 -64.66 40.55 -43.06
N SER R 11 -63.35 40.80 -42.98
CA SER R 11 -62.90 42.16 -42.68
C SER R 11 -63.24 43.12 -43.80
N TYR R 12 -63.28 42.65 -45.05
CA TYR R 12 -63.73 43.50 -46.14
C TYR R 12 -65.18 43.92 -45.95
N ALA R 13 -66.03 42.97 -45.55
CA ALA R 13 -67.43 43.30 -45.29
C ALA R 13 -67.56 44.25 -44.12
N ALA R 14 -66.78 44.02 -43.06
CA ALA R 14 -66.84 44.91 -41.89
C ALA R 14 -66.40 46.33 -42.26
N PHE R 15 -65.33 46.46 -43.04
CA PHE R 15 -64.91 47.78 -43.49
C PHE R 15 -65.94 48.40 -44.42
N ALA R 16 -66.58 47.60 -45.28
CA ALA R 16 -67.59 48.12 -46.17
C ALA R 16 -68.77 48.69 -45.41
N THR R 17 -69.26 47.97 -44.39
CA THR R 17 -70.38 48.48 -43.62
C THR R 17 -69.98 49.66 -42.74
N ALA R 18 -68.75 49.65 -42.21
CA ALA R 18 -68.26 50.81 -41.45
C ALA R 18 -68.20 52.05 -42.34
N GLN R 19 -67.70 51.89 -43.57
CA GLN R 19 -67.64 53.02 -44.50
C GLN R 19 -69.03 53.45 -44.94
N GLU R 20 -69.96 52.50 -45.08
CA GLU R 20 -71.33 52.86 -45.39
C GLU R 20 -71.92 53.73 -44.28
N ALA R 21 -71.71 53.34 -43.03
CA ALA R 21 -72.17 54.16 -41.91
C ALA R 21 -71.50 55.52 -41.92
N TYR R 22 -70.19 55.55 -42.19
CA TYR R 22 -69.45 56.81 -42.20
C TYR R 22 -70.00 57.76 -43.25
N GLU R 23 -70.16 57.28 -44.49
CA GLU R 23 -70.66 58.14 -45.55
C GLU R 23 -72.10 58.55 -45.30
N GLN R 24 -72.92 57.65 -44.76
CA GLN R 24 -74.32 57.99 -44.50
C GLN R 24 -74.42 59.10 -43.45
N ALA R 25 -73.72 58.94 -42.32
CA ALA R 25 -73.77 59.96 -41.28
C ALA R 25 -72.98 61.22 -41.63
N VAL R 26 -72.08 61.16 -42.61
CA VAL R 26 -71.39 62.35 -43.07
C VAL R 26 -72.26 63.16 -44.02
N ALA R 27 -72.94 62.50 -44.96
CA ALA R 27 -73.90 63.18 -45.80
C ALA R 27 -75.09 63.68 -44.97
N ASN R 28 -75.42 62.99 -43.88
CA ASN R 28 -76.45 63.47 -42.98
C ASN R 28 -76.04 64.79 -42.33
N GLY R 29 -74.78 64.91 -41.92
CA GLY R 29 -74.30 66.12 -41.27
C GLY R 29 -74.68 66.17 -39.80
N ASP R 30 -74.23 65.18 -39.04
CA ASP R 30 -74.59 65.08 -37.63
C ASP R 30 -73.56 65.76 -36.73
N SER R 31 -73.64 65.50 -35.43
CA SER R 31 -72.77 66.12 -34.44
C SER R 31 -71.32 65.67 -34.63
N GLU R 32 -70.42 66.35 -33.91
CA GLU R 32 -69.01 66.00 -33.97
C GLU R 32 -68.74 64.64 -33.35
N VAL R 33 -69.51 64.27 -32.33
CA VAL R 33 -69.34 62.95 -31.73
C VAL R 33 -69.71 61.86 -32.73
N VAL R 34 -70.68 62.13 -33.60
CA VAL R 34 -71.00 61.17 -34.65
C VAL R 34 -69.80 60.97 -35.58
N LEU R 35 -69.14 62.07 -35.96
CA LEU R 35 -67.96 61.98 -36.80
C LEU R 35 -66.83 61.22 -36.09
N LYS R 36 -66.68 61.46 -34.79
CA LYS R 36 -65.68 60.73 -34.02
C LYS R 36 -65.98 59.24 -33.99
N LYS R 37 -67.25 58.88 -33.82
CA LYS R 37 -67.64 57.47 -33.85
C LYS R 37 -67.38 56.86 -35.22
N LEU R 38 -67.65 57.61 -36.29
CA LEU R 38 -67.35 57.11 -37.63
C LEU R 38 -65.86 56.91 -37.81
N LYS R 39 -65.05 57.84 -37.29
CA LYS R 39 -63.60 57.68 -37.35
C LYS R 39 -63.14 56.45 -36.58
N LYS R 40 -63.73 56.21 -35.41
CA LYS R 40 -63.37 55.03 -34.62
C LYS R 40 -63.76 53.75 -35.35
N SER R 41 -64.93 53.73 -35.97
CA SER R 41 -65.36 52.55 -36.73
C SER R 41 -64.45 52.31 -37.92
N LEU R 42 -64.10 53.38 -38.64
CA LEU R 42 -63.14 53.28 -39.73
C LEU R 42 -61.81 52.71 -39.23
N ASN R 43 -61.37 53.14 -38.07
CA ASN R 43 -60.13 52.63 -37.57
C ASN R 43 -60.19 51.18 -37.31
N VAL R 44 -61.14 50.81 -36.49
CA VAL R 44 -61.19 49.40 -36.08
C VAL R 44 -61.39 48.51 -37.30
N ALA R 45 -62.18 48.95 -38.29
CA ALA R 45 -62.35 48.15 -39.49
C ALA R 45 -61.05 48.07 -40.29
N LYS R 46 -60.26 49.15 -40.29
CA LYS R 46 -58.94 49.10 -40.90
C LYS R 46 -58.05 48.11 -40.17
N SER R 47 -58.20 48.05 -38.85
CA SER R 47 -57.39 47.11 -38.06
C SER R 47 -57.75 45.71 -38.48
N GLU R 48 -59.03 45.46 -38.56
CA GLU R 48 -59.51 44.15 -38.98
C GLU R 48 -58.98 43.78 -40.35
N PHE R 49 -59.08 44.72 -41.30
CA PHE R 49 -58.64 44.47 -42.67
C PHE R 49 -57.12 44.37 -42.79
N ASP R 50 -56.39 44.75 -41.75
CA ASP R 50 -54.93 44.63 -41.77
C ASP R 50 -54.47 43.20 -41.99
N ARG R 51 -54.77 42.31 -41.03
CA ARG R 51 -54.26 40.95 -41.09
C ARG R 51 -54.85 40.18 -42.26
N ASP R 52 -56.15 40.34 -42.51
CA ASP R 52 -56.82 39.52 -43.51
C ASP R 52 -56.33 39.82 -44.92
N ALA R 53 -55.68 40.97 -45.12
CA ALA R 53 -55.08 41.31 -46.40
C ALA R 53 -53.56 41.22 -46.36
N ALA R 54 -53.01 40.73 -45.25
CA ALA R 54 -51.56 40.61 -45.13
C ALA R 54 -51.15 39.15 -44.95
N MET R 55 -51.82 38.45 -44.05
CA MET R 55 -51.45 37.06 -43.75
C MET R 55 -51.60 36.19 -44.99
N GLN R 56 -52.71 36.36 -45.71
CA GLN R 56 -53.00 35.48 -46.84
C GLN R 56 -51.95 35.59 -47.93
N ARG R 57 -51.34 36.77 -48.09
CA ARG R 57 -50.28 36.93 -49.08
C ARG R 57 -49.07 36.07 -48.74
N LYS R 58 -48.65 36.10 -47.47
CA LYS R 58 -47.53 35.26 -47.06
C LYS R 58 -47.87 33.79 -47.18
N LEU R 59 -49.11 33.43 -46.85
CA LEU R 59 -49.53 32.03 -46.98
C LEU R 59 -49.47 31.58 -48.44
N GLU R 60 -49.93 32.44 -49.35
CA GLU R 60 -49.86 32.11 -50.77
C GLU R 60 -48.42 31.98 -51.23
N LYS R 61 -47.55 32.87 -50.76
CA LYS R 61 -46.14 32.82 -51.16
C LYS R 61 -45.49 31.51 -50.71
N MET R 62 -45.72 31.13 -49.45
CA MET R 62 -45.12 29.89 -48.95
C MET R 62 -45.70 28.68 -49.66
N ALA R 63 -47.00 28.70 -49.96
CA ALA R 63 -47.59 27.60 -50.72
C ALA R 63 -46.97 27.50 -52.11
N ASP R 64 -46.75 28.65 -52.76
CA ASP R 64 -46.21 28.63 -54.11
C ASP R 64 -44.78 28.10 -54.13
N GLN R 65 -43.97 28.53 -53.16
CA GLN R 65 -42.60 28.02 -53.12
C GLN R 65 -42.59 26.53 -52.79
N ALA R 66 -43.50 26.07 -51.93
CA ALA R 66 -43.61 24.64 -51.67
C ALA R 66 -43.98 23.89 -52.94
N MET R 67 -44.89 24.45 -53.74
CA MET R 67 -45.28 23.79 -54.99
C MET R 67 -44.09 23.67 -55.92
N THR R 68 -43.33 24.76 -56.08
CA THR R 68 -42.14 24.71 -56.92
C THR R 68 -41.17 23.65 -56.43
N GLN R 69 -40.90 23.64 -55.13
CA GLN R 69 -39.95 22.68 -54.56
C GLN R 69 -40.38 21.25 -54.83
N MET R 70 -41.64 20.93 -54.56
CA MET R 70 -42.03 19.53 -54.61
C MET R 70 -42.28 19.07 -56.04
N TYR R 71 -42.71 19.97 -56.93
CA TYR R 71 -42.69 19.67 -58.36
C TYR R 71 -41.28 19.32 -58.80
N LYS R 72 -40.30 20.12 -58.39
CA LYS R 72 -38.91 19.84 -58.75
C LYS R 72 -38.48 18.49 -58.20
N GLN R 73 -38.94 18.14 -57.00
CA GLN R 73 -38.62 16.84 -56.42
C GLN R 73 -39.15 15.70 -57.28
N ALA R 74 -40.41 15.81 -57.73
CA ALA R 74 -40.97 14.78 -58.59
C ALA R 74 -40.18 14.66 -59.89
N ARG R 75 -39.82 15.79 -60.48
CA ARG R 75 -39.04 15.77 -61.72
C ARG R 75 -37.71 15.07 -61.50
N SER R 76 -37.06 15.35 -60.37
CA SER R 76 -35.78 14.73 -60.05
C SER R 76 -35.91 13.21 -59.96
N GLU R 77 -36.96 12.73 -59.30
CA GLU R 77 -37.12 11.28 -59.19
C GLU R 77 -37.37 10.64 -60.55
N ASP R 78 -38.14 11.29 -61.41
CA ASP R 78 -38.33 10.72 -62.75
C ASP R 78 -37.01 10.64 -63.51
N LYS R 79 -36.19 11.70 -63.42
CA LYS R 79 -34.88 11.65 -64.07
C LYS R 79 -34.03 10.52 -63.50
N ARG R 80 -34.11 10.29 -62.20
CA ARG R 80 -33.35 9.23 -61.57
C ARG R 80 -33.75 7.86 -62.14
N ALA R 81 -35.05 7.64 -62.29
CA ALA R 81 -35.49 6.38 -62.88
C ALA R 81 -34.97 6.21 -64.30
N LYS R 82 -35.01 7.29 -65.08
CA LYS R 82 -34.54 7.21 -66.46
C LYS R 82 -33.05 6.83 -66.50
N VAL R 83 -32.24 7.47 -65.65
CA VAL R 83 -30.82 7.19 -65.70
C VAL R 83 -30.52 5.77 -65.24
N THR R 84 -31.25 5.27 -64.25
CA THR R 84 -31.02 3.88 -63.81
C THR R 84 -31.32 2.90 -64.93
N SER R 85 -32.45 3.10 -65.62
CA SER R 85 -32.78 2.21 -66.72
C SER R 85 -31.71 2.26 -67.80
N ALA R 86 -31.24 3.47 -68.13
CA ALA R 86 -30.22 3.60 -69.16
C ALA R 86 -28.94 2.86 -68.78
N MET R 87 -28.51 3.02 -67.53
CA MET R 87 -27.28 2.35 -67.10
C MET R 87 -27.39 0.84 -67.19
N GLN R 88 -28.50 0.29 -66.69
CA GLN R 88 -28.59 -1.17 -66.70
C GLN R 88 -28.73 -1.72 -68.11
N THR R 89 -29.46 -1.04 -68.99
CA THR R 89 -29.54 -1.55 -70.35
C THR R 89 -28.19 -1.45 -71.06
N MET R 90 -27.42 -0.41 -70.78
CA MET R 90 -26.08 -0.32 -71.37
C MET R 90 -25.19 -1.45 -70.91
N LEU R 91 -25.23 -1.77 -69.61
CA LEU R 91 -24.45 -2.91 -69.12
C LEU R 91 -24.85 -4.19 -69.84
N PHE R 92 -26.15 -4.48 -69.84
CA PHE R 92 -26.62 -5.74 -70.40
C PHE R 92 -26.39 -5.84 -71.90
N THR R 93 -26.28 -4.70 -72.60
CA THR R 93 -26.03 -4.79 -74.03
C THR R 93 -24.54 -4.84 -74.35
N MET R 94 -23.67 -4.28 -73.50
CA MET R 94 -22.25 -4.48 -73.76
C MET R 94 -21.81 -5.87 -73.38
N LEU R 95 -22.51 -6.54 -72.45
CA LEU R 95 -22.00 -7.80 -71.92
C LEU R 95 -22.10 -8.93 -72.93
N ARG R 96 -23.01 -8.85 -73.89
CA ARG R 96 -23.38 -10.04 -74.64
C ARG R 96 -22.52 -10.24 -75.89
N LYS R 97 -21.33 -9.65 -75.91
CA LYS R 97 -20.43 -9.82 -77.05
C LYS R 97 -19.00 -10.12 -76.62
N LEU R 98 -18.81 -10.84 -75.52
CA LEU R 98 -17.47 -11.12 -75.01
C LEU R 98 -17.23 -12.57 -74.67
N ASP R 99 -18.27 -13.33 -74.33
CA ASP R 99 -18.06 -14.63 -73.70
C ASP R 99 -17.54 -15.66 -74.68
N ASN R 100 -16.25 -15.59 -74.98
CA ASN R 100 -15.59 -16.70 -75.65
C ASN R 100 -15.29 -17.79 -74.64
N ASP R 101 -15.23 -19.03 -75.13
CA ASP R 101 -14.81 -20.13 -74.26
C ASP R 101 -13.36 -19.98 -73.84
N ALA R 102 -12.57 -19.17 -74.55
CA ALA R 102 -11.21 -18.90 -74.12
C ALA R 102 -11.19 -18.22 -72.76
N LEU R 103 -12.19 -17.38 -72.47
CA LEU R 103 -12.22 -16.70 -71.18
C LEU R 103 -12.40 -17.69 -70.04
N ASN R 104 -13.39 -18.57 -70.14
CA ASN R 104 -13.56 -19.59 -69.12
C ASN R 104 -12.34 -20.49 -69.03
N ASN R 105 -11.78 -20.84 -70.19
CA ASN R 105 -10.60 -21.68 -70.25
C ASN R 105 -9.46 -21.09 -69.43
N ILE R 106 -9.12 -19.82 -69.67
CA ILE R 106 -8.00 -19.22 -68.96
C ILE R 106 -8.34 -18.76 -67.56
N ILE R 107 -9.62 -18.68 -67.21
CA ILE R 107 -9.93 -18.39 -65.81
C ILE R 107 -9.84 -19.65 -64.97
N ASN R 108 -10.18 -20.82 -65.54
CA ASN R 108 -10.08 -22.06 -64.77
C ASN R 108 -8.65 -22.35 -64.37
N ASN R 109 -7.69 -22.12 -65.27
CA ASN R 109 -6.29 -22.37 -64.95
C ASN R 109 -5.75 -21.47 -63.84
N ALA R 110 -6.42 -20.36 -63.56
CA ALA R 110 -5.98 -19.52 -62.46
C ALA R 110 -6.22 -20.20 -61.13
N ARG R 111 -5.36 -19.90 -60.16
CA ARG R 111 -5.42 -20.59 -58.87
C ARG R 111 -6.68 -20.27 -58.09
N ASP R 112 -7.27 -19.09 -58.28
CA ASP R 112 -8.50 -18.78 -57.55
C ASP R 112 -9.49 -18.02 -58.42
N GLY R 113 -9.13 -17.81 -59.69
CA GLY R 113 -9.98 -17.05 -60.58
C GLY R 113 -9.45 -15.65 -60.83
N CYS R 114 -8.84 -15.04 -59.82
CA CYS R 114 -8.37 -13.67 -59.94
C CYS R 114 -7.14 -13.58 -60.83
N VAL R 115 -7.25 -12.87 -61.94
CA VAL R 115 -6.15 -12.74 -62.90
C VAL R 115 -5.93 -11.25 -63.15
N PRO R 116 -4.74 -10.85 -63.57
CA PRO R 116 -4.51 -9.45 -63.93
C PRO R 116 -5.37 -9.03 -65.12
N LEU R 117 -5.78 -7.77 -65.11
CA LEU R 117 -6.70 -7.29 -66.13
C LEU R 117 -6.03 -7.17 -67.49
N ASN R 118 -4.74 -6.82 -67.52
CA ASN R 118 -4.10 -6.50 -68.79
C ASN R 118 -4.00 -7.71 -69.71
N ILE R 119 -4.23 -8.92 -69.22
CA ILE R 119 -4.04 -10.09 -70.06
C ILE R 119 -5.31 -10.54 -70.77
N ILE R 120 -6.48 -10.11 -70.29
CA ILE R 120 -7.73 -10.59 -70.86
C ILE R 120 -7.87 -10.22 -72.33
N PRO R 121 -7.72 -8.94 -72.72
CA PRO R 121 -7.67 -8.64 -74.16
C PRO R 121 -6.44 -9.19 -74.83
N LEU R 122 -5.40 -9.50 -74.05
CA LEU R 122 -4.17 -10.00 -74.65
C LEU R 122 -4.28 -11.45 -75.07
N THR R 123 -5.29 -12.16 -74.56
CA THR R 123 -5.48 -13.57 -74.88
C THR R 123 -6.80 -13.87 -75.55
N THR R 124 -7.87 -13.14 -75.23
CA THR R 124 -9.19 -13.48 -75.73
C THR R 124 -9.69 -12.60 -76.86
N ALA R 125 -9.09 -11.42 -77.06
CA ALA R 125 -9.58 -10.51 -78.07
C ALA R 125 -9.50 -11.13 -79.45
N ALA R 126 -10.52 -10.88 -80.26
CA ALA R 126 -10.62 -11.46 -81.60
C ALA R 126 -10.27 -10.46 -82.70
N LYS R 127 -9.83 -9.27 -82.34
CA LYS R 127 -9.48 -8.28 -83.35
C LYS R 127 -8.44 -7.33 -82.78
N LEU R 128 -7.51 -6.91 -83.63
CA LEU R 128 -6.38 -6.12 -83.21
C LEU R 128 -6.22 -4.92 -84.14
N MET R 129 -6.03 -3.74 -83.56
CA MET R 129 -5.76 -2.52 -84.31
C MET R 129 -4.33 -2.07 -84.05
N VAL R 130 -3.63 -1.69 -85.11
CA VAL R 130 -2.24 -1.24 -85.03
C VAL R 130 -2.15 0.14 -85.67
N VAL R 131 -1.55 1.08 -84.95
CA VAL R 131 -1.37 2.45 -85.42
C VAL R 131 0.08 2.63 -85.82
N ILE R 132 0.30 3.12 -87.04
CA ILE R 132 1.62 3.13 -87.66
C ILE R 132 2.03 4.56 -87.99
N PRO R 133 3.10 5.09 -87.42
CA PRO R 133 3.52 6.45 -87.74
C PRO R 133 4.10 6.65 -89.13
N ASP R 134 4.98 5.76 -89.60
CA ASP R 134 5.63 5.97 -90.88
C ASP R 134 5.89 4.62 -91.56
N TYR R 135 6.38 4.70 -92.80
CA TYR R 135 6.59 3.48 -93.58
C TYR R 135 7.75 2.65 -93.05
N ASN R 136 8.74 3.28 -92.42
CA ASN R 136 9.84 2.53 -91.84
C ASN R 136 9.34 1.58 -90.77
N THR R 137 8.46 2.06 -89.88
CA THR R 137 7.89 1.20 -88.86
C THR R 137 7.00 0.13 -89.49
N TYR R 138 6.21 0.50 -90.49
CA TYR R 138 5.33 -0.47 -91.13
C TYR R 138 6.13 -1.58 -91.80
N LYS R 139 7.35 -1.28 -92.19
CA LYS R 139 8.17 -2.25 -92.92
C LYS R 139 8.47 -3.49 -92.09
N ASN R 140 8.93 -3.30 -90.87
CA ASN R 140 9.37 -4.43 -90.04
C ASN R 140 8.36 -4.82 -88.96
N THR R 141 7.09 -4.43 -89.12
CA THR R 141 6.08 -4.89 -88.19
C THR R 141 4.98 -5.71 -88.87
N CYS R 142 4.37 -5.14 -89.90
CA CYS R 142 3.20 -5.77 -90.52
C CYS R 142 3.42 -6.07 -91.99
N ASP R 143 4.59 -6.58 -92.33
CA ASP R 143 4.87 -6.91 -93.72
C ASP R 143 4.11 -8.17 -94.15
N GLY R 144 3.58 -8.13 -95.36
CA GLY R 144 2.80 -9.23 -95.89
C GLY R 144 1.34 -9.17 -95.50
N THR R 145 0.52 -10.06 -96.05
CA THR R 145 -0.89 -10.08 -95.71
C THR R 145 -1.12 -10.56 -94.29
N THR R 146 -0.15 -11.22 -93.69
CA THR R 146 -0.30 -11.74 -92.34
C THR R 146 1.05 -11.68 -91.64
N PHE R 147 0.99 -11.74 -90.31
CA PHE R 147 2.17 -11.67 -89.47
C PHE R 147 1.84 -12.17 -88.07
N THR R 148 2.76 -12.06 -87.13
CA THR R 148 2.55 -12.60 -85.80
C THR R 148 2.86 -11.55 -84.75
N TYR R 149 2.14 -11.62 -83.63
CA TYR R 149 2.36 -10.77 -82.49
C TYR R 149 1.64 -11.38 -81.29
N ALA R 150 2.23 -11.19 -80.11
CA ALA R 150 1.68 -11.72 -78.86
C ALA R 150 1.48 -13.22 -78.93
N SER R 151 2.40 -13.90 -79.62
CA SER R 151 2.37 -15.36 -79.75
C SER R 151 1.07 -15.84 -80.39
N ALA R 152 0.71 -15.22 -81.51
CA ALA R 152 -0.46 -15.65 -82.26
C ALA R 152 -0.34 -15.09 -83.68
N LEU R 153 -1.11 -15.69 -84.58
CA LEU R 153 -1.09 -15.28 -85.98
C LEU R 153 -2.18 -14.26 -86.26
N TRP R 154 -1.84 -13.26 -87.07
CA TRP R 154 -2.75 -12.17 -87.39
C TRP R 154 -2.81 -11.98 -88.90
N GLU R 155 -4.01 -11.95 -89.46
CA GLU R 155 -4.22 -11.74 -90.88
C GLU R 155 -4.83 -10.35 -91.09
N ILE R 156 -4.26 -9.60 -92.01
CA ILE R 156 -4.63 -8.20 -92.19
C ILE R 156 -5.90 -8.11 -93.02
N GLN R 157 -6.93 -7.46 -92.46
CA GLN R 157 -8.18 -7.18 -93.16
C GLN R 157 -8.45 -5.69 -93.10
N GLN R 158 -8.31 -5.02 -94.24
CA GLN R 158 -8.63 -3.60 -94.39
C GLN R 158 -7.61 -2.69 -93.71
N VAL R 159 -7.19 -1.63 -94.40
CA VAL R 159 -6.25 -0.67 -93.87
C VAL R 159 -6.74 0.73 -94.26
N VAL R 160 -6.83 1.63 -93.27
CA VAL R 160 -7.37 2.95 -93.50
C VAL R 160 -6.34 4.00 -93.09
N ASP R 161 -6.45 5.17 -93.70
CA ASP R 161 -5.63 6.33 -93.39
C ASP R 161 -6.37 7.23 -92.42
N ALA R 162 -5.82 8.42 -92.16
CA ALA R 162 -6.43 9.33 -91.20
C ALA R 162 -7.82 9.75 -91.64
N ASP R 163 -7.99 10.05 -92.92
CA ASP R 163 -9.28 10.50 -93.43
C ASP R 163 -10.26 9.35 -93.62
N SER R 164 -9.96 8.17 -93.09
CA SER R 164 -10.83 7.00 -93.17
C SER R 164 -11.13 6.63 -94.62
N LYS R 165 -10.06 6.33 -95.35
CA LYS R 165 -10.17 5.94 -96.75
C LYS R 165 -9.44 4.62 -96.93
N ILE R 166 -10.04 3.72 -97.71
CA ILE R 166 -9.42 2.42 -97.94
C ILE R 166 -8.16 2.59 -98.77
N VAL R 167 -7.07 1.96 -98.30
CA VAL R 167 -5.78 2.04 -98.96
C VAL R 167 -5.34 0.61 -99.28
N GLN R 168 -4.95 0.38 -100.53
CA GLN R 168 -4.46 -0.93 -100.92
C GLN R 168 -3.02 -1.12 -100.47
N LEU R 169 -2.70 -2.34 -100.02
CA LEU R 169 -1.36 -2.61 -99.51
C LEU R 169 -0.30 -2.41 -100.59
N SER R 170 -0.67 -2.58 -101.86
CA SER R 170 0.27 -2.34 -102.95
C SER R 170 0.70 -0.88 -102.97
N GLU R 171 -0.21 0.03 -102.61
CA GLU R 171 0.10 1.45 -102.66
C GLU R 171 1.08 1.85 -101.56
N ILE R 172 1.28 1.00 -100.57
CA ILE R 172 2.17 1.32 -99.46
C ILE R 172 3.58 0.90 -99.81
N SER R 173 4.42 1.85 -100.19
CA SER R 173 5.78 1.59 -100.64
C SER R 173 6.66 2.80 -100.39
N MET R 174 7.95 2.63 -100.65
CA MET R 174 8.90 3.71 -100.45
C MET R 174 8.55 4.93 -101.30
N ASP R 175 8.38 4.72 -102.61
CA ASP R 175 8.13 5.85 -103.51
C ASP R 175 6.76 6.46 -103.27
N ASN R 176 5.80 5.64 -102.90
CA ASN R 176 4.42 6.11 -102.73
C ASN R 176 4.12 6.57 -101.30
N SER R 177 5.12 6.53 -100.40
CA SER R 177 4.86 6.87 -99.00
C SER R 177 4.36 8.30 -98.79
N PRO R 178 4.97 9.35 -99.38
CA PRO R 178 4.59 10.71 -98.97
C PRO R 178 3.23 11.14 -99.51
N ASN R 179 2.49 10.20 -100.12
CA ASN R 179 1.21 10.51 -100.72
C ASN R 179 0.04 10.10 -99.84
N LEU R 180 0.29 9.76 -98.59
CA LEU R 180 -0.75 9.35 -97.66
C LEU R 180 -0.56 10.04 -96.32
N ALA R 181 -1.67 10.32 -95.65
CA ALA R 181 -1.61 10.74 -94.26
C ALA R 181 -0.98 9.64 -93.42
N TRP R 182 -0.24 10.01 -92.40
CA TRP R 182 0.52 8.95 -91.76
C TRP R 182 0.23 8.71 -90.28
N PRO R 183 -1.01 8.75 -89.82
CA PRO R 183 -1.39 7.88 -88.70
C PRO R 183 -2.06 6.61 -89.20
N LEU R 184 -1.34 5.75 -89.90
CA LEU R 184 -2.00 4.61 -90.55
C LEU R 184 -2.56 3.64 -89.51
N ILE R 185 -3.77 3.14 -89.79
CA ILE R 185 -4.45 2.20 -88.93
C ILE R 185 -4.60 0.89 -89.68
N VAL R 186 -4.20 -0.21 -89.04
CA VAL R 186 -4.33 -1.54 -89.60
C VAL R 186 -5.10 -2.39 -88.60
N THR R 187 -6.20 -2.98 -89.06
CA THR R 187 -6.98 -3.90 -88.24
C THR R 187 -6.86 -5.31 -88.79
N ALA R 188 -6.77 -6.29 -87.89
CA ALA R 188 -6.48 -7.66 -88.27
C ALA R 188 -7.34 -8.62 -87.45
N LEU R 189 -7.45 -9.85 -87.95
CA LEU R 189 -8.18 -10.91 -87.29
C LEU R 189 -7.21 -11.92 -86.68
N ARG R 190 -7.70 -12.69 -85.72
CA ARG R 190 -6.86 -13.70 -85.09
C ARG R 190 -6.70 -14.90 -86.03
N ALA R 191 -5.67 -14.88 -86.86
CA ALA R 191 -5.42 -15.97 -87.79
C ALA R 191 -5.06 -17.24 -87.02
N ASN R 192 -5.60 -18.36 -87.47
CA ASN R 192 -5.34 -19.65 -86.85
C ASN R 192 -5.31 -20.76 -87.90
N LYS S 2 1.94 47.07 -90.75
CA LYS S 2 3.22 46.47 -90.39
C LYS S 2 3.03 45.08 -89.76
N MET S 3 4.03 44.65 -88.98
CA MET S 3 4.07 43.28 -88.49
C MET S 3 2.84 42.91 -87.68
N SER S 4 2.31 43.86 -86.90
CA SER S 4 1.09 43.59 -86.15
C SER S 4 -0.08 43.36 -87.09
N ASP S 5 -0.15 44.14 -88.17
CA ASP S 5 -1.19 43.92 -89.17
C ASP S 5 -1.07 42.54 -89.79
N VAL S 6 0.17 42.10 -90.06
CA VAL S 6 0.38 40.77 -90.64
C VAL S 6 -0.10 39.70 -89.66
N LYS S 7 0.20 39.88 -88.37
CA LYS S 7 -0.27 38.91 -87.37
C LYS S 7 -1.79 38.84 -87.36
N CYS S 8 -2.45 40.00 -87.31
CA CYS S 8 -3.90 40.00 -87.21
C CYS S 8 -4.55 39.42 -88.46
N THR S 9 -4.03 39.78 -89.64
CA THR S 9 -4.60 39.20 -90.86
C THR S 9 -4.27 37.72 -90.97
N SER S 10 -3.19 37.26 -90.34
CA SER S 10 -2.94 35.82 -90.27
C SER S 10 -4.01 35.13 -89.44
N VAL S 11 -4.36 35.74 -88.30
CA VAL S 11 -5.42 35.18 -87.47
C VAL S 11 -6.72 35.09 -88.26
N VAL S 12 -7.05 36.18 -88.95
CA VAL S 12 -8.29 36.21 -89.73
C VAL S 12 -8.26 35.18 -90.86
N LEU S 13 -7.13 35.07 -91.54
CA LEU S 13 -7.00 34.14 -92.66
C LEU S 13 -7.18 32.70 -92.20
N LEU S 14 -6.51 32.33 -91.10
CA LEU S 14 -6.67 30.99 -90.59
C LEU S 14 -8.10 30.74 -90.15
N SER S 15 -8.72 31.74 -89.51
CA SER S 15 -10.09 31.56 -89.04
C SER S 15 -11.04 31.34 -90.20
N VAL S 16 -10.89 32.10 -91.28
CA VAL S 16 -11.79 31.94 -92.41
C VAL S 16 -11.51 30.63 -93.13
N LEU S 17 -10.26 30.19 -93.16
CA LEU S 17 -9.95 28.92 -93.80
C LEU S 17 -10.61 27.75 -93.08
N GLN S 18 -10.73 27.83 -91.76
CA GLN S 18 -11.20 26.70 -90.97
C GLN S 18 -12.62 26.30 -91.36
N GLN S 19 -13.51 27.28 -91.49
CA GLN S 19 -14.91 26.94 -91.74
C GLN S 19 -15.14 26.42 -93.14
N LEU S 20 -14.16 26.48 -94.04
CA LEU S 20 -14.29 25.92 -95.37
C LEU S 20 -14.01 24.42 -95.39
N ARG S 21 -14.01 23.76 -94.24
CA ARG S 21 -13.73 22.33 -94.13
C ARG S 21 -12.35 21.99 -94.72
N VAL S 22 -11.37 22.86 -94.47
CA VAL S 22 -10.02 22.59 -94.94
C VAL S 22 -9.29 21.63 -94.02
N GLU S 23 -9.80 21.39 -92.81
CA GLU S 23 -9.15 20.48 -91.88
C GLU S 23 -9.36 19.02 -92.24
N SER S 24 -10.30 18.71 -93.13
CA SER S 24 -10.50 17.33 -93.54
C SER S 24 -9.25 16.79 -94.23
N SER S 25 -8.64 17.60 -95.09
CA SER S 25 -7.34 17.24 -95.65
C SER S 25 -6.28 17.34 -94.57
N SER S 26 -5.92 16.22 -93.97
CA SER S 26 -5.09 16.19 -92.77
C SER S 26 -3.75 16.88 -93.00
N LYS S 27 -3.02 16.47 -94.04
CA LYS S 27 -1.71 17.05 -94.29
C LYS S 27 -1.81 18.53 -94.63
N LEU S 28 -2.82 18.91 -95.42
CA LEU S 28 -3.00 20.32 -95.75
C LEU S 28 -3.24 21.14 -94.49
N TRP S 29 -4.11 20.66 -93.61
CA TRP S 29 -4.40 21.38 -92.38
C TRP S 29 -3.17 21.45 -91.48
N ALA S 30 -2.39 20.37 -91.44
CA ALA S 30 -1.17 20.39 -90.63
C ALA S 30 -0.20 21.44 -91.15
N GLN S 31 -0.04 21.53 -92.47
CA GLN S 31 0.82 22.56 -93.03
C GLN S 31 0.30 23.94 -92.70
N CYS S 32 -1.01 24.14 -92.81
CA CYS S 32 -1.59 25.45 -92.52
C CYS S 32 -1.34 25.83 -91.06
N VAL S 33 -1.52 24.89 -90.14
CA VAL S 33 -1.31 25.18 -88.72
C VAL S 33 0.15 25.48 -88.46
N GLN S 34 1.05 24.72 -89.08
CA GLN S 34 2.48 24.99 -88.92
C GLN S 34 2.81 26.40 -89.38
N LEU S 35 2.32 26.77 -90.56
CA LEU S 35 2.60 28.11 -91.08
C LEU S 35 2.04 29.18 -90.17
N HIS S 36 0.81 28.99 -89.67
CA HIS S 36 0.19 29.99 -88.81
C HIS S 36 0.99 30.17 -87.53
N ASN S 37 1.43 29.07 -86.92
CA ASN S 37 2.22 29.19 -85.70
C ASN S 37 3.58 29.80 -85.98
N ASP S 38 4.14 29.58 -87.17
CA ASP S 38 5.43 30.18 -87.50
C ASP S 38 5.32 31.69 -87.57
N ILE S 39 4.27 32.20 -88.21
CA ILE S 39 4.13 33.65 -88.40
C ILE S 39 4.02 34.34 -87.05
N LEU S 40 3.23 33.78 -86.14
CA LEU S 40 2.94 34.40 -84.86
C LEU S 40 4.16 34.55 -83.97
N LEU S 41 5.33 34.09 -84.41
CA LEU S 41 6.57 34.28 -83.66
C LEU S 41 7.66 34.88 -84.52
N ALA S 42 7.30 35.50 -85.64
CA ALA S 42 8.28 36.03 -86.58
C ALA S 42 8.99 37.24 -85.99
N LYS S 43 9.99 37.74 -86.72
CA LYS S 43 10.74 38.91 -86.27
C LYS S 43 10.79 40.02 -87.32
N ASP S 44 10.98 39.68 -88.59
CA ASP S 44 11.02 40.68 -89.66
C ASP S 44 9.87 40.44 -90.62
N THR S 45 9.45 41.52 -91.28
CA THR S 45 8.26 41.46 -92.11
C THR S 45 8.46 40.68 -93.40
N THR S 46 9.71 40.45 -93.82
CA THR S 46 9.92 39.71 -95.06
C THR S 46 9.55 38.25 -94.92
N GLU S 47 9.98 37.61 -93.82
CA GLU S 47 9.61 36.21 -93.61
C GLU S 47 8.12 36.09 -93.35
N ALA S 48 7.54 37.06 -92.64
CA ALA S 48 6.10 37.07 -92.46
C ALA S 48 5.38 37.17 -93.79
N PHE S 49 5.89 38.01 -94.68
CA PHE S 49 5.26 38.21 -95.99
C PHE S 49 5.33 36.94 -96.83
N GLU S 50 6.51 36.31 -96.89
CA GLU S 50 6.62 35.11 -97.70
C GLU S 50 5.79 33.98 -97.11
N LYS S 51 5.76 33.85 -95.79
CA LYS S 51 4.94 32.83 -95.17
C LYS S 51 3.47 33.06 -95.46
N MET S 52 3.04 34.33 -95.42
CA MET S 52 1.65 34.63 -95.75
C MET S 52 1.32 34.38 -97.21
N VAL S 53 2.23 34.67 -98.12
CA VAL S 53 1.91 34.41 -99.52
C VAL S 53 1.84 32.91 -99.76
N SER S 54 2.72 32.14 -99.11
CA SER S 54 2.62 30.69 -99.20
C SER S 54 1.29 30.19 -98.65
N LEU S 55 0.87 30.74 -97.50
CA LEU S 55 -0.39 30.32 -96.89
C LEU S 55 -1.58 30.70 -97.77
N LEU S 56 -1.55 31.91 -98.33
CA LEU S 56 -2.66 32.40 -99.11
C LEU S 56 -2.77 31.70 -100.45
N SER S 57 -1.66 31.15 -100.94
CA SER S 57 -1.73 30.29 -102.12
C SER S 57 -2.73 29.17 -101.90
N VAL S 58 -2.84 28.68 -100.67
CA VAL S 58 -3.82 27.64 -100.37
C VAL S 58 -5.22 28.14 -100.67
N LEU S 59 -5.63 29.23 -100.02
CA LEU S 59 -6.97 29.75 -100.24
C LEU S 59 -7.20 30.08 -101.71
N LEU S 60 -6.13 30.44 -102.41
CA LEU S 60 -6.24 30.66 -103.85
C LEU S 60 -6.49 29.34 -104.59
N SER S 61 -6.06 28.22 -104.01
CA SER S 61 -6.11 26.95 -104.73
C SER S 61 -7.54 26.53 -105.09
N MET S 62 -8.44 26.44 -104.11
CA MET S 62 -9.78 26.01 -104.50
C MET S 62 -10.58 27.22 -105.00
N GLN S 63 -11.86 26.98 -105.28
CA GLN S 63 -12.72 27.97 -105.90
C GLN S 63 -13.99 28.22 -105.07
N GLY S 64 -13.96 27.88 -103.78
CA GLY S 64 -15.12 28.07 -102.93
C GLY S 64 -15.54 29.52 -102.77
N ALA S 65 -14.58 30.41 -102.57
CA ALA S 65 -14.85 31.84 -102.42
C ALA S 65 -14.45 32.58 -103.68
N VAL S 66 -15.38 33.34 -104.24
CA VAL S 66 -15.14 34.06 -105.50
C VAL S 66 -14.29 35.29 -105.22
N ASP S 67 -13.25 35.48 -106.03
CA ASP S 67 -12.32 36.58 -105.83
C ASP S 67 -12.89 37.89 -106.35
N ILE S 68 -13.12 37.97 -107.66
CA ILE S 68 -13.45 39.23 -108.30
C ILE S 68 -14.80 39.77 -107.83
N ASN S 69 -15.79 38.90 -107.65
CA ASN S 69 -17.12 39.36 -107.25
C ASN S 69 -17.06 40.03 -105.89
N LYS S 70 -16.31 39.45 -104.95
CA LYS S 70 -16.12 40.10 -103.66
C LYS S 70 -15.06 41.18 -103.70
N LEU S 71 -14.30 41.29 -104.79
CA LEU S 71 -13.32 42.36 -104.93
C LEU S 71 -14.02 43.63 -105.42
N CYS S 72 -15.08 44.04 -104.73
CA CYS S 72 -15.87 45.20 -105.15
C CYS S 72 -15.14 46.51 -104.88
N GLU S 73 -14.16 46.51 -103.97
CA GLU S 73 -13.41 47.71 -103.62
C GLU S 73 -14.32 48.83 -103.15
N PHE T 6 -43.81 61.94 -64.22
CA PHE T 6 -45.06 61.51 -63.61
C PHE T 6 -45.94 62.71 -63.28
N SER T 7 -46.04 63.64 -64.23
CA SER T 7 -46.85 64.84 -64.03
C SER T 7 -48.30 64.65 -64.47
N SER T 8 -48.54 63.76 -65.43
CA SER T 8 -49.89 63.50 -65.92
C SER T 8 -50.47 62.24 -65.26
N LEU T 9 -50.71 62.34 -63.97
CA LEU T 9 -51.27 61.24 -63.21
C LEU T 9 -52.47 61.70 -62.38
N PRO T 10 -53.47 60.84 -62.21
CA PRO T 10 -54.58 61.21 -61.30
C PRO T 10 -54.12 61.44 -59.87
N SER T 11 -53.14 60.66 -59.41
CA SER T 11 -52.54 60.91 -58.11
C SER T 11 -51.82 62.26 -58.09
N TYR T 12 -51.14 62.61 -59.18
CA TYR T 12 -50.57 63.94 -59.30
C TYR T 12 -51.66 65.00 -59.21
N ALA T 13 -52.82 64.74 -59.80
CA ALA T 13 -53.92 65.69 -59.74
C ALA T 13 -54.43 65.86 -58.31
N ALA T 14 -54.61 64.76 -57.58
CA ALA T 14 -55.06 64.86 -56.19
C ALA T 14 -54.03 65.60 -55.33
N PHE T 15 -52.74 65.30 -55.54
CA PHE T 15 -51.71 66.00 -54.79
C PHE T 15 -51.68 67.49 -55.13
N ALA T 16 -51.90 67.83 -56.41
CA ALA T 16 -51.93 69.24 -56.79
C ALA T 16 -53.13 69.95 -56.19
N THR T 17 -54.29 69.28 -56.13
CA THR T 17 -55.45 69.88 -55.49
C THR T 17 -55.20 70.13 -54.00
N ALA T 18 -54.60 69.15 -53.33
CA ALA T 18 -54.24 69.34 -51.93
C ALA T 18 -53.23 70.46 -51.76
N GLN T 19 -52.26 70.54 -52.68
CA GLN T 19 -51.28 71.62 -52.64
C GLN T 19 -51.95 72.99 -52.78
N GLU T 20 -52.87 73.10 -53.72
CA GLU T 20 -53.55 74.38 -53.92
C GLU T 20 -54.39 74.77 -52.71
N ALA T 21 -55.14 73.81 -52.15
CA ALA T 21 -55.96 74.12 -50.98
C ALA T 21 -55.10 74.49 -49.78
N TYR T 22 -54.03 73.74 -49.53
CA TYR T 22 -53.15 74.06 -48.41
C TYR T 22 -52.43 75.37 -48.62
N GLU T 23 -52.03 75.68 -49.85
CA GLU T 23 -51.39 76.96 -50.14
C GLU T 23 -52.36 78.11 -49.86
N GLN T 24 -53.62 77.95 -50.28
CA GLN T 24 -54.61 78.97 -49.97
C GLN T 24 -54.80 79.13 -48.46
N ALA T 25 -54.86 78.02 -47.74
CA ALA T 25 -55.05 78.08 -46.30
C ALA T 25 -53.87 78.77 -45.60
N VAL T 26 -52.64 78.42 -46.00
CA VAL T 26 -51.47 79.00 -45.35
C VAL T 26 -51.27 80.46 -45.76
N ALA T 27 -51.69 80.84 -46.97
CA ALA T 27 -51.62 82.24 -47.35
C ALA T 27 -52.66 83.08 -46.61
N ASN T 28 -53.87 82.53 -46.43
CA ASN T 28 -54.92 83.26 -45.73
C ASN T 28 -54.86 83.10 -44.22
N GLY T 29 -54.22 82.04 -43.72
CA GLY T 29 -54.15 81.81 -42.28
C GLY T 29 -55.51 81.62 -41.65
N ASP T 30 -56.19 80.53 -41.99
CA ASP T 30 -57.56 80.29 -41.52
C ASP T 30 -57.58 79.77 -40.08
N SER T 31 -56.99 78.61 -39.85
CA SER T 31 -57.00 78.00 -38.52
C SER T 31 -55.97 76.88 -38.40
N GLU T 32 -56.00 76.17 -37.27
CA GLU T 32 -55.05 75.08 -37.03
C GLU T 32 -55.56 73.76 -37.58
N VAL T 33 -56.79 73.38 -37.21
CA VAL T 33 -57.35 72.12 -37.68
C VAL T 33 -57.48 72.09 -39.19
N VAL T 34 -57.68 73.25 -39.83
CA VAL T 34 -57.76 73.30 -41.29
C VAL T 34 -56.43 72.89 -41.91
N LEU T 35 -55.33 73.46 -41.41
CA LEU T 35 -54.03 73.10 -41.96
C LEU T 35 -53.66 71.66 -41.59
N LYS T 36 -54.11 71.17 -40.43
CA LYS T 36 -53.90 69.76 -40.12
C LYS T 36 -54.63 68.86 -41.10
N LYS T 37 -55.87 69.20 -41.43
CA LYS T 37 -56.63 68.43 -42.42
C LYS T 37 -55.92 68.45 -43.77
N LEU T 38 -55.48 69.62 -44.20
CA LEU T 38 -54.79 69.74 -45.47
C LEU T 38 -53.45 69.01 -45.45
N LYS T 39 -52.78 68.97 -44.30
CA LYS T 39 -51.52 68.25 -44.20
C LYS T 39 -51.74 66.75 -44.23
N LYS T 40 -52.85 66.30 -43.67
CA LYS T 40 -53.20 64.88 -43.72
C LYS T 40 -53.38 64.56 -45.17
N SER T 41 -54.25 65.33 -45.82
CA SER T 41 -54.52 65.13 -47.23
C SER T 41 -53.23 65.14 -48.05
N LEU T 42 -52.31 66.02 -47.70
CA LEU T 42 -51.01 66.09 -48.39
C LEU T 42 -50.22 64.81 -48.20
N ASN T 43 -50.20 64.27 -46.97
CA ASN T 43 -49.50 63.02 -46.73
C ASN T 43 -50.12 61.89 -47.53
N VAL T 44 -51.46 61.82 -47.56
CA VAL T 44 -52.14 60.79 -48.34
C VAL T 44 -51.80 60.91 -49.82
N ALA T 45 -51.88 62.15 -50.33
CA ALA T 45 -51.65 62.41 -51.74
C ALA T 45 -50.21 62.12 -52.14
N LYS T 46 -49.25 62.53 -51.31
CA LYS T 46 -47.86 62.20 -51.59
C LYS T 46 -47.61 60.70 -51.49
N SER T 47 -48.32 60.02 -50.58
CA SER T 47 -48.16 58.58 -50.46
C SER T 47 -48.54 57.87 -51.75
N GLU T 48 -49.75 58.11 -52.24
CA GLU T 48 -50.14 57.34 -53.42
C GLU T 48 -49.72 58.03 -54.72
N PHE T 49 -49.06 59.19 -54.64
CA PHE T 49 -48.46 59.78 -55.83
C PHE T 49 -46.98 59.45 -55.97
N ASP T 50 -46.28 59.14 -54.88
CA ASP T 50 -44.89 58.72 -54.95
C ASP T 50 -44.77 57.21 -55.03
N ARG T 51 -45.61 56.47 -54.30
CA ARG T 51 -45.53 55.02 -54.36
C ARG T 51 -45.84 54.51 -55.76
N ASP T 52 -46.86 55.08 -56.40
CA ASP T 52 -47.19 54.64 -57.76
C ASP T 52 -46.19 55.17 -58.79
N ALA T 53 -45.65 56.35 -58.58
CA ALA T 53 -44.56 56.82 -59.44
C ALA T 53 -43.37 55.87 -59.35
N ALA T 54 -43.06 55.43 -58.13
CA ALA T 54 -41.96 54.51 -57.93
C ALA T 54 -42.16 53.23 -58.72
N MET T 55 -43.33 52.59 -58.59
CA MET T 55 -43.48 51.27 -59.22
C MET T 55 -43.76 51.42 -60.71
N GLN T 56 -44.23 52.59 -61.17
CA GLN T 56 -44.36 52.76 -62.61
C GLN T 56 -43.00 52.98 -63.27
N ARG T 57 -42.12 53.77 -62.66
CA ARG T 57 -40.77 53.87 -63.21
C ARG T 57 -40.03 52.54 -63.07
N LYS T 58 -40.36 51.78 -62.02
CA LYS T 58 -39.78 50.44 -61.88
C LYS T 58 -40.23 49.54 -63.02
N LEU T 59 -41.53 49.52 -63.31
CA LEU T 59 -42.00 48.75 -64.46
C LEU T 59 -41.38 49.24 -65.74
N GLU T 60 -41.17 50.54 -65.86
CA GLU T 60 -40.54 51.10 -67.06
C GLU T 60 -39.12 50.55 -67.23
N LYS T 61 -38.38 50.44 -66.12
CA LYS T 61 -37.00 49.99 -66.26
C LYS T 61 -36.90 48.46 -66.35
N MET T 62 -37.85 47.71 -65.80
CA MET T 62 -37.93 46.29 -66.16
C MET T 62 -38.26 46.11 -67.65
N ALA T 63 -39.15 46.96 -68.17
CA ALA T 63 -39.43 46.91 -69.59
C ALA T 63 -38.17 47.16 -70.40
N ASP T 64 -37.39 48.15 -69.99
CA ASP T 64 -36.13 48.43 -70.67
C ASP T 64 -35.17 47.26 -70.54
N GLN T 65 -35.15 46.61 -69.38
CA GLN T 65 -34.28 45.45 -69.20
C GLN T 65 -34.63 44.33 -70.16
N ALA T 66 -35.91 44.00 -70.27
CA ALA T 66 -36.31 42.95 -71.22
C ALA T 66 -36.01 43.37 -72.66
N MET T 67 -36.30 44.63 -72.99
CA MET T 67 -36.00 45.13 -74.33
C MET T 67 -34.54 44.95 -74.66
N THR T 68 -33.64 45.46 -73.81
CA THR T 68 -32.21 45.39 -74.09
C THR T 68 -31.72 43.94 -74.07
N GLN T 69 -32.28 43.13 -73.18
CA GLN T 69 -31.88 41.73 -73.10
C GLN T 69 -32.11 41.01 -74.43
N MET T 70 -33.37 40.90 -74.86
CA MET T 70 -33.58 40.12 -76.08
C MET T 70 -33.25 40.92 -77.34
N TYR T 71 -33.02 42.23 -77.22
CA TYR T 71 -32.33 42.97 -78.27
C TYR T 71 -30.92 42.45 -78.48
N LYS T 72 -30.15 42.31 -77.41
CA LYS T 72 -28.84 41.69 -77.51
C LYS T 72 -28.94 40.28 -78.04
N GLN T 73 -29.97 39.55 -77.62
CA GLN T 73 -30.18 38.19 -78.13
C GLN T 73 -30.31 38.19 -79.64
N ALA T 74 -31.18 39.05 -80.18
CA ALA T 74 -31.37 39.11 -81.62
C ALA T 74 -30.09 39.53 -82.34
N ARG T 75 -29.38 40.51 -81.79
CA ARG T 75 -28.12 40.93 -82.39
C ARG T 75 -27.12 39.78 -82.45
N SER T 76 -26.99 39.04 -81.34
CA SER T 76 -26.08 37.91 -81.29
C SER T 76 -26.43 36.86 -82.32
N GLU T 77 -27.73 36.54 -82.42
CA GLU T 77 -28.15 35.51 -83.36
C GLU T 77 -27.86 35.91 -84.80
N ASP T 78 -28.19 37.15 -85.18
CA ASP T 78 -27.94 37.55 -86.56
C ASP T 78 -26.44 37.62 -86.85
N LYS T 79 -25.65 38.05 -85.86
CA LYS T 79 -24.20 38.10 -86.06
C LYS T 79 -23.64 36.71 -86.29
N ARG T 80 -24.06 35.73 -85.49
CA ARG T 80 -23.56 34.38 -85.69
C ARG T 80 -24.16 33.74 -86.94
N ALA T 81 -25.25 34.29 -87.47
CA ALA T 81 -25.72 33.83 -88.77
C ALA T 81 -24.83 34.37 -89.89
N LYS T 82 -24.38 35.62 -89.78
CA LYS T 82 -23.70 36.29 -90.87
C LYS T 82 -22.17 36.24 -90.80
N VAL T 83 -21.61 35.60 -89.76
CA VAL T 83 -20.16 35.48 -89.63
C VAL T 83 -19.51 34.96 -90.91
N THR T 84 -20.18 34.01 -91.58
CA THR T 84 -19.59 33.27 -92.68
C THR T 84 -19.25 34.18 -93.86
N SER T 85 -19.84 35.37 -93.90
CA SER T 85 -19.56 36.32 -94.97
C SER T 85 -18.84 37.54 -94.39
N ALA T 86 -19.12 37.85 -93.12
CA ALA T 86 -18.45 38.96 -92.46
C ALA T 86 -16.94 38.71 -92.42
N MET T 87 -16.54 37.49 -92.10
CA MET T 87 -15.12 37.16 -92.05
C MET T 87 -14.46 37.34 -93.41
N GLN T 88 -15.12 36.86 -94.47
CA GLN T 88 -14.55 36.99 -95.81
C GLN T 88 -14.39 38.46 -96.19
N THR T 89 -15.41 39.26 -95.92
CA THR T 89 -15.34 40.68 -96.25
C THR T 89 -14.21 41.36 -95.50
N MET T 90 -14.09 41.07 -94.20
CA MET T 90 -13.03 41.67 -93.40
C MET T 90 -11.66 41.26 -93.94
N LEU T 91 -11.49 40.00 -94.28
CA LEU T 91 -10.21 39.53 -94.80
C LEU T 91 -9.86 40.26 -96.10
N PHE T 92 -10.83 40.38 -97.01
CA PHE T 92 -10.55 41.08 -98.25
C PHE T 92 -10.20 42.54 -98.00
N THR T 93 -10.83 43.17 -97.00
CA THR T 93 -10.49 44.55 -96.69
C THR T 93 -9.06 44.67 -96.21
N MET T 94 -8.64 43.78 -95.30
CA MET T 94 -7.24 43.82 -94.87
C MET T 94 -6.30 43.56 -96.03
N LEU T 95 -6.67 42.66 -96.94
CA LEU T 95 -5.86 42.37 -98.12
C LEU T 95 -5.67 43.61 -98.97
N ARG T 96 -6.77 44.27 -99.33
CA ARG T 96 -6.70 45.43 -100.21
C ARG T 96 -6.16 46.64 -99.45
N LYS T 97 -5.99 46.50 -98.13
CA LYS T 97 -5.31 47.54 -97.37
C LYS T 97 -3.80 47.33 -97.37
N LEU T 98 -3.34 46.08 -97.25
CA LEU T 98 -1.90 45.83 -97.14
C LEU T 98 -1.21 45.94 -98.49
N ASP T 99 -1.69 45.18 -99.48
CA ASP T 99 -1.26 45.30 -100.87
C ASP T 99 0.23 45.08 -101.09
N ASN T 100 0.71 43.87 -100.82
CA ASN T 100 2.06 43.49 -101.23
C ASN T 100 2.06 43.24 -102.73
N ASP T 101 3.21 43.52 -103.35
CA ASP T 101 3.31 43.46 -104.81
C ASP T 101 2.95 42.08 -105.35
N ALA T 102 3.59 41.04 -104.80
CA ALA T 102 3.28 39.69 -105.22
C ALA T 102 1.84 39.32 -104.84
N LEU T 103 1.37 39.82 -103.70
CA LEU T 103 0.00 39.57 -103.30
C LEU T 103 -0.99 40.09 -104.35
N ASN T 104 -0.84 41.35 -104.75
CA ASN T 104 -1.73 41.90 -105.76
C ASN T 104 -1.53 41.21 -107.10
N ASN T 105 -0.30 40.86 -107.44
CA ASN T 105 -0.03 40.14 -108.69
C ASN T 105 -0.84 38.85 -108.76
N ILE T 106 -0.72 38.02 -107.73
CA ILE T 106 -1.41 36.75 -107.73
C ILE T 106 -2.92 36.96 -107.60
N ILE T 107 -3.33 38.01 -106.90
CA ILE T 107 -4.76 38.32 -106.80
C ILE T 107 -5.34 38.57 -108.18
N ASN T 108 -4.64 39.39 -108.98
CA ASN T 108 -5.13 39.69 -110.32
C ASN T 108 -5.04 38.47 -111.22
N ASN T 109 -3.98 37.68 -111.07
CA ASN T 109 -3.85 36.46 -111.88
C ASN T 109 -5.00 35.50 -111.60
N ALA T 110 -5.39 35.37 -110.34
CA ALA T 110 -6.58 34.58 -110.00
C ALA T 110 -7.83 35.24 -110.55
N ARG T 111 -7.88 36.58 -110.52
CA ARG T 111 -9.04 37.30 -111.00
C ARG T 111 -9.32 37.02 -112.47
N ASP T 112 -8.27 37.00 -113.28
CA ASP T 112 -8.43 36.63 -114.68
C ASP T 112 -8.50 35.11 -114.88
N GLY T 113 -8.19 34.33 -113.85
CA GLY T 113 -8.34 32.89 -113.93
C GLY T 113 -7.03 32.14 -114.13
N CYS T 114 -5.98 32.58 -113.45
CA CYS T 114 -4.67 31.91 -113.51
C CYS T 114 -4.21 31.67 -112.08
N VAL T 115 -4.41 30.45 -111.59
CA VAL T 115 -4.17 30.12 -110.19
C VAL T 115 -3.22 28.92 -110.10
N PRO T 116 -2.50 28.77 -109.00
CA PRO T 116 -1.73 27.53 -108.79
C PRO T 116 -2.62 26.39 -108.32
N LEU T 117 -2.28 25.18 -108.74
CA LEU T 117 -3.01 23.99 -108.35
C LEU T 117 -2.52 23.40 -107.05
N ASN T 118 -1.51 23.99 -106.44
CA ASN T 118 -0.96 23.47 -105.19
C ASN T 118 -0.44 24.65 -104.37
N ILE T 119 0.36 24.33 -103.37
CA ILE T 119 0.94 25.33 -102.48
C ILE T 119 2.19 25.90 -103.12
N ILE T 120 2.36 27.21 -103.02
CA ILE T 120 3.56 27.88 -103.52
C ILE T 120 4.74 27.49 -102.63
N PRO T 121 5.78 26.89 -103.19
CA PRO T 121 6.95 26.56 -102.37
C PRO T 121 7.86 27.75 -102.14
N LEU T 122 9.02 27.52 -101.54
CA LEU T 122 9.95 28.59 -101.20
C LEU T 122 11.37 28.32 -101.67
N THR T 123 11.59 27.30 -102.49
CA THR T 123 12.92 26.94 -102.96
C THR T 123 12.95 26.90 -104.48
N THR T 124 14.17 27.03 -105.03
CA THR T 124 14.36 26.92 -106.47
C THR T 124 13.84 25.59 -107.02
N ALA T 125 13.83 24.56 -106.18
CA ALA T 125 13.23 23.26 -106.48
C ALA T 125 11.72 23.29 -106.28
N ALA T 126 11.11 22.12 -106.14
CA ALA T 126 9.68 22.00 -105.86
C ALA T 126 8.82 22.59 -106.96
N LYS T 127 8.83 21.94 -108.11
CA LYS T 127 7.96 22.28 -109.24
C LYS T 127 6.58 22.72 -108.79
N LEU T 128 6.12 23.84 -109.33
CA LEU T 128 4.80 24.38 -109.05
C LEU T 128 4.02 24.41 -110.37
N MET T 129 2.74 24.05 -110.30
CA MET T 129 1.89 24.00 -111.48
C MET T 129 0.90 25.16 -111.45
N VAL T 130 0.80 25.87 -112.59
CA VAL T 130 -0.15 26.95 -112.76
C VAL T 130 -1.03 26.63 -113.96
N VAL T 131 -2.31 26.94 -113.86
CA VAL T 131 -3.27 26.75 -114.94
C VAL T 131 -3.49 28.08 -115.64
N ILE T 132 -3.15 28.15 -116.91
CA ILE T 132 -3.40 29.32 -117.75
C ILE T 132 -4.38 28.88 -118.86
N PRO T 133 -5.62 29.34 -118.83
CA PRO T 133 -6.62 28.85 -119.79
C PRO T 133 -6.60 29.52 -121.16
N ASP T 134 -5.62 30.37 -121.44
CA ASP T 134 -5.59 31.06 -122.73
C ASP T 134 -4.17 31.29 -123.21
N TYR T 135 -4.02 32.01 -124.32
CA TYR T 135 -2.72 32.32 -124.89
C TYR T 135 -2.30 33.75 -124.69
N ASN T 136 -3.24 34.67 -124.44
CA ASN T 136 -2.87 36.06 -124.18
C ASN T 136 -2.09 36.18 -122.88
N THR T 137 -2.53 35.48 -121.82
CA THR T 137 -1.81 35.53 -120.55
C THR T 137 -0.41 34.95 -120.71
N TYR T 138 -0.25 33.98 -121.62
CA TYR T 138 1.08 33.46 -121.93
C TYR T 138 2.00 34.60 -122.34
N LYS T 139 1.57 35.42 -123.30
CA LYS T 139 2.35 36.59 -123.69
C LYS T 139 2.51 37.55 -122.52
N ASN T 140 1.46 37.70 -121.72
CA ASN T 140 1.55 38.52 -120.52
C ASN T 140 2.55 37.95 -119.52
N THR T 141 2.56 36.63 -119.33
CA THR T 141 3.40 36.03 -118.32
C THR T 141 4.47 35.11 -118.88
N CYS T 142 4.04 34.08 -119.62
CA CYS T 142 4.96 33.02 -120.04
C CYS T 142 5.72 33.42 -121.29
N ASP T 143 6.90 34.00 -121.11
CA ASP T 143 7.74 34.44 -122.23
C ASP T 143 8.85 33.42 -122.41
N GLY T 144 8.78 32.66 -123.50
CA GLY T 144 9.73 31.58 -123.69
C GLY T 144 9.60 30.55 -122.58
N THR T 145 10.73 30.21 -121.98
CA THR T 145 10.76 29.31 -120.84
C THR T 145 10.70 30.04 -119.51
N THR T 146 10.76 31.37 -119.53
CA THR T 146 10.82 32.16 -118.30
C THR T 146 9.39 32.52 -117.87
N PHE T 147 9.01 32.07 -116.68
CA PHE T 147 7.68 32.34 -116.13
C PHE T 147 7.84 33.25 -114.91
N THR T 148 7.32 34.47 -115.01
CA THR T 148 7.38 35.44 -113.92
C THR T 148 6.05 35.39 -113.17
N TYR T 149 6.03 34.65 -112.06
CA TYR T 149 4.83 34.50 -111.27
C TYR T 149 5.14 34.77 -109.81
N ALA T 150 4.17 35.38 -109.11
CA ALA T 150 4.29 35.67 -107.69
C ALA T 150 5.57 36.45 -107.39
N SER T 151 5.88 37.42 -108.26
CA SER T 151 7.09 38.23 -108.14
C SER T 151 8.34 37.37 -108.06
N ALA T 152 8.38 36.32 -108.88
CA ALA T 152 9.54 35.44 -108.95
C ALA T 152 9.65 34.88 -110.36
N LEU T 153 10.87 34.52 -110.74
CA LEU T 153 11.14 33.97 -112.05
C LEU T 153 11.15 32.45 -112.01
N TRP T 154 10.53 31.83 -113.01
CA TRP T 154 10.43 30.38 -113.09
C TRP T 154 10.81 29.92 -114.48
N GLU T 155 11.53 28.81 -114.56
CA GLU T 155 11.87 28.19 -115.84
C GLU T 155 10.81 27.15 -116.17
N ILE T 156 10.11 27.35 -117.28
CA ILE T 156 9.05 26.44 -117.68
C ILE T 156 9.68 25.15 -118.17
N GLN T 157 9.31 24.03 -117.53
CA GLN T 157 9.89 22.74 -117.87
C GLN T 157 8.95 21.83 -118.63
N GLN T 158 7.64 22.04 -118.51
CA GLN T 158 6.67 21.26 -119.29
C GLN T 158 5.33 21.96 -119.26
N VAL T 159 4.69 22.04 -120.44
CA VAL T 159 3.35 22.55 -120.58
C VAL T 159 2.47 21.45 -121.16
N VAL T 160 1.30 21.25 -120.55
CA VAL T 160 0.36 20.24 -120.99
C VAL T 160 -1.00 20.91 -121.19
N ASP T 161 -1.79 20.32 -122.07
CA ASP T 161 -3.13 20.82 -122.39
C ASP T 161 -4.17 19.98 -121.64
N ALA T 162 -5.45 20.23 -121.93
CA ALA T 162 -6.54 19.54 -121.25
C ALA T 162 -6.52 18.04 -121.55
N ASP T 163 -6.25 17.66 -122.79
CA ASP T 163 -6.30 16.26 -123.19
C ASP T 163 -4.97 15.57 -122.96
N SER T 164 -4.18 16.09 -122.03
CA SER T 164 -2.91 15.51 -121.59
C SER T 164 -1.87 15.43 -122.70
N LYS T 165 -2.10 16.11 -123.83
CA LYS T 165 -1.09 16.13 -124.88
C LYS T 165 0.03 17.07 -124.47
N ILE T 166 1.26 16.56 -124.49
CA ILE T 166 2.42 17.34 -124.11
C ILE T 166 2.56 18.49 -125.09
N VAL T 167 2.40 19.72 -124.61
CA VAL T 167 2.45 20.89 -125.46
C VAL T 167 3.89 21.40 -125.55
N GLN T 168 4.37 21.56 -126.77
CA GLN T 168 5.72 22.04 -127.00
C GLN T 168 5.77 23.56 -126.76
N LEU T 169 6.97 24.08 -126.52
CA LEU T 169 7.15 25.49 -126.18
C LEU T 169 6.96 26.37 -127.42
N SER T 170 7.79 26.17 -128.44
CA SER T 170 7.78 27.04 -129.61
C SER T 170 6.55 26.82 -130.48
N GLU T 171 5.85 25.69 -130.32
CA GLU T 171 4.70 25.41 -131.19
C GLU T 171 3.56 26.39 -130.92
N ILE T 172 3.54 27.03 -129.76
CA ILE T 172 2.39 27.83 -129.36
C ILE T 172 2.46 29.18 -130.07
N SER T 173 1.44 29.49 -130.86
CA SER T 173 1.41 30.74 -131.62
C SER T 173 -0.04 31.10 -131.91
N MET T 174 -0.24 32.34 -132.35
CA MET T 174 -1.59 32.84 -132.61
C MET T 174 -2.35 31.94 -133.58
N ASP T 175 -1.72 31.58 -134.71
CA ASP T 175 -2.41 30.83 -135.75
C ASP T 175 -2.82 29.45 -135.25
N ASN T 176 -1.93 28.79 -134.50
CA ASN T 176 -2.23 27.47 -133.97
C ASN T 176 -2.88 27.53 -132.59
N SER T 177 -3.07 28.72 -132.02
CA SER T 177 -3.70 28.83 -130.71
C SER T 177 -5.11 28.24 -130.66
N PRO T 178 -6.00 28.47 -131.64
CA PRO T 178 -7.30 27.79 -131.57
C PRO T 178 -7.19 26.28 -131.61
N ASN T 179 -6.18 25.75 -132.29
CA ASN T 179 -5.97 24.31 -132.39
C ASN T 179 -5.12 23.81 -131.21
N LEU T 180 -5.61 24.11 -130.01
CA LEU T 180 -4.91 23.74 -128.78
C LEU T 180 -5.88 23.82 -127.62
N ALA T 181 -5.89 22.78 -126.78
CA ALA T 181 -6.76 22.77 -125.61
C ALA T 181 -6.40 23.92 -124.68
N TRP T 182 -7.33 24.87 -124.54
CA TRP T 182 -7.09 26.15 -123.89
C TRP T 182 -6.62 26.03 -122.44
N PRO T 183 -7.24 25.19 -121.59
CA PRO T 183 -6.76 25.12 -120.20
C PRO T 183 -5.38 24.49 -120.08
N LEU T 184 -4.35 25.26 -120.41
CA LEU T 184 -2.98 24.78 -120.36
C LEU T 184 -2.45 24.86 -118.93
N ILE T 185 -1.58 23.91 -118.58
CA ILE T 185 -0.95 23.84 -117.27
C ILE T 185 0.54 24.01 -117.45
N VAL T 186 1.11 24.96 -116.71
CA VAL T 186 2.53 25.29 -116.81
C VAL T 186 3.22 24.78 -115.56
N THR T 187 4.16 23.85 -115.74
CA THR T 187 4.94 23.31 -114.64
C THR T 187 6.34 23.90 -114.71
N ALA T 188 6.73 24.63 -113.67
CA ALA T 188 7.98 25.37 -113.68
C ALA T 188 8.65 25.29 -112.32
N LEU T 189 9.97 25.52 -112.32
CA LEU T 189 10.74 25.65 -111.11
C LEU T 189 11.29 27.06 -111.04
N ARG T 190 11.53 27.53 -109.82
CA ARG T 190 11.97 28.90 -109.61
C ARG T 190 13.30 29.16 -110.31
N ALA T 191 13.50 30.42 -110.73
CA ALA T 191 14.72 30.82 -111.39
C ALA T 191 15.46 31.85 -110.54
N ALA U 1 -43.60 9.20 -61.90
CA ALA U 1 -44.62 8.33 -61.35
C ALA U 1 -45.92 9.08 -61.10
N VAL U 2 -46.50 9.60 -62.17
CA VAL U 2 -47.79 10.28 -62.12
C VAL U 2 -48.69 9.70 -63.20
N GLY U 3 -50.00 9.82 -63.00
CA GLY U 3 -50.97 9.29 -63.92
C GLY U 3 -52.29 10.00 -63.81
N ALA U 4 -53.34 9.35 -64.31
CA ALA U 4 -54.67 9.89 -64.20
C ALA U 4 -55.35 9.39 -62.91
N CYS U 5 -56.47 10.00 -62.58
CA CYS U 5 -57.29 9.51 -61.48
C CYS U 5 -58.00 8.24 -61.96
N VAL U 6 -58.82 7.65 -61.11
CA VAL U 6 -59.58 6.46 -61.46
C VAL U 6 -61.06 6.77 -61.63
N LEU U 7 -61.63 7.56 -60.73
CA LEU U 7 -63.03 7.96 -60.85
C LEU U 7 -63.20 8.98 -61.97
N CYS U 8 -62.33 10.00 -62.00
CA CYS U 8 -62.44 11.04 -63.01
C CYS U 8 -61.33 10.98 -64.05
N ASN U 9 -60.30 10.15 -63.83
CA ASN U 9 -59.21 9.97 -64.78
C ASN U 9 -58.51 11.28 -65.11
N SER U 10 -58.48 12.21 -64.16
CA SER U 10 -57.78 13.46 -64.34
C SER U 10 -56.33 13.33 -63.88
N GLN U 11 -55.47 14.17 -64.44
CA GLN U 11 -54.05 14.10 -64.12
C GLN U 11 -53.80 14.45 -62.67
N THR U 12 -53.24 13.50 -61.92
CA THR U 12 -53.02 13.66 -60.49
C THR U 12 -51.98 12.64 -60.05
N SER U 13 -51.41 12.85 -58.87
CA SER U 13 -50.44 11.90 -58.34
C SER U 13 -50.59 11.69 -56.84
N LEU U 14 -51.81 11.44 -56.36
CA LEU U 14 -52.03 11.10 -54.96
C LEU U 14 -52.66 9.72 -54.84
N ARG U 15 -52.28 8.99 -53.80
CA ARG U 15 -52.77 7.63 -53.57
C ARG U 15 -53.19 7.49 -52.12
N CYS U 16 -54.20 6.66 -51.88
CA CYS U 16 -54.72 6.44 -50.55
C CYS U 16 -53.92 5.37 -49.82
N GLY U 17 -53.74 5.56 -48.52
CA GLY U 17 -52.96 4.63 -47.73
C GLY U 17 -53.72 3.40 -47.29
N ALA U 18 -54.89 3.60 -46.68
CA ALA U 18 -55.65 2.46 -46.17
C ALA U 18 -56.08 1.52 -47.28
N CYS U 19 -56.37 2.04 -48.47
CA CYS U 19 -56.65 1.19 -49.62
C CYS U 19 -55.41 0.38 -49.95
N ILE U 20 -55.56 -0.95 -49.97
CA ILE U 20 -54.39 -1.82 -50.04
C ILE U 20 -53.65 -1.63 -51.36
N ARG U 21 -54.38 -1.53 -52.46
CA ARG U 21 -53.74 -1.42 -53.78
C ARG U 21 -53.14 -0.05 -54.04
N ARG U 22 -53.54 0.97 -53.29
CA ARG U 22 -52.95 2.30 -53.38
C ARG U 22 -53.04 2.85 -54.79
N PRO U 23 -54.23 3.18 -55.28
CA PRO U 23 -54.35 3.65 -56.66
C PRO U 23 -54.28 5.17 -56.76
N PHE U 24 -54.03 5.67 -57.98
CA PHE U 24 -53.95 7.10 -58.22
C PHE U 24 -55.30 7.75 -57.99
N LEU U 25 -55.32 8.84 -57.22
CA LEU U 25 -56.54 9.54 -56.89
C LEU U 25 -56.34 11.03 -57.09
N CYS U 26 -57.40 11.71 -57.52
CA CYS U 26 -57.34 13.14 -57.72
C CYS U 26 -57.59 13.86 -56.39
N CYS U 27 -57.64 15.20 -56.45
CA CYS U 27 -57.84 15.97 -55.23
C CYS U 27 -59.25 15.78 -54.69
N LYS U 28 -60.25 16.16 -55.49
CA LYS U 28 -61.64 16.06 -55.03
C LYS U 28 -62.05 14.60 -54.82
N CYS U 29 -61.62 13.72 -55.71
CA CYS U 29 -61.99 12.30 -55.60
C CYS U 29 -61.45 11.71 -54.31
N CYS U 30 -60.15 11.87 -54.06
CA CYS U 30 -59.57 11.35 -52.83
C CYS U 30 -60.16 12.03 -51.60
N TYR U 31 -60.45 13.33 -51.71
CA TYR U 31 -61.05 14.03 -50.58
C TYR U 31 -62.39 13.43 -50.22
N ASP U 32 -63.23 13.17 -51.24
CA ASP U 32 -64.52 12.56 -50.98
C ASP U 32 -64.36 11.15 -50.41
N HIS U 33 -63.39 10.40 -50.93
CA HIS U 33 -63.21 9.03 -50.45
C HIS U 33 -62.80 9.01 -48.98
N VAL U 34 -61.88 9.91 -48.59
CA VAL U 34 -61.47 9.94 -47.20
C VAL U 34 -62.53 10.57 -46.30
N ILE U 35 -63.37 11.46 -46.85
CA ILE U 35 -64.48 11.99 -46.07
C ILE U 35 -65.49 10.89 -45.77
N SER U 36 -65.83 10.10 -46.79
CA SER U 36 -66.80 9.03 -46.59
C SER U 36 -66.16 7.84 -45.88
N THR U 37 -65.16 7.23 -46.49
CA THR U 37 -64.53 6.06 -45.91
C THR U 37 -63.66 6.44 -44.71
N SER U 38 -63.30 5.43 -43.94
CA SER U 38 -62.42 5.61 -42.78
C SER U 38 -60.95 5.66 -43.14
N HIS U 39 -60.62 5.73 -44.43
CA HIS U 39 -59.23 5.84 -44.84
C HIS U 39 -58.67 7.17 -44.36
N LYS U 40 -57.72 7.11 -43.42
CA LYS U 40 -57.13 8.31 -42.82
C LYS U 40 -55.63 8.37 -43.08
N LEU U 41 -55.22 7.98 -44.29
CA LEU U 41 -53.82 8.03 -44.67
C LEU U 41 -53.71 8.25 -46.16
N VAL U 42 -52.98 9.29 -46.56
CA VAL U 42 -52.74 9.60 -47.95
C VAL U 42 -51.26 9.55 -48.22
N LEU U 43 -50.89 8.90 -49.32
CA LEU U 43 -49.50 8.83 -49.75
C LEU U 43 -49.27 9.79 -50.89
N SER U 44 -48.07 10.38 -50.88
CA SER U 44 -47.68 11.39 -51.84
C SER U 44 -46.17 11.26 -52.08
N VAL U 45 -45.55 12.30 -52.62
CA VAL U 45 -44.10 12.33 -52.80
C VAL U 45 -43.42 12.16 -51.44
N ASN U 46 -44.21 12.27 -50.37
CA ASN U 46 -43.75 12.02 -49.01
C ASN U 46 -44.96 11.60 -48.18
N PRO U 47 -44.75 10.91 -47.07
CA PRO U 47 -45.87 10.54 -46.20
C PRO U 47 -46.46 11.74 -45.48
N TYR U 48 -47.69 11.56 -45.01
CA TYR U 48 -48.41 12.62 -44.29
C TYR U 48 -48.43 12.26 -42.80
N VAL U 49 -47.50 12.83 -42.04
CA VAL U 49 -47.46 12.68 -40.59
C VAL U 49 -47.19 14.03 -39.97
N CYS U 50 -47.50 14.15 -38.68
CA CYS U 50 -47.09 15.34 -37.93
C CYS U 50 -45.58 15.33 -37.79
N ASN U 51 -44.91 16.22 -38.51
CA ASN U 51 -43.45 16.21 -38.62
C ASN U 51 -42.79 16.33 -37.25
N ALA U 52 -43.45 16.99 -36.32
CA ALA U 52 -42.93 17.10 -34.96
C ALA U 52 -42.81 15.70 -34.35
N PRO U 53 -41.62 15.32 -33.87
CA PRO U 53 -41.49 13.98 -33.27
C PRO U 53 -42.33 13.79 -32.03
N GLY U 54 -42.79 14.87 -31.41
CA GLY U 54 -43.65 14.77 -30.25
C GLY U 54 -45.09 14.54 -30.63
N CYS U 55 -45.33 14.29 -31.92
CA CYS U 55 -46.67 13.97 -32.40
C CYS U 55 -46.57 12.88 -33.45
N ASP U 56 -47.65 12.11 -33.58
CA ASP U 56 -47.69 11.02 -34.54
C ASP U 56 -49.04 10.99 -35.24
N VAL U 57 -49.56 12.16 -35.56
CA VAL U 57 -50.84 12.31 -36.24
C VAL U 57 -50.63 11.99 -37.72
N THR U 58 -51.39 11.03 -38.22
CA THR U 58 -51.38 10.71 -39.65
C THR U 58 -52.70 11.00 -40.32
N ASP U 59 -53.71 11.47 -39.59
CA ASP U 59 -55.01 11.72 -40.17
C ASP U 59 -54.94 12.92 -41.11
N VAL U 60 -55.50 12.75 -42.31
CA VAL U 60 -55.57 13.85 -43.26
C VAL U 60 -56.58 14.90 -42.80
N THR U 61 -57.42 14.56 -41.82
CA THR U 61 -58.42 15.51 -41.33
C THR U 61 -57.75 16.76 -40.78
N GLN U 62 -56.69 16.60 -39.99
CA GLN U 62 -55.94 17.73 -39.51
C GLN U 62 -54.45 17.47 -39.70
N LEU U 63 -53.80 18.35 -40.45
CA LEU U 63 -52.35 18.36 -40.59
C LEU U 63 -51.97 19.73 -41.14
N TYR U 64 -51.16 20.46 -40.40
CA TYR U 64 -50.89 21.85 -40.71
C TYR U 64 -49.43 22.00 -41.17
N LEU U 65 -49.25 22.71 -42.27
CA LEU U 65 -47.92 22.93 -42.80
C LEU U 65 -47.07 23.70 -41.79
N GLY U 66 -45.89 23.19 -41.51
CA GLY U 66 -44.90 23.95 -40.74
C GLY U 66 -43.95 24.67 -41.68
N GLY U 67 -44.51 25.34 -42.68
CA GLY U 67 -43.69 25.93 -43.72
C GLY U 67 -43.30 24.92 -44.77
N MET U 68 -42.50 23.91 -44.37
CA MET U 68 -42.09 22.88 -45.31
C MET U 68 -42.50 21.47 -44.87
N SER U 69 -43.16 21.32 -43.74
CA SER U 69 -43.54 20.00 -43.27
C SER U 69 -44.85 20.08 -42.48
N TYR U 70 -45.47 18.93 -42.28
CA TYR U 70 -46.82 18.85 -41.73
C TYR U 70 -46.79 18.81 -40.21
N TYR U 71 -47.73 19.50 -39.59
CA TYR U 71 -47.76 19.61 -38.14
C TYR U 71 -49.20 19.50 -37.65
N CYS U 72 -49.33 19.25 -36.35
CA CYS U 72 -50.62 19.23 -35.68
C CYS U 72 -50.96 20.61 -35.13
N LYS U 73 -52.15 20.71 -34.52
CA LYS U 73 -52.54 21.97 -33.90
C LYS U 73 -51.63 22.32 -32.74
N SER U 74 -51.26 21.33 -31.92
CA SER U 74 -50.37 21.57 -30.80
C SER U 74 -48.94 21.80 -31.22
N HIS U 75 -48.69 21.84 -32.53
CA HIS U 75 -47.36 22.15 -33.04
C HIS U 75 -47.40 23.07 -34.25
N LYS U 76 -48.52 23.73 -34.52
CA LYS U 76 -48.63 24.56 -35.73
C LYS U 76 -47.91 25.88 -35.52
N PRO U 77 -47.00 26.26 -36.43
CA PRO U 77 -46.36 27.58 -36.33
C PRO U 77 -47.35 28.67 -36.72
N PRO U 78 -47.10 29.92 -36.32
CA PRO U 78 -48.07 30.99 -36.58
C PRO U 78 -48.30 31.27 -38.05
N ILE U 79 -47.24 31.61 -38.79
CA ILE U 79 -47.40 31.96 -40.20
C ILE U 79 -47.43 30.67 -41.00
N SER U 80 -48.61 30.06 -41.09
CA SER U 80 -48.78 28.77 -41.74
C SER U 80 -50.25 28.47 -41.95
N PHE U 81 -50.58 27.75 -43.02
CA PHE U 81 -51.96 27.48 -43.36
C PHE U 81 -52.23 25.98 -43.34
N PRO U 82 -53.38 25.54 -42.85
CA PRO U 82 -53.74 24.12 -42.97
C PRO U 82 -53.86 23.72 -44.44
N LEU U 83 -53.57 22.45 -44.71
CA LEU U 83 -53.56 21.94 -46.07
C LEU U 83 -54.76 21.02 -46.33
N CYS U 84 -55.88 21.31 -45.66
CA CYS U 84 -57.16 20.73 -46.05
C CYS U 84 -57.81 21.71 -47.02
N ALA U 85 -57.91 21.31 -48.28
CA ALA U 85 -58.31 22.24 -49.33
C ALA U 85 -59.78 22.62 -49.18
N ASN U 86 -60.23 23.51 -50.06
CA ASN U 86 -61.61 23.99 -50.04
C ASN U 86 -62.55 22.91 -50.56
N GLY U 87 -62.97 22.02 -49.67
CA GLY U 87 -63.74 20.87 -50.10
C GLY U 87 -62.94 19.91 -50.96
N GLN U 88 -61.62 19.88 -50.77
CA GLN U 88 -60.73 18.97 -51.49
C GLN U 88 -59.59 18.61 -50.54
N VAL U 89 -58.60 17.90 -51.08
CA VAL U 89 -57.35 17.65 -50.38
C VAL U 89 -56.22 18.29 -51.17
N PHE U 90 -55.46 19.15 -50.50
CA PHE U 90 -54.32 19.80 -51.12
C PHE U 90 -53.31 18.79 -51.63
N GLY U 91 -52.77 19.06 -52.81
CA GLY U 91 -51.79 18.17 -53.42
C GLY U 91 -51.18 18.70 -54.70
N LEU U 92 -50.94 17.79 -55.65
CA LEU U 92 -50.27 18.13 -56.90
C LEU U 92 -51.31 18.26 -58.00
N TYR U 93 -51.30 19.41 -58.69
CA TYR U 93 -52.28 19.77 -59.71
C TYR U 93 -53.66 19.93 -59.07
N LYS U 94 -54.27 21.09 -59.22
CA LYS U 94 -55.62 21.30 -58.68
C LYS U 94 -56.49 21.98 -59.71
N ASN U 95 -55.87 22.65 -60.67
CA ASN U 95 -56.58 23.49 -61.63
C ASN U 95 -57.12 22.72 -62.81
N THR U 96 -56.86 21.42 -62.91
CA THR U 96 -57.34 20.61 -64.03
C THR U 96 -57.97 19.32 -63.53
N CYS U 97 -58.49 19.33 -62.30
CA CYS U 97 -59.14 18.16 -61.74
C CYS U 97 -60.57 18.11 -62.25
N VAL U 98 -60.78 17.32 -63.31
CA VAL U 98 -62.12 17.15 -63.84
C VAL U 98 -62.99 16.46 -62.80
N GLY U 99 -64.28 16.75 -62.82
CA GLY U 99 -65.17 16.28 -61.79
C GLY U 99 -65.80 14.94 -62.12
N SER U 100 -65.94 14.12 -61.08
CA SER U 100 -66.71 12.88 -61.15
C SER U 100 -67.18 12.55 -59.74
N ASP U 101 -68.35 11.93 -59.64
CA ASP U 101 -69.02 11.77 -58.36
C ASP U 101 -69.20 10.32 -57.93
N ASN U 102 -69.19 9.37 -58.85
CA ASN U 102 -69.57 7.99 -58.53
C ASN U 102 -68.44 7.34 -57.72
N VAL U 103 -68.34 7.78 -56.48
CA VAL U 103 -67.31 7.28 -55.57
C VAL U 103 -67.87 6.23 -54.60
N THR U 104 -69.17 6.25 -54.33
CA THR U 104 -69.74 5.38 -53.30
C THR U 104 -69.56 3.91 -53.68
N ASP U 105 -69.69 3.58 -54.97
CA ASP U 105 -69.40 2.23 -55.42
C ASP U 105 -67.95 1.87 -55.14
N PHE U 106 -67.03 2.76 -55.50
CA PHE U 106 -65.62 2.53 -55.20
C PHE U 106 -65.37 2.50 -53.70
N ASN U 107 -66.11 3.32 -52.95
CA ASN U 107 -66.00 3.28 -51.50
C ASN U 107 -66.37 1.90 -50.96
N ALA U 108 -67.45 1.32 -51.49
CA ALA U 108 -67.86 -0.01 -51.06
C ALA U 108 -66.87 -1.07 -51.49
N ILE U 109 -66.27 -0.90 -52.68
CA ILE U 109 -65.29 -1.87 -53.15
C ILE U 109 -64.14 -2.00 -52.16
N ALA U 110 -63.66 -0.87 -51.66
CA ALA U 110 -62.58 -0.85 -50.69
C ALA U 110 -63.07 -1.09 -49.27
N THR U 111 -64.33 -1.41 -49.08
CA THR U 111 -64.91 -1.59 -47.75
C THR U 111 -65.45 -2.99 -47.52
N CYS U 112 -66.05 -3.60 -48.54
CA CYS U 112 -66.73 -4.88 -48.35
C CYS U 112 -65.71 -6.01 -48.18
N ASP U 113 -66.19 -7.12 -47.62
CA ASP U 113 -65.32 -8.21 -47.17
C ASP U 113 -65.15 -9.33 -48.18
N TRP U 114 -65.89 -9.30 -49.30
CA TRP U 114 -65.89 -10.39 -50.27
C TRP U 114 -66.27 -11.73 -49.62
N THR U 115 -67.34 -11.66 -48.84
CA THR U 115 -67.90 -12.86 -48.21
C THR U 115 -69.37 -12.99 -48.60
N ASN U 116 -69.95 -11.88 -49.03
CA ASN U 116 -71.34 -11.83 -49.46
C ASN U 116 -71.40 -11.70 -50.97
N ALA U 117 -72.38 -12.38 -51.57
CA ALA U 117 -72.49 -12.40 -53.03
C ALA U 117 -72.68 -11.00 -53.58
N GLY U 118 -73.23 -10.10 -52.77
CA GLY U 118 -73.41 -8.73 -53.22
C GLY U 118 -72.11 -8.07 -53.63
N ASP U 119 -71.05 -8.33 -52.86
CA ASP U 119 -69.73 -7.79 -53.19
C ASP U 119 -69.31 -8.21 -54.60
N TYR U 120 -69.39 -9.51 -54.88
CA TYR U 120 -68.89 -10.02 -56.14
C TYR U 120 -69.76 -9.59 -57.31
N ILE U 121 -71.08 -9.63 -57.13
CA ILE U 121 -71.98 -9.28 -58.22
C ILE U 121 -71.87 -7.79 -58.53
N LEU U 122 -71.70 -6.96 -57.49
CA LEU U 122 -71.54 -5.53 -57.71
C LEU U 122 -70.20 -5.22 -58.34
N ALA U 123 -69.15 -5.96 -57.96
CA ALA U 123 -67.83 -5.75 -58.54
C ALA U 123 -67.82 -6.03 -60.04
N ASN U 124 -68.74 -6.86 -60.52
CA ASN U 124 -68.88 -7.15 -61.93
C ASN U 124 -69.77 -6.14 -62.65
N THR U 125 -70.14 -5.05 -61.97
CA THR U 125 -71.02 -4.05 -62.54
C THR U 125 -70.42 -2.65 -62.60
N CYS U 126 -69.16 -2.48 -62.22
CA CYS U 126 -68.55 -1.16 -62.18
C CYS U 126 -67.85 -0.87 -63.50
N THR U 127 -67.07 0.21 -63.55
CA THR U 127 -66.34 0.59 -64.75
C THR U 127 -65.20 -0.38 -65.01
N GLU U 128 -64.75 -0.41 -66.27
CA GLU U 128 -63.65 -1.26 -66.72
C GLU U 128 -62.46 -1.17 -65.78
N ARG U 129 -61.93 0.03 -65.60
CA ARG U 129 -60.80 0.22 -64.70
C ARG U 129 -61.17 -0.14 -63.27
N LEU U 130 -62.39 0.20 -62.87
CA LEU U 130 -62.87 -0.20 -61.55
C LEU U 130 -62.95 -1.72 -61.45
N LYS U 131 -63.36 -2.38 -62.54
CA LYS U 131 -63.39 -3.83 -62.54
C LYS U 131 -61.99 -4.43 -62.39
N LEU U 132 -61.02 -3.87 -63.11
CA LEU U 132 -59.64 -4.35 -63.00
C LEU U 132 -59.12 -4.16 -61.59
N PHE U 133 -59.38 -2.99 -61.00
CA PHE U 133 -58.94 -2.74 -59.63
C PHE U 133 -59.60 -3.69 -58.65
N ALA U 134 -60.89 -3.94 -58.81
CA ALA U 134 -61.59 -4.87 -57.93
C ALA U 134 -61.02 -6.27 -58.04
N ALA U 135 -60.75 -6.72 -59.27
CA ALA U 135 -60.18 -8.05 -59.46
C ALA U 135 -58.80 -8.14 -58.82
N GLU U 136 -57.97 -7.12 -59.02
CA GLU U 136 -56.62 -7.15 -58.47
C GLU U 136 -56.65 -7.12 -56.94
N THR U 137 -57.53 -6.30 -56.36
CA THR U 137 -57.60 -6.22 -54.91
C THR U 137 -58.20 -7.50 -54.31
N LEU U 138 -59.11 -8.15 -55.03
CA LEU U 138 -59.59 -9.45 -54.56
C LEU U 138 -58.48 -10.48 -54.61
N LYS U 139 -57.68 -10.48 -55.68
CA LYS U 139 -56.55 -11.39 -55.77
C LYS U 139 -55.58 -11.16 -54.62
N ALA U 140 -55.28 -9.90 -54.33
CA ALA U 140 -54.39 -9.58 -53.23
C ALA U 140 -54.98 -10.02 -51.89
N THR U 141 -56.29 -9.84 -51.70
CA THR U 141 -56.93 -10.29 -50.48
C THR U 141 -56.79 -11.80 -50.33
N GLU U 142 -56.99 -12.53 -51.43
CA GLU U 142 -56.82 -13.98 -51.40
C GLU U 142 -55.38 -14.37 -51.05
N GLU U 143 -54.41 -13.68 -51.64
CA GLU U 143 -53.01 -13.98 -51.37
C GLU U 143 -52.67 -13.72 -49.91
N THR U 144 -53.16 -12.60 -49.36
CA THR U 144 -52.92 -12.29 -47.96
C THR U 144 -53.58 -13.33 -47.06
N PHE U 145 -54.78 -13.79 -47.43
CA PHE U 145 -55.47 -14.80 -46.64
C PHE U 145 -54.69 -16.10 -46.63
N LYS U 146 -54.24 -16.55 -47.80
CA LYS U 146 -53.51 -17.82 -47.85
C LYS U 146 -52.15 -17.70 -47.22
N LEU U 147 -51.57 -16.50 -47.19
CA LEU U 147 -50.33 -16.28 -46.45
C LEU U 147 -50.54 -16.50 -44.96
N SER U 148 -51.68 -16.05 -44.44
CA SER U 148 -52.02 -16.24 -43.02
C SER U 148 -52.63 -17.61 -42.81
N TYR U 149 -51.84 -18.63 -43.11
CA TYR U 149 -52.26 -20.02 -43.00
C TYR U 149 -51.42 -20.72 -41.93
N GLY U 150 -51.79 -21.97 -41.64
CA GLY U 150 -51.17 -22.72 -40.58
C GLY U 150 -49.68 -22.93 -40.73
N ILE U 151 -48.97 -22.88 -39.61
CA ILE U 151 -47.53 -23.17 -39.57
C ILE U 151 -47.35 -24.58 -39.03
N ALA U 152 -47.03 -25.52 -39.91
CA ALA U 152 -47.02 -26.93 -39.54
C ALA U 152 -45.84 -27.28 -38.64
N THR U 153 -46.00 -27.08 -37.33
CA THR U 153 -44.96 -27.48 -36.38
C THR U 153 -44.94 -28.98 -36.21
N VAL U 154 -44.08 -29.66 -36.96
CA VAL U 154 -44.00 -31.11 -36.98
C VAL U 154 -43.10 -31.60 -35.85
N ARG U 155 -43.16 -32.91 -35.56
CA ARG U 155 -42.28 -33.50 -34.56
C ARG U 155 -41.56 -34.73 -35.08
N GLU U 156 -42.15 -35.44 -36.03
CA GLU U 156 -41.58 -36.70 -36.50
C GLU U 156 -41.54 -36.74 -38.02
N VAL U 157 -40.67 -37.61 -38.53
CA VAL U 157 -40.57 -37.89 -39.97
C VAL U 157 -40.44 -39.40 -40.13
N LEU U 158 -41.24 -39.97 -41.03
CA LEU U 158 -41.32 -41.41 -41.16
C LEU U 158 -40.21 -41.99 -42.04
N SER U 159 -40.10 -41.51 -43.28
CA SER U 159 -39.13 -42.08 -44.21
C SER U 159 -38.38 -41.01 -44.99
N ASP U 160 -37.61 -41.43 -46.00
CA ASP U 160 -36.97 -40.49 -46.91
C ASP U 160 -37.98 -39.76 -47.78
N ARG U 161 -39.19 -40.29 -47.91
CA ARG U 161 -40.29 -39.63 -48.57
C ARG U 161 -41.51 -39.44 -47.69
N GLU U 162 -41.60 -40.16 -46.58
CA GLU U 162 -42.74 -40.08 -45.68
C GLU U 162 -42.35 -39.34 -44.41
N LEU U 163 -43.25 -38.46 -43.95
CA LEU U 163 -43.01 -37.67 -42.75
C LEU U 163 -44.28 -37.67 -41.89
N HIS U 164 -44.15 -37.11 -40.70
CA HIS U 164 -45.27 -36.95 -39.77
C HIS U 164 -45.57 -35.47 -39.63
N LEU U 165 -46.85 -35.11 -39.75
CA LEU U 165 -47.26 -33.71 -39.78
C LEU U 165 -48.03 -33.35 -38.52
N SER U 166 -47.83 -32.09 -38.10
CA SER U 166 -48.62 -31.49 -37.05
C SER U 166 -48.51 -29.98 -37.23
N TRP U 167 -49.50 -29.26 -36.69
CA TRP U 167 -49.62 -27.83 -36.94
C TRP U 167 -49.62 -27.07 -35.63
N GLU U 168 -49.54 -25.75 -35.76
CA GLU U 168 -49.71 -24.85 -34.62
C GLU U 168 -51.19 -24.73 -34.26
N VAL U 169 -51.48 -23.82 -33.34
CA VAL U 169 -52.83 -23.58 -32.87
C VAL U 169 -53.19 -22.14 -33.17
N GLY U 170 -54.22 -21.94 -33.99
CA GLY U 170 -54.74 -20.60 -34.21
C GLY U 170 -54.90 -20.19 -35.66
N LYS U 171 -53.98 -20.59 -36.52
CA LYS U 171 -54.06 -20.19 -37.91
C LYS U 171 -54.58 -21.35 -38.78
N PRO U 172 -55.25 -21.04 -39.88
CA PRO U 172 -55.86 -22.10 -40.69
C PRO U 172 -54.82 -23.02 -41.29
N ARG U 173 -54.82 -24.26 -40.85
CA ARG U 173 -53.95 -25.27 -41.42
C ARG U 173 -54.44 -25.67 -42.80
N PRO U 174 -53.73 -25.34 -43.88
CA PRO U 174 -54.21 -25.66 -45.22
C PRO U 174 -54.16 -27.16 -45.47
N PRO U 175 -54.98 -27.66 -46.39
CA PRO U 175 -54.89 -29.08 -46.77
C PRO U 175 -53.61 -29.38 -47.52
N LEU U 176 -53.42 -30.62 -47.96
CA LEU U 176 -52.18 -31.07 -48.60
C LEU U 176 -52.48 -31.47 -50.04
N ASN U 177 -51.77 -30.85 -50.98
CA ASN U 177 -51.88 -31.20 -52.39
C ASN U 177 -50.67 -30.67 -53.12
N ARG U 178 -50.48 -31.17 -54.35
CA ARG U 178 -49.35 -30.73 -55.17
C ARG U 178 -49.48 -29.28 -55.63
N ASN U 179 -50.71 -28.75 -55.69
CA ASN U 179 -50.89 -27.35 -56.08
C ASN U 179 -50.25 -26.40 -55.08
N TYR U 180 -50.30 -26.73 -53.79
CA TYR U 180 -49.73 -25.88 -52.77
C TYR U 180 -48.20 -25.90 -52.86
N VAL U 181 -47.59 -24.94 -52.17
CA VAL U 181 -46.13 -24.85 -52.09
C VAL U 181 -45.76 -24.54 -50.64
N PHE U 182 -44.76 -25.26 -50.14
CA PHE U 182 -44.30 -25.07 -48.77
C PHE U 182 -42.79 -25.13 -48.75
N THR U 183 -42.20 -24.70 -47.64
CA THR U 183 -40.75 -24.72 -47.51
C THR U 183 -40.39 -24.70 -46.03
N GLY U 184 -39.52 -25.62 -45.63
CA GLY U 184 -39.09 -25.68 -44.26
C GLY U 184 -37.89 -24.78 -44.00
N TYR U 185 -37.76 -24.35 -42.75
CA TYR U 185 -36.71 -23.42 -42.35
C TYR U 185 -36.05 -23.97 -41.10
N ARG U 186 -34.75 -24.20 -41.17
CA ARG U 186 -34.01 -24.79 -40.06
C ARG U 186 -33.76 -23.73 -39.00
N VAL U 187 -34.24 -23.99 -37.79
CA VAL U 187 -34.10 -23.03 -36.69
C VAL U 187 -33.03 -23.58 -35.75
N THR U 188 -31.80 -23.12 -35.94
CA THR U 188 -30.67 -23.47 -35.07
C THR U 188 -30.14 -22.25 -34.34
N LYS U 189 -31.04 -21.35 -33.93
CA LYS U 189 -30.70 -20.03 -33.39
C LYS U 189 -30.06 -19.17 -34.47
N ASN U 190 -29.99 -19.72 -35.68
CA ASN U 190 -29.42 -19.05 -36.84
C ASN U 190 -29.68 -19.92 -38.07
N SER U 191 -29.25 -19.46 -39.24
CA SER U 191 -29.36 -20.22 -40.49
C SER U 191 -30.81 -20.62 -40.75
N LYS U 192 -31.72 -19.66 -40.61
CA LYS U 192 -33.13 -19.87 -40.89
C LYS U 192 -33.34 -19.87 -42.40
N VAL U 193 -32.73 -20.84 -43.08
CA VAL U 193 -32.65 -20.85 -44.54
C VAL U 193 -33.70 -21.81 -45.09
N GLN U 194 -34.11 -21.58 -46.34
CA GLN U 194 -35.05 -22.45 -47.01
C GLN U 194 -34.41 -23.81 -47.29
N ILE U 195 -35.12 -24.88 -46.93
CA ILE U 195 -34.62 -26.23 -47.17
C ILE U 195 -35.07 -26.81 -48.50
N GLY U 196 -35.71 -26.02 -49.34
CA GLY U 196 -36.21 -26.49 -50.61
C GLY U 196 -37.69 -26.23 -50.78
N GLU U 197 -38.15 -26.10 -52.02
CA GLU U 197 -39.57 -25.90 -52.30
C GLU U 197 -40.29 -27.22 -52.11
N TYR U 198 -41.05 -27.34 -51.02
CA TYR U 198 -41.69 -28.59 -50.63
C TYR U 198 -43.16 -28.54 -50.98
N THR U 199 -43.64 -29.57 -51.65
CA THR U 199 -45.06 -29.80 -51.82
C THR U 199 -45.47 -31.05 -51.04
N PHE U 200 -46.68 -31.01 -50.50
CA PHE U 200 -47.10 -32.04 -49.55
C PHE U 200 -48.41 -32.67 -49.97
N GLU U 201 -48.48 -33.99 -49.83
CA GLU U 201 -49.72 -34.74 -49.94
C GLU U 201 -49.74 -35.78 -48.85
N LYS U 202 -50.95 -36.09 -48.36
CA LYS U 202 -51.10 -37.03 -47.27
C LYS U 202 -50.62 -38.41 -47.70
N GLY U 203 -50.06 -39.15 -46.75
CA GLY U 203 -49.56 -40.48 -47.01
C GLY U 203 -50.68 -41.48 -47.26
N ASP U 204 -50.34 -42.75 -47.06
CA ASP U 204 -51.28 -43.82 -47.36
C ASP U 204 -52.29 -44.03 -46.24
N TYR U 205 -51.81 -44.43 -45.06
CA TYR U 205 -52.70 -44.83 -43.98
C TYR U 205 -52.17 -44.31 -42.65
N GLY U 206 -53.09 -44.06 -41.72
CA GLY U 206 -52.73 -43.66 -40.38
C GLY U 206 -52.15 -42.25 -40.33
N ASP U 207 -51.34 -42.02 -39.30
CA ASP U 207 -50.69 -40.73 -39.13
C ASP U 207 -49.41 -40.68 -39.96
N ALA U 208 -49.53 -40.88 -41.26
CA ALA U 208 -48.39 -40.94 -42.16
C ALA U 208 -48.62 -39.95 -43.30
N VAL U 209 -47.61 -39.12 -43.56
CA VAL U 209 -47.69 -38.11 -44.60
C VAL U 209 -46.46 -38.21 -45.48
N VAL U 210 -46.65 -38.06 -46.78
CA VAL U 210 -45.55 -38.11 -47.74
C VAL U 210 -45.03 -36.71 -47.96
N TYR U 211 -43.71 -36.53 -47.84
CA TYR U 211 -43.09 -35.23 -48.07
C TYR U 211 -42.20 -35.29 -49.32
N ARG U 212 -42.33 -34.27 -50.16
CA ARG U 212 -41.52 -34.12 -51.35
C ARG U 212 -41.13 -32.66 -51.50
N GLY U 213 -39.89 -32.42 -51.92
CA GLY U 213 -39.40 -31.07 -52.06
C GLY U 213 -38.37 -30.97 -53.16
N THR U 214 -38.05 -29.72 -53.52
CA THR U 214 -37.02 -29.47 -54.53
C THR U 214 -35.69 -30.09 -54.11
N THR U 215 -35.25 -29.78 -52.90
CA THR U 215 -34.20 -30.53 -52.23
C THR U 215 -34.86 -31.53 -51.28
N THR U 216 -34.05 -32.45 -50.76
CA THR U 216 -34.60 -33.49 -49.89
C THR U 216 -33.56 -33.86 -48.83
N TYR U 217 -33.75 -33.34 -47.62
CA TYR U 217 -33.07 -33.83 -46.44
C TYR U 217 -33.99 -34.83 -45.73
N LYS U 218 -33.53 -35.34 -44.58
CA LYS U 218 -34.43 -36.05 -43.66
C LYS U 218 -34.78 -35.06 -42.57
N LEU U 219 -36.01 -34.54 -42.62
CA LEU U 219 -36.39 -33.39 -41.83
C LEU U 219 -36.29 -33.69 -40.33
N ASN U 220 -35.89 -32.68 -39.58
CA ASN U 220 -35.70 -32.76 -38.14
C ASN U 220 -37.04 -32.48 -37.44
N VAL U 221 -36.98 -32.24 -36.13
CA VAL U 221 -38.18 -32.09 -35.31
C VAL U 221 -38.65 -30.65 -35.29
N GLY U 222 -37.76 -29.73 -34.93
CA GLY U 222 -38.17 -28.37 -34.60
C GLY U 222 -38.63 -27.49 -35.75
N ASP U 223 -38.53 -27.97 -36.98
CA ASP U 223 -38.86 -27.13 -38.13
C ASP U 223 -40.37 -27.06 -38.34
N TYR U 224 -40.78 -26.31 -39.37
CA TYR U 224 -42.19 -26.09 -39.67
C TYR U 224 -42.29 -25.64 -41.12
N PHE U 225 -43.52 -25.62 -41.62
CA PHE U 225 -43.80 -25.28 -43.02
C PHE U 225 -44.87 -24.20 -43.07
N VAL U 226 -44.56 -23.11 -43.78
CA VAL U 226 -45.47 -21.99 -43.93
C VAL U 226 -45.81 -21.82 -45.41
N LEU U 227 -47.08 -21.51 -45.68
CA LEU U 227 -47.53 -21.25 -47.04
C LEU U 227 -47.21 -19.80 -47.39
N THR U 228 -46.42 -19.60 -48.43
CA THR U 228 -46.08 -18.28 -48.92
C THR U 228 -47.00 -17.89 -50.07
N SER U 229 -47.15 -16.59 -50.26
CA SER U 229 -48.03 -16.05 -51.28
C SER U 229 -47.24 -15.42 -52.41
N HIS U 230 -47.83 -15.39 -53.60
CA HIS U 230 -47.21 -14.83 -54.78
C HIS U 230 -47.80 -13.46 -55.08
N THR U 231 -46.93 -12.54 -55.50
CA THR U 231 -47.34 -11.16 -55.68
C THR U 231 -48.32 -11.03 -56.85
N VAL U 232 -49.08 -9.94 -56.84
CA VAL U 232 -50.07 -9.66 -57.86
C VAL U 232 -49.57 -8.50 -58.71
N MET U 233 -49.58 -8.70 -60.04
CA MET U 233 -49.08 -7.68 -60.94
C MET U 233 -50.23 -6.83 -61.47
N PRO U 234 -50.06 -5.50 -61.49
CA PRO U 234 -51.09 -4.65 -62.08
C PRO U 234 -51.19 -4.87 -63.58
N LEU U 235 -52.35 -4.55 -64.14
CA LEU U 235 -52.63 -4.75 -65.55
C LEU U 235 -53.25 -3.47 -66.13
N SER U 236 -53.26 -3.39 -67.46
CA SER U 236 -53.74 -2.20 -68.14
C SER U 236 -54.79 -2.51 -69.21
N ALA U 237 -54.64 -3.65 -69.89
CA ALA U 237 -55.48 -3.93 -71.04
C ALA U 237 -56.93 -4.14 -70.63
N PRO U 238 -57.88 -3.81 -71.50
CA PRO U 238 -59.29 -4.04 -71.19
C PRO U 238 -59.59 -5.54 -71.13
N THR U 239 -60.58 -5.88 -70.30
CA THR U 239 -61.01 -7.27 -70.20
C THR U 239 -61.58 -7.76 -71.52
N LEU U 240 -62.37 -6.94 -72.19
CA LEU U 240 -62.99 -7.30 -73.46
C LEU U 240 -62.65 -6.23 -74.50
N VAL U 241 -62.19 -6.67 -75.66
CA VAL U 241 -61.87 -5.77 -76.77
C VAL U 241 -63.16 -5.42 -77.50
N PRO U 242 -63.26 -4.25 -78.11
CA PRO U 242 -64.51 -3.86 -78.79
C PRO U 242 -64.74 -4.69 -80.04
N GLN U 243 -66.00 -4.70 -80.47
CA GLN U 243 -66.41 -5.45 -81.64
C GLN U 243 -66.44 -4.56 -82.88
N GLU U 244 -66.07 -5.16 -84.01
CA GLU U 244 -66.09 -4.46 -85.30
C GLU U 244 -66.55 -5.44 -86.36
N HIS U 245 -67.56 -5.06 -87.14
CA HIS U 245 -68.06 -5.90 -88.21
C HIS U 245 -67.34 -5.60 -89.51
N TYR U 246 -67.42 -6.54 -90.44
CA TYR U 246 -66.71 -6.45 -91.71
C TYR U 246 -67.63 -6.91 -92.82
N VAL U 247 -67.11 -6.93 -94.04
CA VAL U 247 -67.83 -7.38 -95.23
C VAL U 247 -67.19 -8.63 -95.83
N ARG U 248 -65.86 -8.61 -95.99
CA ARG U 248 -65.13 -9.72 -96.57
C ARG U 248 -64.16 -10.30 -95.55
N ILE U 249 -63.44 -11.34 -95.97
CA ILE U 249 -62.55 -12.05 -95.07
C ILE U 249 -61.38 -11.13 -94.67
N THR U 250 -60.79 -11.42 -93.51
CA THR U 250 -59.68 -10.64 -92.96
C THR U 250 -58.33 -11.27 -93.23
N GLY U 251 -58.14 -11.87 -94.40
CA GLY U 251 -56.85 -12.42 -94.78
C GLY U 251 -56.49 -13.74 -94.12
N LEU U 252 -57.24 -14.79 -94.46
CA LEU U 252 -56.98 -16.12 -93.94
C LEU U 252 -56.85 -17.08 -95.12
N TYR U 253 -56.06 -18.14 -94.92
CA TYR U 253 -55.78 -19.10 -95.98
C TYR U 253 -56.64 -20.33 -95.80
N PRO U 254 -57.62 -20.56 -96.65
CA PRO U 254 -58.52 -21.71 -96.48
C PRO U 254 -57.91 -22.97 -97.07
N THR U 255 -58.58 -24.09 -96.77
CA THR U 255 -58.20 -25.40 -97.30
C THR U 255 -59.43 -26.03 -97.95
N LEU U 256 -59.43 -26.06 -99.28
CA LEU U 256 -60.54 -26.65 -100.01
C LEU U 256 -60.52 -28.16 -99.89
N ASN U 257 -61.69 -28.75 -99.65
CA ASN U 257 -61.85 -30.21 -99.57
C ASN U 257 -60.89 -30.80 -98.54
N ILE U 258 -61.10 -30.44 -97.28
CA ILE U 258 -60.25 -30.94 -96.20
C ILE U 258 -60.98 -31.99 -95.37
N SER U 259 -62.25 -31.75 -95.04
CA SER U 259 -63.01 -32.68 -94.21
C SER U 259 -64.49 -32.47 -94.54
N ASP U 260 -65.36 -33.09 -93.76
CA ASP U 260 -66.80 -33.05 -93.98
C ASP U 260 -67.57 -32.57 -92.76
N GLU U 261 -67.10 -32.89 -91.55
CA GLU U 261 -67.82 -32.54 -90.33
C GLU U 261 -67.87 -31.03 -90.11
N PHE U 262 -66.97 -30.28 -90.75
CA PHE U 262 -66.84 -28.85 -90.50
C PHE U 262 -67.18 -28.00 -91.71
N SER U 263 -67.58 -28.62 -92.82
CA SER U 263 -68.09 -27.85 -93.95
C SER U 263 -69.39 -27.14 -93.58
N SER U 264 -70.25 -27.80 -92.83
CA SER U 264 -71.47 -27.17 -92.35
C SER U 264 -71.19 -26.02 -91.38
N ASN U 265 -70.01 -26.00 -90.77
CA ASN U 265 -69.61 -24.95 -89.85
C ASN U 265 -68.81 -23.85 -90.52
N VAL U 266 -68.59 -23.94 -91.83
CA VAL U 266 -67.84 -22.90 -92.54
C VAL U 266 -68.57 -21.57 -92.49
N ALA U 267 -69.90 -21.61 -92.52
CA ALA U 267 -70.68 -20.38 -92.37
C ALA U 267 -70.40 -19.73 -91.01
N ASN U 268 -70.34 -20.55 -89.96
CA ASN U 268 -69.98 -20.02 -88.65
C ASN U 268 -68.57 -19.45 -88.65
N TYR U 269 -67.64 -20.13 -89.33
CA TYR U 269 -66.25 -19.68 -89.37
C TYR U 269 -66.15 -18.32 -90.06
N GLN U 270 -66.88 -18.15 -91.17
CA GLN U 270 -66.88 -16.87 -91.86
C GLN U 270 -67.61 -15.80 -91.05
N LYS U 271 -68.60 -16.18 -90.26
CA LYS U 271 -69.22 -15.25 -89.32
C LYS U 271 -68.19 -14.77 -88.30
N VAL U 272 -67.34 -15.67 -87.82
CA VAL U 272 -66.23 -15.28 -86.96
C VAL U 272 -65.30 -14.33 -87.70
N GLY U 273 -64.98 -14.65 -88.96
CA GLY U 273 -64.11 -13.80 -89.73
C GLY U 273 -64.74 -12.45 -90.06
N MET U 274 -66.06 -12.37 -89.97
CA MET U 274 -66.77 -11.11 -90.17
C MET U 274 -66.55 -10.13 -89.02
N GLN U 275 -66.06 -10.60 -87.88
CA GLN U 275 -65.92 -9.76 -86.69
C GLN U 275 -64.49 -9.84 -86.17
N LYS U 276 -64.19 -8.94 -85.23
CA LYS U 276 -62.90 -8.99 -84.55
C LYS U 276 -62.72 -10.29 -83.77
N TYR U 277 -63.80 -10.80 -83.18
CA TYR U 277 -63.72 -11.98 -82.33
C TYR U 277 -65.05 -12.71 -82.40
N SER U 278 -65.15 -13.82 -81.69
CA SER U 278 -66.40 -14.57 -81.55
C SER U 278 -66.27 -15.46 -80.32
N THR U 279 -67.42 -15.82 -79.75
CA THR U 279 -67.49 -16.66 -78.57
C THR U 279 -68.27 -17.93 -78.90
N LEU U 280 -68.45 -18.78 -77.91
CA LEU U 280 -69.14 -20.06 -78.09
C LEU U 280 -69.99 -20.34 -76.87
N GLN U 281 -71.30 -20.50 -77.08
CA GLN U 281 -72.24 -20.88 -76.03
C GLN U 281 -72.87 -22.21 -76.41
N GLY U 282 -72.44 -23.27 -75.75
CA GLY U 282 -72.99 -24.59 -75.99
C GLY U 282 -72.83 -25.49 -74.79
N PRO U 283 -73.71 -26.49 -74.68
CA PRO U 283 -73.61 -27.45 -73.56
C PRO U 283 -72.35 -28.30 -73.68
N PRO U 284 -71.85 -28.83 -72.57
CA PRO U 284 -70.64 -29.65 -72.64
C PRO U 284 -70.86 -30.97 -73.34
N GLY U 285 -69.79 -31.58 -73.84
CA GLY U 285 -69.88 -32.85 -74.53
C GLY U 285 -70.25 -32.76 -75.99
N THR U 286 -70.46 -31.58 -76.53
CA THR U 286 -70.85 -31.43 -77.94
C THR U 286 -69.67 -31.56 -78.89
N GLY U 287 -68.54 -32.08 -78.43
CA GLY U 287 -67.36 -32.17 -79.26
C GLY U 287 -66.86 -30.81 -79.67
N LYS U 288 -67.02 -29.82 -78.79
CA LYS U 288 -66.52 -28.48 -79.10
C LYS U 288 -65.01 -28.48 -79.24
N SER U 289 -64.32 -29.45 -78.63
CA SER U 289 -62.89 -29.61 -78.89
C SER U 289 -62.65 -30.00 -80.35
N HIS U 290 -63.38 -31.00 -80.84
CA HIS U 290 -63.24 -31.37 -82.25
C HIS U 290 -63.77 -30.27 -83.15
N PHE U 291 -64.76 -29.51 -82.70
CA PHE U 291 -65.24 -28.36 -83.47
C PHE U 291 -64.15 -27.31 -83.60
N ALA U 292 -63.43 -27.04 -82.52
CA ALA U 292 -62.29 -26.12 -82.58
C ALA U 292 -61.19 -26.67 -83.47
N ILE U 293 -60.96 -27.99 -83.42
CA ILE U 293 -59.98 -28.60 -84.30
C ILE U 293 -60.35 -28.39 -85.76
N GLY U 294 -61.62 -28.61 -86.10
CA GLY U 294 -62.05 -28.37 -87.47
C GLY U 294 -62.00 -26.92 -87.87
N LEU U 295 -62.30 -26.02 -86.93
CA LEU U 295 -62.16 -24.59 -87.20
C LEU U 295 -60.71 -24.25 -87.52
N ALA U 296 -59.77 -24.84 -86.79
CA ALA U 296 -58.36 -24.69 -87.13
C ALA U 296 -58.09 -25.29 -88.51
N LEU U 297 -58.71 -26.43 -88.81
CA LEU U 297 -58.58 -27.04 -90.12
C LEU U 297 -59.04 -26.11 -91.24
N TYR U 298 -59.99 -25.22 -90.96
CA TYR U 298 -60.44 -24.28 -91.97
C TYR U 298 -59.32 -23.32 -92.38
N TYR U 299 -58.58 -22.80 -91.41
CA TYR U 299 -57.47 -21.88 -91.67
C TYR U 299 -56.24 -22.31 -90.90
N PRO U 300 -55.66 -23.47 -91.25
CA PRO U 300 -54.45 -23.93 -90.56
C PRO U 300 -53.17 -23.47 -91.26
N SER U 301 -53.01 -22.16 -91.43
CA SER U 301 -51.84 -21.64 -92.13
C SER U 301 -51.03 -20.64 -91.32
N ALA U 302 -51.67 -19.81 -90.51
CA ALA U 302 -50.95 -18.83 -89.72
C ALA U 302 -50.26 -19.51 -88.54
N ARG U 303 -49.32 -18.79 -87.93
CA ARG U 303 -48.57 -19.28 -86.77
C ARG U 303 -49.33 -18.84 -85.53
N ILE U 304 -49.86 -19.81 -84.79
CA ILE U 304 -50.88 -19.58 -83.78
C ILE U 304 -50.44 -20.16 -82.44
N VAL U 305 -51.05 -19.65 -81.37
CA VAL U 305 -50.87 -20.17 -80.02
C VAL U 305 -52.25 -20.31 -79.40
N TYR U 306 -52.42 -21.36 -78.60
CA TYR U 306 -53.67 -21.60 -77.89
C TYR U 306 -53.36 -21.87 -76.42
N THR U 307 -54.41 -21.92 -75.60
CA THR U 307 -54.25 -22.13 -74.17
C THR U 307 -55.55 -22.69 -73.61
N ALA U 308 -55.45 -23.22 -72.39
CA ALA U 308 -56.61 -23.72 -71.67
C ALA U 308 -56.38 -23.48 -70.18
N CYS U 309 -57.47 -23.44 -69.42
CA CYS U 309 -57.39 -23.15 -67.99
C CYS U 309 -56.61 -24.23 -67.25
N SER U 310 -57.13 -25.45 -67.25
CA SER U 310 -56.50 -26.54 -66.50
C SER U 310 -55.56 -27.34 -67.40
N HIS U 311 -55.01 -28.43 -66.88
CA HIS U 311 -54.09 -29.27 -67.62
C HIS U 311 -54.80 -30.38 -68.40
N ALA U 312 -55.77 -31.04 -67.78
CA ALA U 312 -56.43 -32.15 -68.46
C ALA U 312 -57.11 -31.71 -69.74
N ALA U 313 -57.76 -30.55 -69.71
CA ALA U 313 -58.42 -30.04 -70.92
C ALA U 313 -57.41 -29.78 -72.03
N VAL U 314 -56.30 -29.13 -71.71
CA VAL U 314 -55.32 -28.82 -72.75
C VAL U 314 -54.61 -30.08 -73.21
N ASP U 315 -54.43 -31.07 -72.33
CA ASP U 315 -53.83 -32.33 -72.75
C ASP U 315 -54.76 -33.08 -73.71
N ALA U 316 -56.05 -33.09 -73.42
CA ALA U 316 -57.01 -33.70 -74.34
C ALA U 316 -57.04 -32.97 -75.67
N LEU U 317 -56.96 -31.63 -75.63
CA LEU U 317 -56.90 -30.85 -76.86
C LEU U 317 -55.63 -31.17 -77.65
N CYS U 318 -54.50 -31.35 -76.95
CA CYS U 318 -53.27 -31.73 -77.62
C CYS U 318 -53.41 -33.08 -78.30
N GLU U 319 -54.04 -34.03 -77.61
CA GLU U 319 -54.26 -35.35 -78.22
C GLU U 319 -55.17 -35.26 -79.43
N LYS U 320 -56.22 -34.44 -79.33
CA LYS U 320 -57.15 -34.28 -80.46
C LYS U 320 -56.45 -33.65 -81.66
N ALA U 321 -55.63 -32.63 -81.43
CA ALA U 321 -54.88 -32.02 -82.51
C ALA U 321 -53.88 -33.00 -83.12
N LEU U 322 -53.22 -33.81 -82.28
CA LEU U 322 -52.32 -34.83 -82.80
C LEU U 322 -53.07 -35.81 -83.69
N LYS U 323 -54.26 -36.22 -83.25
CA LYS U 323 -55.06 -37.14 -84.03
C LYS U 323 -55.49 -36.53 -85.36
N TYR U 324 -55.86 -35.25 -85.37
CA TYR U 324 -56.31 -34.60 -86.59
C TYR U 324 -55.18 -33.88 -87.31
N LEU U 325 -54.58 -32.89 -86.64
CA LEU U 325 -53.62 -32.02 -87.29
C LEU U 325 -52.24 -32.68 -87.34
N PRO U 326 -51.40 -32.30 -88.29
CA PRO U 326 -50.03 -32.79 -88.31
C PRO U 326 -49.29 -32.43 -87.02
N ILE U 327 -48.41 -33.33 -86.59
CA ILE U 327 -47.82 -33.22 -85.26
C ILE U 327 -46.81 -32.08 -85.19
N ASP U 328 -45.88 -32.03 -86.15
CA ASP U 328 -44.75 -31.12 -85.99
C ASP U 328 -45.09 -29.70 -86.44
N LYS U 329 -46.24 -29.19 -85.98
CA LYS U 329 -46.56 -27.78 -86.08
C LYS U 329 -47.26 -27.28 -84.83
N CYS U 330 -47.40 -28.11 -83.81
CA CYS U 330 -48.08 -27.77 -82.56
C CYS U 330 -47.17 -28.11 -81.39
N SER U 331 -47.23 -27.28 -80.34
CA SER U 331 -46.41 -27.49 -79.15
C SER U 331 -47.22 -27.14 -77.91
N ARG U 332 -46.72 -27.59 -76.76
CA ARG U 332 -47.37 -27.34 -75.49
C ARG U 332 -46.34 -26.77 -74.53
N ILE U 333 -46.59 -25.57 -74.02
CA ILE U 333 -45.66 -24.88 -73.15
C ILE U 333 -45.86 -25.36 -71.71
N ILE U 334 -44.80 -25.87 -71.10
CA ILE U 334 -44.89 -26.42 -69.75
C ILE U 334 -44.25 -25.46 -68.76
N PRO U 335 -44.65 -25.48 -67.48
CA PRO U 335 -44.07 -24.57 -66.49
C PRO U 335 -42.78 -25.11 -65.90
N ALA U 336 -42.10 -24.25 -65.15
CA ALA U 336 -40.85 -24.64 -64.50
C ALA U 336 -41.10 -25.63 -63.37
N ARG U 337 -42.12 -25.37 -62.54
CA ARG U 337 -42.43 -26.29 -61.45
C ARG U 337 -42.85 -27.65 -61.97
N ALA U 338 -43.93 -27.68 -62.76
CA ALA U 338 -44.43 -28.91 -63.38
C ALA U 338 -44.68 -29.99 -62.33
N ARG U 339 -45.16 -29.58 -61.16
CA ARG U 339 -45.51 -30.53 -60.12
C ARG U 339 -46.73 -31.35 -60.46
N VAL U 340 -47.47 -30.95 -61.50
CA VAL U 340 -48.58 -31.72 -62.04
C VAL U 340 -48.18 -32.20 -63.43
N GLU U 341 -48.34 -33.50 -63.67
CA GLU U 341 -47.87 -34.09 -64.92
C GLU U 341 -48.70 -33.61 -66.10
N CYS U 342 -48.13 -33.73 -67.30
CA CYS U 342 -48.77 -33.19 -68.50
C CYS U 342 -48.60 -34.13 -69.69
N PHE U 343 -48.91 -33.64 -70.89
CA PHE U 343 -48.80 -34.41 -72.13
C PHE U 343 -47.31 -34.66 -72.39
N ASP U 344 -46.80 -35.74 -71.80
CA ASP U 344 -45.38 -36.07 -71.88
C ASP U 344 -45.11 -36.89 -73.15
N LYS U 345 -45.53 -36.35 -74.28
CA LYS U 345 -45.28 -37.00 -75.56
C LYS U 345 -44.81 -36.00 -76.61
N PHE U 346 -45.22 -34.74 -76.46
CA PHE U 346 -44.92 -33.71 -77.44
C PHE U 346 -43.62 -32.95 -77.14
N LYS U 347 -43.41 -31.86 -77.88
CA LYS U 347 -42.27 -30.99 -77.69
C LYS U 347 -42.31 -30.40 -76.29
N VAL U 348 -41.17 -30.43 -75.59
CA VAL U 348 -41.09 -29.91 -74.23
C VAL U 348 -40.92 -28.41 -74.27
N ASN U 349 -42.02 -27.68 -74.18
CA ASN U 349 -42.00 -26.22 -74.13
C ASN U 349 -41.27 -25.63 -75.33
N SER U 350 -41.74 -25.92 -76.53
CA SER U 350 -41.16 -25.39 -77.76
C SER U 350 -42.03 -24.20 -78.21
N THR U 351 -41.65 -23.01 -77.74
CA THR U 351 -42.43 -21.81 -78.04
C THR U 351 -42.40 -21.44 -79.51
N LEU U 352 -41.41 -21.92 -80.26
CA LEU U 352 -41.30 -21.58 -81.67
C LEU U 352 -42.08 -22.56 -82.54
N GLU U 353 -43.40 -22.57 -82.41
CA GLU U 353 -44.24 -23.52 -83.12
C GLU U 353 -45.43 -22.79 -83.75
N GLN U 354 -46.08 -23.48 -84.69
CA GLN U 354 -47.16 -22.87 -85.45
C GLN U 354 -48.51 -22.89 -84.75
N TYR U 355 -48.80 -23.93 -83.96
CA TYR U 355 -50.06 -23.99 -83.21
C TYR U 355 -49.73 -24.39 -81.76
N VAL U 356 -49.36 -23.41 -80.96
CA VAL U 356 -48.79 -23.68 -79.65
C VAL U 356 -49.91 -23.80 -78.61
N PHE U 357 -49.64 -24.55 -77.55
CA PHE U 357 -50.53 -24.75 -76.44
C PHE U 357 -49.79 -24.43 -75.14
N CYS U 358 -50.55 -24.08 -74.11
CA CYS U 358 -49.96 -23.69 -72.83
C CYS U 358 -51.05 -23.71 -71.76
N THR U 359 -50.69 -23.24 -70.56
CA THR U 359 -51.60 -23.10 -69.44
C THR U 359 -51.78 -21.62 -69.12
N VAL U 360 -52.79 -21.32 -68.31
CA VAL U 360 -53.15 -19.92 -68.04
C VAL U 360 -51.99 -19.19 -67.37
N ASN U 361 -51.40 -19.80 -66.34
CA ASN U 361 -50.39 -19.15 -65.53
C ASN U 361 -48.99 -19.27 -66.10
N ALA U 362 -48.83 -19.92 -67.26
CA ALA U 362 -47.52 -20.07 -67.87
C ALA U 362 -47.47 -19.41 -69.25
N LEU U 363 -48.45 -18.58 -69.58
CA LEU U 363 -48.47 -17.97 -70.90
C LEU U 363 -47.32 -16.97 -71.06
N PRO U 364 -46.74 -16.88 -72.25
CA PRO U 364 -45.72 -15.88 -72.51
C PRO U 364 -46.34 -14.54 -72.88
N GLU U 365 -45.49 -13.60 -73.25
CA GLU U 365 -45.90 -12.25 -73.61
C GLU U 365 -45.67 -11.99 -75.10
N THR U 366 -45.94 -13.01 -75.91
CA THR U 366 -45.76 -12.94 -77.36
C THR U 366 -47.04 -12.49 -78.05
N THR U 367 -47.10 -12.64 -79.37
CA THR U 367 -48.29 -12.26 -80.14
C THR U 367 -48.57 -13.37 -81.15
N ALA U 368 -49.79 -13.37 -81.68
CA ALA U 368 -50.21 -14.37 -82.64
C ALA U 368 -51.22 -13.78 -83.63
N ASP U 369 -51.95 -14.64 -84.34
CA ASP U 369 -52.95 -14.16 -85.29
C ASP U 369 -54.36 -14.45 -84.77
N ILE U 370 -54.65 -15.71 -84.48
CA ILE U 370 -55.91 -16.05 -83.82
C ILE U 370 -55.58 -16.74 -82.51
N VAL U 371 -56.61 -17.02 -81.70
CA VAL U 371 -56.41 -17.67 -80.42
C VAL U 371 -57.74 -18.19 -79.90
N VAL U 372 -57.70 -19.26 -79.10
CA VAL U 372 -58.88 -19.79 -78.43
C VAL U 372 -58.50 -20.14 -77.00
N PHE U 373 -59.46 -20.01 -76.10
CA PHE U 373 -59.26 -20.34 -74.70
C PHE U 373 -60.40 -21.21 -74.21
N ASP U 374 -60.09 -22.14 -73.30
CA ASP U 374 -61.04 -23.12 -72.81
C ASP U 374 -61.74 -22.61 -71.55
N GLU U 375 -63.06 -22.60 -71.57
CA GLU U 375 -63.90 -22.42 -70.39
C GLU U 375 -63.89 -21.00 -69.85
N ILE U 376 -65.07 -20.40 -69.68
CA ILE U 376 -65.16 -19.09 -69.06
C ILE U 376 -65.64 -19.16 -67.62
N SER U 377 -66.35 -20.22 -67.22
CA SER U 377 -66.69 -20.40 -65.82
C SER U 377 -65.44 -20.61 -64.99
N MET U 378 -64.47 -21.36 -65.53
CA MET U 378 -63.21 -21.58 -64.84
C MET U 378 -62.37 -20.32 -64.72
N ALA U 379 -62.62 -19.31 -65.55
CA ALA U 379 -61.79 -18.11 -65.57
C ALA U 379 -62.56 -16.93 -64.99
N THR U 380 -61.80 -16.00 -64.42
CA THR U 380 -62.30 -14.74 -63.86
C THR U 380 -62.17 -13.65 -64.92
N ASN U 381 -62.32 -12.38 -64.52
CA ASN U 381 -62.04 -11.26 -65.40
C ASN U 381 -60.60 -10.78 -65.34
N TYR U 382 -59.84 -11.18 -64.32
CA TYR U 382 -58.45 -10.77 -64.19
C TYR U 382 -57.60 -11.38 -65.29
N ASP U 383 -57.72 -12.70 -65.48
CA ASP U 383 -56.89 -13.39 -66.46
C ASP U 383 -57.25 -12.97 -67.88
N LEU U 384 -58.51 -12.62 -68.13
CA LEU U 384 -58.91 -12.14 -69.45
C LEU U 384 -58.10 -10.92 -69.85
N SER U 385 -58.05 -9.92 -68.96
CA SER U 385 -57.27 -8.74 -69.26
C SER U 385 -55.78 -9.03 -69.23
N VAL U 386 -55.35 -10.00 -68.43
CA VAL U 386 -53.93 -10.37 -68.40
C VAL U 386 -53.49 -10.90 -69.75
N VAL U 387 -54.25 -11.85 -70.31
CA VAL U 387 -53.93 -12.38 -71.62
C VAL U 387 -54.20 -11.36 -72.72
N ASN U 388 -55.11 -10.42 -72.47
CA ASN U 388 -55.29 -9.29 -73.38
C ASN U 388 -54.02 -8.45 -73.46
N ALA U 389 -53.37 -8.24 -72.32
CA ALA U 389 -52.16 -7.42 -72.30
C ALA U 389 -50.97 -8.17 -72.86
N ARG U 390 -50.69 -9.38 -72.35
CA ARG U 390 -49.49 -10.08 -72.76
C ARG U 390 -49.57 -10.51 -74.22
N LEU U 391 -50.73 -10.95 -74.68
CA LEU U 391 -50.92 -11.44 -76.04
C LEU U 391 -51.86 -10.51 -76.78
N ARG U 392 -51.48 -10.15 -78.01
CA ARG U 392 -52.29 -9.27 -78.85
C ARG U 392 -52.34 -9.87 -80.26
N ALA U 393 -53.54 -10.27 -80.68
CA ALA U 393 -53.71 -10.88 -82.00
C ALA U 393 -54.80 -10.17 -82.79
N LYS U 394 -55.04 -10.61 -84.03
CA LYS U 394 -56.04 -10.01 -84.90
C LYS U 394 -57.43 -10.60 -84.72
N HIS U 395 -57.54 -11.83 -84.22
CA HIS U 395 -58.83 -12.45 -84.02
C HIS U 395 -58.77 -13.31 -82.76
N TYR U 396 -59.88 -13.34 -82.02
CA TYR U 396 -59.94 -14.06 -80.76
C TYR U 396 -61.16 -14.96 -80.74
N VAL U 397 -60.98 -16.16 -80.18
CA VAL U 397 -62.05 -17.14 -80.04
C VAL U 397 -62.16 -17.52 -78.58
N TYR U 398 -63.40 -17.61 -78.09
CA TYR U 398 -63.66 -17.96 -76.70
C TYR U 398 -64.70 -19.06 -76.66
N ILE U 399 -64.56 -19.96 -75.68
CA ILE U 399 -65.52 -21.04 -75.48
C ILE U 399 -65.93 -21.05 -74.01
N GLY U 400 -67.07 -21.67 -73.75
CA GLY U 400 -67.59 -21.75 -72.40
C GLY U 400 -68.98 -22.36 -72.39
N ASP U 401 -69.48 -22.58 -71.18
CA ASP U 401 -70.78 -23.19 -71.00
C ASP U 401 -71.38 -22.73 -69.68
N PRO U 402 -72.63 -22.27 -69.67
CA PRO U 402 -73.25 -21.84 -68.41
C PRO U 402 -73.38 -22.95 -67.38
N ALA U 403 -73.56 -24.20 -67.81
CA ALA U 403 -73.82 -25.28 -66.87
C ALA U 403 -72.55 -25.85 -66.24
N GLN U 404 -71.41 -25.18 -66.41
CA GLN U 404 -70.20 -25.61 -65.73
C GLN U 404 -70.06 -24.92 -64.37
N LEU U 405 -69.24 -25.55 -63.47
CA LEU U 405 -69.09 -24.90 -62.18
C LEU U 405 -68.12 -23.72 -62.29
N PRO U 406 -68.32 -22.67 -61.51
CA PRO U 406 -67.47 -21.48 -61.63
C PRO U 406 -66.12 -21.67 -60.96
N ALA U 407 -65.31 -20.61 -60.93
CA ALA U 407 -64.05 -20.65 -60.21
C ALA U 407 -64.33 -20.80 -58.72
N PRO U 408 -63.37 -21.37 -57.96
CA PRO U 408 -63.60 -21.65 -56.53
C PRO U 408 -64.15 -20.49 -55.73
N ARG U 409 -63.46 -19.34 -55.76
CA ARG U 409 -63.87 -18.16 -55.01
C ARG U 409 -64.17 -18.51 -53.55
N THR U 410 -63.12 -18.96 -52.85
CA THR U 410 -63.30 -19.48 -51.50
C THR U 410 -63.82 -18.42 -50.55
N LEU U 411 -63.42 -17.16 -50.75
CA LEU U 411 -63.86 -16.09 -49.86
C LEU U 411 -65.38 -15.91 -49.91
N LEU U 412 -65.99 -16.19 -51.05
CA LEU U 412 -67.45 -16.13 -51.17
C LEU U 412 -68.03 -17.38 -50.55
N THR U 413 -68.57 -17.26 -49.35
CA THR U 413 -69.14 -18.39 -48.63
C THR U 413 -70.65 -18.29 -48.41
N LYS U 414 -71.27 -17.17 -48.76
CA LYS U 414 -72.70 -16.97 -48.55
C LYS U 414 -73.43 -16.89 -49.88
N GLY U 415 -74.55 -17.60 -49.97
CA GLY U 415 -75.39 -17.55 -51.15
C GLY U 415 -74.77 -18.29 -52.33
N THR U 416 -75.47 -18.22 -53.45
CA THR U 416 -75.03 -18.83 -54.69
C THR U 416 -74.80 -17.74 -55.75
N LEU U 417 -73.82 -17.99 -56.61
CA LEU U 417 -73.39 -17.01 -57.59
C LEU U 417 -74.00 -17.36 -58.93
N GLU U 418 -74.76 -16.43 -59.50
CA GLU U 418 -75.48 -16.70 -60.75
C GLU U 418 -74.50 -16.96 -61.89
N PRO U 419 -74.81 -17.90 -62.78
CA PRO U 419 -73.86 -18.24 -63.86
C PRO U 419 -73.52 -17.07 -64.76
N GLU U 420 -74.46 -16.15 -64.99
CA GLU U 420 -74.16 -14.97 -65.79
C GLU U 420 -73.12 -14.08 -65.12
N TYR U 421 -73.06 -14.10 -63.80
CA TYR U 421 -72.14 -13.24 -63.06
C TYR U 421 -70.83 -13.93 -62.73
N PHE U 422 -70.52 -15.07 -63.35
CA PHE U 422 -69.23 -15.71 -63.12
C PHE U 422 -68.09 -14.81 -63.56
N ASN U 423 -68.24 -14.16 -64.72
CA ASN U 423 -67.30 -13.16 -65.19
C ASN U 423 -68.05 -12.21 -66.11
N SER U 424 -67.32 -11.25 -66.70
CA SER U 424 -67.93 -10.33 -67.65
C SER U 424 -68.45 -11.07 -68.87
N VAL U 425 -67.67 -12.04 -69.37
CA VAL U 425 -68.09 -12.82 -70.53
C VAL U 425 -69.37 -13.58 -70.23
N CYS U 426 -69.53 -14.07 -69.01
CA CYS U 426 -70.75 -14.81 -68.66
C CYS U 426 -71.97 -13.90 -68.74
N ARG U 427 -71.86 -12.69 -68.21
CA ARG U 427 -72.98 -11.74 -68.33
C ARG U 427 -73.25 -11.42 -69.79
N LEU U 428 -72.20 -11.22 -70.59
CA LEU U 428 -72.40 -10.91 -72.00
C LEU U 428 -73.08 -12.06 -72.74
N MET U 429 -72.67 -13.29 -72.43
CA MET U 429 -73.18 -14.46 -73.14
C MET U 429 -74.58 -14.84 -72.67
N LYS U 430 -74.96 -14.44 -71.45
CA LYS U 430 -76.34 -14.60 -71.01
C LYS U 430 -77.22 -13.41 -71.37
N THR U 431 -76.63 -12.28 -71.76
CA THR U 431 -77.40 -11.09 -72.10
C THR U 431 -77.66 -10.96 -73.60
N ILE U 432 -76.64 -11.15 -74.43
CA ILE U 432 -76.78 -11.05 -75.87
C ILE U 432 -76.90 -12.42 -76.54
N GLY U 433 -76.69 -13.50 -75.79
CA GLY U 433 -76.80 -14.82 -76.35
C GLY U 433 -75.52 -15.29 -77.00
N PRO U 434 -75.59 -16.42 -77.70
CA PRO U 434 -74.39 -17.02 -78.28
C PRO U 434 -73.96 -16.31 -79.56
N ASP U 435 -72.71 -16.55 -79.94
CA ASP U 435 -72.24 -16.26 -81.29
C ASP U 435 -72.55 -17.42 -82.22
N MET U 436 -72.38 -18.65 -81.73
CA MET U 436 -72.83 -19.85 -82.40
C MET U 436 -73.06 -20.92 -81.33
N PHE U 437 -74.11 -21.70 -81.52
CA PHE U 437 -74.56 -22.64 -80.50
C PHE U 437 -74.60 -24.04 -81.09
N LEU U 438 -74.15 -25.02 -80.30
CA LEU U 438 -74.15 -26.41 -80.70
C LEU U 438 -74.66 -27.25 -79.53
N GLY U 439 -75.81 -27.88 -79.71
CA GLY U 439 -76.46 -28.60 -78.63
C GLY U 439 -76.65 -30.08 -78.87
N THR U 440 -75.67 -30.74 -79.46
CA THR U 440 -75.73 -32.19 -79.66
C THR U 440 -74.42 -32.80 -79.18
N CYS U 441 -74.51 -33.77 -78.26
CA CYS U 441 -73.34 -34.36 -77.63
C CYS U 441 -73.07 -35.73 -78.23
N ARG U 442 -71.84 -35.94 -78.70
CA ARG U 442 -71.44 -37.24 -79.24
C ARG U 442 -70.94 -38.19 -78.16
N ARG U 443 -70.53 -37.67 -77.00
CA ARG U 443 -69.90 -38.53 -75.99
C ARG U 443 -70.94 -39.45 -75.33
N CYS U 444 -72.08 -38.91 -74.94
CA CYS U 444 -73.03 -39.66 -74.14
C CYS U 444 -74.18 -40.20 -74.99
N PRO U 445 -74.65 -41.40 -74.70
CA PRO U 445 -75.81 -41.95 -75.42
C PRO U 445 -77.14 -41.33 -75.02
N ALA U 446 -78.24 -41.85 -75.55
CA ALA U 446 -79.53 -41.18 -75.46
C ALA U 446 -80.06 -41.09 -74.04
N GLU U 447 -79.84 -42.12 -73.21
CA GLU U 447 -80.40 -42.08 -71.87
C GLU U 447 -79.78 -40.95 -71.04
N ILE U 448 -78.47 -40.74 -71.16
CA ILE U 448 -77.82 -39.69 -70.38
C ILE U 448 -78.28 -38.32 -70.83
N VAL U 449 -78.37 -38.10 -72.15
CA VAL U 449 -78.82 -36.78 -72.62
C VAL U 449 -80.28 -36.54 -72.23
N ASP U 450 -81.10 -37.59 -72.26
CA ASP U 450 -82.48 -37.44 -71.82
C ASP U 450 -82.55 -37.06 -70.34
N THR U 451 -81.74 -37.73 -69.51
CA THR U 451 -81.75 -37.42 -68.08
C THR U 451 -81.26 -35.99 -67.83
N VAL U 452 -80.19 -35.57 -68.50
CA VAL U 452 -79.65 -34.24 -68.24
C VAL U 452 -80.61 -33.16 -68.75
N SER U 453 -81.25 -33.38 -69.90
CA SER U 453 -82.21 -32.41 -70.40
C SER U 453 -83.45 -32.35 -69.52
N ALA U 454 -83.87 -33.49 -68.97
CA ALA U 454 -85.06 -33.49 -68.13
C ALA U 454 -84.80 -32.90 -66.76
N LEU U 455 -83.63 -33.21 -66.18
CA LEU U 455 -83.38 -32.88 -64.78
C LEU U 455 -82.91 -31.44 -64.58
N VAL U 456 -81.76 -31.09 -65.16
CA VAL U 456 -81.21 -29.76 -64.92
C VAL U 456 -81.32 -28.88 -66.15
N TYR U 457 -81.07 -29.44 -67.33
CA TYR U 457 -81.09 -28.65 -68.56
C TYR U 457 -82.52 -28.35 -68.98
N ASP U 458 -82.66 -27.54 -70.02
CA ASP U 458 -83.94 -27.37 -70.67
C ASP U 458 -84.24 -28.58 -71.54
N ASN U 459 -85.52 -28.88 -71.72
CA ASN U 459 -85.92 -30.04 -72.50
C ASN U 459 -85.72 -29.78 -74.00
N LYS U 460 -84.46 -29.63 -74.40
CA LYS U 460 -84.14 -29.29 -75.78
C LYS U 460 -82.98 -30.16 -76.29
N LEU U 461 -82.23 -30.74 -75.38
CA LEU U 461 -81.01 -31.46 -75.73
C LEU U 461 -81.31 -32.78 -76.42
N LYS U 462 -80.36 -33.22 -77.25
CA LYS U 462 -80.49 -34.45 -78.01
C LYS U 462 -79.12 -35.10 -78.15
N ALA U 463 -79.12 -36.33 -78.68
CA ALA U 463 -77.88 -37.03 -78.97
C ALA U 463 -78.04 -37.84 -80.26
N HIS U 464 -77.03 -38.67 -80.57
CA HIS U 464 -77.07 -39.49 -81.77
C HIS U 464 -77.07 -40.98 -81.50
N LYS U 465 -76.66 -41.43 -80.32
CA LYS U 465 -76.54 -42.85 -80.03
C LYS U 465 -77.64 -43.30 -79.08
N ASP U 466 -78.02 -44.56 -79.20
CA ASP U 466 -79.02 -45.18 -78.35
C ASP U 466 -78.38 -45.65 -77.05
N LYS U 467 -79.23 -46.11 -76.13
CA LYS U 467 -78.76 -46.48 -74.80
C LYS U 467 -77.81 -47.67 -74.84
N SER U 468 -76.74 -47.59 -74.06
CA SER U 468 -75.77 -48.67 -73.95
C SER U 468 -76.18 -49.75 -72.96
N ALA U 469 -77.26 -49.52 -72.19
CA ALA U 469 -77.75 -50.48 -71.21
C ALA U 469 -76.67 -50.85 -70.19
N GLN U 470 -75.96 -49.84 -69.70
CA GLN U 470 -74.93 -50.00 -68.68
C GLN U 470 -75.25 -49.15 -67.46
N CYS U 471 -76.54 -48.94 -67.20
CA CYS U 471 -76.99 -48.04 -66.14
C CYS U 471 -77.21 -48.83 -64.86
N PHE U 472 -76.61 -48.36 -63.77
CA PHE U 472 -76.72 -49.01 -62.47
C PHE U 472 -76.67 -47.94 -61.38
N LYS U 473 -77.06 -48.34 -60.17
CA LYS U 473 -77.13 -47.41 -59.05
C LYS U 473 -76.99 -48.21 -57.75
N MET U 474 -76.75 -47.48 -56.66
CA MET U 474 -76.80 -48.05 -55.31
C MET U 474 -77.10 -46.90 -54.35
N PHE U 475 -77.68 -47.20 -53.19
CA PHE U 475 -78.16 -46.16 -52.29
C PHE U 475 -77.63 -46.21 -50.87
N TYR U 476 -77.12 -47.35 -50.39
CA TYR U 476 -76.89 -47.46 -48.96
C TYR U 476 -75.82 -46.47 -48.51
N LYS U 477 -75.94 -46.04 -47.26
CA LYS U 477 -75.28 -44.84 -46.78
C LYS U 477 -73.78 -45.00 -46.56
N GLY U 478 -73.39 -45.84 -45.61
CA GLY U 478 -72.00 -45.90 -45.21
C GLY U 478 -71.64 -44.74 -44.31
N VAL U 479 -70.60 -44.94 -43.50
CA VAL U 479 -70.24 -43.99 -42.45
C VAL U 479 -68.91 -43.34 -42.79
N ILE U 480 -68.74 -42.09 -42.34
CA ILE U 480 -67.50 -41.34 -42.50
C ILE U 480 -66.85 -41.19 -41.13
N THR U 481 -65.63 -40.62 -41.12
CA THR U 481 -64.88 -40.50 -39.86
C THR U 481 -64.32 -39.11 -39.60
N HIS U 482 -64.78 -38.09 -40.32
CA HIS U 482 -64.28 -36.71 -40.17
C HIS U 482 -62.77 -36.65 -40.33
N ASP U 483 -62.35 -36.97 -41.55
CA ASP U 483 -60.94 -36.93 -41.93
C ASP U 483 -60.51 -35.49 -42.21
N VAL U 484 -59.35 -35.32 -42.85
CA VAL U 484 -58.85 -34.01 -43.22
C VAL U 484 -59.91 -33.27 -44.02
N SER U 485 -60.33 -32.11 -43.50
CA SER U 485 -61.48 -31.38 -44.02
C SER U 485 -62.72 -32.27 -43.99
N SER U 486 -63.03 -32.92 -45.12
CA SER U 486 -64.09 -33.89 -45.14
C SER U 486 -63.54 -35.29 -44.89
N ALA U 487 -64.40 -36.30 -45.06
CA ALA U 487 -63.99 -37.67 -44.74
C ALA U 487 -64.22 -38.62 -45.92
N ILE U 488 -64.06 -39.93 -45.65
CA ILE U 488 -64.18 -40.96 -46.67
C ILE U 488 -65.18 -42.00 -46.22
N ASN U 489 -66.01 -42.46 -47.15
CA ASN U 489 -66.98 -43.52 -46.91
C ASN U 489 -66.32 -44.85 -47.28
N ARG U 490 -65.72 -45.49 -46.29
CA ARG U 490 -64.93 -46.70 -46.50
C ARG U 490 -65.77 -47.95 -46.79
N PRO U 491 -66.92 -48.16 -46.12
CA PRO U 491 -67.73 -49.34 -46.45
C PRO U 491 -68.13 -49.39 -47.92
N GLN U 492 -68.39 -48.25 -48.56
CA GLN U 492 -68.67 -48.26 -49.98
C GLN U 492 -67.45 -48.75 -50.76
N ILE U 493 -66.26 -48.35 -50.34
CA ILE U 493 -65.04 -48.82 -50.99
C ILE U 493 -64.92 -50.33 -50.86
N GLY U 494 -65.19 -50.86 -49.67
CA GLY U 494 -65.13 -52.31 -49.48
C GLY U 494 -66.14 -53.05 -50.32
N VAL U 495 -67.37 -52.52 -50.40
CA VAL U 495 -68.41 -53.15 -51.21
C VAL U 495 -68.00 -53.15 -52.69
N VAL U 496 -67.48 -52.04 -53.18
CA VAL U 496 -67.03 -51.97 -54.57
C VAL U 496 -65.89 -52.96 -54.81
N ARG U 497 -64.96 -53.05 -53.85
CA ARG U 497 -63.86 -54.01 -53.96
C ARG U 497 -64.38 -55.43 -54.08
N GLU U 498 -65.38 -55.78 -53.26
CA GLU U 498 -65.93 -57.14 -53.30
C GLU U 498 -66.67 -57.40 -54.61
N PHE U 499 -67.39 -56.39 -55.11
CA PHE U 499 -68.38 -56.63 -56.15
C PHE U 499 -67.77 -56.55 -57.56
N LEU U 500 -66.77 -55.69 -57.74
CA LEU U 500 -66.29 -55.28 -59.06
C LEU U 500 -66.05 -56.43 -60.04
N THR U 501 -65.55 -57.56 -59.55
CA THR U 501 -65.09 -58.66 -60.38
C THR U 501 -66.15 -59.11 -61.38
N ARG U 502 -67.42 -59.10 -60.96
CA ARG U 502 -68.51 -59.47 -61.86
C ARG U 502 -68.58 -58.57 -63.08
N ASN U 503 -68.18 -57.31 -62.96
CA ASN U 503 -68.14 -56.39 -64.09
C ASN U 503 -66.82 -56.56 -64.82
N PRO U 504 -66.80 -57.20 -65.99
CA PRO U 504 -65.52 -57.52 -66.64
C PRO U 504 -64.76 -56.32 -67.18
N ALA U 505 -65.43 -55.47 -67.96
CA ALA U 505 -64.75 -54.40 -68.67
C ALA U 505 -64.72 -53.11 -67.85
N TRP U 506 -64.78 -53.24 -66.53
CA TRP U 506 -64.82 -52.10 -65.64
C TRP U 506 -63.61 -52.00 -64.74
N ARG U 507 -62.53 -52.73 -65.04
CA ARG U 507 -61.32 -52.64 -64.24
C ARG U 507 -60.62 -51.29 -64.44
N LYS U 508 -60.80 -50.67 -65.62
CA LYS U 508 -60.22 -49.37 -65.92
C LYS U 508 -61.24 -48.24 -65.77
N ALA U 509 -62.38 -48.54 -65.15
CA ALA U 509 -63.43 -47.55 -64.95
C ALA U 509 -62.90 -46.40 -64.09
N VAL U 510 -63.11 -45.17 -64.57
CA VAL U 510 -62.51 -43.99 -63.96
C VAL U 510 -63.21 -43.67 -62.65
N PHE U 511 -62.54 -43.96 -61.54
CA PHE U 511 -63.07 -43.62 -60.23
C PHE U 511 -63.09 -42.11 -60.04
N ILE U 512 -64.17 -41.61 -59.45
CA ILE U 512 -64.38 -40.18 -59.27
C ILE U 512 -64.50 -39.88 -57.79
N SER U 513 -63.72 -38.92 -57.31
CA SER U 513 -63.84 -38.42 -55.96
C SER U 513 -63.35 -36.97 -55.89
N PRO U 514 -64.24 -36.01 -55.67
CA PRO U 514 -63.79 -34.62 -55.50
C PRO U 514 -62.88 -34.43 -54.30
N TYR U 515 -62.93 -35.32 -53.31
CA TYR U 515 -62.15 -35.18 -52.09
C TYR U 515 -60.80 -35.86 -52.26
N ASN U 516 -59.72 -35.14 -51.96
CA ASN U 516 -58.38 -35.67 -52.18
C ASN U 516 -58.12 -36.90 -51.33
N SER U 517 -58.57 -36.89 -50.07
CA SER U 517 -58.32 -38.03 -49.19
C SER U 517 -58.93 -39.30 -49.74
N GLN U 518 -60.21 -39.25 -50.11
CA GLN U 518 -60.88 -40.40 -50.71
C GLN U 518 -60.27 -40.73 -52.08
N ASN U 519 -59.95 -39.69 -52.85
CA ASN U 519 -59.37 -39.87 -54.18
C ASN U 519 -58.07 -40.66 -54.10
N ALA U 520 -57.31 -40.47 -53.03
CA ALA U 520 -56.04 -41.18 -52.88
C ALA U 520 -56.24 -42.55 -52.23
N VAL U 521 -57.10 -42.63 -51.21
CA VAL U 521 -57.27 -43.89 -50.49
C VAL U 521 -57.92 -44.94 -51.36
N ALA U 522 -58.75 -44.52 -52.33
CA ALA U 522 -59.35 -45.49 -53.24
C ALA U 522 -58.28 -46.19 -54.09
N SER U 523 -57.32 -45.42 -54.60
CA SER U 523 -56.20 -46.03 -55.32
C SER U 523 -55.32 -46.83 -54.37
N LYS U 524 -55.21 -46.39 -53.12
CA LYS U 524 -54.43 -47.13 -52.13
C LYS U 524 -55.03 -48.52 -51.89
N ILE U 525 -56.35 -48.61 -51.90
CA ILE U 525 -57.01 -49.87 -51.57
C ILE U 525 -56.87 -50.87 -52.72
N LEU U 526 -57.36 -50.51 -53.90
CA LEU U 526 -57.34 -51.41 -55.05
C LEU U 526 -56.54 -50.88 -56.22
N GLY U 527 -56.67 -49.60 -56.55
CA GLY U 527 -55.94 -49.01 -57.64
C GLY U 527 -56.76 -48.70 -58.88
N LEU U 528 -58.03 -48.36 -58.72
CA LEU U 528 -58.85 -47.94 -59.85
C LEU U 528 -58.35 -46.60 -60.37
N PRO U 529 -58.61 -46.28 -61.65
CA PRO U 529 -58.20 -44.97 -62.16
C PRO U 529 -58.90 -43.85 -61.41
N THR U 530 -58.11 -43.10 -60.64
CA THR U 530 -58.67 -42.08 -59.76
C THR U 530 -58.79 -40.75 -60.49
N GLN U 531 -59.77 -39.95 -60.07
CA GLN U 531 -60.02 -38.68 -60.75
C GLN U 531 -60.95 -37.83 -59.88
N THR U 532 -60.80 -36.52 -59.99
CA THR U 532 -61.68 -35.57 -59.35
C THR U 532 -62.43 -34.75 -60.39
N VAL U 533 -63.48 -34.07 -59.95
CA VAL U 533 -64.37 -33.38 -60.87
C VAL U 533 -63.63 -32.28 -61.62
N ASP U 534 -62.82 -31.50 -60.91
CA ASP U 534 -62.09 -30.40 -61.55
C ASP U 534 -61.09 -30.94 -62.56
N SER U 535 -60.33 -31.98 -62.20
CA SER U 535 -59.45 -32.61 -63.16
C SER U 535 -60.22 -33.32 -64.27
N SER U 536 -61.48 -33.67 -64.02
CA SER U 536 -62.40 -34.11 -65.06
C SER U 536 -62.94 -32.89 -65.79
N GLN U 537 -64.04 -33.06 -66.53
CA GLN U 537 -64.76 -31.98 -67.20
C GLN U 537 -64.13 -31.65 -68.56
N GLY U 538 -64.98 -31.50 -69.58
CA GLY U 538 -64.50 -31.20 -70.92
C GLY U 538 -64.14 -32.45 -71.69
N SER U 539 -63.68 -33.47 -70.98
CA SER U 539 -63.27 -34.74 -71.60
C SER U 539 -64.42 -35.74 -71.59
N GLU U 540 -64.10 -37.00 -71.88
CA GLU U 540 -65.06 -38.10 -71.81
C GLU U 540 -64.29 -39.40 -71.71
N TYR U 541 -64.88 -40.37 -70.98
CA TYR U 541 -64.23 -41.64 -70.73
C TYR U 541 -65.21 -42.78 -70.93
N ASP U 542 -64.70 -43.90 -71.47
CA ASP U 542 -65.55 -45.05 -71.77
C ASP U 542 -66.16 -45.63 -70.50
N TYR U 543 -65.34 -45.79 -69.46
CA TYR U 543 -65.78 -46.44 -68.23
C TYR U 543 -65.48 -45.53 -67.06
N VAL U 544 -66.53 -45.15 -66.32
CA VAL U 544 -66.41 -44.17 -65.24
C VAL U 544 -67.08 -44.73 -63.99
N ILE U 545 -66.52 -44.41 -62.83
CA ILE U 545 -67.09 -44.78 -61.55
C ILE U 545 -67.25 -43.50 -60.73
N PHE U 546 -68.49 -43.16 -60.39
CA PHE U 546 -68.76 -42.01 -59.55
C PHE U 546 -69.04 -42.45 -58.12
N THR U 547 -68.46 -41.71 -57.17
CA THR U 547 -68.61 -42.02 -55.75
C THR U 547 -68.96 -40.74 -54.99
N GLN U 548 -70.12 -40.75 -54.35
CA GLN U 548 -70.51 -39.69 -53.43
C GLN U 548 -70.29 -40.17 -52.01
N THR U 549 -69.49 -39.41 -51.25
CA THR U 549 -69.12 -39.84 -49.89
C THR U 549 -70.29 -39.65 -48.95
N THR U 550 -70.74 -38.40 -48.78
CA THR U 550 -71.85 -38.08 -47.91
C THR U 550 -72.67 -36.98 -48.56
N GLU U 551 -73.62 -36.43 -47.81
CA GLU U 551 -74.48 -35.36 -48.29
C GLU U 551 -74.03 -34.03 -47.69
N THR U 552 -73.88 -33.03 -48.56
CA THR U 552 -73.50 -31.67 -48.19
C THR U 552 -73.68 -30.80 -49.42
N ALA U 553 -73.67 -29.48 -49.21
CA ALA U 553 -73.87 -28.56 -50.32
C ALA U 553 -72.88 -28.78 -51.43
N HIS U 554 -71.64 -29.15 -51.08
CA HIS U 554 -70.63 -29.49 -52.08
C HIS U 554 -71.01 -30.76 -52.82
N SER U 555 -71.35 -31.81 -52.08
CA SER U 555 -71.69 -33.09 -52.70
C SER U 555 -73.10 -33.13 -53.27
N CYS U 556 -74.02 -32.29 -52.78
CA CYS U 556 -75.38 -32.24 -53.30
C CYS U 556 -75.54 -31.19 -54.39
N ASN U 557 -74.44 -30.60 -54.86
CA ASN U 557 -74.52 -29.58 -55.89
C ASN U 557 -75.03 -30.19 -57.19
N VAL U 558 -76.09 -29.58 -57.74
CA VAL U 558 -76.65 -30.06 -59.00
C VAL U 558 -75.65 -29.88 -60.13
N ASN U 559 -74.95 -28.73 -60.14
CA ASN U 559 -73.96 -28.47 -61.17
C ASN U 559 -72.82 -29.48 -61.13
N ARG U 560 -72.31 -29.79 -59.92
CA ARG U 560 -71.23 -30.77 -59.81
C ARG U 560 -71.65 -32.11 -60.38
N PHE U 561 -72.85 -32.58 -60.02
CA PHE U 561 -73.30 -33.87 -60.48
C PHE U 561 -73.54 -33.87 -61.98
N ASN U 562 -74.17 -32.83 -62.52
CA ASN U 562 -74.48 -32.83 -63.95
C ASN U 562 -73.22 -32.71 -64.80
N VAL U 563 -72.26 -31.90 -64.37
CA VAL U 563 -70.99 -31.83 -65.09
C VAL U 563 -70.18 -33.10 -64.88
N ALA U 564 -70.45 -33.85 -63.82
CA ALA U 564 -69.78 -35.13 -63.60
C ALA U 564 -70.34 -36.21 -64.52
N ILE U 565 -71.65 -36.21 -64.74
CA ILE U 565 -72.28 -37.26 -65.54
C ILE U 565 -72.20 -36.97 -67.04
N THR U 566 -71.75 -35.78 -67.43
CA THR U 566 -71.63 -35.46 -68.85
C THR U 566 -70.35 -36.06 -69.43
N ARG U 567 -69.69 -36.92 -68.65
CA ARG U 567 -68.40 -37.50 -69.02
C ARG U 567 -68.49 -39.01 -69.21
N ALA U 568 -69.66 -39.51 -69.59
CA ALA U 568 -69.85 -40.94 -69.82
C ALA U 568 -69.88 -41.23 -71.33
N LYS U 569 -69.21 -42.30 -71.72
CA LYS U 569 -69.09 -42.64 -73.13
C LYS U 569 -69.82 -43.93 -73.48
N VAL U 570 -69.45 -45.04 -72.83
CA VAL U 570 -70.08 -46.32 -73.09
C VAL U 570 -70.60 -47.00 -71.82
N GLY U 571 -70.07 -46.67 -70.65
CA GLY U 571 -70.52 -47.30 -69.42
C GLY U 571 -70.18 -46.47 -68.20
N ILE U 572 -71.02 -46.56 -67.17
CA ILE U 572 -70.80 -45.82 -65.93
C ILE U 572 -71.56 -46.51 -64.82
N LEU U 573 -71.08 -46.36 -63.60
CA LEU U 573 -71.77 -46.84 -62.41
C LEU U 573 -71.50 -45.86 -61.29
N CYS U 574 -72.55 -45.43 -60.61
CA CYS U 574 -72.44 -44.41 -59.59
C CYS U 574 -73.09 -44.89 -58.30
N ILE U 575 -72.43 -44.58 -57.18
CA ILE U 575 -72.99 -44.80 -55.86
C ILE U 575 -73.45 -43.45 -55.34
N MET U 576 -74.39 -43.48 -54.40
CA MET U 576 -74.99 -42.24 -53.89
C MET U 576 -75.72 -42.55 -52.58
N SER U 577 -76.08 -41.48 -51.85
CA SER U 577 -76.75 -41.67 -50.58
C SER U 577 -78.03 -40.84 -50.43
N ASP U 578 -78.29 -39.91 -51.34
CA ASP U 578 -79.46 -39.04 -51.22
C ASP U 578 -80.68 -39.75 -51.77
N ARG U 579 -81.83 -39.53 -51.14
CA ARG U 579 -83.05 -40.22 -51.51
C ARG U 579 -83.74 -39.62 -52.73
N ASP U 580 -84.13 -38.33 -52.64
CA ASP U 580 -84.84 -37.71 -53.75
C ASP U 580 -83.96 -37.59 -54.98
N LEU U 581 -82.67 -37.29 -54.80
CA LEU U 581 -81.74 -37.29 -55.93
C LEU U 581 -81.63 -38.68 -56.54
N TYR U 582 -81.66 -39.74 -55.72
CA TYR U 582 -81.70 -41.10 -56.25
C TYR U 582 -82.95 -41.33 -57.07
N ASP U 583 -84.09 -40.81 -56.62
CA ASP U 583 -85.33 -40.93 -57.37
C ASP U 583 -85.36 -40.02 -58.61
N LYS U 584 -84.45 -39.04 -58.68
CA LYS U 584 -84.54 -38.02 -59.73
C LYS U 584 -84.22 -38.59 -61.10
N LEU U 585 -83.13 -39.34 -61.22
CA LEU U 585 -82.69 -39.83 -62.53
C LEU U 585 -83.63 -40.92 -63.03
N GLN U 586 -83.41 -41.34 -64.28
CA GLN U 586 -84.30 -42.28 -64.96
C GLN U 586 -83.49 -43.48 -65.47
N PHE U 587 -82.67 -44.05 -64.59
CA PHE U 587 -81.84 -45.19 -64.96
C PHE U 587 -82.25 -46.43 -64.17
N THR U 588 -81.57 -47.54 -64.38
CA THR U 588 -81.81 -48.76 -63.62
C THR U 588 -81.30 -48.57 -62.19
N SER U 589 -82.11 -49.02 -61.24
CA SER U 589 -81.78 -48.82 -59.83
C SER U 589 -80.77 -49.87 -59.34
N LEU U 590 -81.16 -51.14 -59.38
CA LEU U 590 -80.33 -52.23 -58.88
C LEU U 590 -79.78 -51.97 -57.49
N ALA V 1 -34.66 36.79 -85.29
CA ALA V 1 -34.91 37.21 -86.67
C ALA V 1 -36.13 38.14 -86.72
N VAL V 2 -35.95 39.30 -87.35
CA VAL V 2 -37.00 40.30 -87.46
C VAL V 2 -37.48 40.36 -88.90
N GLY V 3 -38.63 41.01 -89.10
CA GLY V 3 -39.22 41.10 -90.42
C GLY V 3 -40.24 42.21 -90.48
N ALA V 4 -40.77 42.42 -91.67
CA ALA V 4 -41.74 43.48 -91.93
C ALA V 4 -43.15 42.95 -91.73
N CYS V 5 -44.02 43.80 -91.16
CA CYS V 5 -45.40 43.41 -90.90
C CYS V 5 -46.09 43.03 -92.20
N VAL V 6 -46.77 41.88 -92.19
CA VAL V 6 -47.38 41.37 -93.41
C VAL V 6 -48.49 42.30 -93.89
N LEU V 7 -49.12 43.03 -92.98
CA LEU V 7 -50.17 43.98 -93.33
C LEU V 7 -49.68 45.42 -93.34
N CYS V 8 -48.42 45.65 -92.99
CA CYS V 8 -47.88 47.01 -92.92
C CYS V 8 -46.54 47.19 -93.62
N ASN V 9 -45.81 46.11 -93.90
CA ASN V 9 -44.43 46.18 -94.39
C ASN V 9 -43.53 46.96 -93.45
N SER V 10 -43.98 47.16 -92.21
CA SER V 10 -43.18 47.81 -91.18
C SER V 10 -42.44 46.74 -90.39
N GLN V 11 -41.19 47.05 -90.05
CA GLN V 11 -40.37 46.11 -89.29
C GLN V 11 -41.07 45.73 -87.99
N THR V 12 -40.94 44.47 -87.59
CA THR V 12 -41.60 43.98 -86.40
C THR V 12 -40.89 42.72 -85.93
N SER V 13 -41.20 42.31 -84.71
CA SER V 13 -40.63 41.12 -84.10
C SER V 13 -41.73 40.27 -83.47
N LEU V 14 -42.83 40.07 -84.20
CA LEU V 14 -43.94 39.30 -83.68
C LEU V 14 -44.53 38.43 -84.78
N ARG V 15 -44.82 37.18 -84.43
CA ARG V 15 -45.51 36.25 -85.30
C ARG V 15 -46.52 35.49 -84.46
N CYS V 16 -47.71 35.25 -85.02
CA CYS V 16 -48.71 34.49 -84.28
C CYS V 16 -48.37 33.02 -84.29
N GLY V 17 -48.31 32.42 -83.11
CA GLY V 17 -48.04 30.98 -83.02
C GLY V 17 -49.14 30.13 -83.62
N ALA V 18 -50.39 30.54 -83.49
CA ALA V 18 -51.51 29.76 -84.01
C ALA V 18 -51.67 29.88 -85.52
N CYS V 19 -51.14 30.94 -86.14
CA CYS V 19 -51.19 31.04 -87.59
C CYS V 19 -50.35 29.96 -88.24
N ILE V 20 -50.77 29.55 -89.45
CA ILE V 20 -50.08 28.47 -90.14
C ILE V 20 -48.69 28.92 -90.58
N ARG V 21 -48.64 29.97 -91.40
CA ARG V 21 -47.35 30.45 -91.90
C ARG V 21 -46.64 31.36 -90.91
N ARG V 22 -47.34 31.86 -89.89
CA ARG V 22 -46.78 32.75 -88.89
C ARG V 22 -46.06 33.92 -89.55
N PRO V 23 -46.79 34.84 -90.18
CA PRO V 23 -46.15 36.00 -90.79
C PRO V 23 -45.77 37.04 -89.75
N PHE V 24 -44.80 37.87 -90.10
CA PHE V 24 -44.43 38.98 -89.25
C PHE V 24 -45.56 39.99 -89.17
N LEU V 25 -45.81 40.51 -87.97
CA LEU V 25 -46.92 41.41 -87.74
C LEU V 25 -46.50 42.51 -86.79
N CYS V 26 -46.88 43.74 -87.12
CA CYS V 26 -46.62 44.86 -86.23
C CYS V 26 -47.46 44.70 -84.96
N CYS V 27 -47.03 45.38 -83.90
CA CYS V 27 -47.71 45.24 -82.62
C CYS V 27 -49.18 45.64 -82.72
N LYS V 28 -49.49 46.67 -83.50
CA LYS V 28 -50.89 47.04 -83.72
C LYS V 28 -51.63 45.94 -84.48
N CYS V 29 -51.07 45.52 -85.61
CA CYS V 29 -51.72 44.48 -86.41
C CYS V 29 -51.79 43.16 -85.64
N CYS V 30 -50.72 42.79 -84.96
CA CYS V 30 -50.73 41.57 -84.17
C CYS V 30 -51.76 41.64 -83.05
N TYR V 31 -51.86 42.80 -82.40
CA TYR V 31 -52.86 42.97 -81.35
C TYR V 31 -54.26 42.84 -81.91
N ASP V 32 -54.51 43.45 -83.06
CA ASP V 32 -55.84 43.36 -83.67
C ASP V 32 -56.17 41.93 -84.04
N HIS V 33 -55.20 41.19 -84.59
CA HIS V 33 -55.45 39.80 -84.95
C HIS V 33 -55.71 38.94 -83.72
N VAL V 34 -54.91 39.11 -82.66
CA VAL V 34 -55.09 38.28 -81.47
C VAL V 34 -56.39 38.62 -80.78
N ILE V 35 -56.79 39.89 -80.78
CA ILE V 35 -58.03 40.29 -80.13
C ILE V 35 -59.25 39.96 -80.99
N SER V 36 -59.06 39.74 -82.29
CA SER V 36 -60.16 39.39 -83.18
C SER V 36 -60.24 37.88 -83.35
N THR V 37 -59.16 37.27 -83.84
CA THR V 37 -59.14 35.83 -84.06
C THR V 37 -59.00 35.08 -82.75
N SER V 38 -59.41 33.82 -82.75
CA SER V 38 -59.21 32.95 -81.61
C SER V 38 -57.74 32.69 -81.33
N HIS V 39 -56.86 33.03 -82.28
CA HIS V 39 -55.43 32.85 -82.13
C HIS V 39 -54.94 33.61 -80.90
N LYS V 40 -54.48 32.88 -79.88
CA LYS V 40 -54.01 33.47 -78.64
C LYS V 40 -52.54 33.18 -78.37
N LEU V 41 -51.85 32.57 -79.33
CA LEU V 41 -50.44 32.23 -79.19
C LEU V 41 -49.63 33.09 -80.14
N VAL V 42 -48.64 33.79 -79.59
CA VAL V 42 -47.78 34.67 -80.37
C VAL V 42 -46.34 34.21 -80.19
N LEU V 43 -45.61 34.20 -81.30
CA LEU V 43 -44.21 33.78 -81.31
C LEU V 43 -43.31 34.99 -81.47
N SER V 44 -42.34 35.12 -80.57
CA SER V 44 -41.30 36.13 -80.66
C SER V 44 -39.95 35.42 -80.56
N VAL V 45 -38.88 36.18 -80.36
CA VAL V 45 -37.57 35.59 -80.10
C VAL V 45 -37.65 34.50 -79.04
N ASN V 46 -38.63 34.59 -78.13
CA ASN V 46 -38.95 33.52 -77.21
C ASN V 46 -40.47 33.41 -77.14
N PRO V 47 -40.99 32.20 -76.89
CA PRO V 47 -42.43 32.06 -76.72
C PRO V 47 -42.92 32.78 -75.46
N TYR V 48 -44.18 33.21 -75.50
CA TYR V 48 -44.74 34.08 -74.48
C TYR V 48 -45.38 33.35 -73.31
N VAL V 49 -45.53 32.03 -73.37
CA VAL V 49 -46.28 31.29 -72.36
C VAL V 49 -45.60 31.40 -71.01
N CYS V 50 -46.33 31.06 -69.94
CA CYS V 50 -45.82 31.21 -68.59
C CYS V 50 -44.57 30.37 -68.40
N ASN V 51 -43.56 30.95 -67.76
CA ASN V 51 -42.29 30.27 -67.53
C ASN V 51 -42.21 29.65 -66.14
N ALA V 52 -43.35 29.44 -65.50
CA ALA V 52 -43.41 28.84 -64.17
C ALA V 52 -43.44 27.32 -64.27
N PRO V 53 -42.95 26.62 -63.25
CA PRO V 53 -42.94 25.14 -63.32
C PRO V 53 -44.35 24.58 -63.27
N GLY V 54 -44.70 23.81 -64.30
CA GLY V 54 -46.01 23.19 -64.36
C GLY V 54 -47.08 24.09 -64.92
N CYS V 55 -46.95 25.40 -64.72
CA CYS V 55 -47.94 26.35 -65.19
C CYS V 55 -47.97 26.35 -66.71
N ASP V 56 -49.17 26.34 -67.28
CA ASP V 56 -49.37 26.22 -68.72
C ASP V 56 -50.26 27.31 -69.27
N VAL V 57 -50.05 28.56 -68.84
CA VAL V 57 -50.85 29.66 -69.34
C VAL V 57 -50.32 30.09 -70.70
N THR V 58 -51.22 30.12 -71.69
CA THR V 58 -50.86 30.46 -73.06
C THR V 58 -51.43 31.78 -73.54
N ASP V 59 -52.62 32.18 -73.07
CA ASP V 59 -53.21 33.44 -73.46
C ASP V 59 -52.32 34.60 -73.04
N VAL V 60 -51.81 35.35 -74.02
CA VAL V 60 -50.89 36.44 -73.73
C VAL V 60 -51.58 37.53 -72.90
N THR V 61 -52.90 37.69 -73.08
CA THR V 61 -53.63 38.67 -72.30
C THR V 61 -53.60 38.34 -70.81
N GLN V 62 -53.46 37.07 -70.47
CA GLN V 62 -53.39 36.63 -69.07
C GLN V 62 -51.97 36.56 -68.55
N LEU V 63 -50.97 36.93 -69.35
CA LEU V 63 -49.57 36.76 -68.99
C LEU V 63 -48.96 38.11 -68.61
N TYR V 64 -47.97 38.04 -67.71
CA TYR V 64 -47.36 39.22 -67.12
C TYR V 64 -45.85 39.12 -67.23
N LEU V 65 -45.19 40.24 -67.48
CA LEU V 65 -43.73 40.24 -67.50
C LEU V 65 -43.20 40.36 -66.08
N GLY V 66 -42.07 39.72 -65.84
CA GLY V 66 -41.50 39.65 -64.50
C GLY V 66 -39.99 39.70 -64.54
N GLY V 67 -39.36 38.74 -63.86
CA GLY V 67 -37.91 38.71 -63.77
C GLY V 67 -37.24 38.28 -65.05
N MET V 68 -37.30 39.15 -66.06
CA MET V 68 -36.75 38.88 -67.39
C MET V 68 -37.35 37.63 -68.02
N SER V 69 -38.57 37.29 -67.63
CA SER V 69 -39.26 36.13 -68.18
C SER V 69 -40.75 36.34 -68.02
N TYR V 70 -41.52 35.69 -68.89
CA TYR V 70 -42.96 35.82 -68.85
C TYR V 70 -43.53 35.03 -67.67
N TYR V 71 -44.67 35.48 -67.18
CA TYR V 71 -45.33 34.85 -66.05
C TYR V 71 -46.84 34.94 -66.23
N CYS V 72 -47.54 34.05 -65.53
CA CYS V 72 -48.99 34.14 -65.43
C CYS V 72 -49.36 35.16 -64.36
N LYS V 73 -50.66 35.41 -64.18
CA LYS V 73 -51.09 36.31 -63.12
C LYS V 73 -50.81 35.73 -61.73
N SER V 74 -51.04 34.43 -61.55
CA SER V 74 -50.79 33.82 -60.24
C SER V 74 -49.32 33.84 -59.90
N HIS V 75 -48.47 33.39 -60.81
CA HIS V 75 -47.03 33.35 -60.60
C HIS V 75 -46.36 34.69 -60.87
N LYS V 76 -46.81 35.74 -60.20
CA LYS V 76 -46.25 37.01 -60.63
C LYS V 76 -45.21 37.52 -59.64
N PRO V 77 -44.11 38.08 -60.13
CA PRO V 77 -43.19 38.81 -59.26
C PRO V 77 -43.86 40.05 -58.70
N PRO V 78 -43.34 40.61 -57.59
CA PRO V 78 -44.08 41.65 -56.87
C PRO V 78 -44.55 42.82 -57.74
N ILE V 79 -43.72 43.23 -58.69
CA ILE V 79 -44.04 44.34 -59.57
C ILE V 79 -44.12 43.79 -60.99
N SER V 80 -45.33 43.74 -61.54
CA SER V 80 -45.56 43.14 -62.85
C SER V 80 -46.59 43.97 -63.60
N PHE V 81 -46.82 43.61 -64.86
CA PHE V 81 -47.67 44.38 -65.76
C PHE V 81 -48.12 43.51 -66.92
N PRO V 82 -49.41 43.45 -67.21
CA PRO V 82 -49.89 42.56 -68.27
C PRO V 82 -49.31 42.94 -69.63
N LEU V 83 -48.98 41.92 -70.42
CA LEU V 83 -48.28 42.11 -71.68
C LEU V 83 -49.14 42.87 -72.69
N CYS V 84 -50.29 42.31 -73.04
CA CYS V 84 -51.16 42.93 -74.03
C CYS V 84 -51.93 44.08 -73.40
N ALA V 85 -51.67 45.30 -73.87
CA ALA V 85 -52.36 46.47 -73.37
C ALA V 85 -52.19 47.61 -74.36
N ASN V 86 -53.07 48.61 -74.23
CA ASN V 86 -52.98 49.84 -75.02
C ASN V 86 -53.03 49.56 -76.51
N GLY V 87 -53.79 48.54 -76.90
CA GLY V 87 -54.01 48.24 -78.30
C GLY V 87 -52.80 47.65 -79.00
N GLN V 88 -51.78 47.28 -78.25
CA GLN V 88 -50.56 46.71 -78.81
C GLN V 88 -50.04 45.63 -77.88
N VAL V 89 -49.01 44.93 -78.32
CA VAL V 89 -48.39 43.86 -77.55
C VAL V 89 -46.92 44.19 -77.35
N PHE V 90 -46.40 43.84 -76.19
CA PHE V 90 -45.03 44.19 -75.83
C PHE V 90 -44.04 43.48 -76.73
N GLY V 91 -43.12 44.23 -77.35
CA GLY V 91 -42.11 43.67 -78.23
C GLY V 91 -41.25 44.70 -78.94
N LEU V 92 -40.59 44.32 -80.03
CA LEU V 92 -39.67 45.21 -80.71
C LEU V 92 -40.43 45.95 -81.80
N TYR V 93 -39.89 47.08 -82.24
CA TYR V 93 -40.51 47.94 -83.24
C TYR V 93 -41.87 48.43 -82.80
N LYS V 94 -42.17 48.40 -81.50
CA LYS V 94 -43.48 48.77 -80.99
C LYS V 94 -43.79 50.23 -81.27
N ASN V 95 -42.80 51.11 -81.08
CA ASN V 95 -42.97 52.51 -81.44
C ASN V 95 -43.11 52.68 -82.95
N THR V 96 -42.18 52.10 -83.71
CA THR V 96 -42.11 52.31 -85.14
C THR V 96 -43.22 51.60 -85.91
N CYS V 97 -43.95 50.68 -85.28
CA CYS V 97 -45.06 50.03 -85.96
C CYS V 97 -46.13 51.04 -86.30
N VAL V 98 -46.67 50.94 -87.52
CA VAL V 98 -47.58 51.93 -88.05
C VAL V 98 -49.04 51.51 -87.87
N GLY V 99 -49.37 50.27 -88.23
CA GLY V 99 -50.75 49.82 -88.16
C GLY V 99 -51.52 50.17 -89.42
N SER V 100 -52.17 49.17 -90.02
CA SER V 100 -52.99 49.35 -91.20
C SER V 100 -54.39 48.81 -90.91
N ASP V 101 -55.21 48.72 -91.96
CA ASP V 101 -56.55 48.15 -91.85
C ASP V 101 -56.65 46.98 -92.83
N ASN V 102 -56.28 45.79 -92.36
CA ASN V 102 -56.47 44.57 -93.11
C ASN V 102 -56.74 43.40 -92.19
N VAL V 103 -57.22 43.67 -90.97
CA VAL V 103 -57.40 42.60 -89.99
C VAL V 103 -58.51 41.66 -90.42
N THR V 104 -59.51 42.15 -91.16
CA THR V 104 -60.62 41.29 -91.58
C THR V 104 -60.13 40.21 -92.54
N ASP V 105 -59.43 40.60 -93.60
CA ASP V 105 -58.95 39.62 -94.57
C ASP V 105 -57.91 38.70 -93.95
N PHE V 106 -57.04 39.24 -93.10
CA PHE V 106 -56.03 38.42 -92.45
C PHE V 106 -56.69 37.38 -91.54
N ASN V 107 -57.70 37.79 -90.78
CA ASN V 107 -58.42 36.85 -89.94
C ASN V 107 -59.12 35.80 -90.77
N ALA V 108 -59.73 36.22 -91.88
CA ALA V 108 -60.43 35.27 -92.75
C ALA V 108 -59.47 34.22 -93.30
N ILE V 109 -58.29 34.66 -93.74
CA ILE V 109 -57.30 33.73 -94.26
C ILE V 109 -56.82 32.80 -93.15
N ALA V 110 -56.56 33.35 -91.97
CA ALA V 110 -56.06 32.56 -90.85
C ALA V 110 -57.13 31.67 -90.22
N THR V 111 -58.40 31.82 -90.59
CA THR V 111 -59.47 31.04 -90.02
C THR V 111 -60.30 30.26 -91.04
N CYS V 112 -60.11 30.50 -92.34
CA CYS V 112 -60.89 29.81 -93.35
C CYS V 112 -60.46 28.34 -93.45
N ASP V 113 -61.35 27.53 -94.03
CA ASP V 113 -61.08 26.12 -94.26
C ASP V 113 -60.73 25.79 -95.70
N TRP V 114 -60.76 26.78 -96.60
CA TRP V 114 -60.48 26.66 -98.03
C TRP V 114 -61.49 25.77 -98.75
N THR V 115 -62.52 25.26 -98.06
CA THR V 115 -63.48 24.38 -98.71
C THR V 115 -64.42 25.16 -99.63
N ASN V 116 -64.89 26.32 -99.19
CA ASN V 116 -65.79 27.12 -100.00
C ASN V 116 -65.01 27.82 -101.13
N ALA V 117 -65.73 28.65 -101.89
CA ALA V 117 -65.10 29.44 -102.93
C ALA V 117 -64.58 30.78 -102.42
N GLY V 118 -64.75 31.06 -101.13
CA GLY V 118 -64.29 32.34 -100.59
C GLY V 118 -62.77 32.47 -100.64
N ASP V 119 -62.06 31.37 -100.38
CA ASP V 119 -60.60 31.43 -100.41
C ASP V 119 -60.07 31.81 -101.78
N TYR V 120 -60.63 31.22 -102.84
CA TYR V 120 -60.21 31.57 -104.18
C TYR V 120 -60.73 32.94 -104.61
N ILE V 121 -61.97 33.26 -104.23
CA ILE V 121 -62.54 34.56 -104.61
C ILE V 121 -61.81 35.69 -103.92
N LEU V 122 -61.12 35.40 -102.82
CA LEU V 122 -60.30 36.39 -102.13
C LEU V 122 -58.86 36.39 -102.63
N ALA V 123 -58.30 35.21 -102.86
CA ALA V 123 -56.91 35.11 -103.27
C ALA V 123 -56.69 35.70 -104.66
N ASN V 124 -57.74 35.76 -105.48
CA ASN V 124 -57.65 36.37 -106.80
C ASN V 124 -58.01 37.85 -106.79
N THR V 125 -58.34 38.42 -105.63
CA THR V 125 -58.74 39.81 -105.54
C THR V 125 -58.08 40.61 -104.44
N CYS V 126 -57.37 39.96 -103.50
CA CYS V 126 -56.79 40.66 -102.37
C CYS V 126 -55.48 41.35 -102.77
N THR V 127 -54.79 41.89 -101.77
CA THR V 127 -53.54 42.61 -102.00
C THR V 127 -52.46 41.63 -102.47
N GLU V 128 -51.47 42.18 -103.20
CA GLU V 128 -50.46 41.33 -103.84
C GLU V 128 -49.66 40.55 -102.79
N ARG V 129 -49.20 41.22 -101.74
CA ARG V 129 -48.55 40.50 -100.65
C ARG V 129 -49.54 39.54 -99.99
N LEU V 130 -50.77 39.99 -99.76
CA LEU V 130 -51.81 39.11 -99.27
C LEU V 130 -52.11 38.00 -100.27
N LYS V 131 -52.01 38.29 -101.57
CA LYS V 131 -52.19 37.26 -102.58
C LYS V 131 -51.15 36.16 -102.44
N LEU V 132 -49.89 36.55 -102.28
CA LEU V 132 -48.81 35.58 -102.10
C LEU V 132 -49.02 34.77 -100.83
N PHE V 133 -49.37 35.45 -99.74
CA PHE V 133 -49.59 34.74 -98.48
C PHE V 133 -50.75 33.77 -98.59
N ALA V 134 -51.83 34.18 -99.25
CA ALA V 134 -52.98 33.31 -99.44
C ALA V 134 -52.62 32.10 -100.30
N ALA V 135 -51.85 32.31 -101.36
CA ALA V 135 -51.41 31.18 -102.18
C ALA V 135 -50.53 30.22 -101.40
N GLU V 136 -49.61 30.76 -100.59
CA GLU V 136 -48.74 29.93 -99.78
C GLU V 136 -49.55 29.08 -98.80
N THR V 137 -50.45 29.72 -98.07
CA THR V 137 -51.24 28.98 -97.08
C THR V 137 -52.24 28.05 -97.74
N LEU V 138 -52.71 28.37 -98.94
CA LEU V 138 -53.59 27.47 -99.67
C LEU V 138 -52.86 26.21 -100.08
N LYS V 139 -51.66 26.34 -100.64
CA LYS V 139 -50.89 25.16 -100.99
C LYS V 139 -50.52 24.37 -99.74
N ALA V 140 -50.19 25.06 -98.65
CA ALA V 140 -49.88 24.36 -97.40
C ALA V 140 -51.10 23.57 -96.91
N THR V 141 -52.29 24.16 -96.99
CA THR V 141 -53.50 23.45 -96.59
C THR V 141 -53.75 22.25 -97.50
N GLU V 142 -53.51 22.41 -98.79
CA GLU V 142 -53.68 21.29 -99.72
C GLU V 142 -52.74 20.15 -99.37
N GLU V 143 -51.48 20.47 -99.06
CA GLU V 143 -50.51 19.45 -98.69
C GLU V 143 -50.90 18.77 -97.38
N THR V 144 -51.37 19.56 -96.40
CA THR V 144 -51.79 18.96 -95.13
C THR V 144 -53.00 18.06 -95.32
N PHE V 145 -53.95 18.47 -96.16
CA PHE V 145 -55.08 17.61 -96.48
C PHE V 145 -54.61 16.33 -97.16
N LYS V 146 -53.61 16.44 -98.03
CA LYS V 146 -52.97 15.25 -98.57
C LYS V 146 -52.32 14.42 -97.47
N LEU V 147 -51.72 15.08 -96.48
CA LEU V 147 -51.09 14.37 -95.38
C LEU V 147 -52.11 13.96 -94.32
N SER V 148 -53.21 13.35 -94.74
CA SER V 148 -54.22 12.86 -93.81
C SER V 148 -54.79 11.53 -94.30
N TYR V 149 -54.25 11.00 -95.38
CA TYR V 149 -54.80 9.80 -96.00
C TYR V 149 -54.41 8.56 -95.20
N GLY V 150 -55.10 7.45 -95.50
CA GLY V 150 -54.88 6.21 -94.79
C GLY V 150 -53.68 5.43 -95.31
N ILE V 151 -53.20 4.52 -94.46
CA ILE V 151 -52.03 3.72 -94.77
C ILE V 151 -52.45 2.49 -95.56
N ALA V 152 -51.52 1.95 -96.34
CA ALA V 152 -51.74 0.75 -97.13
C ALA V 152 -50.73 -0.30 -96.73
N THR V 153 -51.22 -1.50 -96.38
CA THR V 153 -50.35 -2.61 -96.02
C THR V 153 -50.59 -3.81 -96.92
N VAL V 154 -49.97 -4.94 -96.56
CA VAL V 154 -50.08 -6.19 -97.30
C VAL V 154 -50.99 -7.14 -96.55
N ARG V 155 -51.89 -7.80 -97.28
CA ARG V 155 -52.67 -8.90 -96.73
C ARG V 155 -51.98 -10.24 -96.95
N GLU V 156 -51.46 -10.47 -98.16
CA GLU V 156 -50.67 -11.65 -98.46
C GLU V 156 -49.76 -11.33 -99.63
N VAL V 157 -48.60 -11.97 -99.64
CA VAL V 157 -47.61 -11.73 -100.69
C VAL V 157 -47.94 -12.59 -101.91
N LEU V 158 -47.95 -11.96 -103.08
CA LEU V 158 -48.25 -12.64 -104.33
C LEU V 158 -47.01 -12.79 -105.21
N SER V 159 -46.35 -11.69 -105.54
CA SER V 159 -45.13 -11.74 -106.35
C SER V 159 -44.35 -10.46 -106.12
N ASP V 160 -43.25 -10.31 -106.88
CA ASP V 160 -42.43 -9.12 -106.76
C ASP V 160 -43.13 -7.88 -107.29
N ARG V 161 -44.19 -8.04 -108.08
CA ARG V 161 -44.98 -6.92 -108.56
C ARG V 161 -46.46 -7.03 -108.25
N GLU V 162 -46.94 -8.16 -107.74
CA GLU V 162 -48.33 -8.34 -107.39
C GLU V 162 -48.46 -8.47 -105.87
N LEU V 163 -49.51 -7.86 -105.31
CA LEU V 163 -49.68 -7.86 -103.87
C LEU V 163 -51.11 -7.44 -103.53
N HIS V 164 -51.69 -8.11 -102.54
CA HIS V 164 -53.04 -7.79 -102.09
C HIS V 164 -52.99 -6.63 -101.11
N LEU V 165 -53.67 -5.54 -101.43
CA LEU V 165 -53.69 -4.36 -100.57
C LEU V 165 -54.62 -4.59 -99.39
N SER V 166 -54.12 -4.27 -98.19
CA SER V 166 -54.90 -4.36 -96.96
C SER V 166 -54.88 -2.98 -96.32
N TRP V 167 -55.86 -2.16 -96.69
CA TRP V 167 -55.97 -0.81 -96.17
C TRP V 167 -56.37 -0.84 -94.69
N GLU V 168 -56.12 0.27 -94.01
CA GLU V 168 -56.44 0.40 -92.60
C GLU V 168 -57.95 0.55 -92.45
N VAL V 169 -58.55 -0.30 -91.62
CA VAL V 169 -59.99 -0.28 -91.40
C VAL V 169 -60.38 1.07 -90.79
N GLY V 170 -61.25 1.81 -91.47
CA GLY V 170 -61.64 3.13 -91.04
C GLY V 170 -60.77 4.26 -91.50
N LYS V 171 -59.95 4.05 -92.53
CA LYS V 171 -59.06 5.08 -93.06
C LYS V 171 -59.29 5.21 -94.56
N PRO V 172 -59.07 6.40 -95.12
CA PRO V 172 -59.29 6.59 -96.56
C PRO V 172 -58.21 5.88 -97.37
N ARG V 173 -58.63 4.96 -98.23
CA ARG V 173 -57.69 4.29 -99.11
C ARG V 173 -57.17 5.29 -100.14
N PRO V 174 -55.86 5.46 -100.26
CA PRO V 174 -55.33 6.39 -101.26
C PRO V 174 -55.64 5.91 -102.66
N PRO V 175 -56.06 6.80 -103.55
CA PRO V 175 -56.27 6.41 -104.95
C PRO V 175 -54.99 5.90 -105.57
N LEU V 176 -55.06 4.72 -106.17
CA LEU V 176 -53.87 4.06 -106.70
C LEU V 176 -53.44 4.70 -108.01
N ASN V 177 -52.95 5.93 -107.95
CA ASN V 177 -52.50 6.66 -109.12
C ASN V 177 -50.98 6.63 -109.20
N ARG V 178 -50.47 6.98 -110.38
CA ARG V 178 -49.02 7.01 -110.58
C ARG V 178 -48.34 8.06 -109.72
N ASN V 179 -49.01 9.20 -109.51
CA ASN V 179 -48.47 10.26 -108.66
C ASN V 179 -48.61 9.96 -107.18
N TYR V 180 -49.06 8.76 -106.82
CA TYR V 180 -49.24 8.35 -105.43
C TYR V 180 -48.17 7.31 -105.11
N VAL V 181 -47.04 7.77 -104.58
CA VAL V 181 -45.94 6.90 -104.18
C VAL V 181 -45.94 6.78 -102.67
N PHE V 182 -45.77 5.55 -102.18
CA PHE V 182 -45.78 5.27 -100.76
C PHE V 182 -44.50 4.53 -100.40
N THR V 183 -43.71 5.10 -99.51
CA THR V 183 -42.48 4.46 -99.09
C THR V 183 -42.79 3.21 -98.28
N GLY V 184 -42.16 2.10 -98.64
CA GLY V 184 -42.35 0.86 -97.91
C GLY V 184 -41.51 0.81 -96.64
N TYR V 185 -42.17 0.86 -95.48
CA TYR V 185 -41.48 0.76 -94.20
C TYR V 185 -41.68 -0.62 -93.63
N ARG V 186 -40.57 -1.32 -93.39
CA ARG V 186 -40.59 -2.67 -92.82
C ARG V 186 -40.12 -2.59 -91.38
N VAL V 187 -40.76 -3.36 -90.50
CA VAL V 187 -40.45 -3.38 -89.08
C VAL V 187 -40.35 -4.82 -88.62
N THR V 188 -39.40 -5.08 -87.71
CA THR V 188 -39.33 -6.40 -87.08
C THR V 188 -39.67 -6.31 -85.61
N LYS V 189 -38.92 -5.54 -84.82
CA LYS V 189 -39.42 -5.20 -83.49
C LYS V 189 -39.27 -3.72 -83.15
N ASN V 190 -38.16 -3.04 -83.48
CA ASN V 190 -36.82 -3.20 -84.09
C ASN V 190 -36.82 -3.27 -85.60
N SER V 191 -35.74 -2.77 -86.19
CA SER V 191 -35.52 -2.78 -87.64
C SER V 191 -36.62 -2.01 -88.37
N LYS V 192 -36.74 -0.73 -88.00
CA LYS V 192 -37.72 0.17 -88.62
C LYS V 192 -37.04 0.86 -89.80
N VAL V 193 -36.83 0.08 -90.86
CA VAL V 193 -36.07 0.52 -92.04
C VAL V 193 -37.02 0.58 -93.23
N GLN V 194 -36.97 1.71 -93.95
CA GLN V 194 -37.73 1.86 -95.17
C GLN V 194 -37.14 1.00 -96.28
N ILE V 195 -37.99 0.62 -97.23
CA ILE V 195 -37.58 -0.23 -98.35
C ILE V 195 -37.74 0.48 -99.69
N GLY V 196 -38.22 1.72 -99.70
CA GLY V 196 -38.39 2.47 -100.92
C GLY V 196 -39.86 2.76 -101.21
N GLU V 197 -40.06 3.70 -102.14
CA GLU V 197 -41.39 4.14 -102.51
C GLU V 197 -42.01 3.21 -103.54
N TYR V 198 -43.28 2.89 -103.34
CA TYR V 198 -44.04 2.04 -104.24
C TYR V 198 -45.32 2.76 -104.62
N THR V 199 -45.62 2.77 -105.92
CA THR V 199 -46.86 3.35 -106.43
C THR V 199 -47.75 2.24 -106.98
N PHE V 200 -49.02 2.26 -106.59
CA PHE V 200 -49.93 1.19 -106.95
C PHE V 200 -50.63 1.46 -108.27
N GLU V 201 -51.09 0.38 -108.90
CA GLU V 201 -51.86 0.47 -110.14
C GLU V 201 -52.86 -0.68 -110.13
N LYS V 202 -54.13 -0.36 -109.88
CA LYS V 202 -55.17 -1.38 -109.81
C LYS V 202 -55.37 -1.99 -111.20
N GLY V 203 -55.03 -3.27 -111.33
CA GLY V 203 -55.19 -3.96 -112.60
C GLY V 203 -56.62 -4.34 -112.88
N ASP V 204 -56.81 -5.45 -113.56
CA ASP V 204 -58.14 -5.91 -113.97
C ASP V 204 -58.95 -6.50 -112.82
N TYR V 205 -58.38 -6.63 -111.63
CA TYR V 205 -59.06 -7.27 -110.51
C TYR V 205 -58.40 -6.81 -109.21
N GLY V 206 -59.01 -7.21 -108.09
CA GLY V 206 -58.51 -6.87 -106.78
C GLY V 206 -58.47 -8.08 -105.86
N ASP V 207 -57.79 -7.91 -104.73
CA ASP V 207 -57.12 -6.67 -104.35
C ASP V 207 -55.67 -6.67 -104.83
N ALA V 208 -55.28 -7.73 -105.53
CA ALA V 208 -53.93 -7.85 -106.05
C ALA V 208 -53.70 -6.79 -107.11
N VAL V 209 -52.65 -6.00 -106.93
CA VAL V 209 -52.35 -4.88 -107.82
C VAL V 209 -50.90 -4.98 -108.29
N VAL V 210 -50.63 -4.33 -109.41
CA VAL V 210 -49.27 -4.23 -109.96
C VAL V 210 -48.68 -2.90 -109.52
N TYR V 211 -47.51 -2.95 -108.91
CA TYR V 211 -46.87 -1.78 -108.34
C TYR V 211 -45.46 -1.61 -108.89
N ARG V 212 -45.02 -0.36 -109.01
CA ARG V 212 -43.66 -0.03 -109.39
C ARG V 212 -42.95 0.51 -108.14
N GLY V 213 -41.87 -0.15 -107.75
CA GLY V 213 -41.11 0.21 -106.57
C GLY V 213 -39.74 0.77 -106.96
N THR V 214 -39.32 1.81 -106.24
CA THR V 214 -38.02 2.41 -106.51
C THR V 214 -36.90 1.39 -106.30
N THR V 215 -36.99 0.62 -105.23
CA THR V 215 -36.04 -0.45 -104.96
C THR V 215 -36.65 -1.80 -105.30
N THR V 216 -35.77 -2.78 -105.57
CA THR V 216 -36.19 -4.13 -105.90
C THR V 216 -36.27 -5.02 -104.67
N TYR V 217 -36.54 -4.44 -103.50
CA TYR V 217 -36.61 -5.20 -102.27
C TYR V 217 -37.77 -6.19 -102.30
N LYS V 218 -37.58 -7.31 -101.61
CA LYS V 218 -38.62 -8.33 -101.49
C LYS V 218 -39.77 -7.78 -100.67
N LEU V 219 -40.99 -7.98 -101.16
CA LEU V 219 -42.17 -7.46 -100.46
C LEU V 219 -42.57 -8.44 -99.37
N ASN V 220 -42.21 -8.13 -98.13
CA ASN V 220 -42.44 -8.99 -96.99
C ASN V 220 -43.75 -8.62 -96.29
N VAL V 221 -44.25 -9.57 -95.50
CA VAL V 221 -45.49 -9.33 -94.77
C VAL V 221 -45.30 -8.27 -93.70
N GLY V 222 -44.08 -8.10 -93.21
CA GLY V 222 -43.82 -7.13 -92.16
C GLY V 222 -43.50 -5.74 -92.67
N ASP V 223 -43.83 -5.47 -93.93
CA ASP V 223 -43.60 -4.17 -94.54
C ASP V 223 -44.92 -3.54 -94.95
N TYR V 224 -45.07 -2.26 -94.64
CA TYR V 224 -46.25 -1.48 -95.00
C TYR V 224 -45.81 -0.28 -95.83
N PHE V 225 -46.78 0.37 -96.46
CA PHE V 225 -46.53 1.50 -97.36
C PHE V 225 -47.09 2.77 -96.73
N VAL V 226 -46.21 3.68 -96.36
CA VAL V 226 -46.60 4.96 -95.76
C VAL V 226 -46.49 6.05 -96.82
N LEU V 227 -47.51 6.88 -96.92
CA LEU V 227 -47.56 7.92 -97.94
C LEU V 227 -46.39 8.89 -97.80
N THR V 228 -45.81 9.26 -98.93
CA THR V 228 -44.71 10.22 -98.95
C THR V 228 -45.21 11.63 -98.67
N SER V 229 -44.37 12.42 -98.01
CA SER V 229 -44.71 13.78 -97.61
C SER V 229 -43.95 14.81 -98.46
N HIS V 230 -44.50 16.02 -98.50
CA HIS V 230 -43.90 17.11 -99.25
C HIS V 230 -44.13 18.42 -98.49
N THR V 231 -43.29 19.40 -98.79
CA THR V 231 -43.32 20.69 -98.10
C THR V 231 -43.67 21.80 -99.08
N VAL V 232 -43.85 23.00 -98.54
CA VAL V 232 -44.20 24.19 -99.31
C VAL V 232 -43.19 25.28 -99.00
N MET V 233 -42.65 25.91 -100.04
CA MET V 233 -41.70 27.00 -99.85
C MET V 233 -42.42 28.33 -100.00
N PRO V 234 -42.24 29.26 -99.07
CA PRO V 234 -42.94 30.55 -99.17
C PRO V 234 -42.49 31.37 -100.36
N LEU V 235 -43.40 32.18 -100.89
CA LEU V 235 -43.15 33.03 -102.03
C LEU V 235 -43.13 34.50 -101.62
N SER V 236 -42.33 35.28 -102.35
CA SER V 236 -42.19 36.70 -102.06
C SER V 236 -42.26 37.56 -103.32
N ALA V 237 -42.21 36.91 -104.49
CA ALA V 237 -42.25 37.68 -105.73
C ALA V 237 -43.68 37.79 -106.25
N PRO V 238 -43.99 38.85 -107.01
CA PRO V 238 -45.38 39.06 -107.45
C PRO V 238 -45.86 37.96 -108.37
N THR V 239 -47.18 37.76 -108.37
CA THR V 239 -47.80 36.74 -109.20
C THR V 239 -48.10 37.20 -110.61
N LEU V 240 -48.00 38.50 -110.88
CA LEU V 240 -48.24 39.03 -112.22
C LEU V 240 -47.35 40.24 -112.46
N VAL V 241 -46.65 40.23 -113.58
CA VAL V 241 -45.80 41.37 -113.97
C VAL V 241 -46.68 42.55 -114.33
N PRO V 242 -46.37 43.77 -113.86
CA PRO V 242 -47.20 44.93 -114.21
C PRO V 242 -47.20 45.19 -115.70
N GLN V 243 -48.34 45.69 -116.18
CA GLN V 243 -48.54 45.92 -117.61
C GLN V 243 -47.80 47.19 -118.03
N GLU V 244 -46.77 47.04 -118.84
CA GLU V 244 -46.04 48.15 -119.43
C GLU V 244 -46.07 48.04 -120.95
N HIS V 245 -45.88 49.18 -121.61
CA HIS V 245 -45.84 49.22 -123.06
C HIS V 245 -44.62 50.03 -123.49
N TYR V 246 -43.92 49.53 -124.51
CA TYR V 246 -42.72 50.17 -125.04
C TYR V 246 -43.06 50.83 -126.37
N VAL V 247 -42.76 52.12 -126.49
CA VAL V 247 -43.01 52.83 -127.74
C VAL V 247 -41.97 52.51 -128.80
N ARG V 248 -40.81 51.98 -128.40
CA ARG V 248 -39.75 51.60 -129.33
C ARG V 248 -39.41 50.13 -129.10
N ILE V 249 -39.21 49.39 -130.19
CA ILE V 249 -38.93 47.96 -130.10
C ILE V 249 -37.52 47.76 -129.54
N THR V 250 -37.45 47.24 -128.32
CA THR V 250 -36.18 46.99 -127.65
C THR V 250 -36.13 45.55 -127.16
N GLY V 251 -34.92 44.98 -127.20
CA GLY V 251 -34.73 43.59 -126.81
C GLY V 251 -35.00 42.61 -127.92
N LEU V 252 -36.05 42.86 -128.70
CA LEU V 252 -36.47 41.98 -129.78
C LEU V 252 -36.08 42.58 -131.12
N TYR V 253 -35.62 41.74 -132.05
CA TYR V 253 -35.32 42.17 -133.40
C TYR V 253 -36.29 41.51 -134.36
N PRO V 254 -37.31 42.21 -134.85
CA PRO V 254 -38.28 41.58 -135.76
C PRO V 254 -37.63 41.10 -137.04
N THR V 255 -38.17 40.01 -137.59
CA THR V 255 -37.68 39.46 -138.84
C THR V 255 -38.16 40.31 -140.02
N LEU V 256 -37.74 39.96 -141.23
CA LEU V 256 -38.07 40.80 -142.38
C LEU V 256 -39.34 40.36 -143.08
N ASN V 257 -39.34 39.15 -143.65
CA ASN V 257 -40.52 38.67 -144.38
C ASN V 257 -40.67 37.16 -144.22
N ILE V 258 -40.10 36.60 -143.16
CA ILE V 258 -40.12 35.15 -142.95
C ILE V 258 -41.37 34.79 -142.15
N SER V 259 -41.74 33.52 -142.21
CA SER V 259 -42.93 32.99 -141.54
C SER V 259 -44.21 33.64 -142.04
N ASP V 260 -44.48 33.52 -143.34
CA ASP V 260 -45.71 34.05 -143.92
C ASP V 260 -46.94 33.24 -143.54
N GLU V 261 -46.76 31.96 -143.23
CA GLU V 261 -47.89 31.16 -142.75
C GLU V 261 -48.41 31.67 -141.42
N PHE V 262 -47.58 32.39 -140.66
CA PHE V 262 -47.99 33.07 -139.45
C PHE V 262 -48.01 34.59 -139.63
N SER V 263 -47.99 35.06 -140.88
CA SER V 263 -48.02 36.50 -141.14
C SER V 263 -49.36 37.11 -140.77
N SER V 264 -50.39 36.28 -140.58
CA SER V 264 -51.63 36.78 -140.00
C SER V 264 -51.46 37.16 -138.54
N ASN V 265 -50.33 36.80 -137.93
CA ASN V 265 -50.06 37.09 -136.53
C ASN V 265 -48.78 37.88 -136.30
N VAL V 266 -48.03 38.22 -137.35
CA VAL V 266 -46.79 38.97 -137.15
C VAL V 266 -47.08 40.36 -136.61
N ALA V 267 -48.14 41.00 -137.10
CA ALA V 267 -48.59 42.26 -136.52
C ALA V 267 -48.96 42.13 -135.06
N ASN V 268 -49.32 40.92 -134.62
CA ASN V 268 -49.55 40.65 -133.21
C ASN V 268 -48.25 40.36 -132.47
N TYR V 269 -47.27 39.76 -133.15
CA TYR V 269 -45.96 39.55 -132.53
C TYR V 269 -45.29 40.88 -132.22
N GLN V 270 -45.37 41.84 -133.14
CA GLN V 270 -44.78 43.15 -132.89
C GLN V 270 -45.48 43.86 -131.72
N LYS V 271 -46.80 43.71 -131.63
CA LYS V 271 -47.51 44.34 -130.51
C LYS V 271 -47.22 43.61 -129.20
N VAL V 272 -46.91 42.32 -129.26
CA VAL V 272 -46.39 41.62 -128.09
C VAL V 272 -45.07 42.23 -127.66
N GLY V 273 -44.20 42.50 -128.65
CA GLY V 273 -42.94 43.16 -128.35
C GLY V 273 -43.11 44.54 -127.75
N MET V 274 -44.14 45.27 -128.18
CA MET V 274 -44.42 46.59 -127.61
C MET V 274 -44.77 46.49 -126.13
N GLN V 275 -45.65 45.57 -125.77
CA GLN V 275 -46.11 45.49 -124.39
C GLN V 275 -45.13 44.70 -123.54
N LYS V 276 -45.17 44.96 -122.23
CA LYS V 276 -44.37 44.18 -121.29
C LYS V 276 -44.82 42.73 -121.30
N TYR V 277 -46.06 42.46 -120.91
CA TYR V 277 -46.63 41.13 -121.01
C TYR V 277 -47.94 41.18 -121.79
N SER V 278 -48.05 40.28 -122.76
CA SER V 278 -49.21 40.24 -123.64
C SER V 278 -49.72 38.81 -123.69
N THR V 279 -50.88 38.59 -123.09
CA THR V 279 -51.51 37.28 -123.09
C THR V 279 -52.31 37.07 -124.37
N LEU V 280 -52.50 35.81 -124.74
CA LEU V 280 -53.20 35.46 -125.97
C LEU V 280 -54.41 34.59 -125.64
N GLN V 281 -55.53 34.86 -126.31
CA GLN V 281 -56.74 34.07 -126.18
C GLN V 281 -56.80 33.08 -127.35
N GLY V 282 -56.55 31.81 -127.05
CA GLY V 282 -56.66 30.78 -128.05
C GLY V 282 -57.63 29.68 -127.64
N PRO V 283 -58.75 29.57 -128.34
CA PRO V 283 -59.73 28.52 -128.04
C PRO V 283 -59.12 27.15 -128.30
N PRO V 284 -59.64 26.10 -127.64
CA PRO V 284 -59.11 24.75 -127.86
C PRO V 284 -59.15 24.33 -129.32
N GLY V 285 -58.00 23.93 -129.85
CA GLY V 285 -57.92 23.51 -131.24
C GLY V 285 -57.78 24.62 -132.25
N THR V 286 -57.18 25.74 -131.85
CA THR V 286 -57.06 26.89 -132.74
C THR V 286 -55.59 27.20 -133.00
N GLY V 287 -55.33 28.32 -133.68
CA GLY V 287 -53.98 28.71 -134.05
C GLY V 287 -53.09 29.02 -132.86
N LYS V 288 -53.56 28.69 -131.66
CA LYS V 288 -52.72 28.73 -130.48
C LYS V 288 -51.56 27.74 -130.63
N SER V 289 -50.40 28.13 -130.09
CA SER V 289 -49.14 27.39 -130.17
C SER V 289 -48.57 27.43 -131.58
N HIS V 290 -49.38 27.88 -132.55
CA HIS V 290 -48.84 28.24 -133.85
C HIS V 290 -48.57 29.75 -133.89
N PHE V 291 -49.36 30.51 -133.14
CA PHE V 291 -48.99 31.88 -132.84
C PHE V 291 -47.67 31.92 -132.09
N ALA V 292 -47.50 31.03 -131.11
CA ALA V 292 -46.24 30.98 -130.37
C ALA V 292 -45.07 30.61 -131.27
N ILE V 293 -45.27 29.63 -132.17
CA ILE V 293 -44.21 29.21 -133.07
C ILE V 293 -43.86 30.34 -134.03
N GLY V 294 -44.88 31.03 -134.54
CA GLY V 294 -44.63 32.16 -135.42
C GLY V 294 -43.89 33.28 -134.72
N LEU V 295 -44.27 33.59 -133.48
CA LEU V 295 -43.55 34.61 -132.72
C LEU V 295 -42.11 34.19 -132.46
N ALA V 296 -41.90 32.91 -132.14
CA ALA V 296 -40.55 32.42 -131.92
C ALA V 296 -39.68 32.54 -133.17
N LEU V 297 -40.25 32.18 -134.33
CA LEU V 297 -39.54 32.38 -135.58
C LEU V 297 -39.35 33.86 -135.87
N TYR V 298 -40.24 34.71 -135.35
CA TYR V 298 -40.16 36.15 -135.56
C TYR V 298 -39.04 36.79 -134.77
N TYR V 299 -38.53 36.10 -133.75
CA TYR V 299 -37.41 36.59 -132.94
C TYR V 299 -36.39 35.47 -132.78
N PRO V 300 -35.65 35.16 -133.84
CA PRO V 300 -34.70 34.04 -133.77
C PRO V 300 -33.53 34.34 -132.83
N SER V 301 -32.99 35.55 -132.93
CA SER V 301 -31.87 35.95 -132.10
C SER V 301 -32.22 36.11 -130.63
N ALA V 302 -33.51 36.13 -130.29
CA ALA V 302 -33.95 36.33 -128.92
C ALA V 302 -34.23 35.00 -128.24
N ARG V 303 -33.84 34.89 -126.97
CA ARG V 303 -34.06 33.68 -126.20
C ARG V 303 -35.53 33.59 -125.79
N ILE V 304 -36.15 32.44 -126.06
CA ILE V 304 -37.58 32.23 -125.84
C ILE V 304 -37.76 30.96 -125.02
N VAL V 305 -38.64 31.02 -124.03
CA VAL V 305 -38.93 29.89 -123.15
C VAL V 305 -40.41 29.58 -123.24
N TYR V 306 -40.74 28.37 -123.69
CA TYR V 306 -42.12 27.92 -123.70
C TYR V 306 -42.47 27.34 -122.33
N THR V 307 -43.62 27.75 -121.80
CA THR V 307 -44.06 27.28 -120.50
C THR V 307 -45.52 26.83 -120.59
N ALA V 308 -45.85 25.81 -119.80
CA ALA V 308 -47.20 25.29 -119.74
C ALA V 308 -47.39 24.59 -118.41
N CYS V 309 -48.65 24.35 -118.05
CA CYS V 309 -48.95 23.63 -116.82
C CYS V 309 -48.99 22.13 -117.05
N SER V 310 -49.77 21.68 -118.03
CA SER V 310 -49.91 20.26 -118.32
C SER V 310 -48.65 19.72 -119.01
N HIS V 311 -48.29 18.49 -118.63
CA HIS V 311 -47.16 17.82 -119.28
C HIS V 311 -47.48 17.42 -120.71
N ALA V 312 -48.69 16.91 -120.96
CA ALA V 312 -49.08 16.57 -122.32
C ALA V 312 -49.15 17.81 -123.21
N ALA V 313 -49.66 18.92 -122.66
CA ALA V 313 -49.76 20.15 -123.44
C ALA V 313 -48.38 20.69 -123.80
N VAL V 314 -47.46 20.72 -122.83
CA VAL V 314 -46.12 21.22 -123.13
C VAL V 314 -45.38 20.26 -124.05
N ASP V 315 -45.64 18.96 -123.94
CA ASP V 315 -45.06 18.02 -124.90
C ASP V 315 -45.57 18.28 -126.31
N ALA V 316 -46.87 18.52 -126.45
CA ALA V 316 -47.42 18.82 -127.77
C ALA V 316 -46.83 20.11 -128.33
N LEU V 317 -46.70 21.13 -127.49
CA LEU V 317 -46.13 22.40 -127.94
C LEU V 317 -44.68 22.22 -128.36
N CYS V 318 -43.89 21.47 -127.58
CA CYS V 318 -42.50 21.26 -127.93
C CYS V 318 -42.37 20.43 -129.19
N GLU V 319 -43.24 19.45 -129.40
CA GLU V 319 -43.21 18.67 -130.63
C GLU V 319 -43.56 19.53 -131.84
N LYS V 320 -44.57 20.39 -131.71
CA LYS V 320 -44.91 21.31 -132.80
C LYS V 320 -43.74 22.24 -133.10
N ALA V 321 -43.07 22.75 -132.07
CA ALA V 321 -41.91 23.60 -132.28
C ALA V 321 -40.76 22.84 -132.93
N LEU V 322 -40.53 21.59 -132.51
CA LEU V 322 -39.51 20.77 -133.15
C LEU V 322 -39.82 20.58 -134.62
N LYS V 323 -41.09 20.40 -134.95
CA LYS V 323 -41.49 20.33 -136.35
C LYS V 323 -41.22 21.65 -137.06
N TYR V 324 -41.37 22.78 -136.37
CA TYR V 324 -41.20 24.12 -136.98
C TYR V 324 -39.98 24.91 -136.50
N LEU V 325 -40.04 25.45 -135.27
CA LEU V 325 -38.92 26.20 -134.66
C LEU V 325 -37.53 25.62 -134.81
N PRO V 326 -36.54 26.49 -135.02
CA PRO V 326 -35.17 26.04 -135.15
C PRO V 326 -34.76 25.02 -134.13
N ILE V 327 -34.43 23.80 -134.56
CA ILE V 327 -33.90 22.81 -133.64
C ILE V 327 -32.42 22.99 -133.75
N ASP V 328 -31.73 23.01 -132.62
CA ASP V 328 -31.41 24.22 -131.87
C ASP V 328 -32.48 24.48 -130.82
N LYS V 329 -33.27 23.47 -130.51
CA LYS V 329 -34.25 23.64 -129.45
C LYS V 329 -34.24 22.46 -128.48
N CYS V 330 -34.64 22.70 -127.24
CA CYS V 330 -34.60 21.69 -126.20
C CYS V 330 -35.81 21.84 -125.29
N SER V 331 -36.49 20.72 -125.05
CA SER V 331 -37.61 20.71 -124.11
C SER V 331 -37.16 20.23 -122.74
N ARG V 332 -36.27 20.99 -122.09
CA ARG V 332 -35.72 20.58 -120.81
C ARG V 332 -36.75 20.71 -119.70
N ILE V 333 -37.54 19.66 -119.50
CA ILE V 333 -38.71 19.71 -118.64
C ILE V 333 -38.52 18.90 -117.37
N ILE V 334 -38.29 17.59 -117.50
CA ILE V 334 -38.27 16.67 -116.36
C ILE V 334 -37.13 15.67 -116.52
N PRO V 335 -36.18 15.60 -115.57
CA PRO V 335 -35.08 14.63 -115.69
C PRO V 335 -35.50 13.17 -115.51
N ALA V 336 -36.15 12.83 -114.39
CA ALA V 336 -36.50 11.44 -114.13
C ALA V 336 -37.88 11.29 -113.48
N ARG V 337 -38.51 12.41 -113.13
CA ARG V 337 -39.82 12.41 -112.51
C ARG V 337 -40.91 12.30 -113.56
N ALA V 338 -42.15 12.66 -113.21
CA ALA V 338 -43.23 12.68 -114.18
C ALA V 338 -43.49 11.30 -114.76
N ARG V 339 -44.08 10.42 -113.94
CA ARG V 339 -44.42 9.06 -114.38
C ARG V 339 -45.00 9.04 -115.79
N VAL V 340 -45.70 10.09 -116.20
CA VAL V 340 -46.13 10.23 -117.59
C VAL V 340 -44.94 10.76 -118.41
N GLU V 341 -44.59 10.02 -119.47
CA GLU V 341 -43.36 10.30 -120.19
C GLU V 341 -43.56 11.47 -121.16
N CYS V 342 -42.82 12.55 -120.94
CA CYS V 342 -42.97 13.73 -121.78
C CYS V 342 -41.96 13.76 -122.91
N PHE V 343 -40.68 13.83 -122.60
CA PHE V 343 -39.67 14.08 -123.62
C PHE V 343 -38.42 13.25 -123.38
N ASP V 344 -37.71 12.96 -124.49
CA ASP V 344 -36.41 12.30 -124.41
C ASP V 344 -35.42 12.86 -125.43
N LYS V 345 -35.69 14.05 -125.96
CA LYS V 345 -34.92 14.57 -127.08
C LYS V 345 -33.60 15.19 -126.66
N PHE V 346 -33.65 16.24 -125.85
CA PHE V 346 -32.44 16.98 -125.51
C PHE V 346 -32.17 17.00 -124.01
N LYS V 347 -31.22 17.83 -123.59
CA LYS V 347 -30.76 17.93 -122.21
C LYS V 347 -31.92 18.30 -121.27
N VAL V 348 -31.63 18.19 -119.98
CA VAL V 348 -32.55 18.65 -118.96
C VAL V 348 -32.04 19.89 -118.23
N ASN V 349 -30.72 20.05 -118.09
CA ASN V 349 -30.14 21.21 -117.43
C ASN V 349 -28.77 21.49 -118.01
N SER V 350 -28.70 22.45 -118.93
CA SER V 350 -27.40 22.93 -119.43
C SER V 350 -27.38 24.46 -119.44
N THR V 351 -28.53 25.07 -119.69
CA THR V 351 -28.69 26.52 -119.73
C THR V 351 -27.68 27.13 -120.73
N LEU V 352 -27.73 26.62 -121.96
CA LEU V 352 -26.99 27.22 -123.06
C LEU V 352 -27.88 27.29 -124.29
N GLU V 353 -28.91 26.45 -124.30
CA GLU V 353 -29.82 26.37 -125.43
C GLU V 353 -30.81 27.53 -125.41
N GLN V 354 -31.25 27.94 -126.60
CA GLN V 354 -32.09 29.12 -126.75
C GLN V 354 -33.54 28.88 -126.36
N TYR V 355 -34.22 27.97 -127.07
CA TYR V 355 -35.64 27.72 -126.85
C TYR V 355 -35.80 26.62 -125.79
N VAL V 356 -35.51 26.98 -124.55
CA VAL V 356 -35.60 26.04 -123.44
C VAL V 356 -37.07 25.94 -123.02
N PHE V 357 -37.64 24.75 -123.15
CA PHE V 357 -39.03 24.51 -122.80
C PHE V 357 -39.07 23.73 -121.49
N CYS V 358 -39.94 24.18 -120.56
CA CYS V 358 -39.97 23.56 -119.24
C CYS V 358 -41.35 23.76 -118.63
N THR V 359 -41.60 22.99 -117.57
CA THR V 359 -42.82 23.07 -116.78
C THR V 359 -42.44 23.56 -115.38
N VAL V 360 -43.46 23.99 -114.63
CA VAL V 360 -43.24 24.64 -113.33
C VAL V 360 -42.49 23.72 -112.37
N ASN V 361 -42.67 22.41 -112.50
CA ASN V 361 -42.07 21.47 -111.55
C ASN V 361 -40.55 21.51 -111.55
N ALA V 362 -39.91 21.90 -112.65
CA ALA V 362 -38.45 21.94 -112.69
C ALA V 362 -37.94 23.18 -113.42
N LEU V 363 -38.68 24.28 -113.32
CA LEU V 363 -38.29 25.52 -114.01
C LEU V 363 -37.02 26.08 -113.38
N PRO V 364 -35.96 26.32 -114.15
CA PRO V 364 -34.74 26.86 -113.57
C PRO V 364 -34.89 28.33 -113.22
N GLU V 365 -34.07 28.75 -112.25
CA GLU V 365 -34.00 30.15 -111.84
C GLU V 365 -33.01 30.96 -112.67
N THR V 366 -33.21 31.02 -113.97
CA THR V 366 -32.36 31.79 -114.87
C THR V 366 -33.17 32.91 -115.51
N THR V 367 -32.55 33.63 -116.44
CA THR V 367 -33.19 34.72 -117.15
C THR V 367 -33.36 34.36 -118.63
N ALA V 368 -34.14 35.17 -119.33
CA ALA V 368 -34.38 34.99 -120.75
C ALA V 368 -34.86 36.32 -121.31
N ASP V 369 -34.97 36.37 -122.64
CA ASP V 369 -35.49 37.56 -123.29
C ASP V 369 -37.02 37.61 -123.21
N ILE V 370 -37.68 36.57 -123.70
CA ILE V 370 -39.12 36.43 -123.60
C ILE V 370 -39.45 35.01 -123.15
N VAL V 371 -40.62 34.86 -122.53
CA VAL V 371 -41.11 33.56 -122.09
C VAL V 371 -42.59 33.46 -122.45
N VAL V 372 -42.98 32.31 -122.99
CA VAL V 372 -44.36 32.05 -123.40
C VAL V 372 -44.92 31.02 -122.44
N PHE V 373 -45.93 31.41 -121.66
CA PHE V 373 -46.60 30.49 -120.75
C PHE V 373 -47.95 30.11 -121.34
N ASP V 374 -48.22 28.81 -121.41
CA ASP V 374 -49.42 28.29 -122.04
C ASP V 374 -50.29 27.58 -121.01
N GLU V 375 -51.57 27.44 -121.36
CA GLU V 375 -52.57 26.77 -120.53
C GLU V 375 -52.67 27.43 -119.15
N ILE V 376 -53.07 28.71 -119.18
CA ILE V 376 -53.24 29.49 -117.96
C ILE V 376 -54.41 29.02 -117.12
N SER V 377 -55.30 28.19 -117.66
CA SER V 377 -56.53 27.83 -116.96
C SER V 377 -56.27 26.89 -115.79
N MET V 378 -55.44 25.87 -116.00
CA MET V 378 -55.25 24.83 -114.99
C MET V 378 -54.22 25.19 -113.92
N ALA V 379 -53.91 26.47 -113.76
CA ALA V 379 -52.96 26.93 -112.77
C ALA V 379 -53.65 27.86 -111.78
N THR V 380 -53.06 27.98 -110.59
CA THR V 380 -53.53 28.87 -109.54
C THR V 380 -52.55 30.01 -109.36
N ASN V 381 -52.89 30.92 -108.44
CA ASN V 381 -52.04 32.08 -108.18
C ASN V 381 -50.68 31.68 -107.64
N TYR V 382 -50.61 30.57 -106.90
CA TYR V 382 -49.34 30.11 -106.36
C TYR V 382 -48.35 29.78 -107.47
N ASP V 383 -48.79 28.99 -108.46
CA ASP V 383 -47.90 28.62 -109.54
C ASP V 383 -47.46 29.83 -110.35
N LEU V 384 -48.36 30.80 -110.57
CA LEU V 384 -47.99 32.01 -111.28
C LEU V 384 -46.95 32.82 -110.49
N SER V 385 -47.14 32.92 -109.17
CA SER V 385 -46.14 33.59 -108.35
C SER V 385 -44.79 32.87 -108.44
N VAL V 386 -44.82 31.53 -108.41
CA VAL V 386 -43.58 30.76 -108.47
C VAL V 386 -42.86 30.99 -109.80
N VAL V 387 -43.60 30.94 -110.91
CA VAL V 387 -42.96 31.12 -112.21
C VAL V 387 -42.47 32.54 -112.41
N ASN V 388 -43.19 33.53 -111.85
CA ASN V 388 -42.70 34.90 -111.94
C ASN V 388 -41.48 35.11 -111.06
N ALA V 389 -41.37 34.34 -109.96
CA ALA V 389 -40.18 34.42 -109.11
C ALA V 389 -38.97 33.78 -109.78
N ARG V 390 -39.17 32.62 -110.41
CA ARG V 390 -38.05 31.88 -110.99
C ARG V 390 -37.49 32.61 -112.21
N LEU V 391 -38.30 32.76 -113.25
CA LEU V 391 -37.83 33.33 -114.50
C LEU V 391 -38.01 34.85 -114.51
N ARG V 392 -37.27 35.49 -115.41
CA ARG V 392 -37.34 36.95 -115.57
C ARG V 392 -37.05 37.24 -117.04
N ALA V 393 -38.10 37.58 -117.78
CA ALA V 393 -37.98 37.87 -119.20
C ALA V 393 -38.50 39.27 -119.49
N LYS V 394 -37.97 39.86 -120.57
CA LYS V 394 -38.39 41.20 -120.97
C LYS V 394 -39.81 41.23 -121.48
N HIS V 395 -40.36 40.08 -121.91
CA HIS V 395 -41.76 40.01 -122.30
C HIS V 395 -42.33 38.66 -121.92
N TYR V 396 -43.64 38.61 -121.75
CA TYR V 396 -44.35 37.42 -121.30
C TYR V 396 -45.57 37.22 -122.19
N VAL V 397 -45.79 35.98 -122.64
CA VAL V 397 -46.94 35.62 -123.44
C VAL V 397 -47.71 34.54 -122.68
N TYR V 398 -48.87 34.91 -122.14
CA TYR V 398 -49.71 33.98 -121.38
C TYR V 398 -50.86 33.50 -122.28
N ILE V 399 -50.53 32.56 -123.16
CA ILE V 399 -51.54 31.99 -124.06
C ILE V 399 -52.47 31.10 -123.24
N GLY V 400 -53.77 31.37 -123.33
CA GLY V 400 -54.75 30.59 -122.57
C GLY V 400 -56.16 30.82 -123.08
N ASP V 401 -57.06 29.99 -122.57
CA ASP V 401 -58.48 30.08 -122.90
C ASP V 401 -59.31 29.99 -121.63
N PRO V 402 -60.26 30.91 -121.42
CA PRO V 402 -61.10 30.82 -120.22
C PRO V 402 -61.91 29.54 -120.14
N ALA V 403 -62.33 28.98 -121.28
CA ALA V 403 -63.11 27.74 -121.31
C ALA V 403 -62.24 26.50 -121.37
N GLN V 404 -61.35 26.31 -120.40
CA GLN V 404 -60.52 25.12 -120.31
C GLN V 404 -60.60 24.53 -118.91
N LEU V 405 -59.96 23.38 -118.73
CA LEU V 405 -60.00 22.68 -117.44
C LEU V 405 -59.16 23.44 -116.41
N PRO V 406 -59.72 23.77 -115.25
CA PRO V 406 -58.96 24.49 -114.24
C PRO V 406 -58.11 23.58 -113.38
N ALA V 407 -57.49 24.14 -112.34
CA ALA V 407 -56.73 23.34 -111.40
C ALA V 407 -57.66 22.36 -110.67
N PRO V 408 -57.15 21.18 -110.29
CA PRO V 408 -58.04 20.18 -109.68
C PRO V 408 -58.76 20.69 -108.44
N ARG V 409 -58.03 21.27 -107.49
CA ARG V 409 -58.62 21.84 -106.27
C ARG V 409 -59.48 20.82 -105.54
N THR V 410 -58.85 19.77 -105.00
CA THR V 410 -59.57 18.72 -104.31
C THR V 410 -60.32 19.20 -103.08
N LEU V 411 -59.99 20.38 -102.56
CA LEU V 411 -60.77 20.98 -101.48
C LEU V 411 -61.92 21.84 -101.98
N LEU V 412 -62.00 22.10 -103.28
CA LEU V 412 -63.11 22.85 -103.87
C LEU V 412 -64.28 21.89 -104.07
N THR V 413 -65.09 21.75 -103.02
CA THR V 413 -66.26 20.89 -103.05
C THR V 413 -67.57 21.67 -102.92
N LYS V 414 -67.53 22.97 -102.67
CA LYS V 414 -68.72 23.78 -102.49
C LYS V 414 -68.77 24.84 -103.57
N GLY V 415 -69.90 24.91 -104.28
CA GLY V 415 -70.00 25.82 -105.40
C GLY V 415 -69.03 25.45 -106.49
N THR V 416 -68.45 26.47 -107.13
CA THR V 416 -67.45 26.26 -108.16
C THR V 416 -66.65 27.54 -108.30
N LEU V 417 -65.69 27.53 -109.22
CA LEU V 417 -64.86 28.69 -109.51
C LEU V 417 -65.15 29.21 -110.91
N GLU V 418 -65.29 30.53 -111.02
CA GLU V 418 -65.45 31.14 -112.32
C GLU V 418 -64.17 31.02 -113.13
N PRO V 419 -64.27 31.03 -114.46
CA PRO V 419 -63.05 31.05 -115.29
C PRO V 419 -62.18 32.24 -115.00
N GLU V 420 -62.74 33.37 -114.57
CA GLU V 420 -61.96 34.52 -114.15
C GLU V 420 -61.16 34.24 -112.89
N TYR V 421 -61.59 33.28 -112.07
CA TYR V 421 -60.99 33.05 -110.76
C TYR V 421 -60.17 31.76 -110.72
N PHE V 422 -59.72 31.29 -111.88
CA PHE V 422 -58.79 30.16 -111.89
C PHE V 422 -57.43 30.58 -111.35
N ASN V 423 -56.93 31.72 -111.80
CA ASN V 423 -55.68 32.30 -111.31
C ASN V 423 -55.69 33.79 -111.63
N SER V 424 -54.59 34.47 -111.34
CA SER V 424 -54.50 35.90 -111.62
C SER V 424 -54.51 36.17 -113.12
N VAL V 425 -53.86 35.31 -113.90
CA VAL V 425 -53.83 35.50 -115.34
C VAL V 425 -55.22 35.33 -115.95
N CYS V 426 -55.98 34.31 -115.52
CA CYS V 426 -57.35 34.17 -115.99
C CYS V 426 -58.18 35.39 -115.64
N ARG V 427 -57.95 35.94 -114.44
CA ARG V 427 -58.57 37.21 -114.07
C ARG V 427 -58.26 38.29 -115.11
N LEU V 428 -56.96 38.49 -115.41
CA LEU V 428 -56.57 39.54 -116.34
C LEU V 428 -57.16 39.32 -117.73
N MET V 429 -57.37 38.06 -118.12
CA MET V 429 -58.16 37.77 -119.31
C MET V 429 -59.59 38.28 -119.15
N LYS V 430 -60.22 38.04 -118.00
CA LYS V 430 -61.66 38.26 -117.88
C LYS V 430 -62.03 39.54 -117.12
N THR V 431 -61.08 40.43 -116.88
CA THR V 431 -61.44 41.77 -116.41
C THR V 431 -61.88 42.65 -117.56
N ILE V 432 -60.94 42.93 -118.48
CA ILE V 432 -61.21 43.87 -119.56
C ILE V 432 -61.00 43.24 -120.92
N GLY V 433 -60.18 42.20 -121.01
CA GLY V 433 -59.92 41.55 -122.27
C GLY V 433 -58.60 40.82 -122.28
N PRO V 434 -58.43 39.89 -123.21
CA PRO V 434 -57.20 39.09 -123.25
C PRO V 434 -56.07 39.81 -123.97
N ASP V 435 -56.25 41.10 -124.24
CA ASP V 435 -55.33 41.95 -124.99
C ASP V 435 -54.80 41.27 -126.25
N MET V 436 -55.60 40.35 -126.80
CA MET V 436 -55.33 39.64 -128.05
C MET V 436 -56.58 38.85 -128.41
N PHE V 437 -56.61 38.38 -129.65
CA PHE V 437 -57.73 37.56 -130.11
C PHE V 437 -57.26 36.72 -131.30
N LEU V 438 -57.45 35.40 -131.18
CA LEU V 438 -57.17 34.52 -132.30
C LEU V 438 -58.06 33.28 -132.20
N GLY V 439 -59.15 33.26 -132.94
CA GLY V 439 -60.02 32.10 -132.98
C GLY V 439 -60.21 31.55 -134.38
N THR V 440 -59.69 30.36 -134.62
CA THR V 440 -59.87 29.66 -135.90
C THR V 440 -59.57 28.19 -135.64
N CYS V 441 -60.62 27.40 -135.45
CA CYS V 441 -60.48 25.99 -135.10
C CYS V 441 -60.33 25.10 -136.33
N ARG V 442 -59.38 25.42 -137.21
CA ARG V 442 -59.24 24.70 -138.47
C ARG V 442 -58.66 23.30 -138.29
N ARG V 443 -57.98 23.03 -137.17
CA ARG V 443 -57.42 21.72 -136.90
C ARG V 443 -58.45 20.75 -136.30
N CYS V 444 -59.73 21.08 -136.41
CA CYS V 444 -60.81 20.24 -135.91
C CYS V 444 -61.91 20.23 -136.96
N PRO V 445 -62.73 19.17 -136.99
CA PRO V 445 -63.82 19.14 -137.96
C PRO V 445 -64.79 20.29 -137.75
N ALA V 446 -65.11 20.99 -138.83
CA ALA V 446 -66.00 22.14 -138.75
C ALA V 446 -67.39 21.74 -138.27
N GLU V 447 -67.78 20.48 -138.44
CA GLU V 447 -69.00 20.00 -137.78
C GLU V 447 -68.87 20.05 -136.27
N ILE V 448 -67.77 19.50 -135.75
CA ILE V 448 -67.46 19.61 -134.32
C ILE V 448 -67.34 21.06 -133.89
N VAL V 449 -66.73 21.90 -134.72
CA VAL V 449 -66.53 23.30 -134.35
C VAL V 449 -67.86 24.03 -134.28
N ASP V 450 -68.76 23.80 -135.25
CA ASP V 450 -70.07 24.44 -135.22
C ASP V 450 -70.92 23.95 -134.06
N THR V 451 -70.87 22.65 -133.76
CA THR V 451 -71.60 22.16 -132.60
C THR V 451 -71.07 22.80 -131.32
N VAL V 452 -69.75 22.93 -131.20
CA VAL V 452 -69.18 23.63 -130.06
C VAL V 452 -69.66 25.08 -130.02
N SER V 453 -69.71 25.72 -131.19
CA SER V 453 -70.12 27.11 -131.28
C SER V 453 -71.58 27.30 -130.91
N ALA V 454 -72.39 26.24 -131.02
CA ALA V 454 -73.79 26.29 -130.61
C ALA V 454 -74.02 25.75 -129.21
N LEU V 455 -72.97 25.31 -128.53
CA LEU V 455 -73.11 24.72 -127.20
C LEU V 455 -72.88 25.75 -126.11
N VAL V 456 -71.67 26.32 -126.05
CA VAL V 456 -71.36 27.33 -125.04
C VAL V 456 -70.77 28.61 -125.64
N TYR V 457 -70.19 28.54 -126.83
CA TYR V 457 -69.66 29.73 -127.47
C TYR V 457 -70.77 30.48 -128.20
N ASP V 458 -70.41 31.64 -128.75
CA ASP V 458 -71.36 32.51 -129.44
C ASP V 458 -71.29 32.37 -130.96
N ASN V 459 -70.94 31.18 -131.45
CA ASN V 459 -70.84 30.89 -132.89
C ASN V 459 -69.87 31.85 -133.58
N LYS V 460 -68.65 31.88 -133.04
CA LYS V 460 -67.57 32.70 -133.59
C LYS V 460 -66.37 31.86 -134.00
N LEU V 461 -66.53 30.54 -134.13
CA LEU V 461 -65.45 29.65 -134.54
C LEU V 461 -65.74 29.15 -135.94
N LYS V 462 -64.85 29.50 -136.89
CA LYS V 462 -64.95 29.07 -138.27
C LYS V 462 -63.85 28.06 -138.57
N ALA V 463 -64.20 27.00 -139.28
CA ALA V 463 -63.29 25.88 -139.49
C ALA V 463 -63.59 25.22 -140.83
N HIS V 464 -62.90 24.11 -141.08
CA HIS V 464 -63.05 23.33 -142.30
C HIS V 464 -63.00 21.86 -141.91
N LYS V 465 -62.84 20.99 -142.91
CA LYS V 465 -62.62 19.56 -142.68
C LYS V 465 -63.79 18.92 -141.93
N ASP V 466 -65.01 19.17 -142.43
CA ASP V 466 -66.21 18.64 -141.80
C ASP V 466 -66.23 17.13 -141.80
N LYS V 467 -65.66 16.50 -142.82
CA LYS V 467 -65.76 15.07 -143.04
C LYS V 467 -64.58 14.34 -142.40
N SER V 468 -64.84 13.13 -141.91
CA SER V 468 -66.12 12.44 -141.92
C SER V 468 -66.30 11.57 -140.69
N ALA V 469 -67.37 10.76 -140.70
CA ALA V 469 -67.63 9.76 -139.67
C ALA V 469 -67.65 10.37 -138.27
N GLN V 470 -68.59 11.26 -138.01
CA GLN V 470 -68.75 11.84 -136.68
C GLN V 470 -70.15 11.53 -136.18
N CYS V 471 -70.23 10.96 -134.99
CA CYS V 471 -71.50 10.51 -134.43
C CYS V 471 -71.38 10.45 -132.91
N PHE V 472 -72.47 10.06 -132.26
CA PHE V 472 -72.47 9.89 -130.81
C PHE V 472 -73.46 8.80 -130.42
N LYS V 473 -72.98 7.58 -130.23
CA LYS V 473 -73.87 6.46 -129.90
C LYS V 473 -74.40 6.59 -128.48
N MET V 474 -75.72 6.73 -128.35
CA MET V 474 -76.36 6.92 -127.05
C MET V 474 -76.58 5.55 -126.39
N PHE V 475 -75.51 5.03 -125.78
CA PHE V 475 -75.62 3.80 -125.01
C PHE V 475 -75.86 4.13 -123.55
N TYR V 476 -76.96 3.61 -123.01
CA TYR V 476 -77.33 3.85 -121.62
C TYR V 476 -76.29 3.27 -120.67
N LYS V 477 -76.09 3.96 -119.55
CA LYS V 477 -75.13 3.54 -118.56
C LYS V 477 -75.62 2.32 -117.81
N GLY V 478 -74.68 1.51 -117.32
CA GLY V 478 -75.02 0.31 -116.59
C GLY V 478 -74.48 0.29 -115.17
N VAL V 479 -74.18 -0.91 -114.67
CA VAL V 479 -73.64 -1.04 -113.32
C VAL V 479 -72.26 -0.40 -113.26
N ILE V 480 -71.95 0.22 -112.13
CA ILE V 480 -70.68 0.92 -111.93
C ILE V 480 -69.82 0.07 -111.00
N THR V 481 -68.70 -0.42 -111.51
CA THR V 481 -67.75 -1.19 -110.72
C THR V 481 -66.62 -0.28 -110.22
N HIS V 482 -67.02 0.72 -109.44
CA HIS V 482 -66.10 1.76 -108.98
C HIS V 482 -65.22 1.19 -107.87
N ASP V 483 -63.99 0.82 -108.21
CA ASP V 483 -63.02 0.43 -107.20
C ASP V 483 -62.49 1.64 -106.44
N VAL V 484 -62.34 2.77 -107.14
CA VAL V 484 -61.88 4.01 -106.54
C VAL V 484 -63.02 5.02 -106.59
N SER V 485 -62.77 6.23 -106.08
CA SER V 485 -63.81 7.26 -106.08
C SER V 485 -64.31 7.57 -107.49
N SER V 486 -63.42 7.55 -108.48
CA SER V 486 -63.84 7.72 -109.86
C SER V 486 -64.59 6.49 -110.34
N ALA V 487 -65.64 6.71 -111.14
CA ALA V 487 -66.54 5.64 -111.53
C ALA V 487 -65.99 4.86 -112.73
N ILE V 488 -66.08 3.53 -112.66
CA ILE V 488 -65.70 2.65 -113.75
C ILE V 488 -66.98 2.13 -114.39
N ASN V 489 -67.13 2.36 -115.70
CA ASN V 489 -68.29 1.89 -116.45
C ASN V 489 -67.79 0.95 -117.54
N ARG V 490 -67.86 -0.35 -117.29
CA ARG V 490 -67.38 -1.36 -118.23
C ARG V 490 -68.30 -1.57 -119.44
N PRO V 491 -69.63 -1.51 -119.32
CA PRO V 491 -70.45 -1.66 -120.53
C PRO V 491 -70.22 -0.58 -121.57
N GLN V 492 -69.78 0.62 -121.15
CA GLN V 492 -69.49 1.67 -122.12
C GLN V 492 -68.35 1.26 -123.05
N ILE V 493 -67.36 0.53 -122.53
CA ILE V 493 -66.36 -0.11 -123.38
C ILE V 493 -66.86 -1.45 -123.91
N GLY V 494 -67.86 -2.05 -123.27
CA GLY V 494 -68.48 -3.25 -123.81
C GLY V 494 -69.18 -3.03 -125.14
N VAL V 495 -69.52 -1.78 -125.45
CA VAL V 495 -70.00 -1.47 -126.79
C VAL V 495 -68.82 -1.13 -127.72
N VAL V 496 -67.67 -0.77 -127.15
CA VAL V 496 -66.47 -0.57 -127.94
C VAL V 496 -65.86 -1.91 -128.35
N ARG V 497 -66.20 -3.00 -127.65
CA ARG V 497 -65.76 -4.32 -128.10
C ARG V 497 -66.31 -4.63 -129.48
N GLU V 498 -67.44 -4.02 -129.83
CA GLU V 498 -67.93 -4.08 -131.19
C GLU V 498 -67.34 -2.96 -132.05
N PHE V 499 -66.92 -1.86 -131.42
CA PHE V 499 -66.21 -0.80 -132.11
C PHE V 499 -64.72 -1.08 -132.24
N LEU V 500 -64.23 -2.18 -131.70
CA LEU V 500 -62.81 -2.54 -131.75
C LEU V 500 -62.46 -3.42 -132.94
N THR V 501 -63.37 -4.30 -133.36
CA THR V 501 -63.12 -5.20 -134.48
C THR V 501 -63.88 -4.81 -135.74
N ARG V 502 -64.96 -4.05 -135.62
CA ARG V 502 -65.78 -3.68 -136.77
C ARG V 502 -65.29 -2.44 -137.50
N ASN V 503 -64.33 -1.72 -136.93
CA ASN V 503 -63.86 -0.49 -137.56
C ASN V 503 -62.73 -0.80 -138.53
N PRO V 504 -62.86 -0.45 -139.81
CA PRO V 504 -61.77 -0.69 -140.76
C PRO V 504 -60.68 0.37 -140.66
N ALA V 505 -61.02 1.55 -140.17
CA ALA V 505 -60.08 2.65 -140.09
C ALA V 505 -59.96 3.29 -138.72
N TRP V 506 -60.85 2.97 -137.77
CA TRP V 506 -60.79 3.56 -136.43
C TRP V 506 -59.92 2.70 -135.50
N ARG V 507 -58.65 2.62 -135.83
CA ARG V 507 -57.68 1.89 -135.02
C ARG V 507 -56.77 2.83 -134.24
N LYS V 508 -56.13 3.78 -134.92
CA LYS V 508 -55.25 4.74 -134.25
C LYS V 508 -56.10 5.88 -133.69
N ALA V 509 -56.74 5.57 -132.56
CA ALA V 509 -57.58 6.52 -131.85
C ALA V 509 -57.06 6.73 -130.43
N VAL V 510 -57.38 7.90 -129.88
CA VAL V 510 -57.02 8.25 -128.50
C VAL V 510 -58.33 8.38 -127.74
N PHE V 511 -58.54 7.49 -126.77
CA PHE V 511 -59.80 7.48 -126.03
C PHE V 511 -59.77 8.54 -124.95
N ILE V 512 -60.53 9.61 -125.15
CA ILE V 512 -60.69 10.63 -124.14
C ILE V 512 -61.86 10.24 -123.24
N SER V 513 -61.84 10.72 -122.01
CA SER V 513 -62.87 10.36 -121.04
C SER V 513 -62.90 11.39 -119.94
N PRO V 514 -64.05 11.63 -119.32
CA PRO V 514 -64.07 12.54 -118.16
C PRO V 514 -63.27 12.02 -116.97
N TYR V 515 -63.50 10.76 -116.58
CA TYR V 515 -62.89 10.19 -115.40
C TYR V 515 -61.54 9.56 -115.72
N ASN V 516 -60.77 9.27 -114.68
CA ASN V 516 -59.48 8.59 -114.80
C ASN V 516 -59.59 7.09 -114.60
N SER V 517 -60.49 6.65 -113.73
CA SER V 517 -60.66 5.22 -113.48
C SER V 517 -61.25 4.51 -114.71
N GLN V 518 -62.18 5.15 -115.41
CA GLN V 518 -62.68 4.56 -116.65
C GLN V 518 -61.67 4.67 -117.77
N ASN V 519 -60.84 5.71 -117.78
CA ASN V 519 -59.69 5.73 -118.67
C ASN V 519 -58.72 4.62 -118.33
N ALA V 520 -58.66 4.21 -117.06
CA ALA V 520 -57.81 3.09 -116.66
C ALA V 520 -58.42 1.76 -117.09
N VAL V 521 -59.74 1.61 -116.98
CA VAL V 521 -60.38 0.38 -117.44
C VAL V 521 -60.37 0.30 -118.95
N ALA V 522 -60.26 1.43 -119.64
CA ALA V 522 -59.93 1.41 -121.06
C ALA V 522 -58.50 0.96 -121.31
N SER V 523 -57.63 1.13 -120.31
CA SER V 523 -56.26 0.62 -120.36
C SER V 523 -56.13 -0.74 -119.70
N LYS V 524 -57.23 -1.32 -119.22
CA LYS V 524 -57.24 -2.67 -118.69
C LYS V 524 -57.41 -3.71 -119.79
N ILE V 525 -58.49 -3.63 -120.55
CA ILE V 525 -58.65 -4.37 -121.80
C ILE V 525 -58.10 -3.48 -122.92
N LEU V 526 -56.79 -3.55 -123.15
CA LEU V 526 -56.12 -2.57 -124.00
C LEU V 526 -56.56 -2.72 -125.45
N GLY V 527 -57.05 -1.63 -126.04
CA GLY V 527 -57.37 -1.61 -127.44
C GLY V 527 -56.66 -0.49 -128.18
N LEU V 528 -56.31 0.56 -127.45
CA LEU V 528 -55.65 1.73 -128.01
C LEU V 528 -55.08 2.56 -126.87
N PRO V 529 -54.02 3.35 -127.14
CA PRO V 529 -53.48 4.21 -126.08
C PRO V 529 -54.43 5.34 -125.72
N THR V 530 -54.98 5.29 -124.51
CA THR V 530 -55.98 6.24 -124.06
C THR V 530 -55.33 7.39 -123.30
N GLN V 531 -56.05 8.52 -123.27
CA GLN V 531 -55.62 9.70 -122.52
C GLN V 531 -56.84 10.32 -121.86
N THR V 532 -56.67 10.71 -120.59
CA THR V 532 -57.74 11.37 -119.86
C THR V 532 -57.96 12.78 -120.41
N VAL V 533 -59.09 13.37 -120.05
CA VAL V 533 -59.40 14.73 -120.50
C VAL V 533 -58.41 15.74 -119.95
N ASP V 534 -57.75 15.42 -118.83
CA ASP V 534 -56.71 16.30 -118.30
C ASP V 534 -55.44 16.24 -119.16
N SER V 535 -55.24 15.13 -119.86
CA SER V 535 -54.12 14.98 -120.79
C SER V 535 -54.42 15.58 -122.16
N SER V 536 -55.60 16.17 -122.34
CA SER V 536 -56.00 16.84 -123.56
C SER V 536 -55.51 18.28 -123.55
N GLN V 537 -56.11 19.13 -124.41
CA GLN V 537 -55.81 20.55 -124.46
C GLN V 537 -54.39 20.85 -124.94
N GLY V 538 -54.13 20.52 -126.22
CA GLY V 538 -52.88 20.87 -126.88
C GLY V 538 -52.41 19.82 -127.87
N SER V 539 -52.89 18.59 -127.73
CA SER V 539 -52.51 17.49 -128.61
C SER V 539 -53.76 16.91 -129.25
N GLU V 540 -54.01 17.28 -130.51
CA GLU V 540 -55.17 16.78 -131.22
C GLU V 540 -54.89 15.40 -131.83
N TYR V 541 -55.97 14.69 -132.16
CA TYR V 541 -55.87 13.36 -132.75
C TYR V 541 -56.97 13.21 -133.80
N ASP V 542 -56.81 12.20 -134.66
CA ASP V 542 -57.75 11.99 -135.75
C ASP V 542 -59.06 11.44 -135.22
N TYR V 543 -59.03 10.27 -134.59
CA TYR V 543 -60.22 9.65 -134.03
C TYR V 543 -60.13 9.63 -132.52
N VAL V 544 -61.24 9.92 -131.85
CA VAL V 544 -61.30 9.99 -130.40
C VAL V 544 -62.52 9.19 -129.95
N ILE V 545 -62.29 7.96 -129.49
CA ILE V 545 -63.35 7.21 -128.84
C ILE V 545 -63.70 7.93 -127.54
N PHE V 546 -65.00 8.00 -127.21
CA PHE V 546 -65.46 8.81 -126.10
C PHE V 546 -66.59 8.09 -125.37
N THR V 547 -66.24 7.35 -124.33
CA THR V 547 -67.21 6.67 -123.47
C THR V 547 -67.10 7.22 -122.06
N GLN V 548 -68.19 7.81 -121.58
CA GLN V 548 -68.29 8.44 -120.28
C GLN V 548 -68.91 7.43 -119.30
N THR V 549 -69.34 7.91 -118.14
CA THR V 549 -69.86 7.05 -117.09
C THR V 549 -71.27 7.53 -116.74
N THR V 550 -71.81 7.02 -115.63
CA THR V 550 -73.16 7.38 -115.19
C THR V 550 -73.33 8.89 -115.11
N GLU V 551 -74.58 9.33 -115.10
CA GLU V 551 -74.91 10.76 -115.19
C GLU V 551 -74.46 11.45 -113.92
N THR V 552 -73.35 12.18 -114.01
CA THR V 552 -72.77 12.90 -112.89
C THR V 552 -72.36 14.30 -113.35
N ALA V 553 -72.06 15.17 -112.38
CA ALA V 553 -71.68 16.54 -112.70
C ALA V 553 -70.34 16.62 -113.40
N HIS V 554 -69.39 15.77 -113.02
CA HIS V 554 -68.06 15.82 -113.64
C HIS V 554 -68.12 15.48 -115.11
N SER V 555 -68.90 14.47 -115.48
CA SER V 555 -68.96 14.04 -116.88
C SER V 555 -69.79 15.00 -117.75
N CYS V 556 -70.64 15.82 -117.15
CA CYS V 556 -71.52 16.70 -117.90
C CYS V 556 -70.97 18.12 -118.04
N ASN V 557 -69.71 18.34 -117.66
CA ASN V 557 -69.12 19.67 -117.78
C ASN V 557 -69.00 20.06 -119.25
N VAL V 558 -69.47 21.26 -119.59
CA VAL V 558 -69.40 21.71 -120.97
C VAL V 558 -67.96 22.02 -121.37
N ASN V 559 -67.19 22.62 -120.47
CA ASN V 559 -65.79 22.90 -120.78
C ASN V 559 -65.00 21.61 -120.97
N ARG V 560 -65.28 20.60 -120.15
CA ARG V 560 -64.61 19.31 -120.29
C ARG V 560 -64.97 18.65 -121.61
N PHE V 561 -66.25 18.67 -121.98
CA PHE V 561 -66.67 18.12 -123.26
C PHE V 561 -66.00 18.87 -124.41
N ASN V 562 -65.92 20.19 -124.32
CA ASN V 562 -65.29 21.01 -125.35
C ASN V 562 -63.81 20.64 -125.51
N VAL V 563 -63.08 20.58 -124.39
CA VAL V 563 -61.65 20.27 -124.46
C VAL V 563 -61.38 18.80 -124.74
N ALA V 564 -62.38 17.94 -124.59
CA ALA V 564 -62.23 16.53 -124.96
C ALA V 564 -62.50 16.30 -126.44
N ILE V 565 -63.45 17.03 -127.03
CA ILE V 565 -63.76 16.81 -128.44
C ILE V 565 -62.93 17.71 -129.36
N THR V 566 -62.31 18.76 -128.82
CA THR V 566 -61.43 19.59 -129.65
C THR V 566 -60.11 18.90 -129.97
N ARG V 567 -59.86 17.74 -129.39
CA ARG V 567 -58.70 16.93 -129.75
C ARG V 567 -59.00 15.94 -130.87
N ALA V 568 -60.21 15.98 -131.42
CA ALA V 568 -60.56 15.19 -132.59
C ALA V 568 -60.31 16.02 -133.85
N LYS V 569 -59.80 15.36 -134.89
CA LYS V 569 -59.44 16.04 -136.12
C LYS V 569 -60.30 15.68 -137.32
N VAL V 570 -60.76 14.44 -137.42
CA VAL V 570 -61.64 14.03 -138.52
C VAL V 570 -62.93 13.43 -137.98
N GLY V 571 -62.81 12.53 -137.02
CA GLY V 571 -63.97 11.80 -136.52
C GLY V 571 -64.06 11.76 -135.01
N ILE V 572 -65.27 11.43 -134.53
CA ILE V 572 -65.59 11.34 -133.11
C ILE V 572 -66.79 10.42 -132.90
N LEU V 573 -66.72 9.57 -131.88
CA LEU V 573 -67.89 8.85 -131.40
C LEU V 573 -68.01 9.02 -129.90
N CYS V 574 -69.17 9.46 -129.45
CA CYS V 574 -69.41 9.72 -128.03
C CYS V 574 -70.45 8.74 -127.49
N ILE V 575 -70.19 8.23 -126.29
CA ILE V 575 -71.06 7.22 -125.68
C ILE V 575 -71.68 7.72 -124.39
N MET V 576 -72.98 8.03 -124.42
CA MET V 576 -73.77 8.62 -123.35
C MET V 576 -75.07 7.85 -123.09
N SER V 577 -75.52 7.86 -121.84
CA SER V 577 -76.94 7.71 -121.61
C SER V 577 -77.69 8.79 -122.37
N ASP V 578 -77.11 10.00 -122.40
CA ASP V 578 -77.51 11.08 -123.30
C ASP V 578 -78.97 11.49 -123.11
N ARG V 579 -79.28 12.06 -121.95
CA ARG V 579 -80.63 12.53 -121.69
C ARG V 579 -80.94 13.87 -122.38
N ASP V 580 -79.95 14.76 -122.50
CA ASP V 580 -80.20 16.06 -123.10
C ASP V 580 -79.13 16.46 -124.12
N LEU V 581 -77.94 15.90 -123.99
CA LEU V 581 -76.81 16.39 -124.78
C LEU V 581 -76.84 15.92 -126.23
N TYR V 582 -77.67 14.93 -126.56
CA TYR V 582 -77.72 14.42 -127.93
C TYR V 582 -78.40 15.37 -128.90
N ASP V 583 -79.12 16.38 -128.42
CA ASP V 583 -79.78 17.35 -129.27
C ASP V 583 -78.93 18.57 -129.56
N LYS V 584 -77.75 18.67 -128.95
CA LYS V 584 -76.83 19.77 -129.20
C LYS V 584 -75.69 19.41 -130.13
N LEU V 585 -75.20 18.18 -130.08
CA LEU V 585 -74.18 17.70 -131.00
C LEU V 585 -74.90 17.29 -132.28
N GLN V 586 -74.62 18.01 -133.37
CA GLN V 586 -75.32 17.78 -134.64
C GLN V 586 -74.56 16.76 -135.46
N PHE V 587 -74.81 15.47 -135.17
CA PHE V 587 -74.22 14.38 -135.94
C PHE V 587 -75.25 13.27 -136.11
N THR V 588 -75.02 12.43 -137.12
CA THR V 588 -75.89 11.28 -137.40
C THR V 588 -75.45 10.14 -136.50
N SER V 589 -76.08 10.04 -135.33
CA SER V 589 -75.68 9.05 -134.34
C SER V 589 -76.13 7.66 -134.74
N LEU V 590 -75.49 6.66 -134.14
CA LEU V 590 -75.79 5.25 -134.34
C LEU V 590 -76.18 4.60 -133.02
N GLU V 591 -76.34 3.28 -133.04
CA GLU V 591 -76.68 2.53 -131.83
C GLU V 591 -75.75 1.34 -131.65
N ILE V 592 -76.07 0.46 -130.70
CA ILE V 592 -75.24 -0.72 -130.42
C ILE V 592 -75.20 -1.66 -131.62
N PRO V 593 -76.33 -2.11 -132.18
CA PRO V 593 -76.25 -3.07 -133.29
C PRO V 593 -76.05 -2.44 -134.65
N ARG V 594 -76.24 -1.13 -134.78
CA ARG V 594 -76.10 -0.44 -136.06
C ARG V 594 -74.69 0.17 -136.10
N ARG V 595 -73.75 -0.61 -136.64
CA ARG V 595 -72.37 -0.17 -136.76
C ARG V 595 -71.86 -0.25 -138.19
N ASN V 596 -72.75 -0.46 -139.17
CA ASN V 596 -72.35 -0.52 -140.57
C ASN V 596 -72.70 0.77 -141.30
N ALA Y 4 -34.17 -55.14 -88.02
CA ALA Y 4 -33.22 -56.19 -88.39
C ALA Y 4 -31.85 -55.58 -88.66
N GLN Y 5 -31.36 -55.74 -89.89
CA GLN Y 5 -30.08 -55.14 -90.25
C GLN Y 5 -30.21 -53.63 -90.47
N SER Y 6 -31.41 -53.15 -90.80
CA SER Y 6 -31.63 -51.71 -90.89
C SER Y 6 -31.41 -51.04 -89.55
N PHE Y 7 -31.68 -51.74 -88.46
CA PHE Y 7 -31.38 -51.23 -87.13
C PHE Y 7 -29.88 -51.00 -86.98
N LEU Y 8 -29.08 -51.97 -87.43
CA LEU Y 8 -27.63 -51.81 -87.41
C LEU Y 8 -27.20 -50.64 -88.28
N ASN Y 9 -27.82 -50.51 -89.44
CA ASN Y 9 -27.46 -49.42 -90.35
C ASN Y 9 -27.76 -48.06 -89.73
N ARG Y 10 -28.91 -47.94 -89.06
CA ARG Y 10 -29.26 -46.67 -88.45
C ARG Y 10 -28.37 -46.35 -87.26
N VAL Y 11 -28.09 -47.35 -86.43
CA VAL Y 11 -27.21 -47.10 -85.28
C VAL Y 11 -25.84 -46.66 -85.75
N CYS Y 12 -25.28 -47.36 -86.73
CA CYS Y 12 -23.99 -46.96 -87.29
C CYS Y 12 -24.20 -45.77 -88.21
N GLY Y 13 -24.21 -44.56 -87.64
CA GLY Y 13 -24.61 -43.40 -88.39
C GLY Y 13 -23.64 -42.94 -89.48
N VAL Y 14 -22.47 -42.46 -89.09
CA VAL Y 14 -21.55 -41.88 -90.05
C VAL Y 14 -20.13 -42.43 -89.89
N SER Y 15 -19.79 -42.87 -88.68
CA SER Y 15 -18.41 -43.21 -88.37
C SER Y 15 -18.09 -44.66 -88.74
N ALA Y 16 -17.50 -44.86 -89.92
CA ALA Y 16 -17.15 -46.18 -90.43
C ALA Y 16 -18.37 -47.08 -90.49
N ALA Y 17 -18.16 -48.37 -90.78
CA ALA Y 17 -19.26 -49.33 -90.75
C ALA Y 17 -18.81 -50.68 -90.21
N ARG Y 18 -17.70 -50.73 -89.47
CA ARG Y 18 -17.10 -51.99 -89.07
C ARG Y 18 -17.75 -52.55 -87.80
N LEU Y 19 -19.04 -52.87 -87.87
CA LEU Y 19 -19.75 -53.37 -86.71
C LEU Y 19 -20.08 -54.85 -86.84
N THR Y 20 -19.97 -55.56 -85.72
CA THR Y 20 -20.40 -56.93 -85.57
C THR Y 20 -21.22 -57.05 -84.29
N PRO Y 21 -22.49 -57.44 -84.37
CA PRO Y 21 -23.33 -57.46 -83.17
C PRO Y 21 -22.91 -58.52 -82.17
N CYS Y 22 -22.35 -58.09 -81.04
CA CYS Y 22 -22.07 -59.02 -79.95
C CYS Y 22 -23.34 -59.47 -79.26
N GLY Y 23 -24.41 -58.71 -79.38
CA GLY Y 23 -25.71 -59.13 -78.90
C GLY Y 23 -26.33 -60.12 -79.86
N THR Y 24 -27.64 -59.99 -80.11
CA THR Y 24 -28.30 -60.82 -81.10
C THR Y 24 -29.41 -59.98 -81.73
N GLY Y 25 -29.09 -59.30 -82.83
CA GLY Y 25 -30.04 -58.41 -83.46
C GLY Y 25 -30.59 -57.37 -82.50
N THR Y 26 -31.89 -57.45 -82.22
CA THR Y 26 -32.55 -56.53 -81.32
C THR Y 26 -32.59 -57.05 -79.88
N SER Y 27 -32.02 -58.21 -79.61
CA SER Y 27 -31.99 -58.74 -78.26
C SER Y 27 -30.98 -57.98 -77.42
N THR Y 28 -31.34 -57.70 -76.17
CA THR Y 28 -30.44 -57.01 -75.25
C THR Y 28 -29.51 -58.02 -74.59
N ASP Y 29 -28.24 -58.01 -74.99
CA ASP Y 29 -27.24 -58.90 -74.40
C ASP Y 29 -27.05 -58.58 -72.94
N VAL Y 30 -27.00 -59.61 -72.10
CA VAL Y 30 -26.85 -59.45 -70.66
C VAL Y 30 -25.41 -59.78 -70.27
N VAL Y 31 -24.88 -59.02 -69.31
CA VAL Y 31 -23.51 -59.16 -68.85
C VAL Y 31 -23.48 -59.03 -67.34
N TYR Y 32 -22.31 -59.30 -66.76
CA TYR Y 32 -22.08 -59.24 -65.31
C TYR Y 32 -21.05 -58.15 -65.05
N ARG Y 33 -21.50 -57.02 -64.51
CA ARG Y 33 -20.63 -55.87 -64.33
C ARG Y 33 -20.82 -55.31 -62.93
N ALA Y 34 -19.78 -54.64 -62.43
CA ALA Y 34 -19.80 -54.03 -61.11
C ALA Y 34 -20.57 -52.72 -61.14
N PHE Y 35 -21.13 -52.36 -59.99
CA PHE Y 35 -21.93 -51.15 -59.87
C PHE Y 35 -21.83 -50.60 -58.46
N ASP Y 36 -21.97 -49.29 -58.35
CA ASP Y 36 -22.20 -48.63 -57.08
C ASP Y 36 -23.50 -47.88 -57.17
N ILE Y 37 -24.44 -48.19 -56.27
CA ILE Y 37 -25.78 -47.64 -56.36
C ILE Y 37 -26.33 -47.47 -54.96
N TYR Y 38 -27.05 -46.37 -54.75
CA TYR Y 38 -27.67 -46.08 -53.47
C TYR Y 38 -29.01 -45.40 -53.74
N ASN Y 39 -30.10 -46.14 -53.53
CA ASN Y 39 -31.45 -45.62 -53.73
C ASN Y 39 -32.38 -46.34 -52.77
N ASP Y 40 -32.79 -45.63 -51.71
CA ASP Y 40 -33.68 -46.07 -50.63
C ASP Y 40 -33.75 -47.58 -50.41
N LYS Y 41 -34.22 -48.32 -51.42
CA LYS Y 41 -34.45 -49.75 -51.26
C LYS Y 41 -33.16 -50.54 -51.08
N VAL Y 42 -32.07 -50.13 -51.75
CA VAL Y 42 -30.80 -50.84 -51.68
C VAL Y 42 -29.69 -49.84 -51.48
N ALA Y 43 -28.54 -50.33 -51.03
CA ALA Y 43 -27.36 -49.49 -50.84
C ALA Y 43 -26.13 -50.39 -50.75
N GLY Y 44 -25.14 -50.14 -51.60
CA GLY Y 44 -23.92 -50.91 -51.55
C GLY Y 44 -23.08 -50.67 -52.79
N PHE Y 45 -22.01 -51.46 -52.88
CA PHE Y 45 -21.06 -51.38 -53.99
C PHE Y 45 -20.66 -52.81 -54.31
N ALA Y 46 -21.40 -53.44 -55.22
CA ALA Y 46 -21.21 -54.86 -55.49
C ALA Y 46 -21.48 -55.12 -56.96
N LYS Y 47 -21.37 -56.38 -57.36
CA LYS Y 47 -21.60 -56.78 -58.73
C LYS Y 47 -23.10 -56.96 -58.99
N PHE Y 48 -23.48 -56.80 -60.25
CA PHE Y 48 -24.87 -56.92 -60.65
C PHE Y 48 -24.91 -57.45 -62.08
N LEU Y 49 -26.11 -57.72 -62.57
CA LEU Y 49 -26.32 -58.22 -63.93
C LEU Y 49 -26.93 -57.10 -64.76
N LYS Y 50 -26.17 -56.63 -65.74
CA LYS Y 50 -26.66 -55.62 -66.67
C LYS Y 50 -27.50 -56.28 -67.76
N THR Y 51 -28.63 -55.66 -68.08
CA THR Y 51 -29.60 -56.29 -68.98
C THR Y 51 -29.77 -55.53 -70.29
N ASN Y 52 -30.18 -54.27 -70.21
CA ASN Y 52 -30.63 -53.51 -71.38
C ASN Y 52 -29.44 -52.80 -72.03
N CYS Y 53 -28.68 -53.57 -72.81
CA CYS Y 53 -27.51 -53.02 -73.50
C CYS Y 53 -27.27 -53.84 -74.76
N CYS Y 54 -27.56 -53.27 -75.91
CA CYS Y 54 -27.24 -53.89 -77.19
C CYS Y 54 -25.82 -53.48 -77.55
N ARG Y 55 -24.86 -54.34 -77.24
CA ARG Y 55 -23.46 -54.02 -77.42
C ARG Y 55 -23.01 -54.39 -78.83
N PHE Y 56 -22.35 -53.46 -79.50
CA PHE Y 56 -21.86 -53.70 -80.87
C PHE Y 56 -20.40 -53.29 -80.90
N GLN Y 57 -19.51 -54.28 -80.87
CA GLN Y 57 -18.09 -53.99 -80.93
C GLN Y 57 -17.69 -53.60 -82.34
N GLU Y 58 -17.07 -52.45 -82.48
CA GLU Y 58 -16.56 -52.03 -83.78
C GLU Y 58 -15.18 -52.64 -84.00
N LYS Y 59 -15.00 -53.24 -85.18
CA LYS Y 59 -13.71 -53.79 -85.55
C LYS Y 59 -12.96 -52.77 -86.40
N ASP Y 60 -11.82 -53.16 -86.96
CA ASP Y 60 -11.01 -52.26 -87.77
C ASP Y 60 -10.77 -52.93 -89.12
N GLU Y 61 -9.92 -52.31 -89.93
CA GLU Y 61 -9.57 -52.88 -91.23
C GLU Y 61 -8.90 -54.23 -91.03
N ASP Y 62 -9.19 -55.16 -91.94
CA ASP Y 62 -8.91 -56.59 -91.85
C ASP Y 62 -9.85 -57.24 -90.84
N ASP Y 63 -10.89 -56.53 -90.40
CA ASP Y 63 -11.94 -57.09 -89.54
C ASP Y 63 -11.40 -57.53 -88.18
N ASN Y 64 -10.21 -57.06 -87.83
CA ASN Y 64 -9.68 -57.34 -86.49
C ASN Y 64 -10.46 -56.53 -85.46
N LEU Y 65 -10.86 -57.19 -84.38
CA LEU Y 65 -11.61 -56.52 -83.34
C LEU Y 65 -10.68 -55.56 -82.57
N ILE Y 66 -11.29 -54.52 -82.00
CA ILE Y 66 -10.56 -53.54 -81.20
C ILE Y 66 -11.49 -53.05 -80.12
N ASP Y 67 -10.92 -52.40 -79.11
CA ASP Y 67 -11.71 -51.89 -78.00
C ASP Y 67 -12.43 -50.61 -78.44
N SER Y 68 -13.61 -50.78 -79.04
CA SER Y 68 -14.47 -49.66 -79.39
C SER Y 68 -15.90 -50.16 -79.53
N TYR Y 69 -16.75 -49.82 -78.57
CA TYR Y 69 -18.07 -50.44 -78.46
C TYR Y 69 -19.15 -49.37 -78.58
N PHE Y 70 -20.16 -49.64 -79.41
CA PHE Y 70 -21.30 -48.74 -79.56
C PHE Y 70 -22.44 -49.29 -78.72
N VAL Y 71 -22.55 -48.83 -77.48
CA VAL Y 71 -23.66 -49.24 -76.64
C VAL Y 71 -24.89 -48.44 -77.01
N VAL Y 72 -25.99 -49.15 -77.29
CA VAL Y 72 -27.28 -48.52 -77.56
C VAL Y 72 -28.29 -49.11 -76.59
N LYS Y 73 -29.08 -48.24 -75.97
CA LYS Y 73 -29.99 -48.63 -74.91
C LYS Y 73 -31.37 -48.07 -75.20
N ARG Y 74 -32.40 -48.82 -74.81
CA ARG Y 74 -33.78 -48.37 -74.91
C ARG Y 74 -34.34 -48.14 -73.52
N HIS Y 75 -35.12 -47.07 -73.38
CA HIS Y 75 -35.74 -46.72 -72.11
C HIS Y 75 -37.08 -46.06 -72.40
N THR Y 76 -37.65 -45.40 -71.40
CA THR Y 76 -38.95 -44.78 -71.53
C THR Y 76 -38.87 -43.58 -72.48
N PHE Y 77 -39.95 -42.83 -72.59
CA PHE Y 77 -39.97 -41.67 -73.47
C PHE Y 77 -39.57 -40.38 -72.77
N SER Y 78 -39.98 -40.21 -71.51
CA SER Y 78 -39.60 -39.00 -70.78
C SER Y 78 -38.09 -38.91 -70.62
N ASN Y 79 -37.46 -40.02 -70.26
CA ASN Y 79 -36.01 -40.06 -70.14
C ASN Y 79 -35.34 -39.65 -71.43
N TYR Y 80 -35.95 -39.99 -72.57
CA TYR Y 80 -35.35 -39.63 -73.85
C TYR Y 80 -35.20 -38.12 -73.97
N GLN Y 81 -36.29 -37.38 -73.74
CA GLN Y 81 -36.21 -35.92 -73.82
C GLN Y 81 -35.30 -35.36 -72.75
N HIS Y 82 -35.36 -35.90 -71.54
CA HIS Y 82 -34.58 -35.34 -70.44
C HIS Y 82 -33.09 -35.45 -70.73
N GLU Y 83 -32.64 -36.64 -71.11
CA GLU Y 83 -31.23 -36.82 -71.45
C GLU Y 83 -30.84 -36.04 -72.69
N GLU Y 84 -31.73 -35.94 -73.68
CA GLU Y 84 -31.41 -35.14 -74.85
C GLU Y 84 -31.16 -33.68 -74.46
N THR Y 85 -32.02 -33.12 -73.63
CA THR Y 85 -31.86 -31.73 -73.21
C THR Y 85 -30.56 -31.54 -72.44
N ILE Y 86 -30.30 -32.39 -71.45
CA ILE Y 86 -29.11 -32.17 -70.63
C ILE Y 86 -27.85 -32.36 -71.46
N TYR Y 87 -27.81 -33.36 -72.34
CA TYR Y 87 -26.66 -33.50 -73.21
C TYR Y 87 -26.50 -32.28 -74.12
N ASN Y 88 -27.61 -31.72 -74.60
CA ASN Y 88 -27.53 -30.52 -75.42
C ASN Y 88 -26.91 -29.38 -74.65
N LEU Y 89 -27.13 -29.33 -73.33
CA LEU Y 89 -26.47 -28.31 -72.52
C LEU Y 89 -24.95 -28.49 -72.51
N LEU Y 90 -24.48 -29.73 -72.32
CA LEU Y 90 -23.08 -29.98 -72.00
C LEU Y 90 -22.27 -30.48 -73.17
N LYS Y 91 -22.75 -30.30 -74.40
CA LYS Y 91 -22.07 -30.90 -75.55
C LYS Y 91 -20.88 -30.09 -76.03
N ASP Y 92 -20.02 -29.64 -75.12
CA ASP Y 92 -18.83 -28.91 -75.54
C ASP Y 92 -17.58 -29.43 -74.85
N CYS Y 93 -17.71 -29.80 -73.58
CA CYS Y 93 -16.57 -30.22 -72.80
C CYS Y 93 -16.01 -31.52 -73.37
N PRO Y 94 -14.70 -31.62 -73.54
CA PRO Y 94 -14.12 -32.84 -74.13
C PRO Y 94 -14.25 -34.06 -73.24
N ALA Y 95 -14.84 -33.88 -72.05
CA ALA Y 95 -14.95 -34.96 -71.09
C ALA Y 95 -16.23 -35.76 -71.22
N VAL Y 96 -17.08 -35.46 -72.20
CA VAL Y 96 -18.36 -36.14 -72.37
C VAL Y 96 -18.31 -37.01 -73.62
N ALA Y 97 -18.70 -38.27 -73.47
CA ALA Y 97 -18.74 -39.17 -74.61
C ALA Y 97 -19.85 -38.75 -75.58
N LYS Y 98 -19.52 -38.76 -76.86
CA LYS Y 98 -20.46 -38.28 -77.88
C LYS Y 98 -21.73 -39.11 -77.86
N HIS Y 99 -22.87 -38.44 -77.90
CA HIS Y 99 -24.16 -39.08 -77.79
C HIS Y 99 -24.92 -39.01 -79.11
N ASP Y 100 -26.01 -39.76 -79.17
CA ASP Y 100 -26.91 -39.75 -80.32
C ASP Y 100 -28.26 -40.26 -79.88
N PHE Y 101 -29.31 -39.63 -80.42
CA PHE Y 101 -30.68 -39.90 -80.00
C PHE Y 101 -31.54 -40.14 -81.24
N PHE Y 102 -32.33 -41.20 -81.21
CA PHE Y 102 -33.24 -41.49 -82.32
C PHE Y 102 -34.27 -42.50 -81.84
N LYS Y 103 -35.28 -42.76 -82.68
CA LYS Y 103 -36.33 -43.71 -82.38
C LYS Y 103 -36.50 -44.65 -83.57
N PHE Y 104 -36.30 -45.94 -83.35
CA PHE Y 104 -36.40 -46.94 -84.39
C PHE Y 104 -37.75 -47.62 -84.34
N ARG Y 105 -38.09 -48.32 -85.43
CA ARG Y 105 -39.32 -49.11 -85.52
C ARG Y 105 -38.92 -50.58 -85.62
N ILE Y 106 -38.71 -51.21 -84.46
CA ILE Y 106 -38.52 -52.65 -84.43
C ILE Y 106 -39.80 -53.34 -84.88
N ASP Y 107 -40.94 -52.85 -84.39
CA ASP Y 107 -42.27 -53.30 -84.79
C ASP Y 107 -43.10 -52.04 -84.95
N GLY Y 108 -44.42 -52.12 -84.95
CA GLY Y 108 -45.21 -50.91 -84.97
C GLY Y 108 -45.15 -50.18 -83.65
N ASP Y 109 -43.96 -49.72 -83.26
CA ASP Y 109 -43.76 -49.08 -81.96
C ASP Y 109 -42.68 -48.01 -82.12
N MET Y 110 -42.95 -46.81 -81.60
CA MET Y 110 -41.99 -45.71 -81.64
C MET Y 110 -41.12 -45.78 -80.38
N VAL Y 111 -40.22 -46.76 -80.37
CA VAL Y 111 -39.36 -46.99 -79.21
C VAL Y 111 -38.15 -46.07 -79.26
N PRO Y 112 -37.87 -45.32 -78.20
CA PRO Y 112 -36.69 -44.44 -78.19
C PRO Y 112 -35.39 -45.23 -78.09
N HIS Y 113 -34.34 -44.62 -78.62
CA HIS Y 113 -33.01 -45.21 -78.59
C HIS Y 113 -31.98 -44.16 -78.24
N ILE Y 114 -30.96 -44.55 -77.47
CA ILE Y 114 -29.87 -43.68 -77.07
C ILE Y 114 -28.57 -44.37 -77.46
N SER Y 115 -27.71 -43.65 -78.17
CA SER Y 115 -26.49 -44.23 -78.72
C SER Y 115 -25.26 -43.57 -78.11
N ARG Y 116 -24.34 -44.38 -77.62
CA ARG Y 116 -23.06 -43.92 -77.09
C ARG Y 116 -21.95 -44.56 -77.92
N GLN Y 117 -21.03 -43.75 -78.41
CA GLN Y 117 -20.08 -44.18 -79.43
C GLN Y 117 -18.66 -44.22 -78.89
N ARG Y 118 -17.90 -45.22 -79.33
CA ARG Y 118 -16.49 -45.38 -79.01
C ARG Y 118 -16.27 -45.42 -77.49
N LEU Y 119 -16.86 -46.42 -76.86
CA LEU Y 119 -16.66 -46.64 -75.44
C LEU Y 119 -15.64 -47.73 -75.21
N THR Y 120 -15.35 -47.99 -73.94
CA THR Y 120 -14.38 -48.98 -73.52
C THR Y 120 -15.11 -50.17 -72.92
N LYS Y 121 -14.50 -51.36 -73.06
CA LYS Y 121 -15.18 -52.57 -72.63
C LYS Y 121 -15.46 -52.60 -71.14
N TYR Y 122 -14.52 -52.10 -70.33
CA TYR Y 122 -14.67 -52.10 -68.88
C TYR Y 122 -14.64 -50.67 -68.37
N THR Y 123 -15.51 -50.37 -67.41
CA THR Y 123 -15.53 -49.05 -66.80
C THR Y 123 -14.44 -48.98 -65.73
N MET Y 124 -14.39 -47.87 -65.01
CA MET Y 124 -13.43 -47.75 -63.91
C MET Y 124 -13.87 -48.54 -62.69
N ALA Y 125 -15.18 -48.67 -62.49
CA ALA Y 125 -15.66 -49.42 -61.33
C ALA Y 125 -15.21 -50.88 -61.39
N ASP Y 126 -15.18 -51.47 -62.58
CA ASP Y 126 -14.67 -52.84 -62.70
C ASP Y 126 -13.21 -52.91 -62.29
N LEU Y 127 -12.40 -51.97 -62.74
CA LEU Y 127 -10.98 -51.98 -62.40
C LEU Y 127 -10.79 -51.82 -60.89
N VAL Y 128 -11.52 -50.90 -60.28
CA VAL Y 128 -11.38 -50.70 -58.84
C VAL Y 128 -11.84 -51.93 -58.08
N TYR Y 129 -12.98 -52.49 -58.47
CA TYR Y 129 -13.52 -53.63 -57.75
C TYR Y 129 -12.65 -54.86 -57.92
N ALA Y 130 -11.91 -54.95 -59.03
CA ALA Y 130 -11.02 -56.09 -59.23
C ALA Y 130 -9.82 -56.04 -58.30
N LEU Y 131 -9.47 -54.85 -57.81
CA LEU Y 131 -8.29 -54.73 -56.95
C LEU Y 131 -8.66 -54.68 -55.47
N ARG Y 132 -9.85 -54.21 -55.13
CA ARG Y 132 -10.28 -54.14 -53.74
C ARG Y 132 -11.06 -55.35 -53.30
N HIS Y 133 -11.18 -56.37 -54.16
CA HIS Y 133 -11.79 -57.62 -53.79
C HIS Y 133 -11.05 -58.78 -54.45
N PHE Y 134 -9.71 -58.75 -54.35
CA PHE Y 134 -8.89 -59.67 -55.11
C PHE Y 134 -9.05 -61.10 -54.62
N ASP Y 135 -8.86 -62.04 -55.55
CA ASP Y 135 -8.93 -63.46 -55.27
C ASP Y 135 -8.20 -64.23 -56.36
N GLU Y 136 -7.12 -64.93 -56.00
CA GLU Y 136 -6.30 -65.58 -57.01
C GLU Y 136 -7.06 -66.68 -57.75
N GLY Y 137 -8.15 -67.18 -57.17
CA GLY Y 137 -8.96 -68.18 -57.83
C GLY Y 137 -9.82 -67.64 -58.95
N ASN Y 138 -10.14 -66.34 -58.92
CA ASN Y 138 -11.01 -65.71 -59.92
C ASN Y 138 -10.54 -64.28 -60.13
N CYS Y 139 -9.63 -64.10 -61.08
CA CYS Y 139 -9.09 -62.78 -61.41
C CYS Y 139 -9.02 -62.65 -62.93
N ASP Y 140 -10.09 -63.07 -63.61
CA ASP Y 140 -10.10 -63.05 -65.08
C ASP Y 140 -10.18 -61.63 -65.62
N THR Y 141 -11.02 -60.79 -65.02
CA THR Y 141 -11.17 -59.43 -65.51
C THR Y 141 -9.84 -58.68 -65.43
N LEU Y 142 -9.13 -58.85 -64.32
CA LEU Y 142 -7.85 -58.16 -64.16
C LEU Y 142 -6.83 -58.64 -65.17
N LYS Y 143 -6.79 -59.95 -65.43
CA LYS Y 143 -5.87 -60.45 -66.45
C LYS Y 143 -6.21 -59.89 -67.82
N GLU Y 144 -7.50 -59.84 -68.16
CA GLU Y 144 -7.90 -59.32 -69.45
C GLU Y 144 -7.53 -57.85 -69.59
N ILE Y 145 -7.76 -57.06 -68.53
CA ILE Y 145 -7.41 -55.65 -68.56
C ILE Y 145 -5.91 -55.49 -68.72
N LEU Y 146 -5.14 -56.28 -67.99
CA LEU Y 146 -3.68 -56.17 -68.06
C LEU Y 146 -3.16 -56.50 -69.44
N VAL Y 147 -3.68 -57.56 -70.07
CA VAL Y 147 -3.16 -57.94 -71.38
C VAL Y 147 -3.70 -57.06 -72.49
N THR Y 148 -4.84 -56.39 -72.27
CA THR Y 148 -5.41 -55.54 -73.32
C THR Y 148 -4.54 -54.32 -73.58
N TYR Y 149 -4.08 -53.65 -72.53
CA TYR Y 149 -3.37 -52.38 -72.65
C TYR Y 149 -1.86 -52.55 -72.60
N ASN Y 150 -1.34 -53.71 -72.99
CA ASN Y 150 0.10 -53.94 -73.08
C ASN Y 150 0.81 -53.73 -71.75
N CYS Y 151 0.11 -53.94 -70.64
CA CYS Y 151 0.78 -53.95 -69.34
C CYS Y 151 1.76 -55.11 -69.25
N CYS Y 152 1.36 -56.28 -69.71
CA CYS Y 152 2.22 -57.45 -69.74
C CYS Y 152 1.69 -58.44 -70.77
N ASP Y 153 2.56 -59.34 -71.20
CA ASP Y 153 2.17 -60.39 -72.13
C ASP Y 153 1.40 -61.49 -71.40
N ASP Y 154 0.60 -62.24 -72.16
CA ASP Y 154 -0.22 -63.29 -71.55
C ASP Y 154 0.64 -64.39 -70.94
N ASP Y 155 1.85 -64.59 -71.45
CA ASP Y 155 2.73 -65.62 -70.90
C ASP Y 155 3.13 -65.32 -69.46
N TYR Y 156 3.03 -64.05 -69.06
CA TYR Y 156 3.43 -63.64 -67.72
C TYR Y 156 2.64 -64.37 -66.64
N PHE Y 157 1.47 -64.91 -66.96
CA PHE Y 157 0.60 -65.52 -65.96
C PHE Y 157 0.89 -66.99 -65.76
N ASN Y 158 1.93 -67.51 -66.41
CA ASN Y 158 2.38 -68.89 -66.21
C ASN Y 158 3.28 -69.06 -65.01
N LYS Y 159 4.25 -68.16 -64.85
CA LYS Y 159 5.10 -68.19 -63.66
C LYS Y 159 4.24 -67.99 -62.42
N LYS Y 160 4.31 -68.94 -61.50
CA LYS Y 160 3.43 -68.90 -60.35
C LYS Y 160 3.78 -67.73 -59.43
N ASP Y 161 2.80 -67.33 -58.63
CA ASP Y 161 2.94 -66.23 -57.68
C ASP Y 161 3.25 -64.91 -58.37
N TRP Y 162 2.80 -64.75 -59.62
CA TRP Y 162 2.92 -63.45 -60.27
C TRP Y 162 2.14 -62.39 -59.51
N TYR Y 163 1.11 -62.81 -58.77
CA TYR Y 163 0.25 -61.90 -58.04
C TYR Y 163 0.73 -61.63 -56.62
N ASP Y 164 1.86 -62.19 -56.21
CA ASP Y 164 2.35 -61.96 -54.86
C ASP Y 164 3.37 -60.83 -54.85
N PHE Y 165 3.49 -60.15 -53.71
CA PHE Y 165 4.43 -59.05 -53.57
C PHE Y 165 5.79 -59.55 -53.12
N VAL Y 166 5.82 -60.35 -52.06
CA VAL Y 166 7.08 -60.88 -51.54
C VAL Y 166 7.73 -61.79 -52.57
N GLU Y 167 6.95 -62.67 -53.18
CA GLU Y 167 7.42 -63.51 -54.27
C GLU Y 167 7.20 -62.78 -55.59
N ASN Y 168 8.25 -62.67 -56.38
CA ASN Y 168 8.21 -61.94 -57.64
C ASN Y 168 7.79 -60.48 -57.41
N PRO Y 169 8.63 -59.67 -56.78
CA PRO Y 169 8.27 -58.26 -56.58
C PRO Y 169 8.26 -57.46 -57.85
N ASP Y 170 8.42 -58.10 -59.02
CA ASP Y 170 8.31 -57.41 -60.29
C ASP Y 170 6.87 -56.99 -60.58
N ILE Y 171 5.90 -57.50 -59.82
CA ILE Y 171 4.50 -57.17 -60.07
C ILE Y 171 4.28 -55.67 -59.98
N LEU Y 172 5.05 -54.99 -59.14
CA LEU Y 172 4.93 -53.55 -59.02
C LEU Y 172 5.26 -52.86 -60.33
N ARG Y 173 6.27 -53.36 -61.04
CA ARG Y 173 6.59 -52.79 -62.34
C ARG Y 173 5.50 -53.06 -63.38
N VAL Y 174 4.60 -54.01 -63.11
CA VAL Y 174 3.45 -54.20 -64.00
C VAL Y 174 2.37 -53.18 -63.70
N TYR Y 175 2.04 -53.01 -62.41
CA TYR Y 175 1.03 -52.03 -62.04
C TYR Y 175 1.49 -50.61 -62.29
N ALA Y 176 2.78 -50.41 -62.56
CA ALA Y 176 3.27 -49.08 -62.91
C ALA Y 176 2.71 -48.62 -64.24
N ASN Y 177 2.55 -49.53 -65.21
CA ASN Y 177 2.01 -49.14 -66.50
C ASN Y 177 0.49 -49.07 -66.49
N LEU Y 178 -0.07 -48.40 -65.48
CA LEU Y 178 -1.47 -48.00 -65.48
C LEU Y 178 -1.65 -46.62 -64.89
N GLY Y 179 -0.58 -45.98 -64.42
CA GLY Y 179 -0.69 -44.71 -63.73
C GLY Y 179 -1.18 -43.59 -64.62
N GLU Y 180 -0.65 -43.51 -65.83
CA GLU Y 180 -1.02 -42.42 -66.71
C GLU Y 180 -2.50 -42.46 -67.06
N ARG Y 181 -3.08 -43.65 -67.22
CA ARG Y 181 -4.51 -43.74 -67.47
C ARG Y 181 -5.30 -43.14 -66.32
N VAL Y 182 -4.90 -43.44 -65.10
CA VAL Y 182 -5.61 -42.92 -63.94
C VAL Y 182 -5.45 -41.41 -63.85
N ARG Y 183 -4.26 -40.90 -64.18
CA ARG Y 183 -4.08 -39.46 -64.16
C ARG Y 183 -4.96 -38.77 -65.21
N GLN Y 184 -5.05 -39.35 -66.40
CA GLN Y 184 -5.94 -38.79 -67.42
C GLN Y 184 -7.38 -38.80 -66.95
N ALA Y 185 -7.79 -39.89 -66.30
CA ALA Y 185 -9.15 -39.95 -65.78
C ALA Y 185 -9.42 -38.84 -64.78
N LEU Y 186 -8.45 -38.58 -63.90
CA LEU Y 186 -8.63 -37.51 -62.92
C LEU Y 186 -8.74 -36.14 -63.59
N LEU Y 187 -7.89 -35.88 -64.59
CA LEU Y 187 -7.97 -34.60 -65.29
C LEU Y 187 -9.33 -34.42 -65.96
N LYS Y 188 -9.81 -35.47 -66.63
CA LYS Y 188 -11.08 -35.34 -67.32
C LYS Y 188 -12.24 -35.20 -66.33
N THR Y 189 -12.13 -35.81 -65.15
CA THR Y 189 -13.15 -35.58 -64.13
C THR Y 189 -13.16 -34.12 -63.70
N VAL Y 190 -11.99 -33.51 -63.55
CA VAL Y 190 -11.96 -32.10 -63.18
C VAL Y 190 -12.62 -31.25 -64.25
N GLN Y 191 -12.29 -31.52 -65.51
CA GLN Y 191 -12.91 -30.77 -66.61
C GLN Y 191 -14.43 -30.90 -66.58
N PHE Y 192 -14.92 -32.13 -66.42
CA PHE Y 192 -16.36 -32.35 -66.41
C PHE Y 192 -17.04 -31.63 -65.26
N CYS Y 193 -16.44 -31.68 -64.07
CA CYS Y 193 -17.04 -30.99 -62.94
C CYS Y 193 -17.09 -29.49 -63.17
N ASP Y 194 -16.04 -28.93 -63.78
CA ASP Y 194 -16.03 -27.50 -64.07
C ASP Y 194 -17.13 -27.14 -65.05
N ALA Y 195 -17.29 -27.94 -66.11
CA ALA Y 195 -18.36 -27.66 -67.07
C ALA Y 195 -19.72 -27.74 -66.41
N MET Y 196 -19.92 -28.72 -65.53
CA MET Y 196 -21.20 -28.86 -64.85
C MET Y 196 -21.49 -27.65 -63.97
N ARG Y 197 -20.51 -27.20 -63.19
CA ARG Y 197 -20.78 -26.07 -62.32
C ARG Y 197 -20.96 -24.78 -63.11
N ASN Y 198 -20.36 -24.68 -64.30
CA ASN Y 198 -20.63 -23.51 -65.14
C ASN Y 198 -22.05 -23.54 -65.66
N ALA Y 199 -22.48 -24.69 -66.19
CA ALA Y 199 -23.80 -24.78 -66.81
C ALA Y 199 -24.91 -24.97 -65.82
N GLY Y 200 -24.63 -25.06 -64.54
CA GLY Y 200 -25.67 -25.11 -63.53
C GLY Y 200 -26.43 -26.41 -63.52
N ILE Y 201 -25.74 -27.51 -63.21
CA ILE Y 201 -26.37 -28.82 -63.06
C ILE Y 201 -26.08 -29.29 -61.64
N VAL Y 202 -26.96 -30.13 -61.11
CA VAL Y 202 -26.76 -30.73 -59.80
C VAL Y 202 -26.89 -32.24 -59.94
N GLY Y 203 -25.98 -32.96 -59.28
CA GLY Y 203 -26.03 -34.40 -59.32
C GLY Y 203 -24.83 -35.00 -58.61
N VAL Y 204 -24.71 -36.32 -58.72
CA VAL Y 204 -23.64 -37.08 -58.11
C VAL Y 204 -22.97 -37.92 -59.18
N LEU Y 205 -21.71 -38.27 -58.94
CA LEU Y 205 -20.92 -39.02 -59.89
C LEU Y 205 -20.42 -40.29 -59.22
N THR Y 206 -20.38 -41.37 -60.00
CA THR Y 206 -19.92 -42.66 -59.48
C THR Y 206 -19.03 -43.32 -60.52
N LEU Y 207 -18.12 -44.17 -60.03
CA LEU Y 207 -17.08 -44.72 -60.90
C LEU Y 207 -17.65 -45.51 -62.06
N ASP Y 208 -18.83 -46.09 -61.88
CA ASP Y 208 -19.39 -46.98 -62.90
C ASP Y 208 -19.79 -46.24 -64.16
N ASN Y 209 -19.83 -44.91 -64.15
CA ASN Y 209 -20.18 -44.16 -65.33
C ASN Y 209 -18.99 -43.88 -66.25
N GLN Y 210 -17.82 -43.62 -65.69
CA GLN Y 210 -16.66 -43.25 -66.48
C GLN Y 210 -16.05 -44.49 -67.14
N ASP Y 211 -15.77 -44.38 -68.43
CA ASP Y 211 -15.06 -45.45 -69.11
C ASP Y 211 -13.56 -45.33 -68.79
N LEU Y 212 -12.73 -46.14 -69.45
CA LEU Y 212 -11.31 -46.16 -69.17
C LEU Y 212 -10.52 -45.14 -69.98
N ASN Y 213 -11.20 -44.18 -70.62
CA ASN Y 213 -10.51 -43.10 -71.30
C ASN Y 213 -10.88 -41.74 -70.73
N GLY Y 214 -11.75 -41.70 -69.71
CA GLY Y 214 -12.13 -40.49 -69.04
C GLY Y 214 -13.51 -39.99 -69.40
N ASN Y 215 -14.04 -40.39 -70.55
CA ASN Y 215 -15.32 -39.86 -71.02
C ASN Y 215 -16.45 -40.31 -70.12
N TRP Y 216 -17.47 -39.47 -70.02
CA TRP Y 216 -18.60 -39.70 -69.13
C TRP Y 216 -19.88 -39.96 -69.92
N TYR Y 217 -20.91 -40.42 -69.21
CA TYR Y 217 -22.25 -40.55 -69.78
C TYR Y 217 -23.29 -40.76 -68.68
N ASP Y 218 -24.49 -41.14 -69.08
CA ASP Y 218 -25.59 -41.44 -68.15
C ASP Y 218 -25.99 -40.25 -67.29
N PHE Y 219 -26.56 -39.21 -67.93
CA PHE Y 219 -27.00 -38.01 -67.23
C PHE Y 219 -28.44 -38.12 -66.74
N GLY Y 220 -28.92 -39.32 -66.47
CA GLY Y 220 -30.33 -39.51 -66.22
C GLY Y 220 -30.88 -38.71 -65.06
N ASP Y 221 -30.14 -38.66 -63.94
CA ASP Y 221 -30.65 -38.10 -62.70
C ASP Y 221 -30.05 -36.75 -62.36
N PHE Y 222 -29.81 -35.91 -63.36
CA PHE Y 222 -29.33 -34.55 -63.14
C PHE Y 222 -30.49 -33.56 -63.23
N ILE Y 223 -30.51 -32.58 -62.34
CA ILE Y 223 -31.53 -31.55 -62.36
C ILE Y 223 -30.89 -30.22 -62.75
N GLN Y 224 -31.71 -29.20 -63.00
CA GLN Y 224 -31.20 -27.90 -63.43
C GLN Y 224 -31.47 -26.85 -62.37
N THR Y 225 -30.65 -25.80 -62.40
CA THR Y 225 -30.81 -24.64 -61.54
C THR Y 225 -30.37 -23.41 -62.33
N THR Y 226 -30.16 -22.31 -61.62
CA THR Y 226 -29.64 -21.10 -62.24
C THR Y 226 -28.22 -21.35 -62.73
N PRO Y 227 -27.85 -20.87 -63.92
CA PRO Y 227 -26.50 -21.13 -64.41
C PRO Y 227 -25.44 -20.55 -63.49
N GLY Y 228 -24.31 -21.24 -63.41
CA GLY Y 228 -23.21 -20.79 -62.58
C GLY Y 228 -23.44 -20.99 -61.10
N SER Y 229 -24.33 -21.91 -60.73
CA SER Y 229 -24.55 -22.18 -59.31
C SER Y 229 -24.70 -23.68 -59.06
N GLY Y 230 -24.55 -24.49 -60.10
CA GLY Y 230 -24.62 -25.91 -59.92
C GLY Y 230 -23.41 -26.46 -59.18
N VAL Y 231 -23.65 -27.40 -58.29
CA VAL Y 231 -22.59 -28.00 -57.49
C VAL Y 231 -22.60 -29.51 -57.66
N PRO Y 232 -21.46 -30.14 -57.93
CA PRO Y 232 -21.41 -31.60 -57.94
C PRO Y 232 -21.02 -32.14 -56.57
N VAL Y 233 -21.21 -33.45 -56.40
CA VAL Y 233 -20.82 -34.15 -55.19
C VAL Y 233 -19.97 -35.34 -55.59
N VAL Y 234 -18.72 -35.38 -55.10
CA VAL Y 234 -17.76 -36.38 -55.54
C VAL Y 234 -17.03 -37.06 -54.40
N ASP Y 235 -17.53 -36.99 -53.16
CA ASP Y 235 -16.79 -37.63 -52.06
C ASP Y 235 -16.72 -39.13 -52.25
N SER Y 236 -17.81 -39.75 -52.70
CA SER Y 236 -17.81 -41.19 -52.92
C SER Y 236 -16.80 -41.58 -53.98
N TYR Y 237 -16.78 -40.88 -55.09
CA TYR Y 237 -15.84 -41.13 -56.18
C TYR Y 237 -14.41 -41.16 -55.68
N TYR Y 238 -13.96 -40.05 -55.10
CA TYR Y 238 -12.57 -39.95 -54.67
C TYR Y 238 -12.26 -40.95 -53.58
N SER Y 239 -13.14 -41.06 -52.58
CA SER Y 239 -12.83 -41.94 -51.47
C SER Y 239 -12.73 -43.39 -51.92
N LEU Y 240 -13.60 -43.83 -52.83
CA LEU Y 240 -13.45 -45.19 -53.35
C LEU Y 240 -12.20 -45.33 -54.20
N LEU Y 241 -11.77 -44.26 -54.88
CA LEU Y 241 -10.65 -44.41 -55.79
C LEU Y 241 -9.30 -44.40 -55.07
N MET Y 242 -9.24 -43.90 -53.84
CA MET Y 242 -7.96 -43.51 -53.24
C MET Y 242 -6.91 -44.61 -53.20
N PRO Y 243 -7.18 -45.81 -52.69
CA PRO Y 243 -6.09 -46.79 -52.55
C PRO Y 243 -5.46 -47.22 -53.86
N ILE Y 244 -6.12 -47.01 -55.00
CA ILE Y 244 -5.54 -47.43 -56.26
C ILE Y 244 -4.46 -46.45 -56.73
N LEU Y 245 -4.48 -45.22 -56.22
CA LEU Y 245 -3.55 -44.21 -56.72
C LEU Y 245 -2.11 -44.62 -56.45
N THR Y 246 -1.78 -44.93 -55.20
CA THR Y 246 -0.39 -45.30 -54.90
C THR Y 246 -0.08 -46.71 -55.34
N LEU Y 247 -1.10 -47.57 -55.45
CA LEU Y 247 -0.84 -48.93 -55.88
C LEU Y 247 -0.28 -48.98 -57.30
N THR Y 248 -0.80 -48.14 -58.19
CA THR Y 248 -0.27 -48.03 -59.54
C THR Y 248 0.73 -46.91 -59.71
N ARG Y 249 0.93 -46.08 -58.67
CA ARG Y 249 1.82 -44.93 -58.73
C ARG Y 249 1.40 -43.97 -59.83
N ALA Y 250 0.26 -43.31 -59.64
CA ALA Y 250 -0.29 -42.44 -60.67
C ALA Y 250 0.51 -41.15 -60.84
N LEU Y 251 1.05 -40.61 -59.76
CA LEU Y 251 1.63 -39.27 -59.80
C LEU Y 251 3.12 -39.26 -60.09
N THR Y 252 3.66 -40.25 -60.81
CA THR Y 252 5.07 -40.21 -61.16
C THR Y 252 5.36 -39.12 -62.16
N ALA Y 253 4.42 -38.82 -63.04
CA ALA Y 253 4.66 -37.84 -64.08
C ALA Y 253 4.81 -36.43 -63.54
N GLU Y 254 4.50 -36.20 -62.26
CA GLU Y 254 4.65 -34.87 -61.70
C GLU Y 254 6.11 -34.56 -61.38
N SER Y 255 6.97 -35.57 -61.33
CA SER Y 255 8.36 -35.32 -61.01
C SER Y 255 9.20 -34.96 -62.23
N HIS Y 256 8.66 -35.12 -63.44
CA HIS Y 256 9.44 -34.86 -64.64
C HIS Y 256 9.50 -33.36 -64.93
N VAL Y 257 10.27 -33.02 -65.97
CA VAL Y 257 10.58 -31.62 -66.27
C VAL Y 257 9.31 -30.84 -66.54
N ASP Y 258 8.44 -31.36 -67.40
CA ASP Y 258 7.23 -30.65 -67.76
C ASP Y 258 6.03 -31.59 -67.79
N THR Y 259 5.92 -32.44 -66.77
CA THR Y 259 4.87 -33.46 -66.71
C THR Y 259 4.87 -34.31 -67.98
N ASP Y 260 6.07 -34.61 -68.47
CA ASP Y 260 6.28 -35.42 -69.66
C ASP Y 260 7.12 -36.62 -69.27
N LEU Y 261 6.64 -37.82 -69.60
CA LEU Y 261 7.45 -39.00 -69.32
C LEU Y 261 8.70 -39.07 -70.19
N THR Y 262 8.69 -38.40 -71.35
CA THR Y 262 9.89 -38.35 -72.18
C THR Y 262 10.67 -37.07 -71.92
N LYS Y 263 11.16 -36.89 -70.70
CA LYS Y 263 11.88 -35.68 -70.33
C LYS Y 263 12.69 -35.97 -69.08
N PRO Y 264 13.70 -35.16 -68.79
CA PRO Y 264 14.49 -35.37 -67.57
C PRO Y 264 13.72 -35.06 -66.31
N TYR Y 265 14.37 -35.20 -65.16
CA TYR Y 265 13.74 -34.91 -63.88
C TYR Y 265 13.97 -33.46 -63.48
N ILE Y 266 13.03 -32.92 -62.71
CA ILE Y 266 13.17 -31.57 -62.19
C ILE Y 266 14.34 -31.54 -61.23
N LYS Y 267 15.37 -30.76 -61.58
CA LYS Y 267 16.55 -30.66 -60.74
C LYS Y 267 16.29 -29.71 -59.58
N TRP Y 268 15.90 -30.26 -58.43
CA TRP Y 268 15.54 -29.44 -57.29
C TRP Y 268 16.79 -28.87 -56.61
N ASP Y 269 16.59 -27.75 -55.92
CA ASP Y 269 17.64 -27.14 -55.12
C ASP Y 269 17.87 -27.94 -53.84
N LEU Y 270 19.14 -28.15 -53.51
CA LEU Y 270 19.48 -29.02 -52.39
C LEU Y 270 18.98 -28.46 -51.07
N LEU Y 271 19.11 -27.15 -50.85
CA LEU Y 271 18.78 -26.62 -49.54
C LEU Y 271 17.28 -26.41 -49.36
N LYS Y 272 16.47 -26.61 -50.39
CA LYS Y 272 15.04 -26.36 -50.25
C LYS Y 272 14.40 -27.41 -49.35
N TYR Y 273 13.62 -26.93 -48.39
CA TYR Y 273 12.98 -27.89 -47.46
C TYR Y 273 11.54 -27.52 -47.13
N ASP Y 274 10.85 -26.70 -47.91
CA ASP Y 274 9.49 -26.28 -47.54
C ASP Y 274 8.41 -26.93 -48.40
N PHE Y 275 8.42 -26.71 -49.71
CA PHE Y 275 7.54 -27.41 -50.63
C PHE Y 275 6.04 -27.18 -50.39
N THR Y 276 5.66 -26.25 -49.52
CA THR Y 276 4.25 -26.05 -49.23
C THR Y 276 3.47 -25.63 -50.47
N GLU Y 277 4.05 -24.74 -51.27
CA GLU Y 277 3.36 -24.25 -52.45
C GLU Y 277 3.12 -25.34 -53.48
N GLU Y 278 4.07 -26.26 -53.64
CA GLU Y 278 3.85 -27.36 -54.57
C GLU Y 278 2.76 -28.29 -54.07
N ARG Y 279 2.69 -28.50 -52.76
CA ARG Y 279 1.58 -29.27 -52.21
C ARG Y 279 0.25 -28.63 -52.57
N LEU Y 280 0.14 -27.33 -52.35
CA LEU Y 280 -1.12 -26.66 -52.66
C LEU Y 280 -1.42 -26.72 -54.16
N LYS Y 281 -0.39 -26.55 -55.00
CA LYS Y 281 -0.59 -26.65 -56.44
C LYS Y 281 -1.15 -28.01 -56.84
N LEU Y 282 -0.51 -29.08 -56.37
CA LEU Y 282 -0.96 -30.42 -56.76
C LEU Y 282 -2.37 -30.68 -56.27
N PHE Y 283 -2.65 -30.35 -55.01
CA PHE Y 283 -3.97 -30.60 -54.47
C PHE Y 283 -5.04 -29.81 -55.19
N ASP Y 284 -4.73 -28.60 -55.64
CA ASP Y 284 -5.72 -27.85 -56.40
C ASP Y 284 -5.86 -28.39 -57.81
N ARG Y 285 -4.79 -28.90 -58.39
CA ARG Y 285 -4.86 -29.37 -59.76
C ARG Y 285 -5.58 -30.69 -59.90
N TYR Y 286 -5.57 -31.55 -58.88
CA TYR Y 286 -6.21 -32.85 -59.01
C TYR Y 286 -7.45 -33.03 -58.14
N PHE Y 287 -7.59 -32.31 -57.05
CA PHE Y 287 -8.68 -32.53 -56.10
C PHE Y 287 -9.48 -31.27 -55.88
N LYS Y 288 -9.82 -30.58 -56.97
CA LYS Y 288 -10.32 -29.21 -56.87
C LYS Y 288 -11.60 -29.12 -56.04
N TYR Y 289 -12.53 -30.04 -56.24
CA TYR Y 289 -13.86 -29.93 -55.67
C TYR Y 289 -14.04 -30.73 -54.39
N TRP Y 290 -12.95 -31.23 -53.81
CA TRP Y 290 -13.04 -31.87 -52.51
C TRP Y 290 -13.39 -30.82 -51.47
N ASP Y 291 -14.60 -30.88 -50.91
CA ASP Y 291 -15.10 -29.84 -50.03
C ASP Y 291 -14.63 -30.07 -48.60
N GLN Y 292 -13.33 -29.83 -48.37
CA GLN Y 292 -12.85 -29.82 -47.00
C GLN Y 292 -11.53 -29.08 -46.93
N THR Y 293 -11.30 -28.42 -45.79
CA THR Y 293 -10.08 -27.66 -45.58
C THR Y 293 -8.90 -28.63 -45.47
N TYR Y 294 -7.82 -28.34 -46.20
CA TYR Y 294 -6.62 -29.17 -46.19
C TYR Y 294 -5.43 -28.30 -45.80
N HIS Y 295 -4.87 -28.54 -44.61
CA HIS Y 295 -3.67 -27.84 -44.18
C HIS Y 295 -2.45 -28.63 -44.59
N PRO Y 296 -1.57 -28.09 -45.42
CA PRO Y 296 -0.38 -28.85 -45.82
C PRO Y 296 0.51 -29.16 -44.63
N ASN Y 297 0.44 -28.33 -43.60
CA ASN Y 297 1.20 -28.53 -42.37
C ASN Y 297 0.22 -28.87 -41.26
N CYS Y 298 0.29 -30.11 -40.77
CA CYS Y 298 -0.71 -30.61 -39.84
C CYS Y 298 -0.69 -29.91 -38.50
N VAL Y 299 0.33 -29.12 -38.19
CA VAL Y 299 0.39 -28.41 -36.93
C VAL Y 299 -0.74 -27.42 -36.76
N ASN Y 300 -1.40 -27.04 -37.85
CA ASN Y 300 -2.50 -26.09 -37.82
C ASN Y 300 -3.88 -26.74 -37.76
N CYS Y 301 -3.96 -28.06 -37.70
CA CYS Y 301 -5.25 -28.72 -37.71
C CYS Y 301 -5.98 -28.46 -36.39
N LEU Y 302 -7.27 -28.81 -36.38
CA LEU Y 302 -8.13 -28.55 -35.24
C LEU Y 302 -8.30 -29.74 -34.33
N ASP Y 303 -8.25 -30.96 -34.88
CA ASP Y 303 -8.43 -32.16 -34.06
C ASP Y 303 -7.85 -33.35 -34.81
N ASP Y 304 -7.86 -34.50 -34.13
CA ASP Y 304 -7.27 -35.70 -34.70
C ASP Y 304 -7.95 -36.10 -36.00
N ARG Y 305 -9.25 -35.85 -36.12
CA ARG Y 305 -9.93 -36.10 -37.38
C ARG Y 305 -9.29 -35.31 -38.51
N CYS Y 306 -9.08 -34.02 -38.29
CA CYS Y 306 -8.35 -33.22 -39.27
C CYS Y 306 -6.93 -33.74 -39.46
N ILE Y 307 -6.30 -34.22 -38.39
CA ILE Y 307 -4.93 -34.71 -38.51
C ILE Y 307 -4.88 -35.86 -39.50
N LEU Y 308 -5.79 -36.83 -39.36
CA LEU Y 308 -5.82 -37.95 -40.29
C LEU Y 308 -6.16 -37.48 -41.69
N HIS Y 309 -7.15 -36.59 -41.80
CA HIS Y 309 -7.60 -36.19 -43.13
C HIS Y 309 -6.47 -35.50 -43.90
N CYS Y 310 -5.68 -34.68 -43.23
CA CYS Y 310 -4.56 -34.01 -43.89
C CYS Y 310 -3.36 -34.94 -44.09
N ALA Y 311 -3.10 -35.82 -43.12
CA ALA Y 311 -1.94 -36.70 -43.24
C ALA Y 311 -2.10 -37.67 -44.39
N ASN Y 312 -3.34 -38.03 -44.72
CA ASN Y 312 -3.57 -38.91 -45.88
C ASN Y 312 -3.05 -38.26 -47.15
N PHE Y 313 -3.49 -37.03 -47.43
CA PHE Y 313 -3.02 -36.34 -48.61
C PHE Y 313 -1.52 -36.15 -48.56
N ASN Y 314 -0.98 -35.78 -47.40
CA ASN Y 314 0.47 -35.63 -47.29
C ASN Y 314 1.18 -36.90 -47.70
N VAL Y 315 0.67 -38.05 -47.28
CA VAL Y 315 1.26 -39.32 -47.68
C VAL Y 315 1.22 -39.47 -49.18
N LEU Y 316 0.14 -39.02 -49.83
CA LEU Y 316 0.10 -39.14 -51.28
C LEU Y 316 1.15 -38.24 -51.94
N PHE Y 317 1.18 -36.96 -51.57
CA PHE Y 317 1.96 -36.00 -52.34
C PHE Y 317 3.45 -36.24 -52.19
N SER Y 318 3.91 -36.46 -50.96
CA SER Y 318 5.34 -36.43 -50.71
C SER Y 318 6.07 -37.60 -51.30
N THR Y 319 5.45 -38.37 -52.19
CA THR Y 319 6.19 -39.35 -52.97
C THR Y 319 6.81 -38.75 -54.23
N VAL Y 320 6.65 -37.45 -54.45
CA VAL Y 320 7.21 -36.81 -55.63
C VAL Y 320 8.51 -36.09 -55.31
N PHE Y 321 8.61 -35.49 -54.14
CA PHE Y 321 9.74 -34.64 -53.80
C PHE Y 321 10.99 -35.48 -53.55
N PRO Y 322 12.18 -34.87 -53.68
CA PRO Y 322 13.40 -35.66 -53.54
C PRO Y 322 13.57 -36.16 -52.12
N PRO Y 323 14.25 -37.31 -51.94
CA PRO Y 323 14.29 -37.95 -50.62
C PRO Y 323 15.25 -37.29 -49.64
N THR Y 324 16.26 -36.59 -50.15
CA THR Y 324 17.28 -36.04 -49.27
C THR Y 324 16.78 -34.88 -48.43
N SER Y 325 15.58 -34.38 -48.71
CA SER Y 325 15.07 -33.21 -48.00
C SER Y 325 14.07 -33.56 -46.91
N PHE Y 326 14.23 -34.73 -46.30
CA PHE Y 326 13.34 -35.16 -45.23
C PHE Y 326 14.19 -35.50 -44.01
N GLY Y 327 13.64 -35.27 -42.82
CA GLY Y 327 14.36 -35.57 -41.62
C GLY Y 327 14.51 -34.37 -40.71
N PRO Y 328 15.61 -34.32 -39.97
CA PRO Y 328 15.81 -33.24 -39.01
C PRO Y 328 16.28 -31.95 -39.68
N LEU Y 329 16.14 -30.86 -38.94
CA LEU Y 329 16.60 -29.55 -39.40
C LEU Y 329 17.66 -29.03 -38.44
N VAL Y 330 18.84 -28.75 -38.97
CA VAL Y 330 19.97 -28.37 -38.16
C VAL Y 330 20.17 -26.86 -38.25
N ARG Y 331 20.87 -26.30 -37.28
CA ARG Y 331 21.16 -24.87 -37.26
C ARG Y 331 22.35 -24.59 -36.35
N LYS Y 332 23.42 -24.02 -36.91
CA LYS Y 332 24.64 -23.81 -36.14
C LYS Y 332 24.42 -22.70 -35.12
N ILE Y 333 24.67 -23.00 -33.85
CA ILE Y 333 24.56 -22.03 -32.77
C ILE Y 333 25.90 -21.95 -32.05
N PHE Y 334 26.04 -20.91 -31.23
CA PHE Y 334 27.28 -20.62 -30.54
C PHE Y 334 27.04 -20.55 -29.04
N VAL Y 335 27.81 -21.32 -28.29
CA VAL Y 335 27.78 -21.30 -26.83
C VAL Y 335 29.18 -20.97 -26.35
N ASP Y 336 29.29 -19.94 -25.50
CA ASP Y 336 30.56 -19.38 -25.02
C ASP Y 336 31.62 -19.37 -26.12
N GLY Y 337 31.26 -18.89 -27.30
CA GLY Y 337 32.21 -18.85 -28.39
C GLY Y 337 32.64 -20.20 -28.91
N VAL Y 338 31.73 -21.17 -28.98
CA VAL Y 338 32.04 -22.48 -29.56
C VAL Y 338 30.98 -22.84 -30.60
N PRO Y 339 31.38 -23.27 -31.79
CA PRO Y 339 30.38 -23.65 -32.80
C PRO Y 339 29.76 -25.01 -32.49
N PHE Y 340 28.44 -25.08 -32.59
CA PHE Y 340 27.70 -26.31 -32.39
C PHE Y 340 26.70 -26.50 -33.52
N VAL Y 341 26.39 -27.76 -33.80
CA VAL Y 341 25.38 -28.14 -34.77
C VAL Y 341 24.31 -28.90 -33.99
N VAL Y 342 23.12 -28.32 -33.89
CA VAL Y 342 22.02 -28.95 -33.15
C VAL Y 342 20.88 -29.21 -34.11
N SER Y 343 19.73 -29.60 -33.58
CA SER Y 343 18.52 -29.82 -34.39
C SER Y 343 17.40 -28.97 -33.83
N THR Y 344 16.71 -28.23 -34.71
CA THR Y 344 15.65 -27.35 -34.28
C THR Y 344 14.27 -27.74 -34.82
N GLY Y 345 14.18 -28.76 -35.66
CA GLY Y 345 12.88 -29.15 -36.17
C GLY Y 345 13.01 -30.38 -37.05
N TYR Y 346 11.86 -30.83 -37.54
CA TYR Y 346 11.77 -32.04 -38.35
C TYR Y 346 10.85 -31.76 -39.52
N HIS Y 347 11.05 -32.50 -40.61
CA HIS Y 347 10.25 -32.37 -41.82
C HIS Y 347 9.74 -33.75 -42.18
N PHE Y 348 8.60 -34.14 -41.62
CA PHE Y 348 8.08 -35.49 -41.76
C PHE Y 348 7.55 -35.71 -43.17
N ARG Y 349 7.44 -36.98 -43.54
CA ARG Y 349 6.83 -37.36 -44.80
C ARG Y 349 5.33 -37.19 -44.82
N GLU Y 350 4.70 -37.02 -43.65
CA GLU Y 350 3.25 -36.89 -43.59
C GLU Y 350 2.75 -35.80 -42.66
N LEU Y 351 3.57 -35.23 -41.79
CA LEU Y 351 3.10 -34.16 -40.93
C LEU Y 351 3.59 -32.79 -41.36
N GLY Y 352 4.43 -32.71 -42.37
CA GLY Y 352 4.89 -31.42 -42.88
C GLY Y 352 6.13 -30.94 -42.14
N VAL Y 353 6.09 -29.69 -41.68
CA VAL Y 353 7.24 -29.05 -41.05
C VAL Y 353 6.87 -28.64 -39.65
N VAL Y 354 7.68 -29.04 -38.67
CA VAL Y 354 7.48 -28.68 -37.28
C VAL Y 354 8.72 -27.96 -36.78
N HIS Y 355 8.54 -26.79 -36.18
CA HIS Y 355 9.63 -26.00 -35.64
C HIS Y 355 9.59 -26.01 -34.12
N ASN Y 356 10.76 -26.20 -33.50
CA ASN Y 356 10.86 -26.12 -32.05
C ASN Y 356 10.49 -24.72 -31.58
N GLN Y 357 9.86 -24.67 -30.41
CA GLN Y 357 9.42 -23.40 -29.86
C GLN Y 357 10.57 -22.69 -29.15
N ASP Y 358 11.07 -23.27 -28.07
CA ASP Y 358 12.12 -22.62 -27.30
C ASP Y 358 13.50 -23.09 -27.72
N VAL Y 359 14.22 -22.26 -28.47
CA VAL Y 359 15.56 -22.55 -28.96
C VAL Y 359 16.49 -21.44 -28.51
N ASN Y 360 17.61 -21.80 -27.91
CA ASN Y 360 18.59 -20.84 -27.44
C ASN Y 360 19.77 -20.79 -28.40
N LEU Y 361 20.02 -19.60 -28.96
CA LEU Y 361 21.13 -19.43 -29.89
C LEU Y 361 22.46 -19.26 -29.17
N HIS Y 362 22.52 -18.38 -28.18
CA HIS Y 362 23.75 -18.07 -27.46
C HIS Y 362 23.58 -18.40 -25.99
N SER Y 363 24.60 -19.03 -25.42
CA SER Y 363 24.57 -19.40 -24.01
C SER Y 363 26.00 -19.50 -23.51
N SER Y 364 26.15 -19.52 -22.19
CA SER Y 364 27.47 -19.60 -21.59
C SER Y 364 27.83 -21.04 -21.23
N ARG Y 365 27.04 -21.67 -20.37
CA ARG Y 365 27.33 -23.01 -19.89
C ARG Y 365 26.04 -23.82 -19.86
N LEU Y 366 26.19 -25.14 -20.01
CA LEU Y 366 25.09 -26.05 -20.20
C LEU Y 366 24.76 -26.80 -18.91
N SER Y 367 23.48 -27.10 -18.72
CA SER Y 367 23.05 -27.89 -17.58
C SER Y 367 23.11 -29.37 -17.95
N PHE Y 368 22.56 -30.23 -17.10
CA PHE Y 368 22.58 -31.66 -17.39
C PHE Y 368 21.58 -32.01 -18.48
N LYS Y 369 20.37 -31.46 -18.40
CA LYS Y 369 19.33 -31.82 -19.36
C LYS Y 369 19.72 -31.43 -20.78
N GLU Y 370 20.27 -30.22 -20.95
CA GLU Y 370 20.70 -29.78 -22.26
C GLU Y 370 21.84 -30.64 -22.78
N LEU Y 371 22.79 -31.00 -21.91
CA LEU Y 371 23.84 -31.93 -22.29
C LEU Y 371 23.23 -33.23 -22.81
N LEU Y 372 22.21 -33.73 -22.12
CA LEU Y 372 21.62 -35.00 -22.51
C LEU Y 372 20.94 -34.90 -23.86
N VAL Y 373 20.16 -33.84 -24.07
CA VAL Y 373 19.41 -33.72 -25.33
C VAL Y 373 20.37 -33.47 -26.48
N TYR Y 374 21.50 -32.80 -26.24
CA TYR Y 374 22.46 -32.61 -27.32
C TYR Y 374 23.23 -33.89 -27.63
N ALA Y 375 23.61 -34.65 -26.60
CA ALA Y 375 24.31 -35.90 -26.85
C ALA Y 375 23.40 -36.92 -27.54
N ALA Y 376 22.11 -36.92 -27.23
CA ALA Y 376 21.19 -37.85 -27.88
C ALA Y 376 20.98 -37.53 -29.35
N ASP Y 377 21.09 -36.27 -29.73
CA ASP Y 377 20.80 -35.86 -31.11
C ASP Y 377 21.77 -36.55 -32.07
N PRO Y 378 21.31 -36.86 -33.29
CA PRO Y 378 22.21 -37.43 -34.30
C PRO Y 378 23.01 -36.37 -35.05
N ALA Y 379 22.85 -35.10 -34.71
CA ALA Y 379 23.41 -34.03 -35.53
C ALA Y 379 24.94 -34.06 -35.54
N MET Y 380 25.57 -34.02 -34.36
CA MET Y 380 27.02 -33.96 -34.32
C MET Y 380 27.64 -35.27 -34.80
N HIS Y 381 27.05 -36.41 -34.45
CA HIS Y 381 27.57 -37.67 -34.93
C HIS Y 381 27.52 -37.75 -36.44
N ALA Y 382 26.43 -37.27 -37.04
CA ALA Y 382 26.31 -37.31 -38.49
C ALA Y 382 27.30 -36.35 -39.14
N ALA Y 383 27.41 -35.13 -38.61
CA ALA Y 383 28.27 -34.13 -39.25
C ALA Y 383 29.74 -34.50 -39.12
N SER Y 384 30.18 -34.92 -37.93
CA SER Y 384 31.58 -35.26 -37.73
C SER Y 384 32.00 -36.51 -38.49
N GLY Y 385 31.04 -37.33 -38.92
CA GLY Y 385 31.37 -38.54 -39.63
C GLY Y 385 31.81 -38.29 -41.05
N ASN Y 386 32.00 -39.38 -41.78
CA ASN Y 386 32.44 -39.34 -43.17
C ASN Y 386 31.32 -39.81 -44.09
N LEU Y 387 31.40 -39.37 -45.35
CA LEU Y 387 30.41 -39.78 -46.33
C LEU Y 387 30.47 -41.27 -46.55
N LEU Y 388 29.29 -41.87 -46.70
CA LEU Y 388 29.16 -43.32 -46.85
C LEU Y 388 28.25 -43.63 -48.02
N LEU Y 389 28.69 -44.55 -48.87
CA LEU Y 389 27.86 -45.09 -49.94
C LEU Y 389 27.84 -46.60 -49.76
N ASP Y 390 26.65 -47.16 -49.59
CA ASP Y 390 26.48 -48.59 -49.32
C ASP Y 390 25.80 -49.25 -50.51
N LYS Y 391 26.48 -50.21 -51.12
CA LYS Y 391 25.95 -50.92 -52.27
C LYS Y 391 25.37 -52.28 -51.93
N ARG Y 392 25.31 -52.64 -50.65
CA ARG Y 392 24.71 -53.90 -50.26
C ARG Y 392 23.19 -53.76 -50.23
N THR Y 393 22.69 -52.83 -49.42
CA THR Y 393 21.26 -52.63 -49.29
C THR Y 393 20.78 -51.63 -50.34
N THR Y 394 19.47 -51.38 -50.33
CA THR Y 394 18.86 -50.36 -51.16
C THR Y 394 18.32 -49.19 -50.37
N CYS Y 395 18.39 -49.24 -49.04
CA CYS Y 395 17.90 -48.16 -48.22
C CYS Y 395 18.81 -46.94 -48.33
N PHE Y 396 18.33 -45.82 -47.81
CA PHE Y 396 19.06 -44.56 -47.89
C PHE Y 396 20.08 -44.51 -46.78
N SER Y 397 21.36 -44.56 -47.14
CA SER Y 397 22.43 -44.39 -46.18
C SER Y 397 22.54 -42.93 -45.75
N VAL Y 398 23.30 -42.71 -44.67
CA VAL Y 398 23.57 -41.34 -44.24
C VAL Y 398 25.08 -41.14 -44.11
N ALA Y 399 25.72 -41.90 -43.24
CA ALA Y 399 27.14 -41.73 -42.98
C ALA Y 399 27.64 -42.86 -42.11
N ALA Y 400 28.96 -42.95 -41.98
CA ALA Y 400 29.60 -43.85 -41.05
C ALA Y 400 30.22 -43.05 -39.90
N LEU Y 401 30.71 -43.77 -38.89
CA LEU Y 401 31.31 -43.11 -37.74
C LEU Y 401 32.75 -43.49 -37.51
N THR Y 402 33.12 -44.75 -37.74
CA THR Y 402 34.49 -45.19 -37.67
C THR Y 402 35.07 -45.29 -39.08
N ASN Y 403 36.28 -45.82 -39.19
CA ASN Y 403 36.96 -45.94 -40.48
C ASN Y 403 36.95 -47.39 -40.97
N ASN Y 404 36.02 -48.18 -40.46
CA ASN Y 404 35.89 -49.59 -40.83
C ASN Y 404 34.49 -50.04 -40.44
N VAL Y 405 34.17 -51.29 -40.77
CA VAL Y 405 32.81 -51.81 -40.60
C VAL Y 405 32.88 -53.09 -39.77
N ALA Y 406 32.03 -53.16 -38.75
CA ALA Y 406 31.94 -54.37 -37.93
C ALA Y 406 31.25 -55.49 -38.71
N PHE Y 407 31.47 -56.72 -38.25
CA PHE Y 407 30.84 -57.90 -38.86
C PHE Y 407 30.49 -58.86 -37.72
N GLN Y 408 29.26 -58.75 -37.23
CA GLN Y 408 28.84 -59.53 -36.08
C GLN Y 408 28.41 -60.93 -36.50
N THR Y 409 28.68 -61.92 -35.64
CA THR Y 409 28.33 -63.30 -35.87
C THR Y 409 27.66 -63.89 -34.63
N VAL Y 410 26.93 -64.99 -34.83
CA VAL Y 410 26.22 -65.68 -33.77
C VAL Y 410 26.82 -67.07 -33.65
N LYS Y 411 27.55 -67.33 -32.57
CA LYS Y 411 28.18 -68.61 -32.36
C LYS Y 411 27.15 -69.66 -31.94
N PRO Y 412 27.40 -70.94 -32.23
CA PRO Y 412 26.42 -71.98 -31.92
C PRO Y 412 26.21 -72.18 -30.43
N GLY Y 413 25.33 -73.10 -30.06
CA GLY Y 413 25.03 -73.38 -28.68
C GLY Y 413 25.95 -74.43 -28.08
N ASN Y 414 25.64 -74.81 -26.85
CA ASN Y 414 26.43 -75.78 -26.11
C ASN Y 414 25.59 -77.03 -25.88
N PHE Y 415 26.24 -78.19 -25.98
CA PHE Y 415 25.57 -79.48 -25.81
C PHE Y 415 25.64 -79.90 -24.34
N ASN Y 416 24.75 -80.82 -23.96
CA ASN Y 416 24.62 -81.29 -22.59
C ASN Y 416 24.42 -82.80 -22.62
N LYS Y 417 25.51 -83.56 -22.55
CA LYS Y 417 25.43 -84.98 -22.88
C LYS Y 417 24.63 -85.77 -21.86
N ASP Y 418 24.90 -85.58 -20.57
CA ASP Y 418 24.35 -86.46 -19.55
C ASP Y 418 22.84 -86.55 -19.64
N PHE Y 419 22.17 -85.43 -19.95
CA PHE Y 419 20.74 -85.48 -20.19
C PHE Y 419 20.42 -86.33 -21.42
N TYR Y 420 21.24 -86.21 -22.47
CA TYR Y 420 21.00 -87.01 -23.68
C TYR Y 420 21.12 -88.50 -23.38
N ASP Y 421 22.12 -88.88 -22.59
CA ASP Y 421 22.27 -90.28 -22.19
C ASP Y 421 21.08 -90.74 -21.36
N PHE Y 422 20.70 -89.96 -20.35
CA PHE Y 422 19.56 -90.33 -19.52
C PHE Y 422 18.30 -90.49 -20.34
N ALA Y 423 18.13 -89.65 -21.38
CA ALA Y 423 16.95 -89.75 -22.21
C ALA Y 423 16.99 -90.98 -23.11
N VAL Y 424 18.13 -91.21 -23.77
CA VAL Y 424 18.22 -92.34 -24.68
C VAL Y 424 18.18 -93.67 -23.95
N SER Y 425 18.50 -93.68 -22.65
CA SER Y 425 18.45 -94.92 -21.89
C SER Y 425 17.01 -95.38 -21.67
N LYS Y 426 16.10 -94.43 -21.44
CA LYS Y 426 14.72 -94.79 -21.13
C LYS Y 426 13.91 -95.08 -22.39
N GLY Y 427 14.59 -95.40 -23.48
CA GLY Y 427 13.91 -95.70 -24.73
C GLY Y 427 13.30 -94.48 -25.37
N PHE Y 428 14.14 -93.55 -25.83
CA PHE Y 428 13.69 -92.36 -26.54
C PHE Y 428 14.49 -92.24 -27.83
N PHE Y 429 14.01 -91.37 -28.71
CA PHE Y 429 14.66 -91.10 -29.99
C PHE Y 429 14.81 -92.35 -30.84
N LYS Y 430 13.82 -93.23 -30.84
CA LYS Y 430 13.83 -94.37 -31.74
C LYS Y 430 13.21 -94.00 -33.08
N GLU Y 431 13.53 -94.79 -34.09
CA GLU Y 431 13.00 -94.54 -35.43
C GLU Y 431 11.51 -94.79 -35.47
N GLY Y 432 10.78 -93.84 -36.07
CA GLY Y 432 9.35 -93.94 -36.21
C GLY Y 432 8.52 -93.35 -35.08
N SER Y 433 9.14 -93.09 -33.93
CA SER Y 433 8.40 -92.50 -32.82
C SER Y 433 7.97 -91.08 -33.17
N SER Y 434 6.79 -90.70 -32.72
CA SER Y 434 6.24 -89.38 -33.01
C SER Y 434 6.79 -88.30 -32.07
N VAL Y 435 8.11 -88.20 -31.97
CA VAL Y 435 8.78 -87.12 -31.24
C VAL Y 435 10.24 -87.10 -31.67
N GLU Y 436 10.76 -85.91 -31.96
CA GLU Y 436 12.16 -85.76 -32.32
C GLU Y 436 12.57 -84.31 -32.06
N LEU Y 437 13.74 -83.92 -32.54
CA LEU Y 437 14.30 -82.60 -32.30
C LEU Y 437 13.99 -81.70 -33.49
N LYS Y 438 13.34 -80.56 -33.22
CA LYS Y 438 13.10 -79.54 -34.22
C LYS Y 438 13.40 -78.16 -33.67
N HIS Y 439 14.33 -78.07 -32.73
CA HIS Y 439 14.65 -76.79 -32.08
C HIS Y 439 16.12 -76.82 -31.72
N PHE Y 440 16.91 -75.94 -32.35
CA PHE Y 440 18.36 -75.99 -32.20
C PHE Y 440 18.89 -74.56 -32.09
N PHE Y 441 20.20 -74.45 -31.97
CA PHE Y 441 20.89 -73.17 -31.97
C PHE Y 441 21.57 -73.02 -33.34
N PHE Y 442 20.90 -72.34 -34.26
CA PHE Y 442 21.44 -72.15 -35.60
C PHE Y 442 22.58 -71.15 -35.57
N ALA Y 443 23.57 -71.38 -36.42
CA ALA Y 443 24.75 -70.55 -36.49
C ALA Y 443 24.58 -69.48 -37.56
N GLN Y 444 25.14 -68.31 -37.32
CA GLN Y 444 25.06 -67.20 -38.26
C GLN Y 444 26.45 -66.69 -38.61
N ASP Y 445 26.68 -66.54 -39.91
CA ASP Y 445 27.93 -66.09 -40.49
C ASP Y 445 28.07 -64.58 -40.36
N GLY Y 446 28.84 -63.98 -41.25
CA GLY Y 446 29.28 -62.60 -41.11
C GLY Y 446 28.20 -61.66 -41.58
N ASN Y 447 28.22 -61.24 -42.84
CA ASN Y 447 27.26 -60.24 -43.29
C ASN Y 447 25.85 -60.78 -43.26
N ALA Y 448 25.28 -60.86 -42.06
CA ALA Y 448 23.89 -61.26 -41.86
C ALA Y 448 23.04 -60.14 -41.28
N ALA Y 449 23.65 -59.24 -40.52
CA ALA Y 449 22.89 -58.12 -39.95
C ALA Y 449 22.32 -57.24 -41.04
N ILE Y 450 23.11 -56.95 -42.08
CA ILE Y 450 22.62 -56.12 -43.18
C ILE Y 450 21.57 -56.88 -43.98
N SER Y 451 21.83 -58.13 -44.33
CA SER Y 451 20.87 -58.88 -45.13
C SER Y 451 19.56 -59.08 -44.38
N ASP Y 452 19.55 -58.89 -43.07
CA ASP Y 452 18.29 -58.89 -42.35
C ASP Y 452 17.64 -57.52 -42.35
N TYR Y 453 18.45 -56.46 -42.24
CA TYR Y 453 17.91 -55.11 -42.34
C TYR Y 453 17.31 -54.85 -43.71
N ASP Y 454 17.78 -55.58 -44.72
CA ASP Y 454 17.30 -55.39 -46.08
C ASP Y 454 15.84 -55.76 -46.24
N TYR Y 455 15.26 -56.47 -45.26
CA TYR Y 455 13.85 -56.83 -45.37
C TYR Y 455 12.93 -55.64 -45.18
N TYR Y 456 13.46 -54.47 -44.83
CA TYR Y 456 12.63 -53.28 -44.76
C TYR Y 456 12.17 -52.80 -46.12
N ARG Y 457 12.70 -53.35 -47.21
CA ARG Y 457 12.33 -52.90 -48.54
C ARG Y 457 10.88 -53.24 -48.86
N TYR Y 458 10.25 -54.08 -48.04
CA TYR Y 458 8.87 -54.45 -48.23
C TYR Y 458 7.90 -53.39 -47.72
N ASN Y 459 8.40 -52.34 -47.08
CA ASN Y 459 7.54 -51.25 -46.65
C ASN Y 459 7.33 -50.27 -47.80
N LEU Y 460 6.07 -49.97 -48.10
CA LEU Y 460 5.73 -49.11 -49.23
C LEU Y 460 4.76 -48.03 -48.80
N PRO Y 461 4.81 -46.87 -49.44
CA PRO Y 461 3.82 -45.82 -49.14
C PRO Y 461 2.44 -46.26 -49.59
N THR Y 462 1.43 -45.93 -48.80
CA THR Y 462 0.08 -46.39 -49.12
C THR Y 462 -0.94 -45.42 -48.56
N MET Y 463 -1.90 -45.03 -49.40
CA MET Y 463 -3.07 -44.29 -49.00
C MET Y 463 -4.13 -45.23 -48.43
N CYS Y 464 -5.01 -44.68 -47.62
CA CYS Y 464 -6.16 -45.43 -47.13
C CYS Y 464 -7.41 -44.58 -47.32
N ASP Y 465 -8.51 -45.24 -47.69
CA ASP Y 465 -9.78 -44.54 -47.82
C ASP Y 465 -10.10 -43.80 -46.54
N ILE Y 466 -10.10 -42.47 -46.62
CA ILE Y 466 -10.17 -41.67 -45.40
C ILE Y 466 -11.51 -41.85 -44.71
N ARG Y 467 -12.60 -42.02 -45.48
CA ARG Y 467 -13.93 -42.06 -44.89
C ARG Y 467 -14.11 -43.29 -44.00
N GLN Y 468 -13.98 -44.48 -44.59
CA GLN Y 468 -14.16 -45.68 -43.79
C GLN Y 468 -13.08 -45.79 -42.73
N LEU Y 469 -11.91 -45.21 -42.95
CA LEU Y 469 -10.89 -45.20 -41.91
C LEU Y 469 -11.34 -44.40 -40.71
N LEU Y 470 -11.96 -43.25 -40.93
CA LEU Y 470 -12.48 -42.47 -39.81
C LEU Y 470 -13.58 -43.23 -39.08
N PHE Y 471 -14.46 -43.89 -39.83
CA PHE Y 471 -15.51 -44.66 -39.17
C PHE Y 471 -14.93 -45.79 -38.34
N VAL Y 472 -13.97 -46.52 -38.90
CA VAL Y 472 -13.39 -47.67 -38.20
C VAL Y 472 -12.66 -47.21 -36.95
N VAL Y 473 -11.92 -46.09 -37.04
CA VAL Y 473 -11.24 -45.62 -35.85
C VAL Y 473 -12.25 -45.18 -34.80
N GLU Y 474 -13.41 -44.67 -35.23
CA GLU Y 474 -14.42 -44.30 -34.25
C GLU Y 474 -14.93 -45.52 -33.50
N VAL Y 475 -15.19 -46.61 -34.23
CA VAL Y 475 -15.64 -47.85 -33.58
C VAL Y 475 -14.57 -48.39 -32.64
N VAL Y 476 -13.32 -48.40 -33.10
CA VAL Y 476 -12.24 -48.97 -32.28
C VAL Y 476 -12.03 -48.13 -31.03
N ASP Y 477 -12.18 -46.82 -31.14
CA ASP Y 477 -12.22 -45.99 -29.94
C ASP Y 477 -13.36 -46.40 -29.03
N LYS Y 478 -14.51 -46.73 -29.61
CA LYS Y 478 -15.63 -47.20 -28.80
C LYS Y 478 -15.28 -48.48 -28.06
N TYR Y 479 -14.38 -49.30 -28.61
CA TYR Y 479 -13.93 -50.49 -27.90
C TYR Y 479 -13.27 -50.16 -26.57
N PHE Y 480 -12.27 -49.28 -26.59
CA PHE Y 480 -11.47 -49.00 -25.41
C PHE Y 480 -12.13 -47.97 -24.51
N ASP Y 481 -13.27 -48.31 -23.91
CA ASP Y 481 -13.97 -47.39 -23.04
C ASP Y 481 -14.07 -47.89 -21.60
N CYS Y 482 -13.14 -48.75 -21.18
CA CYS Y 482 -13.17 -49.34 -19.85
C CYS Y 482 -11.80 -49.24 -19.19
N TYR Y 483 -11.09 -48.15 -19.40
CA TYR Y 483 -9.76 -47.95 -18.83
C TYR Y 483 -9.62 -46.49 -18.44
N ASP Y 484 -8.40 -46.09 -18.08
CA ASP Y 484 -8.14 -44.71 -17.69
C ASP Y 484 -6.67 -44.41 -17.87
N GLY Y 485 -6.38 -43.26 -18.49
CA GLY Y 485 -5.02 -42.80 -18.67
C GLY Y 485 -4.87 -41.35 -18.24
N GLY Y 486 -3.62 -40.93 -18.15
CA GLY Y 486 -3.32 -39.57 -17.75
C GLY Y 486 -1.85 -39.41 -17.44
N CYS Y 487 -1.43 -38.16 -17.41
CA CYS Y 487 -0.05 -37.85 -17.08
C CYS Y 487 0.21 -38.04 -15.59
N ILE Y 488 1.39 -38.52 -15.26
CA ILE Y 488 1.79 -38.74 -13.87
C ILE Y 488 3.08 -37.98 -13.61
N ASN Y 489 3.57 -38.04 -12.37
CA ASN Y 489 4.81 -37.39 -12.01
C ASN Y 489 5.91 -38.43 -11.87
N ALA Y 490 7.14 -37.96 -11.71
CA ALA Y 490 8.29 -38.88 -11.65
C ALA Y 490 8.21 -39.78 -10.43
N ASN Y 491 7.56 -39.34 -9.36
CA ASN Y 491 7.48 -40.15 -8.16
C ASN Y 491 6.58 -41.37 -8.35
N GLN Y 492 5.48 -41.20 -9.08
CA GLN Y 492 4.53 -42.30 -9.26
C GLN Y 492 5.03 -43.36 -10.23
N VAL Y 493 6.16 -43.12 -10.91
CA VAL Y 493 6.61 -44.06 -11.94
C VAL Y 493 7.06 -45.37 -11.30
N ILE Y 494 7.02 -46.44 -12.09
CA ILE Y 494 7.48 -47.76 -11.70
C ILE Y 494 8.40 -48.27 -12.79
N VAL Y 495 9.59 -48.72 -12.41
CA VAL Y 495 10.57 -49.23 -13.37
C VAL Y 495 11.05 -50.60 -12.90
N ASN Y 496 11.17 -51.52 -13.85
CA ASN Y 496 11.54 -52.90 -13.57
C ASN Y 496 12.82 -53.23 -14.32
N ASN Y 497 13.73 -53.94 -13.65
CA ASN Y 497 14.98 -54.37 -14.25
C ASN Y 497 15.76 -53.20 -14.81
N LEU Y 498 16.16 -52.26 -13.94
CA LEU Y 498 16.89 -51.09 -14.35
C LEU Y 498 18.27 -51.39 -14.92
N ASP Y 499 18.86 -52.53 -14.59
CA ASP Y 499 20.22 -52.84 -15.02
C ASP Y 499 20.20 -53.45 -16.42
N LYS Y 500 19.91 -52.59 -17.39
CA LYS Y 500 19.88 -52.98 -18.78
C LYS Y 500 20.35 -51.79 -19.63
N SER Y 501 20.55 -52.01 -20.93
CA SER Y 501 21.12 -50.96 -21.81
C SER Y 501 20.38 -49.67 -22.10
N ALA Y 502 21.03 -48.73 -22.81
CA ALA Y 502 20.39 -47.44 -23.12
C ALA Y 502 20.61 -46.72 -24.46
N GLY Y 503 21.00 -47.36 -25.56
CA GLY Y 503 21.07 -46.66 -26.85
C GLY Y 503 22.41 -46.54 -27.55
N PHE Y 504 22.60 -45.59 -28.47
CA PHE Y 504 23.94 -45.42 -29.02
C PHE Y 504 24.73 -44.48 -28.18
N PRO Y 505 24.19 -43.30 -28.00
CA PRO Y 505 25.05 -42.61 -27.06
C PRO Y 505 24.65 -43.33 -25.83
N PHE Y 506 25.40 -43.26 -24.75
CA PHE Y 506 25.07 -43.86 -23.45
C PHE Y 506 25.20 -45.33 -23.22
N ASN Y 507 25.69 -46.12 -24.14
CA ASN Y 507 25.72 -47.55 -23.85
C ASN Y 507 27.10 -47.89 -23.46
N LYS Y 508 27.98 -46.92 -23.42
CA LYS Y 508 29.38 -47.08 -23.08
C LYS Y 508 29.63 -46.91 -21.58
N TRP Y 509 28.68 -46.33 -20.85
CA TRP Y 509 28.91 -45.89 -19.47
C TRP Y 509 27.73 -46.34 -18.62
N GLY Y 510 27.86 -47.52 -18.03
CA GLY Y 510 26.84 -48.04 -17.15
C GLY Y 510 25.59 -48.49 -17.88
N LYS Y 511 24.51 -48.57 -17.13
CA LYS Y 511 23.20 -48.96 -17.62
C LYS Y 511 22.16 -47.98 -17.14
N ALA Y 512 20.89 -48.29 -17.43
CA ALA Y 512 19.81 -47.34 -17.20
C ALA Y 512 19.72 -46.92 -15.73
N ARG Y 513 20.20 -47.76 -14.83
CA ARG Y 513 20.16 -47.43 -13.41
C ARG Y 513 20.98 -46.18 -13.12
N LEU Y 514 22.15 -46.07 -13.77
CA LEU Y 514 23.03 -44.92 -13.55
C LEU Y 514 22.32 -43.61 -13.89
N TYR Y 515 21.74 -43.52 -15.09
CA TYR Y 515 21.06 -42.30 -15.48
C TYR Y 515 19.80 -42.08 -14.66
N TYR Y 516 19.11 -43.16 -14.27
CA TYR Y 516 17.92 -43.03 -13.46
C TYR Y 516 18.22 -42.42 -12.11
N ASP Y 517 19.31 -42.87 -11.46
CA ASP Y 517 19.63 -42.34 -10.14
C ASP Y 517 20.26 -40.95 -10.24
N SER Y 518 21.11 -40.72 -11.25
CA SER Y 518 21.87 -39.49 -11.34
C SER Y 518 20.98 -38.26 -11.48
N MET Y 519 19.74 -38.41 -11.92
CA MET Y 519 18.85 -37.29 -12.14
C MET Y 519 17.79 -37.24 -11.05
N SER Y 520 17.57 -36.05 -10.51
CA SER Y 520 16.55 -35.85 -9.51
C SER Y 520 15.16 -35.93 -10.16
N TYR Y 521 14.13 -35.81 -9.32
CA TYR Y 521 12.77 -35.84 -9.83
C TYR Y 521 12.46 -34.59 -10.66
N GLU Y 522 12.99 -33.44 -10.25
CA GLU Y 522 12.76 -32.22 -11.01
C GLU Y 522 13.42 -32.29 -12.37
N ASP Y 523 14.55 -33.00 -12.48
CA ASP Y 523 15.16 -33.19 -13.78
C ASP Y 523 14.22 -33.92 -14.73
N GLN Y 524 13.60 -35.00 -14.25
CA GLN Y 524 12.66 -35.74 -15.09
C GLN Y 524 11.43 -34.91 -15.41
N ASP Y 525 10.92 -34.17 -14.43
CA ASP Y 525 9.75 -33.33 -14.71
C ASP Y 525 10.05 -32.29 -15.76
N ALA Y 526 11.21 -31.64 -15.66
CA ALA Y 526 11.59 -30.64 -16.65
C ALA Y 526 11.79 -31.28 -18.01
N LEU Y 527 12.42 -32.45 -18.06
CA LEU Y 527 12.62 -33.12 -19.34
C LEU Y 527 11.29 -33.49 -19.99
N PHE Y 528 10.34 -33.98 -19.19
CA PHE Y 528 9.03 -34.32 -19.73
C PHE Y 528 8.30 -33.07 -20.23
N ALA Y 529 8.34 -31.98 -19.45
CA ALA Y 529 7.70 -30.76 -19.88
C ALA Y 529 8.35 -30.20 -21.15
N TYR Y 530 9.66 -30.40 -21.31
CA TYR Y 530 10.34 -29.88 -22.49
C TYR Y 530 9.87 -30.60 -23.75
N THR Y 531 9.73 -31.92 -23.69
CA THR Y 531 9.32 -32.67 -24.88
C THR Y 531 7.92 -32.33 -25.33
N LYS Y 532 7.10 -31.77 -24.45
CA LYS Y 532 5.77 -31.36 -24.88
C LYS Y 532 5.77 -30.09 -25.66
N ARG Y 533 6.96 -29.55 -25.94
CA ARG Y 533 7.05 -28.33 -26.73
C ARG Y 533 8.19 -28.36 -27.75
N ASN Y 534 8.80 -29.51 -28.01
CA ASN Y 534 9.92 -29.60 -28.92
C ASN Y 534 9.92 -30.97 -29.58
N VAL Y 535 10.97 -31.27 -30.33
CA VAL Y 535 11.13 -32.56 -31.00
C VAL Y 535 12.56 -33.03 -30.78
N ILE Y 536 12.72 -34.27 -30.32
CA ILE Y 536 14.05 -34.79 -30.01
C ILE Y 536 14.30 -36.07 -30.81
N PRO Y 537 14.91 -36.00 -31.99
CA PRO Y 537 15.28 -37.22 -32.70
C PRO Y 537 16.35 -37.98 -31.92
N THR Y 538 16.35 -39.30 -32.09
CA THR Y 538 17.30 -40.17 -31.41
C THR Y 538 17.85 -41.19 -32.40
N ILE Y 539 18.68 -42.09 -31.88
CA ILE Y 539 19.25 -43.18 -32.66
C ILE Y 539 18.90 -44.49 -31.98
N THR Y 540 18.72 -45.54 -32.78
CA THR Y 540 18.29 -46.83 -32.30
C THR Y 540 19.33 -47.88 -32.69
N GLN Y 541 19.90 -48.55 -31.69
CA GLN Y 541 20.95 -49.53 -31.92
C GLN Y 541 20.35 -50.86 -32.36
N MET Y 542 21.06 -51.56 -33.24
CA MET Y 542 20.60 -52.85 -33.74
C MET Y 542 21.52 -53.96 -33.24
N ASN Y 543 20.95 -55.12 -32.98
CA ASN Y 543 21.68 -56.22 -32.37
C ASN Y 543 21.09 -57.56 -32.81
N LEU Y 544 21.89 -58.61 -32.66
CA LEU Y 544 21.47 -59.96 -33.00
C LEU Y 544 21.07 -60.73 -31.75
N LYS Y 545 20.01 -61.52 -31.88
CA LYS Y 545 19.48 -62.30 -30.76
C LYS Y 545 20.25 -63.60 -30.62
N TYR Y 546 20.08 -64.26 -29.47
CA TYR Y 546 20.73 -65.54 -29.22
C TYR Y 546 19.76 -66.50 -28.54
N ALA Y 547 19.04 -67.29 -29.33
CA ALA Y 547 18.05 -68.19 -28.76
C ALA Y 547 17.85 -69.41 -29.64
N ILE Y 548 16.72 -70.10 -29.46
CA ILE Y 548 16.45 -71.35 -30.14
C ILE Y 548 15.12 -71.23 -30.88
N SER Y 549 15.10 -71.65 -32.14
CA SER Y 549 13.88 -71.64 -32.93
C SER Y 549 13.96 -72.79 -33.92
N ALA Y 550 13.08 -72.77 -34.92
CA ALA Y 550 12.97 -73.90 -35.84
C ALA Y 550 13.27 -73.51 -37.29
N LYS Y 551 13.91 -72.36 -37.52
CA LYS Y 551 14.27 -71.98 -38.88
C LYS Y 551 15.52 -71.13 -38.83
N ASN Y 552 16.26 -71.11 -39.95
CA ASN Y 552 17.56 -70.46 -40.01
C ASN Y 552 17.49 -68.95 -40.16
N ARG Y 553 16.31 -68.36 -40.31
CA ARG Y 553 16.20 -66.91 -40.42
C ARG Y 553 16.65 -66.26 -39.12
N ALA Y 554 17.45 -65.19 -39.24
CA ALA Y 554 18.02 -64.55 -38.07
C ALA Y 554 16.95 -63.81 -37.27
N ARG Y 555 17.36 -63.24 -36.14
CA ARG Y 555 16.49 -62.44 -35.31
C ARG Y 555 17.25 -61.18 -34.90
N THR Y 556 16.50 -60.19 -34.44
CA THR Y 556 17.08 -58.89 -34.16
C THR Y 556 16.28 -58.16 -33.10
N VAL Y 557 16.98 -57.63 -32.09
CA VAL Y 557 16.39 -56.72 -31.14
C VAL Y 557 16.91 -55.32 -31.47
N ALA Y 558 16.27 -54.32 -30.87
CA ALA Y 558 16.61 -52.93 -31.15
C ALA Y 558 16.75 -52.19 -29.84
N GLY Y 559 17.93 -51.65 -29.58
CA GLY Y 559 18.15 -50.83 -28.39
C GLY Y 559 17.67 -49.41 -28.65
N VAL Y 560 16.93 -48.88 -27.68
CA VAL Y 560 16.31 -47.56 -27.79
C VAL Y 560 16.97 -46.62 -26.81
N SER Y 561 17.09 -45.35 -27.21
CA SER Y 561 17.69 -44.34 -26.36
C SER Y 561 16.88 -44.20 -25.07
N ILE Y 562 17.50 -43.54 -24.09
CA ILE Y 562 16.96 -43.59 -22.73
C ILE Y 562 15.93 -42.49 -22.51
N CYS Y 563 16.13 -41.31 -23.10
CA CYS Y 563 15.18 -40.22 -22.94
C CYS Y 563 13.81 -40.62 -23.47
N SER Y 564 13.79 -41.31 -24.61
CA SER Y 564 12.54 -41.87 -25.12
C SER Y 564 11.87 -42.73 -24.05
N THR Y 565 12.66 -43.54 -23.34
CA THR Y 565 12.07 -44.42 -22.34
C THR Y 565 11.45 -43.64 -21.20
N MET Y 566 12.19 -42.69 -20.61
CA MET Y 566 11.59 -41.91 -19.52
C MET Y 566 10.31 -41.21 -19.96
N THR Y 567 10.37 -40.55 -21.13
CA THR Y 567 9.21 -39.79 -21.58
C THR Y 567 8.01 -40.71 -21.83
N ASN Y 568 8.23 -41.83 -22.51
CA ASN Y 568 7.13 -42.73 -22.82
C ASN Y 568 6.54 -43.32 -21.56
N ARG Y 569 7.38 -43.67 -20.60
CA ARG Y 569 6.87 -44.21 -19.35
C ARG Y 569 5.99 -43.20 -18.64
N GLN Y 570 6.51 -41.97 -18.45
CA GLN Y 570 5.72 -40.97 -17.76
C GLN Y 570 4.42 -40.66 -18.48
N PHE Y 571 4.41 -40.78 -19.81
CA PHE Y 571 3.21 -40.45 -20.57
C PHE Y 571 2.17 -41.56 -20.58
N HIS Y 572 2.60 -42.82 -20.67
CA HIS Y 572 1.68 -43.91 -20.93
C HIS Y 572 1.47 -44.89 -19.78
N GLN Y 573 2.22 -44.78 -18.69
CA GLN Y 573 2.26 -45.88 -17.73
C GLN Y 573 0.90 -46.17 -17.11
N LYS Y 574 0.14 -45.13 -16.76
CA LYS Y 574 -1.13 -45.36 -16.08
C LYS Y 574 -2.09 -46.17 -16.95
N LEU Y 575 -2.22 -45.79 -18.21
CA LEU Y 575 -3.12 -46.50 -19.11
C LEU Y 575 -2.65 -47.93 -19.33
N LEU Y 576 -1.34 -48.14 -19.44
CA LEU Y 576 -0.83 -49.49 -19.65
C LEU Y 576 -1.17 -50.39 -18.47
N LYS Y 577 -0.99 -49.88 -17.25
CA LYS Y 577 -1.35 -50.66 -16.08
C LYS Y 577 -2.84 -50.93 -16.03
N SER Y 578 -3.65 -49.94 -16.36
CA SER Y 578 -5.10 -50.15 -16.39
C SER Y 578 -5.49 -51.24 -17.38
N ILE Y 579 -4.84 -51.25 -18.55
CA ILE Y 579 -5.12 -52.29 -19.53
C ILE Y 579 -4.68 -53.65 -19.02
N ALA Y 580 -3.49 -53.72 -18.42
CA ALA Y 580 -2.95 -55.01 -18.01
C ALA Y 580 -3.74 -55.62 -16.86
N ALA Y 581 -4.25 -54.80 -15.95
CA ALA Y 581 -4.91 -55.33 -14.76
C ALA Y 581 -6.31 -55.85 -15.05
N THR Y 582 -7.02 -55.21 -15.98
CA THR Y 582 -8.43 -55.54 -16.19
C THR Y 582 -8.58 -56.96 -16.70
N ARG Y 583 -9.58 -57.67 -16.18
CA ARG Y 583 -9.89 -59.04 -16.56
C ARG Y 583 -11.21 -59.09 -17.32
N GLY Y 584 -11.29 -60.02 -18.26
CA GLY Y 584 -12.50 -60.19 -19.04
C GLY Y 584 -12.76 -59.06 -20.02
N ALA Y 585 -11.91 -58.95 -21.03
CA ALA Y 585 -12.09 -57.95 -22.07
C ALA Y 585 -11.59 -58.54 -23.39
N THR Y 586 -11.66 -57.74 -24.46
CA THR Y 586 -11.22 -58.22 -25.76
C THR Y 586 -9.72 -58.44 -25.81
N VAL Y 587 -8.96 -57.68 -25.03
CA VAL Y 587 -7.51 -57.78 -24.98
C VAL Y 587 -7.13 -58.58 -23.74
N VAL Y 588 -6.23 -59.55 -23.92
CA VAL Y 588 -5.92 -60.48 -22.85
C VAL Y 588 -4.46 -60.36 -22.43
N ILE Y 589 -3.89 -59.17 -22.56
CA ILE Y 589 -2.53 -58.93 -22.10
C ILE Y 589 -2.54 -58.80 -20.59
N GLY Y 590 -1.67 -59.53 -19.92
CA GLY Y 590 -1.59 -59.50 -18.48
C GLY Y 590 -2.42 -60.53 -17.76
N THR Y 591 -2.92 -61.55 -18.45
CA THR Y 591 -3.73 -62.60 -17.86
C THR Y 591 -2.96 -63.91 -17.92
N SER Y 592 -2.77 -64.54 -16.76
CA SER Y 592 -1.93 -65.73 -16.67
C SER Y 592 -2.71 -66.99 -17.04
N LYS Y 593 -2.03 -67.92 -17.70
CA LYS Y 593 -2.63 -69.19 -18.10
C LYS Y 593 -2.72 -70.19 -16.96
N PHE Y 594 -2.12 -69.90 -15.82
CA PHE Y 594 -2.16 -70.79 -14.67
C PHE Y 594 -3.40 -70.51 -13.82
N TYR Y 595 -3.71 -71.45 -12.93
CA TYR Y 595 -4.81 -71.32 -11.98
C TYR Y 595 -6.13 -71.07 -12.69
N GLY Y 596 -6.33 -71.77 -13.80
CA GLY Y 596 -7.60 -71.75 -14.51
C GLY Y 596 -7.85 -70.55 -15.39
N GLY Y 597 -6.88 -69.64 -15.51
CA GLY Y 597 -7.09 -68.47 -16.36
C GLY Y 597 -7.34 -68.85 -17.80
N TRP Y 598 -6.65 -69.88 -18.29
CA TRP Y 598 -6.81 -70.32 -19.66
C TRP Y 598 -8.26 -70.71 -19.93
N HIS Y 599 -8.83 -71.49 -19.00
CA HIS Y 599 -10.22 -71.90 -19.15
C HIS Y 599 -11.16 -70.69 -19.08
N ASN Y 600 -10.88 -69.74 -18.18
CA ASN Y 600 -11.74 -68.58 -18.08
C ASN Y 600 -11.77 -67.81 -19.39
N MET Y 601 -10.60 -67.61 -20.00
CA MET Y 601 -10.54 -66.92 -21.28
C MET Y 601 -11.29 -67.70 -22.36
N LEU Y 602 -11.05 -69.01 -22.42
CA LEU Y 602 -11.71 -69.82 -23.44
C LEU Y 602 -13.22 -69.86 -23.25
N LYS Y 603 -13.70 -69.63 -22.03
CA LYS Y 603 -15.14 -69.53 -21.83
C LYS Y 603 -15.66 -68.15 -22.22
N THR Y 604 -14.90 -67.10 -21.89
CA THR Y 604 -15.36 -65.75 -22.18
C THR Y 604 -15.44 -65.51 -23.69
N VAL Y 605 -14.49 -66.04 -24.46
CA VAL Y 605 -14.60 -65.94 -25.91
C VAL Y 605 -15.80 -66.74 -26.41
N TYR Y 606 -16.14 -67.81 -25.70
CA TYR Y 606 -17.29 -68.62 -26.07
C TYR Y 606 -18.58 -67.97 -25.58
N SER Y 607 -18.98 -66.88 -26.22
CA SER Y 607 -20.23 -66.23 -25.84
C SER Y 607 -21.39 -66.84 -26.60
N ASP Y 608 -22.55 -66.19 -26.55
CA ASP Y 608 -23.79 -66.72 -27.12
C ASP Y 608 -23.71 -66.64 -28.64
N VAL Y 609 -23.11 -67.67 -29.24
CA VAL Y 609 -22.95 -67.74 -30.68
C VAL Y 609 -23.84 -68.85 -31.20
N GLU Y 610 -24.70 -68.51 -32.17
CA GLU Y 610 -25.78 -69.41 -32.55
C GLU Y 610 -25.25 -70.67 -33.24
N ASN Y 611 -24.34 -70.50 -34.20
CA ASN Y 611 -23.72 -71.62 -34.89
C ASN Y 611 -22.20 -71.44 -34.82
N PRO Y 612 -21.63 -71.55 -33.63
CA PRO Y 612 -20.26 -71.09 -33.43
C PRO Y 612 -19.24 -71.89 -34.24
N HIS Y 613 -18.19 -71.20 -34.67
CA HIS Y 613 -17.02 -71.82 -35.26
C HIS Y 613 -15.80 -71.06 -34.76
N LEU Y 614 -14.63 -71.59 -35.09
CA LEU Y 614 -13.36 -70.97 -34.72
C LEU Y 614 -12.52 -70.73 -35.96
N MET Y 615 -12.04 -69.50 -36.09
CA MET Y 615 -11.20 -69.10 -37.22
C MET Y 615 -10.01 -68.32 -36.72
N GLY Y 616 -8.84 -68.63 -37.26
CA GLY Y 616 -7.64 -67.89 -36.94
C GLY Y 616 -6.81 -67.67 -38.19
N TRP Y 617 -6.14 -66.53 -38.23
CA TRP Y 617 -5.39 -66.13 -39.42
C TRP Y 617 -3.97 -65.74 -38.99
N ASP Y 618 -3.20 -65.22 -39.94
CA ASP Y 618 -1.83 -64.82 -39.67
C ASP Y 618 -1.46 -63.62 -40.53
N TYR Y 619 -0.50 -62.85 -40.06
CA TYR Y 619 0.00 -61.67 -40.75
C TYR Y 619 1.41 -61.95 -41.23
N PRO Y 620 1.63 -62.16 -42.53
CA PRO Y 620 3.00 -62.36 -43.01
C PRO Y 620 3.81 -61.08 -42.91
N LYS Y 621 4.86 -61.11 -42.09
CA LYS Y 621 5.77 -59.98 -41.91
C LYS Y 621 5.01 -58.74 -41.44
N CYS Y 622 4.39 -58.88 -40.26
CA CYS Y 622 3.55 -57.80 -39.74
C CYS Y 622 4.37 -56.56 -39.43
N ASP Y 623 5.53 -56.72 -38.80
CA ASP Y 623 6.30 -55.56 -38.38
C ASP Y 623 7.06 -54.92 -39.53
N ARG Y 624 7.52 -55.72 -40.50
CA ARG Y 624 8.32 -55.20 -41.59
C ARG Y 624 7.48 -54.64 -42.73
N ALA Y 625 6.15 -54.76 -42.67
CA ALA Y 625 5.30 -54.26 -43.76
C ALA Y 625 4.13 -53.43 -43.25
N MET Y 626 4.18 -52.96 -42.02
CA MET Y 626 3.11 -52.13 -41.47
C MET Y 626 3.04 -50.81 -42.23
N PRO Y 627 1.89 -50.44 -42.79
CA PRO Y 627 1.75 -49.08 -43.35
C PRO Y 627 1.69 -48.06 -42.23
N ASN Y 628 2.43 -46.96 -42.41
CA ASN Y 628 2.62 -46.03 -41.30
C ASN Y 628 1.37 -45.23 -40.96
N MET Y 629 0.39 -45.18 -41.86
CA MET Y 629 -0.85 -44.48 -41.54
C MET Y 629 -1.56 -45.13 -40.37
N LEU Y 630 -1.64 -46.46 -40.38
CA LEU Y 630 -2.26 -47.17 -39.27
C LEU Y 630 -1.47 -46.99 -37.99
N ARG Y 631 -0.14 -46.94 -38.06
CA ARG Y 631 0.64 -46.72 -36.86
C ARG Y 631 0.38 -45.35 -36.27
N ILE Y 632 0.28 -44.33 -37.12
CA ILE Y 632 -0.08 -43.00 -36.64
C ILE Y 632 -1.44 -43.05 -35.97
N MET Y 633 -2.40 -43.72 -36.60
CA MET Y 633 -3.75 -43.76 -36.05
C MET Y 633 -3.80 -44.53 -34.73
N ALA Y 634 -2.99 -45.57 -34.62
CA ALA Y 634 -2.92 -46.31 -33.36
C ALA Y 634 -2.37 -45.45 -32.25
N SER Y 635 -1.27 -44.73 -32.52
CA SER Y 635 -0.73 -43.83 -31.50
C SER Y 635 -1.71 -42.71 -31.21
N LEU Y 636 -2.62 -42.43 -32.14
CA LEU Y 636 -3.67 -41.45 -31.87
C LEU Y 636 -4.71 -42.00 -30.90
N VAL Y 637 -5.08 -43.27 -31.07
CA VAL Y 637 -6.13 -43.85 -30.24
C VAL Y 637 -5.71 -43.88 -28.76
N LEU Y 638 -4.46 -44.29 -28.51
CA LEU Y 638 -3.98 -44.38 -27.14
C LEU Y 638 -3.98 -43.02 -26.45
N ALA Y 639 -3.86 -41.95 -27.24
CA ALA Y 639 -3.80 -40.61 -26.65
C ALA Y 639 -5.17 -40.02 -26.39
N ARG Y 640 -6.24 -40.72 -26.78
CA ARG Y 640 -7.57 -40.14 -26.63
C ARG Y 640 -7.96 -39.98 -25.17
N LYS Y 641 -7.31 -40.72 -24.27
CA LYS Y 641 -7.64 -40.63 -22.85
C LYS Y 641 -7.08 -39.35 -22.23
N HIS Y 642 -6.14 -38.70 -22.89
CA HIS Y 642 -5.53 -37.49 -22.36
C HIS Y 642 -6.42 -36.27 -22.60
N THR Y 643 -7.67 -36.34 -22.15
CA THR Y 643 -8.63 -35.28 -22.46
C THR Y 643 -8.35 -34.02 -21.64
N THR Y 644 -7.99 -34.17 -20.38
CA THR Y 644 -7.79 -33.03 -19.50
C THR Y 644 -6.35 -32.83 -19.07
N CYS Y 645 -5.54 -33.88 -19.06
CA CYS Y 645 -4.16 -33.74 -18.62
C CYS Y 645 -3.30 -32.95 -19.58
N CYS Y 646 -3.74 -32.77 -20.82
CA CYS Y 646 -2.87 -32.20 -21.83
C CYS Y 646 -3.72 -31.36 -22.79
N SER Y 647 -3.08 -30.34 -23.37
CA SER Y 647 -3.75 -29.46 -24.30
C SER Y 647 -3.59 -29.99 -25.73
N LEU Y 648 -4.17 -29.29 -26.70
CA LEU Y 648 -4.09 -29.74 -28.08
C LEU Y 648 -2.66 -29.67 -28.62
N SER Y 649 -2.00 -28.54 -28.42
CA SER Y 649 -0.64 -28.39 -28.91
C SER Y 649 0.30 -29.39 -28.25
N HIS Y 650 0.13 -29.60 -26.95
CA HIS Y 650 0.96 -30.57 -26.25
C HIS Y 650 0.73 -31.97 -26.79
N ARG Y 651 -0.52 -32.32 -27.07
CA ARG Y 651 -0.82 -33.62 -27.65
C ARG Y 651 -0.14 -33.78 -29.00
N PHE Y 652 -0.22 -32.74 -29.84
CA PHE Y 652 0.41 -32.83 -31.15
C PHE Y 652 1.91 -32.99 -31.01
N TYR Y 653 2.52 -32.27 -30.09
CA TYR Y 653 3.97 -32.40 -29.94
C TYR Y 653 4.35 -33.77 -29.43
N ARG Y 654 3.54 -34.36 -28.54
CA ARG Y 654 3.82 -35.72 -28.10
C ARG Y 654 3.71 -36.71 -29.25
N LEU Y 655 2.69 -36.55 -30.10
CA LEU Y 655 2.57 -37.42 -31.26
C LEU Y 655 3.76 -37.26 -32.20
N ALA Y 656 4.20 -36.02 -32.41
CA ALA Y 656 5.35 -35.78 -33.26
C ALA Y 656 6.60 -36.41 -32.68
N ASN Y 657 6.79 -36.30 -31.36
CA ASN Y 657 7.93 -36.95 -30.72
C ASN Y 657 7.88 -38.45 -30.92
N GLU Y 658 6.70 -39.04 -30.76
CA GLU Y 658 6.58 -40.49 -30.90
C GLU Y 658 6.93 -40.92 -32.32
N CYS Y 659 6.43 -40.18 -33.33
CA CYS Y 659 6.76 -40.50 -34.70
C CYS Y 659 8.24 -40.33 -34.97
N ALA Y 660 8.86 -39.30 -34.41
CA ALA Y 660 10.27 -39.04 -34.66
C ALA Y 660 11.16 -40.05 -33.97
N GLN Y 661 10.70 -40.65 -32.88
CA GLN Y 661 11.57 -41.51 -32.09
C GLN Y 661 11.40 -42.99 -32.40
N VAL Y 662 10.18 -43.46 -32.66
CA VAL Y 662 9.95 -44.89 -32.83
C VAL Y 662 9.57 -45.27 -34.26
N LEU Y 663 8.80 -44.43 -34.96
CA LEU Y 663 8.23 -44.85 -36.23
C LEU Y 663 9.27 -44.93 -37.34
N SER Y 664 9.90 -43.80 -37.65
CA SER Y 664 10.89 -43.72 -38.72
C SER Y 664 12.01 -42.79 -38.29
N GLU Y 665 13.18 -43.34 -38.08
CA GLU Y 665 14.33 -42.56 -37.63
C GLU Y 665 15.59 -43.39 -37.88
N MET Y 666 16.72 -42.89 -37.37
CA MET Y 666 18.04 -43.35 -37.79
C MET Y 666 18.43 -44.60 -37.01
N VAL Y 667 18.73 -45.67 -37.74
CA VAL Y 667 19.02 -46.96 -37.14
C VAL Y 667 20.51 -47.24 -37.31
N MET Y 668 21.26 -47.22 -36.21
CA MET Y 668 22.68 -47.50 -36.26
C MET Y 668 22.86 -49.02 -36.35
N CYS Y 669 23.13 -49.52 -37.54
CA CYS Y 669 23.38 -50.93 -37.76
C CYS Y 669 24.83 -51.10 -38.20
N GLY Y 670 25.46 -52.17 -37.72
CA GLY Y 670 26.88 -52.33 -37.96
C GLY Y 670 27.68 -51.25 -37.28
N GLY Y 671 28.25 -50.34 -38.05
CA GLY Y 671 28.95 -49.20 -37.47
C GLY Y 671 28.57 -47.90 -38.12
N SER Y 672 27.54 -47.93 -38.96
CA SER Y 672 27.14 -46.78 -39.75
C SER Y 672 25.71 -46.39 -39.37
N LEU Y 673 25.22 -45.33 -40.01
CA LEU Y 673 23.84 -44.90 -39.82
C LEU Y 673 23.02 -45.19 -41.07
N TYR Y 674 21.74 -45.44 -40.86
CA TYR Y 674 20.79 -45.66 -41.95
C TYR Y 674 19.51 -44.93 -41.60
N VAL Y 675 18.51 -45.06 -42.45
CA VAL Y 675 17.19 -44.45 -42.20
C VAL Y 675 16.13 -45.53 -42.36
N LYS Y 676 15.29 -45.68 -41.35
CA LYS Y 676 14.24 -46.68 -41.31
C LYS Y 676 12.99 -46.16 -42.01
N PRO Y 677 12.59 -46.77 -43.13
CA PRO Y 677 11.40 -46.26 -43.83
C PRO Y 677 10.13 -46.32 -43.00
N GLY Y 678 9.98 -47.33 -42.16
CA GLY Y 678 8.78 -47.43 -41.35
C GLY Y 678 8.70 -48.79 -40.67
N GLY Y 679 7.49 -49.16 -40.25
CA GLY Y 679 7.29 -50.42 -39.56
C GLY Y 679 7.65 -50.33 -38.09
N THR Y 680 6.97 -51.09 -37.25
CA THR Y 680 7.15 -50.97 -35.82
C THR Y 680 8.50 -51.54 -35.39
N SER Y 681 9.07 -50.93 -34.35
CA SER Y 681 10.32 -51.38 -33.76
C SER Y 681 10.05 -52.55 -32.83
N SER Y 682 11.03 -52.91 -32.01
CA SER Y 682 10.82 -54.00 -31.07
C SER Y 682 11.28 -53.62 -29.67
N GLY Y 683 12.18 -52.65 -29.57
CA GLY Y 683 12.74 -52.29 -28.28
C GLY Y 683 11.93 -51.27 -27.52
N ASP Y 684 10.81 -50.85 -28.10
CA ASP Y 684 9.97 -49.87 -27.42
C ASP Y 684 9.07 -50.54 -26.41
N ALA Y 685 8.25 -49.74 -25.72
CA ALA Y 685 7.41 -50.26 -24.65
C ALA Y 685 5.95 -50.37 -25.01
N THR Y 686 5.55 -49.97 -26.21
CA THR Y 686 4.14 -50.01 -26.61
C THR Y 686 3.92 -50.74 -27.92
N THR Y 687 4.82 -51.64 -28.32
CA THR Y 687 4.61 -52.42 -29.53
C THR Y 687 3.39 -53.32 -29.39
N ALA Y 688 3.23 -53.94 -28.22
CA ALA Y 688 2.16 -54.92 -28.05
C ALA Y 688 0.78 -54.27 -28.16
N TYR Y 689 0.57 -53.17 -27.44
CA TYR Y 689 -0.72 -52.49 -27.51
C TYR Y 689 -0.98 -51.92 -28.90
N ALA Y 690 0.05 -51.38 -29.54
CA ALA Y 690 -0.12 -50.87 -30.89
C ALA Y 690 -0.54 -51.97 -31.85
N ASN Y 691 0.09 -53.14 -31.73
CA ASN Y 691 -0.27 -54.25 -32.61
C ASN Y 691 -1.68 -54.74 -32.32
N SER Y 692 -2.09 -54.73 -31.05
CA SER Y 692 -3.45 -55.12 -30.73
C SER Y 692 -4.47 -54.19 -31.37
N VAL Y 693 -4.24 -52.88 -31.26
CA VAL Y 693 -5.15 -51.91 -31.87
C VAL Y 693 -5.18 -52.09 -33.37
N PHE Y 694 -4.01 -52.31 -33.97
CA PHE Y 694 -3.96 -52.54 -35.41
C PHE Y 694 -4.77 -53.77 -35.80
N ASN Y 695 -4.69 -54.84 -35.02
CA ASN Y 695 -5.43 -56.06 -35.33
C ASN Y 695 -6.93 -55.84 -35.23
N ILE Y 696 -7.37 -55.14 -34.19
CA ILE Y 696 -8.79 -54.83 -34.06
C ILE Y 696 -9.26 -54.05 -35.27
N CYS Y 697 -8.47 -53.07 -35.70
CA CYS Y 697 -8.86 -52.25 -36.85
C CYS Y 697 -8.95 -53.08 -38.11
N GLN Y 698 -8.00 -53.99 -38.32
CA GLN Y 698 -8.06 -54.86 -39.50
C GLN Y 698 -9.34 -55.68 -39.49
N ALA Y 699 -9.68 -56.29 -38.36
CA ALA Y 699 -10.87 -57.12 -38.31
C ALA Y 699 -12.14 -56.30 -38.56
N VAL Y 700 -12.24 -55.14 -37.93
CA VAL Y 700 -13.44 -54.33 -38.08
C VAL Y 700 -13.60 -53.87 -39.53
N THR Y 701 -12.51 -53.42 -40.17
CA THR Y 701 -12.64 -52.97 -41.55
C THR Y 701 -12.94 -54.12 -42.49
N ALA Y 702 -12.44 -55.32 -42.19
CA ALA Y 702 -12.81 -56.47 -43.02
C ALA Y 702 -14.30 -56.77 -42.89
N ASN Y 703 -14.85 -56.66 -41.68
CA ASN Y 703 -16.29 -56.85 -41.53
C ASN Y 703 -17.08 -55.81 -42.30
N VAL Y 704 -16.66 -54.55 -42.24
CA VAL Y 704 -17.38 -53.49 -42.95
C VAL Y 704 -17.32 -53.74 -44.45
N ASN Y 705 -16.16 -54.13 -44.96
CA ASN Y 705 -16.04 -54.43 -46.37
C ASN Y 705 -16.92 -55.60 -46.78
N ALA Y 706 -16.98 -56.64 -45.94
CA ALA Y 706 -17.74 -57.83 -46.31
C ALA Y 706 -19.23 -57.55 -46.38
N LEU Y 707 -19.75 -56.76 -45.45
CA LEU Y 707 -21.19 -56.50 -45.42
C LEU Y 707 -21.65 -55.71 -46.63
N LEU Y 708 -20.90 -54.67 -47.00
CA LEU Y 708 -21.32 -53.73 -48.04
C LEU Y 708 -21.08 -54.21 -49.42
N SER Y 709 -20.64 -55.43 -49.70
CA SER Y 709 -20.48 -55.90 -51.06
C SER Y 709 -21.46 -57.02 -51.36
N THR Y 710 -22.68 -56.89 -50.86
CA THR Y 710 -23.71 -57.91 -51.03
C THR Y 710 -24.98 -57.27 -51.55
N ASP Y 711 -25.56 -57.87 -52.58
CA ASP Y 711 -26.81 -57.39 -53.14
C ASP Y 711 -27.91 -57.36 -52.09
N GLY Y 712 -28.61 -56.23 -52.02
CA GLY Y 712 -29.66 -56.07 -51.05
C GLY Y 712 -31.00 -56.68 -51.40
N ASN Y 713 -31.13 -57.21 -52.62
CA ASN Y 713 -32.40 -57.78 -53.09
C ASN Y 713 -32.60 -59.21 -52.63
N LYS Y 714 -31.53 -59.87 -52.16
CA LYS Y 714 -31.70 -61.23 -51.62
C LYS Y 714 -31.34 -61.30 -50.15
N ILE Y 715 -31.57 -60.24 -49.39
CA ILE Y 715 -31.21 -60.22 -47.98
C ILE Y 715 -32.33 -60.86 -47.16
N ALA Y 716 -31.96 -61.36 -45.98
CA ALA Y 716 -32.90 -61.91 -45.03
C ALA Y 716 -33.64 -60.78 -44.33
N ASP Y 717 -34.26 -61.09 -43.19
CA ASP Y 717 -35.13 -60.19 -42.45
C ASP Y 717 -34.67 -58.74 -42.48
N LYS Y 718 -35.62 -57.82 -42.65
CA LYS Y 718 -35.38 -56.40 -42.88
C LYS Y 718 -34.21 -55.83 -42.10
N TYR Y 719 -34.14 -56.16 -40.80
CA TYR Y 719 -33.18 -55.54 -39.89
C TYR Y 719 -31.80 -55.33 -40.50
N VAL Y 720 -31.21 -56.39 -41.05
CA VAL Y 720 -29.85 -56.28 -41.57
C VAL Y 720 -29.80 -55.39 -42.81
N ARG Y 721 -30.82 -55.47 -43.65
CA ARG Y 721 -30.83 -54.66 -44.86
C ARG Y 721 -30.97 -53.18 -44.53
N ASN Y 722 -31.84 -52.86 -43.56
CA ASN Y 722 -31.94 -51.50 -43.06
C ASN Y 722 -30.63 -51.04 -42.46
N LEU Y 723 -29.96 -51.93 -41.72
CA LEU Y 723 -28.69 -51.60 -41.10
C LEU Y 723 -27.64 -51.27 -42.16
N GLN Y 724 -27.60 -52.06 -43.24
CA GLN Y 724 -26.66 -51.82 -44.31
C GLN Y 724 -26.93 -50.48 -44.99
N HIS Y 725 -28.20 -50.17 -45.24
CA HIS Y 725 -28.56 -48.88 -45.84
C HIS Y 725 -28.08 -47.74 -44.96
N ARG Y 726 -28.37 -47.84 -43.66
CA ARG Y 726 -27.95 -46.83 -42.71
C ARG Y 726 -26.42 -46.72 -42.68
N LEU Y 727 -25.73 -47.85 -42.83
CA LEU Y 727 -24.27 -47.86 -42.81
C LEU Y 727 -23.71 -47.08 -43.98
N TYR Y 728 -24.21 -47.35 -45.19
CA TYR Y 728 -23.72 -46.63 -46.35
C TYR Y 728 -23.97 -45.13 -46.19
N GLU Y 729 -25.14 -44.77 -45.68
CA GLU Y 729 -25.42 -43.35 -45.50
C GLU Y 729 -24.45 -42.72 -44.51
N CYS Y 730 -24.32 -43.30 -43.31
CA CYS Y 730 -23.44 -42.76 -42.29
C CYS Y 730 -21.97 -42.82 -42.69
N LEU Y 731 -21.63 -43.61 -43.70
CA LEU Y 731 -20.25 -43.71 -44.15
C LEU Y 731 -19.89 -42.67 -45.20
N TYR Y 732 -20.66 -42.57 -46.29
CA TYR Y 732 -20.26 -41.69 -47.38
C TYR Y 732 -21.12 -40.44 -47.54
N ARG Y 733 -22.24 -40.32 -46.84
CA ARG Y 733 -23.11 -39.17 -47.01
C ARG Y 733 -23.09 -38.24 -45.80
N ASN Y 734 -23.18 -38.79 -44.60
CA ASN Y 734 -23.04 -37.97 -43.41
C ASN Y 734 -21.61 -37.47 -43.27
N ARG Y 735 -21.48 -36.23 -42.81
CA ARG Y 735 -20.17 -35.61 -42.65
C ARG Y 735 -19.58 -35.81 -41.26
N ASP Y 736 -20.32 -35.50 -40.21
CA ASP Y 736 -19.85 -35.66 -38.85
C ASP Y 736 -20.16 -37.07 -38.36
N VAL Y 737 -19.97 -37.30 -37.07
CA VAL Y 737 -20.14 -38.63 -36.46
C VAL Y 737 -21.59 -38.79 -36.01
N ASP Y 738 -22.03 -40.05 -35.95
CA ASP Y 738 -23.37 -40.41 -35.50
C ASP Y 738 -23.22 -41.48 -34.43
N THR Y 739 -23.49 -41.12 -33.18
CA THR Y 739 -23.12 -41.98 -32.06
C THR Y 739 -24.00 -43.22 -31.96
N ASP Y 740 -25.31 -43.04 -32.13
CA ASP Y 740 -26.24 -44.14 -31.90
C ASP Y 740 -25.99 -45.30 -32.86
N PHE Y 741 -25.72 -44.98 -34.14
CA PHE Y 741 -25.41 -46.04 -35.08
C PHE Y 741 -24.12 -46.73 -34.71
N VAL Y 742 -23.16 -45.99 -34.15
CA VAL Y 742 -21.92 -46.61 -33.68
C VAL Y 742 -22.22 -47.62 -32.58
N ASN Y 743 -23.05 -47.23 -31.61
CA ASN Y 743 -23.41 -48.16 -30.54
C ASN Y 743 -24.11 -49.38 -31.09
N GLU Y 744 -25.03 -49.17 -32.04
CA GLU Y 744 -25.78 -50.30 -32.59
C GLU Y 744 -24.86 -51.26 -33.33
N PHE Y 745 -23.94 -50.72 -34.15
CA PHE Y 745 -23.04 -51.59 -34.89
C PHE Y 745 -22.08 -52.30 -33.96
N TYR Y 746 -21.62 -51.62 -32.91
CA TYR Y 746 -20.75 -52.25 -31.93
C TYR Y 746 -21.47 -53.41 -31.23
N ALA Y 747 -22.72 -53.20 -30.86
CA ALA Y 747 -23.50 -54.27 -30.26
C ALA Y 747 -23.70 -55.42 -31.23
N TYR Y 748 -23.95 -55.11 -32.50
CA TYR Y 748 -24.11 -56.17 -33.50
C TYR Y 748 -22.84 -57.00 -33.61
N LEU Y 749 -21.69 -56.33 -33.66
CA LEU Y 749 -20.43 -57.05 -33.74
C LEU Y 749 -20.22 -57.94 -32.52
N ARG Y 750 -20.52 -57.40 -31.33
CA ARG Y 750 -20.44 -58.23 -30.13
C ARG Y 750 -21.38 -59.42 -30.21
N LYS Y 751 -22.54 -59.24 -30.86
CA LYS Y 751 -23.52 -60.30 -30.96
C LYS Y 751 -23.02 -61.43 -31.84
N HIS Y 752 -22.45 -61.10 -33.00
CA HIS Y 752 -22.11 -62.12 -33.99
C HIS Y 752 -20.63 -62.13 -34.36
N PHE Y 753 -19.77 -61.57 -33.51
CA PHE Y 753 -18.32 -61.66 -33.76
C PHE Y 753 -17.60 -61.45 -32.43
N SER Y 754 -16.98 -62.50 -31.93
CA SER Y 754 -16.23 -62.45 -30.68
C SER Y 754 -14.75 -62.66 -30.98
N MET Y 755 -13.92 -61.75 -30.48
CA MET Y 755 -12.50 -61.78 -30.72
C MET Y 755 -11.75 -61.83 -29.40
N MET Y 756 -10.70 -62.64 -29.35
CA MET Y 756 -9.76 -62.65 -28.24
C MET Y 756 -8.40 -62.27 -28.78
N ILE Y 757 -7.86 -61.16 -28.29
CA ILE Y 757 -6.80 -60.45 -28.98
C ILE Y 757 -5.54 -60.41 -28.14
N LEU Y 758 -4.46 -60.96 -28.68
CA LEU Y 758 -3.12 -60.65 -28.22
C LEU Y 758 -2.39 -59.86 -29.29
N SER Y 759 -1.14 -59.51 -29.02
CA SER Y 759 -0.36 -58.76 -30.00
C SER Y 759 -0.22 -59.58 -31.27
N ASP Y 760 -0.87 -59.10 -32.33
CA ASP Y 760 -0.92 -59.69 -33.67
C ASP Y 760 -1.28 -61.18 -33.66
N ASP Y 761 -1.93 -61.63 -32.61
CA ASP Y 761 -2.40 -63.01 -32.54
C ASP Y 761 -3.81 -63.01 -31.96
N ALA Y 762 -4.73 -63.67 -32.64
CA ALA Y 762 -6.13 -63.60 -32.25
C ALA Y 762 -6.86 -64.87 -32.63
N VAL Y 763 -7.95 -65.13 -31.92
CA VAL Y 763 -8.83 -66.27 -32.17
C VAL Y 763 -10.26 -65.75 -32.19
N VAL Y 764 -11.05 -66.20 -33.16
CA VAL Y 764 -12.36 -65.63 -33.45
C VAL Y 764 -13.41 -66.71 -33.36
N CYS Y 765 -14.50 -66.41 -32.65
CA CYS Y 765 -15.70 -67.23 -32.64
C CYS Y 765 -16.85 -66.46 -33.26
N PHE Y 766 -17.34 -66.95 -34.39
CA PHE Y 766 -18.30 -66.21 -35.20
C PHE Y 766 -19.45 -67.13 -35.60
N ASN Y 767 -20.64 -66.54 -35.69
CA ASN Y 767 -21.81 -67.29 -36.17
C ASN Y 767 -21.59 -67.72 -37.60
N SER Y 768 -21.94 -68.98 -37.90
CA SER Y 768 -21.60 -69.53 -39.20
C SER Y 768 -22.68 -69.34 -40.25
N THR Y 769 -23.95 -69.39 -39.86
CA THR Y 769 -25.02 -69.20 -40.85
C THR Y 769 -24.96 -67.79 -41.43
N TYR Y 770 -24.60 -66.80 -40.61
CA TYR Y 770 -24.40 -65.45 -41.13
C TYR Y 770 -23.28 -65.43 -42.15
N ALA Y 771 -22.14 -66.05 -41.81
CA ALA Y 771 -21.01 -66.07 -42.72
C ALA Y 771 -21.30 -66.83 -44.00
N SER Y 772 -22.28 -67.73 -43.98
CA SER Y 772 -22.66 -68.45 -45.19
C SER Y 772 -23.19 -67.48 -46.24
N GLN Y 773 -23.98 -66.50 -45.81
CA GLN Y 773 -24.50 -65.48 -46.72
C GLN Y 773 -23.57 -64.30 -46.90
N GLY Y 774 -22.39 -64.33 -46.29
CA GLY Y 774 -21.47 -63.22 -46.39
C GLY Y 774 -21.97 -61.96 -45.71
N LEU Y 775 -22.49 -62.09 -44.49
CA LEU Y 775 -22.90 -60.94 -43.70
C LEU Y 775 -21.95 -60.65 -42.55
N VAL Y 776 -20.91 -61.46 -42.36
CA VAL Y 776 -19.83 -61.16 -41.45
C VAL Y 776 -18.51 -61.55 -42.10
N ALA Y 777 -17.43 -61.48 -41.35
CA ALA Y 777 -16.09 -61.72 -41.88
C ALA Y 777 -15.94 -63.16 -42.37
N SER Y 778 -14.91 -63.37 -43.17
CA SER Y 778 -14.50 -64.68 -43.63
C SER Y 778 -13.07 -64.56 -44.14
N ILE Y 779 -12.43 -65.71 -44.35
CA ILE Y 779 -10.99 -65.70 -44.66
C ILE Y 779 -10.71 -65.00 -45.99
N LYS Y 780 -11.60 -65.16 -46.97
CA LYS Y 780 -11.39 -64.48 -48.24
C LYS Y 780 -11.43 -62.97 -48.07
N ASN Y 781 -12.30 -62.47 -47.19
CA ASN Y 781 -12.31 -61.05 -46.89
C ASN Y 781 -11.00 -60.59 -46.30
N PHE Y 782 -10.42 -61.39 -45.39
CA PHE Y 782 -9.14 -61.02 -44.81
C PHE Y 782 -8.05 -60.99 -45.87
N LYS Y 783 -8.07 -61.97 -46.78
CA LYS Y 783 -7.09 -61.96 -47.85
C LYS Y 783 -7.18 -60.69 -48.68
N SER Y 784 -8.39 -60.29 -49.04
CA SER Y 784 -8.55 -59.07 -49.85
C SER Y 784 -8.12 -57.82 -49.08
N VAL Y 785 -8.52 -57.72 -47.81
CA VAL Y 785 -8.16 -56.54 -47.02
C VAL Y 785 -6.65 -56.43 -46.90
N LEU Y 786 -5.98 -57.54 -46.61
CA LEU Y 786 -4.54 -57.49 -46.52
C LEU Y 786 -3.92 -57.13 -47.85
N TYR Y 787 -4.46 -57.67 -48.95
CA TYR Y 787 -3.84 -57.41 -50.25
C TYR Y 787 -3.91 -55.94 -50.63
N TYR Y 788 -5.02 -55.27 -50.32
CA TYR Y 788 -5.11 -53.87 -50.72
C TYR Y 788 -4.71 -52.89 -49.63
N GLN Y 789 -4.46 -53.32 -48.40
CA GLN Y 789 -4.14 -52.38 -47.34
C GLN Y 789 -2.79 -52.61 -46.71
N ASN Y 790 -2.14 -53.74 -46.93
CA ASN Y 790 -0.81 -53.97 -46.39
C ASN Y 790 0.20 -54.43 -47.43
N ASN Y 791 -0.19 -54.59 -48.69
CA ASN Y 791 0.72 -54.98 -49.76
C ASN Y 791 1.36 -56.34 -49.48
N VAL Y 792 0.62 -57.25 -48.87
CA VAL Y 792 1.10 -58.60 -48.62
C VAL Y 792 -0.01 -59.58 -48.95
N PHE Y 793 0.36 -60.72 -49.52
CA PHE Y 793 -0.58 -61.74 -49.94
C PHE Y 793 -0.57 -62.87 -48.91
N MET Y 794 -1.56 -62.87 -48.04
CA MET Y 794 -1.67 -63.88 -46.99
C MET Y 794 -2.30 -65.14 -47.58
N SER Y 795 -1.47 -66.15 -47.85
CA SER Y 795 -1.98 -67.40 -48.41
C SER Y 795 -2.87 -68.10 -47.40
N GLU Y 796 -4.00 -68.63 -47.87
CA GLU Y 796 -5.00 -69.19 -46.97
C GLU Y 796 -4.58 -70.53 -46.37
N ALA Y 797 -3.52 -71.15 -46.89
CA ALA Y 797 -3.05 -72.40 -46.30
C ALA Y 797 -2.51 -72.22 -44.89
N LYS Y 798 -2.25 -70.99 -44.47
CA LYS Y 798 -1.70 -70.72 -43.15
C LYS Y 798 -2.80 -70.65 -42.08
N CYS Y 799 -4.00 -70.22 -42.46
CA CYS Y 799 -5.08 -70.10 -41.49
C CYS Y 799 -5.60 -71.50 -41.12
N TRP Y 800 -6.36 -71.54 -40.03
CA TRP Y 800 -7.06 -72.75 -39.62
C TRP Y 800 -8.49 -72.38 -39.26
N THR Y 801 -9.42 -73.26 -39.60
CA THR Y 801 -10.82 -73.06 -39.30
C THR Y 801 -11.37 -74.30 -38.63
N GLU Y 802 -12.02 -74.11 -37.48
CA GLU Y 802 -12.53 -75.22 -36.70
C GLU Y 802 -14.05 -75.10 -36.57
N THR Y 803 -14.74 -76.21 -36.80
CA THR Y 803 -16.18 -76.28 -36.67
C THR Y 803 -16.61 -76.76 -35.28
N ASP Y 804 -15.85 -77.67 -34.69
CA ASP Y 804 -16.13 -78.17 -33.36
C ASP Y 804 -15.82 -77.11 -32.32
N LEU Y 805 -16.47 -77.25 -31.15
CA LEU Y 805 -16.12 -76.45 -29.99
C LEU Y 805 -15.73 -77.26 -28.76
N THR Y 806 -15.84 -78.59 -28.80
CA THR Y 806 -15.33 -79.41 -27.71
C THR Y 806 -13.83 -79.20 -27.60
N LYS Y 807 -13.09 -79.60 -28.63
CA LYS Y 807 -11.69 -79.24 -28.69
C LYS Y 807 -11.57 -77.74 -28.88
N GLY Y 808 -10.52 -77.16 -28.31
CA GLY Y 808 -10.36 -75.73 -28.32
C GLY Y 808 -9.73 -75.22 -29.60
N PRO Y 809 -9.19 -74.02 -29.55
CA PRO Y 809 -8.50 -73.47 -30.72
C PRO Y 809 -7.33 -74.36 -31.12
N HIS Y 810 -7.14 -74.51 -32.42
CA HIS Y 810 -6.10 -75.42 -32.91
C HIS Y 810 -4.72 -75.01 -32.41
N GLU Y 811 -4.50 -73.71 -32.22
CA GLU Y 811 -3.21 -73.20 -31.74
C GLU Y 811 -3.31 -71.72 -31.40
N PHE Y 812 -2.72 -71.31 -30.29
CA PHE Y 812 -2.76 -69.90 -29.91
C PHE Y 812 -1.67 -69.66 -28.88
N CYS Y 813 -0.75 -68.75 -29.18
CA CYS Y 813 0.46 -68.54 -28.37
C CYS Y 813 1.28 -69.81 -28.26
N SER Y 814 1.35 -70.57 -29.35
CA SER Y 814 2.12 -71.81 -29.41
C SER Y 814 1.66 -72.83 -28.38
N GLN Y 815 0.37 -72.81 -28.04
CA GLN Y 815 -0.22 -73.78 -27.14
C GLN Y 815 -1.37 -74.49 -27.83
N HIS Y 816 -1.39 -75.82 -27.71
CA HIS Y 816 -2.48 -76.63 -28.20
C HIS Y 816 -3.43 -76.89 -27.04
N THR Y 817 -4.71 -76.66 -27.28
CA THR Y 817 -5.70 -76.75 -26.20
C THR Y 817 -6.33 -78.14 -26.18
N MET Y 818 -6.39 -78.74 -25.00
CA MET Y 818 -6.96 -80.06 -24.80
C MET Y 818 -8.01 -79.99 -23.69
N LEU Y 819 -9.04 -80.81 -23.81
CA LEU Y 819 -10.13 -80.85 -22.84
C LEU Y 819 -10.09 -82.19 -22.11
N VAL Y 820 -9.80 -82.15 -20.81
CA VAL Y 820 -9.70 -83.35 -20.00
C VAL Y 820 -10.48 -83.15 -18.71
N LYS Y 821 -10.71 -84.25 -18.00
CA LYS Y 821 -11.47 -84.24 -16.76
C LYS Y 821 -10.54 -83.95 -15.60
N GLN Y 822 -10.78 -82.82 -14.93
CA GLN Y 822 -10.10 -82.47 -13.70
C GLN Y 822 -11.12 -82.33 -12.58
N GLY Y 823 -10.79 -82.90 -11.42
CA GLY Y 823 -11.70 -82.84 -10.29
C GLY Y 823 -13.01 -83.54 -10.57
N ASP Y 824 -14.08 -82.76 -10.72
CA ASP Y 824 -15.41 -83.32 -10.93
C ASP Y 824 -16.01 -82.98 -12.29
N ASP Y 825 -15.32 -82.24 -13.13
CA ASP Y 825 -15.89 -81.79 -14.40
C ASP Y 825 -14.78 -81.71 -15.45
N TYR Y 826 -15.11 -81.11 -16.59
CA TYR Y 826 -14.19 -80.99 -17.71
C TYR Y 826 -13.68 -79.56 -17.82
N VAL Y 827 -12.37 -79.41 -17.99
CA VAL Y 827 -11.73 -78.12 -18.15
C VAL Y 827 -10.73 -78.20 -19.30
N TYR Y 828 -10.36 -77.02 -19.81
CA TYR Y 828 -9.41 -76.90 -20.89
C TYR Y 828 -8.01 -76.64 -20.32
N LEU Y 829 -7.03 -77.35 -20.86
CA LEU Y 829 -5.65 -77.18 -20.42
C LEU Y 829 -4.74 -76.90 -21.60
N PRO Y 830 -3.83 -75.95 -21.46
CA PRO Y 830 -2.88 -75.66 -22.54
C PRO Y 830 -1.65 -76.54 -22.49
N TYR Y 831 -1.44 -77.34 -23.51
CA TYR Y 831 -0.24 -78.15 -23.44
C TYR Y 831 0.71 -77.79 -24.58
N PRO Y 832 2.01 -77.74 -24.30
CA PRO Y 832 2.97 -77.30 -25.31
C PRO Y 832 3.46 -78.45 -26.17
N ASP Y 833 4.10 -78.07 -27.28
CA ASP Y 833 4.71 -79.06 -28.15
C ASP Y 833 5.89 -79.71 -27.42
N PRO Y 834 6.05 -81.02 -27.55
CA PRO Y 834 7.10 -81.72 -26.77
C PRO Y 834 8.50 -81.46 -27.29
N SER Y 835 8.62 -81.36 -28.62
CA SER Y 835 9.94 -81.28 -29.24
C SER Y 835 10.70 -80.04 -28.76
N ARG Y 836 9.98 -78.92 -28.61
CA ARG Y 836 10.63 -77.71 -28.10
C ARG Y 836 11.16 -77.93 -26.68
N ILE Y 837 10.37 -78.61 -25.84
CA ILE Y 837 10.82 -78.88 -24.48
C ILE Y 837 12.08 -79.75 -24.49
N LEU Y 838 12.08 -80.80 -25.31
CA LEU Y 838 13.25 -81.68 -25.37
C LEU Y 838 14.48 -80.92 -25.89
N GLY Y 839 14.30 -80.09 -26.90
CA GLY Y 839 15.41 -79.31 -27.40
C GLY Y 839 15.95 -78.35 -26.37
N ALA Y 840 15.05 -77.74 -25.60
CA ALA Y 840 15.48 -76.88 -24.50
C ALA Y 840 16.27 -77.65 -23.47
N GLY Y 841 15.85 -78.90 -23.19
CA GLY Y 841 16.58 -79.71 -22.24
C GLY Y 841 17.97 -80.07 -22.72
N CYS Y 842 18.10 -80.39 -24.01
CA CYS Y 842 19.38 -80.87 -24.53
C CYS Y 842 20.36 -79.74 -24.79
N PHE Y 843 20.01 -78.80 -25.66
CA PHE Y 843 20.94 -77.73 -26.04
C PHE Y 843 20.74 -76.50 -25.18
N VAL Y 844 21.83 -76.01 -24.61
CA VAL Y 844 21.81 -74.81 -23.79
C VAL Y 844 23.07 -74.00 -24.06
N ASP Y 845 23.24 -72.90 -23.33
CA ASP Y 845 24.49 -72.15 -23.36
C ASP Y 845 25.50 -72.86 -22.47
N ASP Y 846 26.65 -72.25 -22.19
CA ASP Y 846 27.65 -72.89 -21.35
C ASP Y 846 27.35 -72.65 -19.87
N ILE Y 847 27.73 -73.64 -19.05
CA ILE Y 847 27.65 -73.66 -17.60
C ILE Y 847 26.25 -73.34 -17.06
N VAL Y 848 25.44 -72.63 -17.85
CA VAL Y 848 24.07 -72.36 -17.44
C VAL Y 848 23.33 -73.67 -17.23
N LYS Y 849 23.52 -74.62 -18.15
CA LYS Y 849 23.04 -75.97 -17.91
C LYS Y 849 24.03 -77.02 -18.41
N THR Y 850 25.31 -76.68 -18.57
CA THR Y 850 26.28 -77.69 -18.97
C THR Y 850 26.42 -78.76 -17.90
N ASP Y 851 26.10 -78.41 -16.65
CA ASP Y 851 25.99 -79.39 -15.57
C ASP Y 851 24.84 -78.94 -14.68
N GLY Y 852 23.70 -79.62 -14.78
CA GLY Y 852 22.50 -79.20 -14.09
C GLY Y 852 22.61 -79.25 -12.58
N THR Y 853 23.63 -79.93 -12.04
CA THR Y 853 23.77 -80.03 -10.60
C THR Y 853 23.90 -78.66 -9.95
N LEU Y 854 24.55 -77.72 -10.64
CA LEU Y 854 24.71 -76.38 -10.09
C LEU Y 854 23.37 -75.67 -9.95
N MET Y 855 22.52 -75.75 -10.97
CA MET Y 855 21.23 -75.06 -10.97
C MET Y 855 20.17 -76.07 -11.40
N ILE Y 856 19.29 -76.42 -10.48
CA ILE Y 856 18.25 -77.41 -10.75
C ILE Y 856 16.92 -76.75 -11.06
N GLU Y 857 16.75 -75.48 -10.66
CA GLU Y 857 15.47 -74.81 -10.84
C GLU Y 857 15.09 -74.72 -12.31
N ARG Y 858 16.06 -74.88 -13.21
CA ARG Y 858 15.76 -74.98 -14.64
C ARG Y 858 14.85 -76.16 -14.94
N PHE Y 859 15.23 -77.34 -14.44
CA PHE Y 859 14.43 -78.53 -14.73
C PHE Y 859 13.12 -78.52 -13.96
N VAL Y 860 13.08 -77.82 -12.83
CA VAL Y 860 11.81 -77.61 -12.14
C VAL Y 860 10.88 -76.79 -13.01
N SER Y 861 11.38 -75.67 -13.55
CA SER Y 861 10.53 -74.79 -14.33
C SER Y 861 10.12 -75.42 -15.65
N LEU Y 862 11.02 -76.19 -16.26
CA LEU Y 862 10.67 -76.90 -17.49
C LEU Y 862 9.56 -77.92 -17.23
N ALA Y 863 9.63 -78.63 -16.10
CA ALA Y 863 8.64 -79.65 -15.82
C ALA Y 863 7.26 -79.05 -15.58
N ILE Y 864 7.21 -77.84 -15.01
CA ILE Y 864 5.92 -77.21 -14.75
C ILE Y 864 5.13 -77.05 -16.03
N ASP Y 865 5.79 -76.61 -17.10
CA ASP Y 865 5.15 -76.44 -18.39
C ASP Y 865 4.94 -77.75 -19.13
N ALA Y 866 5.56 -78.83 -18.69
CA ALA Y 866 5.40 -80.12 -19.35
C ALA Y 866 4.35 -81.01 -18.69
N TYR Y 867 3.81 -80.61 -17.54
CA TYR Y 867 2.85 -81.45 -16.83
C TYR Y 867 1.59 -81.75 -17.64
N PRO Y 868 0.94 -80.79 -18.31
CA PRO Y 868 -0.28 -81.13 -19.05
C PRO Y 868 -0.07 -82.17 -20.13
N LEU Y 869 1.16 -82.57 -20.41
CA LEU Y 869 1.39 -83.67 -21.33
C LEU Y 869 0.95 -85.02 -20.77
N THR Y 870 0.67 -85.11 -19.48
CA THR Y 870 0.26 -86.38 -18.88
C THR Y 870 -1.09 -86.83 -19.41
N LYS Y 871 -2.07 -85.92 -19.45
CA LYS Y 871 -3.43 -86.30 -19.80
C LYS Y 871 -3.58 -86.59 -21.29
N HIS Y 872 -2.49 -86.57 -22.02
CA HIS Y 872 -2.63 -86.76 -23.46
C HIS Y 872 -2.96 -88.22 -23.78
N PRO Y 873 -3.86 -88.45 -24.74
CA PRO Y 873 -4.21 -89.84 -25.12
C PRO Y 873 -3.00 -90.64 -25.55
N ASN Y 874 -2.22 -90.10 -26.47
CA ASN Y 874 -0.93 -90.72 -26.78
C ASN Y 874 -0.03 -90.64 -25.55
N GLN Y 875 0.72 -91.73 -25.31
CA GLN Y 875 1.43 -91.90 -24.06
C GLN Y 875 2.88 -91.41 -24.08
N GLU Y 876 3.40 -91.04 -25.25
CA GLU Y 876 4.79 -90.57 -25.30
C GLU Y 876 5.01 -89.34 -24.45
N TYR Y 877 4.03 -88.45 -24.42
CA TYR Y 877 4.20 -87.19 -23.71
C TYR Y 877 4.22 -87.41 -22.19
N ALA Y 878 3.40 -88.33 -21.70
CA ALA Y 878 3.52 -88.73 -20.31
C ALA Y 878 4.89 -89.33 -20.03
N ASP Y 879 5.44 -90.05 -21.00
CA ASP Y 879 6.80 -90.58 -20.83
C ASP Y 879 7.81 -89.46 -20.69
N VAL Y 880 7.64 -88.38 -21.47
CA VAL Y 880 8.53 -87.24 -21.34
C VAL Y 880 8.43 -86.64 -19.94
N PHE Y 881 7.20 -86.47 -19.45
CA PHE Y 881 7.02 -85.90 -18.12
C PHE Y 881 7.68 -86.77 -17.06
N HIS Y 882 7.47 -88.08 -17.16
CA HIS Y 882 8.09 -89.00 -16.20
C HIS Y 882 9.60 -88.97 -16.29
N LEU Y 883 10.15 -88.86 -17.49
CA LEU Y 883 11.60 -88.76 -17.64
C LEU Y 883 12.13 -87.52 -16.94
N TYR Y 884 11.39 -86.41 -17.06
CA TYR Y 884 11.80 -85.19 -16.37
C TYR Y 884 11.80 -85.39 -14.87
N LEU Y 885 10.77 -86.04 -14.34
CA LEU Y 885 10.73 -86.29 -12.89
C LEU Y 885 11.89 -87.18 -12.46
N GLN Y 886 12.16 -88.23 -13.23
CA GLN Y 886 13.27 -89.12 -12.90
C GLN Y 886 14.59 -88.38 -12.90
N TYR Y 887 14.79 -87.52 -13.89
CA TYR Y 887 16.04 -86.78 -13.98
C TYR Y 887 16.18 -85.79 -12.83
N ILE Y 888 15.10 -85.13 -12.45
CA ILE Y 888 15.15 -84.23 -11.30
C ILE Y 888 15.53 -85.00 -10.05
N ARG Y 889 14.92 -86.16 -9.84
CA ARG Y 889 15.24 -86.97 -8.67
C ARG Y 889 16.72 -87.37 -8.68
N LYS Y 890 17.20 -87.85 -9.83
CA LYS Y 890 18.58 -88.29 -9.91
C LYS Y 890 19.55 -87.13 -9.64
N LEU Y 891 19.29 -85.97 -10.24
CA LEU Y 891 20.14 -84.81 -10.03
C LEU Y 891 20.18 -84.45 -8.55
N HIS Y 892 19.02 -84.39 -7.91
CA HIS Y 892 18.98 -83.99 -6.52
C HIS Y 892 19.74 -84.98 -5.64
N ASP Y 893 19.52 -86.28 -5.85
CA ASP Y 893 20.18 -87.25 -4.97
C ASP Y 893 21.68 -87.28 -5.20
N GLU Y 894 22.12 -87.14 -6.45
CA GLU Y 894 23.56 -87.15 -6.69
C GLU Y 894 24.23 -85.88 -6.15
N LEU Y 895 23.53 -84.73 -6.20
CA LEU Y 895 24.06 -83.55 -5.54
C LEU Y 895 24.17 -83.76 -4.04
N THR Y 896 23.13 -84.36 -3.43
CA THR Y 896 23.17 -84.61 -2.00
C THR Y 896 24.33 -85.52 -1.64
N GLY Y 897 24.54 -86.57 -2.44
CA GLY Y 897 25.69 -87.43 -2.21
C GLY Y 897 27.01 -86.71 -2.35
N HIS Y 898 27.13 -85.89 -3.39
CA HIS Y 898 28.39 -85.18 -3.63
C HIS Y 898 28.73 -84.25 -2.47
N MET Y 899 27.73 -83.57 -1.92
CA MET Y 899 28.04 -82.62 -0.84
C MET Y 899 28.13 -83.32 0.51
N LEU Y 900 27.40 -84.43 0.71
CA LEU Y 900 27.49 -85.12 2.00
C LEU Y 900 28.76 -85.95 2.13
N ASP Y 901 29.28 -86.49 1.03
CA ASP Y 901 30.45 -87.36 1.10
C ASP Y 901 31.75 -86.57 1.15
N MET Y 902 32.06 -85.84 0.06
CA MET Y 902 33.34 -85.14 -0.01
C MET Y 902 33.33 -83.89 0.87
N TYR Y 903 32.20 -83.20 0.97
CA TYR Y 903 32.04 -82.23 2.03
C TYR Y 903 31.39 -82.93 3.22
N SER Y 904 30.97 -82.17 4.23
CA SER Y 904 30.58 -82.82 5.47
C SER Y 904 29.10 -82.73 5.79
N VAL Y 905 28.54 -81.53 5.84
CA VAL Y 905 27.19 -81.38 6.39
C VAL Y 905 26.25 -80.73 5.38
N MET Y 906 25.12 -81.39 5.13
CA MET Y 906 24.02 -80.77 4.40
C MET Y 906 22.68 -80.86 5.11
N LEU Y 907 22.38 -82.04 5.65
CA LEU Y 907 20.99 -82.49 5.80
C LEU Y 907 20.56 -82.53 7.25
N THR Y 908 19.46 -81.87 7.55
CA THR Y 908 18.67 -81.95 8.77
C THR Y 908 17.18 -82.11 8.47
N ASN Y 909 16.67 -81.44 7.44
CA ASN Y 909 15.31 -81.58 6.96
C ASN Y 909 15.32 -81.63 5.44
N ASP Y 910 14.49 -82.50 4.86
CA ASP Y 910 14.55 -82.71 3.43
C ASP Y 910 13.77 -81.63 2.67
N ASN Y 911 12.45 -81.61 2.82
CA ASN Y 911 11.59 -80.61 2.21
C ASN Y 911 11.69 -80.63 0.68
N THR Y 912 12.49 -81.56 0.14
CA THR Y 912 12.69 -81.65 -1.30
C THR Y 912 11.93 -82.80 -1.93
N SER Y 913 11.09 -83.50 -1.17
CA SER Y 913 10.29 -84.57 -1.76
C SER Y 913 9.36 -84.02 -2.83
N ARG Y 914 8.75 -82.87 -2.55
CA ARG Y 914 7.71 -82.29 -3.39
C ARG Y 914 8.12 -82.15 -4.85
N TYR Y 915 9.42 -82.13 -5.13
CA TYR Y 915 9.88 -81.91 -6.50
C TYR Y 915 9.94 -83.20 -7.31
N TRP Y 916 9.31 -84.27 -6.83
CA TRP Y 916 9.16 -85.44 -7.67
C TRP Y 916 7.81 -86.14 -7.48
N GLU Y 917 6.78 -85.40 -7.10
CA GLU Y 917 5.43 -85.98 -7.13
C GLU Y 917 4.49 -85.05 -7.89
N PRO Y 918 3.51 -85.59 -8.59
CA PRO Y 918 2.60 -84.74 -9.36
C PRO Y 918 1.70 -83.86 -8.50
N GLU Y 919 1.66 -84.12 -7.20
CA GLU Y 919 0.78 -83.35 -6.32
C GLU Y 919 1.15 -81.88 -6.31
N PHE Y 920 2.45 -81.57 -6.24
CA PHE Y 920 2.88 -80.17 -6.27
C PHE Y 920 2.58 -79.52 -7.61
N TYR Y 921 2.77 -80.26 -8.70
CA TYR Y 921 2.58 -79.67 -10.03
C TYR Y 921 1.12 -79.34 -10.28
N GLU Y 922 0.21 -80.28 -10.01
CA GLU Y 922 -1.18 -80.07 -10.41
C GLU Y 922 -1.83 -78.94 -9.64
N ALA Y 923 -1.20 -78.45 -8.58
CA ALA Y 923 -1.71 -77.28 -7.89
C ALA Y 923 -1.61 -76.03 -8.77
N MET Y 924 -0.86 -76.11 -9.86
CA MET Y 924 -0.70 -74.97 -10.76
C MET Y 924 -1.94 -74.73 -11.61
N TYR Y 925 -2.83 -75.72 -11.72
CA TYR Y 925 -4.01 -75.61 -12.56
C TYR Y 925 -5.30 -75.69 -11.76
N THR Y 926 -5.21 -75.77 -10.45
CA THR Y 926 -6.39 -75.83 -9.59
C THR Y 926 -7.00 -74.45 -9.48
N PRO Y 927 -8.27 -74.28 -9.81
CA PRO Y 927 -8.86 -72.93 -9.80
C PRO Y 927 -9.01 -72.34 -8.41
N HIS Y 928 -7.90 -72.19 -7.70
CA HIS Y 928 -7.89 -71.45 -6.44
C HIS Y 928 -6.45 -71.17 -6.05
N THR Y 929 -6.16 -69.92 -5.71
CA THR Y 929 -4.83 -69.52 -5.27
C THR Y 929 -4.91 -68.29 -4.37
N PHE Z 6 25.53 -53.22 26.13
CA PHE Z 6 24.84 -52.39 27.10
C PHE Z 6 25.51 -52.50 28.47
N SER Z 7 26.84 -52.59 28.47
CA SER Z 7 27.57 -52.79 29.72
C SER Z 7 27.83 -51.49 30.44
N SER Z 8 28.32 -50.47 29.73
CA SER Z 8 28.66 -49.19 30.36
C SER Z 8 27.45 -48.26 30.38
N LEU Z 9 26.42 -48.72 31.09
CA LEU Z 9 25.15 -47.99 31.18
C LEU Z 9 24.74 -47.86 32.63
N PRO Z 10 24.05 -46.77 32.98
CA PRO Z 10 23.57 -46.63 34.37
C PRO Z 10 22.64 -47.74 34.79
N SER Z 11 21.77 -48.21 33.89
CA SER Z 11 20.91 -49.33 34.22
C SER Z 11 21.71 -50.59 34.51
N TYR Z 12 22.76 -50.84 33.73
CA TYR Z 12 23.62 -52.00 33.97
C TYR Z 12 24.27 -51.93 35.34
N ALA Z 13 24.83 -50.77 35.70
CA ALA Z 13 25.49 -50.63 36.99
C ALA Z 13 24.51 -50.78 38.13
N ALA Z 14 23.33 -50.15 38.02
CA ALA Z 14 22.34 -50.26 39.08
C ALA Z 14 21.84 -51.69 39.22
N PHE Z 15 21.67 -52.39 38.10
CA PHE Z 15 21.29 -53.80 38.17
C PHE Z 15 22.38 -54.64 38.81
N ALA Z 16 23.65 -54.34 38.53
CA ALA Z 16 24.74 -55.07 39.16
C ALA Z 16 24.73 -54.88 40.68
N THR Z 17 24.54 -53.63 41.13
CA THR Z 17 24.46 -53.40 42.57
C THR Z 17 23.24 -54.07 43.18
N ALA Z 18 22.10 -54.05 42.47
CA ALA Z 18 20.91 -54.73 42.97
C ALA Z 18 21.14 -56.22 43.09
N GLN Z 19 21.83 -56.83 42.12
CA GLN Z 19 22.14 -58.25 42.20
C GLN Z 19 23.09 -58.54 43.34
N GLU Z 20 24.07 -57.67 43.56
CA GLU Z 20 24.99 -57.86 44.69
C GLU Z 20 24.23 -57.84 46.02
N ALA Z 21 23.36 -56.85 46.20
CA ALA Z 21 22.57 -56.79 47.42
C ALA Z 21 21.64 -58.00 47.53
N TYR Z 22 21.06 -58.44 46.42
CA TYR Z 22 20.14 -59.57 46.44
C TYR Z 22 20.86 -60.85 46.85
N GLU Z 23 22.02 -61.12 46.25
CA GLU Z 23 22.76 -62.33 46.64
C GLU Z 23 23.26 -62.23 48.07
N GLN Z 24 23.67 -61.03 48.51
CA GLN Z 24 24.14 -60.88 49.89
C GLN Z 24 23.02 -61.17 50.89
N ALA Z 25 21.83 -60.62 50.64
CA ALA Z 25 20.71 -60.84 51.55
C ALA Z 25 20.12 -62.24 51.43
N VAL Z 26 20.25 -62.88 50.27
CA VAL Z 26 19.84 -64.27 50.15
C VAL Z 26 20.78 -65.18 50.93
N ALA Z 27 22.08 -64.90 50.86
CA ALA Z 27 23.03 -65.61 51.70
C ALA Z 27 22.77 -65.37 53.18
N ASN Z 28 22.42 -64.13 53.55
CA ASN Z 28 22.00 -63.87 54.92
C ASN Z 28 20.73 -64.60 55.27
N GLY Z 29 19.74 -64.59 54.36
CA GLY Z 29 18.49 -65.30 54.57
C GLY Z 29 17.74 -64.85 55.80
N ASP Z 30 17.62 -63.54 55.99
CA ASP Z 30 17.03 -62.99 57.21
C ASP Z 30 15.50 -63.05 57.17
N SER Z 31 14.89 -62.35 56.21
CA SER Z 31 13.45 -62.19 56.22
C SER Z 31 12.84 -62.48 54.85
N GLU Z 32 11.58 -62.94 54.88
CA GLU Z 32 10.83 -63.10 53.64
C GLU Z 32 10.52 -61.76 53.00
N VAL Z 33 10.20 -60.75 53.80
CA VAL Z 33 9.98 -59.42 53.26
C VAL Z 33 11.27 -58.86 52.67
N VAL Z 34 12.42 -59.19 53.27
CA VAL Z 34 13.70 -58.78 52.68
C VAL Z 34 13.88 -59.42 51.31
N LEU Z 35 13.54 -60.71 51.19
CA LEU Z 35 13.62 -61.37 49.89
C LEU Z 35 12.66 -60.75 48.88
N LYS Z 36 11.47 -60.36 49.34
CA LYS Z 36 10.55 -59.66 48.45
C LYS Z 36 11.12 -58.31 48.01
N LYS Z 37 11.81 -57.62 48.90
CA LYS Z 37 12.49 -56.38 48.53
C LYS Z 37 13.58 -56.63 47.50
N LEU Z 38 14.32 -57.72 47.66
CA LEU Z 38 15.33 -58.10 46.66
C LEU Z 38 14.67 -58.36 45.31
N LYS Z 39 13.54 -59.07 45.33
CA LYS Z 39 12.83 -59.37 44.09
C LYS Z 39 12.31 -58.10 43.43
N LYS Z 40 11.80 -57.16 44.23
CA LYS Z 40 11.32 -55.90 43.67
C LYS Z 40 12.47 -55.07 43.10
N SER Z 41 13.61 -55.05 43.79
CA SER Z 41 14.77 -54.35 43.26
C SER Z 41 15.25 -55.00 41.97
N LEU Z 42 15.22 -56.34 41.91
CA LEU Z 42 15.53 -57.05 40.68
C LEU Z 42 14.57 -56.69 39.56
N ASN Z 43 13.32 -56.55 39.92
CA ASN Z 43 12.35 -56.29 38.90
C ASN Z 43 12.41 -54.87 38.36
N VAL Z 44 12.70 -53.87 39.20
CA VAL Z 44 12.92 -52.52 38.69
C VAL Z 44 14.25 -52.42 37.95
N ALA Z 45 15.26 -53.15 38.39
CA ALA Z 45 16.52 -53.17 37.65
C ALA Z 45 16.33 -53.75 36.26
N LYS Z 46 15.55 -54.83 36.15
CA LYS Z 46 15.22 -55.38 34.84
C LYS Z 46 14.41 -54.40 34.01
N SER Z 47 13.53 -53.68 34.69
CA SER Z 47 12.69 -52.74 34.01
C SER Z 47 13.54 -51.65 33.34
N GLU Z 48 14.44 -51.06 34.09
CA GLU Z 48 15.28 -49.99 33.58
C GLU Z 48 16.31 -50.53 32.59
N PHE Z 49 16.82 -51.73 32.84
CA PHE Z 49 17.80 -52.34 31.95
C PHE Z 49 17.16 -52.73 30.62
N ASP Z 50 15.84 -52.89 30.60
CA ASP Z 50 15.09 -53.31 29.42
C ASP Z 50 15.19 -52.29 28.30
N ARG Z 51 14.61 -51.10 28.53
CA ARG Z 51 14.65 -50.06 27.51
C ARG Z 51 16.07 -49.65 27.19
N ASP Z 52 17.00 -49.86 28.14
CA ASP Z 52 18.41 -49.63 27.88
C ASP Z 52 19.00 -50.71 26.98
N ALA Z 53 18.30 -51.81 26.77
CA ALA Z 53 18.78 -52.93 25.97
C ALA Z 53 17.89 -53.18 24.75
N ALA Z 54 16.99 -52.23 24.46
CA ALA Z 54 16.18 -52.34 23.26
C ALA Z 54 16.22 -51.06 22.44
N MET Z 55 16.15 -49.91 23.11
CA MET Z 55 16.10 -48.63 22.40
C MET Z 55 17.45 -48.30 21.79
N GLN Z 56 18.54 -48.60 22.49
CA GLN Z 56 19.86 -48.29 21.96
C GLN Z 56 20.13 -49.08 20.69
N ARG Z 57 19.71 -50.35 20.64
CA ARG Z 57 19.87 -51.13 19.42
C ARG Z 57 18.99 -50.61 18.29
N LYS Z 58 17.80 -50.12 18.62
CA LYS Z 58 16.95 -49.50 17.60
C LYS Z 58 17.64 -48.28 17.00
N LEU Z 59 18.21 -47.43 17.86
CA LEU Z 59 18.96 -46.28 17.36
C LEU Z 59 20.16 -46.72 16.54
N GLU Z 60 20.85 -47.78 16.98
CA GLU Z 60 21.98 -48.31 16.22
C GLU Z 60 21.55 -48.71 14.82
N LYS Z 61 20.45 -49.46 14.73
CA LYS Z 61 20.00 -49.96 13.44
C LYS Z 61 19.59 -48.82 12.51
N MET Z 62 18.81 -47.86 13.03
CA MET Z 62 18.36 -46.77 12.16
C MET Z 62 19.54 -45.91 11.72
N ALA Z 63 20.48 -45.63 12.63
CA ALA Z 63 21.67 -44.88 12.27
C ALA Z 63 22.49 -45.61 11.22
N ASP Z 64 22.67 -46.91 11.39
CA ASP Z 64 23.48 -47.68 10.45
C ASP Z 64 22.84 -47.71 9.06
N GLN Z 65 21.52 -47.94 9.00
CA GLN Z 65 20.88 -48.00 7.69
C GLN Z 65 20.88 -46.63 7.03
N ALA Z 66 20.68 -45.56 7.80
CA ALA Z 66 20.78 -44.21 7.24
C ALA Z 66 22.18 -43.92 6.70
N MET Z 67 23.20 -44.31 7.45
CA MET Z 67 24.58 -44.06 7.03
C MET Z 67 24.93 -44.84 5.77
N THR Z 68 24.47 -46.10 5.66
CA THR Z 68 24.67 -46.82 4.41
C THR Z 68 23.96 -46.11 3.26
N GLN Z 69 22.73 -45.63 3.51
CA GLN Z 69 21.98 -44.94 2.48
C GLN Z 69 22.72 -43.70 1.99
N MET Z 70 23.26 -42.91 2.91
CA MET Z 70 23.87 -41.66 2.49
C MET Z 70 25.27 -41.87 1.91
N TYR Z 71 25.96 -42.96 2.30
CA TYR Z 71 27.14 -43.38 1.55
C TYR Z 71 26.79 -43.72 0.11
N LYS Z 72 25.70 -44.46 -0.09
CA LYS Z 72 25.26 -44.75 -1.45
C LYS Z 72 24.94 -43.46 -2.21
N GLN Z 73 24.31 -42.51 -1.54
CA GLN Z 73 23.99 -41.24 -2.19
C GLN Z 73 25.27 -40.49 -2.60
N ALA Z 74 26.28 -40.49 -1.73
CA ALA Z 74 27.54 -39.86 -2.10
C ALA Z 74 28.17 -40.53 -3.31
N ARG Z 75 28.12 -41.87 -3.35
CA ARG Z 75 28.62 -42.58 -4.53
C ARG Z 75 27.87 -42.16 -5.78
N SER Z 76 26.55 -41.99 -5.66
CA SER Z 76 25.74 -41.56 -6.80
C SER Z 76 26.18 -40.19 -7.28
N GLU Z 77 26.43 -39.27 -6.36
CA GLU Z 77 26.90 -37.94 -6.74
C GLU Z 77 28.22 -38.02 -7.48
N ASP Z 78 29.14 -38.86 -6.99
CA ASP Z 78 30.45 -38.99 -7.65
C ASP Z 78 30.29 -39.51 -9.07
N LYS Z 79 29.45 -40.53 -9.25
CA LYS Z 79 29.24 -41.06 -10.59
C LYS Z 79 28.59 -40.04 -11.50
N ARG Z 80 27.67 -39.24 -10.97
CA ARG Z 80 27.06 -38.16 -11.76
C ARG Z 80 28.13 -37.19 -12.26
N ALA Z 81 29.04 -36.79 -11.37
CA ALA Z 81 30.09 -35.87 -11.77
C ALA Z 81 30.97 -36.51 -12.85
N LYS Z 82 31.29 -37.79 -12.70
CA LYS Z 82 32.12 -38.46 -13.70
C LYS Z 82 31.45 -38.47 -15.07
N VAL Z 83 30.15 -38.80 -15.10
CA VAL Z 83 29.48 -38.86 -16.39
C VAL Z 83 29.32 -37.47 -16.99
N THR Z 84 29.16 -36.43 -16.16
CA THR Z 84 29.10 -35.07 -16.68
C THR Z 84 30.41 -34.68 -17.34
N SER Z 85 31.53 -35.02 -16.69
CA SER Z 85 32.82 -34.73 -17.29
C SER Z 85 32.98 -35.47 -18.61
N ALA Z 86 32.54 -36.74 -18.66
CA ALA Z 86 32.63 -37.48 -19.90
C ALA Z 86 31.79 -36.82 -20.99
N MET Z 87 30.57 -36.41 -20.65
CA MET Z 87 29.73 -35.63 -21.56
C MET Z 87 30.50 -34.49 -22.19
N GLN Z 88 30.97 -33.56 -21.34
CA GLN Z 88 31.51 -32.33 -21.90
C GLN Z 88 32.81 -32.58 -22.66
N THR Z 89 33.66 -33.47 -22.16
CA THR Z 89 34.89 -33.75 -22.89
C THR Z 89 34.59 -34.40 -24.24
N MET Z 90 33.64 -35.33 -24.30
CA MET Z 90 33.29 -35.93 -25.59
C MET Z 90 32.77 -34.88 -26.55
N LEU Z 91 31.85 -34.03 -26.08
CA LEU Z 91 31.26 -33.03 -26.96
C LEU Z 91 32.31 -32.07 -27.49
N PHE Z 92 33.21 -31.59 -26.62
CA PHE Z 92 34.18 -30.61 -27.07
C PHE Z 92 35.23 -31.24 -27.98
N THR Z 93 35.56 -32.52 -27.77
CA THR Z 93 36.58 -33.11 -28.62
C THR Z 93 36.05 -33.57 -29.97
N MET Z 94 34.75 -33.86 -30.09
CA MET Z 94 34.28 -34.32 -31.39
C MET Z 94 34.15 -33.18 -32.39
N LEU Z 95 33.82 -31.98 -31.92
CA LEU Z 95 33.46 -30.90 -32.82
C LEU Z 95 34.66 -30.31 -33.55
N ARG Z 96 35.86 -30.52 -33.03
CA ARG Z 96 37.05 -29.86 -33.56
C ARG Z 96 37.59 -30.52 -34.82
N LYS Z 97 36.78 -31.31 -35.53
CA LYS Z 97 37.20 -31.96 -36.75
C LYS Z 97 36.19 -31.78 -37.87
N LEU Z 98 35.40 -30.71 -37.82
CA LEU Z 98 34.35 -30.52 -38.81
C LEU Z 98 34.32 -29.12 -39.40
N ASP Z 99 34.90 -28.15 -38.70
CA ASP Z 99 34.63 -26.75 -39.03
C ASP Z 99 35.33 -26.30 -40.31
N ASN Z 100 35.05 -27.00 -41.41
CA ASN Z 100 35.46 -26.50 -42.70
C ASN Z 100 34.67 -25.24 -43.03
N ASP Z 101 35.29 -24.31 -43.74
CA ASP Z 101 34.56 -23.12 -44.15
C ASP Z 101 33.51 -23.42 -45.21
N ALA Z 102 33.55 -24.60 -45.84
CA ALA Z 102 32.48 -24.98 -46.74
C ALA Z 102 31.16 -25.08 -46.00
N LEU Z 103 31.19 -25.51 -44.75
CA LEU Z 103 29.98 -25.55 -43.94
C LEU Z 103 29.42 -24.15 -43.73
N ASN Z 104 30.30 -23.19 -43.41
CA ASN Z 104 29.84 -21.80 -43.26
C ASN Z 104 29.30 -21.26 -44.58
N ASN Z 105 29.95 -21.60 -45.69
CA ASN Z 105 29.48 -21.23 -47.02
C ASN Z 105 28.04 -21.69 -47.24
N ILE Z 106 27.81 -23.00 -47.15
CA ILE Z 106 26.49 -23.53 -47.44
C ILE Z 106 25.45 -23.06 -46.42
N ILE Z 107 25.84 -22.83 -45.17
CA ILE Z 107 24.88 -22.31 -44.21
C ILE Z 107 24.49 -20.88 -44.57
N ASN Z 108 25.46 -20.07 -44.99
CA ASN Z 108 25.16 -18.70 -45.39
C ASN Z 108 24.25 -18.68 -46.61
N ASN Z 109 24.48 -19.58 -47.57
CA ASN Z 109 23.60 -19.62 -48.74
C ASN Z 109 22.16 -19.95 -48.38
N ALA Z 110 21.93 -20.61 -47.25
CA ALA Z 110 20.57 -20.97 -46.86
C ALA Z 110 19.79 -19.71 -46.49
N ARG Z 111 18.47 -19.80 -46.65
CA ARG Z 111 17.60 -18.65 -46.44
C ARG Z 111 17.61 -18.15 -45.00
N ASP Z 112 17.64 -19.03 -44.01
CA ASP Z 112 17.61 -18.57 -42.63
C ASP Z 112 18.66 -19.28 -41.80
N GLY Z 113 19.16 -20.40 -42.30
CA GLY Z 113 20.18 -21.16 -41.61
C GLY Z 113 19.85 -22.63 -41.51
N CYS Z 114 18.58 -22.94 -41.28
CA CYS Z 114 18.18 -24.33 -41.13
C CYS Z 114 18.31 -25.06 -42.47
N VAL Z 115 18.94 -26.23 -42.44
CA VAL Z 115 19.14 -27.05 -43.63
C VAL Z 115 18.93 -28.51 -43.28
N PRO Z 116 18.56 -29.32 -44.27
CA PRO Z 116 18.39 -30.76 -44.01
C PRO Z 116 19.71 -31.39 -43.59
N LEU Z 117 19.61 -32.34 -42.67
CA LEU Z 117 20.81 -33.00 -42.17
C LEU Z 117 21.44 -33.89 -43.23
N ASN Z 118 20.62 -34.46 -44.11
CA ASN Z 118 21.11 -35.46 -45.05
C ASN Z 118 22.02 -34.88 -46.12
N ILE Z 119 22.30 -33.58 -46.10
CA ILE Z 119 23.16 -32.96 -47.11
C ILE Z 119 24.51 -32.53 -46.55
N ILE Z 120 24.63 -32.34 -45.24
CA ILE Z 120 25.87 -31.85 -44.63
C ILE Z 120 27.03 -32.80 -44.93
N PRO Z 121 26.91 -34.10 -44.67
CA PRO Z 121 27.98 -35.01 -45.10
C PRO Z 121 27.98 -35.26 -46.59
N LEU Z 122 26.97 -34.77 -47.31
CA LEU Z 122 26.95 -34.95 -48.75
C LEU Z 122 27.71 -33.86 -49.49
N THR Z 123 28.10 -32.79 -48.79
CA THR Z 123 28.85 -31.70 -49.41
C THR Z 123 30.15 -31.38 -48.69
N THR Z 124 30.18 -31.40 -47.36
CA THR Z 124 31.36 -30.95 -46.63
C THR Z 124 32.28 -32.10 -46.24
N ALA Z 125 31.73 -33.32 -46.13
CA ALA Z 125 32.54 -34.46 -45.73
C ALA Z 125 33.67 -34.69 -46.71
N ALA Z 126 34.84 -35.05 -46.18
CA ALA Z 126 36.06 -35.14 -46.96
C ALA Z 126 36.41 -36.56 -47.38
N LYS Z 127 35.91 -37.58 -46.70
CA LYS Z 127 36.30 -38.95 -46.96
C LYS Z 127 35.08 -39.80 -47.25
N LEU Z 128 35.12 -40.56 -48.35
CA LEU Z 128 34.01 -41.39 -48.79
C LEU Z 128 34.40 -42.85 -48.72
N MET Z 129 33.54 -43.66 -48.09
CA MET Z 129 33.76 -45.10 -48.02
C MET Z 129 32.70 -45.82 -48.83
N VAL Z 130 33.13 -46.77 -49.65
CA VAL Z 130 32.24 -47.51 -50.55
C VAL Z 130 32.35 -48.99 -50.23
N VAL Z 131 31.21 -49.64 -50.00
CA VAL Z 131 31.16 -51.07 -49.75
C VAL Z 131 30.57 -51.73 -50.99
N ILE Z 132 31.29 -52.70 -51.54
CA ILE Z 132 30.94 -53.33 -52.81
C ILE Z 132 30.58 -54.78 -52.52
N PRO Z 133 29.40 -55.25 -52.92
CA PRO Z 133 29.05 -56.66 -52.69
C PRO Z 133 29.90 -57.63 -53.49
N ASP Z 134 30.04 -57.41 -54.79
CA ASP Z 134 30.71 -58.37 -55.65
C ASP Z 134 31.50 -57.63 -56.73
N TYR Z 135 32.16 -58.41 -57.58
CA TYR Z 135 33.03 -57.84 -58.60
C TYR Z 135 32.24 -57.08 -59.66
N ASN Z 136 31.08 -57.60 -60.04
CA ASN Z 136 30.29 -56.94 -61.08
C ASN Z 136 29.86 -55.55 -60.67
N THR Z 137 29.49 -55.36 -59.41
CA THR Z 137 29.16 -54.02 -58.92
C THR Z 137 30.39 -53.12 -58.97
N TYR Z 138 31.54 -53.64 -58.58
CA TYR Z 138 32.78 -52.86 -58.63
C TYR Z 138 33.13 -52.47 -60.06
N LYS Z 139 32.70 -53.28 -61.02
CA LYS Z 139 33.07 -53.06 -62.42
C LYS Z 139 32.61 -51.70 -62.93
N ASN Z 140 31.35 -51.34 -62.67
CA ASN Z 140 30.79 -50.11 -63.22
C ASN Z 140 30.48 -49.08 -62.15
N THR Z 141 31.19 -49.13 -61.03
CA THR Z 141 30.97 -48.14 -59.98
C THR Z 141 32.24 -47.33 -59.70
N CYS Z 142 33.36 -48.03 -59.46
CA CYS Z 142 34.60 -47.36 -59.11
C CYS Z 142 35.77 -47.81 -59.98
N ASP Z 143 35.54 -48.00 -61.27
CA ASP Z 143 36.63 -48.40 -62.16
C ASP Z 143 37.62 -47.26 -62.35
N GLY Z 144 38.89 -47.60 -62.38
CA GLY Z 144 39.95 -46.62 -62.46
C GLY Z 144 40.39 -46.12 -61.10
N THR Z 145 41.52 -45.41 -61.08
CA THR Z 145 42.05 -44.90 -59.82
C THR Z 145 41.20 -43.76 -59.26
N THR Z 146 40.37 -43.14 -60.08
CA THR Z 146 39.52 -42.06 -59.61
C THR Z 146 38.20 -42.12 -60.36
N PHE Z 147 37.18 -41.51 -59.76
CA PHE Z 147 35.83 -41.55 -60.29
C PHE Z 147 35.08 -40.37 -59.68
N THR Z 148 33.82 -40.20 -60.07
CA THR Z 148 33.02 -39.09 -59.58
C THR Z 148 31.72 -39.62 -59.00
N TYR Z 149 31.22 -38.91 -57.99
CA TYR Z 149 29.98 -39.25 -57.32
C TYR Z 149 29.54 -38.04 -56.52
N ALA Z 150 28.23 -37.82 -56.45
CA ALA Z 150 27.66 -36.65 -55.77
C ALA Z 150 28.22 -35.35 -56.34
N SER Z 151 28.48 -35.33 -57.64
CA SER Z 151 28.93 -34.14 -58.36
C SER Z 151 30.26 -33.62 -57.80
N ALA Z 152 31.21 -34.54 -57.68
CA ALA Z 152 32.57 -34.20 -57.24
C ALA Z 152 33.48 -35.34 -57.62
N LEU Z 153 34.77 -35.06 -57.66
CA LEU Z 153 35.77 -36.07 -57.99
C LEU Z 153 36.35 -36.70 -56.73
N TRP Z 154 36.59 -38.00 -56.79
CA TRP Z 154 37.14 -38.74 -55.68
C TRP Z 154 38.30 -39.59 -56.16
N GLU Z 155 39.37 -39.63 -55.38
CA GLU Z 155 40.57 -40.39 -55.70
C GLU Z 155 40.68 -41.58 -54.76
N ILE Z 156 40.97 -42.75 -55.31
CA ILE Z 156 41.04 -43.97 -54.53
C ILE Z 156 42.30 -43.96 -53.68
N GLN Z 157 42.14 -44.16 -52.37
CA GLN Z 157 43.24 -44.30 -51.43
C GLN Z 157 42.93 -45.52 -50.57
N GLN Z 158 43.73 -46.58 -50.72
CA GLN Z 158 43.67 -47.77 -49.88
C GLN Z 158 42.42 -48.60 -50.16
N VAL Z 159 42.58 -49.91 -50.29
CA VAL Z 159 41.48 -50.84 -50.49
C VAL Z 159 41.67 -51.99 -49.52
N VAL Z 160 40.71 -52.19 -48.62
CA VAL Z 160 40.80 -53.26 -47.64
C VAL Z 160 39.71 -54.29 -47.93
N ASP Z 161 39.77 -55.42 -47.23
CA ASP Z 161 38.81 -56.50 -47.35
C ASP Z 161 38.15 -56.72 -45.98
N ALA Z 162 37.37 -57.78 -45.86
CA ALA Z 162 36.64 -58.04 -44.62
C ALA Z 162 37.60 -58.19 -43.44
N ASP Z 163 38.70 -58.90 -43.65
CA ASP Z 163 39.69 -59.12 -42.61
C ASP Z 163 40.67 -57.96 -42.45
N SER Z 164 40.40 -56.83 -43.11
CA SER Z 164 41.26 -55.65 -43.05
C SER Z 164 42.68 -55.98 -43.51
N LYS Z 165 42.75 -56.56 -44.71
CA LYS Z 165 44.03 -56.87 -45.36
C LYS Z 165 44.08 -56.08 -46.66
N ILE Z 166 45.15 -55.28 -46.83
CA ILE Z 166 45.23 -54.40 -47.98
C ILE Z 166 45.36 -55.21 -49.27
N VAL Z 167 44.64 -54.79 -50.29
CA VAL Z 167 44.59 -55.45 -51.58
C VAL Z 167 45.07 -54.48 -52.65
N GLN Z 168 45.94 -54.97 -53.53
CA GLN Z 168 46.40 -54.17 -54.67
C GLN Z 168 45.32 -54.14 -55.73
N LEU Z 169 45.22 -53.00 -56.44
CA LEU Z 169 44.18 -52.86 -57.45
C LEU Z 169 44.38 -53.84 -58.59
N SER Z 170 45.60 -54.33 -58.79
CA SER Z 170 45.83 -55.35 -59.81
C SER Z 170 45.08 -56.63 -59.47
N GLU Z 171 45.05 -56.99 -58.19
CA GLU Z 171 44.44 -58.26 -57.78
C GLU Z 171 42.95 -58.31 -58.11
N ILE Z 172 42.31 -57.16 -58.24
CA ILE Z 172 40.88 -57.11 -58.46
C ILE Z 172 40.57 -57.34 -59.93
N SER Z 173 40.32 -58.60 -60.29
CA SER Z 173 40.05 -59.00 -61.66
C SER Z 173 38.91 -60.00 -61.67
N MET Z 174 38.39 -60.27 -62.87
CA MET Z 174 37.27 -61.20 -63.00
C MET Z 174 37.71 -62.62 -62.61
N ASP Z 175 38.90 -63.02 -63.03
CA ASP Z 175 39.37 -64.37 -62.72
C ASP Z 175 39.82 -64.50 -61.27
N ASN Z 176 40.40 -63.44 -60.72
CA ASN Z 176 40.87 -63.45 -59.34
C ASN Z 176 39.77 -63.18 -58.33
N SER Z 177 38.56 -62.89 -58.79
CA SER Z 177 37.48 -62.56 -57.86
C SER Z 177 37.17 -63.68 -56.86
N PRO Z 178 37.09 -64.97 -57.23
CA PRO Z 178 36.79 -65.97 -56.21
C PRO Z 178 37.99 -66.31 -55.35
N ASN Z 179 38.66 -65.26 -54.85
CA ASN Z 179 39.83 -65.44 -53.99
C ASN Z 179 39.90 -64.41 -52.88
N LEU Z 180 38.86 -63.61 -52.68
CA LEU Z 180 38.90 -62.52 -51.70
C LEU Z 180 37.60 -62.51 -50.90
N ALA Z 181 37.71 -62.05 -49.66
CA ALA Z 181 36.50 -61.73 -48.89
C ALA Z 181 35.76 -60.60 -49.59
N TRP Z 182 34.44 -60.69 -49.62
CA TRP Z 182 33.77 -59.75 -50.51
C TRP Z 182 32.75 -58.83 -49.86
N PRO Z 183 33.00 -58.29 -48.67
CA PRO Z 183 32.56 -56.91 -48.40
C PRO Z 183 33.69 -55.91 -48.62
N LEU Z 184 34.10 -55.69 -49.86
CA LEU Z 184 35.22 -54.79 -50.11
C LEU Z 184 34.91 -53.38 -49.62
N ILE Z 185 35.84 -52.78 -48.89
CA ILE Z 185 35.71 -51.40 -48.43
C ILE Z 185 36.74 -50.56 -49.16
N VAL Z 186 36.28 -49.49 -49.81
CA VAL Z 186 37.12 -48.62 -50.61
C VAL Z 186 36.95 -47.21 -50.10
N THR Z 187 37.87 -46.76 -49.25
CA THR Z 187 37.88 -45.37 -48.82
C THR Z 187 38.51 -44.50 -49.89
N ALA Z 188 38.17 -43.21 -49.86
CA ALA Z 188 38.62 -42.29 -50.91
C ALA Z 188 38.64 -40.88 -50.37
N LEU Z 189 39.33 -40.01 -51.10
CA LEU Z 189 39.46 -38.60 -50.75
C LEU Z 189 38.65 -37.74 -51.72
N ARG Z 190 38.33 -36.53 -51.27
CA ARG Z 190 37.63 -35.55 -52.10
C ARG Z 190 38.64 -34.96 -53.08
N ALA Z 191 38.73 -35.61 -54.25
CA ALA Z 191 39.65 -35.16 -55.28
C ALA Z 191 39.22 -33.80 -55.82
N ASN Z 192 40.19 -32.92 -56.03
CA ASN Z 192 39.92 -31.61 -56.59
C ASN Z 192 41.19 -31.01 -57.19
N LYS AA 2 22.65 -92.67 -34.93
CA LYS AA 2 21.86 -92.37 -36.12
C LYS AA 2 21.77 -90.87 -36.33
N MET AA 3 20.76 -90.44 -37.09
CA MET AA 3 20.64 -89.05 -37.53
C MET AA 3 20.69 -88.05 -36.37
N SER AA 4 20.02 -88.37 -35.26
CA SER AA 4 20.07 -87.48 -34.11
C SER AA 4 21.49 -87.33 -33.60
N ASP AA 5 22.23 -88.44 -33.54
CA ASP AA 5 23.62 -88.38 -33.11
C ASP AA 5 24.47 -87.62 -34.12
N VAL AA 6 24.15 -87.74 -35.41
CA VAL AA 6 24.85 -86.95 -36.42
C VAL AA 6 24.65 -85.46 -36.14
N LYS AA 7 23.41 -85.07 -35.84
CA LYS AA 7 23.13 -83.67 -35.54
C LYS AA 7 23.91 -83.20 -34.32
N CYS AA 8 23.90 -84.01 -33.26
CA CYS AA 8 24.56 -83.60 -32.03
C CYS AA 8 26.07 -83.48 -32.22
N THR AA 9 26.68 -84.45 -32.91
CA THR AA 9 28.12 -84.36 -33.13
C THR AA 9 28.48 -83.23 -34.09
N SER AA 10 27.59 -82.88 -35.02
CA SER AA 10 27.82 -81.70 -35.84
C SER AA 10 27.82 -80.44 -34.99
N VAL AA 11 26.87 -80.35 -34.05
CA VAL AA 11 26.83 -79.21 -33.15
C VAL AA 11 28.14 -79.11 -32.38
N VAL AA 12 28.61 -80.24 -31.86
CA VAL AA 12 29.85 -80.24 -31.08
C VAL AA 12 31.03 -79.84 -31.95
N LEU AA 13 31.08 -80.34 -33.19
CA LEU AA 13 32.19 -80.03 -34.08
C LEU AA 13 32.23 -78.53 -34.39
N LEU AA 14 31.07 -77.94 -34.68
CA LEU AA 14 31.05 -76.51 -34.93
C LEU AA 14 31.44 -75.72 -33.69
N SER AA 15 30.99 -76.18 -32.52
CA SER AA 15 31.36 -75.49 -31.29
C SER AA 15 32.86 -75.49 -31.08
N VAL AA 16 33.51 -76.63 -31.31
CA VAL AA 16 34.95 -76.71 -31.07
C VAL AA 16 35.71 -75.93 -32.15
N LEU AA 17 35.19 -75.91 -33.37
CA LEU AA 17 35.88 -75.17 -34.42
C LEU AA 17 35.93 -73.68 -34.14
N GLN AA 18 34.90 -73.15 -33.47
CA GLN AA 18 34.78 -71.69 -33.30
C GLN AA 18 35.90 -71.14 -32.43
N GLN AA 19 36.10 -71.73 -31.25
CA GLN AA 19 37.02 -71.16 -30.28
C GLN AA 19 38.48 -71.27 -30.69
N LEU AA 20 38.79 -72.01 -31.77
CA LEU AA 20 40.14 -72.05 -32.30
C LEU AA 20 40.43 -70.91 -33.28
N ARG AA 21 39.62 -69.84 -33.26
CA ARG AA 21 39.82 -68.66 -34.10
C ARG AA 21 39.71 -68.99 -35.59
N VAL AA 22 38.81 -69.90 -35.94
CA VAL AA 22 38.56 -70.17 -37.35
C VAL AA 22 37.73 -69.07 -37.99
N GLU AA 23 37.06 -68.25 -37.19
CA GLU AA 23 36.19 -67.23 -37.75
C GLU AA 23 36.97 -66.04 -38.30
N SER AA 24 38.28 -65.97 -38.07
CA SER AA 24 39.08 -64.94 -38.71
C SER AA 24 39.06 -65.11 -40.23
N SER AA 25 39.17 -66.34 -40.70
CA SER AA 25 39.03 -66.62 -42.12
C SER AA 25 37.56 -66.54 -42.51
N SER AA 26 37.17 -65.44 -43.14
CA SER AA 26 35.77 -65.15 -43.41
C SER AA 26 35.12 -66.22 -44.28
N LYS AA 27 35.73 -66.54 -45.42
CA LYS AA 27 35.12 -67.52 -46.32
C LYS AA 27 35.07 -68.91 -45.68
N LEU AA 28 36.13 -69.29 -44.97
CA LEU AA 28 36.15 -70.58 -44.30
C LEU AA 28 35.02 -70.69 -43.29
N TRP AA 29 34.88 -69.67 -42.44
CA TRP AA 29 33.81 -69.67 -41.45
C TRP AA 29 32.44 -69.65 -42.10
N ALA AA 30 32.30 -68.93 -43.20
CA ALA AA 30 31.02 -68.92 -43.92
C ALA AA 30 30.67 -70.30 -44.44
N GLN AA 31 31.64 -70.98 -45.05
CA GLN AA 31 31.38 -72.32 -45.56
C GLN AA 31 31.02 -73.28 -44.43
N CYS AA 32 31.71 -73.18 -43.29
CA CYS AA 32 31.40 -74.04 -42.17
C CYS AA 32 30.00 -73.79 -41.65
N VAL AA 33 29.61 -72.52 -41.53
CA VAL AA 33 28.27 -72.20 -41.05
C VAL AA 33 27.22 -72.72 -42.02
N GLN AA 34 27.46 -72.55 -43.31
CA GLN AA 34 26.52 -73.06 -44.31
C GLN AA 34 26.35 -74.57 -44.18
N LEU AA 35 27.46 -75.30 -44.08
CA LEU AA 35 27.38 -76.74 -43.97
C LEU AA 35 26.65 -77.16 -42.70
N HIS AA 36 26.95 -76.49 -41.58
CA HIS AA 36 26.32 -76.83 -40.32
C HIS AA 36 24.81 -76.65 -40.39
N ASN AA 37 24.36 -75.52 -40.96
CA ASN AA 37 22.92 -75.31 -41.06
C ASN AA 37 22.28 -76.25 -42.07
N ASP AA 38 23.02 -76.69 -43.08
CA ASP AA 38 22.47 -77.64 -44.03
C ASP AA 38 22.16 -78.98 -43.35
N ILE AA 39 23.10 -79.46 -42.54
CA ILE AA 39 22.95 -80.77 -41.93
C ILE AA 39 21.78 -80.79 -40.95
N LEU AA 40 21.58 -79.67 -40.25
CA LEU AA 40 20.54 -79.60 -39.23
C LEU AA 40 19.13 -79.64 -39.84
N LEU AA 41 19.04 -79.70 -41.16
CA LEU AA 41 17.77 -79.85 -41.85
C LEU AA 41 17.76 -81.06 -42.77
N ALA AA 42 18.68 -81.99 -42.58
CA ALA AA 42 18.83 -83.13 -43.50
C ALA AA 42 17.67 -84.10 -43.32
N LYS AA 43 17.59 -85.06 -44.23
CA LYS AA 43 16.54 -86.07 -44.23
C LYS AA 43 17.08 -87.50 -44.23
N ASP AA 44 18.16 -87.76 -44.96
CA ASP AA 44 18.76 -89.09 -44.99
C ASP AA 44 20.21 -89.01 -44.56
N THR AA 45 20.76 -90.18 -44.22
CA THR AA 45 22.08 -90.24 -43.61
C THR AA 45 23.21 -89.99 -44.59
N THR AA 46 23.01 -90.25 -45.89
CA THR AA 46 24.11 -90.12 -46.84
C THR AA 46 24.56 -88.66 -46.98
N GLU AA 47 23.60 -87.74 -47.17
CA GLU AA 47 23.96 -86.34 -47.33
C GLU AA 47 24.54 -85.78 -46.04
N ALA AA 48 23.98 -86.17 -44.89
CA ALA AA 48 24.54 -85.73 -43.62
C ALA AA 48 25.97 -86.22 -43.45
N PHE AA 49 26.22 -87.48 -43.80
CA PHE AA 49 27.56 -88.05 -43.64
C PHE AA 49 28.56 -87.35 -44.54
N GLU AA 50 28.20 -87.12 -45.80
CA GLU AA 50 29.15 -86.51 -46.72
C GLU AA 50 29.41 -85.05 -46.35
N LYS AA 51 28.36 -84.31 -45.99
CA LYS AA 51 28.56 -82.93 -45.57
C LYS AA 51 29.40 -82.87 -44.30
N MET AA 52 29.19 -83.83 -43.39
CA MET AA 52 29.96 -83.82 -42.14
C MET AA 52 31.41 -84.20 -42.36
N VAL AA 53 31.69 -85.14 -43.27
CA VAL AA 53 33.08 -85.46 -43.55
C VAL AA 53 33.77 -84.29 -44.24
N SER AA 54 33.04 -83.58 -45.11
CA SER AA 54 33.58 -82.36 -45.68
C SER AA 54 33.88 -81.33 -44.61
N LEU AA 55 32.98 -81.18 -43.63
CA LEU AA 55 33.19 -80.25 -42.53
C LEU AA 55 34.41 -80.65 -41.71
N LEU AA 56 34.54 -81.94 -41.42
CA LEU AA 56 35.64 -82.41 -40.58
C LEU AA 56 36.98 -82.30 -41.30
N SER AA 57 36.95 -82.30 -42.63
CA SER AA 57 38.17 -82.03 -43.38
C SER AA 57 38.75 -80.67 -43.03
N VAL AA 58 37.90 -79.72 -42.63
CA VAL AA 58 38.37 -78.41 -42.22
C VAL AA 58 39.24 -78.54 -40.97
N LEU AA 59 38.77 -79.30 -39.99
CA LEU AA 59 39.55 -79.50 -38.77
C LEU AA 59 40.80 -80.31 -39.04
N LEU AA 60 40.69 -81.31 -39.93
CA LEU AA 60 41.83 -82.18 -40.20
C LEU AA 60 42.94 -81.43 -40.93
N SER AA 61 42.58 -80.49 -41.81
CA SER AA 61 43.58 -79.74 -42.54
C SER AA 61 44.44 -78.90 -41.60
N MET AA 62 43.82 -78.23 -40.63
CA MET AA 62 44.57 -77.45 -39.66
C MET AA 62 45.20 -78.36 -38.61
N GLN AA 63 46.39 -77.97 -38.14
CA GLN AA 63 47.17 -78.81 -37.24
C GLN AA 63 47.13 -78.30 -35.80
N GLY AA 64 46.11 -77.53 -35.44
CA GLY AA 64 46.00 -77.00 -34.09
C GLY AA 64 45.81 -78.06 -33.03
N ALA AA 65 44.98 -79.06 -33.33
CA ALA AA 65 44.70 -80.14 -32.40
C ALA AA 65 45.43 -81.40 -32.86
N VAL AA 66 46.04 -82.11 -31.91
CA VAL AA 66 46.79 -83.31 -32.23
C VAL AA 66 45.86 -84.51 -32.28
N ASP AA 67 46.00 -85.31 -33.32
CA ASP AA 67 45.09 -86.43 -33.54
C ASP AA 67 45.45 -87.64 -32.69
N ILE AA 68 46.65 -88.19 -32.92
CA ILE AA 68 47.02 -89.47 -32.30
C ILE AA 68 47.08 -89.34 -30.78
N ASN AA 69 47.56 -88.20 -30.27
CA ASN AA 69 47.69 -88.03 -28.83
C ASN AA 69 46.32 -88.09 -28.15
N LYS AA 70 45.34 -87.37 -28.70
CA LYS AA 70 43.99 -87.42 -28.12
C LYS AA 70 43.23 -88.67 -28.56
N LEU AA 71 43.78 -89.46 -29.48
CA LEU AA 71 43.16 -90.71 -29.86
C LEU AA 71 43.67 -91.85 -28.97
N CYS AA 72 43.55 -91.67 -27.65
CA CYS AA 72 44.02 -92.68 -26.71
C CYS AA 72 43.11 -93.90 -26.67
N GLU AA 73 41.89 -93.78 -27.18
CA GLU AA 73 40.91 -94.88 -27.18
C GLU AA 73 40.70 -95.43 -25.78
N PHE BA 6 19.87 -79.83 19.62
CA PHE BA 6 20.69 -79.03 20.52
C PHE BA 6 20.55 -79.51 21.96
N SER BA 7 21.46 -80.41 22.37
CA SER BA 7 21.45 -80.96 23.71
C SER BA 7 22.77 -80.83 24.45
N SER BA 8 23.87 -80.59 23.75
CA SER BA 8 25.18 -80.43 24.39
C SER BA 8 25.42 -78.98 24.78
N LEU BA 9 24.55 -78.46 25.64
CA LEU BA 9 24.59 -77.07 26.06
C LEU BA 9 24.54 -76.97 27.58
N PRO BA 10 25.22 -75.97 28.14
CA PRO BA 10 25.05 -75.70 29.58
C PRO BA 10 23.61 -75.34 29.92
N SER BA 11 22.97 -74.63 29.00
CA SER BA 11 21.55 -74.34 29.15
C SER BA 11 20.74 -75.63 29.18
N TYR BA 12 21.15 -76.63 28.39
CA TYR BA 12 20.48 -77.93 28.46
C TYR BA 12 20.63 -78.55 29.83
N ALA BA 13 21.82 -78.45 30.43
CA ALA BA 13 22.02 -79.01 31.75
C ALA BA 13 21.17 -78.30 32.79
N ALA BA 14 21.10 -76.97 32.73
CA ALA BA 14 20.29 -76.23 33.69
C ALA BA 14 18.81 -76.57 33.54
N PHE BA 15 18.33 -76.64 32.30
CA PHE BA 15 16.93 -76.99 32.05
C PHE BA 15 16.63 -78.41 32.50
N ALA BA 16 17.55 -79.35 32.29
CA ALA BA 16 17.36 -80.72 32.72
C ALA BA 16 17.31 -80.81 34.25
N THR BA 17 18.18 -80.06 34.93
CA THR BA 17 18.15 -80.06 36.39
C THR BA 17 16.83 -79.48 36.90
N ALA BA 18 16.36 -78.39 36.28
CA ALA BA 18 15.07 -77.82 36.67
C ALA BA 18 13.95 -78.82 36.43
N GLN BA 19 14.00 -79.54 35.31
CA GLN BA 19 12.99 -80.55 35.02
C GLN BA 19 13.01 -81.66 36.05
N GLU BA 20 14.20 -82.11 36.45
CA GLU BA 20 14.30 -83.16 37.46
C GLU BA 20 13.74 -82.70 38.80
N ALA BA 21 14.07 -81.46 39.19
CA ALA BA 21 13.54 -80.94 40.46
C ALA BA 21 12.02 -80.80 40.41
N TYR BA 22 11.48 -80.30 39.30
CA TYR BA 22 10.04 -80.18 39.17
C TYR BA 22 9.36 -81.55 39.17
N GLU BA 23 9.98 -82.53 38.51
CA GLU BA 23 9.44 -83.89 38.51
C GLU BA 23 9.41 -84.47 39.90
N GLN BA 24 10.48 -84.27 40.68
CA GLN BA 24 10.48 -84.74 42.06
C GLN BA 24 9.42 -84.03 42.88
N ALA BA 25 9.25 -82.72 42.69
CA ALA BA 25 8.24 -81.97 43.42
C ALA BA 25 6.83 -82.45 43.10
N VAL BA 26 6.55 -82.73 41.83
CA VAL BA 26 5.21 -83.15 41.43
C VAL BA 26 4.96 -84.63 41.69
N ALA BA 27 6.00 -85.44 41.82
CA ALA BA 27 5.84 -86.84 42.21
C ALA BA 27 5.89 -87.04 43.71
N ASN BA 28 6.27 -86.01 44.47
CA ASN BA 28 6.30 -86.10 45.92
C ASN BA 28 5.19 -85.30 46.59
N GLY BA 29 4.59 -84.33 45.90
CA GLY BA 29 3.56 -83.50 46.49
C GLY BA 29 4.07 -82.65 47.63
N ASP BA 30 4.99 -81.74 47.33
CA ASP BA 30 5.61 -80.91 48.37
C ASP BA 30 4.68 -79.79 48.78
N SER BA 31 4.36 -78.89 47.85
CA SER BA 31 3.49 -77.76 48.14
C SER BA 31 3.11 -77.08 46.83
N GLU BA 32 2.07 -76.24 46.91
CA GLU BA 32 1.68 -75.43 45.77
C GLU BA 32 2.78 -74.45 45.36
N VAL BA 33 3.46 -73.86 46.34
CA VAL BA 33 4.48 -72.87 46.04
C VAL BA 33 5.85 -73.50 45.76
N VAL BA 34 6.11 -74.69 46.30
CA VAL BA 34 7.41 -75.34 46.09
C VAL BA 34 7.59 -75.71 44.63
N LEU BA 35 6.58 -76.36 44.03
CA LEU BA 35 6.67 -76.69 42.61
C LEU BA 35 6.62 -75.43 41.75
N LYS BA 36 5.99 -74.38 42.25
CA LYS BA 36 5.94 -73.11 41.52
C LYS BA 36 7.33 -72.52 41.37
N LYS BA 37 8.23 -72.75 42.34
CA LYS BA 37 9.62 -72.35 42.18
C LYS BA 37 10.23 -73.01 40.95
N LEU BA 38 9.83 -74.25 40.69
CA LEU BA 38 10.21 -74.94 39.46
C LEU BA 38 9.19 -74.74 38.36
N LYS BA 39 8.46 -73.62 38.41
CA LYS BA 39 7.64 -73.16 37.31
C LYS BA 39 7.98 -71.72 37.01
N LYS BA 40 8.34 -70.96 38.04
CA LYS BA 40 8.78 -69.60 37.82
C LYS BA 40 10.07 -69.70 37.07
N SER BA 41 11.00 -70.46 37.65
CA SER BA 41 12.36 -70.53 37.12
C SER BA 41 12.54 -71.56 36.02
N LEU BA 42 11.83 -72.69 36.09
CA LEU BA 42 11.94 -73.69 35.03
C LEU BA 42 11.48 -73.12 33.70
N ASN BA 43 10.45 -72.28 33.72
CA ASN BA 43 10.05 -71.59 32.50
C ASN BA 43 11.13 -70.66 32.00
N VAL BA 44 11.79 -69.93 32.91
CA VAL BA 44 12.93 -69.12 32.53
C VAL BA 44 14.06 -70.00 32.01
N ALA BA 45 14.27 -71.15 32.65
CA ALA BA 45 15.34 -72.05 32.23
C ALA BA 45 15.10 -72.56 30.81
N LYS BA 46 13.88 -73.01 30.52
CA LYS BA 46 13.59 -73.47 29.17
C LYS BA 46 13.62 -72.31 28.18
N SER BA 47 13.26 -71.10 28.61
CA SER BA 47 13.34 -69.94 27.72
C SER BA 47 14.78 -69.66 27.32
N GLU BA 48 15.71 -69.68 28.29
CA GLU BA 48 17.10 -69.40 27.95
C GLU BA 48 17.75 -70.56 27.22
N PHE BA 49 17.32 -71.79 27.49
CA PHE BA 49 17.82 -72.94 26.74
C PHE BA 49 17.24 -73.00 25.33
N ASP BA 50 16.11 -72.33 25.10
CA ASP BA 50 15.50 -72.36 23.78
C ASP BA 50 15.96 -71.20 22.90
N ARG BA 51 16.12 -69.99 23.46
CA ARG BA 51 16.50 -68.86 22.63
C ARG BA 51 17.93 -69.02 22.09
N ASP BA 52 18.85 -69.48 22.93
CA ASP BA 52 20.22 -69.70 22.45
C ASP BA 52 20.26 -70.85 21.45
N ALA BA 53 19.47 -71.90 21.68
CA ALA BA 53 19.42 -72.99 20.72
C ALA BA 53 18.90 -72.51 19.38
N ALA BA 54 17.87 -71.67 19.39
CA ALA BA 54 17.33 -71.11 18.17
C ALA BA 54 18.38 -70.28 17.45
N MET BA 55 19.07 -69.42 18.19
CA MET BA 55 20.06 -68.55 17.57
C MET BA 55 21.23 -69.36 16.99
N GLN BA 56 21.66 -70.40 17.70
CA GLN BA 56 22.79 -71.18 17.21
C GLN BA 56 22.40 -72.02 15.99
N ARG BA 57 21.18 -72.58 15.97
CA ARG BA 57 20.78 -73.33 14.78
C ARG BA 57 20.57 -72.40 13.59
N LYS BA 58 20.09 -71.18 13.86
CA LYS BA 58 20.01 -70.16 12.81
C LYS BA 58 21.38 -69.86 12.23
N LEU BA 59 22.37 -69.69 13.10
CA LEU BA 59 23.72 -69.42 12.62
C LEU BA 59 24.29 -70.62 11.87
N GLU BA 60 24.01 -71.83 12.33
CA GLU BA 60 24.51 -73.02 11.63
C GLU BA 60 23.92 -73.12 10.23
N LYS BA 61 22.61 -72.89 10.10
CA LYS BA 61 22.01 -72.99 8.78
C LYS BA 61 22.48 -71.88 7.85
N MET BA 62 22.68 -70.65 8.38
CA MET BA 62 23.20 -69.60 7.51
C MET BA 62 24.63 -69.89 7.09
N ALA BA 63 25.43 -70.47 8.00
CA ALA BA 63 26.79 -70.87 7.64
C ALA BA 63 26.77 -71.94 6.56
N ASP BA 64 25.87 -72.91 6.67
CA ASP BA 64 25.74 -73.92 5.62
C ASP BA 64 25.34 -73.30 4.30
N GLN BA 65 24.46 -72.28 4.35
CA GLN BA 65 24.02 -71.61 3.14
C GLN BA 65 25.18 -70.92 2.43
N ALA BA 66 25.96 -70.15 3.18
CA ALA BA 66 27.14 -69.51 2.59
C ALA BA 66 28.11 -70.55 2.07
N MET BA 67 28.29 -71.64 2.83
CA MET BA 67 29.20 -72.72 2.45
C MET BA 67 28.81 -73.29 1.09
N THR BA 68 27.54 -73.65 0.93
CA THR BA 68 27.11 -74.28 -0.32
C THR BA 68 27.14 -73.29 -1.48
N GLN BA 69 26.75 -72.03 -1.24
CA GLN BA 69 26.74 -71.08 -2.35
C GLN BA 69 28.15 -70.81 -2.86
N MET BA 70 29.12 -70.68 -1.94
CA MET BA 70 30.50 -70.47 -2.39
C MET BA 70 31.06 -71.72 -3.02
N TYR BA 71 30.63 -72.91 -2.59
CA TYR BA 71 31.05 -74.12 -3.27
C TYR BA 71 30.56 -74.14 -4.71
N LYS BA 72 29.30 -73.78 -4.93
CA LYS BA 72 28.78 -73.72 -6.29
C LYS BA 72 29.52 -72.67 -7.12
N GLN BA 73 29.83 -71.53 -6.52
CA GLN BA 73 30.60 -70.50 -7.21
C GLN BA 73 31.94 -71.06 -7.68
N ALA BA 74 32.65 -71.73 -6.79
CA ALA BA 74 33.96 -72.29 -7.15
C ALA BA 74 33.80 -73.33 -8.26
N ARG BA 75 32.75 -74.15 -8.19
CA ARG BA 75 32.53 -75.15 -9.23
C ARG BA 75 32.33 -74.48 -10.59
N SER BA 76 31.52 -73.42 -10.62
CA SER BA 76 31.29 -72.71 -11.88
C SER BA 76 32.60 -72.16 -12.43
N GLU BA 77 33.40 -71.54 -11.55
CA GLU BA 77 34.65 -70.95 -11.99
C GLU BA 77 35.57 -72.01 -12.59
N ASP BA 78 35.75 -73.13 -11.89
CA ASP BA 78 36.68 -74.13 -12.38
C ASP BA 78 36.18 -74.76 -13.68
N LYS BA 79 34.87 -74.99 -13.80
CA LYS BA 79 34.34 -75.56 -15.02
C LYS BA 79 34.59 -74.64 -16.21
N ARG BA 80 34.22 -73.36 -16.06
CA ARG BA 80 34.43 -72.44 -17.17
C ARG BA 80 35.90 -72.18 -17.43
N ALA BA 81 36.78 -72.44 -16.47
CA ALA BA 81 38.21 -72.37 -16.77
C ALA BA 81 38.67 -73.58 -17.56
N LYS BA 82 38.10 -74.75 -17.29
CA LYS BA 82 38.54 -75.99 -17.91
C LYS BA 82 37.79 -76.34 -19.19
N VAL BA 83 36.87 -75.48 -19.64
CA VAL BA 83 36.05 -75.76 -20.82
C VAL BA 83 36.90 -76.11 -22.04
N THR BA 84 38.13 -75.62 -22.09
CA THR BA 84 38.90 -75.62 -23.33
C THR BA 84 39.16 -77.03 -23.86
N SER BA 85 39.63 -77.93 -23.00
CA SER BA 85 39.97 -79.28 -23.41
C SER BA 85 38.84 -80.28 -23.19
N ALA BA 86 37.92 -79.96 -22.26
CA ALA BA 86 36.76 -80.81 -22.05
C ALA BA 86 35.96 -80.94 -23.34
N MET BA 87 35.87 -79.87 -24.12
CA MET BA 87 35.13 -79.92 -25.38
C MET BA 87 35.82 -80.87 -26.37
N GLN BA 88 37.15 -80.84 -26.40
CA GLN BA 88 37.87 -81.73 -27.32
C GLN BA 88 37.67 -83.19 -26.93
N THR BA 89 37.76 -83.49 -25.64
CA THR BA 89 37.50 -84.85 -25.18
C THR BA 89 36.08 -85.26 -25.49
N MET BA 90 35.14 -84.34 -25.28
CA MET BA 90 33.75 -84.54 -25.67
C MET BA 90 33.63 -84.96 -27.12
N LEU BA 91 34.20 -84.15 -28.03
CA LEU BA 91 34.07 -84.42 -29.45
C LEU BA 91 34.64 -85.79 -29.80
N PHE BA 92 35.81 -86.10 -29.26
CA PHE BA 92 36.43 -87.38 -29.61
C PHE BA 92 35.65 -88.56 -29.05
N THR BA 93 35.00 -88.39 -27.90
CA THR BA 93 34.13 -89.45 -27.39
C THR BA 93 32.95 -89.69 -28.32
N MET BA 94 32.29 -88.63 -28.78
CA MET BA 94 31.20 -88.82 -29.74
C MET BA 94 31.72 -89.46 -31.03
N LEU BA 95 32.88 -89.05 -31.51
CA LEU BA 95 33.41 -89.61 -32.74
C LEU BA 95 33.70 -91.09 -32.58
N ARG BA 96 34.36 -91.48 -31.49
CA ARG BA 96 34.64 -92.88 -31.26
C ARG BA 96 33.41 -93.67 -30.83
N LYS BA 97 32.29 -93.00 -30.56
CA LYS BA 97 31.05 -93.74 -30.34
C LYS BA 97 30.30 -93.97 -31.65
N LEU BA 98 30.18 -92.94 -32.48
CA LEU BA 98 29.38 -93.05 -33.70
C LEU BA 98 29.98 -94.07 -34.66
N ASP BA 99 31.27 -93.92 -34.96
CA ASP BA 99 32.02 -94.91 -35.71
C ASP BA 99 31.42 -95.23 -37.08
N ASN BA 100 31.48 -94.26 -38.00
CA ASN BA 100 31.13 -94.51 -39.38
C ASN BA 100 32.40 -94.84 -40.16
N ASP BA 101 32.25 -95.73 -41.15
CA ASP BA 101 33.36 -96.22 -41.96
C ASP BA 101 34.29 -95.12 -42.44
N ALA BA 102 33.77 -94.19 -43.24
CA ALA BA 102 34.59 -93.12 -43.78
C ALA BA 102 35.15 -92.23 -42.67
N LEU BA 103 34.34 -91.99 -41.63
CA LEU BA 103 34.77 -91.18 -40.50
C LEU BA 103 36.03 -91.75 -39.87
N ASN BA 104 35.95 -92.99 -39.36
CA ASN BA 104 37.12 -93.58 -38.73
C ASN BA 104 38.25 -93.79 -39.73
N ASN BA 105 37.92 -94.01 -41.00
CA ASN BA 105 38.95 -94.15 -42.01
C ASN BA 105 39.81 -92.89 -42.10
N ILE BA 106 39.16 -91.74 -42.26
CA ILE BA 106 39.93 -90.50 -42.36
C ILE BA 106 40.53 -90.13 -41.02
N ILE BA 107 39.91 -90.56 -39.92
CA ILE BA 107 40.50 -90.32 -38.60
C ILE BA 107 41.85 -91.01 -38.49
N ASN BA 108 41.91 -92.28 -38.91
CA ASN BA 108 43.17 -93.01 -38.89
C ASN BA 108 44.15 -92.44 -39.91
N ASN BA 109 43.65 -92.04 -41.07
CA ASN BA 109 44.50 -91.43 -42.09
C ASN BA 109 45.16 -90.16 -41.57
N ALA BA 110 44.45 -89.38 -40.76
CA ALA BA 110 45.03 -88.22 -40.13
C ALA BA 110 45.95 -88.60 -38.97
N ARG BA 111 45.62 -89.67 -38.24
CA ARG BA 111 46.44 -90.09 -37.13
C ARG BA 111 47.81 -90.58 -37.59
N ASP BA 112 47.89 -91.17 -38.79
CA ASP BA 112 49.21 -91.51 -39.31
C ASP BA 112 49.93 -90.28 -39.83
N GLY BA 113 49.18 -89.26 -40.28
CA GLY BA 113 49.78 -88.02 -40.72
C GLY BA 113 49.46 -87.65 -42.15
N CYS BA 114 48.34 -88.16 -42.67
CA CYS BA 114 47.88 -87.84 -44.02
C CYS BA 114 46.67 -86.92 -43.88
N VAL BA 115 46.91 -85.62 -44.05
CA VAL BA 115 45.85 -84.62 -43.91
C VAL BA 115 45.66 -83.91 -45.25
N PRO BA 116 44.45 -83.42 -45.55
CA PRO BA 116 44.26 -82.64 -46.76
C PRO BA 116 44.55 -81.17 -46.54
N LEU BA 117 44.55 -80.38 -47.61
CA LEU BA 117 44.77 -78.94 -47.53
C LEU BA 117 43.53 -78.12 -47.79
N ASN BA 118 42.55 -78.67 -48.51
CA ASN BA 118 41.30 -77.99 -48.83
C ASN BA 118 40.12 -78.75 -48.25
N ILE BA 119 38.96 -78.11 -48.30
CA ILE BA 119 37.73 -78.80 -47.91
C ILE BA 119 37.43 -79.89 -48.92
N ILE BA 120 37.09 -81.07 -48.42
CA ILE BA 120 36.82 -82.22 -49.28
C ILE BA 120 35.56 -81.94 -50.09
N PRO BA 121 35.64 -81.92 -51.41
CA PRO BA 121 34.43 -81.71 -52.22
C PRO BA 121 33.56 -82.95 -52.24
N LEU BA 122 32.27 -82.73 -52.51
CA LEU BA 122 31.29 -83.80 -52.53
C LEU BA 122 30.81 -84.16 -53.93
N THR BA 123 30.97 -83.28 -54.91
CA THR BA 123 30.54 -83.59 -56.26
C THR BA 123 31.59 -84.47 -56.95
N THR BA 124 31.17 -85.06 -58.08
CA THR BA 124 32.10 -85.83 -58.90
C THR BA 124 33.25 -84.97 -59.38
N ALA BA 125 32.95 -83.72 -59.76
CA ALA BA 125 33.96 -82.75 -60.12
C ALA BA 125 34.59 -82.13 -58.89
N ALA BA 126 35.34 -81.03 -59.08
CA ALA BA 126 35.99 -80.27 -58.03
C ALA BA 126 37.19 -81.03 -57.46
N LYS BA 127 38.27 -80.31 -57.15
CA LYS BA 127 39.56 -80.90 -56.85
C LYS BA 127 39.75 -81.03 -55.34
N LEU BA 128 40.57 -82.01 -54.97
CA LEU BA 128 41.00 -82.21 -53.58
C LEU BA 128 42.49 -82.48 -53.56
N MET BA 129 43.21 -81.77 -52.70
CA MET BA 129 44.63 -81.98 -52.50
C MET BA 129 44.87 -82.58 -51.12
N VAL BA 130 45.56 -83.72 -51.09
CA VAL BA 130 45.85 -84.44 -49.86
C VAL BA 130 47.36 -84.66 -49.78
N VAL BA 131 47.91 -84.45 -48.60
CA VAL BA 131 49.34 -84.61 -48.36
C VAL BA 131 49.59 -86.01 -47.80
N ILE BA 132 50.42 -86.77 -48.50
CA ILE BA 132 50.80 -88.11 -48.05
C ILE BA 132 52.31 -88.12 -47.82
N PRO BA 133 52.77 -88.01 -46.57
CA PRO BA 133 54.21 -87.91 -46.29
C PRO BA 133 54.95 -89.25 -46.25
N ASP BA 134 54.38 -90.33 -46.77
CA ASP BA 134 55.06 -91.61 -46.78
C ASP BA 134 54.65 -92.36 -48.04
N TYR BA 135 55.03 -93.63 -48.12
CA TYR BA 135 54.71 -94.46 -49.27
C TYR BA 135 53.79 -95.63 -48.95
N ASN BA 136 53.74 -96.06 -47.69
CA ASN BA 136 52.84 -97.14 -47.32
C ASN BA 136 51.39 -96.75 -47.53
N THR BA 137 51.04 -95.51 -47.19
CA THR BA 137 49.68 -95.03 -47.43
C THR BA 137 49.34 -95.02 -48.91
N TYR BA 138 50.34 -94.83 -49.77
CA TYR BA 138 50.12 -94.92 -51.21
C TYR BA 138 49.57 -96.29 -51.58
N LYS BA 139 50.25 -97.34 -51.16
CA LYS BA 139 49.74 -98.69 -51.40
C LYS BA 139 48.42 -98.91 -50.68
N ASN BA 140 48.20 -98.23 -49.56
CA ASN BA 140 46.94 -98.35 -48.84
C ASN BA 140 45.79 -97.73 -49.63
N THR BA 141 45.98 -96.50 -50.11
CA THR BA 141 44.89 -95.79 -50.79
C THR BA 141 45.23 -95.47 -52.24
N CYS BA 142 46.38 -94.85 -52.48
CA CYS BA 142 46.72 -94.34 -53.80
C CYS BA 142 47.32 -95.43 -54.68
N ASP BA 143 46.48 -96.28 -55.27
CA ASP BA 143 46.92 -97.34 -56.16
C ASP BA 143 46.52 -97.00 -57.58
N GLY BA 144 47.49 -97.02 -58.50
CA GLY BA 144 47.25 -96.59 -59.85
C GLY BA 144 46.84 -95.13 -59.90
N THR BA 145 45.57 -94.88 -60.23
CA THR BA 145 45.02 -93.53 -60.20
C THR BA 145 43.77 -93.45 -59.35
N THR BA 146 43.44 -94.51 -58.62
CA THR BA 146 42.18 -94.59 -57.86
C THR BA 146 42.48 -94.32 -56.39
N PHE BA 147 42.47 -93.04 -56.03
CA PHE BA 147 42.62 -92.66 -54.63
C PHE BA 147 41.33 -92.98 -53.88
N THR BA 148 41.38 -94.00 -53.03
CA THR BA 148 40.22 -94.39 -52.24
C THR BA 148 40.32 -93.73 -50.87
N TYR BA 149 39.76 -92.54 -50.77
CA TYR BA 149 39.75 -91.79 -49.52
C TYR BA 149 38.31 -91.63 -49.03
N ALA BA 150 38.12 -91.83 -47.72
CA ALA BA 150 36.80 -91.74 -47.10
C ALA BA 150 35.80 -92.65 -47.80
N SER BA 151 36.27 -93.84 -48.18
CA SER BA 151 35.46 -94.82 -48.91
C SER BA 151 34.89 -94.22 -50.20
N ALA BA 152 35.67 -93.35 -50.84
CA ALA BA 152 35.27 -92.71 -52.08
C ALA BA 152 36.42 -92.78 -53.07
N LEU BA 153 36.10 -93.11 -54.32
CA LEU BA 153 37.11 -93.20 -55.36
C LEU BA 153 37.49 -91.82 -55.87
N TRP BA 154 38.78 -91.63 -56.11
CA TRP BA 154 39.31 -90.35 -56.61
C TRP BA 154 40.25 -90.65 -57.77
N GLU BA 155 39.96 -90.08 -58.93
CA GLU BA 155 40.83 -90.24 -60.08
C GLU BA 155 42.06 -89.35 -59.92
N ILE BA 156 43.22 -89.96 -59.71
CA ILE BA 156 44.44 -89.21 -59.46
C ILE BA 156 44.90 -88.57 -60.76
N GLN BA 157 45.14 -87.25 -60.73
CA GLN BA 157 45.57 -86.51 -61.91
C GLN BA 157 46.97 -85.93 -61.71
N GLN BA 158 47.18 -85.17 -60.64
CA GLN BA 158 48.47 -84.52 -60.39
C GLN BA 158 49.06 -85.01 -59.08
N VAL BA 159 50.34 -85.40 -59.14
CA VAL BA 159 51.08 -85.82 -57.96
C VAL BA 159 52.37 -85.01 -57.92
N VAL BA 160 52.54 -84.21 -56.88
CA VAL BA 160 53.72 -83.36 -56.72
C VAL BA 160 54.26 -83.55 -55.31
N ASP BA 161 55.51 -83.13 -55.12
CA ASP BA 161 56.25 -83.35 -53.89
C ASP BA 161 56.49 -82.01 -53.21
N ALA BA 162 57.26 -82.01 -52.13
CA ALA BA 162 57.47 -80.81 -51.31
C ALA BA 162 58.15 -79.69 -52.09
N ASP BA 163 59.16 -80.00 -52.90
CA ASP BA 163 59.92 -78.98 -53.62
C ASP BA 163 59.34 -78.65 -54.98
N SER BA 164 58.03 -78.87 -55.16
CA SER BA 164 57.31 -78.51 -56.40
C SER BA 164 57.88 -79.21 -57.63
N LYS BA 165 58.28 -80.47 -57.48
CA LYS BA 165 58.79 -81.25 -58.59
C LYS BA 165 57.71 -82.22 -59.06
N ILE BA 166 57.42 -82.18 -60.36
CA ILE BA 166 56.33 -82.96 -60.93
C ILE BA 166 56.65 -84.45 -60.82
N VAL BA 167 55.91 -85.15 -59.96
CA VAL BA 167 56.09 -86.58 -59.80
C VAL BA 167 55.18 -87.32 -60.77
N GLN BA 168 55.63 -88.50 -61.21
CA GLN BA 168 54.89 -89.33 -62.16
C GLN BA 168 54.37 -90.56 -61.45
N LEU BA 169 53.18 -91.01 -61.85
CA LEU BA 169 52.52 -92.11 -61.16
C LEU BA 169 53.36 -93.38 -61.22
N SER BA 170 53.87 -93.71 -62.40
CA SER BA 170 54.68 -94.91 -62.54
C SER BA 170 56.08 -94.72 -61.94
N GLU BA 171 56.51 -93.46 -61.77
CA GLU BA 171 57.85 -93.21 -61.25
C GLU BA 171 57.98 -93.67 -59.81
N ILE BA 172 56.98 -93.41 -58.98
CA ILE BA 172 57.09 -93.69 -57.55
C ILE BA 172 57.17 -95.19 -57.34
N SER BA 173 58.17 -95.63 -56.58
CA SER BA 173 58.38 -97.05 -56.32
C SER BA 173 59.34 -97.18 -55.14
N MET BA 174 59.65 -98.42 -54.79
CA MET BA 174 60.58 -98.70 -53.70
C MET BA 174 61.96 -98.14 -53.99
N ASP BA 175 62.45 -98.32 -55.22
CA ASP BA 175 63.81 -97.92 -55.55
C ASP BA 175 64.00 -96.41 -55.44
N ASN BA 176 63.04 -95.64 -55.93
CA ASN BA 176 63.13 -94.19 -55.90
C ASN BA 176 62.47 -93.57 -54.68
N SER BA 177 61.93 -94.40 -53.77
CA SER BA 177 61.36 -93.86 -52.54
C SER BA 177 62.35 -93.05 -51.71
N PRO BA 178 63.63 -93.44 -51.54
CA PRO BA 178 64.55 -92.58 -50.80
C PRO BA 178 65.06 -91.41 -51.63
N ASN BA 179 64.48 -91.24 -52.83
CA ASN BA 179 64.89 -90.18 -53.75
C ASN BA 179 63.67 -89.34 -54.13
N LEU BA 180 62.87 -88.99 -53.14
CA LEU BA 180 61.64 -88.24 -53.39
C LEU BA 180 61.23 -87.53 -52.11
N ALA BA 181 60.77 -86.29 -52.23
CA ALA BA 181 60.27 -85.55 -51.09
C ALA BA 181 59.04 -86.25 -50.52
N TRP BA 182 59.13 -86.71 -49.28
CA TRP BA 182 58.05 -87.53 -48.71
C TRP BA 182 56.71 -86.82 -48.66
N PRO BA 183 56.59 -85.55 -48.21
CA PRO BA 183 55.26 -84.93 -48.17
C PRO BA 183 54.70 -84.69 -49.56
N LEU BA 184 54.24 -85.76 -50.20
CA LEU BA 184 53.69 -85.68 -51.54
C LEU BA 184 52.31 -85.04 -51.52
N ILE BA 185 51.96 -84.43 -52.65
CA ILE BA 185 50.67 -83.75 -52.81
C ILE BA 185 49.97 -84.35 -54.01
N VAL BA 186 48.74 -84.83 -53.80
CA VAL BA 186 47.96 -85.49 -54.85
C VAL BA 186 46.67 -84.73 -55.05
N THR BA 187 46.38 -84.40 -56.31
CA THR BA 187 45.14 -83.74 -56.68
C THR BA 187 44.26 -84.73 -57.42
N ALA BA 188 43.01 -84.85 -57.00
CA ALA BA 188 42.12 -85.86 -57.59
C ALA BA 188 40.68 -85.38 -57.51
N LEU BA 189 39.84 -85.99 -58.34
CA LEU BA 189 38.42 -85.71 -58.42
C LEU BA 189 37.65 -86.98 -58.11
N ARG BA 190 36.45 -86.81 -57.57
CA ARG BA 190 35.63 -87.95 -57.20
C ARG BA 190 35.16 -88.70 -58.44
N ALA BA 191 34.92 -90.00 -58.27
CA ALA BA 191 34.45 -90.84 -59.36
C ALA BA 191 32.93 -90.88 -59.39
N VAL CA 2 33.65 -34.23 1.15
CA VAL CA 2 34.56 -35.37 1.04
C VAL CA 2 36.00 -34.88 0.87
N GLY CA 3 36.83 -35.13 1.87
CA GLY CA 3 38.22 -34.73 1.82
C GLY CA 3 38.81 -34.66 3.20
N ALA CA 4 40.10 -34.30 3.24
CA ALA CA 4 40.81 -34.16 4.49
C ALA CA 4 40.48 -32.84 5.15
N CYS CA 5 40.25 -32.87 6.47
CA CYS CA 5 39.92 -31.65 7.19
C CYS CA 5 41.12 -30.72 7.27
N VAL CA 6 40.85 -29.41 7.17
CA VAL CA 6 41.92 -28.42 7.16
C VAL CA 6 42.62 -28.28 8.51
N LEU CA 7 42.09 -28.91 9.55
CA LEU CA 7 42.71 -28.85 10.86
C LEU CA 7 43.31 -30.18 11.30
N CYS CA 8 42.97 -31.28 10.64
CA CYS CA 8 43.46 -32.59 11.04
C CYS CA 8 44.01 -33.42 9.90
N ASN CA 9 43.80 -33.01 8.64
CA ASN CA 9 44.18 -33.79 7.46
C ASN CA 9 43.46 -35.13 7.45
N SER CA 10 42.44 -35.26 8.29
CA SER CA 10 41.66 -36.49 8.36
C SER CA 10 40.46 -36.42 7.43
N GLN CA 11 40.15 -37.54 6.79
CA GLN CA 11 39.15 -37.57 5.73
C GLN CA 11 37.77 -37.30 6.28
N THR CA 12 37.21 -36.15 5.92
CA THR CA 12 35.91 -35.72 6.43
C THR CA 12 34.96 -35.38 5.29
N SER CA 13 33.77 -34.89 5.61
CA SER CA 13 32.81 -34.50 4.60
C SER CA 13 32.05 -33.23 5.00
N LEU CA 14 32.53 -32.54 6.02
CA LEU CA 14 31.75 -31.47 6.63
C LEU CA 14 32.45 -30.14 6.42
N ARG CA 15 31.65 -29.10 6.20
CA ARG CA 15 32.15 -27.75 6.08
C ARG CA 15 31.33 -26.83 6.95
N CYS CA 16 31.99 -25.88 7.60
CA CYS CA 16 31.29 -24.93 8.45
C CYS CA 16 30.43 -24.01 7.60
N GLY CA 17 29.14 -23.91 7.96
CA GLY CA 17 28.26 -23.00 7.25
C GLY CA 17 28.50 -21.55 7.59
N ALA CA 18 29.06 -21.26 8.76
CA ALA CA 18 29.39 -19.88 9.11
C ALA CA 18 30.59 -19.37 8.36
N CYS CA 19 31.60 -20.22 8.14
CA CYS CA 19 32.73 -19.82 7.32
C CYS CA 19 32.30 -19.65 5.87
N ILE CA 20 32.74 -18.56 5.26
CA ILE CA 20 32.43 -18.32 3.85
C ILE CA 20 33.19 -19.30 2.96
N ARG CA 21 34.39 -19.71 3.36
CA ARG CA 21 35.26 -20.51 2.51
C ARG CA 21 34.94 -21.99 2.55
N ARG CA 22 33.98 -22.43 3.37
CA ARG CA 22 33.55 -23.81 3.46
C ARG CA 22 34.76 -24.72 3.70
N PRO CA 23 35.32 -24.72 4.91
CA PRO CA 23 36.51 -25.53 5.17
C PRO CA 23 36.16 -26.95 5.58
N PHE CA 24 36.89 -27.94 5.08
CA PHE CA 24 36.67 -29.32 5.51
C PHE CA 24 37.06 -29.49 6.97
N LEU CA 25 36.18 -30.12 7.75
CA LEU CA 25 36.39 -30.31 9.17
C LEU CA 25 35.95 -31.71 9.56
N CYS CA 26 36.81 -32.42 10.28
CA CYS CA 26 36.46 -33.75 10.76
C CYS CA 26 35.61 -33.62 12.02
N CYS CA 27 34.92 -34.72 12.36
CA CYS CA 27 33.92 -34.69 13.42
C CYS CA 27 34.45 -34.07 14.70
N LYS CA 28 35.64 -34.50 15.14
CA LYS CA 28 36.24 -33.93 16.33
C LYS CA 28 36.54 -32.45 16.13
N CYS CA 29 37.26 -32.12 15.05
CA CYS CA 29 37.65 -30.73 14.84
C CYS CA 29 36.45 -29.88 14.45
N CYS CA 30 35.48 -30.46 13.74
CA CYS CA 30 34.25 -29.72 13.44
C CYS CA 30 33.51 -29.38 14.72
N TYR CA 31 33.42 -30.34 15.65
CA TYR CA 31 32.79 -30.08 16.94
C TYR CA 31 33.54 -28.99 17.70
N ASP CA 32 34.87 -29.06 17.70
CA ASP CA 32 35.67 -28.05 18.38
C ASP CA 32 35.42 -26.67 17.80
N HIS CA 33 35.36 -26.56 16.47
CA HIS CA 33 35.13 -25.27 15.84
C HIS CA 33 33.72 -24.77 16.10
N VAL CA 34 32.75 -25.68 16.16
CA VAL CA 34 31.37 -25.28 16.44
C VAL CA 34 31.27 -24.70 17.84
N ILE CA 35 31.89 -25.37 18.82
CA ILE CA 35 31.77 -24.92 20.19
C ILE CA 35 32.72 -23.76 20.52
N SER CA 36 33.73 -23.53 19.68
CA SER CA 36 34.72 -22.50 19.95
C SER CA 36 34.33 -21.13 19.40
N THR CA 37 33.38 -21.06 18.49
CA THR CA 37 32.93 -19.79 17.94
C THR CA 37 31.42 -19.85 17.75
N SER CA 38 30.88 -18.85 17.07
CA SER CA 38 29.47 -18.84 16.70
C SER CA 38 29.19 -19.66 15.45
N HIS CA 39 30.10 -20.57 15.10
CA HIS CA 39 29.94 -21.43 13.93
C HIS CA 39 28.94 -22.54 14.22
N LYS CA 40 27.67 -22.18 14.37
CA LYS CA 40 26.60 -23.15 14.58
C LYS CA 40 26.05 -23.71 13.28
N LEU CA 41 26.56 -23.25 12.14
CA LEU CA 41 26.15 -23.74 10.83
C LEU CA 41 27.21 -24.71 10.30
N VAL CA 42 26.79 -25.93 9.99
CA VAL CA 42 27.67 -26.94 9.42
C VAL CA 42 26.99 -27.53 8.20
N LEU CA 43 27.76 -27.66 7.11
CA LEU CA 43 27.25 -28.19 5.86
C LEU CA 43 27.89 -29.55 5.59
N SER CA 44 27.05 -30.50 5.17
CA SER CA 44 27.48 -31.87 4.90
C SER CA 44 26.73 -32.38 3.67
N VAL CA 45 26.68 -33.70 3.50
CA VAL CA 45 25.84 -34.29 2.45
C VAL CA 45 24.45 -33.66 2.46
N ASN CA 46 23.87 -33.50 3.65
CA ASN CA 46 22.66 -32.73 3.80
C ASN CA 46 22.90 -31.58 4.75
N PRO CA 47 22.36 -30.39 4.45
CA PRO CA 47 22.57 -29.23 5.33
C PRO CA 47 21.97 -29.48 6.71
N TYR CA 48 22.77 -29.24 7.74
CA TYR CA 48 22.37 -29.55 9.11
C TYR CA 48 21.35 -28.52 9.57
N VAL CA 49 20.13 -28.68 9.07
CA VAL CA 49 19.00 -27.83 9.43
C VAL CA 49 17.80 -28.73 9.70
N CYS CA 50 16.98 -28.36 10.68
CA CYS CA 50 15.80 -29.15 10.99
C CYS CA 50 14.82 -29.07 9.83
N ASN CA 51 14.75 -30.14 9.04
CA ASN CA 51 13.89 -30.16 7.87
C ASN CA 51 12.45 -30.47 8.25
N ALA CA 52 11.91 -29.69 9.17
CA ALA CA 52 10.51 -29.81 9.54
C ALA CA 52 9.70 -28.70 8.88
N PRO CA 53 8.40 -28.92 8.67
CA PRO CA 53 7.57 -27.88 8.05
C PRO CA 53 7.51 -26.63 8.92
N GLY CA 54 8.07 -25.54 8.41
CA GLY CA 54 8.04 -24.27 9.11
C GLY CA 54 9.11 -24.07 10.16
N CYS CA 55 10.10 -24.95 10.24
CA CYS CA 55 11.13 -24.80 11.26
C CYS CA 55 12.32 -24.01 10.72
N ASP CA 56 13.11 -23.46 11.64
CA ASP CA 56 14.18 -22.54 11.27
C ASP CA 56 15.48 -22.78 12.03
N VAL CA 57 15.49 -23.76 12.95
CA VAL CA 57 16.67 -23.98 13.77
C VAL CA 57 17.75 -24.65 12.92
N THR CA 58 18.98 -24.15 13.05
CA THR CA 58 20.10 -24.62 12.24
C THR CA 58 21.29 -25.12 13.04
N ASP CA 59 21.37 -24.81 14.33
CA ASP CA 59 22.52 -25.22 15.13
C ASP CA 59 22.56 -26.73 15.27
N VAL CA 60 23.77 -27.28 15.14
CA VAL CA 60 23.95 -28.73 15.27
C VAL CA 60 23.73 -29.17 16.70
N THR CA 61 24.01 -28.31 17.68
CA THR CA 61 23.85 -28.68 19.09
C THR CA 61 22.40 -29.00 19.41
N GLN CA 62 21.47 -28.16 18.93
CA GLN CA 62 20.06 -28.38 19.21
C GLN CA 62 19.43 -29.42 18.29
N LEU CA 63 20.09 -29.75 17.18
CA LEU CA 63 19.52 -30.70 16.24
C LEU CA 63 19.59 -32.12 16.76
N TYR CA 64 18.58 -32.91 16.42
CA TYR CA 64 18.50 -34.31 16.79
C TYR CA 64 18.15 -35.15 15.57
N LEU CA 65 18.75 -36.32 15.47
CA LEU CA 65 18.51 -37.23 14.35
C LEU CA 65 17.19 -37.95 14.60
N GLY CA 66 16.10 -37.24 14.35
CA GLY CA 66 14.79 -37.82 14.49
C GLY CA 66 14.35 -38.55 13.24
N GLY CA 67 14.58 -39.85 13.20
CA GLY CA 67 14.31 -40.60 11.99
C GLY CA 67 15.21 -40.14 10.86
N MET CA 68 14.69 -40.22 9.64
CA MET CA 68 15.42 -39.80 8.43
C MET CA 68 15.29 -38.29 8.20
N SER CA 69 15.58 -37.51 9.24
CA SER CA 69 15.41 -36.06 9.16
C SER CA 69 16.07 -35.42 10.36
N TYR CA 70 16.81 -34.34 10.13
CA TYR CA 70 17.31 -33.53 11.23
C TYR CA 70 16.12 -32.88 11.94
N TYR CA 71 16.13 -32.92 13.26
CA TYR CA 71 15.00 -32.41 14.03
C TYR CA 71 15.47 -31.73 15.30
N CYS CA 72 14.78 -30.67 15.66
CA CYS CA 72 14.92 -30.03 16.95
C CYS CA 72 14.08 -30.80 17.96
N LYS CA 73 13.89 -30.25 19.15
CA LYS CA 73 13.02 -30.86 20.14
C LYS CA 73 11.54 -30.63 19.87
N SER CA 74 11.18 -29.46 19.33
CA SER CA 74 9.78 -29.19 19.03
C SER CA 74 9.25 -30.10 17.94
N HIS CA 75 10.05 -30.34 16.91
CA HIS CA 75 9.62 -31.14 15.76
C HIS CA 75 10.15 -32.56 15.80
N LYS CA 76 10.68 -33.00 16.93
CA LYS CA 76 11.26 -34.33 16.96
C LYS CA 76 10.17 -35.40 17.04
N PRO CA 77 10.40 -36.56 16.44
CA PRO CA 77 9.57 -37.73 16.72
C PRO CA 77 9.95 -38.31 18.08
N PRO CA 78 9.24 -39.33 18.55
CA PRO CA 78 9.60 -39.94 19.84
C PRO CA 78 11.05 -40.39 19.92
N ILE CA 79 11.58 -40.94 18.82
CA ILE CA 79 12.98 -41.33 18.79
C ILE CA 79 13.80 -40.21 18.16
N SER CA 80 14.90 -39.86 18.82
CA SER CA 80 15.79 -38.81 18.33
C SER CA 80 17.22 -39.17 18.70
N PHE CA 81 18.15 -38.47 18.05
CA PHE CA 81 19.57 -38.70 18.31
C PHE CA 81 20.37 -37.41 18.12
N PRO CA 82 21.09 -36.96 19.14
CA PRO CA 82 21.84 -35.69 19.02
C PRO CA 82 23.04 -35.87 18.09
N LEU CA 83 23.16 -34.98 17.11
CA LEU CA 83 24.31 -35.01 16.21
C LEU CA 83 25.54 -34.45 16.89
N CYS CA 84 25.44 -33.22 17.39
CA CYS CA 84 26.56 -32.53 18.05
C CYS CA 84 26.70 -33.12 19.45
N ALA CA 85 27.41 -34.24 19.52
CA ALA CA 85 27.58 -34.94 20.79
C ALA CA 85 28.93 -35.64 20.80
N ASN CA 86 29.40 -35.95 22.01
CA ASN CA 86 30.61 -36.74 22.26
C ASN CA 86 31.87 -36.06 21.74
N GLY CA 87 31.84 -34.74 21.55
CA GLY CA 87 32.99 -34.04 21.03
C GLY CA 87 33.28 -34.28 19.57
N GLN CA 88 32.40 -34.97 18.86
CA GLN CA 88 32.57 -35.23 17.44
C GLN CA 88 31.18 -35.48 16.85
N VAL CA 89 30.74 -34.57 15.97
CA VAL CA 89 29.41 -34.69 15.38
C VAL CA 89 29.37 -35.94 14.50
N PHE CA 90 28.23 -36.62 14.54
CA PHE CA 90 28.06 -37.84 13.74
C PHE CA 90 28.18 -37.53 12.26
N GLY CA 91 28.81 -38.43 11.52
CA GLY CA 91 29.00 -38.24 10.10
C GLY CA 91 29.92 -39.29 9.52
N LEU CA 92 30.50 -38.95 8.36
CA LEU CA 92 31.44 -39.84 7.70
C LEU CA 92 32.64 -40.14 8.58
N TYR CA 93 32.99 -41.41 8.67
CA TYR CA 93 34.22 -41.86 9.35
C TYR CA 93 34.26 -41.34 10.78
N LYS CA 94 33.18 -41.55 11.52
CA LYS CA 94 33.06 -41.02 12.87
C LYS CA 94 34.11 -41.61 13.80
N ASN CA 95 34.74 -42.72 13.44
CA ASN CA 95 35.77 -43.31 14.29
C ASN CA 95 37.10 -42.60 14.13
N THR CA 96 37.53 -42.37 12.89
CA THR CA 96 38.89 -41.89 12.62
C THR CA 96 38.96 -40.37 12.51
N CYS CA 97 38.48 -39.68 13.54
CA CYS CA 97 38.59 -38.23 13.63
C CYS CA 97 39.50 -37.91 14.82
N VAL CA 98 40.77 -37.66 14.51
CA VAL CA 98 41.81 -37.56 15.54
C VAL CA 98 41.76 -36.27 16.34
N GLY CA 99 41.13 -35.22 15.83
CA GLY CA 99 41.13 -33.95 16.53
C GLY CA 99 42.39 -33.14 16.26
N SER CA 100 42.38 -31.87 16.63
CA SER CA 100 43.48 -30.97 16.33
C SER CA 100 43.87 -30.17 17.56
N ASP CA 101 45.09 -29.64 17.53
CA ASP CA 101 45.60 -28.75 18.57
C ASP CA 101 45.45 -27.29 18.21
N ASN CA 102 45.81 -26.91 16.98
CA ASN CA 102 45.69 -25.53 16.55
C ASN CA 102 44.24 -25.21 16.20
N VAL CA 103 43.41 -25.03 17.21
CA VAL CA 103 41.98 -24.77 17.01
C VAL CA 103 41.65 -23.30 17.19
N THR CA 104 42.17 -22.67 18.25
CA THR CA 104 41.81 -21.28 18.53
C THR CA 104 42.35 -20.34 17.48
N ASP CA 105 43.54 -20.62 16.93
CA ASP CA 105 44.03 -19.80 15.82
C ASP CA 105 43.12 -19.91 14.62
N PHE CA 106 42.61 -21.11 14.35
CA PHE CA 106 41.64 -21.30 13.26
C PHE CA 106 40.37 -20.51 13.55
N ASN CA 107 39.92 -20.51 14.80
CA ASN CA 107 38.71 -19.77 15.17
C ASN CA 107 38.90 -18.27 14.97
N ALA CA 108 40.03 -17.74 15.45
CA ALA CA 108 40.32 -16.31 15.28
C ALA CA 108 40.45 -15.95 13.81
N ILE CA 109 41.09 -16.84 13.03
CA ILE CA 109 41.14 -16.65 11.59
C ILE CA 109 39.73 -16.63 11.00
N ALA CA 110 38.88 -17.55 11.46
CA ALA CA 110 37.51 -17.64 11.00
C ALA CA 110 36.64 -16.49 11.47
N THR CA 111 37.12 -15.65 12.39
CA THR CA 111 36.28 -14.60 12.93
C THR CA 111 36.89 -13.19 12.87
N CYS CA 112 38.20 -13.05 12.68
CA CYS CA 112 38.80 -11.72 12.65
C CYS CA 112 38.37 -10.96 11.40
N ASP CA 113 38.16 -9.65 11.56
CA ASP CA 113 37.77 -8.79 10.45
C ASP CA 113 38.96 -8.31 9.62
N TRP CA 114 40.18 -8.70 10.00
CA TRP CA 114 41.40 -8.34 9.27
C TRP CA 114 41.59 -6.82 9.24
N THR CA 115 41.31 -6.18 10.36
CA THR CA 115 41.51 -4.75 10.52
C THR CA 115 42.72 -4.41 11.37
N ASN CA 116 42.88 -5.09 12.51
CA ASN CA 116 44.05 -4.86 13.35
C ASN CA 116 45.29 -5.49 12.72
N ALA CA 117 46.46 -4.94 13.05
CA ALA CA 117 47.70 -5.50 12.56
C ALA CA 117 47.91 -6.92 13.07
N GLY CA 118 47.37 -7.23 14.25
CA GLY CA 118 47.51 -8.57 14.79
C GLY CA 118 46.89 -9.64 13.92
N ASP CA 119 45.82 -9.29 13.20
CA ASP CA 119 45.21 -10.24 12.28
C ASP CA 119 46.20 -10.64 11.19
N TYR CA 120 46.91 -9.68 10.63
CA TYR CA 120 47.91 -9.99 9.60
C TYR CA 120 49.14 -10.66 10.20
N ILE CA 121 49.48 -10.31 11.45
CA ILE CA 121 50.56 -11.02 12.13
C ILE CA 121 50.24 -12.50 12.23
N LEU CA 122 48.99 -12.81 12.64
CA LEU CA 122 48.55 -14.20 12.67
C LEU CA 122 48.56 -14.80 11.27
N ALA CA 123 48.10 -14.06 10.28
CA ALA CA 123 48.03 -14.58 8.91
C ALA CA 123 49.41 -14.93 8.38
N ASN CA 124 50.44 -14.20 8.79
CA ASN CA 124 51.80 -14.49 8.34
C ASN CA 124 52.59 -15.33 9.33
N THR CA 125 52.01 -15.69 10.48
CA THR CA 125 52.73 -16.46 11.49
C THR CA 125 52.02 -17.75 11.89
N CYS CA 126 50.99 -18.17 11.16
CA CYS CA 126 50.29 -19.40 11.48
C CYS CA 126 50.98 -20.57 10.78
N THR CA 127 50.33 -21.74 10.79
CA THR CA 127 50.88 -22.91 10.12
C THR CA 127 50.61 -22.83 8.63
N GLU CA 128 51.17 -23.79 7.88
CA GLU CA 128 51.14 -23.74 6.42
C GLU CA 128 49.73 -23.67 5.86
N ARG CA 129 48.93 -24.73 6.06
CA ARG CA 129 47.59 -24.74 5.49
C ARG CA 129 46.68 -23.75 6.20
N LEU CA 130 46.93 -23.48 7.48
CA LEU CA 130 46.18 -22.42 8.16
C LEU CA 130 46.47 -21.07 7.51
N LYS CA 131 47.73 -20.82 7.17
CA LYS CA 131 48.07 -19.58 6.47
C LYS CA 131 47.42 -19.53 5.10
N LEU CA 132 47.40 -20.66 4.38
CA LEU CA 132 46.75 -20.70 3.07
C LEU CA 132 45.27 -20.36 3.18
N PHE CA 133 44.59 -20.98 4.14
CA PHE CA 133 43.16 -20.72 4.31
C PHE CA 133 42.90 -19.30 4.79
N ALA CA 134 43.79 -18.77 5.64
CA ALA CA 134 43.64 -17.39 6.08
C ALA CA 134 43.79 -16.43 4.92
N ALA CA 135 44.76 -16.67 4.04
CA ALA CA 135 44.91 -15.84 2.84
C ALA CA 135 43.69 -15.94 1.95
N GLU CA 136 43.14 -17.16 1.82
CA GLU CA 136 41.93 -17.36 1.04
C GLU CA 136 40.78 -16.50 1.59
N THR CA 137 40.56 -16.59 2.90
CA THR CA 137 39.47 -15.85 3.53
C THR CA 137 39.69 -14.35 3.42
N LEU CA 138 40.93 -13.90 3.61
CA LEU CA 138 41.24 -12.48 3.49
C LEU CA 138 40.99 -11.98 2.08
N LYS CA 139 41.39 -12.77 1.08
CA LYS CA 139 41.13 -12.40 -0.31
C LYS CA 139 39.64 -12.30 -0.58
N ALA CA 140 38.86 -13.27 -0.09
CA ALA CA 140 37.42 -13.25 -0.32
C ALA CA 140 36.78 -12.02 0.34
N THR CA 141 37.18 -11.72 1.57
CA THR CA 141 36.62 -10.57 2.26
C THR CA 141 36.99 -9.27 1.57
N GLU CA 142 38.24 -9.15 1.14
CA GLU CA 142 38.67 -7.94 0.46
C GLU CA 142 37.94 -7.76 -0.87
N GLU CA 143 37.73 -8.85 -1.61
CA GLU CA 143 37.01 -8.74 -2.87
C GLU CA 143 35.55 -8.36 -2.65
N THR CA 144 34.88 -8.99 -1.68
CA THR CA 144 33.48 -8.67 -1.45
C THR CA 144 33.29 -7.32 -0.79
N PHE CA 145 34.34 -6.77 -0.18
CA PHE CA 145 34.24 -5.42 0.39
C PHE CA 145 34.23 -4.37 -0.72
N LYS CA 146 34.98 -4.59 -1.79
CA LYS CA 146 35.12 -3.61 -2.85
C LYS CA 146 34.01 -3.73 -3.88
N LEU CA 147 32.76 -3.69 -3.43
CA LEU CA 147 31.63 -3.74 -4.35
C LEU CA 147 30.53 -2.79 -3.89
N SER CA 148 30.93 -1.61 -3.39
CA SER CA 148 29.97 -0.63 -2.91
C SER CA 148 30.33 0.77 -3.41
N TYR CA 149 30.66 0.89 -4.69
CA TYR CA 149 31.18 2.14 -5.23
C TYR CA 149 30.33 2.53 -6.44
N GLY CA 150 30.76 3.60 -7.11
CA GLY CA 150 30.01 4.12 -8.24
C GLY CA 150 30.52 3.61 -9.58
N ILE CA 151 29.77 3.96 -10.63
CA ILE CA 151 30.09 3.58 -11.99
C ILE CA 151 30.66 4.81 -12.69
N ALA CA 152 31.92 4.72 -13.13
CA ALA CA 152 32.61 5.86 -13.72
C ALA CA 152 32.11 6.06 -15.15
N THR CA 153 30.99 6.78 -15.28
CA THR CA 153 30.44 7.14 -16.57
C THR CA 153 31.37 8.18 -17.20
N VAL CA 154 31.93 7.85 -18.37
CA VAL CA 154 32.88 8.74 -19.02
C VAL CA 154 32.13 9.87 -19.71
N ARG CA 155 32.46 11.11 -19.34
CA ARG CA 155 31.84 12.28 -19.92
C ARG CA 155 32.89 13.36 -20.16
N GLU CA 156 32.79 14.03 -21.30
CA GLU CA 156 33.67 15.14 -21.67
C GLU CA 156 35.14 14.68 -21.72
N VAL CA 157 35.40 13.79 -22.68
CA VAL CA 157 36.76 13.30 -22.91
C VAL CA 157 37.60 14.48 -23.42
N LEU CA 158 38.62 14.84 -22.66
CA LEU CA 158 39.56 15.90 -23.03
C LEU CA 158 40.87 15.22 -23.43
N SER CA 159 41.25 15.39 -24.70
CA SER CA 159 42.47 14.78 -25.24
C SER CA 159 42.46 13.27 -25.05
N ASP CA 160 43.65 12.67 -25.01
CA ASP CA 160 43.81 11.24 -24.83
C ASP CA 160 44.40 10.92 -23.46
N ARG CA 161 44.22 11.83 -22.50
CA ARG CA 161 44.72 11.59 -21.16
C ARG CA 161 43.64 11.82 -20.11
N GLU CA 162 42.82 12.85 -20.33
CA GLU CA 162 41.91 13.36 -19.30
C GLU CA 162 40.47 13.20 -19.79
N LEU CA 163 39.90 12.03 -19.53
CA LEU CA 163 38.52 11.76 -19.88
C LEU CA 163 37.54 12.57 -19.04
N HIS CA 164 38.00 13.09 -17.90
CA HIS CA 164 37.27 13.98 -17.01
C HIS CA 164 36.16 13.26 -16.25
N LEU CA 165 35.84 12.04 -16.68
CA LEU CA 165 35.02 11.10 -15.91
C LEU CA 165 33.70 11.65 -15.41
N SER CA 166 33.00 10.84 -14.61
CA SER CA 166 31.82 11.26 -13.86
C SER CA 166 31.50 10.16 -12.85
N TRP CA 167 30.50 10.41 -12.01
CA TRP CA 167 30.09 9.47 -10.98
C TRP CA 167 28.57 9.47 -10.85
N GLU CA 168 28.05 8.41 -10.24
CA GLU CA 168 26.61 8.21 -10.12
C GLU CA 168 26.06 8.75 -8.80
N VAL CA 169 26.36 10.03 -8.53
CA VAL CA 169 25.76 10.81 -7.44
C VAL CA 169 25.99 10.15 -6.09
N GLY CA 170 24.94 9.52 -5.54
CA GLY CA 170 24.96 9.03 -4.17
C GLY CA 170 25.43 7.61 -3.98
N LYS CA 171 26.72 7.36 -4.19
CA LYS CA 171 27.28 6.02 -4.14
C LYS CA 171 28.80 5.98 -4.28
N PRO CA 172 29.39 6.65 -5.29
CA PRO CA 172 30.82 6.45 -5.57
C PRO CA 172 31.71 6.86 -4.41
N ARG CA 173 32.74 6.06 -4.17
CA ARG CA 173 33.84 6.40 -3.27
C ARG CA 173 35.15 6.04 -3.95
N PRO CA 174 35.46 6.70 -5.06
CA PRO CA 174 36.52 6.20 -5.95
C PRO CA 174 37.90 6.62 -5.48
N PRO CA 175 38.75 5.67 -5.15
CA PRO CA 175 40.18 5.95 -4.85
C PRO CA 175 41.02 5.92 -6.13
N LEU CA 176 40.96 7.01 -6.89
CA LEU CA 176 41.59 7.04 -8.20
C LEU CA 176 43.11 6.94 -8.10
N ASN CA 177 43.64 7.01 -6.89
CA ASN CA 177 45.07 6.88 -6.67
C ASN CA 177 45.54 5.47 -7.01
N ARG CA 178 46.83 5.37 -7.37
CA ARG CA 178 47.59 4.14 -7.56
C ARG CA 178 46.88 3.13 -8.46
N ASN CA 179 47.27 1.86 -8.35
CA ASN CA 179 46.71 0.79 -9.17
C ASN CA 179 45.35 0.37 -8.62
N TYR CA 180 44.32 1.10 -9.04
CA TYR CA 180 42.93 0.74 -8.78
C TYR CA 180 42.29 0.42 -10.14
N VAL CA 181 42.10 -0.87 -10.41
CA VAL CA 181 41.74 -1.33 -11.74
C VAL CA 181 40.26 -1.09 -12.00
N PHE CA 182 39.97 -0.43 -13.14
CA PHE CA 182 38.61 -0.20 -13.59
C PHE CA 182 38.48 -0.67 -15.03
N THR CA 183 37.41 -1.41 -15.32
CA THR CA 183 37.13 -1.88 -16.67
C THR CA 183 36.07 -1.00 -17.32
N GLY CA 184 36.17 -0.82 -18.63
CA GLY CA 184 35.26 0.03 -19.37
C GLY CA 184 34.30 -0.79 -20.22
N TYR CA 185 33.04 -0.39 -20.20
CA TYR CA 185 31.99 -1.04 -20.99
C TYR CA 185 31.42 -0.05 -21.99
N ARG CA 186 31.38 -0.45 -23.26
CA ARG CA 186 30.73 0.34 -24.30
C ARG CA 186 29.51 -0.41 -24.80
N VAL CA 187 28.37 0.27 -24.81
CA VAL CA 187 27.11 -0.33 -25.20
C VAL CA 187 26.90 -0.09 -26.69
N THR CA 188 26.69 -1.17 -27.44
CA THR CA 188 26.41 -1.10 -28.86
C THR CA 188 25.01 -1.61 -29.14
N LYS CA 189 24.18 -0.75 -29.74
CA LYS CA 189 22.79 -1.06 -30.02
C LYS CA 189 22.07 -1.49 -28.74
N ASN CA 190 21.86 -2.80 -28.58
CA ASN CA 190 21.24 -3.35 -27.39
C ASN CA 190 22.20 -4.21 -26.57
N SER CA 191 23.35 -4.58 -27.12
CA SER CA 191 24.32 -5.37 -26.40
C SER CA 191 25.37 -4.46 -25.76
N LYS CA 192 26.05 -5.00 -24.75
CA LYS CA 192 27.16 -4.30 -24.13
C LYS CA 192 28.34 -5.25 -24.03
N VAL CA 193 29.54 -4.69 -24.07
CA VAL CA 193 30.77 -5.48 -24.03
C VAL CA 193 31.86 -4.65 -23.39
N GLN CA 194 32.75 -5.32 -22.65
CA GLN CA 194 33.85 -4.65 -22.02
C GLN CA 194 34.85 -4.14 -23.06
N ILE CA 195 35.67 -3.19 -22.65
CA ILE CA 195 36.79 -2.69 -23.44
C ILE CA 195 38.12 -3.20 -22.89
N GLY CA 196 38.43 -2.81 -21.66
CA GLY CA 196 39.65 -3.24 -21.02
C GLY CA 196 39.83 -2.54 -19.69
N GLU CA 197 40.77 -3.04 -18.90
CA GLU CA 197 41.03 -2.49 -17.59
C GLU CA 197 41.93 -1.27 -17.69
N TYR CA 198 41.66 -0.29 -16.82
CA TYR CA 198 42.44 0.94 -16.79
C TYR CA 198 42.63 1.37 -15.33
N THR CA 199 43.73 2.07 -15.07
CA THR CA 199 44.14 2.33 -13.70
C THR CA 199 43.54 3.62 -13.15
N PHE CA 200 43.48 4.67 -13.96
CA PHE CA 200 42.98 5.99 -13.57
C PHE CA 200 43.90 6.69 -12.59
N GLU CA 201 43.99 8.01 -12.62
CA GLU CA 201 44.91 8.78 -11.76
C GLU CA 201 44.33 10.16 -11.54
N LYS CA 202 44.86 10.90 -10.58
CA LYS CA 202 44.27 12.20 -10.24
C LYS CA 202 44.39 13.29 -11.31
N GLY CA 203 45.56 13.52 -11.87
CA GLY CA 203 45.68 14.47 -12.96
C GLY CA 203 45.55 15.96 -12.71
N ASP CA 204 45.89 16.76 -13.71
CA ASP CA 204 45.87 18.21 -13.57
C ASP CA 204 44.57 18.88 -13.11
N TYR CA 205 44.69 20.06 -12.52
CA TYR CA 205 43.52 20.84 -12.10
C TYR CA 205 42.41 20.17 -11.33
N GLY CA 206 41.18 20.55 -11.65
CA GLY CA 206 40.03 20.05 -10.90
C GLY CA 206 39.42 18.74 -11.31
N ASP CA 207 39.31 18.43 -12.62
CA ASP CA 207 38.78 17.11 -12.95
C ASP CA 207 39.49 16.48 -14.15
N ALA CA 208 40.65 16.99 -14.55
CA ALA CA 208 41.40 16.40 -15.65
C ALA CA 208 42.12 15.14 -15.19
N VAL CA 209 41.37 14.07 -14.96
CA VAL CA 209 41.92 12.84 -14.40
C VAL CA 209 42.64 12.06 -15.49
N VAL CA 210 43.86 11.63 -15.20
CA VAL CA 210 44.66 10.86 -16.15
C VAL CA 210 44.34 9.38 -16.01
N TYR CA 211 44.27 8.69 -17.13
CA TYR CA 211 44.04 7.24 -17.17
C TYR CA 211 45.25 6.55 -17.79
N ARG CA 212 45.31 5.24 -17.61
CA ARG CA 212 46.35 4.43 -18.23
C ARG CA 212 45.99 2.96 -18.07
N GLY CA 213 46.29 2.17 -19.09
CA GLY CA 213 46.00 0.75 -19.02
C GLY CA 213 46.26 0.06 -20.35
N THR CA 214 45.77 -1.18 -20.43
CA THR CA 214 45.89 -2.00 -21.63
C THR CA 214 44.80 -1.66 -22.64
N THR CA 215 44.58 -2.56 -23.61
CA THR CA 215 43.55 -2.37 -24.63
C THR CA 215 43.83 -1.13 -25.46
N THR CA 216 44.86 -1.19 -26.30
CA THR CA 216 45.33 -0.02 -27.03
C THR CA 216 44.31 0.40 -28.08
N TYR CA 217 43.11 0.74 -27.64
CA TYR CA 217 42.06 1.29 -28.48
C TYR CA 217 42.01 2.80 -28.26
N LYS CA 218 41.04 3.45 -28.87
CA LYS CA 218 40.73 4.82 -28.52
C LYS CA 218 39.64 4.79 -27.45
N LEU CA 219 39.19 5.97 -27.04
CA LEU CA 219 38.10 6.08 -26.07
C LEU CA 219 36.99 6.94 -26.64
N ASN CA 220 35.80 6.77 -26.08
CA ASN CA 220 34.62 7.47 -26.54
C ASN CA 220 33.77 7.87 -25.34
N VAL CA 221 32.93 8.88 -25.54
CA VAL CA 221 31.99 9.27 -24.51
C VAL CA 221 30.94 8.17 -24.33
N GLY CA 222 30.45 8.03 -23.10
CA GLY CA 222 29.47 7.02 -22.78
C GLY CA 222 30.04 5.66 -22.41
N ASP CA 223 31.36 5.48 -22.48
CA ASP CA 223 32.00 4.21 -22.14
C ASP CA 223 32.22 4.18 -20.64
N TYR CA 224 31.14 3.90 -19.91
CA TYR CA 224 31.19 3.92 -18.45
C TYR CA 224 32.15 2.86 -17.92
N PHE CA 225 32.85 3.20 -16.85
CA PHE CA 225 33.79 2.30 -16.20
C PHE CA 225 33.20 1.77 -14.91
N VAL CA 226 33.50 0.49 -14.63
CA VAL CA 226 33.03 -0.18 -13.43
C VAL CA 226 34.23 -0.79 -12.72
N LEU CA 227 34.29 -0.60 -11.40
CA LEU CA 227 35.35 -1.19 -10.60
C LEU CA 227 35.33 -2.71 -10.73
N THR CA 228 36.47 -3.28 -11.08
CA THR CA 228 36.55 -4.72 -11.35
C THR CA 228 36.46 -5.52 -10.06
N SER CA 229 35.88 -6.72 -10.17
CA SER CA 229 35.86 -7.69 -9.10
C SER CA 229 36.10 -9.07 -9.69
N HIS CA 230 36.58 -9.98 -8.84
CA HIS CA 230 36.91 -11.33 -9.28
C HIS CA 230 36.36 -12.33 -8.27
N THR CA 231 36.72 -13.60 -8.45
CA THR CA 231 36.26 -14.68 -7.59
C THR CA 231 37.48 -15.46 -7.09
N VAL CA 232 37.37 -15.95 -5.87
CA VAL CA 232 38.48 -16.64 -5.20
C VAL CA 232 38.46 -18.11 -5.56
N MET CA 233 39.64 -18.68 -5.74
CA MET CA 233 39.88 -20.06 -6.11
C MET CA 233 40.71 -20.75 -5.03
N PRO CA 234 40.29 -21.93 -4.58
CA PRO CA 234 40.94 -22.55 -3.41
C PRO CA 234 42.40 -22.90 -3.68
N LEU CA 235 43.30 -22.21 -2.99
CA LEU CA 235 44.72 -22.43 -3.18
C LEU CA 235 45.13 -23.83 -2.76
N SER CA 236 46.16 -24.34 -3.42
CA SER CA 236 46.68 -25.68 -3.16
C SER CA 236 48.11 -25.66 -2.64
N ALA CA 237 49.00 -24.96 -3.33
CA ALA CA 237 50.43 -24.99 -3.01
C ALA CA 237 50.73 -24.15 -1.78
N PRO CA 238 51.84 -24.43 -1.10
CA PRO CA 238 52.28 -23.59 0.02
C PRO CA 238 52.90 -22.29 -0.49
N THR CA 239 53.32 -21.45 0.46
CA THR CA 239 53.89 -20.16 0.11
C THR CA 239 55.19 -20.34 -0.67
N LEU CA 240 56.06 -21.24 -0.22
CA LEU CA 240 57.36 -21.44 -0.85
C LEU CA 240 57.69 -22.93 -0.89
N VAL CA 241 58.38 -23.33 -1.95
CA VAL CA 241 58.84 -24.70 -2.13
C VAL CA 241 59.98 -24.94 -1.14
N PRO CA 242 60.16 -26.16 -0.63
CA PRO CA 242 61.32 -26.43 0.23
C PRO CA 242 62.63 -26.14 -0.47
N GLN CA 243 63.60 -25.64 0.29
CA GLN CA 243 64.91 -25.28 -0.23
C GLN CA 243 65.90 -26.41 -0.01
N GLU CA 244 66.62 -26.78 -1.08
CA GLU CA 244 67.70 -27.74 -0.97
C GLU CA 244 68.87 -27.24 -1.82
N HIS CA 245 70.07 -27.38 -1.27
CA HIS CA 245 71.28 -26.94 -1.95
C HIS CA 245 71.93 -28.15 -2.61
N TYR CA 246 72.04 -28.10 -3.93
CA TYR CA 246 72.68 -29.18 -4.68
C TYR CA 246 74.20 -29.01 -4.69
N VAL CA 247 74.89 -30.09 -5.05
CA VAL CA 247 76.35 -30.06 -5.17
C VAL CA 247 76.81 -29.61 -6.54
N ARG CA 248 75.89 -29.34 -7.45
CA ARG CA 248 76.23 -29.00 -8.83
C ARG CA 248 75.03 -28.30 -9.44
N ILE CA 249 75.23 -27.74 -10.64
CA ILE CA 249 74.16 -27.06 -11.35
C ILE CA 249 73.29 -28.12 -12.00
N THR CA 250 72.24 -28.52 -11.29
CA THR CA 250 71.42 -29.65 -11.74
C THR CA 250 70.46 -29.21 -12.84
N GLY CA 251 70.60 -29.83 -14.01
CA GLY CA 251 69.75 -29.53 -15.14
C GLY CA 251 70.19 -28.39 -16.01
N LEU CA 252 71.26 -27.69 -15.66
CA LEU CA 252 71.78 -26.58 -16.44
C LEU CA 252 73.23 -26.86 -16.79
N TYR CA 253 73.80 -26.02 -17.65
CA TYR CA 253 75.21 -26.10 -18.00
C TYR CA 253 75.81 -24.72 -17.90
N PRO CA 254 77.07 -24.60 -17.47
CA PRO CA 254 77.67 -23.27 -17.26
C PRO CA 254 77.79 -22.45 -18.54
N THR CA 255 78.18 -21.20 -18.40
CA THR CA 255 78.23 -20.27 -19.51
C THR CA 255 79.58 -20.35 -20.22
N LEU CA 256 79.55 -20.11 -21.53
CA LEU CA 256 80.77 -20.11 -22.33
C LEU CA 256 81.43 -18.74 -22.40
N ASN CA 257 80.79 -17.69 -21.89
CA ASN CA 257 81.38 -16.37 -21.89
C ASN CA 257 80.74 -15.53 -20.79
N ILE CA 258 81.56 -14.76 -20.08
CA ILE CA 258 81.11 -13.94 -18.96
C ILE CA 258 81.05 -12.49 -19.42
N SER CA 259 79.84 -11.93 -19.49
CA SER CA 259 79.67 -10.55 -19.90
C SER CA 259 80.15 -9.61 -18.80
N ASP CA 260 80.71 -8.47 -19.20
CA ASP CA 260 81.33 -7.57 -18.24
C ASP CA 260 80.28 -6.91 -17.35
N GLU CA 261 79.21 -6.37 -17.94
CA GLU CA 261 78.18 -5.71 -17.15
C GLU CA 261 77.53 -6.66 -16.16
N PHE CA 262 77.38 -7.92 -16.55
CA PHE CA 262 76.78 -8.93 -15.69
C PHE CA 262 77.82 -9.75 -14.93
N SER CA 263 79.11 -9.42 -15.08
CA SER CA 263 80.14 -10.16 -14.37
C SER CA 263 79.98 -10.02 -12.85
N SER CA 264 79.67 -8.81 -12.39
CA SER CA 264 79.33 -8.62 -10.99
C SER CA 264 78.14 -9.49 -10.58
N ASN CA 265 77.22 -9.71 -11.52
CA ASN CA 265 76.12 -10.64 -11.30
C ASN CA 265 76.52 -12.08 -11.57
N VAL CA 266 77.57 -12.30 -12.37
CA VAL CA 266 78.05 -13.66 -12.61
C VAL CA 266 78.53 -14.29 -11.31
N ALA CA 267 79.18 -13.51 -10.44
CA ALA CA 267 79.57 -14.00 -9.13
C ALA CA 267 78.38 -14.53 -8.33
N ASN CA 268 77.16 -14.22 -8.74
CA ASN CA 268 75.95 -14.76 -8.14
C ASN CA 268 75.18 -15.69 -9.06
N TYR CA 269 75.70 -15.94 -10.28
CA TYR CA 269 75.00 -16.76 -11.25
C TYR CA 269 75.35 -18.24 -11.13
N GLN CA 270 76.24 -18.61 -10.19
CA GLN CA 270 76.58 -20.00 -9.95
C GLN CA 270 75.72 -20.60 -8.84
N LYS CA 271 75.57 -19.88 -7.73
CA LYS CA 271 74.84 -20.44 -6.60
C LYS CA 271 73.33 -20.46 -6.82
N VAL CA 272 72.82 -19.74 -7.83
CA VAL CA 272 71.44 -19.93 -8.24
C VAL CA 272 71.25 -21.36 -8.77
N GLY CA 273 72.32 -21.98 -9.25
CA GLY CA 273 72.28 -23.30 -9.83
C GLY CA 273 72.49 -24.45 -8.87
N MET CA 274 73.05 -24.20 -7.70
CA MET CA 274 73.25 -25.26 -6.72
C MET CA 274 72.19 -25.28 -5.64
N GLN CA 275 71.18 -24.43 -5.70
CA GLN CA 275 70.14 -24.42 -4.68
C GLN CA 275 68.78 -24.29 -5.36
N LYS CA 276 67.75 -24.67 -4.62
CA LYS CA 276 66.40 -24.69 -5.15
C LYS CA 276 65.92 -23.29 -5.50
N TYR CA 277 66.18 -22.32 -4.63
CA TYR CA 277 65.81 -20.95 -4.94
C TYR CA 277 66.80 -20.00 -4.31
N SER CA 278 66.94 -18.83 -4.93
CA SER CA 278 67.90 -17.82 -4.51
C SER CA 278 67.14 -16.60 -4.03
N THR CA 279 67.42 -16.18 -2.80
CA THR CA 279 66.79 -15.03 -2.19
C THR CA 279 67.70 -13.82 -2.33
N LEU CA 280 67.15 -12.71 -2.82
CA LEU CA 280 67.93 -11.52 -3.12
C LEU CA 280 67.33 -10.31 -2.41
N GLN CA 281 68.17 -9.61 -1.64
CA GLN CA 281 67.79 -8.33 -1.07
C GLN CA 281 68.10 -7.23 -2.08
N GLY CA 282 67.44 -7.29 -3.24
CA GLY CA 282 67.72 -6.38 -4.32
C GLY CA 282 67.52 -4.93 -3.95
N PRO CA 283 68.59 -4.15 -4.02
CA PRO CA 283 68.48 -2.71 -3.77
C PRO CA 283 67.62 -2.05 -4.84
N PRO CA 284 66.97 -0.92 -4.51
CA PRO CA 284 65.99 -0.35 -5.44
C PRO CA 284 66.59 0.08 -6.76
N GLY CA 285 66.25 -0.63 -7.83
CA GLY CA 285 66.62 -0.25 -9.18
C GLY CA 285 68.09 -0.42 -9.53
N THR CA 286 68.85 -1.09 -8.67
CA THR CA 286 70.27 -1.24 -8.89
C THR CA 286 70.59 -2.34 -9.89
N GLY CA 287 69.96 -2.28 -11.06
CA GLY CA 287 70.18 -3.29 -12.08
C GLY CA 287 69.66 -4.67 -11.75
N LYS CA 288 68.50 -4.75 -11.11
CA LYS CA 288 67.86 -6.06 -10.96
C LYS CA 288 67.50 -6.64 -12.31
N SER CA 289 66.98 -5.80 -13.22
CA SER CA 289 66.78 -6.23 -14.60
C SER CA 289 68.09 -6.61 -15.25
N HIS CA 290 69.18 -5.91 -14.92
CA HIS CA 290 70.50 -6.32 -15.40
C HIS CA 290 70.83 -7.71 -14.90
N PHE CA 291 70.52 -8.00 -13.64
CA PHE CA 291 70.74 -9.34 -13.11
C PHE CA 291 69.93 -10.38 -13.87
N ALA CA 292 68.67 -10.08 -14.15
CA ALA CA 292 67.81 -11.03 -14.85
C ALA CA 292 68.34 -11.32 -16.26
N ILE CA 293 68.65 -10.27 -17.03
CA ILE CA 293 69.13 -10.49 -18.39
C ILE CA 293 70.52 -11.11 -18.39
N GLY CA 294 71.35 -10.78 -17.42
CA GLY CA 294 72.64 -11.44 -17.30
C GLY CA 294 72.52 -12.90 -16.97
N LEU CA 295 71.53 -13.27 -16.17
CA LEU CA 295 71.27 -14.68 -15.93
C LEU CA 295 70.75 -15.36 -17.18
N ALA CA 296 69.92 -14.66 -17.97
CA ALA CA 296 69.45 -15.22 -19.24
C ALA CA 296 70.61 -15.50 -20.17
N LEU CA 297 71.51 -14.54 -20.34
CA LEU CA 297 72.71 -14.74 -21.14
C LEU CA 297 73.66 -15.74 -20.49
N TYR CA 298 73.58 -15.89 -19.16
CA TYR CA 298 74.45 -16.79 -18.43
C TYR CA 298 74.02 -18.24 -18.60
N TYR CA 299 72.71 -18.46 -18.76
CA TYR CA 299 72.16 -19.80 -18.99
C TYR CA 299 71.27 -19.73 -20.22
N PRO CA 300 71.86 -19.60 -21.41
CA PRO CA 300 71.05 -19.54 -22.64
C PRO CA 300 70.30 -20.81 -22.94
N SER CA 301 70.70 -21.94 -22.34
CA SER CA 301 70.02 -23.21 -22.57
C SER CA 301 68.91 -23.48 -21.56
N ALA CA 302 68.76 -22.64 -20.53
CA ALA CA 302 67.71 -22.81 -19.54
C ALA CA 302 66.49 -22.01 -19.91
N ARG CA 303 65.31 -22.59 -19.67
CA ARG CA 303 64.05 -21.93 -19.99
C ARG CA 303 63.63 -21.07 -18.80
N ILE CA 304 63.55 -19.76 -19.00
CA ILE CA 304 63.38 -18.81 -17.92
C ILE CA 304 62.06 -18.08 -18.09
N VAL CA 305 61.36 -17.86 -16.98
CA VAL CA 305 60.08 -17.17 -16.97
C VAL CA 305 60.28 -15.88 -16.18
N TYR CA 306 60.05 -14.74 -16.83
CA TYR CA 306 60.08 -13.45 -16.14
C TYR CA 306 58.66 -13.09 -15.74
N THR CA 307 58.31 -13.32 -14.48
CA THR CA 307 56.98 -13.05 -13.98
C THR CA 307 57.01 -11.94 -12.95
N ALA CA 308 55.87 -11.29 -12.78
CA ALA CA 308 55.77 -10.12 -11.91
C ALA CA 308 54.30 -9.93 -11.52
N CYS CA 309 54.09 -9.10 -10.51
CA CYS CA 309 52.73 -8.81 -10.05
C CYS CA 309 51.96 -8.01 -11.09
N SER CA 310 52.49 -6.86 -11.48
CA SER CA 310 51.86 -6.01 -12.48
C SER CA 310 52.71 -5.97 -13.75
N HIS CA 311 52.04 -5.74 -14.88
CA HIS CA 311 52.74 -5.71 -16.16
C HIS CA 311 53.69 -4.54 -16.27
N ALA CA 312 53.45 -3.45 -15.55
CA ALA CA 312 54.40 -2.34 -15.53
C ALA CA 312 55.75 -2.77 -14.98
N ALA CA 313 55.76 -3.76 -14.09
CA ALA CA 313 57.02 -4.36 -13.64
C ALA CA 313 57.70 -5.15 -14.74
N VAL CA 314 56.92 -5.82 -15.59
CA VAL CA 314 57.48 -6.51 -16.75
C VAL CA 314 57.88 -5.54 -17.85
N ASP CA 315 57.47 -4.29 -17.74
CA ASP CA 315 57.86 -3.30 -18.75
C ASP CA 315 59.38 -3.12 -18.78
N ALA CA 316 60.00 -3.01 -17.60
CA ALA CA 316 61.46 -2.92 -17.56
C ALA CA 316 62.12 -4.22 -18.01
N LEU CA 317 61.46 -5.36 -17.74
CA LEU CA 317 61.96 -6.64 -18.23
C LEU CA 317 61.99 -6.64 -19.76
N CYS CA 318 60.92 -6.17 -20.39
CA CYS CA 318 60.88 -6.08 -21.85
C CYS CA 318 61.90 -5.09 -22.36
N GLU CA 319 62.09 -3.98 -21.64
CA GLU CA 319 63.10 -3.00 -22.03
C GLU CA 319 64.49 -3.63 -22.07
N LYS CA 320 64.87 -4.31 -20.99
CA LYS CA 320 66.16 -4.98 -20.97
C LYS CA 320 66.22 -6.16 -21.94
N ALA CA 321 65.07 -6.74 -22.27
CA ALA CA 321 65.05 -7.80 -23.27
C ALA CA 321 65.40 -7.26 -24.65
N LEU CA 322 64.73 -6.19 -25.07
CA LEU CA 322 65.09 -5.56 -26.33
C LEU CA 322 66.49 -4.97 -26.27
N LYS CA 323 67.00 -4.67 -25.07
CA LYS CA 323 68.39 -4.30 -24.93
C LYS CA 323 69.32 -5.45 -25.30
N TYR CA 324 69.09 -6.63 -24.71
CA TYR CA 324 70.01 -7.74 -24.92
C TYR CA 324 69.34 -9.03 -25.39
N LEU CA 325 68.17 -9.35 -24.87
CA LEU CA 325 67.57 -10.66 -25.14
C LEU CA 325 67.12 -10.75 -26.60
N PRO CA 326 67.54 -11.78 -27.34
CA PRO CA 326 67.03 -11.96 -28.71
C PRO CA 326 65.52 -12.12 -28.69
N ILE CA 327 64.86 -11.49 -29.67
CA ILE CA 327 63.41 -11.50 -29.74
C ILE CA 327 62.87 -12.88 -30.05
N ASP CA 328 63.66 -13.73 -30.72
CA ASP CA 328 63.17 -15.02 -31.19
C ASP CA 328 62.75 -15.92 -30.03
N LYS CA 329 63.65 -16.10 -29.05
CA LYS CA 329 63.36 -16.98 -27.91
C LYS CA 329 62.73 -16.23 -26.75
N CYS CA 330 61.67 -15.48 -27.00
CA CYS CA 330 61.03 -14.67 -25.97
C CYS CA 330 59.53 -14.68 -26.17
N SER CA 331 58.79 -14.82 -25.08
CA SER CA 331 57.33 -14.77 -25.09
C SER CA 331 56.86 -13.70 -24.09
N ARG CA 332 55.84 -12.96 -24.50
CA ARG CA 332 55.27 -11.86 -23.71
C ARG CA 332 53.79 -12.15 -23.56
N ILE CA 333 53.43 -12.85 -22.49
CA ILE CA 333 52.06 -13.30 -22.28
C ILE CA 333 51.25 -12.14 -21.70
N ILE CA 334 50.17 -11.78 -22.38
CA ILE CA 334 49.28 -10.71 -21.94
C ILE CA 334 47.85 -11.18 -22.12
N PRO CA 335 47.00 -11.12 -21.08
CA PRO CA 335 45.63 -11.63 -21.21
C PRO CA 335 44.76 -10.70 -22.03
N ALA CA 336 43.47 -11.06 -22.17
CA ALA CA 336 42.53 -10.23 -22.91
C ALA CA 336 41.67 -9.40 -21.96
N CYS CA 342 49.43 -4.09 -22.26
CA CYS CA 342 50.80 -3.64 -22.00
C CYS CA 342 51.71 -4.01 -23.16
N PHE CA 343 52.97 -4.29 -22.85
CA PHE CA 343 53.94 -4.69 -23.87
C PHE CA 343 53.54 -6.04 -24.48
N ASP CA 344 53.73 -6.14 -25.80
CA ASP CA 344 53.45 -7.40 -26.49
C ASP CA 344 54.46 -7.71 -27.59
N LYS CA 345 55.70 -7.24 -27.48
CA LYS CA 345 56.66 -7.39 -28.57
C LYS CA 345 57.19 -8.82 -28.71
N PHE CA 346 56.69 -9.78 -27.93
CA PHE CA 346 56.99 -11.19 -28.09
C PHE CA 346 55.70 -11.94 -28.40
N LYS CA 347 55.78 -13.26 -28.50
CA LYS CA 347 54.60 -14.09 -28.73
C LYS CA 347 53.77 -14.16 -27.45
N VAL CA 348 52.46 -13.97 -27.61
CA VAL CA 348 51.55 -13.80 -26.48
C VAL CA 348 50.92 -15.14 -26.13
N ASN CA 349 50.90 -15.45 -24.83
CA ASN CA 349 50.27 -16.66 -24.31
C ASN CA 349 50.88 -17.92 -24.94
N SER CA 350 52.18 -18.13 -24.73
CA SER CA 350 52.86 -19.29 -25.30
C SER CA 350 53.83 -19.83 -24.25
N THR CA 351 53.44 -20.91 -23.59
CA THR CA 351 54.28 -21.50 -22.55
C THR CA 351 55.53 -22.15 -23.11
N LEU CA 352 55.55 -22.47 -24.41
CA LEU CA 352 56.72 -23.08 -25.05
C LEU CA 352 57.63 -21.97 -25.53
N GLU CA 353 58.58 -21.58 -24.68
CA GLU CA 353 59.54 -20.54 -25.01
C GLU CA 353 60.72 -20.63 -24.06
N GLN CA 354 61.85 -20.11 -24.50
CA GLN CA 354 63.04 -20.02 -23.68
C GLN CA 354 62.85 -18.94 -22.62
N TYR CA 355 62.61 -17.71 -23.05
CA TYR CA 355 62.34 -16.62 -22.14
C TYR CA 355 60.85 -16.29 -22.16
N VAL CA 356 60.24 -16.27 -20.97
CA VAL CA 356 58.80 -16.12 -20.83
C VAL CA 356 58.53 -14.89 -19.99
N PHE CA 357 57.73 -13.96 -20.54
CA PHE CA 357 57.34 -12.74 -19.84
C PHE CA 357 55.84 -12.79 -19.60
N CYS CA 358 55.43 -12.62 -18.35
CA CYS CA 358 54.01 -12.67 -18.02
C CYS CA 358 53.79 -12.04 -16.64
N THR CA 359 52.55 -12.14 -16.17
CA THR CA 359 52.15 -11.68 -14.86
C THR CA 359 51.57 -12.83 -14.05
N VAL CA 360 51.26 -12.54 -12.78
CA VAL CA 360 50.76 -13.56 -11.88
C VAL CA 360 49.32 -13.94 -12.18
N ASN CA 361 48.60 -13.12 -12.94
CA ASN CA 361 47.17 -13.33 -13.17
C ASN CA 361 46.86 -14.04 -14.48
N ALA CA 362 47.86 -14.23 -15.36
CA ALA CA 362 47.61 -14.76 -16.69
C ALA CA 362 48.37 -16.04 -16.99
N LEU CA 363 49.50 -16.29 -16.35
CA LEU CA 363 50.28 -17.48 -16.69
C LEU CA 363 49.57 -18.73 -16.20
N PRO CA 364 49.38 -19.72 -17.07
CA PRO CA 364 48.79 -20.99 -16.65
C PRO CA 364 49.82 -21.92 -16.03
N GLU CA 365 49.41 -23.15 -15.71
CA GLU CA 365 50.32 -24.13 -15.16
C GLU CA 365 51.44 -24.46 -16.15
N THR CA 366 52.67 -24.49 -15.64
CA THR CA 366 53.83 -24.82 -16.45
C THR CA 366 54.97 -25.21 -15.51
N THR CA 367 56.09 -25.63 -16.10
CA THR CA 367 57.28 -25.98 -15.33
C THR CA 367 58.50 -25.64 -16.17
N ALA CA 368 59.45 -24.93 -15.59
CA ALA CA 368 60.65 -24.48 -16.29
C ALA CA 368 61.89 -24.91 -15.53
N ASP CA 369 63.05 -24.36 -15.90
CA ASP CA 369 64.27 -24.54 -15.13
C ASP CA 369 64.47 -23.46 -14.09
N ILE CA 370 64.33 -22.20 -14.46
CA ILE CA 370 64.47 -21.07 -13.53
C ILE CA 370 63.39 -20.05 -13.86
N VAL CA 371 62.74 -19.51 -12.83
CA VAL CA 371 61.73 -18.47 -12.99
C VAL CA 371 62.09 -17.32 -12.06
N VAL CA 372 62.06 -16.10 -12.58
CA VAL CA 372 62.33 -14.91 -11.79
C VAL CA 372 61.01 -14.24 -11.43
N PHE CA 373 60.94 -13.70 -10.22
CA PHE CA 373 59.75 -13.02 -9.75
C PHE CA 373 60.20 -11.77 -8.98
N ASP CA 374 59.75 -10.61 -9.44
CA ASP CA 374 60.21 -9.35 -8.90
C ASP CA 374 59.19 -8.78 -7.91
N GLU CA 375 59.59 -7.68 -7.28
CA GLU CA 375 58.79 -6.97 -6.26
C GLU CA 375 58.07 -7.95 -5.32
N ILE CA 376 58.86 -8.85 -4.73
CA ILE CA 376 58.32 -9.78 -3.74
C ILE CA 376 57.81 -9.04 -2.52
N SER CA 377 58.25 -7.80 -2.31
CA SER CA 377 57.65 -6.95 -1.29
C SER CA 377 56.21 -6.62 -1.66
N MET CA 378 55.97 -6.35 -2.94
CA MET CA 378 54.63 -6.11 -3.47
C MET CA 378 53.73 -7.34 -3.43
N ALA CA 379 54.32 -8.53 -3.43
CA ALA CA 379 53.54 -9.76 -3.50
C ALA CA 379 52.92 -10.10 -2.14
N THR CA 380 51.91 -10.97 -2.19
CA THR CA 380 51.27 -11.50 -1.00
C THR CA 380 51.43 -13.01 -0.95
N ASN CA 381 51.35 -13.57 0.25
CA ASN CA 381 51.51 -15.01 0.41
C ASN CA 381 50.45 -15.78 -0.37
N TYR CA 382 49.27 -15.18 -0.54
CA TYR CA 382 48.25 -15.78 -1.39
C TYR CA 382 48.76 -15.97 -2.81
N ASP CA 383 49.28 -14.90 -3.41
CA ASP CA 383 49.85 -15.02 -4.75
C ASP CA 383 51.16 -15.77 -4.73
N LEU CA 384 51.90 -15.69 -3.62
CA LEU CA 384 53.14 -16.45 -3.49
C LEU CA 384 52.88 -17.94 -3.49
N SER CA 385 51.67 -18.35 -3.11
CA SER CA 385 51.25 -19.74 -3.23
C SER CA 385 50.60 -20.02 -4.59
N VAL CA 386 49.93 -19.03 -5.16
CA VAL CA 386 49.37 -19.19 -6.50
C VAL CA 386 50.47 -19.52 -7.50
N VAL CA 387 51.58 -18.79 -7.42
CA VAL CA 387 52.69 -19.01 -8.35
C VAL CA 387 53.28 -20.41 -8.16
N ASN CA 388 53.37 -20.87 -6.91
CA ASN CA 388 53.84 -22.23 -6.67
C ASN CA 388 52.84 -23.25 -7.24
N ALA CA 389 51.55 -22.97 -7.12
CA ALA CA 389 50.53 -23.83 -7.70
C ALA CA 389 50.45 -23.71 -9.21
N ARG CA 390 51.30 -22.90 -9.83
CA ARG CA 390 51.33 -22.77 -11.28
C ARG CA 390 52.67 -23.14 -11.90
N LEU CA 391 53.77 -22.91 -11.19
CA LEU CA 391 55.10 -23.18 -11.72
C LEU CA 391 55.86 -24.10 -10.75
N ARG CA 392 56.58 -25.06 -11.32
CA ARG CA 392 57.40 -26.00 -10.57
C ARG CA 392 58.82 -26.00 -11.12
N ALA CA 393 59.37 -24.81 -11.34
CA ALA CA 393 60.66 -24.69 -12.00
C ALA CA 393 61.78 -25.29 -11.16
N LYS CA 394 62.82 -25.75 -11.85
CA LYS CA 394 63.97 -26.36 -11.16
C LYS CA 394 64.60 -25.39 -10.17
N HIS CA 395 64.67 -24.11 -10.52
CA HIS CA 395 65.18 -23.10 -9.61
C HIS CA 395 64.22 -21.92 -9.58
N TYR CA 396 64.12 -21.28 -8.43
CA TYR CA 396 63.38 -20.04 -8.27
C TYR CA 396 64.33 -18.91 -7.88
N VAL CA 397 63.82 -17.68 -7.97
CA VAL CA 397 64.55 -16.52 -7.47
C VAL CA 397 63.53 -15.42 -7.21
N TYR CA 398 63.66 -14.78 -6.05
CA TYR CA 398 62.70 -13.80 -5.57
C TYR CA 398 63.41 -12.44 -5.48
N ILE CA 399 63.32 -11.67 -6.55
CA ILE CA 399 63.89 -10.32 -6.57
C ILE CA 399 62.97 -9.37 -5.82
N GLY CA 400 63.53 -8.63 -4.88
CA GLY CA 400 62.76 -7.66 -4.11
C GLY CA 400 63.26 -7.55 -2.69
N ASP CA 401 63.30 -6.33 -2.18
CA ASP CA 401 63.76 -6.05 -0.83
C ASP CA 401 62.60 -5.45 -0.05
N PRO CA 402 62.14 -6.07 1.04
CA PRO CA 402 61.05 -5.48 1.84
C PRO CA 402 61.38 -4.10 2.38
N ALA CA 403 62.60 -3.62 2.20
CA ALA CA 403 62.96 -2.24 2.53
C ALA CA 403 62.65 -1.29 1.39
N GLN CA 404 61.72 -1.65 0.51
CA GLN CA 404 61.33 -0.79 -0.59
C GLN CA 404 59.90 -0.28 -0.44
N LEU CA 405 58.93 -1.19 -0.37
CA LEU CA 405 57.52 -0.80 -0.36
C LEU CA 405 56.66 -1.96 0.14
N PRO CA 406 55.56 -1.66 0.84
CA PRO CA 406 54.61 -2.72 1.20
C PRO CA 406 53.48 -2.86 0.19
N ALA CA 407 52.69 -3.92 0.31
CA ALA CA 407 51.48 -4.04 -0.48
C ALA CA 407 50.40 -3.13 0.12
N PRO CA 408 49.53 -2.53 -0.71
CA PRO CA 408 48.53 -1.62 -0.17
C PRO CA 408 47.37 -2.36 0.49
N ARG CA 409 47.59 -2.87 1.70
CA ARG CA 409 46.56 -3.58 2.44
C ARG CA 409 45.56 -2.55 2.94
N THR CA 410 44.63 -2.20 2.05
CA THR CA 410 43.63 -1.18 2.37
C THR CA 410 42.77 -1.57 3.57
N LEU CA 411 42.58 -2.86 3.82
CA LEU CA 411 41.84 -3.28 4.99
C LEU CA 411 42.65 -3.14 6.28
N LEU CA 412 43.97 -3.07 6.17
CA LEU CA 412 44.82 -2.88 7.35
C LEU CA 412 44.64 -1.45 7.86
N THR CA 413 43.90 -1.31 8.97
CA THR CA 413 43.66 0.00 9.57
C THR CA 413 44.40 0.20 10.88
N LYS CA 414 44.42 -0.80 11.74
CA LYS CA 414 45.06 -0.69 13.05
C LYS CA 414 46.46 -1.30 12.97
N GLY CA 415 47.44 -0.54 13.45
CA GLY CA 415 48.81 -1.02 13.46
C GLY CA 415 49.44 -0.98 12.08
N THR CA 416 50.69 -1.44 12.03
CA THR CA 416 51.47 -1.47 10.79
C THR CA 416 52.09 -2.85 10.63
N LEU CA 417 52.23 -3.28 9.38
CA LEU CA 417 52.83 -4.56 9.09
C LEU CA 417 54.32 -4.42 8.80
N GLU CA 418 55.11 -5.23 9.47
CA GLU CA 418 56.56 -5.16 9.37
C GLU CA 418 57.03 -5.63 7.99
N PRO CA 419 58.17 -5.12 7.53
CA PRO CA 419 58.67 -5.54 6.21
C PRO CA 419 58.84 -7.04 6.06
N GLU CA 420 59.27 -7.73 7.13
CA GLU CA 420 59.29 -9.18 7.11
C GLU CA 420 57.87 -9.74 7.02
N TYR CA 421 56.93 -9.13 7.74
CA TYR CA 421 55.56 -9.62 7.78
C TYR CA 421 54.74 -9.27 6.55
N PHE CA 422 55.36 -8.71 5.51
CA PHE CA 422 54.63 -8.51 4.25
C PHE CA 422 54.15 -9.83 3.69
N ASN CA 423 55.03 -10.84 3.66
CA ASN CA 423 54.70 -12.18 3.22
C ASN CA 423 55.80 -13.12 3.72
N SER CA 424 55.78 -14.38 3.27
CA SER CA 424 56.74 -15.35 3.75
C SER CA 424 58.13 -15.13 3.17
N VAL CA 425 58.22 -14.79 1.88
CA VAL CA 425 59.54 -14.59 1.28
C VAL CA 425 60.22 -13.36 1.87
N CYS CA 426 59.46 -12.32 2.20
CA CYS CA 426 60.02 -11.19 2.93
C CYS CA 426 60.27 -11.52 4.39
N ARG CA 427 59.59 -12.54 4.93
CA ARG CA 427 59.85 -12.93 6.31
C ARG CA 427 61.24 -13.53 6.45
N LEU CA 428 61.65 -14.37 5.49
CA LEU CA 428 62.99 -14.91 5.46
C LEU CA 428 64.02 -13.90 4.94
N MET CA 429 63.57 -12.79 4.36
CA MET CA 429 64.47 -11.72 3.94
C MET CA 429 65.25 -11.13 5.12
N LYS CA 430 64.76 -11.32 6.35
CA LYS CA 430 65.45 -10.85 7.54
C LYS CA 430 66.03 -11.98 8.38
N THR CA 431 65.42 -13.17 8.36
CA THR CA 431 65.91 -14.30 9.13
C THR CA 431 67.09 -14.95 8.43
N ILE CA 432 66.86 -15.48 7.22
CA ILE CA 432 67.94 -16.03 6.41
C ILE CA 432 68.56 -14.99 5.51
N GLY CA 433 67.93 -13.83 5.37
CA GLY CA 433 68.45 -12.76 4.55
C GLY CA 433 68.50 -13.14 3.09
N PRO CA 434 69.33 -12.43 2.33
CA PRO CA 434 69.51 -12.76 0.92
C PRO CA 434 70.54 -13.87 0.73
N ASP CA 435 70.50 -14.46 -0.47
CA ASP CA 435 71.54 -15.39 -0.89
C ASP CA 435 72.56 -14.75 -1.82
N MET CA 436 72.11 -14.02 -2.83
CA MET CA 436 72.92 -13.10 -3.62
C MET CA 436 72.62 -11.67 -3.24
N PHE CA 437 73.39 -10.75 -3.82
CA PHE CA 437 73.22 -9.33 -3.59
C PHE CA 437 73.76 -8.56 -4.78
N LEU CA 438 73.09 -7.47 -5.12
CA LEU CA 438 73.49 -6.62 -6.24
C LEU CA 438 74.56 -5.67 -5.73
N GLY CA 439 75.82 -5.98 -6.02
CA GLY CA 439 76.94 -5.21 -5.51
C GLY CA 439 76.99 -3.79 -6.04
N THR CA 440 77.26 -3.63 -7.34
CA THR CA 440 77.36 -2.30 -7.92
C THR CA 440 75.99 -1.64 -7.97
N CYS CA 441 75.94 -0.37 -7.60
CA CYS CA 441 74.71 0.42 -7.63
C CYS CA 441 74.55 1.00 -9.03
N ARG CA 442 73.53 0.55 -9.76
CA ARG CA 442 73.35 0.91 -11.16
C ARG CA 442 72.58 2.21 -11.34
N ARG CA 443 72.07 2.81 -10.27
CA ARG CA 443 71.28 4.03 -10.42
C ARG CA 443 71.84 5.23 -9.67
N CYS CA 444 72.05 5.10 -8.36
CA CYS CA 444 72.20 6.28 -7.52
C CYS CA 444 73.67 6.64 -7.28
N PRO CA 445 73.94 7.93 -7.04
CA PRO CA 445 75.30 8.35 -6.67
C PRO CA 445 75.56 8.17 -5.18
N ALA CA 446 76.74 8.62 -4.71
CA ALA CA 446 77.08 8.48 -3.31
C ALA CA 446 76.09 9.21 -2.40
N GLU CA 447 75.52 10.31 -2.88
CA GLU CA 447 74.62 11.13 -2.07
C GLU CA 447 73.49 10.30 -1.49
N ILE CA 448 72.64 9.75 -2.36
CA ILE CA 448 71.51 8.95 -1.90
C ILE CA 448 71.97 7.63 -1.31
N VAL CA 449 72.97 6.99 -1.95
CA VAL CA 449 73.38 5.64 -1.56
C VAL CA 449 73.89 5.61 -0.13
N ASP CA 450 74.75 6.56 0.24
CA ASP CA 450 75.31 6.56 1.59
C ASP CA 450 74.21 6.71 2.64
N THR CA 451 73.30 7.65 2.42
CA THR CA 451 72.24 7.89 3.40
C THR CA 451 71.33 6.68 3.53
N VAL CA 452 70.90 6.10 2.40
CA VAL CA 452 70.00 4.96 2.47
C VAL CA 452 70.69 3.73 3.01
N SER CA 453 72.00 3.58 2.78
CA SER CA 453 72.72 2.42 3.28
C SER CA 453 72.96 2.53 4.79
N ALA CA 454 73.30 3.73 5.27
CA ALA CA 454 73.40 3.94 6.71
C ALA CA 454 72.04 3.93 7.40
N LEU CA 455 70.97 4.16 6.64
CA LEU CA 455 69.63 4.24 7.22
C LEU CA 455 69.04 2.87 7.47
N VAL CA 456 68.90 2.06 6.42
CA VAL CA 456 68.22 0.79 6.52
C VAL CA 456 68.94 -0.36 5.82
N TYR CA 457 69.82 -0.06 4.86
CA TYR CA 457 70.48 -1.14 4.12
C TYR CA 457 71.77 -1.57 4.80
N ASP CA 458 71.98 -1.11 6.05
CA ASP CA 458 73.09 -1.54 6.88
C ASP CA 458 74.45 -1.27 6.23
N ASN CA 459 74.54 -0.16 5.49
CA ASN CA 459 75.76 0.30 4.83
C ASN CA 459 76.29 -0.69 3.79
N LYS CA 460 75.46 -1.63 3.32
CA LYS CA 460 75.93 -2.60 2.35
C LYS CA 460 75.82 -2.10 0.91
N LEU CA 461 75.22 -0.93 0.69
CA LEU CA 461 75.16 -0.34 -0.63
C LEU CA 461 76.39 0.54 -0.83
N LYS CA 462 77.25 0.16 -1.78
CA LYS CA 462 78.46 0.91 -2.05
C LYS CA 462 78.14 2.25 -2.68
N ALA CA 463 78.79 3.32 -2.19
CA ALA CA 463 78.62 4.63 -2.79
C ALA CA 463 79.18 4.61 -4.20
N HIS CA 464 78.30 4.66 -5.21
CA HIS CA 464 78.70 4.40 -6.58
C HIS CA 464 79.36 5.61 -7.23
N LYS CA 465 78.62 6.70 -7.38
CA LYS CA 465 79.15 7.89 -8.04
C LYS CA 465 79.64 8.89 -7.01
N ASP CA 466 79.98 10.10 -7.44
CA ASP CA 466 80.46 11.15 -6.56
C ASP CA 466 79.30 11.77 -5.79
N LYS CA 467 79.65 12.53 -4.76
CA LYS CA 467 78.66 13.23 -3.95
C LYS CA 467 77.97 14.29 -4.82
N SER CA 468 76.64 14.18 -4.94
CA SER CA 468 75.91 15.04 -5.85
C SER CA 468 75.95 16.51 -5.41
N ALA CA 469 75.63 16.77 -4.14
CA ALA CA 469 75.63 18.10 -3.55
C ALA CA 469 74.53 18.98 -4.14
N GLN CA 470 73.79 18.47 -5.12
CA GLN CA 470 72.59 19.15 -5.59
C GLN CA 470 71.33 18.56 -4.97
N CYS CA 471 71.45 17.48 -4.19
CA CYS CA 471 70.31 16.88 -3.51
C CYS CA 471 70.05 17.69 -2.26
N PHE CA 472 69.24 18.73 -2.40
CA PHE CA 472 68.94 19.64 -1.31
C PHE CA 472 67.85 19.05 -0.42
N LYS CA 473 68.07 19.13 0.89
CA LYS CA 473 67.05 18.81 1.87
C LYS CA 473 66.54 20.13 2.44
N MET CA 474 65.22 20.29 2.47
N MET CA 474 65.22 20.30 2.46
CA MET CA 474 64.59 21.57 2.81
CA MET CA 474 64.61 21.57 2.80
C MET CA 474 63.99 21.48 4.22
C MET CA 474 63.98 21.50 4.19
N PHE CA 475 64.23 22.52 5.01
CA PHE CA 475 63.66 22.61 6.34
C PHE CA 475 62.32 23.34 6.28
N TYR CA 476 61.28 22.70 6.83
CA TYR CA 476 59.94 23.30 6.89
C TYR CA 476 59.17 22.67 8.04
N LYS CA 477 58.25 23.46 8.61
CA LYS CA 477 57.52 23.05 9.80
C LYS CA 477 56.20 22.36 9.45
N GLY CA 478 55.31 23.07 8.78
CA GLY CA 478 54.10 22.45 8.27
C GLY CA 478 52.82 23.24 8.46
N VAL CA 479 52.13 23.51 7.36
CA VAL CA 479 50.77 24.05 7.39
C VAL CA 479 50.01 23.27 6.31
N ILE CA 480 49.27 22.25 6.73
CA ILE CA 480 48.68 21.30 5.80
C ILE CA 480 47.17 21.24 6.03
N THR CA 481 46.45 21.09 4.92
CA THR CA 481 44.99 20.97 4.96
C THR CA 481 44.57 19.77 4.10
N HIS CA 482 43.45 19.16 4.47
CA HIS CA 482 42.96 17.98 3.77
C HIS CA 482 41.45 18.09 3.57
N ASP CA 483 40.93 17.16 2.77
CA ASP CA 483 39.51 17.05 2.49
C ASP CA 483 39.20 15.56 2.27
N VAL CA 484 38.09 15.28 1.57
CA VAL CA 484 37.54 13.92 1.50
C VAL CA 484 38.63 12.88 1.30
N SER CA 485 39.41 13.00 0.22
CA SER CA 485 40.48 12.03 -0.02
C SER CA 485 41.73 12.68 -0.59
N SER CA 486 41.72 14.00 -0.72
CA SER CA 486 42.79 14.72 -1.41
C SER CA 486 43.71 15.40 -0.41
N ALA CA 487 45.01 15.35 -0.69
CA ALA CA 487 45.99 16.09 0.09
C ALA CA 487 46.30 17.40 -0.62
N ILE CA 488 46.30 18.50 0.14
CA ILE CA 488 46.59 19.82 -0.40
C ILE CA 488 47.51 20.53 0.58
N ASN CA 489 48.61 21.09 0.08
CA ASN CA 489 49.52 21.89 0.89
C ASN CA 489 49.80 23.21 0.17
N ARG CA 490 48.89 24.17 0.35
CA ARG CA 490 49.06 25.48 -0.27
C ARG CA 490 50.31 26.22 0.18
N PRO CA 491 50.63 26.30 1.49
CA PRO CA 491 51.93 26.88 1.85
C PRO CA 491 53.10 26.12 1.25
N GLN CA 492 53.03 24.79 1.19
CA GLN CA 492 54.12 24.04 0.56
C GLN CA 492 54.16 24.25 -0.94
N ILE CA 493 53.01 24.37 -1.60
CA ILE CA 493 52.99 24.66 -3.03
C ILE CA 493 53.63 26.02 -3.29
N GLY CA 494 53.27 27.02 -2.49
CA GLY CA 494 53.91 28.32 -2.62
C GLY CA 494 55.40 28.29 -2.34
N VAL CA 495 55.81 27.52 -1.32
CA VAL CA 495 57.22 27.41 -0.99
C VAL CA 495 58.00 26.79 -2.15
N VAL CA 496 57.47 25.72 -2.73
CA VAL CA 496 58.18 25.07 -3.82
C VAL CA 496 58.10 25.90 -5.10
N ARG CA 497 57.07 26.72 -5.26
CA ARG CA 497 57.05 27.69 -6.35
C ARG CA 497 58.15 28.73 -6.19
N GLU CA 498 58.31 29.25 -4.97
CA GLU CA 498 59.38 30.22 -4.71
C GLU CA 498 60.76 29.59 -4.89
N PHE CA 499 60.95 28.37 -4.39
CA PHE CA 499 62.21 27.67 -4.49
C PHE CA 499 62.55 27.29 -5.93
N LEU CA 500 61.55 26.88 -6.70
CA LEU CA 500 61.77 26.51 -8.09
C LEU CA 500 62.16 27.73 -8.93
N THR CA 501 61.65 28.90 -8.59
CA THR CA 501 62.01 30.12 -9.30
C THR CA 501 63.46 30.53 -9.04
N ARG CA 502 64.03 30.12 -7.91
CA ARG CA 502 65.43 30.45 -7.63
C ARG CA 502 66.37 29.83 -8.65
N ASN CA 503 66.12 28.58 -9.03
CA ASN CA 503 66.89 27.90 -10.07
C ASN CA 503 65.95 27.42 -11.17
N PRO CA 504 65.92 28.06 -12.34
CA PRO CA 504 65.02 27.64 -13.41
C PRO CA 504 65.30 26.24 -13.94
N ALA CA 505 66.48 25.68 -13.66
CA ALA CA 505 66.81 24.33 -14.12
C ALA CA 505 65.97 23.26 -13.45
N TRP CA 506 65.23 23.59 -12.39
CA TRP CA 506 64.40 22.61 -11.68
C TRP CA 506 62.99 22.52 -12.25
N ARG CA 507 62.73 23.16 -13.39
CA ARG CA 507 61.42 23.09 -14.02
C ARG CA 507 61.33 21.80 -14.84
N LYS CA 508 62.25 20.88 -14.60
CA LYS CA 508 62.25 19.58 -15.25
C LYS CA 508 62.14 18.48 -14.21
N ALA CA 509 62.36 18.85 -12.94
CA ALA CA 509 62.23 17.89 -11.85
C ALA CA 509 60.77 17.55 -11.61
N VAL CA 510 60.43 16.28 -11.75
CA VAL CA 510 59.06 15.85 -11.55
C VAL CA 510 58.67 16.05 -10.09
N PHE CA 511 57.41 16.38 -9.86
CA PHE CA 511 56.88 16.56 -8.52
C PHE CA 511 56.36 15.22 -8.01
N ILE CA 512 56.86 14.78 -6.88
CA ILE CA 512 56.41 13.55 -6.24
C ILE CA 512 55.51 13.92 -5.07
N SER CA 513 54.48 13.12 -4.84
CA SER CA 513 53.52 13.41 -3.78
C SER CA 513 53.07 12.11 -3.11
N PRO CA 514 52.96 12.10 -1.79
CA PRO CA 514 52.39 10.91 -1.11
C PRO CA 514 50.98 10.61 -1.58
N TYR CA 515 50.17 11.63 -1.80
CA TYR CA 515 48.86 11.51 -2.41
C TYR CA 515 48.88 12.27 -3.72
N ASN CA 516 48.47 11.60 -4.80
CA ASN CA 516 48.60 12.19 -6.13
C ASN CA 516 47.68 13.38 -6.36
N SER CA 517 46.75 13.66 -5.44
CA SER CA 517 46.01 14.91 -5.51
C SER CA 517 46.85 16.10 -5.08
N GLN CA 518 47.79 15.92 -4.16
CA GLN CA 518 48.75 16.97 -3.87
C GLN CA 518 49.61 17.25 -5.09
N ASN CA 519 50.02 16.20 -5.80
CA ASN CA 519 50.70 16.37 -7.08
C ASN CA 519 49.79 17.02 -8.11
N ALA CA 520 48.48 16.77 -8.01
CA ALA CA 520 47.53 17.38 -8.94
C ALA CA 520 47.46 18.89 -8.73
N VAL CA 521 47.32 19.31 -7.47
CA VAL CA 521 47.30 20.75 -7.19
C VAL CA 521 48.66 21.37 -7.52
N ALA CA 522 49.75 20.61 -7.34
CA ALA CA 522 51.07 21.08 -7.76
C ALA CA 522 51.08 21.35 -9.27
N SER CA 523 50.76 20.33 -10.07
CA SER CA 523 50.73 20.49 -11.51
C SER CA 523 49.78 21.58 -11.95
N LYS CA 524 48.74 21.85 -11.16
CA LYS CA 524 47.89 23.02 -11.42
C LYS CA 524 48.63 24.31 -11.15
N ILE CA 525 49.51 24.34 -10.15
CA ILE CA 525 50.29 25.53 -9.83
C ILE CA 525 51.75 25.41 -10.32
N LEU CA 526 52.44 24.36 -9.89
CA LEU CA 526 53.83 24.14 -10.32
C LEU CA 526 53.90 23.84 -11.81
N GLY CA 527 53.05 22.93 -12.29
CA GLY CA 527 53.13 22.43 -13.65
C GLY CA 527 53.97 21.19 -13.83
N LEU CA 528 54.65 20.72 -12.79
CA LEU CA 528 55.47 19.53 -12.91
C LEU CA 528 54.59 18.27 -12.92
N PRO CA 529 55.06 17.19 -13.54
CA PRO CA 529 54.26 15.97 -13.62
C PRO CA 529 54.07 15.32 -12.26
N THR CA 530 53.24 14.29 -12.24
CA THR CA 530 52.87 13.59 -11.01
C THR CA 530 53.62 12.27 -10.90
N GLN CA 531 54.02 11.93 -9.67
CA GLN CA 531 54.64 10.64 -9.39
C GLN CA 531 54.14 10.14 -8.04
N THR CA 532 53.58 8.94 -8.02
CA THR CA 532 53.23 8.30 -6.77
C THR CA 532 54.49 7.76 -6.09
N VAL CA 533 54.57 7.97 -4.77
CA VAL CA 533 55.66 7.38 -4.01
C VAL CA 533 55.59 5.86 -4.09
N ASP CA 534 54.38 5.31 -4.18
CA ASP CA 534 54.20 3.88 -4.37
C ASP CA 534 54.56 3.51 -5.80
N SER CA 535 53.89 4.11 -6.77
CA SER CA 535 54.19 3.85 -8.18
C SER CA 535 55.42 4.63 -8.61
N SER CA 536 56.56 4.33 -8.01
CA SER CA 536 57.80 5.03 -8.33
C SER CA 536 58.91 4.10 -8.80
N GLN CA 537 58.85 2.81 -8.50
CA GLN CA 537 59.87 1.88 -8.94
C GLN CA 537 59.91 1.81 -10.46
N GLY CA 538 61.11 1.70 -11.00
CA GLY CA 538 61.31 1.73 -12.44
C GLY CA 538 61.44 3.15 -12.96
N SER CA 539 60.43 3.97 -12.69
CA SER CA 539 60.47 5.37 -13.09
C SER CA 539 61.56 6.10 -12.31
N GLU CA 540 62.46 6.76 -13.03
CA GLU CA 540 63.60 7.42 -12.40
C GLU CA 540 64.02 8.60 -13.26
N TYR CA 541 64.48 9.65 -12.59
CA TYR CA 541 64.87 10.89 -13.25
C TYR CA 541 66.10 11.47 -12.54
N ASP CA 542 66.92 12.18 -13.31
CA ASP CA 542 68.10 12.82 -12.73
C ASP CA 542 67.71 13.92 -11.76
N TYR CA 543 66.73 14.74 -12.12
CA TYR CA 543 66.23 15.80 -11.26
C TYR CA 543 64.81 15.47 -10.85
N VAL CA 544 64.55 15.48 -9.54
CA VAL CA 544 63.24 15.23 -8.98
C VAL CA 544 63.02 16.20 -7.83
N ILE CA 545 61.76 16.58 -7.62
CA ILE CA 545 61.36 17.42 -6.49
C ILE CA 545 60.21 16.74 -5.78
N PHE CA 546 60.36 16.53 -4.47
CA PHE CA 546 59.35 15.83 -3.69
C PHE CA 546 59.08 16.60 -2.41
N THR CA 547 57.80 16.80 -2.10
CA THR CA 547 57.37 17.42 -0.85
C THR CA 547 56.60 16.38 -0.05
N GLN CA 548 56.97 16.24 1.22
CA GLN CA 548 56.40 15.18 2.06
C GLN CA 548 54.90 15.35 2.28
N THR CA 549 54.36 16.56 2.06
CA THR CA 549 52.95 16.85 2.29
C THR CA 549 52.60 16.65 3.76
N THR CA 550 52.66 15.41 4.23
CA THR CA 550 52.44 15.09 5.63
C THR CA 550 53.62 14.27 6.16
N GLU CA 551 53.82 14.34 7.47
CA GLU CA 551 54.92 13.66 8.14
C GLU CA 551 54.49 12.36 8.81
N THR CA 552 53.29 11.88 8.50
CA THR CA 552 52.76 10.69 9.16
C THR CA 552 53.48 9.44 8.67
N ALA CA 553 53.17 8.31 9.32
CA ALA CA 553 53.86 7.06 9.04
C ALA CA 553 53.65 6.61 7.59
N HIS CA 554 52.52 6.97 6.99
CA HIS CA 554 52.27 6.61 5.60
C HIS CA 554 53.03 7.48 4.62
N SER CA 555 53.80 8.46 5.10
CA SER CA 555 54.65 9.28 4.24
C SER CA 555 56.04 9.50 4.82
N CYS CA 556 56.33 9.00 6.02
CA CYS CA 556 57.61 9.22 6.65
C CYS CA 556 58.35 7.94 7.03
N ASN CA 557 57.79 6.77 6.74
CA ASN CA 557 58.49 5.53 7.04
C ASN CA 557 59.73 5.41 6.16
N VAL CA 558 60.76 4.76 6.71
CA VAL CA 558 62.09 4.83 6.14
C VAL CA 558 62.13 4.20 4.74
N ASN CA 559 61.51 3.02 4.58
CA ASN CA 559 61.59 2.33 3.30
C ASN CA 559 60.84 3.08 2.21
N ARG CA 560 59.74 3.75 2.56
CA ARG CA 560 58.98 4.51 1.58
C ARG CA 560 59.84 5.60 0.96
N PHE CA 561 60.47 6.43 1.81
CA PHE CA 561 61.33 7.47 1.27
C PHE CA 561 62.63 6.91 0.71
N ASN CA 562 63.02 5.70 1.12
CA ASN CA 562 64.16 5.05 0.47
C ASN CA 562 63.87 4.76 -0.98
N VAL CA 563 62.73 4.11 -1.25
CA VAL CA 563 62.38 3.80 -2.63
C VAL CA 563 62.03 5.08 -3.40
N ALA CA 564 61.53 6.11 -2.72
CA ALA CA 564 61.26 7.38 -3.39
C ALA CA 564 62.55 8.10 -3.75
N ILE CA 565 63.56 8.02 -2.89
CA ILE CA 565 64.80 8.76 -3.08
C ILE CA 565 65.81 7.99 -3.92
N THR CA 566 65.69 6.67 -4.03
CA THR CA 566 66.58 5.89 -4.86
C THR CA 566 66.30 6.09 -6.35
N ARG CA 567 65.32 6.92 -6.68
CA ARG CA 567 64.99 7.26 -8.07
C ARG CA 567 65.66 8.54 -8.53
N ALA CA 568 66.44 9.19 -7.67
CA ALA CA 568 67.12 10.43 -8.01
C ALA CA 568 68.50 10.11 -8.58
N LYS CA 569 68.65 10.24 -9.89
CA LYS CA 569 69.93 9.96 -10.53
C LYS CA 569 70.98 11.02 -10.24
N VAL CA 570 70.61 12.30 -10.23
CA VAL CA 570 71.58 13.37 -10.05
C VAL CA 570 71.22 14.21 -8.83
N GLY CA 571 70.03 14.78 -8.81
CA GLY CA 571 69.61 15.64 -7.72
C GLY CA 571 68.15 15.43 -7.35
N ILE CA 572 67.86 15.60 -6.06
CA ILE CA 572 66.50 15.49 -5.54
C ILE CA 572 66.21 16.69 -4.66
N LEU CA 573 65.03 17.27 -4.83
CA LEU CA 573 64.56 18.39 -4.03
C LEU CA 573 63.51 17.84 -3.06
N CYS CA 574 63.96 17.37 -1.90
CA CYS CA 574 63.10 16.75 -0.90
C CYS CA 574 62.72 17.79 0.15
N ILE CA 575 61.46 18.21 0.14
CA ILE CA 575 60.94 19.16 1.11
C ILE CA 575 60.17 18.41 2.19
N MET CA 576 60.74 18.35 3.39
CA MET CA 576 60.16 17.57 4.49
C MET CA 576 59.75 18.47 5.64
N SER CA 577 58.63 18.12 6.29
CA SER CA 577 58.14 18.80 7.47
C SER CA 577 58.57 18.13 8.77
N ASP CA 578 59.48 17.16 8.71
CA ASP CA 578 59.89 16.36 9.86
C ASP CA 578 61.38 16.57 10.12
N ARG CA 579 61.85 16.01 11.24
CA ARG CA 579 63.25 16.07 11.63
C ARG CA 579 63.89 14.71 11.86
N ASP CA 580 63.11 13.64 11.96
CA ASP CA 580 63.70 12.31 12.13
C ASP CA 580 64.58 11.94 10.94
N LEU CA 581 64.12 12.23 9.72
CA LEU CA 581 64.93 12.00 8.53
C LEU CA 581 65.82 13.19 8.20
N TYR CA 582 65.40 14.40 8.54
CA TYR CA 582 66.20 15.59 8.27
C TYR CA 582 67.56 15.51 8.96
N ASP CA 583 67.55 15.25 10.27
CA ASP CA 583 68.81 15.13 10.99
C ASP CA 583 69.56 13.87 10.58
N LYS CA 584 68.84 12.79 10.26
CA LYS CA 584 69.49 11.61 9.71
C LYS CA 584 70.11 11.90 8.35
N LEU CA 585 69.42 12.66 7.50
CA LEU CA 585 69.91 12.94 6.16
C LEU CA 585 71.20 13.77 6.23
N GLN CA 586 72.21 13.36 5.48
CA GLN CA 586 73.45 14.11 5.35
C GLN CA 586 73.46 14.98 4.10
N PHE CA 587 72.29 15.27 3.53
CA PHE CA 587 72.22 16.03 2.29
C PHE CA 587 72.55 17.50 2.52
N THR CA 588 72.55 18.26 1.44
CA THR CA 588 72.74 19.70 1.53
C THR CA 588 71.47 20.35 2.07
N SER CA 589 71.58 20.99 3.23
CA SER CA 589 70.43 21.60 3.87
C SER CA 589 70.20 23.02 3.35
N LEU CA 590 68.95 23.33 3.04
CA LEU CA 590 68.56 24.64 2.55
C LEU CA 590 67.46 25.21 3.42
N GLU CA 591 67.28 26.53 3.33
CA GLU CA 591 66.31 27.24 4.16
C GLU CA 591 64.90 27.10 3.57
N ILE CA 592 63.96 27.82 4.13
CA ILE CA 592 62.55 27.73 3.76
C ILE CA 592 62.15 28.98 2.99
N PRO CA 593 61.79 28.86 1.71
CA PRO CA 593 61.31 29.98 0.90
C PRO CA 593 59.97 30.53 1.38
N ALA DA 1 40.43 -71.23 -9.22
CA ALA DA 1 40.75 -72.64 -9.02
C ALA DA 1 40.81 -72.97 -7.54
N VAL DA 2 40.82 -74.27 -7.22
CA VAL DA 2 40.97 -74.74 -5.85
C VAL DA 2 42.16 -75.70 -5.80
N GLY DA 3 42.91 -75.61 -4.71
CA GLY DA 3 44.13 -76.39 -4.57
C GLY DA 3 44.04 -77.49 -3.53
N ALA DA 4 45.20 -77.91 -3.02
CA ALA DA 4 45.27 -78.98 -2.04
C ALA DA 4 46.18 -78.57 -0.88
N CYS DA 5 45.84 -79.05 0.31
CA CYS DA 5 46.59 -78.72 1.52
C CYS DA 5 48.05 -79.08 1.35
N VAL DA 6 48.91 -78.09 1.61
CA VAL DA 6 50.35 -78.26 1.41
C VAL DA 6 50.97 -79.25 2.40
N LEU DA 7 50.22 -79.66 3.42
CA LEU DA 7 50.68 -80.63 4.39
C LEU DA 7 49.82 -81.88 4.41
N CYS DA 8 48.50 -81.74 4.39
CA CYS DA 8 47.60 -82.89 4.47
C CYS DA 8 47.32 -83.51 3.11
N ASN DA 9 47.74 -82.86 2.02
CA ASN DA 9 47.62 -83.40 0.67
C ASN DA 9 46.17 -83.59 0.26
N SER DA 10 45.23 -83.09 1.06
CA SER DA 10 43.82 -83.04 0.67
C SER DA 10 43.51 -81.67 0.08
N GLN DA 11 42.34 -81.58 -0.55
CA GLN DA 11 41.91 -80.37 -1.26
C GLN DA 11 41.99 -79.13 -0.37
N THR DA 12 41.93 -77.94 -0.96
CA THR DA 12 42.03 -76.71 -0.18
C THR DA 12 41.61 -75.53 -1.03
N SER DA 13 40.97 -74.54 -0.39
CA SER DA 13 40.56 -73.31 -1.04
C SER DA 13 41.06 -72.09 -0.26
N LEU DA 14 42.17 -72.25 0.47
CA LEU DA 14 42.73 -71.19 1.29
C LEU DA 14 44.23 -71.13 1.09
N ARG DA 15 44.76 -69.91 1.05
CA ARG DA 15 46.19 -69.71 0.90
C ARG DA 15 46.60 -68.55 1.80
N CYS DA 16 47.88 -68.54 2.18
CA CYS DA 16 48.40 -67.55 3.12
C CYS DA 16 48.71 -66.27 2.36
N GLY DA 17 47.86 -65.25 2.53
CA GLY DA 17 48.03 -64.03 1.77
C GLY DA 17 49.32 -63.30 2.09
N ALA DA 18 49.71 -63.27 3.36
CA ALA DA 18 50.92 -62.56 3.76
C ALA DA 18 52.19 -63.31 3.39
N CYS DA 19 52.13 -64.62 3.13
CA CYS DA 19 53.27 -65.32 2.59
C CYS DA 19 53.41 -65.00 1.10
N ILE DA 20 54.51 -65.47 0.51
CA ILE DA 20 54.91 -65.05 -0.81
C ILE DA 20 54.25 -65.87 -1.91
N ARG DA 21 54.50 -67.18 -1.93
CA ARG DA 21 54.02 -68.00 -3.02
C ARG DA 21 52.56 -68.41 -2.88
N ARG DA 22 51.96 -68.18 -1.72
CA ARG DA 22 50.56 -68.49 -1.45
C ARG DA 22 50.24 -69.95 -1.76
N PRO DA 23 50.77 -70.90 -0.99
CA PRO DA 23 50.36 -72.29 -1.14
C PRO DA 23 49.04 -72.53 -0.43
N PHE DA 24 48.40 -73.63 -0.81
CA PHE DA 24 47.11 -73.99 -0.23
C PHE DA 24 47.30 -74.68 1.12
N LEU DA 25 46.58 -74.21 2.13
CA LEU DA 25 46.75 -74.65 3.50
C LEU DA 25 45.47 -75.26 4.04
N CYS DA 26 45.59 -76.43 4.64
CA CYS DA 26 44.49 -77.05 5.35
C CYS DA 26 43.96 -76.13 6.45
N CYS DA 27 42.65 -76.26 6.73
CA CYS DA 27 41.99 -75.33 7.64
C CYS DA 27 42.68 -75.29 9.01
N LYS DA 28 42.86 -76.45 9.63
CA LYS DA 28 43.61 -76.49 10.89
C LYS DA 28 45.07 -76.14 10.65
N CYS DA 29 45.59 -76.52 9.48
CA CYS DA 29 46.98 -76.21 9.15
C CYS DA 29 47.19 -74.69 9.08
N CYS DA 30 46.32 -73.99 8.38
CA CYS DA 30 46.41 -72.54 8.28
C CYS DA 30 46.08 -71.89 9.61
N TYR DA 31 45.24 -72.52 10.43
CA TYR DA 31 45.01 -71.98 11.78
C TYR DA 31 46.29 -72.00 12.60
N ASP DA 32 47.03 -73.11 12.52
CA ASP DA 32 48.33 -73.18 13.18
C ASP DA 32 49.28 -72.14 12.61
N HIS DA 33 49.30 -71.99 11.29
CA HIS DA 33 50.17 -71.01 10.65
C HIS DA 33 49.88 -69.61 11.15
N VAL DA 34 48.60 -69.22 11.17
CA VAL DA 34 48.25 -67.86 11.55
C VAL DA 34 48.45 -67.63 13.04
N ILE DA 35 48.12 -68.61 13.88
CA ILE DA 35 48.25 -68.43 15.32
C ILE DA 35 49.68 -68.58 15.80
N SER DA 36 50.57 -69.10 14.96
CA SER DA 36 51.95 -69.33 15.36
C SER DA 36 52.93 -68.45 14.59
N THR DA 37 52.44 -67.56 13.75
CA THR DA 37 53.33 -66.72 12.95
C THR DA 37 52.59 -65.44 12.58
N SER DA 38 53.33 -64.50 12.01
CA SER DA 38 52.82 -63.13 11.82
C SER DA 38 51.83 -62.97 10.68
N HIS DA 39 51.70 -63.90 9.74
CA HIS DA 39 50.70 -63.68 8.69
C HIS DA 39 49.29 -63.71 9.29
N LYS DA 40 48.50 -62.71 8.94
CA LYS DA 40 47.11 -62.60 9.34
C LYS DA 40 46.25 -62.36 8.10
N LEU DA 41 46.73 -62.89 6.98
CA LEU DA 41 46.09 -62.68 5.68
C LEU DA 41 45.93 -64.03 5.00
N VAL DA 42 44.70 -64.45 4.77
CA VAL DA 42 44.40 -65.71 4.11
C VAL DA 42 43.59 -65.42 2.87
N LEU DA 43 43.97 -66.03 1.76
CA LEU DA 43 43.29 -65.84 0.48
C LEU DA 43 42.36 -67.02 0.22
N SER DA 44 41.08 -66.83 0.52
CA SER DA 44 40.04 -67.77 0.11
C SER DA 44 39.54 -67.33 -1.25
N VAL DA 45 38.37 -67.86 -1.66
CA VAL DA 45 37.77 -67.42 -2.92
C VAL DA 45 37.72 -65.90 -3.02
N ASN DA 46 37.57 -65.21 -1.90
CA ASN DA 46 37.66 -63.76 -1.81
C ASN DA 46 38.62 -63.40 -0.69
N PRO DA 47 39.24 -62.22 -0.76
CA PRO DA 47 40.05 -61.74 0.36
C PRO DA 47 39.19 -61.48 1.58
N TYR DA 48 39.86 -61.28 2.71
CA TYR DA 48 39.19 -61.12 4.01
C TYR DA 48 39.51 -59.74 4.55
N VAL DA 49 38.68 -58.76 4.20
CA VAL DA 49 38.81 -57.40 4.70
C VAL DA 49 37.43 -56.90 5.06
N CYS DA 50 37.34 -56.15 6.17
CA CYS DA 50 36.06 -55.60 6.60
C CYS DA 50 35.44 -54.79 5.48
N ASN DA 51 34.32 -55.28 4.96
CA ASN DA 51 33.66 -54.67 3.81
C ASN DA 51 33.04 -53.33 4.11
N ALA DA 52 33.21 -52.81 5.31
CA ALA DA 52 32.73 -51.47 5.60
C ALA DA 52 33.53 -50.44 4.82
N PRO DA 53 32.88 -49.51 4.14
CA PRO DA 53 33.62 -48.42 3.49
C PRO DA 53 34.27 -47.51 4.51
N GLY DA 54 35.58 -47.36 4.41
CA GLY DA 54 36.34 -46.58 5.37
C GLY DA 54 37.09 -47.38 6.40
N CYS DA 55 36.87 -48.68 6.47
CA CYS DA 55 37.58 -49.53 7.41
C CYS DA 55 38.74 -50.23 6.73
N ASP DA 56 39.76 -50.58 7.51
CA ASP DA 56 41.00 -51.14 7.00
C ASP DA 56 41.37 -52.45 7.69
N VAL DA 57 40.40 -53.19 8.20
CA VAL DA 57 40.69 -54.39 8.99
C VAL DA 57 41.08 -55.53 8.05
N THR DA 58 42.31 -55.99 8.17
CA THR DA 58 42.82 -57.10 7.36
C THR DA 58 43.18 -58.34 8.14
N ASP DA 59 43.37 -58.23 9.45
CA ASP DA 59 43.64 -59.39 10.28
C ASP DA 59 42.43 -60.31 10.34
N VAL DA 60 42.69 -61.61 10.48
CA VAL DA 60 41.64 -62.61 10.52
C VAL DA 60 41.15 -62.90 11.93
N THR DA 61 41.80 -62.35 12.95
CA THR DA 61 41.44 -62.64 14.33
C THR DA 61 40.24 -61.83 14.82
N GLN DA 62 39.81 -60.81 14.08
CA GLN DA 62 38.68 -59.99 14.51
C GLN DA 62 37.56 -59.98 13.48
N LEU DA 63 37.54 -60.95 12.58
CA LEU DA 63 36.50 -61.03 11.57
C LEU DA 63 35.41 -61.99 12.02
N TYR DA 64 34.17 -61.52 11.95
CA TYR DA 64 33.00 -62.34 12.25
C TYR DA 64 32.23 -62.56 10.95
N LEU DA 65 31.85 -63.81 10.70
CA LEU DA 65 31.13 -64.15 9.49
C LEU DA 65 29.70 -63.64 9.58
N GLY DA 66 29.50 -62.36 9.27
CA GLY DA 66 28.16 -61.77 9.33
C GLY DA 66 27.27 -62.29 8.23
N GLY DA 67 26.14 -61.63 7.99
CA GLY DA 67 25.24 -62.09 6.96
C GLY DA 67 25.85 -61.95 5.58
N MET DA 68 26.27 -63.08 5.01
CA MET DA 68 26.83 -63.14 3.66
C MET DA 68 28.07 -62.26 3.50
N SER DA 69 28.52 -61.64 4.59
CA SER DA 69 29.66 -60.75 4.54
C SER DA 69 30.18 -60.49 5.94
N TYR DA 70 31.50 -60.55 6.08
CA TYR DA 70 32.21 -60.30 7.32
C TYR DA 70 32.61 -58.84 7.45
N TYR DA 71 32.69 -58.37 8.70
CA TYR DA 71 32.98 -56.97 8.97
C TYR DA 71 33.82 -56.87 10.23
N CYS DA 72 34.31 -55.65 10.48
CA CYS DA 72 35.02 -55.38 11.71
C CYS DA 72 34.05 -55.36 12.89
N LYS DA 73 34.60 -55.20 14.10
CA LYS DA 73 33.77 -55.17 15.29
C LYS DA 73 32.81 -53.98 15.26
N SER DA 74 33.24 -52.85 14.70
CA SER DA 74 32.36 -51.69 14.59
C SER DA 74 31.31 -51.86 13.51
N HIS DA 75 31.41 -52.90 12.69
CA HIS DA 75 30.47 -53.12 11.60
C HIS DA 75 29.97 -54.56 11.56
N LYS DA 76 30.35 -55.39 12.50
CA LYS DA 76 29.92 -56.77 12.52
C LYS DA 76 28.40 -56.85 12.71
N PRO DA 77 27.70 -57.64 11.92
CA PRO DA 77 26.28 -57.90 12.20
C PRO DA 77 26.13 -58.61 13.52
N PRO DA 78 25.03 -58.38 14.25
CA PRO DA 78 24.84 -59.04 15.54
C PRO DA 78 24.85 -60.56 15.44
N ILE DA 79 24.02 -61.11 14.58
CA ILE DA 79 23.95 -62.56 14.41
C ILE DA 79 25.07 -62.99 13.48
N SER DA 80 26.22 -63.35 14.03
CA SER DA 80 27.39 -63.59 13.20
C SER DA 80 28.32 -64.60 13.87
N PHE DA 81 28.66 -65.66 13.13
CA PHE DA 81 29.68 -66.59 13.56
C PHE DA 81 31.04 -65.90 13.59
N PRO DA 82 31.90 -66.26 14.53
CA PRO DA 82 33.33 -65.91 14.40
C PRO DA 82 33.97 -66.75 13.31
N LEU DA 83 35.05 -66.20 12.74
CA LEU DA 83 35.65 -66.83 11.57
C LEU DA 83 36.68 -67.88 11.96
N CYS DA 84 37.71 -67.47 12.70
CA CYS DA 84 38.75 -68.39 13.13
C CYS DA 84 38.50 -68.89 14.55
N ALA DA 85 37.55 -69.80 14.70
CA ALA DA 85 37.17 -70.30 16.02
C ALA DA 85 37.28 -71.83 16.05
N ASN DA 86 37.06 -72.38 17.23
CA ASN DA 86 37.14 -73.83 17.46
C ASN DA 86 38.52 -74.37 17.10
N GLY DA 87 39.56 -73.57 17.38
CA GLY DA 87 40.92 -73.99 17.08
C GLY DA 87 41.17 -74.27 15.63
N GLN DA 88 40.54 -73.52 14.73
CA GLN DA 88 40.61 -73.76 13.29
C GLN DA 88 40.00 -72.55 12.60
N VAL DA 89 40.14 -72.51 11.28
CA VAL DA 89 39.65 -71.42 10.45
C VAL DA 89 38.55 -71.95 9.54
N PHE DA 90 37.47 -71.19 9.43
CA PHE DA 90 36.35 -71.62 8.61
C PHE DA 90 36.74 -71.66 7.14
N GLY DA 91 36.15 -72.61 6.42
CA GLY DA 91 36.45 -72.74 5.01
C GLY DA 91 35.62 -73.84 4.40
N LEU DA 92 36.06 -74.30 3.24
CA LEU DA 92 35.39 -75.35 2.52
C LEU DA 92 35.67 -76.71 3.17
N TYR DA 93 34.72 -77.64 2.96
CA TYR DA 93 34.85 -79.05 3.35
C TYR DA 93 35.37 -79.23 4.79
N LYS DA 94 35.10 -78.24 5.65
CA LYS DA 94 35.86 -78.06 6.88
C LYS DA 94 35.95 -79.35 7.69
N ASN DA 95 34.84 -80.04 7.85
CA ASN DA 95 34.86 -81.21 8.72
C ASN DA 95 35.36 -82.47 8.02
N THR DA 96 36.12 -82.38 6.93
CA THR DA 96 36.63 -83.56 6.25
C THR DA 96 38.15 -83.63 6.18
N CYS DA 97 38.86 -82.53 6.45
CA CYS DA 97 40.31 -82.58 6.44
C CYS DA 97 40.82 -83.18 7.75
N VAL DA 98 42.11 -83.48 7.79
CA VAL DA 98 42.71 -84.22 8.89
C VAL DA 98 43.54 -83.32 9.80
N GLY DA 99 44.37 -82.45 9.24
CA GLY DA 99 45.34 -81.71 10.02
C GLY DA 99 46.70 -82.40 10.04
N SER DA 100 47.73 -81.60 10.33
CA SER DA 100 49.08 -82.13 10.36
C SER DA 100 49.88 -81.58 11.52
N ASP DA 101 51.20 -81.76 11.49
CA ASP DA 101 52.04 -81.36 12.62
C ASP DA 101 53.24 -80.48 12.25
N ASN DA 102 53.77 -80.57 11.02
CA ASN DA 102 54.93 -79.77 10.64
C ASN DA 102 54.50 -78.36 10.26
N VAL DA 103 54.06 -77.61 11.27
CA VAL DA 103 53.64 -76.23 11.07
C VAL DA 103 54.73 -75.27 11.49
N THR DA 104 55.45 -75.57 12.57
CA THR DA 104 56.50 -74.69 13.07
C THR DA 104 57.62 -74.53 12.04
N ASP DA 105 58.15 -75.66 11.56
CA ASP DA 105 59.21 -75.60 10.56
C ASP DA 105 58.71 -74.99 9.26
N PHE DA 106 57.47 -75.28 8.90
CA PHE DA 106 56.89 -74.74 7.67
C PHE DA 106 56.84 -73.22 7.72
N ASN DA 107 56.32 -72.67 8.82
CA ASN DA 107 56.25 -71.21 8.91
C ASN DA 107 57.62 -70.58 9.14
N ALA DA 108 58.55 -71.31 9.76
CA ALA DA 108 59.92 -70.81 9.84
C ALA DA 108 60.53 -70.65 8.46
N ILE DA 109 60.33 -71.66 7.59
CA ILE DA 109 60.77 -71.56 6.20
C ILE DA 109 60.06 -70.40 5.53
N ALA DA 110 58.76 -70.24 5.80
CA ALA DA 110 58.00 -69.13 5.24
C ALA DA 110 58.55 -67.78 5.67
N THR DA 111 59.17 -67.70 6.84
CA THR DA 111 59.67 -66.43 7.37
C THR DA 111 61.19 -66.34 7.38
N CYS DA 112 61.91 -67.41 7.10
CA CYS DA 112 63.36 -67.34 7.08
C CYS DA 112 63.86 -66.52 5.90
N ASP DA 113 64.91 -65.74 6.13
CA ASP DA 113 65.45 -64.82 5.14
C ASP DA 113 66.75 -65.29 4.52
N TRP DA 114 67.22 -66.50 4.87
CA TRP DA 114 68.37 -67.12 4.23
C TRP DA 114 69.62 -66.25 4.27
N THR DA 115 69.80 -65.54 5.39
CA THR DA 115 71.03 -64.82 5.64
C THR DA 115 72.05 -65.67 6.39
N ASN DA 116 71.65 -66.83 6.90
CA ASN DA 116 72.53 -67.75 7.60
C ASN DA 116 72.29 -69.15 7.08
N ALA DA 117 73.29 -70.02 7.24
CA ALA DA 117 73.21 -71.37 6.71
C ALA DA 117 72.16 -72.21 7.43
N GLY DA 118 71.64 -71.67 8.54
CA GLY DA 118 70.67 -72.39 9.34
C GLY DA 118 69.42 -72.81 8.60
N ASP DA 119 68.87 -71.92 7.77
CA ASP DA 119 67.69 -72.31 7.00
C ASP DA 119 68.07 -72.99 5.70
N TYR DA 120 69.30 -72.79 5.22
CA TYR DA 120 69.76 -73.51 4.04
C TYR DA 120 69.84 -75.00 4.31
N ILE DA 121 70.40 -75.38 5.46
CA ILE DA 121 70.41 -76.79 5.84
C ILE DA 121 69.01 -77.27 6.17
N LEU DA 122 68.20 -76.43 6.82
CA LEU DA 122 66.83 -76.80 7.12
C LEU DA 122 66.01 -77.10 5.86
N ALA DA 123 66.39 -76.52 4.73
CA ALA DA 123 65.66 -76.78 3.50
C ALA DA 123 65.88 -78.19 2.99
N ASN DA 124 67.04 -78.78 3.27
CA ASN DA 124 67.40 -80.08 2.71
C ASN DA 124 67.10 -81.22 3.68
N THR DA 125 66.11 -81.03 4.55
CA THR DA 125 65.75 -82.06 5.50
C THR DA 125 64.24 -82.24 5.62
N CYS DA 126 63.47 -81.32 5.03
CA CYS DA 126 62.02 -81.34 5.19
C CYS DA 126 61.35 -82.18 4.11
N THR DA 127 60.02 -82.07 4.00
CA THR DA 127 59.26 -82.83 3.01
C THR DA 127 59.70 -82.45 1.60
N GLU DA 128 59.76 -83.45 0.72
CA GLU DA 128 60.11 -83.19 -0.68
C GLU DA 128 59.18 -82.15 -1.30
N ARG DA 129 57.88 -82.27 -1.04
CA ARG DA 129 56.95 -81.21 -1.42
C ARG DA 129 57.36 -79.88 -0.78
N LEU DA 130 57.62 -79.90 0.53
CA LEU DA 130 58.08 -78.69 1.20
C LEU DA 130 59.45 -78.28 0.73
N LYS DA 131 60.30 -79.23 0.32
CA LYS DA 131 61.60 -78.89 -0.24
C LYS DA 131 61.45 -78.10 -1.53
N LEU DA 132 60.55 -78.55 -2.41
CA LEU DA 132 60.29 -77.82 -3.64
C LEU DA 132 59.68 -76.46 -3.37
N PHE DA 133 58.78 -76.39 -2.38
CA PHE DA 133 58.21 -75.10 -2.00
C PHE DA 133 59.30 -74.14 -1.50
N ALA DA 134 60.24 -74.66 -0.70
CA ALA DA 134 61.32 -73.84 -0.19
C ALA DA 134 62.22 -73.37 -1.32
N ALA DA 135 62.52 -74.25 -2.27
CA ALA DA 135 63.34 -73.84 -3.42
C ALA DA 135 62.63 -72.74 -4.21
N GLU DA 136 61.34 -72.90 -4.43
CA GLU DA 136 60.57 -71.89 -5.16
C GLU DA 136 60.58 -70.56 -4.43
N THR DA 137 60.30 -70.56 -3.13
CA THR DA 137 60.25 -69.30 -2.41
C THR DA 137 61.63 -68.68 -2.29
N LEU DA 138 62.68 -69.49 -2.22
CA LEU DA 138 64.04 -68.95 -2.21
C LEU DA 138 64.36 -68.25 -3.52
N LYS DA 139 64.03 -68.89 -4.64
CA LYS DA 139 64.29 -68.27 -5.93
C LYS DA 139 63.45 -67.00 -6.09
N ALA DA 140 62.20 -67.03 -5.63
CA ALA DA 140 61.37 -65.84 -5.69
C ALA DA 140 61.95 -64.71 -4.85
N THR DA 141 62.45 -65.05 -3.66
CA THR DA 141 63.07 -64.05 -2.80
C THR DA 141 64.29 -63.44 -3.48
N GLU DA 142 65.13 -64.28 -4.08
CA GLU DA 142 66.32 -63.77 -4.76
C GLU DA 142 65.94 -62.86 -5.92
N GLU DA 143 64.94 -63.26 -6.71
CA GLU DA 143 64.53 -62.43 -7.83
C GLU DA 143 63.94 -61.11 -7.37
N THR DA 144 63.17 -61.12 -6.27
CA THR DA 144 62.63 -59.89 -5.73
C THR DA 144 63.74 -58.93 -5.29
N PHE DA 145 64.77 -59.47 -4.66
CA PHE DA 145 65.90 -58.65 -4.25
C PHE DA 145 66.62 -58.05 -5.45
N LYS DA 146 66.61 -58.75 -6.59
CA LYS DA 146 67.26 -58.23 -7.79
C LYS DA 146 66.68 -56.88 -8.18
N LEU DA 147 65.42 -56.63 -7.81
CA LEU DA 147 64.78 -55.35 -8.10
C LEU DA 147 65.44 -54.19 -7.35
N SER DA 148 66.25 -54.47 -6.33
CA SER DA 148 66.85 -53.39 -5.55
C SER DA 148 67.83 -52.57 -6.37
N TYR DA 149 68.35 -53.13 -7.46
CA TYR DA 149 69.33 -52.41 -8.27
C TYR DA 149 68.73 -51.11 -8.80
N GLY DA 150 69.54 -50.07 -8.81
CA GLY DA 150 69.06 -48.74 -9.16
C GLY DA 150 68.74 -48.52 -10.62
N ILE DA 151 68.69 -47.26 -11.03
CA ILE DA 151 68.35 -46.88 -12.39
C ILE DA 151 69.49 -46.08 -12.99
N ALA DA 152 69.78 -46.36 -14.25
CA ALA DA 152 70.90 -45.76 -14.96
C ALA DA 152 70.39 -44.76 -15.99
N THR DA 153 71.05 -43.60 -16.05
CA THR DA 153 70.70 -42.55 -16.98
C THR DA 153 71.96 -42.10 -17.72
N VAL DA 154 71.77 -41.71 -18.98
CA VAL DA 154 72.89 -41.28 -19.82
C VAL DA 154 73.26 -39.85 -19.46
N ARG DA 155 74.57 -39.60 -19.34
CA ARG DA 155 75.05 -38.23 -19.14
C ARG DA 155 75.19 -37.51 -20.47
N GLU DA 156 75.80 -38.16 -21.46
CA GLU DA 156 75.94 -37.61 -22.79
C GLU DA 156 76.23 -38.75 -23.76
N VAL DA 157 75.81 -38.58 -25.01
CA VAL DA 157 76.05 -39.55 -26.07
C VAL DA 157 77.14 -39.00 -26.97
N LEU DA 158 78.30 -39.67 -27.00
CA LEU DA 158 79.46 -39.19 -27.72
C LEU DA 158 79.58 -39.81 -29.11
N SER DA 159 79.59 -41.14 -29.18
CA SER DA 159 79.77 -41.82 -30.46
C SER DA 159 79.04 -43.15 -30.48
N ASP DA 160 79.42 -44.02 -31.41
CA ASP DA 160 78.79 -45.33 -31.53
C ASP DA 160 78.83 -46.09 -30.22
N ARG DA 161 80.01 -46.19 -29.61
CA ARG DA 161 80.21 -46.97 -28.39
C ARG DA 161 80.94 -46.17 -27.33
N GLU DA 162 80.69 -44.87 -27.29
CA GLU DA 162 81.18 -44.01 -26.22
C GLU DA 162 79.99 -43.38 -25.52
N LEU DA 163 79.93 -43.52 -24.21
CA LEU DA 163 78.76 -43.06 -23.47
C LEU DA 163 79.16 -42.75 -22.04
N HIS DA 164 78.47 -41.78 -21.44
CA HIS DA 164 78.64 -41.45 -20.03
C HIS DA 164 77.31 -41.65 -19.31
N LEU DA 165 77.39 -42.24 -18.12
CA LEU DA 165 76.20 -42.69 -17.42
C LEU DA 165 76.19 -42.17 -15.99
N SER DA 166 74.99 -41.82 -15.52
CA SER DA 166 74.76 -41.43 -14.14
C SER DA 166 73.81 -42.44 -13.51
N TRP DA 167 74.23 -43.02 -12.38
CA TRP DA 167 73.35 -43.89 -11.62
C TRP DA 167 72.46 -43.05 -10.70
N GLU DA 168 71.50 -43.71 -10.05
CA GLU DA 168 70.62 -43.01 -9.14
C GLU DA 168 71.27 -42.86 -7.77
N VAL DA 169 70.97 -41.74 -7.11
CA VAL DA 169 71.61 -41.42 -5.84
C VAL DA 169 71.15 -42.40 -4.77
N GLY DA 170 72.12 -43.00 -4.08
CA GLY DA 170 71.80 -43.92 -3.00
C GLY DA 170 71.28 -45.27 -3.44
N LYS DA 171 71.39 -45.61 -4.69
CA LYS DA 171 70.89 -46.92 -5.05
C LYS DA 171 72.03 -47.92 -5.19
N PRO DA 172 71.79 -49.20 -4.91
CA PRO DA 172 72.84 -50.20 -5.13
C PRO DA 172 73.11 -50.41 -6.60
N ARG DA 173 74.28 -50.00 -7.06
CA ARG DA 173 74.60 -50.05 -8.48
C ARG DA 173 74.79 -51.50 -8.91
N PRO DA 174 74.01 -51.99 -9.86
CA PRO DA 174 74.20 -53.36 -10.34
C PRO DA 174 75.52 -53.50 -11.07
N PRO DA 175 76.13 -54.67 -11.04
CA PRO DA 175 77.37 -54.88 -11.80
C PRO DA 175 77.09 -54.81 -13.30
N LEU DA 176 78.14 -54.49 -14.05
CA LEU DA 176 78.07 -54.38 -15.50
C LEU DA 176 78.66 -55.66 -16.09
N ASN DA 177 77.84 -56.41 -16.82
CA ASN DA 177 78.25 -57.71 -17.33
C ASN DA 177 77.45 -58.01 -18.59
N ARG DA 178 77.92 -59.02 -19.33
CA ARG DA 178 77.24 -59.43 -20.56
C ARG DA 178 75.85 -59.98 -20.27
N ASN DA 179 75.72 -60.79 -19.22
CA ASN DA 179 74.47 -61.48 -18.91
C ASN DA 179 73.42 -60.56 -18.30
N TYR DA 180 73.65 -59.25 -18.26
CA TYR DA 180 72.69 -58.30 -17.70
C TYR DA 180 72.16 -57.44 -18.86
N VAL DA 181 70.92 -57.68 -19.24
CA VAL DA 181 70.26 -56.93 -20.31
C VAL DA 181 69.32 -55.91 -19.69
N PHE DA 182 69.39 -54.68 -20.19
CA PHE DA 182 68.65 -53.57 -19.60
C PHE DA 182 67.76 -52.93 -20.66
N THR DA 183 66.49 -52.71 -20.31
CA THR DA 183 65.55 -52.09 -21.21
C THR DA 183 65.58 -50.57 -21.05
N GLY DA 184 65.36 -49.86 -22.15
CA GLY DA 184 65.40 -48.41 -22.14
C GLY DA 184 64.11 -47.81 -22.65
N TYR DA 185 63.68 -46.74 -22.00
CA TYR DA 185 62.47 -46.01 -22.37
C TYR DA 185 62.81 -44.57 -22.70
N ARG DA 186 61.95 -43.94 -23.49
CA ARG DA 186 61.95 -42.50 -23.70
C ARG DA 186 60.61 -41.96 -23.25
N VAL DA 187 60.61 -40.68 -22.89
CA VAL DA 187 59.40 -40.06 -22.39
C VAL DA 187 59.17 -38.84 -23.22
N THR DA 188 57.96 -38.32 -23.20
CA THR DA 188 57.67 -37.09 -23.91
C THR DA 188 56.59 -36.39 -23.15
N LYS DA 189 55.35 -36.59 -23.58
CA LYS DA 189 54.21 -35.98 -22.91
C LYS DA 189 53.13 -36.97 -23.16
N ASN DA 190 53.41 -37.89 -24.09
CA ASN DA 190 52.45 -38.93 -24.42
C ASN DA 190 53.25 -40.15 -24.76
N SER DA 191 54.42 -39.96 -25.35
CA SER DA 191 55.20 -41.11 -25.82
C SER DA 191 56.16 -41.75 -24.84
N LYS DA 192 55.63 -42.37 -23.79
CA LYS DA 192 56.48 -43.09 -22.86
C LYS DA 192 56.54 -44.48 -23.46
N VAL DA 193 57.44 -44.71 -24.41
CA VAL DA 193 57.51 -45.97 -25.15
C VAL DA 193 58.93 -46.52 -25.07
N GLN DA 194 59.02 -47.84 -25.20
CA GLN DA 194 60.30 -48.53 -25.16
C GLN DA 194 61.20 -48.10 -26.30
N ILE DA 195 62.50 -48.06 -26.05
CA ILE DA 195 63.45 -47.73 -27.10
C ILE DA 195 64.33 -48.93 -27.49
N GLY DA 196 64.41 -49.93 -26.62
CA GLY DA 196 65.19 -51.12 -26.91
C GLY DA 196 65.86 -51.64 -25.65
N GLU DA 197 66.30 -52.89 -25.73
CA GLU DA 197 67.06 -53.53 -24.66
C GLU DA 197 68.52 -53.61 -25.07
N TYR DA 198 69.42 -53.21 -24.18
CA TYR DA 198 70.84 -53.20 -24.48
C TYR DA 198 71.62 -53.66 -23.27
N THR DA 199 72.81 -54.20 -23.52
CA THR DA 199 73.79 -54.49 -22.49
C THR DA 199 75.00 -53.61 -22.70
N PHE DA 200 75.70 -53.32 -21.60
CA PHE DA 200 76.74 -52.31 -21.60
C PHE DA 200 78.05 -52.90 -21.10
N GLU DA 201 79.14 -52.20 -21.34
CA GLU DA 201 80.45 -52.58 -20.84
C GLU DA 201 81.31 -51.33 -20.73
N LYS DA 202 82.23 -51.36 -19.77
CA LYS DA 202 83.09 -50.22 -19.51
C LYS DA 202 84.03 -49.96 -20.68
N GLY DA 203 84.24 -48.69 -20.98
CA GLY DA 203 85.17 -48.30 -22.03
C GLY DA 203 86.60 -48.22 -21.57
N ASP DA 204 87.41 -47.42 -22.25
CA ASP DA 204 88.82 -47.29 -21.89
C ASP DA 204 89.04 -46.56 -20.57
N TYR DA 205 88.08 -45.77 -20.08
CA TYR DA 205 88.24 -45.11 -18.77
C TYR DA 205 87.08 -44.30 -18.24
N GLY DA 206 87.41 -43.38 -17.33
CA GLY DA 206 86.42 -42.47 -16.80
C GLY DA 206 85.01 -42.93 -16.62
N ASP DA 207 84.13 -42.43 -17.49
CA ASP DA 207 82.74 -42.79 -17.45
C ASP DA 207 82.42 -43.28 -18.83
N ALA DA 208 83.42 -43.28 -19.71
CA ALA DA 208 83.25 -43.77 -21.07
C ALA DA 208 82.89 -45.25 -21.02
N VAL DA 209 81.74 -45.64 -21.57
CA VAL DA 209 81.29 -47.03 -21.56
C VAL DA 209 80.89 -47.42 -22.97
N VAL DA 210 80.96 -48.72 -23.25
CA VAL DA 210 80.55 -49.27 -24.53
C VAL DA 210 79.31 -50.13 -24.33
N TYR DA 211 78.67 -50.49 -25.43
CA TYR DA 211 77.43 -51.26 -25.33
C TYR DA 211 77.20 -51.99 -26.67
N ARG DA 212 75.98 -52.48 -26.87
CA ARG DA 212 75.57 -53.01 -28.17
C ARG DA 212 74.17 -52.49 -28.45
N GLY DA 213 73.84 -52.40 -29.74
CA GLY DA 213 72.56 -51.87 -30.13
C GLY DA 213 71.63 -52.89 -30.74
N THR DA 214 70.58 -53.27 -30.00
CA THR DA 214 69.58 -54.17 -30.54
C THR DA 214 68.59 -53.41 -31.41
N THR DA 215 67.94 -52.40 -30.85
CA THR DA 215 67.09 -51.50 -31.61
C THR DA 215 67.93 -50.32 -32.12
N THR DA 216 67.81 -50.04 -33.40
CA THR DA 216 68.63 -49.03 -34.06
C THR DA 216 67.95 -47.67 -33.92
N TYR DA 217 68.40 -46.89 -32.95
CA TYR DA 217 67.96 -45.52 -32.74
C TYR DA 217 69.14 -44.58 -32.85
N LYS DA 218 68.84 -43.29 -32.97
CA LYS DA 218 69.82 -42.22 -32.81
C LYS DA 218 69.74 -41.82 -31.34
N LEU DA 219 70.45 -42.57 -30.49
CA LEU DA 219 70.30 -42.47 -29.05
C LEU DA 219 70.61 -41.08 -28.53
N ASN DA 220 69.60 -40.40 -27.98
CA ASN DA 220 69.75 -39.05 -27.47
C ASN DA 220 70.20 -39.08 -26.02
N VAL DA 221 70.27 -37.90 -25.41
CA VAL DA 221 70.77 -37.74 -24.05
C VAL DA 221 69.64 -37.89 -23.06
N GLY DA 222 68.43 -38.20 -23.56
CA GLY DA 222 67.27 -38.33 -22.70
C GLY DA 222 66.81 -39.76 -22.54
N ASP DA 223 67.76 -40.67 -22.39
CA ASP DA 223 67.47 -42.09 -22.24
C ASP DA 223 67.85 -42.55 -20.85
N TYR DA 224 67.29 -43.70 -20.47
CA TYR DA 224 67.60 -44.35 -19.21
C TYR DA 224 67.39 -45.84 -19.38
N PHE DA 225 67.96 -46.62 -18.45
CA PHE DA 225 67.91 -48.07 -18.56
C PHE DA 225 67.64 -48.68 -17.19
N VAL DA 226 66.76 -49.67 -17.16
CA VAL DA 226 66.44 -50.42 -15.96
C VAL DA 226 66.56 -51.90 -16.29
N LEU DA 227 66.67 -52.71 -15.23
CA LEU DA 227 66.81 -54.15 -15.39
C LEU DA 227 65.56 -54.74 -16.04
N THR DA 228 65.76 -55.77 -16.86
CA THR DA 228 64.67 -56.51 -17.46
C THR DA 228 64.25 -57.65 -16.54
N SER DA 229 62.97 -57.72 -16.21
CA SER DA 229 62.48 -58.69 -15.26
C SER DA 229 62.42 -60.09 -15.87
N HIS DA 230 62.45 -61.09 -14.99
CA HIS DA 230 62.25 -62.48 -15.38
C HIS DA 230 61.59 -63.21 -14.22
N THR DA 231 60.35 -63.63 -14.40
CA THR DA 231 59.60 -64.27 -13.33
C THR DA 231 60.00 -65.73 -13.19
N VAL DA 232 59.29 -66.44 -12.31
CA VAL DA 232 59.53 -67.86 -12.08
C VAL DA 232 58.21 -68.59 -12.21
N MET DA 233 58.29 -69.87 -12.56
CA MET DA 233 57.14 -70.71 -12.77
C MET DA 233 57.11 -71.85 -11.76
N PRO DA 234 55.92 -72.27 -11.35
CA PRO DA 234 55.82 -73.37 -10.38
C PRO DA 234 56.32 -74.68 -10.97
N LEU DA 235 56.60 -75.64 -10.08
CA LEU DA 235 56.99 -76.98 -10.51
C LEU DA 235 55.99 -78.01 -9.99
N SER DA 236 56.06 -79.23 -10.51
CA SER DA 236 55.11 -80.26 -10.11
C SER DA 236 55.80 -81.56 -9.68
N ALA DA 237 56.88 -81.92 -10.36
CA ALA DA 237 57.49 -83.23 -10.12
C ALA DA 237 58.62 -83.15 -9.11
N PRO DA 238 58.88 -84.23 -8.37
CA PRO DA 238 60.00 -84.23 -7.42
C PRO DA 238 61.36 -84.30 -8.10
N THR DA 239 62.41 -84.45 -7.31
CA THR DA 239 63.79 -84.41 -7.80
C THR DA 239 64.29 -85.76 -8.29
N LEU DA 240 64.20 -86.80 -7.44
CA LEU DA 240 64.86 -88.08 -7.70
C LEU DA 240 63.85 -89.23 -7.51
N VAL DA 241 62.72 -89.13 -8.20
CA VAL DA 241 61.66 -90.13 -8.07
C VAL DA 241 62.19 -91.50 -8.47
N PRO DA 242 62.19 -92.49 -7.56
CA PRO DA 242 62.66 -93.84 -7.93
C PRO DA 242 61.53 -94.78 -8.29
N GLN DA 243 61.82 -95.76 -9.14
CA GLN DA 243 60.89 -96.87 -9.37
C GLN DA 243 61.64 -98.19 -9.43
N GLU DA 244 62.78 -98.24 -8.74
CA GLU DA 244 63.61 -99.45 -8.63
C GLU DA 244 64.09 -99.96 -9.98
N HIS DA 245 64.69 -101.15 -9.99
CA HIS DA 245 65.30 -101.69 -11.20
C HIS DA 245 65.32 -103.21 -11.15
N TYR DA 246 65.62 -103.85 -12.27
CA TYR DA 246 65.60 -105.29 -12.36
C TYR DA 246 66.86 -105.76 -13.05
N VAL DA 247 67.15 -107.06 -12.91
CA VAL DA 247 68.22 -107.71 -13.64
C VAL DA 247 67.55 -108.79 -14.50
N ARG DA 248 66.31 -108.52 -14.89
CA ARG DA 248 65.46 -109.45 -15.64
C ARG DA 248 65.41 -109.11 -17.12
N ILE DA 249 66.55 -108.69 -17.68
CA ILE DA 249 66.69 -108.33 -19.09
C ILE DA 249 65.86 -107.06 -19.32
N THR DA 250 66.05 -106.07 -18.45
CA THR DA 250 65.49 -104.74 -18.69
C THR DA 250 66.44 -103.85 -19.46
N GLY DA 251 67.67 -104.30 -19.72
CA GLY DA 251 68.61 -103.51 -20.48
C GLY DA 251 68.38 -103.63 -21.98
N LEU DA 252 68.98 -102.69 -22.72
CA LEU DA 252 68.87 -102.65 -24.17
C LEU DA 252 69.93 -103.55 -24.79
N TYR DA 253 70.10 -103.45 -26.11
CA TYR DA 253 71.16 -104.18 -26.79
C TYR DA 253 72.42 -103.33 -26.88
N PRO DA 254 73.44 -103.63 -26.09
CA PRO DA 254 74.66 -102.81 -26.11
C PRO DA 254 75.64 -103.25 -27.17
N THR DA 255 76.81 -102.63 -27.20
CA THR DA 255 77.87 -103.06 -28.10
C THR DA 255 78.49 -104.37 -27.60
N LEU DA 256 79.39 -104.95 -28.38
CA LEU DA 256 79.89 -106.28 -28.07
C LEU DA 256 81.35 -106.25 -27.66
N ASN DA 257 82.16 -105.56 -28.49
CA ASN DA 257 83.60 -105.52 -28.31
C ASN DA 257 84.27 -104.26 -28.85
N ILE DA 258 83.70 -103.10 -28.61
CA ILE DA 258 84.33 -101.93 -29.19
C ILE DA 258 84.68 -100.89 -28.17
N SER DA 259 85.62 -99.97 -28.48
CA SER DA 259 86.14 -98.85 -27.61
C SER DA 259 87.64 -99.00 -27.43
N ASP DA 260 88.15 -100.19 -27.69
CA ASP DA 260 89.54 -100.48 -27.56
C ASP DA 260 90.07 -100.25 -26.18
N GLU DA 261 90.61 -99.06 -25.96
CA GLU DA 261 91.18 -98.74 -24.67
C GLU DA 261 90.10 -98.46 -23.65
N PHE DA 262 89.07 -97.73 -24.07
CA PHE DA 262 88.00 -97.50 -23.14
C PHE DA 262 87.03 -98.62 -23.04
N SER DA 263 87.42 -99.80 -23.45
CA SER DA 263 86.59 -100.95 -23.26
C SER DA 263 87.08 -101.31 -21.92
N SER DA 264 86.52 -100.72 -20.86
CA SER DA 264 87.09 -100.93 -19.54
C SER DA 264 86.09 -100.71 -18.46
N ASN DA 265 85.27 -99.69 -18.59
CA ASN DA 265 84.22 -99.49 -17.62
C ASN DA 265 83.06 -100.43 -17.90
N VAL DA 266 83.31 -101.56 -18.51
CA VAL DA 266 82.24 -102.48 -18.91
C VAL DA 266 81.27 -102.92 -17.84
N ALA DA 267 81.73 -103.51 -16.75
CA ALA DA 267 80.85 -104.10 -15.73
C ALA DA 267 79.90 -103.08 -15.13
N ASN DA 268 80.32 -101.81 -15.03
CA ASN DA 268 79.43 -100.77 -14.55
C ASN DA 268 78.39 -100.37 -15.58
N TYR DA 269 78.68 -100.58 -16.87
CA TYR DA 269 77.75 -100.16 -17.92
C TYR DA 269 76.41 -100.88 -17.78
N GLN DA 270 76.44 -102.21 -17.71
CA GLN DA 270 75.20 -102.95 -17.53
C GLN DA 270 74.65 -102.79 -16.12
N LYS DA 271 75.51 -102.47 -15.14
CA LYS DA 271 75.01 -102.17 -13.81
C LYS DA 271 74.09 -100.95 -13.86
N VAL DA 272 74.50 -99.91 -14.58
CA VAL DA 272 73.59 -98.80 -14.86
C VAL DA 272 72.41 -99.28 -15.68
N GLY DA 273 72.66 -100.22 -16.60
CA GLY DA 273 71.56 -100.81 -17.36
C GLY DA 273 70.55 -101.51 -16.48
N MET DA 274 71.00 -102.14 -15.39
CA MET DA 274 70.10 -102.75 -14.42
C MET DA 274 69.86 -101.86 -13.21
N GLN DA 275 70.02 -100.55 -13.35
CA GLN DA 275 69.78 -99.61 -12.27
C GLN DA 275 68.91 -98.46 -12.77
N LYS DA 276 67.91 -98.08 -11.97
CA LYS DA 276 67.07 -96.94 -12.32
C LYS DA 276 67.89 -95.66 -12.42
N TYR DA 277 68.65 -95.34 -11.38
CA TYR DA 277 69.53 -94.18 -11.41
C TYR DA 277 70.62 -94.36 -10.38
N SER DA 278 71.81 -93.84 -10.70
CA SER DA 278 72.96 -93.89 -9.81
C SER DA 278 73.83 -92.67 -10.08
N THR DA 279 74.99 -92.63 -9.43
CA THR DA 279 75.91 -91.51 -9.55
C THR DA 279 77.34 -92.03 -9.51
N LEU DA 280 78.29 -91.19 -9.97
CA LEU DA 280 79.70 -91.55 -9.92
C LEU DA 280 80.48 -90.28 -9.58
N GLN DA 281 80.79 -90.10 -8.29
CA GLN DA 281 81.63 -88.99 -7.87
C GLN DA 281 83.04 -89.19 -8.41
N GLY DA 282 83.68 -88.09 -8.79
CA GLY DA 282 85.01 -88.14 -9.34
C GLY DA 282 85.82 -86.88 -9.07
N PRO DA 283 87.10 -87.06 -8.76
CA PRO DA 283 87.98 -85.91 -8.61
C PRO DA 283 88.14 -85.19 -9.94
N PRO DA 284 88.82 -83.98 -9.80
CA PRO DA 284 88.84 -83.19 -11.01
C PRO DA 284 89.90 -83.49 -11.99
N GLY DA 285 89.54 -84.15 -13.07
CA GLY DA 285 90.48 -84.36 -14.11
C GLY DA 285 90.50 -85.80 -14.31
N THR DA 286 89.71 -86.50 -13.54
CA THR DA 286 89.80 -87.92 -13.64
C THR DA 286 88.80 -88.43 -14.61
N GLY DA 287 88.68 -89.73 -14.72
CA GLY DA 287 87.80 -90.33 -15.70
C GLY DA 287 86.31 -90.15 -15.71
N LYS DA 288 85.81 -88.93 -15.59
CA LYS DA 288 84.40 -88.70 -15.76
C LYS DA 288 84.43 -88.23 -17.16
N SER DA 289 83.32 -87.84 -17.73
CA SER DA 289 83.33 -87.25 -19.07
C SER DA 289 84.17 -87.94 -20.07
N HIS DA 290 84.14 -89.27 -20.13
CA HIS DA 290 84.88 -90.03 -21.13
C HIS DA 290 84.07 -91.17 -20.92
N PHE DA 291 83.17 -91.01 -19.99
CA PHE DA 291 82.30 -92.07 -19.66
C PHE DA 291 81.12 -91.45 -20.24
N ALA DA 292 81.21 -90.15 -20.45
CA ALA DA 292 80.12 -89.44 -21.12
C ALA DA 292 80.10 -89.97 -22.47
N ILE DA 293 81.20 -90.55 -22.90
CA ILE DA 293 81.21 -91.22 -24.14
C ILE DA 293 81.35 -92.77 -24.07
N GLY DA 294 81.94 -93.40 -23.03
CA GLY DA 294 82.06 -94.85 -23.10
C GLY DA 294 80.72 -95.54 -23.04
N LEU DA 295 79.86 -95.12 -22.10
CA LEU DA 295 78.49 -95.63 -22.09
C LEU DA 295 77.71 -95.10 -23.28
N ALA DA 296 78.15 -93.97 -23.85
CA ALA DA 296 77.45 -93.39 -24.99
C ALA DA 296 77.58 -94.26 -26.22
N LEU DA 297 78.80 -94.68 -26.56
CA LEU DA 297 78.93 -95.58 -27.70
C LEU DA 297 78.76 -97.04 -27.29
N TYR DA 298 78.70 -97.34 -25.99
CA TYR DA 298 78.34 -98.69 -25.55
C TYR DA 298 76.89 -99.00 -25.86
N TYR DA 299 76.01 -98.02 -25.69
CA TYR DA 299 74.61 -98.10 -26.08
C TYR DA 299 74.35 -97.08 -27.17
N PRO DA 300 74.75 -97.37 -28.41
CA PRO DA 300 74.63 -96.34 -29.47
C PRO DA 300 73.20 -96.09 -29.91
N SER DA 301 72.34 -97.11 -29.86
CA SER DA 301 70.96 -96.95 -30.30
C SER DA 301 70.10 -96.21 -29.29
N ALA DA 302 70.53 -96.12 -28.04
CA ALA DA 302 69.75 -95.44 -27.02
C ALA DA 302 69.78 -93.94 -27.23
N ARG DA 303 68.73 -93.27 -26.74
CA ARG DA 303 68.65 -91.81 -26.78
C ARG DA 303 69.23 -91.28 -25.47
N ILE DA 304 70.49 -90.87 -25.50
CA ILE DA 304 71.22 -90.42 -24.32
C ILE DA 304 71.43 -88.92 -24.44
N VAL DA 305 70.89 -88.17 -23.47
CA VAL DA 305 70.86 -86.71 -23.52
C VAL DA 305 71.64 -86.15 -22.34
N TYR DA 306 72.53 -85.21 -22.62
CA TYR DA 306 73.28 -84.50 -21.59
C TYR DA 306 72.91 -83.03 -21.62
N THR DA 307 72.97 -82.39 -20.45
CA THR DA 307 72.68 -80.96 -20.35
C THR DA 307 73.30 -80.37 -19.09
N ALA DA 308 74.24 -79.46 -19.26
CA ALA DA 308 74.92 -78.83 -18.13
C ALA DA 308 74.43 -77.40 -17.93
N CYS DA 309 74.54 -76.93 -16.69
CA CYS DA 309 74.09 -75.58 -16.35
C CYS DA 309 75.02 -74.50 -16.87
N SER DA 310 76.27 -74.84 -17.17
CA SER DA 310 77.24 -73.87 -17.66
C SER DA 310 77.43 -74.04 -19.16
N HIS DA 311 77.35 -72.93 -19.90
CA HIS DA 311 77.50 -72.99 -21.35
C HIS DA 311 78.90 -73.44 -21.75
N ALA DA 312 79.93 -72.91 -21.10
CA ALA DA 312 81.30 -73.33 -21.41
C ALA DA 312 81.51 -74.80 -21.08
N ALA DA 313 81.01 -75.24 -19.92
CA ALA DA 313 81.16 -76.64 -19.53
C ALA DA 313 80.44 -77.57 -20.48
N VAL DA 314 79.19 -77.26 -20.84
CA VAL DA 314 78.45 -78.12 -21.75
C VAL DA 314 79.08 -78.10 -23.14
N ASP DA 315 79.62 -76.95 -23.57
CA ASP DA 315 80.29 -76.89 -24.87
C ASP DA 315 81.54 -77.75 -24.87
N ALA DA 316 82.33 -77.71 -23.79
CA ALA DA 316 83.51 -78.57 -23.70
C ALA DA 316 83.11 -80.04 -23.69
N LEU DA 317 82.05 -80.37 -22.96
CA LEU DA 317 81.62 -81.78 -22.89
C LEU DA 317 81.12 -82.28 -24.24
N CYS DA 318 80.36 -81.46 -24.96
CA CYS DA 318 79.88 -81.88 -26.27
C CYS DA 318 81.01 -81.93 -27.29
N GLU DA 319 82.01 -81.05 -27.17
CA GLU DA 319 83.18 -81.16 -28.04
C GLU DA 319 83.95 -82.43 -27.75
N LYS DA 320 84.07 -82.84 -26.51
CA LYS DA 320 84.72 -84.07 -26.24
C LYS DA 320 83.88 -85.10 -26.96
N ALA DA 321 82.60 -85.16 -26.64
CA ALA DA 321 81.76 -86.16 -27.28
C ALA DA 321 82.00 -86.18 -28.79
N LEU DA 322 82.11 -84.99 -29.39
CA LEU DA 322 82.31 -84.89 -30.84
C LEU DA 322 83.58 -85.62 -31.29
N LYS DA 323 84.56 -85.75 -30.39
CA LYS DA 323 85.78 -86.47 -30.74
C LYS DA 323 85.52 -87.95 -30.98
N TYR DA 324 84.55 -88.50 -30.21
CA TYR DA 324 84.32 -89.94 -30.20
C TYR DA 324 82.91 -90.46 -30.01
N LEU DA 325 81.90 -89.88 -30.65
CA LEU DA 325 80.52 -90.32 -30.43
C LEU DA 325 79.75 -90.39 -31.75
N PRO DA 326 78.54 -91.01 -31.76
CA PRO DA 326 77.68 -90.99 -32.95
C PRO DA 326 77.69 -89.62 -33.56
N ILE DA 327 78.33 -89.45 -34.71
CA ILE DA 327 78.51 -88.11 -35.26
C ILE DA 327 77.28 -87.49 -35.84
N ASP DA 328 76.19 -88.25 -35.99
CA ASP DA 328 74.94 -87.63 -36.42
C ASP DA 328 74.52 -87.17 -35.10
N LYS DA 329 75.00 -86.01 -34.70
CA LYS DA 329 74.74 -85.53 -33.38
C LYS DA 329 74.26 -84.18 -33.67
N CYS DA 330 73.30 -83.73 -32.88
CA CYS DA 330 72.86 -82.38 -33.03
C CYS DA 330 72.90 -81.99 -31.61
N SER DA 331 73.24 -80.75 -31.31
CA SER DA 331 73.15 -80.30 -29.93
C SER DA 331 72.26 -79.07 -29.90
N ARG DA 332 70.97 -79.29 -29.69
CA ARG DA 332 69.98 -78.22 -29.70
C ARG DA 332 70.09 -77.42 -28.41
N ILE DA 333 71.01 -76.46 -28.38
CA ILE DA 333 71.40 -75.82 -27.12
C ILE DA 333 70.73 -74.47 -26.92
N ILE DA 334 71.00 -73.52 -27.81
CA ILE DA 334 70.77 -72.11 -27.50
C ILE DA 334 69.49 -71.58 -28.13
N PRO DA 335 68.56 -71.04 -27.33
CA PRO DA 335 67.39 -70.34 -27.91
C PRO DA 335 67.77 -68.95 -28.39
N ALA DA 336 66.78 -68.16 -28.80
CA ALA DA 336 67.09 -66.88 -29.45
C ALA DA 336 67.58 -65.84 -28.44
N ARG DA 337 68.65 -66.17 -27.72
CA ARG DA 337 69.40 -65.19 -26.96
C ARG DA 337 70.81 -65.07 -27.52
N ALA DA 338 71.52 -66.21 -27.57
CA ALA DA 338 72.85 -66.29 -28.15
C ALA DA 338 73.78 -65.21 -27.60
N ARG DA 339 73.63 -64.89 -26.32
CA ARG DA 339 74.49 -63.90 -25.67
C ARG DA 339 75.92 -64.39 -25.65
N VAL DA 340 76.17 -65.49 -24.96
CA VAL DA 340 77.49 -66.13 -24.95
C VAL DA 340 77.46 -67.31 -25.90
N GLU DA 341 78.45 -67.37 -26.79
CA GLU DA 341 78.48 -68.33 -27.88
C GLU DA 341 78.76 -69.74 -27.36
N CYS DA 342 78.63 -70.70 -28.27
CA CYS DA 342 78.75 -72.13 -27.95
C CYS DA 342 79.30 -72.88 -29.15
N PHE DA 343 79.08 -74.19 -29.18
CA PHE DA 343 79.46 -75.03 -30.31
C PHE DA 343 79.04 -74.38 -31.63
N ASP DA 344 79.83 -74.67 -32.67
CA ASP DA 344 79.58 -74.12 -34.01
C ASP DA 344 79.45 -75.25 -35.02
N LYS DA 345 78.66 -76.27 -34.70
CA LYS DA 345 78.54 -77.47 -35.52
C LYS DA 345 77.15 -77.62 -36.12
N PHE DA 346 76.11 -77.59 -35.31
CA PHE DA 346 74.78 -77.98 -35.76
C PHE DA 346 73.73 -76.92 -35.48
N LYS DA 347 72.47 -77.26 -35.72
CA LYS DA 347 71.37 -76.30 -35.69
C LYS DA 347 70.94 -76.01 -34.26
N VAL DA 348 69.80 -75.33 -34.10
CA VAL DA 348 69.36 -74.85 -32.82
C VAL DA 348 68.30 -75.75 -32.18
N ASN DA 349 67.44 -76.38 -32.98
CA ASN DA 349 66.40 -77.26 -32.43
C ASN DA 349 66.12 -78.38 -33.42
N SER DA 350 66.34 -79.62 -32.98
CA SER DA 350 66.01 -80.79 -33.78
C SER DA 350 65.01 -81.67 -33.03
N THR DA 351 65.27 -81.91 -31.74
CA THR DA 351 64.39 -82.67 -30.86
C THR DA 351 64.15 -84.08 -31.43
N LEU DA 352 65.06 -84.51 -32.29
CA LEU DA 352 64.93 -85.84 -32.89
C LEU DA 352 66.20 -86.66 -32.70
N GLU DA 353 67.35 -85.99 -32.65
CA GLU DA 353 68.61 -86.71 -32.53
C GLU DA 353 68.81 -87.22 -31.11
N GLN DA 354 69.42 -88.40 -31.00
CA GLN DA 354 69.48 -89.11 -29.72
C GLN DA 354 70.43 -88.46 -28.72
N TYR DA 355 71.40 -87.67 -29.17
CA TYR DA 355 72.46 -87.15 -28.31
C TYR DA 355 72.46 -85.61 -28.36
N VAL DA 356 71.29 -85.04 -28.23
CA VAL DA 356 71.13 -83.60 -28.20
C VAL DA 356 71.59 -83.09 -26.83
N PHE DA 357 72.06 -81.84 -26.81
CA PHE DA 357 72.46 -81.19 -25.58
C PHE DA 357 71.87 -79.78 -25.57
N CYS DA 358 71.73 -79.22 -24.36
CA CYS DA 358 71.08 -77.93 -24.24
C CYS DA 358 71.49 -77.28 -22.91
N THR DA 359 70.81 -76.20 -22.55
CA THR DA 359 70.97 -75.53 -21.27
C THR DA 359 69.79 -75.91 -20.38
N VAL DA 360 70.06 -76.04 -19.07
CA VAL DA 360 69.02 -76.45 -18.13
C VAL DA 360 67.83 -75.51 -18.20
N ASN DA 361 68.09 -74.21 -18.23
CA ASN DA 361 67.00 -73.23 -18.26
C ASN DA 361 66.22 -73.32 -19.57
N ALA DA 362 66.92 -73.50 -20.68
CA ALA DA 362 66.31 -73.51 -22.00
C ALA DA 362 66.00 -74.91 -22.52
N LEU DA 363 65.98 -75.91 -21.64
CA LEU DA 363 65.74 -77.28 -22.08
C LEU DA 363 64.34 -77.42 -22.67
N PRO DA 364 64.17 -78.25 -23.69
CA PRO DA 364 62.83 -78.54 -24.20
C PRO DA 364 62.07 -79.45 -23.25
N GLU DA 365 60.80 -79.74 -23.56
CA GLU DA 365 59.98 -80.62 -22.73
C GLU DA 365 59.62 -81.84 -23.57
N THR DA 366 60.51 -82.81 -23.59
CA THR DA 366 60.31 -84.05 -24.34
C THR DA 366 60.77 -85.21 -23.49
N THR DA 367 60.56 -86.42 -24.02
CA THR DA 367 60.95 -87.65 -23.35
C THR DA 367 62.12 -88.26 -24.09
N ALA DA 368 62.93 -89.03 -23.38
CA ALA DA 368 64.12 -89.64 -23.96
C ALA DA 368 64.38 -90.96 -23.22
N ASP DA 369 65.57 -91.53 -23.41
CA ASP DA 369 65.94 -92.77 -22.76
C ASP DA 369 66.86 -92.54 -21.56
N ILE DA 370 68.01 -91.91 -21.77
CA ILE DA 370 69.01 -91.72 -20.74
C ILE DA 370 69.34 -90.24 -20.67
N VAL DA 371 69.33 -89.68 -19.47
CA VAL DA 371 69.73 -88.29 -19.23
C VAL DA 371 70.79 -88.30 -18.12
N VAL DA 372 71.93 -87.68 -18.41
CA VAL DA 372 73.06 -87.63 -17.47
C VAL DA 372 73.50 -86.19 -17.30
N PHE DA 373 73.81 -85.84 -16.06
CA PHE DA 373 74.25 -84.48 -15.73
C PHE DA 373 75.55 -84.56 -14.94
N ASP DA 374 76.43 -83.59 -15.18
CA ASP DA 374 77.74 -83.55 -14.56
C ASP DA 374 77.95 -82.20 -13.88
N GLU DA 375 78.86 -82.18 -12.90
CA GLU DA 375 79.19 -81.00 -12.10
C GLU DA 375 77.95 -80.48 -11.36
N ILE DA 376 77.48 -81.35 -10.46
CA ILE DA 376 76.27 -81.06 -9.68
C ILE DA 376 76.51 -80.13 -8.50
N SER DA 377 77.78 -79.84 -8.19
CA SER DA 377 78.07 -78.97 -7.04
C SER DA 377 77.53 -77.56 -7.26
N MET DA 378 77.70 -77.03 -8.47
CA MET DA 378 77.16 -75.71 -8.78
C MET DA 378 75.64 -75.73 -8.89
N ALA DA 379 75.03 -76.91 -8.98
CA ALA DA 379 73.58 -77.03 -9.14
C ALA DA 379 72.87 -76.92 -7.79
N THR DA 380 71.72 -76.27 -7.80
CA THR DA 380 70.85 -76.18 -6.62
C THR DA 380 69.92 -77.38 -6.58
N ASN DA 381 68.88 -77.31 -5.76
CA ASN DA 381 67.84 -78.33 -5.74
C ASN DA 381 66.62 -77.99 -6.58
N TYR DA 382 66.41 -76.70 -6.87
CA TYR DA 382 65.30 -76.29 -7.74
C TYR DA 382 65.49 -76.82 -9.15
N ASP DA 383 66.70 -76.68 -9.71
CA ASP DA 383 66.93 -77.06 -11.09
C ASP DA 383 66.87 -78.57 -11.29
N LEU DA 384 67.19 -79.33 -10.25
CA LEU DA 384 67.09 -80.78 -10.33
C LEU DA 384 65.65 -81.21 -10.57
N SER DA 385 64.72 -80.72 -9.74
CA SER DA 385 63.32 -81.00 -9.96
C SER DA 385 62.82 -80.37 -11.26
N VAL DA 386 63.41 -79.25 -11.66
CA VAL DA 386 63.04 -78.62 -12.92
C VAL DA 386 63.31 -79.55 -14.10
N VAL DA 387 64.51 -80.14 -14.13
CA VAL DA 387 64.85 -81.03 -15.24
C VAL DA 387 64.16 -82.37 -15.09
N ASN DA 388 63.82 -82.77 -13.85
CA ASN DA 388 63.04 -83.99 -13.68
C ASN DA 388 61.62 -83.82 -14.20
N ALA DA 389 61.04 -82.63 -14.03
CA ALA DA 389 59.67 -82.37 -14.46
C ALA DA 389 59.59 -82.09 -15.97
N ARG DA 390 60.47 -81.23 -16.48
CA ARG DA 390 60.41 -80.87 -17.88
C ARG DA 390 60.75 -82.06 -18.78
N LEU DA 391 61.71 -82.88 -18.36
CA LEU DA 391 62.19 -83.99 -19.17
C LEU DA 391 61.82 -85.32 -18.53
N ARG DA 392 61.46 -86.28 -19.38
CA ARG DA 392 61.15 -87.63 -18.96
C ARG DA 392 62.13 -88.59 -19.60
N ALA DA 393 62.54 -89.60 -18.84
CA ALA DA 393 63.55 -90.53 -19.34
C ALA DA 393 63.24 -91.96 -18.91
N LYS DA 394 64.17 -92.87 -19.20
CA LYS DA 394 64.00 -94.27 -18.82
C LYS DA 394 64.89 -94.58 -17.62
N HIS DA 395 66.10 -94.05 -17.63
CA HIS DA 395 67.05 -94.18 -16.54
C HIS DA 395 67.80 -92.86 -16.38
N TYR DA 396 68.41 -92.67 -15.22
CA TYR DA 396 69.08 -91.42 -14.90
C TYR DA 396 70.49 -91.72 -14.42
N VAL DA 397 71.42 -90.83 -14.74
CA VAL DA 397 72.77 -90.88 -14.21
C VAL DA 397 73.20 -89.46 -13.85
N TYR DA 398 74.10 -89.35 -12.88
CA TYR DA 398 74.64 -88.05 -12.49
C TYR DA 398 76.09 -88.25 -12.08
N ILE DA 399 76.86 -87.17 -12.14
CA ILE DA 399 78.26 -87.17 -11.71
C ILE DA 399 78.57 -85.82 -11.08
N GLY DA 400 79.21 -85.84 -9.92
CA GLY DA 400 79.57 -84.61 -9.23
C GLY DA 400 80.85 -84.72 -8.43
N ASP DA 401 81.18 -83.67 -7.67
CA ASP DA 401 82.35 -83.68 -6.80
C ASP DA 401 82.20 -82.64 -5.70
N PRO DA 402 82.33 -83.05 -4.43
CA PRO DA 402 82.18 -82.07 -3.33
C PRO DA 402 83.21 -80.96 -3.34
N ALA DA 403 84.41 -81.20 -3.87
CA ALA DA 403 85.49 -80.22 -3.79
C ALA DA 403 85.37 -79.16 -4.87
N GLN DA 404 84.19 -79.06 -5.50
CA GLN DA 404 83.97 -78.07 -6.55
C GLN DA 404 83.31 -76.81 -6.00
N LEU DA 405 82.94 -75.89 -6.89
CA LEU DA 405 82.33 -74.62 -6.54
C LEU DA 405 80.81 -74.72 -6.63
N PRO DA 406 80.10 -74.26 -5.61
CA PRO DA 406 78.64 -74.34 -5.62
C PRO DA 406 77.99 -73.13 -6.27
N ALA DA 407 76.67 -73.12 -6.24
CA ALA DA 407 75.92 -71.94 -6.67
C ALA DA 407 76.15 -70.79 -5.69
N PRO DA 408 76.01 -69.55 -6.15
CA PRO DA 408 76.35 -68.40 -5.29
C PRO DA 408 75.58 -68.34 -3.98
N ARG DA 409 74.25 -68.34 -4.06
CA ARG DA 409 73.40 -68.09 -2.90
C ARG DA 409 73.80 -66.78 -2.22
N THR DA 410 73.75 -65.70 -3.00
CA THR DA 410 74.20 -64.40 -2.52
C THR DA 410 73.38 -63.89 -1.34
N LEU DA 411 72.17 -64.43 -1.16
CA LEU DA 411 71.39 -64.09 0.02
C LEU DA 411 72.09 -64.55 1.30
N LEU DA 412 72.92 -65.59 1.19
CA LEU DA 412 73.73 -66.05 2.32
C LEU DA 412 74.98 -65.20 2.40
N THR DA 413 75.23 -64.62 3.58
CA THR DA 413 76.42 -63.81 3.81
C THR DA 413 77.20 -64.19 5.06
N LYS DA 414 76.55 -64.75 6.08
CA LYS DA 414 77.21 -65.12 7.32
C LYS DA 414 77.07 -66.62 7.53
N GLY DA 415 78.17 -67.27 7.87
CA GLY DA 415 78.20 -68.71 7.97
C GLY DA 415 78.58 -69.37 6.66
N THR DA 416 78.62 -70.69 6.69
CA THR DA 416 78.99 -71.47 5.52
C THR DA 416 78.29 -72.82 5.59
N LEU DA 417 78.15 -73.45 4.43
CA LEU DA 417 77.50 -74.74 4.31
C LEU DA 417 78.52 -75.80 3.90
N GLU DA 418 78.12 -77.03 4.04
CA GLU DA 418 78.99 -78.11 3.61
C GLU DA 418 78.81 -78.38 2.12
N PRO DA 419 79.81 -78.97 1.47
CA PRO DA 419 79.59 -79.48 0.11
C PRO DA 419 78.49 -80.52 0.07
N GLU DA 420 78.27 -81.24 1.18
CA GLU DA 420 77.17 -82.19 1.26
C GLU DA 420 75.81 -81.50 1.12
N TYR DA 421 75.72 -80.23 1.51
CA TYR DA 421 74.46 -79.50 1.48
C TYR DA 421 74.38 -78.55 0.30
N PHE DA 422 75.24 -78.72 -0.70
CA PHE DA 422 75.12 -77.93 -1.92
C PHE DA 422 73.75 -78.13 -2.56
N ASN DA 423 73.28 -79.38 -2.58
CA ASN DA 423 71.95 -79.72 -3.04
C ASN DA 423 71.59 -81.07 -2.44
N SER DA 424 70.48 -81.66 -2.89
CA SER DA 424 70.03 -82.93 -2.33
C SER DA 424 70.92 -84.10 -2.78
N VAL DA 425 71.36 -84.08 -4.04
CA VAL DA 425 72.24 -85.14 -4.51
C VAL DA 425 73.54 -85.16 -3.71
N CYS DA 426 74.02 -83.99 -3.30
CA CYS DA 426 75.23 -83.97 -2.48
C CYS DA 426 74.99 -84.62 -1.12
N ARG DA 427 73.84 -84.37 -0.51
CA ARG DA 427 73.54 -85.07 0.74
C ARG DA 427 73.38 -86.57 0.52
N LEU DA 428 72.80 -86.96 -0.61
CA LEU DA 428 72.56 -88.39 -0.85
C LEU DA 428 73.88 -89.14 -1.04
N MET DA 429 74.85 -88.49 -1.69
CA MET DA 429 76.21 -89.04 -1.82
C MET DA 429 77.13 -88.73 -0.65
N LYS DA 430 76.65 -87.98 0.34
CA LYS DA 430 77.36 -87.96 1.60
C LYS DA 430 76.86 -89.04 2.55
N THR DA 431 75.57 -89.41 2.46
CA THR DA 431 74.97 -90.33 3.40
C THR DA 431 75.38 -91.77 3.11
N ILE DA 432 75.07 -92.25 1.90
CA ILE DA 432 75.32 -93.64 1.56
C ILE DA 432 76.51 -93.82 0.64
N GLY DA 433 77.07 -92.74 0.10
CA GLY DA 433 78.23 -92.86 -0.75
C GLY DA 433 77.85 -92.71 -2.20
N PRO DA 434 78.87 -92.59 -3.07
CA PRO DA 434 78.61 -92.37 -4.49
C PRO DA 434 78.14 -93.63 -5.22
N ASP DA 435 77.96 -94.72 -4.49
CA ASP DA 435 77.47 -96.02 -4.95
C ASP DA 435 78.40 -96.59 -6.02
N MET DA 436 79.41 -95.83 -6.40
CA MET DA 436 80.53 -96.24 -7.24
C MET DA 436 81.47 -95.05 -7.37
N PHE DA 437 82.75 -95.34 -7.54
CA PHE DA 437 83.76 -94.29 -7.60
C PHE DA 437 84.86 -94.68 -8.55
N LEU DA 438 85.48 -93.67 -9.15
CA LEU DA 438 86.60 -93.88 -10.07
C LEU DA 438 87.37 -92.59 -10.21
N GLY DA 439 88.66 -92.66 -10.05
CA GLY DA 439 89.45 -91.45 -10.06
C GLY DA 439 90.92 -91.64 -10.14
N THR DA 440 91.45 -91.58 -11.35
CA THR DA 440 92.87 -91.64 -11.51
C THR DA 440 93.01 -90.40 -12.37
N CYS DA 441 93.70 -89.37 -11.87
CA CYS DA 441 93.84 -88.15 -12.62
C CYS DA 441 94.82 -88.25 -13.72
N ARG DA 442 94.51 -89.11 -14.66
CA ARG DA 442 95.33 -89.24 -15.78
C ARG DA 442 95.13 -88.05 -16.68
N ARG DA 443 94.99 -86.87 -16.11
CA ARG DA 443 94.92 -85.71 -16.96
C ARG DA 443 95.79 -84.58 -16.48
N CYS DA 444 96.18 -84.60 -15.23
CA CYS DA 444 96.93 -83.46 -14.76
C CYS DA 444 98.39 -83.78 -14.38
N PRO DA 445 99.33 -82.77 -14.32
CA PRO DA 445 100.67 -83.15 -13.85
C PRO DA 445 100.70 -83.90 -12.52
N ALA DA 446 101.34 -85.06 -12.46
CA ALA DA 446 101.32 -85.81 -11.21
C ALA DA 446 101.79 -84.96 -10.05
N GLU DA 447 102.62 -83.95 -10.29
CA GLU DA 447 103.10 -83.09 -9.22
C GLU DA 447 101.98 -82.26 -8.63
N ILE DA 448 101.21 -81.57 -9.49
CA ILE DA 448 100.08 -80.79 -9.00
C ILE DA 448 99.02 -81.70 -8.42
N VAL DA 449 98.88 -82.91 -8.98
CA VAL DA 449 97.94 -83.89 -8.43
C VAL DA 449 98.33 -84.25 -7.00
N ASP DA 450 99.62 -84.48 -6.76
CA ASP DA 450 100.09 -84.79 -5.42
C ASP DA 450 99.90 -83.60 -4.48
N THR DA 451 100.15 -82.38 -4.98
CA THR DA 451 99.96 -81.21 -4.13
C THR DA 451 98.52 -81.06 -3.69
N VAL DA 452 97.58 -81.19 -4.64
CA VAL DA 452 96.17 -81.08 -4.29
C VAL DA 452 95.73 -82.24 -3.41
N SER DA 453 96.27 -83.44 -3.65
CA SER DA 453 95.93 -84.59 -2.83
C SER DA 453 96.39 -84.40 -1.39
N ALA DA 454 97.58 -83.84 -1.20
CA ALA DA 454 98.09 -83.56 0.14
C ALA DA 454 97.47 -82.32 0.76
N LEU DA 455 96.86 -81.45 -0.04
CA LEU DA 455 96.30 -80.21 0.47
C LEU DA 455 94.84 -80.36 0.85
N VAL DA 456 93.97 -80.70 -0.11
CA VAL DA 456 92.54 -80.72 0.13
C VAL DA 456 91.95 -82.08 -0.25
N TYR DA 457 92.74 -83.13 -0.17
CA TYR DA 457 92.27 -84.48 -0.46
C TYR DA 457 92.89 -85.44 0.53
N ASP DA 458 92.74 -86.74 0.26
CA ASP DA 458 93.24 -87.80 1.11
C ASP DA 458 94.53 -88.42 0.58
N ASN DA 459 95.26 -87.68 -0.25
CA ASN DA 459 96.51 -88.15 -0.84
C ASN DA 459 96.33 -89.43 -1.65
N LYS DA 460 95.19 -89.57 -2.32
CA LYS DA 460 94.89 -90.75 -3.13
C LYS DA 460 94.45 -90.29 -4.51
N LEU DA 461 95.39 -90.19 -5.44
CA LEU DA 461 95.10 -89.85 -6.82
C LEU DA 461 96.26 -90.24 -7.73
N LYS DA 462 95.97 -91.00 -8.78
CA LYS DA 462 96.99 -91.51 -9.69
C LYS DA 462 97.06 -90.63 -10.93
N ALA DA 463 98.27 -90.20 -11.27
CA ALA DA 463 98.46 -89.25 -12.36
C ALA DA 463 99.83 -89.49 -12.98
N HIS DA 464 100.22 -88.61 -13.90
CA HIS DA 464 101.46 -88.74 -14.66
C HIS DA 464 101.95 -87.35 -15.02
N LYS DA 465 102.76 -87.28 -16.08
CA LYS DA 465 103.26 -85.98 -16.61
C LYS DA 465 103.96 -85.09 -15.64
N ASP DA 466 105.21 -85.41 -15.34
CA ASP DA 466 105.91 -84.62 -14.34
C ASP DA 466 106.47 -83.30 -14.86
N LYS DA 467 107.75 -83.06 -14.64
CA LYS DA 467 108.34 -81.80 -15.06
C LYS DA 467 108.13 -81.59 -16.55
N SER DA 468 107.37 -80.56 -16.90
CA SER DA 468 107.93 -79.38 -17.55
C SER DA 468 107.17 -78.13 -17.20
N ALA DA 469 107.85 -76.99 -17.23
CA ALA DA 469 107.17 -75.69 -17.03
C ALA DA 469 106.29 -75.49 -15.81
N GLN DA 470 106.86 -75.46 -14.60
CA GLN DA 470 105.95 -75.17 -13.50
C GLN DA 470 106.47 -73.94 -12.76
N CYS DA 471 105.57 -73.00 -12.49
CA CYS DA 471 105.97 -71.77 -11.82
C CYS DA 471 104.88 -71.37 -10.82
N PHE DA 472 105.28 -70.57 -9.84
CA PHE DA 472 104.36 -69.93 -8.92
C PHE DA 472 105.13 -68.87 -8.14
N LYS DA 473 104.52 -67.70 -7.93
CA LYS DA 473 105.20 -66.57 -7.33
C LYS DA 473 104.44 -66.09 -6.11
N MET DA 474 105.17 -65.69 -5.07
CA MET DA 474 104.58 -64.96 -3.96
C MET DA 474 104.56 -63.46 -4.20
N PHE DA 475 104.66 -63.05 -5.46
CA PHE DA 475 104.70 -61.63 -5.80
C PHE DA 475 103.45 -60.93 -5.30
N TYR DA 476 103.65 -59.80 -4.64
CA TYR DA 476 102.55 -59.10 -4.00
C TYR DA 476 101.53 -58.63 -5.03
N LYS DA 477 100.29 -58.47 -4.56
CA LYS DA 477 99.24 -57.87 -5.36
C LYS DA 477 99.38 -56.35 -5.30
N GLY DA 478 99.44 -55.71 -6.45
CA GLY DA 478 99.63 -54.28 -6.50
C GLY DA 478 98.42 -53.52 -6.00
N VAL DA 479 98.39 -52.23 -6.35
CA VAL DA 479 97.28 -51.38 -5.94
C VAL DA 479 96.00 -51.87 -6.59
N ILE DA 480 95.00 -52.15 -5.76
CA ILE DA 480 93.71 -52.67 -6.23
C ILE DA 480 92.82 -51.47 -6.52
N THR DA 481 92.10 -51.54 -7.64
CA THR DA 481 91.19 -50.48 -8.02
C THR DA 481 89.78 -51.02 -8.20
N HIS DA 482 88.90 -50.65 -7.28
CA HIS DA 482 87.52 -51.12 -7.32
C HIS DA 482 86.75 -50.34 -8.38
N ASP DA 483 85.86 -51.03 -9.09
CA ASP DA 483 84.89 -50.37 -9.96
C ASP DA 483 83.49 -50.71 -9.46
N VAL DA 484 83.26 -52.00 -9.23
CA VAL DA 484 82.03 -52.56 -8.71
C VAL DA 484 82.44 -53.45 -7.54
N SER DA 485 81.52 -54.29 -7.07
CA SER DA 485 81.89 -55.33 -6.10
C SER DA 485 82.99 -56.23 -6.60
N SER DA 486 83.42 -56.09 -7.86
CA SER DA 486 84.63 -56.69 -8.38
C SER DA 486 85.63 -55.58 -8.67
N ALA DA 487 86.91 -55.90 -8.52
CA ALA DA 487 87.95 -54.89 -8.56
C ALA DA 487 88.95 -55.20 -9.66
N ILE DA 488 89.72 -54.18 -10.06
CA ILE DA 488 90.69 -54.31 -11.13
C ILE DA 488 92.09 -54.20 -10.51
N ASN DA 489 92.95 -55.17 -10.81
CA ASN DA 489 94.32 -55.19 -10.31
C ASN DA 489 95.28 -54.92 -11.46
N ARG DA 490 95.72 -53.67 -11.58
CA ARG DA 490 96.51 -53.24 -12.72
C ARG DA 490 97.99 -53.61 -12.61
N PRO DA 491 98.64 -53.48 -11.44
CA PRO DA 491 100.04 -53.93 -11.34
C PRO DA 491 100.23 -55.41 -11.63
N GLN DA 492 99.20 -56.23 -11.39
CA GLN DA 492 99.27 -57.61 -11.85
C GLN DA 492 99.38 -57.68 -13.36
N ILE DA 493 98.66 -56.82 -14.07
CA ILE DA 493 98.85 -56.71 -15.51
C ILE DA 493 100.23 -56.16 -15.85
N GLY DA 494 100.78 -55.30 -14.98
CA GLY DA 494 102.13 -54.78 -15.20
C GLY DA 494 103.20 -55.84 -15.10
N VAL DA 495 103.01 -56.83 -14.22
CA VAL DA 495 103.94 -57.95 -14.18
C VAL DA 495 103.59 -58.98 -15.27
N VAL DA 496 102.34 -59.05 -15.69
CA VAL DA 496 101.95 -59.93 -16.79
C VAL DA 496 102.63 -59.48 -18.08
N ARG DA 497 102.62 -58.17 -18.36
CA ARG DA 497 103.29 -57.66 -19.55
C ARG DA 497 104.80 -57.84 -19.45
N GLU DA 498 105.36 -57.78 -18.24
CA GLU DA 498 106.78 -58.09 -18.05
C GLU DA 498 107.07 -59.54 -18.44
N PHE DA 499 106.23 -60.47 -17.99
CA PHE DA 499 106.42 -61.87 -18.33
C PHE DA 499 105.99 -62.19 -19.77
N LEU DA 500 105.31 -61.27 -20.44
CA LEU DA 500 104.78 -61.56 -21.77
C LEU DA 500 105.88 -61.92 -22.76
N THR DA 501 106.97 -61.15 -22.78
CA THR DA 501 108.09 -61.44 -23.66
C THR DA 501 109.13 -62.34 -23.02
N ARG DA 502 109.03 -62.59 -21.70
CA ARG DA 502 109.97 -63.50 -21.07
C ARG DA 502 109.63 -64.96 -21.33
N ASN DA 503 108.46 -65.24 -21.91
CA ASN DA 503 108.09 -66.59 -22.36
C ASN DA 503 107.59 -66.52 -23.80
N PRO DA 504 108.48 -66.21 -24.75
CA PRO DA 504 108.05 -66.12 -26.15
C PRO DA 504 107.49 -67.43 -26.70
N ALA DA 505 107.87 -68.56 -26.12
CA ALA DA 505 107.26 -69.83 -26.52
C ALA DA 505 105.85 -69.99 -25.96
N TRP DA 506 105.58 -69.41 -24.79
CA TRP DA 506 104.29 -69.57 -24.11
C TRP DA 506 103.34 -68.46 -24.56
N ARG DA 507 102.96 -68.52 -25.83
CA ARG DA 507 102.01 -67.57 -26.40
C ARG DA 507 100.61 -68.15 -26.54
N LYS DA 508 100.49 -69.47 -26.60
CA LYS DA 508 99.22 -70.17 -26.71
C LYS DA 508 98.53 -70.36 -25.37
N ALA DA 509 98.96 -69.63 -24.33
CA ALA DA 509 98.52 -69.90 -22.98
C ALA DA 509 97.07 -69.44 -22.78
N VAL DA 510 96.53 -69.79 -21.62
CA VAL DA 510 95.20 -69.39 -21.18
C VAL DA 510 95.32 -68.76 -19.80
N PHE DA 511 94.65 -67.62 -19.63
CA PHE DA 511 94.71 -66.87 -18.39
C PHE DA 511 93.36 -66.91 -17.69
N ILE DA 512 93.39 -67.19 -16.38
CA ILE DA 512 92.19 -67.32 -15.56
C ILE DA 512 92.23 -66.23 -14.48
N SER DA 513 91.07 -65.64 -14.21
CA SER DA 513 90.96 -64.60 -13.20
C SER DA 513 89.80 -64.94 -12.28
N PRO DA 514 89.94 -64.66 -10.98
CA PRO DA 514 88.81 -64.83 -10.07
C PRO DA 514 87.71 -63.81 -10.34
N TYR DA 515 88.09 -62.53 -10.43
CA TYR DA 515 87.12 -61.49 -10.68
C TYR DA 515 86.83 -61.39 -12.17
N ASN DA 516 85.55 -61.18 -12.48
CA ASN DA 516 85.13 -61.01 -13.88
C ASN DA 516 85.69 -59.72 -14.45
N SER DA 517 85.69 -58.65 -13.65
CA SER DA 517 86.28 -57.38 -14.06
C SER DA 517 87.79 -57.50 -14.29
N GLN DA 518 88.49 -58.31 -13.51
CA GLN DA 518 89.89 -58.56 -13.77
C GLN DA 518 90.10 -59.26 -15.11
N ASN DA 519 89.25 -60.23 -15.45
CA ASN DA 519 89.31 -60.86 -16.76
C ASN DA 519 89.05 -59.85 -17.86
N ALA DA 520 88.06 -58.98 -17.67
CA ALA DA 520 87.74 -57.97 -18.68
C ALA DA 520 88.90 -57.00 -18.89
N VAL DA 521 89.53 -56.55 -17.80
CA VAL DA 521 90.63 -55.59 -17.94
C VAL DA 521 91.88 -56.27 -18.51
N ALA DA 522 92.12 -57.54 -18.19
CA ALA DA 522 93.24 -58.24 -18.81
C ALA DA 522 92.98 -58.55 -20.27
N SER DA 523 91.72 -58.66 -20.67
CA SER DA 523 91.39 -58.77 -22.09
C SER DA 523 91.38 -57.43 -22.80
N LYS DA 524 91.32 -56.32 -22.05
CA LYS DA 524 91.48 -55.00 -22.64
C LYS DA 524 92.88 -54.88 -23.23
N ILE DA 525 93.89 -54.94 -22.39
CA ILE DA 525 95.27 -55.07 -22.85
C ILE DA 525 95.57 -56.58 -22.91
N LEU DA 526 95.20 -57.19 -24.03
CA LEU DA 526 95.13 -58.64 -24.08
C LEU DA 526 96.43 -59.25 -24.57
N GLY DA 527 96.81 -60.36 -23.94
CA GLY DA 527 97.87 -61.21 -24.43
C GLY DA 527 97.30 -62.48 -25.02
N LEU DA 528 96.02 -62.71 -24.77
CA LEU DA 528 95.32 -63.92 -25.21
C LEU DA 528 93.84 -63.75 -24.89
N PRO DA 529 92.97 -64.24 -25.75
CA PRO DA 529 91.53 -64.26 -25.42
C PRO DA 529 91.27 -65.26 -24.30
N THR DA 530 90.57 -64.79 -23.27
CA THR DA 530 90.53 -65.50 -22.00
C THR DA 530 89.11 -65.50 -21.45
N GLN DA 531 88.98 -66.01 -20.23
CA GLN DA 531 87.69 -66.15 -19.54
C GLN DA 531 87.92 -66.15 -18.05
N THR DA 532 86.82 -66.17 -17.28
CA THR DA 532 86.91 -66.10 -15.83
C THR DA 532 87.15 -67.47 -15.22
N VAL DA 533 87.03 -67.56 -13.89
CA VAL DA 533 87.26 -68.80 -13.17
C VAL DA 533 86.03 -69.70 -13.13
N ASP DA 534 84.83 -69.15 -13.28
CA ASP DA 534 83.63 -69.98 -13.39
C ASP DA 534 83.47 -70.60 -14.77
N SER DA 535 83.79 -69.84 -15.79
CA SER DA 535 83.63 -70.35 -17.11
C SER DA 535 84.91 -71.10 -17.24
N SER DA 536 85.07 -72.05 -16.36
CA SER DA 536 86.24 -72.81 -16.46
C SER DA 536 86.04 -74.17 -15.93
N GLN DA 537 85.00 -74.42 -15.17
CA GLN DA 537 84.83 -75.71 -14.53
C GLN DA 537 84.55 -76.77 -15.54
N GLY DA 538 85.56 -77.22 -16.26
CA GLY DA 538 85.30 -78.13 -17.32
C GLY DA 538 86.08 -77.98 -18.59
N SER DA 539 87.20 -77.34 -18.57
CA SER DA 539 87.98 -77.30 -19.79
C SER DA 539 89.38 -77.94 -19.66
N GLU DA 540 90.29 -77.71 -20.61
CA GLU DA 540 91.62 -78.37 -20.60
C GLU DA 540 92.72 -77.65 -21.40
N TYR DA 541 93.84 -77.26 -20.78
CA TYR DA 541 94.88 -76.47 -21.48
C TYR DA 541 96.39 -76.76 -21.18
N ASP DA 542 97.24 -76.89 -22.20
CA ASP DA 542 98.68 -77.13 -22.07
C ASP DA 542 99.35 -76.04 -21.26
N TYR DA 543 98.96 -74.78 -21.48
CA TYR DA 543 99.55 -73.64 -20.79
C TYR DA 543 98.44 -72.88 -20.09
N VAL DA 544 98.65 -72.60 -18.80
CA VAL DA 544 97.68 -71.88 -17.98
C VAL DA 544 98.38 -70.73 -17.28
N ILE DA 545 97.79 -69.55 -17.37
CA ILE DA 545 98.22 -68.38 -16.61
C ILE DA 545 97.16 -68.11 -15.55
N PHE DA 546 97.60 -67.91 -14.31
CA PHE DA 546 96.67 -67.60 -13.24
C PHE DA 546 97.15 -66.37 -12.50
N THR DA 547 96.21 -65.47 -12.21
CA THR DA 547 96.54 -64.24 -11.49
C THR DA 547 95.31 -63.80 -10.72
N GLN DA 548 95.38 -63.90 -9.39
CA GLN DA 548 94.25 -63.60 -8.54
C GLN DA 548 94.15 -62.11 -8.23
N THR DA 549 93.35 -61.77 -7.22
CA THR DA 549 93.10 -60.39 -6.82
C THR DA 549 93.40 -60.23 -5.34
N THR DA 550 92.98 -59.10 -4.76
CA THR DA 550 93.18 -58.84 -3.35
C THR DA 550 92.72 -60.03 -2.50
N GLU DA 551 93.31 -60.12 -1.31
CA GLU DA 551 93.15 -61.29 -0.43
C GLU DA 551 91.76 -61.30 0.22
N THR DA 552 90.75 -61.37 -0.63
CA THR DA 552 89.38 -61.49 -0.16
C THR DA 552 89.06 -62.95 0.14
N ALA DA 553 87.89 -63.16 0.76
CA ALA DA 553 87.43 -64.52 1.01
C ALA DA 553 87.23 -65.28 -0.29
N HIS DA 554 86.89 -64.58 -1.37
CA HIS DA 554 86.77 -65.23 -2.67
C HIS DA 554 88.12 -65.75 -3.15
N SER DA 555 89.16 -64.91 -3.07
CA SER DA 555 90.47 -65.31 -3.57
C SER DA 555 91.11 -66.40 -2.72
N CYS DA 556 90.73 -66.53 -1.46
CA CYS DA 556 91.35 -67.47 -0.54
C CYS DA 556 90.69 -68.84 -0.54
N ASN DA 557 89.55 -68.91 -1.21
CA ASN DA 557 88.79 -70.14 -1.18
C ASN DA 557 89.65 -71.19 -1.75
N VAL DA 558 89.92 -72.19 -0.96
CA VAL DA 558 90.75 -73.25 -1.43
C VAL DA 558 89.99 -73.97 -2.51
N ASN DA 559 88.67 -74.02 -2.40
CA ASN DA 559 87.92 -74.75 -3.38
C ASN DA 559 88.06 -74.01 -4.67
N ARG DA 560 87.92 -72.71 -4.59
CA ARG DA 560 88.07 -71.92 -5.78
C ARG DA 560 89.44 -72.09 -6.35
N PHE DA 561 90.46 -72.10 -5.50
CA PHE DA 561 91.78 -72.15 -6.04
C PHE DA 561 91.93 -73.46 -6.72
N ASN DA 562 91.32 -74.50 -6.16
CA ASN DA 562 91.50 -75.83 -6.72
C ASN DA 562 91.15 -75.84 -8.17
N VAL DA 563 89.99 -75.32 -8.50
CA VAL DA 563 89.56 -75.42 -9.88
C VAL DA 563 90.22 -74.47 -10.84
N ALA DA 564 91.12 -73.67 -10.34
CA ALA DA 564 91.71 -72.70 -11.20
C ALA DA 564 93.10 -73.14 -11.53
N ILE DA 565 93.59 -74.16 -10.83
CA ILE DA 565 94.90 -74.69 -11.16
C ILE DA 565 94.78 -76.13 -11.56
N THR DA 566 93.56 -76.64 -11.71
CA THR DA 566 93.45 -78.00 -12.21
C THR DA 566 93.18 -78.10 -13.69
N ARG DA 567 93.02 -76.99 -14.36
CA ARG DA 567 92.64 -77.01 -15.74
C ARG DA 567 93.89 -76.86 -16.57
N ALA DA 568 94.89 -77.68 -16.34
CA ALA DA 568 96.21 -77.55 -16.94
C ALA DA 568 96.72 -78.92 -17.38
N LYS DA 569 97.61 -78.92 -18.38
CA LYS DA 569 98.19 -80.17 -18.85
C LYS DA 569 99.65 -80.17 -18.49
N VAL DA 570 100.45 -79.20 -18.93
CA VAL DA 570 101.89 -79.24 -18.71
C VAL DA 570 102.39 -77.93 -18.10
N GLY DA 571 102.04 -76.82 -18.73
CA GLY DA 571 102.52 -75.53 -18.25
C GLY DA 571 101.56 -74.92 -17.24
N ILE DA 572 102.11 -74.58 -16.07
CA ILE DA 572 101.32 -74.02 -14.98
C ILE DA 572 102.12 -72.90 -14.33
N LEU DA 573 101.47 -71.77 -14.08
CA LEU DA 573 102.09 -70.67 -13.38
C LEU DA 573 101.01 -69.77 -12.80
N CYS DA 574 101.29 -69.21 -11.63
CA CYS DA 574 100.31 -68.39 -10.92
C CYS DA 574 101.03 -67.23 -10.23
N ILE DA 575 100.29 -66.14 -10.06
CA ILE DA 575 100.80 -64.94 -9.39
C ILE DA 575 99.83 -64.56 -8.27
N MET DA 576 100.36 -64.44 -7.07
CA MET DA 576 99.59 -64.01 -5.89
C MET DA 576 100.56 -63.62 -4.79
N SER DA 577 100.16 -62.67 -3.97
CA SER DA 577 100.89 -62.41 -2.73
C SER DA 577 101.14 -63.71 -1.98
N ASP DA 578 100.06 -64.42 -1.62
CA ASP DA 578 100.09 -65.83 -1.25
C ASP DA 578 101.23 -66.16 -0.28
N ARG DA 579 101.15 -65.61 0.94
CA ARG DA 579 102.21 -65.78 1.92
C ARG DA 579 102.14 -67.13 2.64
N ASP DA 580 101.03 -67.84 2.52
CA ASP DA 580 100.83 -69.03 3.34
C ASP DA 580 100.37 -70.26 2.56
N LEU DA 581 99.70 -70.06 1.43
CA LEU DA 581 99.12 -71.20 0.72
C LEU DA 581 100.07 -71.81 -0.29
N TYR DA 582 101.19 -71.13 -0.58
CA TYR DA 582 102.16 -71.65 -1.54
C TYR DA 582 103.06 -72.73 -0.98
N ASP DA 583 103.07 -72.93 0.35
CA ASP DA 583 103.93 -73.94 0.96
C ASP DA 583 103.52 -75.35 0.61
N LYS DA 584 102.44 -75.54 -0.13
CA LYS DA 584 101.93 -76.87 -0.48
C LYS DA 584 102.15 -77.17 -1.96
N LEU DA 585 103.02 -76.42 -2.63
CA LEU DA 585 103.27 -76.58 -4.04
C LEU DA 585 104.73 -76.96 -4.27
N GLN DA 586 104.94 -78.06 -4.99
CA GLN DA 586 106.29 -78.53 -5.26
C GLN DA 586 106.75 -78.09 -6.65
N PHE DA 587 106.88 -76.78 -6.87
CA PHE DA 587 107.22 -76.25 -8.18
C PHE DA 587 108.33 -75.21 -8.03
N THR DA 588 108.81 -74.73 -9.18
CA THR DA 588 109.93 -73.79 -9.23
C THR DA 588 109.39 -72.37 -9.18
N SER DA 589 109.77 -71.64 -8.14
CA SER DA 589 109.31 -70.27 -7.92
C SER DA 589 110.38 -69.32 -8.44
N LEU DA 590 110.10 -68.66 -9.56
CA LEU DA 590 111.05 -67.76 -10.18
C LEU DA 590 110.76 -66.31 -9.77
N GLU DA 591 111.83 -65.52 -9.69
CA GLU DA 591 111.73 -64.10 -9.41
C GLU DA 591 112.51 -63.33 -10.46
N ILE DA 592 111.98 -62.18 -10.87
CA ILE DA 592 112.53 -61.43 -11.98
C ILE DA 592 112.12 -59.96 -11.99
N PRO DA 593 110.85 -59.58 -11.69
CA PRO DA 593 110.48 -58.19 -12.03
C PRO DA 593 111.07 -57.15 -11.09
N ARG DA 594 112.38 -56.93 -11.24
CA ARG DA 594 113.08 -55.87 -10.51
C ARG DA 594 113.05 -54.62 -11.38
N ARG DA 595 111.97 -53.85 -11.25
CA ARG DA 595 111.75 -52.69 -12.09
C ARG DA 595 112.63 -51.53 -11.64
N ASN DA 596 113.44 -51.01 -12.56
CA ASN DA 596 114.30 -49.87 -12.27
C ASN DA 596 114.69 -49.13 -13.55
#